data_6YEY
#
_entry.id   6YEY
#
_cell.length_a   1.00
_cell.length_b   1.00
_cell.length_c   1.00
_cell.angle_alpha   90.00
_cell.angle_beta   90.00
_cell.angle_gamma   90.00
#
_symmetry.space_group_name_H-M   'P 1'
#
_entity_poly.entity_id   1
_entity_poly.type   'polypeptide(L)'
_entity_poly.pdbx_seq_one_letter_code
;MIKVNELLDKINRKRSGDTLLLTNISFMSFSEFRHRTSGTLTWRETDFLYQQAHQESKQNKLEELRILSRANPQLANITN
LNITPSTLNNSYNSWFYGRAHRFVKPGSIASIFSPAAYLTELYREAKDFHPDNSQYHLNKRRPDIASLALTQNNMDEEIS
TLSLSNELLLHNIQTLEKTDYNGVMKMLSTYRQTGMTPYHLPYESARQAILLQDKNLTAFSRNTDVAELMDPTSLLAIKT
DISPELYQILVEEITPENSTELMKKNFGTDDVLIFKSYASLARYYDLSYDELSLFVNLSFGKKNTNQQYKNEQLITLVND
GNDTATARLIKRTRKDFYDSHLNYAELIPIKENEYKYNFSVKKTEPDHLDFRLQNGDKEYIYQDKNFVPIANTHYSIPIK
LTTEQITNGITLRLWRVKPNPSDAINANAHFKMMEFPGDIFLLKLNKAIRLYKATGISPEDIWQVIESIYDDLTIDSNVL
GKLFYVQYYMQHYNISVSDALVLCHSDISQYSTKQQPSHFTMLFNTPLLNGQEFSADNTKLDLTPGESKNHFYLGIMKRA
FRVNDTELYTLWKLANGGTNPEFMCSIENLSLLYRVRLLADIHHLTVNELSMLLSVSPYVNTKIALFSDTALTQLISFLF
QCTQWLTTQKWSVSDVFLMTTDNYSTVLTPDIENLITTLSNGLSTLSLGDDELIRAAAPLIAASIQMDSAKTAETILLWI
NQIKPQGLTFDDFMIIAANRDRSENETSNMVAFCQVLGQLSLIVRNIGLSENELTLLVTKPEKFQSETTALQHDLPTLQA
LTRFHAVIMRCGSYATEILTALELGALTAEQLAVALKFDAQVVTQALQQTDLGVNTFTNWRTIDVTLQWLDVAATLGITP
DGVAALIKLKYVGEPETPMPTFDDWQAASTLLQAGLNSQQSDQLQAWLDEATTTAASAYYIKNGAPQQIKSRDELYSYLL
IDNQVSAQVKTTRVAEAIASIQLYVNRALNNVEGKVSKPVKTRQFFCDWETYNRRYSTWAGVSELAYYPENYIDPTIRIG
QTGMMNNLLQQLSQSQLNIDTVEDSFKNYLTAFEDVANLQVISGYHDSINVNEGLTYLIGYSQTEPRIYYWRNVDHQKCQ
HGQFAANAWGEWKKIEIPINVWQENIRPVIYKSRLYLLWLEQKELKNESEDGKIDITDYILKLSHIRYDGSWSSPFNFNV
TDKIENLINKKASIGMYCSSDYEKDVIIVYFHEKKDNYSFNSLPAREGMTINPDMTLSILTENDLDAIVKSTLSELDTRT
EYKVNNQFATDYLAEYKESITTKNKLASFTGNIFDLSYISPGNGHINLTFNPSMEINFSKGNIYNDEVKYLLSMVEDETV
ILFDYDRHDEMLGKEEEVFHYGTLDFIISIDLKNAEYFRVLMHLRTKEKIPRKSEIGVGINYDYESNDAEFKLDTNIVLD
WKDNTGVWHTICESFTNDVSIINNMGNIAALFLREDPCVYLCSIATDIKIASSMIEQIQDKNISFLLKNGSDILVELNAE
DHVASKPSHESDPMVYDFNQVKVDIEGYDIPLVSEFIIKQPDGGYNDIVIESPIHIKLKSKDTSNVISLHKMPSGTQYMQ
IGPYRTRLNTLFSRKLAERANIGIDNVLSMETQNLPEPQLGEGFYATFKLPPYNKEEHGDERWFKIHIGNIDGNSARQPY
YEGMLSDIETTVTLFVPYAKGYYIREGVRLGVGYKKIIYDKSWESAFFYFDETKNQFIFINDADHDSGMTQQGIVKNIKK
YKGFIHVVVMKNNTEPMDFNGANAIYFWELFYYTPMMVFQRLLQEQNFTESTRWLRYIWNPAGYSVQGEMQDYYWNVRPL
EEDTSWNANPLDSVDPDAVAQHDPMHYKVATFMKMLDLLITRGDSAYRQLERDTLNEAKMWYVQALTLLGDEPYFSLDND
WSEPRLEEAASQTMRHHYQHKMLQLRQRAALPTKRTANSLTALFLPQINKKLQGYWQTLTQRLYNLRHNLTIDGQPLSLS
LYATPADPSMLLSAAITASQGGGDLPHAVMPMYRFPVILENAKWGVSQLIQFGNTLLSITERQDAEALAEILQTQGSELA
LQSIKMQDKVMAEIDADKLALQESRHGAQSRFDSFNTLYDEDVNAGEKQAMDLYLSSSVLSTSGTALHMAAAAADLVPNI
YGFAVGGSRFGALFNASAIGIEISASATRIAADKISQSEIYRRRRQEWEIQRNNAEAEIKQIDAQLATLAVRREAAVLQK
NYLETQQAQTQAQLAFLQSKFSNAALYNWLRGRLSAIYYQFYDLAVSLCLMAEQTYQYELNNAAAHFIKPGAWHGTYAGL
LAGETLMLNLAQMEKSYLEKDERALEVTRTVSLAEVYAGLTENSFILKDKVTELVNAGEGSAGTTLNGLNVEGTQLQASL
KLSDLNIATDYPDGLGNTRRIKQISVTLPALLGPYQDVRAILSYGGSTMMPRGCKAIAISHGMNDSGQFQMDFNDAKYLP
FEGLPVADTGTLTLSFPGISGKQKSLLLSLSDIILHIRYTIRS
;
_entity_poly.pdbx_strand_id   A,B,C,D,E
#
# COMPACT_ATOMS: atom_id res chain seq x y z
N LEU A 20 24.73 69.67 33.82
CA LEU A 20 23.77 69.17 32.85
C LEU A 20 24.06 69.72 31.46
N LEU A 21 24.20 68.84 30.49
CA LEU A 21 24.48 69.20 29.11
C LEU A 21 23.47 68.54 28.18
N LEU A 22 23.61 68.87 26.89
CA LEU A 22 22.75 68.33 25.85
C LEU A 22 22.86 66.83 25.69
N THR A 23 24.00 66.25 26.03
CA THR A 23 24.12 64.80 26.11
C THR A 23 23.25 64.21 27.20
N ASN A 24 23.07 64.94 28.30
CA ASN A 24 22.20 64.46 29.37
C ASN A 24 20.74 64.74 29.07
N ILE A 25 20.46 65.77 28.27
CA ILE A 25 19.08 66.12 27.97
C ILE A 25 18.42 65.09 27.08
N SER A 26 19.16 64.56 26.09
CA SER A 26 18.58 63.65 25.12
C SER A 26 18.29 62.27 25.69
N PHE A 27 18.72 61.98 26.91
CA PHE A 27 18.41 60.69 27.52
C PHE A 27 17.05 60.69 28.18
N MET A 28 16.78 61.70 29.00
CA MET A 28 15.51 61.76 29.72
C MET A 28 14.38 62.10 28.77
N SER A 29 13.16 61.73 29.16
CA SER A 29 12.00 62.01 28.32
C SER A 29 11.63 63.48 28.40
N PHE A 30 10.67 63.88 27.56
CA PHE A 30 10.28 65.28 27.55
C PHE A 30 9.53 65.66 28.82
N SER A 31 8.78 64.74 29.40
CA SER A 31 8.12 65.04 30.66
C SER A 31 9.13 65.13 31.80
N GLU A 32 10.17 64.29 31.76
CA GLU A 32 11.27 64.41 32.73
C GLU A 32 11.95 65.75 32.61
N PHE A 33 12.20 66.18 31.38
CA PHE A 33 12.87 67.46 31.16
C PHE A 33 11.99 68.63 31.56
N ARG A 34 10.70 68.55 31.26
CA ARG A 34 9.77 69.62 31.63
C ARG A 34 9.58 69.68 33.14
N HIS A 35 9.67 68.54 33.83
CA HIS A 35 9.68 68.58 35.28
C HIS A 35 11.01 69.09 35.82
N ARG A 36 12.10 68.92 35.06
CA ARG A 36 13.38 69.43 35.51
C ARG A 36 13.43 70.96 35.45
N THR A 37 12.97 71.55 34.35
CA THR A 37 13.06 73.00 34.20
C THR A 37 11.68 73.64 34.11
N SER A 38 10.76 73.23 35.00
CA SER A 38 9.41 73.75 35.00
C SER A 38 9.34 75.22 35.39
N GLY A 39 10.10 75.64 36.39
CA GLY A 39 9.99 76.99 36.89
C GLY A 39 10.88 77.98 36.16
N THR A 40 12.09 77.55 35.84
CA THR A 40 13.07 78.44 35.22
C THR A 40 12.76 78.76 33.76
N LEU A 41 12.27 77.81 33.00
CA LEU A 41 11.91 78.04 31.60
C LEU A 41 10.40 77.89 31.43
N THR A 42 9.94 78.20 30.22
CA THR A 42 8.50 78.26 29.95
C THR A 42 8.15 77.49 28.68
N TRP A 43 8.69 76.27 28.58
CA TRP A 43 8.27 75.18 27.71
C TRP A 43 8.56 75.40 26.23
N ARG A 44 8.80 76.64 25.81
CA ARG A 44 9.18 76.90 24.43
C ARG A 44 10.67 76.74 24.25
N GLU A 45 11.46 77.38 25.12
CA GLU A 45 12.88 77.15 25.16
C GLU A 45 13.20 75.73 25.62
N THR A 46 12.33 75.15 26.46
CA THR A 46 12.48 73.74 26.84
C THR A 46 12.30 72.83 25.63
N ASP A 47 11.27 73.09 24.82
CA ASP A 47 11.09 72.33 23.59
C ASP A 47 12.23 72.55 22.61
N PHE A 48 12.74 73.78 22.53
CA PHE A 48 13.84 74.08 21.63
C PHE A 48 15.12 73.37 22.04
N LEU A 49 15.42 73.37 23.34
CA LEU A 49 16.58 72.65 23.84
C LEU A 49 16.42 71.15 23.67
N TYR A 50 15.20 70.64 23.82
CA TYR A 50 14.94 69.23 23.60
C TYR A 50 15.19 68.84 22.14
N GLN A 51 14.72 69.67 21.21
CA GLN A 51 14.95 69.40 19.80
C GLN A 51 16.43 69.50 19.44
N GLN A 52 17.14 70.45 20.04
CA GLN A 52 18.56 70.59 19.74
C GLN A 52 19.37 69.43 20.31
N ALA A 53 19.03 68.96 21.51
CA ALA A 53 19.73 67.82 22.08
C ALA A 53 19.42 66.54 21.30
N HIS A 54 18.19 66.41 20.81
CA HIS A 54 17.84 65.26 19.99
C HIS A 54 18.58 65.29 18.66
N GLN A 55 18.74 66.47 18.08
CA GLN A 55 19.50 66.61 16.83
C GLN A 55 20.97 66.30 17.05
N GLU A 56 21.52 66.73 18.18
CA GLU A 56 22.91 66.43 18.52
C GLU A 56 23.12 64.94 18.71
N SER A 57 22.18 64.26 19.37
CA SER A 57 22.29 62.83 19.56
C SER A 57 22.18 62.06 18.24
N LYS A 58 21.29 62.53 17.35
CA LYS A 58 21.15 61.91 16.04
C LYS A 58 22.41 62.05 15.20
N GLN A 59 23.00 63.24 15.21
CA GLN A 59 24.23 63.42 14.43
C GLN A 59 25.43 62.73 15.07
N ASN A 60 25.45 62.56 16.39
CA ASN A 60 26.51 61.77 17.00
C ASN A 60 26.40 60.30 16.60
N LYS A 61 25.17 59.77 16.57
CA LYS A 61 24.97 58.41 16.10
C LYS A 61 25.32 58.26 14.64
N LEU A 62 25.00 59.27 13.82
CA LEU A 62 25.35 59.24 12.41
C LEU A 62 26.85 59.26 12.18
N GLU A 63 27.57 60.08 12.93
CA GLU A 63 29.02 60.14 12.77
C GLU A 63 29.69 58.87 13.25
N GLU A 64 29.17 58.28 14.33
CA GLU A 64 29.70 57.01 14.82
C GLU A 64 29.46 55.89 13.81
N LEU A 65 28.27 55.87 13.20
CA LEU A 65 27.96 54.88 12.18
C LEU A 65 28.83 55.07 10.95
N ARG A 66 29.08 56.31 10.57
CA ARG A 66 29.91 56.60 9.42
C ARG A 66 31.37 56.25 9.67
N ILE A 67 31.82 56.34 10.93
CA ILE A 67 33.18 55.94 11.24
C ILE A 67 33.31 54.42 11.24
N LEU A 68 32.42 53.74 11.98
CA LEU A 68 32.55 52.30 12.15
C LEU A 68 32.20 51.52 10.89
N SER A 69 31.38 52.07 10.01
CA SER A 69 30.97 51.31 8.84
C SER A 69 32.01 51.31 7.74
N ARG A 70 33.11 52.03 7.89
CA ARG A 70 34.21 51.98 6.95
C ARG A 70 35.44 51.32 7.52
N ALA A 71 35.51 51.16 8.84
CA ALA A 71 36.59 50.43 9.49
C ALA A 71 36.25 48.97 9.71
N ASN A 72 35.39 48.41 8.88
CA ASN A 72 35.04 47.01 8.98
C ASN A 72 36.22 46.15 8.53
N PRO A 73 36.64 45.15 9.30
CA PRO A 73 37.75 44.29 8.86
C PRO A 73 37.42 43.43 7.67
N GLN A 74 36.14 43.17 7.40
CA GLN A 74 35.76 42.41 6.22
C GLN A 74 36.01 43.20 4.95
N LEU A 75 35.85 44.52 5.00
CA LEU A 75 35.92 45.36 3.81
C LEU A 75 37.32 45.86 3.53
N ALA A 76 38.35 45.19 4.03
CA ALA A 76 39.71 45.61 3.78
C ALA A 76 40.28 44.97 2.52
N ASN A 77 40.21 43.64 2.43
CA ASN A 77 40.88 42.89 1.38
C ASN A 77 40.00 42.61 0.19
N ILE A 78 38.97 43.40 -0.01
CA ILE A 78 38.04 43.19 -1.12
C ILE A 78 38.51 43.99 -2.32
N THR A 79 38.52 43.35 -3.48
CA THR A 79 39.15 43.90 -4.67
C THR A 79 38.26 44.97 -5.29
N ASN A 80 38.86 46.12 -5.59
CA ASN A 80 38.27 47.20 -6.37
C ASN A 80 37.00 47.79 -5.75
N LEU A 81 36.86 47.72 -4.43
CA LEU A 81 35.84 48.47 -3.74
C LEU A 81 36.52 49.71 -3.17
N ASN A 82 36.43 50.81 -3.92
CA ASN A 82 37.15 52.01 -3.57
C ASN A 82 36.53 52.70 -2.38
N ILE A 83 36.84 52.22 -1.18
CA ILE A 83 36.32 52.78 0.06
C ILE A 83 37.48 53.32 0.86
N THR A 84 37.46 54.60 1.11
CA THR A 84 38.42 55.20 2.02
C THR A 84 37.83 55.25 3.42
N PRO A 85 38.66 55.16 4.46
CA PRO A 85 38.19 55.47 5.81
C PRO A 85 37.80 56.94 5.92
N SER A 86 36.96 57.23 6.91
CA SER A 86 36.24 58.49 6.95
C SER A 86 37.05 59.68 7.44
N THR A 87 38.39 59.59 7.46
CA THR A 87 39.34 60.62 7.87
C THR A 87 39.19 61.06 9.33
N LEU A 88 38.36 60.37 10.10
CA LEU A 88 38.23 60.60 11.52
C LEU A 88 38.45 59.31 12.28
N ASN A 89 38.94 58.28 11.60
CA ASN A 89 39.20 56.99 12.24
C ASN A 89 40.34 57.10 13.25
N ASN A 90 41.35 57.92 12.93
CA ASN A 90 42.42 58.17 13.87
C ASN A 90 41.91 58.94 15.08
N SER A 91 40.99 59.87 14.86
CA SER A 91 40.41 60.62 15.97
C SER A 91 39.56 59.72 16.84
N TYR A 92 38.83 58.78 16.23
CA TYR A 92 38.02 57.85 17.01
C TYR A 92 38.90 56.91 17.83
N ASN A 93 39.98 56.41 17.23
CA ASN A 93 40.88 55.53 17.96
C ASN A 93 41.69 56.27 19.01
N SER A 94 41.88 57.58 18.84
CA SER A 94 42.61 58.33 19.86
C SER A 94 41.70 58.75 21.00
N TRP A 95 40.44 59.07 20.71
CA TRP A 95 39.49 59.38 21.76
C TRP A 95 39.11 58.13 22.54
N PHE A 96 38.52 57.15 21.86
CA PHE A 96 38.22 55.87 22.46
C PHE A 96 39.33 54.91 22.05
N TYR A 97 40.04 54.36 23.04
CA TYR A 97 41.35 53.78 22.84
C TYR A 97 41.23 52.46 22.09
N GLY A 98 41.19 52.58 20.76
CA GLY A 98 41.18 51.42 19.89
C GLY A 98 39.82 50.78 19.71
N ARG A 99 38.74 51.52 19.92
CA ARG A 99 37.41 50.94 19.81
C ARG A 99 37.08 50.59 18.36
N ALA A 100 37.37 51.51 17.43
CA ALA A 100 37.22 51.19 16.01
C ALA A 100 38.28 50.20 15.53
N HIS A 101 39.39 50.08 16.25
CA HIS A 101 40.37 49.06 15.98
C HIS A 101 39.93 47.69 16.46
N ARG A 102 38.95 47.64 17.36
CA ARG A 102 38.53 46.40 18.01
C ARG A 102 37.14 46.00 17.54
N PHE A 103 37.09 45.14 16.54
CA PHE A 103 35.86 44.51 16.09
C PHE A 103 35.76 43.10 16.65
N VAL A 104 34.53 42.67 16.92
CA VAL A 104 34.30 41.45 17.69
C VAL A 104 33.63 40.42 16.79
N LYS A 105 33.77 39.16 17.16
CA LYS A 105 33.18 38.07 16.41
C LYS A 105 31.66 38.10 16.57
N PRO A 106 30.89 37.68 15.55
CA PRO A 106 29.44 37.57 15.73
C PRO A 106 29.10 36.46 16.71
N GLY A 107 28.05 36.70 17.49
CA GLY A 107 27.65 35.75 18.50
C GLY A 107 28.46 35.79 19.76
N SER A 108 29.15 36.90 20.03
CA SER A 108 29.98 37.01 21.21
C SER A 108 29.22 37.68 22.34
N ILE A 109 29.79 37.59 23.54
CA ILE A 109 29.24 38.27 24.70
C ILE A 109 29.50 39.77 24.58
N ALA A 110 30.62 40.15 23.97
CA ALA A 110 31.05 41.54 23.92
C ALA A 110 30.35 42.35 22.85
N SER A 111 29.55 41.71 22.00
CA SER A 111 28.99 42.39 20.84
C SER A 111 27.91 43.38 21.22
N ILE A 112 27.72 44.38 20.35
CA ILE A 112 26.70 45.39 20.59
C ILE A 112 25.31 44.88 20.26
N PHE A 113 25.19 43.75 19.58
CA PHE A 113 23.91 43.11 19.34
C PHE A 113 23.71 41.88 20.21
N SER A 114 24.53 41.72 21.24
CA SER A 114 24.42 40.58 22.12
C SER A 114 23.24 40.74 23.06
N PRO A 115 22.74 39.64 23.62
CA PRO A 115 21.76 39.74 24.71
C PRO A 115 22.28 40.47 25.93
N ALA A 116 23.59 40.48 26.15
CA ALA A 116 24.14 41.31 27.22
C ALA A 116 23.96 42.80 26.93
N ALA A 117 24.12 43.20 25.66
CA ALA A 117 23.87 44.59 25.30
C ALA A 117 22.39 44.93 25.41
N TYR A 118 21.54 43.99 25.01
CA TYR A 118 20.10 44.20 25.14
C TYR A 118 19.70 44.31 26.60
N LEU A 119 20.28 43.47 27.46
CA LEU A 119 19.99 43.53 28.89
C LEU A 119 20.53 44.80 29.52
N THR A 120 21.68 45.27 29.04
CA THR A 120 22.27 46.50 29.56
C THR A 120 21.39 47.69 29.25
N GLU A 121 20.93 47.78 28.00
CA GLU A 121 20.03 48.86 27.62
C GLU A 121 18.70 48.75 28.34
N LEU A 122 18.23 47.51 28.54
CA LEU A 122 16.96 47.29 29.22
C LEU A 122 17.02 47.74 30.67
N TYR A 123 18.10 47.39 31.37
CA TYR A 123 18.23 47.77 32.77
C TYR A 123 18.48 49.27 32.91
N ARG A 124 19.26 49.85 31.99
CA ARG A 124 19.56 51.27 32.05
C ARG A 124 18.33 52.11 31.80
N GLU A 125 17.41 51.61 30.97
CA GLU A 125 16.18 52.36 30.75
C GLU A 125 15.07 51.97 31.72
N ALA A 126 15.18 50.83 32.39
CA ALA A 126 14.11 50.35 33.24
C ALA A 126 14.34 50.57 34.72
N LYS A 127 15.54 50.98 35.12
CA LYS A 127 15.80 51.12 36.55
C LYS A 127 15.24 52.42 37.14
N ASP A 128 14.42 53.17 36.41
CA ASP A 128 13.90 54.43 36.91
C ASP A 128 12.39 54.47 36.98
N PHE A 129 11.71 53.34 36.89
CA PHE A 129 10.25 53.35 36.96
C PHE A 129 9.76 53.64 38.36
N HIS A 130 10.57 53.35 39.37
CA HIS A 130 10.14 53.52 40.74
C HIS A 130 11.12 54.42 41.48
N PRO A 131 10.67 55.05 42.57
CA PRO A 131 11.61 55.69 43.48
C PRO A 131 12.50 54.64 44.14
N ASP A 132 13.68 55.11 44.56
CA ASP A 132 14.72 54.20 45.04
C ASP A 132 14.36 53.53 46.35
N ASN A 133 13.63 54.22 47.23
CA ASN A 133 13.23 53.66 48.50
C ASN A 133 12.01 52.77 48.39
N SER A 134 11.33 52.75 47.25
CA SER A 134 10.15 51.93 47.08
C SER A 134 10.52 50.46 47.03
N GLN A 135 9.69 49.63 47.66
CA GLN A 135 9.94 48.21 47.74
C GLN A 135 9.78 47.49 46.42
N TYR A 136 9.21 48.14 45.42
CA TYR A 136 9.08 47.56 44.09
C TYR A 136 10.20 48.00 43.16
N HIS A 137 11.19 48.72 43.67
CA HIS A 137 12.34 49.09 42.86
C HIS A 137 13.17 47.85 42.55
N LEU A 138 13.84 47.88 41.40
CA LEU A 138 14.54 46.70 40.88
C LEU A 138 15.69 46.26 41.79
N ASN A 139 16.54 47.20 42.19
CA ASN A 139 17.68 46.84 43.03
C ASN A 139 17.25 46.43 44.43
N LYS A 140 16.09 46.89 44.88
CA LYS A 140 15.60 46.51 46.20
C LYS A 140 14.90 45.16 46.18
N ARG A 141 14.19 44.84 45.10
CA ARG A 141 13.50 43.56 45.06
C ARG A 141 14.41 42.44 44.58
N ARG A 142 15.45 42.75 43.80
CA ARG A 142 16.32 41.75 43.19
C ARG A 142 17.72 42.34 43.12
N PRO A 143 18.47 42.33 44.23
CA PRO A 143 19.84 42.87 44.18
C PRO A 143 20.79 42.00 43.41
N ASP A 144 20.42 40.75 43.15
CA ASP A 144 21.25 39.85 42.35
C ASP A 144 21.36 40.33 40.91
N ILE A 145 20.29 40.91 40.38
CA ILE A 145 20.27 41.24 38.96
C ILE A 145 21.12 42.46 38.64
N ALA A 146 21.50 43.25 39.64
CA ALA A 146 22.36 44.40 39.38
C ALA A 146 23.81 44.00 39.24
N SER A 147 24.27 43.05 40.05
CA SER A 147 25.67 42.65 40.07
C SER A 147 25.93 41.41 39.23
N LEU A 148 25.13 41.17 38.20
CA LEU A 148 25.35 40.01 37.34
C LEU A 148 26.54 40.28 36.44
N ALA A 149 27.49 39.36 36.41
CA ALA A 149 28.69 39.53 35.61
C ALA A 149 28.41 39.13 34.17
N LEU A 150 28.50 40.10 33.26
CA LEU A 150 28.21 39.86 31.85
C LEU A 150 29.37 39.12 31.21
N THR A 151 29.37 37.81 31.40
CA THR A 151 30.40 36.94 30.86
C THR A 151 29.81 35.92 29.91
N GLN A 152 30.71 35.29 29.14
CA GLN A 152 30.31 34.25 28.19
C GLN A 152 29.75 33.04 28.91
N ASN A 153 30.24 32.75 30.12
CA ASN A 153 29.70 31.63 30.89
C ASN A 153 28.27 31.86 31.31
N ASN A 154 27.97 33.06 31.83
CA ASN A 154 26.59 33.39 32.15
C ASN A 154 25.73 33.52 30.90
N MET A 155 26.34 33.80 29.75
CA MET A 155 25.55 33.90 28.53
C MET A 155 25.18 32.52 27.98
N ASP A 156 26.12 31.59 27.93
CA ASP A 156 25.92 30.36 27.18
C ASP A 156 25.76 29.11 28.04
N GLU A 157 26.13 29.16 29.32
CA GLU A 157 26.03 27.98 30.17
C GLU A 157 24.58 27.72 30.52
N GLU A 158 23.99 26.69 29.91
CA GLU A 158 22.56 26.43 30.02
C GLU A 158 22.29 25.68 31.32
N ILE A 159 21.93 26.43 32.34
CA ILE A 159 21.48 25.86 33.58
C ILE A 159 19.95 25.73 33.53
N SER A 160 19.41 24.84 34.33
CA SER A 160 17.97 24.67 34.41
C SER A 160 17.39 25.81 35.23
N THR A 161 16.26 26.33 34.78
CA THR A 161 15.50 27.19 35.68
C THR A 161 14.87 26.34 36.77
N LEU A 162 14.40 27.03 37.80
CA LEU A 162 14.03 26.63 39.17
C LEU A 162 15.27 26.33 40.01
N SER A 163 16.43 26.15 39.41
CA SER A 163 17.66 26.17 40.19
C SER A 163 18.03 27.59 40.55
N LEU A 164 17.85 28.51 39.62
CA LEU A 164 18.03 29.92 39.91
C LEU A 164 17.00 30.41 40.91
N SER A 165 15.77 29.93 40.80
CA SER A 165 14.72 30.27 41.75
C SER A 165 15.04 29.73 43.14
N ASN A 166 15.56 28.49 43.20
CA ASN A 166 15.94 27.91 44.48
C ASN A 166 17.10 28.64 45.11
N GLU A 167 18.12 28.98 44.31
CA GLU A 167 19.27 29.69 44.83
C GLU A 167 18.89 31.08 45.30
N LEU A 168 17.97 31.73 44.58
CA LEU A 168 17.53 33.07 44.96
C LEU A 168 16.72 33.04 46.25
N LEU A 169 15.81 32.07 46.38
CA LEU A 169 15.00 31.99 47.58
C LEU A 169 15.83 31.59 48.79
N LEU A 170 16.72 30.62 48.63
CA LEU A 170 17.54 30.21 49.76
C LEU A 170 18.57 31.27 50.13
N HIS A 171 19.04 32.04 49.15
CA HIS A 171 19.94 33.13 49.48
C HIS A 171 19.21 34.25 50.20
N ASN A 172 17.95 34.49 49.83
CA ASN A 172 17.18 35.51 50.53
C ASN A 172 16.83 35.06 51.94
N ILE A 173 16.55 33.77 52.14
CA ILE A 173 16.27 33.26 53.47
C ILE A 173 17.53 33.28 54.34
N GLN A 174 18.69 32.95 53.75
CA GLN A 174 19.95 33.04 54.46
C GLN A 174 20.29 34.47 54.84
N THR A 175 20.06 35.42 53.93
CA THR A 175 20.33 36.82 54.23
C THR A 175 19.35 37.37 55.27
N LEU A 176 18.11 36.85 55.27
CA LEU A 176 17.16 37.25 56.29
C LEU A 176 17.52 36.71 57.67
N GLU A 177 17.79 35.41 57.78
CA GLU A 177 17.93 34.79 59.08
C GLU A 177 19.37 34.77 59.59
N LYS A 178 20.32 35.21 58.76
CA LYS A 178 21.75 35.31 59.10
C LYS A 178 22.34 33.97 59.54
N THR A 179 22.11 32.94 58.75
CA THR A 179 22.65 31.62 59.04
C THR A 179 23.16 30.98 57.76
N ASP A 180 23.67 29.76 57.91
CA ASP A 180 24.18 29.00 56.79
C ASP A 180 23.05 28.21 56.13
N TYR A 181 23.38 27.57 55.00
CA TYR A 181 22.40 26.78 54.27
C TYR A 181 21.96 25.56 55.08
N ASN A 182 22.89 24.93 55.79
CA ASN A 182 22.54 23.80 56.64
C ASN A 182 21.66 24.24 57.80
N GLY A 183 21.92 25.42 58.35
CA GLY A 183 21.06 25.95 59.40
C GLY A 183 19.69 26.32 58.89
N VAL A 184 19.60 26.80 57.65
CA VAL A 184 18.31 27.09 57.03
C VAL A 184 17.51 25.81 56.84
N MET A 185 18.18 24.75 56.40
CA MET A 185 17.49 23.47 56.25
C MET A 185 17.10 22.86 57.60
N LYS A 186 17.90 23.12 58.64
CA LYS A 186 17.54 22.67 59.97
C LYS A 186 16.30 23.40 60.49
N MET A 187 16.24 24.71 60.27
CA MET A 187 15.06 25.46 60.71
C MET A 187 13.84 25.16 59.85
N LEU A 188 14.04 24.80 58.58
CA LEU A 188 12.92 24.49 57.71
C LEU A 188 12.43 23.07 57.92
N SER A 189 13.26 22.20 58.48
CA SER A 189 12.82 20.86 58.82
C SER A 189 11.92 20.84 60.05
N THR A 190 11.88 21.92 60.82
CA THR A 190 11.16 21.94 62.08
C THR A 190 10.17 23.09 62.18
N TYR A 191 10.04 23.90 61.13
CA TYR A 191 9.09 25.00 61.17
C TYR A 191 7.67 24.46 61.07
N ARG A 192 6.82 24.86 62.01
CA ARG A 192 5.47 24.33 62.08
C ARG A 192 4.40 25.39 61.87
N GLN A 193 4.78 26.66 61.71
CA GLN A 193 3.79 27.73 61.77
C GLN A 193 2.98 27.83 60.49
N THR A 194 3.59 27.62 59.33
CA THR A 194 2.88 27.75 58.08
C THR A 194 2.52 26.39 57.51
N GLY A 195 1.59 26.39 56.57
CA GLY A 195 1.27 25.18 55.84
C GLY A 195 2.38 24.83 54.88
N MET A 196 2.27 23.61 54.33
CA MET A 196 3.21 23.01 53.38
C MET A 196 4.63 22.96 53.93
N THR A 197 4.75 22.83 55.25
CA THR A 197 5.97 23.00 56.02
C THR A 197 5.68 22.46 57.41
N PRO A 198 6.56 21.68 58.07
CA PRO A 198 7.98 21.32 57.92
C PRO A 198 8.37 20.59 56.64
N TYR A 199 9.64 20.72 56.30
CA TYR A 199 10.20 20.14 55.10
C TYR A 199 11.55 19.55 55.48
N HIS A 200 11.57 18.24 55.71
CA HIS A 200 12.79 17.55 56.13
C HIS A 200 13.47 17.07 54.86
N LEU A 201 14.52 17.79 54.47
CA LEU A 201 15.20 17.49 53.21
C LEU A 201 15.97 16.16 53.20
N PRO A 202 16.70 15.75 54.26
CA PRO A 202 17.25 14.39 54.23
C PRO A 202 16.19 13.31 54.22
N TYR A 203 15.07 13.54 54.90
CA TYR A 203 13.98 12.57 54.88
C TYR A 203 13.37 12.47 53.49
N GLU A 204 13.24 13.61 52.81
CA GLU A 204 12.69 13.59 51.46
C GLU A 204 13.62 12.91 50.48
N SER A 205 14.93 13.16 50.64
CA SER A 205 15.92 12.47 49.81
C SER A 205 15.90 10.97 50.06
N ALA A 206 15.74 10.57 51.32
CA ALA A 206 15.71 9.14 51.64
C ALA A 206 14.46 8.47 51.11
N ARG A 207 13.30 9.11 51.28
CA ARG A 207 12.07 8.47 50.85
C ARG A 207 11.96 8.46 49.32
N GLN A 208 12.54 9.45 48.64
CA GLN A 208 12.55 9.37 47.19
C GLN A 208 13.57 8.36 46.68
N ALA A 209 14.67 8.16 47.40
CA ALA A 209 15.61 7.10 47.02
C ALA A 209 14.98 5.72 47.20
N ILE A 210 14.23 5.53 48.28
CA ILE A 210 13.57 4.25 48.50
C ILE A 210 12.45 4.04 47.49
N LEU A 211 11.70 5.09 47.17
CA LEU A 211 10.67 4.97 46.15
C LEU A 211 11.23 4.75 44.76
N LEU A 212 12.44 5.23 44.48
CA LEU A 212 13.06 4.95 43.20
C LEU A 212 13.59 3.52 43.13
N GLN A 213 14.19 3.04 44.22
CA GLN A 213 14.75 1.69 44.20
C GLN A 213 13.67 0.64 44.28
N ASP A 214 12.90 0.63 45.36
CA ASP A 214 11.85 -0.36 45.60
C ASP A 214 10.52 0.36 45.50
N LYS A 215 9.99 0.45 44.28
CA LYS A 215 8.64 0.93 44.10
C LYS A 215 7.66 -0.14 44.58
N ASN A 216 6.56 0.33 45.17
CA ASN A 216 5.43 -0.45 45.71
C ASN A 216 5.79 -1.32 46.91
N LEU A 217 7.03 -1.28 47.40
CA LEU A 217 7.50 -1.99 48.61
C LEU A 217 7.32 -3.50 48.49
N THR A 218 7.85 -4.07 47.40
CA THR A 218 7.74 -5.51 47.25
C THR A 218 8.73 -6.28 48.12
N ALA A 219 9.81 -5.62 48.55
CA ALA A 219 10.73 -6.26 49.49
C ALA A 219 10.08 -6.45 50.85
N PHE A 220 9.23 -5.51 51.24
CA PHE A 220 8.43 -5.65 52.46
C PHE A 220 7.49 -6.84 52.35
N SER A 221 6.96 -7.09 51.16
CA SER A 221 6.03 -8.20 51.00
C SER A 221 6.76 -9.53 50.93
N ARG A 222 7.96 -9.53 50.36
CA ARG A 222 8.73 -10.78 50.28
C ARG A 222 9.34 -11.14 51.62
N ASN A 223 10.23 -10.29 52.13
CA ASN A 223 11.04 -10.63 53.29
C ASN A 223 10.25 -10.30 54.54
N THR A 224 9.37 -11.21 54.93
CA THR A 224 8.47 -10.96 56.05
C THR A 224 9.20 -10.96 57.39
N ASP A 225 10.28 -11.72 57.52
CA ASP A 225 10.97 -11.79 58.81
C ASP A 225 11.77 -10.53 59.10
N VAL A 226 12.12 -9.77 58.07
CA VAL A 226 12.66 -8.43 58.29
C VAL A 226 11.57 -7.38 58.19
N ALA A 227 10.41 -7.72 57.64
CA ALA A 227 9.25 -6.85 57.70
C ALA A 227 8.66 -6.80 59.10
N GLU A 228 8.96 -7.81 59.92
CA GLU A 228 8.57 -7.78 61.32
C GLU A 228 9.24 -6.62 62.06
N LEU A 229 10.49 -6.31 61.73
CA LEU A 229 11.23 -5.24 62.39
C LEU A 229 10.77 -3.85 61.99
N MET A 230 10.12 -3.70 60.85
CA MET A 230 9.73 -2.40 60.34
C MET A 230 8.37 -2.01 60.90
N ASP A 231 8.23 -0.74 61.23
CA ASP A 231 6.97 -0.25 61.79
C ASP A 231 6.00 0.11 60.67
N PRO A 232 4.70 -0.17 60.82
CA PRO A 232 3.74 0.23 59.78
C PRO A 232 3.62 1.73 59.59
N THR A 233 3.76 2.52 60.66
CA THR A 233 3.76 3.97 60.48
C THR A 233 5.05 4.44 59.81
N SER A 234 6.16 3.77 60.07
CA SER A 234 7.39 4.10 59.38
C SER A 234 7.31 3.78 57.90
N LEU A 235 6.65 2.68 57.55
CA LEU A 235 6.45 2.38 56.14
C LEU A 235 5.43 3.31 55.50
N LEU A 236 4.47 3.80 56.28
CA LEU A 236 3.59 4.86 55.82
C LEU A 236 4.39 6.13 55.52
N ALA A 237 5.32 6.46 56.40
CA ALA A 237 6.17 7.63 56.18
C ALA A 237 7.10 7.43 55.00
N ILE A 238 7.43 6.18 54.68
CA ILE A 238 8.20 5.91 53.47
C ILE A 238 7.33 6.13 52.23
N LYS A 239 6.15 5.52 52.21
CA LYS A 239 5.36 5.53 50.97
C LYS A 239 4.72 6.88 50.70
N THR A 240 4.34 7.62 51.72
CA THR A 240 3.89 8.99 51.55
C THR A 240 4.56 9.88 52.60
N ASP A 241 4.64 11.16 52.28
CA ASP A 241 5.49 12.11 53.00
C ASP A 241 4.91 12.39 54.39
N ILE A 242 5.57 11.85 55.41
CA ILE A 242 5.37 12.29 56.79
C ILE A 242 6.76 12.54 57.35
N SER A 243 7.11 13.82 57.50
CA SER A 243 8.36 14.21 58.12
C SER A 243 8.36 13.82 59.60
N PRO A 244 9.53 13.75 60.24
CA PRO A 244 9.53 13.52 61.69
C PRO A 244 8.82 14.60 62.47
N GLU A 245 8.98 15.87 62.07
CA GLU A 245 8.24 16.94 62.70
C GLU A 245 6.75 16.85 62.42
N LEU A 246 6.38 16.40 61.22
CA LEU A 246 4.96 16.19 60.91
C LEU A 246 4.38 15.05 61.73
N TYR A 247 5.18 14.02 61.98
CA TYR A 247 4.73 12.93 62.82
C TYR A 247 4.56 13.38 64.26
N GLN A 248 5.45 14.27 64.72
CA GLN A 248 5.29 14.85 66.05
C GLN A 248 4.05 15.74 66.12
N ILE A 249 3.71 16.40 65.02
CA ILE A 249 2.50 17.21 64.98
C ILE A 249 1.27 16.32 65.02
N LEU A 250 1.31 15.20 64.29
CA LEU A 250 0.13 14.33 64.21
C LEU A 250 -0.07 13.52 65.47
N VAL A 251 1.02 13.13 66.15
CA VAL A 251 0.91 12.16 67.23
C VAL A 251 0.61 12.81 68.57
N GLU A 252 0.78 14.12 68.71
CA GLU A 252 0.57 14.76 70.00
C GLU A 252 -0.92 14.89 70.28
N GLU A 253 -1.27 14.77 71.56
CA GLU A 253 -2.66 14.87 71.96
C GLU A 253 -2.97 16.29 72.41
N ILE A 254 -4.23 16.67 72.29
CA ILE A 254 -4.68 18.04 72.52
C ILE A 254 -5.65 18.02 73.69
N THR A 255 -5.18 18.43 74.84
CA THR A 255 -6.01 18.57 76.01
C THR A 255 -6.59 19.98 76.07
N PRO A 256 -7.63 20.20 76.87
CA PRO A 256 -8.03 21.60 77.16
C PRO A 256 -6.98 22.38 77.91
N GLU A 257 -6.08 21.72 78.62
CA GLU A 257 -4.97 22.42 79.27
C GLU A 257 -3.90 22.82 78.26
N ASN A 258 -3.52 21.91 77.37
CA ASN A 258 -2.45 22.13 76.42
C ASN A 258 -2.90 22.94 75.20
N SER A 259 -4.13 23.46 75.20
CA SER A 259 -4.74 24.03 74.01
C SER A 259 -4.06 25.31 73.57
N THR A 260 -3.95 26.29 74.46
CA THR A 260 -3.39 27.58 74.07
C THR A 260 -1.89 27.51 73.80
N GLU A 261 -1.19 26.59 74.46
CA GLU A 261 0.23 26.42 74.18
C GLU A 261 0.46 25.73 72.84
N LEU A 262 -0.30 24.67 72.56
CA LEU A 262 -0.14 23.99 71.28
C LEU A 262 -0.64 24.83 70.13
N MET A 263 -1.58 25.75 70.39
CA MET A 263 -1.98 26.69 69.34
C MET A 263 -0.86 27.67 69.04
N LYS A 264 -0.08 28.05 70.04
CA LYS A 264 1.12 28.83 69.76
C LYS A 264 2.17 28.01 69.02
N LYS A 265 2.29 26.73 69.37
CA LYS A 265 3.33 25.90 68.76
C LYS A 265 3.00 25.55 67.32
N ASN A 266 1.72 25.49 66.96
CA ASN A 266 1.35 25.11 65.61
C ASN A 266 0.85 26.26 64.76
N PHE A 267 0.54 27.40 65.35
CA PHE A 267 0.10 28.54 64.55
C PHE A 267 0.91 29.78 64.85
N GLY A 268 1.32 29.96 66.09
CA GLY A 268 1.87 31.25 66.46
C GLY A 268 0.87 32.03 67.29
N THR A 269 0.14 32.92 66.64
CA THR A 269 -0.88 33.72 67.28
C THR A 269 -1.98 32.85 67.87
N ASP A 270 -2.53 33.31 68.98
CA ASP A 270 -3.74 32.79 69.62
C ASP A 270 -4.94 33.49 69.00
N ASP A 271 -6.06 33.52 69.75
CA ASP A 271 -7.26 34.29 69.39
C ASP A 271 -7.88 33.76 68.10
N VAL A 272 -8.59 32.64 68.23
CA VAL A 272 -8.96 31.64 67.22
C VAL A 272 -9.33 32.19 65.85
N LEU A 273 -9.91 33.37 65.80
CA LEU A 273 -10.24 33.99 64.52
C LEU A 273 -8.97 34.47 63.83
N ILE A 274 -8.21 33.53 63.27
CA ILE A 274 -6.97 33.84 62.56
C ILE A 274 -7.08 33.63 61.07
N PHE A 275 -8.16 33.03 60.60
CA PHE A 275 -8.38 32.82 59.17
C PHE A 275 -9.48 33.73 58.62
N LYS A 276 -10.61 33.81 59.32
CA LYS A 276 -11.73 34.72 59.10
C LYS A 276 -12.48 34.48 57.79
N SER A 277 -12.05 33.54 56.95
CA SER A 277 -12.60 33.39 55.62
C SER A 277 -12.14 32.05 55.06
N TYR A 278 -12.94 31.51 54.15
CA TYR A 278 -12.57 30.29 53.45
C TYR A 278 -11.37 30.51 52.53
N ALA A 279 -11.27 31.71 51.94
CA ALA A 279 -10.18 31.99 51.02
C ALA A 279 -8.83 32.00 51.71
N SER A 280 -8.77 32.56 52.92
CA SER A 280 -7.51 32.58 53.65
C SER A 280 -7.12 31.19 54.12
N LEU A 281 -8.10 30.35 54.46
CA LEU A 281 -7.82 28.98 54.86
C LEU A 281 -7.28 28.17 53.70
N ALA A 282 -7.95 28.27 52.55
CA ALA A 282 -7.53 27.53 51.36
C ALA A 282 -6.19 28.04 50.85
N ARG A 283 -5.91 29.33 51.01
CA ARG A 283 -4.62 29.86 50.63
C ARG A 283 -3.52 29.43 51.60
N TYR A 284 -3.85 29.32 52.89
CA TYR A 284 -2.85 28.90 53.86
C TYR A 284 -2.50 27.43 53.72
N TYR A 285 -3.46 26.60 53.35
CA TYR A 285 -3.20 25.17 53.24
C TYR A 285 -3.07 24.67 51.81
N ASP A 286 -3.14 25.57 50.82
CA ASP A 286 -3.12 25.25 49.38
C ASP A 286 -4.19 24.23 49.03
N LEU A 287 -5.43 24.60 49.32
CA LEU A 287 -6.56 23.73 49.05
C LEU A 287 -7.47 24.35 48.01
N SER A 288 -8.21 23.49 47.33
CA SER A 288 -9.28 23.96 46.47
C SER A 288 -10.52 24.22 47.32
N TYR A 289 -11.54 24.83 46.73
CA TYR A 289 -12.80 24.97 47.43
C TYR A 289 -13.48 23.64 47.65
N ASP A 290 -13.31 22.70 46.72
CA ASP A 290 -13.86 21.37 46.90
C ASP A 290 -13.16 20.62 48.01
N GLU A 291 -11.82 20.72 48.08
CA GLU A 291 -11.09 20.03 49.12
C GLU A 291 -11.31 20.68 50.48
N LEU A 292 -11.53 21.99 50.48
CA LEU A 292 -11.88 22.66 51.72
C LEU A 292 -13.30 22.30 52.16
N SER A 293 -14.18 22.03 51.20
CA SER A 293 -15.55 21.68 51.52
C SER A 293 -15.67 20.30 52.15
N LEU A 294 -14.64 19.46 52.04
CA LEU A 294 -14.67 18.15 52.71
C LEU A 294 -14.60 18.29 54.23
N PHE A 295 -14.04 19.38 54.74
CA PHE A 295 -13.86 19.57 56.16
C PHE A 295 -14.81 20.60 56.75
N VAL A 296 -14.86 21.79 56.16
CA VAL A 296 -15.50 22.95 56.76
C VAL A 296 -16.81 23.22 56.04
N ASN A 297 -17.91 23.23 56.80
CA ASN A 297 -19.23 23.60 56.28
C ASN A 297 -19.89 24.43 57.36
N LEU A 298 -19.66 25.74 57.32
CA LEU A 298 -20.11 26.59 58.41
C LEU A 298 -21.57 26.99 58.22
N SER A 299 -22.04 27.85 59.13
CA SER A 299 -23.39 28.40 59.08
C SER A 299 -23.48 29.65 58.21
N PHE A 300 -22.44 29.96 57.45
CA PHE A 300 -22.48 31.12 56.56
C PHE A 300 -23.42 30.84 55.39
N GLY A 301 -24.23 31.85 55.06
CA GLY A 301 -25.20 31.71 53.99
C GLY A 301 -26.34 30.78 54.29
N LYS A 302 -26.97 30.92 55.46
CA LYS A 302 -27.97 29.96 55.88
C LYS A 302 -29.31 30.19 55.19
N LYS A 303 -29.70 31.44 54.99
CA LYS A 303 -31.07 31.77 54.61
C LYS A 303 -31.40 31.38 53.18
N ASN A 304 -30.40 31.29 52.31
CA ASN A 304 -30.63 31.04 50.89
C ASN A 304 -30.68 29.56 50.55
N THR A 305 -30.76 28.68 51.55
CA THR A 305 -30.86 27.25 51.30
C THR A 305 -31.77 26.62 52.34
N ASN A 306 -32.21 25.41 52.03
CA ASN A 306 -32.88 24.56 52.98
C ASN A 306 -32.04 23.35 53.36
N GLN A 307 -30.91 23.14 52.70
CA GLN A 307 -29.96 22.10 53.04
C GLN A 307 -28.62 22.76 53.34
N GLN A 308 -28.18 22.69 54.59
CA GLN A 308 -26.90 23.26 54.98
C GLN A 308 -25.79 22.23 55.06
N TYR A 309 -26.13 20.95 55.08
CA TYR A 309 -25.13 19.90 55.21
C TYR A 309 -24.38 19.73 53.90
N LYS A 310 -23.06 19.87 53.94
CA LYS A 310 -22.21 19.53 52.82
C LYS A 310 -21.42 18.30 53.22
N ASN A 311 -21.43 17.29 52.32
CA ASN A 311 -20.83 15.98 52.56
C ASN A 311 -21.39 15.33 53.82
N GLU A 312 -22.69 15.54 54.06
CA GLU A 312 -23.44 14.99 55.19
C GLU A 312 -22.84 15.39 56.53
N GLN A 313 -22.31 16.61 56.62
CA GLN A 313 -21.78 17.09 57.88
C GLN A 313 -21.95 18.60 57.94
N LEU A 314 -21.87 19.14 59.17
CA LEU A 314 -22.14 20.54 59.43
C LEU A 314 -21.50 20.94 60.74
N ILE A 315 -20.68 21.99 60.73
CA ILE A 315 -20.17 22.59 61.95
C ILE A 315 -20.99 23.83 62.25
N THR A 316 -21.29 24.03 63.53
CA THR A 316 -22.13 25.15 63.98
C THR A 316 -21.47 25.74 65.22
N LEU A 317 -20.59 26.72 65.03
CA LEU A 317 -19.94 27.33 66.16
C LEU A 317 -20.86 28.36 66.78
N VAL A 318 -20.94 28.34 68.11
CA VAL A 318 -21.80 29.25 68.86
C VAL A 318 -20.90 30.26 69.57
N ASN A 319 -21.33 31.51 69.58
CA ASN A 319 -20.66 32.55 70.34
C ASN A 319 -21.08 32.44 71.80
N ASP A 320 -20.54 33.34 72.63
CA ASP A 320 -20.92 33.56 74.03
C ASP A 320 -20.72 32.31 74.91
N GLY A 321 -19.82 31.42 74.53
CA GLY A 321 -19.46 30.32 75.39
C GLY A 321 -18.27 30.69 76.25
N ASN A 322 -18.44 31.76 77.04
CA ASN A 322 -17.37 32.43 77.78
C ASN A 322 -16.22 32.84 76.86
N ASP A 323 -16.59 33.36 75.68
CA ASP A 323 -15.67 33.81 74.63
C ASP A 323 -14.68 32.71 74.20
N THR A 324 -15.15 31.47 74.15
CA THR A 324 -14.34 30.38 73.66
C THR A 324 -14.71 29.95 72.24
N ALA A 325 -15.93 30.28 71.81
CA ALA A 325 -16.48 29.98 70.49
C ALA A 325 -16.42 28.47 70.20
N THR A 326 -17.18 27.72 70.98
CA THR A 326 -17.22 26.27 70.84
C THR A 326 -17.97 25.89 69.57
N ALA A 327 -17.41 24.92 68.86
CA ALA A 327 -17.96 24.46 67.59
C ALA A 327 -18.71 23.15 67.79
N ARG A 328 -19.72 22.92 66.95
CA ARG A 328 -20.58 21.74 67.05
C ARG A 328 -20.62 21.05 65.70
N LEU A 329 -19.78 20.03 65.53
CA LEU A 329 -19.75 19.25 64.31
C LEU A 329 -20.81 18.16 64.38
N ILE A 330 -21.75 18.18 63.44
CA ILE A 330 -22.82 17.18 63.36
C ILE A 330 -22.74 16.49 62.02
N LYS A 331 -22.63 15.17 62.04
CA LYS A 331 -22.50 14.38 60.82
C LYS A 331 -23.72 13.49 60.62
N ARG A 332 -24.42 13.68 59.51
CA ARG A 332 -25.50 12.79 59.11
C ARG A 332 -24.91 11.51 58.55
N THR A 333 -25.61 10.38 58.75
CA THR A 333 -25.06 9.09 58.38
C THR A 333 -25.89 8.31 57.37
N ARG A 334 -27.12 8.74 57.05
CA ARG A 334 -27.97 8.20 55.98
C ARG A 334 -28.27 6.71 56.20
N LYS A 335 -29.09 6.46 57.21
CA LYS A 335 -29.56 5.11 57.48
C LYS A 335 -30.72 4.69 56.59
N ASP A 336 -31.43 3.64 57.00
CA ASP A 336 -32.36 2.91 56.15
C ASP A 336 -33.50 3.79 55.63
N PHE A 337 -33.91 3.49 54.38
CA PHE A 337 -35.03 4.12 53.68
C PHE A 337 -34.87 5.63 53.54
N TYR A 338 -33.63 6.10 53.51
CA TYR A 338 -33.38 7.52 53.31
C TYR A 338 -33.68 7.92 51.87
N ASP A 339 -33.13 7.17 50.92
CA ASP A 339 -33.31 7.51 49.52
C ASP A 339 -34.66 7.06 48.97
N SER A 340 -35.40 6.24 49.71
CA SER A 340 -36.64 5.70 49.16
C SER A 340 -37.83 6.56 49.52
N HIS A 341 -37.74 7.37 50.57
CA HIS A 341 -38.92 8.07 51.06
C HIS A 341 -38.72 9.55 51.30
N LEU A 342 -37.50 10.09 51.20
CA LEU A 342 -37.33 11.51 51.43
C LEU A 342 -36.15 12.04 50.62
N ASN A 343 -36.16 13.35 50.40
CA ASN A 343 -35.05 13.99 49.69
C ASN A 343 -33.86 14.18 50.63
N TYR A 344 -34.05 14.95 51.68
CA TYR A 344 -33.02 15.17 52.68
C TYR A 344 -33.68 15.14 54.04
N ALA A 345 -32.85 15.07 55.08
CA ALA A 345 -33.35 15.07 56.45
C ALA A 345 -32.23 15.59 57.34
N GLU A 346 -32.28 16.86 57.72
CA GLU A 346 -31.20 17.48 58.46
C GLU A 346 -31.65 17.86 59.86
N LEU A 347 -30.76 17.68 60.82
CA LEU A 347 -31.00 18.05 62.21
C LEU A 347 -30.08 19.21 62.56
N ILE A 348 -30.65 20.40 62.70
CA ILE A 348 -29.89 21.62 62.87
C ILE A 348 -30.07 22.11 64.30
N PRO A 349 -28.99 22.36 65.04
CA PRO A 349 -29.12 22.92 66.39
C PRO A 349 -29.47 24.39 66.34
N ILE A 350 -30.45 24.79 67.15
CA ILE A 350 -30.76 26.20 67.28
C ILE A 350 -29.97 26.74 68.46
N LYS A 351 -30.25 26.21 69.65
CA LYS A 351 -29.52 26.55 70.86
C LYS A 351 -29.23 25.25 71.60
N GLU A 352 -28.76 25.38 72.84
CA GLU A 352 -28.51 24.21 73.65
C GLU A 352 -29.84 23.57 74.05
N ASN A 353 -29.92 22.25 73.85
CA ASN A 353 -31.14 21.45 74.03
C ASN A 353 -32.29 22.01 73.21
N GLU A 354 -31.97 22.44 71.99
CA GLU A 354 -32.94 23.12 71.14
C GLU A 354 -32.51 22.87 69.69
N TYR A 355 -33.15 21.91 69.05
CA TYR A 355 -32.73 21.42 67.75
C TYR A 355 -33.89 21.54 66.78
N LYS A 356 -33.56 21.65 65.49
CA LYS A 356 -34.58 21.89 64.48
C LYS A 356 -34.46 20.82 63.41
N TYR A 357 -35.56 20.14 63.14
CA TYR A 357 -35.58 19.04 62.19
C TYR A 357 -36.03 19.56 60.83
N ASN A 358 -35.11 19.56 59.86
CA ASN A 358 -35.43 19.95 58.50
C ASN A 358 -35.41 18.71 57.63
N PHE A 359 -36.43 18.57 56.80
CA PHE A 359 -36.55 17.41 55.92
C PHE A 359 -37.43 17.78 54.74
N SER A 360 -37.60 16.82 53.84
CA SER A 360 -38.51 16.96 52.71
C SER A 360 -38.92 15.59 52.23
N VAL A 361 -40.20 15.26 52.37
CA VAL A 361 -40.71 13.95 52.00
C VAL A 361 -40.83 13.88 50.49
N LYS A 362 -40.18 12.89 49.91
CA LYS A 362 -40.36 12.55 48.51
C LYS A 362 -41.53 11.59 48.40
N LYS A 363 -42.35 11.77 47.35
CA LYS A 363 -43.48 10.89 47.03
C LYS A 363 -44.48 10.79 48.18
N THR A 364 -45.21 11.89 48.43
CA THR A 364 -46.08 11.99 49.61
C THR A 364 -47.17 10.93 49.61
N GLU A 365 -47.59 10.56 50.81
CA GLU A 365 -48.57 9.49 51.02
C GLU A 365 -49.80 10.10 51.69
N PRO A 366 -50.92 10.20 50.98
CA PRO A 366 -52.07 10.91 51.55
C PRO A 366 -52.81 10.11 52.61
N ASP A 367 -52.66 8.79 52.60
CA ASP A 367 -53.49 7.95 53.44
C ASP A 367 -52.84 7.53 54.74
N HIS A 368 -51.91 8.32 55.28
CA HIS A 368 -51.31 7.96 56.56
C HIS A 368 -51.58 8.99 57.65
N LEU A 369 -51.14 10.24 57.45
CA LEU A 369 -51.42 11.43 58.25
C LEU A 369 -50.85 11.43 59.66
N ASP A 370 -50.27 10.33 60.13
CA ASP A 370 -49.82 10.25 61.52
C ASP A 370 -48.31 10.41 61.53
N PHE A 371 -47.87 11.65 61.68
CA PHE A 371 -46.45 11.94 61.76
C PHE A 371 -45.94 11.56 63.13
N ARG A 372 -44.91 10.73 63.17
CA ARG A 372 -44.20 10.42 64.40
C ARG A 372 -42.71 10.60 64.18
N LEU A 373 -41.96 10.62 65.28
CA LEU A 373 -40.52 10.79 65.20
C LEU A 373 -39.91 10.19 66.46
N GLN A 374 -39.38 8.98 66.36
CA GLN A 374 -38.74 8.32 67.48
C GLN A 374 -37.24 8.20 67.23
N ASN A 375 -36.53 7.73 68.25
CA ASN A 375 -35.07 7.63 68.21
C ASN A 375 -34.67 6.21 68.59
N GLY A 376 -34.42 5.39 67.58
CA GLY A 376 -33.99 4.03 67.78
C GLY A 376 -35.07 3.16 68.38
N ASP A 377 -36.33 3.51 68.08
CA ASP A 377 -37.52 2.88 68.64
C ASP A 377 -37.53 2.90 70.16
N LYS A 378 -37.31 4.07 70.75
CA LYS A 378 -37.41 4.24 72.19
C LYS A 378 -38.63 5.07 72.58
N GLU A 379 -38.73 6.29 72.05
CA GLU A 379 -39.80 7.19 72.45
C GLU A 379 -40.02 8.21 71.35
N TYR A 380 -41.29 8.50 71.08
CA TYR A 380 -41.65 9.45 70.05
C TYR A 380 -41.30 10.86 70.51
N ILE A 381 -40.30 11.45 69.88
CA ILE A 381 -39.90 12.82 70.21
C ILE A 381 -40.96 13.79 69.74
N TYR A 382 -41.25 13.77 68.45
CA TYR A 382 -42.32 14.57 67.87
C TYR A 382 -43.40 13.63 67.35
N GLN A 383 -44.65 13.95 67.66
CA GLN A 383 -45.77 13.16 67.20
C GLN A 383 -46.95 14.07 66.94
N ASP A 384 -47.33 14.19 65.68
CA ASP A 384 -48.46 15.04 65.27
C ASP A 384 -49.37 14.17 64.40
N LYS A 385 -50.45 13.68 64.99
CA LYS A 385 -51.46 12.98 64.22
C LYS A 385 -52.20 13.96 63.34
N ASN A 386 -52.77 13.43 62.25
CA ASN A 386 -53.50 14.19 61.22
C ASN A 386 -52.61 15.27 60.60
N PHE A 387 -51.55 14.82 59.93
CA PHE A 387 -50.63 15.72 59.25
C PHE A 387 -49.94 14.95 58.14
N VAL A 388 -50.13 15.39 56.90
CA VAL A 388 -49.51 14.76 55.75
C VAL A 388 -48.41 15.66 55.21
N PRO A 389 -47.14 15.26 55.29
CA PRO A 389 -46.08 16.04 54.64
C PRO A 389 -46.15 15.87 53.12
N ILE A 390 -46.49 16.96 52.44
CA ILE A 390 -46.69 16.91 50.99
C ILE A 390 -45.33 16.85 50.29
N ALA A 391 -45.36 16.46 49.02
CA ALA A 391 -44.15 16.08 48.31
C ALA A 391 -43.25 17.27 48.02
N ASN A 392 -41.95 17.07 48.24
CA ASN A 392 -40.88 18.01 47.91
C ASN A 392 -41.05 19.36 48.60
N THR A 393 -41.29 19.35 49.90
CA THR A 393 -41.51 20.58 50.64
C THR A 393 -40.66 20.56 51.90
N HIS A 394 -39.92 21.65 52.12
CA HIS A 394 -38.98 21.75 53.23
C HIS A 394 -39.77 22.09 54.49
N TYR A 395 -39.98 21.11 55.34
CA TYR A 395 -40.64 21.33 56.62
C TYR A 395 -39.62 21.51 57.72
N SER A 396 -40.01 22.29 58.72
CA SER A 396 -39.17 22.53 59.88
C SER A 396 -39.94 22.12 61.12
N ILE A 397 -39.35 21.23 61.92
CA ILE A 397 -39.99 20.73 63.12
C ILE A 397 -39.05 20.96 64.30
N PRO A 398 -39.48 21.63 65.36
CA PRO A 398 -38.60 21.80 66.53
C PRO A 398 -38.49 20.48 67.29
N ILE A 399 -37.29 20.20 67.77
CA ILE A 399 -37.01 18.94 68.47
C ILE A 399 -36.17 19.26 69.69
N LYS A 400 -36.63 18.82 70.86
CA LYS A 400 -35.90 19.00 72.10
C LYS A 400 -35.07 17.75 72.35
N LEU A 401 -33.75 17.91 72.35
CA LEU A 401 -32.83 16.77 72.45
C LEU A 401 -31.74 17.03 73.46
N THR A 402 -31.49 16.03 74.30
CA THR A 402 -30.49 16.16 75.35
C THR A 402 -29.08 16.04 74.78
N THR A 403 -28.14 16.61 75.53
CA THR A 403 -26.74 16.63 75.11
C THR A 403 -26.15 15.23 75.08
N GLU A 404 -26.55 14.38 76.02
CA GLU A 404 -26.11 12.99 76.01
C GLU A 404 -26.63 12.24 74.79
N GLN A 405 -27.91 12.40 74.47
CA GLN A 405 -28.50 11.72 73.33
C GLN A 405 -27.94 12.22 72.01
N ILE A 406 -27.48 13.46 71.94
CA ILE A 406 -26.98 13.95 70.67
C ILE A 406 -25.48 13.70 70.56
N THR A 407 -24.77 13.63 71.69
CA THR A 407 -23.34 13.34 71.63
C THR A 407 -23.10 11.87 71.38
N ASN A 408 -23.92 11.00 71.94
CA ASN A 408 -23.96 9.65 71.42
C ASN A 408 -24.68 9.68 70.08
N GLY A 409 -24.43 8.66 69.27
CA GLY A 409 -25.05 8.58 67.96
C GLY A 409 -26.53 8.27 68.06
N ILE A 410 -27.36 9.22 67.69
CA ILE A 410 -28.81 9.04 67.71
C ILE A 410 -29.25 8.64 66.31
N THR A 411 -30.41 8.00 66.23
CA THR A 411 -31.00 7.58 64.95
C THR A 411 -32.46 7.99 64.96
N LEU A 412 -32.73 9.21 64.50
CA LEU A 412 -34.10 9.69 64.39
C LEU A 412 -34.85 8.89 63.33
N ARG A 413 -36.11 8.60 63.59
CA ARG A 413 -36.89 7.72 62.73
C ARG A 413 -38.19 8.42 62.35
N LEU A 414 -38.25 8.94 61.13
CA LEU A 414 -39.45 9.58 60.64
C LEU A 414 -40.47 8.53 60.27
N TRP A 415 -41.67 8.65 60.81
CA TRP A 415 -42.76 7.71 60.56
C TRP A 415 -43.87 8.39 59.80
N ARG A 416 -44.60 7.59 59.02
CA ARG A 416 -45.92 7.97 58.53
C ARG A 416 -46.81 6.75 58.72
N VAL A 417 -47.40 6.64 59.88
CA VAL A 417 -48.29 5.55 60.23
C VAL A 417 -49.68 5.90 59.72
N LYS A 418 -50.46 4.89 59.39
CA LYS A 418 -51.83 5.20 59.06
C LYS A 418 -52.76 4.75 60.19
N PRO A 419 -53.92 5.39 60.38
CA PRO A 419 -54.85 4.92 61.41
C PRO A 419 -55.55 3.63 61.03
N ASN A 420 -55.70 3.37 59.74
CA ASN A 420 -55.97 2.01 59.30
C ASN A 420 -54.80 1.13 59.69
N PRO A 421 -55.03 -0.13 60.07
CA PRO A 421 -53.92 -0.95 60.59
C PRO A 421 -52.90 -1.43 59.57
N SER A 422 -52.92 -0.87 58.36
CA SER A 422 -51.98 -1.22 57.30
C SER A 422 -50.63 -0.56 57.56
N ASP A 423 -49.81 -0.53 56.51
CA ASP A 423 -48.38 -0.30 56.61
C ASP A 423 -48.03 1.10 57.09
N ALA A 424 -47.10 1.16 58.04
CA ALA A 424 -46.49 2.40 58.50
C ALA A 424 -45.14 2.56 57.82
N ILE A 425 -45.00 3.59 57.00
CA ILE A 425 -43.79 3.78 56.22
C ILE A 425 -42.70 4.33 57.13
N ASN A 426 -41.63 3.56 57.26
CA ASN A 426 -40.48 3.90 58.09
C ASN A 426 -39.39 4.53 57.24
N ALA A 427 -38.76 5.56 57.79
CA ALA A 427 -37.63 6.20 57.14
C ALA A 427 -36.78 6.83 58.22
N ASN A 428 -35.53 6.40 58.36
CA ASN A 428 -34.70 6.84 59.46
C ASN A 428 -33.30 7.21 59.00
N ALA A 429 -32.73 8.20 59.67
CA ALA A 429 -31.36 8.61 59.45
C ALA A 429 -30.66 8.69 60.80
N HIS A 430 -29.33 8.66 60.75
CA HIS A 430 -28.52 8.63 61.96
C HIS A 430 -27.69 9.89 62.08
N PHE A 431 -27.66 10.46 63.27
CA PHE A 431 -26.89 11.66 63.56
C PHE A 431 -25.95 11.40 64.72
N LYS A 432 -24.87 12.16 64.76
CA LYS A 432 -23.91 12.08 65.86
C LYS A 432 -23.16 13.38 65.92
N MET A 433 -23.32 14.12 67.02
CA MET A 433 -22.67 15.41 67.14
C MET A 433 -21.36 15.27 67.89
N MET A 434 -20.47 16.24 67.67
CA MET A 434 -19.19 16.32 68.36
C MET A 434 -18.93 17.78 68.66
N GLU A 435 -18.54 18.08 69.89
CA GLU A 435 -18.39 19.45 70.34
C GLU A 435 -16.98 19.65 70.90
N PHE A 436 -16.34 20.74 70.49
CA PHE A 436 -15.01 21.10 70.96
C PHE A 436 -14.95 22.59 71.21
N PRO A 437 -14.08 23.04 72.11
CA PRO A 437 -13.71 24.45 72.13
C PRO A 437 -12.91 24.80 70.88
N GLY A 438 -12.81 26.10 70.62
CA GLY A 438 -12.35 26.56 69.32
C GLY A 438 -10.89 26.29 69.05
N ASP A 439 -10.03 26.41 70.07
CA ASP A 439 -8.61 26.21 69.87
C ASP A 439 -8.28 24.75 69.60
N ILE A 440 -8.86 23.85 70.41
CA ILE A 440 -8.66 22.42 70.22
C ILE A 440 -9.28 21.97 68.91
N PHE A 441 -10.39 22.59 68.51
CA PHE A 441 -11.00 22.30 67.22
C PHE A 441 -10.09 22.73 66.09
N LEU A 442 -9.46 23.89 66.21
CA LEU A 442 -8.56 24.39 65.18
C LEU A 442 -7.33 23.51 65.06
N LEU A 443 -6.81 23.03 66.19
CA LEU A 443 -5.63 22.16 66.15
C LEU A 443 -5.95 20.81 65.54
N LYS A 444 -7.11 20.24 65.89
CA LYS A 444 -7.53 18.99 65.29
C LYS A 444 -7.77 19.13 63.80
N LEU A 445 -8.39 20.23 63.38
CA LEU A 445 -8.60 20.47 61.96
C LEU A 445 -7.28 20.70 61.24
N ASN A 446 -6.33 21.33 61.92
CA ASN A 446 -5.00 21.55 61.34
C ASN A 446 -4.30 20.24 61.06
N LYS A 447 -4.28 19.34 62.04
CA LYS A 447 -3.58 18.09 61.79
C LYS A 447 -4.37 17.16 60.87
N ALA A 448 -5.70 17.28 60.83
CA ALA A 448 -6.47 16.50 59.86
C ALA A 448 -6.20 16.96 58.44
N ILE A 449 -6.15 18.27 58.22
CA ILE A 449 -5.86 18.80 56.89
C ILE A 449 -4.42 18.50 56.49
N ARG A 450 -3.49 18.52 57.45
CA ARG A 450 -2.12 18.15 57.14
C ARG A 450 -2.00 16.68 56.78
N LEU A 451 -2.78 15.80 57.44
CA LEU A 451 -2.73 14.39 57.09
C LEU A 451 -3.37 14.15 55.72
N TYR A 452 -4.43 14.90 55.40
CA TYR A 452 -5.03 14.79 54.08
C TYR A 452 -4.06 15.26 52.99
N LYS A 453 -3.38 16.37 53.23
CA LYS A 453 -2.34 16.87 52.34
C LYS A 453 -1.18 15.91 52.19
N ALA A 454 -0.84 15.18 53.26
CA ALA A 454 0.31 14.30 53.21
C ALA A 454 -0.03 13.01 52.47
N THR A 455 -1.19 12.42 52.74
CA THR A 455 -1.49 11.09 52.24
C THR A 455 -2.34 11.06 51.00
N GLY A 456 -3.14 12.10 50.74
CA GLY A 456 -4.05 12.06 49.62
C GLY A 456 -5.21 11.11 49.80
N ILE A 457 -5.58 10.80 51.03
CA ILE A 457 -6.64 9.86 51.33
C ILE A 457 -7.89 10.65 51.66
N SER A 458 -9.04 9.99 51.64
CA SER A 458 -10.30 10.70 51.82
C SER A 458 -10.50 11.08 53.29
N PRO A 459 -11.09 12.26 53.54
CA PRO A 459 -11.38 12.64 54.92
C PRO A 459 -12.46 11.80 55.56
N GLU A 460 -13.45 11.36 54.80
CA GLU A 460 -14.39 10.36 55.32
C GLU A 460 -13.69 9.04 55.60
N ASP A 461 -12.66 8.71 54.82
CA ASP A 461 -11.91 7.49 55.06
C ASP A 461 -11.10 7.59 56.35
N ILE A 462 -10.49 8.74 56.61
CA ILE A 462 -9.73 8.86 57.84
C ILE A 462 -10.68 8.95 59.04
N TRP A 463 -11.89 9.49 58.84
CA TRP A 463 -12.93 9.41 59.85
C TRP A 463 -13.30 7.95 60.13
N GLN A 464 -13.41 7.15 59.10
CA GLN A 464 -13.80 5.75 59.27
C GLN A 464 -12.71 4.94 59.96
N VAL A 465 -11.44 5.17 59.62
CA VAL A 465 -10.39 4.41 60.27
C VAL A 465 -10.17 4.88 61.70
N ILE A 466 -10.47 6.15 62.00
CA ILE A 466 -10.30 6.58 63.39
C ILE A 466 -11.50 6.15 64.23
N GLU A 467 -12.67 5.98 63.59
CA GLU A 467 -13.83 5.44 64.27
C GLU A 467 -13.69 3.94 64.48
N SER A 468 -12.96 3.27 63.59
CA SER A 468 -12.78 1.82 63.69
C SER A 468 -11.92 1.46 64.90
N ILE A 469 -10.99 2.32 65.28
CA ILE A 469 -10.13 2.02 66.41
C ILE A 469 -10.63 2.75 67.66
N TYR A 470 -10.56 4.08 67.62
CA TYR A 470 -10.82 4.86 68.81
C TYR A 470 -12.19 5.50 68.75
N ASP A 471 -12.46 6.32 69.74
CA ASP A 471 -13.57 7.25 69.74
C ASP A 471 -13.03 8.65 69.98
N ASP A 472 -13.89 9.65 69.76
CA ASP A 472 -13.63 11.07 69.99
C ASP A 472 -12.48 11.63 69.15
N LEU A 473 -12.12 10.95 68.05
CA LEU A 473 -11.25 11.45 66.99
C LEU A 473 -9.86 11.84 67.51
N THR A 474 -9.14 10.84 67.98
CA THR A 474 -7.77 11.02 68.45
C THR A 474 -6.83 10.30 67.47
N ILE A 475 -6.10 11.09 66.68
CA ILE A 475 -5.16 10.51 65.72
C ILE A 475 -3.98 9.93 66.48
N ASP A 476 -3.64 8.69 66.17
CA ASP A 476 -2.66 7.96 66.95
C ASP A 476 -1.86 7.04 66.05
N SER A 477 -0.91 6.33 66.65
CA SER A 477 -0.02 5.45 65.89
C SER A 477 -0.76 4.25 65.33
N ASN A 478 -1.79 3.77 66.03
CA ASN A 478 -2.58 2.67 65.49
C ASN A 478 -3.41 3.14 64.31
N VAL A 479 -3.88 4.38 64.35
CA VAL A 479 -4.60 4.95 63.22
C VAL A 479 -3.67 5.12 62.03
N LEU A 480 -2.43 5.54 62.28
CA LEU A 480 -1.47 5.65 61.19
C LEU A 480 -1.08 4.29 60.63
N GLY A 481 -1.04 3.25 61.47
CA GLY A 481 -0.76 1.92 60.96
C GLY A 481 -1.87 1.37 60.09
N LYS A 482 -3.11 1.55 60.54
CA LYS A 482 -4.25 1.13 59.73
C LYS A 482 -4.36 1.95 58.45
N LEU A 483 -3.98 3.23 58.50
CA LEU A 483 -3.97 4.05 57.31
C LEU A 483 -2.84 3.69 56.37
N PHE A 484 -1.75 3.13 56.89
CA PHE A 484 -0.76 2.52 56.03
C PHE A 484 -1.32 1.28 55.36
N TYR A 485 -2.05 0.48 56.12
CA TYR A 485 -2.43 -0.83 55.62
C TYR A 485 -3.54 -0.75 54.57
N VAL A 486 -4.42 0.25 54.66
CA VAL A 486 -5.41 0.40 53.59
C VAL A 486 -4.72 0.79 52.28
N GLN A 487 -3.72 1.66 52.36
CA GLN A 487 -2.98 2.06 51.16
C GLN A 487 -2.18 0.90 50.61
N TYR A 488 -1.55 0.12 51.48
CA TYR A 488 -0.74 -0.99 51.04
C TYR A 488 -1.59 -2.09 50.42
N TYR A 489 -2.77 -2.35 50.99
CA TYR A 489 -3.66 -3.34 50.38
C TYR A 489 -4.24 -2.85 49.07
N MET A 490 -4.57 -1.55 49.00
CA MET A 490 -5.11 -0.96 47.79
C MET A 490 -4.09 -0.96 46.66
N GLN A 491 -2.80 -0.89 46.98
CA GLN A 491 -1.77 -1.02 45.97
C GLN A 491 -1.42 -2.47 45.69
N HIS A 492 -1.51 -3.31 46.72
CA HIS A 492 -1.10 -4.70 46.64
C HIS A 492 -2.05 -5.49 45.77
N TYR A 493 -3.31 -5.55 46.16
CA TYR A 493 -4.35 -6.00 45.28
C TYR A 493 -4.87 -4.81 44.49
N ASN A 494 -5.87 -5.05 43.66
CA ASN A 494 -6.49 -3.94 42.94
C ASN A 494 -7.83 -3.57 43.51
N ILE A 495 -7.95 -3.65 44.84
CA ILE A 495 -9.19 -3.38 45.53
C ILE A 495 -9.45 -1.88 45.60
N SER A 496 -10.66 -1.51 45.97
CA SER A 496 -11.02 -0.11 46.13
C SER A 496 -10.67 0.35 47.55
N VAL A 497 -11.02 1.60 47.85
CA VAL A 497 -10.75 2.15 49.18
C VAL A 497 -11.60 1.49 50.23
N SER A 498 -12.91 1.39 49.99
CA SER A 498 -13.79 0.71 50.93
C SER A 498 -13.54 -0.79 50.94
N ASP A 499 -13.09 -1.35 49.83
CA ASP A 499 -12.74 -2.76 49.79
C ASP A 499 -11.51 -3.03 50.64
N ALA A 500 -10.57 -2.09 50.68
CA ALA A 500 -9.45 -2.21 51.62
C ALA A 500 -9.89 -1.92 53.05
N LEU A 501 -10.89 -1.07 53.21
CA LEU A 501 -11.40 -0.73 54.53
C LEU A 501 -12.00 -1.95 55.23
N VAL A 502 -12.79 -2.73 54.48
CA VAL A 502 -13.37 -3.96 55.01
C VAL A 502 -12.26 -4.94 55.41
N LEU A 503 -11.20 -5.00 54.62
CA LEU A 503 -10.06 -5.85 54.95
C LEU A 503 -9.27 -5.36 56.15
N CYS A 504 -9.28 -4.06 56.43
CA CYS A 504 -8.50 -3.51 57.53
C CYS A 504 -9.33 -3.29 58.78
N HIS A 505 -10.26 -4.21 59.04
CA HIS A 505 -11.12 -4.24 60.22
C HIS A 505 -11.99 -3.00 60.37
N SER A 506 -12.45 -2.43 59.27
CA SER A 506 -13.52 -1.46 59.34
C SER A 506 -14.82 -2.09 58.84
N ASP A 507 -15.89 -1.32 58.90
CA ASP A 507 -17.18 -1.80 58.45
C ASP A 507 -17.47 -1.33 57.04
N ILE A 508 -18.56 -1.83 56.47
CA ILE A 508 -19.02 -1.37 55.18
C ILE A 508 -19.57 0.04 55.33
N SER A 509 -19.00 0.98 54.57
CA SER A 509 -19.34 2.38 54.75
C SER A 509 -20.73 2.67 54.21
N GLN A 510 -21.50 3.45 54.97
CA GLN A 510 -22.80 3.93 54.53
C GLN A 510 -22.75 5.39 54.13
N TYR A 511 -21.57 5.98 54.05
CA TYR A 511 -21.42 7.38 53.66
C TYR A 511 -21.71 7.51 52.18
N SER A 512 -22.72 8.29 51.84
CA SER A 512 -23.04 8.57 50.45
C SER A 512 -22.78 10.04 50.13
N THR A 513 -22.70 10.33 48.84
CA THR A 513 -22.58 11.69 48.34
C THR A 513 -23.40 11.83 47.07
N LYS A 514 -23.55 13.06 46.60
CA LYS A 514 -24.16 13.28 45.30
C LYS A 514 -23.21 12.96 44.17
N GLN A 515 -21.90 13.00 44.44
CA GLN A 515 -20.91 12.55 43.46
C GLN A 515 -20.99 11.05 43.27
N GLN A 516 -20.80 10.30 44.35
CA GLN A 516 -20.74 8.85 44.32
C GLN A 516 -21.66 8.29 45.40
N PRO A 517 -22.36 7.20 45.13
CA PRO A 517 -23.23 6.61 46.15
C PRO A 517 -22.41 5.93 47.23
N SER A 518 -23.12 5.51 48.28
CA SER A 518 -22.46 4.80 49.36
C SER A 518 -21.99 3.43 48.89
N HIS A 519 -20.94 2.94 49.55
CA HIS A 519 -20.46 1.60 49.24
C HIS A 519 -21.48 0.54 49.65
N PHE A 520 -22.27 0.83 50.69
CA PHE A 520 -23.31 -0.10 51.11
C PHE A 520 -24.40 -0.24 50.06
N THR A 521 -24.93 0.88 49.57
CA THR A 521 -25.97 0.80 48.56
C THR A 521 -25.41 0.42 47.19
N MET A 522 -24.12 0.67 46.95
CA MET A 522 -23.49 0.14 45.75
C MET A 522 -23.39 -1.37 45.80
N LEU A 523 -23.02 -1.91 46.95
CA LEU A 523 -22.85 -3.34 47.12
C LEU A 523 -24.16 -4.09 47.15
N PHE A 524 -25.20 -3.52 47.74
CA PHE A 524 -26.44 -4.24 47.94
C PHE A 524 -27.60 -3.76 47.07
N ASN A 525 -27.76 -2.45 46.87
CA ASN A 525 -29.02 -1.96 46.34
C ASN A 525 -28.87 -1.14 45.05
N THR A 526 -27.77 -1.27 44.34
CA THR A 526 -27.70 -0.49 43.11
C THR A 526 -28.50 -1.17 42.00
N PRO A 527 -28.38 -2.50 41.72
CA PRO A 527 -29.44 -3.15 40.96
C PRO A 527 -30.53 -3.62 41.91
N LEU A 528 -31.50 -2.76 42.23
CA LEU A 528 -32.57 -3.06 43.19
C LEU A 528 -33.31 -4.33 42.83
N LEU A 529 -33.35 -5.27 43.78
CA LEU A 529 -33.69 -6.65 43.45
C LEU A 529 -35.18 -6.81 43.18
N ASN A 530 -36.01 -6.54 44.19
CA ASN A 530 -37.45 -6.59 44.03
C ASN A 530 -38.08 -5.22 44.19
N GLY A 531 -37.41 -4.20 43.69
CA GLY A 531 -37.87 -2.82 43.86
C GLY A 531 -37.54 -2.23 45.20
N GLN A 532 -38.03 -2.85 46.27
CA GLN A 532 -37.70 -2.41 47.62
C GLN A 532 -36.23 -2.64 47.91
N GLU A 533 -35.67 -1.78 48.74
CA GLU A 533 -34.25 -1.79 49.01
C GLU A 533 -33.96 -2.69 50.21
N PHE A 534 -32.67 -2.96 50.39
CA PHE A 534 -32.18 -3.70 51.53
C PHE A 534 -31.84 -2.75 52.66
N SER A 535 -32.32 -3.07 53.85
CA SER A 535 -32.10 -2.24 55.02
C SER A 535 -31.50 -3.09 56.11
N ALA A 536 -30.39 -2.63 56.68
CA ALA A 536 -29.65 -3.40 57.67
C ALA A 536 -30.41 -3.39 58.99
N ASP A 537 -31.44 -4.22 59.04
CA ASP A 537 -32.21 -4.39 60.26
C ASP A 537 -31.67 -5.56 61.06
N ASN A 538 -31.88 -5.51 62.37
CA ASN A 538 -31.49 -6.63 63.21
C ASN A 538 -32.59 -7.68 63.18
N THR A 539 -32.67 -8.36 62.05
CA THR A 539 -33.63 -9.43 61.81
C THR A 539 -32.88 -10.75 61.75
N LYS A 540 -33.27 -11.69 62.59
CA LYS A 540 -32.58 -12.97 62.66
C LYS A 540 -32.87 -13.79 61.42
N LEU A 541 -31.85 -14.49 60.94
CA LEU A 541 -31.99 -15.34 59.77
C LEU A 541 -30.99 -16.47 59.87
N ASP A 542 -31.50 -17.69 59.97
CA ASP A 542 -30.64 -18.86 60.10
C ASP A 542 -30.09 -19.23 58.74
N LEU A 543 -28.77 -19.19 58.60
CA LEU A 543 -28.12 -19.33 57.30
C LEU A 543 -27.92 -20.78 56.88
N THR A 544 -28.52 -21.75 57.59
CA THR A 544 -28.58 -23.10 57.07
C THR A 544 -29.42 -23.12 55.80
N PRO A 545 -29.02 -23.87 54.78
CA PRO A 545 -29.58 -23.67 53.44
C PRO A 545 -31.02 -24.11 53.23
N GLY A 546 -31.74 -24.50 54.27
CA GLY A 546 -33.11 -24.91 54.06
C GLY A 546 -34.12 -24.26 54.99
N GLU A 547 -33.64 -23.58 56.02
CA GLU A 547 -34.51 -23.08 57.08
C GLU A 547 -34.53 -21.56 57.15
N SER A 548 -34.49 -20.88 56.01
CA SER A 548 -34.52 -19.42 56.02
C SER A 548 -35.93 -18.89 55.86
N LYS A 549 -36.57 -19.16 54.71
CA LYS A 549 -37.90 -18.71 54.31
C LYS A 549 -38.06 -17.19 54.31
N ASN A 550 -36.97 -16.45 54.36
CA ASN A 550 -36.99 -14.99 54.24
C ASN A 550 -36.09 -14.70 53.04
N HIS A 551 -36.69 -14.81 51.86
CA HIS A 551 -35.93 -14.91 50.63
C HIS A 551 -35.38 -13.57 50.17
N PHE A 552 -35.93 -12.48 50.69
CA PHE A 552 -35.49 -11.14 50.30
C PHE A 552 -34.05 -10.90 50.73
N TYR A 553 -33.78 -11.01 52.04
CA TYR A 553 -32.43 -10.79 52.55
C TYR A 553 -31.48 -11.86 52.07
N LEU A 554 -31.98 -13.08 51.87
CA LEU A 554 -31.15 -14.18 51.41
C LEU A 554 -30.66 -13.94 49.99
N GLY A 555 -31.57 -13.60 49.08
CA GLY A 555 -31.18 -13.29 47.72
C GLY A 555 -30.35 -12.04 47.61
N ILE A 556 -30.60 -11.06 48.48
CA ILE A 556 -29.79 -9.84 48.48
C ILE A 556 -28.37 -10.14 48.91
N MET A 557 -28.20 -10.94 49.96
CA MET A 557 -26.85 -11.30 50.40
C MET A 557 -26.15 -12.18 49.38
N LYS A 558 -26.88 -13.10 48.75
CA LYS A 558 -26.25 -13.98 47.78
C LYS A 558 -25.83 -13.22 46.53
N ARG A 559 -26.63 -12.23 46.12
CA ARG A 559 -26.23 -11.44 44.96
C ARG A 559 -25.12 -10.47 45.31
N ALA A 560 -25.13 -9.93 46.53
CA ALA A 560 -24.12 -8.94 46.90
C ALA A 560 -22.78 -9.59 47.17
N PHE A 561 -22.79 -10.86 47.56
CA PHE A 561 -21.55 -11.56 47.84
C PHE A 561 -21.17 -12.53 46.73
N ARG A 562 -22.03 -12.66 45.71
CA ARG A 562 -21.82 -13.48 44.51
C ARG A 562 -21.51 -14.94 44.88
N VAL A 563 -22.50 -15.56 45.51
CA VAL A 563 -22.28 -16.75 46.31
C VAL A 563 -23.55 -17.59 46.30
N ASN A 564 -23.39 -18.87 46.66
CA ASN A 564 -24.52 -19.78 46.74
C ASN A 564 -25.05 -19.82 48.17
N ASP A 565 -26.11 -20.58 48.39
CA ASP A 565 -26.64 -20.77 49.74
C ASP A 565 -25.66 -21.56 50.59
N THR A 566 -25.17 -22.68 50.07
CA THR A 566 -24.20 -23.51 50.77
C THR A 566 -22.89 -22.77 50.98
N GLU A 567 -22.43 -22.05 49.96
CA GLU A 567 -21.18 -21.32 50.07
C GLU A 567 -21.31 -20.15 51.04
N LEU A 568 -22.50 -19.55 51.11
CA LEU A 568 -22.76 -18.53 52.12
C LEU A 568 -22.78 -19.12 53.52
N TYR A 569 -23.33 -20.32 53.66
CA TYR A 569 -23.38 -20.96 54.96
C TYR A 569 -21.99 -21.36 55.44
N THR A 570 -21.15 -21.87 54.54
CA THR A 570 -19.80 -22.19 54.96
C THR A 570 -18.94 -20.94 55.11
N LEU A 571 -19.31 -19.84 54.44
CA LEU A 571 -18.66 -18.57 54.69
C LEU A 571 -18.96 -18.06 56.09
N TRP A 572 -20.21 -18.19 56.53
CA TRP A 572 -20.58 -17.83 57.89
C TRP A 572 -19.97 -18.79 58.90
N LYS A 573 -19.79 -20.05 58.52
CA LYS A 573 -19.18 -21.03 59.42
C LYS A 573 -17.69 -20.76 59.60
N LEU A 574 -17.02 -20.30 58.54
CA LEU A 574 -15.62 -19.92 58.69
C LEU A 574 -15.46 -18.69 59.58
N ALA A 575 -16.45 -17.81 59.57
CA ALA A 575 -16.40 -16.59 60.36
C ALA A 575 -16.53 -16.84 61.85
N ASN A 576 -17.10 -17.97 62.25
CA ASN A 576 -17.29 -18.27 63.67
C ASN A 576 -16.58 -19.54 64.08
N GLY A 577 -15.61 -20.00 63.29
CA GLY A 577 -14.86 -21.18 63.62
C GLY A 577 -15.68 -22.46 63.52
N GLY A 578 -16.28 -22.69 62.36
CA GLY A 578 -17.00 -23.93 62.12
C GLY A 578 -18.37 -24.02 62.77
N THR A 579 -18.87 -22.93 63.34
CA THR A 579 -20.16 -22.91 63.99
C THR A 579 -21.02 -21.81 63.39
N ASN A 580 -22.34 -21.92 63.62
CA ASN A 580 -23.30 -20.91 63.20
C ASN A 580 -24.13 -20.54 64.42
N PRO A 581 -23.64 -19.58 65.23
CA PRO A 581 -24.39 -19.20 66.44
C PRO A 581 -25.73 -18.54 66.16
N GLU A 582 -25.71 -17.39 65.48
CA GLU A 582 -26.91 -16.63 65.13
C GLU A 582 -26.54 -15.52 64.17
N PHE A 583 -27.32 -15.35 63.11
CA PHE A 583 -27.08 -14.27 62.17
C PHE A 583 -28.16 -13.21 62.33
N MET A 584 -27.76 -12.01 62.72
CA MET A 584 -28.69 -10.94 63.03
C MET A 584 -29.00 -10.04 61.84
N CYS A 585 -28.29 -10.24 60.70
CA CYS A 585 -28.39 -9.40 59.50
C CYS A 585 -28.07 -7.94 59.79
N SER A 586 -27.19 -7.69 60.77
CA SER A 586 -26.76 -6.34 61.06
C SER A 586 -25.57 -5.98 60.19
N ILE A 587 -25.20 -4.69 60.24
CA ILE A 587 -24.04 -4.24 59.49
C ILE A 587 -22.76 -4.82 60.07
N GLU A 588 -22.73 -5.06 61.38
CA GLU A 588 -21.58 -5.67 62.02
C GLU A 588 -21.47 -7.16 61.74
N ASN A 589 -22.49 -7.78 61.14
CA ASN A 589 -22.38 -9.14 60.64
C ASN A 589 -22.11 -9.18 59.15
N LEU A 590 -22.69 -8.24 58.40
CA LEU A 590 -22.42 -8.13 56.97
C LEU A 590 -20.96 -7.80 56.72
N SER A 591 -20.41 -6.88 57.49
CA SER A 591 -18.96 -6.85 57.64
C SER A 591 -18.55 -8.00 58.55
N LEU A 592 -17.46 -8.67 58.18
CA LEU A 592 -16.92 -9.96 58.61
C LEU A 592 -17.69 -11.14 58.03
N LEU A 593 -18.84 -10.93 57.42
CA LEU A 593 -19.26 -11.88 56.41
C LEU A 593 -18.65 -11.55 55.07
N TYR A 594 -18.45 -10.26 54.80
CA TYR A 594 -17.81 -9.82 53.58
C TYR A 594 -16.30 -9.91 53.65
N ARG A 595 -15.74 -9.88 54.86
CA ARG A 595 -14.28 -10.00 55.02
C ARG A 595 -13.77 -11.34 54.53
N VAL A 596 -14.50 -12.41 54.84
CA VAL A 596 -14.05 -13.75 54.45
C VAL A 596 -14.19 -13.94 52.94
N ARG A 597 -15.24 -13.34 52.36
CA ARG A 597 -15.41 -13.39 50.91
C ARG A 597 -14.31 -12.61 50.19
N LEU A 598 -13.94 -11.46 50.74
CA LEU A 598 -12.81 -10.71 50.18
C LEU A 598 -11.51 -11.47 50.35
N LEU A 599 -11.35 -12.16 51.49
CA LEU A 599 -10.15 -12.96 51.72
C LEU A 599 -10.03 -14.10 50.72
N ALA A 600 -11.14 -14.69 50.33
CA ALA A 600 -11.12 -15.67 49.26
C ALA A 600 -10.78 -15.01 47.93
N ASP A 601 -11.39 -13.86 47.64
CA ASP A 601 -11.38 -13.35 46.28
C ASP A 601 -10.06 -12.66 45.93
N ILE A 602 -9.45 -11.95 46.87
CA ILE A 602 -8.23 -11.21 46.54
C ILE A 602 -7.03 -12.13 46.38
N HIS A 603 -7.10 -13.35 46.89
CA HIS A 603 -6.06 -14.34 46.65
C HIS A 603 -6.46 -15.31 45.55
N HIS A 604 -7.52 -14.97 44.80
CA HIS A 604 -8.02 -15.74 43.66
C HIS A 604 -8.41 -17.16 44.05
N LEU A 605 -9.05 -17.29 45.21
CA LEU A 605 -9.51 -18.57 45.71
C LEU A 605 -11.02 -18.59 45.81
N THR A 606 -11.61 -19.74 45.52
CA THR A 606 -13.02 -19.92 45.81
C THR A 606 -13.20 -20.15 47.30
N VAL A 607 -14.45 -20.09 47.76
CA VAL A 607 -14.70 -20.21 49.19
C VAL A 607 -14.49 -21.65 49.65
N ASN A 608 -14.73 -22.62 48.78
CA ASN A 608 -14.41 -24.01 49.13
C ASN A 608 -12.91 -24.21 49.25
N GLU A 609 -12.14 -23.57 48.36
CA GLU A 609 -10.69 -23.64 48.46
C GLU A 609 -10.18 -22.93 49.69
N LEU A 610 -10.85 -21.84 50.08
CA LEU A 610 -10.48 -21.14 51.30
C LEU A 610 -10.77 -22.00 52.52
N SER A 611 -11.88 -22.74 52.50
CA SER A 611 -12.18 -23.63 53.61
C SER A 611 -11.18 -24.78 53.68
N MET A 612 -10.75 -25.30 52.52
CA MET A 612 -9.70 -26.31 52.50
C MET A 612 -8.39 -25.77 53.06
N LEU A 613 -7.98 -24.60 52.59
CA LEU A 613 -6.70 -24.03 52.98
C LEU A 613 -6.70 -23.63 54.45
N LEU A 614 -7.83 -23.19 54.98
CA LEU A 614 -7.90 -22.96 56.41
C LEU A 614 -8.01 -24.26 57.20
N SER A 615 -8.56 -25.31 56.60
CA SER A 615 -8.60 -26.61 57.28
C SER A 615 -7.21 -27.22 57.39
N VAL A 616 -6.30 -26.89 56.49
CA VAL A 616 -4.92 -27.37 56.60
C VAL A 616 -4.00 -26.32 57.18
N SER A 617 -4.54 -25.22 57.68
CA SER A 617 -3.74 -24.12 58.22
C SER A 617 -3.54 -24.34 59.72
N PRO A 618 -2.81 -23.43 60.40
CA PRO A 618 -2.96 -23.35 61.86
C PRO A 618 -4.12 -22.46 62.29
N TYR A 619 -5.04 -22.17 61.37
CA TYR A 619 -6.21 -21.36 61.67
C TYR A 619 -7.47 -22.15 61.41
N VAL A 620 -7.54 -23.38 61.91
CA VAL A 620 -8.62 -24.29 61.52
C VAL A 620 -9.95 -23.84 62.12
N ASN A 621 -10.05 -23.84 63.43
CA ASN A 621 -11.30 -23.49 64.10
C ASN A 621 -11.18 -22.20 64.88
N THR A 622 -10.35 -21.28 64.38
CA THR A 622 -10.18 -20.01 65.06
C THR A 622 -11.37 -19.10 64.82
N LYS A 623 -11.51 -18.10 65.68
CA LYS A 623 -12.64 -17.17 65.62
C LYS A 623 -12.21 -15.93 64.86
N ILE A 624 -12.68 -15.81 63.61
CA ILE A 624 -12.38 -14.63 62.83
C ILE A 624 -13.18 -13.43 63.33
N ALA A 625 -14.35 -13.69 63.93
CA ALA A 625 -15.16 -12.60 64.47
C ALA A 625 -14.50 -11.96 65.68
N LEU A 626 -13.64 -12.71 66.38
CA LEU A 626 -13.02 -12.22 67.59
C LEU A 626 -11.55 -11.88 67.38
N PHE A 627 -11.14 -11.58 66.16
CA PHE A 627 -9.76 -11.25 65.91
C PHE A 627 -9.45 -9.81 66.29
N SER A 628 -8.19 -9.57 66.62
CA SER A 628 -7.67 -8.22 66.71
C SER A 628 -7.20 -7.82 65.33
N ASP A 629 -6.81 -6.54 65.17
CA ASP A 629 -6.34 -6.07 63.88
C ASP A 629 -4.99 -6.68 63.51
N THR A 630 -4.16 -6.93 64.53
CA THR A 630 -2.88 -7.59 64.28
C THR A 630 -3.08 -9.05 63.87
N ALA A 631 -4.02 -9.75 64.51
CA ALA A 631 -4.33 -11.11 64.10
C ALA A 631 -4.93 -11.14 62.70
N LEU A 632 -5.72 -10.11 62.37
CA LEU A 632 -6.32 -10.02 61.05
C LEU A 632 -5.27 -9.83 59.97
N THR A 633 -4.35 -8.87 60.15
CA THR A 633 -3.33 -8.68 59.14
C THR A 633 -2.31 -9.82 59.12
N GLN A 634 -2.14 -10.52 60.25
CA GLN A 634 -1.32 -11.72 60.24
C GLN A 634 -1.96 -12.81 59.40
N LEU A 635 -3.28 -12.98 59.52
CA LEU A 635 -4.00 -13.95 58.70
C LEU A 635 -3.95 -13.58 57.22
N ILE A 636 -4.10 -12.30 56.91
CA ILE A 636 -4.05 -11.84 55.52
C ILE A 636 -2.66 -12.09 54.93
N SER A 637 -1.61 -11.77 55.68
CA SER A 637 -0.26 -11.98 55.19
C SER A 637 0.05 -13.46 55.04
N PHE A 638 -0.48 -14.28 55.96
CA PHE A 638 -0.28 -15.73 55.88
C PHE A 638 -0.94 -16.31 54.64
N LEU A 639 -2.19 -15.90 54.38
CA LEU A 639 -2.90 -16.40 53.21
C LEU A 639 -2.24 -15.93 51.93
N PHE A 640 -1.73 -14.70 51.92
CA PHE A 640 -1.07 -14.18 50.73
C PHE A 640 0.23 -14.92 50.44
N GLN A 641 1.07 -15.10 51.45
CA GLN A 641 2.35 -15.77 51.19
C GLN A 641 2.15 -17.26 50.96
N CYS A 642 1.09 -17.85 51.50
CA CYS A 642 0.81 -19.24 51.22
C CYS A 642 0.34 -19.42 49.79
N THR A 643 -0.49 -18.48 49.30
CA THR A 643 -0.92 -18.52 47.91
C THR A 643 0.25 -18.28 46.96
N GLN A 644 1.17 -17.39 47.35
CA GLN A 644 2.36 -17.14 46.54
C GLN A 644 3.26 -18.36 46.48
N TRP A 645 3.49 -19.02 47.60
CA TRP A 645 4.31 -20.23 47.60
C TRP A 645 3.62 -21.35 46.84
N LEU A 646 2.29 -21.40 46.93
CA LEU A 646 1.51 -22.40 46.20
C LEU A 646 1.65 -22.23 44.70
N THR A 647 1.43 -21.01 44.21
CA THR A 647 1.54 -20.78 42.77
C THR A 647 2.98 -20.75 42.30
N THR A 648 3.95 -20.58 43.20
CA THR A 648 5.35 -20.75 42.82
C THR A 648 5.67 -22.23 42.64
N GLN A 649 5.14 -23.07 43.54
CA GLN A 649 5.37 -24.50 43.46
C GLN A 649 4.46 -25.19 42.45
N LYS A 650 3.54 -24.45 41.83
CA LYS A 650 2.64 -24.95 40.78
C LYS A 650 1.75 -26.07 41.29
N TRP A 651 1.31 -25.95 42.52
CA TRP A 651 0.38 -26.88 43.12
C TRP A 651 -1.01 -26.26 43.17
N SER A 652 -1.98 -27.07 43.56
CA SER A 652 -3.30 -26.54 43.84
C SER A 652 -3.63 -26.69 45.32
N VAL A 653 -4.73 -26.03 45.72
CA VAL A 653 -5.23 -26.16 47.07
C VAL A 653 -5.65 -27.60 47.34
N SER A 654 -6.18 -28.29 46.32
CA SER A 654 -6.45 -29.71 46.45
C SER A 654 -5.18 -30.53 46.64
N ASP A 655 -4.08 -30.12 46.01
CA ASP A 655 -2.83 -30.85 46.16
C ASP A 655 -2.26 -30.69 47.56
N VAL A 656 -2.27 -29.46 48.07
CA VAL A 656 -1.79 -29.24 49.44
C VAL A 656 -2.76 -29.87 50.45
N PHE A 657 -4.05 -29.91 50.13
CA PHE A 657 -5.01 -30.57 51.01
C PHE A 657 -4.78 -32.08 51.04
N LEU A 658 -4.39 -32.66 49.91
CA LEU A 658 -4.02 -34.07 49.89
C LEU A 658 -2.76 -34.32 50.69
N MET A 659 -1.76 -33.44 50.57
CA MET A 659 -0.51 -33.68 51.29
C MET A 659 -0.59 -33.30 52.76
N THR A 660 -1.63 -32.58 53.19
CA THR A 660 -1.60 -32.04 54.55
C THR A 660 -2.91 -32.22 55.31
N THR A 661 -3.85 -32.97 54.76
CA THR A 661 -5.15 -33.08 55.41
C THR A 661 -5.07 -33.98 56.65
N ASP A 662 -6.18 -34.00 57.38
CA ASP A 662 -6.34 -34.89 58.51
C ASP A 662 -7.71 -35.56 58.53
N ASN A 663 -8.56 -35.27 57.54
CA ASN A 663 -9.89 -35.87 57.43
C ASN A 663 -9.93 -36.99 56.42
N TYR A 664 -8.89 -37.81 56.35
CA TYR A 664 -8.79 -38.85 55.34
C TYR A 664 -9.77 -39.98 55.60
N SER A 665 -9.83 -40.90 54.64
CA SER A 665 -10.79 -41.99 54.67
C SER A 665 -10.37 -43.07 55.67
N THR A 666 -11.28 -44.00 55.92
CA THR A 666 -11.01 -45.16 56.76
C THR A 666 -11.27 -46.46 56.02
N VAL A 667 -11.41 -46.40 54.71
CA VAL A 667 -11.74 -47.58 53.92
C VAL A 667 -10.46 -48.34 53.60
N LEU A 668 -10.59 -49.64 53.36
CA LEU A 668 -9.45 -50.53 53.17
C LEU A 668 -9.08 -50.56 51.70
N THR A 669 -8.15 -49.70 51.30
CA THR A 669 -7.68 -49.54 49.94
C THR A 669 -6.91 -50.78 49.51
N PRO A 670 -7.00 -51.15 48.22
CA PRO A 670 -6.15 -52.24 47.71
C PRO A 670 -4.66 -52.00 47.83
N ASP A 671 -4.21 -50.75 47.77
CA ASP A 671 -2.80 -50.43 48.03
C ASP A 671 -2.44 -50.74 49.48
N ILE A 672 -3.36 -50.45 50.40
CA ILE A 672 -3.14 -50.75 51.80
C ILE A 672 -3.15 -52.26 52.02
N GLU A 673 -3.99 -52.98 51.28
CA GLU A 673 -3.99 -54.44 51.37
C GLU A 673 -2.68 -55.03 50.86
N ASN A 674 -2.14 -54.45 49.78
CA ASN A 674 -0.86 -54.92 49.26
C ASN A 674 0.27 -54.61 50.21
N LEU A 675 0.21 -53.45 50.88
CA LEU A 675 1.19 -53.12 51.91
C LEU A 675 1.11 -54.10 53.07
N ILE A 676 -0.12 -54.49 53.45
CA ILE A 676 -0.31 -55.42 54.56
C ILE A 676 0.28 -56.78 54.21
N THR A 677 -0.07 -57.31 53.03
CA THR A 677 0.41 -58.65 52.70
C THR A 677 1.90 -58.66 52.38
N THR A 678 2.45 -57.56 51.85
CA THR A 678 3.89 -57.51 51.63
C THR A 678 4.64 -57.44 52.95
N LEU A 679 4.25 -56.51 53.81
CA LEU A 679 4.91 -56.34 55.11
C LEU A 679 4.64 -57.50 56.05
N SER A 680 3.65 -58.33 55.78
CA SER A 680 3.46 -59.54 56.57
C SER A 680 4.30 -60.69 56.04
N ASN A 681 4.19 -60.99 54.74
CA ASN A 681 4.84 -62.17 54.21
C ASN A 681 6.34 -61.99 54.00
N GLY A 682 6.78 -60.85 53.48
CA GLY A 682 8.18 -60.69 53.15
C GLY A 682 9.04 -60.49 54.37
N LEU A 683 8.45 -60.00 55.45
CA LEU A 683 9.20 -59.80 56.67
C LEU A 683 9.43 -61.13 57.37
N SER A 684 10.63 -61.29 57.93
CA SER A 684 11.00 -62.45 58.73
C SER A 684 10.47 -62.30 60.16
N THR A 685 11.06 -63.07 61.08
CA THR A 685 10.71 -63.05 62.50
C THR A 685 10.75 -61.64 63.09
N LEU A 686 9.95 -61.45 64.15
CA LEU A 686 9.66 -60.13 64.67
C LEU A 686 10.89 -59.51 65.33
N SER A 687 11.30 -58.37 64.82
CA SER A 687 12.59 -57.76 65.11
C SER A 687 12.46 -56.69 66.19
N LEU A 688 13.57 -55.98 66.40
CA LEU A 688 13.75 -55.10 67.56
C LEU A 688 13.66 -53.63 67.15
N GLY A 689 12.45 -53.08 67.25
CA GLY A 689 12.20 -51.65 67.29
C GLY A 689 12.70 -50.87 66.09
N ASP A 690 12.91 -49.57 66.31
CA ASP A 690 13.45 -48.71 65.26
C ASP A 690 14.90 -49.02 64.93
N ASP A 691 15.59 -49.75 65.80
CA ASP A 691 16.99 -50.09 65.57
C ASP A 691 17.13 -51.12 64.47
N GLU A 692 16.29 -52.16 64.49
CA GLU A 692 16.49 -53.26 63.57
C GLU A 692 15.26 -53.56 62.74
N LEU A 693 14.07 -53.44 63.32
CA LEU A 693 12.85 -53.70 62.58
C LEU A 693 12.63 -52.65 61.49
N ILE A 694 13.02 -51.41 61.76
CA ILE A 694 12.89 -50.36 60.75
C ILE A 694 13.85 -50.61 59.59
N ARG A 695 15.09 -51.00 59.88
CA ARG A 695 16.04 -51.31 58.82
C ARG A 695 15.67 -52.58 58.08
N ALA A 696 14.91 -53.47 58.71
CA ALA A 696 14.42 -54.63 58.00
C ALA A 696 13.23 -54.28 57.10
N ALA A 697 12.32 -53.44 57.58
CA ALA A 697 11.06 -53.20 56.89
C ALA A 697 11.11 -52.02 55.93
N ALA A 698 12.18 -51.22 55.96
CA ALA A 698 12.28 -50.11 55.02
C ALA A 698 12.37 -50.51 53.55
N PRO A 699 13.07 -51.58 53.13
CA PRO A 699 12.95 -51.96 51.71
C PRO A 699 11.57 -52.45 51.32
N LEU A 700 10.86 -53.12 52.22
CA LEU A 700 9.52 -53.58 51.89
C LEU A 700 8.53 -52.42 51.84
N ILE A 701 8.70 -51.42 52.70
CA ILE A 701 7.83 -50.25 52.63
C ILE A 701 8.15 -49.39 51.41
N ALA A 702 9.44 -49.22 51.07
CA ALA A 702 9.79 -48.54 49.84
C ALA A 702 9.37 -49.33 48.60
N ALA A 703 9.22 -50.64 48.72
CA ALA A 703 8.61 -51.43 47.67
C ALA A 703 7.12 -51.15 47.56
N SER A 704 6.45 -51.05 48.70
CA SER A 704 4.99 -50.95 48.65
C SER A 704 4.54 -49.55 48.26
N ILE A 705 4.83 -48.56 49.06
CA ILE A 705 4.55 -47.20 48.62
C ILE A 705 5.76 -46.74 47.84
N GLN A 706 5.50 -46.10 46.70
CA GLN A 706 6.46 -46.01 45.62
C GLN A 706 7.53 -44.98 45.96
N MET A 707 8.47 -45.37 46.80
CA MET A 707 9.64 -44.54 47.07
C MET A 707 10.84 -45.22 46.42
N ASP A 708 11.91 -44.47 46.25
CA ASP A 708 13.05 -44.97 45.50
C ASP A 708 14.16 -45.49 46.38
N SER A 709 14.33 -44.98 47.59
CA SER A 709 15.46 -45.35 48.42
C SER A 709 14.98 -45.93 49.74
N ALA A 710 15.61 -47.03 50.14
CA ALA A 710 15.38 -47.59 51.46
C ALA A 710 15.82 -46.65 52.57
N LYS A 711 16.81 -45.78 52.31
CA LYS A 711 17.18 -44.79 53.29
C LYS A 711 16.12 -43.71 53.45
N THR A 712 15.48 -43.30 52.36
CA THR A 712 14.33 -42.40 52.45
C THR A 712 13.18 -43.04 53.19
N ALA A 713 12.93 -44.33 52.92
CA ALA A 713 11.87 -45.03 53.62
C ALA A 713 12.18 -45.17 55.10
N GLU A 714 13.46 -45.36 55.43
CA GLU A 714 13.86 -45.48 56.83
C GLU A 714 13.70 -44.17 57.58
N THR A 715 14.11 -43.06 56.97
CA THR A 715 13.95 -41.80 57.68
C THR A 715 12.49 -41.33 57.68
N ILE A 716 11.68 -41.77 56.73
CA ILE A 716 10.25 -41.50 56.80
C ILE A 716 9.62 -42.34 57.91
N LEU A 717 10.13 -43.54 58.14
CA LEU A 717 9.66 -44.34 59.26
C LEU A 717 10.04 -43.72 60.60
N LEU A 718 11.22 -43.11 60.68
CA LEU A 718 11.57 -42.35 61.89
C LEU A 718 10.68 -41.13 62.05
N TRP A 719 10.35 -40.47 60.93
CA TRP A 719 9.45 -39.32 60.93
C TRP A 719 8.08 -39.70 61.46
N ILE A 720 7.57 -40.85 61.05
CA ILE A 720 6.24 -41.24 61.49
C ILE A 720 6.29 -41.87 62.87
N ASN A 721 7.46 -42.36 63.31
CA ASN A 721 7.54 -42.88 64.66
C ASN A 721 7.64 -41.76 65.67
N GLN A 722 8.19 -40.62 65.27
CA GLN A 722 8.16 -39.48 66.18
C GLN A 722 6.89 -38.65 66.06
N ILE A 723 5.90 -39.11 65.30
CA ILE A 723 4.68 -38.34 65.08
C ILE A 723 3.48 -39.10 65.62
N LYS A 724 3.46 -40.41 65.38
CA LYS A 724 2.46 -41.37 65.86
C LYS A 724 1.02 -40.99 65.51
N PRO A 725 0.59 -41.19 64.26
CA PRO A 725 -0.80 -40.89 63.91
C PRO A 725 -1.76 -41.88 64.55
N GLN A 726 -2.73 -41.34 65.30
CA GLN A 726 -3.73 -42.10 66.05
C GLN A 726 -3.10 -43.08 67.02
N GLY A 727 -2.01 -42.67 67.65
CA GLY A 727 -1.32 -43.49 68.63
C GLY A 727 -0.42 -44.57 68.07
N LEU A 728 -0.54 -44.91 66.79
CA LEU A 728 0.25 -46.00 66.24
C LEU A 728 1.67 -45.55 65.98
N THR A 729 2.63 -46.29 66.52
CA THR A 729 4.01 -46.18 66.09
C THR A 729 4.20 -47.11 64.90
N PHE A 730 5.45 -47.33 64.49
CA PHE A 730 5.67 -48.35 63.47
C PHE A 730 5.47 -49.75 64.04
N ASP A 731 5.96 -49.97 65.24
CA ASP A 731 5.47 -51.09 66.03
C ASP A 731 4.02 -50.81 66.42
N ASP A 732 3.26 -51.89 66.64
CA ASP A 732 1.80 -51.96 66.83
C ASP A 732 1.02 -51.63 65.57
N PHE A 733 1.67 -51.24 64.49
CA PHE A 733 1.08 -51.33 63.17
C PHE A 733 1.37 -52.69 62.54
N MET A 734 2.55 -53.24 62.84
CA MET A 734 2.85 -54.61 62.43
C MET A 734 2.00 -55.62 63.17
N ILE A 735 1.61 -55.30 64.39
CA ILE A 735 0.82 -56.23 65.18
C ILE A 735 -0.66 -56.12 64.82
N ILE A 736 -1.12 -54.95 64.41
CA ILE A 736 -2.45 -54.83 63.84
C ILE A 736 -2.48 -55.48 62.47
N ALA A 737 -1.38 -55.37 61.72
CA ALA A 737 -1.21 -56.20 60.54
C ALA A 737 -0.89 -57.64 60.95
N ALA A 738 -0.80 -58.50 59.93
CA ALA A 738 -0.44 -59.92 60.04
C ALA A 738 -1.37 -60.70 60.97
N ASN A 739 -2.63 -60.27 61.09
CA ASN A 739 -3.61 -60.96 61.91
C ASN A 739 -4.75 -61.50 61.07
N ARG A 740 -5.26 -60.69 60.15
CA ARG A 740 -6.47 -60.89 59.34
C ARG A 740 -7.73 -61.06 60.19
N ASP A 741 -7.68 -60.69 61.47
CA ASP A 741 -8.80 -60.69 62.40
C ASP A 741 -8.58 -59.48 63.28
N ARG A 742 -9.21 -58.37 62.92
CA ARG A 742 -8.97 -57.11 63.60
C ARG A 742 -10.29 -56.38 63.77
N SER A 743 -10.29 -55.43 64.70
CA SER A 743 -11.47 -54.62 64.91
C SER A 743 -11.58 -53.57 63.81
N GLU A 744 -12.75 -52.93 63.74
CA GLU A 744 -12.92 -51.83 62.80
C GLU A 744 -12.07 -50.64 63.20
N ASN A 745 -11.88 -50.43 64.50
CA ASN A 745 -10.93 -49.42 64.93
C ASN A 745 -9.50 -49.81 64.58
N GLU A 746 -9.19 -51.10 64.61
CA GLU A 746 -7.84 -51.54 64.26
C GLU A 746 -7.54 -51.32 62.79
N THR A 747 -8.47 -51.70 61.91
CA THR A 747 -8.24 -51.45 60.49
C THR A 747 -8.35 -49.97 60.14
N SER A 748 -9.12 -49.19 60.90
CA SER A 748 -9.15 -47.77 60.68
C SER A 748 -7.83 -47.12 61.08
N ASN A 749 -7.24 -47.58 62.18
CA ASN A 749 -5.94 -47.07 62.58
C ASN A 749 -4.84 -47.47 61.61
N MET A 750 -4.90 -48.68 61.06
CA MET A 750 -3.90 -49.10 60.09
C MET A 750 -4.07 -48.35 58.77
N VAL A 751 -5.31 -47.99 58.43
CA VAL A 751 -5.55 -47.23 57.21
C VAL A 751 -5.08 -45.79 57.39
N ALA A 752 -5.28 -45.23 58.57
CA ALA A 752 -4.77 -43.89 58.86
C ALA A 752 -3.24 -43.88 58.85
N PHE A 753 -2.63 -44.95 59.34
CA PHE A 753 -1.18 -45.07 59.30
C PHE A 753 -0.66 -45.13 57.87
N CYS A 754 -1.31 -45.93 57.01
CA CYS A 754 -0.88 -46.03 55.62
C CYS A 754 -1.13 -44.74 54.85
N GLN A 755 -2.19 -44.02 55.18
CA GLN A 755 -2.45 -42.75 54.52
C GLN A 755 -1.49 -41.66 54.96
N VAL A 756 -1.06 -41.67 56.23
CA VAL A 756 -0.01 -40.73 56.65
C VAL A 756 1.30 -41.08 55.97
N LEU A 757 1.56 -42.38 55.76
CA LEU A 757 2.76 -42.79 55.02
C LEU A 757 2.71 -42.32 53.57
N GLY A 758 1.54 -42.42 52.93
CA GLY A 758 1.41 -41.92 51.57
C GLY A 758 1.55 -40.41 51.48
N GLN A 759 1.00 -39.69 52.47
CA GLN A 759 1.19 -38.25 52.55
C GLN A 759 2.64 -37.88 52.70
N LEU A 760 3.40 -38.66 53.47
CA LEU A 760 4.83 -38.39 53.63
C LEU A 760 5.59 -38.69 52.35
N SER A 761 5.17 -39.73 51.62
CA SER A 761 5.78 -40.03 50.34
C SER A 761 5.56 -38.91 49.34
N LEU A 762 4.35 -38.35 49.32
CA LEU A 762 4.08 -37.21 48.45
C LEU A 762 4.83 -35.97 48.90
N ILE A 763 4.91 -35.74 50.21
CA ILE A 763 5.57 -34.56 50.73
C ILE A 763 7.07 -34.63 50.55
N VAL A 764 7.62 -35.82 50.32
CA VAL A 764 9.04 -35.94 50.02
C VAL A 764 9.28 -35.83 48.53
N ARG A 765 8.58 -36.63 47.71
CA ARG A 765 8.90 -36.66 46.29
C ARG A 765 8.37 -35.43 45.55
N ASN A 766 7.47 -34.66 46.15
CA ASN A 766 7.03 -33.43 45.52
C ASN A 766 8.02 -32.31 45.70
N ILE A 767 8.59 -32.16 46.89
CA ILE A 767 9.52 -31.08 47.12
C ILE A 767 10.93 -31.44 46.70
N GLY A 768 11.26 -32.73 46.67
CA GLY A 768 12.56 -33.14 46.17
C GLY A 768 13.53 -33.18 47.33
N LEU A 769 13.81 -34.37 47.83
CA LEU A 769 14.68 -34.53 48.99
C LEU A 769 15.41 -35.85 48.83
N SER A 770 16.73 -35.81 48.68
CA SER A 770 17.52 -37.02 48.56
C SER A 770 18.07 -37.49 49.89
N GLU A 771 17.32 -37.21 50.97
CA GLU A 771 17.41 -37.78 52.31
C GLU A 771 18.61 -37.28 53.12
N ASN A 772 19.63 -36.73 52.45
CA ASN A 772 20.71 -36.12 53.19
C ASN A 772 20.30 -34.78 53.75
N GLU A 773 19.34 -34.13 53.11
CA GLU A 773 18.67 -33.00 53.71
C GLU A 773 17.54 -33.45 54.62
N LEU A 774 16.82 -34.50 54.24
CA LEU A 774 15.66 -34.94 55.00
C LEU A 774 16.02 -35.59 56.32
N THR A 775 16.93 -36.57 56.33
CA THR A 775 17.23 -37.28 57.57
C THR A 775 17.97 -36.39 58.56
N LEU A 776 18.59 -35.30 58.10
CA LEU A 776 19.10 -34.30 59.02
C LEU A 776 17.98 -33.65 59.80
N LEU A 777 16.93 -33.21 59.11
CA LEU A 777 15.81 -32.57 59.79
C LEU A 777 14.99 -33.56 60.59
N VAL A 778 15.01 -34.83 60.22
CA VAL A 778 14.32 -35.84 61.00
C VAL A 778 15.05 -36.14 62.29
N THR A 779 16.35 -36.44 62.20
CA THR A 779 17.11 -36.83 63.38
C THR A 779 17.40 -35.65 64.29
N LYS A 780 17.87 -34.53 63.74
CA LYS A 780 18.17 -33.33 64.52
C LYS A 780 17.27 -32.22 64.00
N PRO A 781 16.06 -32.10 64.53
CA PRO A 781 15.20 -30.98 64.12
C PRO A 781 15.63 -29.65 64.72
N GLU A 782 16.64 -29.64 65.59
CA GLU A 782 17.23 -28.38 66.04
C GLU A 782 17.89 -27.63 64.89
N LYS A 783 18.50 -28.36 63.96
CA LYS A 783 19.14 -27.72 62.81
C LYS A 783 18.14 -27.12 61.83
N PHE A 784 16.88 -27.53 61.89
CA PHE A 784 15.82 -26.86 61.15
C PHE A 784 15.44 -25.55 61.82
N GLN A 785 14.93 -25.64 63.05
CA GLN A 785 14.75 -24.49 63.91
C GLN A 785 15.09 -24.89 65.33
N SER A 786 15.60 -23.93 66.10
CA SER A 786 16.05 -24.19 67.46
C SER A 786 14.90 -24.31 68.45
N GLU A 787 13.68 -24.04 68.03
CA GLU A 787 12.50 -24.14 68.88
C GLU A 787 11.63 -25.33 68.55
N THR A 788 11.92 -26.07 67.47
CA THR A 788 10.98 -27.04 66.95
C THR A 788 10.98 -28.33 67.79
N THR A 789 12.11 -29.05 67.79
CA THR A 789 12.38 -30.31 68.47
C THR A 789 11.51 -31.49 68.02
N ALA A 790 10.59 -31.28 67.08
CA ALA A 790 9.77 -32.36 66.53
C ALA A 790 9.23 -31.86 65.19
N LEU A 791 9.74 -32.43 64.09
CA LEU A 791 9.39 -31.93 62.77
C LEU A 791 7.94 -32.26 62.44
N GLN A 792 7.14 -31.22 62.24
CA GLN A 792 5.70 -31.36 62.16
C GLN A 792 5.24 -31.60 60.73
N HIS A 793 3.97 -32.00 60.63
CA HIS A 793 3.30 -32.24 59.35
C HIS A 793 2.54 -31.01 58.87
N ASP A 794 2.95 -29.83 59.31
CA ASP A 794 2.13 -28.66 59.08
C ASP A 794 2.56 -27.93 57.81
N LEU A 795 1.68 -27.06 57.36
CA LEU A 795 1.91 -26.17 56.23
C LEU A 795 3.09 -25.21 56.42
N PRO A 796 3.33 -24.60 57.60
CA PRO A 796 4.59 -23.82 57.72
C PRO A 796 5.83 -24.66 57.66
N THR A 797 5.79 -25.89 58.18
CA THR A 797 6.94 -26.78 58.05
C THR A 797 7.15 -27.19 56.61
N LEU A 798 6.07 -27.38 55.86
CA LEU A 798 6.18 -27.67 54.43
C LEU A 798 6.78 -26.49 53.66
N GLN A 799 6.32 -25.28 53.97
CA GLN A 799 6.82 -24.10 53.28
C GLN A 799 8.29 -23.84 53.61
N ALA A 800 8.68 -24.05 54.86
CA ALA A 800 10.07 -23.87 55.23
C ALA A 800 10.94 -24.99 54.65
N LEU A 801 10.39 -26.19 54.50
CA LEU A 801 11.09 -27.26 53.79
C LEU A 801 11.33 -26.88 52.33
N THR A 802 10.33 -26.24 51.72
CA THR A 802 10.46 -25.78 50.35
C THR A 802 11.57 -24.75 50.20
N ARG A 803 11.59 -23.76 51.11
CA ARG A 803 12.63 -22.72 51.00
C ARG A 803 14.01 -23.27 51.36
N PHE A 804 14.07 -24.26 52.26
CA PHE A 804 15.33 -24.91 52.58
C PHE A 804 15.88 -25.66 51.39
N HIS A 805 15.02 -26.44 50.73
CA HIS A 805 15.43 -27.18 49.54
C HIS A 805 15.79 -26.22 48.40
N ALA A 806 15.12 -25.08 48.33
CA ALA A 806 15.43 -24.10 47.30
C ALA A 806 16.78 -23.46 47.52
N VAL A 807 17.11 -23.12 48.76
CA VAL A 807 18.43 -22.57 49.07
C VAL A 807 19.52 -23.59 48.82
N ILE A 808 19.27 -24.86 49.18
CA ILE A 808 20.29 -25.89 49.00
C ILE A 808 20.51 -26.18 47.52
N MET A 809 19.44 -26.21 46.73
CA MET A 809 19.62 -26.37 45.30
C MET A 809 20.18 -25.12 44.64
N ARG A 810 20.01 -23.95 45.25
CA ARG A 810 20.66 -22.76 44.72
C ARG A 810 22.14 -22.73 45.05
N CYS A 811 22.55 -23.48 46.08
CA CYS A 811 23.98 -23.59 46.39
C CYS A 811 24.75 -24.30 45.28
N GLY A 812 24.11 -25.22 44.57
CA GLY A 812 24.73 -25.82 43.40
C GLY A 812 25.85 -26.80 43.71
N SER A 813 27.06 -26.48 43.28
CA SER A 813 28.18 -27.40 43.40
C SER A 813 28.63 -27.60 44.84
N TYR A 814 28.35 -26.65 45.71
CA TYR A 814 28.75 -26.75 47.11
C TYR A 814 27.64 -27.24 48.01
N ALA A 815 26.58 -27.82 47.44
CA ALA A 815 25.37 -28.10 48.21
C ALA A 815 25.61 -29.18 49.26
N THR A 816 26.32 -30.24 48.89
CA THR A 816 26.66 -31.27 49.86
C THR A 816 27.61 -30.76 50.94
N GLU A 817 28.48 -29.81 50.60
CA GLU A 817 29.38 -29.24 51.60
C GLU A 817 28.62 -28.35 52.57
N ILE A 818 27.65 -27.58 52.07
CA ILE A 818 26.80 -26.77 52.93
C ILE A 818 25.98 -27.66 53.85
N LEU A 819 25.46 -28.77 53.31
CA LEU A 819 24.66 -29.69 54.12
C LEU A 819 25.49 -30.37 55.19
N THR A 820 26.69 -30.84 54.85
CA THR A 820 27.49 -31.48 55.87
C THR A 820 28.19 -30.49 56.79
N ALA A 821 28.21 -29.21 56.44
CA ALA A 821 28.69 -28.21 57.37
C ALA A 821 27.58 -27.75 58.31
N LEU A 822 26.33 -27.87 57.88
CA LEU A 822 25.20 -27.66 58.77
C LEU A 822 24.93 -28.89 59.63
N GLU A 823 25.39 -30.06 59.19
CA GLU A 823 25.38 -31.26 60.03
C GLU A 823 26.17 -31.02 61.31
N LEU A 824 27.36 -30.45 61.17
CA LEU A 824 28.12 -29.99 62.31
C LEU A 824 27.77 -28.53 62.56
N GLY A 825 28.54 -27.85 63.40
CA GLY A 825 28.30 -26.45 63.63
C GLY A 825 29.39 -25.58 63.04
N ALA A 826 29.96 -26.02 61.92
CA ALA A 826 31.10 -25.36 61.32
C ALA A 826 30.75 -24.52 60.11
N LEU A 827 29.47 -24.40 59.77
CA LEU A 827 29.06 -23.65 58.59
C LEU A 827 29.15 -22.16 58.90
N THR A 828 30.10 -21.48 58.27
CA THR A 828 30.35 -20.07 58.50
C THR A 828 30.14 -19.27 57.23
N ALA A 829 30.38 -17.97 57.34
CA ALA A 829 30.60 -17.15 56.17
C ALA A 829 31.94 -17.52 55.53
N GLU A 830 32.15 -17.02 54.31
CA GLU A 830 33.14 -17.41 53.31
C GLU A 830 32.95 -18.84 52.83
N GLN A 831 31.87 -19.52 53.24
CA GLN A 831 31.44 -20.77 52.65
C GLN A 831 30.05 -20.65 52.07
N LEU A 832 29.13 -20.06 52.81
CA LEU A 832 27.82 -19.73 52.25
C LEU A 832 27.92 -18.60 51.24
N ALA A 833 28.82 -17.64 51.48
CA ALA A 833 29.04 -16.56 50.52
C ALA A 833 29.69 -17.08 49.24
N VAL A 834 30.53 -18.11 49.36
CA VAL A 834 31.10 -18.74 48.18
C VAL A 834 30.02 -19.54 47.45
N ALA A 835 29.20 -20.26 48.20
CA ALA A 835 28.20 -21.14 47.59
C ALA A 835 27.08 -20.35 46.93
N LEU A 836 26.82 -19.13 47.40
CA LEU A 836 25.77 -18.32 46.82
C LEU A 836 26.30 -17.10 46.08
N LYS A 837 27.62 -17.04 45.84
CA LYS A 837 28.28 -15.99 45.07
C LYS A 837 28.05 -14.60 45.66
N PHE A 838 28.07 -14.52 46.99
CA PHE A 838 27.94 -13.26 47.69
C PHE A 838 29.31 -12.80 48.15
N ASP A 839 29.33 -11.73 48.93
CA ASP A 839 30.56 -11.25 49.55
C ASP A 839 30.61 -11.70 51.00
N ALA A 840 31.83 -11.98 51.45
CA ALA A 840 32.04 -12.48 52.80
C ALA A 840 31.65 -11.45 53.86
N GLN A 841 32.00 -10.19 53.61
CA GLN A 841 31.70 -9.17 54.62
C GLN A 841 30.23 -8.82 54.64
N VAL A 842 29.55 -8.85 53.49
CA VAL A 842 28.11 -8.63 53.46
C VAL A 842 27.38 -9.76 54.17
N VAL A 843 27.82 -11.00 53.93
CA VAL A 843 27.18 -12.15 54.58
C VAL A 843 27.42 -12.13 56.08
N THR A 844 28.64 -11.80 56.50
CA THR A 844 28.89 -11.78 57.94
C THR A 844 28.28 -10.56 58.61
N GLN A 845 28.02 -9.48 57.87
CA GLN A 845 27.28 -8.37 58.43
C GLN A 845 25.81 -8.73 58.63
N ALA A 846 25.21 -9.44 57.68
CA ALA A 846 23.85 -9.90 57.87
C ALA A 846 23.75 -10.94 58.99
N LEU A 847 24.77 -11.80 59.12
CA LEU A 847 24.78 -12.77 60.19
C LEU A 847 24.95 -12.11 61.55
N GLN A 848 25.78 -11.07 61.62
CA GLN A 848 25.88 -10.30 62.85
C GLN A 848 24.62 -9.50 63.11
N GLN A 849 23.88 -9.13 62.08
CA GLN A 849 22.61 -8.44 62.29
C GLN A 849 21.54 -9.36 62.83
N THR A 850 21.49 -10.61 62.37
CA THR A 850 20.46 -11.50 62.90
C THR A 850 20.88 -12.14 64.21
N ASP A 851 22.19 -12.25 64.48
CA ASP A 851 22.68 -12.80 65.73
C ASP A 851 24.00 -12.14 66.07
N LEU A 852 24.02 -11.45 67.21
CA LEU A 852 25.08 -10.48 67.48
C LEU A 852 26.40 -11.16 67.81
N GLY A 853 26.35 -12.41 68.26
CA GLY A 853 27.58 -13.07 68.64
C GLY A 853 27.77 -14.47 68.07
N VAL A 854 26.78 -14.95 67.34
CA VAL A 854 26.88 -16.29 66.75
C VAL A 854 27.68 -16.18 65.46
N ASN A 855 28.91 -16.70 65.50
CA ASN A 855 29.82 -16.54 64.38
C ASN A 855 29.46 -17.45 63.22
N THR A 856 28.98 -18.65 63.52
CA THR A 856 28.68 -19.66 62.50
C THR A 856 27.18 -19.71 62.26
N PHE A 857 26.79 -20.54 61.30
CA PHE A 857 25.38 -20.83 61.06
C PHE A 857 25.04 -22.11 61.80
N THR A 858 24.30 -21.98 62.89
CA THR A 858 23.96 -23.11 63.73
C THR A 858 22.55 -23.63 63.48
N ASN A 859 21.86 -23.08 62.49
CA ASN A 859 20.45 -23.35 62.31
C ASN A 859 20.07 -22.98 60.89
N TRP A 860 18.89 -23.41 60.46
CA TRP A 860 18.40 -22.97 59.15
C TRP A 860 17.68 -21.64 59.24
N ARG A 861 17.00 -21.38 60.35
CA ARG A 861 16.21 -20.16 60.48
C ARG A 861 17.08 -18.92 60.43
N THR A 862 18.29 -19.00 61.00
CA THR A 862 19.23 -17.90 60.86
C THR A 862 19.72 -17.75 59.42
N ILE A 863 19.84 -18.86 58.67
CA ILE A 863 20.23 -18.78 57.28
C ILE A 863 19.14 -18.09 56.46
N ASP A 864 17.89 -18.41 56.74
CA ASP A 864 16.77 -17.86 55.99
C ASP A 864 16.61 -16.37 56.26
N VAL A 865 16.71 -15.97 57.54
CA VAL A 865 16.58 -14.55 57.82
C VAL A 865 17.83 -13.79 57.39
N THR A 866 18.98 -14.48 57.32
CA THR A 866 20.19 -13.86 56.78
C THR A 866 20.04 -13.57 55.30
N LEU A 867 19.48 -14.52 54.55
CA LEU A 867 19.26 -14.28 53.13
C LEU A 867 18.14 -13.27 52.89
N GLN A 868 17.19 -13.15 53.82
CA GLN A 868 16.21 -12.08 53.71
C GLN A 868 16.84 -10.71 53.91
N TRP A 869 17.76 -10.59 54.87
CA TRP A 869 18.53 -9.36 55.05
C TRP A 869 19.36 -9.04 53.83
N LEU A 870 19.96 -10.06 53.21
CA LEU A 870 20.73 -9.86 52.00
C LEU A 870 19.85 -9.43 50.84
N ASP A 871 18.63 -9.94 50.78
CA ASP A 871 17.71 -9.57 49.71
C ASP A 871 17.27 -8.12 49.85
N VAL A 872 16.99 -7.68 51.07
CA VAL A 872 16.63 -6.28 51.30
C VAL A 872 17.81 -5.36 51.00
N ALA A 873 19.01 -5.74 51.45
CA ALA A 873 20.19 -4.91 51.20
C ALA A 873 20.57 -4.89 49.72
N ALA A 874 20.22 -5.94 48.98
CA ALA A 874 20.49 -5.95 47.55
C ALA A 874 19.48 -5.12 46.78
N THR A 875 18.19 -5.23 47.14
CA THR A 875 17.19 -4.43 46.43
C THR A 875 17.20 -2.97 46.86
N LEU A 876 17.90 -2.63 47.93
CA LEU A 876 18.19 -1.23 48.23
C LEU A 876 19.60 -0.83 47.84
N GLY A 877 20.43 -1.79 47.45
CA GLY A 877 21.76 -1.47 46.96
C GLY A 877 22.74 -1.03 48.02
N ILE A 878 22.57 -1.47 49.26
CA ILE A 878 23.45 -1.07 50.35
C ILE A 878 23.84 -2.29 51.15
N THR A 879 24.52 -2.05 52.24
CA THR A 879 24.96 -3.07 53.19
C THR A 879 23.87 -3.34 54.22
N PRO A 880 23.82 -4.55 54.78
CA PRO A 880 22.89 -4.83 55.87
C PRO A 880 23.10 -3.98 57.11
N ASP A 881 24.32 -3.49 57.35
CA ASP A 881 24.50 -2.49 58.39
C ASP A 881 23.80 -1.18 58.03
N GLY A 882 23.78 -0.83 56.74
CA GLY A 882 22.99 0.30 56.31
C GLY A 882 21.51 0.07 56.47
N VAL A 883 21.07 -1.18 56.25
CA VAL A 883 19.68 -1.54 56.49
C VAL A 883 19.34 -1.38 57.97
N ALA A 884 20.26 -1.79 58.84
CA ALA A 884 20.05 -1.63 60.29
C ALA A 884 20.04 -0.17 60.68
N ALA A 885 20.84 0.66 60.02
CA ALA A 885 20.82 2.10 60.27
C ALA A 885 19.50 2.71 59.81
N LEU A 886 18.92 2.21 58.72
CA LEU A 886 17.62 2.70 58.28
C LEU A 886 16.53 2.29 59.25
N ILE A 887 16.59 1.06 59.76
CA ILE A 887 15.58 0.59 60.71
C ILE A 887 15.74 1.31 62.04
N LYS A 888 16.95 1.75 62.38
CA LYS A 888 17.15 2.53 63.59
C LYS A 888 16.57 3.92 63.50
N LEU A 889 16.11 4.35 62.33
CA LEU A 889 15.33 5.57 62.18
C LEU A 889 13.83 5.30 62.24
N LYS A 890 13.42 4.33 63.05
CA LYS A 890 12.02 4.02 63.27
C LYS A 890 11.30 5.22 63.85
N TYR A 891 10.05 5.43 63.41
CA TYR A 891 9.28 6.54 63.95
C TYR A 891 8.82 6.25 65.36
N VAL A 892 8.02 5.20 65.53
CA VAL A 892 7.64 4.73 66.85
C VAL A 892 8.17 3.31 66.99
N GLY A 893 9.07 3.11 67.93
CA GLY A 893 9.68 1.83 68.17
C GLY A 893 9.87 1.58 69.65
N GLU A 894 11.03 1.04 69.99
CA GLU A 894 11.35 0.76 71.38
C GLU A 894 11.65 2.06 72.12
N PRO A 895 11.32 2.13 73.40
CA PRO A 895 11.77 3.25 74.23
C PRO A 895 13.26 3.15 74.51
N GLU A 896 13.79 4.25 75.05
CA GLU A 896 15.19 4.49 75.46
C GLU A 896 16.14 4.59 74.27
N THR A 897 15.64 4.39 73.05
CA THR A 897 16.41 4.79 71.88
C THR A 897 16.16 6.28 71.63
N PRO A 898 17.20 7.06 71.39
CA PRO A 898 17.03 8.50 71.21
C PRO A 898 16.35 8.81 69.89
N MET A 899 15.85 10.04 69.80
CA MET A 899 15.20 10.49 68.58
C MET A 899 16.23 10.62 67.47
N PRO A 900 15.85 10.31 66.24
CA PRO A 900 16.80 10.42 65.13
C PRO A 900 17.14 11.87 64.83
N THR A 901 18.43 12.17 64.91
CA THR A 901 18.88 13.54 64.71
C THR A 901 18.83 13.92 63.24
N PHE A 902 18.95 15.22 62.98
CA PHE A 902 18.98 15.71 61.61
C PHE A 902 20.24 15.23 60.90
N ASP A 903 21.36 15.17 61.62
CA ASP A 903 22.58 14.62 61.04
C ASP A 903 22.46 13.12 60.80
N ASP A 904 21.73 12.43 61.68
CA ASP A 904 21.46 11.01 61.49
C ASP A 904 20.64 10.79 60.22
N TRP A 905 19.62 11.62 60.01
CA TRP A 905 18.84 11.55 58.78
C TRP A 905 19.68 11.91 57.57
N GLN A 906 20.62 12.84 57.72
CA GLN A 906 21.48 13.21 56.59
C GLN A 906 22.44 12.08 56.23
N ALA A 907 22.93 11.36 57.24
CA ALA A 907 23.78 10.20 56.99
C ALA A 907 23.01 9.08 56.31
N ALA A 908 21.78 8.82 56.76
CA ALA A 908 20.97 7.83 56.06
C ALA A 908 20.60 8.28 54.66
N SER A 909 20.43 9.58 54.47
CA SER A 909 20.08 10.12 53.17
C SER A 909 21.22 9.95 52.18
N THR A 910 22.45 10.26 52.59
CA THR A 910 23.56 10.06 51.67
C THR A 910 23.89 8.59 51.49
N LEU A 911 23.56 7.75 52.48
CA LEU A 911 23.73 6.32 52.30
C LEU A 911 22.80 5.78 51.22
N LEU A 912 21.53 6.17 51.24
CA LEU A 912 20.63 5.75 50.18
C LEU A 912 20.92 6.46 48.87
N GLN A 913 21.47 7.67 48.94
CA GLN A 913 21.71 8.48 47.76
C GLN A 913 22.92 8.02 46.99
N ALA A 914 23.88 7.39 47.66
CA ALA A 914 25.03 6.83 46.94
C ALA A 914 24.69 5.54 46.20
N GLY A 915 23.54 4.94 46.46
CA GLY A 915 23.19 3.67 45.85
C GLY A 915 22.38 3.77 44.58
N LEU A 916 22.42 4.89 43.88
CA LEU A 916 21.66 5.05 42.65
C LEU A 916 22.59 5.30 41.47
N ASN A 917 22.10 4.96 40.28
CA ASN A 917 22.82 5.27 39.06
C ASN A 917 22.50 6.71 38.65
N SER A 918 22.98 7.13 37.48
CA SER A 918 22.91 8.53 37.11
C SER A 918 21.49 8.94 36.73
N GLN A 919 20.73 8.03 36.11
CA GLN A 919 19.34 8.31 35.77
C GLN A 919 18.49 8.53 37.01
N GLN A 920 18.58 7.63 37.98
CA GLN A 920 17.84 7.79 39.22
C GLN A 920 18.36 8.97 40.03
N SER A 921 19.65 9.30 39.91
CA SER A 921 20.19 10.44 40.61
C SER A 921 19.63 11.75 40.06
N ASP A 922 19.56 11.86 38.73
CA ASP A 922 18.97 13.06 38.12
C ASP A 922 17.49 13.16 38.43
N GLN A 923 16.79 12.02 38.44
CA GLN A 923 15.37 12.01 38.77
C GLN A 923 15.13 12.46 40.20
N LEU A 924 15.93 11.94 41.14
CA LEU A 924 15.82 12.33 42.53
C LEU A 924 16.18 13.80 42.73
N GLN A 925 17.20 14.28 42.02
CA GLN A 925 17.60 15.68 42.16
C GLN A 925 16.53 16.62 41.64
N ALA A 926 15.92 16.28 40.50
CA ALA A 926 14.83 17.10 39.98
C ALA A 926 13.64 17.11 40.91
N TRP A 927 13.32 15.94 41.49
CA TRP A 927 12.21 15.88 42.43
C TRP A 927 12.48 16.67 43.69
N LEU A 928 13.73 16.63 44.17
CA LEU A 928 14.08 17.37 45.38
C LEU A 928 14.07 18.87 45.14
N ASP A 929 14.48 19.31 43.95
CA ASP A 929 14.37 20.74 43.64
C ASP A 929 12.92 21.17 43.54
N GLU A 930 12.09 20.36 42.90
CA GLU A 930 10.68 20.71 42.77
C GLU A 930 9.92 20.60 44.09
N ALA A 931 10.47 19.93 45.09
CA ALA A 931 9.88 19.98 46.42
C ALA A 931 10.41 21.13 47.26
N THR A 932 11.71 21.41 47.16
CA THR A 932 12.26 22.47 47.99
C THR A 932 11.84 23.85 47.51
N THR A 933 11.40 23.99 46.25
CA THR A 933 10.89 25.28 45.84
C THR A 933 9.54 25.59 46.49
N THR A 934 8.65 24.59 46.61
CA THR A 934 7.37 24.85 47.22
C THR A 934 7.45 24.81 48.73
N ALA A 935 8.56 24.34 49.29
CA ALA A 935 8.81 24.59 50.70
C ALA A 935 9.31 26.01 50.92
N ALA A 936 10.37 26.40 50.20
CA ALA A 936 11.06 27.65 50.48
C ALA A 936 10.23 28.85 50.08
N SER A 937 9.39 28.73 49.06
CA SER A 937 8.55 29.85 48.66
C SER A 937 7.48 30.13 49.71
N ALA A 938 6.90 29.08 50.28
CA ALA A 938 5.92 29.28 51.35
C ALA A 938 6.59 29.85 52.60
N TYR A 939 7.82 29.41 52.89
CA TYR A 939 8.53 29.98 54.03
C TYR A 939 8.88 31.44 53.79
N TYR A 940 9.24 31.79 52.56
CA TYR A 940 9.60 33.17 52.25
C TYR A 940 8.38 34.07 52.27
N ILE A 941 7.23 33.54 51.82
CA ILE A 941 5.98 34.30 51.89
C ILE A 941 5.60 34.54 53.34
N LYS A 942 5.76 33.52 54.18
CA LYS A 942 5.40 33.68 55.59
C LYS A 942 6.33 34.63 56.32
N ASN A 943 7.64 34.42 56.22
CA ASN A 943 8.58 35.12 57.10
C ASN A 943 9.04 36.45 56.51
N GLY A 944 9.74 36.40 55.38
CA GLY A 944 10.29 37.63 54.86
C GLY A 944 9.80 38.00 53.48
N ALA A 945 8.92 38.98 53.40
CA ALA A 945 8.31 39.43 52.15
C ALA A 945 7.57 40.72 52.45
N PRO A 946 7.29 41.53 51.44
CA PRO A 946 6.32 42.61 51.62
C PRO A 946 4.95 42.03 51.92
N GLN A 947 4.14 42.82 52.65
CA GLN A 947 2.90 42.34 53.22
C GLN A 947 1.84 42.02 52.17
N GLN A 948 1.99 42.54 50.95
CA GLN A 948 1.01 42.29 49.91
C GLN A 948 1.12 40.89 49.33
N ILE A 949 2.27 40.24 49.47
CA ILE A 949 2.51 38.93 48.88
C ILE A 949 1.81 37.88 49.73
N LYS A 950 0.88 37.15 49.11
CA LYS A 950 0.14 36.11 49.82
C LYS A 950 0.05 34.80 49.06
N SER A 951 0.42 34.75 47.78
CA SER A 951 0.36 33.51 47.03
C SER A 951 1.66 33.34 46.26
N ARG A 952 1.82 32.13 45.69
CA ARG A 952 2.98 31.85 44.87
C ARG A 952 2.97 32.66 43.59
N ASP A 953 1.79 32.94 43.04
CA ASP A 953 1.71 33.79 41.85
C ASP A 953 2.07 35.23 42.19
N GLU A 954 1.71 35.69 43.38
CA GLU A 954 2.13 37.02 43.80
C GLU A 954 3.63 37.07 44.07
N LEU A 955 4.20 35.98 44.58
CA LEU A 955 5.64 35.92 44.77
C LEU A 955 6.38 35.90 43.43
N TYR A 956 5.80 35.24 42.43
CA TYR A 956 6.32 35.31 41.07
C TYR A 956 6.22 36.72 40.52
N SER A 957 5.08 37.38 40.73
CA SER A 957 4.87 38.73 40.24
C SER A 957 5.80 39.72 40.91
N TYR A 958 6.25 39.42 42.13
CA TYR A 958 7.25 40.25 42.79
C TYR A 958 8.66 39.94 42.30
N LEU A 959 9.12 38.70 42.51
CA LEU A 959 10.51 38.33 42.27
C LEU A 959 10.87 38.20 40.81
N LEU A 960 9.90 38.23 39.90
CA LEU A 960 10.05 38.14 38.45
C LEU A 960 10.69 36.84 37.97
N ILE A 961 10.71 35.79 38.79
CA ILE A 961 11.21 34.47 38.40
C ILE A 961 10.19 33.44 38.84
N ASP A 962 9.85 32.52 37.96
CA ASP A 962 8.76 31.58 38.20
C ASP A 962 9.23 30.44 39.09
N ASN A 963 8.62 30.32 40.26
CA ASN A 963 8.91 29.29 41.23
C ASN A 963 8.05 28.06 41.08
N GLN A 964 7.23 28.00 40.04
CA GLN A 964 6.33 26.87 39.81
C GLN A 964 6.75 26.04 38.61
N VAL A 965 7.85 26.39 37.96
CA VAL A 965 8.29 25.69 36.77
C VAL A 965 8.96 24.38 37.17
N SER A 966 8.51 23.27 36.58
CA SER A 966 9.14 22.00 36.82
C SER A 966 10.52 21.95 36.16
N ALA A 967 11.38 21.08 36.69
CA ALA A 967 12.81 21.20 36.47
C ALA A 967 13.29 20.67 35.12
N GLN A 968 12.41 20.45 34.15
CA GLN A 968 12.84 20.08 32.81
C GLN A 968 13.18 21.28 31.96
N VAL A 969 12.87 22.49 32.41
CA VAL A 969 13.03 23.69 31.61
C VAL A 969 14.39 24.30 31.92
N LYS A 970 15.13 24.67 30.87
CA LYS A 970 16.46 25.20 31.01
C LYS A 970 16.54 26.58 30.36
N THR A 971 17.27 27.49 31.00
CA THR A 971 17.36 28.88 30.58
C THR A 971 18.59 29.50 31.22
N THR A 972 19.43 30.14 30.39
CA THR A 972 20.66 30.73 30.90
C THR A 972 20.37 31.97 31.74
N ARG A 973 21.42 32.44 32.41
CA ARG A 973 21.26 33.52 33.39
C ARG A 973 20.92 34.84 32.74
N VAL A 974 21.50 35.12 31.57
CA VAL A 974 21.20 36.38 30.90
C VAL A 974 19.79 36.35 30.34
N ALA A 975 19.29 35.18 29.93
CA ALA A 975 17.91 35.10 29.46
C ALA A 975 16.93 35.20 30.62
N GLU A 976 17.31 34.68 31.79
CA GLU A 976 16.47 34.83 32.96
C GLU A 976 16.40 36.29 33.40
N ALA A 977 17.53 37.00 33.37
CA ALA A 977 17.52 38.41 33.72
C ALA A 977 16.75 39.24 32.70
N ILE A 978 16.86 38.88 31.42
CA ILE A 978 16.12 39.57 30.37
C ILE A 978 14.63 39.37 30.56
N ALA A 979 14.21 38.14 30.86
CA ALA A 979 12.80 37.86 31.07
C ALA A 979 12.29 38.54 32.33
N SER A 980 13.13 38.64 33.36
CA SER A 980 12.73 39.30 34.59
C SER A 980 12.52 40.80 34.38
N ILE A 981 13.45 41.45 33.69
CA ILE A 981 13.30 42.88 33.46
C ILE A 981 12.16 43.15 32.48
N GLN A 982 11.93 42.26 31.51
CA GLN A 982 10.81 42.44 30.59
C GLN A 982 9.47 42.27 31.30
N LEU A 983 9.39 41.33 32.24
CA LEU A 983 8.19 41.20 33.04
C LEU A 983 7.98 42.41 33.93
N TYR A 984 9.07 42.95 34.48
CA TYR A 984 8.96 44.15 35.31
C TYR A 984 8.48 45.34 34.50
N VAL A 985 8.94 45.45 33.26
CA VAL A 985 8.53 46.56 32.40
C VAL A 985 7.08 46.41 31.98
N ASN A 986 6.67 45.20 31.61
CA ASN A 986 5.28 44.98 31.21
C ASN A 986 4.32 45.08 32.38
N ARG A 987 4.80 44.89 33.61
CA ARG A 987 3.94 45.13 34.74
C ARG A 987 3.92 46.59 35.15
N ALA A 988 5.02 47.31 34.95
CA ALA A 988 5.06 48.72 35.31
C ALA A 988 4.35 49.59 34.30
N LEU A 989 4.26 49.17 33.05
CA LEU A 989 3.59 49.97 32.04
C LEU A 989 2.08 49.98 32.26
N ASN A 990 1.52 48.89 32.75
CA ASN A 990 0.10 48.86 33.03
C ASN A 990 -0.24 49.34 34.43
N ASN A 991 0.76 49.86 35.15
CA ASN A 991 0.61 50.48 36.48
C ASN A 991 0.04 49.49 37.50
N VAL A 992 0.46 48.23 37.41
CA VAL A 992 0.01 47.25 38.39
C VAL A 992 0.79 47.39 39.68
N GLU A 993 1.95 48.03 39.64
CA GLU A 993 2.78 48.18 40.82
C GLU A 993 2.25 49.32 41.69
N GLY A 994 3.07 49.70 42.66
CA GLY A 994 2.71 50.76 43.59
C GLY A 994 2.59 52.13 42.97
N LYS A 995 3.69 52.70 42.52
CA LYS A 995 3.71 54.07 41.99
C LYS A 995 4.70 54.12 40.84
N VAL A 996 4.17 54.13 39.62
CA VAL A 996 5.00 54.20 38.43
C VAL A 996 5.32 55.66 38.12
N SER A 997 6.59 55.95 37.90
CA SER A 997 7.01 57.31 37.57
C SER A 997 6.60 57.62 36.14
N LYS A 998 5.52 58.39 36.00
CA LYS A 998 4.97 58.71 34.68
C LYS A 998 5.89 59.47 33.73
N PRO A 999 6.77 60.40 34.14
CA PRO A 999 7.69 60.98 33.16
C PRO A 999 8.73 60.02 32.60
N VAL A 1000 9.06 58.95 33.32
CA VAL A 1000 10.01 57.99 32.76
C VAL A 1000 9.32 57.11 31.74
N LYS A 1001 8.00 57.01 31.83
CA LYS A 1001 7.22 56.12 30.97
C LYS A 1001 7.18 56.57 29.52
N THR A 1002 7.48 57.83 29.24
CA THR A 1002 7.33 58.39 27.90
C THR A 1002 8.66 58.65 27.21
N ARG A 1003 9.67 57.82 27.47
CA ARG A 1003 10.90 57.92 26.69
C ARG A 1003 10.67 57.31 25.31
N GLN A 1004 11.65 57.53 24.42
CA GLN A 1004 11.55 56.97 23.08
C GLN A 1004 11.72 55.46 23.10
N PHE A 1005 12.50 54.95 24.05
CA PHE A 1005 12.69 53.52 24.19
C PHE A 1005 11.40 52.82 24.62
N PHE A 1006 10.54 53.50 25.35
CA PHE A 1006 9.27 52.90 25.72
C PHE A 1006 8.13 53.29 24.80
N CYS A 1007 8.29 54.35 24.01
CA CYS A 1007 7.39 54.57 22.90
C CYS A 1007 7.59 53.49 21.83
N ASP A 1008 8.82 52.98 21.69
CA ASP A 1008 9.09 51.87 20.80
C ASP A 1008 9.11 50.53 21.53
N TRP A 1009 8.51 50.47 22.72
CA TRP A 1009 8.53 49.22 23.47
C TRP A 1009 7.61 48.19 22.85
N GLU A 1010 6.43 48.62 22.40
CA GLU A 1010 5.38 47.70 22.01
C GLU A 1010 5.73 46.98 20.71
N THR A 1011 6.55 47.60 19.88
CA THR A 1011 6.84 47.03 18.58
C THR A 1011 8.25 46.49 18.45
N TYR A 1012 9.22 47.12 19.09
CA TYR A 1012 10.62 46.76 18.87
C TYR A 1012 11.31 46.22 20.11
N ASN A 1013 11.22 46.93 21.22
CA ASN A 1013 12.09 46.67 22.36
C ASN A 1013 11.56 45.59 23.28
N ARG A 1014 10.39 45.03 23.02
CA ARG A 1014 9.85 44.03 23.92
C ARG A 1014 10.63 42.72 23.84
N ARG A 1015 11.08 42.33 22.65
CA ARG A 1015 11.82 41.09 22.53
C ARG A 1015 13.17 41.34 21.87
N TYR A 1016 14.10 40.46 22.23
CA TYR A 1016 15.49 40.59 21.83
C TYR A 1016 15.66 40.48 20.31
N SER A 1017 14.84 39.65 19.67
CA SER A 1017 14.96 39.44 18.24
C SER A 1017 14.62 40.70 17.45
N THR A 1018 13.52 41.36 17.79
CA THR A 1018 13.17 42.58 17.08
C THR A 1018 14.08 43.73 17.47
N TRP A 1019 14.56 43.75 18.72
CA TRP A 1019 15.51 44.80 19.12
C TRP A 1019 16.82 44.66 18.35
N ALA A 1020 17.34 43.44 18.25
CA ALA A 1020 18.55 43.21 17.50
C ALA A 1020 18.36 43.45 16.01
N GLY A 1021 17.16 43.16 15.50
CA GLY A 1021 16.88 43.47 14.10
C GLY A 1021 16.87 44.96 13.81
N VAL A 1022 16.32 45.75 14.74
CA VAL A 1022 16.32 47.20 14.56
C VAL A 1022 17.73 47.77 14.67
N SER A 1023 18.51 47.27 15.62
CA SER A 1023 19.88 47.76 15.76
C SER A 1023 20.75 47.33 14.59
N GLU A 1024 20.51 46.15 14.03
CA GLU A 1024 21.23 45.74 12.83
C GLU A 1024 20.79 46.55 11.62
N LEU A 1025 19.51 46.93 11.56
CA LEU A 1025 19.07 47.80 10.47
C LEU A 1025 19.69 49.18 10.59
N ALA A 1026 19.98 49.62 11.81
CA ALA A 1026 20.74 50.84 12.00
C ALA A 1026 22.17 50.68 11.51
N TYR A 1027 22.86 49.63 11.97
CA TYR A 1027 24.30 49.55 11.72
C TYR A 1027 24.63 49.09 10.31
N TYR A 1028 24.02 48.00 9.86
CA TYR A 1028 24.25 47.46 8.51
C TYR A 1028 22.94 47.51 7.75
N PRO A 1029 22.62 48.64 7.11
CA PRO A 1029 21.42 48.68 6.27
C PRO A 1029 21.57 47.94 4.98
N GLU A 1030 22.78 47.51 4.62
CA GLU A 1030 23.00 46.77 3.39
C GLU A 1030 22.36 45.40 3.43
N ASN A 1031 22.14 44.83 4.61
CA ASN A 1031 21.49 43.54 4.71
C ASN A 1031 20.01 43.61 4.39
N TYR A 1032 19.39 44.76 4.54
CA TYR A 1032 17.94 44.86 4.51
C TYR A 1032 17.39 45.53 3.28
N ILE A 1033 18.23 46.13 2.45
CA ILE A 1033 17.77 46.78 1.23
C ILE A 1033 17.51 45.69 0.19
N ASP A 1034 16.30 45.65 -0.33
CA ASP A 1034 16.08 44.88 -1.52
C ASP A 1034 15.93 45.82 -2.71
N PRO A 1035 16.35 45.40 -3.91
CA PRO A 1035 16.24 46.29 -5.07
C PRO A 1035 14.81 46.44 -5.60
N THR A 1036 13.86 45.67 -5.08
CA THR A 1036 12.50 45.71 -5.59
C THR A 1036 11.64 46.77 -4.90
N ILE A 1037 11.47 46.66 -3.59
CA ILE A 1037 10.61 47.59 -2.88
C ILE A 1037 11.48 48.60 -2.15
N ARG A 1038 10.91 49.78 -1.93
CA ARG A 1038 11.57 50.89 -1.27
C ARG A 1038 10.51 51.88 -0.86
N ILE A 1039 10.61 52.42 0.36
CA ILE A 1039 9.66 53.42 0.81
C ILE A 1039 9.93 54.71 0.05
N GLY A 1040 8.99 55.11 -0.81
CA GLY A 1040 9.11 56.32 -1.58
C GLY A 1040 9.43 56.15 -3.04
N GLN A 1041 9.35 54.93 -3.57
CA GLN A 1041 9.62 54.73 -4.99
C GLN A 1041 8.49 55.29 -5.83
N THR A 1042 8.84 55.74 -7.02
CA THR A 1042 7.94 56.58 -7.81
C THR A 1042 6.99 55.73 -8.66
N GLY A 1043 6.05 56.43 -9.28
CA GLY A 1043 5.05 55.76 -10.10
C GLY A 1043 5.63 55.13 -11.35
N MET A 1044 6.65 55.77 -11.93
CA MET A 1044 7.34 55.16 -13.07
C MET A 1044 8.09 53.91 -12.66
N MET A 1045 8.64 53.90 -11.44
CA MET A 1045 9.32 52.72 -10.93
C MET A 1045 8.32 51.58 -10.69
N ASN A 1046 7.15 51.91 -10.13
CA ASN A 1046 6.14 50.89 -9.92
C ASN A 1046 5.57 50.36 -11.23
N ASN A 1047 5.39 51.24 -12.21
CA ASN A 1047 4.91 50.80 -13.52
C ASN A 1047 5.95 49.93 -14.21
N LEU A 1048 7.23 50.24 -14.01
CA LEU A 1048 8.29 49.37 -14.53
C LEU A 1048 8.26 48.01 -13.86
N LEU A 1049 7.99 47.98 -12.56
CA LEU A 1049 7.92 46.72 -11.84
C LEU A 1049 6.73 45.88 -12.28
N GLN A 1050 5.60 46.54 -12.57
CA GLN A 1050 4.46 45.82 -13.16
C GLN A 1050 4.81 45.30 -14.53
N GLN A 1051 5.55 46.08 -15.31
CA GLN A 1051 5.93 45.67 -16.65
C GLN A 1051 7.02 44.60 -16.64
N LEU A 1052 7.65 44.37 -15.50
CA LEU A 1052 8.80 43.49 -15.42
C LEU A 1052 8.53 42.19 -14.67
N SER A 1053 7.37 42.05 -14.03
CA SER A 1053 7.14 40.92 -13.13
C SER A 1053 6.41 39.81 -13.88
N GLN A 1054 7.20 39.00 -14.58
CA GLN A 1054 6.69 37.82 -15.26
C GLN A 1054 7.55 36.63 -14.88
N SER A 1055 7.22 35.47 -15.46
CA SER A 1055 8.07 34.30 -15.31
C SER A 1055 9.18 34.26 -16.35
N GLN A 1056 8.99 34.97 -17.47
CA GLN A 1056 9.92 34.93 -18.59
C GLN A 1056 10.31 36.36 -18.95
N LEU A 1057 11.61 36.62 -18.95
CA LEU A 1057 12.14 37.96 -19.21
C LEU A 1057 13.20 37.85 -20.29
N ASN A 1058 12.85 38.21 -21.52
CA ASN A 1058 13.83 38.24 -22.57
C ASN A 1058 14.58 39.57 -22.53
N ILE A 1059 15.71 39.60 -23.25
CA ILE A 1059 16.47 40.83 -23.42
C ILE A 1059 15.64 41.87 -24.16
N ASP A 1060 14.88 41.45 -25.17
CA ASP A 1060 14.02 42.37 -25.89
C ASP A 1060 12.89 42.89 -25.02
N THR A 1061 12.34 42.01 -24.17
CA THR A 1061 11.25 42.41 -23.28
C THR A 1061 11.73 43.42 -22.25
N VAL A 1062 12.90 43.18 -21.65
CA VAL A 1062 13.39 44.11 -20.64
C VAL A 1062 13.88 45.41 -21.29
N GLU A 1063 14.33 45.37 -22.55
CA GLU A 1063 14.73 46.62 -23.18
C GLU A 1063 13.52 47.43 -23.63
N ASP A 1064 12.44 46.78 -24.05
CA ASP A 1064 11.22 47.51 -24.34
C ASP A 1064 10.62 48.10 -23.08
N SER A 1065 10.70 47.37 -21.97
CA SER A 1065 10.22 47.90 -20.70
C SER A 1065 11.07 49.07 -20.24
N PHE A 1066 12.37 49.02 -20.51
CA PHE A 1066 13.23 50.13 -20.14
C PHE A 1066 13.00 51.35 -21.01
N LYS A 1067 12.69 51.15 -22.30
CA LYS A 1067 12.34 52.28 -23.15
C LYS A 1067 11.02 52.89 -22.73
N ASN A 1068 10.07 52.05 -22.33
CA ASN A 1068 8.80 52.57 -21.82
C ASN A 1068 8.99 53.33 -20.51
N TYR A 1069 9.95 52.91 -19.69
CA TYR A 1069 10.27 53.68 -18.50
C TYR A 1069 10.97 54.98 -18.85
N LEU A 1070 11.82 54.95 -19.87
CA LEU A 1070 12.57 56.13 -20.29
C LEU A 1070 11.64 57.20 -20.84
N THR A 1071 10.55 56.78 -21.48
CA THR A 1071 9.56 57.74 -21.98
C THR A 1071 8.93 58.52 -20.83
N ALA A 1072 8.54 57.83 -19.77
CA ALA A 1072 7.95 58.50 -18.61
C ALA A 1072 8.98 59.33 -17.88
N PHE A 1073 10.25 58.88 -17.85
CA PHE A 1073 11.30 59.67 -17.23
C PHE A 1073 11.54 60.96 -18.00
N GLU A 1074 11.50 60.89 -19.34
CA GLU A 1074 11.64 62.09 -20.16
C GLU A 1074 10.48 63.04 -19.94
N ASP A 1075 9.26 62.51 -19.85
CA ASP A 1075 8.09 63.36 -19.67
C ASP A 1075 8.07 63.98 -18.28
N VAL A 1076 8.70 63.34 -17.30
CA VAL A 1076 8.79 63.94 -15.98
C VAL A 1076 9.93 64.94 -15.92
N ALA A 1077 11.01 64.72 -16.68
CA ALA A 1077 12.10 65.68 -16.68
C ALA A 1077 11.76 66.93 -17.46
N ASN A 1078 10.81 66.83 -18.40
CA ASN A 1078 10.42 67.99 -19.20
C ASN A 1078 9.30 68.79 -18.54
N LEU A 1079 9.46 69.15 -17.28
CA LEU A 1079 8.47 69.99 -16.62
C LEU A 1079 9.00 71.40 -16.48
N GLN A 1080 8.09 72.34 -16.27
CA GLN A 1080 8.45 73.75 -16.15
C GLN A 1080 7.53 74.40 -15.14
N VAL A 1081 8.09 75.04 -14.13
CA VAL A 1081 7.31 75.57 -13.02
C VAL A 1081 6.58 76.82 -13.48
N ILE A 1082 5.29 76.90 -13.16
CA ILE A 1082 4.53 78.12 -13.42
C ILE A 1082 4.66 79.05 -12.24
N SER A 1083 4.21 78.59 -11.07
CA SER A 1083 4.03 79.46 -9.93
C SER A 1083 3.95 78.61 -8.68
N GLY A 1084 4.11 79.25 -7.54
CA GLY A 1084 4.14 78.55 -6.27
C GLY A 1084 3.35 79.31 -5.22
N TYR A 1085 3.35 78.73 -4.02
CA TYR A 1085 2.67 79.34 -2.88
C TYR A 1085 3.40 78.89 -1.63
N HIS A 1086 4.16 79.79 -1.02
CA HIS A 1086 4.80 79.49 0.24
C HIS A 1086 3.74 79.47 1.32
N ASP A 1087 3.82 78.47 2.19
CA ASP A 1087 2.75 78.26 3.15
C ASP A 1087 2.74 79.26 4.29
N SER A 1088 3.91 79.62 4.83
CA SER A 1088 3.98 80.43 6.02
C SER A 1088 4.18 81.89 5.65
N ILE A 1089 4.29 82.72 6.67
CA ILE A 1089 4.57 84.14 6.47
C ILE A 1089 6.03 84.33 6.08
N ASN A 1090 6.94 83.93 6.95
CA ASN A 1090 8.36 84.03 6.65
C ASN A 1090 8.75 82.90 5.70
N VAL A 1091 9.77 83.15 4.89
CA VAL A 1091 10.18 82.20 3.86
C VAL A 1091 10.80 80.97 4.50
N ASN A 1092 11.67 81.15 5.49
CA ASN A 1092 12.47 80.05 6.01
C ASN A 1092 11.75 79.19 7.04
N GLU A 1093 10.42 79.22 7.07
CA GLU A 1093 9.69 78.45 8.06
C GLU A 1093 8.76 77.41 7.47
N GLY A 1094 7.93 77.79 6.50
CA GLY A 1094 6.92 76.89 6.01
C GLY A 1094 7.40 75.96 4.93
N LEU A 1095 6.57 75.71 3.93
CA LEU A 1095 6.93 74.82 2.84
C LEU A 1095 6.18 75.23 1.58
N THR A 1096 6.92 75.31 0.48
CA THR A 1096 6.39 75.84 -0.77
C THR A 1096 5.77 74.73 -1.59
N TYR A 1097 4.71 75.06 -2.32
CA TYR A 1097 4.02 74.13 -3.19
C TYR A 1097 4.17 74.65 -4.62
N LEU A 1098 4.97 73.98 -5.41
CA LEU A 1098 5.27 74.39 -6.77
C LEU A 1098 4.33 73.69 -7.73
N ILE A 1099 4.10 74.31 -8.89
CA ILE A 1099 3.21 73.77 -9.91
C ILE A 1099 3.94 73.78 -11.24
N GLY A 1100 4.06 72.62 -11.87
CA GLY A 1100 4.71 72.52 -13.15
C GLY A 1100 3.82 71.93 -14.22
N TYR A 1101 4.14 72.17 -15.49
CA TYR A 1101 3.35 71.64 -16.60
C TYR A 1101 4.23 70.84 -17.53
N SER A 1102 3.59 69.99 -18.32
CA SER A 1102 4.25 69.16 -19.31
C SER A 1102 4.29 69.85 -20.66
N GLN A 1103 5.16 69.37 -21.53
CA GLN A 1103 5.31 69.93 -22.87
C GLN A 1103 4.42 69.17 -23.85
N THR A 1104 3.12 69.38 -23.69
CA THR A 1104 2.12 68.76 -24.53
C THR A 1104 1.02 69.78 -24.82
N GLU A 1105 0.34 69.59 -25.95
CA GLU A 1105 -0.69 70.54 -26.35
C GLU A 1105 -1.92 70.45 -25.45
N PRO A 1106 -2.38 69.27 -25.00
CA PRO A 1106 -3.21 69.28 -23.80
C PRO A 1106 -2.31 69.39 -22.59
N ARG A 1107 -1.99 70.62 -22.23
CA ARG A 1107 -0.98 70.90 -21.21
C ARG A 1107 -1.44 70.39 -19.85
N ILE A 1108 -0.68 69.43 -19.31
CA ILE A 1108 -1.07 68.70 -18.11
C ILE A 1108 -0.19 69.16 -16.96
N TYR A 1109 -0.83 69.52 -15.84
CA TYR A 1109 -0.16 70.17 -14.73
C TYR A 1109 0.15 69.19 -13.61
N TYR A 1110 1.19 69.51 -12.85
CA TYR A 1110 1.69 68.69 -11.76
C TYR A 1110 1.84 69.58 -10.54
N TRP A 1111 2.10 68.97 -9.40
CA TRP A 1111 2.46 69.74 -8.22
C TRP A 1111 3.46 68.97 -7.37
N ARG A 1112 4.34 69.70 -6.71
CA ARG A 1112 5.32 69.11 -5.80
C ARG A 1112 5.43 69.99 -4.58
N ASN A 1113 6.14 69.50 -3.57
CA ASN A 1113 6.18 70.14 -2.27
C ASN A 1113 7.61 70.12 -1.75
N VAL A 1114 8.08 71.28 -1.30
CA VAL A 1114 9.45 71.41 -0.82
C VAL A 1114 9.43 72.13 0.52
N ASP A 1115 10.11 71.55 1.51
CA ASP A 1115 10.10 72.04 2.88
C ASP A 1115 11.30 72.94 3.12
N HIS A 1116 11.08 74.04 3.84
CA HIS A 1116 12.15 74.96 4.20
C HIS A 1116 12.73 74.68 5.57
N GLN A 1117 12.20 73.70 6.30
CA GLN A 1117 12.82 73.34 7.56
C GLN A 1117 14.09 72.54 7.33
N LYS A 1118 14.24 71.95 6.15
CA LYS A 1118 15.37 71.07 5.90
C LYS A 1118 16.60 71.83 5.43
N CYS A 1119 16.42 72.98 4.76
CA CYS A 1119 17.58 73.74 4.31
C CYS A 1119 18.24 74.40 5.51
N GLN A 1120 19.33 73.79 5.98
CA GLN A 1120 19.98 74.26 7.21
C GLN A 1120 20.69 75.59 7.00
N HIS A 1121 21.15 75.87 5.78
CA HIS A 1121 21.71 77.19 5.49
C HIS A 1121 21.46 77.46 4.02
N GLY A 1122 20.30 78.05 3.71
CA GLY A 1122 20.01 78.55 2.38
C GLY A 1122 19.76 77.54 1.27
N GLN A 1123 20.30 76.33 1.41
CA GLN A 1123 20.34 75.35 0.33
C GLN A 1123 19.59 74.10 0.77
N PHE A 1124 18.65 73.67 -0.06
CA PHE A 1124 17.81 72.53 0.28
C PHE A 1124 18.57 71.24 0.08
N ALA A 1125 18.33 70.29 0.99
CA ALA A 1125 18.77 68.92 0.76
C ALA A 1125 17.79 68.24 -0.18
N ALA A 1126 18.20 67.08 -0.68
CA ALA A 1126 17.29 66.28 -1.51
C ALA A 1126 16.20 65.61 -0.68
N ASN A 1127 16.34 65.59 0.64
CA ASN A 1127 15.27 65.15 1.51
C ASN A 1127 14.08 66.10 1.49
N ALA A 1128 14.30 67.39 1.24
CA ALA A 1128 13.22 68.37 1.31
C ALA A 1128 12.29 68.28 0.12
N TRP A 1129 12.80 67.86 -1.03
CA TRP A 1129 12.01 67.83 -2.24
C TRP A 1129 11.08 66.64 -2.26
N GLY A 1130 9.81 66.88 -2.52
CA GLY A 1130 8.86 65.82 -2.71
C GLY A 1130 8.71 65.43 -4.15
N GLU A 1131 7.99 64.35 -4.39
CA GLU A 1131 7.77 63.85 -5.74
C GLU A 1131 6.76 64.76 -6.45
N TRP A 1132 6.92 64.88 -7.77
CA TRP A 1132 5.88 65.47 -8.59
C TRP A 1132 4.63 64.61 -8.55
N LYS A 1133 3.49 65.24 -8.37
CA LYS A 1133 2.22 64.52 -8.34
C LYS A 1133 1.29 65.13 -9.36
N LYS A 1134 0.88 64.31 -10.33
CA LYS A 1134 0.04 64.79 -11.42
C LYS A 1134 -1.37 65.06 -10.93
N ILE A 1135 -1.88 66.24 -11.21
CA ILE A 1135 -3.26 66.55 -10.90
C ILE A 1135 -4.12 66.03 -12.04
N GLU A 1136 -5.33 65.59 -11.71
CA GLU A 1136 -6.11 64.83 -12.67
C GLU A 1136 -7.22 65.66 -13.29
N ILE A 1137 -7.58 66.78 -12.68
CA ILE A 1137 -8.60 67.65 -13.25
C ILE A 1137 -7.99 68.41 -14.43
N PRO A 1138 -8.57 68.33 -15.63
CA PRO A 1138 -7.99 69.02 -16.78
C PRO A 1138 -8.24 70.52 -16.71
N ILE A 1139 -7.18 71.29 -16.93
CA ILE A 1139 -7.17 72.73 -16.68
C ILE A 1139 -6.77 73.44 -17.94
N ASN A 1140 -7.57 74.41 -18.36
CA ASN A 1140 -7.29 75.23 -19.54
C ASN A 1140 -7.19 76.69 -19.10
N VAL A 1141 -5.98 77.12 -18.76
CA VAL A 1141 -5.78 78.47 -18.23
C VAL A 1141 -5.82 79.47 -19.36
N TRP A 1142 -6.19 80.70 -19.04
CA TRP A 1142 -6.04 81.83 -19.95
C TRP A 1142 -4.83 82.64 -19.50
N GLN A 1143 -3.79 82.68 -20.33
CA GLN A 1143 -2.56 83.46 -20.11
C GLN A 1143 -1.85 83.08 -18.82
N GLU A 1144 -1.97 81.81 -18.43
CA GLU A 1144 -1.22 81.19 -17.33
C GLU A 1144 -1.45 81.88 -15.99
N ASN A 1145 -2.68 82.36 -15.76
CA ASN A 1145 -3.02 82.95 -14.47
C ASN A 1145 -3.58 81.85 -13.56
N ILE A 1146 -2.66 81.12 -12.95
CA ILE A 1146 -3.02 79.95 -12.14
C ILE A 1146 -2.11 79.93 -10.92
N ARG A 1147 -2.71 79.98 -9.73
CA ARG A 1147 -1.97 79.95 -8.47
C ARG A 1147 -2.54 78.87 -7.58
N PRO A 1148 -1.70 78.22 -6.76
CA PRO A 1148 -2.21 77.37 -5.70
C PRO A 1148 -2.37 78.16 -4.41
N VAL A 1149 -3.15 77.60 -3.49
CA VAL A 1149 -3.38 78.24 -2.21
C VAL A 1149 -3.65 77.18 -1.15
N ILE A 1150 -2.87 77.21 -0.09
CA ILE A 1150 -3.07 76.32 1.06
C ILE A 1150 -4.12 76.95 1.95
N TYR A 1151 -5.28 76.32 2.02
CA TYR A 1151 -6.39 76.84 2.80
C TYR A 1151 -6.87 75.75 3.75
N LYS A 1152 -6.81 76.04 5.05
CA LYS A 1152 -7.09 75.08 6.12
C LYS A 1152 -6.25 73.81 5.97
N SER A 1153 -4.97 74.01 5.64
CA SER A 1153 -3.99 72.95 5.37
C SER A 1153 -4.45 72.00 4.27
N ARG A 1154 -5.16 72.53 3.27
CA ARG A 1154 -5.64 71.74 2.16
C ARG A 1154 -5.31 72.47 0.88
N LEU A 1155 -4.77 71.73 -0.09
CA LEU A 1155 -4.26 72.35 -1.31
C LEU A 1155 -5.42 72.72 -2.21
N TYR A 1156 -5.73 74.01 -2.27
CA TYR A 1156 -6.70 74.53 -3.22
C TYR A 1156 -5.98 75.09 -4.43
N LEU A 1157 -6.66 75.05 -5.57
CA LEU A 1157 -6.07 75.42 -6.85
C LEU A 1157 -7.02 76.37 -7.56
N LEU A 1158 -6.48 77.49 -8.02
CA LEU A 1158 -7.28 78.54 -8.64
C LEU A 1158 -6.70 78.89 -10.01
N TRP A 1159 -7.59 79.09 -10.98
CA TRP A 1159 -7.19 79.58 -12.28
C TRP A 1159 -8.40 80.20 -12.97
N LEU A 1160 -8.14 80.80 -14.13
CA LEU A 1160 -9.18 81.41 -14.94
C LEU A 1160 -9.25 80.72 -16.28
N GLU A 1161 -10.47 80.64 -16.82
CA GLU A 1161 -10.68 80.17 -18.18
C GLU A 1161 -11.33 81.28 -18.98
N GLN A 1162 -11.05 81.32 -20.27
CA GLN A 1162 -11.72 82.27 -21.14
C GLN A 1162 -12.45 81.53 -22.25
N LYS A 1163 -13.51 82.16 -22.74
CA LYS A 1163 -14.33 81.62 -23.82
C LYS A 1163 -14.52 82.74 -24.83
N GLU A 1164 -13.59 82.86 -25.77
CA GLU A 1164 -13.69 83.91 -26.78
C GLU A 1164 -14.51 83.43 -27.95
N LEU A 1165 -15.57 84.16 -28.27
CA LEU A 1165 -16.43 83.85 -29.40
C LEU A 1165 -16.62 85.15 -30.17
N LYS A 1166 -15.85 85.32 -31.23
CA LYS A 1166 -15.90 86.53 -32.06
C LYS A 1166 -16.42 86.18 -33.45
N ASN A 1167 -17.40 86.96 -33.91
CA ASN A 1167 -17.94 86.76 -35.24
C ASN A 1167 -16.95 87.22 -36.30
N GLU A 1168 -16.26 88.33 -36.05
CA GLU A 1168 -15.27 88.94 -36.93
C GLU A 1168 -15.87 89.26 -38.30
N SER A 1169 -16.85 90.15 -38.26
CA SER A 1169 -17.51 90.65 -39.45
C SER A 1169 -18.13 92.00 -39.11
N GLU A 1170 -19.01 92.47 -39.99
CA GLU A 1170 -19.70 93.74 -39.79
C GLU A 1170 -21.20 93.55 -39.62
N ASP A 1171 -21.83 92.77 -40.48
CA ASP A 1171 -23.25 92.47 -40.37
C ASP A 1171 -23.45 91.47 -39.23
N GLY A 1172 -23.96 91.95 -38.11
CA GLY A 1172 -24.09 91.13 -36.93
C GLY A 1172 -22.75 90.80 -36.32
N LYS A 1173 -21.97 91.83 -36.02
CA LYS A 1173 -20.69 91.61 -35.36
C LYS A 1173 -20.92 91.22 -33.91
N ILE A 1174 -20.61 89.98 -33.59
CA ILE A 1174 -20.84 89.43 -32.26
C ILE A 1174 -19.49 89.16 -31.63
N ASP A 1175 -19.23 89.81 -30.50
CA ASP A 1175 -17.97 89.64 -29.77
C ASP A 1175 -18.34 89.32 -28.33
N ILE A 1176 -18.49 88.03 -28.03
CA ILE A 1176 -18.82 87.57 -26.69
C ILE A 1176 -17.61 86.83 -26.15
N THR A 1177 -16.99 87.42 -25.12
CA THR A 1177 -15.89 86.79 -24.40
C THR A 1177 -16.31 86.63 -22.95
N ASP A 1178 -16.02 85.48 -22.37
CA ASP A 1178 -16.44 85.17 -21.01
C ASP A 1178 -15.26 84.62 -20.22
N TYR A 1179 -14.93 85.30 -19.14
CA TYR A 1179 -13.86 84.89 -18.24
C TYR A 1179 -14.48 84.29 -16.99
N ILE A 1180 -14.00 83.13 -16.58
CA ILE A 1180 -14.62 82.34 -15.52
C ILE A 1180 -13.52 81.81 -14.60
N LEU A 1181 -13.68 82.04 -13.31
CA LEU A 1181 -12.75 81.56 -12.30
C LEU A 1181 -13.17 80.16 -11.84
N LYS A 1182 -12.20 79.25 -11.79
CA LYS A 1182 -12.46 77.88 -11.37
C LYS A 1182 -11.61 77.53 -10.15
N LEU A 1183 -12.19 76.75 -9.25
CA LEU A 1183 -11.56 76.41 -7.98
C LEU A 1183 -11.66 74.90 -7.76
N SER A 1184 -10.55 74.28 -7.42
CA SER A 1184 -10.53 72.85 -7.11
C SER A 1184 -9.55 72.60 -5.98
N HIS A 1185 -9.92 71.68 -5.10
CA HIS A 1185 -9.07 71.32 -3.98
C HIS A 1185 -8.86 69.82 -3.96
N ILE A 1186 -7.77 69.42 -3.38
CA ILE A 1186 -7.40 68.01 -3.33
C ILE A 1186 -8.15 67.36 -2.18
N ARG A 1187 -8.26 66.03 -2.23
CA ARG A 1187 -8.86 65.26 -1.16
C ARG A 1187 -7.77 64.49 -0.42
N TYR A 1188 -8.18 63.72 0.58
CA TYR A 1188 -7.20 62.95 1.34
C TYR A 1188 -6.65 61.77 0.55
N ASP A 1189 -7.43 61.22 -0.37
CA ASP A 1189 -6.99 60.08 -1.17
C ASP A 1189 -6.30 60.49 -2.46
N GLY A 1190 -5.87 61.75 -2.56
CA GLY A 1190 -5.18 62.19 -3.75
C GLY A 1190 -6.06 62.61 -4.90
N SER A 1191 -7.36 62.30 -4.86
CA SER A 1191 -8.25 62.73 -5.93
C SER A 1191 -8.52 64.21 -5.81
N TRP A 1192 -8.95 64.79 -6.93
CA TRP A 1192 -9.21 66.22 -7.00
C TRP A 1192 -10.70 66.48 -7.09
N SER A 1193 -11.15 67.58 -6.50
CA SER A 1193 -12.56 67.90 -6.47
C SER A 1193 -13.03 68.38 -7.84
N SER A 1194 -14.34 68.49 -7.96
CA SER A 1194 -14.91 69.10 -9.15
C SER A 1194 -14.63 70.60 -9.13
N PRO A 1195 -14.38 71.21 -10.29
CA PRO A 1195 -14.10 72.64 -10.30
C PRO A 1195 -15.35 73.46 -10.06
N PHE A 1196 -15.23 74.45 -9.18
CA PHE A 1196 -16.34 75.34 -8.85
C PHE A 1196 -16.24 76.59 -9.71
N ASN A 1197 -17.27 76.84 -10.50
CA ASN A 1197 -17.25 77.93 -11.45
C ASN A 1197 -17.68 79.24 -10.80
N PHE A 1198 -17.05 80.33 -11.23
CA PHE A 1198 -17.38 81.66 -10.76
C PHE A 1198 -17.27 82.62 -11.93
N ASN A 1199 -18.37 83.27 -12.27
CA ASN A 1199 -18.36 84.26 -13.35
C ASN A 1199 -17.66 85.51 -12.84
N VAL A 1200 -16.61 85.93 -13.54
CA VAL A 1200 -15.77 87.03 -13.06
C VAL A 1200 -15.50 87.97 -14.23
N THR A 1201 -16.23 87.76 -15.33
CA THR A 1201 -15.91 88.43 -16.57
C THR A 1201 -16.19 89.92 -16.54
N ASP A 1202 -17.05 90.39 -15.64
CA ASP A 1202 -17.29 91.82 -15.53
C ASP A 1202 -16.09 92.52 -14.92
N LYS A 1203 -15.53 91.95 -13.85
CA LYS A 1203 -14.34 92.51 -13.23
C LYS A 1203 -13.13 92.39 -14.14
N ILE A 1204 -13.04 91.28 -14.88
CA ILE A 1204 -11.91 91.12 -15.79
C ILE A 1204 -12.04 92.08 -16.98
N GLU A 1205 -13.26 92.36 -17.44
CA GLU A 1205 -13.41 93.35 -18.50
C GLU A 1205 -13.18 94.76 -17.98
N ASN A 1206 -13.47 95.01 -16.70
CA ASN A 1206 -13.08 96.28 -16.10
C ASN A 1206 -11.56 96.43 -16.07
N LEU A 1207 -10.84 95.38 -15.73
CA LEU A 1207 -9.39 95.44 -15.78
C LEU A 1207 -8.83 95.37 -17.19
N ILE A 1208 -9.64 95.01 -18.17
CA ILE A 1208 -9.11 94.82 -19.51
C ILE A 1208 -9.41 96.03 -20.40
N ASN A 1209 -10.48 96.79 -20.10
CA ASN A 1209 -10.73 98.02 -20.84
C ASN A 1209 -9.66 99.05 -20.57
N LYS A 1210 -9.18 99.14 -19.34
CA LYS A 1210 -7.90 99.77 -19.09
C LYS A 1210 -6.80 98.80 -19.50
N LYS A 1211 -6.19 99.07 -20.65
CA LYS A 1211 -5.38 98.08 -21.35
C LYS A 1211 -4.08 97.77 -20.63
N ALA A 1212 -4.06 96.67 -19.89
CA ALA A 1212 -2.87 96.27 -19.15
C ALA A 1212 -2.91 94.77 -18.94
N SER A 1213 -1.76 94.19 -18.62
CA SER A 1213 -1.67 92.79 -18.28
C SER A 1213 -2.32 92.55 -16.93
N ILE A 1214 -3.04 91.43 -16.82
CA ILE A 1214 -3.86 91.13 -15.65
C ILE A 1214 -3.06 90.22 -14.73
N GLY A 1215 -2.84 90.67 -13.51
CA GLY A 1215 -2.22 89.86 -12.48
C GLY A 1215 -3.23 89.11 -11.66
N MET A 1216 -2.73 88.32 -10.72
CA MET A 1216 -3.60 87.46 -9.92
C MET A 1216 -2.93 87.18 -8.59
N TYR A 1217 -3.53 87.66 -7.51
CA TYR A 1217 -3.08 87.37 -6.16
C TYR A 1217 -4.02 86.34 -5.55
N CYS A 1218 -3.46 85.26 -5.02
CA CYS A 1218 -4.26 84.22 -4.38
C CYS A 1218 -3.56 83.81 -3.10
N SER A 1219 -4.22 84.05 -1.96
CA SER A 1219 -3.66 83.67 -0.68
C SER A 1219 -4.79 83.38 0.30
N SER A 1220 -4.42 82.93 1.49
CA SER A 1220 -5.36 82.53 2.51
C SER A 1220 -5.13 83.35 3.76
N ASP A 1221 -6.12 84.14 4.14
CA ASP A 1221 -6.11 84.76 5.46
C ASP A 1221 -6.34 83.71 6.51
N TYR A 1222 -5.78 83.92 7.69
CA TYR A 1222 -6.02 83.02 8.80
C TYR A 1222 -6.81 83.64 9.94
N GLU A 1223 -6.78 84.97 10.09
CA GLU A 1223 -7.63 85.61 11.08
C GLU A 1223 -9.09 85.51 10.68
N LYS A 1224 -9.46 86.13 9.57
CA LYS A 1224 -10.65 85.72 8.88
C LYS A 1224 -10.33 84.45 8.09
N ASP A 1225 -11.32 83.59 7.95
CA ASP A 1225 -11.09 82.28 7.36
C ASP A 1225 -11.48 82.24 5.90
N VAL A 1226 -11.22 83.30 5.15
CA VAL A 1226 -11.53 83.36 3.74
C VAL A 1226 -10.23 83.33 2.95
N ILE A 1227 -10.36 83.21 1.62
CA ILE A 1227 -9.23 83.35 0.74
C ILE A 1227 -9.41 84.62 -0.08
N ILE A 1228 -8.31 85.33 -0.29
CA ILE A 1228 -8.32 86.62 -0.96
C ILE A 1228 -7.88 86.42 -2.39
N VAL A 1229 -8.74 86.77 -3.34
CA VAL A 1229 -8.39 86.81 -4.74
C VAL A 1229 -8.70 88.19 -5.26
N TYR A 1230 -7.68 88.96 -5.60
CA TYR A 1230 -7.88 90.15 -6.38
C TYR A 1230 -6.96 90.11 -7.59
N PHE A 1231 -7.50 90.57 -8.71
CA PHE A 1231 -6.72 90.72 -9.92
C PHE A 1231 -6.29 92.16 -10.01
N HIS A 1232 -5.06 92.37 -10.45
CA HIS A 1232 -4.51 93.71 -10.56
C HIS A 1232 -3.94 93.87 -11.97
N GLU A 1233 -3.79 95.13 -12.36
CA GLU A 1233 -3.00 95.40 -13.55
C GLU A 1233 -1.53 95.21 -13.21
N LYS A 1234 -0.72 95.03 -14.25
CA LYS A 1234 0.70 94.79 -14.05
C LYS A 1234 1.46 96.07 -14.39
N LYS A 1235 2.06 96.68 -13.37
CA LYS A 1235 3.02 97.75 -13.57
C LYS A 1235 4.42 97.17 -13.57
N ASP A 1236 5.39 98.00 -13.92
CA ASP A 1236 6.78 97.62 -13.73
C ASP A 1236 7.26 97.91 -12.33
N ASN A 1237 6.51 98.73 -11.59
CA ASN A 1237 6.81 98.98 -10.19
C ASN A 1237 5.53 99.42 -9.49
N TYR A 1238 5.30 98.86 -8.32
CA TYR A 1238 4.20 99.26 -7.46
C TYR A 1238 4.78 100.03 -6.30
N SER A 1239 4.43 101.31 -6.21
CA SER A 1239 5.15 102.25 -5.36
C SER A 1239 4.39 102.61 -4.10
N PHE A 1240 3.46 101.75 -3.65
CA PHE A 1240 2.78 101.78 -2.35
C PHE A 1240 1.79 102.95 -2.20
N ASN A 1241 1.79 103.88 -3.15
CA ASN A 1241 0.87 105.00 -3.14
C ASN A 1241 0.20 105.20 -4.47
N SER A 1242 0.83 104.71 -5.54
CA SER A 1242 0.20 104.59 -6.85
C SER A 1242 -0.32 103.16 -6.95
N LEU A 1243 -1.51 102.93 -6.41
CA LEU A 1243 -2.08 101.60 -6.42
C LEU A 1243 -2.51 101.21 -7.83
N PRO A 1244 -2.27 99.96 -8.22
CA PRO A 1244 -2.73 99.50 -9.53
C PRO A 1244 -4.24 99.33 -9.54
N ALA A 1245 -4.79 99.31 -10.75
CA ALA A 1245 -6.22 99.07 -10.91
C ALA A 1245 -6.53 97.64 -10.49
N ARG A 1246 -7.51 97.49 -9.61
CA ARG A 1246 -7.71 96.23 -8.91
C ARG A 1246 -9.16 95.84 -8.96
N GLU A 1247 -9.42 94.54 -8.81
CA GLU A 1247 -10.77 94.01 -8.74
C GLU A 1247 -10.81 92.94 -7.68
N GLY A 1248 -11.51 93.22 -6.59
CA GLY A 1248 -11.44 92.40 -5.40
C GLY A 1248 -12.55 91.36 -5.36
N MET A 1249 -12.30 90.32 -4.59
CA MET A 1249 -13.16 89.14 -4.50
C MET A 1249 -12.67 88.32 -3.32
N THR A 1250 -13.57 87.54 -2.73
CA THR A 1250 -13.19 86.66 -1.63
C THR A 1250 -14.14 85.47 -1.58
N ILE A 1251 -13.60 84.32 -1.20
CA ILE A 1251 -14.36 83.08 -1.15
C ILE A 1251 -14.41 82.59 0.29
N ASN A 1252 -15.58 82.13 0.72
CA ASN A 1252 -15.81 81.62 2.05
C ASN A 1252 -15.14 80.26 2.24
N PRO A 1253 -15.17 79.68 3.45
CA PRO A 1253 -14.83 78.25 3.57
C PRO A 1253 -15.71 77.35 2.74
N ASP A 1254 -17.02 77.55 2.78
CA ASP A 1254 -17.87 76.98 1.75
C ASP A 1254 -17.58 77.68 0.44
N MET A 1255 -17.81 77.00 -0.69
CA MET A 1255 -17.46 77.55 -1.99
C MET A 1255 -18.40 78.66 -2.46
N THR A 1256 -19.31 79.16 -1.63
CA THR A 1256 -20.01 80.39 -1.91
C THR A 1256 -19.02 81.56 -1.92
N LEU A 1257 -19.28 82.50 -2.80
CA LEU A 1257 -18.41 83.65 -2.99
C LEU A 1257 -18.93 84.84 -2.20
N SER A 1258 -18.01 85.62 -1.65
CA SER A 1258 -18.33 86.80 -0.86
C SER A 1258 -17.87 88.04 -1.60
N ILE A 1259 -18.54 89.17 -1.36
CA ILE A 1259 -18.13 90.40 -2.00
C ILE A 1259 -17.00 91.03 -1.20
N LEU A 1260 -16.25 91.93 -1.85
CA LEU A 1260 -15.14 92.62 -1.21
C LEU A 1260 -15.27 94.10 -1.51
N THR A 1261 -15.47 94.90 -0.47
CA THR A 1261 -15.59 96.35 -0.65
C THR A 1261 -14.24 96.94 -1.02
N GLU A 1262 -14.29 98.17 -1.56
CA GLU A 1262 -13.08 98.79 -2.06
C GLU A 1262 -12.15 99.26 -0.93
N ASN A 1263 -12.69 99.56 0.25
CA ASN A 1263 -11.83 99.99 1.35
C ASN A 1263 -11.04 98.82 1.89
N ASP A 1264 -11.69 97.67 2.10
CA ASP A 1264 -10.98 96.46 2.50
C ASP A 1264 -10.04 95.99 1.39
N LEU A 1265 -10.42 96.22 0.14
CA LEU A 1265 -9.54 95.87 -0.98
C LEU A 1265 -8.29 96.73 -0.99
N ASP A 1266 -8.42 98.02 -0.72
CA ASP A 1266 -7.25 98.89 -0.66
C ASP A 1266 -6.38 98.55 0.55
N ALA A 1267 -6.99 98.17 1.66
CA ALA A 1267 -6.22 97.70 2.81
C ALA A 1267 -5.44 96.43 2.49
N ILE A 1268 -6.07 95.50 1.75
CA ILE A 1268 -5.38 94.28 1.34
C ILE A 1268 -4.23 94.57 0.38
N VAL A 1269 -4.45 95.41 -0.62
CA VAL A 1269 -3.40 95.75 -1.58
C VAL A 1269 -2.25 96.49 -0.90
N LYS A 1270 -2.56 97.41 0.03
CA LYS A 1270 -1.52 98.06 0.81
C LYS A 1270 -0.79 97.07 1.70
N SER A 1271 -1.47 96.01 2.13
CA SER A 1271 -0.80 95.00 2.95
C SER A 1271 0.19 94.14 2.17
N THR A 1272 -0.14 93.74 0.94
CA THR A 1272 0.73 92.82 0.22
C THR A 1272 0.97 93.26 -1.22
N LEU A 1273 1.28 94.53 -1.44
CA LEU A 1273 1.79 94.96 -2.73
C LEU A 1273 3.13 94.31 -3.07
N SER A 1274 3.93 93.97 -2.05
CA SER A 1274 5.27 93.46 -2.29
C SER A 1274 5.28 92.07 -2.91
N GLU A 1275 4.24 91.27 -2.69
CA GLU A 1275 4.17 89.93 -3.25
C GLU A 1275 3.50 89.89 -4.61
N LEU A 1276 3.33 91.04 -5.25
CA LEU A 1276 2.63 91.09 -6.53
C LEU A 1276 3.62 90.96 -7.68
N ASP A 1277 3.23 90.21 -8.69
CA ASP A 1277 4.06 89.95 -9.85
C ASP A 1277 4.09 91.19 -10.74
N THR A 1278 5.29 91.62 -11.12
CA THR A 1278 5.43 92.75 -12.04
C THR A 1278 5.36 92.26 -13.48
N ARG A 1279 5.66 93.14 -14.43
CA ARG A 1279 5.62 92.75 -15.83
C ARG A 1279 6.83 91.94 -16.25
N THR A 1280 7.87 91.88 -15.42
CA THR A 1280 9.13 91.27 -15.80
C THR A 1280 9.57 90.13 -14.91
N GLU A 1281 9.05 90.02 -13.69
CA GLU A 1281 9.53 89.03 -12.74
C GLU A 1281 8.35 88.44 -11.99
N TYR A 1282 8.30 87.11 -11.94
CA TYR A 1282 7.21 86.39 -11.31
C TYR A 1282 7.49 86.21 -9.83
N LYS A 1283 6.48 86.46 -9.01
CA LYS A 1283 6.59 86.31 -7.57
C LYS A 1283 5.86 85.06 -7.12
N VAL A 1284 5.99 84.76 -5.83
CA VAL A 1284 5.29 83.66 -5.19
C VAL A 1284 4.57 84.24 -3.98
N ASN A 1285 3.25 84.09 -3.96
CA ASN A 1285 2.46 84.65 -2.87
C ASN A 1285 2.67 83.85 -1.59
N ASN A 1286 2.91 84.57 -0.51
CA ASN A 1286 3.00 83.95 0.80
C ASN A 1286 1.61 83.89 1.42
N GLN A 1287 1.57 83.48 2.68
CA GLN A 1287 0.33 83.57 3.44
C GLN A 1287 0.02 85.03 3.71
N PHE A 1288 -1.24 85.41 3.52
CA PHE A 1288 -1.62 86.80 3.74
C PHE A 1288 -1.71 87.09 5.22
N ALA A 1289 -1.10 88.20 5.62
CA ALA A 1289 -1.21 88.69 6.99
C ALA A 1289 -1.05 90.20 6.96
N THR A 1290 -1.93 90.89 7.66
CA THR A 1290 -1.92 92.35 7.63
C THR A 1290 -0.71 92.92 8.36
N ASP A 1291 -0.70 92.83 9.68
CA ASP A 1291 0.44 93.28 10.46
C ASP A 1291 1.06 92.17 11.29
N TYR A 1292 0.27 91.39 12.01
CA TYR A 1292 0.79 90.35 12.89
C TYR A 1292 -0.06 89.10 12.77
N LEU A 1293 0.33 88.09 13.54
CA LEU A 1293 -0.45 86.88 13.70
C LEU A 1293 -0.29 86.36 15.13
N ALA A 1294 -1.41 86.19 15.81
CA ALA A 1294 -1.43 85.73 17.19
C ALA A 1294 -1.66 84.23 17.22
N GLU A 1295 -0.62 83.49 17.55
CA GLU A 1295 -0.69 82.04 17.65
C GLU A 1295 -0.92 81.68 19.12
N TYR A 1296 -2.14 81.24 19.44
CA TYR A 1296 -2.49 80.97 20.83
C TYR A 1296 -3.69 80.04 20.87
N LYS A 1297 -3.89 79.43 22.03
CA LYS A 1297 -5.05 78.60 22.31
C LYS A 1297 -5.92 79.31 23.32
N GLU A 1298 -7.22 78.99 23.31
CA GLU A 1298 -8.15 79.68 24.19
C GLU A 1298 -8.13 79.08 25.59
N SER A 1299 -8.57 77.84 25.74
CA SER A 1299 -8.76 77.23 27.05
C SER A 1299 -7.77 76.10 27.26
N ILE A 1300 -7.12 76.09 28.42
CA ILE A 1300 -6.14 75.08 28.76
C ILE A 1300 -6.50 74.51 30.12
N THR A 1301 -6.74 73.21 30.17
CA THR A 1301 -7.15 72.52 31.39
C THR A 1301 -5.94 72.05 32.19
N THR A 1302 -6.16 71.80 33.46
CA THR A 1302 -5.15 71.21 34.33
C THR A 1302 -5.62 69.97 35.05
N LYS A 1303 -6.86 69.98 35.55
CA LYS A 1303 -7.52 68.86 36.25
C LYS A 1303 -6.69 68.37 37.43
N ASN A 1304 -6.58 69.24 38.43
CA ASN A 1304 -6.14 68.80 39.74
C ASN A 1304 -7.18 67.87 40.35
N LYS A 1305 -6.73 66.95 41.20
CA LYS A 1305 -7.63 66.02 41.86
C LYS A 1305 -8.57 66.70 42.85
N LEU A 1306 -8.27 67.91 43.28
CA LEU A 1306 -9.27 68.73 43.96
C LEU A 1306 -10.34 69.20 42.97
N ALA A 1307 -9.92 69.89 41.92
CA ALA A 1307 -10.84 70.52 40.98
C ALA A 1307 -10.10 70.85 39.70
N SER A 1308 -10.78 70.69 38.57
CA SER A 1308 -10.26 71.18 37.32
C SER A 1308 -10.37 72.70 37.29
N PHE A 1309 -9.47 73.35 36.56
CA PHE A 1309 -9.43 74.81 36.61
C PHE A 1309 -9.77 75.46 35.28
N THR A 1310 -9.05 75.09 34.20
CA THR A 1310 -9.35 75.50 32.82
C THR A 1310 -9.38 77.02 32.64
N GLY A 1311 -8.28 77.68 32.96
CA GLY A 1311 -8.19 79.11 32.73
C GLY A 1311 -8.06 79.43 31.26
N ASN A 1312 -8.65 80.55 30.85
CA ASN A 1312 -8.72 80.81 29.41
C ASN A 1312 -8.64 82.30 29.10
N ILE A 1313 -8.36 82.58 27.84
CA ILE A 1313 -8.32 83.92 27.29
C ILE A 1313 -9.41 84.02 26.24
N PHE A 1314 -10.33 84.96 26.42
CA PHE A 1314 -11.59 84.92 25.67
C PHE A 1314 -11.54 85.70 24.37
N ASP A 1315 -11.34 87.02 24.44
CA ASP A 1315 -11.52 87.88 23.28
C ASP A 1315 -10.22 88.60 22.97
N LEU A 1316 -9.33 87.94 22.23
CA LEU A 1316 -8.05 88.50 21.89
C LEU A 1316 -8.21 89.48 20.73
N SER A 1317 -7.59 90.64 20.85
CA SER A 1317 -7.60 91.63 19.80
C SER A 1317 -6.32 92.44 19.87
N TYR A 1318 -5.74 92.71 18.71
CA TYR A 1318 -4.48 93.44 18.66
C TYR A 1318 -4.51 94.40 17.47
N ILE A 1319 -4.07 95.63 17.73
CA ILE A 1319 -4.01 96.67 16.71
C ILE A 1319 -2.59 97.18 16.66
N SER A 1320 -1.99 97.17 15.47
CA SER A 1320 -0.65 97.69 15.30
C SER A 1320 -0.71 99.19 15.11
N PRO A 1321 -0.23 99.99 16.07
CA PRO A 1321 -0.31 101.45 15.90
C PRO A 1321 0.70 102.00 14.90
N GLY A 1322 1.83 101.33 14.72
CA GLY A 1322 2.85 101.78 13.78
C GLY A 1322 3.52 100.61 13.15
N ASN A 1323 4.84 100.69 13.01
CA ASN A 1323 5.57 99.63 12.33
C ASN A 1323 5.81 98.44 13.24
N GLY A 1324 6.56 98.64 14.31
CA GLY A 1324 7.02 97.51 15.10
C GLY A 1324 6.30 97.32 16.41
N HIS A 1325 5.17 97.99 16.61
CA HIS A 1325 4.48 97.97 17.88
C HIS A 1325 3.15 97.22 17.78
N ILE A 1326 2.52 97.03 18.93
CA ILE A 1326 1.26 96.30 19.00
C ILE A 1326 0.48 96.85 20.20
N ASN A 1327 -0.84 96.68 20.16
CA ASN A 1327 -1.72 97.06 21.26
C ASN A 1327 -2.62 95.86 21.53
N LEU A 1328 -2.18 94.97 22.39
CA LEU A 1328 -2.95 93.78 22.70
C LEU A 1328 -4.12 94.12 23.61
N THR A 1329 -5.17 93.30 23.51
CA THR A 1329 -6.36 93.48 24.33
C THR A 1329 -7.08 92.16 24.42
N PHE A 1330 -7.29 91.67 25.64
CA PHE A 1330 -8.04 90.43 25.85
C PHE A 1330 -8.64 90.43 27.25
N ASN A 1331 -9.56 89.49 27.47
CA ASN A 1331 -10.30 89.37 28.72
C ASN A 1331 -10.04 87.99 29.30
N PRO A 1332 -9.05 87.85 30.17
CA PRO A 1332 -8.74 86.55 30.75
C PRO A 1332 -9.75 86.15 31.81
N SER A 1333 -9.82 84.85 32.06
CA SER A 1333 -10.76 84.31 33.04
C SER A 1333 -10.25 82.99 33.56
N MET A 1334 -10.81 82.58 34.69
CA MET A 1334 -10.53 81.27 35.28
C MET A 1334 -11.86 80.64 35.65
N GLU A 1335 -11.97 79.32 35.43
CA GLU A 1335 -13.26 78.63 35.42
C GLU A 1335 -13.22 77.45 36.39
N ILE A 1336 -12.83 77.73 37.64
CA ILE A 1336 -12.66 76.70 38.66
C ILE A 1336 -13.98 75.98 38.92
N ASN A 1337 -14.02 74.70 38.58
CA ASN A 1337 -15.23 73.90 38.71
C ASN A 1337 -14.91 72.59 39.41
N PHE A 1338 -15.90 72.04 40.10
CA PHE A 1338 -15.71 70.82 40.88
C PHE A 1338 -16.45 69.65 40.25
N ASP A 1500 -8.66 86.87 46.24
CA ASP A 1500 -8.02 86.78 47.53
C ASP A 1500 -6.52 86.94 47.37
N LYS A 1501 -5.78 86.34 48.30
CA LYS A 1501 -4.39 85.97 48.04
C LYS A 1501 -4.29 84.66 47.28
N ASN A 1502 -5.44 84.10 46.92
CA ASN A 1502 -5.63 83.01 45.96
C ASN A 1502 -5.52 83.55 44.55
N ILE A 1503 -6.13 82.83 43.59
CA ILE A 1503 -5.82 82.75 42.17
C ILE A 1503 -5.44 84.07 41.50
N SER A 1504 -4.38 84.02 40.69
CA SER A 1504 -3.80 85.23 40.13
C SER A 1504 -3.47 85.01 38.68
N PHE A 1505 -3.72 86.04 37.88
CA PHE A 1505 -3.34 86.07 36.47
C PHE A 1505 -1.97 86.72 36.35
N LEU A 1506 -1.20 86.24 35.38
CA LEU A 1506 0.13 86.82 35.14
C LEU A 1506 0.43 86.74 33.65
N LEU A 1507 0.57 87.88 33.01
CA LEU A 1507 1.01 87.96 31.63
C LEU A 1507 2.45 88.44 31.60
N LYS A 1508 3.33 87.61 31.08
CA LYS A 1508 4.76 87.91 31.08
C LYS A 1508 5.34 87.84 29.68
N ASN A 1509 6.46 88.52 29.50
CA ASN A 1509 7.35 88.31 28.38
C ASN A 1509 8.34 87.20 28.77
N GLY A 1510 9.43 87.05 28.02
CA GLY A 1510 10.45 86.08 28.38
C GLY A 1510 11.09 86.38 29.73
N SER A 1511 11.24 87.66 30.05
CA SER A 1511 11.69 88.06 31.38
C SER A 1511 10.91 89.22 31.97
N ASP A 1512 10.14 89.97 31.19
CA ASP A 1512 9.46 91.15 31.68
C ASP A 1512 8.05 90.77 32.14
N ILE A 1513 7.73 91.15 33.37
CA ILE A 1513 6.38 91.02 33.89
C ILE A 1513 5.57 92.20 33.38
N LEU A 1514 4.68 91.94 32.42
CA LEU A 1514 3.93 93.03 31.80
C LEU A 1514 2.63 93.34 32.54
N VAL A 1515 1.80 92.34 32.76
CA VAL A 1515 0.50 92.53 33.40
C VAL A 1515 0.38 91.51 34.52
N GLU A 1516 0.16 91.99 35.75
CA GLU A 1516 0.03 91.14 36.92
C GLU A 1516 -1.32 91.43 37.57
N LEU A 1517 -2.15 90.39 37.70
CA LEU A 1517 -3.51 90.56 38.21
C LEU A 1517 -3.74 89.64 39.39
N ASN A 1518 -4.74 89.99 40.20
CA ASN A 1518 -5.16 89.21 41.36
C ASN A 1518 -6.65 88.95 41.30
N ALA A 1519 -7.14 88.18 42.27
CA ALA A 1519 -8.55 87.87 42.33
C ALA A 1519 -9.33 88.86 43.19
N GLU A 1520 -8.75 89.25 44.32
CA GLU A 1520 -9.41 90.25 45.17
C GLU A 1520 -9.37 91.63 44.51
N ASP A 1521 -8.26 91.96 43.88
CA ASP A 1521 -8.12 93.23 43.20
C ASP A 1521 -8.50 93.09 41.73
N HIS A 1522 -9.17 94.15 41.22
CA HIS A 1522 -9.67 94.31 39.84
C HIS A 1522 -10.24 93.03 39.23
N VAL A 1523 -11.22 92.44 39.92
CA VAL A 1523 -12.08 91.42 39.35
C VAL A 1523 -13.52 91.87 39.56
N ALA A 1524 -14.20 92.19 38.47
CA ALA A 1524 -15.58 92.64 38.55
C ALA A 1524 -16.50 91.46 38.78
N SER A 1525 -17.38 91.60 39.78
CA SER A 1525 -18.40 90.61 40.14
C SER A 1525 -17.77 89.27 40.50
N LYS A 1526 -17.14 89.24 41.68
CA LYS A 1526 -16.54 88.02 42.21
C LYS A 1526 -17.60 86.93 42.36
N PRO A 1527 -17.36 85.73 41.84
CA PRO A 1527 -18.42 84.73 41.76
C PRO A 1527 -18.77 84.13 43.12
N SER A 1528 -20.01 83.70 43.24
CA SER A 1528 -20.50 83.09 44.46
C SER A 1528 -20.12 81.61 44.49
N HIS A 1529 -20.11 81.05 45.70
CA HIS A 1529 -19.83 79.64 45.87
C HIS A 1529 -21.00 78.75 45.48
N GLU A 1530 -22.19 79.34 45.27
CA GLU A 1530 -23.34 78.55 44.83
C GLU A 1530 -23.21 78.10 43.39
N SER A 1531 -22.37 78.75 42.59
CA SER A 1531 -22.09 78.26 41.25
C SER A 1531 -21.05 77.14 41.32
N ASP A 1532 -21.29 76.07 40.57
CA ASP A 1532 -20.34 74.97 40.61
C ASP A 1532 -19.10 75.28 39.76
N PRO A 1533 -19.21 75.89 38.54
CA PRO A 1533 -18.01 76.55 38.01
C PRO A 1533 -17.92 77.98 38.48
N MET A 1534 -16.75 78.40 38.94
CA MET A 1534 -16.55 79.76 39.43
C MET A 1534 -15.78 80.52 38.36
N VAL A 1535 -16.51 81.31 37.57
CA VAL A 1535 -15.94 82.11 36.50
C VAL A 1535 -15.62 83.48 37.05
N TYR A 1536 -14.44 84.00 36.73
CA TYR A 1536 -13.94 85.20 37.39
C TYR A 1536 -13.99 86.45 36.54
N ASP A 1537 -13.45 86.41 35.31
CA ASP A 1537 -13.53 87.50 34.33
C ASP A 1537 -12.92 88.80 34.88
N PHE A 1538 -11.57 88.78 34.97
CA PHE A 1538 -10.77 89.77 35.69
C PHE A 1538 -11.08 91.22 35.29
N ASN A 1539 -10.69 91.59 34.08
CA ASN A 1539 -11.00 92.87 33.43
C ASN A 1539 -10.46 92.77 32.01
N GLN A 1540 -10.54 93.88 31.28
CA GLN A 1540 -9.92 93.96 29.97
C GLN A 1540 -8.45 94.34 30.13
N VAL A 1541 -7.57 93.47 29.66
CA VAL A 1541 -6.13 93.64 29.84
C VAL A 1541 -5.59 94.35 28.61
N LYS A 1542 -5.03 95.53 28.79
CA LYS A 1542 -4.39 96.28 27.72
C LYS A 1542 -2.89 96.37 27.96
N VAL A 1543 -2.12 96.27 26.89
CA VAL A 1543 -0.67 96.38 26.96
C VAL A 1543 -0.18 96.86 25.61
N ASP A 1544 1.03 97.41 25.59
CA ASP A 1544 1.66 97.89 24.37
C ASP A 1544 3.08 97.38 24.33
N ILE A 1545 3.35 96.46 23.40
CA ILE A 1545 4.66 95.86 23.24
C ILE A 1545 5.20 96.26 21.89
N GLU A 1546 6.53 96.28 21.76
CA GLU A 1546 7.17 96.48 20.48
C GLU A 1546 8.06 95.29 20.15
N GLY A 1547 8.36 95.13 18.87
CA GLY A 1547 9.15 94.03 18.37
C GLY A 1547 8.40 93.24 17.33
N TYR A 1548 9.09 92.29 16.73
CA TYR A 1548 8.55 91.49 15.65
C TYR A 1548 8.14 90.10 16.06
N ASP A 1549 8.80 89.51 17.06
CA ASP A 1549 8.39 88.22 17.63
C ASP A 1549 8.17 88.42 19.12
N ILE A 1550 6.93 88.25 19.56
CA ILE A 1550 6.57 88.48 20.96
C ILE A 1550 6.04 87.19 21.56
N PRO A 1551 6.88 86.28 22.02
CA PRO A 1551 6.35 85.05 22.63
C PRO A 1551 5.89 85.27 24.07
N LEU A 1552 4.69 85.84 24.19
CA LEU A 1552 4.11 86.11 25.50
C LEU A 1552 3.66 84.84 26.18
N VAL A 1553 3.62 84.88 27.51
CA VAL A 1553 3.21 83.75 28.33
C VAL A 1553 2.16 84.27 29.31
N SER A 1554 0.96 83.73 29.25
CA SER A 1554 -0.08 84.03 30.23
C SER A 1554 -0.10 82.93 31.29
N GLU A 1555 0.04 83.32 32.54
CA GLU A 1555 0.12 82.39 33.65
C GLU A 1555 -1.05 82.62 34.60
N PHE A 1556 -1.63 81.53 35.07
CA PHE A 1556 -2.76 81.56 36.00
C PHE A 1556 -2.32 80.84 37.27
N ILE A 1557 -1.81 81.61 38.23
CA ILE A 1557 -1.19 81.03 39.42
C ILE A 1557 -2.21 80.97 40.55
N ILE A 1558 -2.20 79.87 41.29
CA ILE A 1558 -3.20 79.60 42.32
C ILE A 1558 -2.61 79.58 43.72
N LYS A 1559 -1.32 79.27 43.85
CA LYS A 1559 -0.69 78.53 44.96
C LYS A 1559 -1.19 78.89 46.35
N GLN A 1560 -1.46 77.83 47.14
CA GLN A 1560 -1.90 77.88 48.54
C GLN A 1560 -3.17 78.71 48.75
N ASP A 1567 0.24 75.15 44.75
CA ASP A 1567 1.32 75.24 43.78
C ASP A 1567 0.82 74.86 42.40
N ILE A 1568 -0.26 75.49 41.95
CA ILE A 1568 -0.94 75.14 40.71
C ILE A 1568 -0.83 76.31 39.76
N VAL A 1569 -0.14 76.10 38.63
CA VAL A 1569 0.09 77.14 37.63
C VAL A 1569 -0.47 76.65 36.31
N ILE A 1570 -1.24 77.51 35.64
CA ILE A 1570 -1.74 77.24 34.30
C ILE A 1570 -0.99 78.14 33.33
N GLU A 1571 -0.07 77.56 32.57
CA GLU A 1571 0.72 78.30 31.59
C GLU A 1571 -0.04 78.32 30.28
N SER A 1572 -0.11 79.50 29.64
CA SER A 1572 -0.78 79.65 28.36
C SER A 1572 0.04 80.58 27.47
N PRO A 1573 0.73 80.03 26.49
CA PRO A 1573 1.62 80.87 25.67
C PRO A 1573 0.86 81.58 24.55
N ILE A 1574 1.33 82.78 24.22
CA ILE A 1574 0.82 83.55 23.10
C ILE A 1574 2.02 83.98 22.27
N HIS A 1575 2.08 83.56 21.02
CA HIS A 1575 3.16 83.94 20.14
C HIS A 1575 2.63 84.89 19.08
N ILE A 1576 3.18 86.09 19.03
CA ILE A 1576 2.77 87.11 18.08
C ILE A 1576 3.95 87.34 17.14
N LYS A 1577 3.72 87.23 15.85
CA LYS A 1577 4.77 87.29 14.85
C LYS A 1577 4.43 88.31 13.77
N LEU A 1578 5.34 89.24 13.55
CA LEU A 1578 5.16 90.28 12.54
C LEU A 1578 5.45 89.72 11.15
N LYS A 1579 4.67 90.17 10.18
CA LYS A 1579 4.92 89.87 8.78
C LYS A 1579 5.97 90.85 8.26
N SER A 1580 7.18 90.34 8.02
CA SER A 1580 8.25 91.19 7.50
C SER A 1580 7.98 91.51 6.04
N LYS A 1581 8.00 92.79 5.70
CA LYS A 1581 7.68 93.25 4.36
C LYS A 1581 8.92 93.50 3.52
N ASP A 1582 10.00 92.78 3.75
CA ASP A 1582 11.19 92.92 2.93
C ASP A 1582 10.99 92.25 1.58
N THR A 1583 11.83 92.63 0.62
CA THR A 1583 11.88 91.88 -0.63
C THR A 1583 12.54 90.52 -0.47
N SER A 1584 13.35 90.34 0.57
CA SER A 1584 13.92 89.04 0.87
C SER A 1584 12.89 88.07 1.39
N ASN A 1585 11.74 88.55 1.86
CA ASN A 1585 10.67 87.70 2.34
C ASN A 1585 9.71 87.29 1.22
N VAL A 1586 10.16 87.39 -0.03
CA VAL A 1586 9.35 87.00 -1.18
C VAL A 1586 10.18 86.06 -2.03
N ILE A 1587 9.68 84.86 -2.24
CA ILE A 1587 10.34 83.87 -3.10
C ILE A 1587 10.16 84.30 -4.54
N SER A 1588 11.27 84.51 -5.24
CA SER A 1588 11.25 84.87 -6.64
C SER A 1588 11.72 83.70 -7.48
N LEU A 1589 10.97 83.37 -8.52
CA LEU A 1589 11.37 82.35 -9.47
C LEU A 1589 11.56 83.00 -10.83
N HIS A 1590 12.50 82.47 -11.60
CA HIS A 1590 12.89 83.05 -12.87
C HIS A 1590 12.99 81.96 -13.90
N LYS A 1591 13.11 82.37 -15.16
CA LYS A 1591 13.31 81.44 -16.27
C LYS A 1591 14.36 82.01 -17.20
N MET A 1592 15.53 81.41 -17.17
CA MET A 1592 16.60 81.78 -18.08
C MET A 1592 16.21 81.43 -19.51
N PRO A 1593 16.68 82.20 -20.51
CA PRO A 1593 16.39 81.85 -21.90
C PRO A 1593 17.11 80.62 -22.39
N SER A 1594 18.11 80.13 -21.65
CA SER A 1594 18.76 78.88 -22.02
C SER A 1594 17.89 77.65 -21.74
N GLY A 1595 16.82 77.81 -20.96
CA GLY A 1595 15.92 76.72 -20.66
C GLY A 1595 15.84 76.35 -19.19
N THR A 1596 16.82 76.74 -18.39
CA THR A 1596 16.77 76.46 -16.97
C THR A 1596 15.77 77.37 -16.27
N GLN A 1597 15.49 77.02 -15.02
CA GLN A 1597 14.44 77.69 -14.27
C GLN A 1597 14.80 77.63 -12.80
N TYR A 1598 15.29 78.74 -12.26
CA TYR A 1598 15.79 78.75 -10.89
C TYR A 1598 14.86 79.55 -10.00
N MET A 1599 14.80 79.16 -8.75
CA MET A 1599 14.11 79.90 -7.71
C MET A 1599 15.15 80.61 -6.86
N GLN A 1600 14.99 81.92 -6.69
CA GLN A 1600 15.95 82.74 -5.99
C GLN A 1600 15.34 83.29 -4.71
N ILE A 1601 15.98 83.00 -3.59
CA ILE A 1601 15.59 83.55 -2.29
C ILE A 1601 16.74 84.40 -1.81
N GLY A 1602 16.68 85.69 -2.13
CA GLY A 1602 17.72 86.62 -1.75
C GLY A 1602 19.02 86.33 -2.46
N PRO A 1603 20.08 86.08 -1.70
CA PRO A 1603 21.36 85.75 -2.31
C PRO A 1603 21.42 84.33 -2.84
N TYR A 1604 20.55 83.46 -2.32
CA TYR A 1604 20.58 82.06 -2.68
C TYR A 1604 19.72 81.82 -3.91
N ARG A 1605 20.13 80.86 -4.72
CA ARG A 1605 19.38 80.43 -5.89
C ARG A 1605 19.30 78.91 -5.89
N THR A 1606 18.17 78.38 -6.38
CA THR A 1606 17.95 76.94 -6.37
C THR A 1606 17.34 76.52 -7.69
N ARG A 1607 17.98 75.56 -8.35
CA ARG A 1607 17.51 75.09 -9.64
C ARG A 1607 16.28 74.21 -9.47
N LEU A 1608 15.28 74.41 -10.32
CA LEU A 1608 14.06 73.62 -10.30
C LEU A 1608 13.88 72.75 -11.52
N ASN A 1609 14.59 73.03 -12.60
CA ASN A 1609 14.40 72.37 -13.87
C ASN A 1609 15.69 71.63 -14.24
N THR A 1610 15.66 70.98 -15.41
CA THR A 1610 16.85 70.35 -15.97
C THR A 1610 16.71 70.28 -17.48
N LEU A 1611 17.85 70.25 -18.16
CA LEU A 1611 17.90 70.11 -19.61
C LEU A 1611 18.38 68.72 -20.01
N PHE A 1612 18.17 67.75 -19.13
CA PHE A 1612 18.72 66.42 -19.35
C PHE A 1612 17.97 65.66 -20.42
N SER A 1613 16.66 65.87 -20.51
CA SER A 1613 15.87 65.17 -21.52
C SER A 1613 16.18 65.67 -22.93
N ARG A 1614 16.69 66.89 -23.06
CA ARG A 1614 17.09 67.38 -24.36
C ARG A 1614 18.38 66.76 -24.84
N LYS A 1615 19.23 66.29 -23.93
CA LYS A 1615 20.44 65.58 -24.32
C LYS A 1615 20.28 64.07 -24.26
N LEU A 1616 19.16 63.58 -23.73
CA LEU A 1616 19.02 62.15 -23.46
C LEU A 1616 18.77 61.34 -24.73
N ALA A 1617 18.13 61.94 -25.72
CA ALA A 1617 17.66 61.16 -26.88
C ALA A 1617 18.81 60.70 -27.75
N GLU A 1618 19.86 61.51 -27.84
CA GLU A 1618 21.02 61.15 -28.65
C GLU A 1618 21.75 59.95 -28.06
N ARG A 1619 21.77 59.83 -26.74
CA ARG A 1619 22.35 58.65 -26.12
C ARG A 1619 21.41 57.45 -26.23
N ALA A 1620 20.10 57.70 -26.08
CA ALA A 1620 19.13 56.61 -26.02
C ALA A 1620 18.95 55.92 -27.36
N ASN A 1621 18.94 56.68 -28.45
CA ASN A 1621 18.80 56.05 -29.76
C ASN A 1621 20.08 55.36 -30.19
N ILE A 1622 21.23 55.74 -29.62
CA ILE A 1622 22.46 55.01 -29.88
C ILE A 1622 22.44 53.68 -29.14
N GLY A 1623 22.20 53.72 -27.83
CA GLY A 1623 22.23 52.47 -27.09
C GLY A 1623 21.89 52.66 -25.63
N ILE A 1624 21.34 51.58 -25.06
CA ILE A 1624 20.99 51.53 -23.65
C ILE A 1624 22.24 51.49 -22.78
N ASP A 1625 23.38 51.06 -23.31
CA ASP A 1625 24.63 51.18 -22.57
C ASP A 1625 25.04 52.64 -22.43
N ASN A 1626 24.69 53.46 -23.42
CA ASN A 1626 25.13 54.84 -23.45
C ASN A 1626 24.39 55.74 -22.47
N VAL A 1627 23.12 55.44 -22.17
CA VAL A 1627 22.42 56.27 -21.21
C VAL A 1627 22.86 55.97 -19.79
N LEU A 1628 23.30 54.74 -19.53
CA LEU A 1628 23.79 54.36 -18.22
C LEU A 1628 25.30 54.51 -18.11
N SER A 1629 25.93 55.19 -19.06
CA SER A 1629 27.34 55.48 -18.96
C SER A 1629 27.59 56.59 -17.95
N MET A 1630 28.85 56.73 -17.57
CA MET A 1630 29.21 57.82 -16.68
C MET A 1630 29.31 59.14 -17.42
N GLU A 1631 29.47 59.09 -18.75
CA GLU A 1631 29.43 60.30 -19.55
C GLU A 1631 28.08 60.99 -19.48
N THR A 1632 27.01 60.20 -19.41
CA THR A 1632 25.67 60.77 -19.31
C THR A 1632 25.46 61.41 -17.95
N GLN A 1633 26.20 60.96 -16.94
CA GLN A 1633 26.10 61.60 -15.63
C GLN A 1633 26.99 62.81 -15.53
N ASN A 1634 28.10 62.84 -16.26
CA ASN A 1634 28.99 64.00 -16.26
C ASN A 1634 28.67 64.93 -17.42
N LEU A 1635 27.41 65.38 -17.48
CA LEU A 1635 27.02 66.32 -18.50
C LEU A 1635 26.72 67.67 -17.88
N PRO A 1636 27.22 68.76 -18.45
CA PRO A 1636 27.10 70.06 -17.79
C PRO A 1636 25.70 70.64 -17.92
N GLU A 1637 25.47 71.68 -17.13
CA GLU A 1637 24.19 72.37 -17.05
C GLU A 1637 24.45 73.85 -16.84
N PRO A 1638 23.51 74.72 -17.24
CA PRO A 1638 23.70 76.17 -17.06
C PRO A 1638 23.69 76.56 -15.58
N GLN A 1639 24.10 77.81 -15.34
CA GLN A 1639 24.55 78.21 -14.01
C GLN A 1639 23.65 79.22 -13.31
N LEU A 1640 22.33 79.18 -13.57
CA LEU A 1640 21.29 79.84 -12.77
C LEU A 1640 21.47 81.37 -12.72
N GLY A 1641 21.31 81.97 -13.87
CA GLY A 1641 21.47 83.41 -13.99
C GLY A 1641 22.84 83.77 -14.50
N GLU A 1642 23.17 85.06 -14.35
CA GLU A 1642 24.46 85.55 -14.82
C GLU A 1642 25.61 84.93 -14.04
N GLY A 1643 25.75 85.32 -12.77
CA GLY A 1643 26.64 84.68 -11.81
C GLY A 1643 28.13 84.61 -12.10
N PHE A 1644 28.88 84.14 -11.11
CA PHE A 1644 30.27 83.75 -11.26
C PHE A 1644 30.64 82.91 -10.04
N TYR A 1645 31.83 82.35 -10.06
CA TYR A 1645 32.33 81.56 -8.96
C TYR A 1645 33.62 82.15 -8.43
N ALA A 1646 34.00 81.70 -7.23
CA ALA A 1646 35.20 82.19 -6.58
C ALA A 1646 35.68 81.16 -5.58
N THR A 1647 36.95 80.78 -5.68
CA THR A 1647 37.55 79.81 -4.77
C THR A 1647 38.29 80.54 -3.66
N PHE A 1648 37.97 80.20 -2.42
CA PHE A 1648 38.51 80.89 -1.25
C PHE A 1648 39.44 79.95 -0.49
N LYS A 1649 40.74 80.11 -0.68
CA LYS A 1649 41.71 79.31 0.05
C LYS A 1649 41.90 79.90 1.43
N LEU A 1650 41.95 79.03 2.43
CA LEU A 1650 41.84 79.47 3.81
C LEU A 1650 43.07 79.08 4.62
N PRO A 1651 43.42 79.86 5.65
CA PRO A 1651 44.59 79.55 6.48
C PRO A 1651 44.35 78.34 7.35
N PRO A 1652 45.42 77.73 7.88
CA PRO A 1652 45.24 76.69 8.90
C PRO A 1652 44.65 77.26 10.18
N TYR A 1653 44.09 76.36 10.98
CA TYR A 1653 43.60 76.74 12.30
C TYR A 1653 44.73 76.59 13.31
N ASN A 1654 44.99 77.65 14.07
CA ASN A 1654 46.07 77.63 15.05
C ASN A 1654 45.71 78.35 16.34
N LYS A 1655 44.40 78.38 16.67
CA LYS A 1655 43.84 78.93 17.91
C LYS A 1655 44.05 80.43 18.10
N GLU A 1656 44.67 81.09 17.14
CA GLU A 1656 44.81 82.53 17.07
C GLU A 1656 44.66 82.93 15.62
N GLU A 1657 44.19 84.16 15.42
CA GLU A 1657 43.63 84.75 14.20
C GLU A 1657 42.29 84.13 13.81
N HIS A 1658 41.81 83.14 14.55
CA HIS A 1658 40.51 82.53 14.29
C HIS A 1658 39.71 82.53 15.58
N GLY A 1659 40.39 82.34 16.70
CA GLY A 1659 39.72 82.27 17.97
C GLY A 1659 39.75 80.88 18.56
N ASP A 1660 38.59 80.40 18.99
CA ASP A 1660 38.48 79.13 19.70
C ASP A 1660 37.61 78.12 18.98
N GLU A 1661 36.45 78.53 18.49
CA GLU A 1661 35.39 77.60 18.12
C GLU A 1661 35.63 76.89 16.78
N ARG A 1662 36.64 77.30 16.02
CA ARG A 1662 37.12 76.60 14.82
C ARG A 1662 36.05 76.48 13.73
N TRP A 1663 35.61 77.63 13.24
CA TRP A 1663 34.81 77.66 12.02
C TRP A 1663 35.13 78.95 11.27
N PHE A 1664 34.44 79.12 10.15
CA PHE A 1664 34.50 80.37 9.40
C PHE A 1664 33.13 80.64 8.81
N LYS A 1665 32.73 81.90 8.80
CA LYS A 1665 31.45 82.30 8.24
C LYS A 1665 31.72 83.27 7.11
N ILE A 1666 31.71 82.76 5.88
CA ILE A 1666 31.89 83.62 4.71
C ILE A 1666 30.63 84.45 4.55
N HIS A 1667 30.71 85.71 4.93
CA HIS A 1667 29.56 86.58 4.83
C HIS A 1667 29.60 87.33 3.51
N ILE A 1668 28.62 88.18 3.29
CA ILE A 1668 28.47 88.88 2.02
C ILE A 1668 27.85 90.25 2.28
N GLY A 1669 28.12 91.19 1.37
CA GLY A 1669 27.59 92.52 1.49
C GLY A 1669 27.38 93.15 0.12
N ASN A 1670 26.61 94.24 0.13
CA ASN A 1670 26.27 95.04 -1.05
C ASN A 1670 25.61 94.20 -2.14
N ILE A 1671 24.52 93.53 -1.79
CA ILE A 1671 23.76 92.83 -2.81
C ILE A 1671 22.51 93.62 -3.11
N ASP A 1672 21.61 93.69 -2.15
CA ASP A 1672 20.34 94.35 -2.34
C ASP A 1672 20.51 95.85 -2.05
N GLY A 1673 19.40 96.57 -1.87
CA GLY A 1673 19.49 97.90 -1.29
C GLY A 1673 20.10 97.88 0.10
N ASN A 1674 19.89 96.80 0.84
CA ASN A 1674 20.66 96.54 2.05
C ASN A 1674 22.12 96.31 1.70
N SER A 1675 22.99 97.19 2.18
CA SER A 1675 24.44 97.06 1.99
C SER A 1675 25.04 96.83 3.37
N ALA A 1676 24.99 95.58 3.81
CA ALA A 1676 25.50 95.22 5.13
C ALA A 1676 25.86 93.74 5.13
N ARG A 1677 26.34 93.28 6.27
CA ARG A 1677 26.87 91.94 6.41
C ARG A 1677 25.74 90.93 6.51
N GLN A 1678 25.66 90.01 5.55
CA GLN A 1678 24.68 88.93 5.56
C GLN A 1678 25.37 87.58 5.62
N PRO A 1679 24.85 86.65 6.43
CA PRO A 1679 25.53 85.35 6.57
C PRO A 1679 25.36 84.45 5.36
N TYR A 1680 26.22 84.61 4.36
CA TYR A 1680 26.07 83.89 3.10
C TYR A 1680 26.37 82.41 3.27
N TYR A 1681 27.60 82.07 3.63
CA TYR A 1681 28.02 80.68 3.69
C TYR A 1681 28.84 80.45 4.95
N GLU A 1682 28.65 79.29 5.55
CA GLU A 1682 29.35 78.92 6.76
C GLU A 1682 30.07 77.61 6.52
N GLY A 1683 31.30 77.49 7.02
CA GLY A 1683 32.01 76.24 6.99
C GLY A 1683 32.83 76.06 8.24
N MET A 1684 33.23 74.82 8.48
CA MET A 1684 34.08 74.53 9.63
C MET A 1684 35.54 74.65 9.21
N LEU A 1685 36.30 75.45 9.97
CA LEU A 1685 37.71 75.63 9.69
C LEU A 1685 38.49 74.36 10.00
N SER A 1686 39.46 74.06 9.15
CA SER A 1686 40.14 72.78 9.15
C SER A 1686 41.63 73.01 9.25
N ASP A 1687 42.40 71.98 8.91
CA ASP A 1687 43.86 72.00 8.93
C ASP A 1687 44.43 72.79 7.77
N ILE A 1688 45.71 72.54 7.48
CA ILE A 1688 46.67 73.37 6.73
C ILE A 1688 46.10 74.11 5.52
N GLU A 1689 45.30 73.44 4.71
CA GLU A 1689 44.75 74.07 3.53
C GLU A 1689 43.32 73.62 3.34
N THR A 1690 42.44 74.58 3.04
CA THR A 1690 41.06 74.28 2.69
C THR A 1690 40.54 75.35 1.75
N THR A 1691 39.90 74.93 0.67
CA THR A 1691 39.33 75.83 -0.31
C THR A 1691 37.84 75.57 -0.44
N VAL A 1692 37.13 76.55 -0.96
CA VAL A 1692 35.69 76.44 -1.17
C VAL A 1692 35.30 77.32 -2.35
N THR A 1693 34.64 76.73 -3.34
CA THR A 1693 34.11 77.46 -4.48
C THR A 1693 32.69 77.91 -4.16
N LEU A 1694 32.44 79.21 -4.25
CA LEU A 1694 31.12 79.75 -3.98
C LEU A 1694 30.58 80.47 -5.21
N PHE A 1695 29.33 80.15 -5.55
CA PHE A 1695 28.64 80.84 -6.62
C PHE A 1695 28.08 82.15 -6.11
N VAL A 1696 28.40 83.25 -6.80
CA VAL A 1696 27.91 84.57 -6.46
C VAL A 1696 27.10 85.09 -7.64
N PRO A 1697 25.83 85.41 -7.46
CA PRO A 1697 25.00 85.80 -8.60
C PRO A 1697 25.19 87.26 -8.98
N TYR A 1698 24.41 87.68 -9.96
CA TYR A 1698 24.40 89.06 -10.42
C TYR A 1698 23.07 89.30 -11.10
N ALA A 1699 22.48 90.46 -10.86
CA ALA A 1699 21.14 90.71 -11.39
C ALA A 1699 20.97 92.12 -11.94
N LYS A 1700 22.03 92.94 -11.91
CA LYS A 1700 22.14 94.27 -12.50
C LYS A 1700 21.27 95.33 -11.81
N GLY A 1701 20.43 94.92 -10.87
CA GLY A 1701 19.75 95.84 -9.99
C GLY A 1701 20.38 95.65 -8.64
N TYR A 1702 21.26 94.67 -8.56
CA TYR A 1702 22.04 94.39 -7.38
C TYR A 1702 23.25 95.31 -7.34
N TYR A 1703 24.21 95.00 -6.44
CA TYR A 1703 25.56 95.56 -6.43
C TYR A 1703 25.54 97.08 -6.20
N ILE A 1704 25.15 97.45 -4.99
CA ILE A 1704 24.84 98.86 -4.71
C ILE A 1704 26.11 99.73 -4.72
N ARG A 1705 27.06 99.44 -3.84
CA ARG A 1705 28.26 100.26 -3.74
C ARG A 1705 29.48 99.38 -3.93
N GLU A 1706 30.28 99.70 -4.95
CA GLU A 1706 31.50 99.01 -5.34
C GLU A 1706 31.31 97.52 -5.64
N GLY A 1707 30.07 97.11 -5.86
CA GLY A 1707 29.75 95.72 -6.07
C GLY A 1707 29.83 94.90 -4.79
N VAL A 1708 29.70 93.59 -4.98
CA VAL A 1708 29.57 92.66 -3.86
C VAL A 1708 30.91 92.50 -3.14
N ARG A 1709 30.91 92.68 -1.83
CA ARG A 1709 32.03 92.34 -0.99
C ARG A 1709 31.78 90.98 -0.33
N LEU A 1710 32.87 90.31 0.05
CA LEU A 1710 32.81 88.94 0.56
C LEU A 1710 33.94 88.74 1.56
N GLY A 1711 33.60 88.77 2.85
CA GLY A 1711 34.56 88.63 3.91
C GLY A 1711 34.38 87.35 4.72
N VAL A 1712 35.37 87.07 5.54
CA VAL A 1712 35.38 85.88 6.39
C VAL A 1712 34.93 86.28 7.79
N GLY A 1713 34.35 85.32 8.49
CA GLY A 1713 34.03 85.48 9.90
C GLY A 1713 34.85 84.49 10.72
N TYR A 1714 34.97 84.76 12.01
CA TYR A 1714 35.75 83.91 12.90
C TYR A 1714 35.18 84.00 14.30
N LYS A 1715 35.63 83.08 15.17
CA LYS A 1715 35.40 83.23 16.60
C LYS A 1715 36.15 84.44 17.14
N LYS A 1716 37.30 84.77 16.54
CA LYS A 1716 38.00 86.02 16.82
C LYS A 1716 37.38 87.15 16.01
N ILE A 1717 38.11 88.27 15.90
CA ILE A 1717 37.62 89.44 15.18
C ILE A 1717 37.50 89.12 13.70
N ILE A 1718 36.35 89.42 13.14
CA ILE A 1718 36.09 89.14 11.73
C ILE A 1718 36.71 90.23 10.87
N TYR A 1719 36.76 89.95 9.58
CA TYR A 1719 37.35 90.85 8.59
C TYR A 1719 36.28 91.76 8.01
N ASP A 1720 36.53 92.29 6.80
CA ASP A 1720 35.68 93.23 6.07
C ASP A 1720 35.53 94.55 6.83
N LYS A 1721 36.63 95.28 6.94
CA LYS A 1721 36.64 96.67 7.39
C LYS A 1721 37.59 97.41 6.46
N SER A 1722 37.02 98.17 5.51
CA SER A 1722 37.75 99.04 4.59
C SER A 1722 38.75 98.24 3.74
N TRP A 1723 38.19 97.43 2.85
CA TRP A 1723 38.84 96.61 1.82
C TRP A 1723 39.53 95.39 2.38
N GLU A 1724 39.18 94.96 3.60
CA GLU A 1724 39.66 93.66 4.07
C GLU A 1724 38.99 92.53 3.31
N SER A 1725 37.73 92.71 2.94
CA SER A 1725 36.99 91.69 2.20
C SER A 1725 37.40 91.71 0.73
N ALA A 1726 36.76 90.83 -0.04
CA ALA A 1726 37.02 90.67 -1.46
C ALA A 1726 35.89 91.36 -2.22
N PHE A 1727 36.16 92.57 -2.71
CA PHE A 1727 35.20 93.33 -3.48
C PHE A 1727 35.26 92.91 -4.93
N PHE A 1728 34.11 92.53 -5.49
CA PHE A 1728 33.97 92.20 -6.89
C PHE A 1728 33.01 93.19 -7.52
N TYR A 1729 33.12 93.35 -8.83
CA TYR A 1729 32.13 94.12 -9.58
C TYR A 1729 32.06 93.54 -10.98
N PHE A 1730 30.95 93.82 -11.64
CA PHE A 1730 30.69 93.33 -12.99
C PHE A 1730 31.11 94.41 -13.96
N ASP A 1731 32.17 94.16 -14.71
CA ASP A 1731 32.56 95.05 -15.79
C ASP A 1731 31.52 94.96 -16.89
N GLU A 1732 30.76 96.03 -17.06
CA GLU A 1732 29.73 96.04 -18.09
C GLU A 1732 30.34 96.10 -19.48
N THR A 1733 31.52 96.71 -19.60
CA THR A 1733 32.17 96.87 -20.90
C THR A 1733 32.65 95.53 -21.44
N LYS A 1734 33.48 94.83 -20.68
CA LYS A 1734 34.00 93.55 -21.13
C LYS A 1734 33.06 92.39 -20.83
N ASN A 1735 31.88 92.67 -20.23
CA ASN A 1735 30.83 91.69 -19.95
C ASN A 1735 31.34 90.56 -19.07
N GLN A 1736 32.21 90.89 -18.13
CA GLN A 1736 32.82 89.90 -17.27
C GLN A 1736 32.90 90.48 -15.86
N PHE A 1737 33.30 89.65 -14.92
CA PHE A 1737 33.37 90.03 -13.52
C PHE A 1737 34.81 90.24 -13.12
N ILE A 1738 35.06 91.34 -12.42
CA ILE A 1738 36.42 91.78 -12.12
C ILE A 1738 36.63 91.68 -10.62
N PHE A 1739 37.67 90.94 -10.23
CA PHE A 1739 38.19 91.03 -8.88
C PHE A 1739 38.92 92.36 -8.73
N ILE A 1740 38.52 93.14 -7.75
CA ILE A 1740 39.11 94.46 -7.58
C ILE A 1740 40.16 94.46 -6.47
N ASN A 1741 40.03 93.53 -5.52
CA ASN A 1741 40.92 93.54 -4.36
C ASN A 1741 42.14 92.66 -4.56
N ASP A 1742 42.54 92.44 -5.82
CA ASP A 1742 43.64 91.56 -6.18
C ASP A 1742 44.98 91.95 -5.57
N ALA A 1743 45.50 93.10 -5.96
CA ALA A 1743 46.73 93.63 -5.39
C ALA A 1743 46.37 94.78 -4.45
N ASP A 1744 47.38 95.51 -3.98
CA ASP A 1744 47.16 96.78 -3.28
C ASP A 1744 47.11 97.87 -4.35
N HIS A 1745 45.99 97.92 -5.05
CA HIS A 1745 45.88 98.73 -6.24
C HIS A 1745 45.70 100.20 -5.91
N ASP A 1746 46.25 101.05 -6.76
CA ASP A 1746 46.06 102.50 -6.67
C ASP A 1746 45.35 102.96 -7.93
N SER A 1747 44.37 103.86 -7.74
CA SER A 1747 43.49 104.36 -8.81
C SER A 1747 42.79 103.22 -9.53
N GLY A 1748 42.03 102.44 -8.76
CA GLY A 1748 41.35 101.28 -9.29
C GLY A 1748 39.89 101.54 -9.59
N MET A 1749 39.39 100.83 -10.59
CA MET A 1749 38.03 101.02 -11.07
C MET A 1749 37.06 100.09 -10.36
N THR A 1750 36.00 100.65 -9.80
CA THR A 1750 34.88 99.88 -9.28
C THR A 1750 33.69 100.12 -10.19
N GLN A 1751 32.53 99.58 -9.79
CA GLN A 1751 31.32 99.84 -10.55
C GLN A 1751 30.84 101.27 -10.38
N GLN A 1752 31.15 101.92 -9.26
CA GLN A 1752 30.82 103.33 -9.10
C GLN A 1752 31.72 104.18 -9.96
N GLY A 1753 33.01 103.87 -9.97
CA GLY A 1753 33.96 104.60 -10.79
C GLY A 1753 35.37 104.21 -10.43
N ILE A 1754 36.27 105.15 -10.61
CA ILE A 1754 37.67 104.96 -10.21
C ILE A 1754 37.83 105.42 -8.78
N VAL A 1755 38.14 104.50 -7.88
CA VAL A 1755 38.45 104.84 -6.51
C VAL A 1755 39.96 104.84 -6.37
N LYS A 1756 40.45 105.61 -5.38
CA LYS A 1756 41.87 105.94 -5.33
C LYS A 1756 42.71 104.80 -4.78
N ASN A 1757 42.47 104.41 -3.53
CA ASN A 1757 43.35 103.50 -2.81
C ASN A 1757 42.60 102.21 -2.50
N ILE A 1758 43.11 101.11 -3.05
CA ILE A 1758 42.52 99.78 -2.86
C ILE A 1758 43.55 98.91 -2.18
N LYS A 1759 43.15 98.22 -1.12
CA LYS A 1759 44.04 97.30 -0.45
C LYS A 1759 43.87 95.88 -0.98
N LYS A 1760 44.47 94.94 -0.28
CA LYS A 1760 44.33 93.54 -0.64
C LYS A 1760 43.29 92.88 0.25
N TYR A 1761 42.73 91.78 -0.25
CA TYR A 1761 41.80 90.98 0.55
C TYR A 1761 42.54 90.31 1.69
N LYS A 1762 41.92 90.32 2.87
CA LYS A 1762 42.54 89.78 4.07
C LYS A 1762 41.62 88.74 4.68
N GLY A 1763 42.22 87.78 5.37
CA GLY A 1763 41.46 86.69 5.95
C GLY A 1763 41.60 85.43 5.12
N PHE A 1764 41.53 85.58 3.81
CA PHE A 1764 41.73 84.45 2.92
C PHE A 1764 43.21 84.27 2.65
N ILE A 1765 43.54 83.30 1.79
CA ILE A 1765 44.87 83.17 1.23
C ILE A 1765 44.87 83.50 -0.26
N HIS A 1766 44.00 82.84 -1.02
CA HIS A 1766 43.91 83.08 -2.45
C HIS A 1766 42.44 83.11 -2.84
N VAL A 1767 42.03 84.19 -3.50
CA VAL A 1767 40.69 84.32 -4.06
C VAL A 1767 40.87 84.62 -5.53
N VAL A 1768 40.15 83.89 -6.39
CA VAL A 1768 40.23 84.11 -7.83
C VAL A 1768 38.91 83.68 -8.47
N VAL A 1769 38.61 84.25 -9.63
CA VAL A 1769 37.42 83.85 -10.37
C VAL A 1769 37.66 82.51 -11.04
N MET A 1770 36.64 81.65 -11.04
CA MET A 1770 36.82 80.27 -11.43
C MET A 1770 36.55 79.98 -12.90
N LYS A 1771 36.19 81.01 -13.68
CA LYS A 1771 36.21 80.98 -15.15
C LYS A 1771 35.34 79.88 -15.77
N ASN A 1772 34.01 80.01 -15.64
CA ASN A 1772 33.00 79.12 -16.23
C ASN A 1772 33.14 77.69 -15.73
N ASN A 1773 32.82 77.47 -14.47
CA ASN A 1773 32.68 76.13 -13.93
C ASN A 1773 31.48 75.40 -14.56
N THR A 1774 31.41 74.09 -14.32
CA THR A 1774 30.45 73.23 -15.02
C THR A 1774 29.17 72.98 -14.23
N GLU A 1775 29.31 72.58 -12.94
CA GLU A 1775 28.30 72.05 -12.01
C GLU A 1775 27.37 71.05 -12.70
N PRO A 1776 27.83 69.82 -12.96
CA PRO A 1776 27.19 68.95 -13.95
C PRO A 1776 25.74 68.54 -13.72
N MET A 1777 25.41 67.82 -12.65
CA MET A 1777 24.07 67.25 -12.61
C MET A 1777 23.32 67.37 -11.30
N ASP A 1778 23.99 67.65 -10.18
CA ASP A 1778 23.37 67.97 -8.89
C ASP A 1778 22.49 66.82 -8.39
N PHE A 1779 23.16 65.72 -8.03
CA PHE A 1779 22.49 64.57 -7.43
C PHE A 1779 22.02 64.81 -5.99
N ASN A 1780 22.17 66.02 -5.45
CA ASN A 1780 21.52 66.43 -4.21
C ASN A 1780 20.50 67.52 -4.47
N GLY A 1781 19.97 67.59 -5.68
CA GLY A 1781 19.12 68.68 -6.09
C GLY A 1781 17.64 68.34 -6.02
N ALA A 1782 16.85 69.01 -6.86
CA ALA A 1782 15.42 68.83 -6.84
C ALA A 1782 15.00 67.52 -7.49
N ASN A 1783 15.59 67.19 -8.65
CA ASN A 1783 15.30 65.95 -9.33
C ASN A 1783 16.30 64.85 -8.98
N ALA A 1784 16.84 64.93 -7.76
CA ALA A 1784 17.83 63.96 -7.30
C ALA A 1784 17.22 62.58 -7.18
N ILE A 1785 15.94 62.50 -6.79
CA ILE A 1785 15.28 61.21 -6.66
C ILE A 1785 15.08 60.56 -8.02
N TYR A 1786 14.72 61.36 -9.03
CA TYR A 1786 14.55 60.80 -10.37
C TYR A 1786 15.88 60.38 -10.97
N PHE A 1787 16.93 61.16 -10.72
CA PHE A 1787 18.25 60.80 -11.24
C PHE A 1787 18.78 59.54 -10.56
N TRP A 1788 18.56 59.42 -9.26
CA TRP A 1788 19.00 58.22 -8.56
C TRP A 1788 18.21 57.00 -8.98
N GLU A 1789 16.91 57.16 -9.21
CA GLU A 1789 16.10 56.04 -9.67
C GLU A 1789 16.48 55.62 -11.08
N LEU A 1790 16.90 56.56 -11.93
CA LEU A 1790 17.34 56.17 -13.26
C LEU A 1790 18.69 55.47 -13.20
N PHE A 1791 19.64 56.01 -12.45
CA PHE A 1791 21.01 55.54 -12.59
C PHE A 1791 21.42 54.45 -11.62
N TYR A 1792 20.69 54.25 -10.52
CA TYR A 1792 21.04 53.20 -9.58
C TYR A 1792 19.90 52.22 -9.35
N TYR A 1793 18.70 52.72 -9.07
CA TYR A 1793 17.63 51.85 -8.62
C TYR A 1793 17.06 51.00 -9.74
N THR A 1794 16.94 51.57 -10.94
CA THR A 1794 16.43 50.83 -12.08
C THR A 1794 17.35 49.68 -12.51
N PRO A 1795 18.68 49.84 -12.67
CA PRO A 1795 19.48 48.65 -12.97
C PRO A 1795 19.53 47.66 -11.84
N MET A 1796 19.42 48.13 -10.59
CA MET A 1796 19.38 47.20 -9.46
C MET A 1796 18.10 46.38 -9.46
N MET A 1797 16.95 47.03 -9.69
CA MET A 1797 15.68 46.31 -9.75
C MET A 1797 15.65 45.34 -10.92
N VAL A 1798 16.13 45.78 -12.08
CA VAL A 1798 16.14 44.92 -13.27
C VAL A 1798 17.07 43.73 -13.07
N PHE A 1799 18.23 43.96 -12.45
CA PHE A 1799 19.17 42.89 -12.20
C PHE A 1799 18.62 41.91 -11.17
N GLN A 1800 17.94 42.42 -10.14
CA GLN A 1800 17.36 41.54 -9.13
C GLN A 1800 16.25 40.68 -9.72
N ARG A 1801 15.43 41.27 -10.60
CA ARG A 1801 14.38 40.52 -11.26
C ARG A 1801 14.94 39.48 -12.22
N LEU A 1802 16.02 39.81 -12.92
CA LEU A 1802 16.65 38.84 -13.81
C LEU A 1802 17.36 37.74 -13.03
N LEU A 1803 17.78 38.04 -11.81
CA LEU A 1803 18.32 36.98 -10.95
C LEU A 1803 17.22 36.06 -10.47
N GLN A 1804 16.07 36.63 -10.11
CA GLN A 1804 14.95 35.80 -9.67
C GLN A 1804 14.36 34.98 -10.79
N GLU A 1805 14.46 35.45 -12.03
CA GLU A 1805 14.02 34.65 -13.17
C GLU A 1805 15.17 33.91 -13.82
N GLN A 1806 16.38 34.05 -13.28
CA GLN A 1806 17.57 33.26 -13.63
C GLN A 1806 17.96 33.41 -15.09
N ASN A 1807 17.89 34.62 -15.61
CA ASN A 1807 18.57 34.95 -16.87
C ASN A 1807 19.94 35.46 -16.47
N PHE A 1808 20.89 34.54 -16.35
CA PHE A 1808 22.17 34.85 -15.73
C PHE A 1808 23.04 35.74 -16.59
N THR A 1809 23.10 35.46 -17.90
CA THR A 1809 23.97 36.21 -18.77
C THR A 1809 23.49 37.63 -19.02
N GLU A 1810 22.21 37.90 -18.77
CA GLU A 1810 21.71 39.26 -18.81
C GLU A 1810 21.74 39.94 -17.45
N SER A 1811 21.59 39.16 -16.38
CA SER A 1811 21.71 39.72 -15.05
C SER A 1811 23.12 40.20 -14.79
N THR A 1812 24.12 39.48 -15.30
CA THR A 1812 25.49 39.95 -15.11
C THR A 1812 25.77 41.17 -15.97
N ARG A 1813 25.07 41.34 -17.10
CA ARG A 1813 25.20 42.54 -17.90
C ARG A 1813 24.61 43.74 -17.16
N TRP A 1814 23.42 43.57 -16.60
CA TRP A 1814 22.79 44.66 -15.87
C TRP A 1814 23.51 44.97 -14.57
N LEU A 1815 24.29 44.03 -14.04
CA LEU A 1815 25.18 44.38 -12.96
C LEU A 1815 26.44 45.08 -13.47
N ARG A 1816 26.90 44.74 -14.68
CA ARG A 1816 28.01 45.46 -15.29
C ARG A 1816 27.66 46.90 -15.59
N TYR A 1817 26.37 47.22 -15.73
CA TYR A 1817 25.97 48.61 -15.95
C TYR A 1817 26.19 49.50 -14.74
N ILE A 1818 26.47 48.94 -13.57
CA ILE A 1818 26.69 49.76 -12.39
C ILE A 1818 28.05 49.44 -11.80
N TRP A 1819 28.36 48.16 -11.62
CA TRP A 1819 29.64 47.77 -11.06
C TRP A 1819 30.39 46.86 -12.01
N ASN A 1820 31.61 47.20 -12.31
CA ASN A 1820 32.51 46.27 -12.97
C ASN A 1820 33.84 46.30 -12.24
N PRO A 1821 34.27 45.17 -11.67
CA PRO A 1821 35.60 45.13 -11.07
C PRO A 1821 36.71 45.16 -12.09
N ALA A 1822 36.42 44.88 -13.35
CA ALA A 1822 37.43 44.85 -14.41
C ALA A 1822 37.59 46.19 -15.12
N GLY A 1823 37.08 47.27 -14.53
CA GLY A 1823 37.15 48.56 -15.19
C GLY A 1823 36.16 48.65 -16.34
N TYR A 1824 36.22 49.77 -17.06
CA TYR A 1824 35.30 50.03 -18.15
C TYR A 1824 36.05 50.46 -19.39
N SER A 1825 35.65 49.91 -20.52
CA SER A 1825 36.26 50.22 -21.81
C SER A 1825 35.47 51.35 -22.45
N VAL A 1826 36.05 52.55 -22.45
CA VAL A 1826 35.41 53.73 -23.01
C VAL A 1826 36.24 54.21 -24.19
N GLN A 1827 35.62 54.18 -25.39
CA GLN A 1827 36.25 54.53 -26.66
C GLN A 1827 37.54 53.76 -26.90
N GLY A 1828 37.52 52.46 -26.57
CA GLY A 1828 38.65 51.61 -26.76
C GLY A 1828 39.67 51.60 -25.64
N GLU A 1829 39.67 52.61 -24.77
CA GLU A 1829 40.63 52.65 -23.68
C GLU A 1829 39.95 52.33 -22.37
N MET A 1830 40.77 51.88 -21.41
CA MET A 1830 40.25 51.53 -20.10
C MET A 1830 40.05 52.78 -19.26
N GLN A 1831 39.26 52.64 -18.20
CA GLN A 1831 39.00 53.74 -17.29
C GLN A 1831 39.71 53.50 -15.96
N ASP A 1832 39.72 54.54 -15.13
CA ASP A 1832 40.39 54.50 -13.85
C ASP A 1832 39.46 54.19 -12.69
N TYR A 1833 38.18 53.96 -12.96
CA TYR A 1833 37.22 53.71 -11.92
C TYR A 1833 36.61 52.32 -12.07
N TYR A 1834 35.74 51.98 -11.13
CA TYR A 1834 35.02 50.73 -11.18
C TYR A 1834 33.54 50.86 -10.92
N TRP A 1835 33.08 52.04 -10.50
CA TRP A 1835 31.66 52.28 -10.22
C TRP A 1835 31.13 53.24 -11.27
N ASN A 1836 30.08 52.82 -11.97
CA ASN A 1836 29.54 53.59 -13.07
C ASN A 1836 28.63 54.71 -12.61
N VAL A 1837 28.45 54.90 -11.31
CA VAL A 1837 27.58 55.93 -10.77
C VAL A 1837 28.47 56.93 -10.01
N ARG A 1838 28.43 58.20 -10.42
CA ARG A 1838 29.27 59.17 -9.73
C ARG A 1838 28.84 59.50 -8.29
N PRO A 1839 27.57 59.52 -7.89
CA PRO A 1839 27.30 59.62 -6.45
C PRO A 1839 27.61 58.36 -5.67
N LEU A 1840 27.94 57.26 -6.33
CA LEU A 1840 28.54 56.12 -5.65
C LEU A 1840 30.05 56.21 -5.59
N GLU A 1841 30.67 56.84 -6.57
CA GLU A 1841 32.11 57.11 -6.48
C GLU A 1841 32.39 58.12 -5.39
N GLU A 1842 31.83 59.32 -5.52
CA GLU A 1842 31.92 60.32 -4.47
C GLU A 1842 30.66 60.24 -3.62
N ASP A 1843 30.82 59.98 -2.33
CA ASP A 1843 29.69 59.69 -1.46
C ASP A 1843 28.87 60.94 -1.21
N THR A 1844 27.79 61.10 -1.96
CA THR A 1844 26.96 62.29 -1.89
C THR A 1844 25.88 62.06 -0.84
N SER A 1845 25.70 63.04 0.04
CA SER A 1845 24.66 62.94 1.04
C SER A 1845 23.31 63.15 0.37
N TRP A 1846 22.69 62.04 -0.05
CA TRP A 1846 21.36 62.10 -0.65
C TRP A 1846 20.30 62.54 0.35
N ASN A 1847 20.44 62.14 1.60
CA ASN A 1847 19.37 62.26 2.58
C ASN A 1847 19.91 62.76 3.90
N ALA A 1848 19.82 64.06 4.15
CA ALA A 1848 19.96 64.56 5.50
C ALA A 1848 18.72 64.18 6.30
N ASN A 1849 18.89 64.05 7.61
CA ASN A 1849 17.93 63.49 8.56
C ASN A 1849 17.45 62.12 8.11
N PRO A 1850 18.25 61.06 8.27
CA PRO A 1850 17.79 59.71 7.91
C PRO A 1850 17.21 58.89 9.05
N LEU A 1851 17.47 59.26 10.31
CA LEU A 1851 17.07 58.44 11.44
C LEU A 1851 15.79 58.93 12.07
N ASP A 1852 15.03 59.77 11.35
CA ASP A 1852 13.72 60.17 11.84
C ASP A 1852 12.73 59.00 11.81
N SER A 1853 12.95 58.04 10.93
CA SER A 1853 12.22 56.79 10.95
C SER A 1853 13.18 55.68 10.58
N VAL A 1854 12.74 54.44 10.79
CA VAL A 1854 13.63 53.27 10.61
C VAL A 1854 13.49 52.86 9.14
N ASP A 1855 14.49 53.25 8.35
CA ASP A 1855 14.50 52.94 6.93
C ASP A 1855 15.93 52.68 6.48
N PRO A 1856 16.25 51.45 6.06
CA PRO A 1856 17.59 51.16 5.57
C PRO A 1856 17.91 51.89 4.29
N ASP A 1857 16.90 52.16 3.46
CA ASP A 1857 17.10 52.99 2.29
C ASP A 1857 17.43 54.42 2.68
N ALA A 1858 16.86 54.92 3.78
CA ALA A 1858 17.21 56.26 4.22
C ALA A 1858 18.64 56.33 4.73
N VAL A 1859 19.09 55.31 5.45
CA VAL A 1859 20.47 55.33 5.95
C VAL A 1859 21.46 55.16 4.79
N ALA A 1860 21.16 54.26 3.86
CA ALA A 1860 22.02 54.09 2.71
C ALA A 1860 21.97 55.28 1.76
N GLN A 1861 20.91 56.08 1.81
CA GLN A 1861 20.96 57.36 1.11
C GLN A 1861 21.77 58.38 1.86
N HIS A 1862 21.78 58.32 3.20
CA HIS A 1862 22.60 59.26 3.96
C HIS A 1862 24.08 59.02 3.71
N ASP A 1863 24.47 57.77 3.51
CA ASP A 1863 25.77 57.56 2.88
C ASP A 1863 25.73 56.38 1.92
N PRO A 1864 26.11 56.59 0.66
CA PRO A 1864 25.90 55.56 -0.37
C PRO A 1864 26.91 54.41 -0.34
N MET A 1865 27.80 54.43 0.64
CA MET A 1865 28.69 53.30 0.87
C MET A 1865 27.92 52.03 1.17
N HIS A 1866 26.79 52.14 1.85
CA HIS A 1866 25.97 50.96 2.10
C HIS A 1866 25.33 50.45 0.82
N TYR A 1867 24.97 51.35 -0.10
CA TYR A 1867 24.50 50.92 -1.42
C TYR A 1867 25.59 50.18 -2.16
N LYS A 1868 26.82 50.67 -2.03
CA LYS A 1868 27.97 50.03 -2.66
C LYS A 1868 28.21 48.63 -2.09
N VAL A 1869 28.10 48.49 -0.78
CA VAL A 1869 28.28 47.20 -0.12
C VAL A 1869 27.15 46.24 -0.48
N ALA A 1870 25.92 46.74 -0.58
CA ALA A 1870 24.81 45.88 -0.98
C ALA A 1870 24.92 45.45 -2.42
N THR A 1871 25.49 46.31 -3.28
CA THR A 1871 25.77 45.92 -4.65
C THR A 1871 26.81 44.81 -4.71
N PHE A 1872 27.85 44.91 -3.87
CA PHE A 1872 28.83 43.83 -3.80
C PHE A 1872 28.21 42.53 -3.30
N MET A 1873 27.30 42.62 -2.33
CA MET A 1873 26.65 41.41 -1.84
C MET A 1873 25.73 40.81 -2.89
N LYS A 1874 25.12 41.64 -3.72
CA LYS A 1874 24.33 41.13 -4.84
C LYS A 1874 25.21 40.44 -5.87
N MET A 1875 26.41 40.97 -6.09
CA MET A 1875 27.37 40.31 -6.97
C MET A 1875 27.80 38.96 -6.42
N LEU A 1876 28.00 38.87 -5.10
CA LEU A 1876 28.34 37.59 -4.49
C LEU A 1876 27.19 36.61 -4.59
N ASP A 1877 25.95 37.10 -4.46
CA ASP A 1877 24.78 36.26 -4.64
C ASP A 1877 24.72 35.68 -6.04
N LEU A 1878 25.00 36.52 -7.04
CA LEU A 1878 25.00 36.07 -8.43
C LEU A 1878 26.08 35.03 -8.66
N LEU A 1879 27.27 35.24 -8.13
CA LEU A 1879 28.35 34.29 -8.37
C LEU A 1879 28.10 32.96 -7.67
N ILE A 1880 27.60 32.99 -6.44
CA ILE A 1880 27.40 31.70 -5.76
C ILE A 1880 26.16 31.00 -6.30
N THR A 1881 25.20 31.73 -6.88
CA THR A 1881 24.10 30.98 -7.48
C THR A 1881 24.45 30.46 -8.86
N ARG A 1882 25.40 31.10 -9.57
CA ARG A 1882 25.97 30.48 -10.76
C ARG A 1882 26.71 29.20 -10.39
N GLY A 1883 27.46 29.25 -9.29
CA GLY A 1883 28.17 28.06 -8.83
C GLY A 1883 27.23 26.96 -8.38
N ASP A 1884 26.11 27.31 -7.73
CA ASP A 1884 25.17 26.30 -7.29
C ASP A 1884 24.42 25.67 -8.44
N SER A 1885 24.04 26.47 -9.44
CA SER A 1885 23.39 25.93 -10.63
C SER A 1885 24.35 25.08 -11.44
N ALA A 1886 25.65 25.38 -11.40
CA ALA A 1886 26.63 24.50 -12.01
C ALA A 1886 26.85 23.23 -11.20
N TYR A 1887 26.82 23.31 -9.88
CA TYR A 1887 27.06 22.18 -9.02
C TYR A 1887 25.91 21.18 -9.01
N ARG A 1888 24.67 21.62 -9.17
CA ARG A 1888 23.55 20.70 -9.10
C ARG A 1888 23.41 19.82 -10.33
N GLN A 1889 24.19 20.04 -11.38
CA GLN A 1889 24.06 19.22 -12.58
C GLN A 1889 24.90 17.95 -12.53
N LEU A 1890 25.91 17.90 -11.65
CA LEU A 1890 26.67 16.70 -11.29
C LEU A 1890 27.43 16.10 -12.45
N GLU A 1891 27.97 16.91 -13.35
CA GLU A 1891 28.88 16.44 -14.38
C GLU A 1891 30.25 17.02 -14.13
N ARG A 1892 31.30 16.25 -14.43
CA ARG A 1892 32.66 16.62 -14.04
C ARG A 1892 33.20 17.79 -14.86
N ASP A 1893 32.55 18.15 -15.97
CA ASP A 1893 32.89 19.40 -16.61
C ASP A 1893 32.20 20.57 -15.94
N THR A 1894 30.98 20.37 -15.46
CA THR A 1894 30.28 21.40 -14.73
C THR A 1894 30.84 21.63 -13.34
N LEU A 1895 31.51 20.63 -12.77
CA LEU A 1895 32.15 20.82 -11.47
C LEU A 1895 33.32 21.78 -11.58
N ASN A 1896 34.03 21.76 -12.70
CA ASN A 1896 35.08 22.75 -12.92
C ASN A 1896 34.51 24.14 -13.07
N GLU A 1897 33.33 24.27 -13.68
CA GLU A 1897 32.65 25.56 -13.76
C GLU A 1897 32.22 26.03 -12.37
N ALA A 1898 31.73 25.11 -11.55
CA ALA A 1898 31.28 25.46 -10.21
C ALA A 1898 32.46 25.89 -9.36
N LYS A 1899 33.58 25.18 -9.46
CA LYS A 1899 34.79 25.60 -8.75
C LYS A 1899 35.32 26.90 -9.29
N MET A 1900 35.11 27.17 -10.59
CA MET A 1900 35.50 28.45 -11.15
C MET A 1900 34.68 29.59 -10.58
N TRP A 1901 33.38 29.38 -10.42
CA TRP A 1901 32.53 30.43 -9.84
C TRP A 1901 32.84 30.63 -8.37
N TYR A 1902 33.09 29.55 -7.64
CA TYR A 1902 33.39 29.69 -6.22
C TYR A 1902 34.77 30.30 -6.00
N VAL A 1903 35.73 30.01 -6.89
CA VAL A 1903 37.04 30.62 -6.82
C VAL A 1903 36.96 32.10 -7.18
N GLN A 1904 36.11 32.45 -8.14
CA GLN A 1904 35.92 33.85 -8.51
C GLN A 1904 35.28 34.63 -7.38
N ALA A 1905 34.31 34.04 -6.69
CA ALA A 1905 33.72 34.67 -5.53
C ALA A 1905 34.72 34.81 -4.39
N LEU A 1906 35.56 33.79 -4.19
CA LEU A 1906 36.55 33.85 -3.13
C LEU A 1906 37.62 34.88 -3.41
N THR A 1907 38.05 35.03 -4.66
CA THR A 1907 39.06 36.03 -4.95
C THR A 1907 38.46 37.42 -5.06
N LEU A 1908 37.14 37.53 -5.23
CA LEU A 1908 36.52 38.83 -5.04
C LEU A 1908 36.44 39.17 -3.56
N LEU A 1909 36.25 38.17 -2.72
CA LEU A 1909 36.14 38.42 -1.28
C LEU A 1909 37.48 38.78 -0.68
N GLY A 1910 38.50 37.98 -0.95
CA GLY A 1910 39.82 38.23 -0.39
C GLY A 1910 40.18 37.28 0.72
N ASP A 1911 40.56 37.81 1.87
CA ASP A 1911 40.94 37.01 3.03
C ASP A 1911 39.93 37.20 4.15
N GLU A 1912 39.54 36.10 4.78
CA GLU A 1912 38.56 36.19 5.85
C GLU A 1912 39.22 36.74 7.10
N PRO A 1913 38.60 37.72 7.76
CA PRO A 1913 39.19 38.27 8.99
C PRO A 1913 39.09 37.28 10.14
N TYR A 1914 40.24 36.71 10.49
CA TYR A 1914 40.31 35.58 11.42
C TYR A 1914 41.02 35.96 12.71
N PHE A 1915 42.25 36.43 12.63
CA PHE A 1915 43.02 36.75 13.81
C PHE A 1915 42.87 38.20 14.24
N SER A 1916 42.32 39.05 13.38
CA SER A 1916 42.14 40.46 13.70
C SER A 1916 41.01 40.72 14.67
N LEU A 1917 40.18 39.72 14.95
CA LEU A 1917 39.11 39.87 15.92
C LEU A 1917 39.68 39.91 17.34
N ASP A 1918 38.85 40.35 18.27
CA ASP A 1918 39.36 40.65 19.62
C ASP A 1918 39.46 39.39 20.47
N ASN A 1919 38.32 38.75 20.72
CA ASN A 1919 38.17 37.69 21.73
C ASN A 1919 38.72 38.14 23.07
N ASP A 1920 38.26 39.30 23.52
CA ASP A 1920 38.92 40.06 24.56
C ASP A 1920 37.90 40.98 25.21
N TRP A 1921 37.58 40.73 26.48
CA TRP A 1921 36.44 41.40 27.08
C TRP A 1921 36.60 41.47 28.59
N SER A 1922 36.87 42.67 29.10
CA SER A 1922 36.89 42.89 30.54
C SER A 1922 35.46 42.89 31.04
N GLU A 1923 35.01 41.75 31.57
CA GLU A 1923 33.61 41.52 31.91
C GLU A 1923 33.19 42.33 33.12
N PRO A 1924 32.34 43.34 32.95
CA PRO A 1924 31.89 44.14 34.09
C PRO A 1924 30.66 43.51 34.72
N ARG A 1925 30.16 44.20 35.74
CA ARG A 1925 28.83 43.88 36.21
C ARG A 1925 27.81 44.66 35.39
N LEU A 1926 26.54 44.26 35.50
CA LEU A 1926 25.48 44.99 34.82
C LEU A 1926 25.33 46.39 35.39
N GLU A 1927 25.56 46.55 36.68
CA GLU A 1927 25.55 47.85 37.33
C GLU A 1927 26.66 48.74 36.80
N GLU A 1928 27.81 48.17 36.45
CA GLU A 1928 28.87 48.95 35.84
C GLU A 1928 28.55 49.27 34.38
N ALA A 1929 27.99 48.30 33.67
CA ALA A 1929 27.81 48.47 32.22
C ALA A 1929 26.65 49.39 31.90
N ALA A 1930 25.64 49.46 32.75
CA ALA A 1930 24.51 50.34 32.52
C ALA A 1930 24.66 51.67 33.22
N SER A 1931 25.89 52.14 33.39
CA SER A 1931 26.13 53.43 34.04
C SER A 1931 25.72 54.56 33.12
N GLN A 1932 24.67 55.29 33.52
CA GLN A 1932 24.19 56.41 32.74
C GLN A 1932 25.22 57.54 32.72
N THR A 1933 26.00 57.67 33.80
CA THR A 1933 27.11 58.61 33.83
C THR A 1933 28.15 58.28 32.76
N MET A 1934 28.49 57.00 32.64
CA MET A 1934 29.46 56.57 31.64
C MET A 1934 28.92 56.75 30.23
N ARG A 1935 27.63 56.48 30.04
CA ARG A 1935 27.01 56.67 28.73
C ARG A 1935 26.98 58.14 28.33
N HIS A 1936 26.64 59.02 29.28
CA HIS A 1936 26.66 60.45 29.02
C HIS A 1936 28.07 60.93 28.74
N HIS A 1937 29.06 60.37 29.44
CA HIS A 1937 30.44 60.75 29.19
C HIS A 1937 30.90 60.29 27.82
N TYR A 1938 30.38 59.15 27.36
CA TYR A 1938 30.69 58.68 26.02
C TYR A 1938 30.11 59.59 24.95
N GLN A 1939 28.86 60.03 25.15
CA GLN A 1939 28.27 60.95 24.19
C GLN A 1939 28.94 62.32 24.22
N HIS A 1940 29.37 62.75 25.40
CA HIS A 1940 30.14 63.99 25.51
C HIS A 1940 31.48 63.87 24.81
N LYS A 1941 32.11 62.69 24.89
CA LYS A 1941 33.33 62.44 24.17
C LYS A 1941 33.10 62.44 22.66
N MET A 1942 31.95 61.96 22.21
CA MET A 1942 31.65 61.98 20.79
C MET A 1942 31.45 63.40 20.28
N LEU A 1943 30.78 64.23 21.09
CA LEU A 1943 30.62 65.63 20.74
C LEU A 1943 31.96 66.36 20.71
N GLN A 1944 32.85 66.02 21.64
CA GLN A 1944 34.21 66.53 21.59
C GLN A 1944 34.95 66.04 20.37
N LEU A 1945 34.64 64.83 19.89
CA LEU A 1945 35.28 64.31 18.70
C LEU A 1945 34.90 65.12 17.47
N ARG A 1946 33.60 65.42 17.32
CA ARG A 1946 33.22 66.18 16.14
C ARG A 1946 33.58 67.66 16.25
N GLN A 1947 33.64 68.22 17.45
CA GLN A 1947 34.10 69.59 17.61
C GLN A 1947 35.61 69.70 17.71
N ARG A 1948 36.31 68.56 17.65
CA ARG A 1948 37.76 68.33 17.57
C ARG A 1948 38.54 68.63 18.85
N ALA A 1949 37.97 69.42 19.77
CA ALA A 1949 38.31 69.52 21.20
C ALA A 1949 39.79 69.64 21.59
N ALA A 1950 40.67 69.91 20.62
CA ALA A 1950 42.12 70.07 20.74
C ALA A 1950 42.86 68.82 21.22
N LEU A 1951 42.15 67.68 21.45
CA LEU A 1951 42.71 66.39 21.87
C LEU A 1951 43.59 66.51 23.11
N PRO A 1952 43.00 66.60 24.31
CA PRO A 1952 43.67 67.26 25.45
C PRO A 1952 44.98 66.64 25.94
N THR A 1953 45.32 65.44 25.47
CA THR A 1953 46.62 64.75 25.67
C THR A 1953 46.92 64.50 27.16
N LYS A 1954 45.88 64.56 27.99
CA LYS A 1954 46.00 64.15 29.38
C LYS A 1954 45.62 62.68 29.47
N ARG A 1955 46.63 61.82 29.50
CA ARG A 1955 46.40 60.38 29.48
C ARG A 1955 45.78 59.93 30.79
N THR A 1956 44.47 59.79 30.80
CA THR A 1956 43.74 59.37 31.99
C THR A 1956 43.29 57.92 31.81
N ALA A 1957 42.65 57.39 32.85
CA ALA A 1957 42.16 56.03 32.80
C ALA A 1957 40.95 55.95 31.87
N ASN A 1958 40.81 54.79 31.23
CA ASN A 1958 39.70 54.58 30.30
C ASN A 1958 38.43 54.37 31.11
N SER A 1959 37.66 55.44 31.27
CA SER A 1959 36.38 55.37 31.97
C SER A 1959 35.30 54.68 31.15
N LEU A 1960 35.55 54.40 29.88
CA LEU A 1960 34.61 53.74 28.99
C LEU A 1960 34.93 52.26 28.85
N THR A 1961 35.34 51.63 29.95
CA THR A 1961 35.84 50.26 29.91
C THR A 1961 34.74 49.26 29.58
N ALA A 1962 33.54 49.48 30.10
CA ALA A 1962 32.45 48.53 29.92
C ALA A 1962 31.68 48.74 28.63
N LEU A 1963 32.24 49.45 27.65
CA LEU A 1963 31.54 49.69 26.40
C LEU A 1963 31.48 48.42 25.57
N PHE A 1964 30.33 48.17 24.97
CA PHE A 1964 30.19 47.02 24.10
C PHE A 1964 30.88 47.26 22.78
N LEU A 1965 31.24 46.23 22.16
CA LEU A 1965 32.15 46.37 21.04
C LEU A 1965 31.41 46.26 19.72
N PRO A 1966 31.92 46.86 18.65
CA PRO A 1966 31.27 46.72 17.34
C PRO A 1966 31.39 45.32 16.80
N GLN A 1967 30.37 44.90 16.06
CA GLN A 1967 30.28 43.54 15.56
C GLN A 1967 30.23 43.56 14.04
N ILE A 1968 31.02 42.70 13.41
CA ILE A 1968 30.95 42.54 11.96
C ILE A 1968 29.61 41.90 11.59
N ASN A 1969 29.16 42.15 10.36
CA ASN A 1969 27.81 41.77 10.03
C ASN A 1969 27.72 40.27 9.74
N LYS A 1970 26.53 39.74 9.95
CA LYS A 1970 26.32 38.29 9.88
C LYS A 1970 26.35 37.79 8.45
N LYS A 1971 25.92 38.60 7.49
CA LYS A 1971 25.68 38.11 6.15
C LYS A 1971 26.98 37.82 5.40
N LEU A 1972 27.99 38.68 5.58
CA LEU A 1972 29.28 38.42 4.95
C LEU A 1972 29.94 37.19 5.55
N GLN A 1973 29.79 36.99 6.87
CA GLN A 1973 30.30 35.78 7.49
C GLN A 1973 29.57 34.55 6.98
N GLY A 1974 28.27 34.68 6.71
CA GLY A 1974 27.54 33.59 6.08
C GLY A 1974 28.03 33.29 4.68
N TYR A 1975 28.41 34.34 3.94
CA TYR A 1975 28.98 34.13 2.62
C TYR A 1975 30.32 33.42 2.69
N TRP A 1976 31.16 33.81 3.63
CA TRP A 1976 32.46 33.15 3.83
C TRP A 1976 32.27 31.68 4.19
N GLN A 1977 31.32 31.40 5.08
CA GLN A 1977 31.07 30.03 5.52
C GLN A 1977 30.52 29.18 4.39
N THR A 1978 29.58 29.71 3.60
CA THR A 1978 29.04 28.90 2.54
C THR A 1978 30.04 28.73 1.40
N LEU A 1979 30.95 29.70 1.21
CA LEU A 1979 31.96 29.53 0.17
C LEU A 1979 32.97 28.47 0.56
N THR A 1980 33.42 28.45 1.81
CA THR A 1980 34.37 27.43 2.20
C THR A 1980 33.69 26.06 2.31
N GLN A 1981 32.39 26.02 2.59
CA GLN A 1981 31.69 24.74 2.57
C GLN A 1981 31.53 24.21 1.15
N ARG A 1982 31.23 25.11 0.19
CA ARG A 1982 31.15 24.71 -1.21
C ARG A 1982 32.49 24.18 -1.72
N LEU A 1983 33.57 24.89 -1.39
CA LEU A 1983 34.87 24.43 -1.87
C LEU A 1983 35.33 23.18 -1.15
N TYR A 1984 34.88 22.95 0.08
CA TYR A 1984 35.21 21.70 0.75
C TYR A 1984 34.46 20.54 0.11
N ASN A 1985 33.20 20.75 -0.25
CA ASN A 1985 32.45 19.69 -0.91
C ASN A 1985 32.96 19.45 -2.32
N LEU A 1986 33.45 20.48 -2.98
CA LEU A 1986 33.93 20.33 -4.34
C LEU A 1986 35.33 19.75 -4.39
N ARG A 1987 36.16 20.01 -3.38
CA ARG A 1987 37.50 19.45 -3.34
C ARG A 1987 37.51 18.00 -2.91
N HIS A 1988 36.38 17.47 -2.49
CA HIS A 1988 36.17 16.05 -2.39
C HIS A 1988 35.16 15.66 -3.46
N ASN A 1989 34.76 14.40 -3.46
CA ASN A 1989 33.82 13.92 -4.45
C ASN A 1989 32.39 14.00 -3.96
N LEU A 1990 32.10 14.96 -3.08
CA LEU A 1990 30.78 15.08 -2.50
C LEU A 1990 29.83 15.78 -3.47
N THR A 1991 28.56 15.77 -3.10
CA THR A 1991 27.55 16.51 -3.84
C THR A 1991 27.47 17.93 -3.32
N ILE A 1992 26.39 18.62 -3.70
CA ILE A 1992 26.09 19.93 -3.12
C ILE A 1992 25.74 19.79 -1.65
N ASP A 1993 25.14 18.67 -1.26
CA ASP A 1993 24.73 18.44 0.12
C ASP A 1993 25.78 17.74 0.97
N GLY A 1994 26.95 17.45 0.41
CA GLY A 1994 27.98 16.74 1.13
C GLY A 1994 27.91 15.24 1.05
N GLN A 1995 26.94 14.67 0.35
CA GLN A 1995 26.96 13.22 0.23
C GLN A 1995 27.88 12.80 -0.90
N PRO A 1996 28.65 11.73 -0.72
CA PRO A 1996 29.66 11.38 -1.72
C PRO A 1996 29.05 10.77 -2.97
N LEU A 1997 29.66 11.08 -4.11
CA LEU A 1997 29.25 10.49 -5.38
C LEU A 1997 29.64 9.04 -5.49
N SER A 1998 30.89 8.72 -5.20
CA SER A 1998 31.41 7.36 -5.31
C SER A 1998 30.96 6.55 -4.10
N LEU A 1999 30.42 5.36 -4.34
CA LEU A 1999 29.92 4.53 -3.27
C LEU A 1999 31.07 3.90 -2.50
N SER A 2000 30.73 3.31 -1.35
CA SER A 2000 31.72 2.81 -0.42
C SER A 2000 32.14 1.38 -0.78
N LEU A 2001 33.30 0.99 -0.24
CA LEU A 2001 33.76 -0.38 -0.34
C LEU A 2001 33.08 -1.24 0.71
N TYR A 2002 32.66 -2.44 0.31
CA TYR A 2002 32.07 -3.42 1.21
C TYR A 2002 33.07 -4.56 1.37
N ALA A 2003 33.72 -4.61 2.52
CA ALA A 2003 34.66 -5.68 2.80
C ALA A 2003 33.91 -6.98 3.08
N THR A 2004 34.54 -8.08 2.72
CA THR A 2004 33.95 -9.39 2.90
C THR A 2004 34.13 -9.85 4.35
N PRO A 2005 33.07 -10.30 5.03
CA PRO A 2005 33.25 -10.82 6.39
C PRO A 2005 33.94 -12.17 6.38
N ALA A 2006 34.49 -12.58 7.53
CA ALA A 2006 35.19 -13.85 7.61
C ALA A 2006 34.20 -15.00 7.67
N ASP A 2007 34.55 -16.09 6.98
CA ASP A 2007 33.69 -17.26 6.96
C ASP A 2007 33.77 -17.99 8.30
N PRO A 2008 32.68 -18.64 8.72
CA PRO A 2008 32.74 -19.47 9.93
C PRO A 2008 33.60 -20.69 9.69
N SER A 2009 34.59 -20.89 10.56
CA SER A 2009 35.50 -22.01 10.44
C SER A 2009 34.81 -23.31 10.81
N MET A 2010 35.43 -24.42 10.42
CA MET A 2010 34.94 -25.75 10.75
C MET A 2010 35.73 -26.28 11.94
N LEU A 2011 35.01 -26.65 12.99
CA LEU A 2011 35.66 -27.11 14.21
C LEU A 2011 36.16 -28.54 14.01
N LEU A 2012 37.33 -28.83 14.57
CA LEU A 2012 37.96 -30.12 14.45
C LEU A 2012 38.20 -30.72 15.82
N SER A 2013 38.03 -32.04 15.92
CA SER A 2013 38.36 -32.78 17.12
C SER A 2013 39.25 -33.94 16.74
N ALA A 2014 39.74 -34.66 17.74
CA ALA A 2014 40.61 -35.80 17.50
C ALA A 2014 40.54 -36.72 18.71
N ALA A 2015 40.85 -37.98 18.48
CA ALA A 2015 40.93 -38.97 19.55
C ALA A 2015 42.37 -39.46 19.59
N ILE A 2016 43.16 -38.88 20.48
CA ILE A 2016 44.49 -39.41 20.73
C ILE A 2016 44.35 -40.73 21.47
N THR A 2017 45.32 -41.62 21.24
CA THR A 2017 45.23 -42.97 21.76
C THR A 2017 46.46 -43.27 22.60
N ALA A 2018 46.32 -44.24 23.49
CA ALA A 2018 47.40 -44.65 24.37
C ALA A 2018 47.82 -46.07 24.02
N SER A 2019 48.90 -46.52 24.64
CA SER A 2019 49.39 -47.88 24.43
C SER A 2019 50.12 -48.33 25.68
N GLN A 2020 49.43 -49.05 26.54
CA GLN A 2020 50.02 -49.60 27.75
C GLN A 2020 50.53 -51.00 27.46
N GLY A 2021 51.40 -51.49 28.34
CA GLY A 2021 51.98 -52.81 28.17
C GLY A 2021 50.97 -53.92 28.40
N GLY A 2022 51.34 -55.10 27.92
CA GLY A 2022 50.51 -56.26 28.08
C GLY A 2022 50.75 -56.98 29.39
N GLY A 2023 49.95 -58.02 29.62
CA GLY A 2023 50.13 -58.82 30.82
C GLY A 2023 51.25 -59.83 30.65
N ASP A 2024 52.21 -59.77 31.57
CA ASP A 2024 53.32 -60.71 31.54
C ASP A 2024 53.04 -61.91 32.44
N LEU A 2025 53.60 -63.05 32.09
CA LEU A 2025 53.23 -64.30 32.74
C LEU A 2025 53.93 -64.43 34.09
N PRO A 2026 53.21 -64.78 35.15
CA PRO A 2026 53.84 -64.98 36.46
C PRO A 2026 54.62 -66.29 36.55
N HIS A 2027 55.05 -66.64 37.76
CA HIS A 2027 55.79 -67.86 37.98
C HIS A 2027 54.84 -69.02 38.21
N ALA A 2028 55.10 -70.14 37.55
CA ALA A 2028 54.22 -71.31 37.64
C ALA A 2028 54.61 -72.18 38.82
N VAL A 2029 53.59 -72.66 39.55
CA VAL A 2029 53.76 -73.54 40.69
C VAL A 2029 53.14 -74.88 40.35
N MET A 2030 53.77 -75.97 40.76
CA MET A 2030 53.22 -77.29 40.50
C MET A 2030 52.27 -77.70 41.61
N PRO A 2031 51.03 -78.05 41.30
CA PRO A 2031 50.07 -78.46 42.32
C PRO A 2031 50.14 -79.97 42.56
N MET A 2032 49.25 -80.43 43.43
CA MET A 2032 49.24 -81.83 43.84
C MET A 2032 48.24 -82.69 43.09
N TYR A 2033 47.31 -82.09 42.37
CA TYR A 2033 46.27 -82.87 41.72
C TYR A 2033 46.65 -83.23 40.30
N ARG A 2034 45.90 -84.17 39.74
CA ARG A 2034 46.18 -84.62 38.39
C ARG A 2034 45.61 -83.64 37.37
N PHE A 2035 45.81 -83.98 36.10
CA PHE A 2035 45.46 -83.06 35.03
C PHE A 2035 43.96 -82.79 34.87
N PRO A 2036 43.02 -83.75 34.94
CA PRO A 2036 41.61 -83.37 34.83
C PRO A 2036 41.11 -82.56 36.01
N VAL A 2037 41.66 -82.78 37.20
CA VAL A 2037 41.24 -82.02 38.38
C VAL A 2037 41.70 -80.58 38.27
N ILE A 2038 42.99 -80.38 37.94
CA ILE A 2038 43.48 -79.02 37.79
C ILE A 2038 42.88 -78.36 36.55
N LEU A 2039 42.47 -79.14 35.55
CA LEU A 2039 41.82 -78.57 34.39
C LEU A 2039 40.41 -78.12 34.73
N GLU A 2040 39.74 -78.85 35.61
CA GLU A 2040 38.41 -78.43 36.04
C GLU A 2040 38.47 -77.15 36.85
N ASN A 2041 39.46 -77.03 37.73
CA ASN A 2041 39.63 -75.80 38.49
C ASN A 2041 39.99 -74.62 37.58
N ALA A 2042 40.85 -74.85 36.59
CA ALA A 2042 41.24 -73.79 35.67
C ALA A 2042 40.09 -73.36 34.78
N LYS A 2043 39.28 -74.32 34.30
CA LYS A 2043 38.12 -73.98 33.49
C LYS A 2043 37.08 -73.24 34.31
N TRP A 2044 36.97 -73.56 35.60
CA TRP A 2044 36.10 -72.79 36.50
C TRP A 2044 36.54 -71.34 36.58
N GLY A 2045 37.83 -71.11 36.85
CA GLY A 2045 38.33 -69.75 36.99
C GLY A 2045 38.22 -68.96 35.70
N VAL A 2046 38.46 -69.60 34.57
CA VAL A 2046 38.41 -68.90 33.29
C VAL A 2046 36.96 -68.60 32.90
N SER A 2047 36.01 -69.47 33.25
CA SER A 2047 34.61 -69.17 33.00
C SER A 2047 34.13 -68.00 33.85
N GLN A 2048 34.59 -67.94 35.10
CA GLN A 2048 34.27 -66.79 35.94
C GLN A 2048 34.88 -65.51 35.38
N LEU A 2049 36.08 -65.60 34.81
CA LEU A 2049 36.70 -64.43 34.21
C LEU A 2049 35.95 -63.96 32.97
N ILE A 2050 35.43 -64.91 32.18
CA ILE A 2050 34.61 -64.57 31.02
C ILE A 2050 33.37 -63.82 31.46
N GLN A 2051 32.75 -64.29 32.55
CA GLN A 2051 31.57 -63.61 33.10
C GLN A 2051 31.91 -62.19 33.56
N PHE A 2052 33.08 -62.03 34.19
CA PHE A 2052 33.45 -60.71 34.70
C PHE A 2052 33.79 -59.75 33.56
N GLY A 2053 34.41 -60.24 32.49
CA GLY A 2053 34.70 -59.38 31.35
C GLY A 2053 33.45 -58.94 30.63
N ASN A 2054 32.48 -59.84 30.48
CA ASN A 2054 31.19 -59.48 29.90
C ASN A 2054 30.47 -58.44 30.75
N THR A 2055 30.51 -58.61 32.08
CA THR A 2055 29.85 -57.66 32.97
C THR A 2055 30.53 -56.30 32.94
N LEU A 2056 31.87 -56.29 32.83
CA LEU A 2056 32.61 -55.04 32.75
C LEU A 2056 32.29 -54.29 31.47
N LEU A 2057 32.15 -55.03 30.36
CA LEU A 2057 31.74 -54.43 29.09
C LEU A 2057 30.37 -53.79 29.19
N SER A 2058 29.42 -54.50 29.79
CA SER A 2058 28.07 -53.95 29.93
C SER A 2058 28.06 -52.73 30.82
N ILE A 2059 28.88 -52.73 31.87
CA ILE A 2059 28.93 -51.60 32.77
C ILE A 2059 29.52 -50.37 32.10
N THR A 2060 30.60 -50.54 31.33
CA THR A 2060 31.20 -49.37 30.72
C THR A 2060 30.35 -48.81 29.58
N GLU A 2061 29.59 -49.66 28.87
CA GLU A 2061 28.74 -49.07 27.84
C GLU A 2061 27.51 -48.39 28.45
N ARG A 2062 26.99 -48.90 29.57
CA ARG A 2062 25.93 -48.18 30.27
C ARG A 2062 26.43 -46.85 30.82
N GLN A 2063 27.68 -46.82 31.30
CA GLN A 2063 28.27 -45.58 31.80
C GLN A 2063 28.40 -44.53 30.71
N ASP A 2064 28.83 -44.96 29.52
CA ASP A 2064 28.97 -44.02 28.41
C ASP A 2064 27.62 -43.50 27.93
N ALA A 2065 26.60 -44.37 27.85
CA ALA A 2065 25.28 -43.89 27.45
C ALA A 2065 24.69 -42.93 28.48
N GLU A 2066 24.94 -43.18 29.76
CA GLU A 2066 24.44 -42.29 30.81
C GLU A 2066 25.10 -40.93 30.77
N ALA A 2067 26.42 -40.88 30.56
CA ALA A 2067 27.11 -39.59 30.47
C ALA A 2067 26.67 -38.82 29.23
N LEU A 2068 26.39 -39.54 28.14
CA LEU A 2068 25.87 -38.89 26.93
C LEU A 2068 24.52 -38.24 27.18
N ALA A 2069 23.61 -38.96 27.86
CA ALA A 2069 22.29 -38.39 28.14
C ALA A 2069 22.39 -37.19 29.07
N GLU A 2070 23.30 -37.23 30.03
CA GLU A 2070 23.49 -36.09 30.93
C GLU A 2070 24.00 -34.86 30.20
N ILE A 2071 24.98 -35.05 29.31
CA ILE A 2071 25.51 -33.90 28.57
C ILE A 2071 24.47 -33.35 27.60
N LEU A 2072 23.56 -34.21 27.09
CA LEU A 2072 22.49 -33.76 26.21
C LEU A 2072 21.50 -32.90 26.98
N GLN A 2073 21.15 -33.30 28.21
CA GLN A 2073 20.22 -32.50 29.01
C GLN A 2073 20.82 -31.16 29.39
N THR A 2074 22.13 -31.11 29.67
CA THR A 2074 22.76 -29.84 30.00
C THR A 2074 22.73 -28.86 28.83
N GLN A 2075 23.12 -29.32 27.63
CA GLN A 2075 23.10 -28.38 26.52
C GLN A 2075 21.68 -28.05 26.05
N GLY A 2076 20.72 -28.95 26.27
CA GLY A 2076 19.32 -28.59 26.04
C GLY A 2076 18.82 -27.51 26.97
N SER A 2077 19.28 -27.53 28.23
CA SER A 2077 18.93 -26.46 29.16
C SER A 2077 19.49 -25.12 28.71
N GLU A 2078 20.75 -25.13 28.23
CA GLU A 2078 21.35 -23.88 27.76
C GLU A 2078 20.64 -23.32 26.53
N LEU A 2079 20.26 -24.21 25.59
CA LEU A 2079 19.51 -23.76 24.43
C LEU A 2079 18.14 -23.24 24.79
N ALA A 2080 17.50 -23.80 25.82
CA ALA A 2080 16.21 -23.29 26.26
C ALA A 2080 16.34 -21.87 26.81
N LEU A 2081 17.40 -21.61 27.58
CA LEU A 2081 17.67 -20.26 28.07
C LEU A 2081 17.86 -19.28 26.92
N GLN A 2082 18.64 -19.67 25.91
CA GLN A 2082 18.88 -18.81 24.76
C GLN A 2082 17.61 -18.55 23.95
N SER A 2083 16.72 -19.55 23.87
CA SER A 2083 15.48 -19.36 23.14
C SER A 2083 14.53 -18.41 23.85
N ILE A 2084 14.50 -18.45 25.18
CA ILE A 2084 13.72 -17.48 25.94
C ILE A 2084 14.25 -16.07 25.72
N LYS A 2085 15.58 -15.93 25.70
CA LYS A 2085 16.18 -14.62 25.44
C LYS A 2085 15.89 -14.12 24.03
N MET A 2086 15.66 -15.03 23.08
CA MET A 2086 15.24 -14.62 21.75
C MET A 2086 13.78 -14.18 21.70
N GLN A 2087 12.93 -14.88 22.44
CA GLN A 2087 11.51 -14.53 22.45
C GLN A 2087 11.27 -13.17 23.07
N ASP A 2088 12.15 -12.75 23.98
CA ASP A 2088 12.09 -11.38 24.50
C ASP A 2088 12.26 -10.33 23.40
N LYS A 2089 13.22 -10.54 22.49
CA LYS A 2089 13.42 -9.59 21.40
C LYS A 2089 12.27 -9.63 20.40
N VAL A 2090 11.65 -10.80 20.23
CA VAL A 2090 10.45 -10.89 19.40
C VAL A 2090 9.33 -10.03 19.97
N MET A 2091 9.13 -10.09 21.28
CA MET A 2091 8.11 -9.28 21.94
C MET A 2091 8.41 -7.79 21.83
N ALA A 2092 9.70 -7.42 21.93
CA ALA A 2092 10.07 -6.01 21.77
C ALA A 2092 9.84 -5.53 20.33
N GLU A 2093 10.02 -6.41 19.35
CA GLU A 2093 9.67 -6.07 17.96
C GLU A 2093 8.18 -5.79 17.82
N ILE A 2094 7.35 -6.60 18.50
CA ILE A 2094 5.90 -6.35 18.50
C ILE A 2094 5.58 -4.98 19.08
N ASP A 2095 6.30 -4.60 20.15
CA ASP A 2095 6.09 -3.30 20.78
C ASP A 2095 6.44 -2.15 19.84
N ALA A 2096 7.58 -2.25 19.15
CA ALA A 2096 7.98 -1.19 18.24
C ALA A 2096 7.06 -1.09 17.02
N ASP A 2097 6.52 -2.23 16.59
CA ASP A 2097 5.52 -2.19 15.52
C ASP A 2097 4.25 -1.50 15.96
N LYS A 2098 3.85 -1.71 17.22
CA LYS A 2098 2.69 -1.00 17.77
C LYS A 2098 2.94 0.50 17.83
N LEU A 2099 4.17 0.90 18.14
CA LEU A 2099 4.53 2.32 18.12
C LEU A 2099 4.42 2.91 16.72
N ALA A 2100 4.87 2.16 15.70
CA ALA A 2100 4.72 2.61 14.31
C ALA A 2100 3.26 2.77 13.93
N LEU A 2101 2.41 1.85 14.37
CA LEU A 2101 0.99 1.93 14.07
C LEU A 2101 0.34 3.15 14.74
N GLN A 2102 0.73 3.45 15.98
CA GLN A 2102 0.22 4.64 16.65
C GLN A 2102 0.65 5.91 15.92
N GLU A 2103 1.88 5.94 15.41
CA GLU A 2103 2.32 7.12 14.69
C GLU A 2103 1.67 7.27 13.33
N SER A 2104 1.18 6.18 12.74
CA SER A 2104 0.33 6.34 11.55
C SER A 2104 -1.05 6.86 11.92
N ARG A 2105 -1.59 6.37 13.03
CA ARG A 2105 -2.94 6.75 13.44
C ARG A 2105 -3.01 8.22 13.84
N HIS A 2106 -1.93 8.77 14.38
CA HIS A 2106 -1.91 10.18 14.76
C HIS A 2106 -2.04 11.09 13.54
N GLY A 2107 -1.34 10.75 12.45
CA GLY A 2107 -1.44 11.56 11.26
C GLY A 2107 -2.77 11.40 10.55
N ALA A 2108 -3.32 10.18 10.58
CA ALA A 2108 -4.67 9.99 10.04
C ALA A 2108 -5.70 10.80 10.84
N GLN A 2109 -5.50 10.90 12.16
CA GLN A 2109 -6.38 11.69 13.01
C GLN A 2109 -6.27 13.17 12.68
N SER A 2110 -5.05 13.67 12.52
CA SER A 2110 -4.88 15.09 12.21
C SER A 2110 -5.45 15.45 10.85
N ARG A 2111 -5.30 14.55 9.87
CA ARG A 2111 -5.88 14.78 8.55
C ARG A 2111 -7.40 14.79 8.61
N PHE A 2112 -7.99 13.87 9.38
CA PHE A 2112 -9.44 13.86 9.53
C PHE A 2112 -9.96 15.11 10.22
N ASP A 2113 -9.25 15.58 11.25
CA ASP A 2113 -9.70 16.77 11.96
C ASP A 2113 -9.57 18.01 11.10
N SER A 2114 -8.52 18.08 10.28
CA SER A 2114 -8.35 19.22 9.40
C SER A 2114 -9.38 19.24 8.29
N PHE A 2115 -9.71 18.07 7.74
CA PHE A 2115 -10.77 18.04 6.74
C PHE A 2115 -12.13 18.30 7.35
N ASN A 2116 -12.35 17.91 8.60
CA ASN A 2116 -13.63 18.19 9.24
C ASN A 2116 -13.80 19.68 9.52
N THR A 2117 -12.75 20.34 10.01
CA THR A 2117 -12.87 21.78 10.21
C THR A 2117 -12.83 22.55 8.91
N LEU A 2118 -12.36 21.93 7.81
CA LEU A 2118 -12.55 22.55 6.51
C LEU A 2118 -14.00 22.41 6.05
N TYR A 2119 -14.61 21.26 6.30
CA TYR A 2119 -15.96 21.02 5.83
C TYR A 2119 -17.00 21.79 6.63
N ASP A 2120 -16.72 22.06 7.91
CA ASP A 2120 -17.74 22.67 8.76
C ASP A 2120 -17.97 24.13 8.42
N GLU A 2121 -16.99 24.79 7.81
CA GLU A 2121 -17.20 26.10 7.22
C GLU A 2121 -17.27 25.93 5.71
N ASP A 2122 -18.47 26.05 5.16
CA ASP A 2122 -18.69 25.86 3.73
C ASP A 2122 -18.02 26.98 2.95
N VAL A 2123 -18.44 28.21 3.19
CA VAL A 2123 -17.81 29.35 2.55
C VAL A 2123 -17.02 30.11 3.59
N ASN A 2124 -15.99 30.80 3.13
CA ASN A 2124 -15.21 31.64 4.00
C ASN A 2124 -15.89 32.99 4.10
N ALA A 2125 -15.35 33.86 4.96
CA ALA A 2125 -15.85 35.22 5.05
C ALA A 2125 -15.59 35.97 3.75
N GLY A 2126 -14.39 35.83 3.20
CA GLY A 2126 -14.08 36.45 1.93
C GLY A 2126 -14.83 35.83 0.77
N GLU A 2127 -15.08 34.52 0.82
CA GLU A 2127 -15.85 33.87 -0.22
C GLU A 2127 -17.30 34.36 -0.23
N LYS A 2128 -17.90 34.48 0.96
CA LYS A 2128 -19.26 35.01 1.06
C LYS A 2128 -19.30 36.48 0.66
N GLN A 2129 -18.23 37.22 0.97
CA GLN A 2129 -18.14 38.61 0.54
C GLN A 2129 -18.09 38.72 -0.98
N ALA A 2130 -17.35 37.82 -1.64
CA ALA A 2130 -17.26 37.87 -3.09
C ALA A 2130 -18.59 37.49 -3.74
N MET A 2131 -19.33 36.55 -3.12
CA MET A 2131 -20.67 36.24 -3.58
C MET A 2131 -21.58 37.46 -3.50
N ASP A 2132 -21.52 38.18 -2.37
CA ASP A 2132 -22.37 39.34 -2.20
C ASP A 2132 -21.96 40.48 -3.14
N LEU A 2133 -20.68 40.56 -3.48
CA LEU A 2133 -20.24 41.61 -4.40
C LEU A 2133 -20.66 41.31 -5.82
N TYR A 2134 -20.61 40.04 -6.23
CA TYR A 2134 -21.14 39.65 -7.53
C TYR A 2134 -22.63 39.94 -7.61
N LEU A 2135 -23.36 39.67 -6.54
CA LEU A 2135 -24.80 39.95 -6.53
C LEU A 2135 -25.06 41.45 -6.59
N SER A 2136 -24.27 42.25 -5.87
CA SER A 2136 -24.44 43.69 -5.88
C SER A 2136 -24.12 44.29 -7.23
N SER A 2137 -23.11 43.74 -7.92
CA SER A 2137 -22.80 44.20 -9.27
C SER A 2137 -23.91 43.86 -10.24
N SER A 2138 -24.43 42.63 -10.15
CA SER A 2138 -25.50 42.21 -11.06
C SER A 2138 -26.79 42.98 -10.82
N VAL A 2139 -27.04 43.40 -9.57
CA VAL A 2139 -28.23 44.19 -9.31
C VAL A 2139 -28.02 45.63 -9.75
N LEU A 2140 -26.87 46.22 -9.39
CA LEU A 2140 -26.65 47.64 -9.63
C LEU A 2140 -26.42 47.96 -11.10
N SER A 2141 -25.98 46.99 -11.90
CA SER A 2141 -25.72 47.27 -13.32
C SER A 2141 -27.00 47.48 -14.10
N THR A 2142 -28.11 46.94 -13.62
CA THR A 2142 -29.37 47.03 -14.34
C THR A 2142 -30.14 48.31 -14.05
N SER A 2143 -29.60 49.21 -13.24
CA SER A 2143 -30.31 50.41 -12.86
C SER A 2143 -29.97 51.61 -13.74
N GLY A 2144 -29.36 51.37 -14.91
CA GLY A 2144 -28.94 52.46 -15.75
C GLY A 2144 -29.77 52.63 -17.00
N THR A 2145 -30.64 51.66 -17.26
CA THR A 2145 -31.50 51.73 -18.44
C THR A 2145 -32.53 52.84 -18.33
N ALA A 2146 -33.06 53.07 -17.12
CA ALA A 2146 -33.96 54.18 -16.90
C ALA A 2146 -33.28 55.52 -17.10
N LEU A 2147 -32.02 55.64 -16.68
CA LEU A 2147 -31.27 56.88 -16.90
C LEU A 2147 -30.91 57.09 -18.36
N HIS A 2148 -30.59 56.03 -19.09
CA HIS A 2148 -30.31 56.19 -20.51
C HIS A 2148 -31.57 56.55 -21.28
N MET A 2149 -32.70 55.94 -20.92
CA MET A 2149 -33.96 56.31 -21.53
C MET A 2149 -34.36 57.74 -21.20
N ALA A 2150 -34.04 58.18 -19.97
CA ALA A 2150 -34.33 59.56 -19.60
C ALA A 2150 -33.44 60.54 -20.35
N ALA A 2151 -32.19 60.15 -20.61
CA ALA A 2151 -31.31 60.98 -21.43
C ALA A 2151 -31.82 61.07 -22.85
N ALA A 2152 -32.35 59.96 -23.38
CA ALA A 2152 -32.90 59.96 -24.72
C ALA A 2152 -34.16 60.81 -24.81
N ALA A 2153 -35.01 60.75 -23.80
CA ALA A 2153 -36.21 61.56 -23.79
C ALA A 2153 -35.88 63.03 -23.59
N ALA A 2154 -34.79 63.34 -22.88
CA ALA A 2154 -34.41 64.73 -22.69
C ALA A 2154 -33.72 65.31 -23.90
N ASP A 2155 -33.05 64.48 -24.70
CA ASP A 2155 -32.33 64.98 -25.87
C ASP A 2155 -33.13 64.81 -27.16
N LEU A 2156 -34.45 64.77 -27.09
CA LEU A 2156 -35.27 64.78 -28.30
C LEU A 2156 -35.89 66.13 -28.58
N VAL A 2157 -36.00 67.00 -27.58
CA VAL A 2157 -36.51 68.35 -27.78
C VAL A 2157 -35.43 69.15 -28.51
N PRO A 2158 -35.79 70.13 -29.34
CA PRO A 2158 -34.77 70.87 -30.09
C PRO A 2158 -33.95 71.77 -29.19
N ASN A 2159 -32.63 71.70 -29.34
CA ASN A 2159 -31.73 72.51 -28.54
C ASN A 2159 -31.72 73.95 -29.02
N ILE A 2160 -31.43 74.15 -30.30
CA ILE A 2160 -31.21 75.48 -30.83
C ILE A 2160 -32.55 76.19 -30.99
N TYR A 2161 -32.52 77.52 -30.96
CA TYR A 2161 -33.69 78.34 -31.21
C TYR A 2161 -33.29 79.52 -32.06
N GLY A 2162 -34.29 80.34 -32.40
CA GLY A 2162 -34.03 81.51 -33.19
C GLY A 2162 -34.04 81.25 -34.68
N PHE A 2163 -33.12 81.87 -35.40
CA PHE A 2163 -33.09 81.80 -36.86
C PHE A 2163 -32.74 80.40 -37.36
N ALA A 2164 -32.03 79.62 -36.56
CA ALA A 2164 -31.92 78.18 -36.74
C ALA A 2164 -32.92 77.53 -35.82
N VAL A 2165 -33.79 76.69 -36.37
CA VAL A 2165 -35.02 76.37 -35.66
C VAL A 2165 -34.78 75.35 -34.56
N GLY A 2166 -33.99 74.32 -34.81
CA GLY A 2166 -33.70 73.40 -33.74
C GLY A 2166 -32.99 72.13 -34.13
N GLY A 2167 -31.99 71.74 -33.35
CA GLY A 2167 -31.25 70.53 -33.59
C GLY A 2167 -31.36 69.54 -32.45
N SER A 2168 -31.85 68.34 -32.75
CA SER A 2168 -32.02 67.30 -31.74
C SER A 2168 -31.74 65.96 -32.41
N ARG A 2169 -30.95 65.12 -31.74
CA ARG A 2169 -30.64 63.81 -32.29
C ARG A 2169 -31.86 62.91 -32.20
N PHE A 2170 -32.32 62.43 -33.35
CA PHE A 2170 -33.55 61.66 -33.42
C PHE A 2170 -33.35 60.21 -33.04
N GLY A 2171 -32.13 59.70 -33.14
CA GLY A 2171 -31.89 58.31 -32.87
C GLY A 2171 -31.44 58.07 -31.44
N ALA A 2172 -31.70 59.03 -30.56
CA ALA A 2172 -31.28 58.91 -29.18
C ALA A 2172 -32.04 57.81 -28.45
N LEU A 2173 -33.32 57.64 -28.79
CA LEU A 2173 -34.11 56.57 -28.18
C LEU A 2173 -33.63 55.20 -28.62
N PHE A 2174 -33.27 55.05 -29.90
CA PHE A 2174 -32.73 53.79 -30.38
C PHE A 2174 -31.37 53.49 -29.76
N ASN A 2175 -30.54 54.53 -29.61
CA ASN A 2175 -29.24 54.33 -28.99
C ASN A 2175 -29.37 53.96 -27.52
N ALA A 2176 -30.35 54.56 -26.83
CA ALA A 2176 -30.56 54.23 -25.43
C ALA A 2176 -31.13 52.84 -25.27
N SER A 2177 -31.99 52.41 -26.19
CA SER A 2177 -32.51 51.04 -26.12
C SER A 2177 -31.43 50.02 -26.41
N ALA A 2178 -30.55 50.32 -27.37
CA ALA A 2178 -29.44 49.42 -27.66
C ALA A 2178 -28.46 49.33 -26.51
N ILE A 2179 -28.16 50.46 -25.87
CA ILE A 2179 -27.22 50.43 -24.76
C ILE A 2179 -27.85 49.82 -23.52
N GLY A 2180 -29.18 49.88 -23.39
CA GLY A 2180 -29.84 49.17 -22.31
C GLY A 2180 -29.84 47.66 -22.54
N ILE A 2181 -29.96 47.25 -23.80
CA ILE A 2181 -29.85 45.84 -24.13
C ILE A 2181 -28.44 45.32 -23.85
N GLU A 2182 -27.42 46.12 -24.17
CA GLU A 2182 -26.04 45.71 -23.90
C GLU A 2182 -25.76 45.64 -22.40
N ILE A 2183 -26.27 46.60 -21.62
CA ILE A 2183 -26.01 46.56 -20.19
C ILE A 2183 -26.82 45.43 -19.54
N SER A 2184 -27.96 45.06 -20.13
CA SER A 2184 -28.69 43.90 -19.65
C SER A 2184 -27.93 42.61 -19.92
N ALA A 2185 -27.30 42.52 -21.09
CA ALA A 2185 -26.50 41.34 -21.42
C ALA A 2185 -25.30 41.22 -20.49
N SER A 2186 -24.67 42.34 -20.16
CA SER A 2186 -23.57 42.32 -19.20
C SER A 2186 -24.04 41.90 -17.82
N ALA A 2187 -25.24 42.33 -17.43
CA ALA A 2187 -25.77 41.98 -16.11
C ALA A 2187 -26.07 40.49 -16.01
N THR A 2188 -26.67 39.90 -17.05
CA THR A 2188 -26.92 38.47 -16.94
C THR A 2188 -25.64 37.65 -17.13
N ARG A 2189 -24.64 38.18 -17.82
CA ARG A 2189 -23.32 37.54 -17.86
C ARG A 2189 -22.70 37.46 -16.48
N ILE A 2190 -22.73 38.57 -15.74
CA ILE A 2190 -22.13 38.53 -14.41
C ILE A 2190 -23.01 37.76 -13.42
N ALA A 2191 -24.31 37.64 -13.69
CA ALA A 2191 -25.14 36.74 -12.90
C ALA A 2191 -24.75 35.29 -13.13
N ALA A 2192 -24.41 34.94 -14.37
CA ALA A 2192 -23.91 33.60 -14.66
C ALA A 2192 -22.59 33.33 -13.95
N ASP A 2193 -21.71 34.35 -13.89
CA ASP A 2193 -20.46 34.20 -13.14
C ASP A 2193 -20.71 33.98 -11.65
N LYS A 2194 -21.69 34.68 -11.09
CA LYS A 2194 -22.03 34.53 -9.68
C LYS A 2194 -22.52 33.13 -9.36
N ILE A 2195 -23.44 32.61 -10.18
CA ILE A 2195 -23.96 31.27 -9.93
C ILE A 2195 -22.89 30.22 -10.16
N SER A 2196 -21.97 30.46 -11.11
CA SER A 2196 -20.84 29.56 -11.31
C SER A 2196 -19.93 29.50 -10.09
N GLN A 2197 -19.69 30.66 -9.46
CA GLN A 2197 -18.86 30.68 -8.25
C GLN A 2197 -19.54 29.95 -7.10
N SER A 2198 -20.87 30.11 -6.97
CA SER A 2198 -21.61 29.39 -5.94
C SER A 2198 -21.51 27.87 -6.13
N GLU A 2199 -21.65 27.42 -7.38
CA GLU A 2199 -21.62 25.98 -7.62
C GLU A 2199 -20.21 25.42 -7.46
N ILE A 2200 -19.18 26.18 -7.80
CA ILE A 2200 -17.83 25.64 -7.62
C ILE A 2200 -17.47 25.60 -6.14
N TYR A 2201 -18.04 26.50 -5.33
CA TYR A 2201 -17.85 26.39 -3.88
C TYR A 2201 -18.56 25.17 -3.32
N ARG A 2202 -19.76 24.88 -3.85
CA ARG A 2202 -20.48 23.67 -3.41
C ARG A 2202 -19.72 22.40 -3.76
N ARG A 2203 -19.11 22.36 -4.95
CA ARG A 2203 -18.34 21.18 -5.34
C ARG A 2203 -17.07 21.03 -4.51
N ARG A 2204 -16.45 22.15 -4.13
CA ARG A 2204 -15.30 22.10 -3.23
C ARG A 2204 -15.68 21.53 -1.88
N ARG A 2205 -16.85 21.92 -1.36
CA ARG A 2205 -17.32 21.37 -0.09
C ARG A 2205 -17.62 19.88 -0.18
N GLN A 2206 -18.20 19.45 -1.30
CA GLN A 2206 -18.49 18.03 -1.48
C GLN A 2206 -17.21 17.20 -1.54
N GLU A 2207 -16.18 17.73 -2.20
CA GLU A 2207 -14.90 17.03 -2.25
C GLU A 2207 -14.25 16.94 -0.87
N TRP A 2208 -14.38 17.99 -0.06
CA TRP A 2208 -13.89 17.93 1.32
C TRP A 2208 -14.64 16.89 2.13
N GLU A 2209 -15.94 16.74 1.87
CA GLU A 2209 -16.73 15.71 2.54
C GLU A 2209 -16.23 14.31 2.17
N ILE A 2210 -15.85 14.11 0.90
CA ILE A 2210 -15.27 12.84 0.48
C ILE A 2210 -13.98 12.56 1.25
N GLN A 2211 -13.11 13.57 1.34
CA GLN A 2211 -11.84 13.40 2.03
C GLN A 2211 -12.03 13.11 3.51
N ARG A 2212 -13.02 13.75 4.12
CA ARG A 2212 -13.29 13.52 5.54
C ARG A 2212 -13.78 12.12 5.80
N ASN A 2213 -14.66 11.60 4.94
CA ASN A 2213 -15.16 10.24 5.12
C ASN A 2213 -14.05 9.22 4.90
N ASN A 2214 -13.15 9.48 3.94
CA ASN A 2214 -12.02 8.59 3.71
C ASN A 2214 -11.09 8.56 4.91
N ALA A 2215 -10.82 9.73 5.50
CA ALA A 2215 -9.90 9.76 6.65
C ALA A 2215 -10.53 9.14 7.88
N GLU A 2216 -11.86 9.23 8.02
CA GLU A 2216 -12.52 8.60 9.16
C GLU A 2216 -12.50 7.07 9.03
N ALA A 2217 -12.70 6.56 7.82
CA ALA A 2217 -12.55 5.12 7.60
C ALA A 2217 -11.12 4.68 7.86
N GLU A 2218 -10.15 5.50 7.50
CA GLU A 2218 -8.75 5.16 7.71
C GLU A 2218 -8.40 5.12 9.19
N ILE A 2219 -8.92 6.05 9.99
CA ILE A 2219 -8.57 6.04 11.40
C ILE A 2219 -9.27 4.89 12.12
N LYS A 2220 -10.46 4.50 11.67
CA LYS A 2220 -11.10 3.30 12.22
C LYS A 2220 -10.28 2.04 11.90
N GLN A 2221 -9.78 1.95 10.66
CA GLN A 2221 -9.01 0.79 10.25
C GLN A 2221 -7.70 0.67 11.03
N ILE A 2222 -7.01 1.80 11.25
CA ILE A 2222 -5.76 1.74 12.00
C ILE A 2222 -6.02 1.46 13.47
N ASP A 2223 -7.18 1.88 13.99
CA ASP A 2223 -7.53 1.52 15.37
C ASP A 2223 -7.76 0.02 15.52
N ALA A 2224 -8.46 -0.59 14.55
CA ALA A 2224 -8.65 -2.03 14.62
C ALA A 2224 -7.36 -2.80 14.39
N GLN A 2225 -6.44 -2.23 13.59
CA GLN A 2225 -5.12 -2.84 13.47
C GLN A 2225 -4.33 -2.76 14.76
N LEU A 2226 -4.50 -1.67 15.52
CA LEU A 2226 -3.91 -1.61 16.86
C LEU A 2226 -4.48 -2.67 17.78
N ALA A 2227 -5.78 -2.96 17.63
CA ALA A 2227 -6.40 -4.02 18.43
C ALA A 2227 -5.81 -5.39 18.10
N THR A 2228 -5.67 -5.71 16.81
CA THR A 2228 -5.12 -7.02 16.48
C THR A 2228 -3.63 -7.11 16.79
N LEU A 2229 -2.92 -5.98 16.80
CA LEU A 2229 -1.54 -5.99 17.25
C LEU A 2229 -1.44 -6.24 18.75
N ALA A 2230 -2.38 -5.72 19.54
CA ALA A 2230 -2.38 -6.04 20.96
C ALA A 2230 -2.67 -7.52 21.21
N VAL A 2231 -3.57 -8.09 20.41
CA VAL A 2231 -3.87 -9.52 20.54
C VAL A 2231 -2.64 -10.36 20.17
N ARG A 2232 -1.92 -9.96 19.13
CA ARG A 2232 -0.71 -10.69 18.77
C ARG A 2232 0.39 -10.53 19.80
N ARG A 2233 0.43 -9.38 20.47
CA ARG A 2233 1.36 -9.21 21.59
C ARG A 2233 1.06 -10.18 22.73
N GLU A 2234 -0.23 -10.33 23.06
CA GLU A 2234 -0.60 -11.29 24.11
C GLU A 2234 -0.30 -12.72 23.69
N ALA A 2235 -0.44 -13.03 22.40
CA ALA A 2235 -0.05 -14.34 21.91
C ALA A 2235 1.45 -14.57 22.05
N ALA A 2236 2.26 -13.54 21.81
CA ALA A 2236 3.71 -13.68 21.97
C ALA A 2236 4.10 -13.81 23.43
N VAL A 2237 3.36 -13.16 24.33
CA VAL A 2237 3.61 -13.32 25.77
C VAL A 2237 3.29 -14.74 26.20
N LEU A 2238 2.19 -15.30 25.70
CA LEU A 2238 1.87 -16.70 25.98
C LEU A 2238 2.92 -17.65 25.39
N GLN A 2239 3.50 -17.29 24.25
CA GLN A 2239 4.59 -18.08 23.67
C GLN A 2239 5.82 -18.05 24.56
N LYS A 2240 6.13 -16.89 25.13
CA LYS A 2240 7.28 -16.80 26.05
C LYS A 2240 7.03 -17.59 27.32
N ASN A 2241 5.77 -17.63 27.77
CA ASN A 2241 5.43 -18.45 28.93
C ASN A 2241 5.57 -19.94 28.59
N TYR A 2242 5.24 -20.32 27.36
CA TYR A 2242 5.45 -21.69 26.90
C TYR A 2242 6.93 -22.05 26.89
N LEU A 2243 7.78 -21.12 26.45
CA LEU A 2243 9.22 -21.37 26.42
C LEU A 2243 9.78 -21.46 27.84
N GLU A 2244 9.26 -20.66 28.76
CA GLU A 2244 9.67 -20.79 30.16
C GLU A 2244 9.26 -22.13 30.75
N THR A 2245 8.08 -22.63 30.36
CA THR A 2245 7.66 -23.94 30.80
C THR A 2245 8.57 -25.03 30.25
N GLN A 2246 9.00 -24.89 29.00
CA GLN A 2246 9.94 -25.86 28.42
C GLN A 2246 11.29 -25.83 29.13
N GLN A 2247 11.76 -24.65 29.52
CA GLN A 2247 13.01 -24.56 30.26
C GLN A 2247 12.89 -25.21 31.64
N ALA A 2248 11.74 -24.99 32.31
CA ALA A 2248 11.53 -25.60 33.62
C ALA A 2248 11.43 -27.12 33.53
N GLN A 2249 10.84 -27.64 32.45
CA GLN A 2249 10.74 -29.08 32.31
C GLN A 2249 12.09 -29.70 31.96
N THR A 2250 12.91 -29.01 31.18
CA THR A 2250 14.25 -29.51 30.90
C THR A 2250 15.12 -29.49 32.15
N GLN A 2251 14.92 -28.47 33.00
CA GLN A 2251 15.60 -28.47 34.30
C GLN A 2251 15.12 -29.60 35.19
N ALA A 2252 13.83 -29.93 35.13
CA ALA A 2252 13.32 -31.05 35.92
C ALA A 2252 13.89 -32.38 35.43
N GLN A 2253 14.07 -32.53 34.11
CA GLN A 2253 14.69 -33.74 33.60
C GLN A 2253 16.16 -33.83 34.00
N LEU A 2254 16.86 -32.69 34.01
CA LEU A 2254 18.26 -32.69 34.41
C LEU A 2254 18.39 -33.01 35.89
N ALA A 2255 17.47 -32.49 36.72
CA ALA A 2255 17.47 -32.82 38.13
C ALA A 2255 17.14 -34.29 38.37
N PHE A 2256 16.30 -34.87 37.52
CA PHE A 2256 16.00 -36.30 37.64
C PHE A 2256 17.21 -37.13 37.26
N LEU A 2257 17.95 -36.72 36.22
CA LEU A 2257 19.15 -37.45 35.84
C LEU A 2257 20.24 -37.32 36.89
N GLN A 2258 20.27 -36.21 37.61
CA GLN A 2258 21.22 -36.10 38.72
C GLN A 2258 20.78 -36.95 39.90
N SER A 2259 19.50 -36.95 40.22
CA SER A 2259 19.00 -37.52 41.47
C SER A 2259 18.58 -38.99 41.35
N LYS A 2260 18.61 -39.56 40.15
CA LYS A 2260 18.30 -40.98 40.04
C LYS A 2260 19.43 -41.81 40.64
N PHE A 2261 19.08 -43.01 41.10
CA PHE A 2261 20.08 -43.86 41.71
C PHE A 2261 21.03 -44.43 40.67
N SER A 2262 20.50 -44.80 39.50
CA SER A 2262 21.33 -45.34 38.43
C SER A 2262 21.88 -44.24 37.54
N ASN A 2263 22.55 -43.27 38.15
CA ASN A 2263 23.13 -42.17 37.40
C ASN A 2263 24.50 -42.56 36.87
N ALA A 2264 25.25 -41.57 36.39
CA ALA A 2264 26.57 -41.86 35.85
C ALA A 2264 27.58 -42.14 36.96
N ALA A 2265 27.34 -41.64 38.17
CA ALA A 2265 28.27 -41.84 39.26
C ALA A 2265 28.32 -43.29 39.71
N LEU A 2266 27.14 -43.93 39.78
CA LEU A 2266 27.07 -45.34 40.13
C LEU A 2266 27.78 -46.21 39.10
N TYR A 2267 27.62 -45.88 37.83
CA TYR A 2267 28.29 -46.66 36.79
C TYR A 2267 29.79 -46.41 36.77
N ASN A 2268 30.22 -45.19 37.12
CA ASN A 2268 31.65 -44.91 37.23
C ASN A 2268 32.27 -45.72 38.35
N TRP A 2269 31.59 -45.76 39.50
CA TRP A 2269 32.08 -46.53 40.63
C TRP A 2269 32.08 -48.02 40.32
N LEU A 2270 31.07 -48.48 39.60
CA LEU A 2270 30.98 -49.88 39.20
C LEU A 2270 32.10 -50.26 38.27
N ARG A 2271 32.41 -49.42 37.28
CA ARG A 2271 33.45 -49.78 36.34
C ARG A 2271 34.85 -49.70 36.97
N GLY A 2272 35.07 -48.78 37.92
CA GLY A 2272 36.36 -48.76 38.59
C GLY A 2272 36.57 -49.95 39.50
N ARG A 2273 35.57 -50.25 40.35
CA ARG A 2273 35.66 -51.38 41.25
C ARG A 2273 35.75 -52.69 40.48
N LEU A 2274 34.99 -52.82 39.40
CA LEU A 2274 35.01 -54.05 38.64
C LEU A 2274 36.29 -54.18 37.83
N SER A 2275 36.90 -53.08 37.41
CA SER A 2275 38.20 -53.18 36.74
C SER A 2275 39.28 -53.67 37.69
N ALA A 2276 39.22 -53.21 38.95
CA ALA A 2276 40.18 -53.68 39.95
C ALA A 2276 40.01 -55.18 40.21
N ILE A 2277 38.76 -55.60 40.43
CA ILE A 2277 38.49 -57.00 40.74
C ILE A 2277 38.79 -57.88 39.53
N TYR A 2278 38.56 -57.36 38.33
CA TYR A 2278 38.84 -58.08 37.10
C TYR A 2278 40.33 -58.29 36.89
N TYR A 2279 41.14 -57.29 37.23
CA TYR A 2279 42.58 -57.46 37.08
C TYR A 2279 43.14 -58.46 38.08
N GLN A 2280 42.68 -58.41 39.32
CA GLN A 2280 43.18 -59.37 40.32
C GLN A 2280 42.71 -60.78 40.00
N PHE A 2281 41.50 -60.90 39.45
CA PHE A 2281 41.01 -62.20 39.02
C PHE A 2281 41.77 -62.70 37.80
N TYR A 2282 42.27 -61.79 36.95
CA TYR A 2282 43.13 -62.19 35.85
C TYR A 2282 44.42 -62.80 36.37
N ASP A 2283 44.99 -62.19 37.42
CA ASP A 2283 46.18 -62.75 38.04
C ASP A 2283 45.93 -64.15 38.58
N LEU A 2284 44.79 -64.34 39.26
CA LEU A 2284 44.48 -65.65 39.84
C LEU A 2284 44.24 -66.70 38.76
N ALA A 2285 43.52 -66.35 37.70
CA ALA A 2285 43.22 -67.34 36.67
C ALA A 2285 44.42 -67.67 35.81
N VAL A 2286 45.33 -66.71 35.58
CA VAL A 2286 46.52 -67.08 34.83
C VAL A 2286 47.46 -67.90 35.71
N SER A 2287 47.39 -67.72 37.04
CA SER A 2287 48.14 -68.61 37.92
C SER A 2287 47.58 -70.02 37.89
N LEU A 2288 46.25 -70.15 37.83
CA LEU A 2288 45.65 -71.48 37.75
C LEU A 2288 45.95 -72.15 36.42
N CYS A 2289 46.00 -71.36 35.33
CA CYS A 2289 46.34 -71.92 34.03
C CYS A 2289 47.80 -72.36 34.00
N LEU A 2290 48.68 -71.61 34.67
CA LEU A 2290 50.07 -72.04 34.77
C LEU A 2290 50.22 -73.28 35.62
N MET A 2291 49.39 -73.41 36.65
CA MET A 2291 49.33 -74.66 37.43
C MET A 2291 48.96 -75.84 36.55
N ALA A 2292 47.93 -75.69 35.72
CA ALA A 2292 47.51 -76.77 34.84
C ALA A 2292 48.55 -77.07 33.77
N GLU A 2293 49.27 -76.04 33.29
CA GLU A 2293 50.33 -76.26 32.32
C GLU A 2293 51.49 -77.02 32.93
N GLN A 2294 51.86 -76.69 34.16
CA GLN A 2294 52.90 -77.43 34.87
C GLN A 2294 52.48 -78.87 35.10
N THR A 2295 51.20 -79.09 35.40
CA THR A 2295 50.67 -80.45 35.54
C THR A 2295 50.73 -81.24 34.25
N TYR A 2296 50.39 -80.61 33.12
CA TYR A 2296 50.46 -81.31 31.83
C TYR A 2296 51.90 -81.62 31.44
N GLN A 2297 52.80 -80.67 31.65
CA GLN A 2297 54.21 -80.87 31.35
C GLN A 2297 54.84 -81.92 32.25
N TYR A 2298 54.32 -82.12 33.46
CA TYR A 2298 54.84 -83.21 34.28
C TYR A 2298 54.25 -84.54 33.86
N GLU A 2299 52.96 -84.58 33.51
CA GLU A 2299 52.32 -85.85 33.19
C GLU A 2299 52.82 -86.39 31.86
N LEU A 2300 52.59 -85.65 30.78
CA LEU A 2300 53.27 -85.98 29.54
C LEU A 2300 54.70 -85.50 29.65
N ASN A 2301 55.66 -86.41 29.56
CA ASN A 2301 57.05 -86.12 29.91
C ASN A 2301 57.66 -85.23 28.84
N ASN A 2302 57.37 -83.94 28.95
CA ASN A 2302 57.80 -82.94 27.97
C ASN A 2302 57.77 -81.59 28.69
N ALA A 2303 58.95 -81.00 28.84
CA ALA A 2303 59.06 -79.71 29.51
C ALA A 2303 58.89 -78.54 28.56
N ALA A 2304 58.70 -78.79 27.27
CA ALA A 2304 58.60 -77.72 26.28
C ALA A 2304 57.17 -77.43 25.87
N ALA A 2305 56.20 -78.15 26.43
CA ALA A 2305 54.80 -77.92 26.08
C ALA A 2305 54.32 -76.63 26.74
N HIS A 2306 54.47 -75.52 26.02
CA HIS A 2306 54.08 -74.21 26.51
C HIS A 2306 52.77 -73.84 25.82
N PHE A 2307 51.67 -73.96 26.56
CA PHE A 2307 50.34 -73.77 25.98
C PHE A 2307 49.70 -72.45 26.32
N ILE A 2308 50.11 -71.80 27.40
CA ILE A 2308 49.56 -70.51 27.79
C ILE A 2308 50.44 -69.46 27.14
N LYS A 2309 49.86 -68.72 26.23
CA LYS A 2309 50.62 -67.71 25.52
C LYS A 2309 50.82 -66.49 26.40
N PRO A 2310 51.99 -65.86 26.34
CA PRO A 2310 52.22 -64.63 27.09
C PRO A 2310 51.39 -63.51 26.50
N GLY A 2311 50.74 -62.76 27.34
CA GLY A 2311 49.93 -61.67 26.86
C GLY A 2311 48.52 -61.80 27.40
N ALA A 2312 47.56 -61.60 26.49
CA ALA A 2312 46.12 -61.79 26.65
C ALA A 2312 45.47 -60.79 27.60
N TRP A 2313 46.25 -59.93 28.23
CA TRP A 2313 45.74 -58.80 29.00
C TRP A 2313 46.25 -57.56 28.26
N HIS A 2314 45.49 -57.12 27.28
CA HIS A 2314 45.85 -55.94 26.51
C HIS A 2314 45.30 -54.72 27.24
N GLY A 2315 46.19 -53.99 27.91
CA GLY A 2315 45.79 -52.91 28.80
C GLY A 2315 45.14 -51.74 28.10
N THR A 2316 45.44 -51.53 26.81
CA THR A 2316 44.85 -50.43 26.07
C THR A 2316 43.37 -50.65 25.78
N TYR A 2317 42.91 -51.90 25.80
CA TYR A 2317 41.50 -52.23 25.73
C TYR A 2317 41.02 -52.74 27.08
N ALA A 2318 41.75 -52.38 28.13
CA ALA A 2318 41.50 -52.72 29.53
C ALA A 2318 41.46 -54.22 29.77
N GLY A 2319 42.16 -55.00 28.95
CA GLY A 2319 42.26 -56.43 29.18
C GLY A 2319 40.99 -57.22 28.93
N LEU A 2320 40.18 -56.82 27.97
CA LEU A 2320 38.99 -57.60 27.65
C LEU A 2320 39.38 -58.84 26.85
N LEU A 2321 38.46 -59.81 26.85
CA LEU A 2321 38.59 -61.11 26.16
C LEU A 2321 39.76 -61.96 26.68
N ALA A 2322 40.25 -61.63 27.88
CA ALA A 2322 41.31 -62.42 28.49
C ALA A 2322 40.81 -63.82 28.81
N GLY A 2323 39.56 -63.93 29.25
CA GLY A 2323 38.96 -65.23 29.48
C GLY A 2323 38.76 -66.00 28.20
N GLU A 2324 38.52 -65.31 27.09
CA GLU A 2324 38.41 -65.98 25.81
C GLU A 2324 39.75 -66.57 25.38
N THR A 2325 40.83 -65.80 25.55
CA THR A 2325 42.16 -66.31 25.19
C THR A 2325 42.58 -67.46 26.09
N LEU A 2326 42.27 -67.35 27.39
CA LEU A 2326 42.64 -68.44 28.29
C LEU A 2326 41.78 -69.68 28.08
N MET A 2327 40.51 -69.52 27.70
CA MET A 2327 39.70 -70.68 27.34
C MET A 2327 40.23 -71.35 26.08
N LEU A 2328 40.72 -70.54 25.14
CA LEU A 2328 41.33 -71.10 23.94
C LEU A 2328 42.58 -71.90 24.26
N ASN A 2329 43.42 -71.38 25.17
CA ASN A 2329 44.63 -72.09 25.55
C ASN A 2329 44.30 -73.37 26.32
N LEU A 2330 43.30 -73.31 27.19
CA LEU A 2330 42.91 -74.50 27.96
C LEU A 2330 42.34 -75.57 27.05
N ALA A 2331 41.53 -75.19 26.06
CA ALA A 2331 40.99 -76.19 25.15
C ALA A 2331 42.06 -76.76 24.23
N GLN A 2332 43.06 -75.94 23.86
CA GLN A 2332 44.20 -76.45 23.11
C GLN A 2332 44.96 -77.51 23.90
N MET A 2333 45.29 -77.21 25.16
CA MET A 2333 46.03 -78.15 25.98
C MET A 2333 45.21 -79.40 26.29
N GLU A 2334 43.90 -79.24 26.46
CA GLU A 2334 43.03 -80.38 26.73
C GLU A 2334 42.93 -81.29 25.52
N LYS A 2335 42.79 -80.71 24.32
CA LYS A 2335 42.71 -81.53 23.11
C LYS A 2335 44.02 -82.23 22.84
N SER A 2336 45.15 -81.56 23.13
CA SER A 2336 46.44 -82.23 22.98
C SER A 2336 46.61 -83.38 23.96
N TYR A 2337 46.12 -83.21 25.19
CA TYR A 2337 46.18 -84.29 26.17
C TYR A 2337 45.32 -85.48 25.74
N LEU A 2338 44.13 -85.20 25.22
CA LEU A 2338 43.25 -86.28 24.78
C LEU A 2338 43.79 -86.97 23.54
N GLU A 2339 44.50 -86.25 22.68
CA GLU A 2339 45.07 -86.89 21.52
C GLU A 2339 46.35 -87.65 21.83
N LYS A 2340 47.10 -87.25 22.86
CA LYS A 2340 48.36 -87.91 23.15
C LYS A 2340 48.32 -88.85 24.33
N ASP A 2341 47.17 -89.02 24.97
CA ASP A 2341 47.08 -89.97 26.08
C ASP A 2341 46.80 -91.38 25.57
N GLU A 2342 47.68 -92.30 25.89
CA GLU A 2342 47.47 -93.73 25.65
C GLU A 2342 47.32 -94.43 26.99
N ARG A 2343 47.07 -95.74 26.95
CA ARG A 2343 46.70 -96.49 28.16
C ARG A 2343 47.80 -96.57 29.21
N ALA A 2344 48.80 -97.43 28.98
CA ALA A 2344 49.76 -97.83 30.01
C ALA A 2344 50.77 -98.85 29.50
N LEU A 2345 51.76 -99.16 30.34
CA LEU A 2345 52.35 -100.50 30.45
C LEU A 2345 52.86 -100.59 31.88
N GLU A 2346 52.01 -101.11 32.76
CA GLU A 2346 52.26 -101.00 34.20
C GLU A 2346 53.01 -102.23 34.70
N VAL A 2347 54.27 -102.04 35.06
CA VAL A 2347 55.17 -103.13 35.40
C VAL A 2347 55.57 -102.99 36.85
N THR A 2348 55.24 -103.99 37.67
CA THR A 2348 55.72 -104.04 39.03
C THR A 2348 57.00 -104.86 39.08
N ARG A 2349 58.05 -104.28 39.66
CA ARG A 2349 59.33 -104.94 39.79
C ARG A 2349 59.69 -105.02 41.26
N THR A 2350 59.62 -106.21 41.83
CA THR A 2350 60.00 -106.44 43.21
C THR A 2350 61.50 -106.62 43.28
N VAL A 2351 62.16 -105.78 44.07
CA VAL A 2351 63.62 -105.76 44.17
C VAL A 2351 64.00 -106.08 45.60
N SER A 2352 64.79 -107.14 45.77
CA SER A 2352 65.35 -107.50 47.07
C SER A 2352 66.72 -106.86 47.21
N LEU A 2353 66.88 -106.03 48.24
CA LEU A 2353 68.12 -105.29 48.41
C LEU A 2353 69.29 -106.18 48.81
N ALA A 2354 69.01 -107.34 49.41
CA ALA A 2354 70.08 -108.26 49.75
C ALA A 2354 70.74 -108.83 48.50
N GLU A 2355 69.96 -109.05 47.45
CA GLU A 2355 70.50 -109.51 46.19
C GLU A 2355 71.39 -108.46 45.54
N VAL A 2356 70.98 -107.19 45.63
CA VAL A 2356 71.78 -106.11 45.05
C VAL A 2356 73.05 -105.89 45.86
N TYR A 2357 72.96 -106.05 47.17
CA TYR A 2357 74.13 -105.89 48.01
C TYR A 2357 75.09 -107.06 47.87
N ALA A 2358 74.57 -108.24 47.48
CA ALA A 2358 75.45 -109.37 47.23
C ALA A 2358 76.07 -109.31 45.85
N GLY A 2359 75.32 -108.85 44.85
CA GLY A 2359 75.84 -108.76 43.50
C GLY A 2359 76.30 -107.37 43.16
N LEU A 2360 76.94 -106.71 44.14
CA LEU A 2360 77.40 -105.35 43.97
C LEU A 2360 78.66 -105.24 43.14
N THR A 2361 79.47 -106.31 43.09
CA THR A 2361 80.75 -106.43 42.39
C THR A 2361 81.81 -105.43 42.85
N GLU A 2362 81.58 -104.73 43.97
CA GLU A 2362 82.57 -103.85 44.56
C GLU A 2362 82.17 -103.67 46.02
N ASN A 2363 82.96 -104.26 46.92
CA ASN A 2363 82.70 -104.27 48.36
C ASN A 2363 81.32 -104.85 48.67
N SER A 2364 80.97 -105.92 47.95
CA SER A 2364 79.68 -106.57 48.17
C SER A 2364 79.67 -107.29 49.51
N PHE A 2365 78.47 -107.50 50.04
CA PHE A 2365 78.36 -108.00 51.40
C PHE A 2365 77.06 -108.76 51.58
N ILE A 2366 76.95 -109.39 52.74
CA ILE A 2366 75.72 -110.05 53.17
C ILE A 2366 74.98 -109.13 54.11
N LEU A 2367 73.74 -108.81 53.72
CA LEU A 2367 72.94 -107.79 54.40
C LEU A 2367 72.61 -108.17 55.83
N LYS A 2368 72.28 -109.44 56.07
CA LYS A 2368 71.83 -109.88 57.39
C LYS A 2368 72.97 -109.86 58.40
N ASP A 2369 74.21 -109.98 57.94
CA ASP A 2369 75.35 -109.87 58.84
C ASP A 2369 75.81 -108.44 58.99
N LYS A 2370 75.69 -107.63 57.93
CA LYS A 2370 76.10 -106.25 58.07
C LYS A 2370 75.13 -105.46 58.94
N VAL A 2371 73.86 -105.85 58.99
CA VAL A 2371 72.93 -105.12 59.84
C VAL A 2371 73.21 -105.37 61.33
N THR A 2372 73.53 -106.62 61.69
CA THR A 2372 73.82 -106.86 63.10
C THR A 2372 75.21 -106.35 63.47
N GLU A 2373 76.14 -106.34 62.52
CA GLU A 2373 77.43 -105.69 62.73
C GLU A 2373 77.27 -104.20 62.99
N LEU A 2374 76.47 -103.52 62.17
CA LEU A 2374 76.31 -102.09 62.33
C LEU A 2374 75.36 -101.72 63.46
N VAL A 2375 74.55 -102.65 63.94
CA VAL A 2375 73.71 -102.37 65.10
C VAL A 2375 74.47 -102.58 66.41
N ASN A 2376 75.16 -103.72 66.55
CA ASN A 2376 75.95 -103.94 67.75
C ASN A 2376 77.19 -103.05 67.80
N ALA A 2377 77.68 -102.60 66.64
CA ALA A 2377 78.74 -101.60 66.57
C ALA A 2377 78.16 -100.44 65.78
N GLY A 2378 77.57 -99.47 66.48
CA GLY A 2378 76.86 -98.38 65.84
C GLY A 2378 77.75 -97.29 65.26
N GLU A 2379 78.74 -97.66 64.48
CA GLU A 2379 79.64 -96.69 63.88
C GLU A 2379 79.83 -96.90 62.38
N GLY A 2380 79.89 -98.15 61.93
CA GLY A 2380 80.39 -98.45 60.60
C GLY A 2380 79.39 -98.17 59.50
N SER A 2381 79.83 -98.50 58.28
CA SER A 2381 79.01 -98.42 57.08
C SER A 2381 79.09 -99.75 56.36
N ALA A 2382 78.57 -99.80 55.14
CA ALA A 2382 78.60 -101.03 54.37
C ALA A 2382 78.74 -100.69 52.90
N GLY A 2383 79.72 -101.34 52.26
CA GLY A 2383 79.96 -101.18 50.84
C GLY A 2383 80.41 -99.79 50.47
N THR A 2384 80.31 -99.52 49.16
CA THR A 2384 80.65 -98.21 48.64
C THR A 2384 79.54 -97.20 48.97
N THR A 2385 79.82 -95.95 48.65
CA THR A 2385 78.79 -94.93 48.74
C THR A 2385 77.76 -95.13 47.65
N LEU A 2386 76.55 -94.63 47.91
CA LEU A 2386 75.34 -94.65 47.07
C LEU A 2386 74.75 -96.04 46.88
N ASN A 2387 75.41 -97.10 47.36
CA ASN A 2387 74.92 -98.46 47.19
C ASN A 2387 75.17 -99.26 48.46
N GLY A 2388 74.90 -98.67 49.61
CA GLY A 2388 75.17 -99.42 50.83
C GLY A 2388 74.60 -98.73 52.05
N LEU A 2389 74.88 -99.34 53.20
CA LEU A 2389 74.38 -98.86 54.48
C LEU A 2389 75.33 -97.83 55.07
N ASN A 2390 74.80 -97.07 56.02
CA ASN A 2390 75.60 -96.17 56.84
C ASN A 2390 74.83 -95.87 58.11
N VAL A 2391 75.53 -95.75 59.22
CA VAL A 2391 74.94 -95.33 60.48
C VAL A 2391 75.32 -93.87 60.71
N GLU A 2392 74.30 -93.02 60.84
CA GLU A 2392 74.50 -91.59 61.03
C GLU A 2392 73.85 -91.19 62.35
N GLY A 2393 74.67 -91.07 63.39
CA GLY A 2393 74.17 -90.75 64.71
C GLY A 2393 73.34 -91.89 65.28
N THR A 2394 72.03 -91.68 65.33
CA THR A 2394 71.09 -92.71 65.72
C THR A 2394 70.16 -93.07 64.56
N GLN A 2395 70.67 -92.95 63.34
CA GLN A 2395 69.83 -93.18 62.17
C GLN A 2395 70.57 -94.13 61.22
N LEU A 2396 70.18 -95.40 61.24
CA LEU A 2396 70.69 -96.34 60.25
C LEU A 2396 69.99 -96.12 58.93
N GLN A 2397 70.77 -95.80 57.89
CA GLN A 2397 70.21 -95.54 56.59
C GLN A 2397 70.86 -96.45 55.55
N ALA A 2398 70.03 -96.97 54.65
CA ALA A 2398 70.48 -97.86 53.59
C ALA A 2398 70.24 -97.18 52.26
N SER A 2399 71.30 -97.03 51.48
CA SER A 2399 71.24 -96.30 50.23
C SER A 2399 71.15 -97.26 49.05
N LEU A 2400 70.75 -96.71 47.91
CA LEU A 2400 70.60 -97.46 46.68
C LEU A 2400 70.58 -96.47 45.53
N LYS A 2401 71.37 -96.76 44.51
CA LYS A 2401 71.38 -95.97 43.28
C LYS A 2401 70.49 -96.65 42.25
N LEU A 2402 69.49 -95.91 41.77
CA LEU A 2402 68.47 -96.48 40.90
C LEU A 2402 68.98 -96.75 39.49
N SER A 2403 70.02 -96.05 39.05
CA SER A 2403 70.58 -96.29 37.74
C SER A 2403 71.27 -97.65 37.65
N ASP A 2404 71.71 -98.21 38.76
CA ASP A 2404 72.46 -99.45 38.77
C ASP A 2404 71.57 -100.69 38.79
N LEU A 2405 70.25 -100.52 38.64
CA LEU A 2405 69.35 -101.66 38.71
C LEU A 2405 68.87 -102.14 37.34
N ASN A 2406 69.19 -101.39 36.27
CA ASN A 2406 68.95 -101.77 34.87
C ASN A 2406 67.47 -102.03 34.60
N ILE A 2407 66.62 -101.13 35.11
CA ILE A 2407 65.19 -101.36 35.05
C ILE A 2407 64.65 -101.07 33.66
N ALA A 2408 65.15 -100.02 33.01
CA ALA A 2408 64.65 -99.63 31.70
C ALA A 2408 65.02 -100.64 30.61
N THR A 2409 66.04 -101.47 30.83
CA THR A 2409 66.44 -102.49 29.87
C THR A 2409 65.94 -103.87 30.25
N ASP A 2410 64.96 -103.95 31.14
CA ASP A 2410 64.38 -105.25 31.47
C ASP A 2410 63.47 -105.75 30.35
N TYR A 2411 62.96 -104.83 29.54
CA TYR A 2411 62.14 -105.13 28.40
C TYR A 2411 62.76 -104.57 27.13
N PRO A 2412 62.33 -105.03 25.96
CA PRO A 2412 62.73 -104.35 24.72
C PRO A 2412 62.23 -102.91 24.69
N ASP A 2413 62.97 -102.08 23.98
CA ASP A 2413 62.64 -100.66 23.91
C ASP A 2413 61.61 -100.34 22.84
N GLY A 2414 61.02 -101.34 22.20
CA GLY A 2414 59.95 -101.10 21.26
C GLY A 2414 58.60 -100.84 21.87
N LEU A 2415 58.51 -100.79 23.20
CA LEU A 2415 57.23 -100.65 23.88
C LEU A 2415 57.11 -99.33 24.62
N GLY A 2416 58.09 -98.44 24.48
CA GLY A 2416 58.02 -97.12 25.09
C GLY A 2416 59.27 -96.75 25.84
N ASN A 2417 59.59 -95.46 25.81
CA ASN A 2417 60.78 -94.96 26.49
C ASN A 2417 60.48 -94.18 27.75
N THR A 2418 59.30 -93.58 27.85
CA THR A 2418 58.91 -92.87 29.07
C THR A 2418 58.55 -93.91 30.13
N ARG A 2419 59.57 -94.46 30.76
CA ARG A 2419 59.40 -95.49 31.78
C ARG A 2419 59.58 -94.79 33.11
N ARG A 2420 58.47 -94.42 33.72
CA ARG A 2420 58.46 -93.64 34.95
C ARG A 2420 57.92 -94.49 36.08
N ILE A 2421 58.41 -94.21 37.29
CA ILE A 2421 57.99 -94.96 38.46
C ILE A 2421 56.56 -94.58 38.82
N LYS A 2422 55.71 -95.59 38.98
CA LYS A 2422 54.34 -95.31 39.37
C LYS A 2422 54.20 -95.21 40.88
N GLN A 2423 54.64 -96.23 41.60
CA GLN A 2423 54.44 -96.31 43.04
C GLN A 2423 55.42 -97.31 43.62
N ILE A 2424 55.89 -97.04 44.84
CA ILE A 2424 56.86 -97.88 45.52
C ILE A 2424 56.32 -98.20 46.91
N SER A 2425 56.35 -99.48 47.29
CA SER A 2425 56.07 -99.89 48.64
C SER A 2425 57.18 -100.83 49.13
N VAL A 2426 57.35 -100.88 50.45
CA VAL A 2426 58.49 -101.56 51.06
C VAL A 2426 57.98 -102.79 51.82
N THR A 2427 58.65 -103.92 51.62
CA THR A 2427 58.41 -105.12 52.40
C THR A 2427 59.65 -105.44 53.22
N LEU A 2428 59.48 -105.47 54.54
CA LEU A 2428 60.54 -105.87 55.47
C LEU A 2428 60.05 -107.10 56.22
N PRO A 2429 60.32 -108.30 55.71
CA PRO A 2429 59.87 -109.52 56.39
C PRO A 2429 60.73 -109.86 57.61
N ALA A 2430 60.54 -109.07 58.66
CA ALA A 2430 61.21 -109.29 59.93
C ALA A 2430 60.20 -109.75 60.97
N LEU A 2431 60.70 -110.10 62.15
CA LEU A 2431 59.84 -110.55 63.23
C LEU A 2431 59.49 -109.34 64.10
N LEU A 2432 58.36 -108.72 63.78
CA LEU A 2432 57.90 -107.56 64.53
C LEU A 2432 57.26 -108.02 65.83
N GLY A 2433 57.39 -107.19 66.86
CA GLY A 2433 56.78 -107.48 68.12
C GLY A 2433 55.28 -107.30 68.09
N PRO A 2434 54.60 -107.73 69.15
CA PRO A 2434 53.14 -107.61 69.22
C PRO A 2434 52.72 -106.15 69.33
N TYR A 2435 51.94 -105.70 68.34
CA TYR A 2435 51.45 -104.32 68.23
C TYR A 2435 52.61 -103.32 68.19
N GLN A 2436 53.71 -103.74 67.56
CA GLN A 2436 54.94 -102.96 67.52
C GLN A 2436 55.10 -102.32 66.16
N ASP A 2437 55.51 -101.06 66.16
CA ASP A 2437 55.62 -100.30 64.93
C ASP A 2437 57.05 -100.33 64.40
N VAL A 2438 57.16 -100.13 63.09
CA VAL A 2438 58.44 -99.90 62.43
C VAL A 2438 58.55 -98.41 62.18
N ARG A 2439 59.75 -97.85 62.36
CA ARG A 2439 60.00 -96.46 62.06
C ARG A 2439 61.06 -96.41 60.98
N ALA A 2440 60.66 -95.99 59.79
CA ALA A 2440 61.56 -95.95 58.65
C ALA A 2440 61.02 -94.96 57.64
N ILE A 2441 61.93 -94.31 56.91
CA ILE A 2441 61.57 -93.36 55.88
C ILE A 2441 62.25 -93.79 54.58
N LEU A 2442 61.46 -94.11 53.57
CA LEU A 2442 61.98 -94.33 52.24
C LEU A 2442 62.12 -92.97 51.58
N SER A 2443 63.34 -92.48 51.49
CA SER A 2443 63.62 -91.13 50.99
C SER A 2443 64.14 -91.20 49.58
N TYR A 2444 64.13 -90.05 48.91
CA TYR A 2444 64.69 -89.91 47.58
C TYR A 2444 65.77 -88.84 47.59
N GLY A 2445 66.89 -89.13 46.96
CA GLY A 2445 67.89 -88.10 46.71
C GLY A 2445 68.08 -87.90 45.23
N GLY A 2446 67.98 -86.66 44.77
CA GLY A 2446 68.16 -86.39 43.36
C GLY A 2446 67.79 -84.97 43.02
N SER A 2447 67.49 -84.76 41.73
CA SER A 2447 67.22 -83.42 41.22
C SER A 2447 66.07 -83.37 40.24
N THR A 2448 65.12 -84.29 40.32
CA THR A 2448 63.96 -84.22 39.44
C THR A 2448 62.93 -83.24 40.01
N MET A 2449 61.81 -83.12 39.29
CA MET A 2449 60.77 -82.18 39.71
C MET A 2449 60.07 -82.68 40.97
N MET A 2450 59.36 -83.83 40.86
CA MET A 2450 58.72 -84.55 41.95
C MET A 2450 57.78 -83.66 42.76
N PRO A 2451 56.54 -83.43 42.25
CA PRO A 2451 55.74 -82.20 42.51
C PRO A 2451 55.76 -81.56 43.88
N ARG A 2452 55.58 -82.35 44.92
CA ARG A 2452 55.30 -81.86 46.26
C ARG A 2452 55.88 -82.83 47.28
N GLY A 2453 55.25 -82.91 48.45
CA GLY A 2453 55.60 -83.87 49.49
C GLY A 2453 55.56 -85.36 49.15
N CYS A 2454 55.35 -85.71 47.88
CA CYS A 2454 55.50 -87.05 47.32
C CYS A 2454 56.95 -87.55 47.26
N LYS A 2455 57.90 -86.77 47.77
CA LYS A 2455 59.31 -87.09 47.77
C LYS A 2455 59.65 -88.31 48.62
N ALA A 2456 58.93 -88.57 49.71
CA ALA A 2456 59.29 -89.65 50.60
C ALA A 2456 58.03 -90.21 51.27
N ILE A 2457 58.11 -91.47 51.70
CA ILE A 2457 57.07 -92.10 52.49
C ILE A 2457 57.65 -92.51 53.83
N ALA A 2458 56.75 -92.84 54.76
CA ALA A 2458 57.13 -93.30 56.08
C ALA A 2458 56.60 -94.72 56.26
N ILE A 2459 57.51 -95.65 56.52
CA ILE A 2459 57.16 -97.06 56.66
C ILE A 2459 56.80 -97.29 58.11
N SER A 2460 55.53 -97.54 58.37
CA SER A 2460 55.05 -97.87 59.69
C SER A 2460 54.47 -99.26 59.78
N HIS A 2461 53.81 -99.72 58.72
CA HIS A 2461 53.28 -101.08 58.71
C HIS A 2461 54.40 -102.09 58.51
N GLY A 2462 55.29 -101.81 57.56
CA GLY A 2462 56.43 -102.67 57.30
C GLY A 2462 56.18 -103.82 56.36
N MET A 2463 54.92 -104.10 56.02
CA MET A 2463 54.58 -105.26 55.20
C MET A 2463 53.81 -104.79 53.97
N ASN A 2464 54.55 -104.51 52.89
CA ASN A 2464 54.03 -104.17 51.56
C ASN A 2464 53.13 -102.94 51.62
N ASP A 2465 53.67 -101.87 52.18
CA ASP A 2465 52.89 -100.68 52.42
C ASP A 2465 53.60 -99.45 51.89
N SER A 2466 52.80 -98.49 51.45
CA SER A 2466 53.26 -97.12 51.35
C SER A 2466 52.93 -96.44 52.67
N GLY A 2467 53.13 -95.13 52.74
CA GLY A 2467 52.71 -94.42 53.93
C GLY A 2467 51.22 -94.27 54.06
N GLN A 2468 50.50 -94.40 52.95
CA GLN A 2468 49.10 -94.03 52.92
C GLN A 2468 48.23 -95.08 53.58
N PHE A 2469 47.33 -94.63 54.46
CA PHE A 2469 46.19 -95.43 54.84
C PHE A 2469 45.29 -95.54 53.61
N GLN A 2470 44.82 -96.77 53.33
CA GLN A 2470 44.07 -97.19 52.15
C GLN A 2470 44.65 -96.59 50.87
N MET A 2471 45.89 -96.99 50.55
CA MET A 2471 46.58 -96.57 49.33
C MET A 2471 45.77 -96.94 48.09
N ASP A 2472 45.48 -95.93 47.27
CA ASP A 2472 44.51 -96.05 46.19
C ASP A 2472 45.15 -95.58 44.89
N PHE A 2473 45.24 -96.48 43.92
CA PHE A 2473 45.63 -96.06 42.59
C PHE A 2473 44.45 -95.41 41.89
N ASN A 2474 44.74 -94.74 40.77
CA ASN A 2474 43.85 -93.77 40.11
C ASN A 2474 43.42 -92.68 41.10
N ASP A 2475 44.35 -92.27 41.95
CA ASP A 2475 44.10 -91.20 42.88
C ASP A 2475 44.05 -89.86 42.14
N ALA A 2476 43.17 -88.97 42.62
CA ALA A 2476 43.13 -87.62 42.07
C ALA A 2476 44.41 -86.86 42.38
N LYS A 2477 44.89 -86.95 43.62
CA LYS A 2477 46.19 -86.45 43.98
C LYS A 2477 47.28 -87.36 43.41
N TYR A 2478 48.51 -86.87 43.46
CA TYR A 2478 49.63 -87.68 43.03
C TYR A 2478 50.05 -88.63 44.14
N LEU A 2479 50.28 -89.89 43.76
CA LEU A 2479 50.87 -90.85 44.67
C LEU A 2479 52.32 -90.48 44.93
N PRO A 2480 52.88 -90.89 46.05
CA PRO A 2480 54.31 -90.66 46.28
C PRO A 2480 55.17 -91.49 45.34
N PHE A 2481 56.31 -90.92 44.96
CA PHE A 2481 57.29 -91.47 44.03
C PHE A 2481 56.70 -91.71 42.65
N GLU A 2482 55.68 -90.93 42.27
CA GLU A 2482 55.05 -91.07 40.97
C GLU A 2482 55.76 -90.19 39.96
N GLY A 2483 56.04 -90.75 38.78
CA GLY A 2483 56.63 -89.98 37.71
C GLY A 2483 58.14 -89.84 37.76
N LEU A 2484 58.80 -90.45 38.73
CA LEU A 2484 60.26 -90.48 38.78
C LEU A 2484 60.76 -91.30 37.60
N PRO A 2485 61.74 -90.80 36.84
CA PRO A 2485 62.32 -91.59 35.74
C PRO A 2485 63.04 -92.80 36.29
N VAL A 2486 62.62 -93.99 35.82
CA VAL A 2486 63.11 -95.24 36.39
C VAL A 2486 64.57 -95.51 36.04
N ALA A 2487 65.13 -94.79 35.07
CA ALA A 2487 66.52 -94.95 34.69
C ALA A 2487 67.36 -93.75 35.08
N ASP A 2488 67.04 -93.11 36.21
CA ASP A 2488 67.76 -91.92 36.62
C ASP A 2488 68.88 -92.27 37.58
N THR A 2489 69.79 -91.32 37.76
CA THR A 2489 70.91 -91.48 38.69
C THR A 2489 70.59 -90.90 40.06
N GLY A 2490 69.47 -91.32 40.64
CA GLY A 2490 69.06 -90.86 41.95
C GLY A 2490 69.65 -91.71 43.06
N THR A 2491 69.38 -91.28 44.29
CA THR A 2491 69.79 -91.98 45.49
C THR A 2491 68.56 -92.32 46.32
N LEU A 2492 68.29 -93.60 46.48
CA LEU A 2492 67.12 -94.09 47.19
C LEU A 2492 67.59 -94.52 48.57
N THR A 2493 67.21 -93.78 49.59
CA THR A 2493 67.71 -93.98 50.94
C THR A 2493 66.57 -94.39 51.86
N LEU A 2494 66.75 -95.51 52.55
CA LEU A 2494 65.82 -95.99 53.56
C LEU A 2494 66.50 -95.80 54.92
N SER A 2495 66.00 -94.84 55.70
CA SER A 2495 66.63 -94.47 56.95
C SER A 2495 65.78 -94.93 58.13
N PHE A 2496 66.42 -95.60 59.09
CA PHE A 2496 65.74 -96.08 60.30
C PHE A 2496 66.08 -95.15 61.45
N PRO A 2497 65.13 -94.37 61.98
CA PRO A 2497 65.41 -93.64 63.21
C PRO A 2497 65.51 -94.57 64.40
N GLY A 2498 66.44 -94.25 65.29
CA GLY A 2498 66.63 -95.01 66.51
C GLY A 2498 67.21 -96.39 66.27
N ILE A 2499 68.47 -96.45 65.84
CA ILE A 2499 69.12 -97.74 65.64
C ILE A 2499 69.41 -98.40 66.99
N SER A 2500 69.78 -97.60 67.99
CA SER A 2500 70.10 -98.14 69.30
C SER A 2500 68.93 -98.07 70.28
N GLY A 2501 67.82 -97.44 69.90
CA GLY A 2501 66.71 -97.29 70.82
C GLY A 2501 65.79 -98.49 70.82
N LYS A 2502 64.49 -98.25 70.67
CA LYS A 2502 63.51 -99.34 70.73
C LYS A 2502 63.50 -100.15 69.45
N GLN A 2503 64.13 -99.67 68.38
CA GLN A 2503 64.17 -100.39 67.12
C GLN A 2503 65.51 -101.12 66.97
N LYS A 2504 66.12 -101.47 68.10
CA LYS A 2504 67.38 -102.20 68.04
C LYS A 2504 67.15 -103.68 67.77
N SER A 2505 66.22 -104.29 68.51
CA SER A 2505 65.89 -105.69 68.29
C SER A 2505 65.20 -105.90 66.95
N LEU A 2506 64.45 -104.91 66.48
CA LEU A 2506 63.79 -105.04 65.18
C LEU A 2506 64.81 -105.00 64.05
N LEU A 2507 65.83 -104.16 64.17
CA LEU A 2507 66.91 -104.17 63.20
C LEU A 2507 67.76 -105.42 63.32
N LEU A 2508 67.87 -105.97 64.53
CA LEU A 2508 68.60 -107.22 64.69
C LEU A 2508 67.84 -108.39 64.09
N SER A 2509 66.51 -108.32 64.07
CA SER A 2509 65.69 -109.40 63.56
C SER A 2509 65.33 -109.22 62.09
N LEU A 2510 66.00 -108.31 61.39
CA LEU A 2510 65.66 -108.03 60.00
C LEU A 2510 66.27 -109.10 59.11
N SER A 2511 65.44 -109.70 58.24
CA SER A 2511 65.95 -110.67 57.29
C SER A 2511 66.63 -109.97 56.12
N ASP A 2512 65.85 -109.22 55.34
CA ASP A 2512 66.36 -108.50 54.18
C ASP A 2512 65.37 -107.39 53.84
N ILE A 2513 65.78 -106.52 52.93
CA ILE A 2513 64.99 -105.37 52.51
C ILE A 2513 64.48 -105.63 51.10
N ILE A 2514 63.18 -105.46 50.92
CA ILE A 2514 62.51 -105.77 49.66
C ILE A 2514 61.58 -104.62 49.32
N LEU A 2515 61.73 -104.07 48.12
CA LEU A 2515 60.92 -102.96 47.65
C LEU A 2515 59.98 -103.46 46.56
N HIS A 2516 58.75 -102.96 46.56
CA HIS A 2516 57.82 -103.19 45.47
C HIS A 2516 57.80 -101.95 44.59
N ILE A 2517 58.79 -101.83 43.72
CA ILE A 2517 58.85 -100.70 42.79
C ILE A 2517 57.93 -101.02 41.62
N ARG A 2518 56.84 -100.29 41.50
CA ARG A 2518 55.93 -100.39 40.37
C ARG A 2518 56.18 -99.19 39.47
N TYR A 2519 56.46 -99.46 38.20
CA TYR A 2519 56.73 -98.40 37.24
C TYR A 2519 55.86 -98.61 36.01
N THR A 2520 55.79 -97.58 35.18
CA THR A 2520 54.89 -97.57 34.03
C THR A 2520 55.65 -97.18 32.78
N ILE A 2521 55.61 -98.05 31.78
CA ILE A 2521 56.17 -97.78 30.47
C ILE A 2521 55.06 -97.14 29.65
N ARG A 2522 55.39 -96.05 28.96
CA ARG A 2522 54.44 -95.43 28.04
C ARG A 2522 55.18 -95.07 26.76
N SER A 2523 54.51 -95.27 25.63
CA SER A 2523 55.09 -94.97 24.33
C SER A 2523 55.15 -93.47 24.07
N LEU B 20 -55.00 44.74 39.65
CA LEU B 20 -54.35 44.64 38.34
C LEU B 20 -53.54 45.89 38.04
N LEU B 21 -52.27 45.70 37.71
CA LEU B 21 -51.36 46.78 37.40
C LEU B 21 -50.66 46.53 36.07
N LEU B 22 -49.84 47.50 35.67
CA LEU B 22 -49.10 47.43 34.42
C LEU B 22 -48.09 46.29 34.39
N THR B 23 -47.58 45.88 35.54
CA THR B 23 -46.78 44.66 35.62
C THR B 23 -47.58 43.42 35.27
N ASN B 24 -48.87 43.40 35.60
CA ASN B 24 -49.71 42.26 35.24
C ASN B 24 -50.18 42.35 33.81
N ILE B 25 -50.28 43.57 33.26
CA ILE B 25 -50.78 43.73 31.90
C ILE B 25 -49.77 43.21 30.89
N SER B 26 -48.49 43.45 31.12
CA SER B 26 -47.47 43.10 30.13
C SER B 26 -47.21 41.60 30.05
N PHE B 27 -47.79 40.80 30.95
CA PHE B 27 -47.62 39.35 30.86
C PHE B 27 -48.62 38.72 29.91
N MET B 28 -49.90 39.06 30.06
CA MET B 28 -50.92 38.47 29.22
C MET B 28 -50.83 39.03 27.80
N SER B 29 -51.36 38.26 26.86
CA SER B 29 -51.34 38.69 25.47
C SER B 29 -52.37 39.78 25.23
N PHE B 30 -52.33 40.37 24.03
CA PHE B 30 -53.26 41.44 23.73
C PHE B 30 -54.68 40.94 23.59
N SER B 31 -54.86 39.71 23.12
CA SER B 31 -56.21 39.16 23.07
C SER B 31 -56.73 38.84 24.46
N GLU B 32 -55.84 38.38 25.36
CA GLU B 32 -56.21 38.19 26.76
C GLU B 32 -56.62 39.51 27.40
N PHE B 33 -55.87 40.57 27.12
CA PHE B 33 -56.18 41.87 27.69
C PHE B 33 -57.46 42.44 27.11
N ARG B 34 -57.68 42.26 25.81
CA ARG B 34 -58.90 42.76 25.17
C ARG B 34 -60.12 41.97 25.63
N HIS B 35 -59.94 40.69 25.96
CA HIS B 35 -61.04 39.97 26.59
C HIS B 35 -61.23 40.37 28.03
N ARG B 36 -60.18 40.86 28.69
CA ARG B 36 -60.32 41.31 30.07
C ARG B 36 -61.11 42.61 30.15
N THR B 37 -60.80 43.58 29.31
CA THR B 37 -61.49 44.87 29.38
C THR B 37 -62.30 45.16 28.12
N SER B 38 -63.05 44.17 27.64
CA SER B 38 -63.85 44.32 26.45
C SER B 38 -64.99 45.31 26.61
N GLY B 39 -65.69 45.29 27.74
CA GLY B 39 -66.86 46.13 27.90
C GLY B 39 -66.54 47.50 28.44
N THR B 40 -65.62 47.57 29.39
CA THR B 40 -65.31 48.82 30.05
C THR B 40 -64.52 49.79 29.18
N LEU B 41 -63.60 49.31 28.36
CA LEU B 41 -62.84 50.16 27.45
C LEU B 41 -63.17 49.82 26.01
N THR B 42 -62.64 50.61 25.09
CA THR B 42 -63.01 50.51 23.68
C THR B 42 -61.77 50.46 22.79
N TRP B 43 -60.81 49.63 23.19
CA TRP B 43 -59.70 49.10 22.39
C TRP B 43 -58.63 50.13 22.04
N ARG B 44 -58.94 51.42 22.14
CA ARG B 44 -57.93 52.44 21.91
C ARG B 44 -57.14 52.71 23.18
N GLU B 45 -57.86 52.94 24.27
CA GLU B 45 -57.22 53.03 25.58
C GLU B 45 -56.64 51.68 25.99
N THR B 46 -57.26 50.58 25.54
CA THR B 46 -56.69 49.26 25.77
C THR B 46 -55.35 49.10 25.07
N ASP B 47 -55.28 49.53 23.80
CA ASP B 47 -54.01 49.50 23.08
C ASP B 47 -52.99 50.44 23.71
N PHE B 48 -53.43 51.61 24.20
CA PHE B 48 -52.52 52.56 24.82
C PHE B 48 -51.96 52.01 26.12
N LEU B 49 -52.80 51.38 26.94
CA LEU B 49 -52.33 50.77 28.17
C LEU B 49 -51.43 49.59 27.89
N TYR B 50 -51.70 48.85 26.82
CA TYR B 50 -50.83 47.74 26.45
C TYR B 50 -49.45 48.23 26.03
N GLN B 51 -49.40 49.32 25.25
CA GLN B 51 -48.13 49.89 24.86
C GLN B 51 -47.37 50.46 26.04
N GLN B 52 -48.09 51.07 26.99
CA GLN B 52 -47.42 51.64 28.15
C GLN B 52 -46.88 50.55 29.08
N ALA B 53 -47.62 49.47 29.24
CA ALA B 53 -47.14 48.37 30.07
C ALA B 53 -45.96 47.66 29.41
N HIS B 54 -45.99 47.56 28.09
CA HIS B 54 -44.86 46.97 27.38
C HIS B 54 -43.62 47.84 27.48
N GLN B 55 -43.80 49.17 27.43
CA GLN B 55 -42.68 50.09 27.60
C GLN B 55 -42.12 50.02 29.01
N GLU B 56 -42.99 49.89 30.01
CA GLU B 56 -42.55 49.76 31.39
C GLU B 56 -41.77 48.47 31.59
N SER B 57 -42.23 47.37 31.00
CA SER B 57 -41.52 46.10 31.11
C SER B 57 -40.16 46.16 30.42
N LYS B 58 -40.10 46.82 29.27
CA LYS B 58 -38.83 46.97 28.55
C LYS B 58 -37.83 47.79 29.35
N GLN B 59 -38.28 48.89 29.94
CA GLN B 59 -37.36 49.70 30.74
C GLN B 59 -36.98 49.05 32.06
N ASN B 60 -37.86 48.21 32.63
CA ASN B 60 -37.47 47.46 33.81
C ASN B 60 -36.39 46.44 33.48
N LYS B 61 -36.53 45.76 32.33
CA LYS B 61 -35.49 44.83 31.89
C LYS B 61 -34.19 45.56 31.58
N LEU B 62 -34.28 46.76 30.99
CA LEU B 62 -33.09 47.54 30.70
C LEU B 62 -32.37 47.99 31.97
N GLU B 63 -33.12 48.42 32.97
CA GLU B 63 -32.49 48.86 34.22
C GLU B 63 -31.89 47.70 34.98
N GLU B 64 -32.54 46.53 34.93
CA GLU B 64 -31.99 45.34 35.56
C GLU B 64 -30.71 44.89 34.87
N LEU B 65 -30.69 44.96 33.53
CA LEU B 65 -29.49 44.61 32.78
C LEU B 65 -28.37 45.59 33.06
N ARG B 66 -28.70 46.87 33.19
CA ARG B 66 -27.69 47.89 33.46
C ARG B 66 -27.15 47.77 34.87
N ILE B 67 -27.96 47.27 35.81
CA ILE B 67 -27.45 47.06 37.16
C ILE B 67 -26.56 45.83 37.21
N LEU B 68 -27.04 44.70 36.69
CA LEU B 68 -26.31 43.45 36.82
C LEU B 68 -25.07 43.40 35.94
N SER B 69 -25.03 44.15 34.84
CA SER B 69 -23.90 44.04 33.95
C SER B 69 -22.69 44.85 34.42
N ARG B 70 -22.81 45.58 35.51
CA ARG B 70 -21.68 46.27 36.12
C ARG B 70 -21.27 45.67 37.44
N ALA B 71 -22.13 44.86 38.04
CA ALA B 71 -21.80 44.14 39.27
C ALA B 71 -21.27 42.75 39.00
N ASN B 72 -20.64 42.54 37.84
CA ASN B 72 -20.06 41.26 37.51
C ASN B 72 -18.81 41.04 38.35
N PRO B 73 -18.66 39.90 39.01
CA PRO B 73 -17.44 39.65 39.79
C PRO B 73 -16.20 39.50 38.95
N GLN B 74 -16.33 39.16 37.67
CA GLN B 74 -15.16 39.07 36.79
C GLN B 74 -14.59 40.45 36.51
N LEU B 75 -15.42 41.49 36.45
CA LEU B 75 -15.00 42.81 36.05
C LEU B 75 -14.55 43.67 37.22
N ALA B 76 -14.16 43.06 38.33
CA ALA B 76 -13.70 43.83 39.48
C ALA B 76 -12.20 44.06 39.44
N ASN B 77 -11.41 43.01 39.27
CA ASN B 77 -9.96 43.08 39.42
C ASN B 77 -9.26 43.29 38.09
N ILE B 78 -9.93 43.84 37.11
CA ILE B 78 -9.34 44.05 35.79
C ILE B 78 -8.74 45.44 35.75
N THR B 79 -7.51 45.54 35.25
CA THR B 79 -6.71 46.75 35.32
C THR B 79 -7.19 47.77 34.31
N ASN B 80 -7.40 49.00 34.77
CA ASN B 80 -7.65 50.19 33.95
C ASN B 80 -8.90 50.08 33.10
N LEU B 81 -9.88 49.30 33.52
CA LEU B 81 -11.21 49.34 32.92
C LEU B 81 -12.07 50.20 33.82
N ASN B 82 -12.17 51.47 33.47
CA ASN B 82 -12.84 52.44 34.33
C ASN B 82 -14.35 52.26 34.31
N ILE B 83 -14.84 51.29 35.07
CA ILE B 83 -16.26 50.99 35.14
C ILE B 83 -16.73 51.25 36.56
N THR B 84 -17.65 52.18 36.70
CA THR B 84 -18.29 52.39 37.98
C THR B 84 -19.58 51.56 38.05
N PRO B 85 -19.98 51.12 39.23
CA PRO B 85 -21.33 50.57 39.38
C PRO B 85 -22.38 51.64 39.15
N SER B 86 -23.59 51.18 38.82
CA SER B 86 -24.60 52.06 38.22
C SER B 86 -25.33 52.94 39.22
N THR B 87 -24.80 53.14 40.43
CA THR B 87 -25.33 53.97 41.51
C THR B 87 -26.70 53.53 42.01
N LEU B 88 -27.19 52.39 41.56
CA LEU B 88 -28.42 51.79 42.04
C LEU B 88 -28.17 50.37 42.52
N ASN B 89 -26.90 49.98 42.63
CA ASN B 89 -26.56 48.64 43.08
C ASN B 89 -26.94 48.44 44.54
N ASN B 90 -26.79 49.48 45.35
CA ASN B 90 -27.22 49.41 46.74
C ASN B 90 -28.74 49.31 46.82
N SER B 91 -29.45 50.01 45.93
CA SER B 91 -30.90 49.91 45.91
C SER B 91 -31.36 48.54 45.46
N TYR B 92 -30.65 47.94 44.51
CA TYR B 92 -30.99 46.59 44.06
C TYR B 92 -30.75 45.58 45.16
N ASN B 93 -29.62 45.69 45.86
CA ASN B 93 -29.32 44.78 46.95
C ASN B 93 -30.22 45.00 48.16
N SER B 94 -30.77 46.20 48.33
CA SER B 94 -31.66 46.43 49.45
C SER B 94 -33.09 46.00 49.12
N TRP B 95 -33.51 46.15 47.87
CA TRP B 95 -34.82 45.65 47.47
C TRP B 95 -34.83 44.13 47.40
N PHE B 96 -34.00 43.56 46.54
CA PHE B 96 -33.81 42.13 46.46
C PHE B 96 -32.57 41.78 47.26
N TYR B 97 -32.74 40.95 48.28
CA TYR B 97 -31.77 40.86 49.37
C TYR B 97 -30.51 40.14 48.88
N GLY B 98 -29.62 40.93 48.29
CA GLY B 98 -28.32 40.42 47.86
C GLY B 98 -28.32 39.71 46.54
N ARG B 99 -29.31 39.99 45.67
CA ARG B 99 -29.38 39.30 44.40
C ARG B 99 -28.25 39.71 43.47
N ALA B 100 -27.97 41.01 43.37
CA ALA B 100 -26.80 41.47 42.64
C ALA B 100 -25.50 41.12 43.34
N HIS B 101 -25.55 40.87 44.65
CA HIS B 101 -24.40 40.37 45.38
C HIS B 101 -24.16 38.89 45.12
N ARG B 102 -25.15 38.18 44.62
CA ARG B 102 -25.08 36.73 44.46
C ARG B 102 -25.03 36.37 42.98
N PHE B 103 -23.82 36.17 42.47
CA PHE B 103 -23.59 35.63 41.13
C PHE B 103 -23.24 34.15 41.22
N VAL B 104 -23.66 33.40 40.21
CA VAL B 104 -23.63 31.95 40.28
C VAL B 104 -22.62 31.43 39.25
N LYS B 105 -22.14 30.22 39.47
CA LYS B 105 -21.18 29.60 38.57
C LYS B 105 -21.89 29.23 37.26
N PRO B 106 -21.18 29.25 36.13
CA PRO B 106 -21.80 28.77 34.89
C PRO B 106 -22.02 27.28 34.92
N GLY B 107 -23.11 26.85 34.32
CA GLY B 107 -23.48 25.45 34.34
C GLY B 107 -24.13 24.98 35.62
N SER B 108 -24.70 25.89 36.40
CA SER B 108 -25.32 25.54 37.66
C SER B 108 -26.82 25.34 37.48
N ILE B 109 -27.44 24.75 38.50
CA ILE B 109 -28.88 24.59 38.52
C ILE B 109 -29.54 25.94 38.77
N ALA B 110 -28.89 26.80 39.54
CA ALA B 110 -29.48 28.06 39.97
C ALA B 110 -29.40 29.15 38.90
N SER B 111 -28.71 28.91 37.81
CA SER B 111 -28.44 29.96 36.84
C SER B 111 -29.69 30.37 36.07
N ILE B 112 -29.68 31.60 35.56
CA ILE B 112 -30.81 32.10 34.79
C ILE B 112 -30.79 31.56 33.36
N PHE B 113 -29.69 30.96 32.93
CA PHE B 113 -29.63 30.29 31.63
C PHE B 113 -29.66 28.79 31.77
N SER B 114 -30.03 28.28 32.94
CA SER B 114 -30.07 26.85 33.16
C SER B 114 -31.30 26.25 32.49
N PRO B 115 -31.27 24.93 32.23
CA PRO B 115 -32.50 24.25 31.80
C PRO B 115 -33.61 24.31 32.82
N ALA B 116 -33.30 24.48 34.11
CA ALA B 116 -34.35 24.71 35.09
C ALA B 116 -35.04 26.06 34.87
N ALA B 117 -34.28 27.08 34.49
CA ALA B 117 -34.89 28.37 34.19
C ALA B 117 -35.70 28.29 32.91
N TYR B 118 -35.19 27.55 31.92
CA TYR B 118 -35.95 27.35 30.69
C TYR B 118 -37.24 26.59 30.94
N LEU B 119 -37.18 25.58 31.80
CA LEU B 119 -38.37 24.80 32.14
C LEU B 119 -39.35 25.63 32.95
N THR B 120 -38.84 26.51 33.82
CA THR B 120 -39.69 27.37 34.62
C THR B 120 -40.46 28.34 33.74
N GLU B 121 -39.76 28.98 32.80
CA GLU B 121 -40.42 29.88 31.86
C GLU B 121 -41.39 29.13 30.97
N LEU B 122 -41.01 27.91 30.57
CA LEU B 122 -41.86 27.10 29.70
C LEU B 122 -43.15 26.72 30.39
N TYR B 123 -43.08 26.29 31.64
CA TYR B 123 -44.28 25.90 32.37
C TYR B 123 -45.13 27.11 32.72
N ARG B 124 -44.49 28.23 33.06
CA ARG B 124 -45.23 29.43 33.42
C ARG B 124 -45.97 30.00 32.23
N GLU B 125 -45.42 29.84 31.03
CA GLU B 125 -46.14 30.31 29.86
C GLU B 125 -47.04 29.26 29.25
N ALA B 126 -46.85 27.99 29.58
CA ALA B 126 -47.61 26.93 28.93
C ALA B 126 -48.74 26.37 29.79
N LYS B 127 -48.82 26.74 31.07
CA LYS B 127 -49.86 26.18 31.91
C LYS B 127 -51.23 26.81 31.71
N ASP B 128 -51.42 27.64 30.69
CA ASP B 128 -52.69 28.31 30.49
C ASP B 128 -53.33 28.00 29.14
N PHE B 129 -52.87 26.96 28.44
CA PHE B 129 -53.48 26.64 27.15
C PHE B 129 -54.86 26.05 27.31
N HIS B 130 -55.14 25.44 28.45
CA HIS B 130 -56.41 24.77 28.65
C HIS B 130 -57.11 25.32 29.89
N PRO B 131 -58.42 25.18 29.97
CA PRO B 131 -59.09 25.41 31.24
C PRO B 131 -58.67 24.39 32.28
N ASP B 132 -58.79 24.79 33.54
CA ASP B 132 -58.26 24.02 34.65
C ASP B 132 -58.99 22.69 34.84
N ASN B 133 -60.28 22.66 34.58
CA ASN B 133 -61.05 21.43 34.73
C ASN B 133 -60.93 20.50 33.54
N SER B 134 -60.32 20.96 32.44
CA SER B 134 -60.17 20.12 31.27
C SER B 134 -59.17 19.01 31.52
N GLN B 135 -59.48 17.83 31.00
CA GLN B 135 -58.64 16.65 31.21
C GLN B 135 -57.32 16.73 30.47
N TYR B 136 -57.16 17.67 29.55
CA TYR B 136 -55.91 17.88 28.86
C TYR B 136 -55.06 18.96 29.49
N HIS B 137 -55.47 19.49 30.64
CA HIS B 137 -54.65 20.45 31.36
C HIS B 137 -53.42 19.76 31.91
N LEU B 138 -52.33 20.53 32.04
CA LEU B 138 -51.03 19.98 32.40
C LEU B 138 -51.02 19.38 33.80
N ASN B 139 -51.53 20.11 34.79
CA ASN B 139 -51.53 19.60 36.16
C ASN B 139 -52.49 18.44 36.34
N LYS B 140 -53.50 18.34 35.49
CA LYS B 140 -54.45 17.24 35.60
C LYS B 140 -53.95 15.99 34.90
N ARG B 141 -53.22 16.15 33.80
CA ARG B 141 -52.72 14.97 33.09
C ARG B 141 -51.39 14.49 33.66
N ARG B 142 -50.62 15.37 34.29
CA ARG B 142 -49.28 15.05 34.79
C ARG B 142 -49.04 15.86 36.04
N PRO B 143 -49.57 15.43 37.19
CA PRO B 143 -49.34 16.18 38.43
C PRO B 143 -47.91 16.06 38.93
N ASP B 144 -47.16 15.09 38.44
CA ASP B 144 -45.76 14.94 38.81
C ASP B 144 -44.92 16.11 38.32
N ILE B 145 -45.24 16.66 37.15
CA ILE B 145 -44.39 17.67 36.55
C ILE B 145 -44.53 19.03 37.24
N ALA B 146 -45.58 19.22 38.04
CA ALA B 146 -45.72 20.48 38.75
C ALA B 146 -44.85 20.53 39.99
N SER B 147 -44.74 19.41 40.71
CA SER B 147 -44.01 19.36 41.96
C SER B 147 -42.60 18.84 41.80
N LEU B 148 -42.00 19.02 40.62
CA LEU B 148 -40.63 18.56 40.41
C LEU B 148 -39.67 19.51 41.11
N ALA B 149 -38.79 18.95 41.93
CA ALA B 149 -37.84 19.77 42.67
C ALA B 149 -36.66 20.13 41.80
N LEU B 150 -36.50 21.44 41.54
CA LEU B 150 -35.44 21.92 40.67
C LEU B 150 -34.10 21.88 41.42
N THR B 151 -33.52 20.70 41.44
CA THR B 151 -32.24 20.48 42.11
C THR B 151 -31.18 20.02 41.13
N GLN B 152 -29.93 20.09 41.60
CA GLN B 152 -28.80 19.65 40.79
C GLN B 152 -28.85 18.16 40.53
N ASN B 153 -29.39 17.38 41.46
CA ASN B 153 -29.52 15.95 41.27
C ASN B 153 -30.50 15.62 40.16
N ASN B 154 -31.67 16.27 40.15
CA ASN B 154 -32.60 16.10 39.04
C ASN B 154 -32.07 16.68 37.75
N MET B 155 -31.15 17.64 37.83
CA MET B 155 -30.61 18.20 36.60
C MET B 155 -29.56 17.28 35.97
N ASP B 156 -28.65 16.73 36.77
CA ASP B 156 -27.48 16.06 36.21
C ASP B 156 -27.47 14.56 36.39
N GLU B 157 -28.31 14.00 37.25
CA GLU B 157 -28.31 12.56 37.47
C GLU B 157 -28.95 11.85 36.30
N GLU B 158 -28.13 11.21 35.47
CA GLU B 158 -28.60 10.64 34.21
C GLU B 158 -29.23 9.28 34.47
N ILE B 159 -30.55 9.28 34.61
CA ILE B 159 -31.31 8.06 34.70
C ILE B 159 -31.76 7.68 33.29
N SER B 160 -32.05 6.40 33.11
CA SER B 160 -32.55 5.93 31.83
C SER B 160 -34.01 6.31 31.71
N THR B 161 -34.40 6.74 30.50
CA THR B 161 -35.82 6.83 30.23
C THR B 161 -36.38 5.42 30.08
N LEU B 162 -37.71 5.35 30.14
CA LEU B 162 -38.63 4.23 30.35
C LEU B 162 -38.62 3.78 31.82
N SER B 163 -37.64 4.21 32.61
CA SER B 163 -37.77 4.05 34.05
C SER B 163 -38.70 5.11 34.60
N LEU B 164 -38.60 6.34 34.08
CA LEU B 164 -39.55 7.37 34.43
C LEU B 164 -40.95 7.03 33.94
N SER B 165 -41.04 6.45 32.75
CA SER B 165 -42.34 6.01 32.23
C SER B 165 -42.93 4.90 33.08
N ASN B 166 -42.09 3.96 33.52
CA ASN B 166 -42.56 2.88 34.38
C ASN B 166 -43.00 3.39 35.74
N GLU B 167 -42.23 4.29 36.33
CA GLU B 167 -42.59 4.85 37.62
C GLU B 167 -43.86 5.68 37.53
N LEU B 168 -44.03 6.40 36.43
CA LEU B 168 -45.23 7.21 36.24
C LEU B 168 -46.47 6.33 36.06
N LEU B 169 -46.35 5.28 35.24
CA LEU B 169 -47.50 4.41 35.01
C LEU B 169 -47.86 3.61 36.26
N LEU B 170 -46.85 3.09 36.96
CA LEU B 170 -47.15 2.32 38.16
C LEU B 170 -47.65 3.22 39.29
N HIS B 171 -47.18 4.46 39.34
CA HIS B 171 -47.71 5.38 40.34
C HIS B 171 -49.15 5.77 40.03
N ASN B 172 -49.48 5.91 38.75
CA ASN B 172 -50.86 6.21 38.39
C ASN B 172 -51.77 5.02 38.65
N ILE B 173 -51.28 3.80 38.43
CA ILE B 173 -52.08 2.62 38.71
C ILE B 173 -52.27 2.45 40.22
N GLN B 174 -51.23 2.72 41.00
CA GLN B 174 -51.32 2.68 42.45
C GLN B 174 -52.29 3.73 42.98
N THR B 175 -52.25 4.94 42.42
CA THR B 175 -53.15 5.99 42.85
C THR B 175 -54.59 5.70 42.42
N LEU B 176 -54.76 5.01 41.30
CA LEU B 176 -56.09 4.60 40.88
C LEU B 176 -56.66 3.51 41.76
N GLU B 177 -55.92 2.44 41.99
CA GLU B 177 -56.47 1.26 42.65
C GLU B 177 -56.31 1.29 44.16
N LYS B 178 -55.58 2.28 44.69
CA LYS B 178 -55.37 2.48 46.13
C LYS B 178 -54.72 1.27 46.79
N THR B 179 -53.64 0.79 46.20
CA THR B 179 -52.90 -0.34 46.76
C THR B 179 -51.41 -0.10 46.66
N ASP B 180 -50.64 -1.07 47.13
CA ASP B 180 -49.19 -1.01 47.09
C ASP B 180 -48.68 -1.55 45.76
N TYR B 181 -47.37 -1.41 45.55
CA TYR B 181 -46.74 -1.88 44.32
C TYR B 181 -46.81 -3.40 44.20
N ASN B 182 -46.64 -4.10 45.32
CA ASN B 182 -46.76 -5.55 45.31
C ASN B 182 -48.18 -5.98 45.02
N GLY B 183 -49.17 -5.24 45.54
CA GLY B 183 -50.55 -5.55 45.23
C GLY B 183 -50.90 -5.26 43.79
N VAL B 184 -50.28 -4.22 43.21
CA VAL B 184 -50.48 -3.92 41.79
C VAL B 184 -49.91 -5.04 40.94
N MET B 185 -48.74 -5.55 41.30
CA MET B 185 -48.16 -6.67 40.56
C MET B 185 -48.96 -7.95 40.75
N LYS B 186 -49.57 -8.12 41.92
CA LYS B 186 -50.44 -9.29 42.14
C LYS B 186 -51.69 -9.21 41.28
N MET B 187 -52.29 -8.03 41.18
CA MET B 187 -53.47 -7.87 40.33
C MET B 187 -53.12 -7.91 38.85
N LEU B 188 -51.91 -7.50 38.49
CA LEU B 188 -51.50 -7.54 37.09
C LEU B 188 -51.04 -8.92 36.67
N SER B 189 -50.65 -9.76 37.61
CA SER B 189 -50.31 -11.14 37.31
C SER B 189 -51.54 -11.99 37.01
N THR B 190 -52.74 -11.51 37.34
CA THR B 190 -53.95 -12.30 37.23
C THR B 190 -55.04 -11.62 36.42
N TYR B 191 -54.78 -10.42 35.90
CA TYR B 191 -55.76 -9.72 35.10
C TYR B 191 -55.92 -10.42 33.75
N ARG B 192 -57.15 -10.76 33.39
CA ARG B 192 -57.42 -11.51 32.17
C ARG B 192 -58.25 -10.74 31.16
N GLN B 193 -58.70 -9.54 31.50
CA GLN B 193 -59.71 -8.88 30.68
C GLN B 193 -59.13 -8.30 29.40
N THR B 194 -57.93 -7.73 29.46
CA THR B 194 -57.35 -7.11 28.29
C THR B 194 -56.29 -8.02 27.68
N GLY B 195 -55.96 -7.71 26.43
CA GLY B 195 -54.85 -8.38 25.78
C GLY B 195 -53.53 -7.94 26.36
N MET B 196 -52.48 -8.68 25.98
CA MET B 196 -51.09 -8.48 26.40
C MET B 196 -50.94 -8.51 27.92
N THR B 197 -51.78 -9.29 28.58
CA THR B 197 -52.01 -9.31 30.02
C THR B 197 -52.84 -10.55 30.31
N PRO B 198 -52.55 -11.36 31.35
CA PRO B 198 -51.71 -11.29 32.56
C PRO B 198 -50.22 -11.13 32.35
N TYR B 199 -49.56 -10.58 33.36
CA TYR B 199 -48.13 -10.31 33.34
C TYR B 199 -47.58 -10.72 34.68
N HIS B 200 -47.01 -11.91 34.75
CA HIS B 200 -46.48 -12.46 36.00
C HIS B 200 -45.03 -12.03 36.06
N LEU B 201 -44.75 -11.03 36.88
CA LEU B 201 -43.40 -10.47 36.95
C LEU B 201 -42.36 -11.40 37.58
N PRO B 202 -42.63 -12.13 38.68
CA PRO B 202 -41.64 -13.14 39.11
C PRO B 202 -41.42 -14.24 38.09
N TYR B 203 -42.46 -14.64 37.38
CA TYR B 203 -42.31 -15.65 36.34
C TYR B 203 -41.46 -15.13 35.19
N GLU B 204 -41.64 -13.85 34.83
CA GLU B 204 -40.83 -13.28 33.76
C GLU B 204 -39.38 -13.13 34.17
N SER B 205 -39.14 -12.74 35.43
CA SER B 205 -37.79 -12.66 35.95
C SER B 205 -37.13 -14.04 35.97
N ALA B 206 -37.89 -15.07 36.35
CA ALA B 206 -37.35 -16.42 36.39
C ALA B 206 -37.04 -16.95 35.00
N ARG B 207 -37.95 -16.75 34.04
CA ARG B 207 -37.71 -17.30 32.72
C ARG B 207 -36.63 -16.53 31.98
N GLN B 208 -36.48 -15.24 32.26
CA GLN B 208 -35.36 -14.53 31.65
C GLN B 208 -34.03 -14.90 32.31
N ALA B 209 -34.04 -15.21 33.62
CA ALA B 209 -32.83 -15.69 34.25
C ALA B 209 -32.40 -17.04 33.69
N ILE B 210 -33.37 -17.93 33.47
CA ILE B 210 -33.06 -19.24 32.90
C ILE B 210 -32.60 -19.11 31.46
N LEU B 211 -33.24 -18.23 30.69
CA LEU B 211 -32.80 -18.01 29.31
C LEU B 211 -31.44 -17.33 29.23
N LEU B 212 -31.06 -16.55 30.24
CA LEU B 212 -29.73 -15.98 30.23
C LEU B 212 -28.68 -17.00 30.63
N GLN B 213 -28.99 -17.86 31.61
CA GLN B 213 -28.01 -18.83 32.06
C GLN B 213 -27.86 -19.98 31.06
N ASP B 214 -28.94 -20.71 30.83
CA ASP B 214 -28.95 -21.86 29.93
C ASP B 214 -29.78 -21.49 28.71
N LYS B 215 -29.12 -20.88 27.72
CA LYS B 215 -29.77 -20.68 26.44
C LYS B 215 -29.89 -22.01 25.71
N ASN B 216 -30.99 -22.18 24.98
CA ASN B 216 -31.38 -23.32 24.16
C ASN B 216 -31.63 -24.60 24.95
N LEU B 217 -31.57 -24.57 26.29
CA LEU B 217 -31.87 -25.69 27.18
C LEU B 217 -30.99 -26.91 26.92
N THR B 218 -29.68 -26.70 26.91
CA THR B 218 -28.79 -27.83 26.68
C THR B 218 -28.63 -28.72 27.91
N ALA B 219 -28.92 -28.18 29.10
CA ALA B 219 -28.91 -29.01 30.29
C ALA B 219 -30.04 -30.02 30.28
N PHE B 220 -31.19 -29.62 29.72
CA PHE B 220 -32.29 -30.55 29.50
C PHE B 220 -31.89 -31.67 28.55
N SER B 221 -31.07 -31.35 27.55
CA SER B 221 -30.67 -32.38 26.60
C SER B 221 -29.60 -33.29 27.18
N ARG B 222 -28.73 -32.75 28.03
CA ARG B 222 -27.69 -33.56 28.63
C ARG B 222 -28.24 -34.45 29.74
N ASN B 223 -28.76 -33.84 30.79
CA ASN B 223 -29.13 -34.56 32.01
C ASN B 223 -30.54 -35.10 31.83
N THR B 224 -30.64 -36.24 31.15
CA THR B 224 -31.94 -36.81 30.82
C THR B 224 -32.67 -37.37 32.05
N ASP B 225 -31.93 -37.84 33.06
CA ASP B 225 -32.57 -38.43 34.22
C ASP B 225 -33.20 -37.37 35.12
N VAL B 226 -32.74 -36.13 35.03
CA VAL B 226 -33.46 -35.05 35.68
C VAL B 226 -34.39 -34.34 34.69
N ALA B 227 -34.21 -34.58 33.39
CA ALA B 227 -35.19 -34.12 32.41
C ALA B 227 -36.46 -34.94 32.47
N GLU B 228 -36.39 -36.14 33.04
CA GLU B 228 -37.59 -36.94 33.29
C GLU B 228 -38.53 -36.24 34.26
N LEU B 229 -38.00 -35.56 35.26
CA LEU B 229 -38.81 -34.87 36.25
C LEU B 229 -39.48 -33.60 35.73
N MET B 230 -38.96 -33.01 34.67
CA MET B 230 -39.47 -31.75 34.15
C MET B 230 -40.60 -32.00 33.18
N ASP B 231 -41.62 -31.16 33.23
CA ASP B 231 -42.77 -31.32 32.35
C ASP B 231 -42.50 -30.62 31.02
N PRO B 232 -42.95 -31.20 29.89
CA PRO B 232 -42.75 -30.52 28.60
C PRO B 232 -43.51 -29.21 28.48
N THR B 233 -44.69 -29.09 29.09
CA THR B 233 -45.37 -27.80 29.08
C THR B 233 -44.67 -26.80 29.98
N SER B 234 -44.06 -27.26 31.07
CA SER B 234 -43.29 -26.37 31.91
C SER B 234 -42.04 -25.87 31.19
N LEU B 235 -41.41 -26.73 30.40
CA LEU B 235 -40.27 -26.27 29.60
C LEU B 235 -40.71 -25.39 28.45
N LEU B 236 -41.92 -25.59 27.93
CA LEU B 236 -42.50 -24.65 26.99
C LEU B 236 -42.70 -23.28 27.64
N ALA B 237 -43.19 -23.27 28.87
CA ALA B 237 -43.37 -22.02 29.60
C ALA B 237 -42.04 -21.37 29.94
N ILE B 238 -40.98 -22.17 30.03
CA ILE B 238 -39.66 -21.60 30.21
C ILE B 238 -39.18 -20.94 28.92
N LYS B 239 -39.26 -21.67 27.81
CA LYS B 239 -38.65 -21.18 26.58
C LYS B 239 -39.45 -20.05 25.94
N THR B 240 -40.76 -20.06 26.06
CA THR B 240 -41.58 -18.93 25.64
C THR B 240 -42.59 -18.61 26.72
N ASP B 241 -43.05 -17.37 26.72
CA ASP B 241 -43.80 -16.80 27.84
C ASP B 241 -45.20 -17.42 27.91
N ILE B 242 -45.41 -18.26 28.91
CA ILE B 242 -46.75 -18.67 29.33
C ILE B 242 -46.79 -18.47 30.84
N SER B 243 -47.49 -17.42 31.28
CA SER B 243 -47.70 -17.17 32.69
C SER B 243 -48.58 -18.26 33.29
N PRO B 244 -48.58 -18.42 34.62
CA PRO B 244 -49.52 -19.37 35.23
C PRO B 244 -50.97 -19.04 34.97
N GLU B 245 -51.32 -17.75 34.99
CA GLU B 245 -52.68 -17.36 34.63
C GLU B 245 -52.96 -17.59 33.15
N LEU B 246 -51.96 -17.41 32.29
CA LEU B 246 -52.13 -17.70 30.88
C LEU B 246 -52.31 -19.19 30.65
N TYR B 247 -51.62 -20.01 31.43
CA TYR B 247 -51.80 -21.45 31.33
C TYR B 247 -53.18 -21.87 31.81
N GLN B 248 -53.68 -21.20 32.85
CA GLN B 248 -55.06 -21.45 33.28
C GLN B 248 -56.06 -21.02 32.24
N ILE B 249 -55.76 -19.96 31.49
CA ILE B 249 -56.62 -19.52 30.40
C ILE B 249 -56.61 -20.53 29.27
N LEU B 250 -55.43 -21.06 28.95
CA LEU B 250 -55.32 -21.97 27.82
C LEU B 250 -55.87 -23.35 28.14
N VAL B 251 -55.73 -23.80 29.38
CA VAL B 251 -56.03 -25.19 29.70
C VAL B 251 -57.50 -25.43 30.02
N GLU B 252 -58.28 -24.38 30.29
CA GLU B 252 -59.67 -24.58 30.67
C GLU B 252 -60.50 -24.93 29.45
N GLU B 253 -61.50 -25.78 29.67
CA GLU B 253 -62.37 -26.19 28.58
C GLU B 253 -63.63 -25.33 28.55
N ILE B 254 -64.22 -25.20 27.37
CA ILE B 254 -65.32 -24.29 27.13
C ILE B 254 -66.53 -25.12 26.74
N THR B 255 -67.44 -25.29 27.68
CA THR B 255 -68.70 -25.96 27.42
C THR B 255 -69.75 -24.96 26.98
N PRO B 256 -70.85 -25.40 26.38
CA PRO B 256 -72.00 -24.49 26.21
C PRO B 256 -72.60 -24.01 27.50
N GLU B 257 -72.42 -24.75 28.60
CA GLU B 257 -72.88 -24.29 29.90
C GLU B 257 -71.97 -23.21 30.47
N ASN B 258 -70.66 -23.42 30.39
CA ASN B 258 -69.68 -22.51 30.97
C ASN B 258 -69.40 -21.29 30.08
N SER B 259 -70.16 -21.12 28.99
CA SER B 259 -69.83 -20.15 27.96
C SER B 259 -69.96 -18.72 28.44
N THR B 260 -71.14 -18.35 28.96
CA THR B 260 -71.37 -16.97 29.36
C THR B 260 -70.58 -16.58 30.60
N GLU B 261 -70.28 -17.53 31.48
CA GLU B 261 -69.45 -17.24 32.63
C GLU B 261 -67.99 -17.05 32.25
N LEU B 262 -67.46 -17.94 31.39
CA LEU B 262 -66.08 -17.79 30.97
C LEU B 262 -65.90 -16.60 30.06
N MET B 263 -66.95 -16.17 29.36
CA MET B 263 -66.86 -14.93 28.60
C MET B 263 -66.77 -13.72 29.53
N LYS B 264 -67.43 -13.78 30.68
CA LYS B 264 -67.23 -12.74 31.69
C LYS B 264 -65.82 -12.81 32.28
N LYS B 265 -65.31 -14.02 32.48
CA LYS B 265 -64.02 -14.17 33.13
C LYS B 265 -62.88 -13.77 32.21
N ASN B 266 -63.05 -13.90 30.90
CA ASN B 266 -61.98 -13.58 29.97
C ASN B 266 -62.19 -12.28 29.21
N PHE B 267 -63.39 -11.71 29.24
CA PHE B 267 -63.60 -10.45 28.55
C PHE B 267 -64.22 -9.41 29.45
N GLY B 268 -65.08 -9.83 30.36
CA GLY B 268 -65.87 -8.85 31.06
C GLY B 268 -67.29 -8.85 30.55
N THR B 269 -67.59 -7.93 29.65
CA THR B 269 -68.90 -7.82 29.03
C THR B 269 -69.25 -9.07 28.24
N ASP B 270 -70.54 -9.39 28.24
CA ASP B 270 -71.16 -10.40 27.40
C ASP B 270 -71.55 -9.75 26.08
N ASP B 271 -72.52 -10.35 25.38
CA ASP B 271 -73.14 -9.77 24.18
C ASP B 271 -72.12 -9.66 23.04
N VAL B 272 -71.85 -10.80 22.41
CA VAL B 272 -70.68 -11.17 21.60
C VAL B 272 -70.11 -10.07 20.71
N LEU B 273 -70.97 -9.19 20.21
CA LEU B 273 -70.48 -8.06 19.40
C LEU B 273 -69.77 -7.05 20.29
N ILE B 274 -68.55 -7.37 20.70
CA ILE B 274 -67.74 -6.49 21.54
C ILE B 274 -66.57 -5.89 20.80
N PHE B 275 -66.27 -6.37 19.59
CA PHE B 275 -65.19 -5.83 18.78
C PHE B 275 -65.70 -5.02 17.59
N LYS B 276 -66.69 -5.56 16.87
CA LYS B 276 -67.45 -4.92 15.79
C LYS B 276 -66.63 -4.58 14.56
N SER B 277 -65.33 -4.82 14.55
CA SER B 277 -64.45 -4.36 13.48
C SER B 277 -63.12 -5.08 13.61
N TYR B 278 -62.44 -5.21 12.47
CA TYR B 278 -61.10 -5.77 12.46
C TYR B 278 -60.10 -4.86 13.17
N ALA B 279 -60.30 -3.54 13.07
CA ALA B 279 -59.37 -2.60 13.67
C ALA B 279 -59.39 -2.67 15.18
N SER B 280 -60.58 -2.83 15.78
CA SER B 280 -60.66 -2.95 17.23
C SER B 280 -60.07 -4.25 17.71
N LEU B 281 -60.22 -5.33 16.94
CA LEU B 281 -59.63 -6.61 17.30
C LEU B 281 -58.12 -6.56 17.25
N ALA B 282 -57.58 -6.01 16.17
CA ALA B 282 -56.14 -5.90 16.02
C ALA B 282 -55.54 -4.94 17.04
N ARG B 283 -56.28 -3.90 17.41
CA ARG B 283 -55.82 -3.00 18.45
C ARG B 283 -55.89 -3.64 19.83
N TYR B 284 -56.89 -4.48 20.08
CA TYR B 284 -57.01 -5.12 21.37
C TYR B 284 -55.95 -6.19 21.57
N TYR B 285 -55.56 -6.88 20.50
CA TYR B 285 -54.58 -7.95 20.63
C TYR B 285 -53.19 -7.58 20.13
N ASP B 286 -53.00 -6.33 19.69
CA ASP B 286 -51.75 -5.83 19.09
C ASP B 286 -51.30 -6.71 17.92
N LEU B 287 -52.18 -6.81 16.94
CA LEU B 287 -51.92 -7.62 15.76
C LEU B 287 -51.83 -6.75 14.52
N SER B 288 -51.13 -7.25 13.52
CA SER B 288 -51.15 -6.63 12.20
C SER B 288 -52.39 -7.12 11.47
N TYR B 289 -52.68 -6.53 10.32
CA TYR B 289 -53.75 -7.03 9.48
C TYR B 289 -53.41 -8.39 8.90
N ASP B 290 -52.12 -8.63 8.62
CA ASP B 290 -51.71 -9.95 8.14
C ASP B 290 -51.85 -11.00 9.21
N GLU B 291 -51.46 -10.68 10.45
CA GLU B 291 -51.56 -11.64 11.53
C GLU B 291 -53.01 -11.87 11.93
N LEU B 292 -53.84 -10.83 11.79
CA LEU B 292 -55.27 -11.01 12.02
C LEU B 292 -55.90 -11.82 10.91
N SER B 293 -55.38 -11.72 9.70
CA SER B 293 -55.92 -12.47 8.57
C SER B 293 -55.65 -13.97 8.67
N LEU B 294 -54.71 -14.39 9.52
CA LEU B 294 -54.49 -15.81 9.72
C LEU B 294 -55.65 -16.49 10.42
N PHE B 295 -56.43 -15.75 11.19
CA PHE B 295 -57.53 -16.30 11.97
C PHE B 295 -58.89 -15.96 11.40
N VAL B 296 -59.14 -14.68 11.16
CA VAL B 296 -60.48 -14.17 10.88
C VAL B 296 -60.59 -13.84 9.41
N ASN B 297 -61.56 -14.46 8.74
CA ASN B 297 -61.88 -14.16 7.34
C ASN B 297 -63.39 -14.17 7.22
N LEU B 298 -64.02 -13.03 7.48
CA LEU B 298 -65.47 -12.98 7.57
C LEU B 298 -66.10 -12.86 6.19
N SER B 299 -67.42 -12.73 6.18
CA SER B 299 -68.19 -12.53 4.97
C SER B 299 -68.30 -11.06 4.57
N PHE B 300 -67.53 -10.18 5.19
CA PHE B 300 -67.53 -8.77 4.84
C PHE B 300 -66.86 -8.58 3.47
N GLY B 301 -67.49 -7.73 2.65
CA GLY B 301 -66.98 -7.49 1.31
C GLY B 301 -67.10 -8.66 0.37
N LYS B 302 -68.27 -9.28 0.30
CA LYS B 302 -68.42 -10.50 -0.47
C LYS B 302 -68.53 -10.22 -1.96
N LYS B 303 -69.24 -9.17 -2.35
CA LYS B 303 -69.66 -8.98 -3.74
C LYS B 303 -68.50 -8.61 -4.66
N ASN B 304 -67.43 -8.03 -4.12
CA ASN B 304 -66.33 -7.54 -4.94
C ASN B 304 -65.26 -8.59 -5.19
N THR B 305 -65.54 -9.85 -4.89
CA THR B 305 -64.59 -10.92 -5.14
C THR B 305 -65.33 -12.17 -5.55
N ASN B 306 -64.58 -13.10 -6.13
CA ASN B 306 -65.05 -14.44 -6.37
C ASN B 306 -64.34 -15.46 -5.51
N GLN B 307 -63.31 -15.05 -4.77
CA GLN B 307 -62.63 -15.91 -3.81
C GLN B 307 -62.73 -15.23 -2.44
N GLN B 308 -63.44 -15.87 -1.52
CA GLN B 308 -63.58 -15.33 -0.17
C GLN B 308 -62.64 -16.00 0.82
N TYR B 309 -62.06 -17.13 0.46
CA TYR B 309 -61.19 -17.85 1.38
C TYR B 309 -59.85 -17.14 1.49
N LYS B 310 -59.48 -16.78 2.71
CA LYS B 310 -58.14 -16.30 3.00
C LYS B 310 -57.44 -17.36 3.82
N ASN B 311 -56.22 -17.72 3.40
CA ASN B 311 -55.42 -18.81 3.98
C ASN B 311 -56.20 -20.13 3.99
N GLU B 312 -56.97 -20.34 2.92
CA GLU B 312 -57.78 -21.54 2.69
C GLU B 312 -58.78 -21.80 3.82
N GLN B 313 -59.32 -20.73 4.39
CA GLN B 313 -60.33 -20.88 5.42
C GLN B 313 -61.30 -19.71 5.36
N LEU B 314 -62.47 -19.90 5.97
CA LEU B 314 -63.55 -18.92 5.90
C LEU B 314 -64.51 -19.17 7.05
N ILE B 315 -64.79 -18.12 7.83
CA ILE B 315 -65.85 -18.17 8.83
C ILE B 315 -67.07 -17.46 8.27
N THR B 316 -68.24 -18.03 8.55
CA THR B 316 -69.51 -17.54 8.02
C THR B 316 -70.50 -17.56 9.17
N LEU B 317 -70.60 -16.47 9.92
CA LEU B 317 -71.54 -16.42 11.03
C LEU B 317 -72.92 -16.10 10.50
N VAL B 318 -73.92 -16.83 10.99
CA VAL B 318 -75.30 -16.65 10.57
C VAL B 318 -76.07 -16.01 11.72
N ASN B 319 -76.94 -15.06 11.39
CA ASN B 319 -77.83 -14.48 12.37
C ASN B 319 -79.01 -15.42 12.60
N ASP B 320 -79.92 -15.01 13.49
CA ASP B 320 -81.22 -15.64 13.74
C ASP B 320 -81.10 -17.08 14.22
N GLY B 321 -79.97 -17.43 14.85
CA GLY B 321 -79.85 -18.72 15.49
C GLY B 321 -80.25 -18.63 16.94
N ASN B 322 -81.50 -18.20 17.17
CA ASN B 322 -82.04 -17.81 18.49
C ASN B 322 -81.16 -16.76 19.15
N ASP B 323 -80.71 -15.78 18.34
CA ASP B 323 -79.85 -14.67 18.75
C ASP B 323 -78.56 -15.14 19.41
N THR B 324 -78.00 -16.24 18.92
CA THR B 324 -76.70 -16.71 19.40
C THR B 324 -75.56 -16.39 18.44
N ALA B 325 -75.88 -16.14 17.16
CA ALA B 325 -74.93 -15.81 16.10
C ALA B 325 -73.85 -16.88 15.96
N THR B 326 -74.29 -18.08 15.58
CA THR B 326 -73.38 -19.19 15.42
C THR B 326 -72.51 -19.01 14.19
N ALA B 327 -71.23 -19.32 14.34
CA ALA B 327 -70.24 -19.14 13.29
C ALA B 327 -69.93 -20.48 12.65
N ARG B 328 -69.55 -20.44 11.36
CA ARG B 328 -69.28 -21.64 10.59
C ARG B 328 -67.91 -21.51 9.95
N LEU B 329 -66.89 -22.08 10.59
CA LEU B 329 -65.54 -22.07 10.06
C LEU B 329 -65.37 -23.23 9.09
N ILE B 330 -65.04 -22.91 7.84
CA ILE B 330 -64.82 -23.91 6.81
C ILE B 330 -63.40 -23.77 6.27
N LYS B 331 -62.63 -24.84 6.32
CA LYS B 331 -61.23 -24.83 5.89
C LYS B 331 -61.04 -25.70 4.67
N ARG B 332 -60.59 -25.11 3.57
CA ARG B 332 -60.20 -25.85 2.38
C ARG B 332 -58.84 -26.50 2.63
N THR B 333 -58.61 -27.66 2.02
CA THR B 333 -57.41 -28.42 2.31
C THR B 333 -56.53 -28.71 1.10
N ARG B 334 -57.00 -28.43 -0.12
CA ARG B 334 -56.21 -28.50 -1.36
C ARG B 334 -55.65 -29.90 -1.61
N LYS B 335 -56.55 -30.81 -1.94
CA LYS B 335 -56.18 -32.17 -2.30
C LYS B 335 -55.70 -32.28 -3.75
N ASP B 336 -55.69 -33.51 -4.27
CA ASP B 336 -54.98 -33.85 -5.50
C ASP B 336 -55.51 -33.10 -6.72
N PHE B 337 -54.58 -32.76 -7.62
CA PHE B 337 -54.84 -32.10 -8.91
C PHE B 337 -55.52 -30.75 -8.76
N TYR B 338 -55.31 -30.08 -7.63
CA TYR B 338 -55.87 -28.76 -7.43
C TYR B 338 -55.15 -27.75 -8.29
N ASP B 339 -53.81 -27.74 -8.23
CA ASP B 339 -53.04 -26.77 -8.97
C ASP B 339 -52.88 -27.12 -10.43
N SER B 340 -53.24 -28.34 -10.83
CA SER B 340 -52.98 -28.75 -12.20
C SER B 340 -54.18 -28.48 -13.10
N HIS B 341 -55.38 -28.36 -12.54
CA HIS B 341 -56.57 -28.27 -13.36
C HIS B 341 -57.52 -27.13 -13.02
N LEU B 342 -57.28 -26.38 -11.94
CA LEU B 342 -58.20 -25.30 -11.62
C LEU B 342 -57.46 -24.20 -10.87
N ASN B 343 -58.04 -23.00 -10.91
CA ASN B 343 -57.47 -21.88 -10.18
C ASN B 343 -57.82 -21.96 -8.70
N TYR B 344 -59.11 -21.92 -8.40
CA TYR B 344 -59.59 -22.05 -7.04
C TYR B 344 -60.82 -22.93 -7.06
N ALA B 345 -61.23 -23.37 -5.87
CA ALA B 345 -62.44 -24.18 -5.74
C ALA B 345 -62.97 -23.99 -4.33
N GLU B 346 -63.98 -23.16 -4.17
CA GLU B 346 -64.47 -22.82 -2.84
C GLU B 346 -65.89 -23.33 -2.65
N LEU B 347 -66.17 -23.81 -1.45
CA LEU B 347 -67.49 -24.28 -1.06
C LEU B 347 -68.06 -23.32 -0.03
N ILE B 348 -69.04 -22.53 -0.43
CA ILE B 348 -69.59 -21.45 0.38
C ILE B 348 -70.98 -21.85 0.84
N PRO B 349 -71.27 -21.80 2.14
CA PRO B 349 -72.62 -22.09 2.63
C PRO B 349 -73.55 -20.91 2.34
N ILE B 350 -74.73 -21.21 1.82
CA ILE B 350 -75.75 -20.19 1.65
C ILE B 350 -76.61 -20.20 2.89
N LYS B 351 -77.29 -21.32 3.12
CA LYS B 351 -78.12 -21.52 4.30
C LYS B 351 -77.82 -22.91 4.83
N GLU B 352 -78.64 -23.37 5.77
CA GLU B 352 -78.49 -24.72 6.29
C GLU B 352 -78.90 -25.73 5.23
N ASN B 353 -78.04 -26.72 5.01
CA ASN B 353 -78.19 -27.73 3.96
C ASN B 353 -78.32 -27.08 2.59
N GLU B 354 -77.54 -26.01 2.38
CA GLU B 354 -77.66 -25.19 1.18
C GLU B 354 -76.30 -24.56 0.95
N TYR B 355 -75.51 -25.15 0.04
CA TYR B 355 -74.13 -24.77 -0.14
C TYR B 355 -73.90 -24.41 -1.59
N LYS B 356 -72.89 -23.58 -1.83
CA LYS B 356 -72.66 -23.05 -3.17
C LYS B 356 -71.23 -23.33 -3.56
N TYR B 357 -71.05 -23.98 -4.70
CA TYR B 357 -69.73 -24.40 -5.17
C TYR B 357 -69.19 -23.36 -6.12
N ASN B 358 -68.14 -22.65 -5.71
CA ASN B 358 -67.47 -21.67 -6.54
C ASN B 358 -66.12 -22.23 -6.96
N PHE B 359 -65.80 -22.13 -8.25
CA PHE B 359 -64.55 -22.64 -8.77
C PHE B 359 -64.22 -21.90 -10.05
N SER B 360 -63.07 -22.25 -10.62
CA SER B 360 -62.65 -21.72 -11.91
C SER B 360 -61.67 -22.70 -12.55
N VAL B 361 -62.08 -23.29 -13.66
CA VAL B 361 -61.25 -24.28 -14.33
C VAL B 361 -60.14 -23.57 -15.09
N LYS B 362 -58.91 -23.95 -14.79
CA LYS B 362 -57.75 -23.53 -15.56
C LYS B 362 -57.55 -24.51 -16.70
N LYS B 363 -57.19 -23.98 -17.88
CA LYS B 363 -56.89 -24.77 -19.09
C LYS B 363 -58.05 -25.65 -19.50
N THR B 364 -59.12 -25.04 -20.02
CA THR B 364 -60.37 -25.75 -20.30
C THR B 364 -60.17 -26.85 -21.33
N GLU B 365 -61.01 -27.88 -21.22
CA GLU B 365 -60.93 -29.06 -22.07
C GLU B 365 -62.22 -29.18 -22.87
N PRO B 366 -62.17 -28.95 -24.17
CA PRO B 366 -63.42 -28.90 -24.95
C PRO B 366 -64.02 -30.26 -25.21
N ASP B 367 -63.21 -31.33 -25.13
CA ASP B 367 -63.67 -32.63 -25.57
C ASP B 367 -64.15 -33.53 -24.44
N HIS B 368 -64.66 -32.98 -23.34
CA HIS B 368 -65.16 -33.82 -22.27
C HIS B 368 -66.65 -33.59 -22.00
N LEU B 369 -67.04 -32.36 -21.63
CA LEU B 369 -68.41 -31.87 -21.51
C LEU B 369 -69.24 -32.50 -20.39
N ASP B 370 -68.75 -33.53 -19.71
CA ASP B 370 -69.56 -34.24 -18.73
C ASP B 370 -69.10 -33.79 -17.35
N PHE B 371 -69.74 -32.76 -16.83
CA PHE B 371 -69.44 -32.26 -15.50
C PHE B 371 -70.05 -33.20 -14.48
N ARG B 372 -69.23 -33.69 -13.56
CA ARG B 372 -69.70 -34.45 -12.42
C ARG B 372 -69.08 -33.88 -11.15
N LEU B 373 -69.63 -34.28 -10.01
CA LEU B 373 -69.12 -33.80 -8.72
C LEU B 373 -69.50 -34.84 -7.67
N GLN B 374 -68.54 -35.67 -7.28
CA GLN B 374 -68.76 -36.68 -6.26
C GLN B 374 -67.95 -36.33 -5.01
N ASN B 375 -68.18 -37.11 -3.96
CA ASN B 375 -67.55 -36.87 -2.66
C ASN B 375 -66.88 -38.16 -2.19
N GLY B 376 -65.57 -38.25 -2.43
CA GLY B 376 -64.80 -39.39 -2.01
C GLY B 376 -65.15 -40.66 -2.77
N ASP B 377 -65.60 -40.47 -4.02
CA ASP B 377 -66.10 -41.52 -4.91
C ASP B 377 -67.24 -42.31 -4.27
N LYS B 378 -68.24 -41.60 -3.77
CA LYS B 378 -69.44 -42.25 -3.24
C LYS B 378 -70.64 -42.02 -4.16
N GLU B 379 -70.98 -40.76 -4.41
CA GLU B 379 -72.18 -40.44 -5.17
C GLU B 379 -72.03 -39.07 -5.78
N TYR B 380 -72.46 -38.95 -7.04
CA TYR B 380 -72.37 -37.70 -7.76
C TYR B 380 -73.38 -36.71 -7.18
N ILE B 381 -72.88 -35.68 -6.51
CA ILE B 381 -73.74 -34.64 -5.97
C ILE B 381 -74.34 -33.81 -7.09
N TYR B 382 -73.48 -33.21 -7.88
CA TYR B 382 -73.90 -32.47 -9.07
C TYR B 382 -73.40 -33.19 -10.31
N GLN B 383 -74.27 -33.35 -11.29
CA GLN B 383 -73.88 -33.99 -12.53
C GLN B 383 -74.65 -33.34 -13.67
N ASP B 384 -73.93 -32.65 -14.55
CA ASP B 384 -74.52 -31.98 -15.70
C ASP B 384 -73.74 -32.42 -16.93
N LYS B 385 -74.29 -33.36 -17.68
CA LYS B 385 -73.71 -33.74 -18.95
C LYS B 385 -73.88 -32.62 -19.96
N ASN B 386 -72.99 -32.60 -20.95
CA ASN B 386 -72.92 -31.59 -22.02
C ASN B 386 -72.75 -30.19 -21.43
N PHE B 387 -71.62 -29.99 -20.76
CA PHE B 387 -71.27 -28.69 -20.19
C PHE B 387 -69.76 -28.60 -20.07
N VAL B 388 -69.17 -27.62 -20.75
CA VAL B 388 -67.73 -27.42 -20.69
C VAL B 388 -67.44 -26.16 -19.88
N PRO B 389 -66.79 -26.27 -18.72
CA PRO B 389 -66.36 -25.06 -18.00
C PRO B 389 -65.18 -24.42 -18.71
N ILE B 390 -65.41 -23.23 -19.25
CA ILE B 390 -64.39 -22.56 -20.05
C ILE B 390 -63.34 -21.95 -19.12
N ALA B 391 -62.19 -21.61 -19.69
CA ALA B 391 -61.00 -21.30 -18.91
C ALA B 391 -61.14 -19.98 -18.17
N ASN B 392 -60.70 -19.99 -16.91
CA ASN B 392 -60.58 -18.82 -16.04
C ASN B 392 -61.92 -18.10 -15.84
N THR B 393 -62.96 -18.85 -15.53
CA THR B 393 -64.28 -18.27 -15.35
C THR B 393 -64.89 -18.78 -14.05
N HIS B 394 -65.38 -17.84 -13.24
CA HIS B 394 -65.92 -18.15 -11.92
C HIS B 394 -67.33 -18.69 -12.08
N TYR B 395 -67.48 -20.00 -11.95
CA TYR B 395 -68.79 -20.62 -12.01
C TYR B 395 -69.32 -20.84 -10.61
N SER B 396 -70.65 -20.81 -10.50
CA SER B 396 -71.33 -21.05 -9.24
C SER B 396 -72.30 -22.19 -9.44
N ILE B 397 -72.17 -23.23 -8.62
CA ILE B 397 -73.01 -24.41 -8.70
C ILE B 397 -73.65 -24.64 -7.34
N PRO B 398 -74.98 -24.74 -7.25
CA PRO B 398 -75.61 -25.03 -5.96
C PRO B 398 -75.40 -26.50 -5.59
N ILE B 399 -75.13 -26.74 -4.31
CA ILE B 399 -74.84 -28.08 -3.83
C ILE B 399 -75.61 -28.29 -2.53
N LYS B 400 -76.39 -29.36 -2.47
CA LYS B 400 -77.14 -29.73 -1.28
C LYS B 400 -76.30 -30.72 -0.47
N LEU B 401 -75.91 -30.31 0.74
CA LEU B 401 -74.99 -31.10 1.55
C LEU B 401 -75.49 -31.20 2.98
N THR B 402 -75.45 -32.41 3.52
CA THR B 402 -75.93 -32.66 4.87
C THR B 402 -74.91 -32.16 5.90
N THR B 403 -75.44 -31.89 7.10
CA THR B 403 -74.62 -31.36 8.19
C THR B 403 -73.59 -32.39 8.66
N GLU B 404 -73.96 -33.66 8.64
CA GLU B 404 -73.00 -34.72 8.98
C GLU B 404 -71.87 -34.80 7.96
N GLN B 405 -72.21 -34.76 6.67
CA GLN B 405 -71.19 -34.85 5.63
C GLN B 405 -70.29 -33.63 5.60
N ILE B 406 -70.78 -32.48 6.04
CA ILE B 406 -69.93 -31.29 5.97
C ILE B 406 -69.15 -31.12 7.28
N THR B 407 -69.68 -31.64 8.40
CA THR B 407 -68.94 -31.55 9.65
C THR B 407 -67.84 -32.58 9.70
N ASN B 408 -68.07 -33.77 9.16
CA ASN B 408 -66.94 -34.60 8.83
C ASN B 408 -66.22 -34.03 7.63
N GLY B 409 -64.96 -34.39 7.48
CA GLY B 409 -64.19 -33.90 6.35
C GLY B 409 -64.63 -34.50 5.05
N ILE B 410 -65.21 -33.69 4.17
CA ILE B 410 -65.64 -34.15 2.86
C ILE B 410 -64.56 -33.84 1.85
N THR B 411 -64.57 -34.56 0.74
CA THR B 411 -63.60 -34.35 -0.34
C THR B 411 -64.38 -34.32 -1.66
N LEU B 412 -64.84 -33.13 -2.04
CA LEU B 412 -65.53 -32.97 -3.31
C LEU B 412 -64.59 -33.22 -4.46
N ARG B 413 -65.08 -33.86 -5.51
CA ARG B 413 -64.24 -34.28 -6.62
C ARG B 413 -64.84 -33.78 -7.92
N LEU B 414 -64.24 -32.72 -8.47
CA LEU B 414 -64.69 -32.17 -9.73
C LEU B 414 -64.20 -33.07 -10.87
N TRP B 415 -65.12 -33.50 -11.72
CA TRP B 415 -64.80 -34.36 -12.84
C TRP B 415 -65.03 -33.64 -14.15
N ARG B 416 -64.28 -34.03 -15.17
CA ARG B 416 -64.62 -33.73 -16.55
C ARG B 416 -64.40 -35.02 -17.33
N VAL B 417 -65.42 -35.84 -17.39
CA VAL B 417 -65.39 -37.11 -18.08
C VAL B 417 -65.73 -36.84 -19.55
N LYS B 418 -65.22 -37.66 -20.44
CA LYS B 418 -65.65 -37.51 -21.81
C LYS B 418 -66.56 -38.67 -22.20
N PRO B 419 -67.51 -38.48 -23.13
CA PRO B 419 -68.34 -39.60 -23.56
C PRO B 419 -67.60 -40.61 -24.40
N ASN B 420 -66.55 -40.19 -25.10
CA ASN B 420 -65.56 -41.12 -25.60
C ASN B 420 -64.91 -41.82 -24.40
N PRO B 421 -64.58 -43.10 -24.50
CA PRO B 421 -64.08 -43.83 -23.31
C PRO B 421 -62.67 -43.47 -22.84
N SER B 422 -62.11 -42.38 -23.35
CA SER B 422 -60.78 -41.92 -22.96
C SER B 422 -60.84 -41.23 -21.60
N ASP B 423 -59.78 -40.48 -21.30
CA ASP B 423 -59.46 -40.05 -19.95
C ASP B 423 -60.48 -39.08 -19.37
N ALA B 424 -60.86 -39.33 -18.13
CA ALA B 424 -61.67 -38.42 -17.33
C ALA B 424 -60.76 -37.66 -16.38
N ILE B 425 -60.68 -36.35 -16.57
CA ILE B 425 -59.77 -35.53 -15.78
C ILE B 425 -60.34 -35.34 -14.39
N ASN B 426 -59.60 -35.81 -13.40
CA ASN B 426 -59.98 -35.75 -11.99
C ASN B 426 -59.31 -34.55 -11.34
N ALA B 427 -60.07 -33.85 -10.49
CA ALA B 427 -59.51 -32.75 -9.71
C ALA B 427 -60.36 -32.62 -8.46
N ASN B 428 -59.76 -32.80 -7.29
CA ASN B 428 -60.52 -32.84 -6.05
C ASN B 428 -59.86 -32.00 -4.97
N ALA B 429 -60.70 -31.42 -4.12
CA ALA B 429 -60.25 -30.68 -2.95
C ALA B 429 -61.03 -31.19 -1.74
N HIS B 430 -60.50 -30.91 -0.57
CA HIS B 430 -61.07 -31.41 0.68
C HIS B 430 -61.56 -30.25 1.53
N PHE B 431 -62.75 -30.41 2.09
CA PHE B 431 -63.35 -29.41 2.96
C PHE B 431 -63.72 -30.04 4.29
N LYS B 432 -63.78 -29.21 5.32
CA LYS B 432 -64.19 -29.67 6.64
C LYS B 432 -64.69 -28.46 7.41
N MET B 433 -65.96 -28.47 7.76
CA MET B 433 -66.55 -27.34 8.46
C MET B 433 -66.54 -27.58 9.95
N MET B 434 -66.58 -26.48 10.70
CA MET B 434 -66.67 -26.51 12.16
C MET B 434 -67.62 -25.40 12.58
N GLU B 435 -68.55 -25.74 13.48
CA GLU B 435 -69.60 -24.81 13.86
C GLU B 435 -69.60 -24.65 15.37
N PHE B 436 -69.68 -23.40 15.83
CA PHE B 436 -69.73 -23.07 17.24
C PHE B 436 -70.74 -21.97 17.47
N PRO B 437 -71.33 -21.89 18.66
CA PRO B 437 -72.00 -20.66 19.07
C PRO B 437 -70.99 -19.55 19.27
N GLY B 438 -71.49 -18.31 19.30
CA GLY B 438 -70.62 -17.16 19.20
C GLY B 438 -69.72 -16.94 20.40
N ASP B 439 -70.23 -17.19 21.60
CA ASP B 439 -69.44 -16.96 22.81
C ASP B 439 -68.30 -17.96 22.92
N ILE B 440 -68.59 -19.25 22.70
CA ILE B 440 -67.57 -20.29 22.74
C ILE B 440 -66.57 -20.09 21.61
N PHE B 441 -67.05 -19.60 20.46
CA PHE B 441 -66.16 -19.29 19.35
C PHE B 441 -65.22 -18.15 19.71
N LEU B 442 -65.75 -17.12 20.38
CA LEU B 442 -64.93 -15.99 20.78
C LEU B 442 -63.90 -16.40 21.82
N LEU B 443 -64.25 -17.29 22.74
CA LEU B 443 -63.30 -17.73 23.75
C LEU B 443 -62.21 -18.60 23.15
N LYS B 444 -62.58 -19.48 22.22
CA LYS B 444 -61.58 -20.29 21.54
C LYS B 444 -60.65 -19.44 20.69
N LEU B 445 -61.19 -18.43 20.00
CA LEU B 445 -60.36 -17.53 19.22
C LEU B 445 -59.47 -16.69 20.12
N ASN B 446 -59.96 -16.33 21.31
CA ASN B 446 -59.18 -15.57 22.27
C ASN B 446 -57.97 -16.36 22.73
N LYS B 447 -58.17 -17.61 23.12
CA LYS B 447 -57.03 -18.37 23.59
C LYS B 447 -56.12 -18.81 22.45
N ALA B 448 -56.65 -18.96 21.24
CA ALA B 448 -55.78 -19.26 20.10
C ALA B 448 -54.89 -18.07 19.76
N ILE B 449 -55.45 -16.87 19.76
CA ILE B 449 -54.66 -15.67 19.49
C ILE B 449 -53.67 -15.41 20.60
N ARG B 450 -54.03 -15.71 21.85
CA ARG B 450 -53.09 -15.57 22.95
C ARG B 450 -51.95 -16.57 22.85
N LEU B 451 -52.23 -17.79 22.39
CA LEU B 451 -51.16 -18.77 22.21
C LEU B 451 -50.25 -18.37 21.05
N TYR B 452 -50.82 -17.81 19.99
CA TYR B 452 -50.02 -17.33 18.88
C TYR B 452 -49.12 -16.17 19.32
N LYS B 453 -49.67 -15.23 20.08
CA LYS B 453 -48.90 -14.14 20.66
C LYS B 453 -47.83 -14.62 21.61
N ALA B 454 -48.08 -15.71 22.34
CA ALA B 454 -47.12 -16.19 23.32
C ALA B 454 -45.97 -16.91 22.65
N THR B 455 -46.27 -17.78 21.69
CA THR B 455 -45.26 -18.68 21.15
C THR B 455 -44.64 -18.22 19.85
N GLY B 456 -45.34 -17.39 19.07
CA GLY B 456 -44.82 -17.02 17.77
C GLY B 456 -44.85 -18.15 16.75
N ILE B 457 -45.72 -19.12 16.93
CA ILE B 457 -45.80 -20.26 16.05
C ILE B 457 -46.96 -20.05 15.09
N SER B 458 -46.99 -20.83 14.01
CA SER B 458 -48.01 -20.59 12.99
C SER B 458 -49.38 -21.09 13.43
N PRO B 459 -50.44 -20.38 13.06
CA PRO B 459 -51.80 -20.86 13.39
C PRO B 459 -52.19 -22.11 12.65
N GLU B 460 -51.74 -22.28 11.40
CA GLU B 460 -51.91 -23.56 10.75
C GLU B 460 -51.10 -24.65 11.43
N ASP B 461 -49.97 -24.31 12.02
CA ASP B 461 -49.18 -25.27 12.75
C ASP B 461 -49.88 -25.71 14.04
N ILE B 462 -50.50 -24.77 14.74
CA ILE B 462 -51.20 -25.18 15.96
C ILE B 462 -52.48 -25.92 15.61
N TRP B 463 -53.08 -25.61 14.45
CA TRP B 463 -54.17 -26.44 13.93
C TRP B 463 -53.70 -27.86 13.67
N GLN B 464 -52.51 -28.00 13.08
CA GLN B 464 -52.00 -29.32 12.75
C GLN B 464 -51.65 -30.13 13.98
N VAL B 465 -51.06 -29.49 15.00
CA VAL B 465 -50.72 -30.26 16.19
C VAL B 465 -51.96 -30.57 17.02
N ILE B 466 -53.01 -29.75 16.93
CA ILE B 466 -54.21 -30.08 17.68
C ILE B 466 -55.03 -31.13 16.93
N GLU B 467 -54.90 -31.18 15.60
CA GLU B 467 -55.52 -32.22 14.80
C GLU B 467 -54.78 -33.54 14.97
N SER B 468 -53.47 -33.48 15.22
CA SER B 468 -52.67 -34.68 15.37
C SER B 468 -53.03 -35.44 16.63
N ILE B 469 -53.46 -34.74 17.68
CA ILE B 469 -53.81 -35.41 18.91
C ILE B 469 -55.31 -35.55 19.02
N TYR B 470 -56.02 -34.44 19.13
CA TYR B 470 -57.43 -34.47 19.44
C TYR B 470 -58.25 -34.19 18.19
N ASP B 471 -59.56 -34.10 18.40
CA ASP B 471 -60.49 -33.55 17.43
C ASP B 471 -61.26 -32.42 18.10
N ASP B 472 -61.96 -31.65 17.26
CA ASP B 472 -62.85 -30.55 17.65
C ASP B 472 -62.12 -29.40 18.36
N LEU B 473 -60.79 -29.32 18.20
CA LEU B 473 -59.96 -28.16 18.56
C LEU B 473 -60.06 -27.82 20.05
N THR B 474 -59.57 -28.75 20.86
CA THR B 474 -59.51 -28.56 22.31
C THR B 474 -58.04 -28.45 22.72
N ILE B 475 -57.62 -27.24 23.07
CA ILE B 475 -56.24 -27.02 23.49
C ILE B 475 -56.03 -27.64 24.86
N ASP B 476 -54.97 -28.43 24.99
CA ASP B 476 -54.78 -29.25 26.17
C ASP B 476 -53.30 -29.37 26.46
N SER B 477 -53.00 -30.07 27.56
CA SER B 477 -51.61 -30.22 28.00
C SER B 477 -50.79 -31.07 27.04
N ASN B 478 -51.42 -32.04 26.39
CA ASN B 478 -50.70 -32.83 25.40
C ASN B 478 -50.38 -31.98 24.17
N VAL B 479 -51.29 -31.07 23.82
CA VAL B 479 -51.04 -30.17 22.70
C VAL B 479 -49.92 -29.21 23.05
N LEU B 480 -49.88 -28.74 24.30
CA LEU B 480 -48.79 -27.87 24.73
C LEU B 480 -47.47 -28.62 24.77
N GLY B 481 -47.49 -29.91 25.11
CA GLY B 481 -46.26 -30.68 25.11
C GLY B 481 -45.72 -30.91 23.71
N LYS B 482 -46.60 -31.25 22.77
CA LYS B 482 -46.19 -31.40 21.38
C LYS B 482 -45.75 -30.08 20.78
N LEU B 483 -46.37 -28.97 21.21
CA LEU B 483 -45.96 -27.66 20.74
C LEU B 483 -44.64 -27.24 21.35
N PHE B 484 -44.31 -27.75 22.53
CA PHE B 484 -42.95 -27.58 23.04
C PHE B 484 -41.98 -28.37 22.20
N TYR B 485 -42.34 -29.59 21.83
CA TYR B 485 -41.38 -30.48 21.21
C TYR B 485 -41.06 -30.10 19.77
N VAL B 486 -42.02 -29.49 19.05
CA VAL B 486 -41.68 -29.01 17.71
C VAL B 486 -40.69 -27.85 17.79
N GLN B 487 -40.85 -26.97 18.78
CA GLN B 487 -39.93 -25.86 18.95
C GLN B 487 -38.57 -26.35 19.39
N TYR B 488 -38.55 -27.33 20.30
CA TYR B 488 -37.28 -27.85 20.80
C TYR B 488 -36.53 -28.61 19.72
N TYR B 489 -37.22 -29.37 18.88
CA TYR B 489 -36.55 -30.04 17.78
C TYR B 489 -36.08 -29.07 16.72
N MET B 490 -36.88 -28.02 16.45
CA MET B 490 -36.52 -27.02 15.47
C MET B 490 -35.31 -26.20 15.92
N GLN B 491 -35.11 -26.06 17.22
CA GLN B 491 -33.91 -25.41 17.73
C GLN B 491 -32.75 -26.39 17.87
N HIS B 492 -33.07 -27.65 18.17
CA HIS B 492 -32.09 -28.67 18.45
C HIS B 492 -31.34 -29.06 17.20
N TYR B 493 -32.07 -29.57 16.21
CA TYR B 493 -31.54 -29.70 14.87
C TYR B 493 -31.82 -28.40 14.13
N ASN B 494 -31.46 -28.37 12.85
CA ASN B 494 -31.78 -27.20 12.05
C ASN B 494 -32.91 -27.48 11.09
N ILE B 495 -33.88 -28.26 11.54
CA ILE B 495 -35.01 -28.67 10.72
C ILE B 495 -36.00 -27.52 10.59
N SER B 496 -36.93 -27.65 9.65
CA SER B 496 -37.97 -26.65 9.46
C SER B 496 -39.14 -26.94 10.39
N VAL B 497 -40.21 -26.16 10.26
CA VAL B 497 -41.39 -26.33 11.09
C VAL B 497 -42.11 -27.63 10.73
N SER B 498 -42.37 -27.84 9.43
CA SER B 498 -43.00 -29.08 9.01
C SER B 498 -42.08 -30.28 9.18
N ASP B 499 -40.77 -30.06 9.08
CA ASP B 499 -39.82 -31.12 9.33
C ASP B 499 -39.84 -31.54 10.80
N ALA B 500 -40.05 -30.60 11.71
CA ALA B 500 -40.25 -30.97 13.10
C ALA B 500 -41.63 -31.57 13.32
N LEU B 501 -42.61 -31.16 12.52
CA LEU B 501 -43.96 -31.68 12.63
C LEU B 501 -44.00 -33.17 12.33
N VAL B 502 -43.31 -33.58 11.27
CA VAL B 502 -43.22 -35.00 10.92
C VAL B 502 -42.55 -35.78 12.03
N LEU B 503 -41.54 -35.20 12.68
CA LEU B 503 -40.88 -35.85 13.80
C LEU B 503 -41.75 -35.91 15.05
N CYS B 504 -42.69 -34.99 15.21
CA CYS B 504 -43.53 -34.95 16.41
C CYS B 504 -44.88 -35.60 16.19
N HIS B 505 -44.90 -36.69 15.42
CA HIS B 505 -46.07 -37.51 15.14
C HIS B 505 -47.21 -36.75 14.47
N SER B 506 -46.89 -35.79 13.61
CA SER B 506 -47.89 -35.24 12.71
C SER B 506 -47.64 -35.77 11.30
N ASP B 507 -48.52 -35.38 10.39
CA ASP B 507 -48.39 -35.82 9.01
C ASP B 507 -47.72 -34.73 8.17
N ILE B 508 -47.43 -35.09 6.93
CA ILE B 508 -46.90 -34.11 5.98
C ILE B 508 -48.01 -33.14 5.61
N SER B 509 -47.78 -31.85 5.84
CA SER B 509 -48.82 -30.86 5.67
C SER B 509 -49.11 -30.62 4.20
N GLN B 510 -50.38 -30.55 3.86
CA GLN B 510 -50.80 -30.19 2.52
C GLN B 510 -51.32 -28.76 2.44
N TYR B 511 -51.17 -27.99 3.52
CA TYR B 511 -51.61 -26.60 3.55
C TYR B 511 -50.69 -25.78 2.66
N SER B 512 -51.26 -25.14 1.64
CA SER B 512 -50.52 -24.25 0.77
C SER B 512 -51.02 -22.83 0.94
N THR B 513 -50.19 -21.89 0.48
CA THR B 513 -50.55 -20.47 0.43
C THR B 513 -49.99 -19.87 -0.85
N LYS B 514 -50.39 -18.64 -1.12
CA LYS B 514 -49.79 -17.90 -2.22
C LYS B 514 -48.42 -17.37 -1.84
N GLN B 515 -48.16 -17.20 -0.54
CA GLN B 515 -46.82 -16.85 -0.08
C GLN B 515 -45.86 -18.01 -0.30
N GLN B 516 -46.16 -19.16 0.29
CA GLN B 516 -45.30 -20.33 0.27
C GLN B 516 -46.12 -21.54 -0.12
N PRO B 517 -45.56 -22.44 -0.91
CA PRO B 517 -46.30 -23.64 -1.30
C PRO B 517 -46.42 -24.61 -0.13
N SER B 518 -47.22 -25.65 -0.35
CA SER B 518 -47.36 -26.66 0.68
C SER B 518 -46.07 -27.45 0.84
N HIS B 519 -45.89 -28.00 2.04
CA HIS B 519 -44.74 -28.84 2.29
C HIS B 519 -44.81 -30.13 1.49
N PHE B 520 -46.04 -30.61 1.23
CA PHE B 520 -46.21 -31.82 0.44
C PHE B 520 -45.76 -31.60 -1.01
N THR B 521 -46.23 -30.53 -1.64
CA THR B 521 -45.83 -30.27 -3.02
C THR B 521 -44.40 -29.75 -3.10
N MET B 522 -43.88 -29.16 -2.02
CA MET B 522 -42.46 -28.83 -1.98
C MET B 522 -41.60 -30.07 -1.94
N LEU B 523 -42.01 -31.06 -1.14
CA LEU B 523 -41.27 -32.28 -0.97
C LEU B 523 -41.34 -33.19 -2.18
N PHE B 524 -42.50 -33.24 -2.84
CA PHE B 524 -42.70 -34.20 -3.92
C PHE B 524 -42.76 -33.59 -5.31
N ASN B 525 -43.40 -32.43 -5.49
CA ASN B 525 -43.75 -32.01 -6.84
C ASN B 525 -43.21 -30.63 -7.20
N THR B 526 -42.21 -30.13 -6.52
CA THR B 526 -41.72 -28.82 -6.94
C THR B 526 -40.82 -28.97 -8.17
N PRO B 527 -39.81 -29.90 -8.22
CA PRO B 527 -39.28 -30.25 -9.54
C PRO B 527 -40.11 -31.36 -10.14
N LEU B 528 -41.20 -31.02 -10.84
CA LEU B 528 -42.13 -31.99 -11.43
C LEU B 528 -41.42 -33.00 -12.31
N LEU B 529 -41.60 -34.28 -11.98
CA LEU B 529 -40.72 -35.32 -12.48
C LEU B 529 -40.99 -35.62 -13.95
N ASN B 530 -42.19 -36.09 -14.27
CA ASN B 530 -42.57 -36.35 -15.64
C ASN B 530 -43.70 -35.43 -16.08
N GLY B 531 -43.66 -34.19 -15.64
CA GLY B 531 -44.72 -33.24 -15.93
C GLY B 531 -45.93 -33.39 -15.04
N GLN B 532 -46.56 -34.56 -15.06
CA GLN B 532 -47.67 -34.85 -14.18
C GLN B 532 -47.21 -34.89 -12.72
N GLU B 533 -48.10 -34.50 -11.83
CA GLU B 533 -47.77 -34.37 -10.43
C GLU B 533 -48.03 -35.66 -9.69
N PHE B 534 -47.55 -35.72 -8.47
CA PHE B 534 -47.78 -36.84 -7.58
C PHE B 534 -49.02 -36.57 -6.76
N SER B 535 -49.90 -37.57 -6.69
CA SER B 535 -51.15 -37.46 -5.98
C SER B 535 -51.24 -38.61 -5.00
N ALA B 536 -51.52 -38.29 -3.73
CA ALA B 536 -51.53 -39.30 -2.67
C ALA B 536 -52.80 -40.14 -2.80
N ASP B 537 -52.75 -41.07 -3.76
CA ASP B 537 -53.85 -42.00 -3.96
C ASP B 537 -53.57 -43.28 -3.18
N ASN B 538 -54.64 -43.97 -2.81
CA ASN B 538 -54.50 -45.25 -2.14
C ASN B 538 -54.28 -46.34 -3.19
N THR B 539 -53.08 -46.32 -3.78
CA THR B 539 -52.67 -47.27 -4.80
C THR B 539 -51.60 -48.17 -4.20
N LYS B 540 -51.83 -49.47 -4.23
CA LYS B 540 -50.91 -50.42 -3.64
C LYS B 540 -49.64 -50.51 -4.47
N LEU B 541 -48.51 -50.61 -3.76
CA LEU B 541 -47.22 -50.73 -4.43
C LEU B 541 -46.28 -51.51 -3.53
N ASP B 542 -45.85 -52.67 -4.00
CA ASP B 542 -44.98 -53.53 -3.21
C ASP B 542 -43.56 -53.00 -3.31
N LEU B 543 -42.99 -52.63 -2.18
CA LEU B 543 -41.71 -51.93 -2.15
C LEU B 543 -40.51 -52.86 -2.20
N THR B 544 -40.71 -54.14 -2.48
CA THR B 544 -39.59 -55.00 -2.81
C THR B 544 -38.95 -54.52 -4.11
N PRO B 545 -37.63 -54.53 -4.22
CA PRO B 545 -36.95 -53.76 -5.28
C PRO B 545 -37.09 -54.31 -6.69
N GLY B 546 -37.90 -55.34 -6.92
CA GLY B 546 -38.03 -55.85 -8.26
C GLY B 546 -39.45 -56.00 -8.75
N GLU B 547 -40.43 -55.90 -7.86
CA GLU B 547 -41.80 -56.21 -8.18
C GLU B 547 -42.73 -55.00 -8.10
N SER B 548 -42.26 -53.83 -8.52
CA SER B 548 -43.09 -52.64 -8.48
C SER B 548 -43.80 -52.41 -9.80
N LYS B 549 -43.03 -52.16 -10.87
CA LYS B 549 -43.48 -51.86 -12.23
C LYS B 549 -44.40 -50.63 -12.31
N ASN B 550 -44.46 -49.82 -11.27
CA ASN B 550 -45.19 -48.56 -11.26
C ASN B 550 -44.14 -47.50 -10.96
N HIS B 551 -43.43 -47.10 -12.00
CA HIS B 551 -42.18 -46.38 -11.83
C HIS B 551 -42.40 -44.92 -11.48
N PHE B 552 -43.60 -44.40 -11.71
CA PHE B 552 -43.91 -43.01 -11.41
C PHE B 552 -43.82 -42.73 -9.91
N TYR B 553 -44.63 -43.45 -9.13
CA TYR B 553 -44.63 -43.26 -7.67
C TYR B 553 -43.32 -43.70 -7.06
N LEU B 554 -42.67 -44.70 -7.66
CA LEU B 554 -41.40 -45.20 -7.14
C LEU B 554 -40.30 -44.16 -7.29
N GLY B 555 -40.17 -43.58 -8.49
CA GLY B 555 -39.19 -42.53 -8.69
C GLY B 555 -39.50 -41.26 -7.93
N ILE B 556 -40.79 -40.96 -7.75
CA ILE B 556 -41.17 -39.79 -6.97
C ILE B 556 -40.80 -39.97 -5.51
N MET B 557 -41.05 -41.15 -4.95
CA MET B 557 -40.68 -41.41 -3.56
C MET B 557 -39.18 -41.45 -3.39
N LYS B 558 -38.47 -42.03 -4.35
CA LYS B 558 -37.01 -42.11 -4.23
C LYS B 558 -36.36 -40.74 -4.36
N ARG B 559 -36.91 -39.87 -5.20
CA ARG B 559 -36.35 -38.54 -5.30
C ARG B 559 -36.76 -37.68 -4.10
N ALA B 560 -37.96 -37.88 -3.58
CA ALA B 560 -38.42 -37.05 -2.47
C ALA B 560 -37.76 -37.45 -1.16
N PHE B 561 -37.33 -38.71 -1.06
CA PHE B 561 -36.67 -39.18 0.15
C PHE B 561 -35.17 -39.31 -0.02
N ARG B 562 -34.66 -39.06 -1.23
CA ARG B 562 -33.24 -39.06 -1.58
C ARG B 562 -32.58 -40.39 -1.20
N VAL B 563 -33.07 -41.44 -1.87
CA VAL B 563 -32.91 -42.80 -1.38
C VAL B 563 -32.88 -43.75 -2.56
N ASN B 564 -32.37 -44.95 -2.33
CA ASN B 564 -32.34 -45.98 -3.36
C ASN B 564 -33.56 -46.88 -3.23
N ASP B 565 -33.69 -47.86 -4.14
CA ASP B 565 -34.77 -48.83 -4.05
C ASP B 565 -34.60 -49.73 -2.84
N THR B 566 -33.39 -50.26 -2.67
CA THR B 566 -33.08 -51.12 -1.53
C THR B 566 -33.17 -50.34 -0.22
N GLU B 567 -32.65 -49.12 -0.20
CA GLU B 567 -32.68 -48.32 1.00
C GLU B 567 -34.11 -47.90 1.34
N LEU B 568 -34.94 -47.68 0.33
CA LEU B 568 -36.36 -47.42 0.56
C LEU B 568 -37.06 -48.66 1.11
N TYR B 569 -36.69 -49.84 0.61
CA TYR B 569 -37.31 -51.07 1.09
C TYR B 569 -36.92 -51.34 2.54
N THR B 570 -35.66 -51.12 2.90
CA THR B 570 -35.28 -51.33 4.29
C THR B 570 -35.78 -50.19 5.18
N LEU B 571 -36.05 -49.02 4.61
CA LEU B 571 -36.71 -47.96 5.36
C LEU B 571 -38.14 -48.34 5.69
N TRP B 572 -38.85 -48.95 4.75
CA TRP B 572 -40.20 -49.43 5.01
C TRP B 572 -40.17 -50.65 5.94
N LYS B 573 -39.11 -51.45 5.88
CA LYS B 573 -39.00 -52.59 6.77
C LYS B 573 -38.73 -52.16 8.21
N LEU B 574 -37.96 -51.08 8.40
CA LEU B 574 -37.77 -50.55 9.74
C LEU B 574 -39.06 -49.99 10.31
N ALA B 575 -39.92 -49.45 9.45
CA ALA B 575 -41.16 -48.85 9.89
C ALA B 575 -42.17 -49.87 10.39
N ASN B 576 -42.05 -51.13 9.99
CA ASN B 576 -43.00 -52.16 10.40
C ASN B 576 -42.31 -53.29 11.16
N GLY B 577 -41.11 -53.04 11.68
CA GLY B 577 -40.41 -54.05 12.45
C GLY B 577 -39.92 -55.21 11.62
N GLY B 578 -39.15 -54.92 10.58
CA GLY B 578 -38.55 -55.96 9.77
C GLY B 578 -39.49 -56.66 8.80
N THR B 579 -40.70 -56.15 8.63
CA THR B 579 -41.68 -56.76 7.74
C THR B 579 -42.18 -55.72 6.75
N ASN B 580 -42.76 -56.19 5.66
CA ASN B 580 -43.39 -55.34 4.65
C ASN B 580 -44.80 -55.84 4.43
N PRO B 581 -45.76 -55.38 5.25
CA PRO B 581 -47.14 -55.86 5.11
C PRO B 581 -47.81 -55.44 3.80
N GLU B 582 -47.95 -54.14 3.58
CA GLU B 582 -48.57 -53.57 2.39
C GLU B 582 -48.35 -52.07 2.36
N PHE B 583 -47.94 -51.53 1.22
CA PHE B 583 -47.77 -50.09 1.08
C PHE B 583 -48.89 -49.54 0.22
N MET B 584 -49.70 -48.66 0.79
CA MET B 584 -50.88 -48.13 0.13
C MET B 584 -50.62 -46.83 -0.62
N CYS B 585 -49.42 -46.25 -0.46
CA CYS B 585 -49.03 -44.95 -1.02
C CYS B 585 -49.96 -43.83 -0.54
N SER B 586 -50.49 -43.97 0.66
CA SER B 586 -51.31 -42.92 1.24
C SER B 586 -50.43 -41.91 1.96
N ILE B 587 -51.05 -40.80 2.38
CA ILE B 587 -50.33 -39.78 3.13
C ILE B 587 -49.95 -40.31 4.51
N GLU B 588 -50.77 -41.19 5.08
CA GLU B 588 -50.48 -41.80 6.37
C GLU B 588 -49.39 -42.85 6.29
N ASN B 589 -48.97 -43.25 5.08
CA ASN B 589 -47.79 -44.09 4.92
C ASN B 589 -46.57 -43.29 4.52
N LEU B 590 -46.77 -42.24 3.72
CA LEU B 590 -45.67 -41.34 3.36
C LEU B 590 -45.14 -40.62 4.59
N SER B 591 -46.01 -40.16 5.46
CA SER B 591 -45.61 -39.92 6.84
C SER B 591 -45.48 -41.26 7.54
N LEU B 592 -44.42 -41.40 8.33
CA LEU B 592 -43.81 -42.58 8.97
C LEU B 592 -43.00 -43.40 7.98
N LEU B 593 -43.09 -43.15 6.67
CA LEU B 593 -41.97 -43.48 5.83
C LEU B 593 -40.94 -42.37 5.83
N TYR B 594 -41.40 -41.14 5.96
CA TYR B 594 -40.51 -39.98 6.04
C TYR B 594 -39.95 -39.79 7.44
N ARG B 595 -40.64 -40.30 8.46
CA ARG B 595 -40.16 -40.17 9.82
C ARG B 595 -38.86 -40.92 10.03
N VAL B 596 -38.74 -42.11 9.45
CA VAL B 596 -37.54 -42.90 9.63
C VAL B 596 -36.38 -42.30 8.86
N ARG B 597 -36.66 -41.72 7.69
CA ARG B 597 -35.63 -41.03 6.93
C ARG B 597 -35.14 -39.79 7.65
N LEU B 598 -36.05 -39.04 8.27
CA LEU B 598 -35.65 -37.91 9.09
C LEU B 598 -34.86 -38.35 10.31
N LEU B 599 -35.24 -39.48 10.90
CA LEU B 599 -34.52 -40.03 12.05
C LEU B 599 -33.10 -40.40 11.69
N ALA B 600 -32.89 -40.93 10.49
CA ALA B 600 -31.54 -41.15 10.02
C ALA B 600 -30.80 -39.84 9.79
N ASP B 601 -31.47 -38.88 9.16
CA ASP B 601 -30.75 -37.73 8.62
C ASP B 601 -30.39 -36.70 9.70
N ILE B 602 -31.27 -36.49 10.68
CA ILE B 602 -30.97 -35.46 11.67
C ILE B 602 -29.89 -35.89 12.65
N HIS B 603 -29.60 -37.17 12.76
CA HIS B 603 -28.49 -37.65 13.55
C HIS B 603 -27.28 -37.94 12.69
N HIS B 604 -27.31 -37.50 11.42
CA HIS B 604 -26.22 -37.63 10.46
C HIS B 604 -25.86 -39.09 10.22
N LEU B 605 -26.87 -39.93 10.10
CA LEU B 605 -26.68 -41.35 9.85
C LEU B 605 -27.31 -41.72 8.51
N THR B 606 -26.67 -42.65 7.82
CA THR B 606 -27.31 -43.24 6.65
C THR B 606 -28.34 -44.25 7.11
N VAL B 607 -29.18 -44.69 6.18
CA VAL B 607 -30.25 -45.61 6.55
C VAL B 607 -29.71 -46.99 6.88
N ASN B 608 -28.60 -47.39 6.25
CA ASN B 608 -27.96 -48.65 6.62
C ASN B 608 -27.38 -48.56 8.03
N GLU B 609 -26.80 -47.42 8.37
CA GLU B 609 -26.29 -47.23 9.71
C GLU B 609 -27.42 -47.17 10.73
N LEU B 610 -28.56 -46.63 10.34
CA LEU B 610 -29.72 -46.61 11.21
C LEU B 610 -30.25 -48.02 11.43
N SER B 611 -30.22 -48.84 10.39
CA SER B 611 -30.65 -50.24 10.54
C SER B 611 -29.68 -51.01 11.42
N MET B 612 -28.38 -50.74 11.31
CA MET B 612 -27.40 -51.35 12.21
C MET B 612 -27.63 -50.93 13.65
N LEU B 613 -27.79 -49.62 13.87
CA LEU B 613 -27.93 -49.10 15.23
C LEU B 613 -29.23 -49.55 15.86
N LEU B 614 -30.29 -49.70 15.09
CA LEU B 614 -31.50 -50.28 15.63
C LEU B 614 -31.40 -51.78 15.81
N SER B 615 -30.56 -52.45 15.02
CA SER B 615 -30.35 -53.88 15.21
C SER B 615 -29.57 -54.16 16.49
N VAL B 616 -28.75 -53.22 16.95
CA VAL B 616 -28.05 -53.39 18.22
C VAL B 616 -28.74 -52.65 19.35
N SER B 617 -29.92 -52.11 19.12
CA SER B 617 -30.65 -51.33 20.12
C SER B 617 -31.54 -52.26 20.93
N PRO B 618 -32.29 -51.72 21.91
CA PRO B 618 -33.47 -52.45 22.39
C PRO B 618 -34.73 -52.18 21.56
N TYR B 619 -34.55 -51.64 20.36
CA TYR B 619 -35.67 -51.36 19.46
C TYR B 619 -35.49 -52.14 18.16
N VAL B 620 -35.20 -53.44 18.26
CA VAL B 620 -34.79 -54.21 17.09
C VAL B 620 -35.98 -54.43 16.15
N ASN B 621 -36.99 -55.14 16.61
CA ASN B 621 -38.14 -55.46 15.77
C ASN B 621 -39.40 -54.78 16.28
N THR B 622 -39.25 -53.59 16.85
CA THR B 622 -40.41 -52.87 17.36
C THR B 622 -41.18 -52.23 16.21
N LYS B 623 -42.43 -51.88 16.49
CA LYS B 623 -43.33 -51.33 15.49
C LYS B 623 -43.30 -49.81 15.60
N ILE B 624 -42.62 -49.16 14.66
CA ILE B 624 -42.61 -47.70 14.65
C ILE B 624 -43.94 -47.15 14.18
N ALA B 625 -44.67 -47.91 13.37
CA ALA B 625 -45.99 -47.48 12.92
C ALA B 625 -47.00 -47.45 14.05
N LEU B 626 -46.78 -48.25 15.09
CA LEU B 626 -47.71 -48.37 16.19
C LEU B 626 -47.21 -47.67 17.45
N PHE B 627 -46.33 -46.69 17.31
CA PHE B 627 -45.81 -46.00 18.47
C PHE B 627 -46.79 -44.95 18.97
N SER B 628 -46.70 -44.67 20.26
CA SER B 628 -47.33 -43.50 20.83
C SER B 628 -46.36 -42.33 20.70
N ASP B 629 -46.82 -41.12 21.03
CA ASP B 629 -45.96 -39.96 20.93
C ASP B 629 -44.85 -39.99 21.97
N THR B 630 -45.14 -40.55 23.14
CA THR B 630 -44.13 -40.72 24.16
C THR B 630 -43.07 -41.74 23.76
N ALA B 631 -43.50 -42.85 23.15
CA ALA B 631 -42.53 -43.82 22.63
C ALA B 631 -41.72 -43.24 21.49
N LEU B 632 -42.34 -42.37 20.68
CA LEU B 632 -41.64 -41.72 19.58
C LEU B 632 -40.56 -40.78 20.09
N THR B 633 -40.90 -39.90 21.04
CA THR B 633 -39.88 -38.99 21.55
C THR B 633 -38.85 -39.71 22.42
N GLN B 634 -39.22 -40.85 23.01
CA GLN B 634 -38.22 -41.66 23.69
C GLN B 634 -37.23 -42.25 22.71
N LEU B 635 -37.72 -42.73 21.56
CA LEU B 635 -36.83 -43.24 20.52
C LEU B 635 -35.94 -42.16 19.95
N ILE B 636 -36.48 -40.95 19.75
CA ILE B 636 -35.69 -39.85 19.23
C ILE B 636 -34.61 -39.46 20.22
N SER B 637 -34.95 -39.36 21.50
CA SER B 637 -33.97 -39.00 22.52
C SER B 637 -32.92 -40.08 22.67
N PHE B 638 -33.31 -41.35 22.54
CA PHE B 638 -32.37 -42.45 22.62
C PHE B 638 -31.38 -42.41 21.47
N LEU B 639 -31.88 -42.21 20.26
CA LEU B 639 -30.99 -42.15 19.09
C LEU B 639 -30.06 -40.95 19.17
N PHE B 640 -30.57 -39.82 19.68
CA PHE B 640 -29.73 -38.63 19.80
C PHE B 640 -28.62 -38.83 20.82
N GLN B 641 -28.95 -39.33 22.01
CA GLN B 641 -27.92 -39.48 23.02
C GLN B 641 -26.97 -40.62 22.69
N CYS B 642 -27.44 -41.62 21.93
CA CYS B 642 -26.54 -42.68 21.49
C CYS B 642 -25.57 -42.16 20.45
N THR B 643 -26.05 -41.30 19.53
CA THR B 643 -25.15 -40.70 18.56
C THR B 643 -24.16 -39.75 19.23
N GLN B 644 -24.60 -39.04 20.26
CA GLN B 644 -23.71 -38.16 21.00
C GLN B 644 -22.63 -38.93 21.74
N TRP B 645 -23.01 -40.04 22.40
CA TRP B 645 -22.02 -40.87 23.08
C TRP B 645 -21.08 -41.53 22.09
N LEU B 646 -21.61 -41.89 20.92
CA LEU B 646 -20.80 -42.50 19.87
C LEU B 646 -19.73 -41.53 19.36
N THR B 647 -20.14 -40.31 19.01
CA THR B 647 -19.18 -39.34 18.52
C THR B 647 -18.31 -38.77 19.63
N THR B 648 -18.70 -38.91 20.89
CA THR B 648 -17.81 -38.56 21.98
C THR B 648 -16.73 -39.61 22.14
N GLN B 649 -17.11 -40.89 22.00
CA GLN B 649 -16.16 -41.98 22.11
C GLN B 649 -15.37 -42.21 20.83
N LYS B 650 -15.67 -41.46 19.76
CA LYS B 650 -14.94 -41.50 18.49
C LYS B 650 -15.01 -42.88 17.85
N TRP B 651 -16.16 -43.52 17.98
CA TRP B 651 -16.43 -44.80 17.35
C TRP B 651 -17.32 -44.60 16.15
N SER B 652 -17.52 -45.67 15.39
CA SER B 652 -18.51 -45.65 14.33
C SER B 652 -19.65 -46.61 14.66
N VAL B 653 -20.70 -46.51 13.86
CA VAL B 653 -21.83 -47.45 13.97
C VAL B 653 -21.37 -48.85 13.63
N SER B 654 -20.41 -48.99 12.71
CA SER B 654 -19.82 -50.30 12.44
C SER B 654 -19.03 -50.80 13.64
N ASP B 655 -18.39 -49.91 14.39
CA ASP B 655 -17.61 -50.34 15.56
C ASP B 655 -18.53 -50.82 16.67
N VAL B 656 -19.60 -50.08 16.93
CA VAL B 656 -20.55 -50.53 17.94
C VAL B 656 -21.30 -51.77 17.48
N PHE B 657 -21.52 -51.91 16.17
CA PHE B 657 -22.16 -53.10 15.65
C PHE B 657 -21.25 -54.31 15.80
N LEU B 658 -19.94 -54.11 15.65
CA LEU B 658 -18.99 -55.19 15.92
C LEU B 658 -18.97 -55.56 17.38
N MET B 659 -19.01 -54.58 18.27
CA MET B 659 -18.95 -54.88 19.69
C MET B 659 -20.27 -55.36 20.26
N THR B 660 -21.39 -55.21 19.55
CA THR B 660 -22.67 -55.47 20.17
C THR B 660 -23.62 -56.29 19.30
N THR B 661 -23.14 -56.83 18.17
CA THR B 661 -24.03 -57.53 17.27
C THR B 661 -24.41 -58.89 17.82
N ASP B 662 -25.34 -59.53 17.13
CA ASP B 662 -25.74 -60.90 17.42
C ASP B 662 -25.89 -61.74 16.16
N ASN B 663 -25.64 -61.16 14.99
CA ASN B 663 -25.72 -61.86 13.71
C ASN B 663 -24.35 -62.26 13.19
N TYR B 664 -23.45 -62.69 14.08
CA TYR B 664 -22.08 -62.99 13.70
C TYR B 664 -21.99 -64.27 12.87
N SER B 665 -20.80 -64.53 12.37
CA SER B 665 -20.55 -65.64 11.46
C SER B 665 -20.53 -66.97 12.22
N THR B 666 -20.54 -68.06 11.46
CA THR B 666 -20.40 -69.40 12.00
C THR B 666 -19.21 -70.14 11.40
N VAL B 667 -18.34 -69.43 10.74
CA VAL B 667 -17.21 -70.05 10.04
C VAL B 667 -16.06 -70.24 11.03
N LEU B 668 -15.20 -71.22 10.76
CA LEU B 668 -14.14 -71.61 11.67
C LEU B 668 -12.90 -70.78 11.38
N THR B 669 -12.75 -69.68 12.09
CA THR B 669 -11.66 -68.73 11.95
C THR B 669 -10.35 -69.37 12.41
N PRO B 670 -9.23 -69.02 11.78
CA PRO B 670 -7.92 -69.47 12.28
C PRO B 670 -7.60 -69.03 13.69
N ASP B 671 -8.09 -67.86 14.13
CA ASP B 671 -7.93 -67.46 15.53
C ASP B 671 -8.70 -68.40 16.45
N ILE B 672 -9.88 -68.83 16.02
CA ILE B 672 -10.66 -69.78 16.80
C ILE B 672 -9.98 -71.14 16.82
N GLU B 673 -9.34 -71.52 15.71
CA GLU B 673 -8.58 -72.76 15.69
C GLU B 673 -7.38 -72.71 16.62
N ASN B 674 -6.71 -71.55 16.69
CA ASN B 674 -5.59 -71.40 17.61
C ASN B 674 -6.05 -71.41 19.05
N LEU B 675 -7.22 -70.83 19.32
CA LEU B 675 -7.80 -70.91 20.66
C LEU B 675 -8.14 -72.34 21.04
N ILE B 676 -8.65 -73.11 20.08
CA ILE B 676 -9.00 -74.50 20.32
C ILE B 676 -7.77 -75.32 20.64
N THR B 677 -6.72 -75.20 19.82
CA THR B 677 -5.55 -76.03 20.05
C THR B 677 -4.76 -75.56 21.26
N THR B 678 -4.78 -74.27 21.59
CA THR B 678 -4.12 -73.81 22.80
C THR B 678 -4.85 -74.29 24.04
N LEU B 679 -6.16 -74.06 24.10
CA LEU B 679 -6.96 -74.46 25.23
C LEU B 679 -7.11 -75.97 25.36
N SER B 680 -6.81 -76.72 24.30
CA SER B 680 -6.78 -78.18 24.41
C SER B 680 -5.41 -78.66 24.90
N ASN B 681 -4.33 -78.26 24.24
CA ASN B 681 -3.03 -78.81 24.55
C ASN B 681 -2.43 -78.25 25.82
N GLY B 682 -2.53 -76.94 26.05
CA GLY B 682 -1.85 -76.35 27.18
C GLY B 682 -2.54 -76.64 28.50
N LEU B 683 -3.83 -76.94 28.44
CA LEU B 683 -4.57 -77.26 29.64
C LEU B 683 -4.25 -78.68 30.08
N SER B 684 -4.13 -78.85 31.40
CA SER B 684 -3.94 -80.16 32.02
C SER B 684 -5.26 -80.90 32.15
N THR B 685 -5.30 -81.89 33.04
CA THR B 685 -6.47 -82.70 33.33
C THR B 685 -7.69 -81.84 33.67
N LEU B 686 -8.87 -82.41 33.41
CA LEU B 686 -10.12 -81.64 33.42
C LEU B 686 -10.49 -81.23 34.83
N SER B 687 -10.61 -79.93 35.04
CA SER B 687 -10.69 -79.32 36.36
C SER B 687 -12.13 -79.03 36.75
N LEU B 688 -12.29 -78.33 37.87
CA LEU B 688 -13.57 -78.18 38.56
C LEU B 688 -14.13 -76.77 38.37
N GLY B 689 -14.96 -76.62 37.33
CA GLY B 689 -15.89 -75.52 37.19
C GLY B 689 -15.26 -74.14 37.17
N ASP B 690 -16.07 -73.14 37.51
CA ASP B 690 -15.59 -71.76 37.60
C ASP B 690 -14.62 -71.54 38.75
N ASP B 691 -14.60 -72.46 39.72
CA ASP B 691 -13.73 -72.33 40.87
C ASP B 691 -12.28 -72.58 40.49
N GLU B 692 -12.02 -73.61 39.69
CA GLU B 692 -10.64 -74.00 39.44
C GLU B 692 -10.32 -74.06 37.96
N LEU B 693 -11.26 -74.52 37.13
CA LEU B 693 -11.02 -74.59 35.70
C LEU B 693 -10.89 -73.19 35.09
N ILE B 694 -11.64 -72.23 35.60
CA ILE B 694 -11.54 -70.86 35.11
C ILE B 694 -10.19 -70.25 35.48
N ARG B 695 -9.72 -70.48 36.70
CA ARG B 695 -8.42 -69.98 37.10
C ARG B 695 -7.28 -70.71 36.40
N ALA B 696 -7.53 -71.94 35.95
CA ALA B 696 -6.53 -72.62 35.14
C ALA B 696 -6.50 -72.10 33.71
N ALA B 697 -7.68 -71.86 33.11
CA ALA B 697 -7.76 -71.54 31.70
C ALA B 697 -7.71 -70.05 31.39
N ALA B 698 -7.78 -69.20 32.40
CA ALA B 698 -7.68 -67.76 32.15
C ALA B 698 -6.32 -67.30 31.59
N PRO B 699 -5.16 -67.82 32.00
CA PRO B 699 -3.94 -67.40 31.29
C PRO B 699 -3.89 -67.89 29.85
N LEU B 700 -4.45 -69.06 29.56
CA LEU B 700 -4.43 -69.53 28.18
C LEU B 700 -5.42 -68.76 27.32
N ILE B 701 -6.56 -68.35 27.87
CA ILE B 701 -7.48 -67.53 27.10
C ILE B 701 -6.94 -66.12 26.91
N ALA B 702 -6.32 -65.54 27.94
CA ALA B 702 -5.66 -64.24 27.77
C ALA B 702 -4.47 -64.33 26.83
N ALA B 703 -3.87 -65.51 26.70
CA ALA B 703 -2.87 -65.73 25.67
C ALA B 703 -3.50 -65.75 24.29
N SER B 704 -4.66 -66.40 24.15
CA SER B 704 -5.22 -66.60 22.83
C SER B 704 -5.88 -65.33 22.30
N ILE B 705 -6.92 -64.88 22.96
CA ILE B 705 -7.47 -63.58 22.57
C ILE B 705 -6.71 -62.54 23.36
N GLN B 706 -6.33 -61.46 22.67
CA GLN B 706 -5.22 -60.63 23.09
C GLN B 706 -5.65 -59.74 24.24
N MET B 707 -5.71 -60.30 25.44
CA MET B 707 -5.93 -59.53 26.64
C MET B 707 -4.63 -59.50 27.42
N ASP B 708 -4.53 -58.56 28.36
CA ASP B 708 -3.27 -58.35 29.05
C ASP B 708 -3.21 -59.01 30.40
N SER B 709 -4.34 -59.20 31.08
CA SER B 709 -4.32 -59.71 32.44
C SER B 709 -5.14 -60.98 32.55
N ALA B 710 -4.59 -61.97 33.23
CA ALA B 710 -5.33 -63.18 33.55
C ALA B 710 -6.51 -62.88 34.48
N LYS B 711 -6.44 -61.83 35.29
CA LYS B 711 -7.58 -61.45 36.09
C LYS B 711 -8.71 -60.88 35.23
N THR B 712 -8.37 -60.09 34.21
CA THR B 712 -9.37 -59.62 33.25
C THR B 712 -9.98 -60.78 32.49
N ALA B 713 -9.15 -61.76 32.09
CA ALA B 713 -9.66 -62.92 31.39
C ALA B 713 -10.56 -63.75 32.31
N GLU B 714 -10.23 -63.83 33.58
CA GLU B 714 -11.03 -64.57 34.54
C GLU B 714 -12.39 -63.92 34.76
N THR B 715 -12.42 -62.60 34.93
CA THR B 715 -13.71 -61.97 35.14
C THR B 715 -14.51 -61.88 33.85
N ILE B 716 -13.86 -61.91 32.68
CA ILE B 716 -14.60 -62.03 31.43
C ILE B 716 -15.19 -63.43 31.29
N LEU B 717 -14.48 -64.43 31.81
CA LEU B 717 -15.03 -65.78 31.82
C LEU B 717 -16.23 -65.88 32.75
N LEU B 718 -16.20 -65.18 33.88
CA LEU B 718 -17.39 -65.13 34.74
C LEU B 718 -18.52 -64.39 34.05
N TRP B 719 -18.20 -63.32 33.32
CA TRP B 719 -19.17 -62.56 32.55
C TRP B 719 -19.86 -63.44 31.52
N ILE B 720 -19.10 -64.28 30.82
CA ILE B 720 -19.69 -65.11 29.79
C ILE B 720 -20.34 -66.34 30.40
N ASN B 721 -19.96 -66.73 31.61
CA ASN B 721 -20.62 -67.85 32.24
C ASN B 721 -21.96 -67.44 32.80
N GLN B 722 -22.11 -66.18 33.18
CA GLN B 722 -23.44 -65.73 33.59
C GLN B 722 -24.29 -65.24 32.42
N ILE B 723 -23.83 -65.42 31.18
CA ILE B 723 -24.56 -64.92 30.02
C ILE B 723 -24.97 -66.09 29.13
N LYS B 724 -24.06 -67.05 28.95
CA LYS B 724 -24.25 -68.29 28.22
C LYS B 724 -24.74 -68.09 26.79
N PRO B 725 -23.87 -67.68 25.86
CA PRO B 725 -24.28 -67.53 24.45
C PRO B 725 -24.56 -68.89 23.82
N GLN B 726 -25.79 -69.04 23.28
CA GLN B 726 -26.28 -70.28 22.65
C GLN B 726 -26.20 -71.47 23.59
N GLY B 727 -26.49 -71.23 24.87
CA GLY B 727 -26.50 -72.27 25.87
C GLY B 727 -25.14 -72.69 26.40
N LEU B 728 -24.06 -72.33 25.74
CA LEU B 728 -22.74 -72.76 26.16
C LEU B 728 -22.27 -71.96 27.37
N THR B 729 -21.89 -72.67 28.43
CA THR B 729 -21.13 -72.07 29.51
C THR B 729 -19.65 -72.16 29.14
N PHE B 730 -18.77 -71.87 30.08
CA PHE B 730 -17.36 -72.12 29.80
C PHE B 730 -17.07 -73.61 29.81
N ASP B 731 -17.65 -74.34 30.75
CA ASP B 731 -17.78 -75.77 30.59
C ASP B 731 -18.76 -76.05 29.46
N ASP B 732 -18.59 -77.21 28.82
CA ASP B 732 -19.23 -77.68 27.57
C ASP B 732 -18.78 -76.90 26.35
N PHE B 733 -17.95 -75.87 26.49
CA PHE B 733 -17.15 -75.37 25.39
C PHE B 733 -15.82 -76.10 25.33
N MET B 734 -15.30 -76.48 26.50
CA MET B 734 -14.10 -77.32 26.55
C MET B 734 -14.39 -78.72 26.04
N ILE B 735 -15.63 -79.18 26.21
CA ILE B 735 -15.97 -80.53 25.79
C ILE B 735 -16.31 -80.55 24.32
N ILE B 736 -16.85 -79.46 23.78
CA ILE B 736 -16.98 -79.35 22.33
C ILE B 736 -15.61 -79.17 21.70
N ALA B 737 -14.72 -78.46 22.38
CA ALA B 737 -13.32 -78.47 22.00
C ALA B 737 -12.69 -79.81 22.40
N ALA B 738 -11.42 -79.96 22.02
CA ALA B 738 -10.58 -81.12 22.33
C ALA B 738 -11.16 -82.44 21.85
N ASN B 739 -11.96 -82.41 20.78
CA ASN B 739 -12.53 -83.62 20.21
C ASN B 739 -12.03 -83.86 18.79
N ARG B 740 -12.00 -82.81 17.97
CA ARG B 740 -11.73 -82.81 16.53
C ARG B 740 -12.74 -83.64 15.74
N ASP B 741 -13.87 -84.00 16.35
CA ASP B 741 -14.97 -84.73 15.72
C ASP B 741 -16.22 -84.14 16.35
N ARG B 742 -16.82 -83.18 15.68
CA ARG B 742 -17.94 -82.44 16.23
C ARG B 742 -18.97 -82.19 15.14
N SER B 743 -20.19 -81.90 15.57
CA SER B 743 -21.25 -81.59 14.63
C SER B 743 -21.07 -80.17 14.10
N GLU B 744 -21.80 -79.85 13.05
CA GLU B 744 -21.79 -78.49 12.53
C GLU B 744 -22.44 -77.53 13.52
N ASN B 745 -23.45 -78.00 14.26
CA ASN B 745 -23.99 -77.21 15.36
C ASN B 745 -22.99 -77.04 16.48
N GLU B 746 -22.15 -78.05 16.72
CA GLU B 746 -21.15 -77.97 17.77
C GLU B 746 -20.08 -76.94 17.43
N THR B 747 -19.56 -76.99 16.20
CA THR B 747 -18.56 -75.99 15.82
C THR B 747 -19.19 -74.61 15.64
N SER B 748 -20.47 -74.53 15.30
CA SER B 748 -21.13 -73.23 15.23
C SER B 748 -21.29 -72.63 16.63
N ASN B 749 -21.63 -73.47 17.61
CA ASN B 749 -21.73 -73.00 18.98
C ASN B 749 -20.38 -72.58 19.54
N MET B 750 -19.31 -73.32 19.20
CA MET B 750 -17.99 -72.94 19.68
C MET B 750 -17.52 -71.67 19.01
N VAL B 751 -17.92 -71.44 17.76
CA VAL B 751 -17.53 -70.23 17.06
C VAL B 751 -18.29 -69.04 17.61
N ALA B 752 -19.56 -69.23 17.95
CA ALA B 752 -20.34 -68.17 18.60
C ALA B 752 -19.78 -67.84 19.98
N PHE B 753 -19.30 -68.86 20.70
CA PHE B 753 -18.67 -68.64 21.99
C PHE B 753 -17.38 -67.82 21.85
N CYS B 754 -16.55 -68.18 20.87
CA CYS B 754 -15.31 -67.43 20.67
C CYS B 754 -15.56 -66.02 20.17
N GLN B 755 -16.61 -65.82 19.38
CA GLN B 755 -16.92 -64.47 18.92
C GLN B 755 -17.51 -63.60 20.02
N VAL B 756 -18.28 -64.18 20.94
CA VAL B 756 -18.73 -63.42 22.11
C VAL B 756 -17.54 -63.08 23.00
N LEU B 757 -16.56 -63.99 23.10
CA LEU B 757 -15.33 -63.69 23.84
C LEU B 757 -14.55 -62.54 23.21
N GLY B 758 -14.47 -62.53 21.88
CA GLY B 758 -13.78 -61.44 21.20
C GLY B 758 -14.52 -60.11 21.35
N GLN B 759 -15.86 -60.16 21.30
CA GLN B 759 -16.66 -58.97 21.57
C GLN B 759 -16.44 -58.45 22.97
N LEU B 760 -16.29 -59.34 23.95
CA LEU B 760 -16.03 -58.90 25.31
C LEU B 760 -14.63 -58.32 25.45
N SER B 761 -13.67 -58.88 24.73
CA SER B 761 -12.32 -58.33 24.72
C SER B 761 -12.30 -56.92 24.16
N LEU B 762 -13.06 -56.70 23.08
CA LEU B 762 -13.15 -55.36 22.51
C LEU B 762 -13.90 -54.41 23.43
N ILE B 763 -14.97 -54.90 24.06
CA ILE B 763 -15.78 -54.07 24.93
C ILE B 763 -15.03 -53.72 26.21
N VAL B 764 -14.01 -54.47 26.56
CA VAL B 764 -13.19 -54.11 27.71
C VAL B 764 -12.05 -53.19 27.30
N ARG B 765 -11.27 -53.56 26.30
CA ARG B 765 -10.09 -52.76 25.98
C ARG B 765 -10.42 -51.48 25.23
N ASN B 766 -11.64 -51.34 24.72
CA ASN B 766 -12.02 -50.09 24.09
C ASN B 766 -12.43 -49.05 25.12
N ILE B 767 -13.17 -49.44 26.15
CA ILE B 767 -13.61 -48.48 27.13
C ILE B 767 -12.56 -48.26 28.22
N GLY B 768 -11.70 -49.24 28.45
CA GLY B 768 -10.62 -49.05 29.40
C GLY B 768 -11.09 -49.49 30.75
N LEU B 769 -10.68 -50.67 31.18
CA LEU B 769 -11.12 -51.24 32.45
C LEU B 769 -9.99 -52.09 32.98
N SER B 770 -9.42 -51.71 34.12
CA SER B 770 -8.34 -52.48 34.73
C SER B 770 -8.87 -53.47 35.76
N GLU B 771 -10.09 -53.96 35.57
CA GLU B 771 -10.73 -55.11 36.19
C GLU B 771 -11.17 -54.87 37.63
N ASN B 772 -10.61 -53.86 38.29
CA ASN B 772 -11.09 -53.52 39.61
C ASN B 772 -12.41 -52.80 39.54
N GLU B 773 -12.67 -52.12 38.42
CA GLU B 773 -14.00 -51.64 38.12
C GLU B 773 -14.83 -52.72 37.46
N LEU B 774 -14.22 -53.54 36.60
CA LEU B 774 -14.96 -54.54 35.86
C LEU B 774 -15.44 -55.71 36.71
N THR B 775 -14.55 -56.33 37.50
CA THR B 775 -14.96 -57.50 38.26
C THR B 775 -15.93 -57.14 39.38
N LEU B 776 -15.97 -55.88 39.80
CA LEU B 776 -17.02 -55.42 40.70
C LEU B 776 -18.38 -55.53 40.04
N LEU B 777 -18.50 -55.03 38.81
CA LEU B 777 -19.78 -55.08 38.11
C LEU B 777 -20.12 -56.49 37.66
N VAL B 778 -19.11 -57.34 37.47
CA VAL B 778 -19.38 -58.73 37.13
C VAL B 778 -19.90 -59.50 38.34
N THR B 779 -19.17 -59.43 39.45
CA THR B 779 -19.54 -60.21 40.62
C THR B 779 -20.77 -59.66 41.32
N LYS B 780 -20.83 -58.35 41.57
CA LYS B 780 -21.96 -57.72 42.22
C LYS B 780 -22.54 -56.71 41.24
N PRO B 781 -23.45 -57.14 40.36
CA PRO B 781 -24.11 -56.18 39.46
C PRO B 781 -25.13 -55.31 40.16
N GLU B 782 -25.40 -55.55 41.45
CA GLU B 782 -26.23 -54.64 42.22
C GLU B 782 -25.56 -53.27 42.37
N LYS B 783 -24.23 -53.25 42.50
CA LYS B 783 -23.51 -51.98 42.62
C LYS B 783 -23.50 -51.19 41.32
N PHE B 784 -23.78 -51.83 40.19
CA PHE B 784 -24.00 -51.08 38.94
C PHE B 784 -25.37 -50.44 38.95
N GLN B 785 -26.42 -51.26 38.99
CA GLN B 785 -27.78 -50.81 39.24
C GLN B 785 -28.47 -51.82 40.14
N SER B 786 -29.39 -51.32 40.97
CA SER B 786 -30.08 -52.17 41.94
C SER B 786 -31.17 -53.02 41.31
N GLU B 787 -31.46 -52.83 40.03
CA GLU B 787 -32.47 -53.60 39.32
C GLU B 787 -31.88 -54.60 38.34
N THR B 788 -30.56 -54.57 38.12
CA THR B 788 -29.98 -55.30 37.00
C THR B 788 -29.87 -56.80 37.30
N THR B 789 -29.04 -57.16 38.29
CA THR B 789 -28.73 -58.50 38.78
C THR B 789 -28.07 -59.41 37.75
N ALA B 790 -27.83 -58.94 36.52
CA ALA B 790 -27.10 -59.70 35.50
C ALA B 790 -26.60 -58.70 34.48
N LEU B 791 -25.29 -58.48 34.44
CA LEU B 791 -24.73 -57.45 33.59
C LEU B 791 -24.83 -57.85 32.12
N GLN B 792 -25.57 -57.05 31.36
CA GLN B 792 -25.97 -57.42 30.01
C GLN B 792 -24.95 -56.96 28.99
N HIS B 793 -25.11 -57.50 27.77
CA HIS B 793 -24.29 -57.16 26.62
C HIS B 793 -24.91 -56.06 25.79
N ASP B 794 -25.74 -55.23 26.39
CA ASP B 794 -26.53 -54.31 25.60
C ASP B 794 -25.85 -52.95 25.48
N LEU B 795 -26.34 -52.18 24.53
CA LEU B 795 -25.92 -50.80 24.30
C LEU B 795 -26.17 -49.87 25.50
N PRO B 796 -27.29 -49.93 26.25
CA PRO B 796 -27.36 -49.10 27.45
C PRO B 796 -26.37 -49.50 28.52
N THR B 797 -26.07 -50.80 28.65
CA THR B 797 -25.06 -51.23 29.60
C THR B 797 -23.68 -50.75 29.17
N LEU B 798 -23.42 -50.73 27.87
CA LEU B 798 -22.17 -50.21 27.34
C LEU B 798 -22.05 -48.71 27.62
N GLN B 799 -23.12 -47.96 27.39
CA GLN B 799 -23.10 -46.52 27.60
C GLN B 799 -22.94 -46.18 29.07
N ALA B 800 -23.60 -46.94 29.95
CA ALA B 800 -23.45 -46.69 31.37
C ALA B 800 -22.08 -47.13 31.86
N LEU B 801 -21.49 -48.15 31.25
CA LEU B 801 -20.11 -48.52 31.54
C LEU B 801 -19.16 -47.39 31.15
N THR B 802 -19.44 -46.74 30.03
CA THR B 802 -18.62 -45.61 29.58
C THR B 802 -18.69 -44.47 30.57
N ARG B 803 -19.90 -44.11 31.01
CA ARG B 803 -20.04 -42.99 31.94
C ARG B 803 -19.48 -43.35 33.32
N PHE B 804 -19.55 -44.62 33.71
CA PHE B 804 -18.97 -45.07 34.97
C PHE B 804 -17.45 -44.95 34.92
N HIS B 805 -16.85 -45.42 33.84
CA HIS B 805 -15.40 -45.32 33.68
C HIS B 805 -14.97 -43.86 33.57
N ALA B 806 -15.82 -43.01 32.97
CA ALA B 806 -15.49 -41.60 32.86
C ALA B 806 -15.51 -40.91 34.21
N VAL B 807 -16.50 -41.21 35.05
CA VAL B 807 -16.55 -40.64 36.39
C VAL B 807 -15.38 -41.14 37.23
N ILE B 808 -15.02 -42.42 37.11
CA ILE B 808 -13.93 -42.97 37.91
C ILE B 808 -12.60 -42.38 37.47
N MET B 809 -12.40 -42.21 36.16
CA MET B 809 -11.18 -41.55 35.71
C MET B 809 -11.19 -40.05 35.99
N ARG B 810 -12.37 -39.44 36.16
CA ARG B 810 -12.41 -38.05 36.56
C ARG B 810 -12.10 -37.90 38.04
N CYS B 811 -12.30 -38.97 38.82
CA CYS B 811 -11.93 -38.93 40.23
C CYS B 811 -10.43 -38.77 40.44
N GLY B 812 -9.62 -39.29 39.52
CA GLY B 812 -8.19 -39.05 39.56
C GLY B 812 -7.46 -39.79 40.66
N SER B 813 -6.85 -39.04 41.59
CA SER B 813 -6.01 -39.64 42.61
C SER B 813 -6.80 -40.46 43.63
N TYR B 814 -8.09 -40.21 43.78
CA TYR B 814 -8.91 -40.93 44.74
C TYR B 814 -9.71 -42.04 44.08
N ALA B 815 -9.35 -42.44 42.86
CA ALA B 815 -10.21 -43.33 42.07
C ALA B 815 -10.29 -44.71 42.69
N THR B 816 -9.16 -45.25 43.13
CA THR B 816 -9.17 -46.54 43.79
C THR B 816 -9.89 -46.48 45.13
N GLU B 817 -9.85 -45.35 45.83
CA GLU B 817 -10.58 -45.22 47.08
C GLU B 817 -12.08 -45.15 46.85
N ILE B 818 -12.51 -44.46 45.79
CA ILE B 818 -13.92 -44.42 45.43
C ILE B 818 -14.40 -45.81 45.03
N LEU B 819 -13.56 -46.55 44.28
CA LEU B 819 -13.94 -47.88 43.86
C LEU B 819 -14.04 -48.85 45.04
N THR B 820 -13.09 -48.80 45.95
CA THR B 820 -13.17 -49.71 47.09
C THR B 820 -14.15 -49.23 48.15
N ALA B 821 -14.61 -47.98 48.07
CA ALA B 821 -15.69 -47.55 48.94
C ALA B 821 -17.04 -47.90 48.36
N LEU B 822 -17.12 -48.03 47.03
CA LEU B 822 -18.31 -48.56 46.41
C LEU B 822 -18.36 -50.08 46.47
N GLU B 823 -17.20 -50.71 46.65
CA GLU B 823 -17.16 -52.15 46.94
C GLU B 823 -17.94 -52.46 48.21
N LEU B 824 -17.71 -51.69 49.25
CA LEU B 824 -18.54 -51.74 50.44
C LEU B 824 -19.67 -50.73 50.29
N GLY B 825 -20.38 -50.46 51.37
CA GLY B 825 -21.44 -49.48 51.31
C GLY B 825 -21.08 -48.23 52.08
N ALA B 826 -19.80 -47.88 52.10
CA ALA B 826 -19.30 -46.79 52.92
C ALA B 826 -19.00 -45.53 52.13
N LEU B 827 -19.31 -45.52 50.83
CA LEU B 827 -19.02 -44.36 49.99
C LEU B 827 -20.05 -43.28 50.27
N THR B 828 -19.61 -42.19 50.89
CA THR B 828 -20.49 -41.10 51.28
C THR B 828 -20.07 -39.82 50.59
N ALA B 829 -20.81 -38.75 50.90
CA ALA B 829 -20.32 -37.41 50.64
C ALA B 829 -19.15 -37.10 51.57
N GLU B 830 -18.46 -36.00 51.26
CA GLU B 830 -17.12 -35.59 51.72
C GLU B 830 -16.04 -36.56 51.29
N GLN B 831 -16.35 -37.54 50.46
CA GLN B 831 -15.37 -38.37 49.77
C GLN B 831 -15.52 -38.24 48.27
N LEU B 832 -16.75 -38.33 47.77
CA LEU B 832 -17.01 -38.04 46.37
C LEU B 832 -16.86 -36.56 46.07
N ALA B 833 -17.24 -35.71 47.03
CA ALA B 833 -17.06 -34.27 46.86
C ALA B 833 -15.59 -33.89 46.90
N VAL B 834 -14.78 -34.62 47.67
CA VAL B 834 -13.35 -34.41 47.66
C VAL B 834 -12.76 -34.90 46.34
N ALA B 835 -13.20 -36.07 45.87
CA ALA B 835 -12.63 -36.67 44.68
C ALA B 835 -13.00 -35.90 43.42
N LEU B 836 -14.13 -35.21 43.43
CA LEU B 836 -14.56 -34.44 42.27
C LEU B 836 -14.50 -32.94 42.49
N LYS B 837 -13.88 -32.50 43.59
CA LYS B 837 -13.65 -31.08 43.91
C LYS B 837 -14.96 -30.30 44.00
N PHE B 838 -15.97 -30.93 44.58
CA PHE B 838 -17.25 -30.29 44.82
C PHE B 838 -17.34 -29.86 46.28
N ASP B 839 -18.52 -29.39 46.67
CA ASP B 839 -18.79 -29.07 48.06
C ASP B 839 -19.58 -30.19 48.70
N ALA B 840 -19.31 -30.41 49.99
CA ALA B 840 -19.94 -31.50 50.73
C ALA B 840 -21.43 -31.27 50.87
N GLN B 841 -21.84 -30.03 51.13
CA GLN B 841 -23.26 -29.78 51.33
C GLN B 841 -24.04 -29.82 50.02
N VAL B 842 -23.42 -29.38 48.93
CA VAL B 842 -24.06 -29.47 47.62
C VAL B 842 -24.22 -30.93 47.20
N VAL B 843 -23.18 -31.74 47.45
CA VAL B 843 -23.23 -33.15 47.09
C VAL B 843 -24.27 -33.88 47.95
N THR B 844 -24.31 -33.58 49.25
CA THR B 844 -25.29 -34.26 50.08
C THR B 844 -26.70 -33.74 49.86
N GLN B 845 -26.86 -32.51 49.35
CA GLN B 845 -28.19 -32.04 48.96
C GLN B 845 -28.67 -32.74 47.71
N ALA B 846 -27.78 -32.95 46.73
CA ALA B 846 -28.17 -33.73 45.57
C ALA B 846 -28.44 -35.19 45.90
N LEU B 847 -27.68 -35.75 46.84
CA LEU B 847 -27.91 -37.13 47.26
C LEU B 847 -29.23 -37.25 48.01
N GLN B 848 -29.56 -36.26 48.84
CA GLN B 848 -30.87 -36.25 49.49
C GLN B 848 -31.99 -36.00 48.50
N GLN B 849 -31.70 -35.29 47.40
CA GLN B 849 -32.72 -35.10 46.37
C GLN B 849 -32.99 -36.37 45.58
N THR B 850 -31.96 -37.16 45.30
CA THR B 850 -32.24 -38.39 44.55
C THR B 850 -32.69 -39.52 45.46
N ASP B 851 -32.34 -39.49 46.73
CA ASP B 851 -32.77 -40.49 47.69
C ASP B 851 -32.90 -39.85 49.06
N LEU B 852 -34.12 -39.87 49.59
CA LEU B 852 -34.47 -39.01 50.71
C LEU B 852 -33.85 -39.47 52.02
N GLY B 853 -33.48 -40.74 52.10
CA GLY B 853 -32.94 -41.24 53.36
C GLY B 853 -31.67 -42.05 53.23
N VAL B 854 -31.21 -42.27 52.00
CA VAL B 854 -30.00 -43.03 51.78
C VAL B 854 -28.80 -42.11 51.97
N ASN B 855 -28.09 -42.30 53.08
CA ASN B 855 -27.01 -41.38 53.43
C ASN B 855 -25.78 -41.60 52.57
N THR B 856 -25.50 -42.86 52.21
CA THR B 856 -24.30 -43.20 51.47
C THR B 856 -24.65 -43.43 50.01
N PHE B 857 -23.61 -43.69 49.21
CA PHE B 857 -23.79 -44.09 47.83
C PHE B 857 -23.74 -45.60 47.77
N THR B 858 -24.90 -46.23 47.57
CA THR B 858 -25.01 -47.68 47.57
C THR B 858 -25.04 -48.26 46.16
N ASN B 859 -24.88 -47.43 45.15
CA ASN B 859 -25.12 -47.85 43.78
C ASN B 859 -24.42 -46.88 42.86
N TRP B 860 -24.30 -47.24 41.59
CA TRP B 860 -23.77 -46.30 40.61
C TRP B 860 -24.85 -45.40 40.05
N ARG B 861 -26.06 -45.90 39.92
CA ARG B 861 -27.15 -45.13 39.30
C ARG B 861 -27.49 -43.90 40.13
N THR B 862 -27.40 -44.02 41.45
CA THR B 862 -27.58 -42.85 42.29
C THR B 862 -26.42 -41.87 42.15
N ILE B 863 -25.20 -42.36 41.89
CA ILE B 863 -24.07 -41.48 41.65
C ILE B 863 -24.26 -40.71 40.36
N ASP B 864 -24.75 -41.38 39.33
CA ASP B 864 -24.92 -40.76 38.03
C ASP B 864 -26.03 -39.70 38.06
N VAL B 865 -27.15 -40.02 38.69
CA VAL B 865 -28.21 -39.03 38.76
C VAL B 865 -27.85 -37.92 39.75
N THR B 866 -26.98 -38.20 40.73
CA THR B 866 -26.49 -37.17 41.62
C THR B 866 -25.61 -36.18 40.87
N LEU B 867 -24.74 -36.68 40.00
CA LEU B 867 -23.91 -35.78 39.22
C LEU B 867 -24.72 -35.06 38.15
N GLN B 868 -25.82 -35.64 37.68
CA GLN B 868 -26.71 -34.91 36.79
C GLN B 868 -27.39 -33.74 37.51
N TRP B 869 -27.82 -33.97 38.76
CA TRP B 869 -28.37 -32.89 39.58
C TRP B 869 -27.34 -31.81 39.83
N LEU B 870 -26.09 -32.21 40.07
CA LEU B 870 -25.02 -31.23 40.26
C LEU B 870 -24.74 -30.46 38.99
N ASP B 871 -24.86 -31.10 37.83
CA ASP B 871 -24.62 -30.41 36.57
C ASP B 871 -25.70 -29.38 36.29
N VAL B 872 -26.95 -29.72 36.57
CA VAL B 872 -28.04 -28.76 36.40
C VAL B 872 -27.90 -27.60 37.39
N ALA B 873 -27.58 -27.90 38.64
CA ALA B 873 -27.42 -26.85 39.64
C ALA B 873 -26.20 -25.98 39.37
N ALA B 874 -25.19 -26.52 38.69
CA ALA B 874 -24.03 -25.72 38.33
C ALA B 874 -24.31 -24.84 37.12
N THR B 875 -24.99 -25.38 36.11
CA THR B 875 -25.29 -24.56 34.94
C THR B 875 -26.42 -23.58 35.19
N LEU B 876 -27.15 -23.72 36.29
CA LEU B 876 -28.05 -22.66 36.74
C LEU B 876 -27.46 -21.84 37.87
N GLY B 877 -26.32 -22.25 38.41
CA GLY B 877 -25.65 -21.46 39.43
C GLY B 877 -26.32 -21.45 40.78
N ILE B 878 -27.05 -22.50 41.13
CA ILE B 878 -27.76 -22.55 42.40
C ILE B 878 -27.52 -23.91 43.05
N THR B 879 -28.20 -24.15 44.13
CA THR B 879 -28.16 -25.39 44.88
C THR B 879 -29.17 -26.38 44.32
N PRO B 880 -28.92 -27.68 44.47
CA PRO B 880 -29.91 -28.69 44.07
C PRO B 880 -31.23 -28.59 44.81
N ASP B 881 -31.23 -28.07 46.05
CA ASP B 881 -32.50 -27.74 46.69
C ASP B 881 -33.22 -26.63 45.96
N GLY B 882 -32.48 -25.67 45.42
CA GLY B 882 -33.10 -24.66 44.57
C GLY B 882 -33.63 -25.24 43.28
N VAL B 883 -32.93 -26.25 42.74
CA VAL B 883 -33.42 -26.96 41.56
C VAL B 883 -34.72 -27.69 41.88
N ALA B 884 -34.80 -28.28 43.07
CA ALA B 884 -36.03 -28.96 43.50
C ALA B 884 -37.15 -27.96 43.72
N ALA B 885 -36.82 -26.76 44.20
CA ALA B 885 -37.83 -25.72 44.34
C ALA B 885 -38.33 -25.25 42.99
N LEU B 886 -37.45 -25.20 41.99
CA LEU B 886 -37.89 -24.84 40.65
C LEU B 886 -38.78 -25.91 40.04
N ILE B 887 -38.44 -27.18 40.27
CA ILE B 887 -39.25 -28.28 39.73
C ILE B 887 -40.58 -28.36 40.46
N LYS B 888 -40.63 -27.92 41.72
CA LYS B 888 -41.89 -27.88 42.46
C LYS B 888 -42.84 -26.79 41.95
N LEU B 889 -42.37 -25.92 41.05
CA LEU B 889 -43.24 -25.00 40.34
C LEU B 889 -43.69 -25.56 39.00
N LYS B 890 -43.89 -26.87 38.93
CA LYS B 890 -44.39 -27.53 37.74
C LYS B 890 -45.78 -26.99 37.38
N TYR B 891 -46.02 -26.85 36.08
CA TYR B 891 -47.33 -26.37 35.65
C TYR B 891 -48.39 -27.45 35.81
N VAL B 892 -48.22 -28.57 35.12
CA VAL B 892 -49.07 -29.75 35.31
C VAL B 892 -48.17 -30.87 35.79
N GLY B 893 -48.42 -31.35 37.00
CA GLY B 893 -47.65 -32.41 37.59
C GLY B 893 -48.53 -33.35 38.37
N GLU B 894 -48.05 -33.74 39.55
CA GLU B 894 -48.79 -34.63 40.41
C GLU B 894 -49.95 -33.88 41.05
N PRO B 895 -51.06 -34.57 41.29
CA PRO B 895 -52.13 -33.98 42.10
C PRO B 895 -51.74 -33.91 43.57
N GLU B 896 -52.57 -33.18 44.33
CA GLU B 896 -52.48 -32.91 45.76
C GLU B 896 -51.30 -32.00 46.13
N THR B 897 -50.48 -31.63 45.16
CA THR B 897 -49.55 -30.52 45.37
C THR B 897 -50.30 -29.23 45.11
N PRO B 898 -50.17 -28.23 45.98
CA PRO B 898 -50.93 -26.99 45.81
C PRO B 898 -50.38 -26.17 44.65
N MET B 899 -51.19 -25.21 44.21
CA MET B 899 -50.79 -24.34 43.14
C MET B 899 -49.66 -23.42 43.60
N PRO B 900 -48.71 -23.11 42.72
CA PRO B 900 -47.60 -22.25 43.11
C PRO B 900 -48.08 -20.83 43.37
N THR B 901 -47.83 -20.34 44.57
CA THR B 901 -48.28 -19.03 44.97
C THR B 901 -47.43 -17.95 44.32
N PHE B 902 -47.94 -16.71 44.37
CA PHE B 902 -47.18 -15.58 43.85
C PHE B 902 -45.92 -15.34 44.67
N ASP B 903 -46.00 -15.54 45.98
CA ASP B 903 -44.81 -15.43 46.81
C ASP B 903 -43.84 -16.58 46.54
N ASP B 904 -44.37 -17.75 46.21
CA ASP B 904 -43.52 -18.87 45.83
C ASP B 904 -42.76 -18.57 44.54
N TRP B 905 -43.46 -17.98 43.57
CA TRP B 905 -42.81 -17.54 42.35
C TRP B 905 -41.80 -16.44 42.61
N GLN B 906 -42.08 -15.56 43.56
CA GLN B 906 -41.14 -14.48 43.88
C GLN B 906 -39.89 -15.02 44.54
N ALA B 907 -40.04 -16.05 45.38
CA ALA B 907 -38.89 -16.70 46.00
C ALA B 907 -38.04 -17.42 44.96
N ALA B 908 -38.67 -18.13 44.04
CA ALA B 908 -37.91 -18.75 42.96
C ALA B 908 -37.26 -17.71 42.05
N SER B 909 -37.93 -16.57 41.87
CA SER B 909 -37.39 -15.50 41.03
C SER B 909 -36.14 -14.90 41.63
N THR B 910 -36.16 -14.61 42.94
CA THR B 910 -34.96 -14.05 43.54
C THR B 910 -33.88 -15.11 43.71
N LEU B 911 -34.26 -16.39 43.79
CA LEU B 911 -33.26 -17.45 43.80
C LEU B 911 -32.50 -17.51 42.49
N LEU B 912 -33.21 -17.45 41.36
CA LEU B 912 -32.52 -17.42 40.07
C LEU B 912 -31.85 -16.09 39.82
N GLN B 913 -32.38 -15.01 40.40
CA GLN B 913 -31.89 -13.68 40.14
C GLN B 913 -30.59 -13.41 40.89
N ALA B 914 -30.37 -14.08 42.03
CA ALA B 914 -29.11 -13.92 42.73
C ALA B 914 -27.96 -14.66 42.06
N GLY B 915 -28.24 -15.53 41.11
CA GLY B 915 -27.22 -16.33 40.48
C GLY B 915 -26.63 -15.76 39.21
N LEU B 916 -26.71 -14.45 39.00
CA LEU B 916 -26.19 -13.83 37.79
C LEU B 916 -25.11 -12.82 38.15
N ASN B 917 -24.23 -12.56 37.19
CA ASN B 917 -23.24 -11.51 37.34
C ASN B 917 -23.87 -10.17 36.94
N SER B 918 -23.06 -9.12 36.91
CA SER B 918 -23.60 -7.77 36.73
C SER B 918 -24.08 -7.54 35.30
N GLN B 919 -23.40 -8.12 34.32
CA GLN B 919 -23.82 -7.99 32.93
C GLN B 919 -25.17 -8.63 32.70
N GLN B 920 -25.34 -9.88 33.16
CA GLN B 920 -26.62 -10.55 33.02
C GLN B 920 -27.69 -9.90 33.88
N SER B 921 -27.30 -9.30 35.00
CA SER B 921 -28.28 -8.61 35.84
C SER B 921 -28.80 -7.36 35.17
N ASP B 922 -27.92 -6.57 34.53
CA ASP B 922 -28.36 -5.39 33.80
C ASP B 922 -29.20 -5.77 32.59
N GLN B 923 -28.82 -6.86 31.91
CA GLN B 923 -29.59 -7.33 30.76
C GLN B 923 -30.99 -7.77 31.18
N LEU B 924 -31.09 -8.53 32.27
CA LEU B 924 -32.37 -8.97 32.78
C LEU B 924 -33.22 -7.80 33.25
N GLN B 925 -32.60 -6.80 33.89
CA GLN B 925 -33.33 -5.65 34.38
C GLN B 925 -33.88 -4.81 33.23
N ALA B 926 -33.08 -4.62 32.18
CA ALA B 926 -33.55 -3.89 31.01
C ALA B 926 -34.69 -4.62 30.31
N TRP B 927 -34.59 -5.96 30.24
CA TRP B 927 -35.64 -6.73 29.61
C TRP B 927 -36.92 -6.69 30.44
N LEU B 928 -36.79 -6.72 31.77
CA LEU B 928 -37.97 -6.67 32.62
C LEU B 928 -38.65 -5.31 32.58
N ASP B 929 -37.86 -4.23 32.46
CA ASP B 929 -38.47 -2.92 32.30
C ASP B 929 -39.20 -2.80 30.96
N GLU B 930 -38.57 -3.30 29.90
CA GLU B 930 -39.20 -3.25 28.58
C GLU B 930 -40.38 -4.18 28.45
N ALA B 931 -40.53 -5.16 29.34
CA ALA B 931 -41.76 -5.94 29.37
C ALA B 931 -42.84 -5.32 30.26
N THR B 932 -42.45 -4.76 31.41
CA THR B 932 -43.45 -4.22 32.30
C THR B 932 -44.02 -2.91 31.77
N THR B 933 -43.33 -2.23 30.85
CA THR B 933 -43.95 -1.04 30.26
C THR B 933 -45.11 -1.42 29.34
N THR B 934 -44.96 -2.48 28.55
CA THR B 934 -46.04 -2.86 27.64
C THR B 934 -47.10 -3.68 28.36
N ALA B 935 -46.83 -4.12 29.57
CA ALA B 935 -47.92 -4.61 30.41
C ALA B 935 -48.70 -3.45 31.01
N ALA B 936 -47.99 -2.54 31.69
CA ALA B 936 -48.64 -1.51 32.49
C ALA B 936 -49.34 -0.48 31.62
N SER B 937 -48.83 -0.22 30.42
CA SER B 937 -49.48 0.74 29.54
C SER B 937 -50.80 0.20 29.03
N ALA B 938 -50.85 -1.08 28.70
CA ALA B 938 -52.11 -1.69 28.27
C ALA B 938 -53.11 -1.73 29.42
N TYR B 939 -52.62 -1.99 30.64
CA TYR B 939 -53.52 -1.98 31.79
C TYR B 939 -54.04 -0.58 32.07
N TYR B 940 -53.19 0.44 31.89
CA TYR B 940 -53.62 1.81 32.15
C TYR B 940 -54.59 2.29 31.09
N ILE B 941 -54.38 1.86 29.84
CA ILE B 941 -55.32 2.19 28.77
C ILE B 941 -56.68 1.54 29.04
N LYS B 942 -56.66 0.30 29.50
CA LYS B 942 -57.91 -0.40 29.78
C LYS B 942 -58.64 0.21 30.98
N ASN B 943 -57.97 0.34 32.11
CA ASN B 943 -58.67 0.65 33.35
C ASN B 943 -58.81 2.16 33.58
N GLY B 944 -57.70 2.86 33.75
CA GLY B 944 -57.80 4.27 34.07
C GLY B 944 -57.16 5.18 33.06
N ALA B 945 -57.99 5.86 32.27
CA ALA B 945 -57.55 6.76 31.21
C ALA B 945 -58.78 7.52 30.72
N PRO B 946 -58.59 8.66 30.08
CA PRO B 946 -59.70 9.25 29.32
C PRO B 946 -60.09 8.33 28.17
N GLN B 947 -61.38 8.43 27.80
CA GLN B 947 -61.99 7.48 26.88
C GLN B 947 -61.42 7.55 25.47
N GLN B 948 -60.76 8.66 25.11
CA GLN B 948 -60.22 8.80 23.78
C GLN B 948 -58.96 7.96 23.58
N ILE B 949 -58.26 7.61 24.65
CA ILE B 949 -57.01 6.87 24.55
C ILE B 949 -57.30 5.42 24.23
N LYS B 950 -56.77 4.94 23.11
CA LYS B 950 -56.99 3.57 22.68
C LYS B 950 -55.73 2.86 22.22
N SER B 951 -54.62 3.57 22.02
CA SER B 951 -53.38 2.94 21.59
C SER B 951 -52.23 3.47 22.43
N ARG B 952 -51.08 2.81 22.29
CA ARG B 952 -49.88 3.25 22.99
C ARG B 952 -49.39 4.59 22.47
N ASP B 953 -49.59 4.86 21.18
CA ASP B 953 -49.22 6.17 20.64
C ASP B 953 -50.14 7.26 21.17
N GLU B 954 -51.41 6.94 21.37
CA GLU B 954 -52.32 7.89 21.98
C GLU B 954 -51.98 8.11 23.45
N LEU B 955 -51.54 7.06 24.14
CA LEU B 955 -51.11 7.21 25.52
C LEU B 955 -49.85 8.05 25.62
N TYR B 956 -48.94 7.91 24.65
CA TYR B 956 -47.79 8.79 24.54
C TYR B 956 -48.21 10.23 24.29
N SER B 957 -49.16 10.42 23.38
CA SER B 957 -49.64 11.75 23.03
C SER B 957 -50.36 12.41 24.21
N TYR B 958 -50.91 11.61 25.12
CA TYR B 958 -51.50 12.15 26.33
C TYR B 958 -50.44 12.44 27.39
N LEU B 959 -49.72 11.41 27.83
CA LEU B 959 -48.83 11.51 28.97
C LEU B 959 -47.54 12.25 28.69
N LEU B 960 -47.24 12.55 27.42
CA LEU B 960 -46.07 13.27 26.94
C LEU B 960 -44.75 12.58 27.27
N ILE B 961 -44.75 11.29 27.58
CA ILE B 961 -43.53 10.52 27.82
C ILE B 961 -43.66 9.22 27.03
N ASP B 962 -42.61 8.86 26.31
CA ASP B 962 -42.67 7.73 25.39
C ASP B 962 -42.50 6.42 26.14
N ASN B 963 -43.52 5.58 26.07
CA ASN B 963 -43.55 4.27 26.71
C ASN B 963 -43.06 3.16 25.80
N GLN B 964 -42.57 3.49 24.62
CA GLN B 964 -42.10 2.50 23.66
C GLN B 964 -40.59 2.52 23.51
N VAL B 965 -39.90 3.40 24.24
CA VAL B 965 -38.45 3.52 24.10
C VAL B 965 -37.76 2.38 24.81
N SER B 966 -36.87 1.69 24.12
CA SER B 966 -36.09 0.63 24.73
C SER B 966 -35.08 1.23 25.71
N ALA B 967 -34.65 0.41 26.66
CA ALA B 967 -34.02 0.91 27.88
C ALA B 967 -32.55 1.30 27.71
N GLN B 968 -32.04 1.43 26.49
CA GLN B 968 -30.69 1.92 26.30
C GLN B 968 -30.61 3.44 26.31
N VAL B 969 -31.74 4.12 26.27
CA VAL B 969 -31.77 5.57 26.14
C VAL B 969 -31.84 6.19 27.52
N LYS B 970 -31.00 7.20 27.75
CA LYS B 970 -30.90 7.86 29.04
C LYS B 970 -31.17 9.34 28.90
N THR B 971 -31.89 9.91 29.87
CA THR B 971 -32.33 11.29 29.83
C THR B 971 -32.69 11.72 31.25
N THR B 972 -32.13 12.85 31.69
CA THR B 972 -32.38 13.33 33.04
C THR B 972 -33.81 13.85 33.18
N ARG B 973 -34.19 14.10 34.45
CA ARG B 973 -35.57 14.44 34.76
C ARG B 973 -35.96 15.81 34.22
N VAL B 974 -35.04 16.77 34.27
CA VAL B 974 -35.37 18.10 33.77
C VAL B 974 -35.47 18.08 32.25
N ALA B 975 -34.69 17.23 31.58
CA ALA B 975 -34.81 17.12 30.14
C ALA B 975 -36.08 16.40 29.74
N GLU B 976 -36.50 15.44 30.56
CA GLU B 976 -37.78 14.77 30.30
C GLU B 976 -38.95 15.71 30.48
N ALA B 977 -38.90 16.56 31.51
CA ALA B 977 -39.97 17.52 31.72
C ALA B 977 -39.96 18.59 30.63
N ILE B 978 -38.77 19.00 30.18
CA ILE B 978 -38.66 19.96 29.09
C ILE B 978 -39.25 19.39 27.80
N ALA B 979 -38.92 18.13 27.50
CA ALA B 979 -39.45 17.49 26.30
C ALA B 979 -40.95 17.28 26.40
N SER B 980 -41.45 17.01 27.60
CA SER B 980 -42.88 16.81 27.79
C SER B 980 -43.65 18.11 27.58
N ILE B 981 -43.16 19.21 28.15
CA ILE B 981 -43.86 20.49 27.98
C ILE B 981 -43.71 20.99 26.54
N GLN B 982 -42.58 20.71 25.89
CA GLN B 982 -42.42 21.11 24.50
C GLN B 982 -43.34 20.34 23.58
N LEU B 983 -43.53 19.04 23.86
CA LEU B 983 -44.50 18.25 23.10
C LEU B 983 -45.91 18.75 23.35
N TYR B 984 -46.22 19.14 24.58
CA TYR B 984 -47.55 19.66 24.90
C TYR B 984 -47.80 20.98 24.17
N VAL B 985 -46.78 21.81 24.06
CA VAL B 985 -46.92 23.09 23.38
C VAL B 985 -47.07 22.89 21.88
N ASN B 986 -46.27 21.99 21.30
CA ASN B 986 -46.36 21.75 19.86
C ASN B 986 -47.64 21.00 19.49
N ARG B 987 -48.25 20.31 20.43
CA ARG B 987 -49.55 19.72 20.15
C ARG B 987 -50.68 20.72 20.36
N ALA B 988 -50.53 21.64 21.30
CA ALA B 988 -51.57 22.62 21.56
C ALA B 988 -51.59 23.73 20.52
N LEU B 989 -50.45 24.02 19.89
CA LEU B 989 -50.41 25.07 18.89
C LEU B 989 -51.13 24.66 17.62
N ASN B 990 -51.09 23.37 17.28
CA ASN B 990 -51.80 22.90 16.11
C ASN B 990 -53.24 22.49 16.42
N ASN B 991 -53.70 22.75 17.66
CA ASN B 991 -55.07 22.53 18.10
C ASN B 991 -55.49 21.06 17.97
N VAL B 992 -54.55 20.17 18.25
CA VAL B 992 -54.89 18.75 18.22
C VAL B 992 -55.63 18.34 19.48
N GLU B 993 -55.52 19.13 20.54
CA GLU B 993 -56.18 18.80 21.78
C GLU B 993 -57.66 19.17 21.74
N GLY B 994 -58.29 19.15 22.90
CA GLY B 994 -59.70 19.45 23.01
C GLY B 994 -60.06 20.88 22.69
N LYS B 995 -59.63 21.82 23.54
CA LYS B 995 -60.02 23.23 23.38
C LYS B 995 -58.84 24.09 23.79
N VAL B 996 -58.14 24.64 22.81
CA VAL B 996 -56.98 25.48 23.06
C VAL B 996 -57.46 26.91 23.27
N SER B 997 -56.99 27.54 24.34
CA SER B 997 -57.36 28.92 24.64
C SER B 997 -56.64 29.85 23.68
N LYS B 998 -57.38 30.33 22.68
CA LYS B 998 -56.78 31.17 21.64
C LYS B 998 -56.16 32.49 22.10
N PRO B 999 -56.67 33.22 23.12
CA PRO B 999 -55.92 34.42 23.56
C PRO B 999 -54.59 34.12 24.21
N VAL B 1000 -54.39 32.93 24.78
CA VAL B 1000 -53.09 32.63 25.36
C VAL B 1000 -52.08 32.30 24.26
N LYS B 1001 -52.58 31.90 23.10
CA LYS B 1001 -51.75 31.45 22.00
C LYS B 1001 -50.94 32.58 21.37
N THR B 1002 -51.34 33.84 21.57
CA THR B 1002 -50.72 34.96 20.90
C THR B 1002 -49.86 35.82 21.83
N ARG B 1003 -49.21 35.21 22.80
CA ARG B 1003 -48.23 35.94 23.59
C ARG B 1003 -46.95 36.13 22.79
N GLN B 1004 -46.06 36.98 23.31
CA GLN B 1004 -44.80 37.20 22.62
C GLN B 1004 -43.90 35.98 22.72
N PHE B 1005 -44.03 35.23 23.81
CA PHE B 1005 -43.25 34.01 23.98
C PHE B 1005 -43.64 32.95 22.97
N PHE B 1006 -44.89 32.95 22.51
CA PHE B 1006 -45.29 31.99 21.49
C PHE B 1006 -45.25 32.57 20.09
N CYS B 1007 -45.21 33.88 19.95
CA CYS B 1007 -44.85 34.46 18.67
C CYS B 1007 -43.39 34.18 18.36
N ASP B 1008 -42.54 34.09 19.38
CA ASP B 1008 -41.16 33.69 19.21
C ASP B 1008 -40.93 32.22 19.48
N TRP B 1009 -41.99 31.40 19.44
CA TRP B 1009 -41.83 29.98 19.72
C TRP B 1009 -41.14 29.27 18.58
N GLU B 1010 -41.49 29.63 17.34
CA GLU B 1010 -41.06 28.85 16.18
C GLU B 1010 -39.58 29.01 15.92
N THR B 1011 -39.00 30.14 16.34
CA THR B 1011 -37.62 30.41 16.02
C THR B 1011 -36.69 30.31 17.23
N TYR B 1012 -37.16 30.70 18.41
CA TYR B 1012 -36.28 30.82 19.56
C TYR B 1012 -36.64 29.86 20.68
N ASN B 1013 -37.89 29.83 21.11
CA ASN B 1013 -38.25 29.20 22.36
C ASN B 1013 -38.52 27.72 22.23
N ARG B 1014 -38.44 27.16 21.02
CA ARG B 1014 -38.75 25.73 20.88
C ARG B 1014 -37.66 24.87 21.49
N ARG B 1015 -36.40 25.27 21.39
CA ARG B 1015 -35.33 24.46 21.95
C ARG B 1015 -34.49 25.29 22.91
N TYR B 1016 -33.90 24.57 23.86
CA TYR B 1016 -33.17 25.18 24.96
C TYR B 1016 -31.93 25.91 24.46
N SER B 1017 -31.29 25.40 23.42
CA SER B 1017 -30.06 26.01 22.91
C SER B 1017 -30.33 27.39 22.33
N THR B 1018 -31.36 27.52 21.50
CA THR B 1018 -31.66 28.83 20.93
C THR B 1018 -32.25 29.77 21.98
N TRP B 1019 -33.02 29.23 22.94
CA TRP B 1019 -33.53 30.07 24.00
C TRP B 1019 -32.41 30.64 24.86
N ALA B 1020 -31.46 29.79 25.24
CA ALA B 1020 -30.32 30.25 26.02
C ALA B 1020 -29.43 31.19 25.22
N GLY B 1021 -29.34 30.98 23.90
CA GLY B 1021 -28.58 31.90 23.07
C GLY B 1021 -29.21 33.28 23.01
N VAL B 1022 -30.55 33.33 22.94
CA VAL B 1022 -31.23 34.62 22.91
C VAL B 1022 -31.11 35.32 24.26
N SER B 1023 -31.24 34.57 25.35
CA SER B 1023 -31.12 35.18 26.67
C SER B 1023 -29.69 35.64 26.95
N GLU B 1024 -28.69 34.90 26.44
CA GLU B 1024 -27.31 35.34 26.57
C GLU B 1024 -27.04 36.56 25.70
N LEU B 1025 -27.69 36.64 24.53
CA LEU B 1025 -27.53 37.84 23.71
C LEU B 1025 -28.17 39.04 24.38
N ALA B 1026 -29.20 38.82 25.18
CA ALA B 1026 -29.76 39.90 25.99
C ALA B 1026 -28.78 40.31 27.09
N TYR B 1027 -28.27 39.35 27.86
CA TYR B 1027 -27.51 39.70 29.05
C TYR B 1027 -26.08 40.13 28.73
N TYR B 1028 -25.35 39.35 27.94
CA TYR B 1028 -23.98 39.66 27.56
C TYR B 1028 -23.93 39.83 26.05
N PRO B 1029 -24.20 41.04 25.54
CA PRO B 1029 -24.07 41.28 24.11
C PRO B 1029 -22.63 41.36 23.65
N GLU B 1030 -21.68 41.46 24.58
CA GLU B 1030 -20.27 41.53 24.23
C GLU B 1030 -19.77 40.25 23.61
N ASN B 1031 -20.40 39.11 23.89
CA ASN B 1031 -19.98 37.86 23.28
C ASN B 1031 -20.33 37.78 21.81
N TYR B 1032 -21.33 38.52 21.36
CA TYR B 1032 -21.89 38.32 20.04
C TYR B 1032 -21.57 39.42 19.05
N ILE B 1033 -20.99 40.52 19.50
CA ILE B 1033 -20.62 41.59 18.58
C ILE B 1033 -19.34 41.20 17.86
N ASP B 1034 -19.38 41.19 16.55
CA ASP B 1034 -18.15 41.13 15.81
C ASP B 1034 -17.86 42.50 15.21
N PRO B 1035 -16.59 42.88 15.06
CA PRO B 1035 -16.27 44.19 14.52
C PRO B 1035 -16.48 44.30 13.01
N THR B 1036 -16.79 43.21 12.33
CA THR B 1036 -16.94 43.23 10.88
C THR B 1036 -18.36 43.55 10.45
N ILE B 1037 -19.34 42.75 10.84
CA ILE B 1037 -20.71 42.94 10.40
C ILE B 1037 -21.50 43.58 11.55
N ARG B 1038 -22.54 44.32 11.17
CA ARG B 1038 -23.41 45.02 12.11
C ARG B 1038 -24.67 45.41 11.35
N ILE B 1039 -25.81 45.23 11.98
CA ILE B 1039 -27.07 45.63 11.35
C ILE B 1039 -27.13 47.15 11.32
N GLY B 1040 -27.07 47.72 10.14
CA GLY B 1040 -27.15 49.15 9.97
C GLY B 1040 -25.85 49.85 9.64
N GLN B 1041 -24.80 49.12 9.29
CA GLN B 1041 -23.54 49.75 8.93
C GLN B 1041 -23.66 50.41 7.57
N THR B 1042 -22.90 51.49 7.39
CA THR B 1042 -23.13 52.41 6.30
C THR B 1042 -22.38 51.97 5.04
N GLY B 1043 -22.66 52.68 3.94
CA GLY B 1043 -22.05 52.34 2.67
C GLY B 1043 -20.56 52.61 2.64
N MET B 1044 -20.10 53.65 3.35
CA MET B 1044 -18.67 53.89 3.46
C MET B 1044 -17.99 52.79 4.26
N MET B 1045 -18.67 52.26 5.28
CA MET B 1045 -18.13 51.15 6.05
C MET B 1045 -18.05 49.89 5.20
N ASN B 1046 -19.07 49.62 4.40
CA ASN B 1046 -19.03 48.45 3.53
C ASN B 1046 -17.99 48.60 2.43
N ASN B 1047 -17.82 49.81 1.89
CA ASN B 1047 -16.79 50.02 0.89
C ASN B 1047 -15.40 49.90 1.49
N LEU B 1048 -15.24 50.30 2.76
CA LEU B 1048 -13.97 50.08 3.46
C LEU B 1048 -13.71 48.60 3.65
N LEU B 1049 -14.76 47.83 3.96
CA LEU B 1049 -14.61 46.40 4.15
C LEU B 1049 -14.25 45.69 2.85
N GLN B 1050 -14.82 46.15 1.73
CA GLN B 1050 -14.41 45.64 0.42
C GLN B 1050 -12.97 46.00 0.13
N GLN B 1051 -12.56 47.21 0.50
CA GLN B 1051 -11.20 47.66 0.26
C GLN B 1051 -10.21 46.99 1.20
N LEU B 1052 -10.69 46.34 2.25
CA LEU B 1052 -9.82 45.80 3.30
C LEU B 1052 -9.75 44.29 3.30
N SER B 1053 -10.56 43.59 2.52
CA SER B 1053 -10.68 42.15 2.64
C SER B 1053 -9.76 41.47 1.62
N GLN B 1054 -8.50 41.33 2.00
CA GLN B 1054 -7.52 40.60 1.21
C GLN B 1054 -6.80 39.60 2.10
N SER B 1055 -5.85 38.89 1.50
CA SER B 1055 -4.99 38.02 2.28
C SER B 1055 -3.78 38.77 2.83
N GLN B 1056 -3.42 39.89 2.22
CA GLN B 1056 -2.23 40.65 2.60
C GLN B 1056 -2.63 42.09 2.87
N LEU B 1057 -2.31 42.59 4.05
CA LEU B 1057 -2.66 43.93 4.47
C LEU B 1057 -1.40 44.63 4.97
N ASN B 1058 -0.84 45.49 4.15
CA ASN B 1058 0.28 46.29 4.60
C ASN B 1058 -0.21 47.51 5.35
N ILE B 1059 0.73 48.16 6.07
CA ILE B 1059 0.43 49.41 6.73
C ILE B 1059 0.08 50.49 5.72
N ASP B 1060 0.78 50.52 4.59
CA ASP B 1060 0.48 51.48 3.53
C ASP B 1060 -0.88 51.21 2.91
N THR B 1061 -1.21 49.93 2.73
CA THR B 1061 -2.50 49.56 2.14
C THR B 1061 -3.65 49.95 3.05
N VAL B 1062 -3.52 49.67 4.35
CA VAL B 1062 -4.60 50.01 5.26
C VAL B 1062 -4.69 51.52 5.49
N GLU B 1063 -3.56 52.25 5.37
CA GLU B 1063 -3.66 53.70 5.52
C GLU B 1063 -4.23 54.36 4.27
N ASP B 1064 -3.96 53.81 3.09
CA ASP B 1064 -4.60 54.32 1.88
C ASP B 1064 -6.09 54.02 1.90
N SER B 1065 -6.47 52.85 2.42
CA SER B 1065 -7.88 52.52 2.53
C SER B 1065 -8.56 53.41 3.55
N PHE B 1066 -7.85 53.78 4.62
CA PHE B 1066 -8.43 54.68 5.61
C PHE B 1066 -8.56 56.10 5.06
N LYS B 1067 -7.61 56.54 4.24
CA LYS B 1067 -7.76 57.86 3.62
C LYS B 1067 -8.91 57.87 2.62
N ASN B 1068 -9.08 56.77 1.88
CA ASN B 1068 -10.21 56.66 0.98
C ASN B 1068 -11.54 56.64 1.73
N TYR B 1069 -11.55 56.06 2.93
CA TYR B 1069 -12.74 56.13 3.76
C TYR B 1069 -12.97 57.53 4.30
N LEU B 1070 -11.87 58.22 4.65
CA LEU B 1070 -11.96 59.57 5.18
C LEU B 1070 -12.49 60.55 4.16
N THR B 1071 -12.19 60.32 2.88
CA THR B 1071 -12.73 61.16 1.82
C THR B 1071 -14.25 61.08 1.77
N ALA B 1072 -14.79 59.86 1.83
CA ALA B 1072 -16.24 59.69 1.82
C ALA B 1072 -16.87 60.20 3.11
N PHE B 1073 -16.17 60.07 4.24
CA PHE B 1073 -16.68 60.62 5.49
C PHE B 1073 -16.75 62.14 5.43
N GLU B 1074 -15.75 62.78 4.83
CA GLU B 1074 -15.75 64.22 4.66
C GLU B 1074 -16.89 64.65 3.74
N ASP B 1075 -17.10 63.92 2.66
CA ASP B 1075 -18.15 64.28 1.72
C ASP B 1075 -19.54 64.06 2.31
N VAL B 1076 -19.66 63.14 3.26
CA VAL B 1076 -20.94 62.96 3.92
C VAL B 1076 -21.13 64.00 5.04
N ALA B 1077 -20.04 64.43 5.68
CA ALA B 1077 -20.17 65.45 6.71
C ALA B 1077 -20.42 66.82 6.11
N ASN B 1078 -20.04 67.03 4.86
CA ASN B 1078 -20.25 68.33 4.22
C ASN B 1078 -21.60 68.41 3.51
N LEU B 1079 -22.68 68.07 4.20
CA LEU B 1079 -24.01 68.22 3.63
C LEU B 1079 -24.70 69.42 4.24
N GLN B 1080 -25.73 69.89 3.53
CA GLN B 1080 -26.47 71.07 3.96
C GLN B 1080 -27.92 70.88 3.58
N VAL B 1081 -28.82 70.99 4.56
CA VAL B 1081 -30.23 70.69 4.34
C VAL B 1081 -30.88 71.81 3.54
N ILE B 1082 -31.62 71.44 2.51
CA ILE B 1082 -32.41 72.42 1.77
C ILE B 1082 -33.76 72.60 2.42
N SER B 1083 -34.52 71.51 2.49
CA SER B 1083 -35.93 71.59 2.85
C SER B 1083 -36.40 70.21 3.26
N GLY B 1084 -37.55 70.17 3.91
CA GLY B 1084 -38.08 68.94 4.45
C GLY B 1084 -39.56 68.84 4.21
N TYR B 1085 -40.12 67.74 4.70
CA TYR B 1085 -41.55 67.49 4.59
C TYR B 1085 -41.96 66.61 5.75
N HIS B 1086 -42.63 67.20 6.73
CA HIS B 1086 -43.15 66.42 7.84
C HIS B 1086 -44.33 65.60 7.33
N ASP B 1087 -44.39 64.34 7.73
CA ASP B 1087 -45.37 63.44 7.16
C ASP B 1087 -46.78 63.67 7.68
N SER B 1088 -46.94 63.92 8.98
CA SER B 1088 -48.26 63.98 9.58
C SER B 1088 -48.73 65.42 9.67
N ILE B 1089 -49.92 65.58 10.23
CA ILE B 1089 -50.47 66.91 10.46
C ILE B 1089 -49.75 67.58 11.62
N ASN B 1090 -49.82 66.99 12.80
CA ASN B 1090 -49.13 67.51 13.96
C ASN B 1090 -47.65 67.16 13.87
N VAL B 1091 -46.81 68.02 14.46
CA VAL B 1091 -45.37 67.85 14.36
C VAL B 1091 -44.91 66.62 15.13
N ASN B 1092 -45.41 66.43 16.34
CA ASN B 1092 -44.88 65.42 17.25
C ASN B 1092 -45.42 64.03 16.99
N GLU B 1093 -45.95 63.75 15.81
CA GLU B 1093 -46.53 62.44 15.52
C GLU B 1093 -45.85 61.71 14.39
N GLY B 1094 -45.66 62.36 13.24
CA GLY B 1094 -45.16 61.66 12.08
C GLY B 1094 -43.66 61.57 12.03
N LEU B 1095 -43.10 61.71 10.83
CA LEU B 1095 -41.65 61.63 10.66
C LEU B 1095 -41.23 62.47 9.47
N THR B 1096 -40.20 63.27 9.67
CA THR B 1096 -39.77 64.26 8.70
C THR B 1096 -38.76 63.65 7.73
N TYR B 1097 -38.81 64.09 6.48
CA TYR B 1097 -37.89 63.65 5.45
C TYR B 1097 -37.08 64.85 5.00
N LEU B 1098 -35.81 64.88 5.37
CA LEU B 1098 -34.94 66.00 5.07
C LEU B 1098 -34.17 65.74 3.79
N ILE B 1099 -33.76 66.81 3.12
CA ILE B 1099 -33.04 66.71 1.86
C ILE B 1099 -31.79 67.58 1.96
N GLY B 1100 -30.63 66.97 1.77
CA GLY B 1100 -29.38 67.71 1.80
C GLY B 1100 -28.59 67.59 0.52
N TYR B 1101 -27.68 68.53 0.27
CA TYR B 1101 -26.85 68.51 -0.92
C TYR B 1101 -25.39 68.53 -0.56
N SER B 1102 -24.56 68.11 -1.51
CA SER B 1102 -23.12 68.07 -1.36
C SER B 1102 -22.50 69.37 -1.87
N GLN B 1103 -21.25 69.61 -1.46
CA GLN B 1103 -20.53 70.81 -1.87
C GLN B 1103 -19.71 70.52 -3.13
N THR B 1104 -20.43 70.33 -4.23
CA THR B 1104 -19.83 70.07 -5.52
C THR B 1104 -20.60 70.82 -6.59
N GLU B 1105 -19.91 71.14 -7.69
CA GLU B 1105 -20.53 71.92 -8.75
C GLU B 1105 -21.60 71.12 -9.49
N PRO B 1106 -21.44 69.81 -9.77
CA PRO B 1106 -22.63 68.99 -10.02
C PRO B 1106 -23.26 68.65 -8.68
N ARG B 1107 -24.10 69.54 -8.18
CA ARG B 1107 -24.64 69.45 -6.83
C ARG B 1107 -25.52 68.20 -6.69
N ILE B 1108 -25.10 67.30 -5.82
CA ILE B 1108 -25.72 65.97 -5.69
C ILE B 1108 -26.49 65.92 -4.39
N TYR B 1109 -27.75 65.50 -4.49
CA TYR B 1109 -28.70 65.59 -3.38
C TYR B 1109 -28.86 64.25 -2.66
N TYR B 1110 -29.22 64.34 -1.39
CA TYR B 1110 -29.37 63.20 -0.52
C TYR B 1110 -30.72 63.31 0.18
N TRP B 1111 -31.12 62.26 0.87
CA TRP B 1111 -32.29 62.35 1.72
C TRP B 1111 -32.11 61.47 2.95
N ARG B 1112 -32.68 61.91 4.06
CA ARG B 1112 -32.65 61.15 5.31
C ARG B 1112 -34.02 61.25 5.96
N ASN B 1113 -34.22 60.46 7.01
CA ASN B 1113 -35.52 60.31 7.63
C ASN B 1113 -35.37 60.32 9.13
N VAL B 1114 -36.16 61.13 9.80
CA VAL B 1114 -36.09 61.27 11.25
C VAL B 1114 -37.49 61.15 11.83
N ASP B 1115 -37.64 60.29 12.83
CA ASP B 1115 -38.94 59.98 13.42
C ASP B 1115 -39.17 60.84 14.65
N HIS B 1116 -40.41 61.33 14.81
CA HIS B 1116 -40.79 62.11 15.97
C HIS B 1116 -41.43 61.28 17.06
N GLN B 1117 -41.63 59.98 16.84
CA GLN B 1117 -42.11 59.14 17.93
C GLN B 1117 -41.02 58.86 18.94
N LYS B 1118 -39.75 59.04 18.55
CA LYS B 1118 -38.66 58.67 19.43
C LYS B 1118 -38.28 59.80 20.38
N CYS B 1119 -38.51 61.06 19.99
CA CYS B 1119 -38.18 62.17 20.88
C CYS B 1119 -39.19 62.21 22.01
N GLN B 1120 -38.79 61.69 23.17
CA GLN B 1120 -39.72 61.56 24.29
C GLN B 1120 -40.05 62.92 24.91
N HIS B 1121 -39.14 63.89 24.83
CA HIS B 1121 -39.46 65.24 25.27
C HIS B 1121 -38.62 66.19 24.43
N GLY B 1122 -39.15 66.60 23.28
CA GLY B 1122 -38.56 67.66 22.47
C GLY B 1122 -37.27 67.35 21.73
N GLN B 1123 -36.48 66.39 22.23
CA GLN B 1123 -35.12 66.16 21.77
C GLN B 1123 -35.02 64.74 21.22
N PHE B 1124 -34.52 64.63 20.00
CA PHE B 1124 -34.43 63.35 19.33
C PHE B 1124 -33.28 62.53 19.88
N ALA B 1125 -33.50 61.23 20.00
CA ALA B 1125 -32.40 60.31 20.25
C ALA B 1125 -31.68 60.04 18.94
N ALA B 1126 -30.51 59.43 19.04
CA ALA B 1126 -29.79 59.02 17.84
C ALA B 1126 -30.41 57.81 17.17
N ASN B 1127 -31.33 57.13 17.86
CA ASN B 1127 -32.13 56.07 17.23
C ASN B 1127 -33.08 56.63 16.18
N ALA B 1128 -33.55 57.87 16.34
CA ALA B 1128 -34.55 58.42 15.44
C ALA B 1128 -33.96 58.79 14.09
N TRP B 1129 -32.69 59.15 14.04
CA TRP B 1129 -32.08 59.61 12.81
C TRP B 1129 -31.74 58.42 11.91
N GLY B 1130 -32.16 58.50 10.66
CA GLY B 1130 -31.76 57.53 9.68
C GLY B 1130 -30.53 57.95 8.90
N GLU B 1131 -30.02 57.02 8.12
CA GLU B 1131 -28.83 57.29 7.32
C GLU B 1131 -29.18 58.20 6.15
N TRP B 1132 -28.22 59.02 5.74
CA TRP B 1132 -28.33 59.73 4.48
C TRP B 1132 -28.34 58.74 3.33
N LYS B 1133 -29.26 58.92 2.40
CA LYS B 1133 -29.35 58.05 1.24
C LYS B 1133 -29.27 58.90 -0.02
N LYS B 1134 -28.26 58.66 -0.84
CA LYS B 1134 -28.03 59.46 -2.02
C LYS B 1134 -29.07 59.13 -3.09
N ILE B 1135 -29.72 60.14 -3.61
CA ILE B 1135 -30.64 59.94 -4.73
C ILE B 1135 -29.82 59.93 -6.01
N GLU B 1136 -30.26 59.15 -6.98
CA GLU B 1136 -29.42 58.88 -8.13
C GLU B 1136 -29.84 59.66 -9.36
N ILE B 1137 -31.05 60.18 -9.37
CA ILE B 1137 -31.50 61.00 -10.50
C ILE B 1137 -30.83 62.36 -10.42
N PRO B 1138 -30.12 62.82 -11.45
CA PRO B 1138 -29.44 64.10 -11.39
C PRO B 1138 -30.43 65.25 -11.52
N ILE B 1139 -30.31 66.22 -10.62
CA ILE B 1139 -31.30 67.27 -10.44
C ILE B 1139 -30.62 68.62 -10.58
N ASN B 1140 -31.16 69.48 -11.43
CA ASN B 1140 -30.65 70.83 -11.66
C ASN B 1140 -31.76 71.81 -11.31
N VAL B 1141 -31.81 72.25 -10.05
CA VAL B 1141 -32.88 73.11 -9.59
C VAL B 1141 -32.62 74.53 -10.05
N TRP B 1142 -33.69 75.31 -10.21
CA TRP B 1142 -33.61 76.74 -10.40
C TRP B 1142 -33.96 77.42 -9.08
N GLN B 1143 -32.97 78.11 -8.49
CA GLN B 1143 -33.12 78.89 -7.26
C GLN B 1143 -33.59 78.04 -6.07
N GLU B 1144 -33.21 76.76 -6.08
CA GLU B 1144 -33.39 75.83 -4.97
C GLU B 1144 -34.86 75.65 -4.58
N ASN B 1145 -35.75 75.66 -5.56
CA ASN B 1145 -37.16 75.40 -5.32
C ASN B 1145 -37.42 73.90 -5.48
N ILE B 1146 -37.12 73.16 -4.42
CA ILE B 1146 -37.19 71.71 -4.45
C ILE B 1146 -37.74 71.22 -3.11
N ARG B 1147 -38.87 70.52 -3.15
CA ARG B 1147 -39.50 69.99 -1.96
C ARG B 1147 -39.76 68.50 -2.14
N PRO B 1148 -39.69 67.72 -1.07
CA PRO B 1148 -40.18 66.34 -1.12
C PRO B 1148 -41.64 66.28 -0.67
N VAL B 1149 -42.28 65.18 -1.02
CA VAL B 1149 -43.69 64.99 -0.66
C VAL B 1149 -43.96 63.49 -0.50
N ILE B 1150 -44.47 63.12 0.66
CA ILE B 1150 -44.90 61.75 0.92
C ILE B 1150 -46.29 61.58 0.37
N TYR B 1151 -46.42 60.79 -0.68
CA TYR B 1151 -47.71 60.57 -1.32
C TYR B 1151 -47.97 59.08 -1.42
N LYS B 1152 -49.06 58.63 -0.80
CA LYS B 1152 -49.42 57.22 -0.63
C LYS B 1152 -48.28 56.44 -0.01
N SER B 1153 -47.68 57.04 1.03
CA SER B 1153 -46.52 56.51 1.76
C SER B 1153 -45.34 56.21 0.84
N ARG B 1154 -45.17 57.02 -0.20
CA ARG B 1154 -44.08 56.86 -1.15
C ARG B 1154 -43.42 58.20 -1.35
N LEU B 1155 -42.09 58.22 -1.30
CA LEU B 1155 -41.34 59.47 -1.33
C LEU B 1155 -41.33 60.01 -2.74
N TYR B 1156 -42.12 61.04 -2.99
CA TYR B 1156 -42.08 61.77 -4.24
C TYR B 1156 -41.22 63.02 -4.08
N LEU B 1157 -40.62 63.45 -5.19
CA LEU B 1157 -39.67 64.55 -5.18
C LEU B 1157 -40.02 65.51 -6.29
N LEU B 1158 -40.13 66.79 -5.95
CA LEU B 1158 -40.55 67.82 -6.88
C LEU B 1158 -39.53 68.95 -6.93
N TRP B 1159 -39.25 69.44 -8.14
CA TRP B 1159 -38.42 70.62 -8.31
C TRP B 1159 -38.71 71.24 -9.66
N LEU B 1160 -38.09 72.39 -9.89
CA LEU B 1160 -38.23 73.10 -11.15
C LEU B 1160 -36.88 73.23 -11.82
N GLU B 1161 -36.88 73.20 -13.14
CA GLU B 1161 -35.69 73.48 -13.92
C GLU B 1161 -35.98 74.68 -14.80
N GLN B 1162 -34.94 75.45 -15.10
CA GLN B 1162 -35.09 76.56 -16.02
C GLN B 1162 -34.12 76.38 -17.19
N LYS B 1163 -34.50 76.94 -18.33
CA LYS B 1163 -33.70 76.90 -19.56
C LYS B 1163 -33.67 78.31 -20.10
N GLU B 1164 -32.70 79.10 -19.66
CA GLU B 1164 -32.59 80.47 -20.12
C GLU B 1164 -31.74 80.53 -21.38
N LEU B 1165 -32.33 81.07 -22.44
CA LEU B 1165 -31.63 81.25 -23.71
C LEU B 1165 -31.87 82.68 -24.16
N LYS B 1166 -30.89 83.55 -23.90
CA LYS B 1166 -30.98 84.96 -24.23
C LYS B 1166 -29.97 85.30 -25.32
N ASN B 1167 -30.42 85.98 -26.36
CA ASN B 1167 -29.53 86.41 -27.43
C ASN B 1167 -28.63 87.55 -26.96
N GLU B 1168 -29.19 88.48 -26.18
CA GLU B 1168 -28.51 89.65 -25.62
C GLU B 1168 -27.91 90.51 -26.73
N SER B 1169 -28.81 91.01 -27.57
CA SER B 1169 -28.46 91.92 -28.65
C SER B 1169 -29.69 92.73 -29.01
N GLU B 1170 -29.64 93.41 -30.14
CA GLU B 1170 -30.76 94.20 -30.64
C GLU B 1170 -31.35 93.63 -31.93
N ASP B 1171 -30.49 93.32 -32.89
CA ASP B 1171 -30.94 92.72 -34.15
C ASP B 1171 -31.28 91.26 -33.89
N GLY B 1172 -32.58 90.96 -33.86
CA GLY B 1172 -33.03 89.62 -33.53
C GLY B 1172 -32.79 89.32 -32.06
N LYS B 1173 -33.31 90.16 -31.18
CA LYS B 1173 -33.19 89.90 -29.76
C LYS B 1173 -34.13 88.77 -29.37
N ILE B 1174 -33.55 87.64 -29.00
CA ILE B 1174 -34.31 86.45 -28.67
C ILE B 1174 -34.11 86.16 -27.20
N ASP B 1175 -35.22 86.15 -26.45
CA ASP B 1175 -35.19 85.88 -25.02
C ASP B 1175 -36.21 84.79 -24.76
N ILE B 1176 -35.76 83.54 -24.83
CA ILE B 1176 -36.61 82.38 -24.58
C ILE B 1176 -36.16 81.75 -23.28
N THR B 1177 -37.01 81.81 -22.26
CA THR B 1177 -36.78 81.15 -20.99
C THR B 1177 -37.91 80.17 -20.76
N ASP B 1178 -37.58 78.95 -20.31
CA ASP B 1178 -38.56 77.90 -20.12
C ASP B 1178 -38.40 77.28 -18.75
N TYR B 1179 -39.46 77.33 -17.96
CA TYR B 1179 -39.49 76.74 -16.62
C TYR B 1179 -40.32 75.48 -16.69
N ILE B 1180 -39.77 74.40 -16.14
CA ILE B 1180 -40.36 73.06 -16.28
C ILE B 1180 -40.32 72.36 -14.93
N LEU B 1181 -41.46 71.84 -14.50
CA LEU B 1181 -41.59 71.10 -13.26
C LEU B 1181 -41.30 69.63 -13.50
N LYS B 1182 -40.46 69.04 -12.65
CA LYS B 1182 -40.09 67.64 -12.76
C LYS B 1182 -40.48 66.89 -11.50
N LEU B 1183 -40.92 65.65 -11.67
CA LEU B 1183 -41.42 64.83 -10.58
C LEU B 1183 -40.78 63.45 -10.64
N SER B 1184 -40.26 62.99 -9.52
CA SER B 1184 -39.69 61.65 -9.43
C SER B 1184 -40.01 61.05 -8.09
N HIS B 1185 -40.28 59.74 -8.08
CA HIS B 1185 -40.59 59.04 -6.86
C HIS B 1185 -39.67 57.83 -6.73
N ILE B 1186 -39.47 57.42 -5.51
CA ILE B 1186 -38.58 56.31 -5.21
C ILE B 1186 -39.34 55.01 -5.43
N ARG B 1187 -38.60 53.93 -5.61
CA ARG B 1187 -39.17 52.60 -5.75
C ARG B 1187 -38.88 51.80 -4.48
N TYR B 1188 -39.33 50.55 -4.45
CA TYR B 1188 -39.09 49.72 -3.28
C TYR B 1188 -37.64 49.28 -3.16
N ASP B 1189 -36.93 49.15 -4.28
CA ASP B 1189 -35.55 48.72 -4.28
C ASP B 1189 -34.57 49.88 -4.18
N GLY B 1190 -35.04 51.06 -3.79
CA GLY B 1190 -34.17 52.20 -3.63
C GLY B 1190 -33.87 52.96 -4.91
N SER B 1191 -34.20 52.42 -6.07
CA SER B 1191 -33.99 53.14 -7.30
C SER B 1191 -35.02 54.26 -7.44
N TRP B 1192 -34.69 55.24 -8.27
CA TRP B 1192 -35.53 56.40 -8.48
C TRP B 1192 -36.16 56.35 -9.86
N SER B 1193 -37.38 56.85 -9.96
CA SER B 1193 -38.11 56.82 -11.21
C SER B 1193 -37.55 57.83 -12.20
N SER B 1194 -38.00 57.72 -13.44
CA SER B 1194 -37.69 58.73 -14.43
C SER B 1194 -38.43 60.02 -14.09
N PRO B 1195 -37.83 61.18 -14.33
CA PRO B 1195 -38.53 62.43 -14.01
C PRO B 1195 -39.64 62.71 -15.01
N PHE B 1196 -40.80 63.09 -14.50
CA PHE B 1196 -41.95 63.42 -15.31
C PHE B 1196 -41.99 64.92 -15.54
N ASN B 1197 -41.93 65.33 -16.79
CA ASN B 1197 -41.84 66.74 -17.14
C ASN B 1197 -43.22 67.38 -17.19
N PHE B 1198 -43.29 68.64 -16.76
CA PHE B 1198 -44.51 69.42 -16.80
C PHE B 1198 -44.14 70.86 -17.15
N ASN B 1199 -44.66 71.35 -18.26
CA ASN B 1199 -44.42 72.72 -18.66
C ASN B 1199 -45.23 73.63 -17.75
N VAL B 1200 -44.57 74.56 -17.09
CA VAL B 1200 -45.22 75.38 -16.08
C VAL B 1200 -44.80 76.83 -16.28
N THR B 1201 -44.14 77.09 -17.42
CA THR B 1201 -43.48 78.37 -17.63
C THR B 1201 -44.45 79.52 -17.80
N ASP B 1202 -45.70 79.25 -18.18
CA ASP B 1202 -46.68 80.33 -18.29
C ASP B 1202 -47.08 80.83 -16.91
N LYS B 1203 -47.33 79.91 -15.98
CA LYS B 1203 -47.67 80.30 -14.62
C LYS B 1203 -46.48 80.93 -13.91
N ILE B 1204 -45.28 80.42 -14.19
CA ILE B 1204 -44.10 81.00 -13.56
C ILE B 1204 -43.81 82.39 -14.13
N GLU B 1205 -44.08 82.61 -15.42
CA GLU B 1205 -43.92 83.95 -15.97
C GLU B 1205 -45.01 84.89 -15.49
N ASN B 1206 -46.20 84.36 -15.18
CA ASN B 1206 -47.20 85.17 -14.52
C ASN B 1206 -46.76 85.61 -13.14
N LEU B 1207 -46.14 84.70 -12.39
CA LEU B 1207 -45.60 85.07 -11.08
C LEU B 1207 -44.31 85.87 -11.17
N ILE B 1208 -43.68 85.92 -12.34
CA ILE B 1208 -42.39 86.59 -12.44
C ILE B 1208 -42.54 87.99 -13.03
N ASN B 1209 -43.58 88.23 -13.84
CA ASN B 1209 -43.83 89.59 -14.32
C ASN B 1209 -44.20 90.53 -13.20
N LYS B 1210 -44.98 90.05 -12.24
CA LYS B 1210 -45.05 90.69 -10.95
C LYS B 1210 -43.79 90.33 -10.17
N LYS B 1211 -42.88 91.29 -10.08
CA LYS B 1211 -41.50 91.01 -9.70
C LYS B 1211 -41.37 90.65 -8.22
N ALA B 1212 -41.29 89.36 -7.93
CA ALA B 1212 -41.16 88.88 -6.57
C ALA B 1212 -40.49 87.52 -6.59
N SER B 1213 -39.98 87.12 -5.43
CA SER B 1213 -39.40 85.80 -5.26
C SER B 1213 -40.50 84.75 -5.30
N ILE B 1214 -40.22 83.63 -5.96
CA ILE B 1214 -41.21 82.60 -6.21
C ILE B 1214 -41.08 81.53 -5.14
N GLY B 1215 -42.16 81.30 -4.40
CA GLY B 1215 -42.22 80.22 -3.44
C GLY B 1215 -42.79 78.95 -4.05
N MET B 1216 -42.85 77.92 -3.23
CA MET B 1216 -43.27 76.60 -3.71
C MET B 1216 -43.85 75.81 -2.56
N TYR B 1217 -45.14 75.52 -2.63
CA TYR B 1217 -45.81 74.66 -1.67
C TYR B 1217 -46.03 73.29 -2.30
N CYS B 1218 -45.60 72.24 -1.62
CA CYS B 1218 -45.77 70.88 -2.11
C CYS B 1218 -46.24 70.02 -0.95
N SER B 1219 -47.45 69.48 -1.06
CA SER B 1219 -47.98 68.61 -0.03
C SER B 1219 -48.94 67.62 -0.66
N SER B 1220 -49.44 66.70 0.16
CA SER B 1220 -50.32 65.63 -0.28
C SER B 1220 -51.61 65.68 0.50
N ASP B 1221 -52.72 65.93 -0.20
CA ASP B 1221 -54.03 65.77 0.40
C ASP B 1221 -54.30 64.29 0.57
N TYR B 1222 -55.08 63.96 1.60
CA TYR B 1222 -55.47 62.58 1.81
C TYR B 1222 -56.95 62.33 1.60
N GLU B 1223 -57.80 63.35 1.75
CA GLU B 1223 -59.22 63.18 1.42
C GLU B 1223 -59.41 63.01 -0.07
N LYS B 1224 -59.07 64.04 -0.84
CA LYS B 1224 -58.78 63.82 -2.24
C LYS B 1224 -57.37 63.25 -2.34
N ASP B 1225 -57.14 62.40 -3.32
CA ASP B 1225 -55.88 61.68 -3.42
C ASP B 1225 -54.92 62.33 -4.40
N VAL B 1226 -54.87 63.66 -4.42
CA VAL B 1226 -53.98 64.39 -5.30
C VAL B 1226 -52.90 65.05 -4.47
N ILE B 1227 -51.91 65.62 -5.14
CA ILE B 1227 -50.91 66.45 -4.49
C ILE B 1227 -51.09 67.89 -4.94
N ILE B 1228 -50.92 68.81 -4.02
CA ILE B 1228 -51.17 70.22 -4.24
C ILE B 1228 -49.83 70.90 -4.46
N VAL B 1229 -49.66 71.52 -5.62
CA VAL B 1229 -48.51 72.34 -5.89
C VAL B 1229 -49.02 73.70 -6.33
N TYR B 1230 -48.82 74.72 -5.51
CA TYR B 1230 -48.99 76.07 -5.98
C TYR B 1230 -47.74 76.86 -5.66
N PHE B 1231 -47.37 77.72 -6.59
CA PHE B 1231 -46.27 78.65 -6.41
C PHE B 1231 -46.86 79.98 -5.98
N HIS B 1232 -46.20 80.64 -5.04
CA HIS B 1232 -46.66 81.91 -4.54
C HIS B 1232 -45.52 82.91 -4.61
N GLU B 1233 -45.87 84.18 -4.60
CA GLU B 1233 -44.86 85.18 -4.36
C GLU B 1233 -44.46 85.15 -2.90
N LYS B 1234 -43.30 85.72 -2.61
CA LYS B 1234 -42.77 85.72 -1.24
C LYS B 1234 -42.96 87.10 -0.65
N LYS B 1235 -43.84 87.18 0.35
CA LYS B 1235 -43.93 88.37 1.18
C LYS B 1235 -43.09 88.18 2.42
N ASP B 1236 -42.94 89.25 3.19
CA ASP B 1236 -42.34 89.13 4.51
C ASP B 1236 -43.37 88.73 5.55
N ASN B 1237 -44.65 88.87 5.23
CA ASN B 1237 -45.71 88.39 6.09
C ASN B 1237 -46.95 88.12 5.25
N TYR B 1238 -47.59 86.99 5.51
CA TYR B 1238 -48.85 86.65 4.89
C TYR B 1238 -49.93 86.79 5.95
N SER B 1239 -50.85 87.73 5.72
CA SER B 1239 -51.73 88.20 6.77
C SER B 1239 -53.15 87.68 6.64
N PHE B 1240 -53.34 86.54 5.94
CA PHE B 1240 -54.56 85.74 5.87
C PHE B 1240 -55.70 86.42 5.09
N ASN B 1241 -55.54 87.68 4.74
CA ASN B 1241 -56.52 88.42 3.96
C ASN B 1241 -55.89 89.15 2.79
N SER B 1242 -54.59 89.43 2.88
CA SER B 1242 -53.80 89.90 1.76
C SER B 1242 -53.10 88.66 1.19
N LEU B 1243 -53.81 87.95 0.33
CA LEU B 1243 -53.28 86.73 -0.25
C LEU B 1243 -52.17 87.06 -1.25
N PRO B 1244 -51.09 86.29 -1.25
CA PRO B 1244 -50.04 86.51 -2.24
C PRO B 1244 -50.50 86.07 -3.62
N ALA B 1245 -49.80 86.57 -4.64
CA ALA B 1245 -50.06 86.16 -6.00
C ALA B 1245 -49.69 84.69 -6.16
N ARG B 1246 -50.61 83.91 -6.70
CA ARG B 1246 -50.49 82.46 -6.62
C ARG B 1246 -50.78 81.86 -7.98
N GLU B 1247 -50.25 80.66 -8.20
CA GLU B 1247 -50.50 79.91 -9.42
C GLU B 1247 -50.71 78.46 -9.05
N GLY B 1248 -51.93 77.97 -9.22
CA GLY B 1248 -52.30 76.67 -8.69
C GLY B 1248 -52.15 75.58 -9.73
N MET B 1249 -52.04 74.36 -9.22
CA MET B 1249 -51.77 73.16 -10.00
C MET B 1249 -51.98 71.96 -9.10
N THR B 1250 -52.32 70.82 -9.69
CA THR B 1250 -52.50 69.60 -8.93
C THR B 1250 -52.22 68.40 -9.82
N ILE B 1251 -51.65 67.36 -9.21
CA ILE B 1251 -51.25 66.14 -9.94
C ILE B 1251 -52.06 64.98 -9.39
N ASN B 1252 -52.55 64.14 -10.30
CA ASN B 1252 -53.35 62.96 -9.95
C ASN B 1252 -52.46 61.87 -9.34
N PRO B 1253 -53.04 60.75 -8.88
CA PRO B 1253 -52.20 59.59 -8.58
C PRO B 1253 -51.40 59.10 -9.77
N ASP B 1254 -52.02 58.96 -10.93
CA ASP B 1254 -51.26 58.87 -12.17
C ASP B 1254 -50.58 60.20 -12.42
N MET B 1255 -49.45 60.18 -13.13
CA MET B 1255 -48.68 61.40 -13.34
C MET B 1255 -49.30 62.37 -14.34
N THR B 1256 -50.54 62.14 -14.78
CA THR B 1256 -51.28 63.17 -15.49
C THR B 1256 -51.58 64.34 -14.56
N LEU B 1257 -51.55 65.54 -15.12
CA LEU B 1257 -51.73 66.76 -14.36
C LEU B 1257 -53.18 67.21 -14.44
N SER B 1258 -53.68 67.75 -13.34
CA SER B 1258 -55.06 68.25 -13.26
C SER B 1258 -55.04 69.75 -13.09
N ILE B 1259 -56.09 70.42 -13.55
CA ILE B 1259 -56.17 71.86 -13.39
C ILE B 1259 -56.69 72.19 -12.00
N LEU B 1260 -56.45 73.42 -11.57
CA LEU B 1260 -56.89 73.88 -10.25
C LEU B 1260 -57.56 75.24 -10.44
N THR B 1261 -58.85 75.31 -10.15
CA THR B 1261 -59.57 76.57 -10.27
C THR B 1261 -59.14 77.54 -9.18
N GLU B 1262 -59.44 78.82 -9.40
CA GLU B 1262 -58.99 79.85 -8.48
C GLU B 1262 -59.73 79.83 -7.16
N ASN B 1263 -60.98 79.35 -7.13
CA ASN B 1263 -61.71 79.29 -5.87
C ASN B 1263 -61.16 78.21 -4.96
N ASP B 1264 -60.91 77.03 -5.52
CA ASP B 1264 -60.25 75.97 -4.76
C ASP B 1264 -58.82 76.36 -4.40
N LEU B 1265 -58.17 77.12 -5.27
CA LEU B 1265 -56.82 77.60 -4.96
C LEU B 1265 -56.83 78.57 -3.78
N ASP B 1266 -57.82 79.47 -3.73
CA ASP B 1266 -57.91 80.39 -2.61
C ASP B 1266 -58.28 79.67 -1.33
N ALA B 1267 -59.12 78.64 -1.44
CA ALA B 1267 -59.42 77.80 -0.27
C ALA B 1267 -58.18 77.08 0.24
N ILE B 1268 -57.34 76.57 -0.67
CA ILE B 1268 -56.09 75.93 -0.28
C ILE B 1268 -55.12 76.91 0.37
N VAL B 1269 -54.93 78.09 -0.21
CA VAL B 1269 -54.03 79.09 0.36
C VAL B 1269 -54.53 79.59 1.71
N LYS B 1270 -55.84 79.78 1.85
CA LYS B 1270 -56.40 80.12 3.16
C LYS B 1270 -56.23 78.99 4.16
N SER B 1271 -56.20 77.75 3.68
CA SER B 1271 -55.99 76.62 4.58
C SER B 1271 -54.56 76.53 5.10
N THR B 1272 -53.55 76.78 4.28
CA THR B 1272 -52.17 76.57 4.73
C THR B 1272 -51.27 77.74 4.35
N LEU B 1273 -51.72 78.97 4.59
CA LEU B 1273 -50.81 80.11 4.52
C LEU B 1273 -49.70 80.02 5.56
N SER B 1274 -49.96 79.38 6.70
CA SER B 1274 -49.00 79.36 7.79
C SER B 1274 -47.76 78.54 7.49
N GLU B 1275 -47.85 77.55 6.59
CA GLU B 1275 -46.70 76.73 6.25
C GLU B 1275 -45.93 77.28 5.07
N LEU B 1276 -46.17 78.52 4.69
CA LEU B 1276 -45.51 79.10 3.52
C LEU B 1276 -44.23 79.80 3.92
N ASP B 1277 -43.20 79.63 3.09
CA ASP B 1277 -41.89 80.21 3.35
C ASP B 1277 -41.92 81.70 3.06
N THR B 1278 -41.44 82.51 4.00
CA THR B 1278 -41.35 83.94 3.80
C THR B 1278 -40.03 84.29 3.11
N ARG B 1279 -39.72 85.57 3.01
CA ARG B 1279 -38.48 85.98 2.36
C ARG B 1279 -37.26 85.79 3.25
N THR B 1280 -37.45 85.52 4.54
CA THR B 1280 -36.36 85.47 5.49
C THR B 1280 -36.21 84.15 6.21
N GLU B 1281 -37.25 83.32 6.25
CA GLU B 1281 -37.21 82.10 7.04
C GLU B 1281 -37.87 80.97 6.26
N TYR B 1282 -37.18 79.84 6.20
CA TYR B 1282 -37.64 78.68 5.43
C TYR B 1282 -38.52 77.81 6.31
N LYS B 1283 -39.65 77.38 5.76
CA LYS B 1283 -40.58 76.52 6.46
C LYS B 1283 -40.48 75.10 5.93
N VAL B 1284 -41.21 74.21 6.58
CA VAL B 1284 -41.33 72.81 6.17
C VAL B 1284 -42.81 72.51 6.05
N ASN B 1285 -43.23 72.09 4.86
CA ASN B 1285 -44.63 71.82 4.62
C ASN B 1285 -45.07 70.54 5.32
N ASN B 1286 -46.18 70.61 6.03
CA ASN B 1286 -46.75 69.43 6.63
C ASN B 1286 -47.69 68.76 5.64
N GLN B 1287 -48.41 67.75 6.11
CA GLN B 1287 -49.48 67.18 5.31
C GLN B 1287 -50.62 68.17 5.21
N PHE B 1288 -51.16 68.32 4.01
CA PHE B 1288 -52.24 69.27 3.81
C PHE B 1288 -53.54 68.71 4.38
N ALA B 1289 -54.24 69.54 5.14
CA ALA B 1289 -55.54 69.20 5.64
C ALA B 1289 -56.31 70.50 5.84
N THR B 1290 -57.56 70.52 5.37
CA THR B 1290 -58.35 71.74 5.43
C THR B 1290 -58.77 72.07 6.86
N ASP B 1291 -59.69 71.30 7.42
CA ASP B 1291 -60.10 71.50 8.80
C ASP B 1291 -59.85 70.28 9.67
N TYR B 1292 -60.24 69.09 9.22
CA TYR B 1292 -60.10 67.88 10.02
C TYR B 1292 -59.63 66.73 9.15
N LEU B 1293 -59.48 65.57 9.78
CA LEU B 1293 -59.21 64.33 9.09
C LEU B 1293 -59.91 63.19 9.81
N ALA B 1294 -60.73 62.46 9.08
CA ALA B 1294 -61.49 61.35 9.62
C ALA B 1294 -60.76 60.05 9.36
N GLU B 1295 -60.20 59.47 10.41
CA GLU B 1295 -59.48 58.20 10.33
C GLU B 1295 -60.43 57.09 10.73
N TYR B 1296 -60.88 56.32 9.74
CA TYR B 1296 -61.88 55.29 10.00
C TYR B 1296 -61.84 54.25 8.88
N LYS B 1297 -62.42 53.09 9.17
CA LYS B 1297 -62.59 52.03 8.21
C LYS B 1297 -64.06 51.89 7.86
N GLU B 1298 -64.34 51.37 6.67
CA GLU B 1298 -65.74 51.28 6.24
C GLU B 1298 -66.43 50.05 6.83
N SER B 1299 -66.00 48.86 6.42
CA SER B 1299 -66.70 47.63 6.78
C SER B 1299 -65.84 46.78 7.72
N ILE B 1300 -66.45 46.31 8.80
CA ILE B 1300 -65.76 45.49 9.79
C ILE B 1300 -66.58 44.23 10.01
N THR B 1301 -65.97 43.08 9.76
CA THR B 1301 -66.64 41.78 9.87
C THR B 1301 -66.51 41.24 11.29
N THR B 1302 -67.39 40.31 11.61
CA THR B 1302 -67.32 39.59 12.87
C THR B 1302 -67.32 38.08 12.69
N LYS B 1303 -68.16 37.56 11.79
CA LYS B 1303 -68.30 36.14 11.43
C LYS B 1303 -68.59 35.27 12.66
N ASN B 1304 -69.76 35.49 13.23
CA ASN B 1304 -70.32 34.53 14.16
C ASN B 1304 -70.64 33.23 13.42
N LYS B 1305 -70.57 32.12 14.16
CA LYS B 1305 -70.86 30.81 13.58
C LYS B 1305 -72.32 30.65 13.17
N LEU B 1306 -73.22 31.50 13.68
CA LEU B 1306 -74.54 31.61 13.10
C LEU B 1306 -74.49 32.30 11.74
N ALA B 1307 -73.95 33.51 11.71
CA ALA B 1307 -73.95 34.32 10.50
C ALA B 1307 -72.92 35.43 10.65
N SER B 1308 -72.25 35.75 9.54
CA SER B 1308 -71.40 36.93 9.50
C SER B 1308 -72.28 38.17 9.46
N PHE B 1309 -71.77 39.27 9.99
CA PHE B 1309 -72.62 40.45 10.11
C PHE B 1309 -72.13 41.63 9.27
N THR B 1310 -70.87 42.03 9.45
CA THR B 1310 -70.19 43.04 8.61
C THR B 1310 -70.92 44.38 8.57
N GLY B 1311 -71.13 44.98 9.74
CA GLY B 1311 -71.74 46.31 9.78
C GLY B 1311 -70.77 47.37 9.28
N ASN B 1312 -71.32 48.39 8.63
CA ASN B 1312 -70.44 49.35 7.97
C ASN B 1312 -71.03 50.75 7.98
N ILE B 1313 -70.14 51.70 7.72
CA ILE B 1313 -70.48 53.12 7.57
C ILE B 1313 -70.16 53.51 6.15
N PHE B 1314 -71.16 54.02 5.43
CA PHE B 1314 -71.06 54.10 3.98
C PHE B 1314 -70.52 55.45 3.49
N ASP B 1315 -71.23 56.54 3.77
CA ASP B 1315 -70.94 57.83 3.15
C ASP B 1315 -70.62 58.85 4.23
N LEU B 1316 -69.38 58.87 4.69
CA LEU B 1316 -68.97 59.79 5.74
C LEU B 1316 -68.73 61.16 5.14
N SER B 1317 -69.24 62.19 5.80
CA SER B 1317 -69.03 63.57 5.39
C SER B 1317 -69.07 64.46 6.61
N TYR B 1318 -68.15 65.42 6.67
CA TYR B 1318 -68.05 66.29 7.81
C TYR B 1318 -67.73 67.70 7.33
N ILE B 1319 -68.45 68.67 7.89
CA ILE B 1319 -68.27 70.08 7.55
C ILE B 1319 -67.99 70.83 8.84
N SER B 1320 -66.89 71.57 8.88
CA SER B 1320 -66.55 72.36 10.05
C SER B 1320 -67.28 73.69 9.98
N PRO B 1321 -68.26 73.95 10.86
CA PRO B 1321 -68.99 75.22 10.78
C PRO B 1321 -68.18 76.40 11.29
N GLY B 1322 -67.27 76.18 12.20
CA GLY B 1322 -66.45 77.26 12.76
C GLY B 1322 -65.07 76.76 13.04
N ASN B 1323 -64.52 77.18 14.18
CA ASN B 1323 -63.15 76.81 14.51
C ASN B 1323 -63.05 75.40 15.06
N GLY B 1324 -63.68 75.15 16.20
CA GLY B 1324 -63.46 73.90 16.90
C GLY B 1324 -64.59 72.91 16.80
N HIS B 1325 -65.53 73.13 15.89
CA HIS B 1325 -66.72 72.29 15.79
C HIS B 1325 -66.70 71.46 14.52
N ILE B 1326 -67.69 70.56 14.42
CA ILE B 1326 -67.81 69.66 13.28
C ILE B 1326 -69.27 69.32 13.10
N ASN B 1327 -69.65 68.94 11.88
CA ASN B 1327 -70.99 68.48 11.57
C ASN B 1327 -70.85 67.16 10.82
N LEU B 1328 -70.82 66.06 11.55
CA LEU B 1328 -70.66 64.77 10.91
C LEU B 1328 -71.96 64.32 10.26
N THR B 1329 -71.82 63.49 9.24
CA THR B 1329 -72.97 62.96 8.50
C THR B 1329 -72.55 61.66 7.84
N PHE B 1330 -73.26 60.57 8.14
CA PHE B 1330 -72.99 59.30 7.50
C PHE B 1330 -74.23 58.43 7.56
N ASN B 1331 -74.21 57.36 6.76
CA ASN B 1331 -75.35 56.44 6.62
C ASN B 1331 -74.89 55.06 7.04
N PRO B 1332 -75.08 54.69 8.30
CA PRO B 1332 -74.67 53.36 8.77
C PRO B 1332 -75.61 52.27 8.29
N SER B 1333 -75.08 51.05 8.27
CA SER B 1333 -75.85 49.90 7.80
C SER B 1333 -75.29 48.64 8.44
N MET B 1334 -76.10 47.58 8.40
CA MET B 1334 -75.70 46.26 8.83
C MET B 1334 -76.11 45.27 7.76
N GLU B 1335 -75.25 44.28 7.51
CA GLU B 1335 -75.33 43.44 6.31
C GLU B 1335 -75.36 41.97 6.70
N ILE B 1336 -76.29 41.62 7.59
CA ILE B 1336 -76.40 40.27 8.13
C ILE B 1336 -76.68 39.27 7.02
N ASN B 1337 -75.73 38.37 6.78
CA ASN B 1337 -75.82 37.40 5.71
C ASN B 1337 -75.47 36.02 6.24
N PHE B 1338 -76.04 35.00 5.61
CA PHE B 1338 -75.86 33.63 6.06
C PHE B 1338 -75.00 32.83 5.07
N ASP B 1500 -86.24 45.49 15.39
CA ASP B 1500 -86.91 44.86 16.51
C ASP B 1500 -86.33 45.40 17.81
N LYS B 1501 -86.39 44.57 18.85
CA LYS B 1501 -85.49 44.69 19.99
C LYS B 1501 -84.15 44.02 19.70
N ASN B 1502 -83.99 43.51 18.48
CA ASN B 1502 -82.75 43.07 17.86
C ASN B 1502 -81.96 44.29 17.38
N ILE B 1503 -81.08 44.07 16.40
CA ILE B 1503 -79.87 44.82 16.07
C ILE B 1503 -79.96 46.34 16.19
N SER B 1504 -78.96 46.94 16.81
CA SER B 1504 -79.01 48.35 17.15
C SER B 1504 -77.69 49.01 16.82
N PHE B 1505 -77.78 50.24 16.31
CA PHE B 1505 -76.62 51.08 16.06
C PHE B 1505 -76.38 51.95 17.27
N LEU B 1506 -75.11 52.24 17.54
CA LEU B 1506 -74.77 53.10 18.66
C LEU B 1506 -73.51 53.88 18.31
N LEU B 1507 -73.64 55.20 18.20
CA LEU B 1507 -72.49 56.09 18.03
C LEU B 1507 -72.21 56.80 19.34
N LYS B 1508 -71.03 56.56 19.89
CA LYS B 1508 -70.68 57.11 21.18
C LYS B 1508 -69.38 57.90 21.12
N ASN B 1509 -69.23 58.80 22.09
CA ASN B 1509 -67.94 59.39 22.40
C ASN B 1509 -67.24 58.48 23.41
N GLY B 1510 -66.20 58.97 24.09
CA GLY B 1510 -65.55 58.19 25.12
C GLY B 1510 -66.46 57.86 26.29
N SER B 1511 -67.36 58.78 26.62
CA SER B 1511 -68.40 58.50 27.59
C SER B 1511 -69.79 58.99 27.20
N ASP B 1512 -69.91 59.86 26.20
CA ASP B 1512 -71.19 60.44 25.83
C ASP B 1512 -71.84 59.58 24.75
N ILE B 1513 -73.09 59.18 24.99
CA ILE B 1513 -73.90 58.52 23.97
C ILE B 1513 -74.49 59.59 23.08
N LEU B 1514 -73.98 59.70 21.85
CA LEU B 1514 -74.40 60.77 20.96
C LEU B 1514 -75.60 60.37 20.11
N VAL B 1515 -75.51 59.25 19.40
CA VAL B 1515 -76.57 58.80 18.51
C VAL B 1515 -76.87 57.35 18.83
N GLU B 1516 -78.12 57.06 19.17
CA GLU B 1516 -78.57 55.72 19.51
C GLU B 1516 -79.70 55.32 18.58
N LEU B 1517 -79.52 54.24 17.83
CA LEU B 1517 -80.50 53.83 16.83
C LEU B 1517 -80.93 52.39 17.07
N ASN B 1518 -82.10 52.05 16.53
CA ASN B 1518 -82.67 50.72 16.61
C ASN B 1518 -83.02 50.22 15.21
N ALA B 1519 -83.50 48.98 15.16
CA ALA B 1519 -83.89 48.39 13.88
C ALA B 1519 -85.36 48.59 13.59
N GLU B 1520 -86.21 48.45 14.60
CA GLU B 1520 -87.64 48.69 14.41
C GLU B 1520 -87.91 50.17 14.23
N ASP B 1521 -87.23 51.01 14.97
CA ASP B 1521 -87.40 52.45 14.88
C ASP B 1521 -86.37 53.03 13.91
N HIS B 1522 -86.84 54.02 13.13
CA HIS B 1522 -86.10 54.79 12.09
C HIS B 1522 -85.14 53.93 11.27
N VAL B 1523 -85.67 52.88 10.65
CA VAL B 1523 -85.00 52.16 9.58
C VAL B 1523 -85.95 52.13 8.40
N ALA B 1524 -85.58 52.83 7.33
CA ALA B 1524 -86.40 52.87 6.13
C ALA B 1524 -86.25 51.58 5.35
N SER B 1525 -87.39 50.99 4.97
CA SER B 1525 -87.47 49.77 4.17
C SER B 1525 -86.75 48.60 4.83
N LYS B 1526 -87.36 48.10 5.91
CA LYS B 1526 -86.85 46.94 6.62
C LYS B 1526 -86.74 45.74 5.67
N PRO B 1527 -85.59 45.06 5.62
CA PRO B 1527 -85.36 44.07 4.57
C PRO B 1527 -86.14 42.79 4.81
N SER B 1528 -86.45 42.12 3.71
CA SER B 1528 -87.19 40.87 3.76
C SER B 1528 -86.24 39.71 4.05
N HIS B 1529 -86.82 38.61 4.55
CA HIS B 1529 -86.03 37.42 4.81
C HIS B 1529 -85.69 36.65 3.55
N GLU B 1530 -86.30 37.00 2.42
CA GLU B 1530 -85.97 36.35 1.16
C GLU B 1530 -84.59 36.75 0.64
N SER B 1531 -84.06 37.89 1.09
CA SER B 1531 -82.69 38.24 0.76
C SER B 1531 -81.73 37.50 1.69
N ASP B 1532 -80.66 36.97 1.10
CA ASP B 1532 -79.72 36.24 1.94
C ASP B 1532 -78.79 37.18 2.70
N PRO B 1533 -78.28 38.32 2.12
CA PRO B 1533 -77.82 39.38 3.01
C PRO B 1533 -78.95 40.34 3.35
N MET B 1534 -79.09 40.68 4.63
CA MET B 1534 -80.14 41.58 5.08
C MET B 1534 -79.49 42.94 5.34
N VAL B 1535 -79.62 43.85 4.38
CA VAL B 1535 -79.07 45.19 4.49
C VAL B 1535 -80.14 46.09 5.08
N TYR B 1536 -79.77 46.94 6.03
CA TYR B 1536 -80.73 47.67 6.81
C TYR B 1536 -80.83 49.15 6.46
N ASP B 1537 -79.70 49.88 6.43
CA ASP B 1537 -79.62 51.28 5.98
C ASP B 1537 -80.53 52.18 6.83
N PHE B 1538 -80.09 52.40 8.08
CA PHE B 1538 -80.89 53.00 9.15
C PHE B 1538 -81.52 54.34 8.77
N ASN B 1539 -80.69 55.37 8.63
CA ASN B 1539 -81.04 56.70 8.13
C ASN B 1539 -79.75 57.48 8.01
N GLN B 1540 -79.86 58.76 7.68
CA GLN B 1540 -78.71 59.65 7.69
C GLN B 1540 -78.50 60.17 9.10
N VAL B 1541 -77.34 59.89 9.67
CA VAL B 1541 -77.03 60.24 11.05
C VAL B 1541 -76.32 61.58 11.05
N LYS B 1542 -76.92 62.57 11.70
CA LYS B 1542 -76.31 63.88 11.85
C LYS B 1542 -75.98 64.13 13.30
N VAL B 1543 -74.85 64.79 13.54
CA VAL B 1543 -74.42 65.13 14.90
C VAL B 1543 -73.52 66.35 14.79
N ASP B 1544 -73.36 67.06 15.90
CA ASP B 1544 -72.51 68.23 15.97
C ASP B 1544 -71.65 68.12 17.23
N ILE B 1545 -70.36 67.91 17.04
CA ILE B 1545 -69.41 67.76 18.14
C ILE B 1545 -68.44 68.93 18.07
N GLU B 1546 -67.86 69.27 19.21
CA GLU B 1546 -66.79 70.26 19.26
C GLU B 1546 -65.55 69.62 19.88
N GLY B 1547 -64.41 70.23 19.61
CA GLY B 1547 -63.13 69.75 20.07
C GLY B 1547 -62.19 69.49 18.90
N TYR B 1548 -60.95 69.17 19.24
CA TYR B 1548 -59.91 68.97 18.24
C TYR B 1548 -59.57 67.51 18.00
N ASP B 1549 -59.73 66.64 18.99
CA ASP B 1549 -59.57 65.20 18.81
C ASP B 1549 -60.87 64.52 19.25
N ILE B 1550 -61.56 63.90 18.30
CA ILE B 1550 -62.86 63.29 18.58
C ILE B 1550 -62.78 61.79 18.29
N PRO B 1551 -62.28 60.97 19.22
CA PRO B 1551 -62.24 59.52 18.94
C PRO B 1551 -63.60 58.86 19.14
N LEU B 1552 -64.45 59.01 18.13
CA LEU B 1552 -65.78 58.44 18.17
C LEU B 1552 -65.72 56.92 17.99
N VAL B 1553 -66.75 56.25 18.52
CA VAL B 1553 -66.88 54.81 18.43
C VAL B 1553 -68.28 54.51 17.94
N SER B 1554 -68.37 53.83 16.79
CA SER B 1554 -69.64 53.35 16.29
C SER B 1554 -69.81 51.88 16.66
N GLU B 1555 -70.91 51.57 17.34
CA GLU B 1555 -71.17 50.24 17.84
C GLU B 1555 -72.44 49.68 17.20
N PHE B 1556 -72.38 48.42 16.81
CA PHE B 1556 -73.50 47.71 16.18
C PHE B 1556 -73.88 46.55 17.08
N ILE B 1557 -74.82 46.79 17.99
CA ILE B 1557 -75.15 45.81 19.03
C ILE B 1557 -76.32 44.95 18.58
N ILE B 1558 -76.25 43.65 18.85
CA ILE B 1558 -77.22 42.68 18.37
C ILE B 1558 -78.03 42.05 19.49
N LYS B 1559 -77.47 41.99 20.70
CA LYS B 1559 -77.64 40.93 21.71
C LYS B 1559 -79.06 40.39 21.86
N GLN B 1560 -79.14 39.06 21.91
CA GLN B 1560 -80.36 38.26 22.10
C GLN B 1560 -81.45 38.57 21.08
N ASP B 1567 -75.24 38.45 22.32
CA ASP B 1567 -74.17 39.25 22.90
C ASP B 1567 -73.11 39.56 21.84
N ILE B 1568 -73.56 40.09 20.70
CA ILE B 1568 -72.68 40.32 19.54
C ILE B 1568 -72.60 41.81 19.30
N VAL B 1569 -71.41 42.37 19.43
CA VAL B 1569 -71.16 43.80 19.27
C VAL B 1569 -70.12 43.99 18.17
N ILE B 1570 -70.39 44.89 17.24
CA ILE B 1570 -69.44 45.27 16.20
C ILE B 1570 -68.95 46.68 16.51
N GLU B 1571 -67.72 46.78 17.01
CA GLU B 1571 -67.13 48.08 17.33
C GLU B 1571 -66.46 48.63 16.08
N SER B 1572 -66.66 49.92 15.82
CA SER B 1572 -66.07 50.59 14.66
C SER B 1572 -65.63 51.98 15.07
N PRO B 1573 -64.33 52.20 15.27
CA PRO B 1573 -63.87 53.50 15.75
C PRO B 1573 -63.73 54.51 14.63
N ILE B 1574 -63.99 55.77 14.96
CA ILE B 1574 -63.79 56.91 14.07
C ILE B 1574 -62.98 57.94 14.83
N HIS B 1575 -61.79 58.26 14.33
CA HIS B 1575 -60.96 59.26 14.96
C HIS B 1575 -60.90 60.49 14.06
N ILE B 1576 -61.34 61.62 14.59
CA ILE B 1576 -61.37 62.89 13.86
C ILE B 1576 -60.37 63.81 14.55
N LYS B 1577 -59.43 64.35 13.77
CA LYS B 1577 -58.34 65.14 14.31
C LYS B 1577 -58.26 66.48 13.60
N LEU B 1578 -58.27 67.56 14.37
CA LEU B 1578 -58.18 68.91 13.82
C LEU B 1578 -56.74 69.23 13.48
N LYS B 1579 -56.56 69.97 12.37
CA LYS B 1579 -55.26 70.50 12.00
C LYS B 1579 -55.05 71.79 12.78
N SER B 1580 -54.13 71.76 13.75
CA SER B 1580 -53.83 72.95 14.53
C SER B 1580 -53.04 73.92 13.69
N LYS B 1581 -53.51 75.16 13.62
CA LYS B 1581 -52.88 76.18 12.78
C LYS B 1581 -51.95 77.09 13.55
N ASP B 1582 -51.31 76.60 14.61
CA ASP B 1582 -50.35 77.40 15.34
C ASP B 1582 -49.04 77.50 14.56
N THR B 1583 -48.24 78.50 14.93
CA THR B 1583 -46.88 78.55 14.41
C THR B 1583 -46.00 77.48 15.02
N SER B 1584 -46.35 76.95 16.19
CA SER B 1584 -45.63 75.84 16.78
C SER B 1584 -45.84 74.55 16.01
N ASN B 1585 -46.89 74.46 15.20
CA ASN B 1585 -47.16 73.29 14.39
C ASN B 1585 -46.45 73.34 13.03
N VAL B 1586 -45.43 74.18 12.92
CA VAL B 1586 -44.65 74.30 11.69
C VAL B 1586 -43.19 74.14 12.04
N ILE B 1587 -42.54 73.15 11.43
CA ILE B 1587 -41.11 72.93 11.64
C ILE B 1587 -40.35 74.01 10.88
N SER B 1588 -39.54 74.78 11.60
CA SER B 1588 -38.72 75.81 11.00
C SER B 1588 -37.27 75.38 11.03
N LEU B 1589 -36.60 75.50 9.88
CA LEU B 1589 -35.17 75.25 9.81
C LEU B 1589 -34.47 76.54 9.43
N HIS B 1590 -33.25 76.70 9.93
CA HIS B 1590 -32.50 77.93 9.78
C HIS B 1590 -31.08 77.60 9.38
N LYS B 1591 -30.34 78.61 8.98
CA LYS B 1591 -28.93 78.47 8.64
C LYS B 1591 -28.17 79.65 9.24
N MET B 1592 -27.41 79.39 10.29
CA MET B 1592 -26.56 80.39 10.88
C MET B 1592 -25.45 80.77 9.91
N PRO B 1593 -24.97 82.02 9.95
CA PRO B 1593 -23.86 82.41 9.08
C PRO B 1593 -22.53 81.80 9.48
N SER B 1594 -22.43 81.22 10.67
CA SER B 1594 -21.22 80.51 11.06
C SER B 1594 -21.06 79.18 10.33
N GLY B 1595 -22.11 78.68 9.69
CA GLY B 1595 -22.05 77.44 8.96
C GLY B 1595 -22.96 76.34 9.49
N THR B 1596 -23.41 76.45 10.74
CA THR B 1596 -24.31 75.45 11.27
C THR B 1596 -25.71 75.62 10.70
N GLN B 1597 -26.55 74.62 10.96
CA GLN B 1597 -27.86 74.56 10.35
C GLN B 1597 -28.77 73.81 11.30
N TYR B 1598 -29.62 74.54 12.03
CA TYR B 1598 -30.45 73.93 13.05
C TYR B 1598 -31.91 73.95 12.62
N MET B 1599 -32.63 72.94 13.08
CA MET B 1599 -34.07 72.87 12.93
C MET B 1599 -34.71 73.22 14.26
N GLN B 1600 -35.64 74.17 14.23
CA GLN B 1600 -36.26 74.68 15.45
C GLN B 1600 -37.73 74.33 15.45
N ILE B 1601 -38.17 73.63 16.50
CA ILE B 1601 -39.57 73.32 16.71
C ILE B 1601 -39.99 74.02 17.99
N GLY B 1602 -40.50 75.23 17.86
CA GLY B 1602 -40.91 76.02 19.00
C GLY B 1602 -39.75 76.41 19.87
N PRO B 1603 -39.78 76.02 21.13
CA PRO B 1603 -38.65 76.34 22.03
C PRO B 1603 -37.45 75.46 21.79
N TYR B 1604 -37.67 74.29 21.19
CA TYR B 1604 -36.61 73.33 21.00
C TYR B 1604 -35.87 73.61 19.69
N ARG B 1605 -34.58 73.32 19.68
CA ARG B 1605 -33.75 73.43 18.48
C ARG B 1605 -32.93 72.16 18.35
N THR B 1606 -32.68 71.74 17.11
CA THR B 1606 -31.97 70.51 16.84
C THR B 1606 -30.98 70.74 15.71
N ARG B 1607 -29.71 70.42 15.97
CA ARG B 1607 -28.67 70.62 14.98
C ARG B 1607 -28.76 69.55 13.90
N LEU B 1608 -28.61 69.96 12.64
CA LEU B 1608 -28.64 69.04 11.52
C LEU B 1608 -27.31 68.93 10.79
N ASN B 1609 -26.41 69.88 11.00
CA ASN B 1609 -25.16 69.96 10.27
C ASN B 1609 -24.00 69.81 11.24
N THR B 1610 -22.79 69.88 10.69
CA THR B 1610 -21.58 69.91 11.50
C THR B 1610 -20.47 70.61 10.73
N LEU B 1611 -19.53 71.19 11.49
CA LEU B 1611 -18.36 71.84 10.91
C LEU B 1611 -17.11 71.00 11.11
N PHE B 1612 -17.29 69.69 11.25
CA PHE B 1612 -16.17 68.83 11.61
C PHE B 1612 -15.23 68.61 10.43
N SER B 1613 -15.76 68.56 9.22
CA SER B 1613 -14.92 68.36 8.04
C SER B 1613 -14.05 69.57 7.76
N ARG B 1614 -14.46 70.75 8.22
CA ARG B 1614 -13.62 71.92 8.04
C ARG B 1614 -12.43 71.93 8.99
N LYS B 1615 -12.53 71.24 10.12
CA LYS B 1615 -11.40 71.10 11.02
C LYS B 1615 -10.64 69.80 10.84
N LEU B 1616 -11.17 68.88 10.02
CA LEU B 1616 -10.61 67.54 9.96
C LEU B 1616 -9.32 67.49 9.17
N ALA B 1617 -9.15 68.37 8.17
CA ALA B 1617 -8.05 68.24 7.24
C ALA B 1617 -6.71 68.56 7.87
N GLU B 1618 -6.71 69.49 8.84
CA GLU B 1618 -5.48 69.86 9.53
C GLU B 1618 -4.97 68.71 10.39
N ARG B 1619 -5.87 67.92 10.95
CA ARG B 1619 -5.46 66.74 11.69
C ARG B 1619 -5.04 65.62 10.74
N ALA B 1620 -5.77 65.47 9.63
CA ALA B 1620 -5.56 64.34 8.73
C ALA B 1620 -4.26 64.44 7.98
N ASN B 1621 -3.88 65.64 7.54
CA ASN B 1621 -2.62 65.78 6.84
C ASN B 1621 -1.43 65.70 7.79
N ILE B 1622 -1.64 65.96 9.08
CA ILE B 1622 -0.58 65.74 10.05
C ILE B 1622 -0.39 64.25 10.29
N GLY B 1623 -1.46 63.54 10.62
CA GLY B 1623 -1.29 62.13 10.91
C GLY B 1623 -2.61 61.44 11.22
N ILE B 1624 -2.62 60.14 10.92
CA ILE B 1624 -3.75 59.29 11.20
C ILE B 1624 -3.92 59.05 12.70
N ASP B 1625 -2.85 59.21 13.48
CA ASP B 1625 -3.01 59.19 14.93
C ASP B 1625 -3.77 60.39 15.42
N ASN B 1626 -3.64 61.52 14.72
CA ASN B 1626 -4.23 62.76 15.18
C ASN B 1626 -5.74 62.83 14.96
N VAL B 1627 -6.26 62.17 13.92
CA VAL B 1627 -7.70 62.21 13.73
C VAL B 1627 -8.40 61.30 14.71
N LEU B 1628 -7.75 60.23 15.16
CA LEU B 1628 -8.32 59.34 16.16
C LEU B 1628 -7.92 59.72 17.57
N SER B 1629 -7.37 60.90 17.77
CA SER B 1629 -7.09 61.38 19.10
C SER B 1629 -8.36 61.82 19.79
N MET B 1630 -8.27 61.99 21.11
CA MET B 1630 -9.40 62.50 21.86
C MET B 1630 -9.55 64.00 21.70
N GLU B 1631 -8.50 64.69 21.27
CA GLU B 1631 -8.59 66.11 20.96
C GLU B 1631 -9.54 66.35 19.78
N THR B 1632 -9.54 65.44 18.81
CA THR B 1632 -10.44 65.58 17.67
C THR B 1632 -11.87 65.36 18.08
N GLN B 1633 -12.10 64.61 19.16
CA GLN B 1633 -13.45 64.42 19.64
C GLN B 1633 -13.89 65.55 20.55
N ASN B 1634 -12.95 66.18 21.24
CA ASN B 1634 -13.27 67.33 22.10
C ASN B 1634 -13.06 68.64 21.35
N LEU B 1635 -13.74 68.77 20.23
CA LEU B 1635 -13.66 70.02 19.46
C LEU B 1635 -14.99 70.74 19.52
N PRO B 1636 -15.00 72.04 19.78
CA PRO B 1636 -16.27 72.74 20.01
C PRO B 1636 -17.02 72.99 18.71
N GLU B 1637 -18.27 73.39 18.87
CA GLU B 1637 -19.20 73.66 17.79
C GLU B 1637 -20.09 74.82 18.17
N PRO B 1638 -20.63 75.55 17.19
CA PRO B 1638 -21.52 76.69 17.50
C PRO B 1638 -22.83 76.24 18.13
N GLN B 1639 -23.56 77.22 18.66
CA GLN B 1639 -24.59 76.94 19.64
C GLN B 1639 -26.02 77.22 19.17
N LEU B 1640 -26.30 77.05 17.86
CA LEU B 1640 -27.64 76.96 17.28
C LEU B 1640 -28.48 78.23 17.54
N GLY B 1641 -28.02 79.31 16.94
CA GLY B 1641 -28.69 80.58 17.08
C GLY B 1641 -28.00 81.44 18.13
N GLU B 1642 -28.72 82.49 18.55
CA GLU B 1642 -28.17 83.40 19.55
C GLU B 1642 -27.97 82.71 20.89
N GLY B 1643 -29.07 82.40 21.56
CA GLY B 1643 -29.10 81.56 22.75
C GLY B 1643 -28.29 81.96 23.96
N PHE B 1644 -28.47 81.20 25.04
CA PHE B 1644 -27.63 81.24 26.23
C PHE B 1644 -27.92 79.98 27.03
N TYR B 1645 -27.14 79.78 28.08
CA TYR B 1645 -27.33 78.64 28.97
C TYR B 1645 -27.58 79.12 30.39
N ALA B 1646 -28.07 78.20 31.21
CA ALA B 1646 -28.37 78.51 32.60
C ALA B 1646 -28.35 77.22 33.41
N THR B 1647 -27.59 77.24 34.51
CA THR B 1647 -27.49 76.07 35.38
C THR B 1647 -28.45 76.25 36.55
N PHE B 1648 -29.29 75.25 36.78
CA PHE B 1648 -30.34 75.31 37.80
C PHE B 1648 -30.03 74.33 38.90
N LYS B 1649 -29.49 74.83 40.01
CA LYS B 1649 -29.22 73.98 41.16
C LYS B 1649 -30.50 73.78 41.95
N LEU B 1650 -30.74 72.54 42.38
CA LEU B 1650 -32.03 72.16 42.88
C LEU B 1650 -31.96 71.66 44.32
N PRO B 1651 -33.03 71.84 45.09
CA PRO B 1651 -33.03 71.40 46.49
C PRO B 1651 -33.08 69.88 46.60
N PRO B 1652 -32.74 69.32 47.76
CA PRO B 1652 -32.96 67.88 47.98
C PRO B 1652 -34.44 67.56 48.02
N TYR B 1653 -34.74 66.29 47.81
CA TYR B 1653 -36.11 65.80 47.95
C TYR B 1653 -36.34 65.39 49.39
N ASN B 1654 -37.41 65.91 49.99
CA ASN B 1654 -37.72 65.59 51.38
C ASN B 1654 -39.22 65.43 51.62
N LYS B 1655 -39.96 65.02 50.59
CA LYS B 1655 -41.39 64.70 50.63
C LYS B 1655 -42.30 65.89 50.95
N GLU B 1656 -41.72 67.06 51.13
CA GLU B 1656 -42.44 68.31 51.30
C GLU B 1656 -41.65 69.38 50.58
N GLU B 1657 -42.38 70.41 50.11
CA GLU B 1657 -42.01 71.42 49.11
C GLU B 1657 -41.88 70.84 47.71
N HIS B 1658 -42.04 69.52 47.55
CA HIS B 1658 -41.98 68.89 46.24
C HIS B 1658 -43.23 68.05 46.05
N GLY B 1659 -43.69 67.44 47.14
CA GLY B 1659 -44.86 66.58 47.06
C GLY B 1659 -44.49 65.13 47.27
N ASP B 1660 -44.97 64.27 46.38
CA ASP B 1660 -44.81 62.83 46.54
C ASP B 1660 -44.03 62.18 45.40
N GLU B 1661 -44.34 62.55 44.15
CA GLU B 1661 -43.93 61.75 43.01
C GLU B 1661 -42.46 61.92 42.62
N ARG B 1662 -41.74 62.87 43.24
CA ARG B 1662 -40.28 63.01 43.13
C ARG B 1662 -39.82 63.26 41.70
N TRP B 1663 -40.26 64.39 41.14
CA TRP B 1663 -39.68 64.90 39.91
C TRP B 1663 -39.74 66.41 39.93
N PHE B 1664 -39.26 67.02 38.85
CA PHE B 1664 -39.39 68.45 38.63
C PHE B 1664 -39.61 68.71 37.15
N LYS B 1665 -40.47 69.66 36.84
CA LYS B 1665 -40.76 70.01 35.46
C LYS B 1665 -40.38 71.47 35.27
N ILE B 1666 -39.18 71.70 34.72
CA ILE B 1666 -38.73 73.05 34.43
C ILE B 1666 -39.54 73.57 33.26
N HIS B 1667 -40.51 74.42 33.55
CA HIS B 1667 -41.36 74.96 32.50
C HIS B 1667 -40.79 76.28 32.02
N ILE B 1668 -41.48 76.89 31.07
CA ILE B 1668 -40.99 78.10 30.42
C ILE B 1668 -42.18 78.96 30.04
N GLY B 1669 -41.94 80.27 29.93
CA GLY B 1669 -42.98 81.20 29.56
C GLY B 1669 -42.40 82.40 28.83
N ASN B 1670 -43.30 83.13 28.18
CA ASN B 1670 -43.02 84.35 27.41
C ASN B 1670 -41.99 84.10 26.31
N ILE B 1671 -42.27 83.12 25.45
CA ILE B 1671 -41.40 82.93 24.30
C ILE B 1671 -42.09 83.49 23.07
N ASP B 1672 -43.17 82.86 22.66
CA ASP B 1672 -43.88 83.23 21.45
C ASP B 1672 -44.86 84.35 21.80
N GLY B 1673 -45.82 84.62 20.91
CA GLY B 1673 -46.97 85.43 21.29
C GLY B 1673 -47.75 84.82 22.43
N ASN B 1674 -47.77 83.48 22.51
CA ASN B 1674 -48.23 82.79 23.70
C ASN B 1674 -47.29 83.09 24.86
N SER B 1675 -47.82 83.74 25.89
CA SER B 1675 -47.08 84.04 27.12
C SER B 1675 -47.73 83.24 28.23
N ALA B 1676 -47.38 81.97 28.32
CA ALA B 1676 -47.96 81.07 29.31
C ALA B 1676 -46.99 79.94 29.59
N ARG B 1677 -47.39 79.05 30.48
CA ARG B 1677 -46.54 77.98 30.98
C ARG B 1677 -46.47 76.87 29.93
N GLN B 1678 -45.27 76.60 29.42
CA GLN B 1678 -45.03 75.51 28.49
C GLN B 1678 -44.07 74.49 29.09
N PRO B 1679 -44.32 73.20 28.91
CA PRO B 1679 -43.44 72.18 29.53
C PRO B 1679 -42.11 72.04 28.82
N TYR B 1680 -41.15 72.89 29.19
CA TYR B 1680 -39.86 72.92 28.49
C TYR B 1680 -39.03 71.68 28.77
N TYR B 1681 -38.65 71.46 30.03
CA TYR B 1681 -37.76 70.37 30.37
C TYR B 1681 -38.26 69.68 31.63
N GLU B 1682 -38.12 68.37 31.66
CA GLU B 1682 -38.53 67.57 32.80
C GLU B 1682 -37.35 66.77 33.29
N GLY B 1683 -37.20 66.67 34.60
CA GLY B 1683 -36.21 65.79 35.19
C GLY B 1683 -36.73 65.16 36.45
N MET B 1684 -36.06 64.09 36.86
CA MET B 1684 -36.42 63.42 38.10
C MET B 1684 -35.65 64.05 39.25
N LEU B 1685 -36.37 64.45 40.29
CA LEU B 1685 -35.75 65.05 41.46
C LEU B 1685 -34.97 63.99 42.24
N SER B 1686 -33.82 64.40 42.75
CA SER B 1686 -32.83 63.48 43.31
C SER B 1686 -32.48 63.92 44.71
N ASP B 1687 -31.36 63.41 45.22
CA ASP B 1687 -30.85 63.72 46.55
C ASP B 1687 -30.23 65.11 46.61
N ILE B 1688 -29.40 65.32 47.64
CA ILE B 1688 -28.97 66.59 48.22
C ILE B 1688 -28.70 67.72 47.23
N GLU B 1689 -28.02 67.42 46.13
CA GLU B 1689 -27.70 68.46 45.17
C GLU B 1689 -27.85 67.90 43.76
N THR B 1690 -28.49 68.66 42.88
CA THR B 1690 -28.58 68.31 41.48
C THR B 1690 -28.68 69.59 40.65
N THR B 1691 -27.87 69.67 39.60
CA THR B 1691 -27.86 70.81 38.71
C THR B 1691 -28.19 70.35 37.30
N VAL B 1692 -28.62 71.30 36.48
CA VAL B 1692 -28.94 71.02 35.08
C VAL B 1692 -28.71 72.29 34.27
N THR B 1693 -27.90 72.18 33.22
CA THR B 1693 -27.66 73.28 32.30
C THR B 1693 -28.67 73.18 31.17
N LEU B 1694 -29.43 74.25 30.95
CA LEU B 1694 -30.43 74.29 29.90
C LEU B 1694 -30.13 75.40 28.91
N PHE B 1695 -30.17 75.06 27.64
CA PHE B 1695 -30.01 76.06 26.59
C PHE B 1695 -31.34 76.77 26.36
N VAL B 1696 -31.32 78.09 26.40
CA VAL B 1696 -32.51 78.90 26.16
C VAL B 1696 -32.22 79.78 24.94
N PRO B 1697 -33.02 79.70 23.88
CA PRO B 1697 -32.70 80.44 22.66
C PRO B 1697 -33.17 81.88 22.75
N TYR B 1698 -32.97 82.59 21.64
CA TYR B 1698 -33.42 83.96 21.49
C TYR B 1698 -33.55 84.25 20.01
N ALA B 1699 -34.61 84.96 19.63
CA ALA B 1699 -34.85 85.17 18.21
C ALA B 1699 -35.30 86.58 17.88
N LYS B 1700 -35.39 87.45 18.89
CA LYS B 1700 -35.67 88.90 18.79
C LYS B 1700 -37.09 89.22 18.34
N GLY B 1701 -37.86 88.22 17.95
CA GLY B 1701 -39.28 88.37 17.76
C GLY B 1701 -39.95 87.63 18.90
N TYR B 1702 -39.12 86.97 19.68
CA TYR B 1702 -39.55 86.27 20.87
C TYR B 1702 -39.65 87.26 22.03
N TYR B 1703 -39.78 86.73 23.25
CA TYR B 1703 -39.60 87.46 24.51
C TYR B 1703 -40.62 88.60 24.65
N ILE B 1704 -41.89 88.18 24.83
CA ILE B 1704 -43.00 89.13 24.72
C ILE B 1704 -43.01 90.11 25.90
N ARG B 1705 -43.15 89.61 27.13
CA ARG B 1705 -43.24 90.48 28.29
C ARG B 1705 -42.15 90.11 29.28
N GLU B 1706 -41.28 91.08 29.59
CA GLU B 1706 -40.15 90.95 30.51
C GLU B 1706 -39.17 89.85 30.13
N GLY B 1707 -39.22 89.37 28.89
CA GLY B 1707 -38.41 88.26 28.47
C GLY B 1707 -38.85 86.94 29.03
N VAL B 1708 -38.02 85.92 28.79
CA VAL B 1708 -38.37 84.54 29.11
C VAL B 1708 -38.31 84.32 30.61
N ARG B 1709 -39.39 83.76 31.17
CA ARG B 1709 -39.40 83.27 32.53
C ARG B 1709 -39.21 81.76 32.52
N LEU B 1710 -38.71 81.23 33.64
CA LEU B 1710 -38.33 79.82 33.74
C LEU B 1710 -38.54 79.37 35.18
N GLY B 1711 -39.63 78.63 35.41
CA GLY B 1711 -39.98 78.16 36.73
C GLY B 1711 -39.93 76.65 36.84
N VAL B 1712 -40.01 76.18 38.08
CA VAL B 1712 -39.96 74.76 38.40
C VAL B 1712 -41.37 74.25 38.60
N GLY B 1713 -41.58 72.96 38.33
CA GLY B 1713 -42.82 72.29 38.64
C GLY B 1713 -42.56 71.22 39.69
N TYR B 1714 -43.62 70.79 40.36
CA TYR B 1714 -43.51 69.78 41.39
C TYR B 1714 -44.80 68.99 41.47
N LYS B 1715 -44.76 67.88 42.21
CA LYS B 1715 -45.99 67.20 42.61
C LYS B 1715 -46.78 68.07 43.57
N LYS B 1716 -46.10 68.88 44.38
CA LYS B 1716 -46.75 69.92 45.17
C LYS B 1716 -47.03 71.16 44.33
N ILE B 1717 -47.29 72.28 44.99
CA ILE B 1717 -47.61 73.52 44.30
C ILE B 1717 -46.38 74.01 43.55
N ILE B 1718 -46.57 74.32 42.27
CA ILE B 1718 -45.47 74.78 41.44
C ILE B 1718 -45.23 76.26 41.69
N TYR B 1719 -44.09 76.73 41.17
CA TYR B 1719 -43.65 78.10 41.31
C TYR B 1719 -44.13 78.93 40.14
N ASP B 1720 -43.45 80.06 39.89
CA ASP B 1720 -43.75 81.04 38.85
C ASP B 1720 -45.11 81.70 39.10
N LYS B 1721 -45.19 82.47 40.17
CA LYS B 1721 -46.31 83.39 40.42
C LYS B 1721 -45.69 84.69 40.92
N SER B 1722 -45.63 85.69 40.04
CA SER B 1722 -45.16 87.05 40.35
C SER B 1722 -43.73 87.04 40.87
N TRP B 1723 -42.82 86.72 39.95
CA TRP B 1723 -41.35 86.72 40.05
C TRP B 1723 -40.82 85.55 40.87
N GLU B 1724 -41.60 84.49 41.06
CA GLU B 1724 -41.04 83.28 41.62
C GLU B 1724 -40.09 82.60 40.65
N SER B 1725 -40.39 82.68 39.36
CA SER B 1725 -39.54 82.09 38.34
C SER B 1725 -38.32 82.95 38.09
N ALA B 1726 -37.49 82.50 37.15
CA ALA B 1726 -36.26 83.19 36.77
C ALA B 1726 -36.52 83.92 35.46
N PHE B 1727 -36.73 85.23 35.55
CA PHE B 1727 -36.95 86.06 34.38
C PHE B 1727 -35.61 86.49 33.80
N PHE B 1728 -35.42 86.22 32.53
CA PHE B 1728 -34.25 86.67 31.78
C PHE B 1728 -34.70 87.63 30.69
N TYR B 1729 -33.77 88.48 30.25
CA TYR B 1729 -34.04 89.28 29.07
C TYR B 1729 -32.70 89.53 28.39
N PHE B 1730 -32.77 89.88 27.11
CA PHE B 1730 -31.60 90.14 26.30
C PHE B 1730 -31.34 91.63 26.30
N ASP B 1731 -30.25 92.03 26.94
CA ASP B 1731 -29.81 93.42 26.88
C ASP B 1731 -29.33 93.71 25.46
N GLU B 1732 -30.10 94.52 24.75
CA GLU B 1732 -29.73 94.87 23.38
C GLU B 1732 -28.51 95.78 23.36
N THR B 1733 -28.32 96.58 24.40
CA THR B 1733 -27.21 97.53 24.43
C THR B 1733 -25.88 96.82 24.59
N LYS B 1734 -25.74 96.00 25.63
CA LYS B 1734 -24.50 95.29 25.86
C LYS B 1734 -24.41 93.99 25.07
N ASN B 1735 -25.45 93.66 24.29
CA ASN B 1735 -25.49 92.49 23.41
C ASN B 1735 -25.30 91.19 24.19
N GLN B 1736 -25.87 91.15 25.39
CA GLN B 1736 -25.73 90.00 26.27
C GLN B 1736 -27.06 89.76 26.96
N PHE B 1737 -27.14 88.66 27.68
CA PHE B 1737 -28.35 88.25 28.34
C PHE B 1737 -28.23 88.51 29.83
N ILE B 1738 -29.28 89.09 30.40
CA ILE B 1738 -29.24 89.59 31.77
C ILE B 1738 -30.21 88.76 32.60
N PHE B 1739 -29.71 88.16 33.67
CA PHE B 1739 -30.55 87.63 34.72
C PHE B 1739 -31.14 88.79 35.50
N ILE B 1740 -32.47 88.83 35.59
CA ILE B 1740 -33.11 89.96 36.25
C ILE B 1740 -33.53 89.59 37.67
N ASN B 1741 -33.76 88.30 37.91
CA ASN B 1741 -34.29 87.87 39.20
C ASN B 1741 -33.19 87.52 40.18
N ASP B 1742 -32.00 88.08 40.00
CA ASP B 1742 -30.82 87.76 40.81
C ASP B 1742 -31.00 88.04 42.30
N ALA B 1743 -31.16 89.31 42.66
CA ALA B 1743 -31.43 89.69 44.03
C ALA B 1743 -32.90 90.08 44.16
N ASP B 1744 -33.29 90.63 45.31
CA ASP B 1744 -34.59 91.27 45.46
C ASP B 1744 -34.45 92.71 45.00
N HIS B 1745 -34.37 92.89 43.69
CA HIS B 1745 -33.99 94.18 43.13
C HIS B 1745 -35.14 95.18 43.16
N ASP B 1746 -34.79 96.44 43.33
CA ASP B 1746 -35.73 97.54 43.26
C ASP B 1746 -35.33 98.45 42.11
N SER B 1747 -36.33 98.89 41.34
CA SER B 1747 -36.17 99.67 40.12
C SER B 1747 -35.24 98.97 39.12
N GLY B 1748 -35.64 97.76 38.73
CA GLY B 1748 -34.86 96.94 37.85
C GLY B 1748 -35.33 97.01 36.40
N MET B 1749 -34.37 96.85 35.50
CA MET B 1749 -34.63 96.98 34.08
C MET B 1749 -35.00 95.64 33.46
N THR B 1750 -36.12 95.59 32.77
CA THR B 1750 -36.48 94.46 31.94
C THR B 1750 -36.38 94.88 30.47
N GLN B 1751 -36.80 93.99 29.57
CA GLN B 1751 -36.85 94.36 28.17
C GLN B 1751 -37.96 95.34 27.86
N GLN B 1752 -39.03 95.36 28.65
CA GLN B 1752 -40.06 96.36 28.48
C GLN B 1752 -39.57 97.71 28.97
N GLY B 1753 -38.91 97.72 30.12
CA GLY B 1753 -38.37 98.94 30.66
C GLY B 1753 -37.89 98.72 32.07
N ILE B 1754 -37.95 99.79 32.86
CA ILE B 1754 -37.62 99.70 34.28
C ILE B 1754 -38.89 99.37 35.05
N VAL B 1755 -38.90 98.19 35.67
CA VAL B 1755 -40.00 97.82 36.55
C VAL B 1755 -39.54 98.06 37.98
N LYS B 1756 -40.52 98.27 38.87
CA LYS B 1756 -40.22 98.82 40.19
C LYS B 1756 -39.68 97.76 41.14
N ASN B 1757 -40.46 96.73 41.42
CA ASN B 1757 -40.15 95.78 42.48
C ASN B 1757 -39.93 94.39 41.89
N ILE B 1758 -38.72 93.87 42.06
CA ILE B 1758 -38.33 92.56 41.55
C ILE B 1758 -37.95 91.70 42.75
N LYS B 1759 -38.50 90.49 42.79
CA LYS B 1759 -38.15 89.56 43.85
C LYS B 1759 -37.01 88.65 43.41
N LYS B 1760 -36.77 87.61 44.21
CA LYS B 1760 -35.77 86.62 43.87
C LYS B 1760 -36.43 85.39 43.27
N TYR B 1761 -35.66 84.63 42.51
CA TYR B 1761 -36.14 83.36 41.97
C TYR B 1761 -36.34 82.36 43.09
N LYS B 1762 -37.43 81.62 43.02
CA LYS B 1762 -37.78 80.67 44.06
C LYS B 1762 -37.99 79.29 43.45
N GLY B 1763 -37.73 78.27 44.24
CA GLY B 1763 -37.83 76.91 43.75
C GLY B 1763 -36.46 76.33 43.47
N PHE B 1764 -35.60 77.13 42.86
CA PHE B 1764 -34.23 76.71 42.61
C PHE B 1764 -33.38 77.02 43.84
N ILE B 1765 -32.09 76.73 43.74
CA ILE B 1765 -31.10 77.20 44.69
C ILE B 1765 -30.18 78.25 44.08
N HIS B 1766 -29.58 77.93 42.94
CA HIS B 1766 -28.70 78.87 42.26
C HIS B 1766 -28.96 78.80 40.77
N VAL B 1767 -29.24 79.94 40.17
CA VAL B 1767 -29.41 80.08 38.72
C VAL B 1767 -28.41 81.13 38.27
N VAL B 1768 -27.63 80.83 37.24
CA VAL B 1768 -26.66 81.79 36.71
C VAL B 1768 -26.45 81.49 35.24
N VAL B 1769 -26.01 82.51 34.49
CA VAL B 1769 -25.69 82.33 33.08
C VAL B 1769 -24.35 81.63 32.96
N MET B 1770 -24.25 80.71 32.00
CA MET B 1770 -23.11 79.80 31.93
C MET B 1770 -21.97 80.30 31.05
N LYS B 1771 -22.09 81.48 30.44
CA LYS B 1771 -20.99 82.23 29.83
C LYS B 1771 -20.24 81.48 28.74
N ASN B 1772 -20.91 81.24 27.60
CA ASN B 1772 -20.35 80.61 26.40
C ASN B 1772 -19.85 79.19 26.66
N ASN B 1773 -20.77 78.28 26.91
CA ASN B 1773 -20.46 76.86 26.95
C ASN B 1773 -20.04 76.35 25.56
N THR B 1774 -19.50 75.13 25.54
CA THR B 1774 -18.85 74.58 24.34
C THR B 1774 -19.78 73.70 23.51
N GLU B 1775 -20.44 72.71 24.16
CA GLU B 1775 -21.22 71.58 23.62
C GLU B 1775 -20.48 70.94 22.44
N PRO B 1776 -19.42 70.15 22.70
CA PRO B 1776 -18.43 69.81 21.66
C PRO B 1776 -18.92 69.06 20.43
N MET B 1777 -19.42 67.84 20.55
CA MET B 1777 -19.62 67.08 19.33
C MET B 1777 -20.94 66.32 19.21
N ASP B 1778 -21.68 66.10 20.30
CA ASP B 1778 -23.04 65.55 20.30
C ASP B 1778 -23.09 64.16 19.66
N PHE B 1779 -22.48 63.21 20.37
CA PHE B 1779 -22.52 61.80 19.97
C PHE B 1779 -23.89 61.15 20.17
N ASN B 1780 -24.92 61.89 20.58
CA ASN B 1780 -26.30 61.44 20.54
C ASN B 1780 -27.11 62.27 19.55
N GLY B 1781 -26.45 62.85 18.55
CA GLY B 1781 -27.08 63.80 17.65
C GLY B 1781 -27.48 63.17 16.33
N ALA B 1782 -27.53 64.01 15.30
CA ALA B 1782 -27.99 63.54 14.00
C ALA B 1782 -26.92 62.72 13.29
N ASN B 1783 -25.67 63.18 13.31
CA ASN B 1783 -24.56 62.46 12.71
C ASN B 1783 -23.84 61.57 13.73
N ALA B 1784 -24.58 61.11 14.73
CA ALA B 1784 -24.00 60.27 15.78
C ALA B 1784 -23.54 58.94 15.22
N ILE B 1785 -24.26 58.41 14.23
CA ILE B 1785 -23.87 57.14 13.63
C ILE B 1785 -22.58 57.29 12.84
N TYR B 1786 -22.41 58.40 12.12
CA TYR B 1786 -21.17 58.61 11.38
C TYR B 1786 -20.00 58.85 12.31
N PHE B 1787 -20.23 59.59 13.40
CA PHE B 1787 -19.15 59.82 14.36
C PHE B 1787 -18.74 58.54 15.07
N TRP B 1788 -19.71 57.71 15.41
CA TRP B 1788 -19.40 56.44 16.07
C TRP B 1788 -18.69 55.49 15.12
N GLU B 1789 -19.10 55.48 13.85
CA GLU B 1789 -18.42 54.64 12.87
C GLU B 1789 -17.01 55.10 12.60
N LEU B 1790 -16.76 56.41 12.66
CA LEU B 1790 -15.39 56.88 12.49
C LEU B 1790 -14.54 56.56 13.70
N PHE B 1791 -15.05 56.80 14.89
CA PHE B 1791 -14.17 56.78 16.06
C PHE B 1791 -14.12 55.44 16.80
N TYR B 1792 -15.09 54.55 16.59
CA TYR B 1792 -15.06 53.26 17.26
C TYR B 1792 -15.10 52.10 16.28
N TYR B 1793 -16.03 52.12 15.33
CA TYR B 1793 -16.27 50.94 14.52
C TYR B 1793 -15.17 50.71 13.49
N THR B 1794 -14.66 51.79 12.91
CA THR B 1794 -13.59 51.67 11.93
C THR B 1794 -12.28 51.14 12.52
N PRO B 1795 -11.76 51.63 13.67
CA PRO B 1795 -10.56 50.98 14.21
C PRO B 1795 -10.83 49.57 14.70
N MET B 1796 -12.04 49.28 15.14
CA MET B 1796 -12.37 47.92 15.55
C MET B 1796 -12.40 46.97 14.35
N MET B 1797 -13.01 47.39 13.24
CA MET B 1797 -13.03 46.56 12.05
C MET B 1797 -11.63 46.38 11.47
N VAL B 1798 -10.84 47.44 11.43
CA VAL B 1798 -9.48 47.37 10.91
C VAL B 1798 -8.61 46.47 11.78
N PHE B 1799 -8.77 46.58 13.10
CA PHE B 1799 -8.01 45.75 14.02
C PHE B 1799 -8.41 44.28 13.91
N GLN B 1800 -9.71 44.03 13.75
CA GLN B 1800 -10.17 42.65 13.61
C GLN B 1800 -9.67 42.02 12.32
N ARG B 1801 -9.66 42.81 11.24
CA ARG B 1801 -9.14 42.31 9.97
C ARG B 1801 -7.64 42.09 10.02
N LEU B 1802 -6.90 42.96 10.73
CA LEU B 1802 -5.47 42.74 10.88
C LEU B 1802 -5.17 41.57 11.81
N LEU B 1803 -6.07 41.26 12.71
CA LEU B 1803 -5.90 40.05 13.51
C LEU B 1803 -6.15 38.81 12.68
N GLN B 1804 -7.16 38.85 11.82
CA GLN B 1804 -7.44 37.71 10.96
C GLN B 1804 -6.36 37.49 9.91
N GLU B 1805 -5.68 38.55 9.49
CA GLU B 1805 -4.55 38.41 8.58
C GLU B 1805 -3.22 38.37 9.32
N GLN B 1806 -3.25 38.46 10.65
CA GLN B 1806 -2.11 38.24 11.53
C GLN B 1806 -0.97 39.21 11.30
N ASN B 1807 -1.30 40.47 11.06
CA ASN B 1807 -0.30 41.54 11.16
C ASN B 1807 -0.38 42.05 12.58
N PHE B 1808 0.41 41.41 13.45
CA PHE B 1808 0.24 41.60 14.89
C PHE B 1808 0.71 42.97 15.35
N THR B 1809 1.85 43.44 14.84
CA THR B 1809 2.40 44.70 15.30
C THR B 1809 1.59 45.90 14.82
N GLU B 1810 0.78 45.73 13.78
CA GLU B 1810 -0.14 46.78 13.36
C GLU B 1810 -1.50 46.62 14.00
N SER B 1811 -1.92 45.38 14.28
CA SER B 1811 -3.17 45.16 14.97
C SER B 1811 -3.12 45.72 16.38
N THR B 1812 -1.96 45.59 17.04
CA THR B 1812 -1.86 46.16 18.38
C THR B 1812 -1.81 47.68 18.32
N ARG B 1813 -1.33 48.26 17.22
CA ARG B 1813 -1.37 49.72 17.06
C ARG B 1813 -2.80 50.19 16.88
N TRP B 1814 -3.56 49.51 16.03
CA TRP B 1814 -4.95 49.89 15.82
C TRP B 1814 -5.82 49.61 17.03
N LEU B 1815 -5.39 48.72 17.92
CA LEU B 1815 -6.05 48.63 19.21
C LEU B 1815 -5.59 49.73 20.16
N ARG B 1816 -4.34 50.18 20.05
CA ARG B 1816 -3.89 51.33 20.83
C ARG B 1816 -4.62 52.60 20.44
N TYR B 1817 -5.17 52.67 19.23
CA TYR B 1817 -5.94 53.85 18.83
C TYR B 1817 -7.26 54.00 19.58
N ILE B 1818 -7.70 52.97 20.30
CA ILE B 1818 -8.95 53.07 21.03
C ILE B 1818 -8.71 52.78 22.50
N TRP B 1819 -8.00 51.70 22.81
CA TRP B 1819 -7.71 51.34 24.19
C TRP B 1819 -6.21 51.24 24.42
N ASN B 1820 -5.74 51.94 25.42
CA ASN B 1820 -4.40 51.70 25.91
C ASN B 1820 -4.45 51.62 27.42
N PRO B 1821 -4.08 50.47 28.00
CA PRO B 1821 -4.00 50.40 29.47
C PRO B 1821 -2.86 51.20 30.04
N ALA B 1822 -1.87 51.56 29.23
CA ALA B 1822 -0.71 52.30 29.70
C ALA B 1822 -0.89 53.81 29.59
N GLY B 1823 -2.11 54.30 29.43
CA GLY B 1823 -2.33 55.72 29.27
C GLY B 1823 -1.90 56.20 27.90
N TYR B 1824 -1.97 57.50 27.70
CA TYR B 1824 -1.66 58.10 26.41
C TYR B 1824 -0.71 59.26 26.59
N SER B 1825 0.29 59.33 25.71
CA SER B 1825 1.30 60.39 25.74
C SER B 1825 0.84 61.49 24.80
N VAL B 1826 0.37 62.60 25.38
CA VAL B 1826 -0.12 63.73 24.61
C VAL B 1826 0.78 64.93 24.88
N GLN B 1827 1.46 65.40 23.83
CA GLN B 1827 2.43 66.49 23.87
C GLN B 1827 3.52 66.25 24.91
N GLY B 1828 4.00 65.01 24.97
CA GLY B 1828 5.05 64.63 25.89
C GLY B 1828 4.60 64.25 27.28
N GLU B 1829 3.39 64.62 27.68
CA GLU B 1829 2.92 64.29 29.02
C GLU B 1829 1.88 63.18 28.95
N MET B 1830 1.73 62.48 30.06
CA MET B 1830 0.77 61.38 30.14
C MET B 1830 -0.63 61.93 30.36
N GLN B 1831 -1.62 61.09 30.08
CA GLN B 1831 -3.00 61.48 30.30
C GLN B 1831 -3.59 60.72 31.47
N ASP B 1832 -4.79 61.15 31.88
CA ASP B 1832 -5.46 60.58 33.03
C ASP B 1832 -6.49 59.52 32.66
N TYR B 1833 -6.63 59.20 31.38
CA TYR B 1833 -7.62 58.24 30.94
C TYR B 1833 -6.94 57.06 30.28
N TYR B 1834 -7.77 56.11 29.85
CA TYR B 1834 -7.29 54.94 29.13
C TYR B 1834 -8.12 54.62 27.90
N TRP B 1835 -9.27 55.26 27.72
CA TRP B 1835 -10.12 55.04 26.57
C TRP B 1835 -10.09 56.27 25.68
N ASN B 1836 -9.72 56.07 24.43
CA ASN B 1836 -9.55 57.17 23.50
C ASN B 1836 -10.86 57.67 22.91
N VAL B 1837 -11.99 57.11 23.32
CA VAL B 1837 -13.30 57.49 22.81
C VAL B 1837 -14.09 58.10 23.96
N ARG B 1838 -14.51 59.35 23.82
CA ARG B 1838 -15.27 59.95 24.91
C ARG B 1838 -16.67 59.38 25.14
N PRO B 1839 -17.45 58.94 24.16
CA PRO B 1839 -18.67 58.20 24.53
C PRO B 1839 -18.42 56.81 25.08
N LEU B 1840 -17.18 56.32 25.05
CA LEU B 1840 -16.82 55.14 25.83
C LEU B 1840 -16.36 55.50 27.23
N GLU B 1841 -15.76 56.67 27.40
CA GLU B 1841 -15.45 57.13 28.75
C GLU B 1841 -16.72 57.45 29.52
N GLU B 1842 -17.50 58.40 29.01
CA GLU B 1842 -18.81 58.68 29.58
C GLU B 1842 -19.85 57.91 28.78
N ASP B 1843 -20.60 57.05 29.47
CA ASP B 1843 -21.50 56.12 28.81
C ASP B 1843 -22.71 56.85 28.22
N THR B 1844 -22.64 57.15 26.93
CA THR B 1844 -23.65 57.93 26.25
C THR B 1844 -24.71 56.96 25.71
N SER B 1845 -25.97 57.27 25.96
CA SER B 1845 -27.04 56.44 25.44
C SER B 1845 -27.17 56.69 23.94
N TRP B 1846 -26.47 55.88 23.15
CA TRP B 1846 -26.54 55.96 21.70
C TRP B 1846 -27.92 55.58 21.19
N ASN B 1847 -28.57 54.61 21.83
CA ASN B 1847 -29.76 53.98 21.27
C ASN B 1847 -30.82 53.81 22.35
N ALA B 1848 -31.76 54.73 22.42
CA ALA B 1848 -32.99 54.46 23.14
C ALA B 1848 -33.81 53.47 22.34
N ASN B 1849 -34.66 52.72 23.05
CA ASN B 1849 -35.40 51.56 22.54
C ASN B 1849 -34.47 50.56 21.86
N PRO B 1850 -33.69 49.77 22.61
CA PRO B 1850 -32.84 48.75 21.99
C PRO B 1850 -33.42 47.35 21.91
N LEU B 1851 -34.46 47.04 22.68
CA LEU B 1851 -34.99 45.70 22.77
C LEU B 1851 -36.21 45.50 21.90
N ASP B 1852 -36.44 46.41 20.95
CA ASP B 1852 -37.50 46.21 19.97
C ASP B 1852 -37.19 45.06 19.03
N SER B 1853 -35.92 44.78 18.80
CA SER B 1853 -35.49 43.59 18.09
C SER B 1853 -34.24 43.06 18.77
N VAL B 1854 -33.86 41.84 18.41
CA VAL B 1854 -32.74 41.15 19.07
C VAL B 1854 -31.47 41.56 18.32
N ASP B 1855 -30.75 42.51 18.91
CA ASP B 1855 -29.52 43.00 18.31
C ASP B 1855 -28.50 43.33 19.39
N PRO B 1856 -27.39 42.58 19.44
CA PRO B 1856 -26.36 42.89 20.45
C PRO B 1856 -25.71 44.23 20.22
N ASP B 1857 -25.63 44.67 18.97
CA ASP B 1857 -25.15 46.02 18.69
C ASP B 1857 -26.13 47.07 19.22
N ALA B 1858 -27.43 46.78 19.20
CA ALA B 1858 -28.39 47.73 19.76
C ALA B 1858 -28.27 47.82 21.27
N VAL B 1859 -28.05 46.68 21.94
CA VAL B 1859 -27.92 46.73 23.39
C VAL B 1859 -26.62 47.39 23.80
N ALA B 1860 -25.53 47.09 23.09
CA ALA B 1860 -24.25 47.72 23.38
C ALA B 1860 -24.26 49.19 22.98
N GLN B 1861 -25.13 49.61 22.08
CA GLN B 1861 -25.32 51.04 21.87
C GLN B 1861 -26.16 51.66 22.98
N HIS B 1862 -27.10 50.90 23.55
CA HIS B 1862 -27.88 51.45 24.64
C HIS B 1862 -27.01 51.69 25.87
N ASP B 1863 -26.02 50.84 26.10
CA ASP B 1863 -24.95 51.27 26.99
C ASP B 1863 -23.60 50.80 26.50
N PRO B 1864 -22.64 51.71 26.31
CA PRO B 1864 -21.38 51.36 25.65
C PRO B 1864 -20.38 50.60 26.52
N MET B 1865 -20.79 50.29 27.75
CA MET B 1865 -19.98 49.43 28.61
C MET B 1865 -19.78 48.06 27.98
N HIS B 1866 -20.76 47.55 27.24
CA HIS B 1866 -20.58 46.28 26.55
C HIS B 1866 -19.59 46.40 25.42
N TYR B 1867 -19.55 47.55 24.73
CA TYR B 1867 -18.50 47.79 23.73
C TYR B 1867 -17.14 47.80 24.38
N LYS B 1868 -17.05 48.39 25.58
CA LYS B 1868 -15.80 48.44 26.32
C LYS B 1868 -15.34 47.03 26.71
N VAL B 1869 -16.28 46.20 27.17
CA VAL B 1869 -15.96 44.82 27.55
C VAL B 1869 -15.57 43.99 26.33
N ALA B 1870 -16.24 44.20 25.20
CA ALA B 1870 -15.88 43.47 23.98
C ALA B 1870 -14.51 43.90 23.46
N THR B 1871 -14.17 45.18 23.66
CA THR B 1871 -12.83 45.65 23.32
C THR B 1871 -11.78 44.97 24.18
N PHE B 1872 -12.07 44.82 25.47
CA PHE B 1872 -11.14 44.10 26.35
C PHE B 1872 -11.01 42.64 25.95
N MET B 1873 -12.11 42.01 25.53
CA MET B 1873 -12.04 40.62 25.10
C MET B 1873 -11.26 40.49 23.80
N LYS B 1874 -11.35 41.48 22.92
CA LYS B 1874 -10.53 41.50 21.72
C LYS B 1874 -9.06 41.64 22.05
N MET B 1875 -8.74 42.45 23.07
CA MET B 1875 -7.36 42.57 23.54
C MET B 1875 -6.85 41.25 24.10
N LEU B 1876 -7.70 40.53 24.83
CA LEU B 1876 -7.30 39.22 25.35
C LEU B 1876 -7.09 38.22 24.22
N ASP B 1877 -7.93 38.31 23.17
CA ASP B 1877 -7.75 37.46 22.00
C ASP B 1877 -6.41 37.71 21.33
N LEU B 1878 -6.06 38.99 21.20
CA LEU B 1878 -4.78 39.35 20.59
C LEU B 1878 -3.61 38.83 21.42
N LEU B 1879 -3.69 38.98 22.74
CA LEU B 1879 -2.57 38.54 23.58
C LEU B 1879 -2.43 37.03 23.58
N ILE B 1880 -3.54 36.29 23.66
CA ILE B 1880 -3.38 34.84 23.70
C ILE B 1880 -3.05 34.29 22.32
N THR B 1881 -3.40 34.99 21.23
CA THR B 1881 -2.94 34.47 19.96
C THR B 1881 -1.49 34.84 19.68
N ARG B 1882 -0.98 35.93 20.24
CA ARG B 1882 0.46 36.17 20.24
C ARG B 1882 1.18 35.08 21.00
N GLY B 1883 0.62 34.69 22.16
CA GLY B 1883 1.21 33.61 22.94
C GLY B 1883 1.16 32.27 22.23
N ASP B 1884 0.07 31.99 21.52
CA ASP B 1884 -0.04 30.73 20.80
C ASP B 1884 0.89 30.67 19.61
N SER B 1885 1.03 31.78 18.87
CA SER B 1885 1.97 31.82 17.76
C SER B 1885 3.41 31.74 18.25
N ALA B 1886 3.68 32.24 19.46
CA ALA B 1886 5.00 32.03 20.05
C ALA B 1886 5.21 30.60 20.53
N TYR B 1887 4.16 29.97 21.07
CA TYR B 1887 4.26 28.62 21.60
C TYR B 1887 4.39 27.56 20.53
N ARG B 1888 3.81 27.76 19.36
CA ARG B 1888 3.86 26.74 18.33
C ARG B 1888 5.20 26.62 17.64
N GLN B 1889 6.15 27.51 17.92
CA GLN B 1889 7.44 27.45 17.27
C GLN B 1889 8.43 26.54 17.99
N LEU B 1890 8.18 26.25 19.26
CA LEU B 1890 8.87 25.24 20.05
C LEU B 1890 10.37 25.50 20.22
N GLU B 1891 10.76 26.76 20.37
CA GLU B 1891 12.13 27.10 20.73
C GLU B 1891 12.13 27.73 22.13
N ARG B 1892 13.17 27.46 22.90
CA ARG B 1892 13.17 27.85 24.32
C ARG B 1892 13.32 29.35 24.51
N ASP B 1893 13.70 30.10 23.47
CA ASP B 1893 13.60 31.55 23.55
C ASP B 1893 12.18 32.01 23.27
N THR B 1894 11.49 31.34 22.36
CA THR B 1894 10.10 31.65 22.07
C THR B 1894 9.16 31.24 23.18
N LEU B 1895 9.55 30.24 23.98
CA LEU B 1895 8.72 29.85 25.12
C LEU B 1895 8.69 30.94 26.18
N ASN B 1896 9.79 31.67 26.34
CA ASN B 1896 9.80 32.81 27.23
C ASN B 1896 8.89 33.92 26.72
N GLU B 1897 8.85 34.10 25.40
CA GLU B 1897 7.92 35.07 24.81
C GLU B 1897 6.48 34.63 25.03
N ALA B 1898 6.21 33.34 24.88
CA ALA B 1898 4.86 32.83 25.06
C ALA B 1898 4.41 32.98 26.51
N LYS B 1899 5.31 32.68 27.45
CA LYS B 1899 4.99 32.90 28.86
C LYS B 1899 4.86 34.37 29.17
N MET B 1900 5.58 35.24 28.45
CA MET B 1900 5.43 36.67 28.62
C MET B 1900 4.05 37.13 28.17
N TRP B 1901 3.58 36.61 27.04
CA TRP B 1901 2.25 36.99 26.57
C TRP B 1901 1.16 36.45 27.48
N TYR B 1902 1.32 35.22 27.97
CA TYR B 1902 0.31 34.66 28.85
C TYR B 1902 0.31 35.34 30.21
N VAL B 1903 1.49 35.75 30.68
CA VAL B 1903 1.58 36.50 31.93
C VAL B 1903 0.98 37.88 31.77
N GLN B 1904 1.18 38.51 30.61
CA GLN B 1904 0.59 39.81 30.35
C GLN B 1904 -0.92 39.73 30.28
N ALA B 1905 -1.45 38.68 29.66
CA ALA B 1905 -2.89 38.47 29.64
C ALA B 1905 -3.44 38.19 31.05
N LEU B 1906 -2.69 37.42 31.84
CA LEU B 1906 -3.14 37.11 33.19
C LEU B 1906 -3.13 38.33 34.09
N THR B 1907 -2.13 39.19 33.95
CA THR B 1907 -2.10 40.38 34.79
C THR B 1907 -3.03 41.47 34.26
N LEU B 1908 -3.45 41.38 33.00
CA LEU B 1908 -4.56 42.22 32.57
C LEU B 1908 -5.87 41.71 33.14
N LEU B 1909 -6.00 40.39 33.28
CA LEU B 1909 -7.23 39.82 33.79
C LEU B 1909 -7.38 40.08 35.28
N GLY B 1910 -6.35 39.76 36.06
CA GLY B 1910 -6.43 39.96 37.50
C GLY B 1910 -6.57 38.65 38.25
N ASP B 1911 -7.58 38.57 39.11
CA ASP B 1911 -7.84 37.38 39.90
C ASP B 1911 -9.14 36.73 39.47
N GLU B 1912 -9.14 35.42 39.34
CA GLU B 1912 -10.33 34.72 38.91
C GLU B 1912 -11.33 34.65 40.06
N PRO B 1913 -12.60 34.99 39.81
CA PRO B 1913 -13.60 34.92 40.89
C PRO B 1913 -13.93 33.48 41.24
N TYR B 1914 -13.43 33.05 42.40
CA TYR B 1914 -13.46 31.65 42.81
C TYR B 1914 -14.36 31.42 44.01
N PHE B 1915 -14.11 32.12 45.12
CA PHE B 1915 -14.88 31.92 46.33
C PHE B 1915 -16.07 32.85 46.43
N SER B 1916 -16.11 33.90 45.61
CA SER B 1916 -17.21 34.85 45.64
C SER B 1916 -18.49 34.32 45.03
N LEU B 1917 -18.45 33.17 44.37
CA LEU B 1917 -19.64 32.57 43.81
C LEU B 1917 -20.50 31.97 44.92
N ASP B 1918 -21.75 31.67 44.59
CA ASP B 1918 -22.72 31.32 45.63
C ASP B 1918 -22.61 29.85 46.03
N ASN B 1919 -22.85 28.95 45.08
CA ASN B 1919 -23.04 27.51 45.31
C ASN B 1919 -24.09 27.30 46.41
N ASP B 1920 -25.24 27.92 46.22
CA ASP B 1920 -26.20 28.13 47.31
C ASP B 1920 -27.57 28.34 46.69
N TRP B 1921 -28.48 27.40 46.92
CA TRP B 1921 -29.73 27.40 46.17
C TRP B 1921 -30.82 26.70 46.97
N SER B 1922 -31.78 27.46 47.47
CA SER B 1922 -32.96 26.90 48.11
C SER B 1922 -33.85 26.34 47.02
N GLU B 1923 -33.77 25.03 46.79
CA GLU B 1923 -34.41 24.37 45.66
C GLU B 1923 -35.93 24.31 45.82
N PRO B 1924 -36.67 25.06 45.03
CA PRO B 1924 -38.12 25.03 45.13
C PRO B 1924 -38.71 23.92 44.26
N ARG B 1925 -40.03 23.84 44.27
CA ARG B 1925 -40.69 23.06 43.25
C ARG B 1925 -40.89 23.93 42.01
N LEU B 1926 -41.23 23.28 40.90
CA LEU B 1926 -41.53 24.02 39.68
C LEU B 1926 -42.79 24.84 39.84
N GLU B 1927 -43.75 24.34 40.60
CA GLU B 1927 -44.97 25.07 40.92
C GLU B 1927 -44.67 26.31 41.74
N GLU B 1928 -43.65 26.26 42.61
CA GLU B 1928 -43.26 27.45 43.35
C GLU B 1928 -42.48 28.41 42.46
N ALA B 1929 -41.62 27.89 41.60
CA ALA B 1929 -40.71 28.73 40.84
C ALA B 1929 -41.42 29.43 39.69
N ALA B 1930 -42.46 28.82 39.14
CA ALA B 1930 -43.22 29.44 38.05
C ALA B 1930 -44.43 30.20 38.55
N SER B 1931 -44.36 30.76 39.75
CA SER B 1931 -45.47 31.53 40.29
C SER B 1931 -45.59 32.86 39.58
N GLN B 1932 -46.68 33.03 38.84
CA GLN B 1932 -46.92 34.27 38.13
C GLN B 1932 -47.16 35.43 39.09
N THR B 1933 -47.73 35.11 40.26
CA THR B 1933 -47.88 36.11 41.32
C THR B 1933 -46.52 36.62 41.80
N MET B 1934 -45.58 35.69 42.00
CA MET B 1934 -44.24 36.06 42.44
C MET B 1934 -43.50 36.84 41.36
N ARG B 1935 -43.68 36.46 40.10
CA ARG B 1935 -43.06 37.17 38.99
C ARG B 1935 -43.60 38.59 38.87
N HIS B 1936 -44.92 38.75 39.00
CA HIS B 1936 -45.53 40.06 38.97
C HIS B 1936 -45.08 40.90 40.15
N HIS B 1937 -44.91 40.28 41.30
CA HIS B 1937 -44.43 41.00 42.47
C HIS B 1937 -42.99 41.44 42.29
N TYR B 1938 -42.20 40.64 41.57
CA TYR B 1938 -40.83 41.01 41.26
C TYR B 1938 -40.77 42.22 40.33
N GLN B 1939 -41.62 42.22 39.31
CA GLN B 1939 -41.66 43.35 38.40
C GLN B 1939 -42.20 44.61 39.08
N HIS B 1940 -43.16 44.44 39.99
CA HIS B 1940 -43.65 45.54 40.79
C HIS B 1940 -42.57 46.10 41.70
N LYS B 1941 -41.74 45.21 42.24
CA LYS B 1941 -40.60 45.64 43.04
C LYS B 1941 -39.57 46.38 42.20
N MET B 1942 -39.40 45.99 40.94
CA MET B 1942 -38.48 46.69 40.06
C MET B 1942 -38.99 48.09 39.73
N LEU B 1943 -40.29 48.21 39.50
CA LEU B 1943 -40.89 49.52 39.27
C LEU B 1943 -40.77 50.41 40.50
N GLN B 1944 -40.94 49.82 41.69
CA GLN B 1944 -40.69 50.56 42.92
C GLN B 1944 -39.22 50.95 43.06
N LEU B 1945 -38.32 50.13 42.51
CA LEU B 1945 -36.90 50.47 42.57
C LEU B 1945 -36.59 51.70 41.73
N ARG B 1946 -37.13 51.76 40.51
CA ARG B 1946 -36.83 52.94 39.71
C ARG B 1946 -37.61 54.17 40.15
N GLN B 1947 -38.79 54.00 40.72
CA GLN B 1947 -39.52 55.15 41.27
C GLN B 1947 -39.10 55.50 42.69
N ARG B 1948 -38.15 54.74 43.25
CA ARG B 1948 -37.42 54.89 44.51
C ARG B 1948 -38.25 54.61 45.77
N ALA B 1949 -39.58 54.67 45.69
CA ALA B 1949 -40.57 54.07 46.60
C ALA B 1949 -40.36 54.27 48.11
N ALA B 1950 -39.48 55.19 48.51
CA ALA B 1950 -39.12 55.56 49.88
C ALA B 1950 -38.49 54.42 50.70
N LEU B 1951 -38.29 53.21 50.10
CA LEU B 1951 -37.66 52.03 50.73
C LEU B 1951 -38.32 51.67 52.05
N PRO B 1952 -39.46 50.99 52.04
CA PRO B 1952 -40.43 51.08 53.15
C PRO B 1952 -39.96 50.57 54.51
N THR B 1953 -38.80 49.90 54.58
CA THR B 1953 -38.10 49.49 55.81
C THR B 1953 -38.93 48.57 56.69
N LYS B 1954 -39.96 47.95 56.11
CA LYS B 1954 -40.73 46.92 56.79
C LYS B 1954 -40.10 45.58 56.41
N ARG B 1955 -39.26 45.05 57.30
CA ARG B 1955 -38.51 43.85 57.02
C ARG B 1955 -39.45 42.65 57.01
N THR B 1956 -39.88 42.25 55.81
CA THR B 1956 -40.78 41.13 55.62
C THR B 1956 -39.99 39.95 55.08
N ALA B 1957 -40.70 38.82 54.93
CA ALA B 1957 -40.08 37.63 54.39
C ALA B 1957 -39.79 37.80 52.91
N ASN B 1958 -38.72 37.16 52.46
CA ASN B 1958 -38.33 37.24 51.06
C ASN B 1958 -39.28 36.38 50.24
N SER B 1959 -40.29 37.02 49.65
CA SER B 1959 -41.24 36.33 48.78
C SER B 1959 -40.65 35.96 47.44
N LEU B 1960 -39.46 36.46 47.11
CA LEU B 1960 -38.78 36.19 45.85
C LEU B 1960 -37.72 35.11 46.02
N THR B 1961 -38.02 34.09 46.83
CA THR B 1961 -37.04 33.09 47.21
C THR B 1961 -36.64 32.21 46.04
N ALA B 1962 -37.60 31.87 45.17
CA ALA B 1962 -37.33 30.96 44.07
C ALA B 1962 -36.78 31.66 42.83
N LEU B 1963 -36.25 32.87 42.96
CA LEU B 1963 -35.73 33.58 41.80
C LEU B 1963 -34.42 32.96 41.36
N PHE B 1964 -34.26 32.83 40.04
CA PHE B 1964 -33.02 32.31 39.49
C PHE B 1964 -31.92 33.35 39.58
N LEU B 1965 -30.76 32.90 39.60
CA LEU B 1965 -29.67 33.79 39.96
C LEU B 1965 -28.91 34.25 38.71
N PRO B 1966 -28.26 35.41 38.76
CA PRO B 1966 -27.47 35.85 37.61
C PRO B 1966 -26.23 34.99 37.43
N GLN B 1967 -25.83 34.84 36.18
CA GLN B 1967 -24.72 33.96 35.83
C GLN B 1967 -23.64 34.77 35.13
N ILE B 1968 -22.39 34.55 35.55
CA ILE B 1968 -21.26 35.16 34.86
C ILE B 1968 -21.12 34.56 33.48
N ASN B 1969 -20.53 35.32 32.56
CA ASN B 1969 -20.57 34.90 31.17
C ASN B 1969 -19.54 33.80 30.91
N LYS B 1970 -19.84 33.00 29.89
CA LYS B 1970 -19.05 31.80 29.62
C LYS B 1970 -17.69 32.15 29.00
N LYS B 1971 -17.61 33.24 28.26
CA LYS B 1971 -16.42 33.49 27.45
C LYS B 1971 -15.23 33.92 28.30
N LEU B 1972 -15.46 34.74 29.32
CA LEU B 1972 -14.38 35.11 30.21
C LEU B 1972 -13.88 33.93 31.02
N GLN B 1973 -14.80 33.04 31.43
CA GLN B 1973 -14.39 31.81 32.10
C GLN B 1973 -13.59 30.92 31.17
N GLY B 1974 -13.95 30.91 29.89
CA GLY B 1974 -13.14 30.18 28.91
C GLY B 1974 -11.75 30.78 28.75
N TYR B 1975 -11.65 32.10 28.82
CA TYR B 1975 -10.35 32.76 28.77
C TYR B 1975 -9.50 32.40 29.98
N TRP B 1976 -10.11 32.40 31.17
CA TRP B 1976 -9.40 32.02 32.39
C TRP B 1976 -8.91 30.59 32.31
N GLN B 1977 -9.76 29.69 31.82
CA GLN B 1977 -9.40 28.27 31.72
C GLN B 1977 -8.29 28.06 30.71
N THR B 1978 -8.36 28.72 29.55
CA THR B 1978 -7.31 28.49 28.57
C THR B 1978 -6.01 29.16 28.99
N LEU B 1979 -6.09 30.25 29.77
CA LEU B 1979 -4.85 30.86 30.25
C LEU B 1979 -4.15 29.99 31.27
N THR B 1980 -4.92 29.41 32.21
CA THR B 1980 -4.26 28.55 33.18
C THR B 1980 -3.82 27.23 32.56
N GLN B 1981 -4.49 26.78 31.50
CA GLN B 1981 -4.00 25.59 30.80
C GLN B 1981 -2.72 25.87 30.03
N ARG B 1982 -2.64 27.05 29.40
CA ARG B 1982 -1.41 27.45 28.72
C ARG B 1982 -0.25 27.55 29.69
N LEU B 1983 -0.47 28.19 30.84
CA LEU B 1983 0.62 28.33 31.79
C LEU B 1983 0.97 27.02 32.46
N TYR B 1984 0.02 26.09 32.57
CA TYR B 1984 0.35 24.77 33.09
C TYR B 1984 1.19 23.99 32.08
N ASN B 1985 0.88 24.10 30.80
CA ASN B 1985 1.69 23.42 29.81
C ASN B 1985 3.05 24.06 29.66
N LEU B 1986 3.13 25.37 29.87
CA LEU B 1986 4.40 26.06 29.72
C LEU B 1986 5.29 25.90 30.95
N ARG B 1987 4.70 25.75 32.14
CA ARG B 1987 5.49 25.55 33.34
C ARG B 1987 5.98 24.12 33.46
N HIS B 1988 5.55 23.23 32.60
CA HIS B 1988 6.22 21.96 32.39
C HIS B 1988 6.85 22.00 31.01
N ASN B 1989 7.41 20.87 30.59
CA ASN B 1989 8.06 20.81 29.29
C ASN B 1989 7.12 20.32 28.21
N LEU B 1990 5.83 20.59 28.37
CA LEU B 1990 4.84 20.12 27.42
C LEU B 1990 4.80 21.00 26.18
N THR B 1991 4.07 20.54 25.18
CA THR B 1991 3.82 21.32 23.98
C THR B 1991 2.60 22.21 24.19
N ILE B 1992 2.09 22.76 23.09
CA ILE B 1992 0.82 23.47 23.12
C ILE B 1992 -0.32 22.50 23.42
N ASP B 1993 -0.19 21.25 22.99
CA ASP B 1993 -1.23 20.25 23.19
C ASP B 1993 -1.08 19.45 24.47
N GLY B 1994 -0.07 19.74 25.28
CA GLY B 1994 0.17 18.99 26.49
C GLY B 1994 1.07 17.78 26.33
N GLN B 1995 1.54 17.49 25.12
CA GLN B 1995 2.45 16.36 25.03
C GLN B 1995 3.86 16.80 25.37
N PRO B 1996 4.62 15.98 26.09
CA PRO B 1996 5.93 16.41 26.57
C PRO B 1996 6.98 16.44 25.46
N LEU B 1997 7.86 17.43 25.56
CA LEU B 1997 8.98 17.53 24.62
C LEU B 1997 10.02 16.47 24.87
N SER B 1998 10.46 16.31 26.11
CA SER B 1998 11.50 15.36 26.47
C SER B 1998 10.90 13.96 26.55
N LEU B 1999 11.54 12.99 25.89
CA LEU B 1999 11.04 11.63 25.86
C LEU B 1999 11.26 10.95 27.20
N SER B 2000 10.61 9.79 27.35
CA SER B 2000 10.58 9.09 28.62
C SER B 2000 11.80 8.19 28.79
N LEU B 2001 12.05 7.82 30.04
CA LEU B 2001 13.07 6.85 30.36
C LEU B 2001 12.53 5.43 30.15
N TYR B 2002 13.35 4.58 29.55
CA TYR B 2002 13.01 3.17 29.36
C TYR B 2002 13.91 2.35 30.28
N ALA B 2003 13.34 1.84 31.36
CA ALA B 2003 14.09 1.01 32.27
C ALA B 2003 14.33 -0.38 31.66
N THR B 2004 15.46 -0.96 32.02
CA THR B 2004 15.84 -2.26 31.51
C THR B 2004 15.10 -3.35 32.27
N PRO B 2005 14.45 -4.31 31.58
CA PRO B 2005 13.81 -5.42 32.29
C PRO B 2005 14.84 -6.38 32.87
N ALA B 2006 14.42 -7.21 33.81
CA ALA B 2006 15.34 -8.16 34.44
C ALA B 2006 15.58 -9.34 33.52
N ASP B 2007 16.82 -9.80 33.49
CA ASP B 2007 17.18 -10.94 32.65
C ASP B 2007 16.63 -12.24 33.25
N PRO B 2008 16.29 -13.21 32.42
CA PRO B 2008 15.89 -14.53 32.95
C PRO B 2008 17.07 -15.23 33.58
N SER B 2009 16.91 -15.64 34.83
CA SER B 2009 17.97 -16.31 35.56
C SER B 2009 18.18 -17.73 35.03
N MET B 2010 19.32 -18.31 35.38
CA MET B 2010 19.64 -19.68 35.02
C MET B 2010 19.35 -20.57 36.20
N LEU B 2011 18.52 -21.58 36.00
CA LEU B 2011 18.13 -22.48 37.07
C LEU B 2011 19.26 -23.45 37.38
N LEU B 2012 19.44 -23.73 38.67
CA LEU B 2012 20.51 -24.61 39.13
C LEU B 2012 19.92 -25.77 39.90
N SER B 2013 20.52 -26.94 39.73
CA SER B 2013 20.17 -28.12 40.51
C SER B 2013 21.44 -28.69 41.09
N ALA B 2014 21.29 -29.70 41.93
CA ALA B 2014 22.42 -30.34 42.57
C ALA B 2014 22.04 -31.76 42.97
N ALA B 2015 23.03 -32.62 43.10
CA ALA B 2015 22.83 -33.98 43.58
C ALA B 2015 23.61 -34.11 44.89
N ILE B 2016 22.92 -33.93 46.01
CA ILE B 2016 23.52 -34.22 47.29
C ILE B 2016 23.69 -35.74 47.42
N THR B 2017 24.70 -36.15 48.15
CA THR B 2017 25.05 -37.55 48.24
C THR B 2017 25.07 -37.98 49.70
N ALA B 2018 24.90 -39.29 49.91
CA ALA B 2018 24.88 -39.86 51.24
C ALA B 2018 26.09 -40.77 51.40
N SER B 2019 26.29 -41.23 52.63
CA SER B 2019 27.39 -42.15 52.93
C SER B 2019 27.00 -43.03 54.09
N GLN B 2020 26.51 -44.22 53.80
CA GLN B 2020 26.15 -45.19 54.82
C GLN B 2020 27.35 -46.09 55.10
N GLY B 2021 27.30 -46.78 56.23
CA GLY B 2021 28.38 -47.65 56.64
C GLY B 2021 28.47 -48.89 55.77
N GLY B 2022 29.63 -49.54 55.85
CA GLY B 2022 29.85 -50.75 55.11
C GLY B 2022 29.37 -51.98 55.85
N GLY B 2023 29.50 -53.12 55.18
CA GLY B 2023 29.13 -54.37 55.81
C GLY B 2023 30.23 -54.89 56.71
N ASP B 2024 29.88 -55.14 57.97
CA ASP B 2024 30.84 -55.66 58.93
C ASP B 2024 30.75 -57.18 59.01
N LEU B 2025 31.87 -57.81 59.32
CA LEU B 2025 31.95 -59.26 59.19
C LEU B 2025 31.29 -59.95 60.40
N PRO B 2026 30.45 -60.95 60.17
CA PRO B 2026 29.82 -61.67 61.29
C PRO B 2026 30.78 -62.62 61.98
N HIS B 2027 30.24 -63.46 62.86
CA HIS B 2027 31.06 -64.44 63.58
C HIS B 2027 31.17 -65.72 62.76
N ALA B 2028 32.40 -66.24 62.67
CA ALA B 2028 32.67 -67.43 61.87
C ALA B 2028 32.43 -68.69 62.68
N VAL B 2029 31.79 -69.68 62.04
CA VAL B 2029 31.50 -70.98 62.64
C VAL B 2029 32.28 -72.02 61.86
N MET B 2030 32.82 -73.01 62.57
CA MET B 2030 33.55 -74.06 61.90
C MET B 2030 32.60 -75.19 61.49
N PRO B 2031 32.58 -75.57 60.22
CA PRO B 2031 31.70 -76.65 59.77
C PRO B 2031 32.40 -78.00 59.87
N MET B 2032 31.70 -79.03 59.42
CA MET B 2032 32.17 -80.41 59.52
C MET B 2032 32.84 -80.92 58.25
N TYR B 2033 32.70 -80.23 57.13
CA TYR B 2033 33.22 -80.75 55.88
C TYR B 2033 34.62 -80.22 55.63
N ARG B 2034 35.28 -80.85 54.66
CA ARG B 2034 36.64 -80.45 54.32
C ARG B 2034 36.62 -79.23 53.42
N PHE B 2035 37.81 -78.80 53.06
CA PHE B 2035 37.97 -77.55 52.31
C PHE B 2035 37.37 -77.55 50.91
N PRO B 2036 37.52 -78.58 50.05
CA PRO B 2036 36.86 -78.49 48.74
C PRO B 2036 35.35 -78.56 48.82
N VAL B 2037 34.79 -79.26 49.81
CA VAL B 2037 33.34 -79.33 49.96
C VAL B 2037 32.78 -77.98 50.40
N ILE B 2038 33.38 -77.38 51.42
CA ILE B 2038 32.92 -76.08 51.87
C ILE B 2038 33.24 -75.00 50.83
N LEU B 2039 34.26 -75.22 50.01
CA LEU B 2039 34.56 -74.27 48.94
C LEU B 2039 33.54 -74.36 47.83
N GLU B 2040 33.03 -75.57 47.56
CA GLU B 2040 32.00 -75.72 46.56
C GLU B 2040 30.69 -75.08 47.01
N ASN B 2041 30.35 -75.24 48.29
CA ASN B 2041 29.15 -74.58 48.82
C ASN B 2041 29.29 -73.06 48.81
N ALA B 2042 30.48 -72.56 49.17
CA ALA B 2042 30.70 -71.11 49.17
C ALA B 2042 30.69 -70.54 47.76
N LYS B 2043 31.28 -71.24 46.80
CA LYS B 2043 31.26 -70.77 45.42
C LYS B 2043 29.85 -70.80 44.85
N TRP B 2044 29.03 -71.77 45.28
CA TRP B 2044 27.62 -71.78 44.92
C TRP B 2044 26.90 -70.54 45.41
N GLY B 2045 27.05 -70.23 46.70
CA GLY B 2045 26.37 -69.08 47.26
C GLY B 2045 26.83 -67.77 46.66
N VAL B 2046 28.12 -67.66 46.38
CA VAL B 2046 28.64 -66.41 45.82
C VAL B 2046 28.23 -66.27 44.35
N SER B 2047 28.11 -67.37 43.60
CA SER B 2047 27.60 -67.27 42.24
C SER B 2047 26.14 -66.85 42.22
N GLN B 2048 25.35 -67.36 43.17
CA GLN B 2048 23.96 -66.92 43.28
C GLN B 2048 23.87 -65.44 43.65
N LEU B 2049 24.79 -64.98 44.49
CA LEU B 2049 24.80 -63.56 44.85
C LEU B 2049 25.18 -62.68 43.67
N ILE B 2050 26.11 -63.16 42.82
CA ILE B 2050 26.46 -62.43 41.60
C ILE B 2050 25.26 -62.30 40.69
N GLN B 2051 24.49 -63.39 40.58
CA GLN B 2051 23.27 -63.36 39.78
C GLN B 2051 22.25 -62.37 40.34
N PHE B 2052 22.12 -62.32 41.66
CA PHE B 2052 21.15 -61.42 42.27
C PHE B 2052 21.57 -59.96 42.14
N GLY B 2053 22.86 -59.68 42.23
CA GLY B 2053 23.32 -58.31 42.05
C GLY B 2053 23.14 -57.82 40.63
N ASN B 2054 23.40 -58.70 39.65
CA ASN B 2054 23.15 -58.35 38.25
C ASN B 2054 21.67 -58.09 38.00
N THR B 2055 20.81 -58.92 38.60
CA THR B 2055 19.36 -58.74 38.42
C THR B 2055 18.88 -57.46 39.08
N LEU B 2056 19.44 -57.12 40.24
CA LEU B 2056 19.07 -55.90 40.93
C LEU B 2056 19.48 -54.67 40.14
N LEU B 2057 20.66 -54.72 39.51
CA LEU B 2057 21.11 -53.65 38.63
C LEU B 2057 20.16 -53.46 37.45
N SER B 2058 19.76 -54.56 36.81
CA SER B 2058 18.86 -54.46 35.68
C SER B 2058 17.50 -53.91 36.10
N ILE B 2059 17.04 -54.29 37.29
CA ILE B 2059 15.75 -53.83 37.76
C ILE B 2059 15.77 -52.34 38.07
N THR B 2060 16.84 -51.85 38.71
CA THR B 2060 16.85 -50.44 39.05
C THR B 2060 17.05 -49.56 37.82
N GLU B 2061 17.77 -50.04 36.79
CA GLU B 2061 17.89 -49.19 35.61
C GLU B 2061 16.60 -49.20 34.78
N ARG B 2062 15.86 -50.32 34.77
CA ARG B 2062 14.55 -50.31 34.14
C ARG B 2062 13.59 -49.40 34.89
N GLN B 2063 13.68 -49.37 36.21
CA GLN B 2063 12.83 -48.50 37.02
C GLN B 2063 13.09 -47.03 36.71
N ASP B 2064 14.37 -46.67 36.58
CA ASP B 2064 14.71 -45.29 36.28
C ASP B 2064 14.26 -44.87 34.89
N ALA B 2065 14.43 -45.76 33.89
CA ALA B 2065 13.97 -45.43 32.54
C ALA B 2065 12.45 -45.30 32.49
N GLU B 2066 11.73 -46.14 33.25
CA GLU B 2066 10.28 -46.05 33.26
C GLU B 2066 9.79 -44.76 33.91
N ALA B 2067 10.41 -44.36 35.01
CA ALA B 2067 10.01 -43.10 35.66
C ALA B 2067 10.32 -41.90 34.78
N LEU B 2068 11.43 -41.97 34.03
CA LEU B 2068 11.76 -40.92 33.08
C LEU B 2068 10.71 -40.79 31.99
N ALA B 2069 10.27 -41.91 31.41
CA ALA B 2069 9.26 -41.88 30.36
C ALA B 2069 7.93 -41.35 30.89
N GLU B 2070 7.58 -41.71 32.13
CA GLU B 2070 6.34 -41.21 32.73
C GLU B 2070 6.38 -39.69 32.92
N ILE B 2071 7.50 -39.17 33.43
CA ILE B 2071 7.60 -37.73 33.65
C ILE B 2071 7.62 -36.98 32.32
N LEU B 2072 8.14 -37.62 31.26
CA LEU B 2072 8.13 -37.00 29.94
C LEU B 2072 6.71 -36.89 29.39
N GLN B 2073 5.91 -37.95 29.59
CA GLN B 2073 4.53 -37.90 29.11
C GLN B 2073 3.69 -36.87 29.87
N THR B 2074 3.96 -36.71 31.17
CA THR B 2074 3.23 -35.70 31.95
C THR B 2074 3.53 -34.28 31.46
N GLN B 2075 4.81 -33.95 31.29
CA GLN B 2075 5.09 -32.60 30.84
C GLN B 2075 4.74 -32.38 29.37
N GLY B 2076 4.72 -33.43 28.55
CA GLY B 2076 4.18 -33.30 27.21
C GLY B 2076 2.69 -32.99 27.20
N SER B 2077 1.94 -33.58 28.14
CA SER B 2077 0.52 -33.26 28.27
C SER B 2077 0.31 -31.80 28.65
N GLU B 2078 1.13 -31.30 29.58
CA GLU B 2078 1.00 -29.90 29.99
C GLU B 2078 1.33 -28.94 28.83
N LEU B 2079 2.37 -29.26 28.07
CA LEU B 2079 2.71 -28.42 26.91
C LEU B 2079 1.63 -28.47 25.84
N ALA B 2080 0.96 -29.61 25.68
CA ALA B 2080 -0.14 -29.68 24.72
C ALA B 2080 -1.30 -28.79 25.12
N LEU B 2081 -1.61 -28.76 26.43
CA LEU B 2081 -2.64 -27.84 26.92
C LEU B 2081 -2.27 -26.38 26.65
N GLN B 2082 -1.01 -26.02 26.93
CA GLN B 2082 -0.57 -24.65 26.69
C GLN B 2082 -0.59 -24.27 25.21
N SER B 2083 -0.29 -25.23 24.34
CA SER B 2083 -0.31 -24.95 22.90
C SER B 2083 -1.73 -24.74 22.39
N ILE B 2084 -2.71 -25.49 22.93
CA ILE B 2084 -4.10 -25.24 22.57
C ILE B 2084 -4.54 -23.84 23.02
N LYS B 2085 -4.11 -23.45 24.23
CA LYS B 2085 -4.43 -22.12 24.73
C LYS B 2085 -3.79 -21.02 23.88
N MET B 2086 -2.66 -21.32 23.24
CA MET B 2086 -2.06 -20.36 22.31
C MET B 2086 -2.81 -20.28 20.99
N GLN B 2087 -3.28 -21.41 20.49
CA GLN B 2087 -4.01 -21.43 19.23
C GLN B 2087 -5.33 -20.68 19.33
N ASP B 2088 -5.91 -20.63 20.54
CA ASP B 2088 -7.09 -19.78 20.76
C ASP B 2088 -6.80 -18.31 20.49
N LYS B 2089 -5.66 -17.81 20.96
CA LYS B 2089 -5.31 -16.40 20.73
C LYS B 2089 -4.98 -16.15 19.27
N VAL B 2090 -4.43 -17.15 18.59
CA VAL B 2090 -4.21 -17.03 17.14
C VAL B 2090 -5.53 -16.85 16.40
N MET B 2091 -6.54 -17.64 16.77
CA MET B 2091 -7.86 -17.53 16.16
C MET B 2091 -8.50 -16.18 16.46
N ALA B 2092 -8.32 -15.66 17.67
CA ALA B 2092 -8.84 -14.33 18.00
C ALA B 2092 -8.15 -13.23 17.21
N GLU B 2093 -6.86 -13.40 16.92
CA GLU B 2093 -6.16 -12.46 16.03
C GLU B 2093 -6.76 -12.47 14.64
N ILE B 2094 -7.11 -13.66 14.15
CA ILE B 2094 -7.78 -13.76 12.84
C ILE B 2094 -9.12 -13.01 12.86
N ASP B 2095 -9.85 -13.10 13.97
CA ASP B 2095 -11.13 -12.41 14.10
C ASP B 2095 -10.96 -10.89 14.08
N ALA B 2096 -9.95 -10.38 14.81
CA ALA B 2096 -9.74 -8.93 14.83
C ALA B 2096 -9.24 -8.40 13.50
N ASP B 2097 -8.48 -9.22 12.76
CA ASP B 2097 -8.07 -8.83 11.41
C ASP B 2097 -9.27 -8.76 10.47
N LYS B 2098 -10.23 -9.68 10.64
CA LYS B 2098 -11.45 -9.62 9.85
C LYS B 2098 -12.26 -8.37 10.17
N LEU B 2099 -12.26 -7.95 11.44
CA LEU B 2099 -12.91 -6.70 11.81
C LEU B 2099 -12.25 -5.49 11.14
N ALA B 2100 -10.92 -5.48 11.09
CA ALA B 2100 -10.20 -4.41 10.39
C ALA B 2100 -10.55 -4.37 8.91
N LEU B 2101 -10.67 -5.54 8.29
CA LEU B 2101 -11.02 -5.61 6.88
C LEU B 2101 -12.44 -5.10 6.62
N GLN B 2102 -13.38 -5.42 7.51
CA GLN B 2102 -14.73 -4.89 7.39
C GLN B 2102 -14.76 -3.37 7.52
N GLU B 2103 -13.94 -2.82 8.43
CA GLU B 2103 -13.92 -1.38 8.57
C GLU B 2103 -13.23 -0.68 7.42
N SER B 2104 -12.36 -1.36 6.67
CA SER B 2104 -11.88 -0.79 5.41
C SER B 2104 -12.98 -0.83 4.34
N ARG B 2105 -13.72 -1.94 4.30
CA ARG B 2105 -14.73 -2.13 3.27
C ARG B 2105 -15.87 -1.13 3.42
N HIS B 2106 -16.18 -0.73 4.66
CA HIS B 2106 -17.25 0.23 4.89
C HIS B 2106 -16.92 1.60 4.31
N GLY B 2107 -15.67 2.04 4.47
CA GLY B 2107 -15.28 3.31 3.91
C GLY B 2107 -15.16 3.28 2.40
N ALA B 2108 -14.69 2.14 1.85
CA ALA B 2108 -14.70 1.99 0.40
C ALA B 2108 -16.12 2.03 -0.16
N GLN B 2109 -17.08 1.45 0.58
CA GLN B 2109 -18.47 1.48 0.19
C GLN B 2109 -19.03 2.89 0.20
N SER B 2110 -18.73 3.65 1.25
CA SER B 2110 -19.24 5.01 1.36
C SER B 2110 -18.65 5.91 0.27
N ARG B 2111 -17.37 5.71 -0.05
CA ARG B 2111 -16.75 6.47 -1.12
C ARG B 2111 -17.35 6.14 -2.47
N PHE B 2112 -17.63 4.85 -2.71
CA PHE B 2112 -18.27 4.46 -3.97
C PHE B 2112 -19.68 5.03 -4.08
N ASP B 2113 -20.44 5.01 -2.99
CA ASP B 2113 -21.80 5.53 -3.04
C ASP B 2113 -21.81 7.03 -3.25
N SER B 2114 -20.86 7.74 -2.64
CA SER B 2114 -20.80 9.18 -2.80
C SER B 2114 -20.37 9.57 -4.21
N PHE B 2115 -19.42 8.83 -4.78
CA PHE B 2115 -19.06 9.10 -6.16
C PHE B 2115 -20.17 8.72 -7.13
N ASN B 2116 -20.95 7.69 -6.82
CA ASN B 2116 -22.06 7.32 -7.69
C ASN B 2116 -23.17 8.36 -7.67
N THR B 2117 -23.50 8.88 -6.48
CA THR B 2117 -24.51 9.93 -6.43
C THR B 2117 -23.97 11.27 -6.91
N LEU B 2118 -22.64 11.42 -6.99
CA LEU B 2118 -22.10 12.58 -7.69
C LEU B 2118 -22.22 12.41 -9.19
N TYR B 2119 -21.98 11.20 -9.69
CA TYR B 2119 -21.99 10.97 -11.12
C TYR B 2119 -23.41 10.97 -11.69
N ASP B 2120 -24.40 10.57 -10.89
CA ASP B 2120 -25.74 10.42 -11.42
C ASP B 2120 -26.41 11.76 -11.71
N GLU B 2121 -25.97 12.82 -11.05
CA GLU B 2121 -26.36 14.18 -11.43
C GLU B 2121 -25.17 14.82 -12.15
N ASP B 2122 -25.28 14.95 -13.47
CA ASP B 2122 -24.20 15.50 -14.27
C ASP B 2122 -24.00 16.97 -13.95
N VAL B 2123 -25.03 17.79 -14.18
CA VAL B 2123 -24.97 19.18 -13.83
C VAL B 2123 -25.87 19.43 -12.64
N ASN B 2124 -25.53 20.45 -11.87
CA ASN B 2124 -26.36 20.84 -10.76
C ASN B 2124 -27.45 21.77 -11.27
N ALA B 2125 -28.38 22.14 -10.38
CA ALA B 2125 -29.39 23.12 -10.74
C ALA B 2125 -28.77 24.47 -11.02
N GLY B 2126 -27.84 24.90 -10.17
CA GLY B 2126 -27.13 26.14 -10.41
C GLY B 2126 -26.20 26.09 -11.60
N GLU B 2127 -25.60 24.92 -11.86
CA GLU B 2127 -24.74 24.78 -13.03
C GLU B 2127 -25.55 24.88 -14.33
N LYS B 2128 -26.71 24.23 -14.36
CA LYS B 2128 -27.59 24.35 -15.52
C LYS B 2128 -28.15 25.76 -15.67
N GLN B 2129 -28.40 26.43 -14.54
CA GLN B 2129 -28.83 27.82 -14.57
C GLN B 2129 -27.75 28.72 -15.16
N ALA B 2130 -26.49 28.48 -14.81
CA ALA B 2130 -25.41 29.29 -15.35
C ALA B 2130 -25.21 29.05 -16.83
N MET B 2131 -25.41 27.80 -17.28
CA MET B 2131 -25.39 27.51 -18.71
C MET B 2131 -26.48 28.29 -19.44
N ASP B 2132 -27.69 28.29 -18.89
CA ASP B 2132 -28.79 28.99 -19.53
C ASP B 2132 -28.58 30.50 -19.51
N LEU B 2133 -27.90 31.02 -18.49
CA LEU B 2133 -27.66 32.45 -18.43
C LEU B 2133 -26.59 32.88 -19.42
N TYR B 2134 -25.56 32.05 -19.61
CA TYR B 2134 -24.58 32.30 -20.65
C TYR B 2134 -25.23 32.28 -22.03
N LEU B 2135 -26.14 31.33 -22.25
CA LEU B 2135 -26.85 31.28 -23.53
C LEU B 2135 -27.74 32.49 -23.73
N SER B 2136 -28.42 32.93 -22.67
CA SER B 2136 -29.31 34.08 -22.77
C SER B 2136 -28.52 35.36 -23.02
N SER B 2137 -27.34 35.47 -22.42
CA SER B 2137 -26.49 36.63 -22.69
C SER B 2137 -25.98 36.63 -24.12
N SER B 2138 -25.54 35.47 -24.61
CA SER B 2138 -25.04 35.38 -25.97
C SER B 2138 -26.13 35.62 -27.00
N VAL B 2139 -27.37 35.25 -26.70
CA VAL B 2139 -28.46 35.53 -27.62
C VAL B 2139 -28.87 36.99 -27.56
N LEU B 2140 -29.04 37.52 -26.35
CA LEU B 2140 -29.57 38.86 -26.18
C LEU B 2140 -28.59 39.95 -26.58
N SER B 2141 -27.28 39.66 -26.57
CA SER B 2141 -26.31 40.69 -26.91
C SER B 2141 -26.32 41.02 -28.40
N THR B 2142 -26.79 40.08 -29.22
CA THR B 2142 -26.77 40.27 -30.67
C THR B 2142 -27.98 41.02 -31.19
N SER B 2143 -28.90 41.44 -30.31
CA SER B 2143 -30.12 42.10 -30.75
C SER B 2143 -30.01 43.61 -30.75
N GLY B 2144 -28.80 44.15 -30.70
CA GLY B 2144 -28.63 45.59 -30.62
C GLY B 2144 -28.10 46.21 -31.90
N THR B 2145 -27.69 45.37 -32.84
CA THR B 2145 -27.18 45.88 -34.11
C THR B 2145 -28.28 46.52 -34.95
N ALA B 2146 -29.50 45.96 -34.91
CA ALA B 2146 -30.62 46.57 -35.60
C ALA B 2146 -30.98 47.93 -35.00
N LEU B 2147 -30.89 48.07 -33.68
CA LEU B 2147 -31.14 49.35 -33.04
C LEU B 2147 -30.05 50.37 -33.33
N HIS B 2148 -28.80 49.94 -33.39
CA HIS B 2148 -27.74 50.88 -33.72
C HIS B 2148 -27.82 51.33 -35.17
N MET B 2149 -28.18 50.40 -36.07
CA MET B 2149 -28.40 50.76 -37.46
C MET B 2149 -29.60 51.69 -37.60
N ALA B 2150 -30.63 51.48 -36.79
CA ALA B 2150 -31.80 52.35 -36.84
C ALA B 2150 -31.46 53.74 -36.31
N ALA B 2151 -30.60 53.82 -35.29
CA ALA B 2151 -30.13 55.11 -34.81
C ALA B 2151 -29.32 55.83 -35.87
N ALA B 2152 -28.50 55.08 -36.61
CA ALA B 2152 -27.71 55.68 -37.68
C ALA B 2152 -28.59 56.17 -38.81
N ALA B 2153 -29.63 55.41 -39.16
CA ALA B 2153 -30.54 55.84 -40.21
C ALA B 2153 -31.39 57.01 -39.78
N ALA B 2154 -31.68 57.10 -38.48
CA ALA B 2154 -32.47 58.23 -37.99
C ALA B 2154 -31.64 59.48 -37.85
N ASP B 2155 -30.34 59.36 -37.61
CA ASP B 2155 -29.48 60.54 -37.44
C ASP B 2155 -28.74 60.93 -38.71
N LEU B 2156 -29.26 60.58 -39.88
CA LEU B 2156 -28.68 61.04 -41.13
C LEU B 2156 -29.46 62.18 -41.75
N VAL B 2157 -30.73 62.35 -41.39
CA VAL B 2157 -31.53 63.46 -41.88
C VAL B 2157 -31.04 64.73 -41.18
N PRO B 2158 -31.12 65.90 -41.81
CA PRO B 2158 -30.60 67.12 -41.17
C PRO B 2158 -31.47 67.56 -40.01
N ASN B 2159 -30.82 67.85 -38.88
CA ASN B 2159 -31.54 68.28 -37.69
C ASN B 2159 -32.00 69.72 -37.83
N ILE B 2160 -31.06 70.63 -38.09
CA ILE B 2160 -31.34 72.04 -38.07
C ILE B 2160 -32.12 72.44 -39.31
N TYR B 2161 -32.88 73.52 -39.21
CA TYR B 2161 -33.59 74.08 -40.35
C TYR B 2161 -33.48 75.59 -40.30
N GLY B 2162 -34.07 76.24 -41.30
CA GLY B 2162 -34.05 77.68 -41.35
C GLY B 2162 -32.81 78.24 -42.01
N PHE B 2163 -32.28 79.33 -41.44
CA PHE B 2163 -31.15 80.04 -42.04
C PHE B 2163 -29.87 79.22 -41.99
N ALA B 2164 -29.74 78.31 -41.04
CA ALA B 2164 -28.76 77.24 -41.09
C ALA B 2164 -29.45 76.01 -41.63
N VAL B 2165 -28.89 75.43 -42.69
CA VAL B 2165 -29.70 74.53 -43.51
C VAL B 2165 -29.85 73.16 -42.87
N GLY B 2166 -28.78 72.61 -42.31
CA GLY B 2166 -28.94 71.34 -41.63
C GLY B 2166 -27.67 70.65 -41.21
N GLY B 2167 -27.67 70.12 -39.99
CA GLY B 2167 -26.52 69.41 -39.48
C GLY B 2167 -26.84 67.97 -39.14
N SER B 2168 -26.14 67.04 -39.76
CA SER B 2168 -26.34 65.62 -39.53
C SER B 2168 -25.01 64.91 -39.61
N ARG B 2169 -24.73 64.03 -38.66
CA ARG B 2169 -23.47 63.31 -38.67
C ARG B 2169 -23.48 62.26 -39.77
N PHE B 2170 -22.53 62.38 -40.70
CA PHE B 2170 -22.50 61.54 -41.87
C PHE B 2170 -21.89 60.18 -41.60
N GLY B 2171 -21.07 60.06 -40.56
CA GLY B 2171 -20.40 58.81 -40.28
C GLY B 2171 -21.15 57.96 -39.28
N ALA B 2172 -22.44 58.24 -39.10
CA ALA B 2172 -23.24 57.49 -38.14
C ALA B 2172 -23.43 56.05 -38.58
N LEU B 2173 -23.55 55.82 -39.88
CA LEU B 2173 -23.70 54.45 -40.39
C LEU B 2173 -22.43 53.66 -40.19
N PHE B 2174 -21.27 54.29 -40.42
CA PHE B 2174 -20.00 53.61 -40.19
C PHE B 2174 -19.78 53.32 -38.71
N ASN B 2175 -20.17 54.26 -37.85
CA ASN B 2175 -20.03 54.05 -36.41
C ASN B 2175 -20.96 52.94 -35.93
N ALA B 2176 -22.17 52.87 -36.49
CA ALA B 2176 -23.09 51.81 -36.11
C ALA B 2176 -22.64 50.46 -36.62
N SER B 2177 -22.03 50.42 -37.81
CA SER B 2177 -21.51 49.15 -38.32
C SER B 2177 -20.31 48.68 -37.49
N ALA B 2178 -19.44 49.61 -37.08
CA ALA B 2178 -18.31 49.25 -36.25
C ALA B 2178 -18.76 48.77 -34.87
N ILE B 2179 -19.76 49.43 -34.28
CA ILE B 2179 -20.20 49.01 -32.96
C ILE B 2179 -21.01 47.72 -33.04
N GLY B 2180 -21.64 47.44 -34.19
CA GLY B 2180 -22.27 46.14 -34.36
C GLY B 2180 -21.26 45.03 -34.53
N ILE B 2181 -20.13 45.32 -35.18
CA ILE B 2181 -19.05 44.35 -35.29
C ILE B 2181 -18.45 44.07 -33.91
N GLU B 2182 -18.29 45.10 -33.09
CA GLU B 2182 -17.74 44.90 -31.74
C GLU B 2182 -18.69 44.12 -30.86
N ILE B 2183 -20.00 44.40 -30.95
CA ILE B 2183 -20.94 43.66 -30.11
C ILE B 2183 -21.09 42.22 -30.61
N SER B 2184 -20.86 41.99 -31.91
CA SER B 2184 -20.84 40.63 -32.42
C SER B 2184 -19.62 39.87 -31.91
N ALA B 2185 -18.48 40.54 -31.84
CA ALA B 2185 -17.28 39.91 -31.30
C ALA B 2185 -17.44 39.56 -29.82
N SER B 2186 -18.08 40.45 -29.06
CA SER B 2186 -18.37 40.15 -27.66
C SER B 2186 -19.34 38.98 -27.52
N ALA B 2187 -20.31 38.89 -28.43
CA ALA B 2187 -21.28 37.78 -28.36
C ALA B 2187 -20.63 36.44 -28.67
N THR B 2188 -19.75 36.38 -29.67
CA THR B 2188 -19.11 35.10 -29.91
C THR B 2188 -18.04 34.78 -28.86
N ARG B 2189 -17.45 35.79 -28.23
CA ARG B 2189 -16.57 35.56 -27.08
C ARG B 2189 -17.32 34.89 -25.94
N ILE B 2190 -18.50 35.41 -25.61
CA ILE B 2190 -19.23 34.80 -24.51
C ILE B 2190 -19.86 33.46 -24.91
N ALA B 2191 -20.07 33.24 -26.22
CA ALA B 2191 -20.45 31.91 -26.67
C ALA B 2191 -19.32 30.91 -26.47
N ALA B 2192 -18.08 31.34 -26.71
CA ALA B 2192 -16.92 30.50 -26.43
C ALA B 2192 -16.81 30.18 -24.95
N ASP B 2193 -17.11 31.16 -24.09
CA ASP B 2193 -17.11 30.91 -22.65
C ASP B 2193 -18.17 29.88 -22.25
N LYS B 2194 -19.35 29.97 -22.88
CA LYS B 2194 -20.43 29.03 -22.59
C LYS B 2194 -20.06 27.60 -22.96
N ILE B 2195 -19.50 27.42 -24.15
CA ILE B 2195 -19.13 26.08 -24.58
C ILE B 2195 -17.96 25.55 -23.75
N SER B 2196 -17.06 26.44 -23.31
CA SER B 2196 -15.99 26.03 -22.42
C SER B 2196 -16.52 25.53 -21.08
N GLN B 2197 -17.54 26.20 -20.54
CA GLN B 2197 -18.14 25.75 -19.28
C GLN B 2197 -18.84 24.40 -19.45
N SER B 2198 -19.50 24.20 -20.58
CA SER B 2198 -20.13 22.91 -20.85
C SER B 2198 -19.10 21.77 -20.91
N GLU B 2199 -17.98 22.04 -21.57
CA GLU B 2199 -16.97 20.98 -21.71
C GLU B 2199 -16.25 20.72 -20.40
N ILE B 2200 -16.05 21.75 -19.57
CA ILE B 2200 -15.37 21.48 -18.30
C ILE B 2200 -16.31 20.74 -17.35
N TYR B 2201 -17.64 20.94 -17.49
CA TYR B 2201 -18.56 20.14 -16.71
C TYR B 2201 -18.55 18.68 -17.16
N ARG B 2202 -18.44 18.46 -18.48
CA ARG B 2202 -18.35 17.10 -19.01
C ARG B 2202 -17.09 16.39 -18.52
N ARG B 2203 -15.96 17.10 -18.48
CA ARG B 2203 -14.72 16.50 -17.99
C ARG B 2203 -14.80 16.19 -16.50
N ARG B 2204 -15.47 17.05 -15.73
CA ARG B 2204 -15.68 16.78 -14.30
C ARG B 2204 -16.50 15.51 -14.11
N ARG B 2205 -17.53 15.32 -14.92
CA ARG B 2205 -18.33 14.10 -14.84
C ARG B 2205 -17.54 12.87 -15.21
N GLN B 2206 -16.68 12.97 -16.24
CA GLN B 2206 -15.86 11.84 -16.63
C GLN B 2206 -14.87 11.45 -15.54
N GLU B 2207 -14.29 12.45 -14.86
CA GLU B 2207 -13.40 12.15 -13.74
C GLU B 2207 -14.12 11.49 -12.58
N TRP B 2208 -15.36 11.90 -12.31
CA TRP B 2208 -16.15 11.23 -11.29
C TRP B 2208 -16.45 9.79 -11.67
N GLU B 2209 -16.66 9.54 -12.97
CA GLU B 2209 -16.85 8.17 -13.44
C GLU B 2209 -15.62 7.31 -13.20
N ILE B 2210 -14.43 7.89 -13.41
CA ILE B 2210 -13.17 7.19 -13.11
C ILE B 2210 -13.10 6.82 -11.64
N GLN B 2211 -13.43 7.78 -10.77
CA GLN B 2211 -13.36 7.55 -9.33
C GLN B 2211 -14.36 6.48 -8.88
N ARG B 2212 -15.55 6.48 -9.50
CA ARG B 2212 -16.56 5.50 -9.14
C ARG B 2212 -16.15 4.09 -9.55
N ASN B 2213 -15.55 3.95 -10.74
CA ASN B 2213 -15.09 2.63 -11.16
C ASN B 2213 -13.94 2.13 -10.29
N ASN B 2214 -13.05 3.04 -9.87
CA ASN B 2214 -11.97 2.65 -8.98
C ASN B 2214 -12.48 2.19 -7.64
N ALA B 2215 -13.48 2.90 -7.09
CA ALA B 2215 -14.00 2.51 -5.78
C ALA B 2215 -14.80 1.21 -5.85
N GLU B 2216 -15.44 0.94 -7.00
CA GLU B 2216 -16.16 -0.31 -7.14
C GLU B 2216 -15.21 -1.50 -7.24
N ALA B 2217 -14.10 -1.33 -7.96
CA ALA B 2217 -13.07 -2.37 -7.97
C ALA B 2217 -12.49 -2.58 -6.59
N GLU B 2218 -12.32 -1.49 -5.83
CA GLU B 2218 -11.76 -1.60 -4.49
C GLU B 2218 -12.71 -2.35 -3.55
N ILE B 2219 -14.01 -2.10 -3.63
CA ILE B 2219 -14.92 -2.79 -2.72
C ILE B 2219 -15.06 -4.26 -3.11
N LYS B 2220 -14.95 -4.59 -4.39
CA LYS B 2220 -14.90 -6.00 -4.79
C LYS B 2220 -13.66 -6.69 -4.24
N GLN B 2221 -12.52 -6.02 -4.31
CA GLN B 2221 -11.26 -6.60 -3.83
C GLN B 2221 -11.29 -6.84 -2.33
N ILE B 2222 -11.83 -5.89 -1.56
CA ILE B 2222 -11.89 -6.07 -0.11
C ILE B 2222 -12.91 -7.13 0.26
N ASP B 2223 -13.96 -7.30 -0.55
CA ASP B 2223 -14.91 -8.39 -0.30
C ASP B 2223 -14.26 -9.76 -0.52
N ALA B 2224 -13.47 -9.89 -1.58
CA ALA B 2224 -12.77 -11.16 -1.79
C ALA B 2224 -11.68 -11.41 -0.75
N GLN B 2225 -11.08 -10.33 -0.24
CA GLN B 2225 -10.14 -10.48 0.89
C GLN B 2225 -10.86 -10.94 2.15
N LEU B 2226 -12.09 -10.48 2.37
CA LEU B 2226 -12.90 -11.01 3.47
C LEU B 2226 -13.18 -12.48 3.29
N ALA B 2227 -13.40 -12.91 2.04
CA ALA B 2227 -13.62 -14.33 1.77
C ALA B 2227 -12.39 -15.17 2.11
N THR B 2228 -11.19 -14.73 1.67
CA THR B 2228 -10.00 -15.52 1.98
C THR B 2228 -9.63 -15.45 3.45
N LEU B 2229 -10.02 -14.38 4.15
CA LEU B 2229 -9.84 -14.33 5.59
C LEU B 2229 -10.76 -15.31 6.31
N ALA B 2230 -11.98 -15.49 5.82
CA ALA B 2230 -12.87 -16.51 6.39
C ALA B 2230 -12.31 -17.92 6.17
N VAL B 2231 -11.73 -18.15 4.99
CA VAL B 2231 -11.13 -19.46 4.71
C VAL B 2231 -9.93 -19.71 5.63
N ARG B 2232 -9.12 -18.68 5.86
CA ARG B 2232 -7.99 -18.84 6.77
C ARG B 2232 -8.44 -19.03 8.22
N ARG B 2233 -9.57 -18.43 8.59
CA ARG B 2233 -10.15 -18.68 9.91
C ARG B 2233 -10.55 -20.14 10.07
N GLU B 2234 -11.19 -20.71 9.04
CA GLU B 2234 -11.56 -22.12 9.11
C GLU B 2234 -10.33 -23.03 9.14
N ALA B 2235 -9.26 -22.62 8.46
CA ALA B 2235 -8.01 -23.36 8.55
C ALA B 2235 -7.43 -23.33 9.96
N ALA B 2236 -7.53 -22.18 10.63
CA ALA B 2236 -7.03 -22.08 12.00
C ALA B 2236 -7.89 -22.88 12.97
N VAL B 2237 -9.19 -22.97 12.71
CA VAL B 2237 -10.07 -23.81 13.53
C VAL B 2237 -9.71 -25.27 13.36
N LEU B 2238 -9.43 -25.70 12.13
CA LEU B 2238 -8.96 -27.06 11.90
C LEU B 2238 -7.61 -27.32 12.56
N GLN B 2239 -6.75 -26.30 12.62
CA GLN B 2239 -5.48 -26.43 13.32
C GLN B 2239 -5.69 -26.61 14.83
N LYS B 2240 -6.65 -25.89 15.40
CA LYS B 2240 -6.95 -26.06 16.82
C LYS B 2240 -7.53 -27.45 17.10
N ASN B 2241 -8.32 -27.96 16.15
CA ASN B 2241 -8.82 -29.32 16.30
C ASN B 2241 -7.70 -30.35 16.21
N TYR B 2242 -6.70 -30.08 15.38
CA TYR B 2242 -5.50 -30.93 15.31
C TYR B 2242 -4.73 -30.91 16.63
N LEU B 2243 -4.63 -29.73 17.25
CA LEU B 2243 -3.94 -29.63 18.54
C LEU B 2243 -4.71 -30.33 19.65
N GLU B 2244 -6.04 -30.27 19.60
CA GLU B 2244 -6.85 -31.03 20.55
C GLU B 2244 -6.68 -32.53 20.37
N THR B 2245 -6.55 -32.98 19.11
CA THR B 2245 -6.29 -34.38 18.86
C THR B 2245 -4.93 -34.80 19.41
N GLN B 2246 -3.93 -33.94 19.28
CA GLN B 2246 -2.61 -34.24 19.84
C GLN B 2246 -2.65 -34.31 21.36
N GLN B 2247 -3.42 -33.44 22.01
CA GLN B 2247 -3.56 -33.50 23.46
C GLN B 2247 -4.26 -34.79 23.89
N ALA B 2248 -5.29 -35.19 23.16
CA ALA B 2248 -5.99 -36.43 23.48
C ALA B 2248 -5.10 -37.66 23.29
N GLN B 2249 -4.24 -37.64 22.28
CA GLN B 2249 -3.36 -38.78 22.08
C GLN B 2249 -2.25 -38.82 23.11
N THR B 2250 -1.77 -37.67 23.56
CA THR B 2250 -0.77 -37.66 24.63
C THR B 2250 -1.40 -38.13 25.95
N GLN B 2251 -2.66 -37.78 26.17
CA GLN B 2251 -3.37 -38.31 27.33
C GLN B 2251 -3.57 -39.82 27.22
N ALA B 2252 -3.81 -40.33 26.02
CA ALA B 2252 -3.95 -41.77 25.84
C ALA B 2252 -2.63 -42.49 26.11
N GLN B 2253 -1.51 -41.89 25.69
CA GLN B 2253 -0.21 -42.49 25.99
C GLN B 2253 0.08 -42.46 27.49
N LEU B 2254 -0.30 -41.38 28.17
CA LEU B 2254 -0.08 -41.31 29.61
C LEU B 2254 -0.96 -42.32 30.35
N ALA B 2255 -2.19 -42.52 29.88
CA ALA B 2255 -3.05 -43.54 30.46
C ALA B 2255 -2.51 -44.94 30.20
N PHE B 2256 -1.88 -45.15 29.05
CA PHE B 2256 -1.27 -46.45 28.78
C PHE B 2256 -0.07 -46.69 29.67
N LEU B 2257 0.73 -45.65 29.92
CA LEU B 2257 1.87 -45.81 30.81
C LEU B 2257 1.43 -46.02 32.25
N GLN B 2258 0.28 -45.48 32.63
CA GLN B 2258 -0.25 -45.78 33.96
C GLN B 2258 -0.80 -47.19 34.03
N SER B 2259 -1.51 -47.63 33.00
CA SER B 2259 -2.28 -48.85 33.05
C SER B 2259 -1.53 -50.08 32.56
N LYS B 2260 -0.31 -49.93 32.06
CA LYS B 2260 0.45 -51.10 31.67
C LYS B 2260 0.89 -51.86 32.90
N PHE B 2261 1.10 -53.17 32.73
CA PHE B 2261 1.51 -53.99 33.86
C PHE B 2261 2.95 -53.71 34.26
N SER B 2262 3.82 -53.52 33.26
CA SER B 2262 5.23 -53.23 33.53
C SER B 2262 5.46 -51.73 33.71
N ASN B 2263 4.71 -51.11 34.61
CA ASN B 2263 4.86 -49.69 34.87
C ASN B 2263 5.99 -49.45 35.88
N ALA B 2264 6.05 -48.24 36.40
CA ALA B 2264 7.11 -47.91 37.35
C ALA B 2264 6.83 -48.52 38.72
N ALA B 2265 5.55 -48.80 39.02
CA ALA B 2265 5.22 -49.34 40.33
C ALA B 2265 5.72 -50.77 40.49
N LEU B 2266 5.59 -51.57 39.43
CA LEU B 2266 6.10 -52.94 39.46
C LEU B 2266 7.61 -52.96 39.63
N TYR B 2267 8.31 -52.05 38.96
CA TYR B 2267 9.76 -52.01 39.10
C TYR B 2267 10.19 -51.48 40.45
N ASN B 2268 9.41 -50.57 41.04
CA ASN B 2268 9.70 -50.11 42.39
C ASN B 2268 9.55 -51.23 43.40
N TRP B 2269 8.48 -52.01 43.26
CA TRP B 2269 8.27 -53.15 44.16
C TRP B 2269 9.34 -54.21 43.96
N LEU B 2270 9.74 -54.41 42.71
CA LEU B 2270 10.80 -55.38 42.40
C LEU B 2270 12.12 -54.97 43.01
N ARG B 2271 12.48 -53.69 42.91
CA ARG B 2271 13.77 -53.29 43.45
C ARG B 2271 13.78 -53.26 44.97
N GLY B 2272 12.64 -52.96 45.61
CA GLY B 2272 12.61 -53.02 47.07
C GLY B 2272 12.70 -54.45 47.59
N ARG B 2273 11.86 -55.33 47.04
CA ARG B 2273 11.87 -56.74 47.45
C ARG B 2273 13.21 -57.39 47.15
N LEU B 2274 13.80 -57.08 46.01
CA LEU B 2274 15.06 -57.68 45.64
C LEU B 2274 16.22 -57.11 46.45
N SER B 2275 16.13 -55.85 46.88
CA SER B 2275 17.15 -55.31 47.75
C SER B 2275 17.13 -55.99 49.11
N ALA B 2276 15.92 -56.28 49.62
CA ALA B 2276 15.80 -57.01 50.89
C ALA B 2276 16.39 -58.41 50.78
N ILE B 2277 16.01 -59.14 49.73
CA ILE B 2277 16.46 -60.51 49.55
C ILE B 2277 17.96 -60.54 49.28
N TYR B 2278 18.48 -59.52 48.58
CA TYR B 2278 19.89 -59.41 48.28
C TYR B 2278 20.72 -59.17 49.54
N TYR B 2279 20.21 -58.36 50.46
CA TYR B 2279 20.94 -58.11 51.69
C TYR B 2279 20.98 -59.35 52.58
N GLN B 2280 19.85 -60.06 52.69
CA GLN B 2280 19.85 -61.26 53.51
C GLN B 2280 20.71 -62.36 52.89
N PHE B 2281 20.73 -62.43 51.56
CA PHE B 2281 21.61 -63.37 50.88
C PHE B 2281 23.07 -62.99 51.03
N TYR B 2282 23.36 -61.68 51.15
CA TYR B 2282 24.72 -61.25 51.46
C TYR B 2282 25.15 -61.76 52.82
N ASP B 2283 24.25 -61.70 53.80
CA ASP B 2283 24.55 -62.24 55.13
C ASP B 2283 24.85 -63.73 55.07
N LEU B 2284 24.04 -64.47 54.32
CA LEU B 2284 24.23 -65.92 54.22
C LEU B 2284 25.53 -66.28 53.50
N ALA B 2285 25.84 -65.57 52.41
CA ALA B 2285 27.05 -65.91 51.66
C ALA B 2285 28.31 -65.48 52.38
N VAL B 2286 28.29 -64.38 53.13
CA VAL B 2286 29.49 -64.05 53.90
C VAL B 2286 29.65 -64.99 55.07
N SER B 2287 28.55 -65.57 55.58
CA SER B 2287 28.68 -66.61 56.59
C SER B 2287 29.27 -67.88 56.01
N LEU B 2288 28.91 -68.22 54.77
CA LEU B 2288 29.50 -69.39 54.13
C LEU B 2288 30.97 -69.17 53.82
N CYS B 2289 31.34 -67.95 53.44
CA CYS B 2289 32.75 -67.67 53.18
C CYS B 2289 33.56 -67.70 54.47
N LEU B 2290 32.96 -67.25 55.58
CA LEU B 2290 33.66 -67.36 56.86
C LEU B 2290 33.78 -68.81 57.31
N MET B 2291 32.78 -69.65 56.98
CA MET B 2291 32.88 -71.08 57.20
C MET B 2291 34.07 -71.68 56.45
N ALA B 2292 34.21 -71.32 55.16
CA ALA B 2292 35.32 -71.84 54.37
C ALA B 2292 36.67 -71.31 54.85
N GLU B 2293 36.70 -70.07 55.34
CA GLU B 2293 37.94 -69.51 55.88
C GLU B 2293 38.35 -70.23 57.15
N GLN B 2294 37.38 -70.51 58.03
CA GLN B 2294 37.66 -71.29 59.23
C GLN B 2294 38.16 -72.69 58.89
N THR B 2295 37.58 -73.29 57.85
CA THR B 2295 38.04 -74.59 57.37
C THR B 2295 39.47 -74.55 56.85
N TYR B 2296 39.83 -73.51 56.09
CA TYR B 2296 41.19 -73.39 55.57
C TYR B 2296 42.19 -73.14 56.69
N GLN B 2297 41.83 -72.29 57.64
CA GLN B 2297 42.70 -72.00 58.79
C GLN B 2297 42.86 -73.21 59.71
N TYR B 2298 41.88 -74.12 59.71
CA TYR B 2298 42.08 -75.34 60.48
C TYR B 2298 42.92 -76.35 59.72
N GLU B 2299 42.72 -76.46 58.41
CA GLU B 2299 43.44 -77.46 57.64
C GLU B 2299 44.92 -77.11 57.50
N LEU B 2300 45.20 -75.97 56.87
CA LEU B 2300 46.56 -75.46 56.95
C LEU B 2300 46.73 -74.81 58.31
N ASN B 2301 47.68 -75.33 59.10
CA ASN B 2301 47.77 -74.99 60.52
C ASN B 2301 48.29 -73.57 60.66
N ASN B 2302 47.37 -72.61 60.50
CA ASN B 2302 47.68 -71.19 60.52
C ASN B 2302 46.38 -70.46 60.86
N ALA B 2303 46.37 -69.81 62.01
CA ALA B 2303 45.21 -69.07 62.45
C ALA B 2303 45.17 -67.64 61.95
N ALA B 2304 46.20 -67.20 61.21
CA ALA B 2304 46.28 -65.83 60.75
C ALA B 2304 45.88 -65.67 59.30
N ALA B 2305 45.52 -66.75 58.62
CA ALA B 2305 45.14 -66.67 57.23
C ALA B 2305 43.75 -66.05 57.11
N HIS B 2306 43.70 -64.73 57.00
CA HIS B 2306 42.45 -63.98 56.91
C HIS B 2306 42.27 -63.59 55.45
N PHE B 2307 41.38 -64.30 54.75
CA PHE B 2307 41.21 -64.11 53.32
C PHE B 2307 39.97 -63.33 52.94
N ILE B 2308 38.96 -63.29 53.80
CA ILE B 2308 37.74 -62.55 53.52
C ILE B 2308 37.97 -61.15 54.09
N LYS B 2309 38.00 -60.19 53.20
CA LYS B 2309 38.24 -58.82 53.64
C LYS B 2309 36.97 -58.24 54.25
N PRO B 2310 37.10 -57.45 55.31
CA PRO B 2310 35.93 -56.78 55.89
C PRO B 2310 35.43 -55.70 54.93
N GLY B 2311 34.14 -55.68 54.73
CA GLY B 2311 33.58 -54.69 53.85
C GLY B 2311 32.73 -55.37 52.79
N ALA B 2312 32.94 -54.92 51.55
CA ALA B 2312 32.39 -55.47 50.30
C ALA B 2312 30.88 -55.27 50.16
N TRP B 2313 30.22 -54.73 51.17
CA TRP B 2313 28.84 -54.30 51.08
C TRP B 2313 28.87 -52.79 51.28
N HIS B 2314 29.06 -52.07 50.19
CA HIS B 2314 29.10 -50.63 50.25
C HIS B 2314 27.67 -50.12 50.11
N GLY B 2315 27.09 -49.68 51.24
CA GLY B 2315 25.68 -49.34 51.28
C GLY B 2315 25.30 -48.13 50.45
N THR B 2316 26.24 -47.23 50.20
CA THR B 2316 25.94 -46.06 49.39
C THR B 2316 25.73 -46.39 47.93
N TYR B 2317 26.25 -47.51 47.47
CA TYR B 2317 25.95 -48.04 46.14
C TYR B 2317 25.08 -49.28 46.26
N ALA B 2318 24.36 -49.38 47.38
CA ALA B 2318 23.44 -50.46 47.73
C ALA B 2318 24.09 -51.83 47.73
N GLY B 2319 25.39 -51.90 47.98
CA GLY B 2319 26.07 -53.17 48.10
C GLY B 2319 26.23 -53.96 46.83
N LEU B 2320 26.41 -53.28 45.69
CA LEU B 2320 26.64 -54.01 44.46
C LEU B 2320 28.07 -54.52 44.41
N LEU B 2321 28.29 -55.52 43.53
CA LEU B 2321 29.58 -56.19 43.31
C LEU B 2321 30.10 -56.94 44.55
N ALA B 2322 29.22 -57.19 45.52
CA ALA B 2322 29.60 -57.96 46.69
C ALA B 2322 29.97 -59.38 46.32
N GLY B 2323 29.24 -59.95 45.37
CA GLY B 2323 29.59 -61.27 44.87
C GLY B 2323 30.90 -61.27 44.11
N GLU B 2324 31.23 -60.16 43.46
CA GLU B 2324 32.52 -60.06 42.79
C GLU B 2324 33.66 -60.04 43.79
N THR B 2325 33.50 -59.28 44.88
CA THR B 2325 34.55 -59.23 45.89
C THR B 2325 34.68 -60.57 46.61
N LEU B 2326 33.56 -61.24 46.89
CA LEU B 2326 33.64 -62.53 47.55
C LEU B 2326 34.19 -63.61 46.64
N MET B 2327 33.91 -63.55 45.34
CA MET B 2327 34.51 -64.48 44.40
C MET B 2327 36.01 -64.26 44.31
N LEU B 2328 36.44 -63.00 44.39
CA LEU B 2328 37.87 -62.69 44.41
C LEU B 2328 38.54 -63.27 45.65
N ASN B 2329 37.89 -63.15 46.80
CA ASN B 2329 38.46 -63.69 48.03
C ASN B 2329 38.50 -65.21 48.02
N LEU B 2330 37.44 -65.84 47.47
CA LEU B 2330 37.40 -67.29 47.39
C LEU B 2330 38.47 -67.83 46.44
N ALA B 2331 38.68 -67.14 45.32
CA ALA B 2331 39.72 -67.60 44.39
C ALA B 2331 41.11 -67.36 44.95
N GLN B 2332 41.30 -66.29 45.74
CA GLN B 2332 42.56 -66.08 46.44
C GLN B 2332 42.85 -67.22 47.41
N MET B 2333 41.88 -67.56 48.24
CA MET B 2333 42.09 -68.62 49.23
C MET B 2333 42.25 -69.97 48.56
N GLU B 2334 41.55 -70.21 47.45
CA GLU B 2334 41.68 -71.46 46.73
C GLU B 2334 43.04 -71.61 46.08
N LYS B 2335 43.55 -70.52 45.48
CA LYS B 2335 44.86 -70.58 44.86
C LYS B 2335 45.96 -70.75 45.91
N SER B 2336 45.78 -70.11 47.08
CA SER B 2336 46.74 -70.31 48.15
C SER B 2336 46.73 -71.74 48.67
N TYR B 2337 45.55 -72.37 48.75
CA TYR B 2337 45.47 -73.76 49.18
C TYR B 2337 46.13 -74.69 48.17
N LEU B 2338 45.91 -74.42 46.88
CA LEU B 2338 46.52 -75.27 45.85
C LEU B 2338 48.02 -75.07 45.79
N GLU B 2339 48.51 -73.88 46.10
CA GLU B 2339 49.95 -73.67 46.10
C GLU B 2339 50.62 -74.20 47.36
N LYS B 2340 49.93 -74.26 48.48
CA LYS B 2340 50.55 -74.69 49.73
C LYS B 2340 50.19 -76.10 50.15
N ASP B 2341 49.39 -76.82 49.36
CA ASP B 2341 49.06 -78.20 49.70
C ASP B 2341 50.13 -79.15 49.17
N GLU B 2342 50.75 -79.90 50.07
CA GLU B 2342 51.65 -80.98 49.72
C GLU B 2342 50.99 -82.31 50.11
N ARG B 2343 51.68 -83.42 49.82
CA ARG B 2343 51.06 -84.74 49.96
C ARG B 2343 50.75 -85.15 51.39
N ALA B 2344 51.78 -85.53 52.17
CA ALA B 2344 51.61 -86.20 53.45
C ALA B 2344 52.93 -86.57 54.11
N LEU B 2345 52.84 -87.06 55.35
CA LEU B 2345 53.74 -88.09 55.87
C LEU B 2345 52.92 -88.83 56.93
N GLU B 2346 52.25 -89.88 56.51
CA GLU B 2346 51.22 -90.50 57.34
C GLU B 2346 51.82 -91.62 58.19
N VAL B 2347 51.92 -91.39 59.50
CA VAL B 2347 52.62 -92.30 60.40
C VAL B 2347 51.62 -92.86 61.39
N THR B 2348 51.46 -94.17 61.38
CA THR B 2348 50.66 -94.84 62.40
C THR B 2348 51.56 -95.28 63.54
N ARG B 2349 51.18 -94.88 64.75
CA ARG B 2349 51.94 -95.24 65.95
C ARG B 2349 51.03 -96.00 66.88
N THR B 2350 51.27 -97.30 67.02
CA THR B 2350 50.51 -98.14 67.93
C THR B 2350 51.12 -98.01 69.32
N VAL B 2351 50.31 -97.61 70.28
CA VAL B 2351 50.77 -97.34 71.64
C VAL B 2351 50.04 -98.27 72.59
N SER B 2352 50.80 -99.08 73.33
CA SER B 2352 50.25 -99.94 74.36
C SER B 2352 50.29 -99.21 75.68
N LEU B 2353 49.13 -99.03 76.31
CA LEU B 2353 49.05 -98.26 77.53
C LEU B 2353 49.69 -98.96 78.71
N ALA B 2354 49.80 -100.28 78.67
CA ALA B 2354 50.47 -101.01 79.75
C ALA B 2354 51.94 -100.67 79.79
N GLU B 2355 52.55 -100.48 78.62
CA GLU B 2355 53.95 -100.07 78.56
C GLU B 2355 54.16 -98.68 79.14
N VAL B 2356 53.23 -97.76 78.86
CA VAL B 2356 53.34 -96.41 79.39
C VAL B 2356 53.09 -96.39 80.89
N TYR B 2357 52.18 -97.23 81.35
CA TYR B 2357 51.91 -97.30 82.79
C TYR B 2357 53.03 -97.99 83.54
N ALA B 2358 53.78 -98.86 82.86
CA ALA B 2358 54.94 -99.48 83.49
C ALA B 2358 56.16 -98.58 83.47
N GLY B 2359 56.36 -97.83 82.40
CA GLY B 2359 57.49 -96.94 82.29
C GLY B 2359 57.12 -95.51 82.64
N LEU B 2360 56.28 -95.36 83.65
CA LEU B 2360 55.79 -94.05 84.05
C LEU B 2360 56.81 -93.26 84.85
N THR B 2361 57.76 -93.94 85.51
CA THR B 2361 58.82 -93.41 86.37
C THR B 2361 58.30 -92.62 87.57
N GLU B 2362 57.01 -92.67 87.86
CA GLU B 2362 56.43 -92.05 89.05
C GLU B 2362 55.10 -92.76 89.31
N ASN B 2363 55.07 -93.55 90.38
CA ASN B 2363 53.91 -94.38 90.75
C ASN B 2363 53.50 -95.30 89.61
N SER B 2364 54.50 -95.88 88.94
CA SER B 2364 54.24 -96.79 87.84
C SER B 2364 53.64 -98.10 88.36
N PHE B 2365 52.93 -98.80 87.49
CA PHE B 2365 52.16 -99.95 87.95
C PHE B 2365 51.98 -100.94 86.82
N ILE B 2366 51.44 -102.09 87.18
CA ILE B 2366 51.04 -103.12 86.22
C ILE B 2366 49.55 -103.00 85.99
N LEU B 2367 49.20 -102.80 84.72
CA LEU B 2367 47.83 -102.47 84.31
C LEU B 2367 46.86 -103.61 84.60
N LYS B 2368 47.29 -104.85 84.34
CA LYS B 2368 46.38 -106.00 84.49
C LYS B 2368 46.06 -106.29 85.94
N ASP B 2369 46.93 -105.89 86.87
CA ASP B 2369 46.61 -106.04 88.28
C ASP B 2369 45.87 -104.84 88.82
N LYS B 2370 46.15 -103.64 88.31
CA LYS B 2370 45.42 -102.48 88.79
C LYS B 2370 43.98 -102.49 88.32
N VAL B 2371 43.69 -103.11 87.17
CA VAL B 2371 42.29 -103.14 86.72
C VAL B 2371 41.46 -104.08 87.59
N THR B 2372 42.00 -105.23 87.98
CA THR B 2372 41.21 -106.11 88.84
C THR B 2372 41.16 -105.60 90.27
N GLU B 2373 42.21 -104.90 90.71
CA GLU B 2373 42.17 -104.21 91.99
C GLU B 2373 41.08 -103.15 92.02
N LEU B 2374 41.00 -102.32 90.98
CA LEU B 2374 40.01 -101.26 90.97
C LEU B 2374 38.62 -101.74 90.60
N VAL B 2375 38.48 -102.93 90.02
CA VAL B 2375 37.15 -103.48 89.77
C VAL B 2375 36.60 -104.18 91.00
N ASN B 2376 37.39 -105.05 91.64
CA ASN B 2376 36.92 -105.70 92.85
C ASN B 2376 36.85 -104.75 94.03
N ALA B 2377 37.62 -103.67 94.00
CA ALA B 2377 37.50 -102.58 94.97
C ALA B 2377 37.22 -101.33 94.15
N GLY B 2378 35.94 -101.03 93.98
CA GLY B 2378 35.53 -99.93 93.11
C GLY B 2378 35.66 -98.55 93.71
N GLU B 2379 36.82 -98.23 94.26
CA GLU B 2379 37.06 -96.93 94.86
C GLU B 2379 38.35 -96.28 94.39
N GLY B 2380 39.41 -97.06 94.21
CA GLY B 2380 40.75 -96.50 94.08
C GLY B 2380 41.04 -95.90 92.72
N SER B 2381 42.28 -95.43 92.59
CA SER B 2381 42.81 -94.90 91.35
C SER B 2381 44.13 -95.60 91.06
N ALA B 2382 44.86 -95.11 90.06
CA ALA B 2382 46.13 -95.71 89.72
C ALA B 2382 47.08 -94.63 89.25
N GLY B 2383 48.28 -94.63 89.83
CA GLY B 2383 49.32 -93.70 89.46
C GLY B 2383 48.98 -92.26 89.77
N THR B 2384 49.75 -91.37 89.14
CA THR B 2384 49.52 -89.95 89.27
C THR B 2384 48.31 -89.53 88.46
N THR B 2385 47.94 -88.26 88.63
CA THR B 2385 46.91 -87.68 87.78
C THR B 2385 47.45 -87.48 86.37
N LEU B 2386 46.53 -87.46 85.40
CA LEU B 2386 46.71 -87.28 83.96
C LEU B 2386 47.42 -88.46 83.29
N ASN B 2387 47.91 -89.44 84.03
CA ASN B 2387 48.60 -90.58 83.46
C ASN B 2387 48.23 -91.85 84.19
N GLY B 2388 46.94 -92.03 84.46
CA GLY B 2388 46.56 -93.24 85.18
C GLY B 2388 45.06 -93.42 85.22
N LEU B 2389 44.66 -94.47 85.93
CA LEU B 2389 43.27 -94.85 86.03
C LEU B 2389 42.60 -94.13 87.19
N ASN B 2390 41.27 -94.09 87.14
CA ASN B 2390 40.46 -93.63 88.26
C ASN B 2390 39.06 -94.21 88.10
N VAL B 2391 38.43 -94.55 89.22
CA VAL B 2391 37.05 -94.99 89.23
C VAL B 2391 36.21 -93.83 89.73
N GLU B 2392 35.25 -93.40 88.91
CA GLU B 2392 34.36 -92.29 89.23
C GLU B 2392 32.94 -92.79 89.21
N GLY B 2393 32.39 -93.07 90.40
CA GLY B 2393 31.06 -93.61 90.52
C GLY B 2393 30.97 -95.00 89.96
N THR B 2394 30.33 -95.14 88.80
CA THR B 2394 30.28 -96.39 88.07
C THR B 2394 31.00 -96.26 86.73
N GLN B 2395 32.02 -95.41 86.67
CA GLN B 2395 32.71 -95.16 85.41
C GLN B 2395 34.21 -95.29 85.63
N LEU B 2396 34.77 -96.43 85.24
CA LEU B 2396 36.21 -96.58 85.25
C LEU B 2396 36.80 -95.85 84.06
N GLN B 2397 37.68 -94.88 84.34
CA GLN B 2397 38.30 -94.09 83.30
C GLN B 2397 39.81 -94.16 83.41
N ALA B 2398 40.45 -94.28 82.26
CA ALA B 2398 41.91 -94.38 82.17
C ALA B 2398 42.42 -93.16 81.42
N SER B 2399 43.31 -92.40 82.06
CA SER B 2399 43.79 -91.15 81.51
C SER B 2399 45.16 -91.34 80.89
N LEU B 2400 45.54 -90.37 80.07
CA LEU B 2400 46.82 -90.38 79.38
C LEU B 2400 47.10 -88.96 78.92
N LYS B 2401 48.32 -88.49 79.19
CA LYS B 2401 48.78 -87.20 78.72
C LYS B 2401 49.60 -87.39 77.44
N LEU B 2402 49.16 -86.75 76.37
CA LEU B 2402 49.75 -86.96 75.06
C LEU B 2402 51.12 -86.34 74.91
N SER B 2403 51.44 -85.32 75.70
CA SER B 2403 52.76 -84.70 75.64
C SER B 2403 53.85 -85.63 76.16
N ASP B 2404 53.51 -86.59 77.01
CA ASP B 2404 54.47 -87.47 77.64
C ASP B 2404 54.82 -88.68 76.79
N LEU B 2405 54.36 -88.73 75.54
CA LEU B 2405 54.61 -89.89 74.71
C LEU B 2405 55.72 -89.67 73.68
N ASN B 2406 56.19 -88.42 73.54
CA ASN B 2406 57.35 -88.05 72.72
C ASN B 2406 57.15 -88.42 71.25
N ILE B 2407 55.95 -88.13 70.74
CA ILE B 2407 55.59 -88.58 69.40
C ILE B 2407 56.25 -87.73 68.34
N ALA B 2408 56.33 -86.41 68.57
CA ALA B 2408 56.90 -85.50 67.57
C ALA B 2408 58.40 -85.68 67.41
N THR B 2409 59.08 -86.28 68.38
CA THR B 2409 60.51 -86.52 68.29
C THR B 2409 60.83 -87.96 67.95
N ASP B 2410 59.85 -88.71 67.43
CA ASP B 2410 60.13 -90.07 66.99
C ASP B 2410 60.90 -90.06 65.67
N TYR B 2411 60.78 -89.00 64.91
CA TYR B 2411 61.50 -88.82 63.66
C TYR B 2411 62.35 -87.56 63.72
N PRO B 2412 63.31 -87.41 62.81
CA PRO B 2412 63.99 -86.11 62.69
C PRO B 2412 63.02 -85.01 62.28
N ASP B 2413 63.34 -83.79 62.69
CA ASP B 2413 62.47 -82.66 62.41
C ASP B 2413 62.69 -82.04 61.04
N GLY B 2414 63.51 -82.66 60.20
CA GLY B 2414 63.67 -82.17 58.85
C GLY B 2414 62.58 -82.57 57.89
N LEU B 2415 61.54 -83.25 58.38
CA LEU B 2415 60.48 -83.75 57.52
C LEU B 2415 59.14 -83.07 57.77
N GLY B 2416 59.11 -82.06 58.63
CA GLY B 2416 57.89 -81.31 58.88
C GLY B 2416 57.60 -81.15 60.35
N ASN B 2417 57.01 -80.01 60.69
CA ASN B 2417 56.66 -79.69 62.07
C ASN B 2417 55.18 -79.78 62.36
N THR B 2418 54.33 -79.59 61.37
CA THR B 2418 52.89 -79.72 61.56
C THR B 2418 52.55 -81.20 61.64
N ARG B 2419 52.78 -81.78 62.80
CA ARG B 2419 52.54 -83.20 63.04
C ARG B 2419 51.23 -83.30 63.79
N ARG B 2420 50.16 -83.55 63.05
CA ARG B 2420 48.82 -83.55 63.59
C ARG B 2420 48.26 -84.96 63.55
N ILE B 2421 47.40 -85.26 64.52
CA ILE B 2421 46.79 -86.59 64.61
C ILE B 2421 45.79 -86.76 63.48
N LYS B 2422 45.93 -87.84 62.72
CA LYS B 2422 44.98 -88.11 61.66
C LYS B 2422 43.75 -88.85 62.19
N GLN B 2423 43.96 -89.98 62.85
CA GLN B 2423 42.86 -90.85 63.25
C GLN B 2423 43.37 -91.77 64.36
N ILE B 2424 42.48 -92.08 65.31
CA ILE B 2424 42.81 -92.95 66.44
C ILE B 2424 41.77 -94.06 66.51
N SER B 2425 42.23 -95.29 66.65
CA SER B 2425 41.35 -96.42 66.95
C SER B 2425 41.93 -97.21 68.11
N VAL B 2426 41.06 -97.92 68.83
CA VAL B 2426 41.41 -98.56 70.08
C VAL B 2426 41.35 -100.07 69.89
N THR B 2427 42.39 -100.76 70.37
CA THR B 2427 42.41 -102.22 70.42
C THR B 2427 42.43 -102.66 71.88
N LEU B 2428 41.42 -103.42 72.29
CA LEU B 2428 41.35 -104.01 73.62
C LEU B 2428 41.31 -105.53 73.44
N PRO B 2429 42.46 -106.18 73.42
CA PRO B 2429 42.48 -107.65 73.25
C PRO B 2429 42.09 -108.39 74.53
N ALA B 2430 40.81 -108.33 74.85
CA ALA B 2430 40.23 -109.04 75.98
C ALA B 2430 39.36 -110.19 75.47
N LEU B 2431 38.88 -110.99 76.41
CA LEU B 2431 38.00 -112.12 76.06
C LEU B 2431 36.55 -111.64 76.17
N LEU B 2432 36.03 -111.20 75.04
CA LEU B 2432 34.65 -110.73 74.99
C LEU B 2432 33.70 -111.91 74.94
N GLY B 2433 32.52 -111.75 75.52
CA GLY B 2433 31.52 -112.78 75.50
C GLY B 2433 30.90 -112.92 74.12
N PRO B 2434 30.11 -113.98 73.95
CA PRO B 2434 29.45 -114.22 72.65
C PRO B 2434 28.38 -113.17 72.39
N TYR B 2435 28.57 -112.42 71.28
CA TYR B 2435 27.69 -111.33 70.85
C TYR B 2435 27.58 -110.25 71.93
N GLN B 2436 28.69 -110.03 72.64
CA GLN B 2436 28.73 -109.13 73.77
C GLN B 2436 29.44 -107.84 73.37
N ASP B 2437 28.88 -106.71 73.79
CA ASP B 2437 29.41 -105.41 73.41
C ASP B 2437 30.34 -104.87 74.48
N VAL B 2438 31.23 -104.00 74.04
CA VAL B 2438 32.06 -103.19 74.92
C VAL B 2438 31.46 -101.80 74.98
N ARG B 2439 31.45 -101.20 76.16
CA ARG B 2439 30.98 -99.84 76.33
C ARG B 2439 32.15 -99.01 76.84
N ALA B 2440 32.64 -98.12 75.98
CA ALA B 2440 33.79 -97.30 76.33
C ALA B 2440 33.77 -96.06 75.45
N ILE B 2441 34.28 -94.97 75.98
CA ILE B 2441 34.37 -93.70 75.27
C ILE B 2441 35.82 -93.24 75.33
N LEU B 2442 36.46 -93.13 74.16
CA LEU B 2442 37.76 -92.50 74.06
C LEU B 2442 37.53 -91.00 73.97
N SER B 2443 37.78 -90.30 75.06
CA SER B 2443 37.48 -88.87 75.16
C SER B 2443 38.76 -88.06 75.03
N TYR B 2444 38.60 -86.77 74.78
CA TYR B 2444 39.71 -85.84 74.74
C TYR B 2444 39.49 -84.74 75.76
N GLY B 2445 40.55 -84.41 76.50
CA GLY B 2445 40.52 -83.24 77.35
C GLY B 2445 41.57 -82.25 76.90
N GLY B 2446 41.17 -81.00 76.67
CA GLY B 2446 42.12 -80.00 76.24
C GLY B 2446 41.44 -78.72 75.83
N SER B 2447 42.15 -77.94 75.02
CA SER B 2447 41.68 -76.62 74.63
C SER B 2447 41.94 -76.29 73.16
N THR B 2448 42.05 -77.29 72.30
CA THR B 2448 42.23 -77.00 70.89
C THR B 2448 40.88 -76.72 70.23
N MET B 2449 40.92 -76.46 68.92
CA MET B 2449 39.69 -76.14 68.20
C MET B 2449 38.79 -77.36 68.06
N MET B 2450 39.26 -78.39 67.35
CA MET B 2450 38.62 -79.69 67.18
C MET B 2450 37.17 -79.58 66.71
N PRO B 2451 36.96 -79.36 65.38
CA PRO B 2451 35.79 -78.66 64.83
C PRO B 2451 34.40 -78.85 65.45
N ARG B 2452 34.03 -80.09 65.70
CA ARG B 2452 32.66 -80.45 66.02
C ARG B 2452 32.66 -81.67 66.93
N GLY B 2453 31.61 -82.47 66.86
CA GLY B 2453 31.52 -83.74 67.57
C GLY B 2453 32.60 -84.80 67.34
N CYS B 2454 33.65 -84.47 66.58
CA CYS B 2454 34.87 -85.25 66.43
C CYS B 2454 35.73 -85.33 67.69
N LYS B 2455 35.27 -84.75 68.80
CA LYS B 2455 35.98 -84.73 70.06
C LYS B 2455 36.16 -86.11 70.69
N ALA B 2456 35.24 -87.04 70.48
CA ALA B 2456 35.32 -88.34 71.13
C ALA B 2456 34.69 -89.41 70.26
N ILE B 2457 35.11 -90.65 70.46
CA ILE B 2457 34.49 -91.80 69.81
C ILE B 2457 33.95 -92.72 70.89
N ALA B 2458 33.12 -93.67 70.46
CA ALA B 2458 32.55 -94.68 71.34
C ALA B 2458 33.01 -96.04 70.87
N ILE B 2459 33.69 -96.76 71.76
CA ILE B 2459 34.25 -98.07 71.45
C ILE B 2459 33.18 -99.11 71.72
N SER B 2460 32.66 -99.70 70.67
CA SER B 2460 31.68 -100.77 70.79
C SER B 2460 32.19 -102.09 70.24
N HIS B 2461 32.99 -102.05 69.17
CA HIS B 2461 33.56 -103.28 68.63
C HIS B 2461 34.71 -103.76 69.51
N GLY B 2462 35.58 -102.85 69.93
CA GLY B 2462 36.67 -103.19 70.81
C GLY B 2462 37.92 -103.70 70.14
N MET B 2463 37.87 -104.01 68.84
CA MET B 2463 38.99 -104.60 68.13
C MET B 2463 39.35 -103.72 66.94
N ASN B 2464 40.27 -102.78 67.18
CA ASN B 2464 40.86 -101.90 66.16
C ASN B 2464 39.78 -101.11 65.42
N ASP B 2465 38.98 -100.40 66.19
CA ASP B 2465 37.83 -99.71 65.63
C ASP B 2465 37.79 -98.27 66.10
N SER B 2466 37.29 -97.40 65.24
CA SER B 2466 36.75 -96.12 65.67
C SER B 2466 35.27 -96.34 65.96
N GLY B 2467 34.56 -95.25 66.23
CA GLY B 2467 33.12 -95.37 66.38
C GLY B 2467 32.39 -95.63 65.09
N GLN B 2468 33.01 -95.30 63.96
CA GLN B 2468 32.30 -95.26 62.70
C GLN B 2468 32.09 -96.67 62.14
N PHE B 2469 30.86 -96.94 61.72
CA PHE B 2469 30.60 -98.05 60.81
C PHE B 2469 31.23 -97.68 59.48
N GLN B 2470 31.95 -98.63 58.88
CA GLN B 2470 32.79 -98.51 57.69
C GLN B 2470 33.62 -97.22 57.70
N MET B 2471 34.54 -97.12 58.66
CA MET B 2471 35.46 -95.99 58.79
C MET B 2471 36.27 -95.81 57.52
N ASP B 2472 36.20 -94.60 56.96
CA ASP B 2472 36.71 -94.35 55.61
C ASP B 2472 37.64 -93.14 55.66
N PHE B 2473 38.90 -93.34 55.30
CA PHE B 2473 39.79 -92.22 55.11
C PHE B 2473 39.49 -91.55 53.77
N ASN B 2474 40.06 -90.36 53.60
CA ASN B 2474 39.66 -89.39 52.55
C ASN B 2474 38.17 -89.11 52.63
N ASP B 2475 37.65 -89.02 53.85
CA ASP B 2475 36.26 -88.68 54.05
C ASP B 2475 36.03 -87.20 53.76
N ALA B 2476 34.85 -86.90 53.20
CA ALA B 2476 34.48 -85.51 52.99
C ALA B 2476 34.30 -84.78 54.32
N LYS B 2477 33.61 -85.41 55.26
CA LYS B 2477 33.54 -84.90 56.62
C LYS B 2477 34.87 -85.14 57.32
N TYR B 2478 35.02 -84.50 58.47
CA TYR B 2478 36.22 -84.72 59.28
C TYR B 2478 36.09 -86.00 60.08
N LEU B 2479 37.16 -86.79 60.07
CA LEU B 2479 37.25 -87.93 60.95
C LEU B 2479 37.39 -87.46 62.39
N PRO B 2480 37.01 -88.29 63.36
CA PRO B 2480 37.24 -87.91 64.75
C PRO B 2480 38.72 -87.93 65.10
N PHE B 2481 39.09 -87.02 66.01
CA PHE B 2481 40.46 -86.79 66.46
C PHE B 2481 41.39 -86.37 65.33
N GLU B 2482 40.85 -85.75 64.30
CA GLU B 2482 41.67 -85.31 63.18
C GLU B 2482 42.18 -83.90 63.43
N GLY B 2483 43.46 -83.68 63.16
CA GLY B 2483 44.04 -82.37 63.28
C GLY B 2483 44.48 -81.96 64.66
N LEU B 2484 44.35 -82.85 65.64
CA LEU B 2484 44.87 -82.60 66.98
C LEU B 2484 46.39 -82.54 66.91
N PRO B 2485 47.04 -81.52 67.48
CA PRO B 2485 48.50 -81.48 67.52
C PRO B 2485 49.05 -82.63 68.34
N VAL B 2486 49.90 -83.44 67.73
CA VAL B 2486 50.38 -84.66 68.36
C VAL B 2486 51.33 -84.40 69.51
N ALA B 2487 51.86 -83.19 69.64
CA ALA B 2487 52.75 -82.83 70.73
C ALA B 2487 52.09 -81.87 71.71
N ASP B 2488 50.78 -82.01 71.92
CA ASP B 2488 50.06 -81.09 72.80
C ASP B 2488 49.97 -81.65 74.21
N THR B 2489 49.64 -80.78 75.15
CA THR B 2489 49.46 -81.17 76.54
C THR B 2489 48.00 -81.48 76.87
N GLY B 2490 47.40 -82.36 76.07
CA GLY B 2490 46.03 -82.75 76.28
C GLY B 2490 45.89 -83.92 77.24
N THR B 2491 44.64 -84.27 77.54
CA THR B 2491 44.31 -85.40 78.38
C THR B 2491 43.44 -86.37 77.60
N LEU B 2492 43.94 -87.56 77.37
CA LEU B 2492 43.26 -88.58 76.60
C LEU B 2492 42.65 -89.56 77.59
N THR B 2493 41.33 -89.56 77.70
CA THR B 2493 40.65 -90.34 78.72
C THR B 2493 39.77 -91.41 78.06
N LEU B 2494 39.97 -92.65 78.46
CA LEU B 2494 39.14 -93.78 78.03
C LEU B 2494 38.28 -94.19 79.21
N SER B 2495 36.99 -93.91 79.14
CA SER B 2495 36.08 -94.14 80.26
C SER B 2495 35.17 -95.32 79.96
N PHE B 2496 35.07 -96.25 80.91
CA PHE B 2496 34.20 -97.40 80.79
C PHE B 2496 32.94 -97.18 81.63
N PRO B 2497 31.77 -97.01 81.03
CA PRO B 2497 30.55 -97.00 81.83
C PRO B 2497 30.24 -98.38 82.38
N GLY B 2498 29.73 -98.38 83.61
CA GLY B 2498 29.35 -99.62 84.27
C GLY B 2498 30.51 -100.52 84.64
N ILE B 2499 31.34 -100.07 85.59
CA ILE B 2499 32.45 -100.90 86.04
C ILE B 2499 31.93 -102.09 86.85
N SER B 2500 30.87 -101.89 87.64
CA SER B 2500 30.32 -102.96 88.46
C SER B 2500 29.14 -103.65 87.81
N GLY B 2501 28.65 -103.16 86.68
CA GLY B 2501 27.48 -103.75 86.06
C GLY B 2501 27.81 -104.94 85.18
N LYS B 2502 27.30 -104.93 83.95
CA LYS B 2502 27.51 -106.04 83.04
C LYS B 2502 28.91 -106.05 82.45
N GLN B 2503 29.66 -104.96 82.59
CA GLN B 2503 31.02 -104.89 82.07
C GLN B 2503 32.03 -105.14 83.19
N LYS B 2504 31.63 -105.89 84.20
CA LYS B 2504 32.55 -106.20 85.28
C LYS B 2504 33.49 -107.33 84.89
N SER B 2505 32.94 -108.40 84.34
CA SER B 2505 33.77 -109.52 83.89
C SER B 2505 34.63 -109.13 82.70
N LEU B 2506 34.14 -108.21 81.86
CA LEU B 2506 34.92 -107.77 80.70
C LEU B 2506 36.11 -106.94 81.15
N LEU B 2507 35.92 -106.09 82.16
CA LEU B 2507 37.05 -105.36 82.72
C LEU B 2507 37.98 -106.29 83.49
N LEU B 2508 37.45 -107.35 84.08
CA LEU B 2508 38.30 -108.33 84.75
C LEU B 2508 39.13 -109.13 83.76
N SER B 2509 38.61 -109.34 82.55
CA SER B 2509 39.29 -110.13 81.55
C SER B 2509 40.13 -109.27 80.61
N LEU B 2510 40.38 -108.01 80.96
CA LEU B 2510 41.13 -107.12 80.08
C LEU B 2510 42.62 -107.41 80.21
N SER B 2511 43.29 -107.62 79.07
CA SER B 2511 44.73 -107.81 79.08
C SER B 2511 45.44 -106.48 79.23
N ASP B 2512 45.31 -105.61 78.23
CA ASP B 2512 45.93 -104.29 78.24
C ASP B 2512 45.20 -103.40 77.25
N ILE B 2513 45.54 -102.12 77.27
CA ILE B 2513 44.91 -101.11 76.42
C ILE B 2513 45.90 -100.70 75.36
N ILE B 2514 45.45 -100.73 74.10
CA ILE B 2514 46.30 -100.46 72.95
C ILE B 2514 45.57 -99.52 72.01
N LEU B 2515 46.20 -98.41 71.67
CA LEU B 2515 45.62 -97.42 70.79
C LEU B 2515 46.35 -97.45 69.46
N HIS B 2516 45.62 -97.29 68.37
CA HIS B 2516 46.22 -97.10 67.05
C HIS B 2516 46.15 -95.62 66.72
N ILE B 2517 47.08 -94.85 67.25
CA ILE B 2517 47.15 -93.42 66.96
C ILE B 2517 47.87 -93.26 65.63
N ARG B 2518 47.13 -92.82 64.63
CA ARG B 2518 47.69 -92.50 63.31
C ARG B 2518 47.77 -90.98 63.20
N TYR B 2519 48.96 -90.48 62.91
CA TYR B 2519 49.17 -89.03 62.79
C TYR B 2519 49.87 -88.75 61.48
N THR B 2520 49.88 -87.46 61.11
CA THR B 2520 50.38 -87.04 59.81
C THR B 2520 51.38 -85.91 60.00
N ILE B 2521 52.58 -86.10 59.49
CA ILE B 2521 53.60 -85.07 59.46
C ILE B 2521 53.44 -84.34 58.14
N ARG B 2522 53.45 -83.01 58.18
CA ARG B 2522 53.43 -82.21 56.97
C ARG B 2522 54.45 -81.09 57.11
N SER B 2523 55.15 -80.80 56.02
CA SER B 2523 56.16 -79.75 56.00
C SER B 2523 55.52 -78.36 56.01
N LEU C 20 -75.13 4.54 -31.33
CA LEU C 20 -73.88 5.28 -31.30
C LEU C 20 -74.06 6.64 -30.63
N LEU C 21 -73.24 6.91 -29.63
CA LEU C 21 -73.28 8.16 -28.90
C LEU C 21 -71.89 8.79 -28.84
N LEU C 22 -71.84 9.97 -28.23
CA LEU C 22 -70.61 10.73 -28.09
C LEU C 22 -69.57 10.02 -27.25
N THR C 23 -69.99 9.16 -26.31
CA THR C 23 -69.08 8.30 -25.60
C THR C 23 -68.41 7.30 -26.52
N ASN C 24 -69.12 6.84 -27.56
CA ASN C 24 -68.53 5.92 -28.51
C ASN C 24 -67.69 6.65 -29.55
N ILE C 25 -68.01 7.91 -29.80
CA ILE C 25 -67.28 8.65 -30.83
C ILE C 25 -65.86 8.97 -30.37
N SER C 26 -65.70 9.32 -29.10
CA SER C 26 -64.39 9.75 -28.61
C SER C 26 -63.39 8.61 -28.48
N PHE C 27 -63.82 7.35 -28.66
CA PHE C 27 -62.88 6.24 -28.60
C PHE C 27 -62.19 6.01 -29.93
N MET C 28 -62.97 5.95 -31.01
CA MET C 28 -62.39 5.70 -32.32
C MET C 28 -61.63 6.92 -32.81
N SER C 29 -60.70 6.68 -33.73
CA SER C 29 -59.90 7.77 -34.27
C SER C 29 -60.72 8.59 -35.25
N PHE C 30 -60.15 9.70 -35.70
CA PHE C 30 -60.88 10.55 -36.62
C PHE C 30 -61.02 9.92 -37.99
N SER C 31 -60.05 9.11 -38.42
CA SER C 31 -60.21 8.40 -39.68
C SER C 31 -61.25 7.30 -39.57
N GLU C 32 -61.31 6.64 -38.41
CA GLU C 32 -62.38 5.66 -38.16
C GLU C 32 -63.74 6.34 -38.21
N PHE C 33 -63.86 7.51 -37.60
CA PHE C 33 -65.13 8.22 -37.59
C PHE C 33 -65.50 8.73 -38.97
N ARG C 34 -64.52 9.23 -39.72
CA ARG C 34 -64.78 9.71 -41.07
C ARG C 34 -65.14 8.56 -42.01
N HIS C 35 -64.59 7.38 -41.77
CA HIS C 35 -65.05 6.22 -42.53
C HIS C 35 -66.42 5.75 -42.07
N ARG C 36 -66.78 6.03 -40.82
CA ARG C 36 -68.10 5.66 -40.34
C ARG C 36 -69.19 6.51 -40.97
N THR C 37 -69.00 7.83 -41.01
CA THR C 37 -70.03 8.71 -41.54
C THR C 37 -69.57 9.45 -42.80
N SER C 38 -68.94 8.71 -43.72
CA SER C 38 -68.44 9.30 -44.95
C SER C 38 -69.55 9.80 -45.87
N GLY C 39 -70.63 9.04 -46.02
CA GLY C 39 -71.65 9.40 -46.98
C GLY C 39 -72.70 10.32 -46.41
N THR C 40 -73.09 10.07 -45.16
CA THR C 40 -74.18 10.82 -44.55
C THR C 40 -73.79 12.24 -44.16
N LEU C 41 -72.57 12.47 -43.70
CA LEU C 41 -72.10 13.81 -43.36
C LEU C 41 -70.97 14.20 -44.29
N THR C 42 -70.54 15.46 -44.16
CA THR C 42 -69.58 16.04 -45.09
C THR C 42 -68.44 16.72 -44.34
N TRP C 43 -67.90 16.02 -43.34
CA TRP C 43 -66.60 16.24 -42.70
C TRP C 43 -66.53 17.49 -41.84
N ARG C 44 -67.44 18.44 -42.01
CA ARG C 44 -67.48 19.61 -41.16
C ARG C 44 -68.27 19.34 -39.90
N GLU C 45 -69.48 18.79 -40.07
CA GLU C 45 -70.24 18.31 -38.94
C GLU C 45 -69.58 17.11 -38.30
N THR C 46 -68.85 16.31 -39.09
CA THR C 46 -68.07 15.21 -38.54
C THR C 46 -66.96 15.73 -37.63
N ASP C 47 -66.25 16.76 -38.08
CA ASP C 47 -65.24 17.39 -37.24
C ASP C 47 -65.85 18.05 -36.01
N PHE C 48 -67.02 18.66 -36.16
CA PHE C 48 -67.69 19.30 -35.03
C PHE C 48 -68.13 18.28 -33.99
N LEU C 49 -68.69 17.16 -34.43
CA LEU C 49 -69.07 16.10 -33.51
C LEU C 49 -67.87 15.46 -32.86
N TYR C 50 -66.76 15.36 -33.60
CA TYR C 50 -65.53 14.82 -33.02
C TYR C 50 -65.00 15.73 -31.93
N GLN C 51 -65.02 17.04 -32.16
CA GLN C 51 -64.57 17.99 -31.15
C GLN C 51 -65.49 17.99 -29.94
N GLN C 52 -66.80 17.85 -30.17
CA GLN C 52 -67.72 17.85 -29.04
C GLN C 52 -67.60 16.59 -28.20
N ALA C 53 -67.38 15.44 -28.86
CA ALA C 53 -67.19 14.19 -28.12
C ALA C 53 -65.88 14.20 -27.36
N HIS C 54 -64.85 14.81 -27.95
CA HIS C 54 -63.57 14.94 -27.25
C HIS C 54 -63.69 15.85 -26.05
N GLN C 55 -64.47 16.93 -26.17
CA GLN C 55 -64.69 17.83 -25.05
C GLN C 55 -65.48 17.16 -23.94
N GLU C 56 -66.47 16.35 -24.33
CA GLU C 56 -67.25 15.60 -23.35
C GLU C 56 -66.38 14.60 -22.60
N SER C 57 -65.49 13.91 -23.32
CA SER C 57 -64.60 12.95 -22.68
C SER C 57 -63.62 13.63 -21.74
N LYS C 58 -63.11 14.81 -22.15
CA LYS C 58 -62.20 15.57 -21.30
C LYS C 58 -62.88 16.03 -20.02
N GLN C 59 -64.11 16.54 -20.13
CA GLN C 59 -64.81 16.98 -18.92
C GLN C 59 -65.28 15.82 -18.05
N ASN C 60 -65.56 14.65 -18.63
CA ASN C 60 -65.85 13.48 -17.82
C ASN C 60 -64.64 13.05 -17.03
N LYS C 61 -63.46 13.05 -17.66
CA LYS C 61 -62.22 12.74 -16.95
C LYS C 61 -61.92 13.77 -15.87
N LEU C 62 -62.20 15.05 -16.15
CA LEU C 62 -61.99 16.11 -15.16
C LEU C 62 -62.90 15.95 -13.96
N GLU C 63 -64.17 15.63 -14.20
CA GLU C 63 -65.11 15.46 -13.09
C GLU C 63 -64.78 14.23 -12.27
N GLU C 64 -64.34 13.15 -12.93
CA GLU C 64 -63.93 11.95 -12.21
C GLU C 64 -62.69 12.22 -11.36
N LEU C 65 -61.73 12.97 -11.90
CA LEU C 65 -60.54 13.33 -11.15
C LEU C 65 -60.88 14.23 -9.97
N ARG C 66 -61.81 15.15 -10.17
CA ARG C 66 -62.22 16.05 -9.11
C ARG C 66 -62.99 15.33 -8.01
N ILE C 67 -63.70 14.25 -8.37
CA ILE C 67 -64.40 13.47 -7.35
C ILE C 67 -63.41 12.61 -6.57
N LEU C 68 -62.56 11.86 -7.28
CA LEU C 68 -61.68 10.92 -6.61
C LEU C 68 -60.54 11.59 -5.87
N SER C 69 -60.14 12.79 -6.27
CA SER C 69 -59.00 13.41 -5.61
C SER C 69 -59.36 14.07 -4.30
N ARG C 70 -60.63 14.08 -3.91
CA ARG C 70 -61.02 14.56 -2.60
C ARG C 70 -61.52 13.46 -1.70
N ALA C 71 -61.84 12.29 -2.25
CA ALA C 71 -62.21 11.13 -1.47
C ALA C 71 -61.02 10.23 -1.15
N ASN C 72 -59.83 10.80 -1.09
CA ASN C 72 -58.64 10.04 -0.76
C ASN C 72 -58.67 9.67 0.73
N PRO C 73 -58.45 8.41 1.09
CA PRO C 73 -58.44 8.04 2.52
C PRO C 73 -57.27 8.62 3.28
N GLN C 74 -56.18 8.99 2.60
CA GLN C 74 -55.07 9.63 3.28
C GLN C 74 -55.41 11.02 3.75
N LEU C 75 -56.25 11.74 3.00
CA LEU C 75 -56.55 13.13 3.28
C LEU C 75 -57.74 13.32 4.21
N ALA C 76 -58.07 12.31 5.01
CA ALA C 76 -59.18 12.43 5.94
C ALA C 76 -58.72 12.96 7.29
N ASN C 77 -57.71 12.34 7.89
CA ASN C 77 -57.33 12.63 9.26
C ASN C 77 -56.20 13.65 9.35
N ILE C 78 -56.04 14.48 8.36
CA ILE C 78 -54.97 15.47 8.34
C ILE C 78 -55.50 16.76 8.93
N THR C 79 -54.72 17.36 9.82
CA THR C 79 -55.17 18.48 10.64
C THR C 79 -55.16 19.76 9.82
N ASN C 80 -56.28 20.49 9.88
CA ASN C 80 -56.45 21.84 9.35
C ASN C 80 -56.22 21.95 7.85
N LEU C 81 -56.45 20.87 7.11
CA LEU C 81 -56.52 20.95 5.66
C LEU C 81 -58.00 21.01 5.29
N ASN C 82 -58.49 22.22 5.11
CA ASN C 82 -59.92 22.43 4.91
C ASN C 82 -60.35 21.98 3.53
N ILE C 83 -60.55 20.67 3.36
CA ILE C 83 -60.96 20.09 2.09
C ILE C 83 -62.33 19.47 2.28
N THR C 84 -63.30 19.97 1.55
CA THR C 84 -64.61 19.34 1.51
C THR C 84 -64.66 18.35 0.34
N PRO C 85 -65.43 17.28 0.45
CA PRO C 85 -65.73 16.47 -0.73
C PRO C 85 -66.56 17.25 -1.74
N SER C 86 -66.51 16.80 -2.98
CA SER C 86 -66.93 17.62 -4.11
C SER C 86 -68.43 17.69 -4.31
N THR C 87 -69.25 17.32 -3.31
CA THR C 87 -70.72 17.32 -3.29
C THR C 87 -71.34 16.42 -4.35
N LEU C 88 -70.54 15.61 -5.04
CA LEU C 88 -71.03 14.60 -5.96
C LEU C 88 -70.49 13.23 -5.60
N ASN C 89 -69.87 13.12 -4.41
CA ASN C 89 -69.31 11.86 -3.97
C ASN C 89 -70.42 10.84 -3.71
N ASN C 90 -71.56 11.30 -3.18
CA ASN C 90 -72.70 10.42 -3.00
C ASN C 90 -73.27 9.98 -4.34
N SER C 91 -73.27 10.88 -5.33
CA SER C 91 -73.74 10.51 -6.65
C SER C 91 -72.80 9.51 -7.31
N TYR C 92 -71.50 9.66 -7.10
CA TYR C 92 -70.54 8.72 -7.66
C TYR C 92 -70.67 7.35 -7.01
N ASN C 93 -70.84 7.31 -5.69
CA ASN C 93 -71.02 6.04 -5.00
C ASN C 93 -72.37 5.42 -5.29
N SER C 94 -73.37 6.20 -5.67
CA SER C 94 -74.66 5.62 -6.00
C SER C 94 -74.70 5.13 -7.44
N TRP C 95 -74.02 5.83 -8.35
CA TRP C 95 -73.94 5.36 -9.73
C TRP C 95 -73.04 4.15 -9.83
N PHE C 96 -71.77 4.30 -9.45
CA PHE C 96 -70.83 3.20 -9.39
C PHE C 96 -70.77 2.75 -7.94
N TYR C 97 -71.12 1.49 -7.69
CA TYR C 97 -71.50 1.04 -6.35
C TYR C 97 -70.27 0.96 -5.46
N GLY C 98 -69.94 2.11 -4.86
CA GLY C 98 -68.87 2.19 -3.90
C GLY C 98 -67.49 2.29 -4.49
N ARG C 99 -67.37 2.78 -5.73
CA ARG C 99 -66.07 2.86 -6.37
C ARG C 99 -65.19 3.93 -5.71
N ALA C 100 -65.76 5.11 -5.44
CA ALA C 100 -65.04 6.12 -4.68
C ALA C 100 -64.88 5.72 -3.22
N HIS C 101 -65.72 4.82 -2.72
CA HIS C 101 -65.55 4.26 -1.40
C HIS C 101 -64.44 3.23 -1.35
N ARG C 102 -64.03 2.70 -2.50
CA ARG C 102 -63.07 1.60 -2.55
C ARG C 102 -61.76 2.09 -3.15
N PHE C 103 -60.82 2.45 -2.28
CA PHE C 103 -59.46 2.75 -2.66
C PHE C 103 -58.55 1.56 -2.37
N VAL C 104 -57.54 1.39 -3.20
CA VAL C 104 -56.75 0.17 -3.20
C VAL C 104 -55.33 0.49 -2.76
N LYS C 105 -54.63 -0.53 -2.27
CA LYS C 105 -53.26 -0.38 -1.82
C LYS C 105 -52.35 -0.13 -3.02
N PRO C 106 -51.27 0.63 -2.86
CA PRO C 106 -50.31 0.76 -3.96
C PRO C 106 -49.57 -0.55 -4.21
N GLY C 107 -49.29 -0.81 -5.48
CA GLY C 107 -48.66 -2.04 -5.86
C GLY C 107 -49.57 -3.24 -5.93
N SER C 108 -50.87 -3.01 -6.07
CA SER C 108 -51.84 -4.10 -6.13
C SER C 108 -52.15 -4.48 -7.56
N ILE C 109 -52.80 -5.63 -7.71
CA ILE C 109 -53.25 -6.07 -9.02
C ILE C 109 -54.45 -5.23 -9.45
N ALA C 110 -55.26 -4.79 -8.51
CA ALA C 110 -56.50 -4.09 -8.79
C ALA C 110 -56.31 -2.62 -9.13
N SER C 111 -55.10 -2.09 -8.99
CA SER C 111 -54.89 -0.67 -9.10
C SER C 111 -55.00 -0.19 -10.55
N ILE C 112 -55.32 1.10 -10.69
CA ILE C 112 -55.45 1.68 -12.02
C ILE C 112 -54.09 1.99 -12.63
N PHE C 113 -53.02 1.96 -11.85
CA PHE C 113 -51.67 2.10 -12.37
C PHE C 113 -50.93 0.78 -12.40
N SER C 114 -51.65 -0.33 -12.26
CA SER C 114 -51.02 -1.63 -12.26
C SER C 114 -50.64 -2.04 -13.68
N PRO C 115 -49.70 -2.98 -13.82
CA PRO C 115 -49.46 -3.57 -15.14
C PRO C 115 -50.65 -4.29 -15.72
N ALA C 116 -51.59 -4.76 -14.89
CA ALA C 116 -52.83 -5.30 -15.41
C ALA C 116 -53.67 -4.22 -16.07
N ALA C 117 -53.69 -3.02 -15.50
CA ALA C 117 -54.42 -1.93 -16.13
C ALA C 117 -53.74 -1.48 -17.40
N TYR C 118 -52.40 -1.47 -17.40
CA TYR C 118 -51.65 -1.14 -18.60
C TYR C 118 -51.89 -2.17 -19.69
N LEU C 119 -51.93 -3.45 -19.33
CA LEU C 119 -52.19 -4.51 -20.29
C LEU C 119 -53.62 -4.46 -20.80
N THR C 120 -54.56 -4.08 -19.93
CA THR C 120 -55.95 -3.97 -20.33
C THR C 120 -56.13 -2.87 -21.36
N GLU C 121 -55.55 -1.70 -21.10
CA GLU C 121 -55.61 -0.60 -22.05
C GLU C 121 -54.88 -0.94 -23.34
N LEU C 122 -53.76 -1.67 -23.23
CA LEU C 122 -52.98 -2.05 -24.39
C LEU C 122 -53.75 -2.99 -25.29
N TYR C 123 -54.41 -3.99 -24.70
CA TYR C 123 -55.17 -4.95 -25.50
C TYR C 123 -56.42 -4.31 -26.07
N ARG C 124 -57.07 -3.43 -25.30
CA ARG C 124 -58.29 -2.79 -25.76
C ARG C 124 -58.01 -1.85 -26.92
N GLU C 125 -56.83 -1.24 -26.94
CA GLU C 125 -56.49 -0.37 -28.06
C GLU C 125 -55.78 -1.10 -29.18
N ALA C 126 -55.23 -2.29 -28.92
CA ALA C 126 -54.44 -2.99 -29.92
C ALA C 126 -55.18 -4.13 -30.60
N LYS C 127 -56.37 -4.52 -30.13
CA LYS C 127 -57.05 -5.64 -30.74
C LYS C 127 -57.77 -5.30 -32.04
N ASP C 128 -57.56 -4.11 -32.60
CA ASP C 128 -58.25 -3.71 -33.81
C ASP C 128 -57.32 -3.39 -34.97
N PHE C 129 -56.05 -3.78 -34.90
CA PHE C 129 -55.15 -3.50 -35.99
C PHE C 129 -55.44 -4.37 -37.21
N HIS C 130 -56.05 -5.52 -37.00
CA HIS C 130 -56.29 -6.44 -38.09
C HIS C 130 -57.77 -6.79 -38.18
N PRO C 131 -58.23 -7.21 -39.35
CA PRO C 131 -59.56 -7.83 -39.42
C PRO C 131 -59.59 -9.13 -38.63
N ASP C 132 -60.80 -9.49 -38.20
CA ASP C 132 -60.98 -10.60 -37.27
C ASP C 132 -60.64 -11.95 -37.90
N ASN C 133 -60.91 -12.11 -39.19
CA ASN C 133 -60.61 -13.35 -39.88
C ASN C 133 -59.16 -13.47 -40.31
N SER C 134 -58.39 -12.40 -40.20
CA SER C 134 -56.99 -12.44 -40.60
C SER C 134 -56.18 -13.27 -39.63
N GLN C 135 -55.24 -14.04 -40.18
CA GLN C 135 -54.42 -14.95 -39.39
C GLN C 135 -53.43 -14.22 -38.49
N TYR C 136 -53.22 -12.93 -38.70
CA TYR C 136 -52.37 -12.14 -37.85
C TYR C 136 -53.12 -11.40 -36.76
N HIS C 137 -54.42 -11.65 -36.63
CA HIS C 137 -55.19 -11.06 -35.55
C HIS C 137 -54.76 -11.67 -34.23
N LEU C 138 -54.89 -10.88 -33.16
CA LEU C 138 -54.36 -11.25 -31.85
C LEU C 138 -55.05 -12.48 -31.28
N ASN C 139 -56.38 -12.51 -31.28
CA ASN C 139 -57.10 -13.64 -30.72
C ASN C 139 -56.94 -14.90 -31.57
N LYS C 140 -56.64 -14.74 -32.85
CA LYS C 140 -56.44 -15.90 -33.71
C LYS C 140 -55.03 -16.46 -33.59
N ARG C 141 -54.03 -15.60 -33.41
CA ARG C 141 -52.67 -16.09 -33.30
C ARG C 141 -52.33 -16.52 -31.87
N ARG C 142 -53.00 -15.96 -30.87
CA ARG C 142 -52.69 -16.21 -29.47
C ARG C 142 -53.98 -16.14 -28.68
N PRO C 143 -54.77 -17.22 -28.69
CA PRO C 143 -56.03 -17.20 -27.93
C PRO C 143 -55.81 -17.27 -26.43
N ASP C 144 -54.62 -17.66 -26.00
CA ASP C 144 -54.29 -17.68 -24.58
C ASP C 144 -54.28 -16.28 -23.98
N ILE C 145 -53.85 -15.29 -24.74
CA ILE C 145 -53.66 -13.96 -24.19
C ILE C 145 -54.99 -13.23 -23.97
N ALA C 146 -56.07 -13.71 -24.56
CA ALA C 146 -57.36 -13.07 -24.33
C ALA C 146 -57.97 -13.50 -23.02
N SER C 147 -57.84 -14.78 -22.66
CA SER C 147 -58.47 -15.33 -21.48
C SER C 147 -57.51 -15.39 -20.29
N LEU C 148 -56.53 -14.50 -20.24
CA LEU C 148 -55.62 -14.47 -19.11
C LEU C 148 -56.31 -13.87 -17.90
N ALA C 149 -56.27 -14.57 -16.77
CA ALA C 149 -56.93 -14.09 -15.58
C ALA C 149 -56.05 -13.08 -14.87
N LEU C 150 -56.53 -11.85 -14.77
CA LEU C 150 -55.77 -10.77 -14.15
C LEU C 150 -55.81 -10.92 -12.63
N THR C 151 -54.94 -11.79 -12.14
CA THR C 151 -54.85 -12.05 -10.71
C THR C 151 -53.46 -11.69 -10.19
N GLN C 152 -53.37 -11.62 -8.86
CA GLN C 152 -52.12 -11.32 -8.19
C GLN C 152 -51.10 -12.43 -8.40
N ASN C 153 -51.56 -13.67 -8.53
CA ASN C 153 -50.65 -14.78 -8.80
C ASN C 153 -50.01 -14.67 -10.17
N ASN C 154 -50.81 -14.37 -11.20
CA ASN C 154 -50.24 -14.13 -12.52
C ASN C 154 -49.41 -12.86 -12.55
N MET C 155 -49.68 -11.91 -11.66
CA MET C 155 -48.88 -10.70 -11.65
C MET C 155 -47.51 -10.90 -11.02
N ASP C 156 -47.45 -11.58 -9.88
CA ASP C 156 -46.23 -11.61 -9.08
C ASP C 156 -45.50 -12.94 -9.07
N GLU C 157 -46.14 -14.03 -9.48
CA GLU C 157 -45.49 -15.33 -9.44
C GLU C 157 -44.46 -15.43 -10.56
N GLU C 158 -43.19 -15.36 -10.20
CA GLU C 158 -42.11 -15.26 -11.17
C GLU C 158 -41.77 -16.65 -11.69
N ILE C 159 -42.36 -16.99 -12.83
CA ILE C 159 -42.02 -18.20 -13.52
C ILE C 159 -40.93 -17.88 -14.55
N SER C 160 -40.19 -18.89 -14.95
CA SER C 160 -39.17 -18.71 -15.95
C SER C 160 -39.82 -18.63 -17.32
N THR C 161 -39.32 -17.73 -18.15
CA THR C 161 -39.70 -17.81 -19.55
C THR C 161 -39.01 -19.00 -20.18
N LEU C 162 -39.50 -19.37 -21.37
CA LEU C 162 -39.36 -20.60 -22.15
C LEU C 162 -40.19 -21.73 -21.54
N SER C 163 -40.66 -21.60 -20.31
CA SER C 163 -41.68 -22.51 -19.83
C SER C 163 -43.03 -22.12 -20.38
N LEU C 164 -43.29 -20.81 -20.46
CA LEU C 164 -44.50 -20.34 -21.13
C LEU C 164 -44.46 -20.65 -22.62
N SER C 165 -43.28 -20.52 -23.24
CA SER C 165 -43.14 -20.88 -24.64
C SER C 165 -43.35 -22.37 -24.86
N ASN C 166 -42.84 -23.20 -23.96
CA ASN C 166 -43.03 -24.64 -24.07
C ASN C 166 -44.48 -25.03 -23.87
N GLU C 167 -45.15 -24.43 -22.88
CA GLU C 167 -46.56 -24.73 -22.64
C GLU C 167 -47.42 -24.26 -23.80
N LEU C 168 -47.08 -23.12 -24.38
CA LEU C 168 -47.84 -22.60 -25.52
C LEU C 168 -47.67 -23.48 -26.74
N LEU C 169 -46.44 -23.90 -27.04
CA LEU C 169 -46.20 -24.73 -28.20
C LEU C 169 -46.80 -26.12 -28.04
N LEU C 170 -46.65 -26.72 -26.85
CA LEU C 170 -47.22 -28.04 -26.65
C LEU C 170 -48.73 -27.99 -26.59
N HIS C 171 -49.31 -26.91 -26.09
CA HIS C 171 -50.76 -26.78 -26.10
C HIS C 171 -51.28 -26.59 -27.51
N ASN C 172 -50.53 -25.88 -28.35
CA ASN C 172 -50.95 -25.72 -29.74
C ASN C 172 -50.82 -27.03 -30.51
N ILE C 173 -49.78 -27.81 -30.21
CA ILE C 173 -49.62 -29.11 -30.87
C ILE C 173 -50.70 -30.08 -30.41
N GLN C 174 -51.04 -30.05 -29.12
CA GLN C 174 -52.13 -30.87 -28.60
C GLN C 174 -53.47 -30.48 -29.20
N THR C 175 -53.73 -29.18 -29.35
CA THR C 175 -54.97 -28.72 -29.94
C THR C 175 -55.02 -29.04 -31.42
N LEU C 176 -53.87 -29.05 -32.09
CA LEU C 176 -53.82 -29.44 -33.49
C LEU C 176 -54.07 -30.92 -33.69
N GLU C 177 -53.36 -31.78 -32.96
CA GLU C 177 -53.39 -33.20 -33.23
C GLU C 177 -54.45 -33.95 -32.44
N LYS C 178 -55.14 -33.26 -31.52
CA LYS C 178 -56.24 -33.80 -30.71
C LYS C 178 -55.80 -35.02 -29.89
N THR C 179 -54.70 -34.89 -29.18
CA THR C 179 -54.20 -35.96 -28.33
C THR C 179 -53.71 -35.39 -27.00
N ASP C 180 -53.21 -36.28 -26.15
CA ASP C 180 -52.68 -35.90 -24.86
C ASP C 180 -51.21 -35.54 -24.98
N TYR C 181 -50.64 -35.05 -23.88
CA TYR C 181 -49.24 -34.66 -23.84
C TYR C 181 -48.32 -35.87 -24.03
N ASN C 182 -48.70 -37.00 -23.43
CA ASN C 182 -47.91 -38.22 -23.60
C ASN C 182 -47.98 -38.72 -25.03
N GLY C 183 -49.15 -38.59 -25.67
CA GLY C 183 -49.26 -38.95 -27.07
C GLY C 183 -48.49 -38.02 -27.98
N VAL C 184 -48.42 -36.74 -27.63
CA VAL C 184 -47.60 -35.79 -28.39
C VAL C 184 -46.13 -36.14 -28.28
N MET C 185 -45.69 -36.52 -27.09
CA MET C 185 -44.30 -36.93 -26.93
C MET C 185 -44.01 -38.26 -27.62
N LYS C 186 -45.00 -39.14 -27.69
CA LYS C 186 -44.83 -40.39 -28.43
C LYS C 186 -44.70 -40.13 -29.92
N MET C 187 -45.52 -39.23 -30.46
CA MET C 187 -45.42 -38.90 -31.87
C MET C 187 -44.18 -38.08 -32.19
N LEU C 188 -43.68 -37.31 -31.23
CA LEU C 188 -42.48 -36.52 -31.46
C LEU C 188 -41.22 -37.34 -31.28
N SER C 189 -41.30 -38.45 -30.56
CA SER C 189 -40.17 -39.35 -30.44
C SER C 189 -39.93 -40.15 -31.70
N THR C 190 -40.89 -40.19 -32.63
CA THR C 190 -40.80 -41.02 -33.81
C THR C 190 -41.01 -40.25 -35.10
N TYR C 191 -41.19 -38.94 -35.04
CA TYR C 191 -41.36 -38.15 -36.25
C TYR C 191 -40.03 -38.04 -36.99
N ARG C 192 -40.04 -38.40 -38.27
CA ARG C 192 -38.81 -38.43 -39.05
C ARG C 192 -38.80 -37.45 -40.20
N GLN C 193 -39.90 -36.72 -40.43
CA GLN C 193 -40.03 -35.95 -41.66
C GLN C 193 -39.21 -34.68 -41.64
N THR C 194 -39.12 -33.99 -40.50
CA THR C 194 -38.40 -32.74 -40.45
C THR C 194 -37.03 -32.94 -39.79
N GLY C 195 -36.16 -31.96 -40.00
CA GLY C 195 -34.90 -31.95 -39.29
C GLY C 195 -35.08 -31.62 -37.84
N MET C 196 -33.99 -31.81 -37.08
CA MET C 196 -33.91 -31.58 -35.63
C MET C 196 -34.95 -32.38 -34.86
N THR C 197 -35.32 -33.55 -35.38
CA THR C 197 -36.45 -34.36 -34.97
C THR C 197 -36.28 -35.71 -35.65
N PRO C 198 -36.48 -36.86 -34.98
CA PRO C 198 -37.11 -37.26 -33.71
C PRO C 198 -36.48 -36.72 -32.44
N TYR C 199 -37.29 -36.66 -31.40
CA TYR C 199 -36.89 -36.12 -30.10
C TYR C 199 -37.46 -37.06 -29.05
N HIS C 200 -36.62 -37.96 -28.56
CA HIS C 200 -37.04 -38.95 -27.57
C HIS C 200 -36.78 -38.34 -26.21
N LEU C 201 -37.86 -37.88 -25.57
CA LEU C 201 -37.72 -37.18 -24.30
C LEU C 201 -37.28 -38.06 -23.13
N PRO C 202 -37.78 -39.30 -22.94
CA PRO C 202 -37.15 -40.15 -21.91
C PRO C 202 -35.70 -40.48 -22.19
N TYR C 203 -35.33 -40.65 -23.45
CA TYR C 203 -33.94 -40.91 -23.79
C TYR C 203 -33.08 -39.69 -23.48
N GLU C 204 -33.59 -38.49 -23.75
CA GLU C 204 -32.84 -37.28 -23.45
C GLU C 204 -32.68 -37.08 -21.95
N SER C 205 -33.74 -37.37 -21.19
CA SER C 205 -33.66 -37.30 -19.74
C SER C 205 -32.65 -38.31 -19.19
N ALA C 206 -32.63 -39.52 -19.77
CA ALA C 206 -31.70 -40.54 -19.30
C ALA C 206 -30.27 -40.18 -19.64
N ARG C 207 -30.01 -39.71 -20.86
CA ARG C 207 -28.64 -39.41 -21.24
C ARG C 207 -28.13 -38.17 -20.54
N GLN C 208 -29.01 -37.21 -20.21
CA GLN C 208 -28.55 -36.08 -19.43
C GLN C 208 -28.33 -36.45 -17.97
N ALA C 209 -29.11 -37.39 -17.44
CA ALA C 209 -28.87 -37.87 -16.08
C ALA C 209 -27.53 -38.61 -16.00
N ILE C 210 -27.22 -39.42 -17.01
CA ILE C 210 -25.96 -40.14 -17.02
C ILE C 210 -24.79 -39.18 -17.21
N LEU C 211 -24.96 -38.18 -18.08
CA LEU C 211 -23.91 -37.19 -18.26
C LEU C 211 -23.72 -36.30 -17.04
N LEU C 212 -24.77 -36.10 -16.23
CA LEU C 212 -24.59 -35.36 -15.00
C LEU C 212 -23.91 -36.20 -13.93
N GLN C 213 -24.27 -37.48 -13.83
CA GLN C 213 -23.68 -38.31 -12.79
C GLN C 213 -22.25 -38.70 -13.13
N ASP C 214 -22.06 -39.42 -14.23
CA ASP C 214 -20.76 -39.89 -14.67
C ASP C 214 -20.37 -39.11 -15.93
N LYS C 215 -19.74 -37.97 -15.72
CA LYS C 215 -19.16 -37.25 -16.84
C LYS C 215 -17.91 -37.99 -17.30
N ASN C 216 -17.69 -37.97 -18.63
CA ASN C 216 -16.57 -38.56 -19.37
C ASN C 216 -16.53 -40.09 -19.32
N LEU C 217 -17.52 -40.75 -18.69
CA LEU C 217 -17.66 -42.21 -18.63
C LEU C 217 -16.45 -42.88 -18.01
N THR C 218 -16.07 -42.45 -16.81
CA THR C 218 -14.93 -43.08 -16.15
C THR C 218 -15.29 -44.41 -15.52
N ALA C 219 -16.57 -44.66 -15.26
CA ALA C 219 -16.98 -45.98 -14.78
C ALA C 219 -16.82 -47.02 -15.86
N PHE C 220 -17.06 -46.64 -17.11
CA PHE C 220 -16.78 -47.52 -18.24
C PHE C 220 -15.31 -47.86 -18.33
N SER C 221 -14.44 -46.91 -18.00
CA SER C 221 -13.01 -47.16 -18.08
C SER C 221 -12.53 -48.00 -16.91
N ARG C 222 -13.14 -47.82 -15.74
CA ARG C 222 -12.73 -48.59 -14.57
C ARG C 222 -13.26 -50.02 -14.64
N ASN C 223 -14.58 -50.17 -14.64
CA ASN C 223 -15.19 -51.49 -14.49
C ASN C 223 -15.28 -52.14 -15.86
N THR C 224 -14.17 -52.74 -16.29
CA THR C 224 -14.10 -53.31 -17.62
C THR C 224 -14.96 -54.56 -17.79
N ASP C 225 -15.16 -55.33 -16.72
CA ASP C 225 -15.93 -56.56 -16.83
C ASP C 225 -17.42 -56.30 -16.98
N VAL C 226 -17.88 -55.13 -16.54
CA VAL C 226 -19.24 -54.72 -16.88
C VAL C 226 -19.26 -53.82 -18.11
N ALA C 227 -18.09 -53.29 -18.51
CA ALA C 227 -17.99 -52.60 -19.78
C ALA C 227 -18.04 -53.57 -20.95
N GLU C 228 -17.76 -54.85 -20.69
CA GLU C 228 -17.94 -55.88 -21.70
C GLU C 228 -19.40 -56.01 -22.13
N LEU C 229 -20.33 -55.86 -21.19
CA LEU C 229 -21.75 -55.98 -21.48
C LEU C 229 -22.32 -54.81 -22.25
N MET C 230 -21.68 -53.65 -22.19
CA MET C 230 -22.19 -52.44 -22.82
C MET C 230 -21.76 -52.38 -24.27
N ASP C 231 -22.65 -51.92 -25.13
CA ASP C 231 -22.34 -51.82 -26.56
C ASP C 231 -21.66 -50.50 -26.85
N PRO C 232 -20.66 -50.48 -27.74
CA PRO C 232 -20.01 -49.20 -28.09
C PRO C 232 -20.94 -48.21 -28.77
N THR C 233 -21.89 -48.67 -29.58
CA THR C 233 -22.86 -47.75 -30.14
C THR C 233 -23.84 -47.24 -29.09
N SER C 234 -24.16 -48.08 -28.09
CA SER C 234 -25.00 -47.61 -27.00
C SER C 234 -24.28 -46.57 -26.16
N LEU C 235 -22.99 -46.73 -25.96
CA LEU C 235 -22.24 -45.70 -25.24
C LEU C 235 -22.03 -44.46 -26.08
N LEU C 236 -21.99 -44.60 -27.41
CA LEU C 236 -22.05 -43.45 -28.30
C LEU C 236 -23.37 -42.71 -28.14
N ALA C 237 -24.46 -43.45 -28.07
CA ALA C 237 -25.77 -42.84 -27.87
C ALA C 237 -25.90 -42.20 -26.50
N ILE C 238 -25.13 -42.69 -25.53
CA ILE C 238 -25.09 -42.04 -24.22
C ILE C 238 -24.33 -40.72 -24.32
N LYS C 239 -23.13 -40.76 -24.89
CA LYS C 239 -22.27 -39.58 -24.84
C LYS C 239 -22.72 -38.48 -25.78
N THR C 240 -23.30 -38.82 -26.93
CA THR C 240 -23.93 -37.83 -27.79
C THR C 240 -25.28 -38.35 -28.24
N ASP C 241 -26.15 -37.42 -28.61
CA ASP C 241 -27.58 -37.69 -28.79
C ASP C 241 -27.80 -38.53 -30.05
N ILE C 242 -28.14 -39.79 -29.85
CA ILE C 242 -28.72 -40.63 -30.90
C ILE C 242 -29.96 -41.27 -30.29
N SER C 243 -31.13 -40.78 -30.70
CA SER C 243 -32.39 -41.36 -30.28
C SER C 243 -32.54 -42.76 -30.86
N PRO C 244 -33.44 -43.59 -30.31
CA PRO C 244 -33.70 -44.89 -30.95
C PRO C 244 -34.23 -44.78 -32.36
N GLU C 245 -35.10 -43.80 -32.61
CA GLU C 245 -35.57 -43.56 -33.96
C GLU C 245 -34.45 -43.05 -34.86
N LEU C 246 -33.55 -42.22 -34.31
CA LEU C 246 -32.40 -41.76 -35.09
C LEU C 246 -31.45 -42.90 -35.41
N TYR C 247 -31.31 -43.85 -34.47
CA TYR C 247 -30.49 -45.02 -34.74
C TYR C 247 -31.13 -45.90 -35.81
N GLN C 248 -32.45 -46.00 -35.80
CA GLN C 248 -33.15 -46.72 -36.86
C GLN C 248 -32.99 -46.02 -38.21
N ILE C 249 -32.92 -44.70 -38.20
CA ILE C 249 -32.70 -43.94 -39.42
C ILE C 249 -31.28 -44.18 -39.93
N LEU C 250 -30.31 -44.20 -39.02
CA LEU C 250 -28.92 -44.32 -39.44
C LEU C 250 -28.57 -45.75 -39.85
N VAL C 251 -29.20 -46.75 -39.23
CA VAL C 251 -28.76 -48.12 -39.42
C VAL C 251 -29.41 -48.80 -40.63
N GLU C 252 -30.48 -48.23 -41.17
CA GLU C 252 -31.17 -48.88 -42.28
C GLU C 252 -30.37 -48.71 -43.56
N GLU C 253 -30.43 -49.73 -44.41
CA GLU C 253 -29.72 -49.67 -45.68
C GLU C 253 -30.65 -49.21 -46.78
N ILE C 254 -30.06 -48.61 -47.81
CA ILE C 254 -30.80 -47.96 -48.87
C ILE C 254 -30.51 -48.69 -50.17
N THR C 255 -31.44 -49.50 -50.61
CA THR C 255 -31.33 -50.19 -51.89
C THR C 255 -31.97 -49.34 -52.97
N PRO C 256 -31.69 -49.63 -54.26
CA PRO C 256 -32.49 -49.02 -55.33
C PRO C 256 -33.95 -49.44 -55.31
N GLU C 257 -34.27 -50.58 -54.71
CA GLU C 257 -35.66 -50.98 -54.55
C GLU C 257 -36.35 -50.20 -53.44
N ASN C 258 -35.69 -50.06 -52.29
CA ASN C 258 -36.27 -49.40 -51.13
C ASN C 258 -36.20 -47.88 -51.20
N SER C 259 -35.78 -47.32 -52.34
CA SER C 259 -35.43 -45.91 -52.43
C SER C 259 -36.64 -45.01 -52.30
N THR C 260 -37.67 -45.22 -53.13
CA THR C 260 -38.83 -44.34 -53.11
C THR C 260 -39.67 -44.51 -51.85
N GLU C 261 -39.67 -45.70 -51.25
CA GLU C 261 -40.38 -45.90 -49.99
C GLU C 261 -39.66 -45.23 -48.84
N LEU C 262 -38.34 -45.40 -48.75
CA LEU C 262 -37.59 -44.78 -47.67
C LEU C 262 -37.53 -43.27 -47.83
N MET C 263 -37.65 -42.77 -49.07
CA MET C 263 -37.76 -41.33 -49.26
C MET C 263 -39.08 -40.80 -48.73
N LYS C 264 -40.15 -41.59 -48.84
CA LYS C 264 -41.39 -41.22 -48.19
C LYS C 264 -41.27 -41.30 -46.68
N LYS C 265 -40.55 -42.30 -46.18
CA LYS C 265 -40.46 -42.50 -44.74
C LYS C 265 -39.59 -41.43 -44.07
N ASN C 266 -38.60 -40.90 -44.80
CA ASN C 266 -37.71 -39.93 -44.21
C ASN C 266 -37.95 -38.50 -44.65
N PHE C 267 -38.74 -38.28 -45.71
CA PHE C 267 -39.02 -36.92 -46.14
C PHE C 267 -40.50 -36.67 -46.27
N GLY C 268 -41.26 -37.68 -46.69
CA GLY C 268 -42.62 -37.40 -47.07
C GLY C 268 -42.76 -37.43 -48.57
N THR C 269 -42.74 -36.25 -49.19
CA THR C 269 -42.83 -36.11 -50.62
C THR C 269 -41.67 -36.80 -51.33
N ASP C 270 -41.97 -37.33 -52.50
CA ASP C 270 -41.01 -37.84 -53.46
C ASP C 270 -40.54 -36.71 -54.35
N ASP C 271 -40.06 -37.02 -55.55
CA ASP C 271 -39.71 -36.05 -56.59
C ASP C 271 -38.58 -35.15 -56.15
N VAL C 272 -37.35 -35.69 -56.22
CA VAL C 272 -36.12 -35.34 -55.51
C VAL C 272 -35.86 -33.84 -55.33
N LEU C 273 -36.31 -33.02 -56.28
CA LEU C 273 -36.18 -31.58 -56.14
C LEU C 273 -37.13 -31.05 -55.08
N ILE C 274 -36.80 -31.29 -53.80
CA ILE C 274 -37.62 -30.84 -52.68
C ILE C 274 -36.97 -29.71 -51.92
N PHE C 275 -35.70 -29.40 -52.18
CA PHE C 275 -35.01 -28.31 -51.52
C PHE C 275 -34.78 -27.12 -52.44
N LYS C 276 -34.30 -27.39 -53.67
CA LYS C 276 -34.15 -26.46 -54.78
C LYS C 276 -33.14 -25.35 -54.55
N SER C 277 -32.51 -25.28 -53.38
CA SER C 277 -31.65 -24.16 -53.03
C SER C 277 -30.84 -24.54 -51.79
N TYR C 278 -29.67 -23.91 -51.67
CA TYR C 278 -28.86 -24.09 -50.48
C TYR C 278 -29.53 -23.50 -49.24
N ALA C 279 -30.27 -22.40 -49.41
CA ALA C 279 -30.90 -21.75 -48.27
C ALA C 279 -31.99 -22.61 -47.65
N SER C 280 -32.77 -23.31 -48.48
CA SER C 280 -33.81 -24.17 -47.95
C SER C 280 -33.22 -25.39 -47.26
N LEU C 281 -32.09 -25.90 -47.77
CA LEU C 281 -31.42 -27.03 -47.15
C LEU C 281 -30.85 -26.65 -45.79
N ALA C 282 -30.15 -25.51 -45.73
CA ALA C 282 -29.57 -25.04 -44.48
C ALA C 282 -30.65 -24.66 -43.47
N ARG C 283 -31.78 -24.16 -43.95
CA ARG C 283 -32.89 -23.87 -43.05
C ARG C 283 -33.58 -25.12 -42.55
N TYR C 284 -33.65 -26.16 -43.40
CA TYR C 284 -34.29 -27.40 -42.98
C TYR C 284 -33.43 -28.16 -41.98
N TYR C 285 -32.12 -28.08 -42.11
CA TYR C 285 -31.25 -28.83 -41.22
C TYR C 285 -30.57 -27.98 -40.16
N ASP C 286 -30.87 -26.67 -40.11
CA ASP C 286 -30.25 -25.69 -39.22
C ASP C 286 -28.73 -25.70 -39.35
N LEU C 287 -28.26 -25.46 -40.57
CA LEU C 287 -26.84 -25.45 -40.86
C LEU C 287 -26.40 -24.06 -41.26
N SER C 288 -25.11 -23.80 -41.07
CA SER C 288 -24.50 -22.60 -41.62
C SER C 288 -24.14 -22.88 -43.07
N TYR C 289 -23.72 -21.84 -43.79
CA TYR C 289 -23.23 -22.04 -45.14
C TYR C 289 -21.90 -22.79 -45.13
N ASP C 290 -21.09 -22.57 -44.10
CA ASP C 290 -19.84 -23.31 -43.99
C ASP C 290 -20.08 -24.79 -43.70
N GLU C 291 -21.03 -25.08 -42.81
CA GLU C 291 -21.33 -26.47 -42.49
C GLU C 291 -22.04 -27.17 -43.64
N LEU C 292 -22.82 -26.42 -44.40
CA LEU C 292 -23.42 -26.98 -45.60
C LEU C 292 -22.38 -27.20 -46.68
N SER C 293 -21.34 -26.36 -46.71
CA SER C 293 -20.29 -26.50 -47.71
C SER C 293 -19.42 -27.72 -47.50
N LEU C 294 -19.46 -28.33 -46.30
CA LEU C 294 -18.72 -29.57 -46.07
C LEU C 294 -19.29 -30.73 -46.86
N PHE C 295 -20.57 -30.68 -47.21
CA PHE C 295 -21.24 -31.78 -47.90
C PHE C 295 -21.52 -31.48 -49.36
N VAL C 296 -22.15 -30.35 -49.64
CA VAL C 296 -22.72 -30.07 -50.94
C VAL C 296 -21.87 -29.04 -51.65
N ASN C 297 -21.39 -29.39 -52.84
CA ASN C 297 -20.65 -28.48 -53.70
C ASN C 297 -21.11 -28.74 -55.12
N LEU C 298 -22.17 -28.06 -55.54
CA LEU C 298 -22.80 -28.37 -56.80
C LEU C 298 -22.09 -27.67 -57.96
N SER C 299 -22.65 -27.83 -59.15
CA SER C 299 -22.16 -27.19 -60.35
C SER C 299 -22.72 -25.79 -60.56
N PHE C 300 -23.40 -25.24 -59.55
CA PHE C 300 -23.93 -23.89 -59.66
C PHE C 300 -22.79 -22.87 -59.61
N GLY C 301 -22.88 -21.87 -60.49
CA GLY C 301 -21.84 -20.85 -60.58
C GLY C 301 -20.54 -21.35 -61.15
N LYS C 302 -20.57 -22.08 -62.26
CA LYS C 302 -19.37 -22.71 -62.77
C LYS C 302 -18.46 -21.72 -63.49
N LYS C 303 -19.04 -20.79 -64.26
CA LYS C 303 -18.26 -20.00 -65.21
C LYS C 303 -17.37 -18.96 -64.55
N ASN C 304 -17.70 -18.55 -63.33
CA ASN C 304 -16.97 -17.48 -62.65
C ASN C 304 -15.79 -17.99 -61.84
N THR C 305 -15.41 -19.25 -62.00
CA THR C 305 -14.27 -19.80 -61.30
C THR C 305 -13.53 -20.77 -62.19
N ASN C 306 -12.30 -21.08 -61.80
CA ASN C 306 -11.54 -22.16 -62.39
C ASN C 306 -11.35 -23.31 -61.42
N GLN C 307 -11.73 -23.15 -60.16
CA GLN C 307 -11.71 -24.21 -59.17
C GLN C 307 -13.13 -24.39 -58.65
N GLN C 308 -13.72 -25.56 -58.94
CA GLN C 308 -15.07 -25.85 -58.46
C GLN C 308 -15.08 -26.73 -57.23
N TYR C 309 -13.96 -27.35 -56.89
CA TYR C 309 -13.91 -28.25 -55.76
C TYR C 309 -13.90 -27.45 -54.46
N LYS C 310 -14.86 -27.72 -53.60
CA LYS C 310 -14.85 -27.19 -52.25
C LYS C 310 -14.60 -28.35 -51.31
N ASN C 311 -13.63 -28.17 -50.40
CA ASN C 311 -13.15 -29.21 -49.48
C ASN C 311 -12.70 -30.46 -50.23
N GLU C 312 -12.08 -30.24 -51.39
CA GLU C 312 -11.53 -31.28 -52.27
C GLU C 312 -12.59 -32.29 -52.70
N GLN C 313 -13.81 -31.81 -52.92
CA GLN C 313 -14.86 -32.70 -53.40
C GLN C 313 -15.84 -31.89 -54.26
N LEU C 314 -16.63 -32.61 -55.06
CA LEU C 314 -17.51 -32.00 -56.03
C LEU C 314 -18.59 -33.00 -56.42
N ILE C 315 -19.85 -32.61 -56.30
CA ILE C 315 -20.97 -33.39 -56.83
C ILE C 315 -21.39 -32.78 -58.15
N THR C 316 -21.71 -33.63 -59.12
CA THR C 316 -22.08 -33.21 -60.46
C THR C 316 -23.28 -34.04 -60.89
N LEU C 317 -24.48 -33.55 -60.60
CA LEU C 317 -25.67 -34.29 -60.98
C LEU C 317 -25.98 -34.03 -62.45
N VAL C 318 -26.30 -35.09 -63.17
CA VAL C 318 -26.60 -35.01 -64.59
C VAL C 318 -28.10 -35.24 -64.77
N ASN C 319 -28.70 -34.47 -65.66
CA ASN C 319 -30.09 -34.69 -66.03
C ASN C 319 -30.16 -35.83 -67.04
N ASP C 320 -31.39 -36.14 -67.48
CA ASP C 320 -31.71 -37.07 -68.57
C ASP C 320 -31.20 -38.49 -68.31
N GLY C 321 -31.04 -38.87 -67.05
CA GLY C 321 -30.75 -40.25 -66.72
C GLY C 321 -32.03 -41.02 -66.46
N ASN C 322 -32.90 -41.04 -67.48
CA ASN C 322 -34.29 -41.53 -67.40
C ASN C 322 -35.05 -40.82 -66.27
N ASP C 323 -34.83 -39.51 -66.17
CA ASP C 323 -35.44 -38.62 -65.16
C ASP C 323 -35.19 -39.09 -63.74
N THR C 324 -34.00 -39.62 -63.48
CA THR C 324 -33.60 -39.99 -62.13
C THR C 324 -32.66 -38.99 -61.50
N ALA C 325 -31.97 -38.19 -62.31
CA ALA C 325 -31.02 -37.15 -61.89
C ALA C 325 -29.91 -37.74 -61.01
N THR C 326 -29.12 -38.62 -61.63
CA THR C 326 -28.03 -39.27 -60.91
C THR C 326 -26.90 -38.28 -60.63
N ALA C 327 -26.37 -38.35 -59.42
CA ALA C 327 -25.33 -37.46 -58.97
C ALA C 327 -23.98 -38.14 -59.01
N ARG C 328 -22.93 -37.36 -59.21
CA ARG C 328 -21.57 -37.88 -59.35
C ARG C 328 -20.65 -37.16 -58.37
N LEU C 329 -20.44 -37.76 -57.21
CA LEU C 329 -19.55 -37.19 -56.19
C LEU C 329 -18.12 -37.60 -56.51
N ILE C 330 -17.25 -36.62 -56.72
CA ILE C 330 -15.84 -36.85 -57.00
C ILE C 330 -15.01 -36.15 -55.94
N LYS C 331 -14.14 -36.91 -55.26
CA LYS C 331 -13.33 -36.38 -54.19
C LYS C 331 -11.85 -36.42 -54.57
N ARG C 332 -11.21 -35.26 -54.60
CA ARG C 332 -9.77 -35.16 -54.77
C ARG C 332 -9.09 -35.55 -53.47
N THR C 333 -7.90 -36.15 -53.56
CA THR C 333 -7.23 -36.67 -52.38
C THR C 333 -5.86 -36.09 -52.11
N ARG C 334 -5.28 -35.32 -53.04
CA ARG C 334 -4.04 -34.56 -52.86
C ARG C 334 -2.85 -35.46 -52.51
N LYS C 335 -2.43 -36.23 -53.51
CA LYS C 335 -1.25 -37.08 -53.38
C LYS C 335 0.05 -36.31 -53.57
N ASP C 336 1.13 -37.05 -53.82
CA ASP C 336 2.49 -36.54 -53.72
C ASP C 336 2.77 -35.38 -54.69
N PHE C 337 3.59 -34.44 -54.21
CA PHE C 337 4.08 -33.28 -54.96
C PHE C 337 2.95 -32.38 -55.46
N TYR C 338 1.82 -32.38 -54.75
CA TYR C 338 0.72 -31.51 -55.13
C TYR C 338 1.04 -30.07 -54.79
N ASP C 339 1.50 -29.82 -53.57
CA ASP C 339 1.78 -28.46 -53.12
C ASP C 339 3.12 -27.96 -53.62
N SER C 340 3.97 -28.83 -54.16
CA SER C 340 5.30 -28.40 -54.54
C SER C 340 5.37 -27.94 -55.99
N HIS C 341 4.44 -28.39 -56.82
CA HIS C 341 4.56 -28.14 -58.25
C HIS C 341 3.31 -27.57 -58.91
N LEU C 342 2.18 -27.47 -58.21
CA LEU C 342 1.00 -26.93 -58.86
C LEU C 342 0.10 -26.26 -57.83
N ASN C 343 -0.76 -25.38 -58.32
CA ASN C 343 -1.73 -24.71 -57.45
C ASN C 343 -2.89 -25.63 -57.14
N TYR C 344 -3.62 -26.02 -58.18
CA TYR C 344 -4.73 -26.95 -58.03
C TYR C 344 -4.68 -27.92 -59.20
N ALA C 345 -5.46 -28.99 -59.10
CA ALA C 345 -5.54 -29.99 -60.17
C ALA C 345 -6.89 -30.68 -60.04
N GLU C 346 -7.86 -30.29 -60.85
CA GLU C 346 -9.21 -30.80 -60.72
C GLU C 346 -9.58 -31.62 -61.95
N LEU C 347 -10.31 -32.71 -61.71
CA LEU C 347 -10.82 -33.58 -62.76
C LEU C 347 -12.33 -33.44 -62.80
N ILE C 348 -12.85 -32.78 -63.83
CA ILE C 348 -14.25 -32.43 -63.92
C ILE C 348 -14.89 -33.29 -65.01
N PRO C 349 -15.98 -34.00 -64.72
CA PRO C 349 -16.68 -34.76 -65.76
C PRO C 349 -17.47 -33.84 -66.67
N ILE C 350 -17.36 -34.06 -67.97
CA ILE C 350 -18.19 -33.33 -68.92
C ILE C 350 -19.43 -34.17 -69.19
N LYS C 351 -19.21 -35.35 -69.75
CA LYS C 351 -20.27 -36.31 -69.99
C LYS C 351 -19.76 -37.69 -69.57
N GLU C 352 -20.51 -38.73 -69.93
CA GLU C 352 -20.07 -40.08 -69.62
C GLU C 352 -18.88 -40.43 -70.50
N ASN C 353 -17.84 -40.97 -69.85
CA ASN C 353 -16.55 -41.28 -70.48
C ASN C 353 -15.95 -40.04 -71.14
N GLU C 354 -16.11 -38.90 -70.48
CA GLU C 354 -15.73 -37.62 -71.05
C GLU C 354 -15.41 -36.68 -69.90
N TYR C 355 -14.13 -36.53 -69.59
CA TYR C 355 -13.68 -35.84 -68.40
C TYR C 355 -12.73 -34.73 -68.80
N LYS C 356 -12.64 -33.71 -67.95
CA LYS C 356 -11.87 -32.52 -68.29
C LYS C 356 -10.89 -32.25 -67.16
N TYR C 357 -9.61 -32.16 -67.51
CA TYR C 357 -8.55 -31.97 -66.54
C TYR C 357 -8.22 -30.50 -66.40
N ASN C 358 -8.55 -29.92 -65.25
CA ASN C 358 -8.23 -28.53 -64.95
C ASN C 358 -7.12 -28.50 -63.93
N PHE C 359 -6.11 -27.67 -64.18
CA PHE C 359 -4.96 -27.56 -63.29
C PHE C 359 -4.31 -26.20 -63.50
N SER C 360 -3.27 -25.95 -62.72
CA SER C 360 -2.46 -24.75 -62.86
C SER C 360 -1.08 -25.02 -62.28
N VAL C 361 -0.08 -25.01 -63.14
CA VAL C 361 1.29 -25.29 -62.72
C VAL C 361 1.86 -24.09 -62.00
N LYS C 362 2.31 -24.30 -60.78
CA LYS C 362 3.07 -23.31 -60.05
C LYS C 362 4.53 -23.47 -60.39
N LYS C 363 5.25 -22.35 -60.55
CA LYS C 363 6.69 -22.29 -60.80
C LYS C 363 7.06 -23.06 -62.07
N THR C 364 6.70 -22.50 -63.23
CA THR C 364 6.84 -23.19 -64.51
C THR C 364 8.30 -23.52 -64.83
N GLU C 365 8.49 -24.59 -65.58
CA GLU C 365 9.81 -25.11 -65.91
C GLU C 365 9.99 -25.05 -67.42
N PRO C 366 10.84 -24.16 -67.91
CA PRO C 366 10.92 -23.98 -69.37
C PRO C 366 11.66 -25.09 -70.08
N ASP C 367 12.49 -25.83 -69.36
CA ASP C 367 13.40 -26.77 -70.01
C ASP C 367 12.88 -28.20 -70.01
N HIS C 368 11.58 -28.43 -69.98
CA HIS C 368 11.07 -29.80 -70.03
C HIS C 368 10.19 -30.07 -71.25
N LEU C 369 9.09 -29.32 -71.40
CA LEU C 369 8.20 -29.26 -72.56
C LEU C 369 7.43 -30.54 -72.86
N ASP C 370 7.69 -31.65 -72.18
CA ASP C 370 7.06 -32.92 -72.53
C ASP C 370 5.97 -33.19 -71.51
N PHE C 371 4.76 -32.74 -71.82
CA PHE C 371 3.61 -32.97 -70.97
C PHE C 371 3.17 -34.40 -71.14
N ARG C 372 3.07 -35.12 -70.02
CA ARG C 372 2.47 -36.45 -69.99
C ARG C 372 1.45 -36.51 -68.88
N LEU C 373 0.63 -37.56 -68.90
CA LEU C 373 -0.40 -37.74 -67.89
C LEU C 373 -0.73 -39.23 -67.82
N GLN C 374 -0.20 -39.91 -66.83
CA GLN C 374 -0.47 -41.32 -66.63
C GLN C 374 -1.28 -41.53 -65.36
N ASN C 375 -1.70 -42.77 -65.16
CA ASN C 375 -2.56 -43.13 -64.03
C ASN C 375 -1.93 -44.29 -63.27
N GLY C 376 -1.23 -43.97 -62.19
CA GLY C 376 -0.60 -44.98 -61.36
C GLY C 376 0.54 -45.69 -62.06
N ASP C 377 1.19 -44.97 -62.98
CA ASP C 377 2.26 -45.48 -63.85
C ASP C 377 1.81 -46.70 -64.65
N LYS C 378 0.67 -46.60 -65.32
CA LYS C 378 0.19 -47.65 -66.21
C LYS C 378 0.29 -47.23 -67.67
N GLU C 379 -0.36 -46.13 -68.03
CA GLU C 379 -0.42 -45.72 -69.42
C GLU C 379 -0.67 -44.23 -69.49
N TYR C 380 0.02 -43.56 -70.42
CA TYR C 380 -0.12 -42.13 -70.59
C TYR C 380 -1.47 -41.82 -71.21
N ILE C 381 -2.37 -41.22 -70.42
CA ILE C 381 -3.68 -40.84 -70.93
C ILE C 381 -3.53 -39.68 -71.91
N TYR C 382 -2.97 -38.59 -71.44
CA TYR C 382 -2.67 -37.45 -72.30
C TYR C 382 -1.16 -37.28 -72.39
N GLN C 383 -0.67 -37.08 -73.60
CA GLN C 383 0.75 -36.88 -73.81
C GLN C 383 0.94 -35.90 -74.96
N ASP C 384 1.46 -34.72 -74.64
CA ASP C 384 1.72 -33.68 -75.64
C ASP C 384 3.16 -33.24 -75.48
N LYS C 385 4.04 -33.74 -76.33
CA LYS C 385 5.41 -33.26 -76.34
C LYS C 385 5.45 -31.83 -76.89
N ASN C 386 6.51 -31.11 -76.51
CA ASN C 386 6.75 -29.71 -76.85
C ASN C 386 5.59 -28.82 -76.39
N PHE C 387 5.40 -28.77 -75.07
CA PHE C 387 4.37 -27.94 -74.46
C PHE C 387 4.79 -27.61 -73.04
N VAL C 388 4.96 -26.33 -72.75
CA VAL C 388 5.34 -25.88 -71.41
C VAL C 388 4.15 -25.21 -70.75
N PRO C 389 3.59 -25.78 -69.68
CA PRO C 389 2.54 -25.08 -68.93
C PRO C 389 3.14 -23.92 -68.14
N ILE C 390 2.79 -22.71 -68.53
CA ILE C 390 3.37 -21.53 -67.92
C ILE C 390 2.74 -21.29 -66.55
N ALA C 391 3.40 -20.47 -65.72
CA ALA C 391 3.09 -20.37 -64.32
C ALA C 391 1.74 -19.70 -64.06
N ASN C 392 0.98 -20.29 -63.13
CA ASN C 392 -0.28 -19.76 -62.61
C ASN C 392 -1.32 -19.54 -63.71
N THR C 393 -1.53 -20.54 -64.55
CA THR C 393 -2.47 -20.45 -65.64
C THR C 393 -3.38 -21.66 -65.66
N HIS C 394 -4.68 -21.42 -65.73
CA HIS C 394 -5.68 -22.47 -65.67
C HIS C 394 -5.78 -23.13 -67.04
N TYR C 395 -5.19 -24.31 -67.18
CA TYR C 395 -5.28 -25.07 -68.40
C TYR C 395 -6.40 -26.10 -68.32
N SER C 396 -6.99 -26.40 -69.47
CA SER C 396 -8.03 -27.40 -69.56
C SER C 396 -7.59 -28.45 -70.57
N ILE C 397 -7.58 -29.70 -70.15
CA ILE C 397 -7.16 -30.81 -71.00
C ILE C 397 -8.27 -31.85 -71.01
N PRO C 398 -8.77 -32.25 -72.17
CA PRO C 398 -9.78 -33.30 -72.22
C PRO C 398 -9.15 -34.65 -71.94
N ILE C 399 -9.86 -35.47 -71.16
CA ILE C 399 -9.37 -36.77 -70.74
C ILE C 399 -10.49 -37.79 -70.90
N LYS C 400 -10.21 -38.87 -71.63
CA LYS C 400 -11.16 -39.95 -71.82
C LYS C 400 -10.90 -41.02 -70.76
N LEU C 401 -11.87 -41.24 -69.88
CA LEU C 401 -11.69 -42.13 -68.75
C LEU C 401 -12.87 -43.06 -68.59
N THR C 402 -12.57 -44.35 -68.38
CA THR C 402 -13.60 -45.35 -68.25
C THR C 402 -14.27 -45.27 -66.87
N THR C 403 -15.49 -45.79 -66.83
CA THR C 403 -16.29 -45.76 -65.60
C THR C 403 -15.68 -46.63 -64.52
N GLU C 404 -15.09 -47.76 -64.90
CA GLU C 404 -14.39 -48.60 -63.94
C GLU C 404 -13.18 -47.90 -63.35
N GLN C 405 -12.37 -47.26 -64.20
CA GLN C 405 -11.17 -46.58 -63.73
C GLN C 405 -11.50 -45.37 -62.88
N ILE C 406 -12.66 -44.75 -63.08
CA ILE C 406 -12.97 -43.56 -62.29
C ILE C 406 -13.73 -43.95 -61.03
N THR C 407 -14.47 -45.06 -61.05
CA THR C 407 -15.16 -45.49 -59.85
C THR C 407 -14.21 -46.15 -58.87
N ASN C 408 -13.24 -46.89 -59.36
CA ASN C 408 -12.09 -47.18 -58.51
C ASN C 408 -11.26 -45.92 -58.35
N GLY C 409 -10.48 -45.87 -57.28
CA GLY C 409 -9.64 -44.71 -57.04
C GLY C 409 -8.50 -44.62 -58.02
N ILE C 410 -8.52 -43.62 -58.88
CA ILE C 410 -7.46 -43.40 -59.85
C ILE C 410 -6.49 -42.38 -59.28
N THR C 411 -5.26 -42.39 -59.79
CA THR C 411 -4.23 -41.45 -59.37
C THR C 411 -3.57 -40.90 -60.62
N LEU C 412 -4.12 -39.81 -61.15
CA LEU C 412 -3.54 -39.15 -62.31
C LEU C 412 -2.19 -38.55 -61.95
N ARG C 413 -1.24 -38.64 -62.86
CA ARG C 413 0.13 -38.23 -62.59
C ARG C 413 0.59 -37.25 -63.66
N LEU C 414 0.61 -35.97 -63.31
CA LEU C 414 1.07 -34.94 -64.24
C LEU C 414 2.59 -34.98 -64.30
N TRP C 415 3.12 -35.07 -65.52
CA TRP C 415 4.55 -35.14 -65.74
C TRP C 415 5.02 -33.90 -66.46
N ARG C 416 6.27 -33.53 -66.23
CA ARG C 416 7.00 -32.62 -67.12
C ARG C 416 8.39 -33.23 -67.29
N VAL C 417 8.51 -34.09 -68.27
CA VAL C 417 9.76 -34.76 -68.61
C VAL C 417 10.55 -33.84 -69.50
N LYS C 418 11.86 -33.95 -69.46
CA LYS C 418 12.63 -33.20 -70.43
C LYS C 418 13.23 -34.14 -71.47
N PRO C 419 13.47 -33.68 -72.70
CA PRO C 419 14.11 -34.56 -73.70
C PRO C 419 15.57 -34.78 -73.42
N ASN C 420 16.24 -33.85 -72.74
CA ASN C 420 17.50 -34.16 -72.11
C ASN C 420 17.25 -35.23 -71.04
N PRO C 421 18.17 -36.17 -70.82
CA PRO C 421 17.89 -37.29 -69.91
C PRO C 421 17.86 -36.95 -68.42
N SER C 422 17.82 -35.67 -68.08
CA SER C 422 17.77 -35.22 -66.69
C SER C 422 16.36 -35.38 -66.13
N ASP C 423 16.11 -34.69 -65.02
CA ASP C 423 14.99 -34.98 -64.14
C ASP C 423 13.64 -34.69 -64.78
N ALA C 424 12.72 -35.64 -64.62
CA ALA C 424 11.32 -35.48 -64.97
C ALA C 424 10.52 -35.15 -63.71
N ILE C 425 9.95 -33.96 -63.66
CA ILE C 425 9.25 -33.50 -62.48
C ILE C 425 7.90 -34.19 -62.39
N ASN C 426 7.71 -34.96 -61.32
CA ASN C 426 6.49 -35.72 -61.08
C ASN C 426 5.59 -34.93 -60.14
N ALA C 427 4.29 -34.96 -60.43
CA ALA C 427 3.30 -34.36 -59.56
C ALA C 427 1.98 -35.09 -59.80
N ASN C 428 1.45 -35.72 -58.75
CA ASN C 428 0.28 -36.56 -58.92
C ASN C 428 -0.75 -36.31 -57.84
N ALA C 429 -2.02 -36.45 -58.21
CA ALA C 429 -3.13 -36.36 -57.28
C ALA C 429 -4.03 -37.56 -57.50
N HIS C 430 -4.85 -37.86 -56.50
CA HIS C 430 -5.70 -39.04 -56.51
C HIS C 430 -7.17 -38.63 -56.55
N PHE C 431 -7.93 -39.30 -57.40
CA PHE C 431 -9.36 -39.06 -57.54
C PHE C 431 -10.11 -40.36 -57.32
N LYS C 432 -11.37 -40.22 -56.91
CA LYS C 432 -12.24 -41.38 -56.74
C LYS C 432 -13.67 -40.89 -56.82
N MET C 433 -14.40 -41.35 -57.83
CA MET C 433 -15.77 -40.90 -58.01
C MET C 433 -16.73 -41.89 -57.38
N MET C 434 -17.92 -41.39 -57.06
CA MET C 434 -19.01 -42.19 -56.52
C MET C 434 -20.30 -41.70 -57.16
N GLU C 435 -21.13 -42.63 -57.63
CA GLU C 435 -22.32 -42.29 -58.38
C GLU C 435 -23.52 -42.95 -57.74
N PHE C 436 -24.59 -42.19 -57.57
CA PHE C 436 -25.83 -42.67 -57.00
C PHE C 436 -27.00 -42.08 -57.77
N PRO C 437 -28.14 -42.78 -57.80
CA PRO C 437 -29.38 -42.11 -58.19
C PRO C 437 -29.79 -41.09 -57.12
N GLY C 438 -30.69 -40.19 -57.52
CA GLY C 438 -30.95 -39.00 -56.73
C GLY C 438 -31.62 -39.27 -55.40
N ASP C 439 -32.56 -40.21 -55.36
CA ASP C 439 -33.29 -40.49 -54.12
C ASP C 439 -32.38 -41.15 -53.09
N ILE C 440 -31.61 -42.15 -53.50
CA ILE C 440 -30.67 -42.82 -52.61
C ILE C 440 -29.57 -41.85 -52.17
N PHE C 441 -29.17 -40.95 -53.08
CA PHE C 441 -28.21 -39.91 -52.72
C PHE C 441 -28.77 -38.97 -51.67
N LEU C 442 -30.03 -38.59 -51.81
CA LEU C 442 -30.66 -37.70 -50.85
C LEU C 442 -30.81 -38.36 -49.50
N LEU C 443 -31.13 -39.65 -49.48
CA LEU C 443 -31.27 -40.35 -48.21
C LEU C 443 -29.93 -40.52 -47.50
N LYS C 444 -28.89 -40.85 -48.27
CA LYS C 444 -27.55 -40.95 -47.69
C LYS C 444 -27.06 -39.60 -47.17
N LEU C 445 -27.32 -38.52 -47.91
CA LEU C 445 -26.95 -37.19 -47.45
C LEU C 445 -27.75 -36.78 -46.22
N ASN C 446 -29.02 -37.22 -46.16
CA ASN C 446 -29.87 -36.94 -45.01
C ASN C 446 -29.31 -37.57 -43.75
N LYS C 447 -28.97 -38.86 -43.82
CA LYS C 447 -28.46 -39.50 -42.62
C LYS C 447 -27.03 -39.07 -42.30
N ALA C 448 -26.24 -38.67 -43.29
CA ALA C 448 -24.91 -38.13 -43.01
C ALA C 448 -25.00 -36.79 -42.30
N ILE C 449 -25.90 -35.91 -42.74
CA ILE C 449 -26.08 -34.62 -42.10
C ILE C 449 -26.68 -34.79 -40.72
N ARG C 450 -27.58 -35.77 -40.53
CA ARG C 450 -28.11 -36.02 -39.20
C ARG C 450 -27.05 -36.57 -38.26
N LEU C 451 -26.13 -37.39 -38.77
CA LEU C 451 -25.04 -37.87 -37.91
C LEU C 451 -24.07 -36.76 -37.56
N TYR C 452 -23.82 -35.85 -38.51
CA TYR C 452 -22.97 -34.70 -38.21
C TYR C 452 -23.62 -33.79 -37.17
N LYS C 453 -24.91 -33.54 -37.31
CA LYS C 453 -25.67 -32.78 -36.32
C LYS C 453 -25.71 -33.46 -34.97
N ALA C 454 -25.72 -34.78 -34.94
CA ALA C 454 -25.83 -35.49 -33.67
C ALA C 454 -24.48 -35.51 -32.94
N THR C 455 -23.40 -35.79 -33.66
CA THR C 455 -22.13 -36.03 -33.01
C THR C 455 -21.19 -34.83 -32.98
N GLY C 456 -21.34 -33.89 -33.91
CA GLY C 456 -20.39 -32.79 -33.97
C GLY C 456 -19.03 -33.19 -34.47
N ILE C 457 -18.93 -34.26 -35.23
CA ILE C 457 -17.66 -34.76 -35.73
C ILE C 457 -17.51 -34.32 -37.17
N SER C 458 -16.29 -34.40 -37.69
CA SER C 458 -16.04 -33.88 -39.02
C SER C 458 -16.59 -34.81 -40.10
N PRO C 459 -17.11 -34.24 -41.20
CA PRO C 459 -17.59 -35.10 -42.29
C PRO C 459 -16.48 -35.82 -43.02
N GLU C 460 -15.31 -35.21 -43.15
CA GLU C 460 -14.16 -35.96 -43.63
C GLU C 460 -13.75 -37.06 -42.66
N ASP C 461 -13.96 -36.84 -41.37
CA ASP C 461 -13.65 -37.86 -40.38
C ASP C 461 -14.62 -39.04 -40.50
N ILE C 462 -15.91 -38.77 -40.73
CA ILE C 462 -16.84 -39.88 -40.85
C ILE C 462 -16.63 -40.59 -42.19
N TRP C 463 -16.17 -39.84 -43.22
CA TRP C 463 -15.73 -40.48 -44.46
C TRP C 463 -14.55 -41.41 -44.21
N GLN C 464 -13.60 -40.98 -43.38
CA GLN C 464 -12.42 -41.79 -43.12
C GLN C 464 -12.75 -43.02 -42.31
N VAL C 465 -13.64 -42.91 -41.32
CA VAL C 465 -13.97 -44.11 -40.53
C VAL C 465 -14.86 -45.06 -41.33
N ILE C 466 -15.65 -44.55 -42.28
CA ILE C 466 -16.45 -45.46 -43.06
C ILE C 466 -15.61 -46.10 -44.16
N GLU C 467 -14.56 -45.41 -44.61
CA GLU C 467 -13.62 -45.99 -45.55
C GLU C 467 -12.71 -47.00 -44.87
N SER C 468 -12.45 -46.81 -43.57
CA SER C 468 -11.58 -47.72 -42.84
C SER C 468 -12.22 -49.08 -42.66
N ILE C 469 -13.54 -49.14 -42.58
CA ILE C 469 -14.21 -50.43 -42.40
C ILE C 469 -14.77 -50.91 -43.72
N TYR C 470 -15.74 -50.19 -44.27
CA TYR C 470 -16.47 -50.67 -45.42
C TYR C 470 -16.02 -49.96 -46.68
N ASP C 471 -16.71 -50.26 -47.76
CA ASP C 471 -16.63 -49.50 -49.00
C ASP C 471 -18.06 -49.07 -49.37
N ASP C 472 -18.13 -48.14 -50.32
CA ASP C 472 -19.37 -47.62 -50.90
C ASP C 472 -20.27 -46.90 -49.90
N LEU C 473 -19.70 -46.46 -48.77
CA LEU C 473 -20.31 -45.53 -47.82
C LEU C 473 -21.64 -46.06 -47.26
N THR C 474 -21.54 -47.15 -46.51
CA THR C 474 -22.68 -47.74 -45.84
C THR C 474 -22.51 -47.56 -44.33
N ILE C 475 -23.30 -46.66 -43.76
CA ILE C 475 -23.22 -46.41 -42.32
C ILE C 475 -23.80 -47.60 -41.57
N ASP C 476 -23.06 -48.10 -40.60
CA ASP C 476 -23.41 -49.36 -39.95
C ASP C 476 -22.99 -49.30 -38.49
N SER C 477 -23.30 -50.40 -37.78
CA SER C 477 -23.03 -50.46 -36.35
C SER C 477 -21.54 -50.49 -36.05
N ASN C 478 -20.74 -51.08 -36.94
CA ASN C 478 -19.30 -51.05 -36.74
C ASN C 478 -18.75 -49.66 -36.93
N VAL C 479 -19.34 -48.90 -37.87
CA VAL C 479 -18.94 -47.52 -38.08
C VAL C 479 -19.32 -46.67 -36.87
N LEU C 480 -20.49 -46.94 -36.29
CA LEU C 480 -20.88 -46.22 -35.08
C LEU C 480 -20.00 -46.58 -33.90
N GLY C 481 -19.53 -47.82 -33.83
CA GLY C 481 -18.64 -48.21 -32.74
C GLY C 481 -17.28 -47.55 -32.86
N LYS C 482 -16.73 -47.52 -34.08
CA LYS C 482 -15.46 -46.84 -34.30
C LYS C 482 -15.61 -45.33 -34.09
N LEU C 483 -16.77 -44.78 -34.43
CA LEU C 483 -17.02 -43.36 -34.20
C LEU C 483 -17.21 -43.06 -32.72
N PHE C 484 -17.68 -44.04 -31.95
CA PHE C 484 -17.64 -43.89 -30.50
C PHE C 484 -16.21 -43.89 -30.00
N TYR C 485 -15.39 -44.78 -30.55
CA TYR C 485 -14.07 -44.99 -29.97
C TYR C 485 -13.11 -43.85 -30.27
N VAL C 486 -13.27 -43.17 -31.41
CA VAL C 486 -12.43 -41.99 -31.66
C VAL C 486 -12.77 -40.89 -30.68
N GLN C 487 -14.06 -40.71 -30.38
CA GLN C 487 -14.47 -39.69 -29.42
C GLN C 487 -14.01 -40.05 -28.02
N TYR C 488 -14.12 -41.33 -27.65
CA TYR C 488 -13.73 -41.76 -26.32
C TYR C 488 -12.22 -41.65 -26.13
N TYR C 489 -11.44 -41.99 -27.15
CA TYR C 489 -10.00 -41.83 -27.03
C TYR C 489 -9.59 -40.36 -27.02
N MET C 490 -10.28 -39.53 -27.81
CA MET C 490 -9.99 -38.11 -27.85
C MET C 490 -10.32 -37.42 -26.53
N GLN C 491 -11.30 -37.94 -25.80
CA GLN C 491 -11.59 -37.43 -24.47
C GLN C 491 -10.72 -38.07 -23.41
N HIS C 492 -10.35 -39.34 -23.62
CA HIS C 492 -9.61 -40.12 -22.64
C HIS C 492 -8.19 -39.62 -22.52
N TYR C 493 -7.45 -39.68 -23.61
CA TYR C 493 -6.20 -38.97 -23.71
C TYR C 493 -6.48 -37.57 -24.23
N ASN C 494 -5.42 -36.79 -24.43
CA ASN C 494 -5.60 -35.48 -25.01
C ASN C 494 -5.16 -35.43 -26.46
N ILE C 495 -5.41 -36.52 -27.18
CA ILE C 495 -5.00 -36.65 -28.56
C ILE C 495 -5.91 -35.84 -29.47
N SER C 496 -5.49 -35.66 -30.72
CA SER C 496 -6.29 -34.95 -31.69
C SER C 496 -7.26 -35.92 -32.37
N VAL C 497 -7.99 -35.42 -33.36
CA VAL C 497 -8.95 -36.25 -34.08
C VAL C 497 -8.22 -37.27 -34.95
N SER C 498 -7.24 -36.83 -35.73
CA SER C 498 -6.46 -37.75 -36.54
C SER C 498 -5.57 -38.64 -35.68
N ASP C 499 -5.14 -38.14 -34.52
CA ASP C 499 -4.36 -38.95 -33.61
C ASP C 499 -5.21 -40.07 -33.03
N ALA C 500 -6.50 -39.81 -32.79
CA ALA C 500 -7.40 -40.88 -32.40
C ALA C 500 -7.74 -41.80 -33.57
N LEU C 501 -7.74 -41.23 -34.78
CA LEU C 501 -8.02 -42.01 -35.98
C LEU C 501 -6.97 -43.08 -36.22
N VAL C 502 -5.70 -42.71 -36.05
CA VAL C 502 -4.61 -43.68 -36.18
C VAL C 502 -4.75 -44.78 -35.13
N LEU C 503 -5.18 -44.42 -33.93
CA LEU C 503 -5.40 -45.42 -32.88
C LEU C 503 -6.60 -46.30 -33.14
N CYS C 504 -7.59 -45.83 -33.89
CA CYS C 504 -8.81 -46.60 -34.13
C CYS C 504 -8.79 -47.30 -35.48
N HIS C 505 -7.61 -47.79 -35.87
CA HIS C 505 -7.37 -48.57 -37.08
C HIS C 505 -7.73 -47.82 -38.36
N SER C 506 -7.51 -46.51 -38.39
CA SER C 506 -7.53 -45.81 -39.66
C SER C 506 -6.10 -45.44 -40.05
N ASP C 507 -5.97 -44.82 -41.21
CA ASP C 507 -4.66 -44.43 -41.70
C ASP C 507 -4.40 -42.96 -41.40
N ILE C 508 -3.18 -42.53 -41.68
CA ILE C 508 -2.84 -41.11 -41.56
C ILE C 508 -3.52 -40.36 -42.68
N SER C 509 -4.32 -39.37 -42.32
CA SER C 509 -5.16 -38.68 -43.29
C SER C 509 -4.31 -37.76 -44.16
N GLN C 510 -4.57 -37.78 -45.46
CA GLN C 510 -3.94 -36.86 -46.40
C GLN C 510 -4.88 -35.76 -46.83
N TYR C 511 -6.05 -35.66 -46.21
CA TYR C 511 -7.03 -34.62 -46.54
C TYR C 511 -6.49 -33.28 -46.05
N SER C 512 -6.31 -32.35 -46.96
CA SER C 512 -5.89 -31.00 -46.62
C SER C 512 -7.00 -30.00 -46.94
N THR C 513 -6.89 -28.82 -46.35
CA THR C 513 -7.78 -27.71 -46.64
C THR C 513 -6.98 -26.42 -46.64
N LYS C 514 -7.62 -25.34 -47.08
CA LYS C 514 -7.00 -24.03 -46.96
C LYS C 514 -7.07 -23.51 -45.53
N GLN C 515 -8.02 -24.00 -44.74
CA GLN C 515 -8.06 -23.68 -43.31
C GLN C 515 -6.89 -24.33 -42.59
N GLN C 516 -6.80 -25.64 -42.67
CA GLN C 516 -5.81 -26.42 -41.95
C GLN C 516 -5.13 -27.37 -42.91
N PRO C 517 -3.83 -27.59 -42.77
CA PRO C 517 -3.14 -28.53 -43.66
C PRO C 517 -3.50 -29.96 -43.31
N SER C 518 -3.05 -30.88 -44.17
CA SER C 518 -3.29 -32.29 -43.91
C SER C 518 -2.50 -32.75 -42.70
N HIS C 519 -3.01 -33.79 -42.05
CA HIS C 519 -2.28 -34.38 -40.94
C HIS C 519 -1.00 -35.05 -41.40
N PHE C 520 -0.99 -35.55 -42.63
CA PHE C 520 0.21 -36.16 -43.19
C PHE C 520 1.32 -35.13 -43.37
N THR C 521 1.01 -34.02 -44.02
CA THR C 521 2.03 -33.00 -44.22
C THR C 521 2.34 -32.22 -42.95
N MET C 522 1.41 -32.19 -42.00
CA MET C 522 1.71 -31.64 -40.69
C MET C 522 2.69 -32.53 -39.95
N LEU C 523 2.50 -33.84 -40.02
CA LEU C 523 3.35 -34.79 -39.32
C LEU C 523 4.72 -34.91 -39.94
N PHE C 524 4.82 -34.85 -41.27
CA PHE C 524 6.08 -35.11 -41.95
C PHE C 524 6.74 -33.89 -42.56
N ASN C 525 5.98 -32.98 -43.18
CA ASN C 525 6.60 -31.98 -44.04
C ASN C 525 6.30 -30.56 -43.66
N THR C 526 5.88 -30.29 -42.43
CA THR C 526 5.63 -28.89 -42.10
C THR C 526 6.97 -28.18 -41.82
N PRO C 527 7.89 -28.71 -40.97
CA PRO C 527 9.27 -28.19 -41.06
C PRO C 527 10.03 -28.97 -42.12
N LEU C 528 9.95 -28.54 -43.39
CA LEU C 528 10.59 -29.22 -44.52
C LEU C 528 12.07 -29.45 -44.28
N LEU C 529 12.48 -30.72 -44.37
CA LEU C 529 13.77 -31.12 -43.82
C LEU C 529 14.92 -30.66 -44.70
N ASN C 530 14.97 -31.13 -45.93
CA ASN C 530 15.99 -30.70 -46.88
C ASN C 530 15.37 -29.95 -48.05
N GLY C 531 14.36 -29.15 -47.77
CA GLY C 531 13.65 -28.42 -48.82
C GLY C 531 12.63 -29.26 -49.54
N GLN C 532 13.08 -30.35 -50.16
CA GLN C 532 12.17 -31.29 -50.81
C GLN C 532 11.30 -31.99 -49.78
N GLU C 533 10.08 -32.32 -50.19
CA GLU C 533 9.09 -32.87 -49.29
C GLU C 533 9.19 -34.39 -49.28
N PHE C 534 8.49 -34.98 -48.32
CA PHE C 534 8.39 -36.41 -48.21
C PHE C 534 7.16 -36.90 -48.97
N SER C 535 7.35 -37.92 -49.78
CA SER C 535 6.29 -38.47 -50.60
C SER C 535 6.19 -39.95 -50.33
N ALA C 536 4.97 -40.42 -50.02
CA ALA C 536 4.76 -41.80 -49.64
C ALA C 536 4.87 -42.69 -50.87
N ASP C 537 6.10 -42.95 -51.27
CA ASP C 537 6.37 -43.84 -52.38
C ASP C 537 6.61 -45.25 -51.85
N ASN C 538 6.34 -46.23 -52.70
CA ASN C 538 6.62 -47.62 -52.33
C ASN C 538 8.09 -47.91 -52.63
N THR C 539 8.95 -47.34 -51.80
CA THR C 539 10.40 -47.51 -51.90
C THR C 539 10.86 -48.33 -50.71
N LYS C 540 11.53 -49.44 -51.00
CA LYS C 540 11.97 -50.34 -49.95
C LYS C 540 13.11 -49.72 -49.14
N LEU C 541 13.07 -49.93 -47.83
CA LEU C 541 14.10 -49.41 -46.95
C LEU C 541 14.22 -50.34 -45.76
N ASP C 542 15.38 -50.96 -45.62
CA ASP C 542 15.61 -51.90 -44.53
C ASP C 542 15.90 -51.12 -43.26
N LEU C 543 15.07 -51.29 -42.25
CA LEU C 543 15.13 -50.47 -41.05
C LEU C 543 16.14 -50.96 -40.03
N THR C 544 17.00 -51.91 -40.38
CA THR C 544 18.14 -52.21 -39.54
C THR C 544 19.06 -51.00 -39.49
N PRO C 545 19.63 -50.68 -38.33
CA PRO C 545 20.24 -49.35 -38.15
C PRO C 545 21.54 -49.08 -38.89
N GLY C 546 21.98 -49.98 -39.77
CA GLY C 546 23.22 -49.72 -40.48
C GLY C 546 23.15 -49.88 -41.97
N GLU C 547 22.06 -50.47 -42.47
CA GLU C 547 21.96 -50.85 -43.87
C GLU C 547 20.88 -50.08 -44.61
N SER C 548 20.70 -48.79 -44.31
CA SER C 548 19.69 -48.01 -45.01
C SER C 548 20.28 -47.27 -46.21
N LYS C 549 21.21 -46.34 -45.94
CA LYS C 549 21.87 -45.47 -46.92
C LYS C 549 20.91 -44.60 -47.73
N ASN C 550 19.66 -44.49 -47.30
CA ASN C 550 18.68 -43.61 -47.91
C ASN C 550 18.24 -42.68 -46.79
N HIS C 551 19.04 -41.65 -46.57
CA HIS C 551 18.97 -40.89 -45.34
C HIS C 551 17.81 -39.92 -45.32
N PHE C 552 17.24 -39.62 -46.48
CA PHE C 552 16.12 -38.70 -46.58
C PHE C 552 14.90 -39.23 -45.86
N TYR C 553 14.42 -40.41 -46.29
CA TYR C 553 13.24 -41.00 -45.67
C TYR C 553 13.53 -41.42 -44.23
N LEU C 554 14.77 -41.81 -43.95
CA LEU C 554 15.14 -42.22 -42.60
C LEU C 554 15.07 -41.05 -41.62
N GLY C 555 15.67 -39.92 -41.98
CA GLY C 555 15.60 -38.74 -41.14
C GLY C 555 14.21 -38.17 -41.04
N ILE C 556 13.42 -38.28 -42.12
CA ILE C 556 12.05 -37.80 -42.09
C ILE C 556 11.20 -38.64 -41.15
N MET C 557 11.36 -39.97 -41.19
CA MET C 557 10.63 -40.83 -40.28
C MET C 557 11.08 -40.64 -38.84
N LYS C 558 12.39 -40.46 -38.62
CA LYS C 558 12.88 -40.29 -37.26
C LYS C 558 12.44 -38.97 -36.68
N ARG C 559 12.37 -37.91 -37.50
CA ARG C 559 11.88 -36.64 -36.97
C ARG C 559 10.38 -36.65 -36.79
N ALA C 560 9.65 -37.35 -37.67
CA ALA C 560 8.21 -37.35 -37.58
C ALA C 560 7.71 -38.23 -36.45
N PHE C 561 8.49 -39.23 -36.07
CA PHE C 561 8.12 -40.11 -34.98
C PHE C 561 8.87 -39.82 -33.70
N ARG C 562 9.82 -38.87 -33.74
CA ARG C 562 10.61 -38.39 -32.59
C ARG C 562 11.31 -39.56 -31.90
N VAL C 563 12.22 -40.17 -32.66
CA VAL C 563 12.69 -41.51 -32.37
C VAL C 563 14.11 -41.67 -32.89
N ASN C 564 14.80 -42.68 -32.38
CA ASN C 564 16.15 -42.98 -32.83
C ASN C 564 16.10 -44.04 -33.92
N ASP C 565 17.28 -44.40 -34.46
CA ASP C 565 17.36 -45.47 -35.45
C ASP C 565 17.04 -46.81 -34.81
N THR C 566 17.66 -47.09 -33.67
CA THR C 566 17.42 -48.34 -32.94
C THR C 566 15.98 -48.40 -32.44
N GLU C 567 15.48 -47.29 -31.90
CA GLU C 567 14.12 -47.27 -31.39
C GLU C 567 13.11 -47.40 -32.52
N LEU C 568 13.42 -46.86 -33.70
CA LEU C 568 12.58 -47.06 -34.87
C LEU C 568 12.60 -48.52 -35.32
N TYR C 569 13.78 -49.15 -35.25
CA TYR C 569 13.89 -50.54 -35.65
C TYR C 569 13.12 -51.46 -34.71
N THR C 570 13.20 -51.20 -33.40
CA THR C 570 12.43 -52.03 -32.48
C THR C 570 10.95 -51.66 -32.51
N LEU C 571 10.61 -50.45 -32.95
CA LEU C 571 9.21 -50.10 -33.18
C LEU C 571 8.64 -50.89 -34.35
N TRP C 572 9.43 -51.04 -35.42
CA TRP C 572 9.01 -51.86 -36.55
C TRP C 572 9.01 -53.34 -36.19
N LYS C 573 9.90 -53.76 -35.28
CA LYS C 573 9.92 -55.15 -34.85
C LYS C 573 8.73 -55.48 -33.97
N LEU C 574 8.26 -54.53 -33.16
CA LEU C 574 7.05 -54.77 -32.40
C LEU C 574 5.83 -54.87 -33.31
N ALA C 575 5.84 -54.15 -34.41
CA ALA C 575 4.72 -54.14 -35.34
C ALA C 575 4.55 -55.46 -36.09
N ASN C 576 5.61 -56.26 -36.19
CA ASN C 576 5.53 -57.52 -36.92
C ASN C 576 5.85 -58.72 -36.03
N GLY C 577 5.78 -58.54 -34.71
CA GLY C 577 6.03 -59.63 -33.79
C GLY C 577 7.48 -60.04 -33.74
N GLY C 578 8.38 -59.10 -33.48
CA GLY C 578 9.79 -59.40 -33.32
C GLY C 578 10.54 -59.66 -34.60
N THR C 579 9.94 -59.42 -35.76
CA THR C 579 10.57 -59.64 -37.04
C THR C 579 10.53 -58.36 -37.87
N ASN C 580 11.39 -58.30 -38.88
CA ASN C 580 11.42 -57.20 -39.83
C ASN C 580 11.33 -57.79 -41.24
N PRO C 581 10.11 -58.05 -41.73
CA PRO C 581 9.99 -58.65 -43.06
C PRO C 581 10.46 -57.76 -44.20
N GLU C 582 9.83 -56.59 -44.36
CA GLU C 582 10.17 -55.62 -45.41
C GLU C 582 9.42 -54.32 -45.17
N PHE C 583 10.11 -53.19 -45.25
CA PHE C 583 9.47 -51.91 -45.09
C PHE C 583 9.39 -51.22 -46.45
N MET C 584 8.17 -50.98 -46.90
CA MET C 584 7.91 -50.44 -48.23
C MET C 584 7.83 -48.91 -48.26
N CYS C 585 7.83 -48.27 -47.08
CA CYS C 585 7.65 -46.81 -46.91
C CYS C 585 6.32 -46.34 -47.49
N SER C 586 5.31 -47.19 -47.47
CA SER C 586 3.99 -46.80 -47.93
C SER C 586 3.21 -46.18 -46.78
N ILE C 587 2.05 -45.60 -47.13
CA ILE C 587 1.19 -45.01 -46.11
C ILE C 587 0.61 -46.09 -45.20
N GLU C 588 0.38 -47.28 -45.74
CA GLU C 588 -0.11 -48.41 -44.96
C GLU C 588 0.95 -49.01 -44.06
N ASN C 589 2.21 -48.62 -44.19
CA ASN C 589 3.24 -48.97 -43.24
C ASN C 589 3.53 -47.85 -42.27
N LEU C 590 3.46 -46.60 -42.74
CA LEU C 590 3.62 -45.45 -41.86
C LEU C 590 2.51 -45.39 -40.82
N SER C 591 1.29 -45.65 -41.23
CA SER C 591 0.29 -46.09 -40.27
C SER C 591 0.58 -47.54 -39.91
N LEU C 592 0.45 -47.86 -38.63
CA LEU C 592 0.88 -49.02 -37.85
C LEU C 592 2.37 -49.02 -37.58
N LEU C 593 3.16 -48.15 -38.21
CA LEU C 593 4.39 -47.75 -37.56
C LEU C 593 4.14 -46.62 -36.58
N TYR C 594 3.18 -45.76 -36.88
CA TYR C 594 2.80 -44.67 -36.00
C TYR C 594 1.87 -45.13 -34.90
N ARG C 595 1.14 -46.23 -35.11
CA ARG C 595 0.24 -46.74 -34.10
C ARG C 595 1.00 -47.19 -32.86
N VAL C 596 2.14 -47.85 -33.04
CA VAL C 596 2.90 -48.35 -31.91
C VAL C 596 3.56 -47.20 -31.16
N ARG C 597 3.98 -46.17 -31.89
CA ARG C 597 4.55 -44.99 -31.25
C ARG C 597 3.50 -44.25 -30.45
N LEU C 598 2.27 -44.15 -30.98
CA LEU C 598 1.18 -43.55 -30.22
C LEU C 598 0.82 -44.40 -29.01
N LEU C 599 0.88 -45.73 -29.15
CA LEU C 599 0.61 -46.62 -28.04
C LEU C 599 1.62 -46.45 -26.91
N ALA C 600 2.87 -46.20 -27.26
CA ALA C 600 3.85 -45.87 -26.25
C ALA C 600 3.55 -44.51 -25.62
N ASP C 601 3.23 -43.52 -26.45
CA ASP C 601 3.24 -42.15 -25.98
C ASP C 601 2.01 -41.79 -25.15
N ILE C 602 0.84 -42.30 -25.52
CA ILE C 602 -0.38 -41.92 -24.80
C ILE C 602 -0.45 -42.56 -23.42
N HIS C 603 0.30 -43.62 -23.16
CA HIS C 603 0.40 -44.19 -21.84
C HIS C 603 1.65 -43.74 -21.13
N HIS C 604 2.32 -42.72 -21.67
CA HIS C 604 3.51 -42.09 -21.10
C HIS C 604 4.65 -43.09 -20.93
N LEU C 605 4.84 -43.94 -21.92
CA LEU C 605 5.89 -44.93 -21.93
C LEU C 605 6.85 -44.67 -23.07
N THR C 606 8.13 -44.93 -22.83
CA THR C 606 9.08 -44.94 -23.92
C THR C 606 8.93 -46.23 -24.71
N VAL C 607 9.56 -46.28 -25.88
CA VAL C 607 9.41 -47.45 -26.73
C VAL C 607 10.15 -48.65 -26.16
N ASN C 608 11.24 -48.42 -25.44
CA ASN C 608 11.92 -49.52 -24.76
C ASN C 608 11.04 -50.07 -23.64
N GLU C 609 10.36 -49.18 -22.92
CA GLU C 609 9.45 -49.63 -21.87
C GLU C 609 8.25 -50.35 -22.47
N LEU C 610 7.80 -49.93 -23.65
CA LEU C 610 6.72 -50.62 -24.32
C LEU C 610 7.16 -52.01 -24.76
N SER C 611 8.40 -52.13 -25.22
CA SER C 611 8.91 -53.44 -25.59
C SER C 611 9.06 -54.35 -24.39
N MET C 612 9.47 -53.80 -23.24
CA MET C 612 9.52 -54.57 -22.00
C MET C 612 8.13 -55.03 -21.57
N LEU C 613 7.17 -54.11 -21.58
CA LEU C 613 5.83 -54.41 -21.11
C LEU C 613 5.12 -55.38 -22.04
N LEU C 614 5.39 -55.33 -23.33
CA LEU C 614 4.87 -56.34 -24.22
C LEU C 614 5.61 -57.65 -24.11
N SER C 615 6.89 -57.62 -23.72
CA SER C 615 7.63 -58.85 -23.50
C SER C 615 7.14 -59.60 -22.28
N VAL C 616 6.57 -58.90 -21.30
CA VAL C 616 6.00 -59.56 -20.14
C VAL C 616 4.48 -59.67 -20.25
N SER C 617 3.91 -59.36 -21.40
CA SER C 617 2.47 -59.39 -21.60
C SER C 617 2.06 -60.76 -22.11
N PRO C 618 0.76 -60.99 -22.34
CA PRO C 618 0.36 -62.09 -23.24
C PRO C 618 0.37 -61.69 -24.71
N TYR C 619 1.02 -60.57 -25.04
CA TYR C 619 1.11 -60.11 -26.42
C TYR C 619 2.57 -60.04 -26.84
N VAL C 620 3.34 -61.10 -26.58
CA VAL C 620 4.78 -61.03 -26.75
C VAL C 620 5.16 -60.96 -28.23
N ASN C 621 4.84 -62.00 -28.99
CA ASN C 621 5.22 -62.07 -30.39
C ASN C 621 4.00 -62.03 -31.29
N THR C 622 2.97 -61.32 -30.86
CA THR C 622 1.75 -61.22 -31.66
C THR C 622 1.95 -60.26 -32.82
N LYS C 623 1.09 -60.38 -33.82
CA LYS C 623 1.18 -59.58 -35.03
C LYS C 623 0.25 -58.39 -34.89
N ILE C 624 0.83 -57.21 -34.66
CA ILE C 624 0.02 -56.01 -34.58
C ILE C 624 -0.44 -55.57 -35.96
N ALA C 625 0.31 -55.93 -37.00
CA ALA C 625 -0.08 -55.60 -38.37
C ALA C 625 -1.31 -56.39 -38.80
N LEU C 626 -1.54 -57.55 -38.19
CA LEU C 626 -2.64 -58.41 -38.58
C LEU C 626 -3.77 -58.40 -37.56
N PHE C 627 -3.89 -57.33 -36.78
CA PHE C 627 -4.95 -57.27 -35.79
C PHE C 627 -6.26 -56.87 -36.42
N SER C 628 -7.35 -57.30 -35.79
CA SER C 628 -8.67 -56.76 -36.07
C SER C 628 -8.86 -55.52 -35.20
N ASP C 629 -9.96 -54.81 -35.42
CA ASP C 629 -10.23 -53.60 -34.64
C ASP C 629 -10.56 -53.96 -33.19
N THR C 630 -11.22 -55.10 -32.99
CA THR C 630 -11.51 -55.56 -31.64
C THR C 630 -10.23 -55.96 -30.91
N ALA C 631 -9.31 -56.65 -31.59
CA ALA C 631 -8.03 -56.98 -30.98
C ALA C 631 -7.22 -55.72 -30.69
N LEU C 632 -7.34 -54.72 -31.57
CA LEU C 632 -6.64 -53.45 -31.37
C LEU C 632 -7.15 -52.72 -30.14
N THR C 633 -8.47 -52.57 -30.01
CA THR C 633 -8.97 -51.87 -28.83
C THR C 633 -8.82 -52.72 -27.57
N GLN C 634 -8.75 -54.03 -27.69
CA GLN C 634 -8.44 -54.87 -26.55
C GLN C 634 -7.01 -54.63 -26.08
N LEU C 635 -6.07 -54.51 -27.02
CA LEU C 635 -4.69 -54.21 -26.68
C LEU C 635 -4.54 -52.83 -26.06
N ILE C 636 -5.27 -51.85 -26.60
CA ILE C 636 -5.23 -50.49 -26.06
C ILE C 636 -5.77 -50.47 -24.64
N SER C 637 -6.90 -51.13 -24.40
CA SER C 637 -7.48 -51.17 -23.07
C SER C 637 -6.60 -51.92 -22.09
N PHE C 638 -5.94 -52.98 -22.56
CA PHE C 638 -5.03 -53.74 -21.71
C PHE C 638 -3.83 -52.90 -21.31
N LEU C 639 -3.23 -52.19 -22.26
CA LEU C 639 -2.08 -51.34 -21.95
C LEU C 639 -2.47 -50.20 -21.03
N PHE C 640 -3.67 -49.65 -21.22
CA PHE C 640 -4.12 -48.55 -20.37
C PHE C 640 -4.34 -49.02 -18.94
N GLN C 641 -5.06 -50.13 -18.75
CA GLN C 641 -5.34 -50.57 -17.40
C GLN C 641 -4.10 -51.15 -16.73
N CYS C 642 -3.15 -51.67 -17.51
CA CYS C 642 -1.90 -52.12 -16.94
C CYS C 642 -1.06 -50.94 -16.47
N THR C 643 -1.05 -49.86 -17.25
CA THR C 643 -0.34 -48.66 -16.83
C THR C 643 -0.99 -48.03 -15.61
N GLN C 644 -2.32 -48.07 -15.55
CA GLN C 644 -3.04 -47.54 -14.38
C GLN C 644 -2.74 -48.36 -13.13
N TRP C 645 -2.75 -49.69 -13.24
CA TRP C 645 -2.42 -50.53 -12.09
C TRP C 645 -0.97 -50.36 -11.69
N LEU C 646 -0.09 -50.15 -12.68
CA LEU C 646 1.32 -49.93 -12.41
C LEU C 646 1.54 -48.64 -11.63
N THR C 647 0.96 -47.54 -12.09
CA THR C 647 1.15 -46.28 -11.38
C THR C 647 0.33 -46.21 -10.10
N THR C 648 -0.68 -47.07 -9.94
CA THR C 648 -1.35 -47.18 -8.65
C THR C 648 -0.47 -47.91 -7.65
N GLN C 649 0.21 -48.95 -8.11
CA GLN C 649 1.10 -49.72 -7.24
C GLN C 649 2.46 -49.08 -7.09
N LYS C 650 2.72 -47.95 -7.76
CA LYS C 650 3.95 -47.17 -7.65
C LYS C 650 5.17 -47.99 -8.04
N TRP C 651 5.01 -48.82 -9.06
CA TRP C 651 6.10 -49.60 -9.61
C TRP C 651 6.55 -48.99 -10.92
N SER C 652 7.63 -49.52 -11.47
CA SER C 652 8.04 -49.15 -12.81
C SER C 652 7.92 -50.35 -13.75
N VAL C 653 8.06 -50.06 -15.05
CA VAL C 653 8.09 -51.12 -16.04
C VAL C 653 9.30 -52.02 -15.84
N SER C 654 10.41 -51.45 -15.37
CA SER C 654 11.56 -52.25 -14.99
C SER C 654 11.26 -53.14 -13.79
N ASP C 655 10.44 -52.67 -12.86
CA ASP C 655 10.11 -53.47 -11.68
C ASP C 655 9.22 -54.64 -12.06
N VAL C 656 8.20 -54.40 -12.89
CA VAL C 656 7.36 -55.49 -13.34
C VAL C 656 8.13 -56.42 -14.26
N PHE C 657 9.09 -55.89 -15.03
CA PHE C 657 9.92 -56.74 -15.87
C PHE C 657 10.82 -57.63 -15.04
N LEU C 658 11.31 -57.11 -13.91
CA LEU C 658 12.07 -57.94 -12.98
C LEU C 658 11.20 -59.03 -12.36
N MET C 659 9.97 -58.68 -11.98
CA MET C 659 9.13 -59.67 -11.34
C MET C 659 8.48 -60.64 -12.31
N THR C 660 8.51 -60.37 -13.61
CA THR C 660 7.73 -61.18 -14.53
C THR C 660 8.47 -61.59 -15.79
N THR C 661 9.78 -61.34 -15.86
CA THR C 661 10.52 -61.64 -17.08
C THR C 661 10.74 -63.13 -17.24
N ASP C 662 11.27 -63.48 -18.41
CA ASP C 662 11.68 -64.84 -18.70
C ASP C 662 13.02 -64.90 -19.40
N ASN C 663 13.65 -63.76 -19.65
CA ASN C 663 14.96 -63.68 -20.29
C ASN C 663 16.08 -63.46 -19.28
N TYR C 664 16.00 -64.09 -18.12
CA TYR C 664 16.95 -63.85 -17.05
C TYR C 664 18.32 -64.45 -17.38
N SER C 665 19.29 -64.16 -16.51
CA SER C 665 20.67 -64.56 -16.72
C SER C 665 20.86 -66.04 -16.44
N THR C 666 22.03 -66.55 -16.81
CA THR C 666 22.45 -67.91 -16.51
C THR C 666 23.74 -67.95 -15.73
N VAL C 667 24.16 -66.83 -15.18
CA VAL C 667 25.44 -66.74 -14.48
C VAL C 667 25.24 -67.18 -13.03
N LEU C 668 26.31 -67.68 -12.41
CA LEU C 668 26.26 -68.25 -11.08
C LEU C 668 26.47 -67.16 -10.04
N THR C 669 25.38 -66.60 -9.57
CA THR C 669 25.34 -65.52 -8.60
C THR C 669 25.85 -66.01 -7.24
N PRO C 670 26.54 -65.16 -6.48
CA PRO C 670 26.91 -65.52 -5.10
C PRO C 670 25.73 -65.83 -4.19
N ASP C 671 24.57 -65.21 -4.41
CA ASP C 671 23.38 -65.57 -3.66
C ASP C 671 22.94 -67.00 -4.00
N ILE C 672 23.06 -67.37 -5.27
CA ILE C 672 22.73 -68.72 -5.69
C ILE C 672 23.73 -69.71 -5.11
N GLU C 673 25.00 -69.31 -5.02
CA GLU C 673 26.00 -70.17 -4.40
C GLU C 673 25.73 -70.37 -2.91
N ASN C 674 25.27 -69.32 -2.23
CA ASN C 674 24.93 -69.43 -0.82
C ASN C 674 23.69 -70.29 -0.63
N LEU C 675 22.74 -70.20 -1.55
CA LEU C 675 21.58 -71.08 -1.51
C LEU C 675 21.99 -72.53 -1.72
N ILE C 676 22.94 -72.77 -2.62
CA ILE C 676 23.41 -74.12 -2.90
C ILE C 676 24.09 -74.71 -1.67
N THR C 677 25.02 -73.96 -1.08
CA THR C 677 25.74 -74.53 0.05
C THR C 677 24.89 -74.62 1.30
N THR C 678 23.90 -73.73 1.47
CA THR C 678 23.00 -73.84 2.61
C THR C 678 22.09 -75.05 2.44
N LEU C 679 21.43 -75.16 1.29
CA LEU C 679 20.51 -76.25 1.04
C LEU C 679 21.22 -77.59 0.89
N SER C 680 22.54 -77.59 0.68
CA SER C 680 23.29 -78.84 0.70
C SER C 680 23.70 -79.22 2.10
N ASN C 681 24.36 -78.30 2.83
CA ASN C 681 24.93 -78.67 4.12
C ASN C 681 23.90 -78.75 5.23
N GLY C 682 22.95 -77.81 5.29
CA GLY C 682 22.04 -77.77 6.40
C GLY C 682 20.98 -78.84 6.32
N LEU C 683 20.71 -79.33 5.12
CA LEU C 683 19.73 -80.39 4.94
C LEU C 683 20.32 -81.73 5.36
N SER C 684 19.50 -82.53 6.02
CA SER C 684 19.84 -83.89 6.40
C SER C 684 19.67 -84.85 5.22
N THR C 685 19.57 -86.14 5.53
CA THR C 685 19.37 -87.21 4.55
C THR C 685 18.18 -86.93 3.62
N LEU C 686 18.25 -87.49 2.41
CA LEU C 686 17.35 -87.13 1.33
C LEU C 686 15.94 -87.62 1.61
N SER C 687 15.01 -86.68 1.65
CA SER C 687 13.66 -86.89 2.16
C SER C 687 12.68 -87.15 1.03
N LEU C 688 11.39 -87.19 1.39
CA LEU C 688 10.33 -87.70 0.53
C LEU C 688 9.47 -86.55 0.00
N GLY C 689 9.84 -86.05 -1.18
CA GLY C 689 8.97 -85.26 -2.04
C GLY C 689 8.45 -83.98 -1.42
N ASP C 690 7.33 -83.50 -1.97
CA ASP C 690 6.67 -82.31 -1.44
C ASP C 690 6.05 -82.54 -0.07
N ASP C 691 5.86 -83.80 0.32
CA ASP C 691 5.27 -84.12 1.61
C ASP C 691 6.23 -83.82 2.75
N GLU C 692 7.49 -84.20 2.61
CA GLU C 692 8.40 -84.11 3.73
C GLU C 692 9.66 -83.30 3.40
N LEU C 693 10.17 -83.44 2.17
CA LEU C 693 11.36 -82.70 1.78
C LEU C 693 11.08 -81.20 1.69
N ILE C 694 9.87 -80.83 1.27
CA ILE C 694 9.50 -79.42 1.22
C ILE C 694 9.38 -78.84 2.62
N ARG C 695 8.78 -79.57 3.55
CA ARG C 695 8.68 -79.10 4.93
C ARG C 695 10.04 -79.10 5.62
N ALA C 696 10.97 -79.92 5.15
CA ALA C 696 12.32 -79.85 5.68
C ALA C 696 13.09 -78.67 5.13
N ALA C 697 12.97 -78.39 3.83
CA ALA C 697 13.81 -77.41 3.16
C ALA C 697 13.22 -76.01 3.15
N ALA C 698 11.96 -75.84 3.54
CA ALA C 698 11.37 -74.51 3.60
C ALA C 698 12.02 -73.56 4.59
N PRO C 699 12.45 -73.95 5.80
CA PRO C 699 13.20 -72.99 6.62
C PRO C 699 14.54 -72.62 6.04
N LEU C 700 15.22 -73.55 5.37
CA LEU C 700 16.51 -73.21 4.77
C LEU C 700 16.34 -72.32 3.55
N ILE C 701 15.28 -72.52 2.78
CA ILE C 701 15.04 -71.63 1.64
C ILE C 701 14.58 -70.25 2.11
N ALA C 702 13.73 -70.18 3.13
CA ALA C 702 13.36 -68.89 3.71
C ALA C 702 14.56 -68.22 4.39
N ALA C 703 15.54 -69.00 4.83
CA ALA C 703 16.79 -68.43 5.28
C ALA C 703 17.59 -67.86 4.14
N SER C 704 17.62 -68.56 3.00
CA SER C 704 18.51 -68.15 1.93
C SER C 704 17.93 -66.96 1.17
N ILE C 705 16.82 -67.14 0.51
CA ILE C 705 16.16 -65.99 -0.10
C ILE C 705 15.28 -65.38 0.97
N GLN C 706 15.33 -64.05 1.07
CA GLN C 706 14.94 -63.36 2.29
C GLN C 706 13.43 -63.31 2.42
N MET C 707 12.85 -64.42 2.86
CA MET C 707 11.44 -64.46 3.19
C MET C 707 11.34 -64.57 4.70
N ASP C 708 10.15 -64.27 5.22
CA ASP C 708 9.98 -64.20 6.66
C ASP C 708 9.38 -65.45 7.27
N SER C 709 8.56 -66.19 6.53
CA SER C 709 7.86 -67.32 7.09
C SER C 709 8.19 -68.59 6.33
N ALA C 710 8.46 -69.66 7.10
CA ALA C 710 8.62 -70.98 6.51
C ALA C 710 7.34 -71.46 5.83
N LYS C 711 6.18 -71.01 6.30
CA LYS C 711 4.94 -71.36 5.61
C LYS C 711 4.82 -70.67 4.25
N THR C 712 5.27 -69.40 4.16
CA THR C 712 5.34 -68.73 2.88
C THR C 712 6.33 -69.41 1.95
N ALA C 713 7.48 -69.82 2.49
CA ALA C 713 8.46 -70.53 1.68
C ALA C 713 7.93 -71.89 1.22
N GLU C 714 7.14 -72.55 2.06
CA GLU C 714 6.56 -73.83 1.70
C GLU C 714 5.53 -73.70 0.59
N THR C 715 4.65 -72.70 0.70
CA THR C 715 3.67 -72.55 -0.36
C THR C 715 4.27 -71.97 -1.64
N ILE C 716 5.38 -71.24 -1.54
CA ILE C 716 6.10 -70.83 -2.74
C ILE C 716 6.78 -72.04 -3.39
N LEU C 717 7.23 -72.99 -2.58
CA LEU C 717 7.78 -74.23 -3.12
C LEU C 717 6.70 -75.05 -3.82
N LEU C 718 5.48 -75.06 -3.28
CA LEU C 718 4.38 -75.71 -3.99
C LEU C 718 4.05 -74.98 -5.28
N TRP C 719 4.10 -73.65 -5.25
CA TRP C 719 3.88 -72.81 -6.42
C TRP C 719 4.88 -73.13 -7.53
N ILE C 720 6.15 -73.29 -7.16
CA ILE C 720 7.16 -73.57 -8.18
C ILE C 720 7.17 -75.04 -8.56
N ASN C 721 6.63 -75.92 -7.70
CA ASN C 721 6.56 -77.32 -8.09
C ASN C 721 5.41 -77.56 -9.06
N GLN C 722 4.36 -76.74 -8.98
CA GLN C 722 3.31 -76.86 -9.98
C GLN C 722 3.59 -76.02 -11.23
N ILE C 723 4.77 -75.42 -11.35
CA ILE C 723 5.07 -74.55 -12.48
C ILE C 723 6.24 -75.12 -13.26
N LYS C 724 7.24 -75.63 -12.56
CA LYS C 724 8.42 -76.31 -13.10
C LYS C 724 9.19 -75.50 -14.13
N PRO C 725 9.96 -74.49 -13.72
CA PRO C 725 10.76 -73.72 -14.68
C PRO C 725 11.90 -74.56 -15.26
N GLN C 726 11.92 -74.66 -16.60
CA GLN C 726 12.90 -75.44 -17.36
C GLN C 726 12.90 -76.91 -16.94
N GLY C 727 11.72 -77.44 -16.66
CA GLY C 727 11.56 -78.83 -16.29
C GLY C 727 11.91 -79.17 -14.86
N LEU C 728 12.60 -78.29 -14.14
CA LEU C 728 13.02 -78.61 -12.78
C LEU C 728 11.85 -78.48 -11.82
N THR C 729 11.60 -79.54 -11.06
CA THR C 729 10.75 -79.46 -9.88
C THR C 729 11.63 -79.03 -8.71
N PHE C 730 11.10 -79.11 -7.49
CA PHE C 730 11.97 -78.87 -6.35
C PHE C 730 12.91 -80.05 -6.14
N ASP C 731 12.41 -81.27 -6.30
CA ASP C 731 13.30 -82.39 -6.55
C ASP C 731 13.92 -82.22 -7.92
N ASP C 732 15.12 -82.80 -8.10
CA ASP C 732 16.05 -82.68 -9.22
C ASP C 732 16.69 -81.29 -9.30
N PHE C 733 16.30 -80.36 -8.45
CA PHE C 733 17.14 -79.20 -8.16
C PHE C 733 18.08 -79.50 -7.02
N MET C 734 17.62 -80.31 -6.06
CA MET C 734 18.51 -80.77 -4.99
C MET C 734 19.56 -81.73 -5.53
N ILE C 735 19.23 -82.45 -6.60
CA ILE C 735 20.19 -83.41 -7.14
C ILE C 735 21.16 -82.73 -8.08
N ILE C 736 20.74 -81.65 -8.74
CA ILE C 736 21.69 -80.83 -9.47
C ILE C 736 22.57 -80.07 -8.49
N ALA C 737 21.99 -79.65 -7.36
CA ALA C 737 22.80 -79.18 -6.26
C ALA C 737 23.50 -80.36 -5.57
N ALA C 738 24.34 -80.02 -4.59
CA ALA C 738 25.07 -80.97 -3.74
C ALA C 738 25.96 -81.92 -4.53
N ASN C 739 26.43 -81.50 -5.70
CA ASN C 739 27.33 -82.31 -6.52
C ASN C 739 28.69 -81.66 -6.67
N ARG C 740 28.71 -80.35 -6.95
CA ARG C 740 29.87 -79.55 -7.32
C ARG C 740 30.56 -80.03 -8.59
N ASP C 741 29.88 -80.88 -9.38
CA ASP C 741 30.36 -81.37 -10.67
C ASP C 741 29.09 -81.48 -11.51
N ARG C 742 28.82 -80.45 -12.30
CA ARG C 742 27.58 -80.37 -13.05
C ARG C 742 27.86 -79.81 -14.43
N SER C 743 26.94 -80.05 -15.34
CA SER C 743 27.06 -79.52 -16.68
C SER C 743 26.71 -78.03 -16.68
N GLU C 744 27.04 -77.36 -17.78
CA GLU C 744 26.65 -75.96 -17.93
C GLU C 744 25.14 -75.84 -18.05
N ASN C 745 24.49 -76.82 -18.68
CA ASN C 745 23.04 -76.85 -18.67
C ASN C 745 22.49 -77.10 -17.28
N GLU C 746 23.20 -77.89 -16.47
CA GLU C 746 22.73 -78.15 -15.12
C GLU C 746 22.81 -76.91 -14.24
N THR C 747 23.94 -76.19 -14.30
CA THR C 747 24.01 -74.97 -13.52
C THR C 747 23.14 -73.86 -14.10
N SER C 748 22.88 -73.88 -15.41
CA SER C 748 21.94 -72.91 -15.97
C SER C 748 20.52 -73.18 -15.50
N ASN C 749 20.15 -74.47 -15.42
CA ASN C 749 18.83 -74.82 -14.93
C ASN C 749 18.69 -74.50 -13.44
N MET C 750 19.74 -74.70 -12.65
CA MET C 750 19.66 -74.37 -11.24
C MET C 750 19.62 -72.85 -11.03
N VAL C 751 20.26 -72.09 -11.92
CA VAL C 751 20.24 -70.65 -11.81
C VAL C 751 18.87 -70.11 -12.22
N ALA C 752 18.26 -70.72 -13.23
CA ALA C 752 16.90 -70.35 -13.62
C ALA C 752 15.91 -70.68 -12.51
N PHE C 753 16.13 -71.80 -11.82
CA PHE C 753 15.29 -72.17 -10.69
C PHE C 753 15.40 -71.16 -9.55
N CYS C 754 16.64 -70.75 -9.23
CA CYS C 754 16.82 -69.78 -8.15
C CYS C 754 16.31 -68.40 -8.53
N GLN C 755 16.38 -68.04 -9.81
CA GLN C 755 15.84 -66.75 -10.23
C GLN C 755 14.32 -66.74 -10.26
N VAL C 756 13.69 -67.86 -10.59
CA VAL C 756 12.24 -67.95 -10.48
C VAL C 756 11.82 -67.88 -9.02
N LEU C 757 12.63 -68.48 -8.13
CA LEU C 757 12.37 -68.37 -6.69
C LEU C 757 12.48 -66.93 -6.19
N GLY C 758 13.49 -66.20 -6.68
CA GLY C 758 13.62 -64.80 -6.31
C GLY C 758 12.50 -63.94 -6.85
N GLN C 759 12.05 -64.23 -8.08
CA GLN C 759 10.89 -63.56 -8.64
C GLN C 759 9.64 -63.82 -7.83
N LEU C 760 9.48 -65.03 -7.31
CA LEU C 760 8.32 -65.34 -6.49
C LEU C 760 8.41 -64.65 -5.14
N SER C 761 9.62 -64.52 -4.60
CA SER C 761 9.81 -63.79 -3.35
C SER C 761 9.44 -62.32 -3.52
N LEU C 762 9.84 -61.72 -4.65
CA LEU C 762 9.47 -60.35 -4.92
C LEU C 762 7.98 -60.21 -5.17
N ILE C 763 7.38 -61.16 -5.89
CA ILE C 763 5.97 -61.09 -6.22
C ILE C 763 5.10 -61.33 -5.00
N VAL C 764 5.66 -61.92 -3.94
CA VAL C 764 4.91 -62.06 -2.70
C VAL C 764 5.11 -60.85 -1.80
N ARG C 765 6.36 -60.46 -1.53
CA ARG C 765 6.57 -59.39 -0.56
C ARG C 765 6.27 -58.01 -1.13
N ASN C 766 6.13 -57.88 -2.45
CA ASN C 766 5.74 -56.59 -3.00
C ASN C 766 4.25 -56.37 -2.89
N ILE C 767 3.43 -57.38 -3.15
CA ILE C 767 1.99 -57.19 -3.10
C ILE C 767 1.46 -57.37 -1.67
N GLY C 768 2.17 -58.12 -0.83
CA GLY C 768 1.76 -58.24 0.55
C GLY C 768 0.84 -59.42 0.68
N LEU C 769 1.34 -60.53 1.19
CA LEU C 769 0.57 -61.76 1.29
C LEU C 769 1.07 -62.51 2.51
N SER C 770 0.22 -62.66 3.53
CA SER C 770 0.60 -63.40 4.72
C SER C 770 0.20 -64.86 4.65
N GLU C 771 0.18 -65.42 3.43
CA GLU C 771 0.13 -66.83 3.07
C GLU C 771 -1.23 -67.48 3.30
N ASN C 772 -2.08 -66.88 4.12
CA ASN C 772 -3.43 -67.40 4.26
C ASN C 772 -4.27 -67.03 3.06
N GLU C 773 -3.92 -65.94 2.39
CA GLU C 773 -4.47 -65.66 1.07
C GLU C 773 -3.68 -66.38 -0.01
N LEU C 774 -2.36 -66.48 0.16
CA LEU C 774 -1.52 -67.07 -0.88
C LEU C 774 -1.67 -68.57 -1.00
N THR C 775 -1.57 -69.31 0.11
CA THR C 775 -1.63 -70.76 0.01
C THR C 775 -3.02 -71.26 -0.37
N LEU C 776 -4.05 -70.44 -0.17
CA LEU C 776 -5.36 -70.77 -0.72
C LEU C 776 -5.32 -70.79 -2.24
N LEU C 777 -4.74 -69.75 -2.86
CA LEU C 777 -4.68 -69.70 -4.31
C LEU C 777 -3.67 -70.69 -4.87
N VAL C 778 -2.68 -71.09 -4.07
CA VAL C 778 -1.74 -72.10 -4.51
C VAL C 778 -2.38 -73.48 -4.51
N THR C 779 -2.97 -73.86 -3.37
CA THR C 779 -3.54 -75.20 -3.25
C THR C 779 -4.82 -75.36 -4.04
N LYS C 780 -5.77 -74.43 -3.93
CA LYS C 780 -7.03 -74.48 -4.66
C LYS C 780 -7.07 -73.25 -5.55
N PRO C 781 -6.52 -73.33 -6.76
CA PRO C 781 -6.64 -72.21 -7.70
C PRO C 781 -8.04 -72.07 -8.29
N GLU C 782 -8.95 -73.00 -8.01
CA GLU C 782 -10.35 -72.82 -8.39
C GLU C 782 -10.97 -71.64 -7.67
N LYS C 783 -10.59 -71.42 -6.41
CA LYS C 783 -11.12 -70.29 -5.65
C LYS C 783 -10.61 -68.94 -6.16
N PHE C 784 -9.52 -68.92 -6.91
CA PHE C 784 -9.10 -67.71 -7.61
C PHE C 784 -9.97 -67.47 -8.83
N GLN C 785 -9.93 -68.39 -9.79
CA GLN C 785 -10.87 -68.42 -10.89
C GLN C 785 -11.23 -69.87 -11.18
N SER C 786 -12.46 -70.09 -11.64
CA SER C 786 -12.95 -71.43 -11.89
C SER C 786 -12.41 -72.04 -13.17
N GLU C 787 -11.68 -71.26 -13.98
CA GLU C 787 -11.11 -71.75 -15.22
C GLU C 787 -9.60 -71.92 -15.14
N THR C 788 -8.96 -71.51 -14.05
CA THR C 788 -7.51 -71.41 -14.02
C THR C 788 -6.85 -72.77 -13.85
N THR C 789 -7.07 -73.42 -12.71
CA THR C 789 -6.55 -74.72 -12.27
C THR C 789 -5.02 -74.79 -12.14
N ALA C 790 -4.30 -73.72 -12.43
CA ALA C 790 -2.85 -73.66 -12.24
C ALA C 790 -2.47 -72.19 -12.17
N LEU C 791 -2.09 -71.72 -11.00
CA LEU C 791 -1.83 -70.30 -10.79
C LEU C 791 -0.56 -69.87 -11.53
N GLN C 792 -0.72 -68.97 -12.48
CA GLN C 792 0.34 -68.64 -13.43
C GLN C 792 1.22 -67.52 -12.93
N HIS C 793 2.35 -67.36 -13.61
CA HIS C 793 3.32 -66.30 -13.33
C HIS C 793 3.08 -65.08 -14.21
N ASP C 794 1.86 -64.88 -14.66
CA ASP C 794 1.63 -63.88 -15.67
C ASP C 794 1.21 -62.55 -15.05
N LEU C 795 1.29 -61.51 -15.87
CA LEU C 795 0.83 -60.17 -15.53
C LEU C 795 -0.67 -60.09 -15.20
N PRO C 796 -1.59 -60.76 -15.91
CA PRO C 796 -2.99 -60.72 -15.42
C PRO C 796 -3.18 -61.42 -14.09
N THR C 797 -2.44 -62.50 -13.82
CA THR C 797 -2.51 -63.13 -12.52
C THR C 797 -1.96 -62.23 -11.44
N LEU C 798 -0.91 -61.47 -11.76
CA LEU C 798 -0.36 -60.50 -10.82
C LEU C 798 -1.35 -59.38 -10.53
N GLN C 799 -2.00 -58.88 -11.57
CA GLN C 799 -2.97 -57.79 -11.40
C GLN C 799 -4.19 -58.25 -10.62
N ALA C 800 -4.65 -59.47 -10.88
CA ALA C 800 -5.78 -60.00 -10.12
C ALA C 800 -5.39 -60.33 -8.70
N LEU C 801 -4.14 -60.72 -8.46
CA LEU C 801 -3.64 -60.88 -7.11
C LEU C 801 -3.64 -59.56 -6.36
N THR C 802 -3.27 -58.49 -7.06
CA THR C 802 -3.29 -57.15 -6.47
C THR C 802 -4.69 -56.75 -6.07
N ARG C 803 -5.66 -56.93 -6.96
CA ARG C 803 -7.02 -56.53 -6.63
C ARG C 803 -7.64 -57.43 -5.58
N PHE C 804 -7.23 -58.70 -5.53
CA PHE C 804 -7.69 -59.61 -4.48
C PHE C 804 -7.17 -59.17 -3.12
N HIS C 805 -5.87 -58.87 -3.04
CA HIS C 805 -5.28 -58.40 -1.81
C HIS C 805 -5.85 -57.05 -1.40
N ALA C 806 -6.20 -56.22 -2.38
CA ALA C 806 -6.80 -54.92 -2.08
C ALA C 806 -8.19 -55.06 -1.50
N VAL C 807 -9.01 -55.96 -2.05
CA VAL C 807 -10.34 -56.21 -1.50
C VAL C 807 -10.25 -56.82 -0.10
N ILE C 808 -9.29 -57.74 0.11
CA ILE C 808 -9.17 -58.38 1.41
C ILE C 808 -8.68 -57.39 2.46
N MET C 809 -7.74 -56.52 2.10
CA MET C 809 -7.33 -55.48 3.03
C MET C 809 -8.39 -54.40 3.21
N ARG C 810 -9.29 -54.23 2.24
CA ARG C 810 -10.38 -53.30 2.43
C ARG C 810 -11.45 -53.89 3.33
N CYS C 811 -11.49 -55.22 3.44
CA CYS C 811 -12.42 -55.86 4.37
C CYS C 811 -12.11 -55.52 5.82
N GLY C 812 -10.84 -55.30 6.14
CA GLY C 812 -10.48 -54.83 7.47
C GLY C 812 -10.60 -55.86 8.56
N SER C 813 -11.48 -55.61 9.53
CA SER C 813 -11.59 -56.46 10.71
C SER C 813 -12.16 -57.84 10.39
N TYR C 814 -12.91 -57.98 9.31
CA TYR C 814 -13.49 -59.25 8.93
C TYR C 814 -12.69 -59.99 7.88
N ALA C 815 -11.42 -59.60 7.67
CA ALA C 815 -10.67 -60.10 6.53
C ALA C 815 -10.36 -61.59 6.65
N THR C 816 -9.97 -62.02 7.85
CA THR C 816 -9.74 -63.44 8.06
C THR C 816 -11.03 -64.25 7.96
N GLU C 817 -12.17 -63.67 8.34
CA GLU C 817 -13.44 -64.37 8.22
C GLU C 817 -13.86 -64.50 6.77
N ILE C 818 -13.63 -63.46 5.97
CA ILE C 818 -13.90 -63.53 4.54
C ILE C 818 -13.00 -64.57 3.88
N LEU C 819 -11.74 -64.61 4.29
CA LEU C 819 -10.80 -65.57 3.71
C LEU C 819 -11.16 -67.01 4.08
N THR C 820 -11.51 -67.26 5.34
CA THR C 820 -11.87 -68.61 5.69
C THR C 820 -13.28 -68.98 5.28
N ALA C 821 -14.09 -68.01 4.88
CA ALA C 821 -15.38 -68.34 4.29
C ALA C 821 -15.26 -68.59 2.80
N LEU C 822 -14.24 -68.02 2.17
CA LEU C 822 -13.92 -68.38 0.80
C LEU C 822 -13.12 -69.67 0.72
N GLU C 823 -12.48 -70.05 1.82
CA GLU C 823 -11.86 -71.38 1.92
C GLU C 823 -12.90 -72.46 1.74
N LEU C 824 -14.03 -72.31 2.41
CA LEU C 824 -15.18 -73.16 2.17
C LEU C 824 -16.06 -72.49 1.12
N GLY C 825 -17.28 -72.98 0.95
CA GLY C 825 -18.18 -72.36 0.01
C GLY C 825 -19.32 -71.66 0.70
N ALA C 826 -19.06 -71.12 1.89
CA ALA C 826 -20.10 -70.54 2.73
C ALA C 826 -20.10 -69.02 2.72
N LEU C 827 -19.27 -68.40 1.90
CA LEU C 827 -19.20 -66.94 1.86
C LEU C 827 -20.39 -66.40 1.09
N THR C 828 -21.30 -65.74 1.79
CA THR C 828 -22.53 -65.23 1.20
C THR C 828 -22.59 -63.72 1.34
N ALA C 829 -23.69 -63.16 0.86
CA ALA C 829 -24.07 -61.82 1.25
C ALA C 829 -24.50 -61.81 2.71
N GLU C 830 -24.64 -60.60 3.25
CA GLU C 830 -24.71 -60.23 4.68
C GLU C 830 -23.44 -60.57 5.43
N GLN C 831 -22.39 -61.01 4.75
CA GLN C 831 -21.06 -61.12 5.30
C GLN C 831 -20.07 -60.26 4.54
N LEU C 832 -20.11 -60.33 3.22
CA LEU C 832 -19.34 -59.41 2.41
C LEU C 832 -19.90 -58.00 2.48
N ALA C 833 -21.23 -57.88 2.58
CA ALA C 833 -21.85 -56.56 2.73
C ALA C 833 -21.55 -55.97 4.10
N VAL C 834 -21.40 -56.81 5.11
CA VAL C 834 -20.97 -56.32 6.42
C VAL C 834 -19.51 -55.92 6.38
N ALA C 835 -18.67 -56.73 5.73
CA ALA C 835 -17.23 -56.48 5.72
C ALA C 835 -16.88 -55.26 4.88
N LEU C 836 -17.70 -54.92 3.90
CA LEU C 836 -17.43 -53.77 3.05
C LEU C 836 -18.42 -52.64 3.24
N LYS C 837 -19.25 -52.72 4.29
CA LYS C 837 -20.21 -51.68 4.70
C LYS C 837 -21.20 -51.35 3.59
N PHE C 838 -21.65 -52.39 2.90
CA PHE C 838 -22.66 -52.25 1.86
C PHE C 838 -24.01 -52.68 2.42
N ASP C 839 -25.00 -52.74 1.54
CA ASP C 839 -26.31 -53.27 1.90
C ASP C 839 -26.44 -54.69 1.40
N ALA C 840 -27.16 -55.49 2.18
CA ALA C 840 -27.33 -56.91 1.88
C ALA C 840 -28.12 -57.10 0.59
N GLN C 841 -29.16 -56.31 0.39
CA GLN C 841 -29.98 -56.50 -0.81
C GLN C 841 -29.28 -56.00 -2.05
N VAL C 842 -28.48 -54.93 -1.94
CA VAL C 842 -27.70 -54.45 -3.08
C VAL C 842 -26.64 -55.48 -3.46
N VAL C 843 -25.98 -56.05 -2.45
CA VAL C 843 -24.94 -57.04 -2.72
C VAL C 843 -25.55 -58.31 -3.32
N THR C 844 -26.69 -58.75 -2.80
CA THR C 844 -27.27 -59.96 -3.36
C THR C 844 -27.93 -59.70 -4.71
N GLN C 845 -28.32 -58.46 -5.01
CA GLN C 845 -28.78 -58.13 -6.35
C GLN C 845 -27.64 -58.16 -7.36
N ALA C 846 -26.48 -57.64 -6.97
CA ALA C 846 -25.31 -57.74 -7.85
C ALA C 846 -24.85 -59.18 -8.03
N LEU C 847 -24.94 -59.97 -6.95
CA LEU C 847 -24.56 -61.38 -7.06
C LEU C 847 -25.53 -62.15 -7.91
N GLN C 848 -26.83 -61.84 -7.83
CA GLN C 848 -27.79 -62.44 -8.74
C GLN C 848 -27.62 -61.95 -10.16
N GLN C 849 -27.09 -60.73 -10.34
CA GLN C 849 -26.82 -60.24 -11.68
C GLN C 849 -25.63 -60.92 -12.32
N THR C 850 -24.58 -61.21 -11.55
CA THR C 850 -23.45 -61.89 -12.16
C THR C 850 -23.65 -63.40 -12.23
N ASP C 851 -24.48 -63.96 -11.37
CA ASP C 851 -24.77 -65.40 -11.40
C ASP C 851 -26.20 -65.61 -10.92
N LEU C 852 -27.04 -66.16 -11.80
CA LEU C 852 -28.47 -66.11 -11.60
C LEU C 852 -28.95 -67.04 -10.51
N GLY C 853 -28.16 -68.07 -10.19
CA GLY C 853 -28.60 -69.01 -9.19
C GLY C 853 -27.57 -69.35 -8.14
N VAL C 854 -26.37 -68.80 -8.26
CA VAL C 854 -25.33 -69.06 -7.27
C VAL C 854 -25.56 -68.15 -6.07
N ASN C 855 -26.00 -68.74 -4.96
CA ASN C 855 -26.37 -67.96 -3.80
C ASN C 855 -25.16 -67.43 -3.06
N THR C 856 -24.09 -68.21 -3.01
CA THR C 856 -22.89 -67.86 -2.25
C THR C 856 -21.81 -67.35 -3.18
N PHE C 857 -20.71 -66.94 -2.60
CA PHE C 857 -19.52 -66.57 -3.36
C PHE C 857 -18.60 -67.78 -3.41
N THR C 858 -18.54 -68.43 -4.57
CA THR C 858 -17.75 -69.64 -4.73
C THR C 858 -16.41 -69.39 -5.38
N ASN C 859 -16.06 -68.14 -5.63
CA ASN C 859 -14.91 -67.82 -6.45
C ASN C 859 -14.51 -66.38 -6.16
N TRP C 860 -13.32 -66.00 -6.60
CA TRP C 860 -12.94 -64.59 -6.49
C TRP C 860 -13.44 -63.77 -7.66
N ARG C 861 -13.50 -64.37 -8.85
CA ARG C 861 -13.88 -63.64 -10.05
C ARG C 861 -15.31 -63.13 -9.97
N THR C 862 -16.20 -63.91 -9.33
CA THR C 862 -17.55 -63.41 -9.08
C THR C 862 -17.55 -62.29 -8.06
N ILE C 863 -16.63 -62.31 -7.08
CA ILE C 863 -16.54 -61.22 -6.12
C ILE C 863 -16.09 -59.94 -6.80
N ASP C 864 -15.13 -60.06 -7.72
CA ASP C 864 -14.58 -58.89 -8.40
C ASP C 864 -15.60 -58.28 -9.34
N VAL C 865 -16.31 -59.11 -10.10
CA VAL C 865 -17.32 -58.54 -10.99
C VAL C 865 -18.54 -58.07 -10.20
N THR C 866 -18.78 -58.64 -9.02
CA THR C 866 -19.85 -58.15 -8.15
C THR C 866 -19.52 -56.76 -7.63
N LEU C 867 -18.28 -56.54 -7.22
CA LEU C 867 -17.89 -55.21 -6.77
C LEU C 867 -17.81 -54.22 -7.92
N GLN C 868 -17.55 -54.69 -9.14
CA GLN C 868 -17.64 -53.79 -10.29
C GLN C 868 -19.08 -53.36 -10.55
N TRP C 869 -20.03 -54.29 -10.43
CA TRP C 869 -21.44 -53.94 -10.54
C TRP C 869 -21.85 -52.97 -9.45
N LEU C 870 -21.34 -53.16 -8.23
CA LEU C 870 -21.64 -52.24 -7.13
C LEU C 870 -21.04 -50.86 -7.39
N ASP C 871 -19.87 -50.82 -8.01
CA ASP C 871 -19.23 -49.54 -8.29
C ASP C 871 -20.01 -48.76 -9.35
N VAL C 872 -20.49 -49.45 -10.39
CA VAL C 872 -21.31 -48.80 -11.40
C VAL C 872 -22.64 -48.33 -10.80
N ALA C 873 -23.27 -49.17 -10.00
CA ALA C 873 -24.55 -48.79 -9.39
C ALA C 873 -24.38 -47.68 -8.37
N ALA C 874 -23.20 -47.56 -7.76
CA ALA C 874 -22.96 -46.47 -6.82
C ALA C 874 -22.66 -45.17 -7.55
N THR C 875 -21.87 -45.22 -8.62
CA THR C 875 -21.58 -43.99 -9.35
C THR C 875 -22.74 -43.55 -10.23
N LEU C 876 -23.74 -44.39 -10.43
CA LEU C 876 -24.99 -43.94 -11.01
C LEU C 876 -26.08 -43.74 -9.97
N GLY C 877 -25.83 -44.13 -8.72
CA GLY C 877 -26.77 -43.87 -7.66
C GLY C 877 -28.02 -44.71 -7.68
N ILE C 878 -27.96 -45.91 -8.24
CA ILE C 878 -29.13 -46.77 -8.35
C ILE C 878 -28.75 -48.18 -7.91
N THR C 879 -29.67 -49.09 -8.09
CA THR C 879 -29.51 -50.50 -7.78
C THR C 879 -28.92 -51.24 -8.97
N PRO C 880 -28.19 -52.33 -8.74
CA PRO C 880 -27.70 -53.15 -9.86
C PRO C 880 -28.80 -53.74 -10.72
N ASP C 881 -30.00 -53.95 -10.18
CA ASP C 881 -31.13 -54.30 -11.04
C ASP C 881 -31.49 -53.13 -11.96
N GLY C 882 -31.35 -51.90 -11.48
CA GLY C 882 -31.52 -50.76 -12.35
C GLY C 882 -30.44 -50.67 -13.40
N VAL C 883 -29.22 -51.07 -13.04
CA VAL C 883 -28.13 -51.14 -14.01
C VAL C 883 -28.44 -52.18 -15.08
N ALA C 884 -29.00 -53.31 -14.68
CA ALA C 884 -29.40 -54.34 -15.64
C ALA C 884 -30.54 -53.87 -16.52
N ALA C 885 -31.45 -53.07 -15.97
CA ALA C 885 -32.52 -52.50 -16.78
C ALA C 885 -31.97 -51.50 -17.78
N LEU C 886 -30.93 -50.75 -17.41
CA LEU C 886 -30.30 -49.83 -18.36
C LEU C 886 -29.59 -50.58 -19.47
N ILE C 887 -28.91 -51.68 -19.12
CA ILE C 887 -28.19 -52.46 -20.12
C ILE C 887 -29.18 -53.19 -21.02
N LYS C 888 -30.38 -53.51 -20.51
CA LYS C 888 -31.41 -54.12 -21.34
C LYS C 888 -31.99 -53.16 -22.36
N LEU C 889 -31.66 -51.87 -22.29
CA LEU C 889 -31.97 -50.91 -23.34
C LEU C 889 -30.84 -50.77 -24.33
N LYS C 890 -30.12 -51.85 -24.59
CA LYS C 890 -29.05 -51.87 -25.59
C LYS C 890 -29.60 -51.52 -26.97
N TYR C 891 -28.81 -50.78 -27.74
CA TYR C 891 -29.25 -50.42 -29.08
C TYR C 891 -29.16 -51.62 -30.01
N VAL C 892 -27.95 -52.15 -30.21
CA VAL C 892 -27.75 -53.39 -30.93
C VAL C 892 -27.13 -54.39 -29.96
N GLY C 893 -27.85 -55.46 -29.70
CA GLY C 893 -27.40 -56.49 -28.80
C GLY C 893 -27.77 -57.87 -29.31
N GLU C 894 -28.24 -58.70 -28.38
CA GLU C 894 -28.66 -60.03 -28.73
C GLU C 894 -29.98 -60.00 -29.48
N PRO C 895 -30.18 -60.94 -30.42
CA PRO C 895 -31.50 -61.09 -31.03
C PRO C 895 -32.48 -61.72 -30.03
N GLU C 896 -33.76 -61.69 -30.44
CA GLU C 896 -34.95 -62.20 -29.74
C GLU C 896 -35.29 -61.41 -28.48
N THR C 897 -34.48 -60.42 -28.13
CA THR C 897 -34.91 -59.43 -27.16
C THR C 897 -35.73 -58.37 -27.88
N PRO C 898 -36.88 -57.98 -27.36
CA PRO C 898 -37.74 -57.03 -28.07
C PRO C 898 -37.14 -55.63 -28.02
N MET C 899 -37.66 -54.77 -28.91
CA MET C 899 -37.21 -53.41 -28.96
C MET C 899 -37.65 -52.66 -27.69
N PRO C 900 -36.82 -51.75 -27.20
CA PRO C 900 -37.19 -51.01 -25.99
C PRO C 900 -38.35 -50.07 -26.26
N THR C 901 -39.42 -50.25 -25.49
CA THR C 901 -40.62 -49.47 -25.69
C THR C 901 -40.43 -48.06 -25.15
N PHE C 902 -41.35 -47.17 -25.54
CA PHE C 902 -41.33 -45.81 -25.03
C PHE C 902 -41.60 -45.78 -23.53
N ASP C 903 -42.49 -46.65 -23.05
CA ASP C 903 -42.72 -46.74 -21.61
C ASP C 903 -41.53 -47.35 -20.90
N ASP C 904 -40.81 -48.26 -21.56
CA ASP C 904 -39.57 -48.81 -21.01
C ASP C 904 -38.52 -47.72 -20.85
N TRP C 905 -38.40 -46.87 -21.87
CA TRP C 905 -37.49 -45.73 -21.78
C TRP C 905 -37.94 -44.74 -20.72
N GLN C 906 -39.24 -44.59 -20.53
CA GLN C 906 -39.73 -43.66 -19.50
C GLN C 906 -39.45 -44.20 -18.10
N ALA C 907 -39.54 -45.52 -17.93
CA ALA C 907 -39.22 -46.14 -16.66
C ALA C 907 -37.73 -46.02 -16.36
N ALA C 908 -36.88 -46.24 -17.35
CA ALA C 908 -35.45 -46.02 -17.14
C ALA C 908 -35.12 -44.56 -16.90
N SER C 909 -35.88 -43.67 -17.53
CA SER C 909 -35.66 -42.24 -17.36
C SER C 909 -35.99 -41.79 -15.94
N THR C 910 -37.12 -42.24 -15.40
CA THR C 910 -37.43 -41.85 -14.03
C THR C 910 -36.56 -42.59 -13.02
N LEU C 911 -36.04 -43.76 -13.39
CA LEU C 911 -35.08 -44.43 -12.52
C LEU C 911 -33.79 -43.64 -12.39
N LEU C 912 -33.26 -43.15 -13.50
CA LEU C 912 -32.07 -42.31 -13.43
C LEU C 912 -32.39 -40.93 -12.87
N GLN C 913 -33.61 -40.46 -13.06
CA GLN C 913 -33.99 -39.12 -12.66
C GLN C 913 -34.23 -39.02 -11.17
N ALA C 914 -34.59 -40.13 -10.51
CA ALA C 914 -34.74 -40.10 -9.06
C ALA C 914 -33.41 -40.13 -8.34
N GLY C 915 -32.32 -40.40 -9.03
CA GLY C 915 -31.02 -40.51 -8.40
C GLY C 915 -30.18 -39.25 -8.38
N LEU C 916 -30.80 -38.09 -8.50
CA LEU C 916 -30.07 -36.83 -8.51
C LEU C 916 -30.50 -35.96 -7.35
N ASN C 917 -29.60 -35.06 -6.94
CA ASN C 917 -29.95 -34.07 -5.94
C ASN C 917 -30.64 -32.89 -6.62
N SER C 918 -30.90 -31.82 -5.85
CA SER C 918 -31.74 -30.74 -6.36
C SER C 918 -31.00 -29.89 -7.39
N GLN C 919 -29.68 -29.72 -7.20
CA GLN C 919 -28.89 -28.96 -8.17
C GLN C 919 -28.85 -29.65 -9.52
N GLN C 920 -28.55 -30.95 -9.53
CA GLN C 920 -28.55 -31.70 -10.78
C GLN C 920 -29.94 -31.84 -11.36
N SER C 921 -30.96 -31.85 -10.50
CA SER C 921 -32.34 -31.92 -11.00
C SER C 921 -32.74 -30.65 -11.72
N ASP C 922 -32.39 -29.48 -11.15
CA ASP C 922 -32.68 -28.22 -11.81
C ASP C 922 -31.88 -28.07 -13.10
N GLN C 923 -30.64 -28.54 -13.09
CA GLN C 923 -29.80 -28.48 -14.28
C GLN C 923 -30.38 -29.34 -15.40
N LEU C 924 -30.79 -30.56 -15.05
CA LEU C 924 -31.40 -31.46 -16.02
C LEU C 924 -32.72 -30.91 -16.53
N GLN C 925 -33.52 -30.31 -15.66
CA GLN C 925 -34.81 -29.76 -16.07
C GLN C 925 -34.64 -28.58 -17.02
N ALA C 926 -33.67 -27.71 -16.73
CA ALA C 926 -33.40 -26.58 -17.62
C ALA C 926 -32.89 -27.07 -18.98
N TRP C 927 -32.04 -28.10 -18.97
CA TRP C 927 -31.53 -28.63 -20.23
C TRP C 927 -32.64 -29.29 -21.03
N LEU C 928 -33.56 -29.99 -20.36
CA LEU C 928 -34.65 -30.64 -21.06
C LEU C 928 -35.64 -29.64 -21.62
N ASP C 929 -35.86 -28.53 -20.92
CA ASP C 929 -36.72 -27.48 -21.49
C ASP C 929 -36.06 -26.84 -22.71
N GLU C 930 -34.76 -26.56 -22.60
CA GLU C 930 -34.05 -25.95 -23.72
C GLU C 930 -33.88 -26.90 -24.90
N ALA C 931 -34.03 -28.20 -24.70
CA ALA C 931 -34.07 -29.12 -25.83
C ALA C 931 -35.47 -29.29 -26.40
N THR C 932 -36.49 -29.36 -25.54
CA THR C 932 -37.83 -29.59 -26.05
C THR C 932 -38.39 -28.34 -26.73
N THR C 933 -37.84 -27.15 -26.47
CA THR C 933 -38.31 -26.00 -27.24
C THR C 933 -37.84 -26.07 -28.68
N THR C 934 -36.60 -26.50 -28.93
CA THR C 934 -36.12 -26.56 -30.30
C THR C 934 -36.58 -27.82 -31.00
N ALA C 935 -37.13 -28.78 -30.25
CA ALA C 935 -37.87 -29.84 -30.91
C ALA C 935 -39.27 -29.36 -31.32
N ALA C 936 -40.01 -28.82 -30.35
CA ALA C 936 -41.43 -28.53 -30.56
C ALA C 936 -41.62 -27.37 -31.52
N SER C 937 -40.69 -26.41 -31.55
CA SER C 937 -40.83 -25.29 -32.47
C SER C 937 -40.64 -25.74 -33.90
N ALA C 938 -39.68 -26.64 -34.14
CA ALA C 938 -39.50 -27.18 -35.49
C ALA C 938 -40.69 -28.02 -35.90
N TYR C 939 -41.26 -28.78 -34.97
CA TYR C 939 -42.46 -29.55 -35.29
C TYR C 939 -43.65 -28.65 -35.57
N TYR C 940 -43.77 -27.54 -34.85
CA TYR C 940 -44.89 -26.64 -35.06
C TYR C 940 -44.73 -25.88 -36.37
N ILE C 941 -43.50 -25.55 -36.74
CA ILE C 941 -43.24 -24.91 -38.02
C ILE C 941 -43.57 -25.86 -39.15
N LYS C 942 -43.22 -27.14 -39.01
CA LYS C 942 -43.49 -28.11 -40.05
C LYS C 942 -44.98 -28.39 -40.18
N ASN C 943 -45.64 -28.73 -39.08
CA ASN C 943 -47.00 -29.27 -39.17
C ASN C 943 -48.06 -28.18 -39.15
N GLY C 944 -48.17 -27.46 -38.03
CA GLY C 944 -49.24 -26.49 -37.93
C GLY C 944 -48.78 -25.07 -37.75
N ALA C 945 -48.88 -24.27 -38.80
CA ALA C 945 -48.45 -22.89 -38.81
C ALA C 945 -48.97 -22.26 -40.10
N PRO C 946 -49.07 -20.93 -40.15
CA PRO C 946 -49.25 -20.28 -41.44
C PRO C 946 -48.03 -20.51 -42.33
N GLN C 947 -48.29 -20.50 -43.64
CA GLN C 947 -47.30 -20.93 -44.62
C GLN C 947 -46.10 -20.01 -44.71
N GLN C 948 -46.21 -18.78 -44.22
CA GLN C 948 -45.09 -17.84 -44.28
C GLN C 948 -44.01 -18.16 -43.27
N ILE C 949 -44.34 -18.88 -42.20
CA ILE C 949 -43.40 -19.18 -41.13
C ILE C 949 -42.44 -20.27 -41.59
N LYS C 950 -41.15 -19.95 -41.62
CA LYS C 950 -40.15 -20.91 -42.04
C LYS C 950 -38.94 -20.99 -41.12
N SER C 951 -38.78 -20.07 -40.17
CA SER C 951 -37.65 -20.10 -39.26
C SER C 951 -38.14 -19.88 -37.84
N ARG C 952 -37.24 -20.10 -36.90
CA ARG C 952 -37.55 -19.86 -35.49
C ARG C 952 -37.74 -18.38 -35.21
N ASP C 953 -37.02 -17.52 -35.92
CA ASP C 953 -37.22 -16.09 -35.77
C ASP C 953 -38.57 -15.66 -36.33
N GLU C 954 -39.01 -16.29 -37.42
CA GLU C 954 -40.34 -16.01 -37.94
C GLU C 954 -41.42 -16.53 -37.00
N LEU C 955 -41.17 -17.67 -36.35
CA LEU C 955 -42.10 -18.19 -35.36
C LEU C 955 -42.19 -17.28 -34.15
N TYR C 956 -41.06 -16.70 -33.75
CA TYR C 956 -41.06 -15.68 -32.70
C TYR C 956 -41.83 -14.45 -33.14
N SER C 957 -41.61 -14.00 -34.38
CA SER C 957 -42.29 -12.82 -34.90
C SER C 957 -43.80 -13.05 -35.02
N TYR C 958 -44.22 -14.29 -35.17
CA TYR C 958 -45.64 -14.61 -35.17
C TYR C 958 -46.19 -14.70 -33.75
N LEU C 959 -45.67 -15.65 -32.96
CA LEU C 959 -46.24 -15.97 -31.66
C LEU C 959 -45.96 -14.95 -30.59
N LEU C 960 -45.09 -13.97 -30.84
CA LEU C 960 -44.71 -12.88 -29.95
C LEU C 960 -44.07 -13.35 -28.64
N ILE C 961 -43.58 -14.58 -28.56
CA ILE C 961 -42.86 -15.09 -27.40
C ILE C 961 -41.60 -15.78 -27.89
N ASP C 962 -40.47 -15.48 -27.27
CA ASP C 962 -39.18 -15.93 -27.75
C ASP C 962 -38.93 -17.38 -27.35
N ASN C 963 -38.78 -18.24 -28.34
CA ASN C 963 -38.53 -19.67 -28.15
C ASN C 963 -37.06 -20.00 -28.13
N GLN C 964 -36.18 -19.00 -28.18
CA GLN C 964 -34.74 -19.22 -28.19
C GLN C 964 -34.08 -18.81 -26.89
N VAL C 965 -34.85 -18.33 -25.92
CA VAL C 965 -34.29 -17.85 -24.67
C VAL C 965 -33.92 -19.03 -23.78
N SER C 966 -32.68 -19.05 -23.31
CA SER C 966 -32.25 -20.08 -22.38
C SER C 966 -32.93 -19.89 -21.02
N ALA C 967 -33.02 -20.98 -20.28
CA ALA C 967 -33.96 -21.07 -19.16
C ALA C 967 -33.51 -20.37 -17.89
N GLN C 968 -32.50 -19.51 -17.94
CA GLN C 968 -32.13 -18.72 -16.77
C GLN C 968 -32.97 -17.46 -16.63
N VAL C 969 -33.74 -17.10 -17.64
CA VAL C 969 -34.46 -15.85 -17.66
C VAL C 969 -35.86 -16.08 -17.12
N LYS C 970 -36.29 -15.19 -16.22
CA LYS C 970 -37.58 -15.31 -15.55
C LYS C 970 -38.41 -14.06 -15.80
N THR C 971 -39.71 -14.26 -16.01
CA THR C 971 -40.63 -13.19 -16.38
C THR C 971 -42.05 -13.66 -16.07
N THR C 972 -42.80 -12.83 -15.34
CA THR C 972 -44.16 -13.20 -14.98
C THR C 972 -45.10 -13.15 -16.19
N ARG C 973 -46.30 -13.68 -15.98
CA ARG C 973 -47.25 -13.85 -17.09
C ARG C 973 -47.76 -12.53 -17.61
N VAL C 974 -48.00 -11.56 -16.71
CA VAL C 974 -48.50 -10.27 -17.17
C VAL C 974 -47.40 -9.51 -17.90
N ALA C 975 -46.14 -9.70 -17.52
CA ALA C 975 -45.06 -9.05 -18.24
C ALA C 975 -44.83 -9.71 -19.59
N GLU C 976 -45.05 -11.01 -19.67
CA GLU C 976 -44.95 -11.70 -20.96
C GLU C 976 -46.06 -11.26 -21.90
N ALA C 977 -47.27 -11.09 -21.38
CA ALA C 977 -48.37 -10.62 -22.22
C ALA C 977 -48.16 -9.17 -22.64
N ILE C 978 -47.61 -8.35 -21.74
CA ILE C 978 -47.32 -6.96 -22.05
C ILE C 978 -46.26 -6.87 -23.15
N ALA C 979 -45.21 -7.69 -23.03
CA ALA C 979 -44.16 -7.70 -24.05
C ALA C 979 -44.67 -8.23 -25.37
N SER C 980 -45.59 -9.19 -25.33
CA SER C 980 -46.15 -9.75 -26.55
C SER C 980 -47.01 -8.73 -27.29
N ILE C 981 -47.87 -8.02 -26.55
CA ILE C 981 -48.71 -7.02 -27.20
C ILE C 981 -47.89 -5.82 -27.65
N GLN C 982 -46.83 -5.47 -26.92
CA GLN C 982 -45.97 -4.38 -27.35
C GLN C 982 -45.19 -4.73 -28.60
N LEU C 983 -44.74 -5.98 -28.71
CA LEU C 983 -44.10 -6.43 -29.94
C LEU C 983 -45.09 -6.44 -31.10
N TYR C 984 -46.34 -6.84 -30.84
CA TYR C 984 -47.35 -6.85 -31.89
C TYR C 984 -47.64 -5.43 -32.36
N VAL C 985 -47.66 -4.47 -31.45
CA VAL C 985 -47.92 -3.08 -31.81
C VAL C 985 -46.76 -2.50 -32.59
N ASN C 986 -45.53 -2.76 -32.14
CA ASN C 986 -44.36 -2.23 -32.85
C ASN C 986 -44.15 -2.90 -34.19
N ARG C 987 -44.68 -4.11 -34.38
CA ARG C 987 -44.62 -4.71 -35.70
C ARG C 987 -45.76 -4.24 -36.59
N ALA C 988 -46.92 -3.94 -36.01
CA ALA C 988 -48.04 -3.48 -36.80
C ALA C 988 -47.91 -2.03 -37.22
N LEU C 989 -47.20 -1.22 -36.44
CA LEU C 989 -47.03 0.18 -36.78
C LEU C 989 -46.13 0.35 -38.00
N ASN C 990 -45.13 -0.51 -38.15
CA ASN C 990 -44.27 -0.43 -39.32
C ASN C 990 -44.80 -1.23 -40.50
N ASN C 991 -46.03 -1.76 -40.38
CA ASN C 991 -46.74 -2.46 -41.45
C ASN C 991 -45.97 -3.68 -41.93
N VAL C 992 -45.32 -4.39 -41.01
CA VAL C 992 -44.63 -5.61 -41.38
C VAL C 992 -45.59 -6.76 -41.54
N GLU C 993 -46.79 -6.64 -40.98
CA GLU C 993 -47.78 -7.71 -41.05
C GLU C 993 -48.49 -7.68 -42.40
N GLY C 994 -49.58 -8.44 -42.48
CA GLY C 994 -50.35 -8.54 -43.70
C GLY C 994 -51.06 -7.27 -44.10
N LYS C 995 -52.05 -6.85 -43.31
CA LYS C 995 -52.87 -5.69 -43.66
C LYS C 995 -53.22 -4.94 -42.38
N VAL C 996 -52.54 -3.84 -42.14
CA VAL C 996 -52.77 -3.02 -40.96
C VAL C 996 -53.91 -2.07 -41.24
N SER C 997 -54.88 -2.01 -40.33
CA SER C 997 -56.02 -1.12 -40.48
C SER C 997 -55.56 0.31 -40.20
N LYS C 998 -55.37 1.08 -41.26
CA LYS C 998 -54.85 2.45 -41.13
C LYS C 998 -55.71 3.42 -40.31
N PRO C 999 -57.06 3.39 -40.32
CA PRO C 999 -57.79 4.30 -39.41
C PRO C 999 -57.61 3.98 -37.94
N VAL C 1000 -57.29 2.74 -37.57
CA VAL C 1000 -57.05 2.45 -36.16
C VAL C 1000 -55.69 2.97 -35.72
N LYS C 1001 -54.79 3.15 -36.69
CA LYS C 1001 -53.41 3.54 -36.41
C LYS C 1001 -53.29 4.96 -35.90
N THR C 1002 -54.30 5.81 -36.12
CA THR C 1002 -54.20 7.23 -35.79
C THR C 1002 -55.04 7.62 -34.59
N ARG C 1003 -55.19 6.73 -33.62
CA ARG C 1003 -55.82 7.13 -32.37
C ARG C 1003 -54.86 7.97 -31.55
N GLN C 1004 -55.38 8.59 -30.48
CA GLN C 1004 -54.53 9.40 -29.62
C GLN C 1004 -53.59 8.52 -28.82
N PHE C 1005 -54.01 7.30 -28.49
CA PHE C 1005 -53.17 6.36 -27.78
C PHE C 1005 -51.96 5.93 -28.60
N PHE C 1006 -52.10 5.92 -29.92
CA PHE C 1006 -50.96 5.58 -30.76
C PHE C 1006 -50.23 6.80 -31.30
N CYS C 1007 -50.86 7.98 -31.26
CA CYS C 1007 -50.10 9.20 -31.44
C CYS C 1007 -49.17 9.44 -30.26
N ASP C 1008 -49.55 8.99 -29.07
CA ASP C 1008 -48.69 9.04 -27.90
C ASP C 1008 -47.97 7.73 -27.65
N TRP C 1009 -47.88 6.86 -28.66
CA TRP C 1009 -47.23 5.58 -28.47
C TRP C 1009 -45.72 5.74 -28.33
N GLU C 1010 -45.15 6.61 -29.17
CA GLU C 1010 -43.70 6.66 -29.31
C GLU C 1010 -43.04 7.24 -28.07
N THR C 1011 -43.77 8.07 -27.32
CA THR C 1011 -43.17 8.75 -26.19
C THR C 1011 -43.67 8.23 -24.85
N TYR C 1012 -44.93 7.83 -24.75
CA TYR C 1012 -45.53 7.50 -23.47
C TYR C 1012 -45.94 6.04 -23.35
N ASN C 1013 -46.70 5.55 -24.31
CA ASN C 1013 -47.41 4.29 -24.13
C ASN C 1013 -46.58 3.07 -24.50
N ARG C 1014 -45.34 3.26 -24.96
CA ARG C 1014 -44.54 2.10 -25.35
C ARG C 1014 -44.10 1.29 -24.15
N ARG C 1015 -43.78 1.94 -23.04
CA ARG C 1015 -43.35 1.20 -21.87
C ARG C 1015 -44.22 1.56 -20.67
N TYR C 1016 -44.29 0.58 -19.76
CA TYR C 1016 -45.17 0.66 -18.60
C TYR C 1016 -44.76 1.78 -17.66
N SER C 1017 -43.46 2.04 -17.56
CA SER C 1017 -42.98 3.06 -16.63
C SER C 1017 -43.42 4.45 -17.05
N THR C 1018 -43.27 4.79 -18.33
CA THR C 1018 -43.70 6.10 -18.79
C THR C 1018 -45.22 6.20 -18.84
N TRP C 1019 -45.90 5.09 -19.15
CA TRP C 1019 -47.36 5.12 -19.13
C TRP C 1019 -47.90 5.37 -17.73
N ALA C 1020 -47.34 4.67 -16.75
CA ALA C 1020 -47.75 4.87 -15.36
C ALA C 1020 -47.36 6.25 -14.86
N GLY C 1021 -46.24 6.79 -15.35
CA GLY C 1021 -45.87 8.15 -14.97
C GLY C 1021 -46.83 9.18 -15.51
N VAL C 1022 -47.30 8.98 -16.74
CA VAL C 1022 -48.27 9.92 -17.31
C VAL C 1022 -49.61 9.82 -16.61
N SER C 1023 -50.05 8.59 -16.30
CA SER C 1023 -51.31 8.43 -15.60
C SER C 1023 -51.24 8.95 -14.17
N GLU C 1024 -50.08 8.81 -13.52
CA GLU C 1024 -49.92 9.41 -12.20
C GLU C 1024 -49.86 10.92 -12.28
N LEU C 1025 -49.29 11.48 -13.34
CA LEU C 1025 -49.30 12.93 -13.50
C LEU C 1025 -50.71 13.43 -13.75
N ALA C 1026 -51.56 12.61 -14.35
CA ALA C 1026 -52.97 12.95 -14.46
C ALA C 1026 -53.64 12.93 -13.09
N TYR C 1027 -53.48 11.84 -12.35
CA TYR C 1027 -54.28 11.66 -11.15
C TYR C 1027 -53.76 12.47 -9.97
N TYR C 1028 -52.46 12.40 -9.67
CA TYR C 1028 -51.85 13.15 -8.58
C TYR C 1028 -50.81 14.08 -9.16
N PRO C 1029 -51.22 15.28 -9.58
CA PRO C 1029 -50.24 16.27 -10.05
C PRO C 1029 -49.42 16.88 -8.94
N GLU C 1030 -49.82 16.66 -7.68
CA GLU C 1030 -49.07 17.20 -6.55
C GLU C 1030 -47.69 16.58 -6.41
N ASN C 1031 -47.50 15.35 -6.91
CA ASN C 1031 -46.20 14.73 -6.84
C ASN C 1031 -45.18 15.37 -7.78
N TYR C 1032 -45.65 16.00 -8.85
CA TYR C 1032 -44.77 16.42 -9.93
C TYR C 1032 -44.53 17.91 -10.01
N ILE C 1033 -45.26 18.71 -9.25
CA ILE C 1033 -45.07 20.15 -9.25
C ILE C 1033 -43.85 20.47 -8.41
N ASP C 1034 -42.87 21.14 -9.01
CA ASP C 1034 -41.83 21.74 -8.20
C ASP C 1034 -42.06 23.24 -8.14
N PRO C 1035 -41.70 23.89 -7.02
CA PRO C 1035 -41.92 25.34 -6.92
C PRO C 1035 -40.95 26.17 -7.75
N THR C 1036 -39.94 25.56 -8.36
CA THR C 1036 -38.93 26.30 -9.11
C THR C 1036 -39.33 26.51 -10.56
N ILE C 1037 -39.53 25.43 -11.32
CA ILE C 1037 -39.82 25.56 -12.73
C ILE C 1037 -41.31 25.30 -12.94
N ARG C 1038 -41.85 25.90 -14.00
CA ARG C 1038 -43.24 25.81 -14.36
C ARG C 1038 -43.37 26.26 -15.80
N ILE C 1039 -44.17 25.55 -16.60
CA ILE C 1039 -44.39 25.94 -17.98
C ILE C 1039 -45.26 27.20 -17.98
N GLY C 1040 -44.68 28.31 -18.40
CA GLY C 1040 -45.39 29.56 -18.49
C GLY C 1040 -45.06 30.58 -17.42
N GLN C 1041 -44.00 30.38 -16.65
CA GLN C 1041 -43.62 31.34 -15.63
C GLN C 1041 -43.04 32.59 -16.29
N THR C 1042 -43.23 33.72 -15.63
CA THR C 1042 -43.02 35.02 -16.26
C THR C 1042 -41.57 35.46 -16.13
N GLY C 1043 -41.27 36.57 -16.82
CA GLY C 1043 -39.92 37.10 -16.82
C GLY C 1043 -39.48 37.63 -15.47
N MET C 1044 -40.43 38.21 -14.72
CA MET C 1044 -40.11 38.65 -13.36
C MET C 1044 -39.83 37.47 -12.45
N MET C 1045 -40.54 36.35 -12.67
CA MET C 1045 -40.28 35.14 -11.90
C MET C 1045 -38.91 34.56 -12.22
N ASN C 1046 -38.55 34.55 -13.51
CA ASN C 1046 -37.24 34.06 -13.90
C ASN C 1046 -36.12 34.96 -13.40
N ASN C 1047 -36.34 36.28 -13.42
CA ASN C 1047 -35.34 37.21 -12.91
C ASN C 1047 -35.19 37.07 -11.39
N LEU C 1048 -36.30 36.77 -10.70
CA LEU C 1048 -36.23 36.48 -9.27
C LEU C 1048 -35.44 35.21 -9.02
N LEU C 1049 -35.61 34.21 -9.87
CA LEU C 1049 -34.90 32.95 -9.70
C LEU C 1049 -33.40 33.13 -9.97
N GLN C 1050 -33.05 33.98 -10.94
CA GLN C 1050 -31.64 34.33 -11.14
C GLN C 1050 -31.09 35.08 -9.94
N GLN C 1051 -31.90 35.96 -9.36
CA GLN C 1051 -31.47 36.73 -8.21
C GLN C 1051 -31.42 35.90 -6.94
N LEU C 1052 -32.00 34.71 -6.96
CA LEU C 1052 -32.15 33.90 -5.76
C LEU C 1052 -31.27 32.65 -5.76
N SER C 1053 -30.60 32.33 -6.85
CA SER C 1053 -29.91 31.05 -6.97
C SER C 1053 -28.45 31.22 -6.59
N GLN C 1054 -28.18 31.16 -5.29
CA GLN C 1054 -26.83 31.19 -4.77
C GLN C 1054 -26.64 30.04 -3.80
N SER C 1055 -25.45 29.97 -3.22
CA SER C 1055 -25.22 29.02 -2.13
C SER C 1055 -25.61 29.58 -0.79
N GLN C 1056 -25.66 30.91 -0.68
CA GLN C 1056 -25.92 31.59 0.60
C GLN C 1056 -27.07 32.56 0.41
N LEU C 1057 -28.11 32.41 1.23
CA LEU C 1057 -29.31 33.22 1.14
C LEU C 1057 -29.60 33.79 2.52
N ASN C 1058 -29.28 35.05 2.72
CA ASN C 1058 -29.64 35.71 3.97
C ASN C 1058 -31.07 36.22 3.89
N ILE C 1059 -31.61 36.56 5.05
CA ILE C 1059 -32.93 37.19 5.13
C ILE C 1059 -32.91 38.54 4.43
N ASP C 1060 -31.82 39.30 4.58
CA ASP C 1060 -31.70 40.59 3.90
C ASP C 1060 -31.59 40.42 2.39
N THR C 1061 -30.86 39.38 1.96
CA THR C 1061 -30.70 39.12 0.54
C THR C 1061 -32.03 38.72 -0.10
N VAL C 1062 -32.78 37.84 0.56
CA VAL C 1062 -34.04 37.41 -0.03
C VAL C 1062 -35.09 38.53 0.06
N GLU C 1063 -35.00 39.43 1.05
CA GLU C 1063 -35.96 40.52 1.09
C GLU C 1063 -35.62 41.60 0.08
N ASP C 1064 -34.34 41.84 -0.20
CA ASP C 1064 -33.97 42.74 -1.27
C ASP C 1064 -34.36 42.18 -2.63
N SER C 1065 -34.22 40.87 -2.80
CA SER C 1065 -34.66 40.24 -4.05
C SER C 1065 -36.17 40.30 -4.20
N PHE C 1066 -36.89 40.19 -3.09
CA PHE C 1066 -38.34 40.29 -3.15
C PHE C 1066 -38.79 41.71 -3.44
N LYS C 1067 -38.09 42.71 -2.91
CA LYS C 1067 -38.41 44.10 -3.25
C LYS C 1067 -38.12 44.40 -4.71
N ASN C 1068 -37.02 43.84 -5.22
CA ASN C 1068 -36.71 43.99 -6.64
C ASN C 1068 -37.74 43.30 -7.52
N TYR C 1069 -38.30 42.19 -7.05
CA TYR C 1069 -39.40 41.56 -7.77
C TYR C 1069 -40.67 42.39 -7.69
N LEU C 1070 -40.91 43.00 -6.52
CA LEU C 1070 -42.10 43.82 -6.32
C LEU C 1070 -42.10 45.06 -7.19
N THR C 1071 -40.91 45.60 -7.47
CA THR C 1071 -40.80 46.74 -8.37
C THR C 1071 -41.29 46.38 -9.78
N ALA C 1072 -40.84 45.23 -10.28
CA ALA C 1072 -41.27 44.80 -11.60
C ALA C 1072 -42.75 44.41 -11.61
N PHE C 1073 -43.24 43.86 -10.51
CA PHE C 1073 -44.66 43.55 -10.41
C PHE C 1073 -45.51 44.82 -10.44
N GLU C 1074 -45.05 45.86 -9.76
CA GLU C 1074 -45.74 47.14 -9.78
C GLU C 1074 -45.72 47.75 -11.18
N ASP C 1075 -44.59 47.66 -11.86
CA ASP C 1075 -44.49 48.25 -13.20
C ASP C 1075 -45.32 47.47 -14.21
N VAL C 1076 -45.54 46.18 -13.95
CA VAL C 1076 -46.41 45.41 -14.84
C VAL C 1076 -47.88 45.65 -14.50
N ALA C 1077 -48.20 45.90 -13.23
CA ALA C 1077 -49.59 46.16 -12.87
C ALA C 1077 -50.01 47.56 -13.28
N ASN C 1078 -49.06 48.47 -13.46
CA ASN C 1078 -49.40 49.83 -13.86
C ASN C 1078 -49.43 49.99 -15.37
N LEU C 1079 -50.15 49.13 -16.08
CA LEU C 1079 -50.30 49.28 -17.51
C LEU C 1079 -51.68 49.80 -17.84
N GLN C 1080 -51.80 50.35 -19.04
CA GLN C 1080 -53.07 50.94 -19.49
C GLN C 1080 -53.21 50.68 -20.97
N VAL C 1081 -54.33 50.07 -21.37
CA VAL C 1081 -54.53 49.65 -22.74
C VAL C 1081 -54.80 50.85 -23.62
N ILE C 1082 -54.11 50.95 -24.75
CA ILE C 1082 -54.40 51.98 -25.73
C ILE C 1082 -55.49 51.50 -26.67
N SER C 1083 -55.21 50.42 -27.38
CA SER C 1083 -56.04 49.99 -28.49
C SER C 1083 -55.74 48.55 -28.81
N GLY C 1084 -56.63 47.93 -29.58
CA GLY C 1084 -56.53 46.52 -29.87
C GLY C 1084 -56.84 46.25 -31.33
N TYR C 1085 -56.79 44.98 -31.67
CA TYR C 1085 -57.10 44.53 -33.03
C TYR C 1085 -57.61 43.11 -32.94
N HIS C 1086 -58.91 42.94 -33.11
CA HIS C 1086 -59.49 41.60 -33.14
C HIS C 1086 -59.09 40.96 -34.46
N ASP C 1087 -58.70 39.70 -34.40
CA ASP C 1087 -58.13 39.05 -35.57
C ASP C 1087 -59.17 38.67 -36.61
N SER C 1088 -60.32 38.17 -36.20
CA SER C 1088 -61.29 37.62 -37.13
C SER C 1088 -62.34 38.66 -37.47
N ILE C 1089 -63.30 38.26 -38.29
CA ILE C 1089 -64.42 39.12 -38.64
C ILE C 1089 -65.37 39.21 -37.46
N ASN C 1090 -65.94 38.08 -37.05
CA ASN C 1090 -66.84 38.05 -35.91
C ASN C 1090 -66.03 38.12 -34.63
N VAL C 1091 -66.64 38.68 -33.59
CA VAL C 1091 -65.93 38.89 -32.33
C VAL C 1091 -65.64 37.57 -31.63
N ASN C 1092 -66.61 36.68 -31.59
CA ASN C 1092 -66.51 35.48 -30.78
C ASN C 1092 -65.74 34.35 -31.44
N GLU C 1093 -64.91 34.64 -32.42
CA GLU C 1093 -64.17 33.59 -33.12
C GLU C 1093 -62.66 33.73 -33.02
N GLY C 1094 -62.12 34.90 -33.30
CA GLY C 1094 -60.67 35.04 -33.37
C GLY C 1094 -60.03 35.30 -32.03
N LEU C 1095 -59.03 36.16 -32.02
CA LEU C 1095 -58.32 36.48 -30.80
C LEU C 1095 -57.75 37.89 -30.88
N THR C 1096 -57.97 38.66 -29.83
CA THR C 1096 -57.64 40.08 -29.80
C THR C 1096 -56.22 40.29 -29.33
N TYR C 1097 -55.57 41.30 -29.88
CA TYR C 1097 -54.22 41.67 -29.51
C TYR C 1097 -54.26 43.07 -28.92
N LEU C 1098 -54.08 43.16 -27.61
CA LEU C 1098 -54.17 44.42 -26.90
C LEU C 1098 -52.78 45.03 -26.76
N ILE C 1099 -52.74 46.36 -26.63
CA ILE C 1099 -51.49 47.10 -26.51
C ILE C 1099 -51.59 48.01 -25.30
N GLY C 1100 -50.67 47.86 -24.35
CA GLY C 1100 -50.65 48.70 -23.18
C GLY C 1100 -49.35 49.44 -23.01
N TYR C 1101 -49.35 50.53 -22.24
CA TYR C 1101 -48.15 51.32 -22.01
C TYR C 1101 -47.89 51.44 -20.52
N SER C 1102 -46.65 51.77 -20.19
CA SER C 1102 -46.20 51.96 -18.83
C SER C 1102 -46.33 53.43 -18.43
N GLN C 1103 -46.30 53.67 -17.12
CA GLN C 1103 -46.41 55.03 -16.58
C GLN C 1103 -45.01 55.62 -16.39
N THR C 1104 -44.36 55.89 -17.51
CA THR C 1104 -43.04 56.49 -17.53
C THR C 1104 -42.96 57.51 -18.64
N GLU C 1105 -42.07 58.47 -18.47
CA GLU C 1105 -41.95 59.55 -19.44
C GLU C 1105 -41.35 59.06 -20.76
N PRO C 1106 -40.34 58.16 -20.78
CA PRO C 1106 -40.15 57.37 -22.01
C PRO C 1106 -41.17 56.26 -22.03
N ARG C 1107 -42.36 56.55 -22.54
CA ARG C 1107 -43.50 55.65 -22.46
C ARG C 1107 -43.25 54.38 -23.25
N ILE C 1108 -43.20 53.25 -22.54
CA ILE C 1108 -42.78 51.97 -23.10
C ILE C 1108 -43.99 51.08 -23.26
N TYR C 1109 -44.17 50.52 -24.45
CA TYR C 1109 -45.38 49.82 -24.84
C TYR C 1109 -45.21 48.32 -24.74
N TYR C 1110 -46.34 47.64 -24.51
CA TYR C 1110 -46.39 46.20 -24.34
C TYR C 1110 -47.47 45.65 -25.25
N TRP C 1111 -47.54 44.33 -25.37
CA TRP C 1111 -48.65 43.71 -26.06
C TRP C 1111 -49.00 42.39 -25.42
N ARG C 1112 -50.28 42.04 -25.45
CA ARG C 1112 -50.76 40.77 -24.93
C ARG C 1112 -51.80 40.23 -25.89
N ASN C 1113 -52.20 38.98 -25.66
CA ASN C 1113 -53.06 38.27 -26.59
C ASN C 1113 -54.12 37.50 -25.81
N VAL C 1114 -55.37 37.67 -26.21
CA VAL C 1114 -56.49 37.02 -25.53
C VAL C 1114 -57.36 36.33 -26.55
N ASP C 1115 -57.68 35.06 -26.31
CA ASP C 1115 -58.42 34.23 -27.24
C ASP C 1115 -59.89 34.25 -26.89
N HIS C 1116 -60.74 34.31 -27.93
CA HIS C 1116 -62.18 34.27 -27.75
C HIS C 1116 -62.76 32.87 -27.91
N GLN C 1117 -61.93 31.88 -28.22
CA GLN C 1117 -62.44 30.52 -28.25
C GLN C 1117 -62.63 29.98 -26.84
N LYS C 1118 -61.97 30.59 -25.85
CA LYS C 1118 -62.01 30.05 -24.50
C LYS C 1118 -63.21 30.56 -23.71
N CYS C 1119 -63.71 31.76 -24.02
CA CYS C 1119 -64.87 32.27 -23.31
C CYS C 1119 -66.11 31.50 -23.74
N GLN C 1120 -66.52 30.54 -22.91
CA GLN C 1120 -67.62 29.66 -23.28
C GLN C 1120 -68.96 30.38 -23.26
N HIS C 1121 -69.10 31.42 -22.44
CA HIS C 1121 -70.32 32.24 -22.49
C HIS C 1121 -69.93 33.64 -22.03
N GLY C 1122 -69.51 34.47 -22.99
CA GLY C 1122 -69.29 35.89 -22.75
C GLY C 1122 -68.09 36.29 -21.90
N GLN C 1123 -67.62 35.40 -21.03
CA GLN C 1123 -66.64 35.73 -19.99
C GLN C 1123 -65.41 34.88 -20.20
N PHE C 1124 -64.25 35.53 -20.26
CA PHE C 1124 -63.01 34.83 -20.52
C PHE C 1124 -62.51 34.11 -19.28
N ALA C 1125 -61.96 32.92 -19.48
CA ALA C 1125 -61.22 32.28 -18.42
C ALA C 1125 -59.83 32.88 -18.34
N ALA C 1126 -59.12 32.57 -17.25
CA ALA C 1126 -57.74 33.02 -17.13
C ALA C 1126 -56.80 32.23 -18.03
N ASN C 1127 -57.26 31.12 -18.60
CA ASN C 1127 -56.50 30.42 -19.63
C ASN C 1127 -56.39 31.23 -20.91
N ALA C 1128 -57.38 32.08 -21.22
CA ALA C 1128 -57.39 32.80 -22.48
C ALA C 1128 -56.38 33.92 -22.51
N TRP C 1129 -56.08 34.51 -21.35
CA TRP C 1129 -55.20 35.66 -21.30
C TRP C 1129 -53.76 35.24 -21.42
N GLY C 1130 -53.03 35.88 -22.33
CA GLY C 1130 -51.61 35.66 -22.43
C GLY C 1130 -50.82 36.67 -21.63
N GLU C 1131 -49.53 36.43 -21.54
CA GLU C 1131 -48.64 37.31 -20.79
C GLU C 1131 -48.43 38.61 -21.56
N TRP C 1132 -48.23 39.71 -20.82
CA TRP C 1132 -47.74 40.93 -21.44
C TRP C 1132 -46.34 40.71 -21.96
N LYS C 1133 -46.09 41.16 -23.18
CA LYS C 1133 -44.77 41.04 -23.80
C LYS C 1133 -44.31 42.42 -24.22
N LYS C 1134 -43.19 42.86 -23.66
CA LYS C 1134 -42.67 44.18 -23.93
C LYS C 1134 -42.09 44.25 -25.32
N ILE C 1135 -42.51 45.24 -26.09
CA ILE C 1135 -41.92 45.47 -27.40
C ILE C 1135 -40.67 46.31 -27.20
N GLU C 1136 -39.68 46.08 -28.05
CA GLU C 1136 -38.37 46.64 -27.78
C GLU C 1136 -38.05 47.83 -28.65
N ILE C 1137 -38.78 48.03 -29.73
CA ILE C 1137 -38.57 49.20 -30.58
C ILE C 1137 -39.16 50.42 -29.89
N PRO C 1138 -38.38 51.48 -29.66
CA PRO C 1138 -38.91 52.65 -28.96
C PRO C 1138 -39.83 53.46 -29.87
N ILE C 1139 -41.00 53.82 -29.33
CA ILE C 1139 -42.08 54.38 -30.12
C ILE C 1139 -42.48 55.70 -29.49
N ASN C 1140 -42.55 56.75 -30.32
CA ASN C 1140 -42.95 58.08 -29.88
C ASN C 1140 -44.18 58.49 -30.70
N VAL C 1141 -45.36 58.18 -30.19
CA VAL C 1141 -46.59 58.42 -30.93
C VAL C 1141 -46.95 59.89 -30.83
N TRP C 1142 -47.68 60.39 -31.84
CA TRP C 1142 -48.31 61.69 -31.77
C TRP C 1142 -49.79 61.49 -31.51
N GLN C 1143 -50.25 61.95 -30.33
CA GLN C 1143 -51.66 61.91 -29.92
C GLN C 1143 -52.23 60.49 -29.88
N GLU C 1144 -51.36 59.52 -29.58
CA GLU C 1144 -51.72 58.13 -29.32
C GLU C 1144 -52.45 57.47 -30.50
N ASN C 1145 -52.06 57.81 -31.72
CA ASN C 1145 -52.62 57.18 -32.91
C ASN C 1145 -51.75 55.98 -33.27
N ILE C 1146 -52.00 54.87 -32.58
CA ILE C 1146 -51.19 53.67 -32.73
C ILE C 1146 -52.10 52.45 -32.68
N ARG C 1147 -52.10 51.66 -33.74
CA ARG C 1147 -52.93 50.47 -33.83
C ARG C 1147 -52.05 49.27 -34.21
N PRO C 1148 -52.37 48.08 -33.72
CA PRO C 1148 -51.74 46.87 -34.25
C PRO C 1148 -52.57 46.29 -35.38
N VAL C 1149 -51.93 45.42 -36.16
CA VAL C 1149 -52.61 44.78 -37.27
C VAL C 1149 -51.99 43.42 -37.52
N ILE C 1150 -52.82 42.38 -37.52
CA ILE C 1150 -52.40 41.03 -37.84
C ILE C 1150 -52.42 40.89 -39.34
N TYR C 1151 -51.24 40.76 -39.95
CA TYR C 1151 -51.12 40.66 -41.39
C TYR C 1151 -50.31 39.43 -41.72
N LYS C 1152 -50.93 38.50 -42.47
CA LYS C 1152 -50.38 37.18 -42.79
C LYS C 1152 -49.97 36.43 -41.52
N SER C 1153 -50.86 36.52 -40.51
CA SER C 1153 -50.66 35.94 -39.18
C SER C 1153 -49.38 36.42 -38.51
N ARG C 1154 -49.01 37.67 -38.76
CA ARG C 1154 -47.81 38.26 -38.19
C ARG C 1154 -48.18 39.61 -37.61
N LEU C 1155 -47.73 39.87 -36.39
CA LEU C 1155 -48.14 41.08 -35.67
C LEU C 1155 -47.38 42.27 -36.24
N TYR C 1156 -48.09 43.08 -37.01
CA TYR C 1156 -47.55 44.35 -37.48
C TYR C 1156 -48.06 45.47 -36.58
N LEU C 1157 -47.26 46.53 -36.48
CA LEU C 1157 -47.54 47.63 -35.57
C LEU C 1157 -47.39 48.95 -36.32
N LEU C 1158 -48.40 49.79 -36.22
CA LEU C 1158 -48.45 51.05 -36.95
C LEU C 1158 -48.67 52.21 -36.00
N TRP C 1159 -47.96 53.31 -36.24
CA TRP C 1159 -48.18 54.54 -35.51
C TRP C 1159 -47.64 55.70 -36.32
N LEU C 1160 -47.89 56.91 -35.82
CA LEU C 1160 -47.42 58.13 -36.44
C LEU C 1160 -46.50 58.87 -35.49
N GLU C 1161 -45.50 59.54 -36.05
CA GLU C 1161 -44.64 60.43 -35.30
C GLU C 1161 -44.78 61.82 -35.88
N GLN C 1162 -44.60 62.83 -35.03
CA GLN C 1162 -44.60 64.19 -35.50
C GLN C 1162 -43.28 64.86 -35.14
N LYS C 1163 -42.90 65.85 -35.94
CA LYS C 1163 -41.68 66.62 -35.73
C LYS C 1163 -42.06 68.09 -35.87
N GLU C 1164 -42.47 68.70 -34.77
CA GLU C 1164 -42.86 70.10 -34.81
C GLU C 1164 -41.65 70.99 -34.58
N LEU C 1165 -41.39 71.87 -35.53
CA LEU C 1165 -40.29 72.82 -35.43
C LEU C 1165 -40.86 74.20 -35.77
N LYS C 1166 -41.18 74.97 -34.75
CA LYS C 1166 -41.76 76.29 -34.91
C LYS C 1166 -40.78 77.35 -34.42
N ASN C 1167 -40.55 78.36 -35.26
CA ASN C 1167 -39.68 79.46 -34.88
C ASN C 1167 -40.33 80.35 -33.82
N GLU C 1168 -41.64 80.59 -33.96
CA GLU C 1168 -42.46 81.40 -33.06
C GLU C 1168 -41.90 82.83 -32.95
N SER C 1169 -41.90 83.49 -34.09
CA SER C 1169 -41.49 84.88 -34.19
C SER C 1169 -42.14 85.48 -35.43
N GLU C 1170 -41.66 86.65 -35.84
CA GLU C 1170 -42.15 87.32 -37.02
C GLU C 1170 -41.10 87.42 -38.12
N ASP C 1171 -39.89 87.85 -37.77
CA ASP C 1171 -38.79 87.92 -38.73
C ASP C 1171 -38.30 86.51 -38.99
N GLY C 1172 -38.63 85.97 -40.16
CA GLY C 1172 -38.29 84.60 -40.49
C GLY C 1172 -39.11 83.62 -39.68
N LYS C 1173 -40.43 83.76 -39.72
CA LYS C 1173 -41.29 82.81 -39.03
C LYS C 1173 -41.29 81.48 -39.77
N ILE C 1174 -40.70 80.48 -39.14
CA ILE C 1174 -40.55 79.16 -39.74
C ILE C 1174 -41.41 78.19 -38.95
N ASP C 1175 -42.37 77.57 -39.63
CA ASP C 1175 -43.27 76.60 -39.01
C ASP C 1175 -43.22 75.35 -39.87
N ILE C 1176 -42.29 74.44 -39.54
CA ILE C 1176 -42.14 73.18 -40.26
C ILE C 1176 -42.57 72.06 -39.32
N THR C 1177 -43.67 71.41 -39.66
CA THR C 1177 -44.15 70.24 -38.94
C THR C 1177 -44.18 69.07 -39.92
N ASP C 1178 -43.72 67.91 -39.47
CA ASP C 1178 -43.62 66.74 -40.33
C ASP C 1178 -44.22 65.54 -39.63
N TYR C 1179 -45.24 64.94 -40.24
CA TYR C 1179 -45.90 63.76 -39.74
C TYR C 1179 -45.44 62.57 -40.56
N ILE C 1180 -45.04 61.49 -39.89
CA ILE C 1180 -44.39 60.35 -40.53
C ILE C 1180 -44.98 59.08 -39.96
N LEU C 1181 -45.43 58.18 -40.84
CA LEU C 1181 -45.97 56.89 -40.45
C LEU C 1181 -44.86 55.87 -40.35
N LYS C 1182 -44.85 55.11 -39.26
CA LYS C 1182 -43.84 54.08 -39.03
C LYS C 1182 -44.49 52.72 -38.88
N LEU C 1183 -43.83 51.70 -39.41
CA LEU C 1183 -44.34 50.34 -39.43
C LEU C 1183 -43.29 49.37 -38.94
N SER C 1184 -43.67 48.51 -38.00
CA SER C 1184 -42.76 47.48 -37.51
C SER C 1184 -43.54 46.20 -37.25
N HIS C 1185 -42.91 45.07 -37.55
CA HIS C 1185 -43.52 43.77 -37.35
C HIS C 1185 -42.61 42.91 -36.52
N ILE C 1186 -43.21 41.97 -35.84
CA ILE C 1186 -42.46 41.08 -34.95
C ILE C 1186 -41.85 39.96 -35.79
N ARG C 1187 -40.83 39.32 -35.23
CA ARG C 1187 -40.20 38.17 -35.85
C ARG C 1187 -40.58 36.91 -35.09
N TYR C 1188 -40.05 35.77 -35.55
CA TYR C 1188 -40.36 34.52 -34.87
C TYR C 1188 -39.66 34.40 -33.53
N ASP C 1189 -38.51 35.03 -33.36
CA ASP C 1189 -37.75 34.96 -32.13
C ASP C 1189 -38.12 36.06 -31.15
N GLY C 1190 -39.24 36.73 -31.36
CA GLY C 1190 -39.67 37.77 -30.46
C GLY C 1190 -39.05 39.14 -30.70
N SER C 1191 -38.01 39.23 -31.51
CA SER C 1191 -37.43 40.52 -31.81
C SER C 1191 -38.34 41.30 -32.76
N TRP C 1192 -38.16 42.61 -32.77
CA TRP C 1192 -38.97 43.51 -33.56
C TRP C 1192 -38.16 44.07 -34.72
N SER C 1193 -38.82 44.26 -35.86
CA SER C 1193 -38.14 44.75 -37.03
C SER C 1193 -37.78 46.23 -36.91
N SER C 1194 -36.97 46.70 -37.84
CA SER C 1194 -36.69 48.11 -37.94
C SER C 1194 -37.94 48.84 -38.42
N PRO C 1195 -38.20 50.05 -37.92
CA PRO C 1195 -39.40 50.77 -38.37
C PRO C 1195 -39.23 51.30 -39.79
N PHE C 1196 -40.26 51.10 -40.59
CA PHE C 1196 -40.26 51.56 -41.97
C PHE C 1196 -40.96 52.91 -42.04
N ASN C 1197 -40.24 53.92 -42.50
CA ASN C 1197 -40.75 55.28 -42.50
C ASN C 1197 -41.58 55.56 -43.73
N PHE C 1198 -42.64 56.34 -43.57
CA PHE C 1198 -43.51 56.77 -44.66
C PHE C 1198 -43.91 58.20 -44.41
N ASN C 1199 -43.56 59.09 -45.34
CA ASN C 1199 -43.96 60.49 -45.23
C ASN C 1199 -45.44 60.59 -45.55
N VAL C 1200 -46.21 61.15 -44.62
CA VAL C 1200 -47.66 61.15 -44.76
C VAL C 1200 -48.17 62.54 -44.40
N THR C 1201 -47.23 63.49 -44.28
CA THR C 1201 -47.55 64.80 -43.71
C THR C 1201 -48.44 65.63 -44.60
N ASP C 1202 -48.46 65.36 -45.91
CA ASP C 1202 -49.35 66.09 -46.80
C ASP C 1202 -50.80 65.70 -46.55
N LYS C 1203 -51.06 64.40 -46.43
CA LYS C 1203 -52.42 63.93 -46.14
C LYS C 1203 -52.85 64.33 -44.74
N ILE C 1204 -51.92 64.30 -43.79
CA ILE C 1204 -52.26 64.70 -42.43
C ILE C 1204 -52.52 66.21 -42.36
N GLU C 1205 -51.79 67.01 -43.13
CA GLU C 1205 -52.08 68.43 -43.17
C GLU C 1205 -53.38 68.73 -43.90
N ASN C 1206 -53.74 67.89 -44.88
CA ASN C 1206 -55.07 68.00 -45.49
C ASN C 1206 -56.16 67.72 -44.47
N LEU C 1207 -55.98 66.70 -43.63
CA LEU C 1207 -56.95 66.44 -42.58
C LEU C 1207 -56.86 67.41 -41.41
N ILE C 1208 -55.79 68.20 -41.34
CA ILE C 1208 -55.62 69.07 -40.18
C ILE C 1208 -56.01 70.51 -40.50
N ASN C 1209 -55.96 70.91 -41.78
CA ASN C 1209 -56.44 72.24 -42.15
C ASN C 1209 -57.94 72.33 -41.97
N LYS C 1210 -58.67 71.27 -42.30
CA LYS C 1210 -60.01 71.11 -41.78
C LYS C 1210 -59.91 70.68 -40.34
N LYS C 1211 -60.18 71.61 -39.42
CA LYS C 1211 -59.80 71.46 -38.02
C LYS C 1211 -60.63 70.41 -37.31
N ALA C 1212 -60.08 69.22 -37.16
CA ALA C 1212 -60.78 68.13 -36.49
C ALA C 1212 -59.76 67.15 -35.95
N SER C 1213 -60.19 66.32 -35.01
CA SER C 1213 -59.35 65.26 -34.47
C SER C 1213 -59.14 64.19 -35.53
N ILE C 1214 -57.93 63.67 -35.60
CA ILE C 1214 -57.53 62.75 -36.64
C ILE C 1214 -57.66 61.33 -36.12
N GLY C 1215 -58.49 60.53 -36.80
CA GLY C 1215 -58.60 59.12 -36.49
C GLY C 1215 -57.65 58.27 -37.31
N MET C 1216 -57.68 56.97 -37.06
CA MET C 1216 -56.76 56.06 -37.71
C MET C 1216 -57.37 54.68 -37.78
N TYR C 1217 -57.64 54.21 -38.98
CA TYR C 1217 -58.11 52.85 -39.22
C TYR C 1217 -56.95 52.02 -39.74
N CYS C 1218 -56.70 50.87 -39.11
CA CYS C 1218 -55.63 49.97 -39.54
C CYS C 1218 -56.17 48.55 -39.51
N SER C 1219 -56.23 47.92 -40.67
CA SER C 1219 -56.70 46.55 -40.75
C SER C 1219 -56.05 45.86 -41.93
N SER C 1220 -56.31 44.57 -42.07
CA SER C 1220 -55.71 43.74 -43.09
C SER C 1220 -56.80 43.11 -43.94
N ASP C 1221 -56.83 43.45 -45.22
CA ASP C 1221 -57.66 42.74 -46.16
C ASP C 1221 -57.06 41.36 -46.39
N TYR C 1222 -57.92 40.39 -46.69
CA TYR C 1222 -57.45 39.05 -47.01
C TYR C 1222 -57.70 38.66 -48.45
N GLU C 1223 -58.70 39.24 -49.12
CA GLU C 1223 -58.90 38.98 -50.53
C GLU C 1223 -57.76 39.59 -51.35
N LYS C 1224 -57.65 40.90 -51.34
CA LYS C 1224 -56.38 41.52 -51.66
C LYS C 1224 -55.47 41.39 -50.45
N ASP C 1225 -54.18 41.27 -50.70
CA ASP C 1225 -53.23 40.98 -49.62
C ASP C 1225 -52.53 42.24 -49.15
N VAL C 1226 -53.23 43.35 -49.06
CA VAL C 1226 -52.66 44.61 -48.59
C VAL C 1226 -53.25 44.93 -47.22
N ILE C 1227 -52.71 45.96 -46.59
CA ILE C 1227 -53.29 46.51 -45.38
C ILE C 1227 -53.82 47.90 -45.67
N ILE C 1228 -54.97 48.20 -45.09
CA ILE C 1228 -55.68 49.44 -45.35
C ILE C 1228 -55.42 50.38 -44.20
N VAL C 1229 -54.84 51.54 -44.51
CA VAL C 1229 -54.69 52.61 -43.55
C VAL C 1229 -55.31 53.85 -44.15
N TYR C 1230 -56.41 54.30 -43.57
CA TYR C 1230 -56.90 55.63 -43.87
C TYR C 1230 -57.12 56.38 -42.57
N PHE C 1231 -56.77 57.66 -42.59
CA PHE C 1231 -57.03 58.54 -41.47
C PHE C 1231 -58.31 59.30 -41.77
N HIS C 1232 -59.12 59.48 -40.75
CA HIS C 1232 -60.39 60.17 -40.90
C HIS C 1232 -60.47 61.26 -39.86
N GLU C 1233 -61.33 62.24 -40.11
CA GLU C 1233 -61.70 63.16 -39.06
C GLU C 1233 -62.61 62.44 -38.08
N LYS C 1234 -62.71 62.99 -36.87
CA LYS C 1234 -63.52 62.39 -35.83
C LYS C 1234 -64.81 63.16 -35.69
N LYS C 1235 -65.92 62.54 -36.05
CA LYS C 1235 -67.23 63.06 -35.75
C LYS C 1235 -67.73 62.43 -34.46
N ASP C 1236 -68.85 62.94 -33.95
CA ASP C 1236 -69.54 62.26 -32.85
C ASP C 1236 -70.47 61.18 -33.37
N ASN C 1237 -70.77 61.19 -34.65
CA ASN C 1237 -71.54 60.12 -35.28
C ASN C 1237 -71.22 60.09 -36.76
N TYR C 1238 -71.01 58.89 -37.27
CA TYR C 1238 -70.83 58.66 -38.70
C TYR C 1238 -72.09 58.01 -39.22
N SER C 1239 -72.80 58.70 -40.10
CA SER C 1239 -74.17 58.35 -40.45
C SER C 1239 -74.29 57.70 -41.81
N PHE C 1240 -73.21 57.10 -42.32
CA PHE C 1240 -73.17 56.22 -43.50
C PHE C 1240 -73.39 56.94 -44.82
N ASN C 1241 -73.78 58.21 -44.77
CA ASN C 1241 -73.99 59.02 -45.95
C ASN C 1241 -73.30 60.37 -45.85
N SER C 1242 -73.05 60.82 -44.63
CA SER C 1242 -72.19 61.97 -44.36
C SER C 1242 -70.81 61.39 -44.02
N LEU C 1243 -70.04 61.11 -45.06
CA LEU C 1243 -68.73 60.52 -44.87
C LEU C 1243 -67.76 61.55 -44.28
N PRO C 1244 -66.93 61.13 -43.33
CA PRO C 1244 -65.93 62.06 -42.80
C PRO C 1244 -64.83 62.32 -43.81
N ALA C 1245 -64.11 63.42 -43.58
CA ALA C 1245 -62.97 63.74 -44.42
C ALA C 1245 -61.88 62.69 -44.21
N ARG C 1246 -61.39 62.13 -45.31
CA ARG C 1246 -60.59 60.93 -45.22
C ARG C 1246 -59.35 61.08 -46.08
N GLU C 1247 -58.30 60.33 -45.76
CA GLU C 1247 -57.08 60.29 -46.53
C GLU C 1247 -56.61 58.86 -46.61
N GLY C 1248 -56.66 58.29 -47.81
CA GLY C 1248 -56.46 56.86 -47.99
C GLY C 1248 -55.03 56.53 -48.33
N MET C 1249 -54.67 55.28 -48.07
CA MET C 1249 -53.32 54.77 -48.20
C MET C 1249 -53.39 53.26 -48.06
N THR C 1250 -52.43 52.57 -48.67
CA THR C 1250 -52.37 51.11 -48.56
C THR C 1250 -50.93 50.64 -48.74
N ILE C 1251 -50.58 49.59 -48.01
CA ILE C 1251 -49.23 49.05 -48.01
C ILE C 1251 -49.26 47.64 -48.56
N ASN C 1252 -48.31 47.31 -49.42
CA ASN C 1252 -48.18 46.00 -50.04
C ASN C 1252 -47.70 44.97 -49.03
N PRO C 1253 -47.63 43.68 -49.40
CA PRO C 1253 -46.88 42.73 -48.57
C PRO C 1253 -45.43 43.12 -48.36
N ASP C 1254 -44.73 43.50 -49.43
CA ASP C 1254 -43.48 44.22 -49.27
C ASP C 1254 -43.79 45.59 -48.70
N MET C 1255 -42.83 46.18 -47.97
CA MET C 1255 -43.08 47.46 -47.31
C MET C 1255 -43.12 48.66 -48.26
N THR C 1256 -43.13 48.44 -49.58
CA THR C 1256 -43.46 49.51 -50.51
C THR C 1256 -44.91 49.93 -50.33
N LEU C 1257 -45.16 51.21 -50.48
CA LEU C 1257 -46.48 51.78 -50.28
C LEU C 1257 -47.20 51.90 -51.61
N SER C 1258 -48.51 51.67 -51.58
CA SER C 1258 -49.36 51.75 -52.76
C SER C 1258 -50.33 52.91 -52.61
N ILE C 1259 -50.76 53.47 -53.73
CA ILE C 1259 -51.71 54.57 -53.68
C ILE C 1259 -53.12 54.00 -53.55
N LEU C 1260 -54.05 54.84 -53.09
CA LEU C 1260 -55.44 54.44 -52.92
C LEU C 1260 -56.31 55.51 -53.55
N THR C 1261 -57.06 55.15 -54.59
CA THR C 1261 -57.94 56.11 -55.24
C THR C 1261 -59.13 56.41 -54.35
N GLU C 1262 -59.80 57.52 -54.67
CA GLU C 1262 -60.89 57.99 -53.81
C GLU C 1262 -62.13 57.12 -53.93
N ASN C 1263 -62.34 56.45 -55.06
CA ASN C 1263 -63.52 55.59 -55.20
C ASN C 1263 -63.37 54.34 -54.36
N ASP C 1264 -62.20 53.71 -54.42
CA ASP C 1264 -61.91 52.57 -53.55
C ASP C 1264 -61.87 52.99 -52.08
N LEU C 1265 -61.42 54.22 -51.83
CA LEU C 1265 -61.42 54.74 -50.46
C LEU C 1265 -62.82 54.91 -49.93
N ASP C 1266 -63.74 55.42 -50.76
CA ASP C 1266 -65.13 55.57 -50.33
C ASP C 1266 -65.80 54.22 -50.16
N ALA C 1267 -65.46 53.25 -51.01
CA ALA C 1267 -65.95 51.90 -50.82
C ALA C 1267 -65.46 51.29 -49.51
N ILE C 1268 -64.20 51.52 -49.16
CA ILE C 1268 -63.66 51.04 -47.89
C ILE C 1268 -64.33 51.71 -46.69
N VAL C 1269 -64.49 53.03 -46.72
CA VAL C 1269 -65.14 53.74 -45.62
C VAL C 1269 -66.60 53.33 -45.48
N LYS C 1270 -67.32 53.15 -46.59
CA LYS C 1270 -68.67 52.63 -46.53
C LYS C 1270 -68.70 51.20 -46.01
N SER C 1271 -67.64 50.44 -46.23
CA SER C 1271 -67.59 49.08 -45.71
C SER C 1271 -67.40 49.02 -44.20
N THR C 1272 -66.55 49.88 -43.62
CA THR C 1272 -66.26 49.75 -42.20
C THR C 1272 -66.31 51.10 -41.49
N LEU C 1273 -67.35 51.89 -41.74
CA LEU C 1273 -67.60 53.06 -40.90
C LEU C 1273 -67.91 52.67 -39.46
N SER C 1274 -68.49 51.49 -39.24
CA SER C 1274 -68.91 51.09 -37.91
C SER C 1274 -67.77 50.84 -36.95
N GLU C 1275 -66.59 50.47 -37.44
CA GLU C 1275 -65.44 50.21 -36.59
C GLU C 1275 -64.59 51.45 -36.38
N LEU C 1276 -65.10 52.63 -36.70
CA LEU C 1276 -64.32 53.84 -36.57
C LEU C 1276 -64.54 54.49 -35.21
N ASP C 1277 -63.46 54.99 -34.64
CA ASP C 1277 -63.48 55.60 -33.31
C ASP C 1277 -64.12 56.98 -33.41
N THR C 1278 -65.08 57.25 -32.54
CA THR C 1278 -65.72 58.56 -32.49
C THR C 1278 -64.91 59.49 -31.57
N ARG C 1279 -65.45 60.66 -31.27
CA ARG C 1279 -64.73 61.59 -30.41
C ARG C 1279 -64.83 61.22 -28.93
N THR C 1280 -65.70 60.28 -28.58
CA THR C 1280 -65.97 59.97 -27.19
C THR C 1280 -65.71 58.52 -26.80
N GLU C 1281 -65.66 57.60 -27.76
CA GLU C 1281 -65.54 56.19 -27.44
C GLU C 1281 -64.57 55.53 -28.41
N TYR C 1282 -63.62 54.77 -27.87
CA TYR C 1282 -62.58 54.13 -28.65
C TYR C 1282 -63.06 52.77 -29.12
N LYS C 1283 -62.84 52.47 -30.39
CA LYS C 1283 -63.21 51.20 -30.97
C LYS C 1283 -61.98 50.32 -31.17
N VAL C 1284 -62.23 49.09 -31.58
CA VAL C 1284 -61.18 48.14 -31.93
C VAL C 1284 -61.48 47.64 -33.33
N ASN C 1285 -60.52 47.84 -34.23
CA ASN C 1285 -60.71 47.45 -35.62
C ASN C 1285 -60.66 45.94 -35.77
N ASN C 1286 -61.64 45.39 -36.48
CA ASN C 1286 -61.63 43.98 -36.78
C ASN C 1286 -60.87 43.76 -38.09
N GLN C 1287 -60.92 42.53 -38.58
CA GLN C 1287 -60.40 42.25 -39.90
C GLN C 1287 -61.31 42.88 -40.94
N PHE C 1288 -60.70 43.53 -41.93
CA PHE C 1288 -61.50 44.19 -42.95
C PHE C 1288 -62.08 43.17 -43.92
N ALA C 1289 -63.37 43.31 -44.18
CA ALA C 1289 -64.04 42.49 -45.18
C ALA C 1289 -65.19 43.29 -45.74
N THR C 1290 -65.33 43.30 -47.05
CA THR C 1290 -66.35 44.12 -47.70
C THR C 1290 -67.74 43.55 -47.45
N ASP C 1291 -68.07 42.43 -48.08
CA ASP C 1291 -69.35 41.78 -47.86
C ASP C 1291 -69.21 40.37 -47.31
N TYR C 1292 -68.35 39.55 -47.92
CA TYR C 1292 -68.21 38.16 -47.51
C TYR C 1292 -66.74 37.76 -47.50
N LEU C 1293 -66.50 36.51 -47.14
CA LEU C 1293 -65.19 35.89 -47.24
C LEU C 1293 -65.34 34.44 -47.61
N ALA C 1294 -64.69 34.05 -48.71
CA ALA C 1294 -64.75 32.69 -49.21
C ALA C 1294 -63.56 31.90 -48.71
N GLU C 1295 -63.80 30.98 -47.78
CA GLU C 1295 -62.75 30.14 -47.22
C GLU C 1295 -62.77 28.81 -47.96
N TYR C 1296 -61.77 28.60 -48.82
CA TYR C 1296 -61.76 27.41 -49.65
C TYR C 1296 -60.33 27.15 -50.13
N LYS C 1297 -60.10 25.92 -50.58
CA LYS C 1297 -58.85 25.52 -51.19
C LYS C 1297 -59.07 25.28 -52.67
N GLU C 1298 -58.01 25.42 -53.46
CA GLU C 1298 -58.15 25.28 -54.90
C GLU C 1298 -58.14 23.82 -55.33
N SER C 1299 -57.02 23.13 -55.16
CA SER C 1299 -56.85 21.78 -55.69
C SER C 1299 -56.74 20.78 -54.56
N ILE C 1300 -57.49 19.69 -54.68
CA ILE C 1300 -57.52 18.63 -53.67
C ILE C 1300 -57.28 17.30 -54.37
N THR C 1301 -56.21 16.61 -53.98
CA THR C 1301 -55.81 15.36 -54.59
C THR C 1301 -56.50 14.19 -53.90
N THR C 1302 -56.54 13.06 -54.59
CA THR C 1302 -57.04 11.82 -54.02
C THR C 1302 -56.06 10.67 -54.17
N LYS C 1303 -55.41 10.55 -55.34
CA LYS C 1303 -54.40 9.53 -55.65
C LYS C 1303 -54.92 8.11 -55.44
N ASN C 1304 -55.91 7.75 -56.27
CA ASN C 1304 -56.25 6.35 -56.42
C ASN C 1304 -55.10 5.60 -57.06
N LYS C 1305 -54.99 4.30 -56.74
CA LYS C 1305 -53.93 3.47 -57.31
C LYS C 1305 -54.08 3.25 -58.81
N LEU C 1306 -55.27 3.49 -59.37
CA LEU C 1306 -55.39 3.62 -60.81
C LEU C 1306 -54.76 4.91 -61.31
N ALA C 1307 -55.21 6.05 -60.78
CA ALA C 1307 -54.79 7.35 -61.26
C ALA C 1307 -55.13 8.40 -60.21
N SER C 1308 -54.25 9.38 -60.06
CA SER C 1308 -54.56 10.55 -59.26
C SER C 1308 -55.56 11.41 -60.02
N PHE C 1309 -56.39 12.15 -59.29
CA PHE C 1309 -57.45 12.88 -59.96
C PHE C 1309 -57.32 14.39 -59.82
N THR C 1310 -57.21 14.90 -58.58
CA THR C 1310 -56.91 16.31 -58.27
C THR C 1310 -57.91 17.29 -58.91
N GLY C 1311 -59.18 17.13 -58.57
CA GLY C 1311 -60.18 18.07 -59.04
C GLY C 1311 -60.06 19.40 -58.34
N ASN C 1312 -60.36 20.49 -59.07
CA ASN C 1312 -60.08 21.80 -58.52
C ASN C 1312 -61.10 22.83 -58.97
N ILE C 1313 -61.12 23.94 -58.24
CA ILE C 1313 -61.94 25.11 -58.55
C ILE C 1313 -60.98 26.26 -58.85
N PHE C 1314 -61.11 26.83 -60.04
CA PHE C 1314 -60.05 27.70 -60.55
C PHE C 1314 -60.26 29.17 -60.22
N ASP C 1315 -61.34 29.78 -60.70
CA ASP C 1315 -61.49 31.22 -60.64
C ASP C 1315 -62.76 31.57 -59.86
N LEU C 1316 -62.64 31.60 -58.55
CA LEU C 1316 -63.78 31.89 -57.68
C LEU C 1316 -64.02 33.39 -57.66
N SER C 1317 -65.28 33.79 -57.81
CA SER C 1317 -65.67 35.18 -57.73
C SER C 1317 -67.09 35.26 -57.21
N TYR C 1318 -67.33 36.21 -56.31
CA TYR C 1318 -68.63 36.36 -55.71
C TYR C 1318 -68.96 37.84 -55.56
N ILE C 1319 -70.18 38.20 -55.93
CA ILE C 1319 -70.66 39.58 -55.85
C ILE C 1319 -71.93 39.57 -55.02
N SER C 1320 -71.96 40.40 -53.98
CA SER C 1320 -73.15 40.50 -53.15
C SER C 1320 -74.12 41.48 -53.78
N PRO C 1321 -75.27 41.03 -54.28
CA PRO C 1321 -76.20 41.97 -54.92
C PRO C 1321 -76.95 42.84 -53.92
N GLY C 1322 -77.16 42.37 -52.71
CA GLY C 1322 -77.88 43.13 -51.70
C GLY C 1322 -77.29 42.86 -50.35
N ASN C 1323 -78.16 42.71 -49.36
CA ASN C 1323 -77.69 42.54 -47.99
C ASN C 1323 -77.26 41.09 -47.73
N GLY C 1324 -78.20 40.16 -47.83
CA GLY C 1324 -77.93 38.81 -47.38
C GLY C 1324 -77.71 37.81 -48.49
N HIS C 1325 -77.51 38.26 -49.71
CA HIS C 1325 -77.42 37.38 -50.86
C HIS C 1325 -76.00 37.37 -51.43
N ILE C 1326 -75.78 36.47 -52.39
CA ILE C 1326 -74.48 36.31 -53.02
C ILE C 1326 -74.70 35.82 -54.45
N ASN C 1327 -73.72 36.07 -55.31
CA ASN C 1327 -73.73 35.57 -56.69
C ASN C 1327 -72.38 34.92 -56.93
N LEU C 1328 -72.29 33.63 -56.64
CA LEU C 1328 -71.03 32.92 -56.81
C LEU C 1328 -70.77 32.64 -58.29
N THR C 1329 -69.50 32.51 -58.63
CA THR C 1329 -69.09 32.23 -59.99
C THR C 1329 -67.71 31.59 -59.95
N PHE C 1330 -67.58 30.39 -60.51
CA PHE C 1330 -66.29 29.73 -60.60
C PHE C 1330 -66.30 28.73 -61.74
N ASN C 1331 -65.11 28.26 -62.10
CA ASN C 1331 -64.91 27.35 -63.22
C ASN C 1331 -64.27 26.06 -62.70
N PRO C 1332 -65.07 25.07 -62.36
CA PRO C 1332 -64.50 23.82 -61.83
C PRO C 1332 -63.89 22.97 -62.93
N SER C 1333 -62.99 22.09 -62.52
CA SER C 1333 -62.28 21.23 -63.45
C SER C 1333 -61.82 19.97 -62.74
N MET C 1334 -61.50 18.96 -63.53
CA MET C 1334 -60.93 17.71 -63.03
C MET C 1334 -59.73 17.37 -63.90
N GLU C 1335 -58.67 16.87 -63.27
CA GLU C 1335 -57.34 16.79 -63.88
C GLU C 1335 -56.81 15.37 -63.81
N ILE C 1336 -57.62 14.41 -64.29
CA ILE C 1336 -57.29 12.99 -64.21
C ILE C 1336 -56.02 12.70 -64.98
N ASN C 1337 -54.98 12.29 -64.26
CA ASN C 1337 -53.67 12.02 -64.83
C ASN C 1337 -53.16 10.67 -64.36
N PHE C 1338 -52.32 10.05 -65.18
CA PHE C 1338 -51.82 8.71 -64.89
C PHE C 1338 -50.33 8.76 -64.56
N ASP C 1500 -69.25 11.44 -69.85
CA ASP C 1500 -69.97 10.20 -70.00
C ASP C 1500 -71.02 10.07 -68.90
N LYS C 1501 -71.33 8.83 -68.55
CA LYS C 1501 -71.90 8.51 -67.25
C LYS C 1501 -70.82 8.40 -66.18
N ASN C 1502 -69.57 8.66 -66.58
CA ASN C 1502 -68.41 8.88 -65.74
C ASN C 1502 -68.45 10.29 -65.17
N ILE C 1503 -67.27 10.82 -64.80
CA ILE C 1503 -67.01 11.86 -63.81
C ILE C 1503 -67.99 13.02 -63.78
N SER C 1504 -68.41 13.40 -62.59
CA SER C 1504 -69.48 14.38 -62.43
C SER C 1504 -69.11 15.38 -61.34
N PHE C 1505 -69.46 16.62 -61.59
CA PHE C 1505 -69.32 17.69 -60.61
C PHE C 1505 -70.63 17.83 -59.85
N LEU C 1506 -70.51 18.19 -58.57
CA LEU C 1506 -71.70 18.39 -57.75
C LEU C 1506 -71.41 19.47 -56.74
N LEU C 1507 -72.13 20.58 -56.83
CA LEU C 1507 -72.06 21.64 -55.83
C LEU C 1507 -73.33 21.59 -54.99
N LYS C 1508 -73.17 21.36 -53.70
CA LYS C 1508 -74.30 21.20 -52.81
C LYS C 1508 -74.21 22.16 -51.63
N ASN C 1509 -75.37 22.42 -51.05
CA ASN C 1509 -75.47 23.01 -49.73
C ASN C 1509 -75.44 21.87 -48.70
N GLY C 1510 -75.84 22.14 -47.46
CA GLY C 1510 -75.91 21.08 -46.46
C GLY C 1510 -76.92 20.01 -46.80
N SER C 1511 -78.02 20.41 -47.45
CA SER C 1511 -78.97 19.44 -47.98
C SER C 1511 -79.46 19.77 -49.38
N ASP C 1512 -79.26 21.00 -49.88
CA ASP C 1512 -79.79 21.40 -51.18
C ASP C 1512 -78.76 21.12 -52.25
N ILE C 1513 -79.17 20.41 -53.30
CA ILE C 1513 -78.34 20.23 -54.49
C ILE C 1513 -78.51 21.47 -55.35
N LEU C 1514 -77.48 22.31 -55.41
CA LEU C 1514 -77.59 23.57 -56.13
C LEU C 1514 -77.17 23.44 -57.58
N VAL C 1515 -75.98 22.91 -57.85
CA VAL C 1515 -75.47 22.78 -59.21
C VAL C 1515 -74.99 21.35 -59.40
N GLU C 1516 -75.55 20.68 -60.40
CA GLU C 1516 -75.20 19.30 -60.72
C GLU C 1516 -74.72 19.23 -62.15
N LEU C 1517 -73.48 18.77 -62.35
CA LEU C 1517 -72.88 18.75 -63.68
C LEU C 1517 -72.40 17.35 -64.03
N ASN C 1518 -72.25 17.12 -65.33
CA ASN C 1518 -71.77 15.85 -65.87
C ASN C 1518 -70.59 16.10 -66.80
N ALA C 1519 -70.02 15.01 -67.31
CA ALA C 1519 -68.90 15.12 -68.22
C ALA C 1519 -69.35 15.13 -69.68
N GLU C 1520 -70.33 14.30 -70.02
CA GLU C 1520 -70.84 14.30 -71.39
C GLU C 1520 -71.65 15.56 -71.65
N ASP C 1521 -72.42 16.01 -70.67
CA ASP C 1521 -73.22 17.21 -70.80
C ASP C 1521 -72.45 18.41 -70.27
N HIS C 1522 -72.61 19.55 -70.98
CA HIS C 1522 -72.00 20.87 -70.71
C HIS C 1522 -70.56 20.80 -70.23
N VAL C 1523 -69.71 20.15 -71.02
CA VAL C 1523 -68.26 20.26 -70.88
C VAL C 1523 -67.72 20.66 -72.25
N ALA C 1524 -67.19 21.87 -72.34
CA ALA C 1524 -66.64 22.37 -73.59
C ALA C 1524 -65.27 21.75 -73.83
N SER C 1525 -65.09 21.22 -75.06
CA SER C 1525 -63.83 20.63 -75.52
C SER C 1525 -63.39 19.46 -74.64
N LYS C 1526 -64.13 18.35 -74.75
CA LYS C 1526 -63.81 17.12 -74.04
C LYS C 1526 -62.40 16.65 -74.39
N PRO C 1527 -61.55 16.37 -73.41
CA PRO C 1527 -60.13 16.14 -73.68
C PRO C 1527 -59.88 14.80 -74.33
N SER C 1528 -58.80 14.76 -75.11
CA SER C 1528 -58.42 13.55 -75.81
C SER C 1528 -57.62 12.64 -74.88
N HIS C 1529 -57.58 11.35 -75.23
CA HIS C 1529 -56.81 10.40 -74.46
C HIS C 1529 -55.32 10.49 -74.71
N GLU C 1530 -54.91 11.25 -75.74
CA GLU C 1530 -53.49 11.44 -76.00
C GLU C 1530 -52.82 12.33 -74.94
N SER C 1531 -53.59 13.15 -74.23
CA SER C 1531 -53.05 13.90 -73.11
C SER C 1531 -52.95 13.00 -71.89
N ASP C 1532 -51.83 13.08 -71.19
CA ASP C 1532 -51.68 12.24 -70.01
C ASP C 1532 -52.45 12.81 -68.81
N PRO C 1533 -52.46 14.15 -68.55
CA PRO C 1533 -53.55 14.66 -67.71
C PRO C 1533 -54.76 15.03 -68.54
N MET C 1534 -55.94 14.62 -68.11
CA MET C 1534 -57.17 14.91 -68.84
C MET C 1534 -57.89 16.02 -68.08
N VAL C 1535 -57.74 17.25 -68.57
CA VAL C 1535 -58.37 18.42 -67.98
C VAL C 1535 -59.71 18.63 -68.66
N TYR C 1536 -60.74 18.90 -67.87
CA TYR C 1536 -62.11 18.90 -68.39
C TYR C 1536 -62.71 20.29 -68.56
N ASP C 1537 -62.68 21.13 -67.52
CA ASP C 1537 -63.11 22.53 -67.57
C ASP C 1537 -64.58 22.65 -68.00
N PHE C 1538 -65.47 22.27 -67.07
CA PHE C 1538 -66.88 22.03 -67.31
C PHE C 1538 -67.60 23.20 -67.99
N ASN C 1539 -67.76 24.30 -67.26
CA ASN C 1539 -68.28 25.59 -67.73
C ASN C 1539 -68.15 26.57 -66.58
N GLN C 1540 -68.67 27.77 -66.77
CA GLN C 1540 -68.75 28.74 -65.68
C GLN C 1540 -70.01 28.47 -64.87
N VAL C 1541 -69.85 28.18 -63.59
CA VAL C 1541 -70.94 27.79 -62.72
C VAL C 1541 -71.43 29.05 -62.02
N LYS C 1542 -72.69 29.41 -62.25
CA LYS C 1542 -73.31 30.54 -61.58
C LYS C 1542 -74.42 30.05 -60.65
N VAL C 1543 -74.53 30.69 -59.49
CA VAL C 1543 -75.57 30.35 -58.53
C VAL C 1543 -75.84 31.60 -57.70
N ASP C 1544 -77.01 31.63 -57.05
CA ASP C 1544 -77.40 32.74 -56.21
C ASP C 1544 -77.95 32.17 -54.90
N ILE C 1545 -77.21 32.36 -53.81
CA ILE C 1545 -77.58 31.86 -52.50
C ILE C 1545 -77.83 33.05 -51.60
N GLU C 1546 -78.65 32.85 -50.58
CA GLU C 1546 -78.84 33.86 -49.55
C GLU C 1546 -78.48 33.28 -48.19
N GLY C 1547 -78.21 34.16 -47.25
CA GLY C 1547 -77.79 33.79 -45.92
C GLY C 1547 -76.45 34.37 -45.57
N TYR C 1548 -76.06 34.19 -44.32
CA TYR C 1548 -74.83 34.77 -43.80
C TYR C 1548 -73.68 33.76 -43.67
N ASP C 1549 -73.99 32.49 -43.43
CA ASP C 1549 -72.99 31.42 -43.43
C ASP C 1549 -73.41 30.37 -44.44
N ILE C 1550 -72.62 30.21 -45.49
CA ILE C 1550 -72.96 29.29 -46.57
C ILE C 1550 -71.87 28.22 -46.69
N PRO C 1551 -71.91 27.16 -45.88
CA PRO C 1551 -70.88 26.11 -46.01
C PRO C 1551 -71.15 25.19 -47.19
N LEU C 1552 -70.80 25.67 -48.38
CA LEU C 1552 -71.01 24.89 -49.60
C LEU C 1552 -70.00 23.75 -49.69
N VAL C 1553 -70.40 22.71 -50.41
CA VAL C 1553 -69.56 21.55 -50.62
C VAL C 1553 -69.54 21.26 -52.12
N SER C 1554 -68.36 21.29 -52.72
CA SER C 1554 -68.19 20.90 -54.11
C SER C 1554 -67.70 19.45 -54.17
N GLU C 1555 -68.43 18.61 -54.88
CA GLU C 1555 -68.14 17.19 -54.96
C GLU C 1555 -67.82 16.81 -56.40
N PHE C 1556 -66.80 15.98 -56.57
CA PHE C 1556 -66.36 15.50 -57.88
C PHE C 1556 -66.51 13.98 -57.89
N ILE C 1557 -67.66 13.51 -58.35
CA ILE C 1557 -68.00 12.09 -58.25
C ILE C 1557 -67.62 11.38 -59.54
N ILE C 1558 -67.06 10.18 -59.41
CA ILE C 1558 -66.51 9.43 -60.54
C ILE C 1558 -67.29 8.14 -60.83
N LYS C 1559 -67.95 7.58 -59.80
CA LYS C 1559 -68.15 6.14 -59.58
C LYS C 1559 -68.48 5.32 -60.82
N GLN C 1560 -67.79 4.17 -60.93
CA GLN C 1560 -67.94 3.17 -61.98
C GLN C 1560 -67.77 3.74 -63.40
N ASP C 1567 -66.31 4.27 -57.25
CA ASP C 1567 -66.79 4.85 -56.00
C ASP C 1567 -65.79 5.88 -55.48
N ILE C 1568 -65.42 6.83 -56.33
CA ILE C 1568 -64.37 7.80 -56.03
C ILE C 1568 -64.99 9.18 -56.00
N VAL C 1569 -64.96 9.82 -54.83
CA VAL C 1569 -65.57 11.13 -54.62
C VAL C 1569 -64.47 12.08 -54.13
N ILE C 1570 -64.39 13.26 -54.73
CA ILE C 1570 -63.49 14.31 -54.29
C ILE C 1570 -64.33 15.42 -53.66
N GLU C 1571 -64.30 15.49 -52.34
CA GLU C 1571 -65.05 16.51 -51.61
C GLU C 1571 -64.19 17.76 -51.50
N SER C 1572 -64.79 18.93 -51.75
CA SER C 1572 -64.09 20.21 -51.66
C SER C 1572 -65.02 21.23 -51.04
N PRO C 1573 -64.81 21.58 -49.78
CA PRO C 1573 -65.73 22.49 -49.10
C PRO C 1573 -65.42 23.96 -49.39
N ILE C 1574 -66.47 24.76 -49.44
CA ILE C 1574 -66.38 26.21 -49.60
C ILE C 1574 -67.22 26.83 -48.50
N HIS C 1575 -66.59 27.60 -47.62
CA HIS C 1575 -67.31 28.28 -46.56
C HIS C 1575 -67.32 29.77 -46.83
N ILE C 1576 -68.51 30.33 -46.96
CA ILE C 1576 -68.69 31.75 -47.23
C ILE C 1576 -69.36 32.36 -46.01
N LYS C 1577 -68.74 33.40 -45.46
CA LYS C 1577 -69.18 34.00 -44.21
C LYS C 1577 -69.37 35.51 -44.38
N LEU C 1578 -70.56 35.98 -44.02
CA LEU C 1578 -70.88 37.40 -44.11
C LEU C 1578 -70.27 38.15 -42.94
N LYS C 1579 -69.81 39.37 -43.22
CA LYS C 1579 -69.36 40.27 -42.17
C LYS C 1579 -70.58 40.98 -41.60
N SER C 1580 -70.93 40.62 -40.37
CA SER C 1580 -72.07 41.26 -39.71
C SER C 1580 -71.70 42.67 -39.30
N LYS C 1581 -72.53 43.64 -39.70
CA LYS C 1581 -72.25 45.04 -39.45
C LYS C 1581 -72.98 45.58 -38.24
N ASP C 1582 -73.25 44.76 -37.25
CA ASP C 1582 -73.88 45.23 -36.02
C ASP C 1582 -72.88 45.99 -35.17
N THR C 1583 -73.41 46.79 -34.24
CA THR C 1583 -72.56 47.39 -33.23
C THR C 1583 -72.08 46.37 -32.21
N SER C 1584 -72.78 45.24 -32.06
CA SER C 1584 -72.31 44.17 -31.21
C SER C 1584 -71.10 43.46 -31.78
N ASN C 1585 -70.84 43.60 -33.08
CA ASN C 1585 -69.68 42.99 -33.71
C ASN C 1585 -68.45 43.90 -33.64
N VAL C 1586 -68.45 44.87 -32.73
CA VAL C 1586 -67.33 45.77 -32.54
C VAL C 1586 -66.96 45.76 -31.08
N ILE C 1587 -65.71 45.40 -30.79
CA ILE C 1587 -65.21 45.40 -29.42
C ILE C 1587 -64.97 46.85 -29.00
N SER C 1588 -65.64 47.27 -27.93
CA SER C 1588 -65.47 48.61 -27.40
C SER C 1588 -64.71 48.54 -26.09
N LEU C 1589 -63.69 49.38 -25.96
CA LEU C 1589 -62.96 49.51 -24.72
C LEU C 1589 -63.14 50.92 -24.18
N HIS C 1590 -63.16 51.04 -22.86
CA HIS C 1590 -63.46 52.29 -22.19
C HIS C 1590 -62.44 52.51 -21.10
N LYS C 1591 -62.45 53.73 -20.55
CA LYS C 1591 -61.61 54.08 -19.42
C LYS C 1591 -62.42 54.89 -18.43
N MET C 1592 -62.76 54.28 -17.32
CA MET C 1592 -63.45 54.98 -16.24
C MET C 1592 -62.53 56.03 -15.63
N PRO C 1593 -63.11 57.14 -15.14
CA PRO C 1593 -62.26 58.15 -14.48
C PRO C 1593 -61.73 57.71 -13.14
N SER C 1594 -62.23 56.62 -12.57
CA SER C 1594 -61.67 56.09 -11.34
C SER C 1594 -60.33 55.41 -11.55
N GLY C 1595 -59.96 55.10 -12.80
CA GLY C 1595 -58.70 54.48 -13.11
C GLY C 1595 -58.81 53.11 -13.74
N THR C 1596 -59.96 52.45 -13.62
CA THR C 1596 -60.13 51.16 -14.25
C THR C 1596 -60.33 51.31 -15.75
N GLN C 1597 -60.25 50.18 -16.45
CA GLN C 1597 -60.27 50.17 -17.90
C GLN C 1597 -60.88 48.86 -18.36
N TYR C 1598 -62.14 48.91 -18.78
CA TYR C 1598 -62.86 47.70 -19.13
C TYR C 1598 -63.09 47.63 -20.62
N MET C 1599 -63.13 46.40 -21.12
CA MET C 1599 -63.51 46.13 -22.50
C MET C 1599 -64.92 45.59 -22.50
N GLN C 1600 -65.79 46.19 -23.31
CA GLN C 1600 -67.20 45.85 -23.34
C GLN C 1600 -67.56 45.25 -24.68
N ILE C 1601 -68.09 44.04 -24.67
CA ILE C 1601 -68.59 43.38 -25.86
C ILE C 1601 -70.10 43.19 -25.67
N GLY C 1602 -70.87 44.16 -26.14
CA GLY C 1602 -72.30 44.11 -25.99
C GLY C 1602 -72.73 44.23 -24.56
N PRO C 1603 -73.46 43.24 -24.07
CA PRO C 1603 -73.89 43.26 -22.66
C PRO C 1603 -72.76 42.90 -21.71
N TYR C 1604 -71.75 42.22 -22.20
CA TYR C 1604 -70.67 41.75 -21.36
C TYR C 1604 -69.59 42.80 -21.24
N ARG C 1605 -68.94 42.84 -20.08
CA ARG C 1605 -67.81 43.73 -19.84
C ARG C 1605 -66.68 42.93 -19.21
N THR C 1606 -65.45 43.29 -19.53
CA THR C 1606 -64.29 42.57 -19.04
C THR C 1606 -63.22 43.55 -18.61
N ARG C 1607 -62.77 43.42 -17.37
CA ARG C 1607 -61.75 44.32 -16.84
C ARG C 1607 -60.39 43.99 -17.42
N LEU C 1608 -59.64 45.01 -17.80
CA LEU C 1608 -58.30 44.84 -18.34
C LEU C 1608 -57.21 45.41 -17.45
N ASN C 1609 -57.56 46.27 -16.51
CA ASN C 1609 -56.60 46.97 -15.68
C ASN C 1609 -56.80 46.58 -14.22
N THR C 1610 -55.99 47.18 -13.35
CA THR C 1610 -56.16 47.03 -11.92
C THR C 1610 -55.58 48.24 -11.21
N LEU C 1611 -56.11 48.53 -10.02
CA LEU C 1611 -55.62 49.60 -9.18
C LEU C 1611 -54.83 49.06 -8.00
N PHE C 1612 -54.26 47.87 -8.15
CA PHE C 1612 -53.62 47.20 -7.03
C PHE C 1612 -52.28 47.83 -6.68
N SER C 1613 -51.55 48.32 -7.68
CA SER C 1613 -50.26 48.95 -7.42
C SER C 1613 -50.41 50.28 -6.70
N ARG C 1614 -51.57 50.93 -6.83
CA ARG C 1614 -51.80 52.17 -6.09
C ARG C 1614 -52.04 51.92 -4.62
N LYS C 1615 -52.53 50.73 -4.25
CA LYS C 1615 -52.70 50.38 -2.85
C LYS C 1615 -51.55 49.55 -2.31
N LEU C 1616 -50.63 49.12 -3.16
CA LEU C 1616 -49.61 48.16 -2.75
C LEU C 1616 -48.52 48.80 -1.91
N ALA C 1617 -48.23 50.08 -2.14
CA ALA C 1617 -47.04 50.70 -1.55
C ALA C 1617 -47.21 50.91 -0.05
N GLU C 1618 -48.44 51.18 0.40
CA GLU C 1618 -48.69 51.36 1.82
C GLU C 1618 -48.49 50.07 2.60
N ARG C 1619 -48.81 48.93 1.98
CA ARG C 1619 -48.52 47.65 2.62
C ARG C 1619 -47.05 47.32 2.54
N ALA C 1620 -46.41 47.63 1.41
CA ALA C 1620 -45.04 47.21 1.18
C ALA C 1620 -44.05 47.96 2.04
N ASN C 1621 -44.25 49.27 2.24
CA ASN C 1621 -43.36 50.01 3.10
C ASN C 1621 -43.57 49.69 4.57
N ILE C 1622 -44.74 49.18 4.93
CA ILE C 1622 -44.94 48.71 6.30
C ILE C 1622 -44.21 47.39 6.52
N GLY C 1623 -44.46 46.41 5.65
CA GLY C 1623 -43.81 45.12 5.87
C GLY C 1623 -44.14 44.13 4.78
N ILE C 1624 -43.19 43.22 4.60
CA ILE C 1624 -43.33 42.12 3.65
C ILE C 1624 -44.37 41.11 4.11
N ASP C 1625 -44.64 41.04 5.42
CA ASP C 1625 -45.75 40.23 5.89
C ASP C 1625 -47.08 40.81 5.45
N ASN C 1626 -47.16 42.13 5.33
CA ASN C 1626 -48.41 42.79 5.04
C ASN C 1626 -48.84 42.66 3.58
N VAL C 1627 -47.89 42.55 2.65
CA VAL C 1627 -48.31 42.39 1.26
C VAL C 1627 -48.78 40.97 1.00
N LEU C 1628 -48.27 39.99 1.74
CA LEU C 1628 -48.71 38.61 1.61
C LEU C 1628 -49.83 38.26 2.58
N SER C 1629 -50.44 39.25 3.20
CA SER C 1629 -51.58 39.01 4.05
C SER C 1629 -52.81 38.73 3.20
N MET C 1630 -53.85 38.20 3.86
CA MET C 1630 -55.11 37.99 3.16
C MET C 1630 -55.90 39.29 3.03
N GLU C 1631 -55.58 40.30 3.84
CA GLU C 1631 -56.18 41.61 3.67
C GLU C 1631 -55.80 42.23 2.34
N THR C 1632 -54.56 42.00 1.89
CA THR C 1632 -54.13 42.52 0.60
C THR C 1632 -54.85 41.83 -0.54
N GLN C 1633 -55.30 40.60 -0.33
CA GLN C 1633 -56.06 39.90 -1.35
C GLN C 1633 -57.52 40.28 -1.32
N ASN C 1634 -58.04 40.62 -0.14
CA ASN C 1634 -59.45 41.05 -0.03
C ASN C 1634 -59.55 42.57 -0.09
N LEU C 1635 -59.05 43.13 -1.18
CA LEU C 1635 -59.16 44.57 -1.39
C LEU C 1635 -60.10 44.86 -2.53
N PRO C 1636 -61.03 45.80 -2.38
CA PRO C 1636 -62.05 45.99 -3.40
C PRO C 1636 -61.52 46.72 -4.62
N GLU C 1637 -62.33 46.71 -5.66
CA GLU C 1637 -62.02 47.31 -6.95
C GLU C 1637 -63.29 47.89 -7.55
N PRO C 1638 -63.18 48.90 -8.42
CA PRO C 1638 -64.38 49.48 -9.04
C PRO C 1638 -65.08 48.51 -9.99
N GLN C 1639 -66.30 48.88 -10.37
CA GLN C 1639 -67.25 47.93 -10.91
C GLN C 1639 -67.57 48.10 -12.39
N LEU C 1640 -66.62 48.60 -13.20
CA LEU C 1640 -66.65 48.55 -14.66
C LEU C 1640 -67.86 49.29 -15.26
N GLY C 1641 -67.86 50.60 -15.06
CA GLY C 1641 -68.94 51.42 -15.55
C GLY C 1641 -69.92 51.72 -14.45
N GLU C 1642 -71.09 52.22 -14.87
CA GLU C 1642 -72.14 52.56 -13.92
C GLU C 1642 -72.67 51.33 -13.20
N GLY C 1643 -73.40 50.49 -13.93
CA GLY C 1643 -73.81 49.17 -13.48
C GLY C 1643 -74.64 49.02 -12.22
N PHE C 1644 -75.07 47.79 -11.96
CA PHE C 1644 -75.65 47.37 -10.69
C PHE C 1644 -75.64 45.86 -10.67
N TYR C 1645 -76.02 45.30 -9.53
CA TYR C 1645 -76.10 43.86 -9.37
C TYR C 1645 -77.51 43.45 -8.97
N ALA C 1646 -77.79 42.15 -9.11
CA ALA C 1646 -79.09 41.62 -8.79
C ALA C 1646 -78.96 40.15 -8.47
N THR C 1647 -79.49 39.72 -7.33
CA THR C 1647 -79.45 38.33 -6.92
C THR C 1647 -80.77 37.66 -7.28
N PHE C 1648 -80.69 36.55 -7.99
CA PHE C 1648 -81.86 35.85 -8.51
C PHE C 1648 -82.01 34.51 -7.79
N LYS C 1649 -82.91 34.45 -6.82
CA LYS C 1649 -83.17 33.21 -6.13
C LYS C 1649 -84.13 32.36 -6.96
N LEU C 1650 -83.82 31.07 -7.05
CA LEU C 1650 -84.46 30.21 -8.03
C LEU C 1650 -85.22 29.07 -7.37
N PRO C 1651 -86.29 28.58 -8.00
CA PRO C 1651 -87.07 27.48 -7.42
C PRO C 1651 -86.30 26.17 -7.49
N PRO C 1652 -86.72 25.16 -6.72
CA PRO C 1652 -86.16 23.82 -6.89
C PRO C 1652 -86.56 23.22 -8.23
N TYR C 1653 -85.79 22.22 -8.64
CA TYR C 1653 -86.13 21.47 -9.84
C TYR C 1653 -87.04 20.32 -9.45
N ASN C 1654 -88.18 20.21 -10.15
CA ASN C 1654 -89.15 19.15 -9.85
C ASN C 1654 -89.78 18.58 -11.11
N LYS C 1655 -89.07 18.63 -12.24
CA LYS C 1655 -89.44 18.05 -13.54
C LYS C 1655 -90.68 18.67 -14.17
N GLU C 1656 -91.28 19.66 -13.52
CA GLU C 1656 -92.37 20.46 -14.05
C GLU C 1656 -92.15 21.89 -13.59
N GLU C 1657 -92.64 22.83 -14.41
CA GLU C 1657 -92.35 24.26 -14.45
C GLU C 1657 -90.93 24.54 -14.94
N HIS C 1658 -90.13 23.51 -15.22
CA HIS C 1658 -88.79 23.69 -15.75
C HIS C 1658 -88.64 22.84 -16.99
N GLY C 1659 -89.26 21.67 -16.98
CA GLY C 1659 -89.16 20.75 -18.10
C GLY C 1659 -88.36 19.52 -17.75
N ASP C 1660 -87.39 19.17 -18.59
CA ASP C 1660 -86.63 17.94 -18.44
C ASP C 1660 -85.14 18.18 -18.25
N GLU C 1661 -84.54 19.07 -19.03
CA GLU C 1661 -83.09 19.11 -19.17
C GLU C 1661 -82.36 19.75 -18.00
N ARG C 1662 -83.08 20.36 -17.06
CA ARG C 1662 -82.55 20.83 -15.77
C ARG C 1662 -81.46 21.89 -15.94
N TRP C 1663 -81.85 23.02 -16.54
CA TRP C 1663 -81.01 24.21 -16.51
C TRP C 1663 -81.91 25.43 -16.49
N PHE C 1664 -81.27 26.60 -16.49
CA PHE C 1664 -81.96 27.87 -16.64
C PHE C 1664 -81.09 28.80 -17.45
N LYS C 1665 -81.72 29.58 -18.31
CA LYS C 1665 -81.02 30.54 -19.16
C LYS C 1665 -81.55 31.92 -18.81
N ILE C 1666 -80.83 32.65 -17.97
CA ILE C 1666 -81.21 34.01 -17.62
C ILE C 1666 -80.94 34.88 -18.83
N HIS C 1667 -81.99 35.24 -19.56
CA HIS C 1667 -81.83 36.05 -20.73
C HIS C 1667 -82.01 37.52 -20.37
N ILE C 1668 -81.91 38.38 -21.38
CA ILE C 1668 -81.94 39.81 -21.15
C ILE C 1668 -82.58 40.48 -22.35
N GLY C 1669 -83.15 41.67 -22.12
CA GLY C 1669 -83.79 42.42 -23.18
C GLY C 1669 -83.70 43.91 -22.91
N ASN C 1670 -83.98 44.67 -23.98
CA ASN C 1670 -83.98 46.13 -24.00
C ASN C 1670 -82.65 46.72 -23.53
N ILE C 1671 -81.57 46.31 -24.20
CA ILE C 1671 -80.30 46.94 -23.90
C ILE C 1671 -79.96 47.90 -25.02
N ASP C 1672 -79.70 47.36 -26.21
CA ASP C 1672 -79.28 48.17 -27.34
C ASP C 1672 -80.54 48.70 -28.04
N GLY C 1673 -80.38 49.20 -29.27
CA GLY C 1673 -81.54 49.42 -30.11
C GLY C 1673 -82.33 48.16 -30.37
N ASN C 1674 -81.65 47.01 -30.41
CA ASN C 1674 -82.31 45.72 -30.35
C ASN C 1674 -82.99 45.55 -28.99
N SER C 1675 -84.31 45.44 -29.01
CA SER C 1675 -85.10 45.19 -27.82
C SER C 1675 -85.72 43.81 -27.97
N ALA C 1676 -84.94 42.78 -27.65
CA ALA C 1676 -85.38 41.41 -27.80
C ALA C 1676 -84.59 40.52 -26.85
N ARG C 1677 -84.89 39.25 -26.88
CA ARG C 1677 -84.33 38.28 -25.94
C ARG C 1677 -82.92 37.92 -26.37
N GLN C 1678 -81.94 38.22 -25.51
CA GLN C 1678 -80.55 37.85 -25.73
C GLN C 1678 -80.06 36.90 -24.64
N PRO C 1679 -79.30 35.88 -25.00
CA PRO C 1679 -78.86 34.89 -23.99
C PRO C 1679 -77.76 35.43 -23.09
N TYR C 1680 -78.15 36.13 -22.03
CA TYR C 1680 -77.17 36.79 -21.16
C TYR C 1680 -76.37 35.79 -20.34
N TYR C 1681 -77.04 35.04 -19.48
CA TYR C 1681 -76.35 34.14 -18.58
C TYR C 1681 -77.07 32.80 -18.52
N GLU C 1682 -76.30 31.73 -18.44
CA GLU C 1682 -76.85 30.39 -18.37
C GLU C 1682 -76.32 29.71 -17.12
N GLY C 1683 -77.18 28.96 -16.43
CA GLY C 1683 -76.74 28.15 -15.32
C GLY C 1683 -77.51 26.85 -15.29
N MET C 1684 -76.96 25.89 -14.55
CA MET C 1684 -77.63 24.62 -14.38
C MET C 1684 -78.55 24.68 -13.17
N LEU C 1685 -79.82 24.32 -13.37
CA LEU C 1685 -80.78 24.33 -12.29
C LEU C 1685 -80.47 23.21 -11.30
N SER C 1686 -80.65 23.52 -10.02
CA SER C 1686 -80.18 22.66 -8.94
C SER C 1686 -81.34 22.36 -8.01
N ASP C 1687 -81.01 21.91 -6.79
CA ASP C 1687 -81.97 21.56 -5.76
C ASP C 1687 -82.57 22.81 -5.11
N ILE C 1688 -83.14 22.62 -3.91
CA ILE C 1688 -84.13 23.46 -3.22
C ILE C 1688 -83.93 24.96 -3.35
N GLU C 1689 -82.71 25.43 -3.21
CA GLU C 1689 -82.46 26.86 -3.30
C GLU C 1689 -81.15 27.10 -4.03
N THR C 1690 -81.17 28.06 -4.96
CA THR C 1690 -79.97 28.50 -5.65
C THR C 1690 -80.12 29.96 -6.04
N THR C 1691 -79.10 30.75 -5.75
CA THR C 1691 -79.08 32.17 -6.07
C THR C 1691 -77.90 32.46 -6.97
N VAL C 1692 -77.98 33.59 -7.68
CA VAL C 1692 -76.91 34.02 -8.56
C VAL C 1692 -76.94 35.55 -8.64
N THR C 1693 -75.81 36.18 -8.36
CA THR C 1693 -75.66 37.61 -8.49
C THR C 1693 -75.14 37.91 -9.88
N LEU C 1694 -75.87 38.75 -10.62
CA LEU C 1694 -75.48 39.13 -11.97
C LEU C 1694 -75.28 40.63 -12.07
N PHE C 1695 -74.16 41.02 -12.66
CA PHE C 1695 -73.89 42.43 -12.91
C PHE C 1695 -74.61 42.84 -14.19
N VAL C 1696 -75.37 43.93 -14.10
CA VAL C 1696 -76.09 44.48 -15.24
C VAL C 1696 -75.59 45.90 -15.46
N PRO C 1697 -75.06 46.22 -16.62
CA PRO C 1697 -74.46 47.55 -16.83
C PRO C 1697 -75.51 48.59 -17.16
N TYR C 1698 -75.01 49.80 -17.42
CA TYR C 1698 -75.85 50.92 -17.82
C TYR C 1698 -74.96 51.91 -18.56
N ALA C 1699 -75.47 52.46 -19.64
CA ALA C 1699 -74.63 53.34 -20.45
C ALA C 1699 -75.35 54.59 -20.93
N LYS C 1700 -76.63 54.76 -20.55
CA LYS C 1700 -77.47 55.93 -20.79
C LYS C 1700 -77.85 56.15 -22.26
N GLY C 1701 -77.29 55.36 -23.16
CA GLY C 1701 -77.75 55.30 -24.53
C GLY C 1701 -78.42 53.95 -24.68
N TYR C 1702 -78.31 53.17 -23.62
CA TYR C 1702 -78.96 51.87 -23.54
C TYR C 1702 -80.41 52.06 -23.10
N TYR C 1703 -81.06 50.95 -22.71
CA TYR C 1703 -82.33 50.93 -21.99
C TYR C 1703 -83.46 51.58 -22.82
N ILE C 1704 -83.83 50.89 -23.90
CA ILE C 1704 -84.69 51.50 -24.90
C ILE C 1704 -86.12 51.68 -24.38
N ARG C 1705 -86.79 50.60 -24.01
CA ARG C 1705 -88.17 50.69 -23.55
C ARG C 1705 -88.30 50.08 -22.18
N GLU C 1706 -88.74 50.90 -21.21
CA GLU C 1706 -88.93 50.55 -19.80
C GLU C 1706 -87.67 50.04 -19.12
N GLY C 1707 -86.51 50.28 -19.72
CA GLY C 1707 -85.26 49.76 -19.21
C GLY C 1707 -85.10 48.28 -19.43
N VAL C 1708 -84.04 47.74 -18.82
CA VAL C 1708 -83.63 46.36 -19.07
C VAL C 1708 -84.59 45.40 -18.38
N ARG C 1709 -85.09 44.42 -19.14
CA ARG C 1709 -85.82 43.30 -18.60
C ARG C 1709 -84.90 42.09 -18.49
N LEU C 1710 -85.23 41.17 -17.59
CA LEU C 1710 -84.37 40.04 -17.26
C LEU C 1710 -85.26 38.87 -16.87
N GLY C 1711 -85.42 37.91 -17.78
CA GLY C 1711 -86.26 36.76 -17.56
C GLY C 1711 -85.46 35.46 -17.53
N VAL C 1712 -86.14 34.41 -17.10
CA VAL C 1712 -85.55 33.08 -16.99
C VAL C 1712 -85.95 32.26 -18.20
N GLY C 1713 -85.09 31.30 -18.55
CA GLY C 1713 -85.40 30.32 -19.57
C GLY C 1713 -85.47 28.95 -18.94
N TYR C 1714 -86.12 28.01 -19.64
CA TYR C 1714 -86.28 26.66 -19.13
C TYR C 1714 -86.38 25.70 -20.31
N LYS C 1715 -86.28 24.40 -20.00
CA LYS C 1715 -86.65 23.38 -20.98
C LYS C 1715 -88.14 23.43 -21.26
N LYS C 1716 -88.94 23.82 -20.26
CA LYS C 1716 -90.35 24.10 -20.48
C LYS C 1716 -90.53 25.52 -21.02
N ILE C 1717 -91.75 26.04 -20.94
CA ILE C 1717 -92.05 27.37 -21.47
C ILE C 1717 -91.33 28.42 -20.65
N ILE C 1718 -90.62 29.30 -21.34
CA ILE C 1718 -89.85 30.35 -20.69
C ILE C 1718 -90.78 31.50 -20.30
N TYR C 1719 -90.25 32.38 -19.47
CA TYR C 1719 -90.97 33.53 -18.95
C TYR C 1719 -90.75 34.74 -19.85
N ASP C 1720 -90.94 35.94 -19.29
CA ASP C 1720 -90.84 37.23 -19.96
C ASP C 1720 -91.90 37.36 -21.06
N LYS C 1721 -93.16 37.42 -20.65
CA LYS C 1721 -94.27 37.81 -21.51
C LYS C 1721 -95.14 38.75 -20.68
N SER C 1722 -95.03 40.06 -20.97
CA SER C 1722 -95.85 41.11 -20.36
C SER C 1722 -95.70 41.13 -18.83
N TRP C 1723 -94.50 41.54 -18.41
CA TRP C 1723 -94.05 41.78 -17.03
C TRP C 1723 -93.79 40.51 -16.26
N GLU C 1724 -93.62 39.37 -16.94
CA GLU C 1724 -93.14 38.18 -16.24
C GLU C 1724 -91.69 38.34 -15.83
N SER C 1725 -90.89 39.02 -16.64
CA SER C 1725 -89.49 39.24 -16.31
C SER C 1725 -89.34 40.35 -15.28
N ALA C 1726 -88.09 40.63 -14.95
CA ALA C 1726 -87.74 41.65 -13.97
C ALA C 1726 -87.28 42.89 -14.72
N PHE C 1727 -88.16 43.88 -14.81
CA PHE C 1727 -87.85 45.14 -15.48
C PHE C 1727 -87.16 46.07 -14.49
N PHE C 1728 -86.00 46.56 -14.87
CA PHE C 1728 -85.28 47.56 -14.10
C PHE C 1728 -85.17 48.83 -14.93
N TYR C 1729 -84.99 49.96 -14.26
CA TYR C 1729 -84.66 51.19 -14.94
C TYR C 1729 -83.81 52.03 -14.03
N PHE C 1730 -83.10 52.97 -14.61
CA PHE C 1730 -82.20 53.86 -13.89
C PHE C 1730 -82.94 55.14 -13.58
N ASP C 1731 -83.24 55.37 -12.30
CA ASP C 1731 -83.81 56.63 -11.88
C ASP C 1731 -82.75 57.71 -12.04
N GLU C 1732 -82.96 58.60 -12.99
CA GLU C 1732 -82.01 59.68 -13.22
C GLU C 1732 -82.06 60.70 -12.09
N THR C 1733 -83.21 60.85 -11.45
CA THR C 1733 -83.36 61.85 -10.39
C THR C 1733 -82.58 61.45 -9.15
N LYS C 1734 -82.83 60.26 -8.61
CA LYS C 1734 -82.14 59.81 -7.42
C LYS C 1734 -80.80 59.17 -7.73
N ASN C 1735 -80.41 59.10 -9.01
CA ASN C 1735 -79.13 58.58 -9.48
C ASN C 1735 -78.89 57.14 -9.04
N GLN C 1736 -79.97 56.36 -9.05
CA GLN C 1736 -79.92 54.99 -8.59
C GLN C 1736 -80.78 54.15 -9.51
N PHE C 1737 -80.72 52.84 -9.31
CA PHE C 1737 -81.44 51.90 -10.16
C PHE C 1737 -82.63 51.36 -9.41
N ILE C 1738 -83.77 51.32 -10.09
CA ILE C 1738 -85.05 51.01 -9.46
C ILE C 1738 -85.56 49.69 -10.02
N PHE C 1739 -85.82 48.75 -9.13
CA PHE C 1739 -86.61 47.58 -9.48
C PHE C 1739 -88.05 48.01 -9.63
N ILE C 1740 -88.64 47.72 -10.79
CA ILE C 1740 -90.00 48.17 -11.05
C ILE C 1740 -90.99 47.03 -10.85
N ASN C 1741 -90.54 45.79 -11.01
CA ASN C 1741 -91.44 44.64 -10.96
C ASN C 1741 -91.56 44.06 -9.56
N ASP C 1742 -91.30 44.87 -8.54
CA ASP C 1742 -91.28 44.43 -7.13
C ASP C 1742 -92.60 43.84 -6.67
N ALA C 1743 -93.64 44.67 -6.60
CA ALA C 1743 -94.96 44.20 -6.25
C ALA C 1743 -95.82 44.15 -7.51
N ASP C 1744 -97.13 43.92 -7.35
CA ASP C 1744 -98.08 44.09 -8.44
C ASP C 1744 -98.51 45.56 -8.44
N HIS C 1745 -97.62 46.41 -8.92
CA HIS C 1745 -97.78 47.84 -8.77
C HIS C 1745 -98.80 48.41 -9.74
N ASP C 1746 -99.51 49.43 -9.30
CA ASP C 1746 -100.42 50.18 -10.13
C ASP C 1746 -99.94 51.62 -10.22
N SER C 1747 -99.98 52.18 -11.44
CA SER C 1747 -99.47 53.51 -11.77
C SER C 1747 -97.99 53.63 -11.38
N GLY C 1748 -97.18 52.77 -11.96
CA GLY C 1748 -95.77 52.71 -11.67
C GLY C 1748 -94.92 53.44 -12.69
N MET C 1749 -93.80 53.99 -12.22
CA MET C 1749 -92.92 54.79 -13.05
C MET C 1749 -91.84 53.92 -13.69
N THR C 1750 -91.71 54.02 -15.01
CA THR C 1750 -90.60 53.45 -15.73
C THR C 1750 -89.73 54.58 -16.25
N GLN C 1751 -88.72 54.23 -17.04
CA GLN C 1751 -87.91 55.27 -17.66
C GLN C 1751 -88.64 56.01 -18.76
N GLN C 1752 -89.63 55.38 -19.39
CA GLN C 1752 -90.46 56.09 -20.36
C GLN C 1752 -91.40 57.05 -19.64
N GLY C 1753 -92.01 56.59 -18.57
CA GLY C 1753 -92.89 57.43 -17.79
C GLY C 1753 -93.63 56.60 -16.77
N ILE C 1754 -94.83 57.05 -16.45
CA ILE C 1754 -95.70 56.30 -15.56
C ILE C 1754 -96.56 55.36 -16.39
N VAL C 1755 -96.36 54.06 -16.20
CA VAL C 1755 -97.21 53.07 -16.82
C VAL C 1755 -98.23 52.60 -15.80
N LYS C 1756 -99.37 52.10 -16.30
CA LYS C 1756 -100.53 51.92 -15.45
C LYS C 1756 -100.44 50.66 -14.60
N ASN C 1757 -100.36 49.50 -15.23
CA ASN C 1757 -100.50 48.23 -14.54
C ASN C 1757 -99.19 47.45 -14.65
N ILE C 1758 -98.58 47.18 -13.50
CA ILE C 1758 -97.32 46.44 -13.42
C ILE C 1758 -97.57 45.18 -12.62
N LYS C 1759 -97.12 44.05 -13.14
CA LYS C 1759 -97.25 42.79 -12.41
C LYS C 1759 -95.99 42.51 -11.61
N LYS C 1760 -95.90 41.28 -11.10
CA LYS C 1760 -94.72 40.85 -10.38
C LYS C 1760 -93.84 40.01 -11.29
N TYR C 1761 -92.56 39.95 -10.93
CA TYR C 1761 -91.63 39.09 -11.66
C TYR C 1761 -91.96 37.63 -11.40
N LYS C 1762 -91.90 36.82 -12.45
CA LYS C 1762 -92.27 35.42 -12.36
C LYS C 1762 -91.12 34.57 -12.88
N GLY C 1763 -91.02 33.36 -12.35
CA GLY C 1763 -89.93 32.48 -12.69
C GLY C 1763 -88.90 32.43 -11.61
N PHE C 1764 -88.58 33.59 -11.05
CA PHE C 1764 -87.65 33.66 -9.93
C PHE C 1764 -88.40 33.44 -8.63
N ILE C 1765 -87.69 33.53 -7.51
CA ILE C 1765 -88.30 33.61 -6.20
C ILE C 1765 -88.09 34.99 -5.58
N HIS C 1766 -86.85 35.46 -5.53
CA HIS C 1766 -86.56 36.77 -4.98
C HIS C 1766 -85.50 37.44 -5.85
N VAL C 1767 -85.80 38.65 -6.32
CA VAL C 1767 -84.88 39.48 -7.06
C VAL C 1767 -84.78 40.79 -6.30
N VAL C 1768 -83.55 41.25 -6.05
CA VAL C 1768 -83.34 42.52 -5.37
C VAL C 1768 -82.00 43.10 -5.81
N VAL C 1769 -81.87 44.42 -5.69
CA VAL C 1769 -80.62 45.08 -5.99
C VAL C 1769 -79.63 44.84 -4.86
N MET C 1770 -78.36 44.61 -5.21
CA MET C 1770 -77.38 44.14 -4.25
C MET C 1770 -76.59 45.24 -3.56
N LYS C 1771 -76.84 46.50 -3.89
CA LYS C 1771 -76.42 47.68 -3.12
C LYS C 1771 -74.91 47.79 -2.93
N ASN C 1772 -74.18 48.05 -4.02
CA ASN C 1772 -72.72 48.28 -4.05
C ASN C 1772 -71.94 47.08 -3.55
N ASN C 1773 -71.95 46.00 -4.32
CA ASN C 1773 -71.06 44.88 -4.09
C ASN C 1773 -69.59 45.27 -4.31
N THR C 1774 -68.69 44.38 -3.88
CA THR C 1774 -67.27 44.69 -3.82
C THR C 1774 -66.49 44.21 -5.05
N GLU C 1775 -66.66 42.92 -5.42
CA GLU C 1775 -65.91 42.11 -6.39
C GLU C 1775 -64.40 42.35 -6.26
N PRO C 1776 -63.76 41.79 -5.22
CA PRO C 1776 -62.44 42.26 -4.78
C PRO C 1776 -61.28 42.19 -5.77
N MET C 1777 -60.87 41.00 -6.22
CA MET C 1777 -59.61 40.98 -6.96
C MET C 1777 -59.58 40.15 -8.23
N ASP C 1778 -60.54 39.25 -8.45
CA ASP C 1778 -60.74 38.51 -9.71
C ASP C 1778 -59.49 37.69 -10.07
N PHE C 1779 -59.25 36.65 -9.26
CA PHE C 1779 -58.18 35.69 -9.54
C PHE C 1779 -58.47 34.76 -10.71
N ASN C 1780 -59.57 34.95 -11.43
CA ASN C 1780 -59.81 34.31 -12.73
C ASN C 1780 -59.84 35.35 -13.85
N GLY C 1781 -59.19 36.49 -13.65
CA GLY C 1781 -59.29 37.61 -14.55
C GLY C 1781 -58.11 37.70 -15.51
N ALA C 1782 -57.84 38.93 -15.95
CA ALA C 1782 -56.78 39.14 -16.94
C ALA C 1782 -55.40 39.05 -16.30
N ASN C 1783 -55.22 39.68 -15.14
CA ASN C 1783 -53.96 39.63 -14.42
C ASN C 1783 -53.94 38.52 -13.38
N ALA C 1784 -54.69 37.45 -13.64
CA ALA C 1784 -54.78 36.33 -12.71
C ALA C 1784 -53.44 35.62 -12.58
N ILE C 1785 -52.68 35.56 -13.68
CA ILE C 1785 -51.38 34.90 -13.64
C ILE C 1785 -50.40 35.71 -12.79
N TYR C 1786 -50.44 37.04 -12.89
CA TYR C 1786 -49.55 37.86 -12.09
C TYR C 1786 -49.93 37.82 -10.62
N PHE C 1787 -51.24 37.80 -10.33
CA PHE C 1787 -51.69 37.71 -8.94
C PHE C 1787 -51.33 36.37 -8.33
N TRP C 1788 -51.47 35.29 -9.09
CA TRP C 1788 -51.12 33.97 -8.58
C TRP C 1788 -49.63 33.84 -8.39
N GLU C 1789 -48.83 34.41 -9.29
CA GLU C 1789 -47.39 34.37 -9.13
C GLU C 1789 -46.93 35.18 -7.94
N LEU C 1790 -47.61 36.28 -7.63
CA LEU C 1790 -47.24 37.05 -6.45
C LEU C 1790 -47.63 36.33 -5.18
N PHE C 1791 -48.85 35.79 -5.12
CA PHE C 1791 -49.36 35.34 -3.84
C PHE C 1791 -49.14 33.86 -3.54
N TYR C 1792 -48.85 33.03 -4.54
CA TYR C 1792 -48.59 31.63 -4.28
C TYR C 1792 -47.25 31.17 -4.78
N TYR C 1793 -46.90 31.48 -6.02
CA TYR C 1793 -45.72 30.89 -6.64
C TYR C 1793 -44.43 31.47 -6.09
N THR C 1794 -44.41 32.78 -5.83
CA THR C 1794 -43.23 33.42 -5.27
C THR C 1794 -42.89 32.94 -3.86
N PRO C 1795 -43.81 32.85 -2.88
CA PRO C 1795 -43.40 32.26 -1.59
C PRO C 1795 -43.06 30.80 -1.68
N MET C 1796 -43.68 30.07 -2.62
CA MET C 1796 -43.33 28.67 -2.81
C MET C 1796 -41.93 28.51 -3.38
N MET C 1797 -41.58 29.32 -4.38
CA MET C 1797 -40.22 29.27 -4.94
C MET C 1797 -39.18 29.69 -3.92
N VAL C 1798 -39.46 30.77 -3.18
CA VAL C 1798 -38.53 31.26 -2.18
C VAL C 1798 -38.35 30.24 -1.06
N PHE C 1799 -39.44 29.60 -0.63
CA PHE C 1799 -39.35 28.59 0.42
C PHE C 1799 -38.60 27.36 -0.06
N GLN C 1800 -38.82 26.95 -1.31
CA GLN C 1800 -38.11 25.80 -1.85
C GLN C 1800 -36.62 26.07 -1.96
N ARG C 1801 -36.27 27.28 -2.38
CA ARG C 1801 -34.86 27.65 -2.47
C ARG C 1801 -34.21 27.75 -1.10
N LEU C 1802 -34.95 28.24 -0.10
CA LEU C 1802 -34.41 28.29 1.26
C LEU C 1802 -34.31 26.90 1.88
N LEU C 1803 -35.15 25.97 1.42
CA LEU C 1803 -35.00 24.59 1.87
C LEU C 1803 -33.76 23.96 1.24
N GLN C 1804 -33.54 24.23 -0.05
CA GLN C 1804 -32.36 23.68 -0.71
C GLN C 1804 -31.07 24.28 -0.18
N GLU C 1805 -31.10 25.52 0.31
CA GLU C 1805 -29.93 26.11 0.93
C GLU C 1805 -29.96 25.97 2.44
N GLN C 1806 -31.00 25.33 2.99
CA GLN C 1806 -31.10 24.92 4.39
C GLN C 1806 -31.05 26.09 5.36
N ASN C 1807 -31.72 27.19 5.01
CA ASN C 1807 -32.02 28.23 5.99
C ASN C 1807 -33.38 27.87 6.56
N PHE C 1808 -33.38 27.06 7.61
CA PHE C 1808 -34.60 26.42 8.07
C PHE C 1808 -35.55 27.40 8.75
N THR C 1809 -35.01 28.29 9.58
CA THR C 1809 -35.85 29.21 10.32
C THR C 1809 -36.47 30.28 9.45
N GLU C 1810 -35.91 30.52 8.27
CA GLU C 1810 -36.54 31.41 7.29
C GLU C 1810 -37.43 30.66 6.32
N SER C 1811 -37.08 29.41 6.03
CA SER C 1811 -37.94 28.60 5.17
C SER C 1811 -39.27 28.34 5.84
N THR C 1812 -39.26 28.13 7.16
CA THR C 1812 -40.53 27.92 7.85
C THR C 1812 -41.33 29.21 7.93
N ARG C 1813 -40.66 30.37 7.92
CA ARG C 1813 -41.37 31.64 7.87
C ARG C 1813 -42.05 31.84 6.52
N TRP C 1814 -41.32 31.55 5.44
CA TRP C 1814 -41.89 31.69 4.12
C TRP C 1814 -42.95 30.64 3.83
N LEU C 1815 -42.94 29.54 4.56
CA LEU C 1815 -44.09 28.65 4.50
C LEU C 1815 -45.24 29.15 5.36
N ARG C 1816 -44.95 29.83 6.46
CA ARG C 1816 -46.00 30.46 7.25
C ARG C 1816 -46.71 31.57 6.49
N TYR C 1817 -46.06 32.16 5.48
CA TYR C 1817 -46.71 33.17 4.66
C TYR C 1817 -47.84 32.63 3.79
N ILE C 1818 -47.96 31.31 3.65
CA ILE C 1818 -49.02 30.75 2.83
C ILE C 1818 -49.84 29.78 3.67
N TRP C 1819 -49.19 28.87 4.39
CA TRP C 1819 -49.91 27.91 5.22
C TRP C 1819 -49.46 28.03 6.67
N ASN C 1820 -50.42 28.18 7.55
CA ASN C 1820 -50.15 28.00 8.96
C ASN C 1820 -51.24 27.12 9.54
N PRO C 1821 -50.89 25.95 10.08
CA PRO C 1821 -51.91 25.13 10.76
C PRO C 1821 -52.34 25.72 12.08
N ALA C 1822 -51.60 26.66 12.64
CA ALA C 1822 -51.93 27.27 13.92
C ALA C 1822 -52.76 28.52 13.79
N GLY C 1823 -53.37 28.75 12.63
CA GLY C 1823 -54.12 29.97 12.43
C GLY C 1823 -53.22 31.18 12.24
N TYR C 1824 -53.85 32.34 12.15
CA TYR C 1824 -53.11 33.58 11.92
C TYR C 1824 -53.55 34.65 12.91
N SER C 1825 -52.58 35.36 13.44
CA SER C 1825 -52.82 36.42 14.41
C SER C 1825 -52.92 37.74 13.64
N VAL C 1826 -54.14 38.25 13.51
CA VAL C 1826 -54.40 39.49 12.78
C VAL C 1826 -54.93 40.52 13.77
N GLN C 1827 -54.16 41.60 13.95
CA GLN C 1827 -54.46 42.68 14.90
C GLN C 1827 -54.68 42.16 16.32
N GLY C 1828 -53.85 41.20 16.72
CA GLY C 1828 -53.93 40.64 18.05
C GLY C 1828 -54.89 39.49 18.21
N GLU C 1829 -55.86 39.33 17.30
CA GLU C 1829 -56.82 38.25 17.42
C GLU C 1829 -56.54 37.16 16.41
N MET C 1830 -57.02 35.97 16.72
CA MET C 1830 -56.81 34.84 15.83
C MET C 1830 -57.80 34.87 14.68
N GLN C 1831 -57.50 34.12 13.63
CA GLN C 1831 -58.38 34.04 12.48
C GLN C 1831 -59.06 32.68 12.42
N ASP C 1832 -60.03 32.57 11.52
CA ASP C 1832 -60.81 31.35 11.37
C ASP C 1832 -60.32 30.46 10.25
N TYR C 1833 -59.25 30.84 9.57
CA TYR C 1833 -58.74 30.09 8.44
C TYR C 1833 -57.34 29.60 8.73
N TYR C 1834 -56.80 28.86 7.77
CA TYR C 1834 -55.44 28.38 7.84
C TYR C 1834 -54.66 28.58 6.56
N TRP C 1835 -55.30 28.97 5.47
CA TRP C 1835 -54.64 29.22 4.20
C TRP C 1835 -54.66 30.70 3.90
N ASN C 1836 -53.49 31.28 3.69
CA ASN C 1836 -53.36 32.72 3.50
C ASN C 1836 -53.71 33.16 2.09
N VAL C 1837 -54.11 32.25 1.21
CA VAL C 1837 -54.43 32.57 -0.17
C VAL C 1837 -55.91 32.29 -0.36
N ARG C 1838 -56.67 33.32 -0.77
CA ARG C 1838 -58.10 33.08 -0.95
C ARG C 1838 -58.47 32.19 -2.15
N PRO C 1839 -57.78 32.17 -3.29
CA PRO C 1839 -58.09 31.12 -4.27
C PRO C 1839 -57.62 29.74 -3.87
N LEU C 1840 -56.86 29.61 -2.78
CA LEU C 1840 -56.64 28.30 -2.17
C LEU C 1840 -57.71 27.96 -1.16
N GLU C 1841 -58.28 28.95 -0.49
CA GLU C 1841 -59.41 28.69 0.38
C GLU C 1841 -60.63 28.29 -0.43
N GLU C 1842 -61.09 29.18 -1.31
CA GLU C 1842 -62.14 28.84 -2.25
C GLU C 1842 -61.51 28.40 -3.55
N ASP C 1843 -61.81 27.17 -3.97
CA ASP C 1843 -61.13 26.58 -5.12
C ASP C 1843 -61.55 27.24 -6.41
N THR C 1844 -60.74 28.18 -6.89
CA THR C 1844 -61.06 28.96 -8.07
C THR C 1844 -60.51 28.23 -9.29
N SER C 1845 -61.33 28.09 -10.32
CA SER C 1845 -60.87 27.46 -11.54
C SER C 1845 -59.96 28.43 -12.28
N TRP C 1846 -58.66 28.31 -12.01
CA TRP C 1846 -57.67 29.13 -12.69
C TRP C 1846 -57.58 28.80 -14.17
N ASN C 1847 -57.75 27.54 -14.53
CA ASN C 1847 -57.42 27.06 -15.86
C ASN C 1847 -58.50 26.13 -16.38
N ALA C 1848 -59.44 26.66 -17.16
CA ALA C 1848 -60.27 25.80 -17.97
C ALA C 1848 -59.43 25.24 -19.11
N ASN C 1849 -59.83 24.06 -19.61
CA ASN C 1849 -59.08 23.22 -20.53
C ASN C 1849 -57.68 22.95 -20.02
N PRO C 1850 -57.50 22.06 -19.04
CA PRO C 1850 -56.14 21.73 -18.57
C PRO C 1850 -55.52 20.50 -19.20
N LEU C 1851 -56.30 19.62 -19.82
CA LEU C 1851 -55.80 18.36 -20.32
C LEU C 1851 -55.49 18.40 -21.80
N ASP C 1852 -55.39 19.60 -22.36
CA ASP C 1852 -54.96 19.72 -23.75
C ASP C 1852 -53.50 19.34 -23.91
N SER C 1853 -52.70 19.50 -22.87
CA SER C 1853 -51.34 18.97 -22.84
C SER C 1853 -51.08 18.44 -21.44
N VAL C 1854 -49.98 17.70 -21.30
CA VAL C 1854 -49.67 17.03 -20.03
C VAL C 1854 -48.88 18.01 -19.19
N ASP C 1855 -49.57 18.64 -18.24
CA ASP C 1855 -48.95 19.60 -17.36
C ASP C 1855 -49.55 19.52 -15.97
N PRO C 1856 -48.76 19.10 -14.97
CA PRO C 1856 -49.29 19.04 -13.60
C PRO C 1856 -49.65 20.40 -13.05
N ASP C 1857 -48.94 21.45 -13.49
CA ASP C 1857 -49.33 22.80 -13.13
C ASP C 1857 -50.66 23.19 -13.74
N ALA C 1858 -50.97 22.69 -14.94
CA ALA C 1858 -52.27 22.99 -15.52
C ALA C 1858 -53.39 22.27 -14.78
N VAL C 1859 -53.16 21.04 -14.35
CA VAL C 1859 -54.22 20.33 -13.62
C VAL C 1859 -54.40 20.95 -12.22
N ALA C 1860 -53.31 21.29 -11.56
CA ALA C 1860 -53.41 21.94 -10.26
C ALA C 1860 -53.94 23.35 -10.36
N GLN C 1861 -53.84 23.99 -11.52
CA GLN C 1861 -54.56 25.23 -11.71
C GLN C 1861 -56.03 24.99 -11.98
N HIS C 1862 -56.38 23.88 -12.63
CA HIS C 1862 -57.79 23.58 -12.85
C HIS C 1862 -58.51 23.32 -11.54
N ASP C 1863 -57.82 22.71 -10.58
CA ASP C 1863 -58.33 22.81 -9.22
C ASP C 1863 -57.20 22.95 -8.20
N PRO C 1864 -57.23 24.01 -7.38
CA PRO C 1864 -56.07 24.33 -6.54
C PRO C 1864 -55.91 23.45 -5.30
N MET C 1865 -56.80 22.46 -5.16
CA MET C 1865 -56.64 21.47 -4.11
C MET C 1865 -55.33 20.71 -4.23
N HIS C 1866 -54.87 20.49 -5.46
CA HIS C 1866 -53.58 19.83 -5.66
C HIS C 1866 -52.43 20.73 -5.23
N TYR C 1867 -52.56 22.04 -5.43
CA TYR C 1867 -51.57 22.98 -4.89
C TYR C 1867 -51.56 22.94 -3.38
N LYS C 1868 -52.73 22.82 -2.78
CA LYS C 1868 -52.84 22.72 -1.32
C LYS C 1868 -52.18 21.45 -0.81
N VAL C 1869 -52.38 20.34 -1.50
CA VAL C 1869 -51.78 19.06 -1.11
C VAL C 1869 -50.27 19.09 -1.30
N ALA C 1870 -49.79 19.73 -2.37
CA ALA C 1870 -48.35 19.84 -2.60
C ALA C 1870 -47.71 20.76 -1.56
N THR C 1871 -48.44 21.78 -1.11
CA THR C 1871 -47.96 22.62 -0.03
C THR C 1871 -47.81 21.82 1.26
N PHE C 1872 -48.80 20.96 1.54
CA PHE C 1872 -48.69 20.10 2.72
C PHE C 1872 -47.52 19.13 2.61
N MET C 1873 -47.27 18.60 1.40
CA MET C 1873 -46.14 17.70 1.23
C MET C 1873 -44.81 18.44 1.37
N LYS C 1874 -44.77 19.70 0.98
CA LYS C 1874 -43.58 20.51 1.20
C LYS C 1874 -43.37 20.76 2.69
N MET C 1875 -44.45 20.96 3.44
CA MET C 1875 -44.34 21.09 4.88
C MET C 1875 -43.82 19.82 5.53
N LEU C 1876 -44.28 18.67 5.05
CA LEU C 1876 -43.78 17.40 5.57
C LEU C 1876 -42.30 17.21 5.23
N ASP C 1877 -41.89 17.66 4.04
CA ASP C 1877 -40.48 17.60 3.66
C ASP C 1877 -39.63 18.45 4.60
N LEU C 1878 -40.13 19.65 4.93
CA LEU C 1878 -39.41 20.52 5.85
C LEU C 1878 -39.30 19.90 7.23
N LEU C 1879 -40.37 19.31 7.72
CA LEU C 1879 -40.33 18.74 9.07
C LEU C 1879 -39.43 17.52 9.13
N ILE C 1880 -39.49 16.65 8.13
CA ILE C 1880 -38.64 15.46 8.23
C ILE C 1880 -37.20 15.79 7.92
N THR C 1881 -36.92 16.88 7.18
CA THR C 1881 -35.50 17.22 7.03
C THR C 1881 -34.96 17.97 8.25
N ARG C 1882 -35.82 18.67 8.99
CA ARG C 1882 -35.41 19.17 10.31
C ARG C 1882 -35.09 18.01 11.24
N GLY C 1883 -35.93 16.97 11.20
CA GLY C 1883 -35.69 15.80 12.01
C GLY C 1883 -34.42 15.05 11.61
N ASP C 1884 -34.14 14.98 10.32
CA ASP C 1884 -32.94 14.29 9.86
C ASP C 1884 -31.69 15.05 10.20
N SER C 1885 -31.71 16.38 10.05
CA SER C 1885 -30.57 17.19 10.45
C SER C 1885 -30.36 17.17 11.95
N ALA C 1886 -31.43 17.00 12.73
CA ALA C 1886 -31.25 16.80 14.15
C ALA C 1886 -30.73 15.41 14.49
N TYR C 1887 -31.16 14.39 13.75
CA TYR C 1887 -30.76 13.01 14.00
C TYR C 1887 -29.31 12.74 13.62
N ARG C 1888 -28.78 13.39 12.60
CA ARG C 1888 -27.42 13.10 12.17
C ARG C 1888 -26.34 13.65 13.10
N GLN C 1889 -26.71 14.43 14.10
CA GLN C 1889 -25.71 14.99 15.00
C GLN C 1889 -25.37 14.07 16.16
N LEU C 1890 -26.23 13.10 16.47
CA LEU C 1890 -25.98 11.99 17.39
C LEU C 1890 -25.71 12.43 18.81
N GLU C 1891 -26.38 13.47 19.29
CA GLU C 1891 -26.33 13.85 20.69
C GLU C 1891 -27.71 13.63 21.30
N ARG C 1892 -27.75 13.22 22.58
CA ARG C 1892 -29.01 12.80 23.18
C ARG C 1892 -29.95 13.97 23.47
N ASP C 1893 -29.46 15.20 23.40
CA ASP C 1893 -30.38 16.33 23.41
C ASP C 1893 -30.96 16.58 22.02
N THR C 1894 -30.16 16.36 20.98
CA THR C 1894 -30.64 16.49 19.61
C THR C 1894 -31.57 15.36 19.22
N LEU C 1895 -31.47 14.19 19.86
CA LEU C 1895 -32.38 13.11 19.58
C LEU C 1895 -33.79 13.44 20.05
N ASN C 1896 -33.91 14.19 21.15
CA ASN C 1896 -35.22 14.65 21.57
C ASN C 1896 -35.80 15.65 20.58
N GLU C 1897 -34.94 16.50 19.99
CA GLU C 1897 -35.41 17.41 18.94
C GLU C 1897 -35.84 16.64 17.71
N ALA C 1898 -35.11 15.58 17.35
CA ALA C 1898 -35.46 14.79 16.19
C ALA C 1898 -36.77 14.06 16.40
N LYS C 1899 -36.97 13.51 17.59
CA LYS C 1899 -38.25 12.88 17.91
C LYS C 1899 -39.36 13.91 17.99
N MET C 1900 -39.04 15.14 18.37
CA MET C 1900 -40.03 16.20 18.37
C MET C 1900 -40.47 16.54 16.95
N TRP C 1901 -39.52 16.61 16.01
CA TRP C 1901 -39.88 16.89 14.63
C TRP C 1901 -40.65 15.74 14.01
N TYR C 1902 -40.26 14.51 14.31
CA TYR C 1902 -40.96 13.36 13.74
C TYR C 1902 -42.36 13.21 14.35
N VAL C 1903 -42.51 13.55 15.63
CA VAL C 1903 -43.81 13.53 16.27
C VAL C 1903 -44.69 14.63 15.73
N GLN C 1904 -44.11 15.80 15.44
CA GLN C 1904 -44.88 16.89 14.85
C GLN C 1904 -45.35 16.54 13.45
N ALA C 1905 -44.49 15.88 12.67
CA ALA C 1905 -44.89 15.44 11.34
C ALA C 1905 -45.96 14.35 11.44
N LEU C 1906 -45.84 13.45 12.40
CA LEU C 1906 -46.84 12.39 12.55
C LEU C 1906 -48.18 12.93 13.00
N THR C 1907 -48.20 13.92 13.89
CA THR C 1907 -49.47 14.46 14.31
C THR C 1907 -50.04 15.45 13.30
N LEU C 1908 -49.21 15.95 12.37
CA LEU C 1908 -49.78 16.63 11.22
C LEU C 1908 -50.40 15.65 10.26
N LEU C 1909 -49.81 14.46 10.15
CA LEU C 1909 -50.32 13.46 9.22
C LEU C 1909 -51.62 12.85 9.73
N GLY C 1910 -51.63 12.40 10.97
CA GLY C 1910 -52.82 11.80 11.52
C GLY C 1910 -52.72 10.29 11.66
N ASP C 1911 -53.67 9.56 11.10
CA ASP C 1911 -53.68 8.10 11.15
C ASP C 1911 -53.48 7.54 9.76
N GLU C 1912 -52.64 6.52 9.66
CA GLU C 1912 -52.37 5.92 8.36
C GLU C 1912 -53.56 5.05 7.94
N PRO C 1913 -54.04 5.20 6.71
CA PRO C 1913 -55.16 4.37 6.25
C PRO C 1913 -54.73 2.93 6.05
N TYR C 1914 -55.17 2.06 6.97
CA TYR C 1914 -54.69 0.69 7.05
C TYR C 1914 -55.78 -0.32 6.74
N PHE C 1915 -56.89 -0.27 7.45
CA PHE C 1915 -57.96 -1.24 7.27
C PHE C 1915 -59.01 -0.76 6.27
N SER C 1916 -58.99 0.52 5.93
CA SER C 1916 -59.97 1.07 4.99
C SER C 1916 -59.69 0.67 3.55
N LEU C 1917 -58.53 0.09 3.26
CA LEU C 1917 -58.23 -0.37 1.91
C LEU C 1917 -59.04 -1.61 1.58
N ASP C 1918 -59.09 -1.95 0.31
CA ASP C 1918 -60.01 -2.99 -0.15
C ASP C 1918 -59.44 -4.38 0.06
N ASN C 1919 -58.32 -4.68 -0.60
CA ASN C 1919 -57.75 -6.03 -0.74
C ASN C 1919 -58.83 -7.00 -1.22
N ASP C 1920 -59.47 -6.63 -2.33
CA ASP C 1920 -60.74 -7.22 -2.72
C ASP C 1920 -60.91 -7.01 -4.22
N TRP C 1921 -60.90 -8.09 -4.99
CA TRP C 1921 -60.81 -7.95 -6.44
C TRP C 1921 -61.40 -9.19 -7.12
N SER C 1922 -62.56 -9.01 -7.74
CA SER C 1922 -63.14 -10.06 -8.55
C SER C 1922 -62.35 -10.14 -9.84
N GLU C 1923 -61.42 -11.08 -9.93
CA GLU C 1923 -60.45 -11.16 -11.02
C GLU C 1923 -61.10 -11.60 -12.31
N PRO C 1924 -61.22 -10.72 -13.30
CA PRO C 1924 -61.81 -11.11 -14.57
C PRO C 1924 -60.76 -11.68 -15.51
N ARG C 1925 -61.21 -12.02 -16.71
CA ARG C 1925 -60.27 -12.27 -17.77
C ARG C 1925 -59.92 -10.94 -18.44
N LEU C 1926 -58.85 -10.97 -19.24
CA LEU C 1926 -58.48 -9.78 -20.01
C LEU C 1926 -59.54 -9.44 -21.05
N GLU C 1927 -60.17 -10.47 -21.61
CA GLU C 1927 -61.26 -10.28 -22.55
C GLU C 1927 -62.46 -9.61 -21.88
N GLU C 1928 -62.70 -9.91 -20.60
CA GLU C 1928 -63.77 -9.23 -19.88
C GLU C 1928 -63.37 -7.82 -19.50
N ALA C 1929 -62.11 -7.62 -19.10
CA ALA C 1929 -61.69 -6.34 -18.57
C ALA C 1929 -61.50 -5.30 -19.67
N ALA C 1930 -61.14 -5.72 -20.88
CA ALA C 1930 -60.96 -4.80 -21.99
C ALA C 1930 -62.22 -4.68 -22.84
N SER C 1931 -63.38 -4.84 -22.25
CA SER C 1931 -64.63 -4.73 -23.00
C SER C 1931 -64.90 -3.27 -23.35
N GLN C 1932 -64.86 -2.98 -24.64
CA GLN C 1932 -65.12 -1.62 -25.10
C GLN C 1932 -66.57 -1.23 -24.86
N THR C 1933 -67.48 -2.21 -24.91
CA THR C 1933 -68.87 -1.98 -24.54
C THR C 1933 -69.00 -1.54 -23.09
N MET C 1934 -68.28 -2.21 -22.19
CA MET C 1934 -68.31 -1.86 -20.78
C MET C 1934 -67.68 -0.49 -20.53
N ARG C 1935 -66.60 -0.18 -21.25
CA ARG C 1935 -65.96 1.12 -21.12
C ARG C 1935 -66.86 2.24 -21.61
N HIS C 1936 -67.54 2.02 -22.74
CA HIS C 1936 -68.49 3.00 -23.25
C HIS C 1936 -69.66 3.17 -22.31
N HIS C 1937 -70.10 2.08 -21.69
CA HIS C 1937 -71.20 2.16 -20.73
C HIS C 1937 -70.77 2.92 -19.48
N TYR C 1938 -69.50 2.79 -19.11
CA TYR C 1938 -68.98 3.55 -17.97
C TYR C 1938 -68.94 5.04 -18.27
N GLN C 1939 -68.50 5.41 -19.48
CA GLN C 1939 -68.48 6.81 -19.85
C GLN C 1939 -69.89 7.38 -19.99
N HIS C 1940 -70.82 6.56 -20.48
CA HIS C 1940 -72.22 6.96 -20.55
C HIS C 1940 -72.80 7.16 -19.15
N LYS C 1941 -72.39 6.32 -18.21
CA LYS C 1941 -72.80 6.48 -16.83
C LYS C 1941 -72.23 7.75 -16.22
N MET C 1942 -71.01 8.12 -16.62
CA MET C 1942 -70.41 9.36 -16.11
C MET C 1942 -71.15 10.58 -16.66
N LEU C 1943 -71.54 10.52 -17.93
CA LEU C 1943 -72.32 11.61 -18.51
C LEU C 1943 -73.68 11.72 -17.86
N GLN C 1944 -74.29 10.58 -17.53
CA GLN C 1944 -75.52 10.58 -16.76
C GLN C 1944 -75.31 11.13 -15.35
N LEU C 1945 -74.11 10.94 -14.80
CA LEU C 1945 -73.81 11.48 -13.47
C LEU C 1945 -73.78 12.99 -13.50
N ARG C 1946 -73.11 13.58 -14.49
CA ARG C 1946 -73.07 15.03 -14.51
C ARG C 1946 -74.37 15.66 -14.98
N GLN C 1947 -75.15 14.97 -15.81
CA GLN C 1947 -76.46 15.49 -16.20
C GLN C 1947 -77.55 15.11 -15.20
N ARG C 1948 -77.18 14.39 -14.13
CA ARG C 1948 -77.93 14.01 -12.93
C ARG C 1948 -79.01 12.94 -13.16
N ALA C 1949 -79.47 12.75 -14.40
CA ALA C 1949 -80.17 11.57 -14.93
C ALA C 1949 -81.32 10.98 -14.11
N ALA C 1950 -81.80 11.72 -13.10
CA ALA C 1950 -82.89 11.37 -12.18
C ALA C 1950 -82.62 10.13 -11.31
N LEU C 1951 -81.43 9.48 -11.42
CA LEU C 1951 -80.99 8.32 -10.64
C LEU C 1951 -82.02 7.19 -10.69
N PRO C 1952 -82.04 6.40 -11.78
CA PRO C 1952 -83.27 5.68 -12.18
C PRO C 1952 -83.81 4.66 -11.19
N THR C 1953 -83.05 4.30 -10.14
CA THR C 1953 -83.47 3.46 -9.00
C THR C 1953 -83.91 2.06 -9.42
N LYS C 1954 -83.52 1.65 -10.63
CA LYS C 1954 -83.71 0.28 -11.08
C LYS C 1954 -82.46 -0.49 -10.71
N ARG C 1955 -82.51 -1.22 -9.61
CA ARG C 1955 -81.34 -1.92 -9.10
C ARG C 1955 -81.00 -3.09 -10.01
N THR C 1956 -80.05 -2.87 -10.92
CA THR C 1956 -79.62 -3.89 -11.85
C THR C 1956 -78.26 -4.43 -11.43
N ALA C 1957 -77.78 -5.42 -12.18
CA ALA C 1957 -76.47 -5.99 -11.89
C ALA C 1957 -75.37 -5.00 -12.25
N ASN C 1958 -74.28 -5.08 -11.51
CA ASN C 1958 -73.14 -4.19 -11.74
C ASN C 1958 -72.41 -4.66 -12.98
N SER C 1959 -72.71 -4.04 -14.12
CA SER C 1959 -72.03 -4.35 -15.37
C SER C 1959 -70.61 -3.82 -15.42
N LEU C 1960 -70.22 -2.99 -14.47
CA LEU C 1960 -68.88 -2.42 -14.39
C LEU C 1960 -68.00 -3.18 -13.41
N THR C 1961 -68.14 -4.50 -13.38
CA THR C 1961 -67.49 -5.33 -12.36
C THR C 1961 -65.98 -5.35 -12.54
N ALA C 1962 -65.50 -5.38 -13.78
CA ALA C 1962 -64.08 -5.49 -14.04
C ALA C 1962 -63.36 -4.14 -14.05
N LEU C 1963 -63.94 -3.11 -13.46
CA LEU C 1963 -63.29 -1.81 -13.44
C LEU C 1963 -62.13 -1.81 -12.48
N PHE C 1964 -61.03 -1.19 -12.89
CA PHE C 1964 -59.87 -1.08 -12.03
C PHE C 1964 -60.11 -0.04 -10.95
N LEU C 1965 -59.43 -0.17 -9.90
CA LEU C 1965 -59.79 0.60 -8.74
C LEU C 1965 -58.85 1.78 -8.55
N PRO C 1966 -59.30 2.86 -7.90
CA PRO C 1966 -58.41 3.99 -7.65
C PRO C 1966 -57.34 3.63 -6.64
N GLN C 1967 -56.17 4.25 -6.81
CA GLN C 1967 -55.00 3.94 -6.00
C GLN C 1967 -54.55 5.19 -5.27
N ILE C 1968 -54.27 5.04 -3.98
CA ILE C 1968 -53.69 6.15 -3.22
C ILE C 1968 -52.28 6.42 -3.70
N ASN C 1969 -51.81 7.64 -3.52
CA ASN C 1969 -50.57 8.02 -4.15
C ASN C 1969 -49.37 7.47 -3.39
N LYS C 1970 -48.27 7.27 -4.12
CA LYS C 1970 -47.10 6.60 -3.57
C LYS C 1970 -46.35 7.48 -2.59
N LYS C 1971 -46.38 8.80 -2.79
CA LYS C 1971 -45.48 9.68 -2.05
C LYS C 1971 -45.91 9.83 -0.60
N LEU C 1972 -47.21 9.91 -0.33
CA LEU C 1972 -47.68 9.98 1.04
C LEU C 1972 -47.42 8.67 1.78
N GLN C 1973 -47.56 7.55 1.09
CA GLN C 1973 -47.22 6.27 1.69
C GLN C 1973 -45.73 6.18 1.99
N GLY C 1974 -44.90 6.77 1.12
CA GLY C 1974 -43.48 6.85 1.41
C GLY C 1974 -43.18 7.72 2.62
N TYR C 1975 -43.95 8.80 2.79
CA TYR C 1975 -43.79 9.63 3.99
C TYR C 1975 -44.17 8.88 5.25
N TRP C 1976 -45.27 8.12 5.19
CA TRP C 1976 -45.70 7.32 6.34
C TRP C 1976 -44.65 6.27 6.69
N GLN C 1977 -44.09 5.61 5.67
CA GLN C 1977 -43.09 4.58 5.90
C GLN C 1977 -41.81 5.16 6.46
N THR C 1978 -41.35 6.30 5.94
CA THR C 1978 -40.11 6.85 6.47
C THR C 1978 -40.33 7.45 7.84
N LEU C 1979 -41.53 7.92 8.16
CA LEU C 1979 -41.77 8.43 9.50
C LEU C 1979 -41.78 7.31 10.53
N THR C 1980 -42.43 6.18 10.21
CA THR C 1980 -42.43 5.10 11.18
C THR C 1980 -41.06 4.43 11.26
N GLN C 1981 -40.26 4.48 10.19
CA GLN C 1981 -38.90 3.97 10.28
C GLN C 1981 -38.01 4.87 11.13
N ARG C 1982 -38.18 6.20 11.00
CA ARG C 1982 -37.44 7.13 11.83
C ARG C 1982 -37.80 6.96 13.30
N LEU C 1983 -39.08 6.82 13.60
CA LEU C 1983 -39.46 6.67 14.99
C LEU C 1983 -39.08 5.30 15.55
N TYR C 1984 -38.99 4.28 14.69
CA TYR C 1984 -38.51 2.99 15.17
C TYR C 1984 -37.02 3.05 15.46
N ASN C 1985 -36.25 3.74 14.63
CA ASN C 1985 -34.82 3.88 14.93
C ASN C 1985 -34.57 4.77 16.12
N LEU C 1986 -35.44 5.76 16.33
CA LEU C 1986 -35.26 6.67 17.46
C LEU C 1986 -35.73 6.06 18.76
N ARG C 1987 -36.74 5.21 18.73
CA ARG C 1987 -37.22 4.57 19.95
C ARG C 1987 -36.33 3.42 20.40
N HIS C 1988 -35.34 3.05 19.59
CA HIS C 1988 -34.23 2.25 20.06
C HIS C 1988 -33.00 3.14 20.04
N ASN C 1989 -31.85 2.55 20.33
CA ASN C 1989 -30.61 3.32 20.36
C ASN C 1989 -29.89 3.28 19.03
N LEU C 1990 -30.63 3.16 17.94
CA LEU C 1990 -30.04 3.06 16.63
C LEU C 1990 -29.64 4.44 16.11
N THR C 1991 -28.91 4.43 15.01
CA THR C 1991 -28.56 5.65 14.31
C THR C 1991 -29.67 6.02 13.33
N ILE C 1992 -29.35 6.94 12.42
CA ILE C 1992 -30.24 7.25 11.31
C ILE C 1992 -30.34 6.06 10.36
N ASP C 1993 -29.28 5.28 10.24
CA ASP C 1993 -29.25 4.13 9.35
C ASP C 1993 -29.68 2.83 10.00
N GLY C 1994 -30.07 2.86 11.27
CA GLY C 1994 -30.44 1.65 11.96
C GLY C 1994 -29.31 0.92 12.66
N GLN C 1995 -28.08 1.41 12.56
CA GLN C 1995 -27.04 0.72 13.30
C GLN C 1995 -27.01 1.20 14.74
N PRO C 1996 -26.80 0.29 15.69
CA PRO C 1996 -26.91 0.69 17.11
C PRO C 1996 -25.72 1.50 17.57
N LEU C 1997 -26.02 2.45 18.46
CA LEU C 1997 -24.98 3.26 19.08
C LEU C 1997 -24.17 2.47 20.08
N SER C 1998 -24.84 1.77 21.00
CA SER C 1998 -24.18 1.01 22.05
C SER C 1998 -23.67 -0.30 21.48
N LEU C 1999 -22.41 -0.62 21.75
CA LEU C 1999 -21.81 -1.83 21.22
C LEU C 1999 -22.32 -3.06 21.96
N SER C 2000 -22.02 -4.22 21.39
CA SER C 2000 -22.58 -5.48 21.87
C SER C 2000 -21.75 -6.05 23.00
N LEU C 2001 -22.37 -6.96 23.75
CA LEU C 2001 -21.67 -7.73 24.77
C LEU C 2001 -20.92 -8.89 24.12
N TYR C 2002 -19.69 -9.12 24.58
CA TYR C 2002 -18.88 -10.25 24.13
C TYR C 2002 -18.76 -11.21 25.30
N ALA C 2003 -19.49 -12.33 25.22
CA ALA C 2003 -19.41 -13.35 26.25
C ALA C 2003 -18.10 -14.11 26.14
N THR C 2004 -17.62 -14.54 27.30
CA THR C 2004 -16.35 -15.27 27.37
C THR C 2004 -16.58 -16.73 26.98
N PRO C 2005 -15.77 -17.28 26.06
CA PRO C 2005 -15.91 -18.70 25.73
C PRO C 2005 -15.40 -19.59 26.86
N ALA C 2006 -15.80 -20.86 26.85
CA ALA C 2006 -15.38 -21.77 27.91
C ALA C 2006 -13.94 -22.21 27.68
N ASP C 2007 -13.20 -22.33 28.78
CA ASP C 2007 -11.81 -22.75 28.70
C ASP C 2007 -11.73 -24.24 28.40
N PRO C 2008 -10.69 -24.69 27.70
CA PRO C 2008 -10.49 -26.13 27.50
C PRO C 2008 -10.12 -26.81 28.81
N SER C 2009 -10.87 -27.83 29.18
CA SER C 2009 -10.63 -28.54 30.42
C SER C 2009 -9.37 -29.39 30.32
N MET C 2010 -8.89 -29.82 31.48
CA MET C 2010 -7.72 -30.69 31.56
C MET C 2010 -8.20 -32.12 31.76
N LEU C 2011 -7.78 -33.01 30.88
CA LEU C 2011 -8.21 -34.39 30.94
C LEU C 2011 -7.48 -35.12 32.05
N LEU C 2012 -8.20 -36.00 32.75
CA LEU C 2012 -7.66 -36.74 33.87
C LEU C 2012 -7.79 -38.24 33.61
N SER C 2013 -6.78 -38.98 34.05
CA SER C 2013 -6.81 -40.44 34.00
C SER C 2013 -6.45 -40.95 35.39
N ALA C 2014 -6.56 -42.26 35.55
CA ALA C 2014 -6.25 -42.89 36.83
C ALA C 2014 -5.89 -44.34 36.58
N ALA C 2015 -5.13 -44.91 37.51
CA ALA C 2015 -4.80 -46.33 37.47
C ALA C 2015 -5.39 -46.96 38.71
N ILE C 2016 -6.58 -47.55 38.57
CA ILE C 2016 -7.13 -48.34 39.65
C ILE C 2016 -6.32 -49.61 39.80
N THR C 2017 -6.25 -50.14 41.00
CA THR C 2017 -5.39 -51.27 41.30
C THR C 2017 -6.23 -52.39 41.91
N ALA C 2018 -5.70 -53.60 41.79
CA ALA C 2018 -6.37 -54.79 42.31
C ALA C 2018 -5.53 -55.37 43.44
N SER C 2019 -6.09 -56.36 44.12
CA SER C 2019 -5.39 -57.04 45.20
C SER C 2019 -5.91 -58.46 45.31
N GLN C 2020 -5.20 -59.39 44.68
CA GLN C 2020 -5.53 -60.80 44.75
C GLN C 2020 -4.80 -61.44 45.91
N GLY C 2021 -5.27 -62.62 46.32
CA GLY C 2021 -4.67 -63.32 47.43
C GLY C 2021 -3.29 -63.87 47.09
N GLY C 2022 -2.56 -64.21 48.15
CA GLY C 2022 -1.25 -64.77 47.98
C GLY C 2022 -1.28 -66.28 47.82
N GLY C 2023 -0.09 -66.84 47.60
CA GLY C 2023 0.02 -68.29 47.48
C GLY C 2023 0.05 -68.95 48.85
N ASP C 2024 -0.87 -69.90 49.05
CA ASP C 2024 -0.92 -70.64 50.30
C ASP C 2024 -0.17 -71.94 50.18
N LEU C 2025 0.38 -72.40 51.29
CA LEU C 2025 1.32 -73.52 51.26
C LEU C 2025 0.58 -74.84 51.14
N PRO C 2026 0.99 -75.72 50.24
CA PRO C 2026 0.34 -77.04 50.12
C PRO C 2026 0.72 -78.00 51.23
N HIS C 2027 0.34 -79.26 51.09
CA HIS C 2027 0.66 -80.27 52.09
C HIS C 2027 2.04 -80.87 51.80
N ALA C 2028 2.85 -80.99 52.84
CA ALA C 2028 4.21 -81.51 52.70
C ALA C 2028 4.25 -83.03 52.77
N VAL C 2029 5.03 -83.64 51.88
CA VAL C 2029 5.22 -85.08 51.82
C VAL C 2029 6.66 -85.37 52.15
N MET C 2030 6.89 -86.45 52.89
CA MET C 2030 8.26 -86.81 53.23
C MET C 2030 8.85 -87.71 52.16
N PRO C 2031 9.98 -87.37 51.58
CA PRO C 2031 10.60 -88.21 50.54
C PRO C 2031 11.55 -89.23 51.17
N MET C 2032 12.21 -89.99 50.29
CA MET C 2032 13.07 -91.07 50.71
C MET C 2032 14.55 -90.70 50.75
N TYR C 2033 14.94 -89.57 50.18
CA TYR C 2033 16.34 -89.24 50.11
C TYR C 2033 16.76 -88.37 51.28
N ARG C 2034 18.07 -88.25 51.45
CA ARG C 2034 18.60 -87.46 52.54
C ARG C 2034 18.56 -85.98 52.20
N PHE C 2035 19.04 -85.18 53.15
CA PHE C 2035 18.94 -83.74 53.03
C PHE C 2035 19.76 -83.12 51.89
N PRO C 2036 21.03 -83.48 51.62
CA PRO C 2036 21.70 -82.86 50.46
C PRO C 2036 21.11 -83.27 49.13
N VAL C 2037 20.57 -84.48 49.02
CA VAL C 2037 19.96 -84.92 47.76
C VAL C 2037 18.67 -84.15 47.50
N ILE C 2038 17.80 -84.07 48.51
CA ILE C 2038 16.57 -83.33 48.32
C ILE C 2038 16.84 -81.83 48.22
N LEU C 2039 17.95 -81.35 48.79
CA LEU C 2039 18.31 -79.95 48.65
C LEU C 2039 18.80 -79.66 47.25
N GLU C 2040 19.50 -80.62 46.64
CA GLU C 2040 19.94 -80.43 45.26
C GLU C 2040 18.77 -80.41 44.30
N ASN C 2041 17.77 -81.29 44.53
CA ASN C 2041 16.58 -81.27 43.69
C ASN C 2041 15.78 -79.98 43.88
N ALA C 2042 15.67 -79.51 45.13
CA ALA C 2042 14.94 -78.28 45.39
C ALA C 2042 15.64 -77.06 44.81
N LYS C 2043 16.97 -77.01 44.91
CA LYS C 2043 17.72 -75.90 44.33
C LYS C 2043 17.62 -75.92 42.80
N TRP C 2044 17.55 -77.11 42.21
CA TRP C 2044 17.31 -77.23 40.77
C TRP C 2044 15.97 -76.61 40.38
N GLY C 2045 14.91 -77.00 41.08
CA GLY C 2045 13.58 -76.49 40.74
C GLY C 2045 13.46 -75.00 40.96
N VAL C 2046 14.09 -74.49 42.02
CA VAL C 2046 13.99 -73.06 42.29
C VAL C 2046 14.84 -72.25 41.32
N SER C 2047 15.97 -72.79 40.85
CA SER C 2047 16.73 -72.10 39.81
C SER C 2047 15.97 -72.04 38.50
N GLN C 2048 15.27 -73.13 38.17
CA GLN C 2048 14.42 -73.11 36.97
C GLN C 2048 13.29 -72.11 37.12
N LEU C 2049 12.74 -71.97 38.32
CA LEU C 2049 11.68 -71.00 38.54
C LEU C 2049 12.19 -69.57 38.43
N ILE C 2050 13.43 -69.33 38.88
CA ILE C 2050 14.05 -68.01 38.72
C ILE C 2050 14.20 -67.67 37.24
N GLN C 2051 14.62 -68.66 36.45
CA GLN C 2051 14.73 -68.48 35.01
C GLN C 2051 13.39 -68.16 34.37
N PHE C 2052 12.33 -68.85 34.82
CA PHE C 2052 11.01 -68.63 34.23
C PHE C 2052 10.45 -67.27 34.62
N GLY C 2053 10.70 -66.81 35.84
CA GLY C 2053 10.24 -65.50 36.24
C GLY C 2053 10.94 -64.37 35.50
N ASN C 2054 12.25 -64.53 35.29
CA ASN C 2054 13.00 -63.56 34.47
C ASN C 2054 12.49 -63.53 33.03
N THR C 2055 12.19 -64.70 32.47
CA THR C 2055 11.70 -64.76 31.10
C THR C 2055 10.30 -64.16 30.99
N LEU C 2056 9.46 -64.37 32.01
CA LEU C 2056 8.12 -63.79 32.02
C LEU C 2056 8.16 -62.28 32.11
N LEU C 2057 9.10 -61.75 32.91
CA LEU C 2057 9.31 -60.31 32.98
C LEU C 2057 9.71 -59.72 31.64
N SER C 2058 10.67 -60.38 30.96
CA SER C 2058 11.10 -59.89 29.66
C SER C 2058 9.99 -59.95 28.63
N ILE C 2059 9.16 -60.98 28.71
CA ILE C 2059 8.06 -61.11 27.75
C ILE C 2059 7.01 -60.04 27.97
N THR C 2060 6.66 -59.76 29.24
CA THR C 2060 5.61 -58.77 29.44
C THR C 2060 6.10 -57.35 29.15
N GLU C 2061 7.39 -57.07 29.35
CA GLU C 2061 7.83 -55.72 28.98
C GLU C 2061 7.97 -55.56 27.47
N ARG C 2062 8.34 -56.62 26.75
CA ARG C 2062 8.30 -56.56 25.29
C ARG C 2062 6.89 -56.39 24.77
N GLN C 2063 5.93 -57.06 25.42
CA GLN C 2063 4.52 -56.93 25.02
C GLN C 2063 4.02 -55.51 25.20
N ASP C 2064 4.39 -54.88 26.31
CA ASP C 2064 3.95 -53.51 26.55
C ASP C 2064 4.59 -52.52 25.58
N ALA C 2065 5.88 -52.70 25.27
CA ALA C 2065 6.52 -51.81 24.29
C ALA C 2065 5.92 -51.99 22.91
N GLU C 2066 5.56 -53.22 22.54
CA GLU C 2066 4.97 -53.47 21.24
C GLU C 2066 3.58 -52.85 21.11
N ALA C 2067 2.76 -52.96 22.16
CA ALA C 2067 1.44 -52.35 22.12
C ALA C 2067 1.53 -50.83 22.08
N LEU C 2068 2.54 -50.26 22.77
CA LEU C 2068 2.76 -48.82 22.71
C LEU C 2068 3.10 -48.36 21.29
N ALA C 2069 3.99 -49.08 20.62
CA ALA C 2069 4.37 -48.70 19.25
C ALA C 2069 3.20 -48.83 18.29
N GLU C 2070 2.35 -49.84 18.49
CA GLU C 2070 1.18 -50.01 17.65
C GLU C 2070 0.19 -48.85 17.83
N ILE C 2071 -0.06 -48.45 19.08
CA ILE C 2071 -1.00 -47.36 19.32
C ILE C 2071 -0.44 -46.04 18.80
N LEU C 2072 0.90 -45.89 18.80
CA LEU C 2072 1.52 -44.69 18.26
C LEU C 2072 1.34 -44.62 16.75
N GLN C 2073 1.49 -45.76 16.06
CA GLN C 2073 1.30 -45.75 14.62
C GLN C 2073 -0.15 -45.47 14.23
N THR C 2074 -1.10 -45.97 15.03
CA THR C 2074 -2.50 -45.69 14.73
C THR C 2074 -2.84 -44.21 14.86
N GLN C 2075 -2.43 -43.59 15.96
CA GLN C 2075 -2.75 -42.17 16.08
C GLN C 2075 -1.93 -41.28 15.15
N GLY C 2076 -0.73 -41.73 14.74
CA GLY C 2076 -0.02 -41.03 13.69
C GLY C 2076 -0.73 -41.08 12.35
N SER C 2077 -1.37 -42.21 12.04
CA SER C 2077 -2.17 -42.31 10.83
C SER C 2077 -3.36 -41.35 10.85
N GLU C 2078 -4.02 -41.26 12.01
CA GLU C 2078 -5.16 -40.34 12.12
C GLU C 2078 -4.73 -38.88 11.98
N LEU C 2079 -3.60 -38.52 12.59
CA LEU C 2079 -3.09 -37.15 12.44
C LEU C 2079 -2.67 -36.85 11.01
N ALA C 2080 -2.16 -37.84 10.28
CA ALA C 2080 -1.81 -37.63 8.88
C ALA C 2080 -3.05 -37.34 8.04
N LEU C 2081 -4.14 -38.07 8.31
CA LEU C 2081 -5.41 -37.78 7.63
C LEU C 2081 -5.89 -36.36 7.91
N GLN C 2082 -5.84 -35.95 9.18
CA GLN C 2082 -6.27 -34.61 9.54
C GLN C 2082 -5.40 -33.52 8.91
N SER C 2083 -4.10 -33.78 8.77
CA SER C 2083 -3.21 -32.81 8.15
C SER C 2083 -3.47 -32.66 6.66
N ILE C 2084 -3.81 -33.76 5.98
CA ILE C 2084 -4.21 -33.65 4.57
C ILE C 2084 -5.49 -32.83 4.43
N LYS C 2085 -6.44 -33.06 5.33
CA LYS C 2085 -7.68 -32.28 5.31
C LYS C 2085 -7.43 -30.79 5.59
N MET C 2086 -6.36 -30.47 6.32
CA MET C 2086 -6.01 -29.07 6.52
C MET C 2086 -5.35 -28.46 5.28
N GLN C 2087 -4.51 -29.24 4.60
CA GLN C 2087 -3.85 -28.74 3.40
C GLN C 2087 -4.85 -28.44 2.28
N ASP C 2088 -5.98 -29.16 2.26
CA ASP C 2088 -7.05 -28.82 1.33
C ASP C 2088 -7.58 -27.40 1.54
N LYS C 2089 -7.80 -27.00 2.79
CA LYS C 2089 -8.27 -25.65 3.07
C LYS C 2089 -7.22 -24.61 2.76
N VAL C 2090 -5.94 -24.95 2.93
CA VAL C 2090 -4.86 -24.06 2.53
C VAL C 2090 -4.91 -23.78 1.02
N MET C 2091 -5.11 -24.85 0.23
CA MET C 2091 -5.21 -24.70 -1.22
C MET C 2091 -6.44 -23.88 -1.62
N ALA C 2092 -7.56 -24.06 -0.90
CA ALA C 2092 -8.74 -23.25 -1.20
C ALA C 2092 -8.52 -21.77 -0.85
N GLU C 2093 -7.73 -21.49 0.19
CA GLU C 2093 -7.35 -20.11 0.49
C GLU C 2093 -6.53 -19.50 -0.65
N ILE C 2094 -5.63 -20.29 -1.23
CA ILE C 2094 -4.86 -19.82 -2.39
C ILE C 2094 -5.80 -19.49 -3.56
N ASP C 2095 -6.83 -20.31 -3.75
CA ASP C 2095 -7.80 -20.06 -4.83
C ASP C 2095 -8.57 -18.76 -4.62
N ALA C 2096 -9.03 -18.53 -3.38
CA ALA C 2096 -9.78 -17.31 -3.12
C ALA C 2096 -8.90 -16.06 -3.21
N ASP C 2097 -7.62 -16.19 -2.86
CA ASP C 2097 -6.69 -15.08 -3.05
C ASP C 2097 -6.48 -14.78 -4.53
N LYS C 2098 -6.45 -15.82 -5.36
CA LYS C 2098 -6.35 -15.61 -6.81
C LYS C 2098 -7.58 -14.91 -7.35
N LEU C 2099 -8.76 -15.23 -6.79
CA LEU C 2099 -9.98 -14.52 -7.17
C LEU C 2099 -9.92 -13.05 -6.81
N ALA C 2100 -9.40 -12.72 -5.62
CA ALA C 2100 -9.22 -11.33 -5.22
C ALA C 2100 -8.29 -10.59 -6.16
N LEU C 2101 -7.20 -11.26 -6.58
CA LEU C 2101 -6.27 -10.64 -7.50
C LEU C 2101 -6.89 -10.38 -8.88
N GLN C 2102 -7.71 -11.31 -9.35
CA GLN C 2102 -8.42 -11.09 -10.61
C GLN C 2102 -9.38 -9.91 -10.51
N GLU C 2103 -10.05 -9.76 -9.37
CA GLU C 2103 -10.97 -8.64 -9.23
C GLU C 2103 -10.25 -7.31 -9.06
N SER C 2104 -9.00 -7.31 -8.62
CA SER C 2104 -8.22 -6.07 -8.70
C SER C 2104 -7.81 -5.77 -10.14
N ARG C 2105 -7.42 -6.82 -10.88
CA ARG C 2105 -6.93 -6.63 -12.24
C ARG C 2105 -8.03 -6.14 -13.17
N HIS C 2106 -9.29 -6.53 -12.91
CA HIS C 2106 -10.39 -6.07 -13.73
C HIS C 2106 -10.61 -4.57 -13.62
N GLY C 2107 -10.51 -4.03 -12.41
CA GLY C 2107 -10.68 -2.60 -12.24
C GLY C 2107 -9.50 -1.81 -12.76
N ALA C 2108 -8.29 -2.37 -12.62
CA ALA C 2108 -7.12 -1.72 -13.25
C ALA C 2108 -7.26 -1.70 -14.77
N GLN C 2109 -7.84 -2.76 -15.34
CA GLN C 2109 -8.07 -2.82 -16.78
C GLN C 2109 -9.09 -1.79 -17.23
N SER C 2110 -10.19 -1.65 -16.47
CA SER C 2110 -11.22 -0.68 -16.83
C SER C 2110 -10.70 0.74 -16.71
N ARG C 2111 -9.88 1.02 -15.71
CA ARG C 2111 -9.29 2.34 -15.56
C ARG C 2111 -8.33 2.65 -16.69
N PHE C 2112 -7.52 1.67 -17.10
CA PHE C 2112 -6.62 1.87 -18.23
C PHE C 2112 -7.38 2.11 -19.53
N ASP C 2113 -8.46 1.36 -19.75
CA ASP C 2113 -9.21 1.53 -20.98
C ASP C 2113 -9.92 2.88 -21.02
N SER C 2114 -10.40 3.33 -19.86
CA SER C 2114 -11.08 4.62 -19.82
C SER C 2114 -10.10 5.77 -20.01
N PHE C 2115 -8.91 5.66 -19.43
CA PHE C 2115 -7.91 6.69 -19.68
C PHE C 2115 -7.39 6.66 -21.10
N ASN C 2116 -7.34 5.48 -21.73
CA ASN C 2116 -6.88 5.40 -23.11
C ASN C 2116 -7.91 6.01 -24.06
N THR C 2117 -9.20 5.74 -23.83
CA THR C 2117 -10.19 6.37 -24.69
C THR C 2117 -10.39 7.84 -24.35
N LEU C 2118 -9.94 8.29 -23.17
CA LEU C 2118 -9.87 9.72 -22.92
C LEU C 2118 -8.71 10.35 -23.67
N TYR C 2119 -7.57 9.66 -23.72
CA TYR C 2119 -6.39 10.22 -24.35
C TYR C 2119 -6.49 10.23 -25.86
N ASP C 2120 -7.22 9.28 -26.44
CA ASP C 2120 -7.25 9.15 -27.89
C ASP C 2120 -8.04 10.27 -28.55
N GLU C 2121 -8.96 10.89 -27.83
CA GLU C 2121 -9.58 12.13 -28.29
C GLU C 2121 -8.98 13.28 -27.49
N ASP C 2122 -8.12 14.06 -28.14
CA ASP C 2122 -7.43 15.16 -27.48
C ASP C 2122 -8.43 16.25 -27.10
N VAL C 2123 -9.10 16.82 -28.09
CA VAL C 2123 -10.13 17.82 -27.83
C VAL C 2123 -11.48 17.19 -28.14
N ASN C 2124 -12.49 17.70 -27.46
CA ASN C 2124 -13.84 17.27 -27.73
C ASN C 2124 -14.39 18.09 -28.90
N ALA C 2125 -15.60 17.73 -29.34
CA ALA C 2125 -16.26 18.51 -30.38
C ALA C 2125 -16.59 19.91 -29.87
N GLY C 2126 -17.12 20.00 -28.64
CA GLY C 2126 -17.37 21.29 -28.05
C GLY C 2126 -16.12 22.08 -27.73
N GLU C 2127 -15.05 21.37 -27.33
CA GLU C 2127 -13.79 22.05 -27.06
C GLU C 2127 -13.19 22.65 -28.33
N LYS C 2128 -13.23 21.89 -29.44
CA LYS C 2128 -12.76 22.41 -30.71
C LYS C 2128 -13.66 23.54 -31.21
N GLN C 2129 -14.96 23.45 -30.93
CA GLN C 2129 -15.88 24.52 -31.28
C GLN C 2129 -15.55 25.80 -30.53
N ALA C 2130 -15.21 25.68 -29.24
CA ALA C 2130 -14.87 26.85 -28.44
C ALA C 2130 -13.55 27.47 -28.91
N MET C 2131 -12.60 26.63 -29.33
CA MET C 2131 -11.38 27.16 -29.93
C MET C 2131 -11.67 27.96 -31.19
N ASP C 2132 -12.54 27.41 -32.05
CA ASP C 2132 -12.86 28.11 -33.29
C ASP C 2132 -13.65 29.38 -33.03
N LEU C 2133 -14.45 29.41 -31.96
CA LEU C 2133 -15.21 30.62 -31.66
C LEU C 2133 -14.32 31.71 -31.09
N TYR C 2134 -13.34 31.33 -30.27
CA TYR C 2134 -12.35 32.30 -29.82
C TYR C 2134 -11.55 32.88 -30.99
N LEU C 2135 -11.20 32.01 -31.94
CA LEU C 2135 -10.48 32.50 -33.12
C LEU C 2135 -11.35 33.42 -33.97
N SER C 2136 -12.63 33.08 -34.13
CA SER C 2136 -13.54 33.91 -34.92
C SER C 2136 -13.78 35.25 -34.26
N SER C 2137 -13.85 35.28 -32.92
CA SER C 2137 -13.99 36.55 -32.22
C SER C 2137 -12.75 37.40 -32.37
N SER C 2138 -11.56 36.79 -32.23
CA SER C 2138 -10.31 37.54 -32.35
C SER C 2138 -10.09 38.05 -33.77
N VAL C 2139 -10.58 37.33 -34.77
CA VAL C 2139 -10.45 37.82 -36.14
C VAL C 2139 -11.47 38.91 -36.42
N LEU C 2140 -12.73 38.67 -36.04
CA LEU C 2140 -13.82 39.58 -36.39
C LEU C 2140 -13.76 40.90 -35.62
N SER C 2141 -13.13 40.93 -34.45
CA SER C 2141 -13.09 42.15 -33.67
C SER C 2141 -12.19 43.20 -34.30
N THR C 2142 -11.22 42.76 -35.10
CA THR C 2142 -10.26 43.69 -35.70
C THR C 2142 -10.75 44.33 -36.98
N SER C 2143 -11.97 44.02 -37.42
CA SER C 2143 -12.47 44.54 -38.69
C SER C 2143 -13.28 45.82 -38.52
N GLY C 2144 -13.17 46.49 -37.38
CA GLY C 2144 -13.98 47.67 -37.14
C GLY C 2144 -13.19 48.96 -37.18
N THR C 2145 -11.86 48.85 -37.23
CA THR C 2145 -11.02 50.04 -37.30
C THR C 2145 -11.17 50.78 -38.61
N ALA C 2146 -11.34 50.05 -39.72
CA ALA C 2146 -11.60 50.68 -41.00
C ALA C 2146 -12.93 51.41 -41.01
N LEU C 2147 -13.95 50.85 -40.37
CA LEU C 2147 -15.24 51.52 -40.27
C LEU C 2147 -15.20 52.73 -39.37
N HIS C 2148 -14.45 52.67 -38.27
CA HIS C 2148 -14.34 53.84 -37.41
C HIS C 2148 -13.55 54.95 -38.09
N MET C 2149 -12.50 54.59 -38.83
CA MET C 2149 -11.76 55.58 -39.60
C MET C 2149 -12.63 56.16 -40.71
N ALA C 2150 -13.48 55.35 -41.32
CA ALA C 2150 -14.38 55.85 -42.35
C ALA C 2150 -15.43 56.79 -41.76
N ALA C 2151 -15.89 56.50 -40.55
CA ALA C 2151 -16.80 57.41 -39.86
C ALA C 2151 -16.14 58.73 -39.55
N ALA C 2152 -14.86 58.67 -39.15
CA ALA C 2152 -14.12 59.90 -38.86
C ALA C 2152 -13.88 60.71 -40.12
N ALA C 2153 -13.58 60.04 -41.24
CA ALA C 2153 -13.38 60.76 -42.49
C ALA C 2153 -14.69 61.32 -43.03
N ALA C 2154 -15.80 60.66 -42.73
CA ALA C 2154 -17.09 61.16 -43.20
C ALA C 2154 -17.60 62.30 -42.33
N ASP C 2155 -17.22 62.35 -41.06
CA ASP C 2155 -17.68 63.41 -40.17
C ASP C 2155 -16.70 64.54 -40.00
N LEU C 2156 -15.83 64.77 -40.99
CA LEU C 2156 -14.95 65.92 -40.97
C LEU C 2156 -15.42 67.04 -41.90
N VAL C 2157 -16.26 66.72 -42.88
CA VAL C 2157 -16.82 67.73 -43.76
C VAL C 2157 -17.87 68.51 -42.98
N PRO C 2158 -18.10 69.79 -43.27
CA PRO C 2158 -19.05 70.56 -42.47
C PRO C 2158 -20.49 70.14 -42.75
N ASN C 2159 -21.24 69.91 -41.68
CA ASN C 2159 -22.63 69.50 -41.82
C ASN C 2159 -23.51 70.66 -42.22
N ILE C 2160 -23.48 71.74 -41.43
CA ILE C 2160 -24.40 72.84 -41.63
C ILE C 2160 -23.99 73.66 -42.84
N TYR C 2161 -24.96 74.34 -43.44
CA TYR C 2161 -24.70 75.25 -44.53
C TYR C 2161 -25.55 76.50 -44.36
N GLY C 2162 -25.39 77.44 -45.28
CA GLY C 2162 -26.16 78.65 -45.23
C GLY C 2162 -25.53 79.72 -44.36
N PHE C 2163 -26.36 80.43 -43.59
CA PHE C 2163 -25.91 81.56 -42.80
C PHE C 2163 -25.00 81.13 -41.65
N ALA C 2164 -25.14 79.90 -41.18
CA ALA C 2164 -24.15 79.25 -40.35
C ALA C 2164 -23.31 78.37 -41.25
N VAL C 2165 -21.99 78.57 -41.22
CA VAL C 2165 -21.17 78.10 -42.33
C VAL C 2165 -20.93 76.60 -42.25
N GLY C 2166 -20.63 76.07 -41.08
CA GLY C 2166 -20.49 74.63 -40.99
C GLY C 2166 -19.94 74.10 -39.69
N GLY C 2167 -20.53 73.03 -39.19
CA GLY C 2167 -20.08 72.41 -37.97
C GLY C 2167 -19.65 70.98 -38.18
N SER C 2168 -18.40 70.68 -37.84
CA SER C 2168 -17.84 69.34 -37.99
C SER C 2168 -16.88 69.09 -36.85
N ARG C 2169 -17.00 67.91 -36.23
CA ARG C 2169 -16.11 67.58 -35.12
C ARG C 2169 -14.71 67.30 -35.64
N PHE C 2170 -13.75 68.08 -35.17
CA PHE C 2170 -12.39 68.00 -35.67
C PHE C 2170 -11.60 66.86 -35.06
N GLY C 2171 -12.00 66.39 -33.89
CA GLY C 2171 -11.25 65.36 -33.21
C GLY C 2171 -11.78 63.97 -33.51
N ALA C 2172 -12.55 63.84 -34.59
CA ALA C 2172 -13.14 62.55 -34.93
C ALA C 2172 -12.07 61.56 -35.35
N LEU C 2173 -11.03 62.03 -36.03
CA LEU C 2173 -9.94 61.14 -36.43
C LEU C 2173 -9.15 60.65 -35.23
N PHE C 2174 -8.92 61.51 -34.25
CA PHE C 2174 -8.23 61.10 -33.03
C PHE C 2174 -9.08 60.13 -32.22
N ASN C 2175 -10.39 60.37 -32.17
CA ASN C 2175 -11.28 59.46 -31.44
C ASN C 2175 -11.36 58.10 -32.14
N ALA C 2176 -11.35 58.10 -33.47
CA ALA C 2176 -11.38 56.83 -34.19
C ALA C 2176 -10.07 56.08 -34.05
N SER C 2177 -8.95 56.79 -34.00
CA SER C 2177 -7.67 56.12 -33.79
C SER C 2177 -7.56 55.55 -32.39
N ALA C 2178 -8.07 56.29 -31.38
CA ALA C 2178 -8.06 55.78 -30.02
C ALA C 2178 -8.97 54.57 -29.86
N ILE C 2179 -10.14 54.60 -30.49
CA ILE C 2179 -11.04 53.47 -30.36
C ILE C 2179 -10.56 52.28 -31.17
N GLY C 2180 -9.79 52.51 -32.24
CA GLY C 2180 -9.17 51.40 -32.94
C GLY C 2180 -8.05 50.78 -32.14
N ILE C 2181 -7.30 51.60 -31.39
CA ILE C 2181 -6.28 51.08 -30.49
C ILE C 2181 -6.91 50.24 -29.38
N GLU C 2182 -8.05 50.71 -28.83
CA GLU C 2182 -8.72 49.95 -27.78
C GLU C 2182 -9.29 48.63 -28.31
N ILE C 2183 -9.87 48.64 -29.52
CA ILE C 2183 -10.41 47.40 -30.04
C ILE C 2183 -9.29 46.45 -30.46
N SER C 2184 -8.12 46.98 -30.80
CA SER C 2184 -6.96 46.13 -31.05
C SER C 2184 -6.46 45.48 -29.77
N ALA C 2185 -6.48 46.23 -28.67
CA ALA C 2185 -6.06 45.69 -27.38
C ALA C 2185 -7.02 44.60 -26.92
N SER C 2186 -8.31 44.79 -27.15
CA SER C 2186 -9.29 43.75 -26.83
C SER C 2186 -9.09 42.50 -27.69
N ALA C 2187 -8.72 42.70 -28.97
CA ALA C 2187 -8.52 41.57 -29.85
C ALA C 2187 -7.29 40.75 -29.45
N THR C 2188 -6.20 41.41 -29.08
CA THR C 2188 -5.05 40.61 -28.66
C THR C 2188 -5.25 40.01 -27.26
N ARG C 2189 -6.08 40.64 -26.42
CA ARG C 2189 -6.47 40.03 -25.15
C ARG C 2189 -7.21 38.72 -25.37
N ILE C 2190 -8.18 38.72 -26.28
CA ILE C 2190 -8.92 37.49 -26.50
C ILE C 2190 -8.10 36.48 -27.29
N ALA C 2191 -7.09 36.93 -28.05
CA ALA C 2191 -6.14 35.99 -28.64
C ALA C 2191 -5.31 35.30 -27.57
N ALA C 2192 -4.92 36.04 -26.54
CA ALA C 2192 -4.22 35.44 -25.41
C ALA C 2192 -5.10 34.42 -24.69
N ASP C 2193 -6.39 34.71 -24.55
CA ASP C 2193 -7.31 33.74 -23.96
C ASP C 2193 -7.42 32.47 -24.80
N LYS C 2194 -7.45 32.63 -26.12
CA LYS C 2194 -7.54 31.47 -27.02
C LYS C 2194 -6.32 30.58 -26.90
N ILE C 2195 -5.12 31.17 -26.90
CA ILE C 2195 -3.91 30.35 -26.81
C ILE C 2195 -3.79 29.73 -25.42
N SER C 2196 -4.29 30.43 -24.38
CA SER C 2196 -4.31 29.84 -23.05
C SER C 2196 -5.23 28.61 -22.98
N GLN C 2197 -6.38 28.66 -23.65
CA GLN C 2197 -7.27 27.52 -23.69
C GLN C 2197 -6.66 26.34 -24.44
N SER C 2198 -5.94 26.63 -25.53
CA SER C 2198 -5.24 25.57 -26.27
C SER C 2198 -4.19 24.89 -25.41
N GLU C 2199 -3.42 25.68 -24.67
CA GLU C 2199 -2.37 25.10 -23.85
C GLU C 2199 -2.92 24.33 -22.65
N ILE C 2200 -4.03 24.79 -22.07
CA ILE C 2200 -4.57 24.04 -20.95
C ILE C 2200 -5.20 22.74 -21.42
N TYR C 2201 -5.69 22.70 -22.67
CA TYR C 2201 -6.16 21.43 -23.21
C TYR C 2201 -5.00 20.48 -23.47
N ARG C 2202 -3.86 21.01 -23.93
CA ARG C 2202 -2.68 20.18 -24.12
C ARG C 2202 -2.18 19.60 -22.80
N ARG C 2203 -2.18 20.41 -21.74
CA ARG C 2203 -1.74 19.91 -20.44
C ARG C 2203 -2.69 18.86 -19.88
N ARG C 2204 -4.00 19.02 -20.13
CA ARG C 2204 -4.97 17.99 -19.72
C ARG C 2204 -4.70 16.67 -20.44
N ARG C 2205 -4.39 16.74 -21.73
CA ARG C 2205 -4.06 15.52 -22.47
C ARG C 2205 -2.78 14.87 -21.96
N GLN C 2206 -1.77 15.67 -21.61
CA GLN C 2206 -0.54 15.11 -21.08
C GLN C 2206 -0.76 14.42 -19.74
N GLU C 2207 -1.61 15.00 -18.89
CA GLU C 2207 -1.93 14.36 -17.61
C GLU C 2207 -2.69 13.05 -17.81
N TRP C 2208 -3.58 13.00 -18.81
CA TRP C 2208 -4.24 11.74 -19.12
C TRP C 2208 -3.26 10.69 -19.61
N GLU C 2209 -2.24 11.12 -20.35
CA GLU C 2209 -1.20 10.20 -20.79
C GLU C 2209 -0.43 9.62 -19.60
N ILE C 2210 -0.16 10.45 -18.59
CA ILE C 2210 0.49 9.98 -17.36
C ILE C 2210 -0.37 8.91 -16.69
N GLN C 2211 -1.68 9.18 -16.58
CA GLN C 2211 -2.58 8.24 -15.92
C GLN C 2211 -2.68 6.93 -16.68
N ARG C 2212 -2.66 7.01 -18.02
CA ARG C 2212 -2.76 5.80 -18.83
C ARG C 2212 -1.50 4.94 -18.68
N ASN C 2213 -0.32 5.57 -18.65
CA ASN C 2213 0.90 4.79 -18.46
C ASN C 2213 0.96 4.16 -17.08
N ASN C 2214 0.47 4.88 -16.06
CA ASN C 2214 0.45 4.32 -14.71
C ASN C 2214 -0.49 3.12 -14.63
N ALA C 2215 -1.65 3.21 -15.26
CA ALA C 2215 -2.60 2.10 -15.21
C ALA C 2215 -2.11 0.90 -16.02
N GLU C 2216 -1.35 1.15 -17.09
CA GLU C 2216 -0.80 0.03 -17.86
C GLU C 2216 0.29 -0.70 -17.09
N ALA C 2217 1.14 0.06 -16.37
CA ALA C 2217 2.11 -0.58 -15.50
C ALA C 2217 1.43 -1.36 -14.39
N GLU C 2218 0.32 -0.83 -13.87
CA GLU C 2218 -0.40 -1.52 -12.81
C GLU C 2218 -1.02 -2.83 -13.30
N ILE C 2219 -1.59 -2.84 -14.50
CA ILE C 2219 -2.21 -4.07 -14.96
C ILE C 2219 -1.16 -5.12 -15.32
N LYS C 2220 0.03 -4.68 -15.78
CA LYS C 2220 1.13 -5.64 -15.97
C LYS C 2220 1.59 -6.24 -14.64
N GLN C 2221 1.68 -5.40 -13.60
CA GLN C 2221 2.12 -5.89 -12.30
C GLN C 2221 1.13 -6.87 -11.69
N ILE C 2222 -0.17 -6.59 -11.81
CA ILE C 2222 -1.16 -7.52 -11.26
C ILE C 2222 -1.21 -8.81 -12.07
N ASP C 2223 -0.92 -8.74 -13.37
CA ASP C 2223 -0.83 -9.97 -14.17
C ASP C 2223 0.34 -10.84 -13.74
N ALA C 2224 1.49 -10.23 -13.47
CA ALA C 2224 2.63 -11.03 -12.99
C ALA C 2224 2.39 -11.54 -11.57
N GLN C 2225 1.63 -10.81 -10.75
CA GLN C 2225 1.24 -11.33 -9.45
C GLN C 2225 0.29 -12.52 -9.58
N LEU C 2226 -0.58 -12.51 -10.58
CA LEU C 2226 -1.40 -13.69 -10.87
C LEU C 2226 -0.54 -14.88 -11.26
N ALA C 2227 0.55 -14.62 -12.01
CA ALA C 2227 1.46 -15.69 -12.38
C ALA C 2227 2.15 -16.30 -11.15
N THR C 2228 2.66 -15.46 -10.25
CA THR C 2228 3.32 -16.03 -9.07
C THR C 2228 2.33 -16.67 -8.11
N LEU C 2229 1.07 -16.23 -8.13
CA LEU C 2229 0.05 -16.92 -7.34
C LEU C 2229 -0.27 -18.30 -7.91
N ALA C 2230 -0.26 -18.44 -9.24
CA ALA C 2230 -0.43 -19.76 -9.84
C ALA C 2230 0.72 -20.68 -9.49
N VAL C 2231 1.95 -20.15 -9.47
CA VAL C 2231 3.11 -20.96 -9.09
C VAL C 2231 3.01 -21.39 -7.63
N ARG C 2232 2.57 -20.50 -6.75
CA ARG C 2232 2.41 -20.88 -5.35
C ARG C 2232 1.28 -21.88 -5.17
N ARG C 2233 0.24 -21.82 -6.00
CA ARG C 2233 -0.80 -22.83 -5.98
C ARG C 2233 -0.25 -24.21 -6.34
N GLU C 2234 0.60 -24.27 -7.36
CA GLU C 2234 1.21 -25.55 -7.74
C GLU C 2234 2.15 -26.06 -6.65
N ALA C 2235 2.82 -25.14 -5.95
CA ALA C 2235 3.65 -25.55 -4.81
C ALA C 2235 2.79 -26.13 -3.70
N ALA C 2236 1.60 -25.56 -3.45
CA ALA C 2236 0.73 -26.10 -2.42
C ALA C 2236 0.15 -27.45 -2.82
N VAL C 2237 -0.09 -27.65 -4.12
CA VAL C 2237 -0.55 -28.95 -4.59
C VAL C 2237 0.53 -30.01 -4.40
N LEU C 2238 1.78 -29.64 -4.68
CA LEU C 2238 2.89 -30.55 -4.42
C LEU C 2238 3.05 -30.83 -2.93
N GLN C 2239 2.76 -29.84 -2.08
CA GLN C 2239 2.78 -30.06 -0.64
C GLN C 2239 1.70 -31.04 -0.20
N LYS C 2240 0.51 -30.94 -0.80
CA LYS C 2240 -0.55 -31.90 -0.47
C LYS C 2240 -0.20 -33.30 -0.95
N ASN C 2241 0.50 -33.40 -2.08
CA ASN C 2241 0.98 -34.71 -2.53
C ASN C 2241 2.03 -35.28 -1.58
N TYR C 2242 2.86 -34.40 -1.02
CA TYR C 2242 3.84 -34.82 -0.01
C TYR C 2242 3.14 -35.34 1.25
N LEU C 2243 2.05 -34.68 1.65
CA LEU C 2243 1.31 -35.13 2.82
C LEU C 2243 0.59 -36.44 2.57
N GLU C 2244 0.11 -36.64 1.34
CA GLU C 2244 -0.47 -37.94 0.98
C GLU C 2244 0.57 -39.04 0.99
N THR C 2245 1.79 -38.73 0.56
CA THR C 2245 2.88 -39.71 0.64
C THR C 2245 3.21 -40.05 2.08
N GLN C 2246 3.19 -39.06 2.97
CA GLN C 2246 3.43 -39.33 4.39
C GLN C 2246 2.34 -40.20 4.99
N GLN C 2247 1.09 -39.99 4.60
CA GLN C 2247 0.00 -40.83 5.09
C GLN C 2247 0.14 -42.25 4.59
N ALA C 2248 0.53 -42.42 3.32
CA ALA C 2248 0.72 -43.76 2.77
C ALA C 2248 1.89 -44.49 3.44
N GLN C 2249 2.94 -43.76 3.79
CA GLN C 2249 4.07 -44.40 4.47
C GLN C 2249 3.74 -44.76 5.90
N THR C 2250 2.94 -43.94 6.58
CA THR C 2250 2.50 -44.30 7.93
C THR C 2250 1.57 -45.50 7.91
N GLN C 2251 0.73 -45.60 6.87
CA GLN C 2251 -0.08 -46.79 6.70
C GLN C 2251 0.77 -48.02 6.41
N ALA C 2252 1.86 -47.85 5.65
CA ALA C 2252 2.76 -48.98 5.40
C ALA C 2252 3.45 -49.44 6.67
N GLN C 2253 3.83 -48.49 7.53
CA GLN C 2253 4.44 -48.87 8.81
C GLN C 2253 3.43 -49.58 9.71
N LEU C 2254 2.17 -49.12 9.70
CA LEU C 2254 1.15 -49.78 10.50
C LEU C 2254 0.86 -51.19 9.99
N ALA C 2255 0.85 -51.36 8.66
CA ALA C 2255 0.68 -52.69 8.09
C ALA C 2255 1.86 -53.58 8.41
N PHE C 2256 3.07 -53.03 8.48
CA PHE C 2256 4.22 -53.83 8.86
C PHE C 2256 4.15 -54.24 10.32
N LEU C 2257 3.67 -53.35 11.19
CA LEU C 2257 3.52 -53.72 12.60
C LEU C 2257 2.41 -54.75 12.80
N GLN C 2258 1.40 -54.74 11.94
CA GLN C 2258 0.39 -55.78 12.01
C GLN C 2258 0.93 -57.11 11.48
N SER C 2259 1.68 -57.07 10.37
CA SER C 2259 2.05 -58.27 9.66
C SER C 2259 3.38 -58.87 10.08
N LYS C 2260 4.12 -58.22 10.96
CA LYS C 2260 5.35 -58.83 11.46
C LYS C 2260 5.03 -60.02 12.34
N PHE C 2261 5.97 -60.96 12.40
CA PHE C 2261 5.75 -62.14 13.22
C PHE C 2261 5.84 -61.83 14.70
N SER C 2262 6.78 -60.97 15.07
CA SER C 2262 6.94 -60.57 16.47
C SER C 2262 6.05 -59.39 16.83
N ASN C 2263 4.76 -59.50 16.56
CA ASN C 2263 3.83 -58.43 16.86
C ASN C 2263 3.37 -58.54 18.31
N ALA C 2264 2.32 -57.79 18.64
CA ALA C 2264 1.82 -57.81 20.01
C ALA C 2264 1.05 -59.08 20.31
N ALA C 2265 0.52 -59.74 19.28
CA ALA C 2265 -0.27 -60.96 19.49
C ALA C 2265 0.59 -62.10 19.96
N LEU C 2266 1.79 -62.23 19.37
CA LEU C 2266 2.73 -63.27 19.78
C LEU C 2266 3.18 -63.07 21.22
N TYR C 2267 3.42 -61.82 21.61
CA TYR C 2267 3.84 -61.56 22.97
C TYR C 2267 2.69 -61.74 23.97
N ASN C 2268 1.45 -61.47 23.54
CA ASN C 2268 0.31 -61.73 24.39
C ASN C 2268 0.14 -63.23 24.64
N TRP C 2269 0.29 -64.02 23.58
CA TRP C 2269 0.19 -65.46 23.72
C TRP C 2269 1.32 -66.01 24.56
N LEU C 2270 2.52 -65.45 24.39
CA LEU C 2270 3.68 -65.86 25.16
C LEU C 2270 3.49 -65.56 26.64
N ARG C 2271 2.97 -64.38 26.98
CA ARG C 2271 2.83 -64.06 28.40
C ARG C 2271 1.69 -64.85 29.04
N GLY C 2272 0.63 -65.17 28.31
CA GLY C 2272 -0.41 -65.99 28.89
C GLY C 2272 0.02 -67.43 29.12
N ARG C 2273 0.63 -68.04 28.10
CA ARG C 2273 1.12 -69.41 28.21
C ARG C 2273 2.20 -69.52 29.28
N LEU C 2274 3.09 -68.53 29.34
CA LEU C 2274 4.17 -68.57 30.30
C LEU C 2274 3.67 -68.29 31.71
N SER C 2275 2.61 -67.50 31.87
CA SER C 2275 2.04 -67.31 33.19
C SER C 2275 1.42 -68.59 33.72
N ALA C 2276 0.76 -69.33 32.83
CA ALA C 2276 0.19 -70.63 33.22
C ALA C 2276 1.27 -71.61 33.65
N ILE C 2277 2.32 -71.74 32.82
CA ILE C 2277 3.40 -72.67 33.11
C ILE C 2277 4.17 -72.24 34.36
N TYR C 2278 4.29 -70.93 34.56
CA TYR C 2278 4.99 -70.39 35.72
C TYR C 2278 4.23 -70.68 37.01
N TYR C 2279 2.89 -70.60 36.97
CA TYR C 2279 2.14 -70.90 38.17
C TYR C 2279 2.19 -72.38 38.53
N GLN C 2280 2.08 -73.25 37.52
CA GLN C 2280 2.15 -74.68 37.82
C GLN C 2280 3.54 -75.08 38.29
N PHE C 2281 4.57 -74.44 37.73
CA PHE C 2281 5.93 -74.66 38.20
C PHE C 2281 6.15 -74.12 39.61
N TYR C 2282 5.43 -73.06 39.98
CA TYR C 2282 5.47 -72.59 41.36
C TYR C 2282 4.92 -73.63 42.31
N ASP C 2283 3.82 -74.28 41.91
CA ASP C 2283 3.26 -75.36 42.72
C ASP C 2283 4.25 -76.49 42.90
N LEU C 2284 4.92 -76.89 41.81
CA LEU C 2284 5.88 -77.99 41.88
C LEU C 2284 7.09 -77.63 42.73
N ALA C 2285 7.62 -76.42 42.60
CA ALA C 2285 8.80 -76.05 43.35
C ALA C 2285 8.51 -75.81 44.83
N VAL C 2286 7.32 -75.31 45.17
CA VAL C 2286 7.01 -75.18 46.59
C VAL C 2286 6.74 -76.56 47.19
N SER C 2287 6.28 -77.51 46.38
CA SER C 2287 6.16 -78.88 46.88
C SER C 2287 7.53 -79.50 47.12
N LEU C 2288 8.50 -79.21 46.26
CA LEU C 2288 9.85 -79.72 46.47
C LEU C 2288 10.51 -79.07 47.68
N CYS C 2289 10.24 -77.79 47.91
CA CYS C 2289 10.79 -77.11 49.08
C CYS C 2289 10.16 -77.66 50.36
N LEU C 2290 8.87 -78.00 50.31
CA LEU C 2290 8.25 -78.61 51.47
C LEU C 2290 8.77 -80.01 51.71
N MET C 2291 9.12 -80.73 50.64
CA MET C 2291 9.80 -82.03 50.77
C MET C 2291 11.13 -81.87 51.50
N ALA C 2292 11.93 -80.88 51.09
CA ALA C 2292 13.22 -80.65 51.74
C ALA C 2292 13.06 -80.19 53.18
N GLU C 2293 12.02 -79.41 53.47
CA GLU C 2293 11.77 -78.98 54.85
C GLU C 2293 11.37 -80.15 55.72
N GLN C 2294 10.54 -81.06 55.20
CA GLN C 2294 10.19 -82.27 55.94
C GLN C 2294 11.41 -83.14 56.19
N THR C 2295 12.31 -83.21 55.19
CA THR C 2295 13.57 -83.93 55.36
C THR C 2295 14.46 -83.33 56.43
N TYR C 2296 14.57 -82.00 56.48
CA TYR C 2296 15.38 -81.34 57.50
C TYR C 2296 14.79 -81.52 58.88
N GLN C 2297 13.47 -81.38 59.00
CA GLN C 2297 12.79 -81.59 60.27
C GLN C 2297 12.85 -83.02 60.76
N TYR C 2298 12.99 -83.99 59.85
CA TYR C 2298 13.19 -85.35 60.29
C TYR C 2298 14.63 -85.61 60.70
N GLU C 2299 15.58 -85.05 59.95
CA GLU C 2299 17.00 -85.32 60.23
C GLU C 2299 17.44 -84.65 61.52
N LEU C 2300 17.37 -83.33 61.57
CA LEU C 2300 17.53 -82.67 62.85
C LEU C 2300 16.23 -82.81 63.61
N ASN C 2301 16.28 -83.45 64.78
CA ASN C 2301 15.08 -83.90 65.47
C ASN C 2301 14.36 -82.69 66.07
N ASN C 2302 13.60 -82.02 65.20
CA ASN C 2302 12.91 -80.78 65.55
C ASN C 2302 11.76 -80.63 64.56
N ALA C 2303 10.54 -80.70 65.06
CA ALA C 2303 9.36 -80.57 64.21
C ALA C 2303 8.92 -79.13 64.03
N ALA C 2304 9.59 -78.17 64.67
CA ALA C 2304 9.18 -76.78 64.61
C ALA C 2304 10.02 -75.97 63.64
N ALA C 2305 11.00 -76.57 62.99
CA ALA C 2305 11.84 -75.85 62.05
C ALA C 2305 11.06 -75.57 60.78
N HIS C 2306 10.38 -74.43 60.74
CA HIS C 2306 9.55 -74.03 59.60
C HIS C 2306 10.35 -72.97 58.83
N PHE C 2307 10.93 -73.38 57.71
CA PHE C 2307 11.82 -72.51 56.95
C PHE C 2307 11.20 -71.92 55.70
N ILE C 2308 10.17 -72.54 55.16
CA ILE C 2308 9.51 -72.04 53.96
C ILE C 2308 8.39 -71.14 54.46
N LYS C 2309 8.50 -69.86 54.16
CA LYS C 2309 7.50 -68.92 54.61
C LYS C 2309 6.26 -69.03 53.75
N PRO C 2310 5.08 -68.91 54.35
CA PRO C 2310 3.84 -68.90 53.56
C PRO C 2310 3.75 -67.62 52.76
N GLY C 2311 3.41 -67.75 51.50
CA GLY C 2311 3.29 -66.58 50.66
C GLY C 2311 4.14 -66.77 49.41
N ALA C 2312 4.88 -65.71 49.11
CA ALA C 2312 5.91 -65.61 48.05
C ALA C 2312 5.34 -65.69 46.64
N TRP C 2313 4.04 -65.91 46.49
CA TRP C 2313 3.36 -65.79 45.22
C TRP C 2313 2.37 -64.65 45.40
N HIS C 2314 2.84 -63.44 45.14
CA HIS C 2314 2.00 -62.27 45.25
C HIS C 2314 1.27 -62.08 43.93
N GLY C 2315 -0.01 -62.43 43.90
CA GLY C 2315 -0.76 -62.46 42.65
C GLY C 2315 -0.97 -61.11 42.00
N THR C 2316 -0.94 -60.04 42.79
CA THR C 2316 -1.12 -58.71 42.23
C THR C 2316 0.07 -58.26 41.40
N TYR C 2317 1.23 -58.83 41.64
CA TYR C 2317 2.40 -58.63 40.79
C TYR C 2317 2.69 -59.89 39.99
N ALA C 2318 1.66 -60.72 39.82
CA ALA C 2318 1.66 -61.98 39.08
C ALA C 2318 2.68 -62.97 39.61
N GLY C 2319 3.02 -62.89 40.89
CA GLY C 2319 3.90 -63.87 41.50
C GLY C 2319 5.34 -63.81 41.08
N LEU C 2320 5.86 -62.63 40.79
CA LEU C 2320 7.26 -62.52 40.44
C LEU C 2320 8.13 -62.63 41.70
N LEU C 2321 9.41 -62.95 41.48
CA LEU C 2321 10.44 -63.12 42.53
C LEU C 2321 10.13 -64.27 43.49
N ALA C 2322 9.24 -65.17 43.08
CA ALA C 2322 8.94 -66.34 43.90
C ALA C 2322 10.15 -67.24 44.02
N GLY C 2323 10.91 -67.37 42.93
CA GLY C 2323 12.14 -68.12 42.99
C GLY C 2323 13.19 -67.45 43.84
N GLU C 2324 13.17 -66.13 43.91
CA GLU C 2324 14.10 -65.43 44.80
C GLU C 2324 13.76 -65.70 46.26
N THR C 2325 12.47 -65.67 46.61
CA THR C 2325 12.08 -65.96 47.99
C THR C 2325 12.36 -67.40 48.36
N LEU C 2326 12.12 -68.33 47.43
CA LEU C 2326 12.38 -69.73 47.72
C LEU C 2326 13.86 -70.03 47.78
N MET C 2327 14.68 -69.35 46.98
CA MET C 2327 16.12 -69.50 47.10
C MET C 2327 16.62 -68.97 48.43
N LEU C 2328 16.01 -67.87 48.91
CA LEU C 2328 16.36 -67.34 50.22
C LEU C 2328 16.03 -68.33 51.32
N ASN C 2329 14.85 -68.96 51.23
CA ASN C 2329 14.47 -69.94 52.25
C ASN C 2329 15.35 -71.18 52.20
N LEU C 2330 15.71 -71.63 50.99
CA LEU C 2330 16.58 -72.79 50.86
C LEU C 2330 17.97 -72.51 51.41
N ALA C 2331 18.50 -71.32 51.16
CA ALA C 2331 19.82 -71.00 51.68
C ALA C 2331 19.79 -70.80 53.18
N GLN C 2332 18.68 -70.30 53.73
CA GLN C 2332 18.51 -70.23 55.18
C GLN C 2332 18.54 -71.61 55.81
N MET C 2333 17.76 -72.54 55.27
CA MET C 2333 17.71 -73.89 55.82
C MET C 2333 19.02 -74.63 55.64
N GLU C 2334 19.71 -74.37 54.52
CA GLU C 2334 21.00 -75.01 54.28
C GLU C 2334 22.07 -74.50 55.23
N LYS C 2335 22.09 -73.19 55.49
CA LYS C 2335 23.07 -72.63 56.41
C LYS C 2335 22.79 -73.09 57.84
N SER C 2336 21.51 -73.21 58.20
CA SER C 2336 21.18 -73.75 59.51
C SER C 2336 21.60 -75.21 59.66
N TYR C 2337 21.46 -76.01 58.60
CA TYR C 2337 21.89 -77.40 58.65
C TYR C 2337 23.41 -77.50 58.78
N LEU C 2338 24.13 -76.65 58.05
CA LEU C 2338 25.59 -76.67 58.13
C LEU C 2338 26.09 -76.17 59.47
N GLU C 2339 25.36 -75.25 60.10
CA GLU C 2339 25.78 -74.78 61.41
C GLU C 2339 25.40 -75.74 62.52
N LYS C 2340 24.35 -76.53 62.36
CA LYS C 2340 23.90 -77.41 63.44
C LYS C 2340 24.25 -78.87 63.22
N ASP C 2341 24.94 -79.21 62.14
CA ASP C 2341 25.35 -80.59 61.94
C ASP C 2341 26.66 -80.88 62.63
N GLU C 2342 26.65 -81.84 63.55
CA GLU C 2342 27.87 -82.37 64.17
C GLU C 2342 28.07 -83.80 63.69
N ARG C 2343 29.17 -84.42 64.13
CA ARG C 2343 29.59 -85.72 63.58
C ARG C 2343 28.64 -86.86 63.89
N ALA C 2344 28.66 -87.37 65.13
CA ALA C 2344 28.03 -88.64 65.49
C ALA C 2344 28.25 -89.02 66.95
N LEU C 2345 27.58 -90.09 67.37
CA LEU C 2345 28.11 -91.03 68.35
C LEU C 2345 27.43 -92.36 68.04
N GLU C 2346 28.09 -93.16 67.21
CA GLU C 2346 27.44 -94.32 66.61
C GLU C 2346 27.67 -95.55 67.46
N VAL C 2347 26.62 -96.03 68.11
CA VAL C 2347 26.72 -97.11 69.09
C VAL C 2347 25.93 -98.30 68.58
N THR C 2348 26.63 -99.41 68.36
CA THR C 2348 25.95 -100.67 68.04
C THR C 2348 25.69 -101.44 69.32
N ARG C 2349 24.43 -101.83 69.52
CA ARG C 2349 24.04 -102.60 70.69
C ARG C 2349 23.43 -103.90 70.24
N THR C 2350 24.16 -105.00 70.45
CA THR C 2350 23.68 -106.32 70.11
C THR C 2350 22.80 -106.83 71.26
N VAL C 2351 21.56 -107.16 70.94
CA VAL C 2351 20.58 -107.56 71.95
C VAL C 2351 20.14 -108.99 71.65
N SER C 2352 20.33 -109.88 72.61
CA SER C 2352 19.85 -111.25 72.52
C SER C 2352 18.48 -111.33 73.15
N LEU C 2353 17.49 -111.75 72.37
CA LEU C 2353 16.11 -111.77 72.85
C LEU C 2353 15.87 -112.84 73.90
N ALA C 2354 16.69 -113.89 73.91
CA ALA C 2354 16.55 -114.92 74.94
C ALA C 2354 16.88 -114.35 76.32
N GLU C 2355 17.86 -113.45 76.39
CA GLU C 2355 18.20 -112.79 77.64
C GLU C 2355 17.06 -111.91 78.13
N VAL C 2356 16.40 -111.21 77.21
CA VAL C 2356 15.29 -110.34 77.59
C VAL C 2356 14.08 -111.16 78.01
N TYR C 2357 13.87 -112.29 77.34
CA TYR C 2357 12.76 -113.16 77.69
C TYR C 2357 13.02 -113.90 78.99
N ALA C 2358 14.28 -114.10 79.36
CA ALA C 2358 14.59 -114.71 80.64
C ALA C 2358 14.55 -113.69 81.78
N GLY C 2359 14.99 -112.46 81.53
CA GLY C 2359 14.98 -111.44 82.56
C GLY C 2359 13.79 -110.52 82.42
N LEU C 2360 12.65 -111.10 82.09
CA LEU C 2360 11.43 -110.35 81.88
C LEU C 2360 10.77 -109.90 83.18
N THR C 2361 11.02 -110.61 84.28
CA THR C 2361 10.48 -110.41 85.63
C THR C 2361 8.96 -110.49 85.70
N GLU C 2362 8.29 -110.96 84.65
CA GLU C 2362 6.85 -111.19 84.66
C GLU C 2362 6.57 -112.18 83.54
N ASN C 2363 6.20 -113.40 83.92
CA ASN C 2363 5.97 -114.53 83.00
C ASN C 2363 7.19 -114.77 82.11
N SER C 2364 8.38 -114.70 82.70
CA SER C 2364 9.61 -114.92 81.96
C SER C 2364 9.74 -116.39 81.60
N PHE C 2365 10.51 -116.66 80.55
CA PHE C 2365 10.53 -118.01 80.00
C PHE C 2365 11.86 -118.27 79.31
N ILE C 2366 12.04 -119.52 78.92
CA ILE C 2366 13.18 -119.93 78.12
C ILE C 2366 12.74 -120.04 76.67
N LEU C 2367 13.42 -119.27 75.82
CA LEU C 2367 13.03 -119.08 74.43
C LEU C 2367 13.10 -120.37 73.63
N LYS C 2368 14.14 -121.16 73.85
CA LYS C 2368 14.35 -122.37 73.05
C LYS C 2368 13.33 -123.45 73.36
N ASP C 2369 12.74 -123.42 74.55
CA ASP C 2369 11.66 -124.35 74.86
C ASP C 2369 10.31 -123.80 74.46
N LYS C 2370 10.12 -122.49 74.55
CA LYS C 2370 8.84 -121.94 74.14
C LYS C 2370 8.65 -121.99 72.63
N VAL C 2371 9.75 -121.96 71.86
CA VAL C 2371 9.58 -122.03 70.41
C VAL C 2371 9.15 -123.44 69.98
N THR C 2372 9.71 -124.48 70.59
CA THR C 2372 9.29 -125.82 70.20
C THR C 2372 7.93 -126.16 70.78
N GLU C 2373 7.59 -125.60 71.95
CA GLU C 2373 6.24 -125.72 72.48
C GLU C 2373 5.21 -125.09 71.55
N LEU C 2374 5.49 -123.87 71.07
CA LEU C 2374 4.53 -123.19 70.21
C LEU C 2374 4.56 -123.69 68.78
N VAL C 2375 5.61 -124.39 68.36
CA VAL C 2375 5.62 -124.99 67.03
C VAL C 2375 4.90 -126.32 67.02
N ASN C 2376 5.21 -127.22 67.96
CA ASN C 2376 4.51 -128.49 68.04
C ASN C 2376 3.07 -128.34 68.50
N ALA C 2377 2.77 -127.27 69.24
CA ALA C 2377 1.41 -126.91 69.59
C ALA C 2377 1.18 -125.51 69.03
N GLY C 2378 0.68 -125.43 67.81
CA GLY C 2378 0.55 -124.15 67.12
C GLY C 2378 -0.63 -123.30 67.56
N GLU C 2379 -0.79 -123.09 68.85
CA GLU C 2379 -1.87 -122.28 69.37
C GLU C 2379 -1.42 -121.23 70.37
N GLY C 2380 -0.44 -121.56 71.22
CA GLY C 2380 -0.17 -120.76 72.40
C GLY C 2380 0.60 -119.49 72.11
N SER C 2381 0.89 -118.78 73.20
CA SER C 2381 1.70 -117.57 73.19
C SER C 2381 2.81 -117.73 74.22
N ALA C 2382 3.53 -116.65 74.48
CA ALA C 2382 4.60 -116.69 75.46
C ALA C 2382 4.70 -115.35 76.17
N GLY C 2383 4.70 -115.41 77.50
CA GLY C 2383 4.84 -114.24 78.33
C GLY C 2383 3.67 -113.28 78.21
N THR C 2384 3.92 -112.06 78.67
CA THR C 2384 2.94 -111.01 78.59
C THR C 2384 2.85 -110.47 77.17
N THR C 2385 1.87 -109.60 76.95
CA THR C 2385 1.79 -108.89 75.69
C THR C 2385 2.92 -107.88 75.59
N LEU C 2386 3.28 -107.53 74.35
CA LEU C 2386 4.31 -106.59 73.91
C LEU C 2386 5.73 -107.06 74.21
N ASN C 2387 5.92 -108.15 74.93
CA ASN C 2387 7.24 -108.66 75.28
C ASN C 2387 7.28 -110.17 75.18
N GLY C 2388 6.71 -110.73 74.12
CA GLY C 2388 6.71 -112.17 74.04
C GLY C 2388 6.24 -112.66 72.69
N LEU C 2389 6.15 -113.98 72.59
CA LEU C 2389 5.77 -114.64 71.35
C LEU C 2389 4.26 -114.79 71.27
N ASN C 2390 3.79 -115.01 70.04
CA ASN C 2390 2.40 -115.38 69.81
C ASN C 2390 2.32 -116.07 68.45
N VAL C 2391 1.47 -117.07 68.34
CA VAL C 2391 1.18 -117.72 67.07
C VAL C 2391 -0.15 -117.21 66.56
N GLU C 2392 -0.14 -116.62 65.37
CA GLU C 2392 -1.33 -116.05 64.75
C GLU C 2392 -1.57 -116.75 63.42
N GLY C 2393 -2.49 -117.72 63.43
CA GLY C 2393 -2.77 -118.50 62.24
C GLY C 2393 -1.60 -119.38 61.87
N THR C 2394 -0.91 -119.02 60.80
CA THR C 2394 0.32 -119.68 60.39
C THR C 2394 1.50 -118.72 60.48
N GLN C 2395 1.44 -117.78 61.41
CA GLN C 2395 2.49 -116.75 61.52
C GLN C 2395 2.95 -116.68 62.96
N LEU C 2396 4.10 -117.28 63.25
CA LEU C 2396 4.71 -117.11 64.55
C LEU C 2396 5.39 -115.76 64.63
N GLN C 2397 4.97 -114.93 65.57
CA GLN C 2397 5.52 -113.60 65.73
C GLN C 2397 6.03 -113.41 67.14
N ALA C 2398 7.20 -112.77 67.24
CA ALA C 2398 7.85 -112.50 68.50
C ALA C 2398 7.90 -110.99 68.70
N SER C 2399 7.34 -110.52 69.81
CA SER C 2399 7.22 -109.10 70.07
C SER C 2399 8.30 -108.65 71.04
N LEU C 2400 8.49 -107.34 71.07
CA LEU C 2400 9.48 -106.71 71.94
C LEU C 2400 9.13 -105.24 72.06
N LYS C 2401 9.12 -104.75 73.29
CA LYS C 2401 8.91 -103.33 73.57
C LYS C 2401 10.25 -102.65 73.76
N LEU C 2402 10.52 -101.65 72.94
CA LEU C 2402 11.82 -101.01 72.90
C LEU C 2402 12.11 -100.14 74.12
N SER C 2403 11.06 -99.65 74.78
CA SER C 2403 11.25 -98.84 75.98
C SER C 2403 11.79 -99.64 77.14
N ASP C 2404 11.57 -100.96 77.14
CA ASP C 2404 11.96 -101.82 78.25
C ASP C 2404 13.41 -102.29 78.16
N LEU C 2405 14.18 -101.77 77.21
CA LEU C 2405 15.55 -102.23 77.04
C LEU C 2405 16.58 -101.28 77.61
N ASN C 2406 16.16 -100.08 78.03
CA ASN C 2406 16.99 -99.11 78.76
C ASN C 2406 18.20 -98.68 77.93
N ILE C 2407 17.98 -98.42 76.65
CA ILE C 2407 19.08 -98.16 75.74
C ILE C 2407 19.63 -96.76 75.92
N ALA C 2408 18.75 -95.77 76.15
CA ALA C 2408 19.18 -94.39 76.28
C ALA C 2408 19.96 -94.14 77.56
N THR C 2409 19.83 -95.01 78.56
CA THR C 2409 20.56 -94.86 79.82
C THR C 2409 21.75 -95.81 79.89
N ASP C 2410 22.19 -96.35 78.76
CA ASP C 2410 23.39 -97.19 78.76
C ASP C 2410 24.64 -96.33 78.89
N TYR C 2411 24.56 -95.07 78.52
CA TYR C 2411 25.65 -94.12 78.64
C TYR C 2411 25.20 -92.94 79.49
N PRO C 2412 26.14 -92.12 79.99
CA PRO C 2412 25.76 -90.86 80.60
C PRO C 2412 25.07 -89.93 79.60
N ASP C 2413 24.21 -89.08 80.12
CA ASP C 2413 23.45 -88.18 79.26
C ASP C 2413 24.20 -86.90 78.91
N GLY C 2414 25.47 -86.80 79.27
CA GLY C 2414 26.26 -85.65 78.86
C GLY C 2414 26.79 -85.71 77.45
N LEU C 2415 26.42 -86.74 76.68
CA LEU C 2415 26.94 -86.92 75.34
C LEU C 2415 25.88 -86.77 74.27
N GLY C 2416 24.66 -86.40 74.64
CA GLY C 2416 23.60 -86.16 73.67
C GLY C 2416 22.32 -86.86 74.04
N ASN C 2417 21.20 -86.22 73.70
CA ASN C 2417 19.88 -86.76 73.98
C ASN C 2417 19.16 -87.29 72.76
N THR C 2418 19.47 -86.79 71.57
CA THR C 2418 18.88 -87.29 70.34
C THR C 2418 19.52 -88.62 70.02
N ARG C 2419 19.08 -89.68 70.69
CA ARG C 2419 19.62 -91.01 70.52
C ARG C 2419 18.63 -91.76 69.63
N ARG C 2420 18.92 -91.80 68.35
CA ARG C 2420 18.02 -92.37 67.36
C ARG C 2420 18.64 -93.62 66.78
N ILE C 2421 17.77 -94.55 66.39
CA ILE C 2421 18.23 -95.82 65.83
C ILE C 2421 18.78 -95.58 64.44
N LYS C 2422 20.01 -96.05 64.19
CA LYS C 2422 20.60 -95.91 62.87
C LYS C 2422 20.17 -97.04 61.95
N GLN C 2423 20.39 -98.28 62.37
CA GLN C 2423 20.17 -99.44 61.52
C GLN C 2423 20.07 -100.67 62.40
N ILE C 2424 19.22 -101.61 61.99
CA ILE C 2424 19.00 -102.86 62.73
C ILE C 2424 19.17 -104.02 61.77
N SER C 2425 19.94 -105.03 62.20
CA SER C 2425 20.02 -106.28 61.49
C SER C 2425 19.84 -107.44 62.47
N VAL C 2426 19.37 -108.57 61.95
CA VAL C 2426 18.95 -109.70 62.77
C VAL C 2426 19.92 -110.86 62.57
N THR C 2427 20.34 -111.47 63.68
CA THR C 2427 21.12 -112.69 63.66
C THR C 2427 20.31 -113.81 64.28
N LEU C 2428 20.06 -114.86 63.50
CA LEU C 2428 19.38 -116.07 63.98
C LEU C 2428 20.36 -117.22 63.81
N PRO C 2429 21.17 -117.52 64.82
CA PRO C 2429 22.13 -118.64 64.70
C PRO C 2429 21.46 -120.00 64.85
N ALA C 2430 20.72 -120.38 63.82
CA ALA C 2430 20.07 -121.68 63.75
C ALA C 2430 20.77 -122.54 62.71
N LEU C 2431 20.34 -123.80 62.62
CA LEU C 2431 20.91 -124.72 61.64
C LEU C 2431 20.03 -124.69 60.39
N LEU C 2432 20.43 -123.84 59.46
CA LEU C 2432 19.69 -123.71 58.21
C LEU C 2432 20.03 -124.86 57.28
N GLY C 2433 19.07 -125.28 56.46
CA GLY C 2433 19.30 -126.32 55.51
C GLY C 2433 20.16 -125.84 54.35
N PRO C 2434 20.59 -126.79 53.52
CA PRO C 2434 21.44 -126.44 52.36
C PRO C 2434 20.65 -125.65 51.33
N TYR C 2435 21.12 -124.42 51.07
CA TYR C 2435 20.49 -123.48 50.14
C TYR C 2435 19.05 -123.17 50.54
N GLN C 2436 18.81 -123.14 51.85
CA GLN C 2436 17.48 -122.97 52.40
C GLN C 2436 17.32 -121.55 52.94
N ASP C 2437 16.17 -120.97 52.65
CA ASP C 2437 15.90 -119.58 53.02
C ASP C 2437 15.16 -119.50 54.34
N VAL C 2438 15.32 -118.37 55.01
CA VAL C 2438 14.51 -118.00 56.16
C VAL C 2438 13.47 -117.01 55.69
N ARG C 2439 12.26 -117.13 56.22
CA ARG C 2439 11.19 -116.19 55.91
C ARG C 2439 10.78 -115.54 57.21
N ALA C 2440 11.09 -114.25 57.34
CA ALA C 2440 10.81 -113.52 58.56
C ALA C 2440 10.74 -112.04 58.23
N ILE C 2441 9.91 -111.31 58.96
CA ILE C 2441 9.76 -109.87 58.79
C ILE C 2441 10.00 -109.21 60.15
N LEU C 2442 11.03 -108.39 60.23
CA LEU C 2442 11.24 -107.54 61.40
C LEU C 2442 10.38 -106.31 61.21
N SER C 2443 9.26 -106.24 61.93
CA SER C 2443 8.28 -105.19 61.77
C SER C 2443 8.39 -104.19 62.90
N TYR C 2444 7.78 -103.03 62.70
CA TYR C 2444 7.70 -102.00 63.73
C TYR C 2444 6.25 -101.68 64.01
N GLY C 2445 5.91 -101.58 65.29
CA GLY C 2445 4.61 -101.06 65.67
C GLY C 2445 4.78 -99.79 66.48
N GLY C 2446 4.10 -98.72 66.07
CA GLY C 2446 4.20 -97.48 66.81
C GLY C 2446 3.53 -96.35 66.06
N SER C 2447 3.95 -95.13 66.39
CA SER C 2447 3.32 -93.93 65.85
C SER C 2447 4.31 -92.84 65.49
N THR C 2448 5.56 -93.18 65.19
CA THR C 2448 6.51 -92.17 64.76
C THR C 2448 6.32 -91.86 63.28
N MET C 2449 7.16 -90.96 62.77
CA MET C 2449 7.07 -90.55 61.36
C MET C 2449 7.51 -91.68 60.44
N MET C 2450 8.80 -92.05 60.51
CA MET C 2450 9.41 -93.19 59.81
C MET C 2450 9.16 -93.15 58.31
N PRO C 2451 9.95 -92.31 57.56
CA PRO C 2451 9.52 -91.68 56.30
C PRO C 2451 8.66 -92.44 55.29
N ARG C 2452 9.03 -93.68 55.01
CA ARG C 2452 8.49 -94.43 53.89
C ARG C 2452 8.50 -95.91 54.23
N GLY C 2453 8.63 -96.76 53.21
CA GLY C 2453 8.77 -98.20 53.38
C GLY C 2453 9.94 -98.73 54.20
N CYS C 2454 10.70 -97.83 54.86
CA CYS C 2454 11.71 -98.14 55.87
C CYS C 2454 11.15 -98.70 57.18
N LYS C 2455 9.83 -98.90 57.25
CA LYS C 2455 9.15 -99.40 58.43
C LYS C 2455 9.54 -100.83 58.81
N ALA C 2456 9.87 -101.68 57.83
CA ALA C 2456 10.15 -103.07 58.13
C ALA C 2456 11.16 -103.63 57.14
N ILE C 2457 11.87 -104.68 57.56
CA ILE C 2457 12.77 -105.42 56.68
C ILE C 2457 12.29 -106.86 56.60
N ALA C 2458 12.83 -107.58 55.63
CA ALA C 2458 12.55 -108.98 55.44
C ALA C 2458 13.83 -109.78 55.61
N ILE C 2459 13.84 -110.69 56.57
CA ILE C 2459 15.01 -111.49 56.89
C ILE C 2459 14.98 -112.71 55.99
N SER C 2460 15.91 -112.76 55.04
CA SER C 2460 16.07 -113.90 54.17
C SER C 2460 17.41 -114.60 54.34
N HIS C 2461 18.46 -113.84 54.61
CA HIS C 2461 19.77 -114.44 54.85
C HIS C 2461 19.82 -115.07 56.23
N GLY C 2462 19.32 -114.37 57.25
CA GLY C 2462 19.26 -114.88 58.59
C GLY C 2462 20.51 -114.68 59.42
N MET C 2463 21.62 -114.27 58.81
CA MET C 2463 22.89 -114.15 59.50
C MET C 2463 23.41 -112.73 59.35
N ASN C 2464 23.04 -111.88 60.33
CA ASN C 2464 23.52 -110.50 60.47
C ASN C 2464 23.22 -109.67 59.22
N ASP C 2465 21.95 -109.67 58.84
CA ASP C 2465 21.56 -109.04 57.60
C ASP C 2465 20.38 -108.11 57.83
N SER C 2466 20.34 -107.05 57.03
CA SER C 2466 19.11 -106.33 56.79
C SER C 2466 18.46 -106.96 55.57
N GLY C 2467 17.38 -106.36 55.07
CA GLY C 2467 16.80 -106.84 53.83
C GLY C 2467 17.63 -106.52 52.62
N GLN C 2468 18.51 -105.52 52.71
CA GLN C 2468 19.16 -104.98 51.54
C GLN C 2468 20.28 -105.88 51.05
N PHE C 2469 20.28 -106.14 49.75
CA PHE C 2469 21.48 -106.63 49.09
C PHE C 2469 22.50 -105.49 49.11
N GLN C 2470 23.75 -105.83 49.47
CA GLN C 2470 24.86 -104.91 49.73
C GLN C 2470 24.44 -103.69 50.53
N MET C 2471 24.02 -103.93 51.78
CA MET C 2471 23.63 -102.87 52.71
C MET C 2471 24.77 -101.89 52.92
N ASP C 2472 24.48 -100.61 52.67
CA ASP C 2472 25.51 -99.58 52.57
C ASP C 2472 25.13 -98.42 53.48
N PHE C 2473 25.98 -98.14 54.46
CA PHE C 2473 25.82 -96.92 55.24
C PHE C 2473 26.32 -95.74 54.43
N ASN C 2474 25.99 -94.54 54.93
CA ASN C 2474 26.07 -93.28 54.16
C ASN C 2474 25.30 -93.39 52.84
N ASP C 2475 24.16 -94.06 52.90
CA ASP C 2475 23.29 -94.18 51.74
C ASP C 2475 22.59 -92.85 51.48
N ALA C 2476 22.40 -92.55 50.19
CA ALA C 2476 21.62 -91.37 49.82
C ALA C 2476 20.17 -91.51 50.25
N LYS C 2477 19.57 -92.67 50.00
CA LYS C 2477 18.27 -92.98 50.53
C LYS C 2477 18.37 -93.27 52.03
N TYR C 2478 17.22 -93.32 52.68
CA TYR C 2478 17.18 -93.67 54.08
C TYR C 2478 17.27 -95.17 54.26
N LEU C 2479 18.12 -95.60 55.19
CA LEU C 2479 18.16 -96.99 55.59
C LEU C 2479 16.88 -97.33 56.35
N PRO C 2480 16.49 -98.59 56.37
CA PRO C 2480 15.33 -98.98 57.18
C PRO C 2480 15.64 -98.86 58.66
N PHE C 2481 14.59 -98.51 59.43
CA PHE C 2481 14.63 -98.28 60.87
C PHE C 2481 15.57 -97.15 61.26
N GLU C 2482 15.79 -96.20 60.35
CA GLU C 2482 16.67 -95.08 60.63
C GLU C 2482 15.88 -93.94 61.27
N GLY C 2483 16.42 -93.35 62.32
CA GLY C 2483 15.81 -92.21 62.94
C GLY C 2483 14.72 -92.52 63.95
N LEU C 2484 14.46 -93.78 64.21
CA LEU C 2484 13.52 -94.18 65.27
C LEU C 2484 14.11 -93.78 66.61
N PRO C 2485 13.34 -93.10 67.47
CA PRO C 2485 13.84 -92.78 68.82
C PRO C 2485 14.08 -94.05 69.63
N VAL C 2486 15.31 -94.22 70.10
CA VAL C 2486 15.71 -95.46 70.75
C VAL C 2486 15.07 -95.66 72.11
N ALA C 2487 14.49 -94.62 72.68
CA ALA C 2487 13.80 -94.71 73.97
C ALA C 2487 12.29 -94.57 73.82
N ASP C 2488 11.74 -95.05 72.72
CA ASP C 2488 10.30 -94.92 72.48
C ASP C 2488 9.55 -96.15 72.97
N THR C 2489 8.24 -95.98 73.10
CA THR C 2489 7.36 -97.08 73.52
C THR C 2489 6.76 -97.80 72.32
N GLY C 2490 7.62 -98.25 71.40
CA GLY C 2490 7.17 -98.96 70.23
C GLY C 2490 7.08 -100.46 70.46
N THR C 2491 6.58 -101.14 69.45
CA THR C 2491 6.48 -102.60 69.45
C THR C 2491 7.27 -103.16 68.29
N LEU C 2492 8.30 -103.93 68.61
CA LEU C 2492 9.20 -104.50 67.61
C LEU C 2492 8.80 -105.97 67.45
N THR C 2493 8.23 -106.30 66.30
CA THR C 2493 7.66 -107.61 66.07
C THR C 2493 8.42 -108.32 64.96
N LEU C 2494 8.90 -109.52 65.25
CA LEU C 2494 9.55 -110.40 64.29
C LEU C 2494 8.59 -111.54 63.99
N SER C 2495 8.00 -111.54 62.80
CA SER C 2495 6.97 -112.51 62.44
C SER C 2495 7.51 -113.51 61.42
N PHE C 2496 7.30 -114.80 61.71
CA PHE C 2496 7.71 -115.87 60.82
C PHE C 2496 6.51 -116.38 60.05
N PRO C 2497 6.42 -116.17 58.73
CA PRO C 2497 5.37 -116.83 57.96
C PRO C 2497 5.62 -118.33 57.86
N GLY C 2498 4.53 -119.09 57.93
CA GLY C 2498 4.61 -120.53 57.80
C GLY C 2498 5.26 -121.22 58.97
N ILE C 2499 4.62 -121.19 60.14
CA ILE C 2499 5.17 -121.87 61.30
C ILE C 2499 5.05 -123.39 61.12
N SER C 2500 3.96 -123.85 60.52
CA SER C 2500 3.75 -125.27 60.31
C SER C 2500 4.17 -125.76 58.94
N GLY C 2501 4.56 -124.86 58.05
CA GLY C 2501 4.92 -125.27 56.70
C GLY C 2501 6.36 -125.70 56.58
N LYS C 2502 7.07 -125.16 55.59
CA LYS C 2502 8.44 -125.56 55.36
C LYS C 2502 9.41 -124.97 56.37
N GLN C 2503 8.96 -123.99 57.15
CA GLN C 2503 9.81 -123.37 58.17
C GLN C 2503 9.51 -123.95 59.54
N LYS C 2504 9.04 -125.19 59.57
CA LYS C 2504 8.74 -125.82 60.85
C LYS C 2504 10.02 -126.35 61.49
N SER C 2505 10.83 -127.07 60.72
CA SER C 2505 12.10 -127.58 61.22
C SER C 2505 13.08 -126.45 61.51
N LEU C 2506 13.00 -125.36 60.76
CA LEU C 2506 13.89 -124.23 61.00
C LEU C 2506 13.54 -123.53 62.30
N LEU C 2507 12.24 -123.39 62.59
CA LEU C 2507 11.84 -122.86 63.88
C LEU C 2507 12.14 -123.83 65.01
N LEU C 2508 12.10 -125.13 64.73
CA LEU C 2508 12.47 -126.11 65.74
C LEU C 2508 13.96 -126.08 66.04
N SER C 2509 14.77 -125.72 65.05
CA SER C 2509 16.22 -125.70 65.21
C SER C 2509 16.74 -124.34 65.61
N LEU C 2510 15.87 -123.42 66.04
CA LEU C 2510 16.29 -122.07 66.38
C LEU C 2510 16.92 -122.07 67.78
N SER C 2511 18.12 -121.51 67.88
CA SER C 2511 18.75 -121.37 69.19
C SER C 2511 18.15 -120.20 69.95
N ASP C 2512 18.36 -118.99 69.45
CA ASP C 2512 17.84 -117.78 70.07
C ASP C 2512 17.80 -116.67 69.03
N ILE C 2513 17.18 -115.55 69.39
CA ILE C 2513 17.01 -114.41 68.50
C ILE C 2513 17.93 -113.31 68.97
N ILE C 2514 18.70 -112.76 68.04
CA ILE C 2514 19.72 -111.76 68.33
C ILE C 2514 19.61 -110.65 67.30
N LEU C 2515 19.47 -109.41 67.79
CA LEU C 2515 19.34 -108.25 66.92
C LEU C 2515 20.62 -107.43 67.03
N HIS C 2516 21.06 -106.88 65.90
CA HIS C 2516 22.14 -105.90 65.90
C HIS C 2516 21.53 -104.52 65.76
N ILE C 2517 21.05 -103.96 66.86
CA ILE C 2517 20.49 -102.62 66.86
C ILE C 2517 21.64 -101.63 66.96
N ARG C 2518 21.86 -100.89 65.88
CA ARG C 2518 22.85 -99.83 65.84
C ARG C 2518 22.11 -98.50 65.94
N TYR C 2519 22.47 -97.68 66.91
CA TYR C 2519 21.83 -96.40 67.11
C TYR C 2519 22.90 -95.32 67.21
N THR C 2520 22.46 -94.06 67.10
CA THR C 2520 23.36 -92.93 67.03
C THR C 2520 22.96 -91.88 68.05
N ILE C 2521 23.89 -91.53 68.92
CA ILE C 2521 23.71 -90.45 69.88
C ILE C 2521 24.20 -89.18 69.21
N ARG C 2522 23.43 -88.11 69.29
CA ARG C 2522 23.86 -86.82 68.80
C ARG C 2522 23.50 -85.76 69.82
N SER C 2523 24.41 -84.80 70.01
CA SER C 2523 24.20 -83.71 70.96
C SER C 2523 23.18 -82.72 70.45
N LEU D 20 -7.30 4.81 -80.74
CA LEU D 20 -7.29 5.66 -79.55
C LEU D 20 -8.60 6.40 -79.38
N LEU D 21 -9.19 6.26 -78.20
CA LEU D 21 -10.46 6.89 -77.87
C LEU D 21 -10.34 7.67 -76.57
N LEU D 22 -11.44 8.33 -76.22
CA LEU D 22 -11.51 9.14 -75.00
C LEU D 22 -11.35 8.31 -73.74
N THR D 23 -11.73 7.04 -73.76
CA THR D 23 -11.41 6.13 -72.67
C THR D 23 -9.91 5.93 -72.50
N ASN D 24 -9.16 5.95 -73.60
CA ASN D 24 -7.72 5.82 -73.50
C ASN D 24 -7.05 7.14 -73.16
N ILE D 25 -7.69 8.26 -73.50
CA ILE D 25 -7.09 9.56 -73.25
C ILE D 25 -7.07 9.87 -71.75
N SER D 26 -8.16 9.52 -71.04
CA SER D 26 -8.27 9.89 -69.63
C SER D 26 -7.36 9.08 -68.72
N PHE D 27 -6.68 8.06 -69.24
CA PHE D 27 -5.74 7.30 -68.41
C PHE D 27 -4.38 7.96 -68.37
N MET D 28 -3.83 8.33 -69.52
CA MET D 28 -2.51 8.92 -69.58
C MET D 28 -2.56 10.34 -69.03
N SER D 29 -1.39 10.83 -68.59
CA SER D 29 -1.32 12.17 -68.05
C SER D 29 -1.36 13.19 -69.17
N PHE D 30 -1.44 14.47 -68.80
CA PHE D 30 -1.52 15.51 -69.81
C PHE D 30 -0.20 15.68 -70.55
N SER D 31 0.92 15.44 -69.88
CA SER D 31 2.20 15.49 -70.58
C SER D 31 2.35 14.30 -71.53
N GLU D 32 1.85 13.13 -71.13
CA GLU D 32 1.82 11.98 -72.03
C GLU D 32 0.97 12.27 -73.25
N PHE D 33 -0.19 12.89 -73.05
CA PHE D 33 -1.07 13.21 -74.16
C PHE D 33 -0.47 14.27 -75.07
N ARG D 34 0.16 15.29 -74.47
CA ARG D 34 0.78 16.34 -75.26
C ARG D 34 1.99 15.83 -76.02
N HIS D 35 2.70 14.84 -75.48
CA HIS D 35 3.73 14.19 -76.26
C HIS D 35 3.15 13.28 -77.33
N ARG D 36 1.94 12.76 -77.12
CA ARG D 36 1.31 11.93 -78.13
C ARG D 36 0.89 12.75 -79.35
N THR D 37 0.24 13.89 -79.14
CA THR D 37 -0.24 14.69 -80.25
C THR D 37 0.43 16.04 -80.34
N SER D 38 1.76 16.06 -80.19
CA SER D 38 2.53 17.30 -80.23
C SER D 38 2.51 17.97 -81.59
N GLY D 39 2.65 17.20 -82.67
CA GLY D 39 2.78 17.78 -83.98
C GLY D 39 1.44 18.02 -84.66
N THR D 40 0.52 17.08 -84.50
CA THR D 40 -0.76 17.15 -85.19
C THR D 40 -1.70 18.20 -84.61
N LEU D 41 -1.72 18.39 -83.30
CA LEU D 41 -2.55 19.41 -82.67
C LEU D 41 -1.68 20.47 -82.03
N THR D 42 -2.32 21.52 -81.53
CA THR D 42 -1.60 22.69 -81.03
C THR D 42 -2.12 23.09 -79.65
N TRP D 43 -2.26 22.11 -78.77
CA TRP D 43 -2.37 22.22 -77.32
C TRP D 43 -3.70 22.80 -76.83
N ARG D 44 -4.43 23.49 -77.69
CA ARG D 44 -5.74 24.00 -77.30
C ARG D 44 -6.81 22.94 -77.51
N GLU D 45 -6.82 22.33 -78.69
CA GLU D 45 -7.67 21.18 -78.93
C GLU D 45 -7.21 19.99 -78.11
N THR D 46 -5.90 19.90 -77.82
CA THR D 46 -5.40 18.86 -76.93
C THR D 46 -5.96 19.05 -75.52
N ASP D 47 -5.94 20.28 -75.01
CA ASP D 47 -6.54 20.56 -73.71
C ASP D 47 -8.04 20.33 -73.72
N PHE D 48 -8.71 20.66 -74.83
CA PHE D 48 -10.16 20.46 -74.92
C PHE D 48 -10.51 18.99 -74.92
N LEU D 49 -9.76 18.18 -75.68
CA LEU D 49 -9.99 16.74 -75.69
C LEU D 49 -9.66 16.12 -74.34
N TYR D 50 -8.64 16.65 -73.65
CA TYR D 50 -8.31 16.16 -72.31
C TYR D 50 -9.44 16.44 -71.34
N GLN D 51 -10.01 17.65 -71.39
CA GLN D 51 -11.12 17.98 -70.52
C GLN D 51 -12.36 17.16 -70.84
N GLN D 52 -12.61 16.89 -72.13
CA GLN D 52 -13.77 16.10 -72.50
C GLN D 52 -13.61 14.64 -72.07
N ALA D 53 -12.42 14.09 -72.21
CA ALA D 53 -12.19 12.71 -71.78
C ALA D 53 -12.26 12.59 -70.26
N HIS D 54 -11.79 13.62 -69.55
CA HIS D 54 -11.91 13.61 -68.10
C HIS D 54 -13.35 13.71 -67.66
N GLN D 55 -14.15 14.51 -68.36
CA GLN D 55 -15.58 14.62 -68.06
C GLN D 55 -16.30 13.31 -68.34
N GLU D 56 -15.93 12.64 -69.43
CA GLU D 56 -16.52 11.34 -69.76
C GLU D 56 -16.17 10.30 -68.70
N SER D 57 -14.92 10.30 -68.22
CA SER D 57 -14.53 9.36 -67.19
C SER D 57 -15.24 9.62 -65.87
N LYS D 58 -15.42 10.91 -65.53
CA LYS D 58 -16.14 11.28 -64.31
C LYS D 58 -17.59 10.84 -64.38
N GLN D 59 -18.25 11.07 -65.51
CA GLN D 59 -19.64 10.65 -65.61
C GLN D 59 -19.81 9.14 -65.72
N ASN D 60 -18.82 8.43 -66.27
CA ASN D 60 -18.88 6.97 -66.24
C ASN D 60 -18.76 6.44 -64.81
N LYS D 61 -17.87 7.03 -64.02
CA LYS D 61 -17.76 6.65 -62.63
C LYS D 61 -19.02 6.99 -61.85
N LEU D 62 -19.64 8.14 -62.16
CA LEU D 62 -20.88 8.52 -61.51
C LEU D 62 -22.02 7.57 -61.83
N GLU D 63 -22.14 7.17 -63.09
CA GLU D 63 -23.21 6.26 -63.48
C GLU D 63 -22.99 4.87 -62.89
N GLU D 64 -21.74 4.43 -62.82
CA GLU D 64 -21.44 3.15 -62.19
C GLU D 64 -21.75 3.17 -60.70
N LEU D 65 -21.42 4.28 -60.03
CA LEU D 65 -21.74 4.43 -58.62
C LEU D 65 -23.24 4.48 -58.38
N ARG D 66 -23.96 5.15 -59.27
CA ARG D 66 -25.41 5.24 -59.16
C ARG D 66 -26.08 3.91 -59.42
N ILE D 67 -25.48 3.07 -60.26
CA ILE D 67 -26.04 1.74 -60.50
C ILE D 67 -25.76 0.83 -59.31
N LEU D 68 -24.51 0.75 -58.88
CA LEU D 68 -24.14 -0.19 -57.83
C LEU D 68 -24.65 0.21 -56.46
N SER D 69 -24.88 1.49 -56.22
CA SER D 69 -25.29 1.90 -54.88
C SER D 69 -26.77 1.67 -54.62
N ARG D 70 -27.53 1.21 -55.60
CA ARG D 70 -28.92 0.83 -55.40
C ARG D 70 -29.15 -0.66 -55.51
N ALA D 71 -28.19 -1.39 -56.07
CA ALA D 71 -28.25 -2.84 -56.12
C ALA D 71 -27.53 -3.49 -54.96
N ASN D 72 -27.45 -2.82 -53.83
CA ASN D 72 -26.83 -3.38 -52.65
C ASN D 72 -27.73 -4.46 -52.06
N PRO D 73 -27.21 -5.65 -51.77
CA PRO D 73 -28.05 -6.70 -51.17
C PRO D 73 -28.50 -6.38 -49.76
N GLN D 74 -27.81 -5.49 -49.05
CA GLN D 74 -28.25 -5.11 -47.72
C GLN D 74 -29.51 -4.26 -47.78
N LEU D 75 -29.68 -3.46 -48.83
CA LEU D 75 -30.78 -2.52 -48.92
C LEU D 75 -32.01 -3.11 -49.60
N ALA D 76 -32.15 -4.42 -49.59
CA ALA D 76 -33.32 -5.04 -50.21
C ALA D 76 -34.45 -5.22 -49.19
N ASN D 77 -34.16 -5.84 -48.06
CA ASN D 77 -35.19 -6.25 -47.11
C ASN D 77 -35.42 -5.23 -46.01
N ILE D 78 -35.09 -3.98 -46.25
CA ILE D 78 -35.25 -2.94 -45.25
C ILE D 78 -36.60 -2.29 -45.43
N THR D 79 -37.31 -2.11 -44.32
CA THR D 79 -38.71 -1.71 -44.33
C THR D 79 -38.83 -0.22 -44.61
N ASN D 80 -39.69 0.12 -45.57
CA ASN D 80 -40.14 1.48 -45.88
C ASN D 80 -39.00 2.41 -46.30
N LEU D 81 -37.93 1.86 -46.88
CA LEU D 81 -36.93 2.67 -47.55
C LEU D 81 -37.25 2.61 -49.04
N ASN D 82 -37.97 3.60 -49.51
CA ASN D 82 -38.48 3.59 -50.88
C ASN D 82 -37.36 3.85 -51.88
N ILE D 83 -36.58 2.82 -52.18
CA ILE D 83 -35.47 2.93 -53.12
C ILE D 83 -35.76 2.03 -54.30
N THR D 84 -35.87 2.63 -55.47
CA THR D 84 -35.97 1.86 -56.69
C THR D 84 -34.57 1.65 -57.28
N PRO D 85 -34.34 0.55 -57.97
CA PRO D 85 -33.12 0.44 -58.78
C PRO D 85 -33.12 1.45 -59.91
N SER D 86 -31.93 1.74 -60.42
CA SER D 86 -31.72 2.93 -61.25
C SER D 86 -32.17 2.77 -62.69
N THR D 87 -33.00 1.77 -63.02
CA THR D 87 -33.55 1.47 -64.34
C THR D 87 -32.49 1.15 -65.39
N LEU D 88 -31.23 1.01 -64.99
CA LEU D 88 -30.17 0.57 -65.87
C LEU D 88 -29.46 -0.64 -65.27
N ASN D 89 -30.04 -1.23 -64.23
CA ASN D 89 -29.45 -2.39 -63.59
C ASN D 89 -29.47 -3.60 -64.53
N ASN D 90 -30.54 -3.73 -65.30
CA ASN D 90 -30.61 -4.78 -66.31
C ASN D 90 -29.59 -4.56 -67.40
N SER D 91 -29.36 -3.30 -67.78
CA SER D 91 -28.35 -3.00 -68.78
C SER D 91 -26.96 -3.28 -68.26
N TYR D 92 -26.72 -2.99 -66.99
CA TYR D 92 -25.42 -3.28 -66.39
C TYR D 92 -25.17 -4.78 -66.31
N ASN D 93 -26.18 -5.54 -65.90
CA ASN D 93 -26.04 -6.98 -65.82
C ASN D 93 -25.97 -7.64 -67.19
N SER D 94 -26.51 -7.00 -68.22
CA SER D 94 -26.41 -7.57 -69.55
C SER D 94 -25.09 -7.21 -70.23
N TRP D 95 -24.57 -6.02 -69.97
CA TRP D 95 -23.26 -5.66 -70.49
C TRP D 95 -22.15 -6.43 -69.76
N PHE D 96 -22.05 -6.23 -68.46
CA PHE D 96 -21.12 -6.98 -67.63
C PHE D 96 -21.92 -8.10 -66.98
N TYR D 97 -21.52 -9.35 -67.24
CA TYR D 97 -22.40 -10.50 -67.04
C TYR D 97 -22.56 -10.78 -65.56
N GLY D 98 -23.53 -10.08 -64.96
CA GLY D 98 -23.88 -10.31 -63.58
C GLY D 98 -22.98 -9.62 -62.57
N ARG D 99 -22.30 -8.54 -62.97
CA ARG D 99 -21.40 -7.86 -62.05
C ARG D 99 -22.15 -7.15 -60.94
N ALA D 100 -23.23 -6.44 -61.28
CA ALA D 100 -24.10 -5.87 -60.26
C ALA D 100 -24.89 -6.92 -59.52
N HIS D 101 -25.06 -8.10 -60.11
CA HIS D 101 -25.66 -9.22 -59.43
C HIS D 101 -24.70 -9.87 -58.44
N ARG D 102 -23.41 -9.62 -58.58
CA ARG D 102 -22.38 -10.29 -57.79
C ARG D 102 -21.73 -9.30 -56.82
N PHE D 103 -22.23 -9.28 -55.59
CA PHE D 103 -21.61 -8.54 -54.50
C PHE D 103 -20.82 -9.49 -53.61
N VAL D 104 -19.73 -8.98 -53.06
CA VAL D 104 -18.74 -9.82 -52.40
C VAL D 104 -18.73 -9.50 -50.91
N LYS D 105 -18.26 -10.45 -50.12
CA LYS D 105 -18.17 -10.28 -48.68
C LYS D 105 -17.08 -9.26 -48.35
N PRO D 106 -17.22 -8.49 -47.27
CA PRO D 106 -16.14 -7.61 -46.85
C PRO D 106 -14.94 -8.40 -46.35
N GLY D 107 -13.76 -7.89 -46.65
CA GLY D 107 -12.54 -8.58 -46.28
C GLY D 107 -12.15 -9.71 -47.20
N SER D 108 -12.67 -9.72 -48.42
CA SER D 108 -12.37 -10.79 -49.36
C SER D 108 -11.21 -10.40 -50.27
N ILE D 109 -10.68 -11.41 -50.97
CA ILE D 109 -9.65 -11.17 -51.95
C ILE D 109 -10.24 -10.51 -53.19
N ALA D 110 -11.50 -10.81 -53.50
CA ALA D 110 -12.13 -10.33 -54.72
C ALA D 110 -12.65 -8.91 -54.62
N SER D 111 -12.59 -8.30 -53.44
CA SER D 111 -13.24 -7.01 -53.24
C SER D 111 -12.49 -5.88 -53.93
N ILE D 112 -13.22 -4.81 -54.23
CA ILE D 112 -12.62 -3.65 -54.88
C ILE D 112 -11.85 -2.80 -53.90
N PHE D 113 -12.01 -3.02 -52.59
CA PHE D 113 -11.21 -2.35 -51.58
C PHE D 113 -10.16 -3.27 -50.99
N SER D 114 -9.90 -4.40 -51.62
CA SER D 114 -8.93 -5.35 -51.12
C SER D 114 -7.51 -4.85 -51.39
N PRO D 115 -6.53 -5.35 -50.64
CA PRO D 115 -5.13 -5.10 -50.99
C PRO D 115 -4.75 -5.63 -52.35
N ALA D 116 -5.43 -6.65 -52.86
CA ALA D 116 -5.21 -7.08 -54.24
C ALA D 116 -5.65 -6.02 -55.23
N ALA D 117 -6.76 -5.33 -54.96
CA ALA D 117 -7.19 -4.25 -55.83
C ALA D 117 -6.24 -3.07 -55.73
N TYR D 118 -5.76 -2.79 -54.52
CA TYR D 118 -4.77 -1.72 -54.34
C TYR D 118 -3.47 -2.04 -55.07
N LEU D 119 -3.03 -3.30 -55.00
CA LEU D 119 -1.82 -3.72 -55.69
C LEU D 119 -2.01 -3.70 -57.20
N THR D 120 -3.21 -4.05 -57.67
CA THR D 120 -3.50 -4.03 -59.09
C THR D 120 -3.42 -2.62 -59.64
N GLU D 121 -4.06 -1.68 -58.94
CA GLU D 121 -4.00 -0.28 -59.36
C GLU D 121 -2.59 0.27 -59.26
N LEU D 122 -1.85 -0.16 -58.23
CA LEU D 122 -0.49 0.30 -58.03
C LEU D 122 0.43 -0.16 -59.15
N TYR D 123 0.32 -1.43 -59.54
CA TYR D 123 1.16 -1.95 -60.60
C TYR D 123 0.76 -1.39 -61.96
N ARG D 124 -0.55 -1.20 -62.17
CA ARG D 124 -1.02 -0.68 -63.45
C ARG D 124 -0.60 0.77 -63.64
N GLU D 125 -0.50 1.52 -62.55
CA GLU D 125 -0.04 2.89 -62.69
C GLU D 125 1.47 3.03 -62.55
N ALA D 126 2.16 2.03 -62.00
CA ALA D 126 3.58 2.14 -61.74
C ALA D 126 4.45 1.41 -62.74
N LYS D 127 3.88 0.60 -63.63
CA LYS D 127 4.71 -0.15 -64.55
C LYS D 127 5.21 0.68 -65.74
N ASP D 128 5.03 1.99 -65.74
CA ASP D 128 5.45 2.81 -66.86
C ASP D 128 6.46 3.88 -66.49
N PHE D 129 7.09 3.78 -65.32
CA PHE D 129 8.09 4.78 -64.96
C PHE D 129 9.37 4.65 -65.77
N HIS D 130 9.63 3.47 -66.29
CA HIS D 130 10.87 3.23 -67.00
C HIS D 130 10.58 2.68 -68.39
N PRO D 131 11.50 2.85 -69.33
CA PRO D 131 11.41 2.10 -70.58
C PRO D 131 11.56 0.61 -70.32
N ASP D 132 10.99 -0.17 -71.26
CA ASP D 132 10.88 -1.60 -71.08
C ASP D 132 12.23 -2.31 -71.10
N ASN D 133 13.17 -1.81 -71.89
CA ASN D 133 14.48 -2.43 -71.97
C ASN D 133 15.41 -1.99 -70.84
N SER D 134 15.01 -1.01 -70.05
CA SER D 134 15.85 -0.53 -68.96
C SER D 134 15.90 -1.57 -67.86
N GLN D 135 17.08 -1.72 -67.27
CA GLN D 135 17.31 -2.71 -66.24
C GLN D 135 16.63 -2.37 -64.93
N TYR D 136 16.11 -1.16 -64.77
CA TYR D 136 15.36 -0.78 -63.59
C TYR D 136 13.86 -0.91 -63.79
N HIS D 137 13.43 -1.45 -64.92
CA HIS D 137 12.02 -1.70 -65.14
C HIS D 137 11.54 -2.80 -64.21
N LEU D 138 10.26 -2.74 -63.84
CA LEU D 138 9.70 -3.63 -62.82
C LEU D 138 9.72 -5.10 -63.26
N ASN D 139 9.24 -5.38 -64.47
CA ASN D 139 9.21 -6.76 -64.95
C ASN D 139 10.59 -7.31 -65.20
N LYS D 140 11.56 -6.45 -65.46
CA LYS D 140 12.92 -6.91 -65.70
C LYS D 140 13.68 -7.14 -64.39
N ARG D 141 13.43 -6.32 -63.38
CA ARG D 141 14.13 -6.51 -62.12
C ARG D 141 13.45 -7.54 -61.23
N ARG D 142 12.14 -7.75 -61.39
CA ARG D 142 11.36 -8.62 -60.52
C ARG D 142 10.28 -9.26 -61.36
N PRO D 143 10.59 -10.31 -62.13
CA PRO D 143 9.56 -10.95 -62.94
C PRO D 143 8.58 -11.74 -62.12
N ASP D 144 8.91 -12.05 -60.87
CA ASP D 144 8.01 -12.75 -59.97
C ASP D 144 6.78 -11.91 -59.64
N ILE D 145 6.94 -10.60 -59.54
CA ILE D 145 5.84 -9.76 -59.07
C ILE D 145 4.77 -9.55 -60.14
N ALA D 146 5.09 -9.85 -61.41
CA ALA D 146 4.08 -9.71 -62.44
C ALA D 146 3.12 -10.89 -62.46
N SER D 147 3.64 -12.10 -62.25
CA SER D 147 2.84 -13.31 -62.34
C SER D 147 2.35 -13.78 -60.98
N LEU D 148 2.17 -12.88 -60.03
CA LEU D 148 1.67 -13.27 -58.71
C LEU D 148 0.18 -13.55 -58.81
N ALA D 149 -0.24 -14.71 -58.33
CA ALA D 149 -1.64 -15.09 -58.40
C ALA D 149 -2.41 -14.45 -57.25
N LEU D 150 -3.36 -13.58 -57.60
CA LEU D 150 -4.14 -12.86 -56.61
C LEU D 150 -5.19 -13.79 -56.00
N THR D 151 -4.74 -14.58 -55.04
CA THR D 151 -5.60 -15.53 -54.36
C THR D 151 -5.68 -15.23 -52.88
N GLN D 152 -6.68 -15.86 -52.23
CA GLN D 152 -6.86 -15.70 -50.80
C GLN D 152 -5.71 -16.30 -50.01
N ASN D 153 -5.07 -17.34 -50.54
CA ASN D 153 -3.92 -17.93 -49.88
C ASN D 153 -2.73 -16.98 -49.88
N ASN D 154 -2.43 -16.35 -51.02
CA ASN D 154 -1.39 -15.35 -51.06
C ASN D 154 -1.78 -14.10 -50.27
N MET D 155 -3.07 -13.85 -50.09
CA MET D 155 -3.47 -12.69 -49.31
C MET D 155 -3.30 -12.91 -47.81
N ASP D 156 -3.74 -14.06 -47.30
CA ASP D 156 -3.87 -14.24 -45.86
C ASP D 156 -2.86 -15.20 -45.25
N GLU D 157 -2.17 -16.01 -46.05
CA GLU D 157 -1.22 -16.97 -45.49
C GLU D 157 0.03 -16.25 -45.05
N GLU D 158 0.20 -16.12 -43.74
CA GLU D 158 1.27 -15.30 -43.17
C GLU D 158 2.56 -16.10 -43.15
N ILE D 159 3.37 -15.90 -44.17
CA ILE D 159 4.70 -16.46 -44.22
C ILE D 159 5.66 -15.43 -43.65
N SER D 160 6.81 -15.90 -43.18
CA SER D 160 7.83 -15.01 -42.67
C SER D 160 8.55 -14.36 -43.85
N THR D 161 8.84 -13.07 -43.70
CA THR D 161 9.77 -12.48 -44.64
C THR D 161 11.17 -13.00 -44.33
N LEU D 162 12.07 -12.76 -45.29
CA LEU D 162 13.39 -13.35 -45.56
C LEU D 162 13.27 -14.77 -46.10
N SER D 163 12.12 -15.41 -45.99
CA SER D 163 11.90 -16.62 -46.75
C SER D 163 11.59 -16.28 -48.19
N LEU D 164 10.82 -15.23 -48.40
CA LEU D 164 10.59 -14.73 -49.76
C LEU D 164 11.88 -14.19 -50.36
N SER D 165 12.70 -13.53 -49.55
CA SER D 165 13.99 -13.05 -50.03
C SER D 165 14.91 -14.20 -50.39
N ASN D 166 14.91 -15.26 -49.57
CA ASN D 166 15.74 -16.42 -49.86
C ASN D 166 15.27 -17.14 -51.11
N GLU D 167 13.95 -17.31 -51.27
CA GLU D 167 13.42 -17.98 -52.44
C GLU D 167 13.69 -17.16 -53.71
N LEU D 168 13.60 -15.84 -53.59
CA LEU D 168 13.87 -14.97 -54.73
C LEU D 168 15.33 -15.02 -55.14
N LEU D 169 16.23 -14.95 -54.16
CA LEU D 169 17.66 -14.98 -54.48
C LEU D 169 18.09 -16.33 -55.02
N LEU D 170 17.62 -17.41 -54.40
CA LEU D 170 18.00 -18.73 -54.88
C LEU D 170 17.36 -19.05 -56.23
N HIS D 171 16.17 -18.52 -56.49
CA HIS D 171 15.58 -18.72 -57.81
C HIS D 171 16.31 -17.92 -58.87
N ASN D 172 16.80 -16.74 -58.51
CA ASN D 172 17.58 -15.97 -59.47
C ASN D 172 18.94 -16.60 -59.73
N ILE D 173 19.55 -17.20 -58.71
CA ILE D 173 20.82 -17.88 -58.88
C ILE D 173 20.63 -19.15 -59.71
N GLN D 174 19.53 -19.87 -59.48
CA GLN D 174 19.21 -21.05 -60.28
C GLN D 174 18.94 -20.69 -61.73
N THR D 175 18.22 -19.59 -61.97
CA THR D 175 17.94 -19.16 -63.33
C THR D 175 19.19 -18.64 -64.02
N LEU D 176 20.12 -18.07 -63.25
CA LEU D 176 21.39 -17.63 -63.81
C LEU D 176 22.27 -18.81 -64.19
N GLU D 177 22.49 -19.75 -63.28
CA GLU D 177 23.48 -20.79 -63.48
C GLU D 177 22.92 -22.04 -64.14
N LYS D 178 21.59 -22.11 -64.34
CA LYS D 178 20.90 -23.21 -65.02
C LYS D 178 21.15 -24.55 -64.33
N THR D 179 20.96 -24.59 -63.02
CA THR D 179 21.12 -25.81 -62.26
C THR D 179 20.01 -25.94 -61.22
N ASP D 180 20.07 -27.02 -60.46
CA ASP D 180 19.10 -27.28 -59.42
C ASP D 180 19.53 -26.61 -58.11
N TYR D 181 18.64 -26.67 -57.11
CA TYR D 181 18.93 -26.08 -55.81
C TYR D 181 20.09 -26.79 -55.12
N ASN D 182 20.14 -28.11 -55.24
CA ASN D 182 21.25 -28.86 -54.67
C ASN D 182 22.56 -28.54 -55.36
N GLY D 183 22.52 -28.34 -56.67
CA GLY D 183 23.73 -27.92 -57.38
C GLY D 183 24.16 -26.52 -57.03
N VAL D 184 23.19 -25.63 -56.76
CA VAL D 184 23.51 -24.27 -56.31
C VAL D 184 24.19 -24.32 -54.95
N MET D 185 23.68 -25.17 -54.05
CA MET D 185 24.31 -25.31 -52.74
C MET D 185 25.68 -25.97 -52.82
N LYS D 186 25.86 -26.86 -53.80
CA LYS D 186 27.17 -27.47 -54.01
C LYS D 186 28.17 -26.44 -54.50
N MET D 187 27.76 -25.58 -55.43
CA MET D 187 28.67 -24.55 -55.93
C MET D 187 28.89 -23.45 -54.90
N LEU D 188 27.93 -23.22 -54.02
CA LEU D 188 28.09 -22.20 -53.00
C LEU D 188 28.89 -22.70 -51.81
N SER D 189 28.96 -24.02 -51.63
CA SER D 189 29.80 -24.59 -50.60
C SER D 189 31.28 -24.53 -50.95
N THR D 190 31.61 -24.27 -52.20
CA THR D 190 32.99 -24.32 -52.66
C THR D 190 33.44 -23.04 -53.36
N TYR D 191 32.58 -22.04 -53.44
CA TYR D 191 32.96 -20.78 -54.08
C TYR D 191 33.94 -20.03 -53.18
N ARG D 192 35.08 -19.65 -53.74
CA ARG D 192 36.13 -19.01 -52.96
C ARG D 192 36.42 -17.58 -53.40
N GLN D 193 35.77 -17.10 -54.45
CA GLN D 193 36.20 -15.85 -55.06
C GLN D 193 35.77 -14.63 -54.26
N THR D 194 34.58 -14.65 -53.67
CA THR D 194 34.10 -13.49 -52.93
C THR D 194 34.23 -13.73 -51.44
N GLY D 195 34.16 -12.64 -50.69
CA GLY D 195 34.11 -12.73 -49.25
C GLY D 195 32.77 -13.26 -48.78
N MET D 196 32.73 -13.59 -47.49
CA MET D 196 31.56 -14.15 -46.80
C MET D 196 31.05 -15.43 -47.44
N THR D 197 31.97 -16.20 -48.04
CA THR D 197 31.70 -17.32 -48.92
C THR D 197 33.03 -18.03 -49.12
N PRO D 198 33.11 -19.38 -49.07
CA PRO D 198 32.17 -20.51 -49.11
C PRO D 198 31.16 -20.60 -47.99
N TYR D 199 30.05 -21.27 -48.28
CA TYR D 199 28.94 -21.43 -47.35
C TYR D 199 28.49 -22.87 -47.46
N HIS D 200 28.95 -23.70 -46.52
CA HIS D 200 28.63 -25.12 -46.53
C HIS D 200 27.36 -25.28 -45.69
N LEU D 201 26.24 -25.46 -46.38
CA LEU D 201 24.95 -25.52 -45.68
C LEU D 201 24.75 -26.78 -44.83
N PRO D 202 25.14 -28.01 -45.25
CA PRO D 202 25.08 -29.12 -44.29
C PRO D 202 26.01 -28.95 -43.10
N TYR D 203 27.17 -28.35 -43.32
CA TYR D 203 28.09 -28.09 -42.21
C TYR D 203 27.50 -27.07 -41.25
N GLU D 204 26.82 -26.05 -41.77
CA GLU D 204 26.20 -25.05 -40.91
C GLU D 204 25.04 -25.64 -40.13
N SER D 205 24.25 -26.50 -40.78
CA SER D 205 23.17 -27.20 -40.09
C SER D 205 23.71 -28.11 -38.99
N ALA D 206 24.82 -28.79 -39.27
CA ALA D 206 25.40 -29.69 -38.29
C ALA D 206 25.98 -28.92 -37.09
N ARG D 207 26.71 -27.83 -37.37
CA ARG D 207 27.33 -27.11 -36.27
C ARG D 207 26.29 -26.34 -35.46
N GLN D 208 25.19 -25.91 -36.07
CA GLN D 208 24.15 -25.29 -35.27
C GLN D 208 23.36 -26.32 -34.48
N ALA D 209 23.21 -27.55 -35.01
CA ALA D 209 22.58 -28.60 -34.23
C ALA D 209 23.42 -28.98 -33.02
N ILE D 210 24.74 -29.05 -33.20
CA ILE D 210 25.63 -29.38 -32.09
C ILE D 210 25.66 -28.24 -31.08
N LEU D 211 25.67 -26.99 -31.55
CA LEU D 211 25.62 -25.87 -30.63
C LEU D 211 24.29 -25.75 -29.91
N LEU D 212 23.21 -26.22 -30.50
CA LEU D 212 21.94 -26.22 -29.79
C LEU D 212 21.88 -27.33 -28.76
N GLN D 213 22.39 -28.52 -29.09
CA GLN D 213 22.32 -29.63 -28.16
C GLN D 213 23.32 -29.47 -27.03
N ASP D 214 24.60 -29.44 -27.36
CA ASP D 214 25.68 -29.33 -26.38
C ASP D 214 26.31 -27.95 -26.53
N LYS D 215 25.75 -26.98 -25.83
CA LYS D 215 26.38 -25.68 -25.73
C LYS D 215 27.60 -25.79 -24.83
N ASN D 216 28.65 -25.03 -25.19
CA ASN D 216 29.94 -24.89 -24.51
C ASN D 216 30.79 -26.17 -24.52
N LEU D 217 30.32 -27.25 -25.18
CA LEU D 217 31.06 -28.51 -25.34
C LEU D 217 31.43 -29.15 -24.01
N THR D 218 30.44 -29.34 -23.14
CA THR D 218 30.73 -29.96 -21.86
C THR D 218 30.89 -31.47 -21.99
N ALA D 219 30.36 -32.08 -23.04
CA ALA D 219 30.59 -33.51 -23.27
C ALA D 219 32.05 -33.77 -23.62
N PHE D 220 32.67 -32.83 -24.35
CA PHE D 220 34.10 -32.91 -24.62
C PHE D 220 34.91 -32.84 -23.33
N SER D 221 34.44 -32.05 -22.36
CA SER D 221 35.18 -31.92 -21.12
C SER D 221 34.96 -33.13 -20.22
N ARG D 222 33.77 -33.72 -20.27
CA ARG D 222 33.50 -34.89 -19.44
C ARG D 222 34.16 -36.14 -20.01
N ASN D 223 33.76 -36.54 -21.21
CA ASN D 223 34.17 -37.83 -21.76
C ASN D 223 35.51 -37.66 -22.46
N THR D 224 36.57 -37.71 -21.66
CA THR D 224 37.91 -37.45 -22.18
C THR D 224 38.42 -38.58 -23.07
N ASP D 225 37.98 -39.81 -22.84
CA ASP D 225 38.49 -40.93 -23.64
C ASP D 225 37.89 -40.94 -25.03
N VAL D 226 36.74 -40.31 -25.23
CA VAL D 226 36.25 -40.07 -26.58
C VAL D 226 36.64 -38.68 -27.07
N ALA D 227 37.07 -37.80 -26.16
CA ALA D 227 37.66 -36.53 -26.58
C ALA D 227 39.04 -36.72 -27.16
N GLU D 228 39.68 -37.85 -26.86
CA GLU D 228 40.94 -38.21 -27.49
C GLU D 228 40.78 -38.40 -28.99
N LEU D 229 39.67 -38.96 -29.43
CA LEU D 229 39.43 -39.21 -30.84
C LEU D 229 39.11 -37.95 -31.63
N MET D 230 38.66 -36.89 -30.98
CA MET D 230 38.25 -35.68 -31.67
C MET D 230 39.44 -34.76 -31.88
N ASP D 231 39.49 -34.12 -33.04
CA ASP D 231 40.59 -33.23 -33.34
C ASP D 231 40.32 -31.83 -32.79
N PRO D 232 41.34 -31.13 -32.27
CA PRO D 232 41.11 -29.77 -31.78
C PRO D 232 40.70 -28.79 -32.86
N THR D 233 41.21 -28.94 -34.09
CA THR D 233 40.74 -28.08 -35.17
C THR D 233 39.32 -28.43 -35.57
N SER D 234 38.95 -29.70 -35.48
CA SER D 234 37.56 -30.07 -35.77
C SER D 234 36.62 -29.51 -34.72
N LEU D 235 37.04 -29.48 -33.45
CA LEU D 235 36.22 -28.85 -32.43
C LEU D 235 36.20 -27.33 -32.56
N LEU D 236 37.28 -26.76 -33.09
CA LEU D 236 37.26 -25.34 -33.46
C LEU D 236 36.24 -25.09 -34.56
N ALA D 237 36.19 -25.96 -35.55
CA ALA D 237 35.22 -25.83 -36.63
C ALA D 237 33.80 -26.06 -36.12
N ILE D 238 33.65 -26.81 -35.04
CA ILE D 238 32.33 -26.96 -34.43
C ILE D 238 31.94 -25.67 -33.73
N LYS D 239 32.83 -25.14 -32.88
CA LYS D 239 32.44 -24.02 -32.03
C LYS D 239 32.34 -22.72 -32.80
N THR D 240 33.16 -22.51 -33.81
CA THR D 240 33.01 -21.37 -34.70
C THR D 240 33.13 -21.84 -36.14
N ASP D 241 32.55 -21.07 -37.05
CA ASP D 241 32.31 -21.49 -38.42
C ASP D 241 33.63 -21.56 -39.19
N ILE D 242 34.08 -22.77 -39.48
CA ILE D 242 35.10 -23.03 -40.47
C ILE D 242 34.56 -24.13 -41.38
N SER D 243 34.15 -23.76 -42.58
CA SER D 243 33.70 -24.72 -43.57
C SER D 243 34.86 -25.59 -44.02
N PRO D 244 34.60 -26.76 -44.63
CA PRO D 244 35.70 -27.55 -45.19
C PRO D 244 36.48 -26.82 -46.26
N GLU D 245 35.79 -26.06 -47.11
CA GLU D 245 36.49 -25.25 -48.10
C GLU D 245 37.26 -24.12 -47.44
N LEU D 246 36.74 -23.55 -46.36
CA LEU D 246 37.47 -22.52 -45.62
C LEU D 246 38.70 -23.09 -44.96
N TYR D 247 38.61 -24.33 -44.48
CA TYR D 247 39.76 -24.99 -43.89
C TYR D 247 40.81 -25.28 -44.95
N GLN D 248 40.37 -25.65 -46.17
CA GLN D 248 41.30 -25.82 -47.27
C GLN D 248 41.96 -24.50 -47.66
N ILE D 249 41.22 -23.40 -47.54
CA ILE D 249 41.78 -22.09 -47.81
C ILE D 249 42.82 -21.72 -46.76
N LEU D 250 42.52 -22.02 -45.50
CA LEU D 250 43.41 -21.61 -44.42
C LEU D 250 44.66 -22.49 -44.35
N VAL D 251 44.53 -23.77 -44.70
CA VAL D 251 45.61 -24.71 -44.44
C VAL D 251 46.64 -24.78 -45.56
N GLU D 252 46.32 -24.25 -46.74
CA GLU D 252 47.25 -24.33 -47.86
C GLU D 252 48.39 -23.36 -47.68
N GLU D 253 49.57 -23.75 -48.13
CA GLU D 253 50.74 -22.90 -48.01
C GLU D 253 50.95 -22.12 -49.31
N ILE D 254 51.58 -20.96 -49.18
CA ILE D 254 51.72 -20.02 -50.28
C ILE D 254 53.20 -19.88 -50.58
N THR D 255 53.64 -20.50 -51.65
CA THR D 255 55.01 -20.38 -52.13
C THR D 255 55.10 -19.23 -53.12
N PRO D 256 56.31 -18.74 -53.42
CA PRO D 256 56.45 -17.85 -54.57
C PRO D 256 56.13 -18.50 -55.90
N GLU D 257 56.22 -19.83 -55.98
CA GLU D 257 55.82 -20.52 -57.20
C GLU D 257 54.30 -20.60 -57.32
N ASN D 258 53.62 -20.96 -56.23
CA ASN D 258 52.17 -21.15 -56.23
C ASN D 258 51.40 -19.85 -56.14
N SER D 259 52.08 -18.71 -56.21
CA SER D 259 51.48 -17.42 -55.88
C SER D 259 50.41 -16.99 -56.88
N THR D 260 50.76 -16.94 -58.17
CA THR D 260 49.83 -16.48 -59.17
C THR D 260 48.69 -17.45 -59.41
N GLU D 261 48.91 -18.74 -59.21
CA GLU D 261 47.84 -19.71 -59.33
C GLU D 261 46.87 -19.63 -58.16
N LEU D 262 47.39 -19.54 -56.93
CA LEU D 262 46.52 -19.43 -55.77
C LEU D 262 45.81 -18.09 -55.72
N MET D 263 46.40 -17.06 -56.33
CA MET D 263 45.68 -15.79 -56.44
C MET D 263 44.50 -15.91 -57.39
N LYS D 264 44.64 -16.72 -58.44
CA LYS D 264 43.49 -17.03 -59.28
C LYS D 264 42.47 -17.86 -58.53
N LYS D 265 42.93 -18.80 -57.72
CA LYS D 265 42.02 -19.70 -57.03
C LYS D 265 41.25 -18.99 -55.92
N ASN D 266 41.84 -17.97 -55.31
CA ASN D 266 41.18 -17.29 -54.20
C ASN D 266 40.62 -15.93 -54.56
N PHE D 267 40.98 -15.36 -55.70
CA PHE D 267 40.43 -14.07 -56.08
C PHE D 267 39.83 -14.10 -57.47
N GLY D 268 40.43 -14.87 -58.38
CA GLY D 268 40.05 -14.73 -59.76
C GLY D 268 41.12 -13.98 -60.52
N THR D 269 40.91 -12.68 -60.70
CA THR D 269 41.85 -11.82 -61.39
C THR D 269 43.19 -11.78 -60.66
N ASP D 270 44.26 -11.67 -61.46
CA ASP D 270 45.62 -11.38 -61.01
C ASP D 270 45.79 -9.87 -60.91
N ASP D 271 47.04 -9.40 -61.01
CA ASP D 271 47.37 -7.98 -61.09
C ASP D 271 46.97 -7.23 -59.83
N VAL D 272 47.77 -7.40 -58.78
CA VAL D 272 47.51 -7.21 -57.35
C VAL D 272 46.63 -6.03 -56.98
N LEU D 273 46.69 -4.95 -57.75
CA LEU D 273 45.84 -3.81 -57.50
C LEU D 273 44.40 -4.12 -57.90
N ILE D 274 43.72 -4.92 -57.08
CA ILE D 274 42.33 -5.31 -57.33
C ILE D 274 41.36 -4.66 -56.35
N PHE D 275 41.86 -4.01 -55.31
CA PHE D 275 41.00 -3.30 -54.35
C PHE D 275 41.11 -1.80 -54.49
N LYS D 276 42.33 -1.27 -54.58
CA LYS D 276 42.70 0.12 -54.88
C LYS D 276 42.28 1.12 -53.81
N SER D 277 41.60 0.69 -52.74
CA SER D 277 41.02 1.60 -51.77
C SER D 277 40.64 0.81 -50.54
N TYR D 278 40.61 1.50 -49.41
CA TYR D 278 40.14 0.90 -48.17
C TYR D 278 38.64 0.60 -48.23
N ALA D 279 37.87 1.43 -48.92
CA ALA D 279 36.44 1.25 -48.98
C ALA D 279 36.06 -0.03 -49.74
N SER D 280 36.78 -0.32 -50.82
CA SER D 280 36.49 -1.53 -51.58
C SER D 280 36.89 -2.77 -50.80
N LEU D 281 37.97 -2.68 -50.03
CA LEU D 281 38.39 -3.81 -49.20
C LEU D 281 37.39 -4.10 -48.09
N ALA D 282 36.96 -3.04 -47.40
CA ALA D 282 36.00 -3.20 -46.32
C ALA D 282 34.63 -3.63 -46.85
N ARG D 283 34.27 -3.21 -48.05
CA ARG D 283 33.05 -3.67 -48.66
C ARG D 283 33.14 -5.11 -49.13
N TYR D 284 34.31 -5.53 -49.60
CA TYR D 284 34.48 -6.91 -50.06
C TYR D 284 34.49 -7.88 -48.89
N TYR D 285 35.03 -7.47 -47.75
CA TYR D 285 35.11 -8.38 -46.62
C TYR D 285 34.10 -8.10 -45.52
N ASP D 286 33.21 -7.12 -45.72
CA ASP D 286 32.22 -6.65 -44.74
C ASP D 286 32.90 -6.28 -43.42
N LEU D 287 33.83 -5.34 -43.50
CA LEU D 287 34.56 -4.89 -42.33
C LEU D 287 34.25 -3.43 -42.04
N SER D 288 34.43 -3.05 -40.78
CA SER D 288 34.39 -1.65 -40.41
C SER D 288 35.75 -1.04 -40.71
N TYR D 289 35.85 0.29 -40.60
CA TYR D 289 37.14 0.93 -40.71
C TYR D 289 38.04 0.59 -39.55
N ASP D 290 37.47 0.39 -38.37
CA ASP D 290 38.27 -0.02 -37.22
C ASP D 290 38.79 -1.43 -37.38
N GLU D 291 37.95 -2.34 -37.88
CA GLU D 291 38.40 -3.72 -38.07
C GLU D 291 39.38 -3.83 -39.23
N LEU D 292 39.22 -2.97 -40.23
CA LEU D 292 40.20 -2.92 -41.31
C LEU D 292 41.50 -2.32 -40.83
N SER D 293 41.44 -1.40 -39.87
CA SER D 293 42.65 -0.77 -39.35
C SER D 293 43.50 -1.72 -38.52
N LEU D 294 42.95 -2.85 -38.08
CA LEU D 294 43.75 -3.84 -37.36
C LEU D 294 44.78 -4.51 -38.26
N PHE D 295 44.54 -4.55 -39.56
CA PHE D 295 45.41 -5.22 -40.51
C PHE D 295 46.22 -4.27 -41.36
N VAL D 296 45.55 -3.32 -42.01
CA VAL D 296 46.13 -2.52 -43.07
C VAL D 296 46.40 -1.11 -42.55
N ASN D 297 47.64 -0.68 -42.63
CA ASN D 297 48.05 0.68 -42.28
C ASN D 297 49.07 1.12 -43.32
N LEU D 298 48.60 1.68 -44.42
CA LEU D 298 49.47 1.96 -45.54
C LEU D 298 50.20 3.29 -45.35
N SER D 299 50.96 3.67 -46.37
CA SER D 299 51.66 4.94 -46.40
C SER D 299 50.81 6.08 -46.95
N PHE D 300 49.51 5.87 -47.10
CA PHE D 300 48.62 6.92 -47.57
C PHE D 300 48.44 7.98 -46.48
N GLY D 301 48.50 9.25 -46.89
CA GLY D 301 48.36 10.34 -45.95
C GLY D 301 49.55 10.50 -45.01
N LYS D 302 50.76 10.48 -45.56
CA LYS D 302 51.95 10.49 -44.71
C LYS D 302 52.26 11.87 -44.15
N LYS D 303 52.08 12.91 -44.96
CA LYS D 303 52.62 14.24 -44.63
C LYS D 303 51.88 14.92 -43.49
N ASN D 304 50.62 14.55 -43.25
CA ASN D 304 49.79 15.23 -42.26
C ASN D 304 49.92 14.62 -40.86
N THR D 305 50.89 13.75 -40.65
CA THR D 305 51.10 13.16 -39.34
C THR D 305 52.59 12.98 -39.09
N ASN D 306 52.92 12.78 -37.82
CA ASN D 306 54.25 12.35 -37.44
C ASN D 306 54.26 10.94 -36.90
N GLN D 307 53.10 10.33 -36.71
CA GLN D 307 52.98 8.93 -36.32
C GLN D 307 52.17 8.21 -37.40
N GLN D 308 52.82 7.29 -38.10
CA GLN D 308 52.14 6.52 -39.13
C GLN D 308 51.71 5.14 -38.66
N TYR D 309 52.24 4.68 -37.52
CA TYR D 309 51.93 3.35 -37.04
C TYR D 309 50.53 3.33 -36.45
N LYS D 310 49.68 2.46 -36.97
CA LYS D 310 48.39 2.18 -36.36
C LYS D 310 48.45 0.78 -35.79
N ASN D 311 48.04 0.64 -34.52
CA ASN D 311 48.13 -0.60 -33.74
C ASN D 311 49.55 -1.14 -33.71
N GLU D 312 50.51 -0.21 -33.63
CA GLU D 312 51.95 -0.50 -33.54
C GLU D 312 52.45 -1.32 -34.72
N GLN D 313 51.89 -1.07 -35.91
CA GLN D 313 52.35 -1.75 -37.11
C GLN D 313 52.17 -0.85 -38.30
N LEU D 314 52.87 -1.18 -39.38
CA LEU D 314 52.91 -0.34 -40.58
C LEU D 314 53.36 -1.19 -41.76
N ILE D 315 52.58 -1.19 -42.84
CA ILE D 315 53.01 -1.78 -44.10
C ILE D 315 53.47 -0.67 -45.02
N THR D 316 54.56 -0.92 -45.75
CA THR D 316 55.16 0.05 -46.64
C THR D 316 55.50 -0.66 -47.93
N LEU D 317 54.57 -0.65 -48.88
CA LEU D 317 54.83 -1.31 -50.16
C LEU D 317 55.65 -0.39 -51.05
N VAL D 318 56.66 -0.94 -51.69
CA VAL D 318 57.55 -0.19 -52.55
C VAL D 318 57.27 -0.60 -53.99
N ASN D 319 57.26 0.38 -54.89
CA ASN D 319 57.14 0.11 -56.32
C ASN D 319 58.50 -0.31 -56.85
N ASP D 320 58.54 -0.59 -58.16
CA ASP D 320 59.75 -0.85 -58.94
C ASP D 320 60.55 -2.05 -58.44
N GLY D 321 59.90 -3.00 -57.78
CA GLY D 321 60.55 -4.24 -57.43
C GLY D 321 60.31 -5.27 -58.52
N ASN D 322 60.76 -4.94 -59.74
CA ASN D 322 60.45 -5.67 -60.98
C ASN D 322 58.94 -5.84 -61.16
N ASP D 323 58.20 -4.77 -60.88
CA ASP D 323 56.74 -4.70 -60.96
C ASP D 323 56.04 -5.78 -60.15
N THR D 324 56.59 -6.11 -58.98
CA THR D 324 55.97 -7.04 -58.07
C THR D 324 55.27 -6.36 -56.90
N ALA D 325 55.67 -5.12 -56.59
CA ALA D 325 55.13 -4.30 -55.50
C ALA D 325 55.23 -5.01 -54.15
N THR D 326 56.48 -5.25 -53.74
CA THR D 326 56.71 -5.93 -52.48
C THR D 326 56.37 -5.04 -51.30
N ALA D 327 55.72 -5.63 -50.31
CA ALA D 327 55.26 -4.90 -49.13
C ALA D 327 56.18 -5.18 -47.96
N ARG D 328 56.28 -4.21 -47.05
CA ARG D 328 57.18 -4.28 -45.90
C ARG D 328 56.39 -4.01 -44.63
N LEU D 329 55.95 -5.08 -43.97
CA LEU D 329 55.22 -4.95 -42.72
C LEU D 329 56.21 -4.83 -41.56
N ILE D 330 56.12 -3.73 -40.83
CA ILE D 330 56.99 -3.48 -39.68
C ILE D 330 56.12 -3.30 -38.46
N LYS D 331 56.37 -4.09 -37.41
CA LYS D 331 55.59 -4.06 -36.20
C LYS D 331 56.44 -3.59 -35.03
N ARG D 332 56.03 -2.49 -34.41
CA ARG D 332 56.64 -2.01 -33.17
C ARG D 332 56.15 -2.88 -32.02
N THR D 333 56.99 -3.07 -31.01
CA THR D 333 56.68 -3.98 -29.94
C THR D 333 56.66 -3.36 -28.55
N ARG D 334 57.13 -2.12 -28.38
CA ARG D 334 57.01 -1.33 -27.15
C ARG D 334 57.71 -2.02 -25.96
N LYS D 335 59.04 -2.03 -26.05
CA LYS D 335 59.86 -2.56 -24.96
C LYS D 335 60.04 -1.56 -23.82
N ASP D 336 61.05 -1.81 -22.99
CA ASP D 336 61.20 -1.15 -21.69
C ASP D 336 61.35 0.36 -21.79
N PHE D 337 60.78 1.06 -20.81
CA PHE D 337 60.85 2.52 -20.64
C PHE D 337 60.29 3.27 -21.83
N TYR D 338 59.35 2.67 -22.55
CA TYR D 338 58.73 3.36 -23.68
C TYR D 338 57.79 4.44 -23.17
N ASP D 339 56.91 4.09 -22.23
CA ASP D 339 55.93 5.03 -21.74
C ASP D 339 56.50 5.98 -20.70
N SER D 340 57.71 5.73 -20.21
CA SER D 340 58.24 6.56 -19.13
C SER D 340 59.07 7.72 -19.67
N HIS D 341 59.59 7.59 -20.89
CA HIS D 341 60.55 8.58 -21.37
C HIS D 341 60.26 9.14 -22.75
N LEU D 342 59.27 8.62 -23.47
CA LEU D 342 59.00 9.16 -24.80
C LEU D 342 57.53 8.98 -25.15
N ASN D 343 57.06 9.79 -26.10
CA ASN D 343 55.69 9.67 -26.57
C ASN D 343 55.56 8.51 -27.54
N TYR D 344 56.27 8.59 -28.65
CA TYR D 344 56.27 7.52 -29.64
C TYR D 344 57.71 7.34 -30.12
N ALA D 345 57.94 6.24 -30.83
CA ALA D 345 59.26 5.97 -31.40
C ALA D 345 59.07 5.05 -32.60
N GLU D 346 59.08 5.61 -33.80
CA GLU D 346 58.78 4.84 -34.99
C GLU D 346 59.99 4.73 -35.89
N LEU D 347 60.17 3.56 -36.49
CA LEU D 347 61.24 3.29 -37.44
C LEU D 347 60.64 3.11 -38.81
N ILE D 348 60.83 4.09 -39.68
CA ILE D 348 60.19 4.15 -40.98
C ILE D 348 61.23 3.88 -42.06
N PRO D 349 61.01 2.92 -42.95
CA PRO D 349 61.95 2.68 -44.06
C PRO D 349 61.80 3.76 -45.12
N ILE D 350 62.93 4.29 -45.58
CA ILE D 350 62.91 5.21 -46.69
C ILE D 350 63.12 4.40 -47.96
N LYS D 351 64.29 3.77 -48.06
CA LYS D 351 64.62 2.90 -49.17
C LYS D 351 65.27 1.65 -48.58
N GLU D 352 65.83 0.82 -49.45
CA GLU D 352 66.54 -0.36 -49.00
C GLU D 352 67.83 0.05 -48.30
N ASN D 353 68.05 -0.51 -47.10
CA ASN D 353 69.15 -0.17 -46.20
C ASN D 353 69.17 1.32 -45.89
N GLU D 354 67.98 1.89 -45.71
CA GLU D 354 67.83 3.32 -45.55
C GLU D 354 66.56 3.55 -44.74
N TYR D 355 66.72 3.78 -43.44
CA TYR D 355 65.62 3.81 -42.50
C TYR D 355 65.64 5.13 -41.76
N LYS D 356 64.47 5.55 -41.29
CA LYS D 356 64.33 6.86 -40.67
C LYS D 356 63.72 6.68 -39.30
N TYR D 357 64.39 7.22 -38.29
CA TYR D 357 63.96 7.07 -36.91
C TYR D 357 63.15 8.29 -36.50
N ASN D 358 61.85 8.09 -36.27
CA ASN D 358 60.97 9.14 -35.80
C ASN D 358 60.62 8.87 -34.35
N PHE D 359 60.70 9.89 -33.51
CA PHE D 359 60.40 9.75 -32.10
C PHE D 359 60.03 11.10 -31.53
N SER D 360 59.71 11.11 -30.25
CA SER D 360 59.43 12.35 -29.53
C SER D 360 59.67 12.11 -28.04
N VAL D 361 60.67 12.78 -27.50
CA VAL D 361 61.03 12.60 -26.10
C VAL D 361 60.03 13.34 -25.23
N LYS D 362 59.41 12.61 -24.30
CA LYS D 362 58.59 13.19 -23.26
C LYS D 362 59.48 13.55 -22.09
N LYS D 363 59.22 14.70 -21.47
CA LYS D 363 59.92 15.19 -20.27
C LYS D 363 61.42 15.30 -20.49
N THR D 364 61.83 16.29 -21.29
CA THR D 364 63.22 16.43 -21.74
C THR D 364 64.16 16.63 -20.55
N GLU D 365 65.41 16.18 -20.75
CA GLU D 365 66.43 16.20 -19.72
C GLU D 365 67.57 17.08 -20.19
N PRO D 366 67.76 18.26 -19.60
CA PRO D 366 68.76 19.18 -20.13
C PRO D 366 70.19 18.80 -19.81
N ASP D 367 70.39 17.99 -18.78
CA ASP D 367 71.73 17.73 -18.28
C ASP D 367 72.35 16.45 -18.81
N HIS D 368 71.97 15.98 -19.99
CA HIS D 368 72.59 14.77 -20.52
C HIS D 368 73.31 15.01 -21.85
N LEU D 369 72.59 15.48 -22.87
CA LEU D 369 73.08 15.96 -24.16
C LEU D 369 73.75 14.90 -25.06
N ASP D 370 73.96 13.68 -24.57
CA ASP D 370 74.71 12.69 -25.34
C ASP D 370 73.70 11.70 -25.91
N PHE D 371 73.23 12.00 -27.11
CA PHE D 371 72.30 11.12 -27.80
C PHE D 371 73.07 9.92 -28.35
N ARG D 372 72.61 8.73 -28.00
CA ARG D 372 73.13 7.50 -28.58
C ARG D 372 71.96 6.64 -29.04
N LEU D 373 72.27 5.62 -29.83
CA LEU D 373 71.24 4.73 -30.35
C LEU D 373 71.90 3.40 -30.68
N GLN D 374 71.75 2.42 -29.81
CA GLN D 374 72.32 1.09 -30.03
C GLN D 374 71.20 0.09 -30.24
N ASN D 375 71.58 -1.14 -30.59
CA ASN D 375 70.64 -2.20 -30.90
C ASN D 375 70.98 -3.43 -30.07
N GLY D 376 70.26 -3.58 -28.95
CA GLY D 376 70.45 -4.73 -28.07
C GLY D 376 71.79 -4.71 -27.37
N ASP D 377 72.30 -3.49 -27.14
CA ASP D 377 73.63 -3.24 -26.57
C ASP D 377 74.74 -3.91 -27.36
N LYS D 378 74.74 -3.70 -28.68
CA LYS D 378 75.82 -4.20 -29.52
C LYS D 378 76.70 -3.07 -30.03
N GLU D 379 76.10 -2.10 -30.73
CA GLU D 379 76.88 -1.05 -31.36
C GLU D 379 75.99 0.17 -31.55
N TYR D 380 76.55 1.34 -31.28
CA TYR D 380 75.81 2.59 -31.42
C TYR D 380 75.60 2.88 -32.90
N ILE D 381 74.35 2.78 -33.34
CA ILE D 381 74.02 3.09 -34.73
C ILE D 381 74.14 4.59 -34.97
N TYR D 382 73.38 5.37 -34.21
CA TYR D 382 73.48 6.83 -34.25
C TYR D 382 74.01 7.32 -32.92
N GLN D 383 74.98 8.23 -32.98
CA GLN D 383 75.54 8.80 -31.77
C GLN D 383 75.91 10.24 -32.04
N ASP D 384 75.20 11.16 -31.38
CA ASP D 384 75.45 12.59 -31.52
C ASP D 384 75.61 13.18 -30.13
N LYS D 385 76.85 13.39 -29.72
CA LYS D 385 77.09 14.08 -28.47
C LYS D 385 76.71 15.55 -28.59
N ASN D 386 76.41 16.16 -27.45
CA ASN D 386 75.96 17.55 -27.31
C ASN D 386 74.68 17.80 -28.13
N PHE D 387 73.62 17.11 -27.74
CA PHE D 387 72.32 17.26 -28.38
C PHE D 387 71.24 16.86 -27.39
N VAL D 388 70.36 17.80 -27.05
CA VAL D 388 69.26 17.54 -26.12
C VAL D 388 67.96 17.50 -26.90
N PRO D 389 67.29 16.35 -26.98
CA PRO D 389 65.95 16.31 -27.58
C PRO D 389 64.93 16.97 -26.66
N ILE D 390 64.40 18.10 -27.08
CA ILE D 390 63.49 18.89 -26.25
C ILE D 390 62.12 18.22 -26.23
N ALA D 391 61.31 18.60 -25.25
CA ALA D 391 60.09 17.87 -24.94
C ALA D 391 59.03 18.02 -26.02
N ASN D 392 58.39 16.88 -26.34
CA ASN D 392 57.24 16.79 -27.23
C ASN D 392 57.53 17.32 -28.63
N THR D 393 58.64 16.90 -29.22
CA THR D 393 59.05 17.36 -30.53
C THR D 393 59.41 16.19 -31.40
N HIS D 394 58.84 16.15 -32.60
CA HIS D 394 59.03 15.05 -33.53
C HIS D 394 60.37 15.20 -34.23
N TYR D 395 61.35 14.42 -33.81
CA TYR D 395 62.66 14.43 -34.44
C TYR D 395 62.75 13.31 -35.45
N SER D 396 63.56 13.54 -36.48
CA SER D 396 63.79 12.55 -37.51
C SER D 396 65.29 12.32 -37.59
N ILE D 397 65.71 11.05 -37.45
CA ILE D 397 67.11 10.67 -37.47
C ILE D 397 67.29 9.60 -38.53
N PRO D 398 68.19 9.78 -39.50
CA PRO D 398 68.44 8.72 -40.48
C PRO D 398 69.23 7.59 -39.85
N ILE D 399 68.86 6.36 -40.19
CA ILE D 399 69.48 5.17 -39.62
C ILE D 399 69.75 4.19 -40.76
N LYS D 400 71.00 3.74 -40.86
CA LYS D 400 71.40 2.74 -41.85
C LYS D 400 71.32 1.36 -41.20
N LEU D 401 70.43 0.52 -41.71
CA LEU D 401 70.16 -0.78 -41.11
C LEU D 401 70.14 -1.88 -42.16
N THR D 402 70.82 -2.98 -41.85
CA THR D 402 70.90 -4.09 -42.78
C THR D 402 69.61 -4.89 -42.79
N THR D 403 69.41 -5.59 -43.91
CA THR D 403 68.19 -6.38 -44.11
C THR D 403 68.12 -7.54 -43.13
N GLU D 404 69.26 -8.15 -42.81
CA GLU D 404 69.28 -9.20 -41.81
C GLU D 404 68.89 -8.69 -40.43
N GLN D 405 69.46 -7.54 -40.03
CA GLN D 405 69.17 -6.98 -38.72
C GLN D 405 67.74 -6.50 -38.61
N ILE D 406 67.11 -6.13 -39.72
CA ILE D 406 65.74 -5.62 -39.61
C ILE D 406 64.74 -6.77 -39.78
N THR D 407 65.13 -7.83 -40.51
CA THR D 407 64.22 -8.96 -40.64
C THR D 407 64.22 -9.82 -39.40
N ASN D 408 65.37 -9.97 -38.75
CA ASN D 408 65.33 -10.42 -37.38
C ASN D 408 64.81 -9.29 -36.49
N GLY D 409 64.28 -9.66 -35.34
CA GLY D 409 63.76 -8.66 -34.43
C GLY D 409 64.85 -7.83 -33.80
N ILE D 410 64.91 -6.54 -34.15
CA ILE D 410 65.90 -5.64 -33.59
C ILE D 410 65.26 -4.90 -32.42
N THR D 411 66.09 -4.39 -31.52
CA THR D 411 65.63 -3.62 -30.38
C THR D 411 66.50 -2.37 -30.28
N LEU D 412 66.06 -1.31 -30.95
CA LEU D 412 66.76 -0.03 -30.89
C LEU D 412 66.65 0.55 -29.49
N ARG D 413 67.72 1.16 -29.02
CA ARG D 413 67.81 1.63 -27.65
C ARG D 413 68.21 3.10 -27.65
N LEU D 414 67.24 3.98 -27.42
CA LEU D 414 67.51 5.41 -27.35
C LEU D 414 68.15 5.73 -26.01
N TRP D 415 69.29 6.40 -26.04
CA TRP D 415 70.02 6.76 -24.83
C TRP D 415 70.04 8.26 -24.67
N ARG D 416 70.12 8.71 -23.43
CA ARG D 416 70.53 10.06 -23.09
C ARG D 416 71.51 9.94 -21.95
N VAL D 417 72.77 9.78 -22.28
CA VAL D 417 73.85 9.66 -21.32
C VAL D 417 74.30 11.06 -20.95
N LYS D 418 74.80 11.21 -19.75
CA LYS D 418 75.38 12.50 -19.43
C LYS D 418 76.90 12.40 -19.36
N PRO D 419 77.64 13.48 -19.65
CA PRO D 419 79.11 13.41 -19.53
C PRO D 419 79.57 13.38 -18.09
N ASN D 420 78.80 13.94 -17.17
CA ASN D 420 78.96 13.60 -15.77
C ASN D 420 78.68 12.10 -15.60
N PRO D 421 79.41 11.41 -14.70
CA PRO D 421 79.25 9.94 -14.62
C PRO D 421 77.96 9.44 -14.00
N SER D 422 76.97 10.31 -13.84
CA SER D 422 75.67 9.93 -13.28
C SER D 422 74.83 9.22 -14.33
N ASP D 423 73.52 9.15 -14.05
CA ASP D 423 72.62 8.20 -14.71
C ASP D 423 72.43 8.51 -16.19
N ALA D 424 72.50 7.45 -17.00
CA ALA D 424 72.16 7.48 -18.41
C ALA D 424 70.75 6.91 -18.58
N ILE D 425 69.83 7.75 -19.02
CA ILE D 425 68.43 7.36 -19.14
C ILE D 425 68.26 6.46 -20.35
N ASN D 426 67.84 5.23 -20.11
CA ASN D 426 67.64 4.22 -21.14
C ASN D 426 66.17 4.19 -21.53
N ALA D 427 65.92 4.05 -22.83
CA ALA D 427 64.56 3.88 -23.33
C ALA D 427 64.66 3.13 -24.65
N ASN D 428 64.05 1.95 -24.73
CA ASN D 428 64.22 1.10 -25.89
C ASN D 428 62.89 0.52 -26.35
N ALA D 429 62.78 0.35 -27.66
CA ALA D 429 61.64 -0.30 -28.28
C ALA D 429 62.14 -1.37 -29.23
N HIS D 430 61.26 -2.30 -29.58
CA HIS D 430 61.62 -3.44 -30.40
C HIS D 430 60.88 -3.39 -31.73
N PHE D 431 61.60 -3.66 -32.80
CA PHE D 431 61.03 -3.68 -34.13
C PHE D 431 61.33 -5.01 -34.79
N LYS D 432 60.48 -5.38 -35.75
CA LYS D 432 60.69 -6.60 -36.51
C LYS D 432 59.94 -6.46 -37.82
N MET D 433 60.67 -6.45 -38.92
CA MET D 433 60.05 -6.28 -40.22
C MET D 433 59.78 -7.62 -40.87
N MET D 434 58.82 -7.62 -41.79
CA MET D 434 58.48 -8.79 -42.58
C MET D 434 58.19 -8.32 -43.99
N GLU D 435 58.76 -9.01 -44.97
CA GLU D 435 58.67 -8.58 -46.36
C GLU D 435 58.13 -9.71 -47.21
N PHE D 436 57.18 -9.39 -48.07
CA PHE D 436 56.57 -10.34 -48.98
C PHE D 436 56.37 -9.70 -50.34
N PRO D 437 56.36 -10.49 -51.41
CA PRO D 437 55.80 -9.99 -52.68
C PRO D 437 54.30 -9.80 -52.54
N GLY D 438 53.75 -9.04 -53.50
CA GLY D 438 52.40 -8.53 -53.34
C GLY D 438 51.32 -9.58 -53.40
N ASP D 439 51.48 -10.58 -54.27
CA ASP D 439 50.45 -11.61 -54.42
C ASP D 439 50.39 -12.51 -53.19
N ILE D 440 51.56 -12.96 -52.71
CA ILE D 440 51.62 -13.79 -51.51
C ILE D 440 51.16 -12.99 -50.30
N PHE D 441 51.46 -11.69 -50.27
CA PHE D 441 50.97 -10.82 -49.20
C PHE D 441 49.46 -10.71 -49.23
N LEU D 442 48.88 -10.59 -50.42
CA LEU D 442 47.43 -10.49 -50.54
C LEU D 442 46.76 -11.78 -50.13
N LEU D 443 47.36 -12.92 -50.47
CA LEU D 443 46.75 -14.19 -50.09
C LEU D 443 46.84 -14.43 -48.58
N LYS D 444 47.97 -14.08 -47.98
CA LYS D 444 48.09 -14.19 -46.53
C LYS D 444 47.13 -13.26 -45.80
N LEU D 445 46.98 -12.03 -46.31
CA LEU D 445 46.02 -11.10 -45.72
C LEU D 445 44.60 -11.58 -45.91
N ASN D 446 44.32 -12.23 -47.05
CA ASN D 446 43.00 -12.78 -47.32
C ASN D 446 42.63 -13.85 -46.31
N LYS D 447 43.54 -14.80 -46.08
CA LYS D 447 43.20 -15.86 -45.15
C LYS D 447 43.25 -15.39 -43.70
N ALA D 448 44.06 -14.36 -43.40
CA ALA D 448 44.03 -13.80 -42.05
C ALA D 448 42.72 -13.09 -41.76
N ILE D 449 42.22 -12.31 -42.74
CA ILE D 449 40.95 -11.61 -42.57
C ILE D 449 39.80 -12.62 -42.53
N ARG D 450 39.89 -13.70 -43.30
CA ARG D 450 38.86 -14.73 -43.24
C ARG D 450 38.86 -15.45 -41.90
N LEU D 451 40.04 -15.67 -41.31
CA LEU D 451 40.08 -16.30 -40.00
C LEU D 451 39.56 -15.37 -38.92
N TYR D 452 39.83 -14.06 -39.06
CA TYR D 452 39.28 -13.09 -38.11
C TYR D 452 37.77 -13.03 -38.22
N LYS D 453 37.23 -13.02 -39.43
CA LYS D 453 35.80 -13.07 -39.67
C LYS D 453 35.17 -14.35 -39.16
N ALA D 454 35.89 -15.46 -39.22
CA ALA D 454 35.32 -16.73 -38.80
C ALA D 454 35.28 -16.86 -37.29
N THR D 455 36.37 -16.48 -36.62
CA THR D 455 36.51 -16.76 -35.20
C THR D 455 36.16 -15.59 -34.30
N GLY D 456 36.25 -14.36 -34.77
CA GLY D 456 36.03 -13.23 -33.90
C GLY D 456 37.13 -13.01 -32.89
N ILE D 457 38.34 -13.47 -33.18
CA ILE D 457 39.44 -13.36 -32.25
C ILE D 457 40.33 -12.20 -32.70
N SER D 458 41.21 -11.74 -31.82
CA SER D 458 41.99 -10.55 -32.14
C SER D 458 43.11 -10.86 -33.14
N PRO D 459 43.40 -9.94 -34.04
CA PRO D 459 44.51 -10.16 -34.98
C PRO D 459 45.86 -10.13 -34.31
N GLU D 460 46.05 -9.33 -33.28
CA GLU D 460 47.25 -9.45 -32.48
C GLU D 460 47.31 -10.78 -31.74
N ASP D 461 46.15 -11.33 -31.37
CA ASP D 461 46.13 -12.62 -30.73
C ASP D 461 46.51 -13.74 -31.70
N ILE D 462 46.04 -13.66 -32.95
CA ILE D 462 46.43 -14.71 -33.89
C ILE D 462 47.90 -14.53 -34.30
N TRP D 463 48.39 -13.29 -34.29
CA TRP D 463 49.83 -13.07 -34.44
C TRP D 463 50.61 -13.73 -33.31
N GLN D 464 50.11 -13.60 -32.08
CA GLN D 464 50.80 -14.17 -30.94
C GLN D 464 50.79 -15.68 -30.94
N VAL D 465 49.67 -16.29 -31.33
CA VAL D 465 49.65 -17.76 -31.34
C VAL D 465 50.43 -18.30 -32.52
N ILE D 466 50.55 -17.55 -33.62
CA ILE D 466 51.35 -18.06 -34.72
C ILE D 466 52.83 -17.83 -34.45
N GLU D 467 53.17 -16.81 -33.66
CA GLU D 467 54.53 -16.59 -33.23
C GLU D 467 54.94 -17.60 -32.16
N SER D 468 53.97 -18.07 -31.37
CA SER D 468 54.27 -19.03 -30.31
C SER D 468 54.67 -20.38 -30.88
N ILE D 469 54.15 -20.74 -32.05
CA ILE D 469 54.50 -22.03 -32.63
C ILE D 469 55.54 -21.85 -33.71
N TYR D 470 55.19 -21.17 -34.79
CA TYR D 470 56.03 -21.11 -35.96
C TYR D 470 56.72 -19.77 -36.05
N ASP D 471 57.44 -19.58 -37.14
CA ASP D 471 57.94 -18.29 -37.58
C ASP D 471 57.44 -18.04 -38.99
N ASP D 472 57.60 -16.78 -39.43
CA ASP D 472 57.27 -16.29 -40.77
C ASP D 472 55.79 -16.42 -41.13
N LEU D 473 54.92 -16.55 -40.11
CA LEU D 473 53.47 -16.41 -40.22
C LEU D 473 52.86 -17.41 -41.22
N THR D 474 52.96 -18.69 -40.86
CA THR D 474 52.37 -19.77 -41.64
C THR D 474 51.23 -20.37 -40.83
N ILE D 475 50.00 -20.10 -41.26
CA ILE D 475 48.82 -20.63 -40.58
C ILE D 475 48.74 -22.13 -40.84
N ASP D 476 48.58 -22.91 -39.77
CA ASP D 476 48.69 -24.35 -39.87
C ASP D 476 47.72 -24.99 -38.88
N SER D 477 47.71 -26.33 -38.90
CA SER D 477 46.79 -27.07 -38.06
C SER D 477 47.13 -26.94 -36.58
N ASN D 478 48.41 -26.81 -36.25
CA ASN D 478 48.79 -26.59 -34.86
C ASN D 478 48.35 -25.22 -34.39
N VAL D 479 48.40 -24.23 -35.28
CA VAL D 479 47.91 -22.89 -34.95
C VAL D 479 46.41 -22.91 -34.75
N LEU D 480 45.70 -23.68 -35.58
CA LEU D 480 44.26 -23.80 -35.39
C LEU D 480 43.91 -24.55 -34.11
N GLY D 481 44.73 -25.52 -33.71
CA GLY D 481 44.49 -26.22 -32.46
C GLY D 481 44.71 -25.33 -31.25
N LYS D 482 45.79 -24.55 -31.27
CA LYS D 482 46.03 -23.61 -30.18
C LYS D 482 44.98 -22.50 -30.16
N LEU D 483 44.49 -22.11 -31.33
CA LEU D 483 43.43 -21.12 -31.39
C LEU D 483 42.09 -21.69 -30.93
N PHE D 484 41.90 -23.00 -31.07
CA PHE D 484 40.76 -23.63 -30.42
C PHE D 484 40.92 -23.60 -28.91
N TYR D 485 42.14 -23.87 -28.43
CA TYR D 485 42.31 -24.08 -27.01
C TYR D 485 42.25 -22.78 -26.22
N VAL D 486 42.66 -21.65 -26.82
CA VAL D 486 42.48 -20.38 -26.12
C VAL D 486 41.00 -20.05 -25.96
N GLN D 487 40.21 -20.33 -26.99
CA GLN D 487 38.77 -20.09 -26.91
C GLN D 487 38.10 -21.02 -25.92
N TYR D 488 38.52 -22.29 -25.92
CA TYR D 488 37.93 -23.27 -25.02
C TYR D 488 38.28 -22.97 -23.58
N TYR D 489 39.52 -22.55 -23.31
CA TYR D 489 39.88 -22.18 -21.94
C TYR D 489 39.18 -20.90 -21.51
N MET D 490 39.04 -19.94 -22.42
CA MET D 490 38.38 -18.68 -22.12
C MET D 490 36.90 -18.88 -21.85
N GLN D 491 36.29 -19.90 -22.43
CA GLN D 491 34.91 -20.24 -22.11
C GLN D 491 34.81 -21.15 -20.90
N HIS D 492 35.82 -22.00 -20.71
CA HIS D 492 35.82 -23.00 -19.67
C HIS D 492 35.97 -22.37 -18.31
N TYR D 493 37.09 -21.69 -18.10
CA TYR D 493 37.23 -20.79 -16.98
C TYR D 493 36.71 -19.42 -17.38
N ASN D 494 36.81 -18.46 -16.49
CA ASN D 494 36.43 -17.10 -16.84
C ASN D 494 37.63 -16.21 -17.05
N ILE D 495 38.69 -16.78 -17.62
CA ILE D 495 39.94 -16.07 -17.84
C ILE D 495 39.82 -15.12 -19.02
N SER D 496 40.78 -14.22 -19.15
CA SER D 496 40.80 -13.28 -20.27
C SER D 496 41.50 -13.92 -21.46
N VAL D 497 41.66 -13.15 -22.53
CA VAL D 497 42.31 -13.64 -23.73
C VAL D 497 43.80 -13.89 -23.48
N SER D 498 44.49 -12.89 -22.92
CA SER D 498 45.90 -13.08 -22.59
C SER D 498 46.10 -14.07 -21.45
N ASP D 499 45.12 -14.17 -20.55
CA ASP D 499 45.19 -15.17 -19.50
C ASP D 499 45.08 -16.59 -20.07
N ALA D 500 44.28 -16.76 -21.13
CA ALA D 500 44.27 -18.04 -21.82
C ALA D 500 45.51 -18.23 -22.66
N LEU D 501 46.10 -17.14 -23.15
CA LEU D 501 47.31 -17.19 -23.95
C LEU D 501 48.48 -17.74 -23.14
N VAL D 502 48.62 -17.26 -21.90
CA VAL D 502 49.67 -17.77 -21.02
C VAL D 502 49.47 -19.26 -20.74
N LEU D 503 48.22 -19.69 -20.61
CA LEU D 503 47.93 -21.10 -20.41
C LEU D 503 48.17 -21.94 -21.64
N CYS D 504 48.09 -21.36 -22.84
CA CYS D 504 48.24 -22.11 -24.07
C CYS D 504 49.64 -21.98 -24.65
N HIS D 505 50.64 -21.94 -23.78
CA HIS D 505 52.07 -21.89 -24.10
C HIS D 505 52.45 -20.68 -24.94
N SER D 506 51.82 -19.54 -24.70
CA SER D 506 52.34 -18.28 -25.21
C SER D 506 52.96 -17.48 -24.07
N ASP D 507 53.51 -16.33 -24.42
CA ASP D 507 54.14 -15.48 -23.42
C ASP D 507 53.18 -14.37 -23.01
N ILE D 508 53.60 -13.62 -21.99
CA ILE D 508 52.84 -12.44 -21.57
C ILE D 508 52.98 -11.38 -22.63
N SER D 509 51.86 -10.91 -23.17
CA SER D 509 51.88 -10.00 -24.30
C SER D 509 52.31 -8.61 -23.86
N GLN D 510 53.19 -8.00 -24.64
CA GLN D 510 53.60 -6.63 -24.43
C GLN D 510 52.94 -5.67 -25.42
N TYR D 511 51.99 -6.17 -26.22
CA TYR D 511 51.28 -5.34 -27.18
C TYR D 511 50.36 -4.39 -26.44
N SER D 512 50.58 -3.09 -26.62
CA SER D 512 49.72 -2.07 -26.04
C SER D 512 48.98 -1.32 -27.14
N THR D 513 47.92 -0.64 -26.73
CA THR D 513 47.18 0.25 -27.61
C THR D 513 46.75 1.48 -26.83
N LYS D 514 46.22 2.47 -27.56
CA LYS D 514 45.63 3.62 -26.89
C LYS D 514 44.25 3.28 -26.32
N GLN D 515 43.59 2.26 -26.88
CA GLN D 515 42.35 1.76 -26.29
C GLN D 515 42.60 1.09 -24.95
N GLN D 516 43.44 0.07 -24.96
CA GLN D 516 43.72 -0.75 -23.79
C GLN D 516 45.22 -0.89 -23.63
N PRO D 517 45.72 -0.87 -22.40
CA PRO D 517 47.16 -1.04 -22.19
C PRO D 517 47.58 -2.47 -22.43
N SER D 518 48.90 -2.69 -22.43
CA SER D 518 49.41 -4.02 -22.60
C SER D 518 49.09 -4.89 -21.39
N HIS D 519 49.00 -6.19 -21.62
CA HIS D 519 48.78 -7.11 -20.52
C HIS D 519 49.97 -7.15 -19.58
N PHE D 520 51.17 -6.92 -20.11
CA PHE D 520 52.37 -6.88 -19.28
C PHE D 520 52.34 -5.70 -18.32
N THR D 521 52.07 -4.50 -18.82
CA THR D 521 52.02 -3.35 -17.94
C THR D 521 50.76 -3.31 -17.09
N MET D 522 49.70 -3.99 -17.54
CA MET D 522 48.53 -4.16 -16.68
C MET D 522 48.85 -5.08 -15.51
N LEU D 523 49.57 -6.16 -15.77
CA LEU D 523 49.91 -7.14 -14.75
C LEU D 523 50.95 -6.62 -13.77
N PHE D 524 51.93 -5.84 -14.25
CA PHE D 524 53.04 -5.45 -13.41
C PHE D 524 53.05 -3.98 -13.01
N ASN D 525 52.70 -3.07 -13.92
CA ASN D 525 53.01 -1.66 -13.68
C ASN D 525 51.80 -0.75 -13.73
N THR D 526 50.60 -1.27 -13.58
CA THR D 526 49.48 -0.33 -13.60
C THR D 526 49.36 0.37 -12.25
N PRO D 527 49.37 -0.31 -11.07
CA PRO D 527 49.66 0.44 -9.86
C PRO D 527 51.16 0.52 -9.64
N LEU D 528 51.82 1.53 -10.22
CA LEU D 528 53.27 1.69 -10.16
C LEU D 528 53.79 1.69 -8.72
N LEU D 529 54.71 0.77 -8.45
CA LEU D 529 55.02 0.42 -7.06
C LEU D 529 55.83 1.50 -6.37
N ASN D 530 57.03 1.77 -6.87
CA ASN D 530 57.85 2.85 -6.33
C ASN D 530 58.06 3.94 -7.35
N GLY D 531 57.03 4.26 -8.11
CA GLY D 531 57.13 5.25 -9.16
C GLY D 531 57.76 4.73 -10.44
N GLN D 532 59.00 4.24 -10.34
CA GLN D 532 59.67 3.64 -11.47
C GLN D 532 58.98 2.33 -11.85
N GLU D 533 59.03 2.03 -13.15
CA GLU D 533 58.31 0.90 -13.69
C GLU D 533 59.19 -0.35 -13.66
N PHE D 534 58.55 -1.48 -13.91
CA PHE D 534 59.24 -2.75 -14.02
C PHE D 534 59.62 -2.98 -15.47
N SER D 535 60.87 -3.38 -15.67
CA SER D 535 61.39 -3.60 -17.01
C SER D 535 61.99 -5.00 -17.05
N ALA D 536 61.58 -5.79 -18.04
CA ALA D 536 62.00 -7.19 -18.14
C ALA D 536 63.45 -7.25 -18.60
N ASP D 537 64.35 -6.98 -17.66
CA ASP D 537 65.78 -7.09 -17.93
C ASP D 537 66.26 -8.46 -17.54
N ASN D 538 67.34 -8.89 -18.20
CA ASN D 538 67.96 -10.16 -17.84
C ASN D 538 68.90 -9.94 -16.65
N THR D 539 68.27 -9.73 -15.50
CA THR D 539 68.98 -9.53 -14.24
C THR D 539 68.74 -10.73 -13.35
N LYS D 540 69.83 -11.36 -12.90
CA LYS D 540 69.72 -12.56 -12.10
C LYS D 540 69.20 -12.24 -10.71
N LEU D 541 68.34 -13.11 -10.21
CA LEU D 541 67.79 -12.93 -8.88
C LEU D 541 67.47 -14.30 -8.30
N ASP D 542 68.15 -14.66 -7.22
CA ASP D 542 67.96 -15.96 -6.59
C ASP D 542 66.70 -15.91 -5.75
N LEU D 543 65.74 -16.76 -6.09
CA LEU D 543 64.41 -16.71 -5.50
C LEU D 543 64.31 -17.43 -4.17
N THR D 544 65.42 -17.86 -3.58
CA THR D 544 65.40 -18.31 -2.20
C THR D 544 65.02 -17.14 -1.30
N PRO D 545 64.20 -17.37 -0.27
CA PRO D 545 63.53 -16.25 0.41
C PRO D 545 64.41 -15.37 1.29
N GLY D 546 65.73 -15.55 1.28
CA GLY D 546 66.56 -14.72 2.12
C GLY D 546 67.73 -14.08 1.40
N GLU D 547 68.02 -14.52 0.18
CA GLU D 547 69.23 -14.11 -0.52
C GLU D 547 68.95 -13.31 -1.78
N SER D 548 67.93 -12.45 -1.76
CA SER D 548 67.63 -11.64 -2.93
C SER D 548 68.31 -10.28 -2.87
N LYS D 549 67.94 -9.47 -1.88
CA LYS D 549 68.41 -8.09 -1.65
C LYS D 549 68.16 -7.15 -2.83
N ASN D 550 67.32 -7.54 -3.78
CA ASN D 550 66.91 -6.70 -4.89
C ASN D 550 65.40 -6.61 -4.77
N HIS D 551 64.95 -5.71 -3.91
CA HIS D 551 63.59 -5.75 -3.42
C HIS D 551 62.59 -5.21 -4.42
N PHE D 552 63.07 -4.46 -5.41
CA PHE D 552 62.20 -3.88 -6.43
C PHE D 552 61.52 -4.95 -7.25
N TYR D 553 62.32 -5.80 -7.91
CA TYR D 553 61.76 -6.87 -8.74
C TYR D 553 61.05 -7.91 -7.90
N LEU D 554 61.52 -8.12 -6.67
CA LEU D 554 60.89 -9.09 -5.78
C LEU D 554 59.49 -8.66 -5.38
N GLY D 555 59.34 -7.41 -4.95
CA GLY D 555 58.02 -6.90 -4.60
C GLY D 555 57.12 -6.77 -5.80
N ILE D 556 57.69 -6.45 -6.97
CA ILE D 556 56.88 -6.35 -8.19
C ILE D 556 56.34 -7.72 -8.58
N MET D 557 57.18 -8.76 -8.50
CA MET D 557 56.72 -10.10 -8.83
C MET D 557 55.73 -10.61 -7.80
N LYS D 558 55.95 -10.30 -6.52
CA LYS D 558 55.03 -10.78 -5.50
C LYS D 558 53.69 -10.09 -5.58
N ARG D 559 53.67 -8.81 -5.95
CA ARG D 559 52.40 -8.14 -6.11
C ARG D 559 51.70 -8.54 -7.40
N ALA D 560 52.47 -8.81 -8.46
CA ALA D 560 51.87 -9.15 -9.73
C ALA D 560 51.34 -10.58 -9.73
N PHE D 561 51.93 -11.44 -8.91
CA PHE D 561 51.48 -12.82 -8.83
C PHE D 561 50.66 -13.09 -7.59
N ARG D 562 50.50 -12.10 -6.72
CA ARG D 562 49.68 -12.15 -5.49
C ARG D 562 50.09 -13.33 -4.61
N VAL D 563 51.33 -13.25 -4.14
CA VAL D 563 52.04 -14.41 -3.65
C VAL D 563 53.05 -13.97 -2.59
N ASN D 564 53.50 -14.92 -1.79
CA ASN D 564 54.50 -14.65 -0.77
C ASN D 564 55.89 -14.97 -1.31
N ASP D 565 56.92 -14.73 -0.50
CA ASP D 565 58.28 -15.08 -0.90
C ASP D 565 58.45 -16.59 -0.98
N THR D 566 58.00 -17.30 0.07
CA THR D 566 58.08 -18.75 0.10
C THR D 566 57.21 -19.37 -0.99
N GLU D 567 56.01 -18.85 -1.18
CA GLU D 567 55.12 -19.37 -2.18
C GLU D 567 55.64 -19.10 -3.59
N LEU D 568 56.31 -17.96 -3.78
CA LEU D 568 56.98 -17.69 -5.04
C LEU D 568 58.15 -18.64 -5.27
N TYR D 569 58.89 -18.96 -4.21
CA TYR D 569 60.01 -19.87 -4.34
C TYR D 569 59.55 -21.27 -4.67
N THR D 570 58.47 -21.73 -4.04
CA THR D 570 57.97 -23.06 -4.39
C THR D 570 57.24 -23.05 -5.72
N LEU D 571 56.75 -21.90 -6.16
CA LEU D 571 56.22 -21.78 -7.51
C LEU D 571 57.31 -21.93 -8.55
N TRP D 572 58.46 -21.33 -8.31
CA TRP D 572 59.61 -21.50 -9.19
C TRP D 572 60.18 -22.90 -9.10
N LYS D 573 60.07 -23.53 -7.93
CA LYS D 573 60.55 -24.90 -7.79
C LYS D 573 59.65 -25.89 -8.52
N LEU D 574 58.35 -25.64 -8.55
CA LEU D 574 57.46 -26.48 -9.34
C LEU D 574 57.73 -26.34 -10.83
N ALA D 575 58.16 -25.16 -11.26
CA ALA D 575 58.41 -24.90 -12.66
C ALA D 575 59.64 -25.62 -13.19
N ASN D 576 60.57 -26.01 -12.31
CA ASN D 576 61.79 -26.68 -12.75
C ASN D 576 61.92 -28.07 -12.13
N GLY D 577 60.83 -28.63 -11.62
CA GLY D 577 60.86 -29.96 -11.05
C GLY D 577 61.60 -30.03 -9.74
N GLY D 578 61.20 -29.20 -8.78
CA GLY D 578 61.78 -29.25 -7.45
C GLY D 578 63.15 -28.63 -7.32
N THR D 579 63.64 -27.94 -8.34
CA THR D 579 64.94 -27.32 -8.32
C THR D 579 64.82 -25.84 -8.65
N ASN D 580 65.85 -25.08 -8.30
CA ASN D 580 65.94 -23.66 -8.63
C ASN D 580 67.27 -23.43 -9.33
N PRO D 581 67.34 -23.63 -10.64
CA PRO D 581 68.61 -23.44 -11.36
C PRO D 581 69.12 -22.01 -11.36
N GLU D 582 68.35 -21.09 -11.95
CA GLU D 582 68.70 -19.68 -12.04
C GLU D 582 67.50 -18.89 -12.56
N PHE D 583 67.18 -17.78 -11.92
CA PHE D 583 66.10 -16.92 -12.39
C PHE D 583 66.68 -15.67 -13.01
N MET D 584 66.43 -15.47 -14.30
CA MET D 584 67.01 -14.38 -15.06
C MET D 584 66.13 -13.14 -15.08
N CYS D 585 64.91 -13.22 -14.55
CA CYS D 585 63.89 -12.16 -14.59
C CYS D 585 63.56 -11.72 -16.01
N SER D 586 63.65 -12.65 -16.96
CA SER D 586 63.28 -12.37 -18.33
C SER D 586 61.79 -12.61 -18.51
N ILE D 587 61.29 -12.20 -19.68
CA ILE D 587 59.88 -12.42 -20.01
C ILE D 587 59.61 -13.91 -20.20
N GLU D 588 60.60 -14.66 -20.69
CA GLU D 588 60.47 -16.10 -20.86
C GLU D 588 60.53 -16.85 -19.54
N ASN D 589 60.89 -16.19 -18.44
CA ASN D 589 60.77 -16.77 -17.12
C ASN D 589 59.53 -16.30 -16.40
N LEU D 590 59.14 -15.04 -16.60
CA LEU D 590 57.91 -14.53 -16.03
C LEU D 590 56.70 -15.26 -16.60
N SER D 591 56.69 -15.50 -17.90
CA SER D 591 55.85 -16.58 -18.42
C SER D 591 56.52 -17.90 -18.07
N LEU D 592 55.70 -18.87 -17.65
CA LEU D 592 55.95 -20.15 -16.98
C LEU D 592 56.30 -19.98 -15.51
N LEU D 593 56.56 -18.77 -15.02
CA LEU D 593 56.31 -18.52 -13.62
C LEU D 593 54.86 -18.16 -13.38
N TYR D 594 54.24 -17.49 -14.34
CA TYR D 594 52.84 -17.14 -14.26
C TYR D 594 51.94 -18.30 -14.67
N ARG D 595 52.45 -19.23 -15.46
CA ARG D 595 51.65 -20.39 -15.87
C ARG D 595 51.28 -21.25 -14.68
N VAL D 596 52.21 -21.46 -13.75
CA VAL D 596 51.94 -22.31 -12.61
C VAL D 596 50.98 -21.62 -11.65
N ARG D 597 51.10 -20.30 -11.53
CA ARG D 597 50.17 -19.55 -10.69
C ARG D 597 48.76 -19.58 -11.28
N LEU D 598 48.65 -19.46 -12.60
CA LEU D 598 47.35 -19.60 -13.24
C LEU D 598 46.80 -21.01 -13.10
N LEU D 599 47.68 -22.02 -13.16
CA LEU D 599 47.26 -23.41 -12.97
C LEU D 599 46.71 -23.64 -11.58
N ALA D 600 47.30 -23.00 -10.58
CA ALA D 600 46.72 -23.05 -9.25
C ALA D 600 45.38 -22.33 -9.19
N ASP D 601 45.31 -21.15 -9.80
CA ASP D 601 44.19 -20.25 -9.52
C ASP D 601 42.93 -20.66 -10.28
N ILE D 602 43.05 -21.13 -11.51
CA ILE D 602 41.85 -21.45 -12.29
C ILE D 602 41.17 -22.72 -11.81
N HIS D 603 41.86 -23.56 -11.07
CA HIS D 603 41.24 -24.72 -10.44
C HIS D 603 40.93 -24.46 -8.98
N HIS D 604 41.00 -23.19 -8.57
CA HIS D 604 40.67 -22.73 -7.22
C HIS D 604 41.52 -23.40 -6.16
N LEU D 605 42.80 -23.54 -6.45
CA LEU D 605 43.76 -24.15 -5.54
C LEU D 605 44.82 -23.12 -5.15
N THR D 606 45.25 -23.20 -3.90
CA THR D 606 46.42 -22.44 -3.49
C THR D 606 47.68 -23.12 -4.02
N VAL D 607 48.80 -22.41 -3.94
CA VAL D 607 50.03 -22.95 -4.49
C VAL D 607 50.56 -24.09 -3.65
N ASN D 608 50.31 -24.05 -2.34
CA ASN D 608 50.67 -25.18 -1.48
C ASN D 608 49.84 -26.40 -1.82
N GLU D 609 48.55 -26.19 -2.10
CA GLU D 609 47.70 -27.30 -2.50
C GLU D 609 48.10 -27.83 -3.87
N LEU D 610 48.56 -26.96 -4.74
CA LEU D 610 49.05 -27.40 -6.05
C LEU D 610 50.32 -28.21 -5.90
N SER D 611 51.19 -27.83 -4.97
CA SER D 611 52.40 -28.60 -4.71
C SER D 611 52.07 -29.96 -4.11
N MET D 612 51.07 -30.01 -3.23
CA MET D 612 50.61 -31.30 -2.70
C MET D 612 50.04 -32.18 -3.80
N LEU D 613 49.16 -31.61 -4.63
CA LEU D 613 48.50 -32.40 -5.65
C LEU D 613 49.46 -32.86 -6.73
N LEU D 614 50.49 -32.06 -7.03
CA LEU D 614 51.51 -32.54 -7.93
C LEU D 614 52.45 -33.53 -7.25
N SER D 615 52.62 -33.44 -5.93
CA SER D 615 53.43 -34.42 -5.22
C SER D 615 52.76 -35.78 -5.19
N VAL D 616 51.44 -35.83 -5.25
CA VAL D 616 50.74 -37.11 -5.31
C VAL D 616 50.33 -37.47 -6.74
N SER D 617 50.79 -36.72 -7.72
CA SER D 617 50.41 -36.93 -9.12
C SER D 617 51.42 -37.89 -9.77
N PRO D 618 51.24 -38.22 -11.05
CA PRO D 618 52.37 -38.73 -11.83
C PRO D 618 53.23 -37.63 -12.43
N TYR D 619 53.09 -36.40 -11.94
CA TYR D 619 53.87 -35.27 -12.42
C TYR D 619 54.69 -34.69 -11.26
N VAL D 620 55.38 -35.53 -10.51
CA VAL D 620 56.01 -35.09 -9.26
C VAL D 620 57.19 -34.17 -9.55
N ASN D 621 58.22 -34.70 -10.20
CA ASN D 621 59.43 -33.94 -10.45
C ASN D 621 59.61 -33.68 -11.94
N THR D 622 58.52 -33.53 -12.67
CA THR D 622 58.60 -33.29 -14.10
C THR D 622 58.99 -31.84 -14.37
N LYS D 623 59.46 -31.59 -15.57
CA LYS D 623 59.95 -30.28 -15.98
C LYS D 623 58.83 -29.55 -16.70
N ILE D 624 58.20 -28.59 -16.02
CA ILE D 624 57.16 -27.80 -16.67
C ILE D 624 57.77 -26.82 -17.66
N ALA D 625 59.02 -26.41 -17.42
CA ALA D 625 59.69 -25.50 -18.35
C ALA D 625 60.00 -26.17 -19.68
N LEU D 626 60.12 -27.49 -19.68
CA LEU D 626 60.49 -28.23 -20.87
C LEU D 626 59.30 -28.99 -21.47
N PHE D 627 58.09 -28.55 -21.20
CA PHE D 627 56.93 -29.24 -21.74
C PHE D 627 56.68 -28.85 -23.19
N SER D 628 56.05 -29.76 -23.91
CA SER D 628 55.47 -29.44 -25.20
C SER D 628 54.06 -28.92 -24.96
N ASP D 629 53.41 -28.44 -26.01
CA ASP D 629 52.05 -27.92 -25.87
C ASP D 629 51.06 -29.03 -25.58
N THR D 630 51.31 -30.22 -26.14
CA THR D 630 50.46 -31.37 -25.85
C THR D 630 50.63 -31.83 -24.41
N ALA D 631 51.86 -31.84 -23.89
CA ALA D 631 52.07 -32.18 -22.48
C ALA D 631 51.47 -31.12 -21.57
N LEU D 632 51.49 -29.86 -22.01
CA LEU D 632 50.89 -28.78 -21.23
C LEU D 632 49.38 -28.93 -21.14
N THR D 633 48.71 -29.14 -22.27
CA THR D 633 47.26 -29.30 -22.21
C THR D 633 46.85 -30.62 -21.57
N GLN D 634 47.72 -31.64 -21.62
CA GLN D 634 47.46 -32.86 -20.88
C GLN D 634 47.52 -32.61 -19.39
N LEU D 635 48.50 -31.83 -18.94
CA LEU D 635 48.59 -31.47 -17.52
C LEU D 635 47.40 -30.63 -17.07
N ILE D 636 46.97 -29.69 -17.92
CA ILE D 636 45.82 -28.85 -17.59
C ILE D 636 44.55 -29.69 -17.48
N SER D 637 44.35 -30.59 -18.44
CA SER D 637 43.16 -31.45 -18.40
C SER D 637 43.20 -32.40 -17.22
N PHE D 638 44.40 -32.88 -16.86
CA PHE D 638 44.53 -33.77 -15.71
C PHE D 638 44.20 -33.04 -14.42
N LEU D 639 44.73 -31.83 -14.25
CA LEU D 639 44.45 -31.06 -13.04
C LEU D 639 42.98 -30.69 -12.96
N PHE D 640 42.36 -30.38 -14.09
CA PHE D 640 40.95 -30.02 -14.09
C PHE D 640 40.07 -31.21 -13.72
N GLN D 641 40.30 -32.37 -14.34
CA GLN D 641 39.45 -33.50 -14.03
C GLN D 641 39.73 -34.07 -12.66
N CYS D 642 40.96 -33.89 -12.15
CA CYS D 642 41.26 -34.31 -10.79
C CYS D 642 40.56 -33.40 -9.78
N THR D 643 40.52 -32.10 -10.05
CA THR D 643 39.80 -31.18 -9.18
C THR D 643 38.30 -31.44 -9.24
N GLN D 644 37.78 -31.79 -10.41
CA GLN D 644 36.37 -32.13 -10.55
C GLN D 644 36.01 -33.39 -9.79
N TRP D 645 36.84 -34.44 -9.90
CA TRP D 645 36.59 -35.66 -9.15
C TRP D 645 36.74 -35.43 -7.66
N LEU D 646 37.67 -34.56 -7.27
CA LEU D 646 37.88 -34.22 -5.87
C LEU D 646 36.66 -33.54 -5.28
N THR D 647 36.16 -32.50 -5.95
CA THR D 647 34.99 -31.79 -5.44
C THR D 647 33.70 -32.59 -5.64
N THR D 648 33.70 -33.59 -6.51
CA THR D 648 32.56 -34.49 -6.58
C THR D 648 32.56 -35.44 -5.39
N GLN D 649 33.74 -35.92 -5.02
CA GLN D 649 33.87 -36.82 -3.88
C GLN D 649 33.89 -36.09 -2.55
N LYS D 650 33.86 -34.76 -2.55
CA LYS D 650 33.78 -33.92 -1.35
C LYS D 650 34.99 -34.13 -0.45
N TRP D 651 36.15 -34.31 -1.06
CA TRP D 651 37.40 -34.44 -0.35
C TRP D 651 38.19 -33.15 -0.48
N SER D 652 39.29 -33.07 0.26
CA SER D 652 40.22 -31.98 0.08
C SER D 652 41.54 -32.50 -0.48
N VAL D 653 42.39 -31.55 -0.89
CA VAL D 653 43.74 -31.89 -1.32
C VAL D 653 44.53 -32.49 -0.18
N SER D 654 44.28 -32.03 1.05
CA SER D 654 44.89 -32.65 2.22
C SER D 654 44.39 -34.08 2.40
N ASP D 655 43.13 -34.35 2.09
CA ASP D 655 42.59 -35.71 2.24
C ASP D 655 43.21 -36.66 1.23
N VAL D 656 43.31 -36.22 -0.03
CA VAL D 656 43.94 -37.07 -1.04
C VAL D 656 45.44 -37.18 -0.77
N PHE D 657 46.05 -36.15 -0.20
CA PHE D 657 47.46 -36.23 0.16
C PHE D 657 47.69 -37.21 1.29
N LEU D 658 46.74 -37.28 2.23
CA LEU D 658 46.82 -38.30 3.27
C LEU D 658 46.64 -39.70 2.71
N MET D 659 45.71 -39.87 1.77
CA MET D 659 45.48 -41.20 1.23
C MET D 659 46.51 -41.62 0.20
N THR D 660 47.33 -40.71 -0.32
CA THR D 660 48.17 -41.05 -1.45
C THR D 660 49.61 -40.57 -1.32
N THR D 661 50.00 -40.06 -0.16
CA THR D 661 51.33 -39.50 -0.02
C THR D 661 52.39 -40.60 0.05
N ASP D 662 53.64 -40.17 0.02
CA ASP D 662 54.78 -41.05 0.20
C ASP D 662 55.83 -40.45 1.12
N ASN D 663 55.60 -39.25 1.64
CA ASN D 663 56.51 -38.58 2.55
C ASN D 663 56.06 -38.69 4.01
N TYR D 664 55.53 -39.84 4.40
CA TYR D 664 54.96 -40.02 5.72
C TYR D 664 56.04 -40.05 6.80
N SER D 665 55.60 -40.07 8.05
CA SER D 665 56.49 -40.00 9.20
C SER D 665 57.19 -41.33 9.43
N THR D 666 58.18 -41.31 10.32
CA THR D 666 58.89 -42.50 10.75
C THR D 666 58.81 -42.68 12.26
N VAL D 667 57.94 -41.96 12.92
CA VAL D 667 57.84 -41.99 14.37
C VAL D 667 56.96 -43.16 14.78
N LEU D 668 57.17 -43.67 16.00
CA LEU D 668 56.50 -44.87 16.48
C LEU D 668 55.19 -44.47 17.16
N THR D 669 54.12 -44.48 16.40
CA THR D 669 52.77 -44.11 16.83
C THR D 669 52.25 -45.13 17.83
N PRO D 670 51.46 -44.68 18.81
CA PRO D 670 50.79 -45.64 19.71
C PRO D 670 49.86 -46.61 19.02
N ASP D 671 49.23 -46.22 17.91
CA ASP D 671 48.44 -47.16 17.13
C ASP D 671 49.34 -48.25 16.53
N ILE D 672 50.53 -47.85 16.08
CA ILE D 672 51.48 -48.82 15.54
C ILE D 672 51.99 -49.73 16.65
N GLU D 673 52.16 -49.19 17.86
CA GLU D 673 52.56 -50.01 18.99
C GLU D 673 51.48 -51.02 19.35
N ASN D 674 50.21 -50.61 19.29
CA ASN D 674 49.11 -51.52 19.56
C ASN D 674 49.00 -52.59 18.49
N LEU D 675 49.26 -52.22 17.24
CA LEU D 675 49.30 -53.21 16.16
C LEU D 675 50.43 -54.21 16.38
N ILE D 676 51.58 -53.73 16.85
CA ILE D 676 52.72 -54.60 17.10
C ILE D 676 52.41 -55.59 18.22
N THR D 677 51.88 -55.10 19.33
CA THR D 677 51.64 -56.00 20.45
C THR D 677 50.45 -56.92 20.20
N THR D 678 49.46 -56.48 19.42
CA THR D 678 48.35 -57.36 19.08
C THR D 678 48.82 -58.45 18.13
N LEU D 679 49.48 -58.08 17.04
CA LEU D 679 49.96 -59.04 16.06
C LEU D 679 51.09 -59.91 16.58
N SER D 680 51.72 -59.53 17.69
CA SER D 680 52.69 -60.41 18.31
C SER D 680 52.02 -61.39 19.28
N ASN D 681 51.23 -60.87 20.22
CA ASN D 681 50.69 -61.73 21.26
C ASN D 681 49.53 -62.60 20.79
N GLY D 682 48.60 -62.05 20.00
CA GLY D 682 47.42 -62.80 19.64
C GLY D 682 47.70 -63.86 18.60
N LEU D 683 48.76 -63.68 17.82
CA LEU D 683 49.12 -64.66 16.82
C LEU D 683 49.78 -65.86 17.48
N SER D 684 49.45 -67.04 16.97
CA SER D 684 50.06 -68.30 17.39
C SER D 684 51.41 -68.49 16.70
N THR D 685 51.88 -69.75 16.67
CA THR D 685 53.13 -70.14 16.03
C THR D 685 53.22 -69.67 14.58
N LEU D 686 54.45 -69.50 14.11
CA LEU D 686 54.71 -68.82 12.86
C LEU D 686 54.26 -69.65 11.67
N SER D 687 53.35 -69.08 10.88
CA SER D 687 52.60 -69.80 9.87
C SER D 687 53.21 -69.62 8.49
N LEU D 688 52.48 -70.13 7.48
CA LEU D 688 53.02 -70.30 6.13
C LEU D 688 52.44 -69.26 5.18
N GLY D 689 53.16 -68.15 5.04
CA GLY D 689 53.03 -67.21 3.93
C GLY D 689 51.65 -66.61 3.76
N ASP D 690 51.37 -66.15 2.55
CA ASP D 690 50.07 -65.59 2.22
C ASP D 690 48.96 -66.63 2.23
N ASP D 691 49.31 -67.90 2.16
CA ASP D 691 48.32 -68.97 2.16
C ASP D 691 47.67 -69.13 3.52
N GLU D 692 48.46 -69.11 4.59
CA GLU D 692 47.91 -69.43 5.89
C GLU D 692 48.17 -68.33 6.92
N LEU D 693 49.35 -67.70 6.87
CA LEU D 693 49.65 -66.63 7.81
C LEU D 693 48.77 -65.41 7.58
N ILE D 694 48.42 -65.14 6.32
CA ILE D 694 47.53 -64.02 6.03
C ILE D 694 46.12 -64.30 6.55
N ARG D 695 45.62 -65.52 6.36
CA ARG D 695 44.30 -65.88 6.87
C ARG D 695 44.30 -65.97 8.39
N ALA D 696 45.45 -66.20 9.00
CA ALA D 696 45.52 -66.15 10.46
C ALA D 696 45.55 -64.72 10.97
N ALA D 697 46.31 -63.84 10.31
CA ALA D 697 46.56 -62.50 10.83
C ALA D 697 45.56 -61.45 10.34
N ALA D 698 44.70 -61.79 9.39
CA ALA D 698 43.69 -60.84 8.94
C ALA D 698 42.66 -60.45 9.99
N PRO D 699 42.15 -61.32 10.87
CA PRO D 699 41.27 -60.80 11.94
C PRO D 699 42.00 -59.92 12.92
N LEU D 700 43.27 -60.18 13.21
CA LEU D 700 44.00 -59.34 14.13
C LEU D 700 44.34 -57.98 13.51
N ILE D 701 44.63 -57.96 12.22
CA ILE D 701 44.86 -56.68 11.56
C ILE D 701 43.57 -55.88 11.40
N ALA D 702 42.46 -56.54 11.06
CA ALA D 702 41.17 -55.85 11.04
C ALA D 702 40.74 -55.41 12.42
N ALA D 703 41.22 -56.08 13.47
CA ALA D 703 41.02 -55.60 14.83
C ALA D 703 41.84 -54.35 15.08
N SER D 704 43.09 -54.34 14.61
CA SER D 704 43.97 -53.23 14.97
C SER D 704 43.65 -51.98 14.18
N ILE D 705 43.82 -52.01 12.87
CA ILE D 705 43.37 -50.88 12.08
C ILE D 705 41.91 -51.12 11.76
N GLN D 706 41.11 -50.07 11.89
CA GLN D 706 39.68 -50.22 12.10
C GLN D 706 39.00 -50.57 10.78
N MET D 707 39.09 -51.83 10.39
CA MET D 707 38.34 -52.33 9.26
C MET D 707 37.25 -53.24 9.80
N ASP D 708 36.26 -53.51 8.97
CA ASP D 708 35.09 -54.25 9.42
C ASP D 708 35.13 -55.72 9.08
N SER D 709 35.80 -56.11 8.00
CA SER D 709 35.75 -57.49 7.55
C SER D 709 37.16 -58.07 7.47
N ALA D 710 37.29 -59.29 7.98
CA ALA D 710 38.54 -60.03 7.82
C ALA D 710 38.83 -60.35 6.36
N LYS D 711 37.80 -60.46 5.52
CA LYS D 711 38.05 -60.63 4.09
C LYS D 711 38.61 -59.37 3.45
N THR D 712 38.13 -58.20 3.87
CA THR D 712 38.72 -56.94 3.42
C THR D 712 40.15 -56.81 3.90
N ALA D 713 40.42 -57.21 5.15
CA ALA D 713 41.77 -57.16 5.67
C ALA D 713 42.68 -58.14 4.93
N GLU D 714 42.15 -59.29 4.54
CA GLU D 714 42.92 -60.28 3.81
C GLU D 714 43.28 -59.79 2.41
N THR D 715 42.32 -59.21 1.71
CA THR D 715 42.64 -58.74 0.37
C THR D 715 43.48 -57.46 0.40
N ILE D 716 43.41 -56.68 1.49
CA ILE D 716 44.33 -55.56 1.65
C ILE D 716 45.73 -56.07 1.94
N LEU D 717 45.84 -57.19 2.64
CA LEU D 717 47.15 -57.81 2.85
C LEU D 717 47.73 -58.34 1.56
N LEU D 718 46.89 -58.88 0.67
CA LEU D 718 47.37 -59.28 -0.65
C LEU D 718 47.79 -58.06 -1.47
N TRP D 719 47.03 -56.97 -1.35
CA TRP D 719 47.35 -55.71 -2.00
C TRP D 719 48.70 -55.19 -1.58
N ILE D 720 49.00 -55.25 -0.28
CA ILE D 720 50.27 -54.73 0.19
C ILE D 720 51.38 -55.74 -0.02
N ASN D 721 51.06 -57.02 -0.19
CA ASN D 721 52.10 -57.99 -0.48
C ASN D 721 52.53 -57.91 -1.94
N GLN D 722 51.63 -57.50 -2.82
CA GLN D 722 52.04 -57.29 -4.20
C GLN D 722 52.58 -55.88 -4.43
N ILE D 723 52.77 -55.08 -3.39
CA ILE D 723 53.22 -53.70 -3.55
C ILE D 723 54.56 -53.52 -2.87
N LYS D 724 54.71 -54.10 -1.67
CA LYS D 724 55.92 -54.13 -0.86
C LYS D 724 56.51 -52.75 -0.58
N PRO D 725 55.92 -51.98 0.34
CA PRO D 725 56.50 -50.68 0.70
C PRO D 725 57.81 -50.83 1.45
N GLN D 726 58.86 -50.19 0.89
CA GLN D 726 60.24 -50.23 1.42
C GLN D 726 60.75 -51.67 1.54
N GLY D 727 60.41 -52.50 0.57
CA GLY D 727 60.86 -53.86 0.53
C GLY D 727 60.13 -54.83 1.43
N LEU D 728 59.36 -54.35 2.39
CA LEU D 728 58.70 -55.23 3.33
C LEU D 728 57.48 -55.88 2.69
N THR D 729 57.43 -57.21 2.75
CA THR D 729 56.19 -57.94 2.47
C THR D 729 55.42 -58.02 3.77
N PHE D 730 54.36 -58.84 3.81
CA PHE D 730 53.71 -59.07 5.08
C PHE D 730 54.57 -59.94 5.98
N ASP D 731 55.19 -60.97 5.41
CA ASP D 731 56.33 -61.58 6.05
C ASP D 731 57.49 -60.59 6.05
N ASP D 732 58.39 -60.74 7.03
CA ASP D 732 59.49 -59.84 7.40
C ASP D 732 59.01 -58.53 8.02
N PHE D 733 57.70 -58.28 8.06
CA PHE D 733 57.14 -57.31 8.99
C PHE D 733 56.82 -57.97 10.31
N MET D 734 56.40 -59.23 10.28
CA MET D 734 56.21 -60.00 11.50
C MET D 734 57.54 -60.28 12.19
N ILE D 735 58.61 -60.39 11.41
CA ILE D 735 59.91 -60.69 12.00
C ILE D 735 60.57 -59.43 12.52
N ILE D 736 60.30 -58.27 11.90
CA ILE D 736 60.73 -57.02 12.49
C ILE D 736 59.89 -56.72 13.73
N ALA D 737 58.62 -57.10 13.70
CA ALA D 737 57.83 -57.12 14.92
C ALA D 737 58.25 -58.32 15.79
N ALA D 738 57.65 -58.38 16.98
CA ALA D 738 57.83 -59.45 17.96
C ALA D 738 59.28 -59.64 18.38
N ASN D 739 60.09 -58.57 18.34
CA ASN D 739 61.47 -58.62 18.77
C ASN D 739 61.73 -57.73 19.97
N ARG D 740 61.20 -56.50 19.93
CA ARG D 740 61.45 -55.40 20.85
C ARG D 740 62.92 -54.98 20.92
N ASP D 741 63.73 -55.41 19.94
CA ASP D 741 65.13 -55.05 19.80
C ASP D 741 65.34 -54.95 18.29
N ARG D 742 65.24 -53.74 17.76
CA ARG D 742 65.28 -53.54 16.33
C ARG D 742 66.09 -52.29 16.03
N SER D 743 66.56 -52.19 14.79
CA SER D 743 67.28 -51.02 14.36
C SER D 743 66.32 -49.87 14.11
N GLU D 744 66.87 -48.67 13.97
CA GLU D 744 66.05 -47.52 13.61
C GLU D 744 65.51 -47.66 12.20
N ASN D 745 66.28 -48.27 11.30
CA ASN D 745 65.76 -48.61 9.98
C ASN D 745 64.67 -49.66 10.07
N GLU D 746 64.77 -50.58 11.02
CA GLU D 746 63.76 -51.62 11.16
C GLU D 746 62.44 -51.04 11.65
N THR D 747 62.49 -50.19 12.67
CA THR D 747 61.25 -49.57 13.13
C THR D 747 60.73 -48.54 12.15
N SER D 748 61.61 -47.91 11.35
CA SER D 748 61.14 -47.02 10.30
C SER D 748 60.42 -47.78 9.21
N ASN D 749 60.94 -48.95 8.84
CA ASN D 749 60.28 -49.79 7.85
C ASN D 749 58.96 -50.32 8.37
N MET D 750 58.88 -50.69 9.64
CA MET D 750 57.62 -51.19 10.19
C MET D 750 56.60 -50.05 10.30
N VAL D 751 57.07 -48.83 10.54
CA VAL D 751 56.15 -47.69 10.63
C VAL D 751 55.64 -47.32 9.24
N ALA D 752 56.51 -47.41 8.23
CA ALA D 752 56.08 -47.19 6.86
C ALA D 752 55.09 -48.26 6.40
N PHE D 753 55.29 -49.49 6.85
CA PHE D 753 54.35 -50.57 6.55
C PHE D 753 52.99 -50.31 7.18
N CYS D 754 52.97 -49.89 8.45
CA CYS D 754 51.70 -49.62 9.12
C CYS D 754 51.01 -48.39 8.54
N GLN D 755 51.77 -47.40 8.08
CA GLN D 755 51.16 -46.23 7.48
C GLN D 755 50.61 -46.52 6.09
N VAL D 756 51.26 -47.39 5.32
CA VAL D 756 50.68 -47.82 4.06
C VAL D 756 49.41 -48.63 4.31
N LEU D 757 49.39 -49.43 5.39
CA LEU D 757 48.17 -50.15 5.76
C LEU D 757 47.04 -49.19 6.14
N GLY D 758 47.35 -48.14 6.87
CA GLY D 758 46.34 -47.15 7.20
C GLY D 758 45.84 -46.39 6.00
N GLN D 759 46.74 -46.07 5.07
CA GLN D 759 46.35 -45.46 3.80
C GLN D 759 45.43 -46.36 3.00
N LEU D 760 45.68 -47.66 3.02
CA LEU D 760 44.81 -48.59 2.31
C LEU D 760 43.46 -48.72 2.99
N SER D 761 43.44 -48.65 4.32
CA SER D 761 42.18 -48.66 5.05
C SER D 761 41.33 -47.44 4.71
N LEU D 762 41.98 -46.28 4.61
CA LEU D 762 41.26 -45.07 4.22
C LEU D 762 40.81 -45.13 2.78
N ILE D 763 41.66 -45.66 1.90
CA ILE D 763 41.35 -45.73 0.48
C ILE D 763 40.25 -46.75 0.20
N VAL D 764 40.02 -47.67 1.12
CA VAL D 764 38.90 -48.60 0.97
C VAL D 764 37.63 -48.03 1.58
N ARG D 765 37.68 -47.60 2.83
CA ARG D 765 36.43 -47.18 3.48
C ARG D 765 35.96 -45.81 3.04
N ASN D 766 36.81 -45.03 2.36
CA ASN D 766 36.35 -43.76 1.82
C ASN D 766 35.57 -43.95 0.53
N ILE D 767 36.05 -44.81 -0.36
CA ILE D 767 35.36 -44.99 -1.63
C ILE D 767 34.22 -45.99 -1.52
N GLY D 768 34.28 -46.91 -0.56
CA GLY D 768 33.18 -47.81 -0.35
C GLY D 768 33.41 -49.04 -1.19
N LEU D 769 33.85 -50.12 -0.56
CA LEU D 769 34.17 -51.36 -1.28
C LEU D 769 33.89 -52.51 -0.33
N SER D 770 32.92 -53.35 -0.67
CA SER D 770 32.59 -54.50 0.14
C SER D 770 33.32 -55.75 -0.32
N GLU D 771 34.52 -55.58 -0.88
CA GLU D 771 35.57 -56.56 -1.14
C GLU D 771 35.27 -57.50 -2.30
N ASN D 772 34.01 -57.61 -2.69
CA ASN D 772 33.70 -58.39 -3.88
C ASN D 772 34.06 -57.64 -5.13
N GLU D 773 34.07 -56.31 -5.05
CA GLU D 773 34.68 -55.49 -6.09
C GLU D 773 36.18 -55.36 -5.86
N LEU D 774 36.60 -55.25 -4.61
CA LEU D 774 38.01 -55.01 -4.30
C LEU D 774 38.88 -56.22 -4.56
N THR D 775 38.53 -57.40 -4.02
CA THR D 775 39.39 -58.56 -4.18
C THR D 775 39.44 -59.06 -5.62
N LEU D 776 38.45 -58.70 -6.44
CA LEU D 776 38.56 -58.94 -7.88
C LEU D 776 39.70 -58.15 -8.47
N LEU D 777 39.78 -56.85 -8.17
CA LEU D 777 40.85 -56.03 -8.72
C LEU D 777 42.19 -56.34 -8.08
N VAL D 778 42.20 -56.89 -6.88
CA VAL D 778 43.45 -57.28 -6.26
C VAL D 778 43.98 -58.56 -6.90
N THR D 779 43.14 -59.60 -6.97
CA THR D 779 43.60 -60.89 -7.48
C THR D 779 43.79 -60.86 -8.99
N LYS D 780 42.84 -60.35 -9.75
CA LYS D 780 42.94 -60.27 -11.20
C LYS D 780 42.88 -58.79 -11.58
N PRO D 781 44.03 -58.11 -11.60
CA PRO D 781 44.03 -56.72 -12.05
C PRO D 781 43.89 -56.57 -13.55
N GLU D 782 43.86 -57.68 -14.30
CA GLU D 782 43.52 -57.62 -15.72
C GLU D 782 42.09 -57.16 -15.93
N LYS D 783 41.17 -57.56 -15.04
CA LYS D 783 39.79 -57.14 -15.16
C LYS D 783 39.58 -55.66 -14.85
N PHE D 784 40.53 -55.02 -14.18
CA PHE D 784 40.52 -53.57 -14.04
C PHE D 784 40.96 -52.90 -15.33
N GLN D 785 42.19 -53.14 -15.75
CA GLN D 785 42.68 -52.79 -17.07
C GLN D 785 43.59 -53.91 -17.57
N SER D 786 43.58 -54.10 -18.89
CA SER D 786 44.34 -55.17 -19.49
C SER D 786 45.84 -54.88 -19.57
N GLU D 787 46.26 -53.67 -19.22
CA GLU D 787 47.66 -53.29 -19.24
C GLU D 787 48.27 -53.17 -17.85
N THR D 788 47.45 -53.28 -16.79
CA THR D 788 47.91 -52.90 -15.46
C THR D 788 48.82 -53.97 -14.85
N THR D 789 48.25 -55.16 -14.60
CA THR D 789 48.86 -56.35 -14.00
C THR D 789 49.37 -56.17 -12.57
N ALA D 790 49.25 -54.98 -11.99
CA ALA D 790 49.60 -54.73 -10.59
C ALA D 790 48.87 -53.47 -10.16
N LEU D 791 47.88 -53.63 -9.29
CA LEU D 791 47.02 -52.51 -8.91
C LEU D 791 47.80 -51.52 -8.06
N GLN D 792 47.93 -50.30 -8.57
CA GLN D 792 48.84 -49.31 -8.00
C GLN D 792 48.16 -48.47 -6.93
N HIS D 793 48.98 -47.74 -6.20
CA HIS D 793 48.54 -46.82 -5.16
C HIS D 793 48.41 -45.40 -5.68
N ASP D 794 48.18 -45.25 -6.98
CA ASP D 794 48.27 -43.92 -7.57
C ASP D 794 46.91 -43.25 -7.63
N LEU D 795 46.96 -41.95 -7.86
CA LEU D 795 45.78 -41.12 -8.08
C LEU D 795 44.94 -41.53 -9.28
N PRO D 796 45.49 -41.91 -10.46
CA PRO D 796 44.59 -42.42 -11.50
C PRO D 796 43.94 -43.73 -11.15
N THR D 797 44.62 -44.61 -10.41
CA THR D 797 44.00 -45.84 -9.96
C THR D 797 42.89 -45.54 -8.95
N LEU D 798 43.09 -44.54 -8.10
CA LEU D 798 42.05 -44.12 -7.17
C LEU D 798 40.83 -43.56 -7.90
N GLN D 799 41.08 -42.73 -8.91
CA GLN D 799 39.98 -42.12 -9.65
C GLN D 799 39.21 -43.17 -10.45
N ALA D 800 39.93 -44.13 -11.03
CA ALA D 800 39.25 -45.19 -11.77
C ALA D 800 38.52 -46.13 -10.82
N LEU D 801 39.04 -46.33 -9.61
CA LEU D 801 38.31 -47.08 -8.59
C LEU D 801 37.02 -46.38 -8.21
N THR D 802 37.07 -45.05 -8.13
CA THR D 802 35.88 -44.26 -7.84
C THR D 802 34.82 -44.43 -8.92
N ARG D 803 35.23 -44.31 -10.18
CA ARG D 803 34.25 -44.44 -11.27
C ARG D 803 33.75 -45.87 -11.41
N PHE D 804 34.59 -46.85 -11.08
CA PHE D 804 34.17 -48.25 -11.09
C PHE D 804 33.11 -48.50 -10.02
N HIS D 805 33.36 -48.02 -8.81
CA HIS D 805 32.40 -48.16 -7.72
C HIS D 805 31.12 -47.38 -8.02
N ALA D 806 31.24 -46.25 -8.71
CA ALA D 806 30.07 -45.47 -9.06
C ALA D 806 29.20 -46.18 -10.08
N VAL D 807 29.82 -46.80 -11.10
CA VAL D 807 29.06 -47.56 -12.08
C VAL D 807 28.41 -48.78 -11.44
N ILE D 808 29.12 -49.46 -10.53
CA ILE D 808 28.57 -50.65 -9.89
C ILE D 808 27.42 -50.29 -8.96
N MET D 809 27.54 -49.19 -8.23
CA MET D 809 26.42 -48.74 -7.41
C MET D 809 25.29 -48.16 -8.25
N ARG D 810 25.57 -47.69 -9.47
CA ARG D 810 24.50 -47.26 -10.34
C ARG D 810 23.78 -48.43 -10.95
N CYS D 811 24.42 -49.61 -11.00
CA CYS D 811 23.76 -50.82 -11.48
C CYS D 811 22.62 -51.24 -10.56
N GLY D 812 22.72 -50.96 -9.27
CA GLY D 812 21.62 -51.19 -8.36
C GLY D 812 21.34 -52.65 -8.04
N SER D 813 20.17 -53.13 -8.43
CA SER D 813 19.74 -54.48 -8.07
C SER D 813 20.54 -55.56 -8.78
N TYR D 814 21.14 -55.25 -9.92
CA TYR D 814 21.91 -56.23 -10.66
C TYR D 814 23.40 -56.11 -10.41
N ALA D 815 23.81 -55.42 -9.34
CA ALA D 815 25.22 -55.07 -9.15
C ALA D 815 26.08 -56.30 -8.89
N THR D 816 25.59 -57.21 -8.06
CA THR D 816 26.32 -58.44 -7.82
C THR D 816 26.36 -59.33 -9.05
N GLU D 817 25.33 -59.29 -9.89
CA GLU D 817 25.36 -60.07 -11.13
C GLU D 817 26.35 -59.50 -12.13
N ILE D 818 26.43 -58.16 -12.22
CA ILE D 818 27.42 -57.52 -13.08
C ILE D 818 28.83 -57.84 -12.58
N LEU D 819 29.02 -57.83 -11.26
CA LEU D 819 30.34 -58.13 -10.70
C LEU D 819 30.74 -59.58 -10.93
N THR D 820 29.83 -60.51 -10.73
CA THR D 820 30.19 -61.90 -10.96
C THR D 820 30.19 -62.28 -12.43
N ALA D 821 29.62 -61.43 -13.30
CA ALA D 821 29.77 -61.66 -14.72
C ALA D 821 31.06 -61.06 -15.25
N LEU D 822 31.58 -60.04 -14.57
CA LEU D 822 32.91 -59.55 -14.88
C LEU D 822 33.99 -60.41 -14.25
N GLU D 823 33.64 -61.17 -13.20
CA GLU D 823 34.54 -62.18 -12.67
C GLU D 823 34.90 -63.19 -13.74
N LEU D 824 33.90 -63.67 -14.46
CA LEU D 824 34.13 -64.48 -15.64
C LEU D 824 34.20 -63.55 -16.85
N GLY D 825 34.16 -64.12 -18.05
CA GLY D 825 34.17 -63.29 -19.24
C GLY D 825 32.83 -63.33 -19.95
N ALA D 826 31.75 -63.45 -19.18
CA ALA D 826 30.42 -63.63 -19.75
C ALA D 826 29.57 -62.37 -19.69
N LEU D 827 30.13 -61.25 -19.25
CA LEU D 827 29.36 -60.02 -19.15
C LEU D 827 29.18 -59.41 -20.54
N THR D 828 27.96 -59.43 -21.03
CA THR D 828 27.65 -58.95 -22.36
C THR D 828 26.66 -57.79 -22.29
N ALA D 829 26.29 -57.30 -23.48
CA ALA D 829 25.11 -56.48 -23.60
C ALA D 829 23.87 -57.33 -23.37
N GLU D 830 22.73 -56.64 -23.21
CA GLU D 830 21.45 -57.11 -22.66
C GLU D 830 21.55 -57.53 -21.20
N GLN D 831 22.69 -57.31 -20.55
CA GLN D 831 22.83 -57.43 -19.12
C GLN D 831 23.28 -56.11 -18.51
N LEU D 832 24.28 -55.47 -19.11
CA LEU D 832 24.64 -54.12 -18.71
C LEU D 832 23.58 -53.13 -19.13
N ALA D 833 22.96 -53.34 -20.29
CA ALA D 833 21.88 -52.48 -20.73
C ALA D 833 20.64 -52.63 -19.86
N VAL D 834 20.42 -53.84 -19.33
CA VAL D 834 19.34 -54.04 -18.37
C VAL D 834 19.68 -53.38 -17.05
N ALA D 835 20.93 -53.53 -16.60
CA ALA D 835 21.33 -53.03 -15.30
C ALA D 835 21.39 -51.51 -15.27
N LEU D 836 21.62 -50.88 -16.42
CA LEU D 836 21.70 -49.43 -16.48
C LEU D 836 20.54 -48.80 -17.24
N LYS D 837 19.51 -49.59 -17.55
CA LYS D 837 18.27 -49.14 -18.19
C LYS D 837 18.53 -48.50 -19.56
N PHE D 838 19.46 -49.07 -20.30
CA PHE D 838 19.77 -48.62 -21.64
C PHE D 838 19.11 -49.55 -22.66
N ASP D 839 19.43 -49.35 -23.92
CA ASP D 839 18.96 -50.23 -24.98
C ASP D 839 20.09 -51.18 -25.37
N ALA D 840 19.70 -52.41 -25.73
CA ALA D 840 20.66 -53.43 -26.07
C ALA D 840 21.43 -53.09 -27.34
N GLN D 841 20.74 -52.54 -28.34
CA GLN D 841 21.43 -52.23 -29.58
C GLN D 841 22.32 -51.02 -29.45
N VAL D 842 21.93 -50.03 -28.64
CA VAL D 842 22.79 -48.88 -28.40
C VAL D 842 24.05 -49.30 -27.64
N VAL D 843 23.87 -50.17 -26.64
CA VAL D 843 25.01 -50.63 -25.85
C VAL D 843 25.94 -51.48 -26.70
N THR D 844 25.38 -52.36 -27.54
CA THR D 844 26.26 -53.18 -28.37
C THR D 844 26.87 -52.39 -29.52
N GLN D 845 26.25 -51.28 -29.93
CA GLN D 845 26.89 -50.41 -30.91
C GLN D 845 28.07 -49.67 -30.31
N ALA D 846 27.91 -49.20 -29.06
CA ALA D 846 29.05 -48.57 -28.40
C ALA D 846 30.16 -49.58 -28.10
N LEU D 847 29.79 -50.81 -27.76
CA LEU D 847 30.80 -51.84 -27.53
C LEU D 847 31.51 -52.23 -28.81
N GLN D 848 30.79 -52.28 -29.93
CA GLN D 848 31.44 -52.50 -31.21
C GLN D 848 32.28 -51.30 -31.63
N GLN D 849 31.91 -50.10 -31.19
CA GLN D 849 32.72 -48.93 -31.49
C GLN D 849 34.02 -48.91 -30.70
N THR D 850 34.01 -49.34 -29.45
CA THR D 850 35.27 -49.34 -28.71
C THR D 850 36.10 -50.58 -28.98
N ASP D 851 35.48 -51.68 -29.39
CA ASP D 851 36.18 -52.90 -29.73
C ASP D 851 35.43 -53.62 -30.82
N LEU D 852 36.08 -53.79 -31.97
CA LEU D 852 35.37 -54.14 -33.20
C LEU D 852 34.92 -55.60 -33.20
N GLY D 853 35.55 -56.44 -32.40
CA GLY D 853 35.19 -57.85 -32.42
C GLY D 853 34.98 -58.47 -31.05
N VAL D 854 35.20 -57.70 -29.99
CA VAL D 854 35.01 -58.22 -28.65
C VAL D 854 33.53 -58.15 -28.31
N ASN D 855 32.89 -59.31 -28.26
CA ASN D 855 31.44 -59.35 -28.08
C ASN D 855 31.05 -59.06 -26.64
N THR D 856 31.85 -59.50 -25.68
CA THR D 856 31.54 -59.38 -24.28
C THR D 856 32.34 -58.23 -23.67
N PHE D 857 32.09 -57.97 -22.39
CA PHE D 857 32.88 -57.01 -21.63
C PHE D 857 33.94 -57.81 -20.87
N THR D 858 35.19 -57.72 -21.33
CA THR D 858 36.28 -58.47 -20.75
C THR D 858 37.12 -57.64 -19.79
N ASN D 859 36.72 -56.41 -19.52
CA ASN D 859 37.57 -55.47 -18.81
C ASN D 859 36.69 -54.36 -18.26
N TRP D 860 37.24 -53.56 -17.36
CA TRP D 860 36.51 -52.38 -16.90
C TRP D 860 36.72 -51.18 -17.82
N ARG D 861 37.92 -51.08 -18.41
CA ARG D 861 38.25 -49.91 -19.23
C ARG D 861 37.36 -49.84 -20.47
N THR D 862 37.01 -50.99 -21.03
CA THR D 862 36.04 -51.00 -22.12
C THR D 862 34.64 -50.61 -21.65
N ILE D 863 34.29 -50.95 -20.41
CA ILE D 863 33.00 -50.54 -19.87
C ILE D 863 32.94 -49.03 -19.69
N ASP D 864 34.04 -48.45 -19.21
CA ASP D 864 34.08 -47.02 -18.95
C ASP D 864 34.05 -46.22 -20.25
N VAL D 865 34.81 -46.66 -21.25
CA VAL D 865 34.78 -45.93 -22.51
C VAL D 865 33.48 -46.20 -23.27
N THR D 866 32.85 -47.35 -23.01
CA THR D 866 31.53 -47.63 -23.58
C THR D 866 30.48 -46.69 -23.00
N LEU D 867 30.52 -46.46 -21.70
CA LEU D 867 29.58 -45.53 -21.09
C LEU D 867 29.89 -44.09 -21.48
N GLN D 868 31.16 -43.78 -21.78
CA GLN D 868 31.46 -42.45 -22.31
C GLN D 868 30.87 -42.25 -23.70
N TRP D 869 30.96 -43.28 -24.55
CA TRP D 869 30.32 -43.24 -25.86
C TRP D 869 28.81 -43.09 -25.73
N LEU D 870 28.21 -43.79 -24.76
CA LEU D 870 26.78 -43.67 -24.53
C LEU D 870 26.41 -42.27 -24.03
N ASP D 871 27.28 -41.66 -23.22
CA ASP D 871 27.00 -40.33 -22.71
C ASP D 871 27.05 -39.30 -23.83
N VAL D 872 28.03 -39.41 -24.73
CA VAL D 872 28.09 -38.51 -25.88
C VAL D 872 26.90 -38.71 -26.81
N ALA D 873 26.54 -39.97 -27.08
CA ALA D 873 25.41 -40.24 -27.96
C ALA D 873 24.08 -39.82 -27.33
N ALA D 874 24.02 -39.80 -26.00
CA ALA D 874 22.80 -39.35 -25.34
C ALA D 874 22.70 -37.83 -25.32
N THR D 875 23.83 -37.14 -25.06
CA THR D 875 23.77 -35.69 -25.05
C THR D 875 23.74 -35.10 -26.45
N LEU D 876 23.99 -35.90 -27.48
CA LEU D 876 23.71 -35.48 -28.84
C LEU D 876 22.42 -36.08 -29.37
N GLY D 877 21.81 -37.01 -28.64
CA GLY D 877 20.53 -37.55 -29.04
C GLY D 877 20.56 -38.49 -30.21
N ILE D 878 21.67 -39.18 -30.44
CA ILE D 878 21.80 -40.07 -31.58
C ILE D 878 22.41 -41.39 -31.12
N THR D 879 22.73 -42.23 -32.06
CA THR D 879 23.35 -43.52 -31.85
C THR D 879 24.87 -43.37 -31.84
N PRO D 880 25.58 -44.25 -31.13
CA PRO D 880 27.05 -44.24 -31.21
C PRO D 880 27.61 -44.49 -32.58
N ASP D 881 26.89 -45.20 -33.46
CA ASP D 881 27.29 -45.26 -34.85
C ASP D 881 27.19 -43.90 -35.51
N GLY D 882 26.18 -43.10 -35.13
CA GLY D 882 26.11 -41.74 -35.61
C GLY D 882 27.24 -40.89 -35.07
N VAL D 883 27.66 -41.15 -33.83
CA VAL D 883 28.82 -40.48 -33.26
C VAL D 883 30.08 -40.82 -34.04
N ALA D 884 30.21 -42.09 -34.42
CA ALA D 884 31.36 -42.51 -35.23
C ALA D 884 31.32 -41.89 -36.62
N ALA D 885 30.12 -41.72 -37.17
CA ALA D 885 29.99 -41.04 -38.46
C ALA D 885 30.37 -39.57 -38.34
N LEU D 886 30.06 -38.94 -37.22
CA LEU D 886 30.48 -37.55 -37.01
C LEU D 886 31.99 -37.45 -36.86
N ILE D 887 32.60 -38.38 -36.15
CA ILE D 887 34.05 -38.36 -35.96
C ILE D 887 34.75 -38.69 -37.26
N LYS D 888 34.11 -39.47 -38.14
CA LYS D 888 34.68 -39.74 -39.45
C LYS D 888 34.68 -38.53 -40.38
N LEU D 889 34.02 -37.44 -39.98
CA LEU D 889 34.13 -36.16 -40.67
C LEU D 889 35.21 -35.28 -40.06
N LYS D 890 36.28 -35.89 -39.56
CA LYS D 890 37.42 -35.16 -39.02
C LYS D 890 38.03 -34.26 -40.08
N TYR D 891 38.48 -33.07 -39.67
CA TYR D 891 39.10 -32.17 -40.61
C TYR D 891 40.50 -32.65 -40.97
N VAL D 892 41.38 -32.73 -39.99
CA VAL D 892 42.70 -33.32 -40.16
C VAL D 892 42.78 -34.53 -39.23
N GLY D 893 42.93 -35.70 -39.82
CA GLY D 893 43.01 -36.94 -39.08
C GLY D 893 44.02 -37.88 -39.69
N GLU D 894 43.64 -39.14 -39.76
CA GLU D 894 44.50 -40.14 -40.34
C GLU D 894 44.54 -40.01 -41.85
N PRO D 895 45.68 -40.32 -42.47
CA PRO D 895 45.73 -40.41 -43.93
C PRO D 895 45.00 -41.65 -44.42
N GLU D 896 44.80 -41.67 -45.75
CA GLU D 896 44.13 -42.71 -46.54
C GLU D 896 42.63 -42.79 -46.29
N THR D 897 42.11 -41.99 -45.37
CA THR D 897 40.67 -41.77 -45.31
C THR D 897 40.31 -40.69 -46.31
N PRO D 898 39.28 -40.88 -47.12
CA PRO D 898 38.93 -39.91 -48.15
C PRO D 898 38.34 -38.64 -47.53
N MET D 899 38.31 -37.59 -48.34
CA MET D 899 37.74 -36.34 -47.88
C MET D 899 36.24 -36.49 -47.73
N PRO D 900 35.66 -35.82 -46.73
CA PRO D 900 34.21 -35.93 -46.52
C PRO D 900 33.45 -35.25 -47.64
N THR D 901 32.60 -36.02 -48.29
CA THR D 901 31.84 -35.52 -49.43
C THR D 901 30.73 -34.61 -48.97
N PHE D 902 30.16 -33.87 -49.93
CA PHE D 902 29.02 -33.01 -49.64
C PHE D 902 27.80 -33.83 -49.25
N ASP D 903 27.62 -34.98 -49.89
CA ASP D 903 26.53 -35.86 -49.49
C ASP D 903 26.79 -36.49 -48.13
N ASP D 904 28.06 -36.74 -47.81
CA ASP D 904 28.41 -37.23 -46.48
C ASP D 904 28.08 -36.19 -45.41
N TRP D 905 28.39 -34.93 -45.69
CA TRP D 905 28.01 -33.86 -44.78
C TRP D 905 26.51 -33.70 -44.69
N GLN D 906 25.79 -33.94 -45.79
CA GLN D 906 24.34 -33.82 -45.76
C GLN D 906 23.72 -34.95 -44.94
N ALA D 907 24.30 -36.13 -45.01
CA ALA D 907 23.83 -37.26 -44.20
C ALA D 907 24.09 -37.01 -42.72
N ALA D 908 25.27 -36.48 -42.38
CA ALA D 908 25.52 -36.12 -40.99
C ALA D 908 24.63 -34.98 -40.52
N SER D 909 24.31 -34.06 -41.44
CA SER D 909 23.46 -32.94 -41.10
C SER D 909 22.04 -33.38 -40.79
N THR D 910 21.47 -34.27 -41.60
CA THR D 910 20.13 -34.74 -41.29
C THR D 910 20.12 -35.70 -40.10
N LEU D 911 21.26 -36.36 -39.84
CA LEU D 911 21.35 -37.17 -38.63
C LEU D 911 21.28 -36.32 -37.37
N LEU D 912 22.02 -35.22 -37.34
CA LEU D 912 21.94 -34.32 -36.20
C LEU D 912 20.63 -33.54 -36.19
N GLN D 913 20.05 -33.31 -37.36
CA GLN D 913 18.86 -32.50 -37.48
C GLN D 913 17.60 -33.25 -37.06
N ALA D 914 17.62 -34.58 -37.17
CA ALA D 914 16.49 -35.36 -36.68
C ALA D 914 16.47 -35.49 -35.17
N GLY D 915 17.53 -35.12 -34.48
CA GLY D 915 17.60 -35.28 -33.04
C GLY D 915 17.19 -34.07 -32.23
N LEU D 916 16.39 -33.18 -32.79
CA LEU D 916 15.96 -31.98 -32.07
C LEU D 916 14.44 -31.97 -31.93
N ASN D 917 13.97 -31.26 -30.91
CA ASN D 917 12.54 -31.05 -30.76
C ASN D 917 12.12 -29.86 -31.62
N SER D 918 10.87 -29.44 -31.49
CA SER D 918 10.32 -28.45 -32.41
C SER D 918 10.87 -27.05 -32.14
N GLN D 919 11.12 -26.73 -30.87
CA GLN D 919 11.70 -25.44 -30.52
C GLN D 919 13.11 -25.29 -31.09
N GLN D 920 13.95 -26.28 -30.88
CA GLN D 920 15.30 -26.24 -31.44
C GLN D 920 15.28 -26.34 -32.96
N SER D 921 14.28 -27.01 -33.52
CA SER D 921 14.18 -27.10 -34.97
C SER D 921 13.84 -25.75 -35.58
N ASP D 922 12.89 -25.02 -34.98
CA ASP D 922 12.56 -23.68 -35.46
C ASP D 922 13.71 -22.72 -35.28
N GLN D 923 14.43 -22.86 -34.16
CA GLN D 923 15.59 -22.01 -33.90
C GLN D 923 16.69 -22.24 -34.93
N LEU D 924 16.97 -23.52 -35.22
CA LEU D 924 17.96 -23.88 -36.23
C LEU D 924 17.55 -23.43 -37.62
N GLN D 925 16.26 -23.56 -37.95
CA GLN D 925 15.78 -23.16 -39.26
C GLN D 925 15.87 -21.65 -39.45
N ALA D 926 15.53 -20.88 -38.41
CA ALA D 926 15.65 -19.42 -38.49
C ALA D 926 17.11 -19.01 -38.63
N TRP D 927 18.00 -19.68 -37.90
CA TRP D 927 19.42 -19.36 -38.00
C TRP D 927 19.97 -19.70 -39.37
N LEU D 928 19.53 -20.82 -39.95
CA LEU D 928 20.01 -21.22 -41.26
C LEU D 928 19.50 -20.30 -42.35
N ASP D 929 18.26 -19.80 -42.21
CA ASP D 929 17.78 -18.81 -43.17
C ASP D 929 18.55 -17.51 -43.07
N GLU D 930 18.81 -17.06 -41.83
CA GLU D 930 19.55 -15.82 -41.64
C GLU D 930 21.02 -15.94 -42.02
N ALA D 931 21.54 -17.16 -42.14
CA ALA D 931 22.88 -17.32 -42.69
C ALA D 931 22.88 -17.45 -44.20
N THR D 932 21.91 -18.18 -44.76
CA THR D 932 21.91 -18.37 -46.20
C THR D 932 21.51 -17.11 -46.94
N THR D 933 20.86 -16.15 -46.28
CA THR D 933 20.59 -14.90 -46.97
C THR D 933 21.86 -14.08 -47.17
N THR D 934 22.75 -14.05 -46.17
CA THR D 934 23.97 -13.28 -46.32
C THR D 934 25.03 -14.05 -47.09
N ALA D 935 24.82 -15.34 -47.31
CA ALA D 935 25.62 -16.03 -48.30
C ALA D 935 25.14 -15.71 -49.71
N ALA D 936 23.84 -15.93 -49.97
CA ALA D 936 23.30 -15.86 -51.31
C ALA D 936 23.29 -14.44 -51.85
N SER D 937 23.11 -13.45 -50.98
CA SER D 937 23.11 -12.07 -51.44
C SER D 937 24.48 -11.64 -51.90
N ALA D 938 25.53 -12.06 -51.18
CA ALA D 938 26.89 -11.75 -51.60
C ALA D 938 27.23 -12.48 -52.88
N TYR D 939 26.75 -13.72 -53.04
CA TYR D 939 27.00 -14.44 -54.29
C TYR D 939 26.25 -13.78 -55.45
N TYR D 940 25.04 -13.29 -55.20
CA TYR D 940 24.27 -12.65 -56.27
C TYR D 940 24.87 -11.31 -56.65
N ILE D 941 25.40 -10.58 -55.67
CA ILE D 941 26.09 -9.33 -55.95
C ILE D 941 27.34 -9.59 -56.78
N LYS D 942 28.08 -10.64 -56.44
CA LYS D 942 29.30 -10.94 -57.17
C LYS D 942 29.00 -11.41 -58.60
N ASN D 943 28.14 -12.41 -58.74
CA ASN D 943 28.01 -13.09 -60.04
C ASN D 943 26.98 -12.43 -60.94
N GLY D 944 25.72 -12.44 -60.53
CA GLY D 944 24.70 -11.92 -61.42
C GLY D 944 23.92 -10.75 -60.87
N ALA D 945 24.21 -9.56 -61.37
CA ALA D 945 23.60 -8.32 -60.92
C ALA D 945 23.99 -7.23 -61.90
N PRO D 946 23.25 -6.13 -61.96
CA PRO D 946 23.77 -4.95 -62.64
C PRO D 946 25.00 -4.42 -61.93
N GLN D 947 25.87 -3.78 -62.71
CA GLN D 947 27.21 -3.41 -62.25
C GLN D 947 27.19 -2.35 -61.16
N GLN D 948 26.09 -1.61 -61.00
CA GLN D 948 26.03 -0.59 -59.98
C GLN D 948 25.86 -1.16 -58.59
N ILE D 949 25.35 -2.39 -58.46
CA ILE D 949 25.08 -3.00 -57.16
C ILE D 949 26.39 -3.45 -56.54
N LYS D 950 26.71 -2.91 -55.37
CA LYS D 950 27.94 -3.27 -54.68
C LYS D 950 27.76 -3.57 -53.20
N SER D 951 26.60 -3.28 -52.62
CA SER D 951 26.37 -3.56 -51.22
C SER D 951 25.01 -4.22 -51.05
N ARG D 952 24.77 -4.72 -49.84
CA ARG D 952 23.48 -5.33 -49.52
C ARG D 952 22.37 -4.29 -49.51
N ASP D 953 22.68 -3.05 -49.12
CA ASP D 953 21.67 -2.00 -49.18
C ASP D 953 21.35 -1.62 -50.61
N GLU D 954 22.34 -1.66 -51.50
CA GLU D 954 22.07 -1.44 -52.91
C GLU D 954 21.28 -2.58 -53.51
N LEU D 955 21.53 -3.81 -53.06
CA LEU D 955 20.75 -4.95 -53.51
C LEU D 955 19.31 -4.86 -53.04
N TYR D 956 19.11 -4.37 -51.82
CA TYR D 956 17.77 -4.07 -51.33
C TYR D 956 17.11 -2.99 -52.16
N SER D 957 17.85 -1.93 -52.47
CA SER D 957 17.31 -0.82 -53.26
C SER D 957 16.97 -1.25 -54.68
N TYR D 958 17.64 -2.29 -55.18
CA TYR D 958 17.29 -2.85 -56.48
C TYR D 958 16.09 -3.78 -56.38
N LEU D 959 16.22 -4.87 -55.62
CA LEU D 959 15.24 -5.94 -55.60
C LEU D 959 13.96 -5.61 -54.85
N LEU D 960 13.93 -4.49 -54.12
CA LEU D 960 12.80 -3.98 -53.36
C LEU D 960 12.34 -4.92 -52.25
N ILE D 961 13.16 -5.88 -51.82
CA ILE D 961 12.85 -6.76 -50.70
C ILE D 961 14.07 -6.80 -49.80
N ASP D 962 13.86 -6.66 -48.50
CA ASP D 962 14.96 -6.50 -47.55
C ASP D 962 15.57 -7.85 -47.22
N ASN D 963 16.84 -8.02 -47.54
CA ASN D 963 17.59 -9.23 -47.29
C ASN D 963 18.32 -9.21 -45.96
N GLN D 964 18.11 -8.20 -45.15
CA GLN D 964 18.78 -8.07 -43.87
C GLN D 964 17.83 -8.27 -42.70
N VAL D 965 16.56 -8.55 -42.97
CA VAL D 965 15.58 -8.70 -41.91
C VAL D 965 15.74 -10.06 -41.25
N SER D 966 15.85 -10.07 -39.92
CA SER D 966 15.91 -11.32 -39.19
C SER D 966 14.55 -12.02 -39.22
N ALA D 967 14.58 -13.33 -39.03
CA ALA D 967 13.47 -14.18 -39.43
C ALA D 967 12.30 -14.19 -38.45
N GLN D 968 12.22 -13.24 -37.51
CA GLN D 968 11.05 -13.13 -36.65
C GLN D 968 9.93 -12.34 -37.29
N VAL D 969 10.19 -11.67 -38.42
CA VAL D 969 9.23 -10.78 -39.03
C VAL D 969 8.42 -11.55 -40.07
N LYS D 970 7.11 -11.38 -40.04
CA LYS D 970 6.21 -12.10 -40.93
C LYS D 970 5.37 -11.11 -41.73
N THR D 971 5.16 -11.44 -43.00
CA THR D 971 4.48 -10.55 -43.94
C THR D 971 4.00 -11.38 -45.12
N THR D 972 2.71 -11.25 -45.46
CA THR D 972 2.15 -12.03 -46.55
C THR D 972 2.66 -11.53 -47.90
N ARG D 973 2.36 -12.33 -48.93
CA ARG D 973 2.93 -12.08 -50.26
C ARG D 973 2.37 -10.83 -50.89
N VAL D 974 1.08 -10.55 -50.69
CA VAL D 974 0.50 -9.35 -51.28
C VAL D 974 1.02 -8.11 -50.56
N ALA D 975 1.31 -8.21 -49.26
CA ALA D 975 1.88 -7.07 -48.56
C ALA D 975 3.32 -6.85 -48.95
N GLU D 976 4.04 -7.93 -49.24
CA GLU D 976 5.42 -7.80 -49.72
C GLU D 976 5.45 -7.16 -51.10
N ALA D 977 4.53 -7.55 -51.98
CA ALA D 977 4.47 -6.95 -53.30
C ALA D 977 4.04 -5.49 -53.23
N ILE D 978 3.12 -5.17 -52.32
CA ILE D 978 2.67 -3.80 -52.12
C ILE D 978 3.82 -2.94 -51.63
N ALA D 979 4.58 -3.45 -50.67
CA ALA D 979 5.73 -2.70 -50.14
C ALA D 979 6.81 -2.55 -51.19
N SER D 980 6.99 -3.56 -52.04
CA SER D 980 7.99 -3.49 -53.10
C SER D 980 7.63 -2.43 -54.13
N ILE D 981 6.38 -2.41 -54.58
CA ILE D 981 5.97 -1.42 -55.58
C ILE D 981 5.94 -0.04 -54.96
N GLN D 982 5.59 0.09 -53.68
CA GLN D 982 5.60 1.40 -53.03
C GLN D 982 7.02 1.93 -52.87
N LEU D 983 7.98 1.05 -52.56
CA LEU D 983 9.37 1.46 -52.53
C LEU D 983 9.87 1.86 -53.90
N TYR D 984 9.44 1.13 -54.94
CA TYR D 984 9.84 1.47 -56.30
C TYR D 984 9.28 2.82 -56.71
N VAL D 985 8.06 3.13 -56.29
CA VAL D 985 7.45 4.41 -56.64
C VAL D 985 8.12 5.54 -55.88
N ASN D 986 8.39 5.35 -54.59
CA ASN D 986 9.05 6.40 -53.81
C ASN D 986 10.49 6.59 -54.21
N ARG D 987 11.12 5.59 -54.83
CA ARG D 987 12.46 5.81 -55.36
C ARG D 987 12.43 6.43 -56.74
N ALA D 988 11.39 6.13 -57.53
CA ALA D 988 11.31 6.70 -58.87
C ALA D 988 10.84 8.13 -58.86
N LEU D 989 10.07 8.54 -57.85
CA LEU D 989 9.60 9.91 -57.78
C LEU D 989 10.72 10.89 -57.48
N ASN D 990 11.69 10.46 -56.68
CA ASN D 990 12.83 11.32 -56.38
C ASN D 990 13.95 11.17 -57.40
N ASN D 991 13.71 10.42 -58.48
CA ASN D 991 14.63 10.26 -59.61
C ASN D 991 15.98 9.67 -59.17
N VAL D 992 15.93 8.73 -58.23
CA VAL D 992 17.14 8.06 -57.80
C VAL D 992 17.56 7.00 -58.80
N GLU D 993 16.63 6.55 -59.63
CA GLU D 993 16.92 5.50 -60.60
C GLU D 993 17.63 6.09 -61.81
N GLY D 994 17.72 5.29 -62.86
CA GLY D 994 18.39 5.67 -64.08
C GLY D 994 17.70 6.80 -64.83
N LYS D 995 16.52 6.52 -65.38
CA LYS D 995 15.82 7.49 -66.23
C LYS D 995 14.33 7.35 -65.97
N VAL D 996 13.77 8.29 -65.21
CA VAL D 996 12.35 8.28 -64.88
C VAL D 996 11.59 8.99 -65.99
N SER D 997 10.54 8.34 -66.49
CA SER D 997 9.72 8.94 -67.54
C SER D 997 8.87 10.05 -66.95
N LYS D 998 9.29 11.30 -67.19
CA LYS D 998 8.61 12.45 -66.61
C LYS D 998 7.15 12.65 -67.00
N PRO D 999 6.67 12.35 -68.22
CA PRO D 999 5.22 12.46 -68.45
C PRO D 999 4.38 11.46 -67.68
N VAL D 1000 4.92 10.31 -67.29
CA VAL D 1000 4.13 9.38 -66.50
C VAL D 1000 4.03 9.86 -65.06
N LYS D 1001 4.97 10.69 -64.64
CA LYS D 1001 5.06 11.16 -63.27
C LYS D 1001 3.92 12.08 -62.87
N THR D 1002 3.23 12.69 -63.84
CA THR D 1002 2.23 13.71 -63.56
C THR D 1002 0.81 13.22 -63.79
N ARG D 1003 0.53 11.94 -63.55
CA ARG D 1003 -0.84 11.49 -63.58
C ARG D 1003 -1.57 11.94 -62.32
N GLN D 1004 -2.90 11.78 -62.32
CA GLN D 1004 -3.67 12.17 -61.16
C GLN D 1004 -3.42 11.23 -59.99
N PHE D 1005 -3.13 9.96 -60.29
CA PHE D 1005 -2.81 8.99 -59.27
C PHE D 1005 -1.52 9.32 -58.54
N PHE D 1006 -0.58 9.97 -59.22
CA PHE D 1006 0.65 10.37 -58.55
C PHE D 1006 0.63 11.81 -58.07
N CYS D 1007 -0.30 12.62 -58.58
CA CYS D 1007 -0.57 13.89 -57.92
C CYS D 1007 -1.23 13.66 -56.57
N ASP D 1008 -2.01 12.58 -56.43
CA ASP D 1008 -2.58 12.19 -55.16
C ASP D 1008 -1.75 11.12 -54.45
N TRP D 1009 -0.48 10.96 -54.84
CA TRP D 1009 0.34 9.92 -54.22
C TRP D 1009 0.72 10.31 -52.79
N GLU D 1010 1.05 11.57 -52.59
CA GLU D 1010 1.66 12.01 -51.33
C GLU D 1010 0.66 11.96 -50.19
N THR D 1011 -0.62 12.09 -50.50
CA THR D 1011 -1.62 12.18 -49.45
C THR D 1011 -2.50 10.94 -49.36
N TYR D 1012 -2.81 10.31 -50.48
CA TYR D 1012 -3.79 9.22 -50.48
C TYR D 1012 -3.21 7.88 -50.87
N ASN D 1013 -2.51 7.82 -51.99
CA ASN D 1013 -2.19 6.55 -52.61
C ASN D 1013 -0.92 5.92 -52.06
N ARG D 1014 -0.23 6.56 -51.12
CA ARG D 1014 1.01 5.99 -50.62
C ARG D 1014 0.74 4.76 -49.75
N ARG D 1015 -0.32 4.77 -48.97
CA ARG D 1015 -0.61 3.64 -48.11
C ARG D 1015 -2.01 3.13 -48.36
N TYR D 1016 -2.16 1.83 -48.09
CA TYR D 1016 -3.38 1.10 -48.39
C TYR D 1016 -4.55 1.61 -47.59
N SER D 1017 -4.30 2.04 -46.34
CA SER D 1017 -5.38 2.49 -45.48
C SER D 1017 -6.03 3.77 -46.00
N THR D 1018 -5.21 4.75 -46.39
CA THR D 1018 -5.78 5.99 -46.91
C THR D 1018 -6.35 5.78 -48.30
N TRP D 1019 -5.76 4.88 -49.10
CA TRP D 1019 -6.32 4.61 -50.42
C TRP D 1019 -7.69 3.95 -50.30
N ALA D 1020 -7.82 2.97 -49.41
CA ALA D 1020 -9.11 2.33 -49.18
C ALA D 1020 -10.11 3.28 -48.56
N GLY D 1021 -9.64 4.21 -47.72
CA GLY D 1021 -10.55 5.21 -47.17
C GLY D 1021 -11.09 6.15 -48.22
N VAL D 1022 -10.25 6.54 -49.19
CA VAL D 1022 -10.72 7.41 -50.26
C VAL D 1022 -11.68 6.67 -51.18
N SER D 1023 -11.37 5.42 -51.50
CA SER D 1023 -12.26 4.65 -52.36
C SER D 1023 -13.59 4.34 -51.67
N GLU D 1024 -13.56 4.12 -50.34
CA GLU D 1024 -14.81 3.95 -49.61
C GLU D 1024 -15.59 5.25 -49.53
N LEU D 1025 -14.91 6.38 -49.44
CA LEU D 1025 -15.61 7.66 -49.45
C LEU D 1025 -16.24 7.92 -50.81
N ALA D 1026 -15.63 7.39 -51.87
CA ALA D 1026 -16.27 7.43 -53.18
C ALA D 1026 -17.52 6.56 -53.21
N TYR D 1027 -17.39 5.29 -52.79
CA TYR D 1027 -18.47 4.34 -53.02
C TYR D 1027 -19.61 4.51 -52.01
N TYR D 1028 -19.30 4.56 -50.73
CA TYR D 1028 -20.30 4.71 -49.67
C TYR D 1028 -20.01 6.02 -48.94
N PRO D 1029 -20.54 7.14 -49.43
CA PRO D 1029 -20.38 8.39 -48.70
C PRO D 1029 -21.25 8.48 -47.47
N GLU D 1030 -22.19 7.56 -47.30
CA GLU D 1030 -23.06 7.56 -46.13
C GLU D 1030 -22.29 7.26 -44.85
N ASN D 1031 -21.17 6.57 -44.93
CA ASN D 1031 -20.38 6.27 -43.75
C ASN D 1031 -19.67 7.51 -43.21
N TYR D 1032 -19.42 8.50 -44.05
CA TYR D 1032 -18.53 9.59 -43.69
C TYR D 1032 -19.23 10.91 -43.45
N ILE D 1033 -20.51 11.02 -43.75
CA ILE D 1033 -21.24 12.25 -43.51
C ILE D 1033 -21.60 12.31 -42.04
N ASP D 1034 -21.18 13.39 -41.38
CA ASP D 1034 -21.72 13.68 -40.08
C ASP D 1034 -22.70 14.84 -40.19
N PRO D 1035 -23.76 14.86 -39.36
CA PRO D 1035 -24.73 15.95 -39.45
C PRO D 1035 -24.23 17.27 -38.90
N THR D 1036 -23.06 17.30 -38.26
CA THR D 1036 -22.56 18.52 -37.64
C THR D 1036 -21.75 19.37 -38.60
N ILE D 1037 -20.66 18.84 -39.14
CA ILE D 1037 -19.79 19.62 -40.01
C ILE D 1037 -20.06 19.23 -41.45
N ARG D 1038 -19.80 20.16 -42.36
CA ARG D 1038 -20.01 19.99 -43.78
C ARG D 1038 -19.25 21.09 -44.49
N ILE D 1039 -18.56 20.75 -45.57
CA ILE D 1039 -17.84 21.76 -46.34
C ILE D 1039 -18.86 22.62 -47.07
N GLY D 1040 -18.97 23.88 -46.68
CA GLY D 1040 -19.89 24.81 -47.30
C GLY D 1040 -21.12 25.15 -46.51
N GLN D 1041 -21.18 24.80 -45.23
CA GLN D 1041 -22.33 25.14 -44.43
C GLN D 1041 -22.34 26.63 -44.12
N THR D 1042 -23.54 27.17 -43.97
CA THR D 1042 -23.72 28.62 -43.99
C THR D 1042 -23.54 29.22 -42.61
N GLY D 1043 -23.54 30.56 -42.57
CA GLY D 1043 -23.33 31.27 -41.32
C GLY D 1043 -24.47 31.09 -40.34
N MET D 1044 -25.71 30.98 -40.85
CA MET D 1044 -26.83 30.69 -39.97
C MET D 1044 -26.73 29.29 -39.38
N MET D 1045 -26.21 28.34 -40.16
CA MET D 1045 -25.99 26.99 -39.66
C MET D 1045 -24.93 26.97 -38.57
N ASN D 1046 -23.84 27.71 -38.79
CA ASN D 1046 -22.79 27.78 -37.79
C ASN D 1046 -23.24 28.50 -36.54
N ASN D 1047 -24.05 29.55 -36.68
CA ASN D 1047 -24.59 30.24 -35.52
C ASN D 1047 -25.56 29.36 -34.76
N LEU D 1048 -26.32 28.53 -35.47
CA LEU D 1048 -27.19 27.55 -34.82
C LEU D 1048 -26.37 26.53 -34.05
N LEU D 1049 -25.23 26.11 -34.62
CA LEU D 1049 -24.37 25.14 -33.94
C LEU D 1049 -23.73 25.74 -32.70
N GLN D 1050 -23.36 27.03 -32.75
CA GLN D 1050 -22.89 27.71 -31.55
C GLN D 1050 -23.99 27.81 -30.52
N GLN D 1051 -25.21 28.07 -30.96
CA GLN D 1051 -26.34 28.18 -30.06
C GLN D 1051 -26.79 26.83 -29.51
N LEU D 1052 -26.32 25.74 -30.09
CA LEU D 1052 -26.80 24.42 -29.75
C LEU D 1052 -25.78 23.57 -29.00
N SER D 1053 -24.54 24.02 -28.89
CA SER D 1053 -23.47 23.17 -28.36
C SER D 1053 -23.30 23.41 -26.87
N GLN D 1054 -24.12 22.74 -26.08
CA GLN D 1054 -24.02 22.76 -24.63
C GLN D 1054 -24.02 21.33 -24.11
N SER D 1055 -23.97 21.22 -22.78
CA SER D 1055 -24.13 19.91 -22.17
C SER D 1055 -25.60 19.59 -21.92
N GLN D 1056 -26.46 20.61 -21.85
CA GLN D 1056 -27.87 20.44 -21.52
C GLN D 1056 -28.71 21.10 -22.61
N LEU D 1057 -29.61 20.33 -23.20
CA LEU D 1057 -30.45 20.80 -24.29
C LEU D 1057 -31.90 20.49 -23.96
N ASN D 1058 -32.64 21.49 -23.52
CA ASN D 1058 -34.06 21.29 -23.29
C ASN D 1058 -34.82 21.45 -24.61
N ILE D 1059 -36.08 21.02 -24.58
CA ILE D 1059 -36.98 21.22 -25.71
C ILE D 1059 -37.22 22.71 -25.94
N ASP D 1060 -37.35 23.48 -24.86
CA ASP D 1060 -37.55 24.92 -24.98
C ASP D 1060 -36.29 25.59 -25.52
N THR D 1061 -35.12 25.12 -25.09
CA THR D 1061 -33.86 25.69 -25.56
C THR D 1061 -33.65 25.43 -27.04
N VAL D 1062 -33.91 24.20 -27.48
CA VAL D 1062 -33.71 23.89 -28.89
C VAL D 1062 -34.80 24.55 -29.75
N GLU D 1063 -35.99 24.79 -29.22
CA GLU D 1063 -37.00 25.46 -30.02
C GLU D 1063 -36.74 26.96 -30.10
N ASP D 1064 -36.19 27.56 -29.04
CA ASP D 1064 -35.78 28.96 -29.13
C ASP D 1064 -34.61 29.12 -30.08
N SER D 1065 -33.69 28.17 -30.08
CA SER D 1065 -32.58 28.22 -31.02
C SER D 1065 -33.06 28.03 -32.45
N PHE D 1066 -34.08 27.20 -32.65
CA PHE D 1066 -34.63 27.03 -33.98
C PHE D 1066 -35.39 28.26 -34.45
N LYS D 1067 -36.08 28.95 -33.54
CA LYS D 1067 -36.74 30.19 -33.93
C LYS D 1067 -35.72 31.27 -34.26
N ASN D 1068 -34.62 31.31 -33.51
CA ASN D 1068 -33.55 32.24 -33.81
C ASN D 1068 -32.89 31.94 -35.15
N TYR D 1069 -32.82 30.66 -35.51
CA TYR D 1069 -32.33 30.29 -36.85
C TYR D 1069 -33.34 30.67 -37.92
N LEU D 1070 -34.63 30.50 -37.61
CA LEU D 1070 -35.69 30.82 -38.57
C LEU D 1070 -35.74 32.30 -38.89
N THR D 1071 -35.41 33.14 -37.90
CA THR D 1071 -35.34 34.58 -38.14
C THR D 1071 -34.28 34.92 -39.19
N ALA D 1072 -33.09 34.33 -39.05
CA ALA D 1072 -32.03 34.58 -40.02
C ALA D 1072 -32.36 33.98 -41.36
N PHE D 1073 -33.04 32.83 -41.38
CA PHE D 1073 -33.47 32.23 -42.64
C PHE D 1073 -34.47 33.11 -43.35
N GLU D 1074 -35.40 33.71 -42.60
CA GLU D 1074 -36.36 34.63 -43.19
C GLU D 1074 -35.67 35.87 -43.74
N ASP D 1075 -34.70 36.40 -43.00
CA ASP D 1075 -34.01 37.60 -43.45
C ASP D 1075 -33.12 37.32 -44.66
N VAL D 1076 -32.67 36.07 -44.81
CA VAL D 1076 -31.90 35.73 -46.00
C VAL D 1076 -32.83 35.44 -47.18
N ALA D 1077 -34.03 34.91 -46.92
CA ALA D 1077 -34.96 34.65 -48.01
C ALA D 1077 -35.60 35.94 -48.51
N ASN D 1078 -35.63 36.98 -47.69
CA ASN D 1078 -36.23 38.24 -48.11
C ASN D 1078 -35.21 39.16 -48.76
N LEU D 1079 -34.48 38.68 -49.74
CA LEU D 1079 -33.55 39.52 -50.48
C LEU D 1079 -34.12 39.85 -51.85
N GLN D 1080 -33.59 40.91 -52.46
CA GLN D 1080 -34.07 41.36 -53.76
C GLN D 1080 -32.88 41.91 -54.53
N VAL D 1081 -32.66 41.38 -55.73
CA VAL D 1081 -31.48 41.71 -56.52
C VAL D 1081 -31.62 43.11 -57.08
N ILE D 1082 -30.57 43.93 -56.93
CA ILE D 1082 -30.55 45.24 -57.56
C ILE D 1082 -30.00 45.11 -58.96
N SER D 1083 -28.75 44.65 -59.06
CA SER D 1083 -28.00 44.73 -60.29
C SER D 1083 -26.84 43.75 -60.22
N GLY D 1084 -26.26 43.47 -61.38
CA GLY D 1084 -25.20 42.49 -61.46
C GLY D 1084 -24.10 42.97 -62.39
N TYR D 1085 -23.09 42.11 -62.54
CA TYR D 1085 -21.97 42.39 -63.41
C TYR D 1085 -21.42 41.06 -63.90
N HIS D 1086 -21.67 40.74 -65.15
CA HIS D 1086 -21.11 39.54 -65.75
C HIS D 1086 -19.63 39.79 -65.97
N ASP D 1087 -18.81 38.79 -65.64
CA ASP D 1087 -17.37 39.00 -65.65
C ASP D 1087 -16.78 39.02 -67.05
N SER D 1088 -17.23 38.15 -67.93
CA SER D 1088 -16.59 38.00 -69.23
C SER D 1088 -17.32 38.81 -70.28
N ILE D 1089 -16.84 38.71 -71.51
CA ILE D 1089 -17.49 39.37 -72.64
C ILE D 1089 -18.76 38.63 -73.01
N ASN D 1090 -18.63 37.36 -73.38
CA ASN D 1090 -19.79 36.56 -73.72
C ASN D 1090 -20.47 36.10 -72.44
N VAL D 1091 -21.78 35.89 -72.53
CA VAL D 1091 -22.57 35.55 -71.35
C VAL D 1091 -22.22 34.16 -70.85
N ASN D 1092 -22.11 33.19 -71.76
CA ASN D 1092 -22.00 31.79 -71.37
C ASN D 1092 -20.59 31.37 -70.99
N GLU D 1093 -19.70 32.30 -70.65
CA GLU D 1093 -18.34 31.96 -70.32
C GLU D 1093 -17.93 32.32 -68.91
N GLY D 1094 -18.18 33.56 -68.49
CA GLY D 1094 -17.68 34.01 -67.20
C GLY D 1094 -18.56 33.65 -66.04
N LEU D 1095 -18.69 34.57 -65.08
CA LEU D 1095 -19.52 34.32 -63.91
C LEU D 1095 -20.03 35.64 -63.38
N THR D 1096 -21.33 35.68 -63.10
CA THR D 1096 -22.02 36.91 -62.73
C THR D 1096 -21.97 37.13 -61.23
N TYR D 1097 -21.89 38.38 -60.83
CA TYR D 1097 -21.87 38.77 -59.43
C TYR D 1097 -23.11 39.60 -59.16
N LEU D 1098 -24.07 39.02 -58.44
CA LEU D 1098 -25.33 39.67 -58.17
C LEU D 1098 -25.27 40.39 -56.83
N ILE D 1099 -26.10 41.42 -56.67
CA ILE D 1099 -26.14 42.22 -55.46
C ILE D 1099 -27.58 42.32 -55.00
N GLY D 1100 -27.85 41.88 -53.78
CA GLY D 1100 -29.19 41.97 -53.23
C GLY D 1100 -29.25 42.76 -51.94
N TYR D 1101 -30.43 43.25 -51.58
CA TYR D 1101 -30.61 44.02 -50.37
C TYR D 1101 -31.67 43.39 -49.48
N SER D 1102 -31.63 43.75 -48.21
CA SER D 1102 -32.59 43.28 -47.22
C SER D 1102 -33.76 44.25 -47.10
N GLN D 1103 -34.84 43.77 -46.52
CA GLN D 1103 -36.05 44.58 -46.32
C GLN D 1103 -36.01 45.25 -44.96
N THR D 1104 -35.10 46.21 -44.83
CA THR D 1104 -34.93 46.97 -43.61
C THR D 1104 -34.66 48.42 -43.97
N GLU D 1105 -35.00 49.31 -43.05
CA GLU D 1105 -34.84 50.74 -43.31
C GLU D 1105 -33.37 51.15 -43.35
N PRO D 1106 -32.47 50.63 -42.48
CA PRO D 1106 -31.06 50.67 -42.86
C PRO D 1106 -30.79 49.55 -43.84
N ARG D 1107 -31.02 49.81 -45.12
CA ARG D 1107 -30.99 48.79 -46.16
C ARG D 1107 -29.59 48.21 -46.30
N ILE D 1108 -29.47 46.92 -46.02
CA ILE D 1108 -28.18 46.25 -45.93
C ILE D 1108 -28.00 45.35 -47.14
N TYR D 1109 -26.86 45.48 -47.82
CA TYR D 1109 -26.64 44.85 -49.11
C TYR D 1109 -25.80 43.59 -48.98
N TYR D 1110 -26.00 42.68 -49.94
CA TYR D 1110 -25.34 41.39 -49.97
C TYR D 1110 -24.75 41.21 -51.35
N TRP D 1111 -23.95 40.16 -51.52
CA TRP D 1111 -23.51 39.80 -52.85
C TRP D 1111 -23.36 38.29 -52.95
N ARG D 1112 -23.61 37.75 -54.14
CA ARG D 1112 -23.45 36.33 -54.40
C ARG D 1112 -22.83 36.17 -55.77
N ASN D 1113 -22.44 34.95 -56.10
CA ASN D 1113 -21.68 34.66 -57.30
C ASN D 1113 -22.21 33.41 -57.96
N VAL D 1114 -22.46 33.50 -59.25
CA VAL D 1114 -23.03 32.38 -60.01
C VAL D 1114 -22.20 32.17 -61.26
N ASP D 1115 -21.79 30.93 -61.50
CA ASP D 1115 -20.89 30.57 -62.59
C ASP D 1115 -21.71 30.10 -63.79
N HIS D 1116 -21.30 30.52 -64.98
CA HIS D 1116 -21.94 30.10 -66.22
C HIS D 1116 -21.25 28.91 -66.87
N GLN D 1117 -20.15 28.42 -66.30
CA GLN D 1117 -19.54 27.21 -66.83
C GLN D 1117 -20.35 25.99 -66.43
N LYS D 1118 -21.18 26.11 -65.39
CA LYS D 1118 -21.89 24.94 -64.88
C LYS D 1118 -23.20 24.70 -65.60
N CYS D 1119 -23.84 25.75 -66.14
CA CYS D 1119 -25.09 25.55 -66.86
C CYS D 1119 -24.79 24.89 -68.20
N GLN D 1120 -25.00 23.58 -68.26
CA GLN D 1120 -24.64 22.82 -69.45
C GLN D 1120 -25.56 23.13 -70.63
N HIS D 1121 -26.81 23.51 -70.36
CA HIS D 1121 -27.69 23.96 -71.45
C HIS D 1121 -28.67 24.96 -70.83
N GLY D 1122 -28.28 26.23 -70.83
CA GLY D 1122 -29.17 27.32 -70.47
C GLY D 1122 -29.58 27.46 -69.01
N GLN D 1123 -29.55 26.35 -68.25
CA GLN D 1123 -30.14 26.29 -66.92
C GLN D 1123 -29.04 25.94 -65.92
N PHE D 1124 -28.94 26.76 -64.88
CA PHE D 1124 -27.89 26.58 -63.89
C PHE D 1124 -28.23 25.42 -62.95
N ALA D 1125 -27.20 24.68 -62.59
CA ALA D 1125 -27.33 23.73 -61.49
C ALA D 1125 -27.23 24.48 -60.16
N ALA D 1126 -27.58 23.79 -59.08
CA ALA D 1126 -27.41 24.38 -57.77
C ALA D 1126 -25.96 24.41 -57.33
N ASN D 1127 -25.08 23.70 -58.03
CA ASN D 1127 -23.65 23.82 -57.81
C ASN D 1127 -23.11 25.19 -58.22
N ALA D 1128 -23.74 25.84 -59.20
CA ALA D 1128 -23.22 27.10 -59.72
C ALA D 1128 -23.46 28.25 -58.77
N TRP D 1129 -24.52 28.19 -57.99
CA TRP D 1129 -24.89 29.29 -57.12
C TRP D 1129 -24.02 29.31 -55.87
N GLY D 1130 -23.45 30.46 -55.57
CA GLY D 1130 -22.73 30.63 -54.35
C GLY D 1130 -23.59 31.20 -53.25
N GLU D 1131 -23.05 31.22 -52.04
CA GLU D 1131 -23.77 31.73 -50.89
C GLU D 1131 -23.85 33.26 -50.96
N TRP D 1132 -24.94 33.81 -50.43
CA TRP D 1132 -25.00 35.25 -50.19
C TRP D 1132 -23.97 35.64 -49.16
N LYS D 1133 -23.23 36.71 -49.43
CA LYS D 1133 -22.22 37.19 -48.50
C LYS D 1133 -22.52 38.65 -48.19
N LYS D 1134 -22.76 38.94 -46.93
CA LYS D 1134 -23.13 40.28 -46.51
C LYS D 1134 -21.92 41.21 -46.57
N ILE D 1135 -22.07 42.33 -47.24
CA ILE D 1135 -21.01 43.34 -47.24
C ILE D 1135 -21.17 44.18 -45.99
N GLU D 1136 -20.05 44.65 -45.45
CA GLU D 1136 -20.07 45.23 -44.13
C GLU D 1136 -20.00 46.74 -44.17
N ILE D 1137 -19.58 47.33 -45.28
CA ILE D 1137 -19.53 48.78 -45.40
C ILE D 1137 -20.95 49.30 -45.59
N PRO D 1138 -21.43 50.21 -44.74
CA PRO D 1138 -22.81 50.70 -44.88
C PRO D 1138 -22.94 51.65 -46.05
N ILE D 1139 -23.96 51.42 -46.86
CA ILE D 1139 -24.11 52.08 -48.17
C ILE D 1139 -25.46 52.76 -48.20
N ASN D 1140 -25.48 54.04 -48.56
CA ASN D 1140 -26.69 54.83 -48.69
C ASN D 1140 -26.77 55.33 -50.12
N VAL D 1141 -27.41 54.56 -51.00
CA VAL D 1141 -27.46 54.91 -52.41
C VAL D 1141 -28.49 55.99 -52.63
N TRP D 1142 -28.30 56.77 -53.69
CA TRP D 1142 -29.32 57.69 -54.18
C TRP D 1142 -29.96 57.08 -55.42
N GLN D 1143 -31.25 56.74 -55.32
CA GLN D 1143 -32.06 56.20 -56.41
C GLN D 1143 -31.50 54.90 -56.98
N GLU D 1144 -30.84 54.12 -56.11
CA GLU D 1144 -30.37 52.75 -56.39
C GLU D 1144 -29.42 52.68 -57.57
N ASN D 1145 -28.56 53.69 -57.73
CA ASN D 1145 -27.54 53.66 -58.76
C ASN D 1145 -26.27 53.05 -58.17
N ILE D 1146 -26.24 51.72 -58.16
CA ILE D 1146 -25.16 50.98 -57.54
C ILE D 1146 -24.85 49.76 -58.40
N ARG D 1147 -23.61 49.67 -58.87
CA ARG D 1147 -23.17 48.56 -59.70
C ARG D 1147 -21.90 47.97 -59.13
N PRO D 1148 -21.71 46.65 -59.26
CA PRO D 1148 -20.40 46.07 -58.97
C PRO D 1148 -19.55 46.01 -60.22
N VAL D 1149 -18.24 45.85 -60.01
CA VAL D 1149 -17.31 45.76 -61.12
C VAL D 1149 -16.13 44.90 -60.72
N ILE D 1150 -15.85 43.88 -61.53
CA ILE D 1150 -14.69 43.02 -61.33
C ILE D 1150 -13.51 43.69 -62.00
N TYR D 1151 -12.57 44.14 -61.18
CA TYR D 1151 -11.40 44.85 -61.70
C TYR D 1151 -10.15 44.17 -61.15
N LYS D 1152 -9.30 43.68 -62.07
CA LYS D 1152 -8.13 42.87 -61.76
C LYS D 1152 -8.49 41.67 -60.90
N SER D 1153 -9.60 41.02 -61.26
CA SER D 1153 -10.19 39.87 -60.55
C SER D 1153 -10.47 40.19 -59.08
N ARG D 1154 -10.86 41.43 -58.80
CA ARG D 1154 -11.17 41.86 -57.45
C ARG D 1154 -12.50 42.60 -57.47
N LEU D 1155 -13.37 42.26 -56.55
CA LEU D 1155 -14.73 42.79 -56.56
C LEU D 1155 -14.71 44.23 -56.07
N TYR D 1156 -14.86 45.17 -57.00
CA TYR D 1156 -15.04 46.56 -56.65
C TYR D 1156 -16.52 46.92 -56.68
N LEU D 1157 -16.89 47.90 -55.87
CA LEU D 1157 -18.30 48.26 -55.69
C LEU D 1157 -18.43 49.77 -55.82
N LEU D 1158 -19.35 50.21 -56.65
CA LEU D 1158 -19.54 51.62 -56.96
C LEU D 1158 -20.98 52.03 -56.70
N TRP D 1159 -21.16 53.20 -56.11
CA TRP D 1159 -22.48 53.79 -55.96
C TRP D 1159 -22.34 55.29 -55.76
N LEU D 1160 -23.49 55.96 -55.71
CA LEU D 1160 -23.55 57.40 -55.50
C LEU D 1160 -24.31 57.69 -54.23
N GLU D 1161 -23.91 58.75 -53.54
CA GLU D 1161 -24.65 59.26 -52.41
C GLU D 1161 -25.06 60.69 -52.70
N GLN D 1162 -26.19 61.11 -52.16
CA GLN D 1162 -26.61 62.49 -52.29
C GLN D 1162 -26.78 63.11 -50.91
N LYS D 1163 -26.59 64.42 -50.86
CA LYS D 1163 -26.72 65.21 -49.64
C LYS D 1163 -27.59 66.41 -49.96
N GLU D 1164 -28.91 66.25 -49.86
CA GLU D 1164 -29.81 67.34 -50.17
C GLU D 1164 -30.03 68.20 -48.94
N LEU D 1165 -29.74 69.49 -49.06
CA LEU D 1165 -29.94 70.45 -47.99
C LEU D 1165 -30.67 71.64 -48.58
N LYS D 1166 -31.99 71.67 -48.41
CA LYS D 1166 -32.83 72.73 -48.94
C LYS D 1166 -33.42 73.55 -47.81
N ASN D 1167 -33.30 74.87 -47.92
CA ASN D 1167 -33.88 75.76 -46.91
C ASN D 1167 -35.39 75.79 -47.03
N GLU D 1168 -35.91 75.79 -48.25
CA GLU D 1168 -37.34 75.81 -48.58
C GLU D 1168 -38.02 77.04 -47.96
N SER D 1169 -37.55 78.20 -48.42
CA SER D 1169 -38.11 79.49 -48.02
C SER D 1169 -37.78 80.49 -49.12
N GLU D 1170 -37.96 81.77 -48.80
CA GLU D 1170 -37.65 82.85 -49.73
C GLU D 1170 -36.51 83.73 -49.24
N ASP D 1171 -36.55 84.14 -47.97
CA ASP D 1171 -35.48 84.94 -47.38
C ASP D 1171 -34.31 84.02 -47.10
N GLY D 1172 -33.26 84.12 -47.92
CA GLY D 1172 -32.13 83.24 -47.81
C GLY D 1172 -32.48 81.83 -48.24
N LYS D 1173 -33.01 81.69 -49.46
CA LYS D 1173 -33.30 80.37 -49.98
C LYS D 1173 -32.01 79.67 -50.35
N ILE D 1174 -31.69 78.63 -49.59
CA ILE D 1174 -30.45 77.89 -49.77
C ILE D 1174 -30.80 76.49 -50.26
N ASP D 1175 -30.30 76.15 -51.44
CA ASP D 1175 -30.54 74.84 -52.03
C ASP D 1175 -29.18 74.25 -52.41
N ILE D 1176 -28.57 73.53 -51.48
CA ILE D 1176 -27.28 72.91 -51.69
C ILE D 1176 -27.49 71.41 -51.73
N THR D 1177 -27.28 70.81 -52.90
CA THR D 1177 -27.32 69.37 -53.08
C THR D 1177 -25.96 68.92 -53.57
N ASP D 1178 -25.47 67.82 -53.01
CA ASP D 1178 -24.13 67.33 -53.33
C ASP D 1178 -24.19 65.84 -53.64
N TYR D 1179 -23.78 65.47 -54.84
CA TYR D 1179 -23.72 64.09 -55.28
C TYR D 1179 -22.27 63.64 -55.26
N ILE D 1180 -22.01 62.48 -54.65
CA ILE D 1180 -20.66 62.01 -54.40
C ILE D 1180 -20.58 60.53 -54.74
N LEU D 1181 -19.60 60.17 -55.55
CA LEU D 1181 -19.35 58.79 -55.94
C LEU D 1181 -18.43 58.12 -54.93
N LYS D 1182 -18.80 56.93 -54.49
CA LYS D 1182 -18.02 56.17 -53.53
C LYS D 1182 -17.61 54.83 -54.11
N LEU D 1183 -16.39 54.40 -53.77
CA LEU D 1183 -15.80 53.19 -54.32
C LEU D 1183 -15.22 52.35 -53.19
N SER D 1184 -15.56 51.07 -53.18
CA SER D 1184 -15.00 50.15 -52.20
C SER D 1184 -14.77 48.80 -52.84
N HIS D 1185 -13.67 48.16 -52.45
CA HIS D 1185 -13.32 46.86 -52.98
C HIS D 1185 -13.10 45.89 -51.83
N ILE D 1186 -13.29 44.63 -52.12
CA ILE D 1186 -13.17 43.59 -51.12
C ILE D 1186 -11.69 43.24 -50.96
N ARG D 1187 -11.36 42.62 -49.83
CA ARG D 1187 -10.02 42.15 -49.57
C ARG D 1187 -10.01 40.62 -49.65
N TYR D 1188 -8.84 40.03 -49.42
CA TYR D 1188 -8.74 38.58 -49.46
C TYR D 1188 -9.40 37.91 -48.26
N ASP D 1189 -9.45 38.59 -47.12
CA ASP D 1189 -10.04 38.03 -45.92
C ASP D 1189 -11.52 38.35 -45.80
N GLY D 1190 -12.16 38.78 -46.87
CA GLY D 1190 -13.58 39.07 -46.83
C GLY D 1190 -13.94 40.45 -46.32
N SER D 1191 -13.00 41.17 -45.71
CA SER D 1191 -13.30 42.52 -45.26
C SER D 1191 -13.38 43.46 -46.45
N TRP D 1192 -14.04 44.59 -46.22
CA TRP D 1192 -14.26 45.57 -47.27
C TRP D 1192 -13.43 46.81 -46.99
N SER D 1193 -12.95 47.45 -48.07
CA SER D 1193 -12.10 48.61 -47.92
C SER D 1193 -12.90 49.83 -47.49
N SER D 1194 -12.17 50.87 -47.12
CA SER D 1194 -12.80 52.15 -46.85
C SER D 1194 -13.32 52.75 -48.15
N PRO D 1195 -14.46 53.43 -48.13
CA PRO D 1195 -14.98 54.01 -49.37
C PRO D 1195 -14.18 55.22 -49.79
N PHE D 1196 -13.85 55.28 -51.07
CA PHE D 1196 -13.09 56.38 -51.65
C PHE D 1196 -14.07 57.38 -52.25
N ASN D 1197 -14.04 58.61 -51.75
CA ASN D 1197 -15.00 59.62 -52.15
C ASN D 1197 -14.54 60.33 -53.41
N PHE D 1198 -15.51 60.67 -54.26
CA PHE D 1198 -15.26 61.41 -55.49
C PHE D 1198 -16.41 62.39 -55.69
N ASN D 1199 -16.10 63.68 -55.72
CA ASN D 1199 -17.11 64.70 -55.98
C ASN D 1199 -17.48 64.64 -57.45
N VAL D 1200 -18.77 64.44 -57.74
CA VAL D 1200 -19.21 64.23 -59.10
C VAL D 1200 -20.45 65.08 -59.35
N THR D 1201 -20.72 65.98 -58.41
CA THR D 1201 -22.00 66.69 -58.40
C THR D 1201 -22.14 67.68 -59.55
N ASP D 1202 -21.03 68.13 -60.14
CA ASP D 1202 -21.12 69.02 -61.29
C ASP D 1202 -21.63 68.26 -62.51
N LYS D 1203 -21.07 67.08 -62.76
CA LYS D 1203 -21.52 66.26 -63.87
C LYS D 1203 -22.94 65.75 -63.66
N ILE D 1204 -23.27 65.43 -62.41
CA ILE D 1204 -24.63 64.96 -62.14
C ILE D 1204 -25.64 66.11 -62.28
N GLU D 1205 -25.25 67.34 -61.91
CA GLU D 1205 -26.14 68.47 -62.12
C GLU D 1205 -26.24 68.83 -63.59
N ASN D 1206 -25.18 68.58 -64.37
CA ASN D 1206 -25.29 68.72 -65.81
C ASN D 1206 -26.28 67.72 -66.39
N LEU D 1207 -26.26 66.48 -65.91
CA LEU D 1207 -27.25 65.51 -66.37
C LEU D 1207 -28.62 65.72 -65.75
N ILE D 1208 -28.73 66.55 -64.71
CA ILE D 1208 -30.00 66.69 -64.03
C ILE D 1208 -30.73 67.96 -64.47
N ASN D 1209 -30.00 68.98 -64.93
CA ASN D 1209 -30.65 70.17 -65.47
C ASN D 1209 -31.39 69.84 -66.76
N LYS D 1210 -30.82 68.99 -67.59
CA LYS D 1210 -31.61 68.31 -68.60
C LYS D 1210 -32.40 67.20 -67.92
N LYS D 1211 -33.69 67.44 -67.73
CA LYS D 1211 -34.50 66.65 -66.80
C LYS D 1211 -34.75 65.24 -67.30
N ALA D 1212 -33.97 64.29 -66.79
CA ALA D 1212 -34.11 62.90 -67.19
C ALA D 1212 -33.58 62.02 -66.07
N SER D 1213 -33.96 60.75 -66.10
CA SER D 1213 -33.44 59.76 -65.16
C SER D 1213 -31.99 59.48 -65.47
N ILE D 1214 -31.19 59.34 -64.41
CA ILE D 1214 -29.74 59.22 -64.54
C ILE D 1214 -29.39 57.74 -64.50
N GLY D 1215 -28.73 57.27 -65.56
CA GLY D 1215 -28.21 55.92 -65.61
C GLY D 1215 -26.77 55.86 -65.13
N MET D 1216 -26.24 54.64 -65.11
CA MET D 1216 -24.89 54.43 -64.58
C MET D 1216 -24.30 53.20 -65.23
N TYR D 1217 -23.23 53.40 -65.99
CA TYR D 1217 -22.47 52.30 -66.57
C TYR D 1217 -21.19 52.13 -65.78
N CYS D 1218 -20.92 50.90 -65.34
CA CYS D 1218 -19.70 50.61 -64.60
C CYS D 1218 -19.12 49.31 -65.13
N SER D 1219 -17.92 49.39 -65.70
CA SER D 1219 -17.26 48.20 -66.23
C SER D 1219 -15.76 48.40 -66.15
N SER D 1220 -15.03 47.35 -66.51
CA SER D 1220 -13.58 47.33 -66.43
C SER D 1220 -13.01 47.04 -67.80
N ASP D 1221 -12.27 47.99 -68.36
CA ASP D 1221 -11.47 47.72 -69.54
C ASP D 1221 -10.30 46.83 -69.16
N TYR D 1222 -9.87 46.01 -70.10
CA TYR D 1222 -8.70 45.18 -69.87
C TYR D 1222 -7.50 45.55 -70.72
N GLU D 1223 -7.71 46.19 -71.88
CA GLU D 1223 -6.58 46.68 -72.67
C GLU D 1223 -5.91 47.84 -71.96
N LYS D 1224 -6.63 48.94 -71.79
CA LYS D 1224 -6.26 49.88 -70.76
C LYS D 1224 -6.75 49.33 -69.43
N ASP D 1225 -6.01 49.63 -68.36
CA ASP D 1225 -6.29 49.02 -67.07
C ASP D 1225 -7.09 49.95 -66.17
N VAL D 1226 -8.05 50.67 -66.73
CA VAL D 1226 -8.89 51.58 -65.96
C VAL D 1226 -10.30 51.00 -65.90
N ILE D 1227 -11.14 51.64 -65.11
CA ILE D 1227 -12.57 51.32 -65.08
C ILE D 1227 -13.32 52.51 -65.64
N ILE D 1228 -14.36 52.21 -66.42
CA ILE D 1228 -15.12 53.22 -67.12
C ILE D 1228 -16.42 53.45 -66.35
N VAL D 1229 -16.63 54.68 -65.91
CA VAL D 1229 -17.88 55.09 -65.32
C VAL D 1229 -18.37 56.30 -66.09
N TYR D 1230 -19.45 56.15 -66.82
CA TYR D 1230 -20.17 57.29 -67.33
C TYR D 1230 -21.63 57.18 -66.94
N PHE D 1231 -22.21 58.32 -66.58
CA PHE D 1231 -23.63 58.40 -66.31
C PHE D 1231 -24.31 58.91 -67.56
N HIS D 1232 -25.47 58.35 -67.86
CA HIS D 1232 -26.22 58.75 -69.04
C HIS D 1232 -27.63 59.07 -68.62
N GLU D 1233 -28.31 59.83 -69.47
CA GLU D 1233 -29.74 59.96 -69.32
C GLU D 1233 -30.41 58.67 -69.75
N LYS D 1234 -31.64 58.47 -69.32
CA LYS D 1234 -32.36 57.25 -69.63
C LYS D 1234 -33.39 57.55 -70.71
N LYS D 1235 -33.17 56.99 -71.90
CA LYS D 1235 -34.19 56.99 -72.93
C LYS D 1235 -34.96 55.68 -72.87
N ASP D 1236 -36.04 55.61 -73.65
CA ASP D 1236 -36.72 54.34 -73.83
C ASP D 1236 -36.07 53.51 -74.93
N ASN D 1237 -35.24 54.14 -75.76
CA ASN D 1237 -34.47 53.43 -76.76
C ASN D 1237 -33.24 54.26 -77.09
N TYR D 1238 -32.11 53.58 -77.19
CA TYR D 1238 -30.86 54.18 -77.63
C TYR D 1238 -30.57 53.65 -79.02
N SER D 1239 -30.57 54.55 -80.00
CA SER D 1239 -30.64 54.16 -81.40
C SER D 1239 -29.31 54.31 -82.12
N PHE D 1240 -28.19 54.31 -81.38
CA PHE D 1240 -26.80 54.21 -81.87
C PHE D 1240 -26.33 55.47 -82.61
N ASN D 1241 -27.23 56.40 -82.88
CA ASN D 1241 -26.88 57.65 -83.54
C ASN D 1241 -27.47 58.85 -82.80
N SER D 1242 -28.53 58.63 -82.05
CA SER D 1242 -29.05 59.61 -81.10
C SER D 1242 -28.47 59.24 -79.74
N LEU D 1243 -27.25 59.71 -79.49
CA LEU D 1243 -26.58 59.40 -78.25
C LEU D 1243 -27.24 60.14 -77.09
N PRO D 1244 -27.39 59.48 -75.94
CA PRO D 1244 -27.94 60.15 -74.77
C PRO D 1244 -26.94 61.13 -74.19
N ALA D 1245 -27.45 62.06 -73.40
CA ALA D 1245 -26.60 63.01 -72.70
C ALA D 1245 -25.76 62.27 -71.68
N ARG D 1246 -24.45 62.48 -71.72
CA ARG D 1246 -23.53 61.61 -71.01
C ARG D 1246 -22.52 62.45 -70.24
N GLU D 1247 -21.95 61.86 -69.20
CA GLU D 1247 -20.91 62.50 -68.42
C GLU D 1247 -19.86 61.45 -68.09
N GLY D 1248 -18.67 61.61 -68.66
CA GLY D 1248 -17.67 60.58 -68.62
C GLY D 1248 -16.69 60.78 -67.48
N MET D 1249 -16.05 59.68 -67.11
CA MET D 1249 -15.16 59.61 -65.96
C MET D 1249 -14.43 58.28 -66.03
N THR D 1250 -13.24 58.23 -65.45
CA THR D 1250 -12.48 56.98 -65.41
C THR D 1250 -11.55 56.99 -64.21
N ILE D 1251 -11.36 55.81 -63.62
CA ILE D 1251 -10.56 55.65 -62.41
C ILE D 1251 -9.36 54.76 -62.74
N ASN D 1252 -8.19 55.14 -62.26
CA ASN D 1252 -6.95 54.42 -62.47
C ASN D 1252 -6.94 53.14 -61.64
N PRO D 1253 -5.90 52.29 -61.79
CA PRO D 1253 -5.70 51.22 -60.79
C PRO D 1253 -5.54 51.73 -59.38
N ASP D 1254 -4.71 52.75 -59.18
CA ASP D 1254 -4.76 53.51 -57.95
C ASP D 1254 -6.08 54.28 -57.94
N MET D 1255 -6.59 54.59 -56.74
CA MET D 1255 -7.89 55.24 -56.63
C MET D 1255 -7.88 56.73 -57.01
N THR D 1256 -6.80 57.24 -57.58
CA THR D 1256 -6.83 58.53 -58.23
C THR D 1256 -7.74 58.48 -59.45
N LEU D 1257 -8.44 59.57 -59.69
CA LEU D 1257 -9.40 59.66 -60.77
C LEU D 1257 -8.76 60.32 -61.99
N SER D 1258 -9.13 59.83 -63.16
CA SER D 1258 -8.62 60.34 -64.43
C SER D 1258 -9.75 61.02 -65.19
N ILE D 1259 -9.41 61.99 -66.03
CA ILE D 1259 -10.42 62.66 -66.83
C ILE D 1259 -10.72 61.83 -68.07
N LEU D 1260 -11.87 62.10 -68.68
CA LEU D 1260 -12.29 61.39 -69.88
C LEU D 1260 -12.75 62.42 -70.89
N THR D 1261 -12.05 62.53 -72.02
CA THR D 1261 -12.44 63.47 -73.05
C THR D 1261 -13.72 63.00 -73.74
N GLU D 1262 -14.37 63.95 -74.44
CA GLU D 1262 -15.65 63.66 -75.04
C GLU D 1262 -15.54 62.75 -76.25
N ASN D 1263 -14.40 62.74 -76.95
CA ASN D 1263 -14.26 61.87 -78.11
C ASN D 1263 -14.11 60.42 -77.68
N ASP D 1264 -13.28 60.17 -76.66
CA ASP D 1264 -13.17 58.84 -76.09
C ASP D 1264 -14.47 58.41 -75.42
N LEU D 1265 -15.19 59.39 -74.86
CA LEU D 1265 -16.48 59.10 -74.24
C LEU D 1265 -17.50 58.67 -75.29
N ASP D 1266 -17.51 59.33 -76.44
CA ASP D 1266 -18.42 58.95 -77.51
C ASP D 1266 -18.04 57.61 -78.10
N ALA D 1267 -16.74 57.33 -78.19
CA ALA D 1267 -16.30 56.00 -78.62
C ALA D 1267 -16.74 54.92 -77.65
N ILE D 1268 -16.65 55.18 -76.35
CA ILE D 1268 -17.12 54.23 -75.34
C ILE D 1268 -18.63 54.01 -75.41
N VAL D 1269 -19.41 55.08 -75.52
CA VAL D 1269 -20.87 54.96 -75.62
C VAL D 1269 -21.28 54.24 -76.89
N LYS D 1270 -20.63 54.53 -78.01
CA LYS D 1270 -20.87 53.79 -79.24
C LYS D 1270 -20.47 52.33 -79.11
N SER D 1271 -19.48 52.04 -78.28
CA SER D 1271 -19.08 50.65 -78.08
C SER D 1271 -20.08 49.84 -77.25
N THR D 1272 -20.67 50.43 -76.21
CA THR D 1272 -21.55 49.63 -75.35
C THR D 1272 -22.85 50.36 -75.04
N LEU D 1273 -23.50 50.93 -76.05
CA LEU D 1273 -24.87 51.40 -75.88
C LEU D 1273 -25.83 50.25 -75.56
N SER D 1274 -25.54 49.04 -76.04
CA SER D 1274 -26.45 47.92 -75.89
C SER D 1274 -26.59 47.44 -74.45
N GLU D 1275 -25.58 47.65 -73.61
CA GLU D 1275 -25.64 47.22 -72.22
C GLU D 1275 -26.18 48.31 -71.30
N LEU D 1276 -26.80 49.34 -71.85
CA LEU D 1276 -27.29 50.44 -71.04
C LEU D 1276 -28.74 50.20 -70.64
N ASP D 1277 -29.05 50.54 -69.39
CA ASP D 1277 -30.37 50.34 -68.83
C ASP D 1277 -31.32 51.39 -69.39
N THR D 1278 -32.47 50.96 -69.88
CA THR D 1278 -33.49 51.88 -70.37
C THR D 1278 -34.38 52.32 -69.22
N ARG D 1279 -35.46 53.03 -69.53
CA ARG D 1279 -36.37 53.49 -68.48
C ARG D 1279 -37.28 52.38 -67.97
N THR D 1280 -37.33 51.24 -68.64
CA THR D 1280 -38.28 50.19 -68.31
C THR D 1280 -37.65 48.86 -67.97
N GLU D 1281 -36.40 48.61 -68.36
CA GLU D 1281 -35.80 47.30 -68.19
C GLU D 1281 -34.35 47.47 -67.75
N TYR D 1282 -33.98 46.76 -66.69
CA TYR D 1282 -32.64 46.86 -66.11
C TYR D 1282 -31.71 45.88 -66.81
N LYS D 1283 -30.52 46.35 -67.13
CA LYS D 1283 -29.51 45.54 -67.78
C LYS D 1283 -28.42 45.17 -66.79
N VAL D 1284 -27.50 44.33 -67.25
CA VAL D 1284 -26.32 43.94 -66.49
C VAL D 1284 -25.12 44.20 -67.36
N ASN D 1285 -24.21 45.05 -66.88
CA ASN D 1285 -23.04 45.41 -67.65
C ASN D 1285 -22.06 44.25 -67.72
N ASN D 1286 -21.59 43.97 -68.93
CA ASN D 1286 -20.56 42.98 -69.12
C ASN D 1286 -19.20 43.64 -68.99
N GLN D 1287 -18.15 42.87 -69.30
CA GLN D 1287 -16.83 43.45 -69.40
C GLN D 1287 -16.76 44.33 -70.63
N PHE D 1288 -16.17 45.51 -70.48
CA PHE D 1288 -16.09 46.44 -71.59
C PHE D 1288 -15.02 45.98 -72.57
N ALA D 1289 -15.38 45.96 -73.85
CA ALA D 1289 -14.42 45.68 -74.91
C ALA D 1289 -14.90 46.40 -76.16
N THR D 1290 -13.98 47.07 -76.84
CA THR D 1290 -14.35 47.87 -78.00
C THR D 1290 -14.73 46.99 -79.18
N ASP D 1291 -13.74 46.33 -79.79
CA ASP D 1291 -14.02 45.41 -80.88
C ASP D 1291 -13.57 44.00 -80.59
N TYR D 1292 -12.34 43.80 -80.10
CA TYR D 1292 -11.81 42.47 -79.86
C TYR D 1292 -11.05 42.44 -78.55
N LEU D 1293 -10.51 41.28 -78.23
CA LEU D 1293 -9.62 41.09 -77.11
C LEU D 1293 -8.56 40.05 -77.46
N ALA D 1294 -7.30 40.45 -77.35
CA ALA D 1294 -6.18 39.58 -77.68
C ALA D 1294 -5.66 38.92 -76.42
N GLU D 1295 -5.92 37.62 -76.28
CA GLU D 1295 -5.48 36.84 -75.14
C GLU D 1295 -4.18 36.14 -75.53
N TYR D 1296 -3.06 36.62 -75.00
CA TYR D 1296 -1.76 36.09 -75.38
C TYR D 1296 -0.74 36.42 -74.31
N LYS D 1297 0.37 35.69 -74.35
CA LYS D 1297 1.52 35.93 -73.49
C LYS D 1297 2.67 36.47 -74.32
N GLU D 1298 3.56 37.22 -73.68
CA GLU D 1298 4.65 37.85 -74.43
C GLU D 1298 5.79 36.87 -74.68
N SER D 1299 6.47 36.45 -73.61
CA SER D 1299 7.69 35.65 -73.73
C SER D 1299 7.46 34.24 -73.21
N ILE D 1300 7.88 33.25 -73.98
CA ILE D 1300 7.73 31.85 -73.62
C ILE D 1300 9.08 31.17 -73.75
N THR D 1301 9.58 30.62 -72.66
CA THR D 1301 10.89 29.99 -72.61
C THR D 1301 10.78 28.51 -72.98
N THR D 1302 11.92 27.95 -73.37
CA THR D 1302 12.02 26.52 -73.63
C THR D 1302 13.14 25.86 -72.85
N LYS D 1303 14.30 26.50 -72.77
CA LYS D 1303 15.49 26.04 -72.03
C LYS D 1303 15.93 24.64 -72.47
N ASN D 1304 16.38 24.58 -73.72
CA ASN D 1304 17.16 23.44 -74.17
C ASN D 1304 18.49 23.40 -73.43
N LYS D 1305 19.02 22.19 -73.24
CA LYS D 1305 20.30 22.02 -72.57
C LYS D 1305 21.47 22.60 -73.35
N LEU D 1306 21.31 22.85 -74.64
CA LEU D 1306 22.26 23.69 -75.36
C LEU D 1306 22.13 25.15 -74.94
N ALA D 1307 20.93 25.70 -75.08
CA ALA D 1307 20.70 27.12 -74.84
C ALA D 1307 19.22 27.36 -74.66
N SER D 1308 18.88 28.28 -73.76
CA SER D 1308 17.51 28.76 -73.66
C SER D 1308 17.22 29.65 -74.84
N PHE D 1309 15.95 29.71 -75.26
CA PHE D 1309 15.63 30.44 -76.47
C PHE D 1309 14.73 31.64 -76.23
N THR D 1310 13.57 31.43 -75.59
CA THR D 1310 12.65 32.49 -75.12
C THR D 1310 12.20 33.42 -76.25
N GLY D 1311 11.57 32.85 -77.27
CA GLY D 1311 11.02 33.67 -78.33
C GLY D 1311 9.78 34.42 -77.86
N ASN D 1312 9.61 35.64 -78.40
CA ASN D 1312 8.56 36.49 -77.85
C ASN D 1312 7.94 37.37 -78.93
N ILE D 1313 6.77 37.90 -78.59
CA ILE D 1313 6.03 38.84 -79.40
C ILE D 1313 5.96 40.15 -78.62
N PHE D 1314 6.46 41.22 -79.21
CA PHE D 1314 6.74 42.43 -78.43
C PHE D 1314 5.59 43.43 -78.42
N ASP D 1315 5.20 43.95 -79.57
CA ASP D 1315 4.27 45.08 -79.62
C ASP D 1315 3.05 44.69 -80.43
N LEU D 1316 2.09 44.05 -79.76
CA LEU D 1316 0.88 43.59 -80.42
C LEU D 1316 -0.07 44.77 -80.57
N SER D 1317 -0.66 44.91 -81.74
CA SER D 1317 -1.65 45.93 -82.01
C SER D 1317 -2.61 45.43 -83.07
N TYR D 1318 -3.89 45.69 -82.86
CA TYR D 1318 -4.91 45.23 -83.79
C TYR D 1318 -5.97 46.30 -83.95
N ILE D 1319 -6.36 46.54 -85.20
CA ILE D 1319 -7.37 47.54 -85.54
C ILE D 1319 -8.45 46.83 -86.33
N SER D 1320 -9.69 46.95 -85.89
CA SER D 1320 -10.81 46.35 -86.60
C SER D 1320 -11.26 47.30 -87.72
N PRO D 1321 -11.06 46.94 -88.99
CA PRO D 1321 -11.46 47.86 -90.06
C PRO D 1321 -12.96 47.91 -90.28
N GLY D 1322 -13.67 46.84 -89.97
CA GLY D 1322 -15.11 46.78 -90.16
C GLY D 1322 -15.73 45.96 -89.08
N ASN D 1323 -16.71 45.14 -89.45
CA ASN D 1323 -17.44 44.37 -88.46
C ASN D 1323 -16.67 43.14 -88.02
N GLY D 1324 -16.41 42.22 -88.95
CA GLY D 1324 -15.88 40.93 -88.57
C GLY D 1324 -14.41 40.73 -88.89
N HIS D 1325 -13.70 41.80 -89.21
CA HIS D 1325 -12.31 41.70 -89.63
C HIS D 1325 -11.36 42.29 -88.60
N ILE D 1326 -10.07 42.10 -88.85
CA ILE D 1326 -9.03 42.56 -87.94
C ILE D 1326 -7.79 42.86 -88.76
N ASN D 1327 -6.92 43.72 -88.23
CA ASN D 1327 -5.64 44.04 -88.84
C ASN D 1327 -4.58 43.92 -87.75
N LEU D 1328 -4.03 42.71 -87.60
CA LEU D 1328 -3.03 42.48 -86.57
C LEU D 1328 -1.70 43.08 -86.97
N THR D 1329 -0.90 43.42 -85.96
CA THR D 1329 0.42 43.99 -86.19
C THR D 1329 1.26 43.73 -84.95
N PHE D 1330 2.40 43.06 -85.12
CA PHE D 1330 3.31 42.82 -84.01
C PHE D 1330 4.71 42.60 -84.55
N ASN D 1331 5.69 42.66 -83.64
CA ASN D 1331 7.10 42.54 -83.97
C ASN D 1331 7.68 41.33 -83.23
N PRO D 1332 7.70 40.16 -83.85
CA PRO D 1332 8.22 38.98 -83.18
C PRO D 1332 9.74 38.99 -83.11
N SER D 1333 10.26 38.23 -82.16
CA SER D 1333 11.71 38.16 -81.95
C SER D 1333 12.06 36.84 -81.29
N MET D 1334 13.34 36.49 -81.38
CA MET D 1334 13.89 35.33 -80.71
C MET D 1334 15.17 35.75 -80.00
N GLU D 1335 15.37 35.23 -78.79
CA GLU D 1335 16.36 35.76 -77.86
C GLU D 1335 17.31 34.65 -77.41
N ILE D 1336 17.90 33.96 -78.39
CA ILE D 1336 18.77 32.81 -78.12
C ILE D 1336 19.97 33.24 -77.30
N ASN D 1337 20.06 32.73 -76.07
CA ASN D 1337 21.12 33.09 -75.13
C ASN D 1337 21.72 31.83 -74.53
N PHE D 1338 22.99 31.92 -74.16
CA PHE D 1338 23.71 30.77 -73.63
C PHE D 1338 24.00 30.94 -72.14
N ASP D 1500 19.36 32.02 -91.38
CA ASP D 1500 19.91 30.92 -92.16
C ASP D 1500 18.78 30.04 -92.65
N LYS D 1501 19.11 28.76 -92.84
CA LYS D 1501 18.12 27.70 -92.82
C LYS D 1501 17.80 27.27 -91.39
N ASN D 1502 18.41 27.94 -90.43
CA ASN D 1502 18.10 27.92 -89.00
C ASN D 1502 16.86 28.78 -88.74
N ILE D 1503 16.73 29.25 -87.50
CA ILE D 1503 15.51 29.65 -86.78
C ILE D 1503 14.47 30.39 -87.62
N SER D 1504 13.22 29.99 -87.48
CA SER D 1504 12.15 30.49 -88.34
C SER D 1504 10.92 30.81 -87.51
N PHE D 1505 10.27 31.90 -87.87
CA PHE D 1505 9.01 32.29 -87.28
C PHE D 1505 7.88 31.73 -88.13
N LEU D 1506 6.78 31.37 -87.47
CA LEU D 1506 5.62 30.86 -88.19
C LEU D 1506 4.36 31.28 -87.46
N LEU D 1507 3.54 32.10 -88.10
CA LEU D 1507 2.23 32.45 -87.58
C LEU D 1507 1.17 31.71 -88.36
N LYS D 1508 0.40 30.88 -87.68
CA LYS D 1508 -0.58 30.03 -88.34
C LYS D 1508 -1.96 30.23 -87.72
N ASN D 1509 -2.97 29.88 -88.52
CA ASN D 1509 -4.32 29.66 -88.02
C ASN D 1509 -4.41 28.19 -87.61
N GLY D 1510 -5.63 27.67 -87.43
CA GLY D 1510 -5.80 26.26 -87.11
C GLY D 1510 -5.31 25.35 -88.23
N SER D 1511 -5.47 25.79 -89.48
CA SER D 1511 -4.87 25.08 -90.60
C SER D 1511 -4.21 25.99 -91.63
N ASP D 1512 -4.46 27.29 -91.60
CA ASP D 1512 -3.93 28.19 -92.62
C ASP D 1512 -2.60 28.76 -92.14
N ILE D 1513 -1.58 28.64 -92.99
CA ILE D 1513 -0.29 29.29 -92.75
C ILE D 1513 -0.42 30.73 -93.21
N LEU D 1514 -0.48 31.66 -92.27
CA LEU D 1514 -0.70 33.06 -92.61
C LEU D 1514 0.60 33.81 -92.86
N VAL D 1515 1.54 33.75 -91.92
CA VAL D 1515 2.81 34.47 -92.03
C VAL D 1515 3.93 33.49 -91.75
N GLU D 1516 4.85 33.35 -92.70
CA GLU D 1516 5.98 32.46 -92.58
C GLU D 1516 7.26 33.26 -92.75
N LEU D 1517 8.13 33.24 -91.74
CA LEU D 1517 9.34 34.04 -91.75
C LEU D 1517 10.57 33.18 -91.53
N ASN D 1518 11.71 33.70 -91.95
CA ASN D 1518 13.00 33.05 -91.81
C ASN D 1518 13.99 33.98 -91.11
N ALA D 1519 15.19 33.46 -90.86
CA ALA D 1519 16.23 34.27 -90.22
C ALA D 1519 17.12 34.96 -91.24
N GLU D 1520 17.48 34.26 -92.31
CA GLU D 1520 18.29 34.87 -93.35
C GLU D 1520 17.47 35.89 -94.14
N ASP D 1521 16.22 35.57 -94.41
CA ASP D 1521 15.33 36.46 -95.13
C ASP D 1521 14.55 37.34 -94.17
N HIS D 1522 14.37 38.61 -94.56
CA HIS D 1522 13.65 39.68 -93.83
C HIS D 1522 13.87 39.67 -92.32
N VAL D 1523 15.14 39.72 -91.92
CA VAL D 1523 15.51 40.05 -90.55
C VAL D 1523 16.49 41.21 -90.62
N ALA D 1524 16.07 42.37 -90.12
CA ALA D 1524 16.92 43.54 -90.13
C ALA D 1524 17.95 43.44 -89.03
N SER D 1525 19.21 43.69 -89.40
CA SER D 1525 20.37 43.71 -88.49
C SER D 1525 20.54 42.37 -87.76
N LYS D 1526 20.97 41.37 -88.54
CA LYS D 1526 21.26 40.04 -87.98
C LYS D 1526 22.31 40.13 -86.88
N PRO D 1527 22.05 39.55 -85.71
CA PRO D 1527 22.91 39.82 -84.55
C PRO D 1527 24.25 39.11 -84.66
N SER D 1528 25.24 39.69 -84.02
CA SER D 1528 26.59 39.15 -84.00
C SER D 1528 26.70 38.07 -82.94
N HIS D 1529 27.71 37.22 -83.11
CA HIS D 1529 27.97 36.17 -82.12
C HIS D 1529 28.66 36.70 -80.88
N GLU D 1530 29.13 37.94 -80.90
CA GLU D 1530 29.74 38.54 -79.72
C GLU D 1530 28.71 38.85 -78.63
N SER D 1531 27.44 38.99 -79.00
CA SER D 1531 26.39 39.13 -78.00
C SER D 1531 26.04 37.76 -77.43
N ASP D 1532 25.89 37.69 -76.12
CA ASP D 1532 25.55 36.41 -75.51
C ASP D 1532 24.07 36.09 -75.68
N PRO D 1533 23.10 37.05 -75.52
CA PRO D 1533 21.79 36.81 -76.12
C PRO D 1533 21.75 37.31 -77.56
N MET D 1534 21.23 36.49 -78.47
CA MET D 1534 21.14 36.86 -79.88
C MET D 1534 19.69 37.23 -80.16
N VAL D 1535 19.42 38.52 -80.18
CA VAL D 1535 18.08 39.05 -80.45
C VAL D 1535 17.96 39.30 -81.94
N TYR D 1536 16.85 38.89 -82.54
CA TYR D 1536 16.73 38.89 -83.98
C TYR D 1536 15.85 39.99 -84.54
N ASP D 1537 14.61 40.14 -84.04
CA ASP D 1537 13.69 41.24 -84.40
C ASP D 1537 13.40 41.26 -85.90
N PHE D 1538 12.61 40.27 -86.32
CA PHE D 1538 12.38 39.91 -87.72
C PHE D 1538 11.97 41.08 -88.60
N ASN D 1539 10.75 41.56 -88.39
CA ASN D 1539 10.17 42.77 -89.01
C ASN D 1539 8.81 42.99 -88.37
N GLN D 1540 8.09 43.98 -88.86
CA GLN D 1540 6.71 44.18 -88.42
C GLN D 1540 5.80 43.27 -89.24
N VAL D 1541 5.08 42.39 -88.56
CA VAL D 1541 4.24 41.40 -89.20
C VAL D 1541 2.83 41.95 -89.29
N LYS D 1542 2.33 42.11 -90.51
CA LYS D 1542 0.97 42.56 -90.75
C LYS D 1542 0.16 41.43 -91.38
N VAL D 1543 -1.11 41.34 -90.97
CA VAL D 1543 -2.01 40.33 -91.51
C VAL D 1543 -3.43 40.86 -91.36
N ASP D 1544 -4.35 40.32 -92.14
CA ASP D 1544 -5.76 40.70 -92.09
C ASP D 1544 -6.58 39.43 -92.06
N ILE D 1545 -7.22 39.16 -90.92
CA ILE D 1545 -8.05 37.98 -90.73
C ILE D 1545 -9.48 38.43 -90.52
N GLU D 1546 -10.42 37.57 -90.84
CA GLU D 1546 -11.81 37.81 -90.53
C GLU D 1546 -12.36 36.68 -89.66
N GLY D 1547 -13.45 36.98 -88.97
CA GLY D 1547 -14.07 36.05 -88.04
C GLY D 1547 -14.16 36.63 -86.66
N TYR D 1548 -14.83 35.90 -85.79
CA TYR D 1548 -15.08 36.35 -84.42
C TYR D 1548 -14.19 35.69 -83.39
N ASP D 1549 -13.75 34.46 -83.61
CA ASP D 1549 -12.79 33.78 -82.75
C ASP D 1549 -11.61 33.36 -83.60
N ILE D 1550 -10.44 33.95 -83.34
CA ILE D 1550 -9.25 33.69 -84.14
C ILE D 1550 -8.16 33.10 -83.25
N PRO D 1551 -8.17 31.79 -82.99
CA PRO D 1551 -7.10 31.21 -82.16
C PRO D 1551 -5.80 31.02 -82.94
N LEU D 1552 -5.07 32.11 -83.11
CA LEU D 1552 -3.81 32.06 -83.84
C LEU D 1552 -2.73 31.38 -83.03
N VAL D 1553 -1.75 30.83 -83.73
CA VAL D 1553 -0.62 30.15 -83.12
C VAL D 1553 0.64 30.70 -83.74
N SER D 1554 1.50 31.29 -82.92
CA SER D 1554 2.82 31.73 -83.37
C SER D 1554 3.86 30.68 -83.01
N GLU D 1555 4.59 30.22 -84.02
CA GLU D 1555 5.56 29.15 -83.85
C GLU D 1555 6.95 29.66 -84.18
N PHE D 1556 7.93 29.27 -83.36
CA PHE D 1556 9.32 29.66 -83.54
C PHE D 1556 10.14 28.38 -83.74
N ILE D 1557 10.31 27.99 -84.99
CA ILE D 1557 10.91 26.70 -85.33
C ILE D 1557 12.41 26.88 -85.56
N ILE D 1558 13.20 25.93 -85.05
CA ILE D 1558 14.65 26.02 -85.07
C ILE D 1558 15.31 24.96 -85.94
N LYS D 1559 14.62 23.81 -86.13
CA LYS D 1559 15.19 22.47 -86.28
C LYS D 1559 16.45 22.38 -87.13
N GLN D 1560 17.43 21.63 -86.61
CA GLN D 1560 18.73 21.34 -87.24
C GLN D 1560 19.51 22.58 -87.66
N ASP D 1567 15.22 20.08 -83.71
CA ASP D 1567 13.80 19.81 -83.59
C ASP D 1567 13.19 20.58 -82.43
N ILE D 1568 13.42 21.89 -82.41
CA ILE D 1568 13.05 22.75 -81.29
C ILE D 1568 12.01 23.74 -81.78
N VAL D 1569 10.80 23.66 -81.24
CA VAL D 1569 9.68 24.51 -81.63
C VAL D 1569 9.19 25.26 -80.40
N ILE D 1570 9.00 26.56 -80.52
CA ILE D 1570 8.41 27.38 -79.47
C ILE D 1570 7.02 27.78 -79.93
N GLU D 1571 6.00 27.16 -79.34
CA GLU D 1571 4.62 27.45 -79.66
C GLU D 1571 4.15 28.62 -78.79
N SER D 1572 3.45 29.58 -79.38
CA SER D 1572 2.92 30.73 -78.66
C SER D 1572 1.54 31.05 -79.20
N PRO D 1573 0.48 30.72 -78.45
CA PRO D 1573 -0.87 30.92 -78.96
C PRO D 1573 -1.36 32.34 -78.74
N ILE D 1574 -2.17 32.82 -79.68
CA ILE D 1574 -2.84 34.11 -79.59
C ILE D 1574 -4.31 33.86 -79.86
N HIS D 1575 -5.16 34.17 -78.90
CA HIS D 1575 -6.60 34.01 -79.06
C HIS D 1575 -7.24 35.39 -79.13
N ILE D 1576 -7.90 35.68 -80.24
CA ILE D 1576 -8.58 36.95 -80.46
C ILE D 1576 -10.07 36.66 -80.51
N LYS D 1577 -10.83 37.37 -79.68
CA LYS D 1577 -12.25 37.11 -79.52
C LYS D 1577 -13.05 38.40 -79.70
N LEU D 1578 -14.02 38.35 -80.60
CA LEU D 1578 -14.87 39.51 -80.88
C LEU D 1578 -15.94 39.63 -79.80
N LYS D 1579 -16.25 40.87 -79.44
CA LYS D 1579 -17.37 41.17 -78.55
C LYS D 1579 -18.64 41.19 -79.38
N SER D 1580 -19.48 40.18 -79.20
CA SER D 1580 -20.74 40.11 -79.93
C SER D 1580 -21.70 41.15 -79.36
N LYS D 1581 -22.26 41.98 -80.23
CA LYS D 1581 -23.13 43.07 -79.82
C LYS D 1581 -24.61 42.72 -79.94
N ASP D 1582 -24.97 41.45 -79.80
CA ASP D 1582 -26.37 41.07 -79.83
C ASP D 1582 -27.06 41.46 -78.54
N THR D 1583 -28.39 41.51 -78.60
CA THR D 1583 -29.17 41.65 -77.37
C THR D 1583 -29.16 40.37 -76.54
N SER D 1584 -28.89 39.22 -77.16
CA SER D 1584 -28.74 37.97 -76.43
C SER D 1584 -27.47 37.95 -75.60
N ASN D 1585 -26.49 38.80 -75.90
CA ASN D 1585 -25.25 38.88 -75.15
C ASN D 1585 -25.36 39.85 -73.97
N VAL D 1586 -26.58 40.16 -73.55
CA VAL D 1586 -26.81 41.04 -72.41
C VAL D 1586 -27.74 40.33 -71.45
N ILE D 1587 -27.29 40.13 -70.22
CA ILE D 1587 -28.12 39.53 -69.18
C ILE D 1587 -29.16 40.55 -68.74
N SER D 1588 -30.43 40.20 -68.86
CA SER D 1588 -31.52 41.04 -68.43
C SER D 1588 -32.17 40.46 -67.19
N LEU D 1589 -32.36 41.30 -66.18
CA LEU D 1589 -33.08 40.89 -64.98
C LEU D 1589 -34.34 41.74 -64.86
N HIS D 1590 -35.38 41.14 -64.31
CA HIS D 1590 -36.69 41.76 -64.25
C HIS D 1590 -37.25 41.56 -62.86
N LYS D 1591 -38.34 42.28 -62.58
CA LYS D 1591 -39.05 42.15 -61.32
C LYS D 1591 -40.54 42.13 -61.61
N MET D 1592 -41.15 40.96 -61.48
CA MET D 1592 -42.59 40.83 -61.62
C MET D 1592 -43.30 41.56 -60.49
N PRO D 1593 -44.49 42.10 -60.73
CA PRO D 1593 -45.24 42.76 -59.66
C PRO D 1593 -45.78 41.80 -58.61
N SER D 1594 -45.79 40.49 -58.89
CA SER D 1594 -46.17 39.52 -57.88
C SER D 1594 -45.13 39.36 -56.78
N GLY D 1595 -43.90 39.84 -57.00
CA GLY D 1595 -42.85 39.75 -56.01
C GLY D 1595 -41.65 38.94 -56.44
N THR D 1596 -41.80 38.09 -57.46
CA THR D 1596 -40.67 37.32 -57.93
C THR D 1596 -39.72 38.20 -58.74
N GLN D 1597 -38.55 37.64 -59.01
CA GLN D 1597 -37.47 38.40 -59.64
C GLN D 1597 -36.63 37.44 -60.45
N TYR D 1598 -36.81 37.44 -61.76
CA TYR D 1598 -36.13 36.48 -62.61
C TYR D 1598 -35.08 37.15 -63.45
N MET D 1599 -34.03 36.41 -63.75
CA MET D 1599 -33.01 36.83 -64.69
C MET D 1599 -33.22 36.09 -66.00
N GLN D 1600 -33.29 36.83 -67.10
CA GLN D 1600 -33.60 36.27 -68.40
C GLN D 1600 -32.40 36.42 -69.32
N ILE D 1601 -31.92 35.30 -69.84
CA ILE D 1601 -30.85 35.28 -70.84
C ILE D 1601 -31.45 34.71 -72.12
N GLY D 1602 -31.94 35.59 -72.98
CA GLY D 1602 -32.54 35.19 -74.22
C GLY D 1602 -33.84 34.44 -73.99
N PRO D 1603 -33.91 33.21 -74.48
CA PRO D 1603 -35.11 32.40 -74.27
C PRO D 1603 -35.20 31.82 -72.87
N TYR D 1604 -34.06 31.74 -72.20
CA TYR D 1604 -34.01 31.13 -70.88
C TYR D 1604 -34.30 32.16 -69.80
N ARG D 1605 -34.94 31.73 -68.73
CA ARG D 1605 -35.21 32.55 -67.57
C ARG D 1605 -34.80 31.80 -66.31
N THR D 1606 -34.31 32.51 -65.32
CA THR D 1606 -33.82 31.91 -64.09
C THR D 1606 -34.30 32.71 -62.90
N ARG D 1607 -34.98 32.04 -61.96
CA ARG D 1607 -35.50 32.72 -60.78
C ARG D 1607 -34.37 33.03 -59.82
N LEU D 1608 -34.40 34.23 -59.25
CA LEU D 1608 -33.41 34.65 -58.27
C LEU D 1608 -33.98 34.88 -56.88
N ASN D 1609 -35.29 35.00 -56.77
CA ASN D 1609 -35.94 35.35 -55.52
C ASN D 1609 -36.87 34.22 -55.10
N THR D 1610 -37.55 34.42 -53.98
CA THR D 1610 -38.59 33.51 -53.52
C THR D 1610 -39.58 34.26 -52.65
N LEU D 1611 -40.81 33.74 -52.62
CA LEU D 1611 -41.86 34.30 -51.78
C LEU D 1611 -42.13 33.40 -50.58
N PHE D 1612 -41.14 32.61 -50.18
CA PHE D 1612 -41.35 31.60 -49.15
C PHE D 1612 -41.47 32.21 -47.77
N SER D 1613 -40.73 33.29 -47.52
CA SER D 1613 -40.80 33.94 -46.22
C SER D 1613 -42.13 34.62 -45.98
N ARG D 1614 -42.83 34.98 -47.04
CA ARG D 1614 -44.16 35.57 -46.90
C ARG D 1614 -45.20 34.53 -46.51
N LYS D 1615 -44.98 33.27 -46.85
CA LYS D 1615 -45.88 32.20 -46.42
C LYS D 1615 -45.39 31.48 -45.18
N LEU D 1616 -44.17 31.76 -44.73
CA LEU D 1616 -43.55 30.96 -43.68
C LEU D 1616 -44.13 31.27 -42.30
N ALA D 1617 -44.58 32.51 -42.09
CA ALA D 1617 -44.93 32.95 -40.74
C ALA D 1617 -46.20 32.29 -40.24
N GLU D 1618 -47.14 32.02 -41.16
CA GLU D 1618 -48.39 31.38 -40.78
C GLU D 1618 -48.16 29.95 -40.32
N ARG D 1619 -47.18 29.27 -40.91
CA ARG D 1619 -46.83 27.93 -40.44
C ARG D 1619 -46.03 28.00 -39.16
N ALA D 1620 -45.13 28.99 -39.05
CA ALA D 1620 -44.22 29.06 -37.92
C ALA D 1620 -44.91 29.43 -36.62
N ASN D 1621 -45.86 30.35 -36.67
CA ASN D 1621 -46.59 30.69 -35.46
C ASN D 1621 -47.57 29.62 -35.04
N ILE D 1622 -47.99 28.75 -35.98
CA ILE D 1622 -48.80 27.60 -35.61
C ILE D 1622 -47.94 26.56 -34.91
N GLY D 1623 -46.85 26.15 -35.54
CA GLY D 1623 -46.03 25.12 -34.92
C GLY D 1623 -44.79 24.80 -35.72
N ILE D 1624 -43.79 24.34 -34.97
CA ILE D 1624 -42.53 23.91 -35.55
C ILE D 1624 -42.69 22.61 -36.34
N ASP D 1625 -43.71 21.81 -36.03
CA ASP D 1625 -44.01 20.66 -36.87
C ASP D 1625 -44.51 21.10 -38.24
N ASN D 1626 -45.19 22.24 -38.30
CA ASN D 1626 -45.82 22.68 -39.53
C ASN D 1626 -44.83 23.24 -40.54
N VAL D 1627 -43.73 23.85 -40.08
CA VAL D 1627 -42.77 24.36 -41.05
C VAL D 1627 -41.95 23.22 -41.65
N LEU D 1628 -41.75 22.14 -40.92
CA LEU D 1628 -41.04 20.99 -41.44
C LEU D 1628 -41.96 19.95 -42.05
N SER D 1629 -43.21 20.31 -42.29
CA SER D 1629 -44.12 19.42 -42.98
C SER D 1629 -43.80 19.38 -44.46
N MET D 1630 -44.37 18.39 -45.15
CA MET D 1630 -44.21 18.33 -46.59
C MET D 1630 -45.13 19.30 -47.31
N GLU D 1631 -46.17 19.78 -46.63
CA GLU D 1631 -47.02 20.82 -47.19
C GLU D 1631 -46.25 22.11 -47.38
N THR D 1632 -45.32 22.41 -46.47
CA THR D 1632 -44.52 23.62 -46.60
C THR D 1632 -43.54 23.50 -47.76
N GLN D 1633 -43.17 22.27 -48.12
CA GLN D 1633 -42.31 22.08 -49.27
C GLN D 1633 -43.09 22.07 -50.57
N ASN D 1634 -44.34 21.63 -50.54
CA ASN D 1634 -45.19 21.63 -51.73
C ASN D 1634 -46.04 22.89 -51.79
N LEU D 1635 -45.37 24.04 -51.77
CA LEU D 1635 -46.08 25.31 -51.89
C LEU D 1635 -45.74 25.95 -53.22
N PRO D 1636 -46.73 26.45 -53.96
CA PRO D 1636 -46.47 26.94 -55.31
C PRO D 1636 -45.79 28.29 -55.31
N GLU D 1637 -45.30 28.67 -56.49
CA GLU D 1637 -44.59 29.91 -56.72
C GLU D 1637 -44.94 30.43 -58.10
N PRO D 1638 -44.82 31.75 -58.33
CA PRO D 1638 -45.14 32.30 -59.65
C PRO D 1638 -44.16 31.86 -60.72
N GLN D 1639 -44.53 32.12 -61.97
CA GLN D 1639 -43.95 31.42 -63.10
C GLN D 1639 -43.07 32.29 -64.02
N LEU D 1640 -42.41 33.30 -63.48
CA LEU D 1640 -41.30 34.03 -64.12
C LEU D 1640 -41.74 34.70 -65.43
N GLY D 1641 -42.62 35.68 -65.29
CA GLY D 1641 -43.13 36.40 -66.44
C GLY D 1641 -44.47 35.86 -66.86
N GLU D 1642 -44.87 36.25 -68.08
CA GLU D 1642 -46.16 35.81 -68.60
C GLU D 1642 -46.19 34.32 -68.83
N GLY D 1643 -45.45 33.84 -69.85
CA GLY D 1643 -45.19 32.44 -70.07
C GLY D 1643 -46.34 31.48 -70.30
N PHE D 1644 -46.00 30.24 -70.63
CA PHE D 1644 -46.92 29.11 -70.64
C PHE D 1644 -46.07 27.85 -70.69
N TYR D 1645 -46.74 26.71 -70.58
CA TYR D 1645 -46.07 25.42 -70.64
C TYR D 1645 -46.65 24.58 -71.77
N ALA D 1646 -45.92 23.53 -72.13
CA ALA D 1646 -46.35 22.65 -73.21
C ALA D 1646 -45.69 21.29 -73.01
N THR D 1647 -46.50 20.24 -73.03
CA THR D 1647 -45.99 18.88 -72.88
C THR D 1647 -45.84 18.25 -74.25
N PHE D 1648 -44.65 17.71 -74.52
CA PHE D 1648 -44.32 17.18 -75.83
C PHE D 1648 -44.14 15.67 -75.72
N LYS D 1649 -45.16 14.92 -76.13
CA LYS D 1649 -45.07 13.47 -76.14
C LYS D 1649 -44.32 13.02 -77.38
N LEU D 1650 -43.42 12.05 -77.20
CA LEU D 1650 -42.45 11.74 -78.22
C LEU D 1650 -42.57 10.29 -78.69
N PRO D 1651 -42.22 10.00 -79.94
CA PRO D 1651 -42.32 8.63 -80.45
C PRO D 1651 -41.24 7.74 -79.85
N PRO D 1652 -41.40 6.42 -79.94
CA PRO D 1652 -40.31 5.52 -79.56
C PRO D 1652 -39.13 5.66 -80.51
N TYR D 1653 -37.97 5.20 -80.04
CA TYR D 1653 -36.79 5.14 -80.89
C TYR D 1653 -36.76 3.80 -81.60
N ASN D 1654 -36.61 3.85 -82.92
CA ASN D 1654 -36.59 2.61 -83.72
C ASN D 1654 -35.58 2.68 -84.85
N LYS D 1655 -34.50 3.47 -84.67
CA LYS D 1655 -33.36 3.59 -85.59
C LYS D 1655 -33.70 4.18 -86.95
N GLU D 1656 -34.96 4.53 -87.18
CA GLU D 1656 -35.43 5.24 -88.35
C GLU D 1656 -36.49 6.22 -87.89
N GLU D 1657 -36.61 7.32 -88.64
CA GLU D 1657 -37.28 8.59 -88.34
C GLU D 1657 -36.54 9.38 -87.25
N HIS D 1658 -35.46 8.84 -86.68
CA HIS D 1658 -34.67 9.54 -85.70
C HIS D 1658 -33.22 9.52 -86.12
N GLY D 1659 -32.81 8.43 -86.73
CA GLY D 1659 -31.43 8.28 -87.15
C GLY D 1659 -30.69 7.24 -86.33
N ASP D 1660 -29.52 7.61 -85.82
CA ASP D 1660 -28.65 6.67 -85.13
C ASP D 1660 -28.37 7.07 -83.69
N GLU D 1661 -28.08 8.34 -83.43
CA GLU D 1661 -27.45 8.75 -82.18
C GLU D 1661 -28.41 8.81 -80.99
N ARG D 1662 -29.72 8.67 -81.22
CA ARG D 1662 -30.73 8.48 -80.17
C ARG D 1662 -30.80 9.69 -79.21
N TRP D 1663 -31.14 10.83 -79.77
CA TRP D 1663 -31.53 11.98 -78.95
C TRP D 1663 -32.57 12.79 -79.70
N PHE D 1664 -32.98 13.89 -79.06
CA PHE D 1664 -33.85 14.86 -79.70
C PHE D 1664 -33.46 16.25 -79.22
N LYS D 1665 -33.50 17.22 -80.12
CA LYS D 1665 -33.16 18.58 -79.79
C LYS D 1665 -34.38 19.44 -80.07
N ILE D 1666 -35.15 19.73 -79.03
CA ILE D 1666 -36.32 20.60 -79.18
C ILE D 1666 -35.81 22.01 -79.41
N HIS D 1667 -35.88 22.46 -80.65
CA HIS D 1667 -35.40 23.80 -80.97
C HIS D 1667 -36.57 24.77 -80.91
N ILE D 1668 -36.28 26.03 -81.21
CA ILE D 1668 -37.26 27.10 -81.08
C ILE D 1668 -37.00 28.15 -82.14
N GLY D 1669 -38.05 28.89 -82.51
CA GLY D 1669 -37.93 29.92 -83.49
C GLY D 1669 -38.93 31.03 -83.25
N ASN D 1670 -38.68 32.16 -83.91
CA ASN D 1670 -39.50 33.38 -83.86
C ASN D 1670 -39.67 33.89 -82.43
N ILE D 1671 -38.56 34.12 -81.75
CA ILE D 1671 -38.65 34.75 -80.44
C ILE D 1671 -38.25 36.21 -80.57
N ASP D 1672 -36.98 36.44 -80.86
CA ASP D 1672 -36.44 37.79 -80.93
C ASP D 1672 -36.68 38.34 -82.33
N GLY D 1673 -36.00 39.43 -82.69
CA GLY D 1673 -35.94 39.82 -84.09
C GLY D 1673 -35.33 38.75 -84.97
N ASN D 1674 -34.40 37.97 -84.42
CA ASN D 1674 -33.96 36.73 -85.04
C ASN D 1674 -35.11 35.74 -85.10
N SER D 1675 -35.53 35.39 -86.30
CA SER D 1675 -36.56 34.38 -86.53
C SER D 1675 -35.90 33.20 -87.21
N ALA D 1676 -35.26 32.35 -86.42
CA ALA D 1676 -34.54 31.21 -86.94
C ALA D 1676 -34.44 30.14 -85.86
N ARG D 1677 -33.81 29.04 -86.20
CA ARG D 1677 -33.75 27.85 -85.34
C ARG D 1677 -32.71 28.08 -84.24
N GLN D 1678 -33.15 28.08 -82.99
CA GLN D 1678 -32.26 28.18 -81.84
C GLN D 1678 -32.35 26.93 -80.98
N PRO D 1679 -31.23 26.42 -80.49
CA PRO D 1679 -31.25 25.18 -79.71
C PRO D 1679 -31.81 25.37 -78.30
N TYR D 1680 -33.13 25.31 -78.17
CA TYR D 1680 -33.78 25.59 -76.90
C TYR D 1680 -33.52 24.51 -75.87
N TYR D 1681 -33.98 23.29 -76.14
CA TYR D 1681 -33.88 22.22 -75.17
C TYR D 1681 -33.44 20.94 -75.86
N GLU D 1682 -32.61 20.17 -75.17
CA GLU D 1682 -32.11 18.91 -75.70
C GLU D 1682 -32.44 17.81 -74.72
N GLY D 1683 -32.85 16.66 -75.23
CA GLY D 1683 -33.04 15.48 -74.41
C GLY D 1683 -32.62 14.24 -75.14
N MET D 1684 -32.42 13.18 -74.37
CA MET D 1684 -32.07 11.90 -74.97
C MET D 1684 -33.34 11.12 -75.29
N LEU D 1685 -33.46 10.67 -76.53
CA LEU D 1685 -34.62 9.90 -76.94
C LEU D 1685 -34.60 8.52 -76.30
N SER D 1686 -35.79 8.06 -75.91
CA SER D 1686 -35.93 6.89 -75.06
C SER D 1686 -36.88 5.91 -75.74
N ASP D 1687 -37.38 4.96 -74.94
CA ASP D 1687 -38.31 3.93 -75.39
C ASP D 1687 -39.71 4.49 -75.60
N ILE D 1688 -40.70 3.59 -75.62
CA ILE D 1688 -42.05 3.70 -76.19
C ILE D 1688 -42.73 5.05 -76.00
N GLU D 1689 -42.64 5.62 -74.80
CA GLU D 1689 -43.30 6.90 -74.55
C GLU D 1689 -42.41 7.76 -73.68
N THR D 1690 -42.28 9.03 -74.05
CA THR D 1690 -41.57 10.01 -73.23
C THR D 1690 -42.15 11.38 -73.47
N THR D 1691 -42.44 12.09 -72.39
CA THR D 1691 -42.99 13.43 -72.45
C THR D 1691 -42.06 14.39 -71.74
N VAL D 1692 -42.21 15.68 -72.07
CA VAL D 1692 -41.41 16.72 -71.45
C VAL D 1692 -42.21 18.02 -71.45
N THR D 1693 -42.37 18.62 -70.28
CA THR D 1693 -43.02 19.91 -70.13
C THR D 1693 -41.98 21.00 -70.25
N LEU D 1694 -42.17 21.92 -71.18
CA LEU D 1694 -41.25 23.03 -71.39
C LEU D 1694 -41.95 24.35 -71.17
N PHE D 1695 -41.32 25.22 -70.38
CA PHE D 1695 -41.82 26.57 -70.19
C PHE D 1695 -41.39 27.44 -71.37
N VAL D 1696 -42.35 28.12 -71.98
CA VAL D 1696 -42.08 29.03 -73.08
C VAL D 1696 -42.55 30.42 -72.66
N PRO D 1697 -41.67 31.41 -72.66
CA PRO D 1697 -42.04 32.73 -72.15
C PRO D 1697 -42.79 33.56 -73.19
N TYR D 1698 -43.09 34.78 -72.80
CA TYR D 1698 -43.73 35.75 -73.68
C TYR D 1698 -43.42 37.13 -73.14
N ALA D 1699 -43.12 38.07 -74.04
CA ALA D 1699 -42.71 39.38 -73.58
C ALA D 1699 -43.32 40.52 -74.39
N LYS D 1700 -44.17 40.20 -75.37
CA LYS D 1700 -44.99 41.11 -76.19
C LYS D 1700 -44.16 41.99 -77.14
N GLY D 1701 -42.84 41.93 -77.04
CA GLY D 1701 -41.98 42.50 -78.05
C GLY D 1701 -41.35 41.34 -78.78
N TYR D 1702 -41.64 40.15 -78.27
CA TYR D 1702 -41.22 38.90 -78.88
C TYR D 1702 -42.19 38.53 -79.99
N TYR D 1703 -42.08 37.28 -80.47
CA TYR D 1703 -43.08 36.61 -81.32
C TYR D 1703 -43.25 37.35 -82.65
N ILE D 1704 -42.20 37.28 -83.47
CA ILE D 1704 -42.12 38.14 -84.66
C ILE D 1704 -43.14 37.71 -85.72
N ARG D 1705 -43.05 36.48 -86.22
CA ARG D 1705 -43.95 36.03 -87.27
C ARG D 1705 -44.67 34.78 -86.82
N GLU D 1706 -46.01 34.85 -86.79
CA GLU D 1706 -46.91 33.78 -86.38
C GLU D 1706 -46.66 33.27 -84.96
N GLY D 1707 -45.92 34.02 -84.16
CA GLY D 1707 -45.55 33.58 -82.84
C GLY D 1707 -44.49 32.50 -82.84
N VAL D 1708 -44.24 31.95 -81.65
CA VAL D 1708 -43.13 31.04 -81.46
C VAL D 1708 -43.44 29.69 -82.06
N ARG D 1709 -42.52 29.18 -82.87
CA ARG D 1709 -42.55 27.82 -83.36
C ARG D 1709 -41.61 26.97 -82.53
N LEU D 1710 -41.88 25.66 -82.50
CA LEU D 1710 -41.16 24.72 -81.63
C LEU D 1710 -41.12 23.36 -82.31
N GLY D 1711 -39.96 23.02 -82.88
CA GLY D 1711 -39.79 21.79 -83.59
C GLY D 1711 -38.78 20.87 -82.92
N VAL D 1712 -38.75 19.63 -83.40
CA VAL D 1712 -37.87 18.60 -82.88
C VAL D 1712 -36.66 18.49 -83.78
N GLY D 1713 -35.54 18.06 -83.21
CA GLY D 1713 -34.35 17.72 -83.96
C GLY D 1713 -34.06 16.24 -83.81
N TYR D 1714 -33.26 15.71 -84.74
CA TYR D 1714 -32.93 14.29 -84.72
C TYR D 1714 -31.55 14.11 -85.34
N LYS D 1715 -31.01 12.89 -85.18
CA LYS D 1715 -29.85 12.48 -85.97
C LYS D 1715 -30.22 12.36 -87.44
N LYS D 1716 -31.47 12.00 -87.73
CA LYS D 1716 -32.01 12.06 -89.08
C LYS D 1716 -32.47 13.47 -89.41
N ILE D 1717 -33.28 13.61 -90.47
CA ILE D 1717 -33.75 14.90 -90.91
C ILE D 1717 -34.67 15.50 -89.86
N ILE D 1718 -34.40 16.74 -89.47
CA ILE D 1718 -35.20 17.42 -88.46
C ILE D 1718 -36.47 17.96 -89.07
N TYR D 1719 -37.38 18.36 -88.21
CA TYR D 1719 -38.69 18.89 -88.59
C TYR D 1719 -38.63 20.40 -88.71
N ASP D 1720 -39.78 21.06 -88.61
CA ASP D 1720 -39.99 22.50 -88.76
C ASP D 1720 -39.65 22.97 -90.16
N LYS D 1721 -40.45 22.54 -91.13
CA LYS D 1721 -40.44 23.07 -92.48
C LYS D 1721 -41.90 23.23 -92.89
N SER D 1722 -42.40 24.48 -92.84
CA SER D 1722 -43.74 24.86 -93.29
C SER D 1722 -44.82 24.10 -92.51
N TRP D 1723 -44.92 24.46 -91.22
CA TRP D 1723 -45.90 24.04 -90.21
C TRP D 1723 -45.65 22.63 -89.71
N GLU D 1724 -44.46 22.09 -89.89
CA GLU D 1724 -44.12 20.84 -89.22
C GLU D 1724 -43.97 21.05 -87.72
N SER D 1725 -43.47 22.20 -87.31
CA SER D 1725 -43.30 22.51 -85.90
C SER D 1725 -44.64 22.90 -85.28
N ALA D 1726 -44.58 23.23 -83.99
CA ALA D 1726 -45.75 23.61 -83.22
C ALA D 1726 -45.72 25.13 -83.06
N PHE D 1727 -46.54 25.81 -83.86
CA PHE D 1727 -46.64 27.26 -83.80
C PHE D 1727 -47.64 27.65 -82.73
N PHE D 1728 -47.21 28.50 -81.80
CA PHE D 1728 -48.07 29.07 -80.79
C PHE D 1728 -48.14 30.58 -80.99
N TYR D 1729 -49.20 31.19 -80.49
CA TYR D 1729 -49.28 32.63 -80.43
C TYR D 1729 -50.12 33.02 -79.24
N PHE D 1730 -49.94 34.25 -78.79
CA PHE D 1730 -50.65 34.79 -77.64
C PHE D 1730 -51.88 35.52 -78.13
N ASP D 1731 -53.05 34.97 -77.84
CA ASP D 1731 -54.29 35.67 -78.12
C ASP D 1731 -54.40 36.86 -77.19
N GLU D 1732 -54.27 38.06 -77.75
CA GLU D 1732 -54.37 39.27 -76.94
C GLU D 1732 -55.78 39.50 -76.46
N THR D 1733 -56.78 39.04 -77.22
CA THR D 1733 -58.17 39.28 -76.87
C THR D 1733 -58.57 38.46 -75.65
N LYS D 1734 -58.39 37.15 -75.72
CA LYS D 1734 -58.76 36.29 -74.59
C LYS D 1734 -57.67 36.20 -73.54
N ASN D 1735 -56.54 36.90 -73.74
CA ASN D 1735 -55.42 36.98 -72.78
C ASN D 1735 -54.86 35.61 -72.46
N GLN D 1736 -54.81 34.75 -73.47
CA GLN D 1736 -54.35 33.38 -73.29
C GLN D 1736 -53.51 33.00 -74.50
N PHE D 1737 -52.89 31.84 -74.42
CA PHE D 1737 -52.00 31.36 -75.46
C PHE D 1737 -52.70 30.27 -76.26
N ILE D 1738 -52.60 30.37 -77.57
CA ILE D 1738 -53.36 29.51 -78.47
C ILE D 1738 -52.39 28.61 -79.22
N PHE D 1739 -52.61 27.31 -79.13
CA PHE D 1739 -51.98 26.37 -80.03
C PHE D 1739 -52.65 26.51 -81.40
N ILE D 1740 -51.85 26.75 -82.42
CA ILE D 1740 -52.43 26.98 -83.74
C ILE D 1740 -52.29 25.74 -84.61
N ASN D 1741 -51.30 24.89 -84.31
CA ASN D 1741 -51.03 23.73 -85.17
C ASN D 1741 -51.78 22.49 -84.71
N ASP D 1742 -52.89 22.66 -84.01
CA ASP D 1742 -53.66 21.57 -83.42
C ASP D 1742 -54.17 20.56 -84.44
N ALA D 1743 -55.06 20.99 -85.31
CA ALA D 1743 -55.56 20.15 -86.39
C ALA D 1743 -54.92 20.60 -87.70
N ASP D 1744 -55.39 20.06 -88.82
CA ASP D 1744 -55.03 20.57 -90.14
C ASP D 1744 -56.02 21.69 -90.46
N HIS D 1745 -55.82 22.83 -89.82
CA HIS D 1745 -56.81 23.89 -89.84
C HIS D 1745 -56.78 24.67 -91.14
N ASP D 1746 -57.95 25.13 -91.56
CA ASP D 1746 -58.09 26.00 -92.71
C ASP D 1746 -58.67 27.33 -92.25
N SER D 1747 -58.10 28.42 -92.78
CA SER D 1747 -58.41 29.80 -92.40
C SER D 1747 -58.23 30.01 -90.89
N GLY D 1748 -57.01 29.76 -90.43
CA GLY D 1748 -56.67 29.86 -89.03
C GLY D 1748 -56.01 31.18 -88.67
N MET D 1749 -56.26 31.61 -87.43
CA MET D 1749 -55.77 32.89 -86.96
C MET D 1749 -54.41 32.74 -86.28
N THR D 1750 -53.44 33.54 -86.72
CA THR D 1750 -52.17 33.68 -86.04
C THR D 1750 -52.11 35.07 -85.42
N GLN D 1751 -50.95 35.40 -84.86
CA GLN D 1751 -50.78 36.75 -84.34
C GLN D 1751 -50.68 37.79 -85.44
N GLN D 1752 -50.20 37.41 -86.63
CA GLN D 1752 -50.20 38.32 -87.76
C GLN D 1752 -51.62 38.54 -88.27
N GLY D 1753 -52.38 37.46 -88.37
CA GLY D 1753 -53.75 37.57 -88.82
C GLY D 1753 -54.31 36.19 -89.09
N ILE D 1754 -55.25 36.15 -90.03
CA ILE D 1754 -55.81 34.89 -90.47
C ILE D 1754 -54.98 34.36 -91.63
N VAL D 1755 -54.31 33.24 -91.44
CA VAL D 1755 -53.60 32.57 -92.51
C VAL D 1755 -54.47 31.43 -93.02
N LYS D 1756 -54.24 31.06 -94.27
CA LYS D 1756 -55.21 30.21 -94.98
C LYS D 1756 -55.08 28.75 -94.59
N ASN D 1757 -53.93 28.14 -94.84
CA ASN D 1757 -53.77 26.70 -94.72
C ASN D 1757 -52.77 26.38 -93.62
N ILE D 1758 -53.23 25.68 -92.59
CA ILE D 1758 -52.41 25.30 -91.46
C ILE D 1758 -52.39 23.77 -91.39
N LYS D 1759 -51.19 23.21 -91.26
CA LYS D 1759 -51.06 21.77 -91.12
C LYS D 1759 -51.03 21.37 -89.65
N LYS D 1760 -50.69 20.11 -89.41
CA LYS D 1760 -50.53 19.62 -88.05
C LYS D 1760 -49.06 19.60 -87.68
N TYR D 1761 -48.81 19.62 -86.36
CA TYR D 1761 -47.45 19.49 -85.87
C TYR D 1761 -46.94 18.08 -86.12
N LYS D 1762 -45.69 17.98 -86.55
CA LYS D 1762 -45.09 16.71 -86.90
C LYS D 1762 -43.80 16.51 -86.12
N GLY D 1763 -43.47 15.25 -85.86
CA GLY D 1763 -42.31 14.93 -85.06
C GLY D 1763 -42.71 14.53 -83.66
N PHE D 1764 -43.65 15.26 -83.08
CA PHE D 1764 -44.17 14.92 -81.77
C PHE D 1764 -45.29 13.90 -81.91
N ILE D 1765 -45.90 13.53 -80.79
CA ILE D 1765 -47.14 12.79 -80.78
C ILE D 1765 -48.29 13.63 -80.28
N HIS D 1766 -48.14 14.24 -79.11
CA HIS D 1766 -49.17 15.10 -78.55
C HIS D 1766 -48.52 16.33 -77.94
N VAL D 1767 -48.98 17.50 -78.36
CA VAL D 1767 -48.55 18.78 -77.80
C VAL D 1767 -49.81 19.49 -77.33
N VAL D 1768 -49.80 19.98 -76.10
CA VAL D 1768 -50.94 20.71 -75.57
C VAL D 1768 -50.45 21.69 -74.51
N VAL D 1769 -51.24 22.74 -74.28
CA VAL D 1769 -50.92 23.71 -73.24
C VAL D 1769 -51.25 23.12 -71.88
N MET D 1770 -50.39 23.38 -70.89
CA MET D 1770 -50.47 22.68 -69.62
C MET D 1770 -51.31 23.39 -68.57
N LYS D 1771 -51.88 24.56 -68.89
CA LYS D 1771 -52.94 25.20 -68.12
C LYS D 1771 -52.59 25.51 -66.67
N ASN D 1772 -51.67 26.46 -66.45
CA ASN D 1772 -51.24 26.96 -65.15
C ASN D 1772 -50.63 25.86 -64.27
N ASN D 1773 -49.45 25.39 -64.66
CA ASN D 1773 -48.67 24.51 -63.80
C ASN D 1773 -48.19 25.27 -62.54
N THR D 1774 -47.65 24.50 -61.59
CA THR D 1774 -47.35 25.02 -60.26
C THR D 1774 -45.89 25.43 -60.09
N GLU D 1775 -44.95 24.52 -60.46
CA GLU D 1775 -43.49 24.53 -60.23
C GLU D 1775 -43.16 24.97 -58.80
N PRO D 1776 -43.38 24.09 -57.80
CA PRO D 1776 -43.48 24.51 -56.40
C PRO D 1776 -42.28 25.22 -55.77
N MET D 1777 -41.13 24.57 -55.65
CA MET D 1777 -40.10 25.20 -54.82
C MET D 1777 -38.69 25.19 -55.37
N ASP D 1778 -38.36 24.36 -56.37
CA ASP D 1778 -37.10 24.37 -57.10
C ASP D 1778 -35.90 24.15 -56.17
N PHE D 1779 -35.83 22.92 -55.66
CA PHE D 1779 -34.69 22.49 -54.85
C PHE D 1779 -33.40 22.29 -55.64
N ASN D 1780 -33.38 22.59 -56.94
CA ASN D 1780 -32.16 22.70 -57.72
C ASN D 1780 -31.93 24.14 -58.18
N GLY D 1781 -32.48 25.11 -57.46
CA GLY D 1781 -32.48 26.49 -57.88
C GLY D 1781 -31.40 27.31 -57.22
N ALA D 1782 -31.66 28.61 -57.10
CA ALA D 1782 -30.66 29.52 -56.55
C ALA D 1782 -30.57 29.41 -55.04
N ASN D 1783 -31.71 29.34 -54.35
CA ASN D 1783 -31.75 29.19 -52.91
C ASN D 1783 -31.88 27.72 -52.50
N ALA D 1784 -31.36 26.83 -53.34
CA ALA D 1784 -31.45 25.40 -53.07
C ALA D 1784 -30.64 25.02 -51.84
N ILE D 1785 -29.52 25.70 -51.61
CA ILE D 1785 -28.69 25.41 -50.44
C ILE D 1785 -29.41 25.83 -49.16
N TYR D 1786 -30.10 26.98 -49.20
CA TYR D 1786 -30.83 27.41 -48.00
C TYR D 1786 -32.03 26.51 -47.74
N PHE D 1787 -32.72 26.08 -48.80
CA PHE D 1787 -33.85 25.19 -48.62
C PHE D 1787 -33.42 23.83 -48.10
N TRP D 1788 -32.30 23.31 -48.59
CA TRP D 1788 -31.81 22.04 -48.12
C TRP D 1788 -31.31 22.13 -46.69
N GLU D 1789 -30.68 23.24 -46.33
CA GLU D 1789 -30.24 23.42 -44.95
C GLU D 1789 -31.41 23.56 -44.01
N LEU D 1790 -32.50 24.16 -44.44
CA LEU D 1790 -33.67 24.25 -43.58
C LEU D 1790 -34.35 22.89 -43.43
N PHE D 1791 -34.53 22.18 -44.53
CA PHE D 1791 -35.41 21.02 -44.46
C PHE D 1791 -34.71 19.69 -44.21
N TYR D 1792 -33.41 19.59 -44.40
CA TYR D 1792 -32.71 18.36 -44.12
C TYR D 1792 -31.58 18.52 -43.12
N TYR D 1793 -30.71 19.51 -43.32
CA TYR D 1793 -29.49 19.58 -42.54
C TYR D 1793 -29.75 20.05 -41.11
N THR D 1794 -30.66 20.99 -40.93
CA THR D 1794 -30.99 21.47 -39.59
C THR D 1794 -31.64 20.39 -38.72
N PRO D 1795 -32.65 19.61 -39.14
CA PRO D 1795 -33.12 18.55 -38.25
C PRO D 1795 -32.10 17.45 -38.05
N MET D 1796 -31.23 17.22 -39.03
CA MET D 1796 -30.17 16.23 -38.86
C MET D 1796 -29.14 16.69 -37.83
N MET D 1797 -28.73 17.96 -37.89
CA MET D 1797 -27.78 18.49 -36.92
C MET D 1797 -28.38 18.52 -35.52
N VAL D 1798 -29.65 18.95 -35.41
CA VAL D 1798 -30.32 19.02 -34.13
C VAL D 1798 -30.50 17.63 -33.53
N PHE D 1799 -30.85 16.66 -34.36
CA PHE D 1799 -31.03 15.29 -33.90
C PHE D 1799 -29.70 14.68 -33.47
N GLN D 1800 -28.63 14.97 -34.22
CA GLN D 1800 -27.31 14.45 -33.85
C GLN D 1800 -26.83 15.04 -32.54
N ARG D 1801 -27.07 16.32 -32.33
CA ARG D 1801 -26.70 16.97 -31.09
C ARG D 1801 -27.53 16.46 -29.92
N LEU D 1802 -28.82 16.18 -30.14
CA LEU D 1802 -29.64 15.62 -29.08
C LEU D 1802 -29.28 14.17 -28.79
N LEU D 1803 -28.72 13.47 -29.77
CA LEU D 1803 -28.23 12.13 -29.51
C LEU D 1803 -26.95 12.19 -28.69
N GLN D 1804 -26.07 13.14 -29.00
CA GLN D 1804 -24.83 13.29 -28.25
C GLN D 1804 -25.08 13.77 -26.83
N GLU D 1805 -26.15 14.53 -26.60
CA GLU D 1805 -26.51 14.92 -25.25
C GLU D 1805 -27.56 14.00 -24.64
N GLN D 1806 -27.98 12.97 -25.39
CA GLN D 1806 -28.82 11.88 -24.90
C GLN D 1806 -30.17 12.34 -24.40
N ASN D 1807 -30.79 13.29 -25.10
CA ASN D 1807 -32.21 13.57 -24.91
C ASN D 1807 -32.93 12.69 -25.93
N PHE D 1808 -33.24 11.47 -25.51
CA PHE D 1808 -33.68 10.45 -26.45
C PHE D 1808 -35.08 10.71 -26.98
N THR D 1809 -36.00 11.12 -26.10
CA THR D 1809 -37.39 11.30 -26.51
C THR D 1809 -37.57 12.52 -27.40
N GLU D 1810 -36.63 13.46 -27.38
CA GLU D 1810 -36.65 14.57 -28.31
C GLU D 1810 -35.84 14.28 -29.57
N SER D 1811 -34.78 13.48 -29.44
CA SER D 1811 -34.01 13.09 -30.61
C SER D 1811 -34.85 12.23 -31.54
N THR D 1812 -35.69 11.37 -30.97
CA THR D 1812 -36.56 10.58 -31.84
C THR D 1812 -37.64 11.43 -32.48
N ARG D 1813 -38.05 12.52 -31.83
CA ARG D 1813 -38.99 13.45 -32.44
C ARG D 1813 -38.36 14.19 -33.61
N TRP D 1814 -37.13 14.66 -33.42
CA TRP D 1814 -36.45 15.37 -34.49
C TRP D 1814 -36.03 14.43 -35.61
N LEU D 1815 -35.94 13.14 -35.35
CA LEU D 1815 -35.82 12.20 -36.45
C LEU D 1815 -37.16 11.93 -37.11
N ARG D 1816 -38.26 11.97 -36.35
CA ARG D 1816 -39.59 11.86 -36.94
C ARG D 1816 -39.91 13.02 -37.86
N TYR D 1817 -39.26 14.17 -37.67
CA TYR D 1817 -39.48 15.30 -38.57
C TYR D 1817 -38.94 15.07 -39.97
N ILE D 1818 -38.13 14.04 -40.19
CA ILE D 1818 -37.61 13.79 -41.53
C ILE D 1818 -37.98 12.38 -41.96
N TRP D 1819 -37.76 11.40 -41.11
CA TRP D 1819 -38.09 10.02 -41.45
C TRP D 1819 -39.06 9.43 -40.44
N ASN D 1820 -40.16 8.89 -40.92
CA ASN D 1820 -41.00 8.06 -40.08
C ASN D 1820 -41.32 6.80 -40.86
N PRO D 1821 -40.93 5.63 -40.37
CA PRO D 1821 -41.35 4.39 -41.03
C PRO D 1821 -42.82 4.08 -40.85
N ALA D 1822 -43.49 4.71 -39.89
CA ALA D 1822 -44.89 4.47 -39.62
C ALA D 1822 -45.81 5.41 -40.38
N GLY D 1823 -45.32 6.08 -41.41
CA GLY D 1823 -46.14 7.04 -42.14
C GLY D 1823 -46.35 8.31 -41.34
N TYR D 1824 -47.18 9.19 -41.89
CA TYR D 1824 -47.43 10.48 -41.28
C TYR D 1824 -48.92 10.75 -41.21
N SER D 1825 -49.36 11.26 -40.07
CA SER D 1825 -50.76 11.57 -39.83
C SER D 1825 -50.97 13.04 -40.20
N VAL D 1826 -51.62 13.28 -41.33
CA VAL D 1826 -51.88 14.63 -41.81
C VAL D 1826 -53.38 14.85 -41.84
N GLN D 1827 -53.85 15.80 -41.02
CA GLN D 1827 -55.26 16.14 -40.84
C GLN D 1827 -56.10 14.91 -40.46
N GLY D 1828 -55.54 14.08 -39.59
CA GLY D 1828 -56.22 12.90 -39.12
C GLY D 1828 -56.07 11.67 -39.98
N GLU D 1829 -55.67 11.82 -41.23
CA GLU D 1829 -55.51 10.66 -42.11
C GLU D 1829 -54.03 10.36 -42.32
N MET D 1830 -53.76 9.12 -42.68
CA MET D 1830 -52.39 8.68 -42.92
C MET D 1830 -51.93 9.12 -44.29
N GLN D 1831 -50.62 9.12 -44.50
CA GLN D 1831 -50.06 9.47 -45.79
C GLN D 1831 -49.48 8.25 -46.48
N ASP D 1832 -49.12 8.43 -47.74
CA ASP D 1832 -48.62 7.34 -48.56
C ASP D 1832 -47.11 7.31 -48.64
N TYR D 1833 -46.42 8.19 -47.94
CA TYR D 1833 -44.98 8.27 -48.00
C TYR D 1833 -44.39 8.00 -46.62
N TYR D 1834 -43.07 8.02 -46.57
CA TYR D 1834 -42.34 7.86 -45.33
C TYR D 1834 -41.22 8.88 -45.15
N TRP D 1835 -40.88 9.64 -46.18
CA TRP D 1835 -39.84 10.64 -46.11
C TRP D 1835 -40.47 12.02 -46.19
N ASN D 1836 -40.20 12.84 -45.20
CA ASN D 1836 -40.83 14.15 -45.10
C ASN D 1836 -40.16 15.20 -45.98
N VAL D 1837 -39.14 14.83 -46.75
CA VAL D 1837 -38.43 15.75 -47.62
C VAL D 1837 -38.68 15.32 -49.06
N ARG D 1838 -39.24 16.22 -49.87
CA ARG D 1838 -39.51 15.83 -51.25
C ARG D 1838 -38.27 15.65 -52.13
N PRO D 1839 -37.15 16.38 -51.99
CA PRO D 1839 -35.95 15.97 -52.73
C PRO D 1839 -35.29 14.71 -52.20
N LEU D 1840 -35.74 14.19 -51.05
CA LEU D 1840 -35.37 12.84 -50.65
C LEU D 1840 -36.31 11.79 -51.20
N GLU D 1841 -37.58 12.14 -51.39
CA GLU D 1841 -38.50 11.23 -52.06
C GLU D 1841 -38.12 11.08 -53.52
N GLU D 1842 -38.15 12.18 -54.27
CA GLU D 1842 -37.66 12.17 -55.64
C GLU D 1842 -36.21 12.64 -55.63
N ASP D 1843 -35.31 11.78 -56.14
CA ASP D 1843 -33.88 12.04 -56.03
C ASP D 1843 -33.46 13.18 -56.94
N THR D 1844 -33.34 14.37 -56.36
CA THR D 1844 -33.03 15.58 -57.11
C THR D 1844 -31.51 15.73 -57.16
N SER D 1845 -30.98 15.98 -58.35
CA SER D 1845 -29.55 16.21 -58.48
C SER D 1845 -29.21 17.58 -57.92
N TRP D 1846 -28.86 17.61 -56.64
CA TRP D 1846 -28.46 18.85 -55.99
C TRP D 1846 -27.16 19.38 -56.55
N ASN D 1847 -26.24 18.49 -56.91
CA ASN D 1847 -24.86 18.88 -57.20
C ASN D 1847 -24.36 18.16 -58.44
N ALA D 1848 -24.42 18.81 -59.59
CA ALA D 1848 -23.65 18.36 -60.72
C ALA D 1848 -22.19 18.67 -60.47
N ASN D 1849 -21.31 17.88 -61.09
CA ASN D 1849 -19.87 17.83 -60.83
C ASN D 1849 -19.56 17.62 -59.35
N PRO D 1850 -19.72 16.41 -58.82
CA PRO D 1850 -19.38 16.17 -57.41
C PRO D 1850 -17.99 15.62 -57.16
N LEU D 1851 -17.33 15.06 -58.17
CA LEU D 1851 -16.06 14.38 -57.99
C LEU D 1851 -14.88 15.27 -58.33
N ASP D 1852 -15.10 16.58 -58.43
CA ASP D 1852 -13.99 17.50 -58.62
C ASP D 1852 -13.11 17.58 -57.38
N SER D 1853 -13.67 17.31 -56.20
CA SER D 1853 -12.90 17.14 -54.98
C SER D 1853 -13.53 16.02 -54.18
N VAL D 1854 -12.81 15.57 -53.17
CA VAL D 1854 -13.24 14.41 -52.37
C VAL D 1854 -14.13 14.94 -51.26
N ASP D 1855 -15.44 14.81 -51.46
CA ASP D 1855 -16.41 15.28 -50.48
C ASP D 1855 -17.61 14.34 -50.45
N PRO D 1856 -17.81 13.63 -49.33
CA PRO D 1856 -18.98 12.76 -49.22
C PRO D 1856 -20.29 13.51 -49.26
N ASP D 1857 -20.31 14.75 -48.76
CA ASP D 1857 -21.47 15.60 -48.89
C ASP D 1857 -21.74 15.95 -50.34
N ALA D 1858 -20.69 16.12 -51.15
CA ALA D 1858 -20.90 16.41 -52.57
C ALA D 1858 -21.46 15.20 -53.29
N VAL D 1859 -21.00 14.00 -52.96
CA VAL D 1859 -21.54 12.81 -53.63
C VAL D 1859 -22.98 12.54 -53.19
N ALA D 1860 -23.24 12.70 -51.90
CA ALA D 1860 -24.61 12.52 -51.42
C ALA D 1860 -25.54 13.64 -51.88
N GLN D 1861 -25.00 14.79 -52.25
CA GLN D 1861 -25.83 15.76 -52.93
C GLN D 1861 -26.05 15.41 -54.39
N HIS D 1862 -25.07 14.76 -55.02
CA HIS D 1862 -25.26 14.34 -56.41
C HIS D 1862 -26.34 13.28 -56.51
N ASP D 1863 -26.45 12.42 -55.51
CA ASP D 1863 -27.70 11.68 -55.39
C ASP D 1863 -28.11 11.50 -53.94
N PRO D 1864 -29.31 11.93 -53.57
CA PRO D 1864 -29.70 11.99 -52.14
C PRO D 1864 -30.05 10.64 -51.53
N MET D 1865 -29.92 9.57 -52.30
CA MET D 1865 -30.08 8.23 -51.76
C MET D 1865 -29.07 7.94 -50.66
N HIS D 1866 -27.87 8.49 -50.78
CA HIS D 1866 -26.88 8.33 -49.71
C HIS D 1866 -27.28 9.08 -48.46
N TYR D 1867 -27.92 10.24 -48.60
CA TYR D 1867 -28.47 10.94 -47.44
C TYR D 1867 -29.56 10.12 -46.79
N LYS D 1868 -30.37 9.44 -47.60
CA LYS D 1868 -31.42 8.57 -47.10
C LYS D 1868 -30.84 7.39 -46.32
N VAL D 1869 -29.78 6.79 -46.85
CA VAL D 1869 -29.13 5.67 -46.19
C VAL D 1869 -28.44 6.11 -44.91
N ALA D 1870 -27.83 7.29 -44.90
CA ALA D 1870 -27.20 7.80 -43.69
C ALA D 1870 -28.23 8.15 -42.63
N THR D 1871 -29.42 8.60 -43.06
CA THR D 1871 -30.51 8.81 -42.12
C THR D 1871 -30.96 7.52 -41.49
N PHE D 1872 -31.05 6.45 -42.30
CA PHE D 1872 -31.39 5.15 -41.74
C PHE D 1872 -30.32 4.65 -40.77
N MET D 1873 -29.05 4.90 -41.08
CA MET D 1873 -27.99 4.48 -40.17
C MET D 1873 -28.02 5.29 -38.87
N LYS D 1874 -28.43 6.55 -38.95
CA LYS D 1874 -28.61 7.34 -37.74
C LYS D 1874 -29.77 6.81 -36.90
N MET D 1875 -30.83 6.35 -37.56
CA MET D 1875 -31.94 5.72 -36.86
C MET D 1875 -31.50 4.44 -36.16
N LEU D 1876 -30.66 3.64 -36.82
CA LEU D 1876 -30.14 2.44 -36.20
C LEU D 1876 -29.24 2.76 -35.02
N ASP D 1877 -28.46 3.83 -35.13
CA ASP D 1877 -27.63 4.28 -34.02
C ASP D 1877 -28.49 4.66 -32.82
N LEU D 1878 -29.58 5.38 -33.07
CA LEU D 1878 -30.49 5.77 -32.00
C LEU D 1878 -31.12 4.55 -31.33
N LEU D 1879 -31.55 3.58 -32.13
CA LEU D 1879 -32.20 2.41 -31.55
C LEU D 1879 -31.22 1.55 -30.75
N ILE D 1880 -30.01 1.35 -31.26
CA ILE D 1880 -29.10 0.50 -30.51
C ILE D 1880 -28.52 1.23 -29.32
N THR D 1881 -28.49 2.57 -29.33
CA THR D 1881 -28.05 3.22 -28.10
C THR D 1881 -29.16 3.32 -27.07
N ARG D 1882 -30.43 3.32 -27.49
CA ARG D 1882 -31.52 3.13 -26.55
C ARG D 1882 -31.44 1.75 -25.92
N GLY D 1883 -31.14 0.74 -26.73
CA GLY D 1883 -30.99 -0.61 -26.22
C GLY D 1883 -29.80 -0.75 -25.29
N ASP D 1884 -28.69 -0.07 -25.58
CA ASP D 1884 -27.52 -0.16 -24.72
C ASP D 1884 -27.74 0.57 -23.40
N SER D 1885 -28.40 1.73 -23.43
CA SER D 1885 -28.72 2.43 -22.19
C SER D 1885 -29.74 1.66 -21.37
N ALA D 1886 -30.61 0.88 -22.01
CA ALA D 1886 -31.49 0.00 -21.27
C ALA D 1886 -30.75 -1.20 -20.71
N TYR D 1887 -29.79 -1.75 -21.44
CA TYR D 1887 -29.05 -2.93 -21.04
C TYR D 1887 -28.08 -2.66 -19.90
N ARG D 1888 -27.50 -1.47 -19.83
CA ARG D 1888 -26.51 -1.21 -18.79
C ARG D 1888 -27.11 -1.02 -17.41
N GLN D 1889 -28.42 -0.97 -17.28
CA GLN D 1889 -29.04 -0.78 -15.97
C GLN D 1889 -29.24 -2.08 -15.20
N LEU D 1890 -29.24 -3.22 -15.91
CA LEU D 1890 -29.19 -4.57 -15.34
C LEU D 1890 -30.40 -4.90 -14.46
N GLU D 1891 -31.59 -4.44 -14.82
CA GLU D 1891 -32.82 -4.86 -14.18
C GLU D 1891 -33.66 -5.64 -15.17
N ARG D 1892 -34.36 -6.66 -14.68
CA ARG D 1892 -35.04 -7.59 -15.59
C ARG D 1892 -36.26 -6.97 -16.27
N ASP D 1893 -36.73 -5.82 -15.81
CA ASP D 1893 -37.72 -5.07 -16.58
C ASP D 1893 -37.05 -4.26 -17.68
N THR D 1894 -35.87 -3.73 -17.41
CA THR D 1894 -35.11 -3.01 -18.42
C THR D 1894 -34.52 -3.93 -19.48
N LEU D 1895 -34.30 -5.19 -19.16
CA LEU D 1895 -33.82 -6.13 -20.16
C LEU D 1895 -34.87 -6.40 -21.21
N ASN D 1896 -36.15 -6.38 -20.82
CA ASN D 1896 -37.21 -6.50 -21.81
C ASN D 1896 -37.27 -5.27 -22.70
N GLU D 1897 -36.98 -4.09 -22.15
CA GLU D 1897 -36.89 -2.88 -22.97
C GLU D 1897 -35.72 -2.95 -23.92
N ALA D 1898 -34.59 -3.48 -23.45
CA ALA D 1898 -33.41 -3.59 -24.29
C ALA D 1898 -33.64 -4.57 -25.43
N LYS D 1899 -34.28 -5.71 -25.13
CA LYS D 1899 -34.64 -6.66 -26.17
C LYS D 1899 -35.69 -6.08 -27.11
N MET D 1900 -36.55 -5.21 -26.60
CA MET D 1900 -37.51 -4.53 -27.46
C MET D 1900 -36.82 -3.59 -28.44
N TRP D 1901 -35.81 -2.85 -27.97
CA TRP D 1901 -35.09 -1.95 -28.87
C TRP D 1901 -34.27 -2.73 -29.88
N TYR D 1902 -33.65 -3.83 -29.45
CA TYR D 1902 -32.85 -4.63 -30.37
C TYR D 1902 -33.72 -5.36 -31.38
N VAL D 1903 -34.92 -5.78 -30.96
CA VAL D 1903 -35.85 -6.41 -31.88
C VAL D 1903 -36.40 -5.39 -32.86
N GLN D 1904 -36.64 -4.16 -32.41
CA GLN D 1904 -37.10 -3.11 -33.29
C GLN D 1904 -36.04 -2.75 -34.33
N ALA D 1905 -34.78 -2.70 -33.90
CA ALA D 1905 -33.70 -2.47 -34.86
C ALA D 1905 -33.56 -3.63 -35.84
N LEU D 1906 -33.72 -4.86 -35.36
CA LEU D 1906 -33.60 -6.02 -36.24
C LEU D 1906 -34.73 -6.08 -37.24
N THR D 1907 -35.95 -5.74 -36.84
CA THR D 1907 -37.04 -5.78 -37.79
C THR D 1907 -37.05 -4.55 -38.68
N LEU D 1908 -36.36 -3.48 -38.31
CA LEU D 1908 -36.10 -2.42 -39.28
C LEU D 1908 -35.06 -2.86 -40.29
N LEU D 1909 -34.09 -3.66 -39.85
CA LEU D 1909 -33.04 -4.09 -40.76
C LEU D 1909 -33.55 -5.13 -41.75
N GLY D 1910 -34.21 -6.17 -41.26
CA GLY D 1910 -34.73 -7.20 -42.12
C GLY D 1910 -33.92 -8.49 -42.02
N ASP D 1911 -33.46 -8.99 -43.16
CA ASP D 1911 -32.68 -10.22 -43.20
C ASP D 1911 -31.26 -9.92 -43.64
N GLU D 1912 -30.29 -10.52 -42.97
CA GLU D 1912 -28.90 -10.28 -43.30
C GLU D 1912 -28.54 -11.02 -44.58
N PRO D 1913 -27.89 -10.34 -45.53
CA PRO D 1913 -27.50 -11.02 -46.77
C PRO D 1913 -26.38 -12.02 -46.55
N TYR D 1914 -26.73 -13.30 -46.59
CA TYR D 1914 -25.84 -14.38 -46.17
C TYR D 1914 -25.44 -15.27 -47.33
N PHE D 1915 -26.41 -15.84 -48.03
CA PHE D 1915 -26.13 -16.75 -49.12
C PHE D 1915 -26.04 -16.06 -50.47
N SER D 1916 -26.51 -14.82 -50.55
CA SER D 1916 -26.49 -14.07 -51.80
C SER D 1916 -25.11 -13.58 -52.19
N LEU D 1917 -24.14 -13.67 -51.28
CA LEU D 1917 -22.78 -13.27 -51.60
C LEU D 1917 -22.12 -14.30 -52.52
N ASP D 1918 -21.01 -13.90 -53.13
CA ASP D 1918 -20.43 -14.71 -54.19
C ASP D 1918 -19.59 -15.86 -53.65
N ASN D 1919 -18.52 -15.52 -52.92
CA ASN D 1919 -17.44 -16.44 -52.53
C ASN D 1919 -16.92 -17.20 -53.75
N ASP D 1920 -16.57 -16.45 -54.77
CA ASP D 1920 -16.41 -16.99 -56.12
C ASP D 1920 -15.49 -16.07 -56.90
N TRP D 1921 -14.30 -16.55 -57.26
CA TRP D 1921 -13.28 -15.65 -57.78
C TRP D 1921 -12.31 -16.42 -58.65
N SER D 1922 -12.38 -16.20 -59.96
CA SER D 1922 -11.40 -16.75 -60.89
C SER D 1922 -10.11 -15.97 -60.72
N GLU D 1923 -9.18 -16.51 -59.95
CA GLU D 1923 -7.97 -15.81 -59.54
C GLU D 1923 -7.00 -15.62 -60.69
N PRO D 1924 -6.81 -14.40 -61.17
CA PRO D 1924 -5.88 -14.16 -62.27
C PRO D 1924 -4.48 -13.92 -61.73
N ARG D 1925 -3.57 -13.67 -62.66
CA ARG D 1925 -2.29 -13.12 -62.27
C ARG D 1925 -2.42 -11.60 -62.18
N LEU D 1926 -1.42 -10.97 -61.55
CA LEU D 1926 -1.39 -9.52 -61.49
C LEU D 1926 -1.21 -8.91 -62.87
N GLU D 1927 -0.45 -9.58 -63.73
CA GLU D 1927 -0.27 -9.16 -65.11
C GLU D 1927 -1.58 -9.22 -65.88
N GLU D 1928 -2.44 -10.18 -65.56
CA GLU D 1928 -3.76 -10.23 -66.19
C GLU D 1928 -4.68 -9.17 -65.62
N ALA D 1929 -4.62 -8.97 -64.30
CA ALA D 1929 -5.58 -8.09 -63.65
C ALA D 1929 -5.29 -6.63 -63.89
N ALA D 1930 -4.02 -6.27 -64.09
CA ALA D 1930 -3.66 -4.88 -64.36
C ALA D 1930 -3.56 -4.60 -65.85
N SER D 1931 -4.35 -5.29 -66.66
CA SER D 1931 -4.32 -5.05 -68.11
C SER D 1931 -4.99 -3.73 -68.43
N GLN D 1932 -4.18 -2.79 -68.93
CA GLN D 1932 -4.70 -1.48 -69.30
C GLN D 1932 -5.63 -1.58 -70.50
N THR D 1933 -5.39 -2.56 -71.37
CA THR D 1933 -6.30 -2.85 -72.47
C THR D 1933 -7.67 -3.27 -71.96
N MET D 1934 -7.68 -4.15 -70.96
CA MET D 1934 -8.94 -4.61 -70.38
C MET D 1934 -9.66 -3.49 -69.65
N ARG D 1935 -8.91 -2.64 -68.95
CA ARG D 1935 -9.50 -1.50 -68.26
C ARG D 1935 -10.11 -0.50 -69.24
N HIS D 1936 -9.41 -0.22 -70.33
CA HIS D 1936 -9.93 0.65 -71.37
C HIS D 1936 -11.15 0.05 -72.03
N HIS D 1937 -11.16 -1.27 -72.21
CA HIS D 1937 -12.32 -1.93 -72.79
C HIS D 1937 -13.50 -1.87 -71.85
N TYR D 1938 -13.24 -1.91 -70.54
CA TYR D 1938 -14.31 -1.77 -69.55
C TYR D 1938 -14.92 -0.38 -69.60
N GLN D 1939 -14.08 0.65 -69.68
CA GLN D 1939 -14.60 2.00 -69.76
C GLN D 1939 -15.33 2.25 -71.08
N HIS D 1940 -14.85 1.65 -72.16
CA HIS D 1940 -15.54 1.72 -73.45
C HIS D 1940 -16.90 1.03 -73.37
N LYS D 1941 -16.96 -0.09 -72.64
CA LYS D 1941 -18.24 -0.76 -72.41
C LYS D 1941 -19.18 0.08 -71.58
N MET D 1942 -18.65 0.85 -70.63
CA MET D 1942 -19.49 1.73 -69.83
C MET D 1942 -20.05 2.87 -70.66
N LEU D 1943 -19.23 3.42 -71.56
CA LEU D 1943 -19.70 4.45 -72.47
C LEU D 1943 -20.76 3.91 -73.42
N GLN D 1944 -20.57 2.67 -73.88
CA GLN D 1944 -21.61 2.02 -74.66
C GLN D 1944 -22.87 1.77 -73.86
N LEU D 1945 -22.73 1.57 -72.55
CA LEU D 1945 -23.90 1.38 -71.69
C LEU D 1945 -24.72 2.65 -71.60
N ARG D 1946 -24.07 3.79 -71.41
CA ARG D 1946 -24.86 5.01 -71.30
C ARG D 1946 -25.35 5.50 -72.66
N GLN D 1947 -24.64 5.22 -73.74
CA GLN D 1947 -25.14 5.57 -75.07
C GLN D 1947 -26.07 4.51 -75.65
N ARG D 1948 -26.31 3.43 -74.89
CA ARG D 1948 -27.24 2.32 -75.08
C ARG D 1948 -26.88 1.34 -76.20
N ALA D 1949 -26.03 1.74 -77.16
CA ALA D 1949 -25.23 0.91 -78.07
C ALA D 1949 -25.94 -0.25 -78.78
N ALA D 1950 -27.27 -0.27 -78.77
CA ALA D 1950 -28.16 -1.27 -79.37
C ALA D 1950 -28.00 -2.69 -78.82
N LEU D 1951 -27.11 -2.92 -77.81
CA LEU D 1951 -26.87 -4.20 -77.13
C LEU D 1951 -26.57 -5.32 -78.13
N PRO D 1952 -25.33 -5.40 -78.65
CA PRO D 1952 -25.09 -6.04 -79.96
C PRO D 1952 -25.43 -7.52 -80.07
N THR D 1953 -25.73 -8.21 -78.96
CA THR D 1953 -26.25 -9.58 -78.90
C THR D 1953 -25.31 -10.61 -79.54
N LYS D 1954 -24.05 -10.24 -79.70
CA LYS D 1954 -23.02 -11.16 -80.12
C LYS D 1954 -22.38 -11.73 -78.87
N ARG D 1955 -22.81 -12.92 -78.48
CA ARG D 1955 -22.35 -13.52 -77.23
C ARG D 1955 -20.89 -13.93 -77.36
N THR D 1956 -19.99 -13.08 -76.88
CA THR D 1956 -18.56 -13.34 -76.93
C THR D 1956 -18.07 -13.73 -75.54
N ALA D 1957 -16.79 -14.04 -75.46
CA ALA D 1957 -16.19 -14.40 -74.19
C ALA D 1957 -16.07 -13.17 -73.30
N ASN D 1958 -16.17 -13.40 -71.99
CA ASN D 1958 -16.08 -12.32 -71.03
C ASN D 1958 -14.62 -11.89 -70.91
N SER D 1959 -14.25 -10.84 -71.63
CA SER D 1959 -12.90 -10.30 -71.57
C SER D 1959 -12.63 -9.53 -70.29
N LEU D 1960 -13.66 -9.28 -69.48
CA LEU D 1960 -13.54 -8.56 -68.22
C LEU D 1960 -13.51 -9.53 -67.04
N THR D 1961 -12.84 -10.66 -67.21
CA THR D 1961 -12.88 -11.74 -66.22
C THR D 1961 -12.17 -11.36 -64.93
N ALA D 1962 -11.07 -10.62 -65.02
CA ALA D 1962 -10.28 -10.29 -63.85
C ALA D 1962 -10.77 -9.03 -63.14
N LEU D 1963 -12.01 -8.60 -63.38
CA LEU D 1963 -12.51 -7.40 -62.73
C LEU D 1963 -12.80 -7.67 -61.26
N PHE D 1964 -12.43 -6.72 -60.42
CA PHE D 1964 -12.69 -6.84 -59.00
C PHE D 1964 -14.17 -6.60 -58.72
N LEU D 1965 -14.61 -7.13 -57.67
CA LEU D 1965 -16.05 -7.18 -57.46
C LEU D 1965 -16.50 -6.10 -56.49
N PRO D 1966 -17.75 -5.67 -56.58
CA PRO D 1966 -18.24 -4.68 -55.62
C PRO D 1966 -18.39 -5.28 -54.22
N GLN D 1967 -18.18 -4.45 -53.22
CA GLN D 1967 -18.17 -4.88 -51.84
C GLN D 1967 -19.24 -4.14 -51.07
N ILE D 1968 -20.02 -4.88 -50.27
CA ILE D 1968 -20.99 -4.25 -49.38
C ILE D 1968 -20.25 -3.49 -48.29
N ASN D 1969 -20.91 -2.47 -47.74
CA ASN D 1969 -20.19 -1.57 -46.86
C ASN D 1969 -19.99 -2.18 -45.48
N LYS D 1970 -18.94 -1.74 -44.81
CA LYS D 1970 -18.53 -2.33 -43.54
C LYS D 1970 -19.48 -1.97 -42.40
N LYS D 1971 -20.09 -0.79 -42.46
CA LYS D 1971 -20.80 -0.27 -41.30
C LYS D 1971 -22.11 -1.00 -41.06
N LEU D 1972 -22.84 -1.34 -42.13
CA LEU D 1972 -24.06 -2.10 -41.97
C LEU D 1972 -23.78 -3.50 -41.47
N GLN D 1973 -22.68 -4.11 -41.94
CA GLN D 1973 -22.26 -5.41 -41.44
C GLN D 1973 -21.89 -5.33 -39.97
N GLY D 1974 -21.28 -4.22 -39.56
CA GLY D 1974 -21.01 -4.00 -38.15
C GLY D 1974 -22.28 -3.86 -37.33
N TYR D 1975 -23.30 -3.23 -37.90
CA TYR D 1975 -24.59 -3.13 -37.22
C TYR D 1975 -25.24 -4.50 -37.06
N TRP D 1976 -25.18 -5.32 -38.12
CA TRP D 1976 -25.72 -6.67 -38.05
C TRP D 1976 -25.01 -7.50 -37.00
N GLN D 1977 -23.68 -7.40 -36.95
CA GLN D 1977 -22.89 -8.16 -36.00
C GLN D 1977 -23.15 -7.71 -34.57
N THR D 1978 -23.24 -6.40 -34.33
CA THR D 1978 -23.48 -5.97 -32.96
C THR D 1978 -24.92 -6.25 -32.54
N LEU D 1979 -25.86 -6.28 -33.48
CA LEU D 1979 -27.23 -6.61 -33.11
C LEU D 1979 -27.36 -8.08 -32.73
N THR D 1980 -26.73 -8.97 -33.50
CA THR D 1980 -26.83 -10.38 -33.14
C THR D 1980 -26.00 -10.69 -31.89
N GLN D 1981 -24.95 -9.92 -31.62
CA GLN D 1981 -24.22 -10.11 -30.38
C GLN D 1981 -25.02 -9.63 -29.18
N ARG D 1982 -25.73 -8.50 -29.33
CA ARG D 1982 -26.61 -8.02 -28.27
C ARG D 1982 -27.72 -9.01 -27.97
N LEU D 1983 -28.34 -9.56 -29.02
CA LEU D 1983 -29.43 -10.49 -28.77
C LEU D 1983 -28.92 -11.83 -28.25
N TYR D 1984 -27.67 -12.20 -28.58
CA TYR D 1984 -27.12 -13.41 -27.99
C TYR D 1984 -26.82 -13.22 -26.52
N ASN D 1985 -26.32 -12.05 -26.14
CA ASN D 1985 -26.07 -11.78 -24.73
C ASN D 1985 -27.37 -11.63 -23.96
N LEU D 1986 -28.41 -11.12 -24.61
CA LEU D 1986 -29.68 -10.92 -23.92
C LEU D 1986 -30.47 -12.21 -23.83
N ARG D 1987 -30.34 -13.10 -24.80
CA ARG D 1987 -31.05 -14.36 -24.74
C ARG D 1987 -30.41 -15.36 -23.80
N HIS D 1988 -29.25 -15.04 -23.26
CA HIS D 1988 -28.72 -15.71 -22.09
C HIS D 1988 -28.75 -14.73 -20.95
N ASN D 1989 -28.20 -15.12 -19.81
CA ASN D 1989 -28.21 -14.25 -18.64
C ASN D 1989 -26.94 -13.42 -18.55
N LEU D 1990 -26.34 -13.10 -19.69
CA LEU D 1990 -25.10 -12.37 -19.70
C LEU D 1990 -25.35 -10.88 -19.50
N THR D 1991 -24.25 -10.15 -19.31
CA THR D 1991 -24.30 -8.71 -19.23
C THR D 1991 -24.19 -8.11 -20.63
N ILE D 1992 -23.93 -6.81 -20.69
CA ILE D 1992 -23.62 -6.15 -21.96
C ILE D 1992 -22.29 -6.66 -22.50
N ASP D 1993 -21.37 -7.01 -21.61
CA ASP D 1993 -20.05 -7.47 -22.02
C ASP D 1993 -19.95 -8.98 -22.20
N GLY D 1994 -21.04 -9.71 -22.01
CA GLY D 1994 -21.01 -11.15 -22.11
C GLY D 1994 -20.70 -11.89 -20.82
N GLN D 1995 -20.44 -11.18 -19.73
CA GLN D 1995 -20.21 -11.92 -18.50
C GLN D 1995 -21.53 -12.28 -17.85
N PRO D 1996 -21.64 -13.48 -17.29
CA PRO D 1996 -22.95 -13.94 -16.78
C PRO D 1996 -23.32 -13.26 -15.47
N LEU D 1997 -24.61 -13.01 -15.32
CA LEU D 1997 -25.14 -12.45 -14.09
C LEU D 1997 -25.13 -13.47 -12.95
N SER D 1998 -25.66 -14.66 -13.21
CA SER D 1998 -25.77 -15.70 -12.20
C SER D 1998 -24.42 -16.38 -12.04
N LEU D 1999 -23.96 -16.52 -10.79
CA LEU D 1999 -22.67 -17.12 -10.52
C LEU D 1999 -22.70 -18.63 -10.74
N SER D 2000 -21.52 -19.22 -10.76
CA SER D 2000 -21.37 -20.62 -11.11
C SER D 2000 -21.57 -21.52 -9.90
N LEU D 2001 -21.84 -22.80 -10.19
CA LEU D 2001 -21.90 -23.82 -9.16
C LEU D 2001 -20.49 -24.28 -8.80
N TYR D 2002 -20.24 -24.45 -7.50
CA TYR D 2002 -18.97 -24.98 -7.00
C TYR D 2002 -19.24 -26.37 -6.45
N ALA D 2003 -18.82 -27.39 -7.19
CA ALA D 2003 -18.98 -28.76 -6.73
C ALA D 2003 -17.99 -29.06 -5.61
N THR D 2004 -18.40 -29.94 -4.71
CA THR D 2004 -17.58 -30.31 -3.58
C THR D 2004 -16.55 -31.35 -4.00
N PRO D 2005 -15.26 -31.15 -3.69
CA PRO D 2005 -14.26 -32.18 -4.00
C PRO D 2005 -14.41 -33.41 -3.11
N ALA D 2006 -13.83 -34.52 -3.53
CA ALA D 2006 -13.94 -35.75 -2.75
C ALA D 2006 -12.99 -35.69 -1.56
N ASP D 2007 -13.46 -36.22 -0.42
CA ASP D 2007 -12.65 -36.23 0.78
C ASP D 2007 -11.56 -37.29 0.67
N PRO D 2008 -10.41 -37.07 1.30
CA PRO D 2008 -9.37 -38.11 1.33
C PRO D 2008 -9.82 -39.28 2.19
N SER D 2009 -9.78 -40.47 1.62
CA SER D 2009 -10.21 -41.67 2.32
C SER D 2009 -9.19 -42.05 3.39
N MET D 2010 -9.62 -42.91 4.30
CA MET D 2010 -8.75 -43.43 5.35
C MET D 2010 -8.27 -44.82 4.95
N LEU D 2011 -6.96 -44.99 4.91
CA LEU D 2011 -6.39 -46.27 4.49
C LEU D 2011 -6.52 -47.30 5.59
N LEU D 2012 -6.82 -48.54 5.19
CA LEU D 2012 -7.02 -49.63 6.12
C LEU D 2012 -6.03 -50.75 5.85
N SER D 2013 -5.55 -51.39 6.90
CA SER D 2013 -4.71 -52.57 6.79
C SER D 2013 -5.31 -53.65 7.68
N ALA D 2014 -4.72 -54.84 7.60
CA ALA D 2014 -5.20 -55.96 8.39
C ALA D 2014 -4.07 -56.95 8.54
N ALA D 2015 -4.15 -57.76 9.59
CA ALA D 2015 -3.20 -58.83 9.82
C ALA D 2015 -3.97 -60.14 9.79
N ILE D 2016 -3.97 -60.78 8.63
CA ILE D 2016 -4.53 -62.13 8.55
C ILE D 2016 -3.61 -63.08 9.29
N THR D 2017 -4.19 -64.13 9.84
CA THR D 2017 -3.45 -65.05 10.69
C THR D 2017 -3.56 -66.46 10.15
N ALA D 2018 -2.60 -67.29 10.52
CA ALA D 2018 -2.56 -68.67 10.09
C ALA D 2018 -2.75 -69.58 11.30
N SER D 2019 -2.91 -70.88 11.03
CA SER D 2019 -3.07 -71.85 12.10
C SER D 2019 -2.53 -73.19 11.61
N GLN D 2020 -1.28 -73.48 11.95
CA GLN D 2020 -0.66 -74.75 11.61
C GLN D 2020 -0.88 -75.74 12.74
N GLY D 2021 -0.69 -77.02 12.44
CA GLY D 2021 -0.88 -78.06 13.42
C GLY D 2021 0.18 -78.05 14.50
N GLY D 2022 -0.13 -78.74 15.59
CA GLY D 2022 0.80 -78.84 16.69
C GLY D 2022 1.76 -80.00 16.53
N GLY D 2023 2.67 -80.11 17.48
CA GLY D 2023 3.62 -81.21 17.47
C GLY D 2023 3.01 -82.47 18.04
N ASP D 2024 3.05 -83.54 17.26
CA ASP D 2024 2.52 -84.82 17.71
C ASP D 2024 3.63 -85.68 18.29
N LEU D 2025 3.26 -86.54 19.24
CA LEU D 2025 4.27 -87.24 20.03
C LEU D 2025 4.83 -88.42 19.24
N PRO D 2026 6.15 -88.59 19.19
CA PRO D 2026 6.75 -89.75 18.50
C PRO D 2026 6.60 -91.04 19.28
N HIS D 2027 7.28 -92.09 18.82
CA HIS D 2027 7.24 -93.38 19.49
C HIS D 2027 8.30 -93.43 20.58
N ALA D 2028 7.91 -93.92 21.75
CA ALA D 2028 8.80 -93.99 22.90
C ALA D 2028 9.62 -95.27 22.90
N VAL D 2029 10.91 -95.13 23.20
CA VAL D 2029 11.84 -96.25 23.29
C VAL D 2029 12.29 -96.38 24.73
N MET D 2030 12.44 -97.60 25.20
CA MET D 2030 12.91 -97.80 26.57
C MET D 2030 14.43 -97.86 26.61
N PRO D 2031 15.08 -97.03 27.41
CA PRO D 2031 16.54 -97.05 27.49
C PRO D 2031 17.02 -98.02 28.56
N MET D 2032 18.34 -98.05 28.76
CA MET D 2032 18.96 -98.99 29.68
C MET D 2032 19.26 -98.39 31.04
N TYR D 2033 19.19 -97.08 31.21
CA TYR D 2033 19.58 -96.47 32.46
C TYR D 2033 18.38 -96.29 33.37
N ARG D 2034 18.67 -96.01 34.64
CA ARG D 2034 17.61 -95.83 35.61
C ARG D 2034 17.02 -94.43 35.50
N PHE D 2035 16.04 -94.18 36.37
CA PHE D 2035 15.28 -92.94 36.29
C PHE D 2035 16.07 -91.66 36.57
N PRO D 2036 16.94 -91.56 37.59
CA PRO D 2036 17.69 -90.30 37.73
C PRO D 2036 18.69 -90.06 36.62
N VAL D 2037 19.25 -91.11 36.03
CA VAL D 2037 20.21 -90.94 34.94
C VAL D 2037 19.50 -90.43 33.69
N ILE D 2038 18.38 -91.08 33.32
CA ILE D 2038 17.64 -90.62 32.16
C ILE D 2038 16.98 -89.27 32.43
N LEU D 2039 16.69 -88.95 33.70
CA LEU D 2039 16.13 -87.65 34.02
C LEU D 2039 17.18 -86.57 33.89
N GLU D 2040 18.43 -86.89 34.21
CA GLU D 2040 19.51 -85.92 34.05
C GLU D 2040 19.77 -85.65 32.57
N ASN D 2041 19.73 -86.69 31.74
CA ASN D 2041 19.89 -86.49 30.30
C ASN D 2041 18.72 -85.68 29.71
N ALA D 2042 17.50 -85.98 30.16
CA ALA D 2042 16.34 -85.25 29.66
C ALA D 2042 16.35 -83.80 30.10
N LYS D 2043 16.73 -83.53 31.35
CA LYS D 2043 16.81 -82.16 31.83
C LYS D 2043 17.91 -81.38 31.11
N TRP D 2044 19.00 -82.07 30.74
CA TRP D 2044 20.03 -81.46 29.91
C TRP D 2044 19.48 -81.02 28.56
N GLY D 2045 18.78 -81.93 27.87
CA GLY D 2045 18.25 -81.61 26.56
C GLY D 2045 17.21 -80.51 26.60
N VAL D 2046 16.37 -80.52 27.63
CA VAL D 2046 15.32 -79.52 27.73
C VAL D 2046 15.89 -78.15 28.12
N SER D 2047 16.97 -78.12 28.92
CA SER D 2047 17.62 -76.84 29.20
C SER D 2047 18.28 -76.26 27.96
N GLN D 2048 18.88 -77.13 27.13
CA GLN D 2048 19.43 -76.66 25.87
C GLN D 2048 18.34 -76.14 24.94
N LEU D 2049 17.18 -76.78 24.96
CA LEU D 2049 16.06 -76.31 24.13
C LEU D 2049 15.53 -74.96 24.62
N ILE D 2050 15.52 -74.75 25.93
CA ILE D 2050 15.13 -73.45 26.49
C ILE D 2050 16.08 -72.37 26.01
N GLN D 2051 17.37 -72.68 26.02
CA GLN D 2051 18.38 -71.75 25.52
C GLN D 2051 18.17 -71.43 24.04
N PHE D 2052 17.84 -72.45 23.24
CA PHE D 2052 17.66 -72.23 21.82
C PHE D 2052 16.40 -71.43 21.52
N GLY D 2053 15.33 -71.64 22.29
CA GLY D 2053 14.12 -70.86 22.10
C GLY D 2053 14.30 -69.41 22.47
N ASN D 2054 15.03 -69.15 23.56
CA ASN D 2054 15.35 -67.78 23.93
C ASN D 2054 16.20 -67.09 22.86
N THR D 2055 17.18 -67.81 22.30
CA THR D 2055 18.03 -67.25 21.27
C THR D 2055 17.26 -66.99 19.99
N LEU D 2056 16.31 -67.87 19.65
CA LEU D 2056 15.49 -67.68 18.47
C LEU D 2056 14.58 -66.47 18.61
N LEU D 2057 14.04 -66.26 19.82
CA LEU D 2057 13.25 -65.06 20.09
C LEU D 2057 14.06 -63.79 19.93
N SER D 2058 15.28 -63.78 20.47
CA SER D 2058 16.13 -62.60 20.35
C SER D 2058 16.49 -62.33 18.90
N ILE D 2059 16.72 -63.39 18.13
CA ILE D 2059 17.10 -63.23 16.73
C ILE D 2059 15.94 -62.68 15.91
N THR D 2060 14.71 -63.18 16.14
CA THR D 2060 13.61 -62.69 15.32
C THR D 2060 13.21 -61.27 15.70
N GLU D 2061 13.38 -60.87 16.97
CA GLU D 2061 13.05 -59.48 17.27
C GLU D 2061 14.13 -58.52 16.77
N ARG D 2062 15.40 -58.94 16.74
CA ARG D 2062 16.43 -58.12 16.10
C ARG D 2062 16.19 -58.01 14.61
N GLN D 2063 15.74 -59.09 13.97
CA GLN D 2063 15.43 -59.07 12.55
C GLN D 2063 14.32 -58.09 12.23
N ASP D 2064 13.26 -58.09 13.06
CA ASP D 2064 12.15 -57.18 12.83
C ASP D 2064 12.55 -55.72 13.03
N ALA D 2065 13.36 -55.43 14.06
CA ALA D 2065 13.81 -54.05 14.27
C ALA D 2065 14.72 -53.59 13.13
N GLU D 2066 15.55 -54.50 12.60
CA GLU D 2066 16.43 -54.13 11.50
C GLU D 2066 15.66 -53.84 10.23
N ALA D 2067 14.65 -54.66 9.92
CA ALA D 2067 13.83 -54.41 8.73
C ALA D 2067 13.04 -53.12 8.86
N LEU D 2068 12.59 -52.80 10.08
CA LEU D 2068 11.90 -51.54 10.33
C LEU D 2068 12.81 -50.34 10.05
N ALA D 2069 14.05 -50.39 10.55
CA ALA D 2069 14.98 -49.28 10.33
C ALA D 2069 15.32 -49.12 8.86
N GLU D 2070 15.44 -50.24 8.12
CA GLU D 2070 15.71 -50.18 6.69
C GLU D 2070 14.56 -49.52 5.93
N ILE D 2071 13.32 -49.91 6.25
CA ILE D 2071 12.17 -49.32 5.55
C ILE D 2071 12.02 -47.85 5.90
N LEU D 2072 12.43 -47.46 7.12
CA LEU D 2072 12.38 -46.04 7.50
C LEU D 2072 13.38 -45.23 6.70
N GLN D 2073 14.59 -45.76 6.50
CA GLN D 2073 15.59 -45.04 5.72
C GLN D 2073 15.17 -44.91 4.25
N THR D 2074 14.52 -45.94 3.70
CA THR D 2074 14.06 -45.84 2.32
C THR D 2074 13.01 -44.75 2.14
N GLN D 2075 11.99 -44.73 3.01
CA GLN D 2075 10.98 -43.70 2.82
C GLN D 2075 11.47 -42.31 3.20
N GLY D 2076 12.47 -42.21 4.10
CA GLY D 2076 13.11 -40.94 4.32
C GLY D 2076 13.87 -40.42 3.12
N SER D 2077 14.49 -41.32 2.36
CA SER D 2077 15.15 -40.92 1.11
C SER D 2077 14.14 -40.40 0.10
N GLU D 2078 12.99 -41.07 -0.01
CA GLU D 2078 11.97 -40.60 -0.96
C GLU D 2078 11.41 -39.23 -0.56
N LEU D 2079 11.19 -39.02 0.74
CA LEU D 2079 10.71 -37.72 1.19
C LEU D 2079 11.75 -36.62 0.98
N ALA D 2080 13.03 -36.96 1.09
CA ALA D 2080 14.07 -35.97 0.82
C ALA D 2080 14.07 -35.55 -0.64
N LEU D 2081 13.88 -36.50 -1.56
CA LEU D 2081 13.75 -36.18 -2.97
C LEU D 2081 12.56 -35.26 -3.24
N GLN D 2082 11.41 -35.57 -2.62
CA GLN D 2082 10.23 -34.75 -2.81
C GLN D 2082 10.40 -33.34 -2.24
N SER D 2083 11.14 -33.22 -1.14
CA SER D 2083 11.36 -31.90 -0.55
C SER D 2083 12.28 -31.04 -1.41
N ILE D 2084 13.28 -31.66 -2.05
CA ILE D 2084 14.11 -30.92 -3.00
C ILE D 2084 13.29 -30.43 -4.18
N LYS D 2085 12.38 -31.28 -4.67
CA LYS D 2085 11.50 -30.89 -5.76
C LYS D 2085 10.56 -29.76 -5.36
N MET D 2086 10.22 -29.66 -4.08
CA MET D 2086 9.42 -28.53 -3.60
C MET D 2086 10.23 -27.24 -3.52
N GLN D 2087 11.49 -27.35 -3.07
CA GLN D 2087 12.33 -26.17 -2.96
C GLN D 2087 12.62 -25.55 -4.32
N ASP D 2088 12.61 -26.36 -5.38
CA ASP D 2088 12.72 -25.81 -6.73
C ASP D 2088 11.56 -24.86 -7.07
N LYS D 2089 10.34 -25.24 -6.71
CA LYS D 2089 9.19 -24.37 -6.97
C LYS D 2089 9.22 -23.12 -6.10
N VAL D 2090 9.77 -23.24 -4.89
CA VAL D 2090 9.96 -22.06 -4.04
C VAL D 2090 10.90 -21.06 -4.71
N MET D 2091 12.00 -21.56 -5.27
CA MET D 2091 12.95 -20.69 -5.96
C MET D 2091 12.33 -20.06 -7.21
N ALA D 2092 11.49 -20.80 -7.93
CA ALA D 2092 10.80 -20.23 -9.09
C ALA D 2092 9.80 -19.15 -8.69
N GLU D 2093 9.17 -19.31 -7.52
CA GLU D 2093 8.31 -18.25 -6.99
C GLU D 2093 9.10 -16.98 -6.71
N ILE D 2094 10.32 -17.14 -6.16
CA ILE D 2094 11.19 -15.98 -5.94
C ILE D 2094 11.52 -15.29 -7.26
N ASP D 2095 11.73 -16.07 -8.32
CA ASP D 2095 12.03 -15.51 -9.63
C ASP D 2095 10.85 -14.71 -10.19
N ALA D 2096 9.64 -15.26 -10.07
CA ALA D 2096 8.47 -14.54 -10.59
C ALA D 2096 8.16 -13.29 -9.78
N ASP D 2097 8.46 -13.31 -8.47
CA ASP D 2097 8.31 -12.11 -7.67
C ASP D 2097 9.31 -11.03 -8.09
N LYS D 2098 10.53 -11.44 -8.46
CA LYS D 2098 11.50 -10.49 -8.97
C LYS D 2098 11.06 -9.88 -10.29
N LEU D 2099 10.39 -10.68 -11.13
CA LEU D 2099 9.82 -10.15 -12.36
C LEU D 2099 8.73 -9.12 -12.10
N ALA D 2100 7.88 -9.38 -11.11
CA ALA D 2100 6.85 -8.39 -10.71
C ALA D 2100 7.49 -7.10 -10.23
N LEU D 2101 8.57 -7.20 -9.46
CA LEU D 2101 9.25 -6.01 -8.97
C LEU D 2101 9.88 -5.20 -10.10
N GLN D 2102 10.46 -5.88 -11.10
CA GLN D 2102 11.00 -5.19 -12.26
C GLN D 2102 9.90 -4.46 -13.04
N GLU D 2103 8.73 -5.08 -13.15
CA GLU D 2103 7.65 -4.43 -13.87
C GLU D 2103 7.04 -3.27 -13.09
N SER D 2104 7.18 -3.24 -11.77
CA SER D 2104 6.83 -2.02 -11.04
C SER D 2104 7.87 -0.92 -11.27
N ARG D 2105 9.14 -1.32 -11.28
CA ARG D 2105 10.23 -0.35 -11.41
C ARG D 2105 10.22 0.32 -12.77
N HIS D 2106 9.79 -0.40 -13.81
CA HIS D 2106 9.73 0.18 -15.15
C HIS D 2106 8.72 1.32 -15.23
N GLY D 2107 7.55 1.14 -14.60
CA GLY D 2107 6.57 2.19 -14.62
C GLY D 2107 6.93 3.37 -13.74
N ALA D 2108 7.60 3.09 -12.61
CA ALA D 2108 8.13 4.19 -11.80
C ALA D 2108 9.18 4.98 -12.56
N GLN D 2109 9.99 4.29 -13.37
CA GLN D 2109 11.00 4.95 -14.19
C GLN D 2109 10.36 5.83 -15.25
N SER D 2110 9.32 5.31 -15.93
CA SER D 2110 8.66 6.10 -16.97
C SER D 2110 7.96 7.32 -16.40
N ARG D 2111 7.37 7.18 -15.20
CA ARG D 2111 6.72 8.31 -14.56
C ARG D 2111 7.74 9.36 -14.15
N PHE D 2112 8.90 8.93 -13.64
CA PHE D 2112 9.95 9.88 -13.28
C PHE D 2112 10.50 10.61 -14.50
N ASP D 2113 10.69 9.88 -15.61
CA ASP D 2113 11.21 10.52 -16.82
C ASP D 2113 10.22 11.49 -17.41
N SER D 2114 8.92 11.17 -17.34
CA SER D 2114 7.92 12.06 -17.88
C SER D 2114 7.77 13.32 -17.02
N PHE D 2115 7.84 13.16 -15.70
CA PHE D 2115 7.82 14.35 -14.86
C PHE D 2115 9.09 15.18 -14.98
N ASN D 2116 10.23 14.55 -15.26
CA ASN D 2116 11.45 15.31 -15.44
C ASN D 2116 11.43 16.11 -16.73
N THR D 2117 10.94 15.50 -17.82
CA THR D 2117 10.85 16.26 -19.06
C THR D 2117 9.68 17.26 -19.02
N LEU D 2118 8.74 17.09 -18.10
CA LEU D 2118 7.77 18.16 -17.88
C LEU D 2118 8.40 19.31 -17.12
N TYR D 2119 9.23 19.00 -16.13
CA TYR D 2119 9.83 20.04 -15.31
C TYR D 2119 10.91 20.83 -16.04
N ASP D 2120 11.60 20.19 -16.99
CA ASP D 2120 12.73 20.85 -17.64
C ASP D 2120 12.29 21.96 -18.58
N GLU D 2121 11.06 21.90 -19.08
CA GLU D 2121 10.48 23.03 -19.78
C GLU D 2121 9.46 23.69 -18.85
N ASP D 2122 9.81 24.85 -18.31
CA ASP D 2122 8.96 25.55 -17.37
C ASP D 2122 7.70 26.04 -18.07
N VAL D 2123 7.86 26.89 -19.06
CA VAL D 2123 6.73 27.36 -19.84
C VAL D 2123 6.80 26.73 -21.21
N ASN D 2124 5.63 26.59 -21.83
CA ASN D 2124 5.58 26.09 -23.18
C ASN D 2124 5.77 27.25 -24.13
N ALA D 2125 5.85 26.95 -25.43
CA ALA D 2125 5.93 28.00 -26.43
C ALA D 2125 4.64 28.82 -26.45
N GLY D 2126 3.49 28.14 -26.41
CA GLY D 2126 2.22 28.84 -26.34
C GLY D 2126 2.01 29.57 -25.03
N GLU D 2127 2.52 29.01 -23.93
CA GLU D 2127 2.40 29.68 -22.63
C GLU D 2127 3.22 30.97 -22.62
N LYS D 2128 4.45 30.92 -23.14
CA LYS D 2128 5.27 32.12 -23.24
C LYS D 2128 4.67 33.13 -24.21
N GLN D 2129 4.03 32.63 -25.28
CA GLN D 2129 3.34 33.51 -26.21
C GLN D 2129 2.18 34.24 -25.53
N ALA D 2130 1.44 33.53 -24.69
CA ALA D 2130 0.31 34.15 -24.00
C ALA D 2130 0.78 35.18 -22.98
N MET D 2131 1.92 34.91 -22.33
CA MET D 2131 2.53 35.90 -21.44
C MET D 2131 2.90 37.17 -22.21
N ASP D 2132 3.51 37.00 -23.39
CA ASP D 2132 3.92 38.15 -24.18
C ASP D 2132 2.71 38.91 -24.72
N LEU D 2133 1.61 38.19 -24.99
CA LEU D 2133 0.43 38.87 -25.50
C LEU D 2133 -0.28 39.66 -24.41
N TYR D 2134 -0.31 39.13 -23.19
CA TYR D 2134 -0.82 39.88 -22.05
C TYR D 2134 0.01 41.13 -21.81
N LEU D 2135 1.33 41.01 -21.93
CA LEU D 2135 2.21 42.17 -21.76
C LEU D 2135 1.98 43.20 -22.86
N SER D 2136 1.80 42.74 -24.10
CA SER D 2136 1.59 43.64 -25.22
C SER D 2136 0.25 44.36 -25.10
N SER D 2137 -0.77 43.66 -24.60
CA SER D 2137 -2.06 44.31 -24.37
C SER D 2137 -1.97 45.35 -23.28
N SER D 2138 -1.29 45.01 -22.17
CA SER D 2138 -1.17 45.96 -21.06
C SER D 2138 -0.33 47.17 -21.44
N VAL D 2139 0.64 47.01 -22.33
CA VAL D 2139 1.43 48.15 -22.78
C VAL D 2139 0.63 48.98 -23.77
N LEU D 2140 0.03 48.34 -24.76
CA LEU D 2140 -0.63 49.05 -25.86
C LEU D 2140 -1.92 49.74 -25.42
N SER D 2141 -2.56 49.27 -24.36
CA SER D 2141 -3.83 49.88 -23.94
C SER D 2141 -3.61 51.26 -23.34
N THR D 2142 -2.42 51.53 -22.82
CA THR D 2142 -2.15 52.80 -22.16
C THR D 2142 -1.73 53.91 -23.12
N SER D 2143 -1.70 53.64 -24.42
CA SER D 2143 -1.24 54.61 -25.39
C SER D 2143 -2.39 55.42 -26.01
N GLY D 2144 -3.57 55.39 -25.39
CA GLY D 2144 -4.71 56.07 -25.96
C GLY D 2144 -5.12 57.32 -25.22
N THR D 2145 -4.52 57.53 -24.05
CA THR D 2145 -4.84 58.72 -23.26
C THR D 2145 -4.34 59.99 -23.93
N ALA D 2146 -3.18 59.94 -24.57
CA ALA D 2146 -2.68 61.08 -25.32
C ALA D 2146 -3.58 61.41 -26.50
N LEU D 2147 -4.12 60.40 -27.17
CA LEU D 2147 -5.05 60.63 -28.27
C LEU D 2147 -6.38 61.17 -27.81
N HIS D 2148 -6.88 60.70 -26.66
CA HIS D 2148 -8.14 61.23 -26.15
C HIS D 2148 -7.97 62.67 -25.68
N MET D 2149 -6.84 62.97 -25.06
CA MET D 2149 -6.54 64.34 -24.67
C MET D 2149 -6.38 65.24 -25.89
N ALA D 2150 -5.79 64.70 -26.96
CA ALA D 2150 -5.65 65.48 -28.18
C ALA D 2150 -6.99 65.72 -28.85
N ALA D 2151 -7.90 64.75 -28.76
CA ALA D 2151 -9.26 64.95 -29.26
C ALA D 2151 -9.99 66.01 -28.46
N ALA D 2152 -9.78 66.02 -27.14
CA ALA D 2152 -10.40 67.02 -26.30
C ALA D 2152 -9.85 68.41 -26.58
N ALA D 2153 -8.54 68.52 -26.81
CA ALA D 2153 -7.95 69.80 -27.12
C ALA D 2153 -8.35 70.28 -28.50
N ALA D 2154 -8.61 69.35 -29.43
CA ALA D 2154 -9.03 69.74 -30.77
C ALA D 2154 -10.50 70.11 -30.81
N ASP D 2155 -11.32 69.56 -29.93
CA ASP D 2155 -12.74 69.86 -29.93
C ASP D 2155 -13.13 70.92 -28.92
N LEU D 2156 -12.22 71.80 -28.54
CA LEU D 2156 -12.56 72.93 -27.69
C LEU D 2156 -12.69 74.24 -28.46
N VAL D 2157 -12.09 74.33 -29.64
CA VAL D 2157 -12.22 75.51 -30.48
C VAL D 2157 -13.62 75.51 -31.07
N PRO D 2158 -14.22 76.67 -31.33
CA PRO D 2158 -15.60 76.70 -31.84
C PRO D 2158 -15.68 76.20 -33.27
N ASN D 2159 -16.63 75.29 -33.51
CA ASN D 2159 -16.81 74.73 -34.84
C ASN D 2159 -17.50 75.72 -35.76
N ILE D 2160 -18.67 76.21 -35.36
CA ILE D 2160 -19.49 77.02 -36.22
C ILE D 2160 -18.92 78.42 -36.33
N TYR D 2161 -19.21 79.10 -37.43
CA TYR D 2161 -18.82 80.49 -37.62
C TYR D 2161 -19.97 81.23 -38.26
N GLY D 2162 -19.76 82.53 -38.46
CA GLY D 2162 -20.77 83.35 -39.08
C GLY D 2162 -21.79 83.90 -38.10
N PHE D 2163 -23.06 83.90 -38.50
CA PHE D 2163 -24.12 84.51 -37.71
C PHE D 2163 -24.39 83.74 -36.42
N ALA D 2164 -24.09 82.45 -36.40
CA ALA D 2164 -23.96 81.68 -35.18
C ALA D 2164 -22.49 81.61 -34.83
N VAL D 2165 -22.13 82.03 -33.61
CA VAL D 2165 -20.75 82.39 -33.37
C VAL D 2165 -19.86 81.17 -33.18
N GLY D 2166 -20.33 80.17 -32.44
CA GLY D 2166 -19.52 78.97 -32.34
C GLY D 2166 -19.98 77.96 -31.30
N GLY D 2167 -19.96 76.70 -31.68
CA GLY D 2167 -20.35 75.63 -30.78
C GLY D 2167 -19.22 74.65 -30.54
N SER D 2168 -18.83 74.49 -29.28
CA SER D 2168 -17.76 73.58 -28.90
C SER D 2168 -18.11 72.96 -27.56
N ARG D 2169 -17.94 71.65 -27.44
CA ARG D 2169 -18.24 70.97 -26.19
C ARG D 2169 -17.18 71.31 -25.16
N PHE D 2170 -17.62 71.90 -24.05
CA PHE D 2170 -16.70 72.38 -23.03
C PHE D 2170 -16.21 71.28 -22.11
N GLY D 2171 -16.96 70.19 -22.01
CA GLY D 2171 -16.58 69.13 -21.08
C GLY D 2171 -15.79 68.04 -21.75
N ALA D 2172 -15.20 68.35 -22.91
CA ALA D 2172 -14.43 67.35 -23.64
C ALA D 2172 -13.17 66.96 -22.89
N LEU D 2173 -12.54 67.93 -22.22
CA LEU D 2173 -11.35 67.63 -21.44
C LEU D 2173 -11.67 66.75 -20.24
N PHE D 2174 -12.79 67.00 -19.58
CA PHE D 2174 -13.20 66.16 -18.45
C PHE D 2174 -13.56 64.75 -18.93
N ASN D 2175 -14.22 64.66 -20.08
CA ASN D 2175 -14.57 63.34 -20.62
C ASN D 2175 -13.33 62.57 -21.03
N ALA D 2176 -12.34 63.27 -21.59
CA ALA D 2176 -11.11 62.60 -21.98
C ALA D 2176 -10.29 62.18 -20.76
N SER D 2177 -10.31 62.97 -19.69
CA SER D 2177 -9.61 62.57 -18.47
C SER D 2177 -10.29 61.39 -17.81
N ALA D 2178 -11.63 61.36 -17.82
CA ALA D 2178 -12.35 60.23 -17.25
C ALA D 2178 -12.12 58.95 -18.07
N ILE D 2179 -12.10 59.07 -19.39
CA ILE D 2179 -11.90 57.88 -20.20
C ILE D 2179 -10.44 57.43 -20.16
N GLY D 2180 -9.51 58.34 -19.90
CA GLY D 2180 -8.13 57.94 -19.68
C GLY D 2180 -7.96 57.22 -18.35
N ILE D 2181 -8.70 57.66 -17.33
CA ILE D 2181 -8.69 56.97 -16.05
C ILE D 2181 -9.27 55.56 -16.18
N GLU D 2182 -10.35 55.42 -16.96
CA GLU D 2182 -10.94 54.10 -17.16
C GLU D 2182 -10.03 53.18 -17.96
N ILE D 2183 -9.36 53.70 -18.99
CA ILE D 2183 -8.47 52.84 -19.75
C ILE D 2183 -7.22 52.50 -18.96
N SER D 2184 -6.82 53.38 -18.02
CA SER D 2184 -5.73 53.05 -17.11
C SER D 2184 -6.12 51.94 -16.15
N ALA D 2185 -7.36 51.98 -15.66
CA ALA D 2185 -7.84 50.93 -14.77
C ALA D 2185 -7.93 49.59 -15.48
N SER D 2186 -8.35 49.60 -16.74
CA SER D 2186 -8.36 48.37 -17.54
C SER D 2186 -6.94 47.84 -17.77
N ALA D 2187 -5.99 48.75 -17.97
CA ALA D 2187 -4.61 48.33 -18.21
C ALA D 2187 -3.99 47.70 -16.97
N THR D 2188 -4.23 48.27 -15.79
CA THR D 2188 -3.67 47.62 -14.61
C THR D 2188 -4.43 46.37 -14.23
N ARG D 2189 -5.72 46.26 -14.58
CA ARG D 2189 -6.44 45.01 -14.43
C ARG D 2189 -5.82 43.89 -15.25
N ILE D 2190 -5.51 44.17 -16.52
CA ILE D 2190 -4.93 43.12 -17.33
C ILE D 2190 -3.47 42.87 -16.96
N ALA D 2191 -2.80 43.85 -16.36
CA ALA D 2191 -1.47 43.59 -15.79
C ALA D 2191 -1.56 42.63 -14.62
N ALA D 2192 -2.60 42.77 -13.79
CA ALA D 2192 -2.83 41.83 -12.70
C ALA D 2192 -3.10 40.43 -13.24
N ASP D 2193 -3.85 40.33 -14.35
CA ASP D 2193 -4.09 39.02 -14.97
C ASP D 2193 -2.79 38.40 -15.47
N LYS D 2194 -1.91 39.22 -16.05
CA LYS D 2194 -0.63 38.72 -16.55
C LYS D 2194 0.24 38.17 -15.44
N ILE D 2195 0.36 38.91 -14.34
CA ILE D 2195 1.18 38.44 -13.24
C ILE D 2195 0.56 37.22 -12.57
N SER D 2196 -0.77 37.14 -12.55
CA SER D 2196 -1.44 35.94 -12.04
C SER D 2196 -1.14 34.71 -12.88
N GLN D 2197 -1.10 34.88 -14.21
CA GLN D 2197 -0.75 33.76 -15.08
C GLN D 2197 0.69 33.31 -14.89
N SER D 2198 1.61 34.28 -14.70
CA SER D 2198 3.00 33.94 -14.42
C SER D 2198 3.14 33.14 -13.13
N GLU D 2199 2.43 33.56 -12.08
CA GLU D 2199 2.56 32.87 -10.81
C GLU D 2199 1.90 31.50 -10.84
N ILE D 2200 0.80 31.34 -11.58
CA ILE D 2200 0.19 30.01 -11.62
C ILE D 2200 1.04 29.06 -12.45
N TYR D 2201 1.80 29.58 -13.42
CA TYR D 2201 2.75 28.72 -14.13
C TYR D 2201 3.90 28.31 -13.23
N ARG D 2202 4.36 29.23 -12.38
CA ARG D 2202 5.42 28.89 -11.43
C ARG D 2202 4.95 27.83 -10.44
N ARG D 2203 3.71 27.92 -9.96
CA ARG D 2203 3.20 26.92 -9.04
C ARG D 2203 3.03 25.56 -9.70
N ARG D 2204 2.64 25.56 -10.98
CA ARG D 2204 2.56 24.31 -11.73
C ARG D 2204 3.93 23.64 -11.84
N ARG D 2205 4.96 24.45 -12.10
CA ARG D 2205 6.32 23.90 -12.17
C ARG D 2205 6.78 23.35 -10.83
N GLN D 2206 6.45 24.04 -9.74
CA GLN D 2206 6.83 23.56 -8.42
C GLN D 2206 6.15 22.23 -8.08
N GLU D 2207 4.88 22.09 -8.47
CA GLU D 2207 4.19 20.83 -8.25
C GLU D 2207 4.79 19.70 -9.07
N TRP D 2208 5.22 19.98 -10.30
CA TRP D 2208 5.92 18.98 -11.09
C TRP D 2208 7.23 18.57 -10.45
N GLU D 2209 7.91 19.53 -9.83
CA GLU D 2209 9.15 19.23 -9.10
C GLU D 2209 8.88 18.28 -7.93
N ILE D 2210 7.76 18.49 -7.23
CA ILE D 2210 7.36 17.58 -6.14
C ILE D 2210 7.15 16.17 -6.68
N GLN D 2211 6.44 16.06 -7.80
CA GLN D 2211 6.15 14.76 -8.38
C GLN D 2211 7.41 14.05 -8.85
N ARG D 2212 8.36 14.82 -9.40
CA ARG D 2212 9.61 14.23 -9.87
C ARG D 2212 10.45 13.71 -8.71
N ASN D 2213 10.51 14.45 -7.61
CA ASN D 2213 11.27 13.97 -6.46
C ASN D 2213 10.63 12.74 -5.84
N ASN D 2214 9.29 12.69 -5.82
CA ASN D 2214 8.60 11.51 -5.30
C ASN D 2214 8.87 10.29 -6.16
N ALA D 2215 8.85 10.46 -7.48
CA ALA D 2215 9.09 9.31 -8.36
C ALA D 2215 10.54 8.85 -8.31
N GLU D 2216 11.48 9.78 -8.06
CA GLU D 2216 12.88 9.38 -7.94
C GLU D 2216 13.13 8.60 -6.65
N ALA D 2217 12.49 9.02 -5.56
CA ALA D 2217 12.57 8.23 -4.33
C ALA D 2217 11.94 6.86 -4.52
N GLU D 2218 10.84 6.79 -5.27
CA GLU D 2218 10.18 5.52 -5.52
C GLU D 2218 11.04 4.57 -6.34
N ILE D 2219 11.74 5.08 -7.36
CA ILE D 2219 12.54 4.18 -8.17
C ILE D 2219 13.79 3.73 -7.41
N LYS D 2220 14.32 4.57 -6.51
CA LYS D 2220 15.40 4.11 -5.64
C LYS D 2220 14.93 3.00 -4.69
N GLN D 2221 13.73 3.16 -4.13
CA GLN D 2221 13.20 2.17 -3.21
C GLN D 2221 12.95 0.83 -3.89
N ILE D 2222 12.40 0.86 -5.10
CA ILE D 2222 12.14 -0.40 -5.79
C ILE D 2222 13.46 -1.04 -6.25
N ASP D 2223 14.49 -0.23 -6.52
CA ASP D 2223 15.79 -0.81 -6.84
C ASP D 2223 16.41 -1.52 -5.63
N ALA D 2224 16.29 -0.93 -4.45
CA ALA D 2224 16.79 -1.59 -3.26
C ALA D 2224 15.96 -2.82 -2.89
N GLN D 2225 14.66 -2.79 -3.20
CA GLN D 2225 13.86 -4.00 -3.03
C GLN D 2225 14.27 -5.11 -3.99
N LEU D 2226 14.68 -4.75 -5.21
CA LEU D 2226 15.26 -5.74 -6.12
C LEU D 2226 16.53 -6.33 -5.56
N ALA D 2227 17.34 -5.50 -4.88
CA ALA D 2227 18.56 -6.00 -4.25
C ALA D 2227 18.26 -7.01 -3.14
N THR D 2228 17.30 -6.69 -2.26
CA THR D 2228 17.00 -7.64 -1.19
C THR D 2228 16.29 -8.88 -1.71
N LEU D 2229 15.58 -8.77 -2.83
CA LEU D 2229 15.02 -9.96 -3.46
C LEU D 2229 16.09 -10.86 -4.05
N ALA D 2230 17.17 -10.27 -4.60
CA ALA D 2230 18.28 -11.09 -5.07
C ALA D 2230 18.98 -11.80 -3.92
N VAL D 2231 19.12 -11.10 -2.78
CA VAL D 2231 19.72 -11.73 -1.60
C VAL D 2231 18.86 -12.88 -1.09
N ARG D 2232 17.53 -12.69 -1.08
CA ARG D 2232 16.66 -13.78 -0.65
C ARG D 2232 16.67 -14.94 -1.64
N ARG D 2233 16.87 -14.66 -2.93
CA ARG D 2233 17.04 -15.73 -3.91
C ARG D 2233 18.29 -16.56 -3.62
N GLU D 2234 19.40 -15.89 -3.29
CA GLU D 2234 20.62 -16.62 -2.95
C GLU D 2234 20.45 -17.42 -1.66
N ALA D 2235 19.67 -16.90 -0.72
CA ALA D 2235 19.36 -17.66 0.49
C ALA D 2235 18.54 -18.91 0.17
N ALA D 2236 17.61 -18.81 -0.77
CA ALA D 2236 16.83 -19.98 -1.16
C ALA D 2236 17.66 -21.00 -1.91
N VAL D 2237 18.65 -20.54 -2.69
CA VAL D 2237 19.57 -21.45 -3.36
C VAL D 2237 20.42 -22.20 -2.35
N LEU D 2238 20.89 -21.49 -1.31
CA LEU D 2238 21.62 -22.14 -0.23
C LEU D 2238 20.74 -23.14 0.53
N GLN D 2239 19.45 -22.82 0.66
CA GLN D 2239 18.51 -23.76 1.28
C GLN D 2239 18.34 -25.02 0.45
N LYS D 2240 18.29 -24.88 -0.88
CA LYS D 2240 18.21 -26.05 -1.75
C LYS D 2240 19.47 -26.88 -1.68
N ASN D 2241 20.62 -26.23 -1.53
CA ASN D 2241 21.86 -26.96 -1.35
C ASN D 2241 21.88 -27.71 -0.03
N TYR D 2242 21.28 -27.12 1.01
CA TYR D 2242 21.12 -27.80 2.30
C TYR D 2242 20.24 -29.03 2.17
N LEU D 2243 19.17 -28.92 1.40
CA LEU D 2243 18.28 -30.07 1.19
C LEU D 2243 18.95 -31.16 0.38
N GLU D 2244 19.78 -30.79 -0.58
CA GLU D 2244 20.56 -31.78 -1.32
C GLU D 2244 21.57 -32.48 -0.42
N THR D 2245 22.15 -31.74 0.53
CA THR D 2245 23.06 -32.36 1.49
C THR D 2245 22.32 -33.34 2.39
N GLN D 2246 21.09 -32.99 2.80
CA GLN D 2246 20.28 -33.92 3.59
C GLN D 2246 19.93 -35.17 2.83
N GLN D 2247 19.62 -35.05 1.54
CA GLN D 2247 19.35 -36.23 0.72
C GLN D 2247 20.58 -37.11 0.58
N ALA D 2248 21.75 -36.50 0.39
CA ALA D 2248 22.98 -37.27 0.27
C ALA D 2248 23.33 -37.98 1.59
N GLN D 2249 23.04 -37.35 2.72
CA GLN D 2249 23.34 -38.00 3.99
C GLN D 2249 22.36 -39.13 4.28
N THR D 2250 21.10 -38.98 3.88
CA THR D 2250 20.14 -40.06 4.05
C THR D 2250 20.50 -41.24 3.13
N GLN D 2251 21.00 -40.94 1.94
CA GLN D 2251 21.50 -42.01 1.07
C GLN D 2251 22.73 -42.69 1.67
N ALA D 2252 23.58 -41.93 2.34
CA ALA D 2252 24.74 -42.54 3.00
C ALA D 2252 24.33 -43.44 4.15
N GLN D 2253 23.29 -43.04 4.90
CA GLN D 2253 22.78 -43.90 5.96
C GLN D 2253 22.15 -45.16 5.41
N LEU D 2254 21.45 -45.05 4.28
CA LEU D 2254 20.84 -46.23 3.66
C LEU D 2254 21.90 -47.17 3.13
N ALA D 2255 22.97 -46.62 2.55
CA ALA D 2255 24.08 -47.44 2.10
C ALA D 2255 24.80 -48.10 3.26
N PHE D 2256 24.87 -47.44 4.40
CA PHE D 2256 25.47 -48.06 5.58
C PHE D 2256 24.61 -49.18 6.11
N LEU D 2257 23.29 -49.00 6.09
CA LEU D 2257 22.40 -50.08 6.52
C LEU D 2257 22.42 -51.26 5.56
N GLN D 2258 22.67 -51.01 4.29
CA GLN D 2258 22.84 -52.13 3.36
C GLN D 2258 24.18 -52.82 3.57
N SER D 2259 25.25 -52.06 3.78
CA SER D 2259 26.60 -52.58 3.76
C SER D 2259 27.12 -53.03 5.12
N LYS D 2260 26.37 -52.81 6.19
CA LYS D 2260 26.81 -53.31 7.48
C LYS D 2260 26.71 -54.82 7.52
N PHE D 2261 27.55 -55.44 8.35
CA PHE D 2261 27.53 -56.89 8.44
C PHE D 2261 26.29 -57.39 9.17
N SER D 2262 25.87 -56.68 10.21
CA SER D 2262 24.69 -57.07 10.97
C SER D 2262 23.43 -56.45 10.36
N ASN D 2263 23.21 -56.68 9.07
CA ASN D 2263 22.05 -56.15 8.40
C ASN D 2263 20.86 -57.09 8.60
N ALA D 2264 19.80 -56.86 7.82
CA ALA D 2264 18.62 -57.71 7.95
C ALA D 2264 18.84 -59.08 7.32
N ALA D 2265 19.76 -59.19 6.37
CA ALA D 2265 20.00 -60.46 5.70
C ALA D 2265 20.63 -61.48 6.63
N LEU D 2266 21.58 -61.03 7.45
CA LEU D 2266 22.21 -61.90 8.44
C LEU D 2266 21.20 -62.40 9.46
N TYR D 2267 20.30 -61.53 9.89
CA TYR D 2267 19.29 -61.95 10.86
C TYR D 2267 18.25 -62.86 10.23
N ASN D 2268 17.95 -62.66 8.95
CA ASN D 2268 17.04 -63.57 8.26
C ASN D 2268 17.64 -64.96 8.15
N TRP D 2269 18.93 -65.03 7.80
CA TRP D 2269 19.60 -66.31 7.70
C TRP D 2269 19.73 -66.97 9.06
N LEU D 2270 19.96 -66.17 10.10
CA LEU D 2270 20.05 -66.68 11.46
C LEU D 2270 18.73 -67.26 11.93
N ARG D 2271 17.62 -66.57 11.65
CA ARG D 2271 16.34 -67.08 12.12
C ARG D 2271 15.88 -68.30 11.35
N GLY D 2272 16.22 -68.40 10.05
CA GLY D 2272 15.87 -69.60 9.32
C GLY D 2272 16.66 -70.81 9.75
N ARG D 2273 17.99 -70.66 9.84
CA ARG D 2273 18.86 -71.75 10.28
C ARG D 2273 18.54 -72.17 11.70
N LEU D 2274 18.27 -71.20 12.57
CA LEU D 2274 17.99 -71.53 13.96
C LEU D 2274 16.60 -72.13 14.11
N SER D 2275 15.64 -71.78 13.25
CA SER D 2275 14.34 -72.45 13.31
C SER D 2275 14.46 -73.91 12.91
N ALA D 2276 15.29 -74.19 11.90
CA ALA D 2276 15.51 -75.58 11.50
C ALA D 2276 16.16 -76.39 12.62
N ILE D 2277 17.23 -75.84 13.21
CA ILE D 2277 17.94 -76.55 14.27
C ILE D 2277 17.07 -76.69 15.51
N TYR D 2278 16.23 -75.69 15.78
CA TYR D 2278 15.32 -75.71 16.91
C TYR D 2278 14.26 -76.79 16.75
N TYR D 2279 13.75 -76.97 15.54
CA TYR D 2279 12.74 -78.02 15.34
C TYR D 2279 13.34 -79.41 15.48
N GLN D 2280 14.53 -79.62 14.92
CA GLN D 2280 15.15 -80.94 15.05
C GLN D 2280 15.54 -81.23 16.49
N PHE D 2281 15.97 -80.19 17.22
CA PHE D 2281 16.26 -80.34 18.63
C PHE D 2281 14.99 -80.60 19.44
N TYR D 2282 13.86 -80.07 19.00
CA TYR D 2282 12.58 -80.40 19.63
C TYR D 2282 12.26 -81.87 19.49
N ASP D 2283 12.52 -82.42 18.30
CA ASP D 2283 12.33 -83.85 18.08
C ASP D 2283 13.21 -84.68 19.02
N LEU D 2284 14.48 -84.29 19.15
CA LEU D 2284 15.40 -85.03 20.00
C LEU D 2284 15.02 -84.94 21.47
N ALA D 2285 14.63 -83.76 21.94
CA ALA D 2285 14.30 -83.61 23.35
C ALA D 2285 12.98 -84.25 23.71
N VAL D 2286 12.00 -84.27 22.80
CA VAL D 2286 10.77 -84.97 23.13
C VAL D 2286 11.00 -86.47 23.08
N SER D 2287 11.96 -86.93 22.27
CA SER D 2287 12.33 -88.35 22.32
C SER D 2287 13.00 -88.70 23.64
N LEU D 2288 13.84 -87.80 24.16
CA LEU D 2288 14.47 -88.06 25.45
C LEU D 2288 13.46 -88.02 26.59
N CYS D 2289 12.46 -87.14 26.50
CA CYS D 2289 11.43 -87.10 27.52
C CYS D 2289 10.56 -88.34 27.47
N LEU D 2290 10.31 -88.86 26.27
CA LEU D 2290 9.56 -90.12 26.16
C LEU D 2290 10.37 -91.30 26.68
N MET D 2291 11.70 -91.25 26.51
CA MET D 2291 12.59 -92.23 27.13
C MET D 2291 12.46 -92.21 28.64
N ALA D 2292 12.49 -91.02 29.24
CA ALA D 2292 12.37 -90.91 30.69
C ALA D 2292 10.98 -91.32 31.18
N GLU D 2293 9.95 -91.05 30.39
CA GLU D 2293 8.59 -91.46 30.76
C GLU D 2293 8.46 -92.98 30.72
N GLN D 2294 9.05 -93.62 29.71
CA GLN D 2294 9.06 -95.08 29.65
C GLN D 2294 9.82 -95.68 30.83
N THR D 2295 10.92 -95.03 31.22
CA THR D 2295 11.67 -95.45 32.39
C THR D 2295 10.87 -95.33 33.68
N TYR D 2296 10.13 -94.24 33.85
CA TYR D 2296 9.31 -94.07 35.05
C TYR D 2296 8.17 -95.07 35.09
N GLN D 2297 7.52 -95.29 33.95
CA GLN D 2297 6.45 -96.27 33.87
C GLN D 2297 6.92 -97.69 34.06
N TYR D 2298 8.19 -97.98 33.77
CA TYR D 2298 8.70 -99.30 34.08
C TYR D 2298 9.09 -99.43 35.54
N GLU D 2299 9.68 -98.38 36.11
CA GLU D 2299 10.15 -98.46 37.50
C GLU D 2299 8.98 -98.49 38.46
N LEU D 2300 8.17 -97.44 38.48
CA LEU D 2300 6.91 -97.54 39.20
C LEU D 2300 5.95 -98.33 38.34
N ASN D 2301 5.47 -99.46 38.85
CA ASN D 2301 4.77 -100.44 38.03
C ASN D 2301 3.38 -99.92 37.69
N ASN D 2302 3.35 -99.06 36.67
CA ASN D 2302 2.14 -98.38 36.24
C ASN D 2302 2.36 -97.95 34.79
N ALA D 2303 1.58 -98.54 33.89
CA ALA D 2303 1.69 -98.23 32.47
C ALA D 2303 0.85 -97.03 32.06
N ALA D 2304 0.09 -96.44 32.98
CA ALA D 2304 -0.81 -95.34 32.64
C ALA D 2304 -0.24 -93.98 33.03
N ALA D 2305 0.95 -93.94 33.61
CA ALA D 2305 1.54 -92.67 34.01
C ALA D 2305 2.04 -91.93 32.77
N HIS D 2306 1.16 -91.12 32.19
CA HIS D 2306 1.47 -90.35 30.98
C HIS D 2306 1.74 -88.92 31.42
N PHE D 2307 3.00 -88.53 31.46
CA PHE D 2307 3.41 -87.23 31.98
C PHE D 2307 3.77 -86.22 30.92
N ILE D 2308 4.13 -86.66 29.72
CA ILE D 2308 4.48 -85.75 28.64
C ILE D 2308 3.19 -85.50 27.88
N LYS D 2309 2.73 -84.27 27.91
CA LYS D 2309 1.50 -83.94 27.23
C LYS D 2309 1.73 -83.83 25.74
N PRO D 2310 0.78 -84.30 24.93
CA PRO D 2310 0.90 -84.13 23.47
C PRO D 2310 0.74 -82.67 23.11
N GLY D 2311 1.61 -82.18 22.26
CA GLY D 2311 1.53 -80.80 21.85
C GLY D 2311 2.86 -80.13 22.08
N ALA D 2312 2.76 -78.93 22.67
CA ALA D 2312 3.87 -78.10 23.16
C ALA D 2312 4.75 -77.52 22.05
N TRP D 2313 4.50 -77.89 20.81
CA TRP D 2313 5.12 -77.27 19.64
C TRP D 2313 3.98 -76.63 18.88
N HIS D 2314 3.66 -75.40 19.24
CA HIS D 2314 2.60 -74.67 18.58
C HIS D 2314 3.19 -73.96 17.37
N GLY D 2315 2.93 -74.49 16.18
CA GLY D 2315 3.60 -74.03 14.98
C GLY D 2315 3.24 -72.62 14.57
N THR D 2316 2.07 -72.14 14.97
CA THR D 2316 1.66 -70.78 14.63
C THR D 2316 2.45 -69.73 15.38
N TYR D 2317 3.04 -70.08 16.52
CA TYR D 2317 3.99 -69.23 17.22
C TYR D 2317 5.40 -69.79 17.09
N ALA D 2318 5.60 -70.59 16.04
CA ALA D 2318 6.86 -71.24 15.68
C ALA D 2318 7.41 -72.13 16.79
N GLY D 2319 6.54 -72.66 17.63
CA GLY D 2319 6.98 -73.61 18.64
C GLY D 2319 7.78 -73.04 19.77
N LEU D 2320 7.52 -71.80 20.18
CA LEU D 2320 8.24 -71.26 21.30
C LEU D 2320 7.70 -71.82 22.61
N LEU D 2321 8.51 -71.70 23.66
CA LEU D 2321 8.22 -72.17 25.03
C LEU D 2321 8.05 -73.69 25.11
N ALA D 2322 8.52 -74.42 24.09
CA ALA D 2322 8.47 -75.88 24.12
C ALA D 2322 9.34 -76.42 25.23
N GLY D 2323 10.50 -75.80 25.45
CA GLY D 2323 11.34 -76.19 26.56
C GLY D 2323 10.72 -75.88 27.89
N GLU D 2324 9.91 -74.82 27.96
CA GLU D 2324 9.20 -74.52 29.20
C GLU D 2324 8.15 -75.58 29.51
N THR D 2325 7.41 -76.01 28.48
CA THR D 2325 6.40 -77.06 28.71
C THR D 2325 7.05 -78.39 29.05
N LEU D 2326 8.17 -78.72 28.40
CA LEU D 2326 8.84 -79.96 28.70
C LEU D 2326 9.52 -79.95 30.06
N MET D 2327 10.03 -78.78 30.49
CA MET D 2327 10.56 -78.68 31.84
C MET D 2327 9.46 -78.83 32.88
N LEU D 2328 8.27 -78.31 32.57
CA LEU D 2328 7.13 -78.49 33.46
C LEU D 2328 6.74 -79.96 33.58
N ASN D 2329 6.74 -80.68 32.45
CA ASN D 2329 6.40 -82.10 32.49
C ASN D 2329 7.46 -82.91 33.22
N LEU D 2330 8.74 -82.57 33.02
CA LEU D 2330 9.82 -83.28 33.70
C LEU D 2330 9.77 -83.04 35.20
N ALA D 2331 9.48 -81.82 35.63
CA ALA D 2331 9.40 -81.55 37.06
C ALA D 2331 8.17 -82.20 37.67
N GLN D 2332 7.08 -82.30 36.92
CA GLN D 2332 5.90 -83.05 37.38
C GLN D 2332 6.23 -84.51 37.62
N MET D 2333 6.86 -85.15 36.64
CA MET D 2333 7.20 -86.56 36.76
C MET D 2333 8.24 -86.80 37.85
N GLU D 2334 9.17 -85.87 38.01
CA GLU D 2334 10.19 -85.98 39.05
C GLU D 2334 9.59 -85.85 40.44
N LYS D 2335 8.67 -84.90 40.62
CA LYS D 2335 8.04 -84.72 41.93
C LYS D 2335 7.14 -85.91 42.25
N SER D 2336 6.48 -86.47 41.25
CA SER D 2336 5.68 -87.68 41.48
C SER D 2336 6.56 -88.87 41.86
N TYR D 2337 7.74 -88.99 41.24
CA TYR D 2337 8.65 -90.08 41.61
C TYR D 2337 9.18 -89.92 43.02
N LEU D 2338 9.49 -88.68 43.41
CA LEU D 2338 9.99 -88.45 44.76
C LEU D 2338 8.90 -88.63 45.80
N GLU D 2339 7.65 -88.35 45.45
CA GLU D 2339 6.58 -88.57 46.40
C GLU D 2339 6.16 -90.03 46.50
N LYS D 2340 6.33 -90.81 45.43
CA LYS D 2340 5.86 -92.20 45.45
C LYS D 2340 6.98 -93.21 45.61
N ASP D 2341 8.23 -92.78 45.76
CA ASP D 2341 9.31 -93.73 45.98
C ASP D 2341 9.45 -94.06 47.46
N GLU D 2342 9.31 -95.34 47.79
CA GLU D 2342 9.61 -95.84 49.13
C GLU D 2342 10.84 -96.73 49.05
N ARG D 2343 11.28 -97.25 50.21
CA ARG D 2343 12.56 -97.94 50.29
C ARG D 2343 12.64 -99.25 49.52
N ALA D 2344 12.02 -100.32 50.04
CA ALA D 2344 12.24 -101.68 49.56
C ALA D 2344 11.46 -102.71 50.36
N LEU D 2345 11.51 -103.96 49.89
CA LEU D 2345 11.50 -105.14 50.75
C LEU D 2345 12.24 -106.21 49.94
N GLU D 2346 13.54 -106.29 50.16
CA GLU D 2346 14.40 -107.06 49.26
C GLU D 2346 14.56 -108.49 49.77
N VAL D 2347 13.96 -109.44 49.07
CA VAL D 2347 13.88 -110.82 49.53
C VAL D 2347 14.65 -111.71 48.55
N THR D 2348 15.68 -112.36 49.05
CA THR D 2348 16.37 -113.37 48.24
C THR D 2348 15.77 -114.73 48.51
N ARG D 2349 15.39 -115.42 47.45
CA ARG D 2349 14.80 -116.75 47.55
C ARG D 2349 15.66 -117.71 46.75
N THR D 2350 16.38 -118.57 47.45
CA THR D 2350 17.20 -119.59 46.81
C THR D 2350 16.32 -120.78 46.50
N VAL D 2351 16.28 -121.17 45.22
CA VAL D 2351 15.40 -122.22 44.73
C VAL D 2351 16.27 -123.33 44.15
N SER D 2352 16.13 -124.53 44.69
CA SER D 2352 16.80 -125.71 44.16
C SER D 2352 15.86 -126.40 43.18
N LEU D 2353 16.32 -126.53 41.93
CA LEU D 2353 15.46 -127.08 40.89
C LEU D 2353 15.20 -128.57 41.07
N ALA D 2354 16.09 -129.28 41.78
CA ALA D 2354 15.85 -130.70 42.04
C ALA D 2354 14.65 -130.89 42.94
N GLU D 2355 14.45 -129.97 43.89
CA GLU D 2355 13.28 -130.03 44.76
C GLU D 2355 12.00 -129.79 43.97
N VAL D 2356 12.03 -128.86 43.02
CA VAL D 2356 10.84 -128.57 42.21
C VAL D 2356 10.56 -129.73 41.26
N TYR D 2357 11.61 -130.34 40.73
CA TYR D 2357 11.43 -131.48 39.83
C TYR D 2357 10.98 -132.72 40.59
N ALA D 2358 11.29 -132.81 41.88
CA ALA D 2358 10.81 -133.92 42.68
C ALA D 2358 9.38 -133.71 43.16
N GLY D 2359 9.03 -132.47 43.51
CA GLY D 2359 7.69 -132.17 43.99
C GLY D 2359 6.84 -131.59 42.89
N LEU D 2360 6.99 -132.14 41.69
CA LEU D 2360 6.25 -131.65 40.53
C LEU D 2360 4.81 -132.09 40.50
N THR D 2361 4.49 -133.22 41.17
CA THR D 2361 3.18 -133.87 41.26
C THR D 2361 2.61 -134.30 39.90
N GLU D 2362 3.41 -134.26 38.84
CA GLU D 2362 2.99 -134.75 37.52
C GLU D 2362 4.27 -135.03 36.75
N ASN D 2363 4.55 -136.33 36.53
CA ASN D 2363 5.78 -136.82 35.88
C ASN D 2363 7.02 -136.29 36.60
N SER D 2364 6.98 -136.30 37.93
CA SER D 2364 8.11 -135.84 38.72
C SER D 2364 9.26 -136.83 38.62
N PHE D 2365 10.47 -136.33 38.86
CA PHE D 2365 11.64 -137.16 38.60
C PHE D 2365 12.80 -136.73 39.49
N ILE D 2366 13.85 -137.51 39.44
CA ILE D 2366 15.11 -137.20 40.11
C ILE D 2366 16.06 -136.61 39.09
N LEU D 2367 16.51 -135.38 39.40
CA LEU D 2367 17.28 -134.58 38.45
C LEU D 2367 18.62 -135.20 38.13
N LYS D 2368 19.30 -135.77 39.13
CA LYS D 2368 20.65 -136.30 38.93
C LYS D 2368 20.65 -137.55 38.08
N ASP D 2369 19.54 -138.28 38.06
CA ASP D 2369 19.43 -139.43 37.17
C ASP D 2369 18.91 -139.05 35.79
N LYS D 2370 18.03 -138.06 35.73
CA LYS D 2370 17.55 -137.65 34.42
C LYS D 2370 18.62 -136.94 33.61
N VAL D 2371 19.59 -136.28 34.27
CA VAL D 2371 20.63 -135.61 33.50
C VAL D 2371 21.59 -136.63 32.87
N THR D 2372 21.94 -137.69 33.60
CA THR D 2372 22.83 -138.68 32.99
C THR D 2372 22.08 -139.55 31.98
N GLU D 2373 20.78 -139.77 32.20
CA GLU D 2373 19.96 -140.43 31.20
C GLU D 2373 19.91 -139.63 29.91
N LEU D 2374 19.67 -138.32 30.00
CA LEU D 2374 19.56 -137.50 28.81
C LEU D 2374 20.91 -137.16 28.20
N VAL D 2375 22.00 -137.31 28.95
CA VAL D 2375 23.32 -137.08 28.36
C VAL D 2375 23.82 -138.32 27.65
N ASN D 2376 23.74 -139.50 28.30
CA ASN D 2376 24.15 -140.73 27.63
C ASN D 2376 23.19 -141.14 26.54
N ALA D 2377 21.93 -140.71 26.62
CA ALA D 2377 20.96 -140.88 25.54
C ALA D 2377 20.50 -139.48 25.17
N GLY D 2378 21.17 -138.87 24.20
CA GLY D 2378 20.90 -137.49 23.85
C GLY D 2378 19.66 -137.26 23.01
N GLU D 2379 18.54 -137.81 23.42
CA GLU D 2379 17.30 -137.63 22.69
C GLU D 2379 16.13 -137.20 23.57
N GLY D 2380 16.05 -137.72 24.79
CA GLY D 2380 14.83 -137.63 25.57
C GLY D 2380 14.61 -136.27 26.20
N SER D 2381 13.51 -136.19 26.96
CA SER D 2381 13.15 -135.02 27.74
C SER D 2381 12.89 -135.48 29.17
N ALA D 2382 12.34 -134.57 29.98
CA ALA D 2382 12.04 -134.90 31.37
C ALA D 2382 10.80 -134.15 31.80
N GLY D 2383 9.86 -134.90 32.37
CA GLY D 2383 8.64 -134.34 32.90
C GLY D 2383 7.75 -133.73 31.83
N THR D 2384 6.81 -132.92 32.31
CA THR D 2384 5.91 -132.21 31.42
C THR D 2384 6.63 -131.04 30.76
N THR D 2385 5.93 -130.40 29.83
CA THR D 2385 6.43 -129.17 29.25
C THR D 2385 6.34 -128.05 30.28
N LEU D 2386 7.20 -127.04 30.09
CA LEU D 2386 7.37 -125.82 30.88
C LEU D 2386 7.94 -126.07 32.27
N ASN D 2387 8.10 -127.32 32.70
CA ASN D 2387 8.62 -127.64 34.02
C ASN D 2387 9.56 -128.82 33.95
N GLY D 2388 10.44 -128.85 32.96
CA GLY D 2388 11.32 -129.99 32.86
C GLY D 2388 12.42 -129.78 31.84
N LEU D 2389 13.21 -130.82 31.66
CA LEU D 2389 14.35 -130.80 30.77
C LEU D 2389 13.94 -131.20 29.36
N ASN D 2390 14.79 -130.83 28.41
CA ASN D 2390 14.66 -131.29 27.04
C ASN D 2390 16.02 -131.16 26.37
N VAL D 2391 16.34 -132.10 25.50
CA VAL D 2391 17.55 -132.04 24.68
C VAL D 2391 17.13 -131.62 23.28
N GLU D 2392 17.69 -130.51 22.81
CA GLU D 2392 17.38 -129.96 21.50
C GLU D 2392 18.66 -129.89 20.69
N GLY D 2393 18.86 -130.87 19.82
CA GLY D 2393 20.07 -130.95 19.02
C GLY D 2393 21.28 -131.23 19.90
N THR D 2394 22.12 -130.22 20.08
CA THR D 2394 23.25 -130.29 20.99
C THR D 2394 23.09 -129.31 22.14
N GLN D 2395 21.84 -129.04 22.52
CA GLN D 2395 21.57 -128.04 23.55
C GLN D 2395 20.63 -128.63 24.58
N LEU D 2396 21.19 -129.05 25.72
CA LEU D 2396 20.36 -129.48 26.84
C LEU D 2396 19.80 -128.25 27.54
N GLN D 2397 18.48 -128.16 27.58
CA GLN D 2397 17.81 -127.03 28.21
C GLN D 2397 16.85 -127.51 29.29
N ALA D 2398 16.86 -126.79 30.40
CA ALA D 2398 16.01 -127.10 31.54
C ALA D 2398 15.03 -125.96 31.74
N SER D 2399 13.75 -126.27 31.72
CA SER D 2399 12.71 -125.26 31.78
C SER D 2399 12.13 -125.18 33.19
N LEU D 2400 11.44 -124.08 33.43
CA LEU D 2400 10.81 -123.81 34.71
C LEU D 2400 9.75 -122.73 34.51
N LYS D 2401 8.57 -122.98 35.05
CA LYS D 2401 7.48 -122.02 35.03
C LYS D 2401 7.46 -121.27 36.36
N LEU D 2402 7.60 -119.94 36.30
CA LEU D 2402 7.76 -119.13 37.49
C LEU D 2402 6.47 -119.01 38.30
N SER D 2403 5.31 -119.16 37.65
CA SER D 2403 4.05 -119.08 38.37
C SER D 2403 3.84 -120.25 39.31
N ASP D 2404 4.50 -121.38 39.06
CA ASP D 2404 4.31 -122.59 39.84
C ASP D 2404 5.18 -122.63 41.09
N LEU D 2405 5.88 -121.55 41.41
CA LEU D 2405 6.77 -121.56 42.56
C LEU D 2405 6.20 -120.86 43.78
N ASN D 2406 5.05 -120.18 43.63
CA ASN D 2406 4.28 -119.58 44.72
C ASN D 2406 5.08 -118.55 45.50
N ILE D 2407 5.80 -117.71 44.76
CA ILE D 2407 6.74 -116.78 45.38
C ILE D 2407 6.02 -115.61 46.02
N ALA D 2408 4.97 -115.10 45.36
CA ALA D 2408 4.25 -113.94 45.87
C ALA D 2408 3.45 -114.25 47.12
N THR D 2409 3.15 -115.52 47.39
CA THR D 2409 2.43 -115.90 48.59
C THR D 2409 3.34 -116.48 49.66
N ASP D 2410 4.65 -116.24 49.55
CA ASP D 2410 5.55 -116.68 50.60
C ASP D 2410 5.44 -115.79 51.83
N TYR D 2411 4.97 -114.57 51.65
CA TYR D 2411 4.75 -113.63 52.73
C TYR D 2411 3.29 -113.19 52.73
N PRO D 2412 2.82 -112.59 53.83
CA PRO D 2412 1.51 -111.93 53.80
C PRO D 2412 1.47 -110.80 52.80
N ASP D 2413 0.28 -110.54 52.27
CA ASP D 2413 0.13 -109.51 51.26
C ASP D 2413 -0.06 -108.12 51.84
N GLY D 2414 0.09 -107.96 53.16
CA GLY D 2414 0.04 -106.64 53.74
C GLY D 2414 1.30 -105.83 53.62
N LEU D 2415 2.31 -106.35 52.92
CA LEU D 2415 3.60 -105.68 52.83
C LEU D 2415 3.91 -105.21 51.41
N GLY D 2416 2.97 -105.36 50.48
CA GLY D 2416 3.16 -104.87 49.13
C GLY D 2416 2.81 -105.91 48.08
N ASN D 2417 2.29 -105.43 46.96
CA ASN D 2417 1.88 -106.29 45.86
C ASN D 2417 2.83 -106.23 44.67
N THR D 2418 3.53 -105.12 44.47
CA THR D 2418 4.50 -105.01 43.39
C THR D 2418 5.74 -105.81 43.78
N ARG D 2419 5.67 -107.12 43.61
CA ARG D 2419 6.75 -108.03 43.97
C ARG D 2419 7.45 -108.38 42.67
N ARG D 2420 8.53 -107.67 42.40
CA ARG D 2420 9.25 -107.81 41.13
C ARG D 2420 10.61 -108.41 41.39
N ILE D 2421 11.11 -109.16 40.41
CA ILE D 2421 12.41 -109.80 40.53
C ILE D 2421 13.50 -108.75 40.45
N LYS D 2422 14.40 -108.76 41.44
CA LYS D 2422 15.51 -107.83 41.42
C LYS D 2422 16.67 -108.37 40.60
N GLN D 2423 17.15 -109.57 40.92
CA GLN D 2423 18.35 -110.11 40.31
C GLN D 2423 18.36 -111.62 40.54
N ILE D 2424 18.88 -112.35 39.55
CA ILE D 2424 18.95 -113.81 39.61
C ILE D 2424 20.38 -114.22 39.32
N SER D 2425 20.92 -115.12 40.14
CA SER D 2425 22.19 -115.77 39.86
C SER D 2425 22.05 -117.27 40.06
N VAL D 2426 22.89 -118.02 39.38
CA VAL D 2426 22.77 -119.47 39.29
C VAL D 2426 23.93 -120.12 40.04
N THR D 2427 23.61 -121.12 40.85
CA THR D 2427 24.60 -121.95 41.51
C THR D 2427 24.47 -123.38 40.98
N LEU D 2428 25.55 -123.88 40.38
CA LEU D 2428 25.64 -125.27 39.92
C LEU D 2428 26.79 -125.94 40.68
N PRO D 2429 26.50 -126.54 41.83
CA PRO D 2429 27.58 -127.20 42.60
C PRO D 2429 27.99 -128.54 42.00
N ALA D 2430 28.69 -128.46 40.88
CA ALA D 2430 29.23 -129.63 40.21
C ALA D 2430 30.75 -129.65 40.35
N LEU D 2431 31.36 -130.72 39.89
CA LEU D 2431 32.82 -130.85 39.94
C LEU D 2431 33.39 -130.36 38.61
N LEU D 2432 33.75 -129.07 38.61
CA LEU D 2432 34.32 -128.46 37.43
C LEU D 2432 35.79 -128.85 37.30
N GLY D 2433 36.26 -128.96 36.07
CA GLY D 2433 37.65 -129.27 35.82
C GLY D 2433 38.55 -128.09 36.14
N PRO D 2434 39.86 -128.33 36.13
CA PRO D 2434 40.82 -127.27 36.43
C PRO D 2434 40.85 -126.23 35.31
N TYR D 2435 40.52 -124.98 35.67
CA TYR D 2435 40.44 -123.85 34.75
C TYR D 2435 39.43 -124.11 33.63
N GLN D 2436 38.36 -124.82 33.97
CA GLN D 2436 37.37 -125.25 33.01
C GLN D 2436 36.12 -124.40 33.15
N ASP D 2437 35.55 -124.00 32.01
CA ASP D 2437 34.41 -123.11 31.99
C ASP D 2437 33.12 -123.89 31.88
N VAL D 2438 32.04 -123.27 32.35
CA VAL D 2438 30.69 -123.75 32.13
C VAL D 2438 30.09 -122.90 31.03
N ARG D 2439 29.33 -123.53 30.14
CA ARG D 2439 28.61 -122.82 29.08
C ARG D 2439 27.14 -123.04 29.29
N ALA D 2440 26.43 -121.99 29.69
CA ALA D 2440 25.01 -122.08 29.98
C ALA D 2440 24.40 -120.70 29.85
N ILE D 2441 23.13 -120.66 29.43
CA ILE D 2441 22.39 -119.43 29.29
C ILE D 2441 21.11 -119.54 30.10
N LEU D 2442 20.96 -118.70 31.12
CA LEU D 2442 19.70 -118.58 31.83
C LEU D 2442 18.82 -117.63 31.01
N SER D 2443 17.85 -118.19 30.31
CA SER D 2443 17.00 -117.43 29.40
C SER D 2443 15.64 -117.19 30.03
N TYR D 2444 14.90 -116.25 29.44
CA TYR D 2444 13.54 -115.97 29.85
C TYR D 2444 12.61 -116.15 28.66
N GLY D 2445 11.48 -116.81 28.90
CA GLY D 2445 10.43 -116.86 27.92
C GLY D 2445 9.18 -116.20 28.45
N GLY D 2446 8.63 -115.24 27.71
CA GLY D 2446 7.43 -114.59 28.17
C GLY D 2446 7.09 -113.41 27.30
N SER D 2447 6.31 -112.48 27.87
CA SER D 2447 5.79 -111.34 27.12
C SER D 2447 5.82 -110.05 27.92
N THR D 2448 6.69 -109.91 28.90
CA THR D 2448 6.79 -108.66 29.62
C THR D 2448 7.64 -107.65 28.84
N MET D 2449 7.82 -106.47 29.43
CA MET D 2449 8.58 -105.43 28.76
C MET D 2449 10.06 -105.76 28.72
N MET D 2450 10.70 -105.84 29.91
CA MET D 2450 12.08 -106.29 30.11
C MET D 2450 13.08 -105.51 29.25
N PRO D 2451 13.45 -104.27 29.68
CA PRO D 2451 13.87 -103.16 28.79
C PRO D 2451 14.71 -103.45 27.56
N ARG D 2452 15.76 -104.25 27.72
CA ARG D 2452 16.81 -104.38 26.72
C ARG D 2452 17.40 -105.77 26.82
N GLY D 2453 18.68 -105.91 26.47
CA GLY D 2453 19.42 -107.15 26.60
C GLY D 2453 19.54 -107.79 27.99
N CYS D 2454 18.84 -107.24 28.99
CA CYS D 2454 18.65 -107.81 30.32
C CYS D 2454 17.77 -109.07 30.33
N LYS D 2455 17.36 -109.56 29.16
CA LYS D 2455 16.51 -110.74 29.03
C LYS D 2455 17.20 -112.02 29.48
N ALA D 2456 18.51 -112.15 29.33
CA ALA D 2456 19.18 -113.40 29.65
C ALA D 2456 20.60 -113.11 30.12
N ILE D 2457 21.15 -114.05 30.90
CA ILE D 2457 22.55 -114.01 31.31
C ILE D 2457 23.25 -115.26 30.78
N ALA D 2458 24.57 -115.22 30.83
CA ALA D 2458 25.39 -116.35 30.42
C ALA D 2458 26.19 -116.83 31.62
N ILE D 2459 26.00 -118.08 31.99
CA ILE D 2459 26.66 -118.66 33.16
C ILE D 2459 28.00 -119.20 32.70
N SER D 2460 29.07 -118.56 33.14
CA SER D 2460 30.42 -119.00 32.86
C SER D 2460 31.17 -119.38 34.12
N HIS D 2461 30.94 -118.68 35.23
CA HIS D 2461 31.60 -119.04 36.48
C HIS D 2461 30.95 -120.28 37.08
N GLY D 2462 29.61 -120.32 37.08
CA GLY D 2462 28.89 -121.47 37.58
C GLY D 2462 28.64 -121.49 39.07
N MET D 2463 29.26 -120.60 39.83
CA MET D 2463 29.16 -120.60 41.29
C MET D 2463 28.65 -119.24 41.75
N ASN D 2464 27.32 -119.14 41.87
CA ASN D 2464 26.62 -117.98 42.42
C ASN D 2464 26.95 -116.69 41.66
N ASP D 2465 26.77 -116.76 40.35
CA ASP D 2465 27.18 -115.66 39.49
C ASP D 2465 26.05 -115.26 38.56
N SER D 2466 26.01 -113.98 38.24
CA SER D 2466 25.34 -113.51 37.05
C SER D 2466 26.35 -113.52 35.92
N GLY D 2467 25.98 -112.98 34.76
CA GLY D 2467 26.94 -112.85 33.69
C GLY D 2467 27.97 -111.77 33.94
N GLN D 2468 27.66 -110.82 34.82
CA GLN D 2468 28.46 -109.62 34.94
C GLN D 2468 29.75 -109.88 35.71
N PHE D 2469 30.86 -109.40 35.15
CA PHE D 2469 32.07 -109.21 35.94
C PHE D 2469 31.78 -108.07 36.91
N GLN D 2470 32.16 -108.28 38.18
CA GLN D 2470 31.87 -107.43 39.34
C GLN D 2470 30.42 -106.93 39.34
N MET D 2471 29.49 -107.87 39.48
CA MET D 2471 28.06 -107.57 39.57
C MET D 2471 27.77 -106.64 40.72
N ASP D 2472 27.13 -105.51 40.41
CA ASP D 2472 27.00 -104.40 41.35
C ASP D 2472 25.53 -104.01 41.44
N PHE D 2473 24.97 -104.11 42.65
CA PHE D 2473 23.65 -103.56 42.88
C PHE D 2473 23.76 -102.04 43.04
N ASN D 2474 22.59 -101.38 42.99
CA ASN D 2474 22.48 -99.93 42.80
C ASN D 2474 23.23 -99.49 41.55
N ASP D 2475 23.14 -100.31 40.50
CA ASP D 2475 23.74 -99.97 39.23
C ASP D 2475 22.92 -98.88 38.54
N ALA D 2476 23.63 -98.00 37.83
CA ALA D 2476 22.95 -96.98 37.03
C ALA D 2476 22.18 -97.63 35.90
N LYS D 2477 22.80 -98.58 35.19
CA LYS D 2477 22.09 -99.38 34.22
C LYS D 2477 21.19 -100.38 34.93
N TYR D 2478 20.31 -101.02 34.16
CA TYR D 2478 19.46 -102.05 34.71
C TYR D 2478 20.21 -103.36 34.80
N LEU D 2479 20.08 -104.03 35.94
CA LEU D 2479 20.58 -105.38 36.08
C LEU D 2479 19.74 -106.32 35.23
N PRO D 2480 20.30 -107.46 34.83
CA PRO D 2480 19.49 -108.44 34.11
C PRO D 2480 18.44 -109.06 35.02
N PHE D 2481 17.29 -109.40 34.42
CA PHE D 2481 16.11 -109.95 35.07
C PHE D 2481 15.54 -109.04 36.13
N GLU D 2482 15.75 -107.73 35.99
CA GLU D 2482 15.23 -106.77 36.95
C GLU D 2482 13.83 -106.33 36.55
N GLY D 2483 12.93 -106.29 37.52
CA GLY D 2483 11.60 -105.80 37.28
C GLY D 2483 10.63 -106.81 36.70
N LEU D 2484 11.04 -108.05 36.52
CA LEU D 2484 10.15 -109.13 36.10
C LEU D 2484 9.14 -109.38 37.21
N PRO D 2485 7.84 -109.45 36.92
CA PRO D 2485 6.86 -109.78 37.96
C PRO D 2485 7.07 -111.20 38.44
N VAL D 2486 7.27 -111.34 39.76
CA VAL D 2486 7.65 -112.62 40.35
C VAL D 2486 6.52 -113.64 40.33
N ALA D 2487 5.28 -113.20 40.08
CA ALA D 2487 4.14 -114.09 40.00
C ALA D 2487 3.61 -114.21 38.58
N ASP D 2488 4.49 -114.15 37.59
CA ASP D 2488 4.06 -114.21 36.21
C ASP D 2488 4.11 -115.63 35.68
N THR D 2489 3.44 -115.85 34.55
CA THR D 2489 3.42 -117.15 33.88
C THR D 2489 4.49 -117.23 32.81
N GLY D 2490 5.74 -116.94 33.17
CA GLY D 2490 6.83 -117.00 32.24
C GLY D 2490 7.47 -118.37 32.19
N THR D 2491 8.43 -118.51 31.29
CA THR D 2491 9.20 -119.74 31.13
C THR D 2491 10.68 -119.42 31.33
N LEU D 2492 11.26 -120.00 32.36
CA LEU D 2492 12.65 -119.77 32.73
C LEU D 2492 13.45 -120.96 32.24
N THR D 2493 14.27 -120.75 31.22
CA THR D 2493 14.98 -121.84 30.55
C THR D 2493 16.47 -121.68 30.74
N LEU D 2494 17.11 -122.72 31.24
CA LEU D 2494 18.56 -122.80 31.39
C LEU D 2494 19.07 -123.78 30.33
N SER D 2495 19.73 -123.26 29.31
CA SER D 2495 20.17 -124.09 28.18
C SER D 2495 21.67 -124.27 28.20
N PHE D 2496 22.12 -125.53 28.08
CA PHE D 2496 23.53 -125.86 28.03
C PHE D 2496 23.94 -126.11 26.59
N PRO D 2497 24.75 -125.28 25.97
CA PRO D 2497 25.30 -125.63 24.66
C PRO D 2497 26.32 -126.75 24.78
N GLY D 2498 26.30 -127.64 23.79
CA GLY D 2498 27.23 -128.74 23.74
C GLY D 2498 27.00 -129.79 24.80
N ILE D 2499 25.88 -130.51 24.71
CA ILE D 2499 25.62 -131.58 25.67
C ILE D 2499 26.55 -132.76 25.42
N SER D 2500 26.87 -133.05 24.16
CA SER D 2500 27.74 -134.16 23.82
C SER D 2500 29.19 -133.75 23.61
N GLY D 2501 29.49 -132.45 23.61
CA GLY D 2501 30.84 -132.01 23.35
C GLY D 2501 31.70 -132.01 24.58
N LYS D 2502 32.39 -130.89 24.83
CA LYS D 2502 33.30 -130.81 25.96
C LYS D 2502 32.57 -130.65 27.29
N GLN D 2503 31.28 -130.35 27.26
CA GLN D 2503 30.49 -130.21 28.48
C GLN D 2503 29.70 -131.47 28.76
N LYS D 2504 30.21 -132.61 28.30
CA LYS D 2504 29.52 -133.86 28.54
C LYS D 2504 29.81 -134.37 29.94
N SER D 2505 31.09 -134.39 30.33
CA SER D 2505 31.47 -134.81 31.67
C SER D 2505 30.98 -133.83 32.72
N LEU D 2506 30.89 -132.55 32.39
CA LEU D 2506 30.41 -131.55 33.34
C LEU D 2506 28.92 -131.74 33.60
N LEU D 2507 28.15 -132.05 32.56
CA LEU D 2507 26.75 -132.38 32.76
C LEU D 2507 26.58 -133.72 33.46
N LEU D 2508 27.50 -134.65 33.25
CA LEU D 2508 27.45 -135.92 33.98
C LEU D 2508 27.76 -135.73 35.45
N SER D 2509 28.59 -134.75 35.79
CA SER D 2509 29.00 -134.51 37.16
C SER D 2509 28.13 -133.48 37.87
N LEU D 2510 26.98 -133.15 37.29
CA LEU D 2510 26.11 -132.13 37.88
C LEU D 2510 25.31 -132.72 39.03
N SER D 2511 25.36 -132.07 40.19
CA SER D 2511 24.56 -132.53 41.32
C SER D 2511 23.11 -132.09 41.15
N ASP D 2512 22.88 -130.77 41.17
CA ASP D 2512 21.54 -130.21 41.03
C ASP D 2512 21.68 -128.76 40.59
N ILE D 2513 20.54 -128.16 40.24
CA ILE D 2513 20.48 -126.79 39.74
C ILE D 2513 19.86 -125.92 40.83
N ILE D 2514 20.53 -124.82 41.17
CA ILE D 2514 20.11 -123.95 42.25
C ILE D 2514 20.21 -122.52 41.76
N LEU D 2515 19.10 -121.78 41.89
CA LEU D 2515 19.04 -120.39 41.46
C LEU D 2515 18.96 -119.51 42.70
N HIS D 2516 19.65 -118.37 42.64
CA HIS D 2516 19.51 -117.34 43.66
C HIS D 2516 18.60 -116.25 43.11
N ILE D 2517 17.29 -116.47 43.17
CA ILE D 2517 16.32 -115.49 42.71
C ILE D 2517 16.13 -114.48 43.84
N ARG D 2518 16.58 -113.26 43.61
CA ARG D 2518 16.37 -112.16 44.55
C ARG D 2518 15.29 -111.27 43.97
N TYR D 2519 14.24 -111.02 44.75
CA TYR D 2519 13.12 -110.21 44.31
C TYR D 2519 12.84 -109.14 45.36
N THR D 2520 12.04 -108.15 44.97
CA THR D 2520 11.79 -106.99 45.81
C THR D 2520 10.30 -106.75 45.92
N ILE D 2521 9.80 -106.73 47.14
CA ILE D 2521 8.42 -106.38 47.43
C ILE D 2521 8.39 -104.88 47.65
N ARG D 2522 7.43 -104.20 47.03
CA ARG D 2522 7.22 -102.78 47.27
C ARG D 2522 5.73 -102.52 47.43
N SER D 2523 5.39 -101.64 48.36
CA SER D 2523 4.00 -101.30 48.62
C SER D 2523 3.43 -100.41 47.52
N LEU E 20 54.21 44.99 -40.57
CA LEU E 20 52.86 45.08 -40.01
C LEU E 20 51.83 45.32 -41.10
N LEU E 21 50.82 44.46 -41.14
CA LEU E 21 49.75 44.54 -42.13
C LEU E 21 48.40 44.52 -41.44
N LEU E 22 47.34 44.66 -42.25
CA LEU E 22 45.97 44.67 -41.77
C LEU E 22 45.57 43.35 -41.13
N THR E 23 46.17 42.24 -41.52
CA THR E 23 45.99 40.98 -40.82
C THR E 23 46.53 41.05 -39.40
N ASN E 24 47.61 41.80 -39.19
CA ASN E 24 48.15 41.93 -37.84
C ASN E 24 47.40 42.98 -37.04
N ILE E 25 46.78 43.94 -37.71
CA ILE E 25 46.09 45.00 -37.00
C ILE E 25 44.80 44.47 -36.35
N SER E 26 44.08 43.60 -37.04
CA SER E 26 42.80 43.13 -36.54
C SER E 26 42.92 42.18 -35.36
N PHE E 27 44.13 41.74 -35.00
CA PHE E 27 44.29 40.87 -33.84
C PHE E 27 44.39 41.68 -32.56
N MET E 28 45.24 42.70 -32.53
CA MET E 28 45.43 43.50 -31.33
C MET E 28 44.21 44.38 -31.08
N SER E 29 44.04 44.77 -29.83
CA SER E 29 42.91 45.61 -29.46
C SER E 29 43.15 47.03 -29.94
N PHE E 30 42.12 47.88 -29.80
CA PHE E 30 42.26 49.25 -30.26
C PHE E 30 43.20 50.05 -29.37
N SER E 31 43.26 49.73 -28.07
CA SER E 31 44.21 50.41 -27.21
C SER E 31 45.64 49.96 -27.52
N GLU E 32 45.81 48.68 -27.87
CA GLU E 32 47.13 48.20 -28.33
C GLU E 32 47.55 48.91 -29.60
N PHE E 33 46.62 49.07 -30.53
CA PHE E 33 46.94 49.74 -31.79
C PHE E 33 47.21 51.22 -31.58
N ARG E 34 46.44 51.87 -30.70
CA ARG E 34 46.66 53.29 -30.44
C ARG E 34 47.96 53.51 -29.68
N HIS E 35 48.38 52.55 -28.86
CA HIS E 35 49.71 52.64 -28.28
C HIS E 35 50.79 52.34 -29.30
N ARG E 36 50.48 51.55 -30.33
CA ARG E 36 51.47 51.27 -31.36
C ARG E 36 51.74 52.50 -32.21
N THR E 37 50.70 53.19 -32.67
CA THR E 37 50.90 54.34 -33.55
C THR E 37 50.44 55.64 -32.90
N SER E 38 50.81 55.85 -31.65
CA SER E 38 50.43 57.05 -30.91
C SER E 38 51.06 58.32 -31.48
N GLY E 39 52.33 58.28 -31.83
CA GLY E 39 53.02 59.48 -32.25
C GLY E 39 52.89 59.76 -33.73
N THR E 40 52.95 58.71 -34.54
CA THR E 40 52.96 58.86 -35.99
C THR E 40 51.59 59.24 -36.55
N LEU E 41 50.51 58.70 -36.01
CA LEU E 41 49.17 59.03 -36.46
C LEU E 41 48.41 59.74 -35.34
N THR E 42 47.21 60.21 -35.67
CA THR E 42 46.45 61.06 -34.76
C THR E 42 45.02 60.57 -34.63
N TRP E 43 44.88 59.26 -34.42
CA TRP E 43 43.69 58.56 -33.91
C TRP E 43 42.51 58.52 -34.88
N ARG E 44 42.48 59.38 -35.87
CA ARG E 44 41.43 59.32 -36.87
C ARG E 44 41.79 58.34 -37.98
N GLU E 45 42.99 58.46 -38.51
CA GLU E 45 43.50 57.47 -39.43
C GLU E 45 43.74 56.14 -38.72
N THR E 46 44.06 56.19 -37.43
CA THR E 46 44.17 54.97 -36.63
C THR E 46 42.83 54.26 -36.53
N ASP E 47 41.77 55.02 -36.25
CA ASP E 47 40.43 54.44 -36.23
C ASP E 47 40.00 53.93 -37.61
N PHE E 48 40.38 54.66 -38.66
CA PHE E 48 40.02 54.25 -40.02
C PHE E 48 40.73 52.95 -40.41
N LEU E 49 42.02 52.84 -40.07
CA LEU E 49 42.75 51.61 -40.34
C LEU E 49 42.24 50.46 -39.51
N TYR E 50 41.80 50.75 -38.28
CA TYR E 50 41.22 49.70 -37.44
C TYR E 50 39.92 49.18 -38.02
N GLN E 51 39.07 50.09 -38.52
CA GLN E 51 37.82 49.68 -39.14
C GLN E 51 38.07 48.93 -40.44
N GLN E 52 39.08 49.32 -41.21
CA GLN E 52 39.36 48.62 -42.46
C GLN E 52 39.92 47.24 -42.20
N ALA E 53 40.79 47.09 -41.19
CA ALA E 53 41.33 45.78 -40.86
C ALA E 53 40.25 44.87 -40.30
N HIS E 54 39.32 45.43 -39.53
CA HIS E 54 38.22 44.65 -39.02
C HIS E 54 37.30 44.19 -40.14
N GLN E 55 37.07 45.06 -41.13
CA GLN E 55 36.25 44.68 -42.28
C GLN E 55 36.93 43.61 -43.12
N GLU E 56 38.25 43.71 -43.27
CA GLU E 56 39.00 42.69 -43.99
C GLU E 56 38.94 41.35 -43.28
N SER E 57 39.05 41.36 -41.95
CA SER E 57 38.97 40.11 -41.19
C SER E 57 37.58 39.49 -41.27
N LYS E 58 36.54 40.33 -41.23
CA LYS E 58 35.17 39.85 -41.36
C LYS E 58 34.91 39.22 -42.72
N GLN E 59 35.39 39.86 -43.78
CA GLN E 59 35.18 39.29 -45.10
C GLN E 59 36.05 38.07 -45.37
N ASN E 60 37.22 37.98 -44.74
CA ASN E 60 38.01 36.75 -44.83
C ASN E 60 37.29 35.59 -44.15
N LYS E 61 36.71 35.85 -42.97
CA LYS E 61 35.93 34.80 -42.30
C LYS E 61 34.69 34.43 -43.10
N LEU E 62 34.06 35.40 -43.75
CA LEU E 62 32.89 35.12 -44.58
C LEU E 62 33.25 34.27 -45.79
N GLU E 63 34.36 34.58 -46.45
CA GLU E 63 34.76 33.81 -47.62
C GLU E 63 35.19 32.41 -47.23
N GLU E 64 35.85 32.26 -46.08
CA GLU E 64 36.22 30.94 -45.61
C GLU E 64 35.00 30.11 -45.26
N LEU E 65 34.00 30.74 -44.64
CA LEU E 65 32.75 30.05 -44.32
C LEU E 65 31.99 29.66 -45.57
N ARG E 66 32.01 30.53 -46.58
CA ARG E 66 31.33 30.25 -47.83
C ARG E 66 32.03 29.15 -48.62
N ILE E 67 33.35 29.02 -48.46
CA ILE E 67 34.06 27.93 -49.13
C ILE E 67 33.80 26.61 -48.41
N LEU E 68 33.99 26.58 -47.09
CA LEU E 68 33.89 25.33 -46.35
C LEU E 68 32.47 24.83 -46.22
N SER E 69 31.47 25.71 -46.27
CA SER E 69 30.11 25.26 -46.07
C SER E 69 29.49 24.62 -47.30
N ARG E 70 30.20 24.61 -48.43
CA ARG E 70 29.73 23.90 -49.61
C ARG E 70 30.58 22.68 -49.93
N ALA E 71 31.76 22.57 -49.33
CA ALA E 71 32.61 21.40 -49.47
C ALA E 71 32.37 20.39 -48.36
N ASN E 72 31.19 20.37 -47.78
CA ASN E 72 30.86 19.41 -46.74
C ASN E 72 30.71 18.03 -47.35
N PRO E 73 31.36 16.99 -46.81
CA PRO E 73 31.20 15.65 -47.36
C PRO E 73 29.81 15.06 -47.16
N GLN E 74 29.04 15.57 -46.20
CA GLN E 74 27.67 15.10 -46.02
C GLN E 74 26.78 15.57 -47.16
N LEU E 75 27.04 16.75 -47.71
CA LEU E 75 26.16 17.34 -48.71
C LEU E 75 26.54 16.96 -50.13
N ALA E 76 27.23 15.84 -50.32
CA ALA E 76 27.60 15.41 -51.66
C ALA E 76 26.53 14.51 -52.27
N ASN E 77 26.15 13.45 -51.55
CA ASN E 77 25.30 12.41 -52.10
C ASN E 77 23.83 12.62 -51.80
N ILE E 78 23.43 13.84 -51.55
CA ILE E 78 22.04 14.15 -51.22
C ILE E 78 21.30 14.49 -52.50
N THR E 79 20.11 13.90 -52.66
CA THR E 79 19.38 13.95 -53.91
C THR E 79 18.70 15.31 -54.08
N ASN E 80 18.90 15.91 -55.25
CA ASN E 80 18.19 17.10 -55.72
C ASN E 80 18.41 18.32 -54.83
N LEU E 81 19.54 18.39 -54.13
CA LEU E 81 19.95 19.63 -53.48
C LEU E 81 20.97 20.30 -54.39
N ASN E 82 20.48 21.22 -55.21
CA ASN E 82 21.31 21.82 -56.24
C ASN E 82 22.31 22.79 -55.64
N ILE E 83 23.40 22.26 -55.11
CA ILE E 83 24.45 23.07 -54.50
C ILE E 83 25.72 22.91 -55.30
N THR E 84 26.20 23.98 -55.86
CA THR E 84 27.51 23.98 -56.49
C THR E 84 28.57 24.40 -55.48
N PRO E 85 29.80 23.91 -55.62
CA PRO E 85 30.90 24.49 -54.87
C PRO E 85 31.17 25.92 -55.30
N SER E 86 31.82 26.67 -54.42
CA SER E 86 31.83 28.13 -54.53
C SER E 86 32.82 28.67 -55.54
N THR E 87 33.32 27.85 -56.48
CA THR E 87 34.26 28.18 -57.56
C THR E 87 35.61 28.69 -57.05
N LEU E 88 35.86 28.62 -55.75
CA LEU E 88 37.15 28.94 -55.17
C LEU E 88 37.66 27.79 -54.34
N ASN E 89 37.00 26.62 -54.44
CA ASN E 89 37.41 25.45 -53.69
C ASN E 89 38.77 24.95 -54.16
N ASN E 90 39.02 25.02 -55.47
CA ASN E 90 40.33 24.67 -55.99
C ASN E 90 41.39 25.65 -55.52
N SER E 91 41.05 26.93 -55.42
CA SER E 91 41.99 27.91 -54.91
C SER E 91 42.29 27.69 -53.44
N TYR E 92 41.27 27.31 -52.67
CA TYR E 92 41.47 27.02 -51.26
C TYR E 92 42.34 25.79 -51.07
N ASN E 93 42.10 24.74 -51.85
CA ASN E 93 42.91 23.54 -51.75
C ASN E 93 44.31 23.74 -52.28
N SER E 94 44.52 24.70 -53.19
CA SER E 94 45.86 24.95 -53.69
C SER E 94 46.64 25.87 -52.75
N TRP E 95 45.97 26.83 -52.12
CA TRP E 95 46.64 27.66 -51.14
C TRP E 95 46.95 26.88 -49.87
N PHE E 96 45.91 26.38 -49.20
CA PHE E 96 46.07 25.50 -48.06
C PHE E 96 45.93 24.08 -48.55
N TYR E 97 46.97 23.28 -48.36
CA TYR E 97 47.15 22.05 -49.11
C TYR E 97 46.14 20.99 -48.64
N GLY E 98 44.96 21.06 -49.23
CA GLY E 98 43.93 20.07 -48.98
C GLY E 98 43.13 20.29 -47.72
N ARG E 99 43.07 21.53 -47.23
CA ARG E 99 42.34 21.79 -45.99
C ARG E 99 40.85 21.63 -46.18
N ALA E 100 40.29 22.18 -47.26
CA ALA E 100 38.90 21.94 -47.59
C ALA E 100 38.65 20.52 -48.04
N HIS E 101 39.70 19.82 -48.50
CA HIS E 101 39.59 18.40 -48.80
C HIS E 101 39.59 17.55 -47.54
N ARG E 102 40.03 18.09 -46.41
CA ARG E 102 40.20 17.34 -45.18
C ARG E 102 39.17 17.78 -44.14
N PHE E 103 38.07 17.04 -44.08
CA PHE E 103 37.08 17.21 -43.03
C PHE E 103 37.26 16.12 -41.97
N VAL E 104 36.97 16.47 -40.73
CA VAL E 104 37.32 15.64 -39.60
C VAL E 104 36.04 15.12 -38.94
N LYS E 105 36.16 14.01 -38.21
CA LYS E 105 35.04 13.41 -37.52
C LYS E 105 34.63 14.31 -36.35
N PRO E 106 33.34 14.35 -35.99
CA PRO E 106 32.94 15.09 -34.79
C PRO E 106 33.46 14.41 -33.53
N GLY E 107 33.83 15.23 -32.57
CA GLY E 107 34.40 14.72 -31.34
C GLY E 107 35.86 14.35 -31.43
N SER E 108 36.58 14.88 -32.40
CA SER E 108 37.99 14.56 -32.58
C SER E 108 38.87 15.59 -31.90
N ILE E 109 40.14 15.23 -31.76
CA ILE E 109 41.12 16.17 -31.22
C ILE E 109 41.44 17.25 -32.25
N ALA E 110 41.37 16.91 -33.54
CA ALA E 110 41.77 17.81 -34.60
C ALA E 110 40.70 18.83 -34.97
N SER E 111 39.51 18.71 -34.41
CA SER E 111 38.38 19.53 -34.84
C SER E 111 38.55 20.97 -34.41
N ILE E 112 37.89 21.87 -35.15
CA ILE E 112 37.94 23.28 -34.83
C ILE E 112 37.01 23.64 -33.68
N PHE E 113 36.12 22.74 -33.29
CA PHE E 113 35.29 22.93 -32.10
C PHE E 113 35.76 22.07 -30.94
N SER E 114 36.96 21.52 -31.03
CA SER E 114 37.48 20.68 -29.98
C SER E 114 37.93 21.52 -28.78
N PRO E 115 38.02 20.91 -27.60
CA PRO E 115 38.66 21.60 -26.48
C PRO E 115 40.11 21.95 -26.72
N ALA E 116 40.81 21.24 -27.61
CA ALA E 116 42.14 21.67 -27.99
C ALA E 116 42.12 22.97 -28.77
N ALA E 117 41.12 23.16 -29.63
CA ALA E 117 40.99 24.43 -30.34
C ALA E 117 40.60 25.55 -29.39
N TYR E 118 39.74 25.24 -28.42
CA TYR E 118 39.37 26.23 -27.41
C TYR E 118 40.56 26.61 -26.55
N LEU E 119 41.38 25.63 -26.19
CA LEU E 119 42.57 25.89 -25.40
C LEU E 119 43.61 26.66 -26.20
N THR E 120 43.70 26.37 -27.50
CA THR E 120 44.64 27.09 -28.35
C THR E 120 44.28 28.55 -28.47
N GLU E 121 42.99 28.84 -28.71
CA GLU E 121 42.53 30.21 -28.77
C GLU E 121 42.68 30.90 -27.42
N LEU E 122 42.42 30.17 -26.34
CA LEU E 122 42.53 30.72 -25.00
C LEU E 122 43.95 31.11 -24.67
N TYR E 123 44.91 30.25 -24.98
CA TYR E 123 46.31 30.56 -24.70
C TYR E 123 46.85 31.65 -25.61
N ARG E 124 46.41 31.65 -26.87
CA ARG E 124 46.88 32.65 -27.81
C ARG E 124 46.36 34.03 -27.45
N GLU E 125 45.17 34.10 -26.87
CA GLU E 125 44.68 35.40 -26.44
C GLU E 125 45.06 35.75 -25.02
N ALA E 126 45.46 34.78 -24.21
CA ALA E 126 45.73 35.02 -22.80
C ALA E 126 47.21 35.14 -22.47
N LYS E 127 48.11 34.82 -23.40
CA LYS E 127 49.52 34.86 -23.07
C LYS E 127 50.12 36.26 -23.08
N ASP E 128 49.31 37.31 -23.18
CA ASP E 128 49.82 38.66 -23.25
C ASP E 128 49.33 39.56 -22.13
N PHE E 129 48.76 39.00 -21.06
CA PHE E 129 48.29 39.83 -19.96
C PHE E 129 49.44 40.41 -19.16
N HIS E 130 50.59 39.77 -19.19
CA HIS E 130 51.71 40.20 -18.38
C HIS E 130 52.93 40.42 -19.25
N PRO E 131 53.87 41.25 -18.81
CA PRO E 131 55.19 41.28 -19.45
C PRO E 131 55.89 39.94 -19.27
N ASP E 132 56.80 39.67 -20.21
CA ASP E 132 57.44 38.37 -20.30
C ASP E 132 58.36 38.07 -19.12
N ASN E 133 59.02 39.09 -18.58
CA ASN E 133 59.91 38.91 -17.45
C ASN E 133 59.17 38.86 -16.12
N SER E 134 57.88 39.17 -16.10
CA SER E 134 57.12 39.16 -14.86
C SER E 134 56.91 37.73 -14.39
N GLN E 135 57.00 37.55 -13.07
CA GLN E 135 56.88 36.23 -12.47
C GLN E 135 55.47 35.68 -12.54
N TYR E 136 54.48 36.49 -12.87
CA TYR E 136 53.13 36.03 -13.05
C TYR E 136 52.79 35.72 -14.49
N HIS E 137 53.77 35.77 -15.39
CA HIS E 137 53.53 35.39 -16.77
C HIS E 137 53.30 33.90 -16.86
N LEU E 138 52.52 33.49 -17.86
CA LEU E 138 52.07 32.10 -17.97
C LEU E 138 53.22 31.13 -18.20
N ASN E 139 54.09 31.43 -19.16
CA ASN E 139 55.20 30.54 -19.45
C ASN E 139 56.23 30.50 -18.33
N LYS E 140 56.29 31.55 -17.52
CA LYS E 140 57.23 31.58 -16.40
C LYS E 140 56.68 30.86 -15.18
N ARG E 141 55.37 30.95 -14.95
CA ARG E 141 54.80 30.27 -13.79
C ARG E 141 54.47 28.81 -14.07
N ARG E 142 54.23 28.46 -15.33
CA ARG E 142 53.79 27.11 -15.71
C ARG E 142 54.37 26.81 -17.08
N PRO E 143 55.65 26.42 -17.15
CA PRO E 143 56.23 26.10 -18.46
C PRO E 143 55.70 24.81 -19.05
N ASP E 144 55.07 23.97 -18.22
CA ASP E 144 54.46 22.73 -18.69
C ASP E 144 53.30 22.99 -19.63
N ILE E 145 52.54 24.06 -19.39
CA ILE E 145 51.32 24.28 -20.14
C ILE E 145 51.61 24.80 -21.55
N ALA E 146 52.81 25.28 -21.82
CA ALA E 146 53.13 25.73 -23.16
C ALA E 146 53.45 24.57 -24.08
N SER E 147 54.17 23.56 -23.58
CA SER E 147 54.62 22.44 -24.40
C SER E 147 53.70 21.24 -24.29
N LEU E 148 52.42 21.45 -24.01
CA LEU E 148 51.49 20.34 -23.93
C LEU E 148 51.16 19.85 -25.33
N ALA E 149 51.31 18.55 -25.55
CA ALA E 149 51.06 17.98 -26.86
C ALA E 149 49.56 17.75 -27.06
N LEU E 150 48.98 18.45 -28.02
CA LEU E 150 47.55 18.36 -28.27
C LEU E 150 47.24 17.06 -29.01
N THR E 151 47.15 15.99 -28.23
CA THR E 151 46.87 14.67 -28.77
C THR E 151 45.57 14.12 -28.20
N GLN E 152 45.08 13.07 -28.86
CA GLN E 152 43.86 12.41 -28.42
C GLN E 152 44.04 11.74 -27.06
N ASN E 153 45.25 11.28 -26.76
CA ASN E 153 45.53 10.69 -25.46
C ASN E 153 45.43 11.71 -24.34
N ASN E 154 46.03 12.89 -24.52
CA ASN E 154 45.87 13.96 -23.55
C ASN E 154 44.45 14.48 -23.52
N MET E 155 43.70 14.33 -24.59
CA MET E 155 42.32 14.79 -24.58
C MET E 155 41.40 13.86 -23.81
N ASP E 156 41.50 12.56 -24.03
CA ASP E 156 40.51 11.61 -23.55
C ASP E 156 40.97 10.71 -22.42
N GLU E 157 42.27 10.60 -22.17
CA GLU E 157 42.76 9.72 -21.13
C GLU E 157 42.48 10.35 -19.77
N GLU E 158 41.50 9.80 -19.05
CA GLU E 158 41.02 10.39 -17.81
C GLU E 158 41.93 9.98 -16.67
N ILE E 159 42.88 10.85 -16.35
CA ILE E 159 43.72 10.69 -15.20
C ILE E 159 43.07 11.43 -14.04
N SER E 160 43.42 11.04 -12.83
CA SER E 160 42.93 11.72 -11.65
C SER E 160 43.69 13.02 -11.46
N THR E 161 42.97 14.07 -11.09
CA THR E 161 43.67 15.24 -10.61
C THR E 161 44.24 14.95 -9.23
N LEU E 162 45.17 15.83 -8.82
CA LEU E 162 46.17 15.76 -7.75
C LEU E 162 47.33 14.85 -8.15
N SER E 163 47.18 14.02 -9.17
CA SER E 163 48.35 13.38 -9.75
C SER E 163 49.11 14.35 -10.62
N LEU E 164 48.37 15.18 -11.38
CA LEU E 164 49.01 16.25 -12.13
C LEU E 164 49.64 17.28 -11.20
N SER E 165 48.97 17.57 -10.08
CA SER E 165 49.52 18.49 -9.09
C SER E 165 50.78 17.92 -8.46
N ASN E 166 50.77 16.61 -8.17
CA ASN E 166 51.95 15.98 -7.59
C ASN E 166 53.11 15.94 -8.57
N GLU E 167 52.84 15.61 -9.84
CA GLU E 167 53.88 15.58 -10.84
C GLU E 167 54.44 16.96 -11.09
N LEU E 168 53.59 17.98 -11.06
CA LEU E 168 54.04 19.35 -11.27
C LEU E 168 54.91 19.83 -10.12
N LEU E 169 54.48 19.56 -8.88
CA LEU E 169 55.25 19.99 -7.73
C LEU E 169 56.58 19.25 -7.63
N LEU E 170 56.56 17.94 -7.84
CA LEU E 170 57.80 17.19 -7.75
C LEU E 170 58.73 17.50 -8.91
N HIS E 171 58.19 17.83 -10.08
CA HIS E 171 59.05 18.23 -11.18
C HIS E 171 59.65 19.60 -10.93
N ASN E 172 58.90 20.49 -10.28
CA ASN E 172 59.47 21.79 -9.95
C ASN E 172 60.53 21.69 -8.86
N ILE E 173 60.32 20.78 -7.90
CA ILE E 173 61.33 20.58 -6.85
C ILE E 173 62.57 19.92 -7.43
N GLN E 174 62.40 18.97 -8.36
CA GLN E 174 63.54 18.37 -9.04
C GLN E 174 64.30 19.37 -9.88
N THR E 175 63.60 20.25 -10.59
CA THR E 175 64.24 21.26 -11.40
C THR E 175 64.93 22.32 -10.52
N LEU E 176 64.38 22.58 -9.34
CA LEU E 176 65.03 23.49 -8.42
C LEU E 176 66.29 22.90 -7.82
N GLU E 177 66.23 21.69 -7.28
CA GLU E 177 67.33 21.15 -6.51
C GLU E 177 68.32 20.34 -7.34
N LYS E 178 68.02 20.13 -8.64
CA LYS E 178 68.88 19.42 -9.60
C LYS E 178 69.21 18.02 -9.14
N THR E 179 68.20 17.25 -8.76
CA THR E 179 68.39 15.88 -8.35
C THR E 179 67.29 14.99 -8.93
N ASP E 180 67.36 13.72 -8.60
CA ASP E 180 66.38 12.75 -9.05
C ASP E 180 65.20 12.70 -8.07
N TYR E 181 64.17 11.95 -8.45
CA TYR E 181 62.98 11.81 -7.62
C TYR E 181 63.30 11.10 -6.32
N ASN E 182 64.15 10.08 -6.37
CA ASN E 182 64.56 9.38 -5.15
C ASN E 182 65.38 10.28 -4.25
N GLY E 183 66.22 11.14 -4.83
CA GLY E 183 66.95 12.11 -4.02
C GLY E 183 66.06 13.17 -3.42
N VAL E 184 65.00 13.55 -4.14
CA VAL E 184 64.02 14.50 -3.60
C VAL E 184 63.29 13.88 -2.42
N MET E 185 62.92 12.61 -2.54
CA MET E 185 62.26 11.93 -1.42
C MET E 185 63.21 11.71 -0.25
N LYS E 186 64.50 11.53 -0.53
CA LYS E 186 65.48 11.42 0.55
C LYS E 186 65.64 12.73 1.29
N MET E 187 65.69 13.84 0.55
CA MET E 187 65.81 15.14 1.20
C MET E 187 64.52 15.54 1.89
N LEU E 188 63.37 15.08 1.41
CA LEU E 188 62.10 15.42 2.03
C LEU E 188 61.81 14.53 3.22
N SER E 189 62.45 13.37 3.31
CA SER E 189 62.32 12.54 4.49
C SER E 189 63.09 13.07 5.68
N THR E 190 63.99 14.02 5.46
CA THR E 190 64.87 14.50 6.51
C THR E 190 64.84 16.00 6.69
N TYR E 191 64.01 16.71 5.91
CA TYR E 191 63.91 18.15 6.05
C TYR E 191 63.20 18.50 7.34
N ARG E 192 63.81 19.35 8.16
CA ARG E 192 63.26 19.69 9.46
C ARG E 192 62.89 21.15 9.60
N GLN E 193 63.15 21.97 8.58
CA GLN E 193 63.05 23.41 8.77
C GLN E 193 61.62 23.90 8.78
N THR E 194 60.75 23.34 7.94
CA THR E 194 59.38 23.79 7.88
C THR E 194 58.46 22.84 8.62
N GLY E 195 57.26 23.33 8.91
CA GLY E 195 56.23 22.49 9.46
C GLY E 195 55.69 21.52 8.43
N MET E 196 54.90 20.56 8.93
CA MET E 196 54.27 19.50 8.14
C MET E 196 55.29 18.68 7.35
N THR E 197 56.49 18.55 7.88
CA THR E 197 57.69 18.04 7.22
C THR E 197 58.72 17.82 8.32
N PRO E 198 59.48 16.71 8.35
CA PRO E 198 59.80 15.60 7.43
C PRO E 198 58.64 14.73 6.99
N TYR E 199 58.83 14.10 5.83
CA TYR E 199 57.82 13.25 5.22
C TYR E 199 58.55 12.02 4.70
N HIS E 200 58.50 10.94 5.47
CA HIS E 200 59.18 9.71 5.12
C HIS E 200 58.20 8.87 4.32
N LEU E 201 58.38 8.85 3.00
CA LEU E 201 57.43 8.17 2.13
C LEU E 201 57.44 6.65 2.26
N PRO E 202 58.58 5.93 2.37
CA PRO E 202 58.47 4.50 2.68
C PRO E 202 57.85 4.20 4.03
N TYR E 203 58.10 5.06 5.02
CA TYR E 203 57.47 4.87 6.32
C TYR E 203 55.97 5.08 6.25
N GLU E 204 55.53 6.06 5.46
CA GLU E 204 54.10 6.30 5.30
C GLU E 204 53.43 5.16 4.55
N SER E 205 54.10 4.63 3.52
CA SER E 205 53.58 3.47 2.80
C SER E 205 53.48 2.26 3.72
N ALA E 206 54.48 2.07 4.58
CA ALA E 206 54.48 0.93 5.49
C ALA E 206 53.39 1.06 6.54
N ARG E 207 53.24 2.25 7.14
CA ARG E 207 52.26 2.39 8.19
C ARG E 207 50.84 2.39 7.63
N GLN E 208 50.64 2.84 6.40
CA GLN E 208 49.32 2.71 5.81
C GLN E 208 49.03 1.28 5.38
N ALA E 209 50.05 0.52 4.98
CA ALA E 209 49.83 -0.89 4.69
C ALA E 209 49.47 -1.67 5.94
N ILE E 210 50.13 -1.35 7.06
CA ILE E 210 49.82 -2.03 8.32
C ILE E 210 48.44 -1.62 8.82
N LEU E 211 48.09 -0.34 8.68
CA LEU E 211 46.76 0.09 9.09
C LEU E 211 45.67 -0.46 8.19
N LEU E 212 45.97 -0.76 6.93
CA LEU E 212 44.98 -1.40 6.08
C LEU E 212 44.82 -2.88 6.41
N GLN E 213 45.93 -3.57 6.69
CA GLN E 213 45.84 -5.00 6.96
C GLN E 213 45.28 -5.25 8.36
N ASP E 214 45.99 -4.78 9.39
CA ASP E 214 45.60 -4.99 10.77
C ASP E 214 45.16 -3.64 11.34
N LYS E 215 43.88 -3.33 11.17
CA LYS E 215 43.32 -2.18 11.84
C LYS E 215 43.17 -2.48 13.33
N ASN E 216 43.40 -1.45 14.15
CA ASN E 216 43.30 -1.43 15.61
C ASN E 216 44.34 -2.31 16.32
N LEU E 217 45.26 -2.94 15.59
CA LEU E 217 46.37 -3.75 16.11
C LEU E 217 45.88 -4.89 17.00
N THR E 218 44.98 -5.72 16.45
CA THR E 218 44.51 -6.85 17.23
C THR E 218 45.50 -8.00 17.25
N ALA E 219 46.43 -8.05 16.30
CA ALA E 219 47.49 -9.06 16.36
C ALA E 219 48.44 -8.79 17.52
N PHE E 220 48.67 -7.51 17.81
CA PHE E 220 49.44 -7.14 18.99
C PHE E 220 48.76 -7.58 20.27
N SER E 221 47.42 -7.54 20.28
CA SER E 221 46.71 -7.93 21.48
C SER E 221 46.65 -9.45 21.62
N ARG E 222 46.57 -10.16 20.49
CA ARG E 222 46.53 -11.62 20.55
C ARG E 222 47.90 -12.20 20.85
N ASN E 223 48.85 -11.99 19.97
CA ASN E 223 50.14 -12.67 20.04
C ASN E 223 51.06 -11.90 20.97
N THR E 224 50.89 -12.13 22.27
CA THR E 224 51.62 -11.37 23.28
C THR E 224 53.11 -11.72 23.30
N ASP E 225 53.46 -12.95 22.96
CA ASP E 225 54.87 -13.35 23.03
C ASP E 225 55.69 -12.75 21.90
N VAL E 226 55.04 -12.36 20.81
CA VAL E 226 55.73 -11.56 19.80
C VAL E 226 55.44 -10.08 20.00
N ALA E 227 54.44 -9.73 20.81
CA ALA E 227 54.25 -8.35 21.22
C ALA E 227 55.30 -7.92 22.23
N GLU E 228 55.95 -8.88 22.90
CA GLU E 228 57.09 -8.59 23.74
C GLU E 228 58.25 -7.97 22.96
N LEU E 229 58.47 -8.43 21.73
CA LEU E 229 59.56 -7.94 20.91
C LEU E 229 59.32 -6.56 20.35
N MET E 230 58.07 -6.12 20.26
CA MET E 230 57.74 -4.84 19.64
C MET E 230 57.82 -3.73 20.69
N ASP E 231 58.33 -2.58 20.27
CA ASP E 231 58.47 -1.45 21.17
C ASP E 231 57.17 -0.66 21.21
N PRO E 232 56.77 -0.14 22.38
CA PRO E 232 55.55 0.68 22.45
C PRO E 232 55.64 1.98 21.66
N THR E 233 56.83 2.59 21.61
CA THR E 233 56.96 3.78 20.76
C THR E 233 56.93 3.42 19.28
N SER E 234 57.44 2.24 18.93
CA SER E 234 57.35 1.79 17.54
C SER E 234 55.90 1.52 17.15
N LEU E 235 55.11 0.97 18.07
CA LEU E 235 53.71 0.77 17.78
C LEU E 235 52.94 2.09 17.78
N LEU E 236 53.39 3.07 18.56
CA LEU E 236 52.86 4.41 18.44
C LEU E 236 53.15 5.00 17.07
N ALA E 237 54.37 4.78 16.57
CA ALA E 237 54.73 5.26 15.24
C ALA E 237 53.96 4.52 14.15
N ILE E 238 53.53 3.28 14.44
CA ILE E 238 52.67 2.58 13.50
C ILE E 238 51.27 3.20 13.50
N LYS E 239 50.68 3.36 14.69
CA LYS E 239 49.27 3.76 14.74
C LYS E 239 49.06 5.22 14.39
N THR E 240 50.01 6.09 14.71
CA THR E 240 49.97 7.47 14.25
C THR E 240 51.35 7.87 13.73
N ASP E 241 51.36 8.86 12.85
CA ASP E 241 52.53 9.20 12.04
C ASP E 241 53.61 9.82 12.90
N ILE E 242 54.67 9.05 13.14
CA ILE E 242 55.94 9.58 13.63
C ILE E 242 57.03 9.02 12.71
N SER E 243 57.55 9.89 11.85
CA SER E 243 58.66 9.53 10.98
C SER E 243 59.91 9.28 11.81
N PRO E 244 60.91 8.59 11.25
CA PRO E 244 62.18 8.46 11.99
C PRO E 244 62.85 9.79 12.27
N GLU E 245 62.80 10.72 11.31
CA GLU E 245 63.32 12.05 11.57
C GLU E 245 62.50 12.80 12.59
N LEU E 246 61.17 12.59 12.60
CA LEU E 246 60.32 13.20 13.62
C LEU E 246 60.61 12.63 15.00
N TYR E 247 60.92 11.33 15.05
CA TYR E 247 61.30 10.73 16.32
C TYR E 247 62.64 11.26 16.80
N GLN E 248 63.57 11.50 15.88
CA GLN E 248 64.83 12.13 16.25
C GLN E 248 64.62 13.56 16.73
N ILE E 249 63.63 14.26 16.17
CA ILE E 249 63.30 15.60 16.62
C ILE E 249 62.71 15.56 18.02
N LEU E 250 61.83 14.59 18.27
CA LEU E 250 61.13 14.54 19.55
C LEU E 250 62.04 14.03 20.66
N VAL E 251 62.97 13.13 20.35
CA VAL E 251 63.71 12.44 21.40
C VAL E 251 64.94 13.20 21.85
N GLU E 252 65.41 14.19 21.09
CA GLU E 252 66.63 14.90 21.46
C GLU E 252 66.36 15.85 22.61
N GLU E 253 67.36 16.00 23.47
CA GLU E 253 67.22 16.89 24.61
C GLU E 253 67.82 18.26 24.29
N ILE E 254 67.31 19.28 24.96
CA ILE E 254 67.64 20.65 24.67
C ILE E 254 68.33 21.25 25.88
N THR E 255 69.63 21.37 25.81
CA THR E 255 70.42 22.00 26.85
C THR E 255 70.54 23.49 26.55
N PRO E 256 70.94 24.31 27.54
CA PRO E 256 71.33 25.69 27.23
C PRO E 256 72.57 25.78 26.36
N GLU E 257 73.41 24.75 26.33
CA GLU E 257 74.55 24.73 25.43
C GLU E 257 74.12 24.41 24.01
N ASN E 258 73.27 23.41 23.84
CA ASN E 258 72.84 22.95 22.51
C ASN E 258 71.74 23.81 21.90
N SER E 259 71.39 24.94 22.54
CA SER E 259 70.21 25.70 22.19
C SER E 259 70.32 26.36 20.83
N THR E 260 71.37 27.15 20.60
CA THR E 260 71.50 27.88 19.34
C THR E 260 71.79 26.96 18.17
N GLU E 261 72.46 25.83 18.40
CA GLU E 261 72.70 24.87 17.34
C GLU E 261 71.43 24.12 16.97
N LEU E 262 70.67 23.66 17.95
CA LEU E 262 69.44 22.96 17.67
C LEU E 262 68.38 23.89 17.11
N MET E 263 68.46 25.19 17.42
CA MET E 263 67.56 26.14 16.78
C MET E 263 67.90 26.31 15.31
N LYS E 264 69.17 26.21 14.95
CA LYS E 264 69.53 26.16 13.54
C LYS E 264 69.07 24.87 12.88
N LYS E 265 69.17 23.77 13.61
CA LYS E 265 68.83 22.47 13.03
C LYS E 265 67.33 22.31 12.85
N ASN E 266 66.52 22.96 13.68
CA ASN E 266 65.08 22.80 13.58
C ASN E 266 64.37 23.99 12.98
N PHE E 267 65.03 25.13 12.85
CA PHE E 267 64.37 26.28 12.25
C PHE E 267 65.19 26.87 11.12
N GLY E 268 66.52 26.83 11.25
CA GLY E 268 67.31 27.61 10.32
C GLY E 268 67.85 28.83 11.00
N THR E 269 67.18 29.96 10.80
CA THR E 269 67.55 31.23 11.40
C THR E 269 67.49 31.16 12.91
N ASP E 270 68.40 31.89 13.54
CA ASP E 270 68.42 32.17 14.97
C ASP E 270 67.56 33.39 15.24
N ASP E 271 67.83 34.09 16.35
CA ASP E 271 67.21 35.38 16.69
C ASP E 271 65.70 35.25 16.88
N VAL E 272 65.33 34.73 18.05
CA VAL E 272 64.07 34.07 18.42
C VAL E 272 62.80 34.66 17.83
N LEU E 273 62.78 35.98 17.62
CA LEU E 273 61.63 36.62 16.99
C LEU E 273 61.57 36.26 15.51
N ILE E 274 61.17 35.03 15.20
CA ILE E 274 61.05 34.55 13.83
C ILE E 274 59.61 34.39 13.39
N PHE E 275 58.65 34.48 14.30
CA PHE E 275 57.24 34.37 13.97
C PHE E 275 56.52 35.71 14.07
N LYS E 276 56.75 36.44 15.16
CA LYS E 276 56.32 37.81 15.42
C LYS E 276 54.81 37.99 15.53
N SER E 277 54.02 36.94 15.35
CA SER E 277 52.57 37.06 15.28
C SER E 277 51.97 35.68 15.42
N TYR E 278 50.73 35.64 15.91
CA TYR E 278 49.98 34.39 15.97
C TYR E 278 49.64 33.87 14.59
N ALA E 279 49.40 34.77 13.63
CA ALA E 279 49.01 34.35 12.29
C ALA E 279 50.15 33.63 11.58
N SER E 280 51.38 34.10 11.75
CA SER E 280 52.52 33.44 11.12
C SER E 280 52.80 32.09 11.76
N LEU E 281 52.58 31.98 13.07
CA LEU E 281 52.75 30.70 13.76
C LEU E 281 51.73 29.68 13.29
N ALA E 282 50.46 30.09 13.25
CA ALA E 282 49.39 29.19 12.82
C ALA E 282 49.53 28.83 11.35
N ARG E 283 50.04 29.74 10.55
CA ARG E 283 50.29 29.43 9.14
C ARG E 283 51.49 28.50 8.97
N TYR E 284 52.51 28.65 9.82
CA TYR E 284 53.68 27.79 9.71
C TYR E 284 53.37 26.38 10.17
N TYR E 285 52.51 26.21 11.16
CA TYR E 285 52.22 24.89 11.68
C TYR E 285 50.86 24.34 11.24
N ASP E 286 50.13 25.07 10.39
CA ASP E 286 48.78 24.74 9.93
C ASP E 286 47.84 24.48 11.12
N LEU E 287 47.72 25.50 11.96
CA LEU E 287 46.88 25.41 13.14
C LEU E 287 45.72 26.39 13.04
N SER E 288 44.65 26.07 13.75
CA SER E 288 43.57 27.02 13.94
C SER E 288 43.94 27.97 15.06
N TYR E 289 43.15 29.03 15.26
CA TYR E 289 43.35 29.89 16.41
C TYR E 289 43.02 29.17 17.70
N ASP E 290 42.05 28.27 17.67
CA ASP E 290 41.72 27.49 18.86
C ASP E 290 42.84 26.51 19.21
N GLU E 291 43.41 25.86 18.20
CA GLU E 291 44.50 24.91 18.45
C GLU E 291 45.77 25.63 18.85
N LEU E 292 45.97 26.84 18.33
CA LEU E 292 47.10 27.64 18.76
C LEU E 292 46.90 28.16 20.17
N SER E 293 45.65 28.40 20.56
CA SER E 293 45.35 28.89 21.89
C SER E 293 45.59 27.85 22.97
N LEU E 294 45.70 26.57 22.62
CA LEU E 294 46.02 25.54 23.60
C LEU E 294 47.44 25.68 24.12
N PHE E 295 48.34 26.29 23.35
CA PHE E 295 49.74 26.40 23.72
C PHE E 295 50.13 27.82 24.13
N VAL E 296 49.82 28.80 23.29
CA VAL E 296 50.37 30.14 23.41
C VAL E 296 49.29 31.07 23.93
N ASN E 297 49.57 31.73 25.04
CA ASN E 297 48.69 32.75 25.60
C ASN E 297 49.59 33.86 26.11
N LEU E 298 49.92 34.81 25.25
CA LEU E 298 50.91 35.82 25.58
C LEU E 298 50.28 36.97 26.37
N SER E 299 51.11 37.97 26.64
CA SER E 299 50.68 39.19 27.33
C SER E 299 50.11 40.23 26.38
N PHE E 300 49.87 39.87 25.11
CA PHE E 300 49.29 40.80 24.16
C PHE E 300 47.82 41.06 24.50
N GLY E 301 47.42 42.33 24.43
CA GLY E 301 46.07 42.72 24.76
C GLY E 301 45.72 42.60 26.23
N LYS E 302 46.59 43.12 27.11
CA LYS E 302 46.39 42.91 28.54
C LYS E 302 45.31 43.82 29.11
N LYS E 303 45.26 45.08 28.67
CA LYS E 303 44.47 46.11 29.34
C LYS E 303 42.97 45.92 29.18
N ASN E 304 42.53 45.23 28.12
CA ASN E 304 41.11 45.09 27.83
C ASN E 304 40.49 43.88 28.50
N THR E 305 41.18 43.25 29.44
CA THR E 305 40.62 42.12 30.16
C THR E 305 41.08 42.15 31.60
N ASN E 306 40.39 41.38 32.43
CA ASN E 306 40.84 41.10 33.77
C ASN E 306 41.24 39.66 33.95
N GLN E 307 41.02 38.81 32.95
CA GLN E 307 41.47 37.43 32.95
C GLN E 307 42.37 37.24 31.73
N GLN E 308 43.66 36.98 31.98
CA GLN E 308 44.59 36.75 30.89
C GLN E 308 44.86 35.27 30.65
N TYR E 309 44.48 34.41 31.59
CA TYR E 309 44.76 32.99 31.45
C TYR E 309 43.82 32.37 30.43
N LYS E 310 44.38 31.75 29.41
CA LYS E 310 43.61 30.93 28.48
C LYS E 310 44.01 29.49 28.72
N ASN E 311 42.99 28.63 28.88
CA ASN E 311 43.14 27.21 29.23
C ASN E 311 43.95 27.04 30.52
N GLU E 312 43.73 27.96 31.46
CA GLU E 312 44.36 27.99 32.78
C GLU E 312 45.88 28.03 32.69
N GLN E 313 46.40 28.74 31.70
CA GLN E 313 47.84 28.90 31.59
C GLN E 313 48.15 30.25 30.95
N LEU E 314 49.40 30.69 31.12
CA LEU E 314 49.82 32.01 30.69
C LEU E 314 51.34 32.03 30.57
N ILE E 315 51.84 32.44 29.41
CA ILE E 315 53.27 32.70 29.23
C ILE E 315 53.49 34.20 29.30
N THR E 316 54.57 34.60 29.96
CA THR E 316 54.90 36.00 30.19
C THR E 316 56.39 36.16 29.92
N LEU E 317 56.74 36.48 28.67
CA LEU E 317 58.14 36.66 28.34
C LEU E 317 58.58 38.05 28.74
N VAL E 318 59.74 38.15 29.37
CA VAL E 318 60.30 39.41 29.84
C VAL E 318 61.47 39.77 28.95
N ASN E 319 61.58 41.05 28.61
CA ASN E 319 62.74 41.54 27.90
C ASN E 319 63.88 41.76 28.88
N ASP E 320 65.02 42.23 28.35
CA ASP E 320 66.19 42.68 29.11
C ASP E 320 66.80 41.59 29.99
N GLY E 321 66.61 40.33 29.63
CA GLY E 321 67.29 39.25 30.31
C GLY E 321 68.58 38.92 29.61
N ASN E 322 69.46 39.93 29.51
CA ASN E 322 70.67 39.92 28.67
C ASN E 322 70.35 39.57 27.23
N ASP E 323 69.25 40.15 26.72
CA ASP E 323 68.73 39.95 25.36
C ASP E 323 68.49 38.48 25.03
N THR E 324 68.01 37.71 26.01
CA THR E 324 67.63 36.33 25.78
C THR E 324 66.13 36.14 25.67
N ALA E 325 65.35 37.08 26.23
CA ALA E 325 63.89 37.07 26.22
C ALA E 325 63.33 35.79 26.85
N THR E 326 63.62 35.63 28.15
CA THR E 326 63.16 34.46 28.87
C THR E 326 61.66 34.50 29.08
N ALA E 327 61.02 33.36 28.90
CA ALA E 327 59.58 33.24 29.01
C ALA E 327 59.20 32.60 30.32
N ARG E 328 58.02 32.93 30.83
CA ARG E 328 57.55 32.45 32.13
C ARG E 328 56.17 31.84 31.96
N LEU E 329 56.12 30.53 31.79
CA LEU E 329 54.86 29.81 31.67
C LEU E 329 54.30 29.51 33.05
N ILE E 330 53.11 30.02 33.35
CA ILE E 330 52.45 29.79 34.63
C ILE E 330 51.11 29.13 34.36
N LYS E 331 50.89 27.97 34.99
CA LYS E 331 49.68 27.20 34.79
C LYS E 331 48.87 27.14 36.08
N ARG E 332 47.63 27.65 36.03
CA ARG E 332 46.69 27.51 37.12
C ARG E 332 46.15 26.08 37.13
N THR E 333 45.83 25.57 38.31
CA THR E 333 45.42 24.18 38.44
C THR E 333 44.04 23.96 39.03
N ARG E 334 43.39 24.99 39.58
CA ARG E 334 41.99 24.97 40.04
C ARG E 334 41.76 23.92 41.14
N LYS E 335 42.33 24.23 42.30
CA LYS E 335 42.13 23.38 43.47
C LYS E 335 40.80 23.65 44.16
N ASP E 336 40.69 23.21 45.42
CA ASP E 336 39.41 23.10 46.13
C ASP E 336 38.70 24.44 46.30
N PHE E 337 37.36 24.37 46.21
CA PHE E 337 36.45 25.51 46.42
C PHE E 337 36.68 26.65 45.44
N TYR E 338 37.21 26.33 44.27
CA TYR E 338 37.42 27.36 43.25
C TYR E 338 36.10 27.79 42.66
N ASP E 339 35.28 26.83 42.24
CA ASP E 339 34.01 27.14 41.61
C ASP E 339 32.92 27.51 42.60
N SER E 340 33.15 27.28 43.89
CA SER E 340 32.08 27.51 44.86
C SER E 340 32.14 28.91 45.44
N HIS E 341 33.29 29.56 45.39
CA HIS E 341 33.45 30.82 46.10
C HIS E 341 34.05 31.95 45.27
N LEU E 342 34.50 31.70 44.05
CA LEU E 342 35.08 32.79 43.27
C LEU E 342 34.90 32.52 41.78
N ASN E 343 34.96 33.60 41.00
CA ASN E 343 34.87 33.47 39.55
C ASN E 343 36.18 33.00 38.97
N TYR E 344 37.24 33.79 39.15
CA TYR E 344 38.56 33.43 38.69
C TYR E 344 39.55 33.83 39.78
N ALA E 345 40.79 33.35 39.65
CA ALA E 345 41.84 33.70 40.58
C ALA E 345 43.17 33.54 39.86
N GLU E 346 43.75 34.63 39.39
CA GLU E 346 44.96 34.55 38.58
C GLU E 346 46.12 35.19 39.30
N LEU E 347 47.30 34.57 39.16
CA LEU E 347 48.54 35.08 39.72
C LEU E 347 49.43 35.52 38.58
N ILE E 348 49.59 36.83 38.44
CA ILE E 348 50.28 37.43 37.29
C ILE E 348 51.61 37.99 37.78
N PRO E 349 52.74 37.62 37.16
CA PRO E 349 54.03 38.20 37.53
C PRO E 349 54.15 39.63 37.00
N ILE E 350 54.61 40.54 37.85
CA ILE E 350 54.90 41.88 37.40
C ILE E 350 56.38 41.93 37.02
N LYS E 351 57.23 41.69 38.01
CA LYS E 351 58.67 41.62 37.80
C LYS E 351 59.19 40.42 38.58
N GLU E 352 60.51 40.32 38.69
CA GLU E 352 61.09 39.24 39.48
C GLU E 352 60.82 39.48 40.96
N ASN E 353 60.34 38.44 41.63
CA ASN E 353 59.90 38.47 43.02
C ASN E 353 58.83 39.55 43.24
N GLU E 354 57.94 39.67 42.26
CA GLU E 354 56.95 40.73 42.25
C GLU E 354 55.75 40.23 41.45
N TYR E 355 54.73 39.76 42.16
CA TYR E 355 53.61 39.07 41.56
C TYR E 355 52.32 39.78 41.96
N LYS E 356 51.31 39.63 41.11
CA LYS E 356 50.06 40.36 41.30
C LYS E 356 48.92 39.37 41.32
N TYR E 357 48.12 39.41 42.37
CA TYR E 357 47.03 38.47 42.56
C TYR E 357 45.73 39.09 42.05
N ASN E 358 45.20 38.55 40.97
CA ASN E 358 43.93 38.98 40.41
C ASN E 358 42.88 37.91 40.69
N PHE E 359 41.72 38.33 41.16
CA PHE E 359 40.65 37.41 41.49
C PHE E 359 39.34 38.15 41.45
N SER E 360 38.25 37.42 41.69
CA SER E 360 36.92 38.00 41.81
C SER E 360 36.06 37.07 42.64
N VAL E 361 35.64 37.55 43.81
CA VAL E 361 34.84 36.73 44.71
C VAL E 361 33.41 36.67 44.20
N LYS E 362 32.93 35.47 44.00
CA LYS E 362 31.52 35.22 43.73
C LYS E 362 30.78 35.09 45.05
N LYS E 363 29.58 35.66 45.12
CA LYS E 363 28.68 35.57 46.28
C LYS E 363 29.33 36.10 47.55
N THR E 364 29.52 37.41 47.63
CA THR E 364 30.28 38.04 48.70
C THR E 364 29.66 37.78 50.07
N GLU E 365 30.51 37.77 51.09
CA GLU E 365 30.11 37.46 52.46
C GLU E 365 30.39 38.66 53.32
N PRO E 366 29.36 39.36 53.79
CA PRO E 366 29.60 40.62 54.52
C PRO E 366 30.10 40.42 55.92
N ASP E 367 29.88 39.25 56.50
CA ASP E 367 30.15 39.06 57.92
C ASP E 367 31.50 38.40 58.21
N HIS E 368 32.50 38.55 57.34
CA HIS E 368 33.80 37.98 57.63
C HIS E 368 34.90 39.02 57.73
N LEU E 369 35.13 39.79 56.67
CA LEU E 369 36.00 40.96 56.59
C LEU E 369 37.50 40.69 56.77
N ASP E 370 37.91 39.49 57.12
CA ASP E 370 39.31 39.22 57.42
C ASP E 370 39.92 38.51 56.23
N PHE E 371 40.47 39.28 55.30
CA PHE E 371 41.13 38.73 54.14
C PHE E 371 42.48 38.19 54.55
N ARG E 372 42.73 36.93 54.23
CA ARG E 372 44.04 36.33 54.40
C ARG E 372 44.43 35.62 53.11
N LEU E 373 45.71 35.26 53.01
CA LEU E 373 46.21 34.59 51.82
C LEU E 373 47.46 33.81 52.23
N GLN E 374 47.31 32.50 52.42
CA GLN E 374 48.42 31.65 52.78
C GLN E 374 48.73 30.70 51.64
N ASN E 375 49.82 29.95 51.78
CA ASN E 375 50.30 29.04 50.74
C ASN E 375 50.50 27.66 51.35
N GLY E 376 49.50 26.80 51.16
CA GLY E 376 49.57 25.43 51.65
C GLY E 376 49.54 25.35 53.17
N ASP E 377 48.88 26.34 53.78
CA ASP E 377 48.80 26.52 55.23
C ASP E 377 50.18 26.62 55.88
N LYS E 378 51.04 27.47 55.34
CA LYS E 378 52.33 27.73 55.94
C LYS E 378 52.41 29.12 56.56
N GLU E 379 52.15 30.16 55.78
CA GLU E 379 52.30 31.52 56.26
C GLU E 379 51.44 32.44 55.41
N TYR E 380 50.78 33.38 56.09
CA TYR E 380 49.90 34.34 55.42
C TYR E 380 50.75 35.31 54.62
N ILE E 381 50.67 35.20 53.29
CA ILE E 381 51.40 36.12 52.42
C ILE E 381 50.77 37.50 52.49
N TYR E 382 49.49 37.60 52.16
CA TYR E 382 48.75 38.83 52.30
C TYR E 382 47.68 38.65 53.37
N GLN E 383 47.56 39.63 54.25
CA GLN E 383 46.55 39.58 55.30
C GLN E 383 46.07 40.99 55.58
N ASP E 384 44.82 41.26 55.25
CA ASP E 384 44.21 42.57 55.48
C ASP E 384 42.90 42.34 56.23
N LYS E 385 42.93 42.56 57.54
CA LYS E 385 41.72 42.52 58.32
C LYS E 385 40.84 43.71 57.99
N ASN E 386 39.53 43.55 58.23
CA ASN E 386 38.48 44.53 57.93
C ASN E 386 38.48 44.90 56.44
N PHE E 387 38.19 43.90 55.62
CA PHE E 387 38.08 44.10 54.17
C PHE E 387 37.18 43.03 53.60
N VAL E 388 36.07 43.45 52.98
CA VAL E 388 35.14 42.51 52.37
C VAL E 388 35.25 42.63 50.86
N PRO E 389 35.69 41.58 50.17
CA PRO E 389 35.67 41.59 48.70
C PRO E 389 34.24 41.44 48.20
N ILE E 390 33.72 42.48 47.58
CA ILE E 390 32.33 42.50 47.16
C ILE E 390 32.18 41.66 45.88
N ALA E 391 30.95 41.29 45.58
CA ALA E 391 30.66 40.27 44.58
C ALA E 391 30.99 40.74 43.17
N ASN E 392 31.63 39.84 42.41
CA ASN E 392 31.92 40.00 40.97
C ASN E 392 32.75 41.24 40.68
N THR E 393 33.83 41.43 41.42
CA THR E 393 34.70 42.59 41.25
C THR E 393 36.14 42.15 41.16
N HIS E 394 36.84 42.63 40.14
CA HIS E 394 38.21 42.25 39.87
C HIS E 394 39.13 43.03 40.79
N TYR E 395 39.62 42.36 41.83
CA TYR E 395 40.57 42.97 42.74
C TYR E 395 41.99 42.60 42.36
N SER E 396 42.92 43.50 42.65
CA SER E 396 44.33 43.27 42.40
C SER E 396 45.07 43.43 43.71
N ILE E 397 45.83 42.40 44.08
CA ILE E 397 46.58 42.39 45.33
C ILE E 397 48.04 42.10 45.01
N PRO E 398 48.98 42.94 45.41
CA PRO E 398 50.40 42.64 45.18
C PRO E 398 50.86 41.53 46.12
N ILE E 399 51.67 40.63 45.58
CA ILE E 399 52.15 39.48 46.33
C ILE E 399 53.65 39.31 46.06
N LYS E 400 54.43 39.25 47.12
CA LYS E 400 55.87 39.05 47.03
C LYS E 400 56.15 37.55 47.16
N LEU E 401 56.68 36.94 46.11
CA LEU E 401 56.86 35.50 46.06
C LEU E 401 58.24 35.14 45.56
N THR E 402 58.89 34.21 46.25
CA THR E 402 60.23 33.79 45.90
C THR E 402 60.21 32.88 44.67
N THR E 403 61.36 32.84 44.00
CA THR E 403 61.50 32.06 42.78
C THR E 403 61.41 30.56 43.07
N GLU E 404 61.94 30.13 44.21
CA GLU E 404 61.80 28.73 44.61
C GLU E 404 60.35 28.35 44.87
N GLN E 405 59.62 29.20 45.60
CA GLN E 405 58.23 28.92 45.91
C GLN E 405 57.34 28.96 44.68
N ILE E 406 57.71 29.72 43.65
CA ILE E 406 56.85 29.79 42.49
C ILE E 406 57.25 28.73 41.46
N THR E 407 58.52 28.32 41.46
CA THR E 407 58.93 27.28 40.53
C THR E 407 58.48 25.91 41.02
N ASN E 408 58.52 25.69 42.33
CA ASN E 408 57.75 24.58 42.84
C ASN E 408 56.28 24.94 42.80
N GLY E 409 55.43 23.92 42.80
CA GLY E 409 54.00 24.15 42.75
C GLY E 409 53.47 24.74 44.04
N ILE E 410 53.03 25.99 44.00
CA ILE E 410 52.46 26.64 45.17
C ILE E 410 50.95 26.51 45.11
N THR E 411 50.31 26.62 46.28
CA THR E 411 48.86 26.56 46.38
C THR E 411 48.40 27.72 47.26
N LEU E 412 48.14 28.86 46.62
CA LEU E 412 47.63 30.02 47.33
C LEU E 412 46.23 29.74 47.85
N ARG E 413 45.94 30.22 49.05
CA ARG E 413 44.69 29.91 49.73
C ARG E 413 44.01 31.20 50.15
N LEU E 414 42.99 31.60 49.41
CA LEU E 414 42.23 32.80 49.74
C LEU E 414 41.30 32.49 50.91
N TRP E 415 41.37 33.29 51.95
CA TRP E 415 40.54 33.11 53.14
C TRP E 415 39.57 34.26 53.28
N ARG E 416 38.44 33.99 53.90
CA ARG E 416 37.59 35.02 54.47
C ARG E 416 37.17 34.52 55.84
N VAL E 417 37.98 34.83 56.83
CA VAL E 417 37.74 34.43 58.22
C VAL E 417 36.84 35.48 58.83
N LYS E 418 36.05 35.09 59.81
CA LYS E 418 35.30 36.10 60.52
C LYS E 418 35.88 36.30 61.92
N PRO E 419 35.75 37.49 62.51
CA PRO E 419 36.25 37.67 63.88
C PRO E 419 35.38 36.99 64.92
N ASN E 420 34.10 36.79 64.63
CA ASN E 420 33.31 35.81 65.35
C ASN E 420 33.92 34.43 65.11
N PRO E 421 33.93 33.54 66.10
CA PRO E 421 34.64 32.26 65.95
C PRO E 421 33.99 31.25 65.01
N SER E 422 33.01 31.67 64.22
CA SER E 422 32.32 30.80 63.27
C SER E 422 33.20 30.59 62.03
N ASP E 423 32.55 30.12 60.96
CA ASP E 423 33.23 29.50 59.83
C ASP E 423 34.08 30.49 59.04
N ALA E 424 35.30 30.06 58.72
CA ALA E 424 36.19 30.75 57.81
C ALA E 424 36.11 30.08 56.45
N ILE E 425 35.63 30.82 55.46
CA ILE E 425 35.42 30.27 54.12
C ILE E 425 36.76 30.14 53.42
N ASN E 426 37.11 28.90 53.09
CA ASN E 426 38.36 28.57 52.43
C ASN E 426 38.13 28.45 50.94
N ALA E 427 39.07 28.96 50.15
CA ALA E 427 39.04 28.82 48.70
C ALA E 427 40.46 28.92 48.20
N ASN E 428 40.96 27.85 47.57
CA ASN E 428 42.37 27.79 47.19
C ASN E 428 42.54 27.29 45.77
N ALA E 429 43.57 27.82 45.10
CA ALA E 429 43.95 27.36 43.79
C ALA E 429 45.45 27.09 43.79
N HIS E 430 45.91 26.33 42.81
CA HIS E 430 47.29 25.90 42.74
C HIS E 430 47.96 26.48 41.51
N PHE E 431 49.18 26.98 41.70
CA PHE E 431 49.96 27.54 40.62
C PHE E 431 51.30 26.85 40.55
N LYS E 432 51.91 26.88 39.37
CA LYS E 432 53.24 26.31 39.18
C LYS E 432 53.85 26.97 37.95
N MET E 433 54.93 27.71 38.16
CA MET E 433 55.55 28.41 37.05
C MET E 433 56.69 27.58 36.48
N MET E 434 57.01 27.87 35.22
CA MET E 434 58.13 27.26 34.52
C MET E 434 58.80 28.32 33.68
N GLU E 435 60.13 28.39 33.75
CA GLU E 435 60.87 29.46 33.11
C GLU E 435 61.94 28.86 32.21
N PHE E 436 62.04 29.38 31.00
CA PHE E 436 63.02 28.95 30.02
C PHE E 436 63.59 30.16 29.29
N PRO E 437 64.81 30.06 28.79
CA PRO E 437 65.26 31.03 27.78
C PRO E 437 64.50 30.80 26.49
N GLY E 438 64.56 31.82 25.63
CA GLY E 438 63.67 31.88 24.49
C GLY E 438 63.90 30.82 23.44
N ASP E 439 65.17 30.49 23.17
CA ASP E 439 65.47 29.50 22.14
C ASP E 439 65.05 28.10 22.56
N ILE E 440 65.38 27.73 23.79
CA ILE E 440 64.99 26.42 24.32
C ILE E 440 63.47 26.35 24.46
N PHE E 441 62.84 27.46 24.79
CA PHE E 441 61.38 27.52 24.85
C PHE E 441 60.77 27.31 23.47
N LEU E 442 61.37 27.92 22.45
CA LEU E 442 60.87 27.77 21.09
C LEU E 442 61.04 26.34 20.59
N LEU E 443 62.15 25.70 20.95
CA LEU E 443 62.37 24.33 20.50
C LEU E 443 61.43 23.36 21.20
N LYS E 444 61.20 23.56 22.50
CA LYS E 444 60.23 22.73 23.22
C LYS E 444 58.83 22.92 22.70
N LEU E 445 58.44 24.17 22.39
CA LEU E 445 57.13 24.44 21.81
C LEU E 445 57.01 23.84 20.42
N ASN E 446 58.11 23.85 19.66
CA ASN E 446 58.13 23.26 18.33
C ASN E 446 57.86 21.77 18.38
N LYS E 447 58.57 21.06 19.26
CA LYS E 447 58.34 19.62 19.30
C LYS E 447 57.03 19.26 19.97
N ALA E 448 56.52 20.10 20.88
CA ALA E 448 55.21 19.86 21.45
C ALA E 448 54.10 20.03 20.41
N ILE E 449 54.20 21.07 19.58
CA ILE E 449 53.21 21.29 18.53
C ILE E 449 53.32 20.21 17.46
N ARG E 450 54.54 19.75 17.17
CA ARG E 450 54.68 18.65 16.22
C ARG E 450 54.11 17.34 16.76
N LEU E 451 54.24 17.10 18.07
CA LEU E 451 53.64 15.89 18.63
C LEU E 451 52.12 16.00 18.64
N TYR E 452 51.58 17.20 18.90
CA TYR E 452 50.14 17.38 18.83
C TYR E 452 49.62 17.19 17.42
N LYS E 453 50.32 17.73 16.43
CA LYS E 453 49.99 17.51 15.03
C LYS E 453 50.09 16.06 14.62
N ALA E 454 51.04 15.32 15.20
CA ALA E 454 51.24 13.93 14.81
C ALA E 454 50.18 13.03 15.41
N THR E 455 49.87 13.22 16.69
CA THR E 455 49.03 12.26 17.40
C THR E 455 47.57 12.67 17.52
N GLY E 456 47.27 13.97 17.46
CA GLY E 456 45.90 14.38 17.67
C GLY E 456 45.44 14.27 19.10
N ILE E 457 46.36 14.28 20.05
CA ILE E 457 46.04 14.11 21.45
C ILE E 457 46.03 15.49 22.10
N SER E 458 45.44 15.59 23.29
CA SER E 458 45.30 16.89 23.92
C SER E 458 46.63 17.38 24.49
N PRO E 459 46.88 18.70 24.42
CA PRO E 459 48.11 19.24 25.02
C PRO E 459 48.11 19.18 26.53
N GLU E 460 46.96 19.34 27.17
CA GLU E 460 46.88 19.07 28.59
C GLU E 460 47.11 17.61 28.90
N ASP E 461 46.72 16.72 27.99
CA ASP E 461 46.98 15.29 28.17
C ASP E 461 48.45 14.97 28.07
N ILE E 462 49.16 15.59 27.12
CA ILE E 462 50.58 15.31 27.02
C ILE E 462 51.34 15.98 28.18
N TRP E 463 50.81 17.09 28.70
CA TRP E 463 51.33 17.65 29.95
C TRP E 463 51.15 16.68 31.10
N GLN E 464 50.00 16.02 31.17
CA GLN E 464 49.72 15.11 32.26
C GLN E 464 50.58 13.85 32.18
N VAL E 465 50.80 13.31 30.97
CA VAL E 465 51.62 12.11 30.88
C VAL E 465 53.09 12.44 31.07
N ILE E 466 53.51 13.68 30.75
CA ILE E 466 54.91 14.00 30.99
C ILE E 466 55.14 14.35 32.45
N GLU E 467 54.11 14.84 33.14
CA GLU E 467 54.16 15.08 34.56
C GLU E 467 54.10 13.77 35.34
N SER E 468 53.42 12.77 34.77
CA SER E 468 53.29 11.48 35.45
C SER E 468 54.62 10.74 35.52
N ILE E 469 55.49 10.95 34.54
CA ILE E 469 56.77 10.27 34.55
C ILE E 469 57.87 11.20 35.04
N TYR E 470 58.14 12.25 34.29
CA TYR E 470 59.29 13.09 34.56
C TYR E 470 58.84 14.40 35.22
N ASP E 471 59.82 15.28 35.40
CA ASP E 471 59.59 16.66 35.73
C ASP E 471 60.31 17.53 34.70
N ASP E 472 59.99 18.82 34.71
CA ASP E 472 60.58 19.86 33.86
C ASP E 472 60.37 19.64 32.37
N LEU E 473 59.37 18.82 32.01
CA LEU E 473 58.83 18.70 30.64
C LEU E 473 59.89 18.26 29.63
N THR E 474 60.39 17.04 29.83
CA THR E 474 61.36 16.44 28.92
C THR E 474 60.68 15.29 28.20
N ILE E 475 60.39 15.49 26.91
CA ILE E 475 59.75 14.44 26.11
C ILE E 475 60.75 13.33 25.86
N ASP E 476 60.34 12.08 26.13
CA ASP E 476 61.27 10.97 26.12
C ASP E 476 60.55 9.72 25.64
N SER E 477 61.31 8.63 25.57
CA SER E 477 60.77 7.37 25.05
C SER E 477 59.73 6.77 26.00
N ASN E 478 59.90 6.98 27.31
CA ASN E 478 58.89 6.51 28.24
C ASN E 478 57.59 7.30 28.09
N VAL E 479 57.72 8.60 27.81
CA VAL E 479 56.53 9.42 27.57
C VAL E 479 55.84 8.99 26.29
N LEU E 480 56.62 8.65 25.26
CA LEU E 480 56.02 8.15 24.03
C LEU E 480 55.37 6.79 24.22
N GLY E 481 55.93 5.95 25.10
CA GLY E 481 55.31 4.67 25.37
C GLY E 481 53.99 4.80 26.12
N LYS E 482 53.97 5.68 27.13
CA LYS E 482 52.72 5.93 27.85
C LYS E 482 51.70 6.61 26.96
N LEU E 483 52.16 7.45 26.03
CA LEU E 483 51.25 8.08 25.08
C LEU E 483 50.74 7.09 24.05
N PHE E 484 51.51 6.05 23.76
CA PHE E 484 50.95 4.95 22.97
C PHE E 484 49.88 4.22 23.76
N TYR E 485 50.14 4.00 25.04
CA TYR E 485 49.27 3.11 25.80
C TYR E 485 47.94 3.75 26.13
N VAL E 486 47.89 5.07 26.30
CA VAL E 486 46.59 5.72 26.49
C VAL E 486 45.73 5.60 25.23
N GLN E 487 46.35 5.75 24.06
CA GLN E 487 45.63 5.61 22.80
C GLN E 487 45.19 4.18 22.58
N TYR E 488 46.06 3.22 22.91
CA TYR E 488 45.72 1.83 22.70
C TYR E 488 44.62 1.38 23.64
N TYR E 489 44.64 1.84 24.89
CA TYR E 489 43.56 1.51 25.81
C TYR E 489 42.26 2.19 25.43
N MET E 490 42.34 3.43 24.95
CA MET E 490 41.16 4.17 24.53
C MET E 490 40.51 3.56 23.30
N GLN E 491 41.31 2.90 22.46
CA GLN E 491 40.74 2.16 21.32
C GLN E 491 40.33 0.76 21.71
N HIS E 492 41.05 0.17 22.66
CA HIS E 492 40.84 -1.22 23.06
C HIS E 492 39.53 -1.37 23.81
N TYR E 493 39.41 -0.69 24.93
CA TYR E 493 38.12 -0.52 25.57
C TYR E 493 37.47 0.72 24.99
N ASN E 494 36.30 1.06 25.50
CA ASN E 494 35.64 2.29 25.07
C ASN E 494 35.75 3.38 26.10
N ILE E 495 36.88 3.44 26.79
CA ILE E 495 37.11 4.39 27.87
C ILE E 495 37.39 5.77 27.30
N SER E 496 37.34 6.78 28.15
CA SER E 496 37.65 8.14 27.74
C SER E 496 39.15 8.38 27.84
N VAL E 497 39.56 9.63 27.57
CA VAL E 497 40.97 9.99 27.64
C VAL E 497 41.47 9.96 29.07
N SER E 498 40.75 10.62 29.98
CA SER E 498 41.14 10.58 31.38
C SER E 498 40.93 9.21 31.99
N ASP E 499 39.97 8.45 31.49
CA ASP E 499 39.78 7.08 31.96
C ASP E 499 40.95 6.20 31.55
N ALA E 500 41.53 6.45 30.37
CA ALA E 500 42.76 5.76 30.02
C ALA E 500 43.95 6.29 30.79
N LEU E 501 43.90 7.58 31.15
CA LEU E 501 44.98 8.20 31.91
C LEU E 501 45.12 7.57 33.28
N VAL E 502 44.00 7.33 33.96
CA VAL E 502 44.02 6.67 35.25
C VAL E 502 44.58 5.26 35.13
N LEU E 503 44.26 4.57 34.03
CA LEU E 503 44.80 3.24 33.80
C LEU E 503 46.28 3.25 33.46
N CYS E 504 46.80 4.34 32.91
CA CYS E 504 48.21 4.40 32.49
C CYS E 504 49.07 5.11 33.52
N HIS E 505 48.77 4.89 34.80
CA HIS E 505 49.51 5.39 35.96
C HIS E 505 49.58 6.91 36.01
N SER E 506 48.53 7.60 35.58
CA SER E 506 48.40 9.01 35.89
C SER E 506 47.33 9.20 36.96
N ASP E 507 47.15 10.44 37.37
CA ASP E 507 46.16 10.74 38.39
C ASP E 507 44.87 11.24 37.75
N ILE E 508 43.85 11.42 38.59
CA ILE E 508 42.60 12.00 38.13
C ILE E 508 42.83 13.48 37.86
N SER E 509 42.55 13.91 36.64
CA SER E 509 42.88 15.26 36.20
C SER E 509 41.93 16.26 36.85
N GLN E 510 42.49 17.36 37.34
CA GLN E 510 41.71 18.47 37.86
C GLN E 510 41.66 19.64 36.88
N TYR E 511 42.16 19.45 35.67
CA TYR E 511 42.15 20.50 34.66
C TYR E 511 40.72 20.71 34.17
N SER E 512 40.21 21.91 34.35
CA SER E 512 38.88 22.27 33.86
C SER E 512 39.00 23.32 32.77
N THR E 513 37.92 23.46 32.00
CA THR E 513 37.80 24.49 30.99
C THR E 513 36.36 25.00 31.00
N LYS E 514 36.14 26.09 30.25
CA LYS E 514 34.78 26.55 30.04
C LYS E 514 34.05 25.70 29.02
N GLN E 515 34.78 25.02 28.15
CA GLN E 515 34.18 24.05 27.25
C GLN E 515 33.66 22.84 28.02
N GLN E 516 34.56 22.17 28.73
CA GLN E 516 34.25 20.93 29.43
C GLN E 516 34.77 21.04 30.85
N PRO E 517 34.04 20.51 31.83
CA PRO E 517 34.52 20.56 33.22
C PRO E 517 35.66 19.60 33.44
N SER E 518 36.26 19.69 34.61
CA SER E 518 37.34 18.78 34.96
C SER E 518 36.80 17.37 35.13
N HIS E 519 37.68 16.40 34.90
CA HIS E 519 37.31 15.01 35.13
C HIS E 519 37.09 14.73 36.60
N PHE E 520 37.78 15.45 37.48
CA PHE E 520 37.59 15.29 38.90
C PHE E 520 36.21 15.74 39.34
N THR E 521 35.80 16.95 38.94
CA THR E 521 34.48 17.43 39.31
C THR E 521 33.38 16.75 38.53
N MET E 522 33.68 16.20 37.34
CA MET E 522 32.72 15.37 36.65
C MET E 522 32.49 14.06 37.39
N LEU E 523 33.57 13.46 37.89
CA LEU E 523 33.48 12.19 38.58
C LEU E 523 32.86 12.32 39.96
N PHE E 524 33.14 13.39 40.67
CA PHE E 524 32.70 13.51 42.06
C PHE E 524 31.59 14.52 42.29
N ASN E 525 31.62 15.68 41.64
CA ASN E 525 30.76 16.77 42.08
C ASN E 525 29.84 17.30 41.00
N THR E 526 29.57 16.55 39.95
CA THR E 526 28.65 17.10 38.96
C THR E 526 27.20 16.95 39.46
N PRO E 527 26.72 15.77 39.94
CA PRO E 527 25.51 15.80 40.75
C PRO E 527 25.86 16.06 42.20
N LEU E 528 25.98 17.34 42.60
CA LEU E 528 26.37 17.74 43.95
C LEU E 528 25.50 17.09 45.01
N LEU E 529 26.16 16.38 45.93
CA LEU E 529 25.45 15.41 46.78
C LEU E 529 24.63 16.11 47.85
N ASN E 530 25.28 16.85 48.73
CA ASN E 530 24.59 17.61 49.76
C ASN E 530 24.80 19.11 49.57
N GLY E 531 24.80 19.55 48.33
CA GLY E 531 25.05 20.95 48.01
C GLY E 531 26.52 21.31 48.03
N GLN E 532 27.18 21.12 49.17
CA GLN E 532 28.60 21.36 49.27
C GLN E 532 29.37 20.35 48.43
N GLU E 533 30.51 20.78 47.91
CA GLU E 533 31.29 19.98 46.98
C GLU E 533 32.29 19.13 47.74
N PHE E 534 32.87 18.19 47.01
CA PHE E 534 33.93 17.34 47.53
C PHE E 534 35.28 17.99 47.26
N SER E 535 36.11 18.04 48.28
CA SER E 535 37.42 18.66 48.18
C SER E 535 38.46 17.65 48.64
N ALA E 536 39.48 17.44 47.82
CA ALA E 536 40.50 16.42 48.09
C ALA E 536 41.41 16.91 49.21
N ASP E 537 40.91 16.83 50.43
CA ASP E 537 41.69 17.18 51.60
C ASP E 537 42.36 15.94 52.15
N ASN E 538 43.47 16.15 52.84
CA ASN E 538 44.16 15.04 53.49
C ASN E 538 43.51 14.79 54.84
N THR E 539 42.31 14.23 54.78
CA THR E 539 41.52 13.88 55.96
C THR E 539 41.46 12.37 56.06
N LYS E 540 41.89 11.85 57.21
CA LYS E 540 41.94 10.41 57.41
C LYS E 540 40.55 9.83 57.53
N LEU E 541 40.34 8.67 56.93
CA LEU E 541 39.06 8.00 57.00
C LEU E 541 39.28 6.50 56.90
N ASP E 542 38.93 5.78 57.95
CA ASP E 542 39.14 4.34 58.00
C ASP E 542 38.02 3.67 57.20
N LEU E 543 38.40 2.95 56.16
CA LEU E 543 37.43 2.42 55.21
C LEU E 543 36.82 1.09 55.64
N THR E 544 37.05 0.66 56.89
CA THR E 544 36.28 -0.45 57.42
C THR E 544 34.81 -0.04 57.51
N PRO E 545 33.89 -0.94 57.19
CA PRO E 545 32.49 -0.50 56.93
C PRO E 545 31.68 -0.06 58.13
N GLY E 546 32.28 0.06 59.31
CA GLY E 546 31.50 0.48 60.45
C GLY E 546 32.10 1.64 61.24
N GLU E 547 33.35 1.97 60.97
CA GLU E 547 34.09 2.92 61.79
C GLU E 547 34.46 4.19 61.03
N SER E 548 33.59 4.68 60.16
CA SER E 548 33.88 5.90 59.43
C SER E 548 33.32 7.13 60.12
N LYS E 549 31.99 7.20 60.25
CA LYS E 549 31.23 8.32 60.82
C LYS E 549 31.48 9.66 60.14
N ASN E 550 32.08 9.66 58.96
CA ASN E 550 32.27 10.85 58.15
C ASN E 550 31.57 10.55 56.84
N HIS E 551 30.26 10.75 56.84
CA HIS E 551 29.41 10.18 55.81
C HIS E 551 29.47 10.95 54.51
N PHE E 552 29.97 12.19 54.55
CA PHE E 552 30.06 13.02 53.37
C PHE E 552 31.03 12.43 52.36
N TYR E 553 32.29 12.25 52.76
CA TYR E 553 33.30 11.69 51.86
C TYR E 553 33.00 10.23 51.53
N LEU E 554 32.38 9.52 52.46
CA LEU E 554 32.05 8.11 52.23
C LEU E 554 30.98 7.97 51.15
N GLY E 555 29.90 8.74 51.26
CA GLY E 555 28.88 8.71 50.23
C GLY E 555 29.35 9.26 48.90
N ILE E 556 30.24 10.26 48.93
CA ILE E 556 30.78 10.81 47.71
C ILE E 556 31.64 9.78 46.99
N MET E 557 32.49 9.06 47.73
CA MET E 557 33.32 8.02 47.12
C MET E 557 32.47 6.86 46.63
N LYS E 558 31.45 6.48 47.40
CA LYS E 558 30.62 5.36 46.98
C LYS E 558 29.79 5.70 45.75
N ARG E 559 29.33 6.95 45.63
CA ARG E 559 28.60 7.32 44.44
C ARG E 559 29.52 7.52 43.25
N ALA E 560 30.74 8.02 43.49
CA ALA E 560 31.65 8.28 42.39
C ALA E 560 32.26 7.00 41.85
N PHE E 561 32.36 5.98 42.69
CA PHE E 561 32.91 4.71 42.26
C PHE E 561 31.85 3.65 42.03
N ARG E 562 30.58 3.98 42.30
CA ARG E 562 29.41 3.13 42.06
C ARG E 562 29.57 1.78 42.76
N VAL E 563 29.63 1.86 44.09
CA VAL E 563 30.19 0.78 44.88
C VAL E 563 29.54 0.79 46.26
N ASN E 564 29.65 -0.33 46.97
CA ASN E 564 29.11 -0.44 48.32
C ASN E 564 30.21 -0.11 49.33
N ASP E 565 29.85 -0.14 50.61
CA ASP E 565 30.84 0.07 51.67
C ASP E 565 31.83 -1.09 51.72
N THR E 566 31.29 -2.32 51.72
CA THR E 566 32.12 -3.52 51.74
C THR E 566 32.94 -3.64 50.47
N GLU E 567 32.33 -3.36 49.33
CA GLU E 567 33.05 -3.44 48.08
C GLU E 567 34.12 -2.37 47.97
N LEU E 568 33.88 -1.20 48.55
CA LEU E 568 34.90 -0.16 48.64
C LEU E 568 36.04 -0.59 49.55
N TYR E 569 35.71 -1.25 50.66
CA TYR E 569 36.74 -1.71 51.58
C TYR E 569 37.61 -2.79 50.96
N THR E 570 37.00 -3.73 50.23
CA THR E 570 37.81 -4.74 49.57
C THR E 570 38.52 -4.19 48.35
N LEU E 571 38.01 -3.10 47.76
CA LEU E 571 38.74 -2.40 46.72
C LEU E 571 40.00 -1.75 47.27
N TRP E 572 39.91 -1.14 48.44
CA TRP E 572 41.08 -0.58 49.09
C TRP E 572 42.02 -1.66 49.58
N LYS E 573 41.48 -2.83 49.96
CA LYS E 573 42.32 -3.93 50.39
C LYS E 573 43.08 -4.55 49.23
N LEU E 574 42.48 -4.59 48.05
CA LEU E 574 43.21 -5.06 46.87
C LEU E 574 44.32 -4.10 46.49
N ALA E 575 44.14 -2.82 46.75
CA ALA E 575 45.12 -1.81 46.40
C ALA E 575 46.37 -1.87 47.26
N ASN E 576 46.29 -2.46 48.45
CA ASN E 576 47.44 -2.53 49.35
C ASN E 576 47.81 -3.98 49.67
N GLY E 577 47.36 -4.93 48.86
CA GLY E 577 47.70 -6.32 49.08
C GLY E 577 47.04 -6.92 50.30
N GLY E 578 45.72 -6.83 50.38
CA GLY E 578 44.98 -7.45 51.46
C GLY E 578 45.04 -6.72 52.78
N THR E 579 45.59 -5.51 52.82
CA THR E 579 45.71 -4.74 54.05
C THR E 579 45.07 -3.37 53.86
N ASN E 580 44.76 -2.72 54.97
CA ASN E 580 44.24 -1.36 54.97
C ASN E 580 45.12 -0.52 55.89
N PRO E 581 46.23 0.02 55.38
CA PRO E 581 47.12 0.81 56.25
C PRO E 581 46.49 2.10 56.76
N GLU E 582 46.14 3.01 55.86
CA GLU E 582 45.54 4.29 56.20
C GLU E 582 45.03 4.97 54.93
N PHE E 583 43.82 5.50 54.96
CA PHE E 583 43.27 6.21 53.81
C PHE E 583 43.23 7.69 54.14
N MET E 584 43.98 8.48 53.37
CA MET E 584 44.15 9.90 53.62
C MET E 584 43.14 10.76 52.87
N CYS E 585 42.34 10.15 51.98
CA CYS E 585 41.38 10.84 51.09
C CYS E 585 42.07 11.88 50.22
N SER E 586 43.32 11.64 49.86
CA SER E 586 44.03 12.52 48.96
C SER E 586 43.76 12.11 47.51
N ILE E 587 44.21 12.96 46.59
CA ILE E 587 44.05 12.65 45.16
C ILE E 587 44.94 11.47 44.78
N GLU E 588 46.08 11.32 45.44
CA GLU E 588 46.96 10.19 45.18
C GLU E 588 46.44 8.89 45.76
N ASN E 589 45.39 8.93 46.58
CA ASN E 589 44.70 7.72 47.01
C ASN E 589 43.44 7.48 46.21
N LEU E 590 42.74 8.55 45.82
CA LEU E 590 41.57 8.42 44.96
C LEU E 590 41.95 7.87 43.60
N SER E 591 43.05 8.34 43.03
CA SER E 591 43.72 7.56 42.01
C SER E 591 44.45 6.42 42.71
N LEU E 592 44.38 5.23 42.10
CA LEU E 592 44.72 3.88 42.55
C LEU E 592 43.66 3.31 43.50
N LEU E 593 42.72 4.11 43.99
CA LEU E 593 41.45 3.52 44.37
C LEU E 593 40.54 3.39 43.17
N TYR E 594 40.64 4.32 42.24
CA TYR E 594 39.86 4.29 41.02
C TYR E 594 40.47 3.35 39.98
N ARG E 595 41.78 3.11 40.06
CA ARG E 595 42.44 2.21 39.12
C ARG E 595 41.91 0.80 39.24
N VAL E 596 41.68 0.33 40.47
CA VAL E 596 41.23 -1.04 40.68
C VAL E 596 39.78 -1.18 40.24
N ARG E 597 38.98 -0.13 40.45
CA ARG E 597 37.59 -0.13 39.99
C ARG E 597 37.52 -0.14 38.47
N LEU E 598 38.39 0.62 37.82
CA LEU E 598 38.46 0.59 36.36
C LEU E 598 38.94 -0.77 35.87
N LEU E 599 39.88 -1.38 36.59
CA LEU E 599 40.37 -2.71 36.23
C LEU E 599 39.27 -3.76 36.31
N ALA E 600 38.39 -3.63 37.29
CA ALA E 600 37.22 -4.50 37.33
C ALA E 600 36.29 -4.20 36.17
N ASP E 601 36.03 -2.92 35.91
CA ASP E 601 34.91 -2.57 35.04
C ASP E 601 35.23 -2.76 33.57
N ILE E 602 36.45 -2.48 33.14
CA ILE E 602 36.76 -2.57 31.71
C ILE E 602 36.86 -4.02 31.23
N HIS E 603 37.05 -4.96 32.14
CA HIS E 603 37.01 -6.38 31.79
C HIS E 603 35.67 -6.99 32.14
N HIS E 604 34.68 -6.15 32.43
CA HIS E 604 33.30 -6.55 32.72
C HIS E 604 33.21 -7.49 33.92
N LEU E 605 33.99 -7.18 34.94
CA LEU E 605 34.01 -7.96 36.17
C LEU E 605 33.53 -7.11 37.34
N THR E 606 32.82 -7.74 38.25
CA THR E 606 32.52 -7.08 39.51
C THR E 606 33.75 -7.10 40.39
N VAL E 607 33.72 -6.33 41.48
CA VAL E 607 34.89 -6.23 42.34
C VAL E 607 35.10 -7.51 43.14
N ASN E 608 34.02 -8.22 43.46
CA ASN E 608 34.16 -9.52 44.10
C ASN E 608 34.79 -10.53 43.15
N GLU E 609 34.40 -10.47 41.87
CA GLU E 609 35.01 -11.35 40.88
C GLU E 609 36.46 -10.99 40.65
N LEU E 610 36.79 -9.70 40.73
CA LEU E 610 38.17 -9.28 40.61
C LEU E 610 39.00 -9.78 41.78
N SER E 611 38.41 -9.77 42.98
CA SER E 611 39.11 -10.28 44.15
C SER E 611 39.32 -11.79 44.05
N MET E 612 38.33 -12.51 43.52
CA MET E 612 38.48 -13.94 43.26
C MET E 612 39.58 -14.20 42.25
N LEU E 613 39.56 -13.49 41.12
CA LEU E 613 40.50 -13.73 40.05
C LEU E 613 41.92 -13.34 40.45
N LEU E 614 42.06 -12.31 41.29
CA LEU E 614 43.39 -12.02 41.82
C LEU E 614 43.79 -13.00 42.91
N SER E 615 42.83 -13.59 43.63
CA SER E 615 43.15 -14.60 44.61
C SER E 615 43.65 -15.88 43.97
N VAL E 616 43.24 -16.16 42.74
CA VAL E 616 43.75 -17.33 42.03
C VAL E 616 44.84 -16.96 41.04
N SER E 617 45.31 -15.73 41.07
CA SER E 617 46.33 -15.24 40.13
C SER E 617 47.72 -15.48 40.73
N PRO E 618 48.78 -15.11 40.00
CA PRO E 618 50.06 -14.89 40.68
C PRO E 618 50.21 -13.49 41.25
N TYR E 619 49.10 -12.77 41.38
CA TYR E 619 49.10 -11.43 41.95
C TYR E 619 48.23 -11.38 43.19
N VAL E 620 48.41 -12.34 44.10
CA VAL E 620 47.47 -12.49 45.21
C VAL E 620 47.60 -11.35 46.21
N ASN E 621 48.76 -11.23 46.84
CA ASN E 621 48.97 -10.21 47.85
C ASN E 621 49.99 -9.18 47.41
N THR E 622 50.03 -8.90 46.12
CA THR E 622 50.99 -7.93 45.61
C THR E 622 50.51 -6.51 45.90
N LYS E 623 51.43 -5.57 45.84
CA LYS E 623 51.17 -4.18 46.16
C LYS E 623 50.88 -3.43 44.87
N ILE E 624 49.60 -3.12 44.63
CA ILE E 624 49.26 -2.35 43.44
C ILE E 624 49.65 -0.89 43.62
N ALA E 625 49.71 -0.41 44.87
CA ALA E 625 50.13 0.96 45.13
C ALA E 625 51.60 1.17 44.82
N LEU E 626 52.40 0.11 44.87
CA LEU E 626 53.84 0.20 44.66
C LEU E 626 54.26 -0.35 43.31
N PHE E 627 53.36 -0.39 42.34
CA PHE E 627 53.71 -0.91 41.04
C PHE E 627 54.47 0.12 40.22
N SER E 628 55.28 -0.38 39.30
CA SER E 628 55.84 0.44 38.25
C SER E 628 54.85 0.45 37.09
N ASP E 629 55.11 1.28 36.08
CA ASP E 629 54.21 1.35 34.94
C ASP E 629 54.26 0.08 34.11
N THR E 630 55.43 -0.57 34.04
CA THR E 630 55.55 -1.84 33.36
C THR E 630 54.81 -2.94 34.09
N ALA E 631 54.89 -2.98 35.42
CA ALA E 631 54.12 -3.93 36.20
C ALA E 631 52.63 -3.68 36.07
N LEU E 632 52.24 -2.40 35.97
CA LEU E 632 50.85 -2.04 35.80
C LEU E 632 50.30 -2.53 34.47
N THR E 633 51.00 -2.24 33.37
CA THR E 633 50.51 -2.71 32.08
C THR E 633 50.64 -4.22 31.92
N GLN E 634 51.57 -4.84 32.64
CA GLN E 634 51.61 -6.30 32.67
C GLN E 634 50.39 -6.87 33.36
N LEU E 635 49.97 -6.26 34.47
CA LEU E 635 48.76 -6.69 35.17
C LEU E 635 47.53 -6.48 34.32
N ILE E 636 47.46 -5.35 33.62
CA ILE E 636 46.31 -5.06 32.75
C ILE E 636 46.23 -6.08 31.61
N SER E 637 47.38 -6.37 30.98
CA SER E 637 47.39 -7.33 29.89
C SER E 637 47.07 -8.73 30.37
N PHE E 638 47.52 -9.07 31.58
CA PHE E 638 47.23 -10.38 32.17
C PHE E 638 45.74 -10.53 32.44
N LEU E 639 45.13 -9.50 33.04
CA LEU E 639 43.70 -9.57 33.33
C LEU E 639 42.88 -9.61 32.04
N PHE E 640 43.32 -8.88 31.02
CA PHE E 640 42.59 -8.88 29.76
C PHE E 640 42.66 -10.23 29.07
N GLN E 641 43.85 -10.81 28.97
CA GLN E 641 43.95 -12.09 28.27
C GLN E 641 43.36 -13.22 29.09
N CYS E 642 43.34 -13.09 30.42
CA CYS E 642 42.68 -14.09 31.24
C CYS E 642 41.18 -14.03 31.08
N THR E 643 40.63 -12.81 30.99
CA THR E 643 39.20 -12.66 30.75
C THR E 643 38.83 -13.16 29.35
N GLN E 644 39.70 -12.93 28.37
CA GLN E 644 39.46 -13.43 27.01
C GLN E 644 39.48 -14.94 26.96
N TRP E 645 40.46 -15.58 27.62
CA TRP E 645 40.50 -17.04 27.66
C TRP E 645 39.32 -17.60 28.44
N LEU E 646 38.90 -16.89 29.48
CA LEU E 646 37.75 -17.31 30.27
C LEU E 646 36.47 -17.31 29.45
N THR E 647 36.21 -16.20 28.75
CA THR E 647 34.99 -16.13 27.94
C THR E 647 35.11 -16.95 26.66
N THR E 648 36.32 -17.31 26.24
CA THR E 648 36.46 -18.25 25.14
C THR E 648 36.11 -19.67 25.60
N GLN E 649 36.54 -20.01 26.81
CA GLN E 649 36.26 -21.33 27.37
C GLN E 649 34.88 -21.43 27.98
N LYS E 650 34.12 -20.33 28.00
CA LYS E 650 32.74 -20.29 28.48
C LYS E 650 32.63 -20.68 29.95
N TRP E 651 33.62 -20.27 30.73
CA TRP E 651 33.62 -20.50 32.16
C TRP E 651 33.29 -19.20 32.88
N SER E 652 33.11 -19.30 34.18
CA SER E 652 32.97 -18.11 35.00
C SER E 652 34.16 -17.98 35.93
N VAL E 653 34.24 -16.81 36.58
CA VAL E 653 35.26 -16.57 37.60
C VAL E 653 35.04 -17.50 38.77
N SER E 654 33.79 -17.82 39.09
CA SER E 654 33.51 -18.83 40.09
C SER E 654 33.99 -20.21 39.67
N ASP E 655 33.91 -20.52 38.37
CA ASP E 655 34.36 -21.83 37.90
C ASP E 655 35.87 -21.96 37.98
N VAL E 656 36.59 -20.91 37.57
CA VAL E 656 38.04 -20.95 37.67
C VAL E 656 38.47 -20.88 39.14
N PHE E 657 37.68 -20.20 39.99
CA PHE E 657 38.00 -20.16 41.41
C PHE E 657 37.80 -21.52 42.05
N LEU E 658 36.80 -22.28 41.59
CA LEU E 658 36.62 -23.64 42.04
C LEU E 658 37.77 -24.53 41.59
N MET E 659 38.21 -24.37 40.34
CA MET E 659 39.27 -25.23 39.85
C MET E 659 40.66 -24.83 40.33
N THR E 660 40.81 -23.63 40.89
CA THR E 660 42.17 -23.14 41.16
C THR E 660 42.33 -22.52 42.54
N THR E 661 41.33 -22.63 43.40
CA THR E 661 41.40 -21.97 44.69
C THR E 661 42.37 -22.70 45.63
N ASP E 662 42.61 -22.06 46.77
CA ASP E 662 43.40 -22.65 47.84
C ASP E 662 42.77 -22.43 49.20
N ASN E 663 41.62 -21.76 49.26
CA ASN E 663 40.90 -21.50 50.51
C ASN E 663 39.74 -22.44 50.71
N TYR E 664 39.89 -23.71 50.35
CA TYR E 664 38.81 -24.67 50.38
C TYR E 664 38.43 -25.04 51.82
N SER E 665 37.35 -25.80 51.95
CA SER E 665 36.80 -26.17 53.23
C SER E 665 37.64 -27.25 53.91
N THR E 666 37.34 -27.48 55.18
CA THR E 666 37.95 -28.55 55.96
C THR E 666 36.92 -29.52 56.52
N VAL E 667 35.69 -29.44 56.03
CA VAL E 667 34.62 -30.26 56.55
C VAL E 667 34.64 -31.62 55.88
N LEU E 668 34.11 -32.64 56.56
CA LEU E 668 34.18 -34.02 56.11
C LEU E 668 32.97 -34.32 55.23
N THR E 669 33.14 -34.15 53.93
CA THR E 669 32.12 -34.34 52.92
C THR E 669 31.75 -35.82 52.82
N PRO E 670 30.48 -36.13 52.53
CA PRO E 670 30.11 -37.53 52.27
C PRO E 670 30.82 -38.16 51.09
N ASP E 671 31.19 -37.39 50.07
CA ASP E 671 32.01 -37.91 48.99
C ASP E 671 33.39 -38.31 49.49
N ILE E 672 33.94 -37.50 50.40
CA ILE E 672 35.24 -37.82 50.99
C ILE E 672 35.12 -39.05 51.88
N GLU E 673 33.99 -39.20 52.57
CA GLU E 673 33.77 -40.41 53.38
C GLU E 673 33.67 -41.65 52.51
N ASN E 674 33.01 -41.53 51.35
CA ASN E 674 32.91 -42.66 50.43
C ASN E 674 34.27 -42.99 49.84
N LEU E 675 35.08 -41.97 49.56
CA LEU E 675 36.45 -42.21 49.10
C LEU E 675 37.27 -42.92 50.17
N ILE E 676 37.08 -42.53 51.43
CA ILE E 676 37.81 -43.15 52.54
C ILE E 676 37.43 -44.62 52.67
N THR E 677 36.13 -44.91 52.70
CA THR E 677 35.73 -46.29 52.90
C THR E 677 35.99 -47.17 51.69
N THR E 678 35.95 -46.59 50.47
CA THR E 678 36.29 -47.37 49.29
C THR E 678 37.78 -47.67 49.26
N LEU E 679 38.61 -46.65 49.42
CA LEU E 679 40.06 -46.83 49.40
C LEU E 679 40.58 -47.59 50.60
N SER E 680 39.78 -47.73 51.66
CA SER E 680 40.18 -48.59 52.76
C SER E 680 39.78 -50.04 52.52
N ASN E 681 38.50 -50.28 52.22
CA ASN E 681 38.01 -51.64 52.13
C ASN E 681 38.42 -52.34 50.85
N GLY E 682 38.35 -51.67 49.70
CA GLY E 682 38.60 -52.34 48.45
C GLY E 682 40.07 -52.62 48.21
N LEU E 683 40.92 -51.83 48.86
CA LEU E 683 42.36 -52.04 48.72
C LEU E 683 42.80 -53.23 49.54
N SER E 684 43.71 -54.02 48.97
CA SER E 684 44.33 -55.15 49.66
C SER E 684 45.46 -54.66 50.57
N THR E 685 46.36 -55.58 50.93
CA THR E 685 47.51 -55.32 51.78
C THR E 685 48.36 -54.15 51.26
N LEU E 686 49.05 -53.50 52.19
CA LEU E 686 49.70 -52.22 51.93
C LEU E 686 50.87 -52.38 50.98
N SER E 687 50.80 -51.68 49.85
CA SER E 687 51.67 -51.90 48.71
C SER E 687 52.83 -50.90 48.68
N LEU E 688 53.58 -50.93 47.59
CA LEU E 688 54.87 -50.26 47.48
C LEU E 688 54.77 -49.01 46.61
N GLY E 689 54.51 -47.87 47.25
CA GLY E 689 54.76 -46.55 46.71
C GLY E 689 54.02 -46.24 45.41
N ASP E 690 54.56 -45.28 44.67
CA ASP E 690 54.00 -44.92 43.37
C ASP E 690 54.17 -46.01 42.32
N ASP E 691 55.07 -46.95 42.56
CA ASP E 691 55.30 -48.03 41.61
C ASP E 691 54.15 -49.02 41.59
N GLU E 692 53.64 -49.40 42.76
CA GLU E 692 52.66 -50.46 42.81
C GLU E 692 51.38 -50.05 43.52
N LEU E 693 51.49 -49.26 44.59
CA LEU E 693 50.32 -48.80 45.31
C LEU E 693 49.47 -47.87 44.46
N ILE E 694 50.11 -47.05 43.63
CA ILE E 694 49.37 -46.16 42.74
C ILE E 694 48.62 -46.95 41.67
N ARG E 695 49.27 -47.96 41.09
CA ARG E 695 48.60 -48.80 40.11
C ARG E 695 47.53 -49.67 40.74
N ALA E 696 47.63 -49.94 42.03
CA ALA E 696 46.56 -50.65 42.71
C ALA E 696 45.39 -49.74 43.01
N ALA E 697 45.65 -48.51 43.46
CA ALA E 697 44.60 -47.63 43.96
C ALA E 697 44.00 -46.72 42.90
N ALA E 698 44.58 -46.67 41.70
CA ALA E 698 44.01 -45.86 40.64
C ALA E 698 42.62 -46.30 40.16
N PRO E 699 42.28 -47.59 40.03
CA PRO E 699 40.88 -47.90 39.72
C PRO E 699 39.91 -47.54 40.83
N LEU E 700 40.33 -47.65 42.09
CA LEU E 700 39.43 -47.28 43.18
C LEU E 700 39.26 -45.78 43.27
N ILE E 701 40.30 -45.01 42.99
CA ILE E 701 40.16 -43.56 42.98
C ILE E 701 39.34 -43.09 41.78
N ALA E 702 39.56 -43.69 40.60
CA ALA E 702 38.71 -43.37 39.46
C ALA E 702 37.27 -43.83 39.67
N ALA E 703 37.06 -44.84 40.52
CA ALA E 703 35.72 -45.19 40.93
C ALA E 703 35.12 -44.13 41.84
N SER E 704 35.92 -43.60 42.76
CA SER E 704 35.36 -42.71 43.77
C SER E 704 35.12 -41.32 43.20
N ILE E 705 36.16 -40.63 42.80
CA ILE E 705 35.95 -39.36 42.10
C ILE E 705 35.78 -39.70 40.63
N GLN E 706 34.79 -39.06 40.01
CA GLN E 706 34.19 -39.60 38.80
C GLN E 706 35.11 -39.33 37.61
N MET E 707 36.13 -40.15 37.47
CA MET E 707 36.98 -40.12 36.29
C MET E 707 36.69 -41.38 35.49
N ASP E 708 37.09 -41.36 34.23
CA ASP E 708 36.73 -42.45 33.34
C ASP E 708 37.84 -43.48 33.16
N SER E 709 39.10 -43.09 33.30
CA SER E 709 40.19 -44.01 33.01
C SER E 709 41.10 -44.15 34.21
N ALA E 710 41.46 -45.40 34.51
CA ALA E 710 42.46 -45.68 35.53
C ALA E 710 43.81 -45.10 35.16
N LYS E 711 44.12 -44.96 33.87
CA LYS E 711 45.37 -44.31 33.49
C LYS E 711 45.33 -42.81 33.78
N THR E 712 44.19 -42.16 33.58
CA THR E 712 44.03 -40.76 33.98
C THR E 712 44.13 -40.61 35.48
N ALA E 713 43.53 -41.54 36.22
CA ALA E 713 43.63 -41.49 37.68
C ALA E 713 45.06 -41.72 38.15
N GLU E 714 45.80 -42.59 37.45
CA GLU E 714 47.18 -42.85 37.80
C GLU E 714 48.07 -41.64 37.55
N THR E 715 47.90 -40.99 36.41
CA THR E 715 48.75 -39.83 36.16
C THR E 715 48.31 -38.62 36.99
N ILE E 716 47.05 -38.57 37.42
CA ILE E 716 46.64 -37.54 38.36
C ILE E 716 47.24 -37.82 39.74
N LEU E 717 47.39 -39.10 40.08
CA LEU E 717 48.07 -39.44 41.32
C LEU E 717 49.55 -39.07 41.28
N LEU E 718 50.19 -39.23 40.13
CA LEU E 718 51.56 -38.76 39.98
C LEU E 718 51.63 -37.24 40.07
N TRP E 719 50.64 -36.56 39.48
CA TRP E 719 50.53 -35.11 39.54
C TRP E 719 50.43 -34.62 40.98
N ILE E 720 49.63 -35.29 41.80
CA ILE E 720 49.45 -34.85 43.16
C ILE E 720 50.59 -35.34 44.04
N ASN E 721 51.32 -36.38 43.62
CA ASN E 721 52.46 -36.80 44.40
C ASN E 721 53.65 -35.89 44.17
N GLN E 722 53.73 -35.27 43.00
CA GLN E 722 54.77 -34.28 42.81
C GLN E 722 54.36 -32.89 43.25
N ILE E 723 53.21 -32.74 43.90
CA ILE E 723 52.73 -31.42 44.30
C ILE E 723 52.61 -31.36 45.81
N LYS E 724 52.11 -32.44 46.42
CA LYS E 724 51.98 -32.64 47.86
C LYS E 724 51.21 -31.53 48.57
N PRO E 725 49.88 -31.51 48.47
CA PRO E 725 49.10 -30.49 49.20
C PRO E 725 49.12 -30.74 50.69
N GLN E 726 49.56 -29.72 51.44
CA GLN E 726 49.71 -29.73 52.90
C GLN E 726 50.61 -30.87 53.36
N GLY E 727 51.67 -31.12 52.60
CA GLY E 727 52.64 -32.14 52.93
C GLY E 727 52.25 -33.56 52.61
N LEU E 728 50.98 -33.83 52.34
CA LEU E 728 50.54 -35.19 52.09
C LEU E 728 50.92 -35.64 50.69
N THR E 729 51.62 -36.76 50.61
CA THR E 729 51.77 -37.48 49.35
C THR E 729 50.57 -38.40 49.19
N PHE E 730 50.62 -39.30 48.21
CA PHE E 730 49.56 -40.31 48.16
C PHE E 730 49.71 -41.33 49.28
N ASP E 731 50.94 -41.73 49.55
CA ASP E 731 51.24 -42.35 50.84
C ASP E 731 51.12 -41.28 51.92
N ASP E 732 50.80 -41.73 53.14
CA ASP E 732 50.43 -40.96 54.34
C ASP E 732 49.06 -40.31 54.21
N PHE E 733 48.40 -40.39 53.06
CA PHE E 733 46.96 -40.19 52.98
C PHE E 733 46.23 -41.50 53.23
N MET E 734 46.82 -42.61 52.78
CA MET E 734 46.27 -43.93 53.09
C MET E 734 46.42 -44.25 54.57
N ILE E 735 47.45 -43.71 55.20
CA ILE E 735 47.68 -44.00 56.61
C ILE E 735 46.83 -43.09 57.49
N ILE E 736 46.54 -41.88 57.04
CA ILE E 736 45.54 -41.06 57.72
C ILE E 736 44.15 -41.64 57.51
N ALA E 737 43.91 -42.20 56.32
CA ALA E 737 42.74 -43.03 56.13
C ALA E 737 42.92 -44.38 56.82
N ALA E 738 41.86 -45.19 56.78
CA ALA E 738 41.80 -46.56 57.31
C ALA E 738 42.14 -46.63 58.80
N ASN E 739 41.87 -45.56 59.55
CA ASN E 739 42.10 -45.54 60.98
C ASN E 739 40.80 -45.38 61.76
N ARG E 740 39.95 -44.46 61.32
CA ARG E 740 38.72 -43.99 61.98
C ARG E 740 38.99 -43.38 63.35
N ASP E 741 40.25 -43.05 63.66
CA ASP E 741 40.67 -42.38 64.89
C ASP E 741 41.81 -41.47 64.44
N ARG E 742 41.47 -40.21 64.18
CA ARG E 742 42.43 -39.27 63.63
C ARG E 742 42.25 -37.92 64.28
N SER E 743 43.29 -37.10 64.18
CA SER E 743 43.21 -35.75 64.72
C SER E 743 42.39 -34.86 63.78
N GLU E 744 42.02 -33.69 64.28
CA GLU E 744 41.33 -32.73 63.43
C GLU E 744 42.25 -32.21 62.34
N ASN E 745 43.55 -32.08 62.63
CA ASN E 745 44.51 -31.76 61.59
C ASN E 745 44.63 -32.91 60.59
N GLU E 746 44.51 -34.15 61.05
CA GLU E 746 44.61 -35.29 60.14
C GLU E 746 43.43 -35.34 59.18
N THR E 747 42.21 -35.16 59.70
CA THR E 747 41.07 -35.16 58.80
C THR E 747 41.02 -33.89 57.96
N SER E 748 41.58 -32.78 58.43
CA SER E 748 41.66 -31.59 57.61
C SER E 748 42.64 -31.78 56.46
N ASN E 749 43.76 -32.45 56.73
CA ASN E 749 44.72 -32.74 55.67
C ASN E 749 44.16 -33.73 54.67
N MET E 750 43.39 -34.73 55.12
CA MET E 750 42.80 -35.68 54.18
C MET E 750 41.70 -35.01 53.36
N VAL E 751 41.01 -34.03 53.94
CA VAL E 751 39.97 -33.33 53.20
C VAL E 751 40.59 -32.40 52.17
N ALA E 752 41.71 -31.77 52.52
CA ALA E 752 42.44 -30.95 51.56
C ALA E 752 43.00 -31.80 50.43
N PHE E 753 43.44 -33.01 50.75
CA PHE E 753 43.92 -33.92 49.72
C PHE E 753 42.81 -34.33 48.77
N CYS E 754 41.63 -34.66 49.30
CA CYS E 754 40.51 -35.04 48.45
C CYS E 754 39.98 -33.87 47.63
N GLN E 755 40.04 -32.66 48.18
CA GLN E 755 39.61 -31.50 47.42
C GLN E 755 40.59 -31.12 46.32
N VAL E 756 41.89 -31.31 46.54
CA VAL E 756 42.85 -31.11 45.46
C VAL E 756 42.66 -32.18 44.38
N LEU E 757 42.31 -33.40 44.78
CA LEU E 757 41.98 -34.44 43.81
C LEU E 757 40.74 -34.09 42.99
N GLY E 758 39.72 -33.54 43.63
CA GLY E 758 38.54 -33.12 42.89
C GLY E 758 38.82 -31.95 41.96
N GLN E 759 39.66 -31.01 42.40
CA GLN E 759 40.10 -29.92 41.53
C GLN E 759 40.86 -30.43 40.33
N LEU E 760 41.67 -31.47 40.51
CA LEU E 760 42.40 -32.04 39.38
C LEU E 760 41.47 -32.78 38.44
N SER E 761 40.44 -33.43 38.99
CA SER E 761 39.44 -34.08 38.14
C SER E 761 38.69 -33.07 37.29
N LEU E 762 38.34 -31.93 37.89
CA LEU E 762 37.67 -30.87 37.13
C LEU E 762 38.62 -30.25 36.10
N ILE E 763 39.88 -30.05 36.49
CA ILE E 763 40.85 -29.43 35.59
C ILE E 763 41.22 -30.35 34.44
N VAL E 764 40.98 -31.64 34.57
CA VAL E 764 41.20 -32.54 33.46
C VAL E 764 39.95 -32.66 32.59
N ARG E 765 38.80 -32.97 33.19
CA ARG E 765 37.63 -33.22 32.36
C ARG E 765 37.01 -31.95 31.80
N ASN E 766 37.39 -30.78 32.31
CA ASN E 766 36.90 -29.54 31.71
C ASN E 766 37.66 -29.16 30.47
N ILE E 767 38.99 -29.32 30.48
CA ILE E 767 39.77 -28.93 29.32
C ILE E 767 39.83 -30.06 28.29
N GLY E 768 39.66 -31.31 28.71
CA GLY E 768 39.61 -32.40 27.76
C GLY E 768 41.00 -32.92 27.56
N LEU E 769 41.31 -34.05 28.18
CA LEU E 769 42.66 -34.62 28.12
C LEU E 769 42.50 -36.13 28.21
N SER E 770 42.87 -36.83 27.15
CA SER E 770 42.80 -38.29 27.15
C SER E 770 44.12 -38.93 27.56
N GLU E 771 44.88 -38.24 28.42
CA GLU E 771 46.01 -38.70 29.22
C GLU E 771 47.29 -38.93 28.40
N ASN E 772 47.17 -39.07 27.09
CA ASN E 772 48.37 -39.15 26.28
C ASN E 772 49.00 -37.79 26.11
N GLU E 773 48.19 -36.73 26.21
CA GLU E 773 48.73 -35.39 26.37
C GLU E 773 49.04 -35.09 27.81
N LEU E 774 48.22 -35.57 28.74
CA LEU E 774 48.37 -35.25 30.15
C LEU E 774 49.58 -35.93 30.78
N THR E 775 49.71 -37.26 30.63
CA THR E 775 50.80 -37.95 31.31
C THR E 775 52.17 -37.59 30.72
N LEU E 776 52.20 -37.07 29.50
CA LEU E 776 53.43 -36.50 28.97
C LEU E 776 53.86 -35.29 29.79
N LEU E 777 52.93 -34.36 30.04
CA LEU E 777 53.26 -33.18 30.82
C LEU E 777 53.47 -33.49 32.29
N VAL E 778 52.88 -34.58 32.77
CA VAL E 778 53.12 -34.98 34.16
C VAL E 778 54.50 -35.58 34.31
N THR E 779 54.84 -36.57 33.48
CA THR E 779 56.10 -37.27 33.62
C THR E 779 57.28 -36.42 33.17
N LYS E 780 57.20 -35.79 31.99
CA LYS E 780 58.26 -34.93 31.47
C LYS E 780 57.68 -33.53 31.33
N PRO E 781 57.73 -32.72 32.40
CA PRO E 781 57.29 -31.33 32.26
C PRO E 781 58.26 -30.45 31.50
N GLU E 782 59.42 -30.98 31.12
CA GLU E 782 60.31 -30.25 30.21
C GLU E 782 59.67 -30.06 28.84
N LYS E 783 58.90 -31.04 28.38
CA LYS E 783 58.24 -30.92 27.09
C LYS E 783 57.10 -29.91 27.10
N PHE E 784 56.60 -29.53 28.27
CA PHE E 784 55.67 -28.41 28.37
C PHE E 784 56.41 -27.09 28.26
N GLN E 785 57.31 -26.82 29.19
CA GLN E 785 58.27 -25.73 29.09
C GLN E 785 59.60 -26.20 29.65
N SER E 786 60.67 -25.66 29.08
CA SER E 786 62.02 -26.07 29.47
C SER E 786 62.47 -25.48 30.80
N GLU E 787 61.68 -24.58 31.39
CA GLU E 787 62.00 -23.97 32.66
C GLU E 787 61.13 -24.47 33.80
N THR E 788 60.11 -25.29 33.51
CA THR E 788 59.09 -25.58 34.50
C THR E 788 59.59 -26.61 35.53
N THR E 789 59.85 -27.84 35.08
CA THR E 789 60.31 -29.01 35.82
C THR E 789 59.34 -29.50 36.90
N ALA E 790 58.18 -28.85 37.08
CA ALA E 790 57.15 -29.31 38.01
C ALA E 790 55.85 -28.65 37.58
N LEU E 791 54.93 -29.45 37.04
CA LEU E 791 53.71 -28.89 36.48
C LEU E 791 52.81 -28.37 37.58
N GLN E 792 52.54 -27.07 37.54
CA GLN E 792 51.91 -26.37 38.64
C GLN E 792 50.39 -26.37 38.50
N HIS E 793 49.74 -25.99 39.60
CA HIS E 793 48.29 -25.87 39.69
C HIS E 793 47.83 -24.44 39.40
N ASP E 794 48.62 -23.69 38.65
CA ASP E 794 48.34 -22.27 38.55
C ASP E 794 47.50 -21.96 37.31
N LEU E 795 46.95 -20.76 37.31
CA LEU E 795 46.20 -20.21 36.20
C LEU E 795 47.01 -20.08 34.90
N PRO E 796 48.30 -19.66 34.89
CA PRO E 796 49.02 -19.72 33.61
C PRO E 796 49.26 -21.12 33.11
N THR E 797 49.47 -22.09 34.01
CA THR E 797 49.59 -23.47 33.59
C THR E 797 48.28 -23.99 33.02
N LEU E 798 47.16 -23.57 33.60
CA LEU E 798 45.85 -23.93 33.08
C LEU E 798 45.62 -23.33 31.69
N GLN E 799 45.98 -22.06 31.51
CA GLN E 799 45.78 -21.40 30.24
C GLN E 799 46.68 -22.00 29.16
N ALA E 800 47.91 -22.34 29.51
CA ALA E 800 48.80 -22.96 28.54
C ALA E 800 48.37 -24.39 28.24
N LEU E 801 47.78 -25.08 29.23
CA LEU E 801 47.17 -26.39 28.97
C LEU E 801 46.02 -26.27 27.98
N THR E 802 45.23 -25.21 28.11
CA THR E 802 44.13 -24.96 27.19
C THR E 802 44.63 -24.75 25.77
N ARG E 803 45.65 -23.90 25.61
CA ARG E 803 46.16 -23.64 24.27
C ARG E 803 46.88 -24.85 23.69
N PHE E 804 47.50 -25.66 24.54
CA PHE E 804 48.15 -26.90 24.10
C PHE E 804 47.10 -27.88 23.57
N HIS E 805 46.04 -28.07 24.34
CA HIS E 805 44.95 -28.95 23.93
C HIS E 805 44.26 -28.42 22.68
N ALA E 806 44.18 -27.10 22.54
CA ALA E 806 43.56 -26.50 21.37
C ALA E 806 44.40 -26.74 20.12
N VAL E 807 45.71 -26.59 20.22
CA VAL E 807 46.59 -26.86 19.09
C VAL E 807 46.57 -28.34 18.71
N ILE E 808 46.53 -29.22 19.71
CA ILE E 808 46.54 -30.66 19.43
C ILE E 808 45.22 -31.08 18.79
N MET E 809 44.10 -30.53 19.27
CA MET E 809 42.83 -30.82 18.61
C MET E 809 42.71 -30.15 17.26
N ARG E 810 43.44 -29.06 17.03
CA ARG E 810 43.44 -28.46 15.71
C ARG E 810 44.30 -29.26 14.74
N CYS E 811 45.23 -30.06 15.26
CA CYS E 811 46.02 -30.94 14.40
C CYS E 811 45.15 -32.01 13.73
N GLY E 812 44.08 -32.45 14.38
CA GLY E 812 43.14 -33.34 13.77
C GLY E 812 43.63 -34.76 13.58
N SER E 813 43.74 -35.20 12.33
CA SER E 813 44.08 -36.60 12.05
C SER E 813 45.51 -36.95 12.42
N TYR E 814 46.40 -35.98 12.50
CA TYR E 814 47.79 -36.23 12.84
C TYR E 814 48.08 -35.96 14.30
N ALA E 815 47.06 -35.87 15.15
CA ALA E 815 47.25 -35.38 16.52
C ALA E 815 48.06 -36.35 17.35
N THR E 816 47.78 -37.65 17.23
CA THR E 816 48.58 -38.64 17.94
C THR E 816 50.00 -38.71 17.42
N GLU E 817 50.21 -38.44 16.13
CA GLU E 817 51.56 -38.43 15.59
C GLU E 817 52.35 -37.23 16.09
N ILE E 818 51.70 -36.06 16.19
CA ILE E 818 52.34 -34.88 16.76
C ILE E 818 52.67 -35.12 18.23
N LEU E 819 51.76 -35.76 18.96
CA LEU E 819 52.01 -36.03 20.37
C LEU E 819 53.14 -37.02 20.57
N THR E 820 53.18 -38.09 19.80
CA THR E 820 54.28 -39.04 19.97
C THR E 820 55.56 -38.57 19.33
N ALA E 821 55.52 -37.54 18.49
CA ALA E 821 56.76 -36.94 18.00
C ALA E 821 57.28 -35.90 18.97
N LEU E 822 56.40 -35.31 19.78
CA LEU E 822 56.84 -34.47 20.87
C LEU E 822 57.26 -35.28 22.08
N GLU E 823 56.80 -36.54 22.17
CA GLU E 823 57.31 -37.47 23.17
C GLU E 823 58.80 -37.66 23.00
N LEU E 824 59.23 -37.88 21.78
CA LEU E 824 60.64 -37.87 21.44
C LEU E 824 61.04 -36.47 21.04
N GLY E 825 62.22 -36.31 20.47
CA GLY E 825 62.64 -35.01 20.01
C GLY E 825 62.68 -34.93 18.50
N ALA E 826 61.79 -35.66 17.84
CA ALA E 826 61.82 -35.79 16.38
C ALA E 826 60.76 -34.95 15.69
N LEU E 827 60.00 -34.15 16.44
CA LEU E 827 58.94 -33.35 15.84
C LEU E 827 59.56 -32.15 15.12
N THR E 828 59.48 -32.15 13.79
CA THR E 828 60.07 -31.12 12.97
C THR E 828 59.01 -30.41 12.16
N ALA E 829 59.47 -29.46 11.35
CA ALA E 829 58.65 -28.96 10.26
C ALA E 829 58.50 -30.04 9.20
N GLU E 830 57.58 -29.79 8.26
CA GLU E 830 56.96 -30.73 7.31
C GLU E 830 56.16 -31.82 8.00
N GLN E 831 55.98 -31.75 9.32
CA GLN E 831 55.04 -32.57 10.06
C GLN E 831 54.01 -31.71 10.76
N LEU E 832 54.47 -30.66 11.46
CA LEU E 832 53.55 -29.68 12.01
C LEU E 832 52.90 -28.85 10.91
N ALA E 833 53.65 -28.56 9.85
CA ALA E 833 53.08 -27.84 8.72
C ALA E 833 52.07 -28.68 7.96
N VAL E 834 52.27 -29.99 7.93
CA VAL E 834 51.29 -30.89 7.36
C VAL E 834 50.06 -30.97 8.25
N ALA E 835 50.28 -31.07 9.56
CA ALA E 835 49.18 -31.26 10.50
C ALA E 835 48.32 -30.02 10.63
N LEU E 836 48.90 -28.84 10.38
CA LEU E 836 48.15 -27.59 10.49
C LEU E 836 47.94 -26.92 9.14
N LYS E 837 48.23 -27.62 8.05
CA LYS E 837 47.99 -27.16 6.66
C LYS E 837 48.73 -25.87 6.37
N PHE E 838 49.95 -25.75 6.86
CA PHE E 838 50.80 -24.61 6.59
C PHE E 838 51.82 -24.98 5.53
N ASP E 839 52.77 -24.08 5.29
CA ASP E 839 53.87 -24.35 4.39
C ASP E 839 55.11 -24.68 5.20
N ALA E 840 55.91 -25.59 4.63
CA ALA E 840 57.11 -26.07 5.32
C ALA E 840 58.13 -24.95 5.50
N GLN E 841 58.31 -24.11 4.48
CA GLN E 841 59.31 -23.07 4.59
C GLN E 841 58.86 -21.95 5.51
N VAL E 842 57.56 -21.64 5.54
CA VAL E 842 57.05 -20.64 6.47
C VAL E 842 57.20 -21.13 7.90
N VAL E 843 56.88 -22.41 8.13
CA VAL E 843 56.98 -22.97 9.47
C VAL E 843 58.43 -23.03 9.92
N THR E 844 59.34 -23.42 9.03
CA THR E 844 60.74 -23.49 9.44
C THR E 844 61.37 -22.10 9.53
N GLN E 845 60.82 -21.10 8.85
CA GLN E 845 61.28 -19.73 9.04
C GLN E 845 60.85 -19.20 10.39
N ALA E 846 59.63 -19.49 10.81
CA ALA E 846 59.20 -19.10 12.14
C ALA E 846 59.95 -19.85 13.23
N LEU E 847 60.27 -21.12 12.99
CA LEU E 847 61.04 -21.89 13.95
C LEU E 847 62.47 -21.38 14.05
N GLN E 848 63.06 -20.98 12.91
CA GLN E 848 64.37 -20.36 12.96
C GLN E 848 64.31 -18.98 13.58
N GLN E 849 63.17 -18.30 13.50
CA GLN E 849 63.04 -17.00 14.16
C GLN E 849 62.93 -17.14 15.66
N THR E 850 62.24 -18.16 16.16
CA THR E 850 62.16 -18.28 17.60
C THR E 850 63.37 -19.00 18.20
N ASP E 851 64.07 -19.81 17.41
CA ASP E 851 65.27 -20.49 17.86
C ASP E 851 66.21 -20.66 16.68
N LEU E 852 67.39 -20.07 16.77
CA LEU E 852 68.23 -19.85 15.60
C LEU E 852 68.88 -21.15 15.13
N GLY E 853 69.01 -22.14 16.00
CA GLY E 853 69.67 -23.36 15.61
C GLY E 853 68.94 -24.63 15.97
N VAL E 854 67.80 -24.51 16.65
CA VAL E 854 67.03 -25.69 17.03
C VAL E 854 66.19 -26.12 15.83
N ASN E 855 66.57 -27.23 15.21
CA ASN E 855 65.93 -27.66 13.98
C ASN E 855 64.55 -28.26 14.25
N THR E 856 64.40 -28.96 15.35
CA THR E 856 63.17 -29.66 15.67
C THR E 856 62.38 -28.88 16.71
N PHE E 857 61.19 -29.38 17.03
CA PHE E 857 60.39 -28.83 18.11
C PHE E 857 60.66 -29.67 19.35
N THR E 858 61.41 -29.10 20.29
CA THR E 858 61.81 -29.79 21.49
C THR E 858 60.95 -29.45 22.70
N ASN E 859 59.91 -28.65 22.50
CA ASN E 859 59.18 -28.08 23.61
C ASN E 859 57.82 -27.63 23.09
N TRP E 860 56.90 -27.33 24.00
CA TRP E 860 55.63 -26.75 23.59
C TRP E 860 55.71 -25.24 23.44
N ARG E 861 56.52 -24.60 24.29
CA ARG E 861 56.60 -23.14 24.28
C ARG E 861 57.14 -22.61 22.96
N THR E 862 58.07 -23.33 22.35
CA THR E 862 58.53 -22.96 21.03
C THR E 862 57.44 -23.17 19.98
N ILE E 863 56.59 -24.18 20.16
CA ILE E 863 55.47 -24.40 19.23
C ILE E 863 54.48 -23.25 19.33
N ASP E 864 54.20 -22.80 20.55
CA ASP E 864 53.22 -21.75 20.76
C ASP E 864 53.72 -20.42 20.21
N VAL E 865 54.99 -20.09 20.47
CA VAL E 865 55.49 -18.83 19.94
C VAL E 865 55.71 -18.93 18.42
N THR E 866 55.95 -20.15 17.90
CA THR E 866 56.03 -20.34 16.47
C THR E 866 54.69 -20.09 15.79
N LEU E 867 53.61 -20.58 16.39
CA LEU E 867 52.29 -20.33 15.84
C LEU E 867 51.87 -18.87 16.02
N GLN E 868 52.39 -18.19 17.05
CA GLN E 868 52.14 -16.76 17.17
C GLN E 868 52.83 -15.98 16.06
N TRP E 869 54.08 -16.36 15.73
CA TRP E 869 54.78 -15.77 14.60
C TRP E 869 54.04 -16.03 13.29
N LEU E 870 53.50 -17.24 13.13
CA LEU E 870 52.73 -17.56 11.93
C LEU E 870 51.44 -16.75 11.87
N ASP E 871 50.83 -16.49 13.03
CA ASP E 871 49.59 -15.72 13.05
C ASP E 871 49.85 -14.27 12.67
N VAL E 872 50.95 -13.69 13.16
CA VAL E 872 51.31 -12.32 12.77
C VAL E 872 51.66 -12.24 11.30
N ALA E 873 52.45 -13.21 10.81
CA ALA E 873 52.82 -13.21 9.40
C ALA E 873 51.63 -13.47 8.48
N ALA E 874 50.61 -14.17 8.97
CA ALA E 874 49.42 -14.40 8.17
C ALA E 874 48.51 -13.17 8.17
N THR E 875 48.34 -12.51 9.31
CA THR E 875 47.50 -11.33 9.33
C THR E 875 48.19 -10.11 8.74
N LEU E 876 49.49 -10.18 8.50
CA LEU E 876 50.15 -9.17 7.68
C LEU E 876 50.41 -9.65 6.27
N GLY E 877 50.16 -10.93 5.99
CA GLY E 877 50.28 -11.43 4.64
C GLY E 877 51.70 -11.58 4.12
N ILE E 878 52.67 -11.80 5.00
CA ILE E 878 54.05 -11.91 4.61
C ILE E 878 54.68 -13.11 5.30
N THR E 879 55.97 -13.24 5.14
CA THR E 879 56.77 -14.29 5.74
C THR E 879 57.25 -13.85 7.12
N PRO E 880 57.49 -14.81 8.03
CA PRO E 880 58.08 -14.46 9.33
C PRO E 880 59.45 -13.83 9.25
N ASP E 881 60.22 -14.10 8.20
CA ASP E 881 61.44 -13.33 7.98
C ASP E 881 61.12 -11.87 7.65
N GLY E 882 60.02 -11.63 6.94
CA GLY E 882 59.57 -10.27 6.74
C GLY E 882 59.12 -9.62 8.03
N VAL E 883 58.50 -10.40 8.91
CA VAL E 883 58.12 -9.91 10.24
C VAL E 883 59.36 -9.52 11.03
N ALA E 884 60.42 -10.34 10.94
CA ALA E 884 61.67 -10.03 11.61
C ALA E 884 62.33 -8.80 11.02
N ALA E 885 62.20 -8.60 9.71
CA ALA E 885 62.71 -7.39 9.07
C ALA E 885 61.95 -6.16 9.53
N LEU E 886 60.64 -6.30 9.75
CA LEU E 886 59.86 -5.18 10.27
C LEU E 886 60.25 -4.86 11.71
N ILE E 887 60.48 -5.88 12.53
CA ILE E 887 60.86 -5.66 13.91
C ILE E 887 62.28 -5.10 13.99
N LYS E 888 63.12 -5.41 13.00
CA LYS E 888 64.46 -4.83 12.96
C LYS E 888 64.45 -3.35 12.61
N LEU E 889 63.31 -2.78 12.24
CA LEU E 889 63.14 -1.34 12.10
C LEU E 889 62.59 -0.72 13.37
N LYS E 890 62.95 -1.27 14.53
CA LYS E 890 62.57 -0.71 15.82
C LYS E 890 63.07 0.71 15.97
N TYR E 891 62.26 1.57 16.59
CA TYR E 891 62.68 2.94 16.80
C TYR E 891 63.73 3.03 17.89
N VAL E 892 63.38 2.62 19.10
CA VAL E 892 64.34 2.49 20.20
C VAL E 892 64.36 1.03 20.61
N GLY E 893 65.51 0.39 20.45
CA GLY E 893 65.69 -1.00 20.77
C GLY E 893 67.04 -1.23 21.40
N GLU E 894 67.66 -2.32 20.97
CA GLU E 894 68.98 -2.67 21.45
C GLU E 894 70.04 -1.74 20.86
N PRO E 895 71.09 -1.44 21.62
CA PRO E 895 72.24 -0.73 21.04
C PRO E 895 73.02 -1.65 20.11
N GLU E 896 73.94 -1.02 19.37
CA GLU E 896 74.87 -1.58 18.39
C GLU E 896 74.17 -2.10 17.13
N THR E 897 72.84 -2.03 17.09
CA THR E 897 72.15 -2.18 15.82
C THR E 897 72.14 -0.83 15.11
N PRO E 898 72.46 -0.78 13.83
CA PRO E 898 72.54 0.50 13.13
C PRO E 898 71.16 1.09 12.90
N MET E 899 71.15 2.38 12.59
CA MET E 899 69.89 3.06 12.32
C MET E 899 69.30 2.54 11.01
N PRO E 900 67.97 2.44 10.94
CA PRO E 900 67.35 1.95 9.71
C PRO E 900 67.50 2.94 8.57
N THR E 901 68.11 2.47 7.49
CA THR E 901 68.38 3.33 6.36
C THR E 901 67.11 3.60 5.57
N PHE E 902 67.19 4.60 4.70
CA PHE E 902 66.07 4.93 3.83
C PHE E 902 65.79 3.80 2.86
N ASP E 903 66.85 3.14 2.36
CA ASP E 903 66.66 1.98 1.50
C ASP E 903 66.10 0.80 2.29
N ASP E 904 66.47 0.68 3.56
CA ASP E 904 65.90 -0.34 4.42
C ASP E 904 64.40 -0.13 4.61
N TRP E 905 64.01 1.13 4.84
CA TRP E 905 62.60 1.46 4.93
C TRP E 905 61.89 1.23 3.60
N GLN E 906 62.56 1.47 2.49
CA GLN E 906 61.93 1.24 1.18
C GLN E 906 61.73 -0.24 0.93
N ALA E 907 62.67 -1.07 1.37
CA ALA E 907 62.53 -2.52 1.24
C ALA E 907 61.40 -3.04 2.10
N ALA E 908 61.29 -2.54 3.33
CA ALA E 908 60.15 -2.93 4.18
C ALA E 908 58.84 -2.41 3.61
N SER E 909 58.87 -1.24 2.97
CA SER E 909 57.67 -0.65 2.39
C SER E 909 57.17 -1.49 1.23
N THR E 910 58.06 -1.91 0.33
CA THR E 910 57.60 -2.74 -0.77
C THR E 910 57.26 -4.15 -0.32
N LEU E 911 57.85 -4.61 0.78
CA LEU E 911 57.46 -5.89 1.35
C LEU E 911 56.02 -5.87 1.85
N LEU E 912 55.66 -4.82 2.59
CA LEU E 912 54.27 -4.70 3.03
C LEU E 912 53.34 -4.34 1.88
N GLN E 913 53.87 -3.65 0.87
CA GLN E 913 53.04 -3.16 -0.23
C GLN E 913 52.70 -4.26 -1.21
N ALA E 914 53.53 -5.30 -1.30
CA ALA E 914 53.19 -6.43 -2.16
C ALA E 914 52.14 -7.34 -1.55
N GLY E 915 51.82 -7.18 -0.26
CA GLY E 915 50.88 -8.05 0.40
C GLY E 915 49.44 -7.57 0.41
N LEU E 916 49.05 -6.70 -0.50
CA LEU E 916 47.70 -6.18 -0.54
C LEU E 916 47.02 -6.56 -1.85
N ASN E 917 45.70 -6.61 -1.83
CA ASN E 917 44.93 -6.81 -3.03
C ASN E 917 44.73 -5.45 -3.74
N SER E 918 43.94 -5.44 -4.80
CA SER E 918 43.86 -4.25 -5.65
C SER E 918 43.07 -3.14 -4.97
N GLN E 919 42.05 -3.48 -4.19
CA GLN E 919 41.28 -2.48 -3.47
C GLN E 919 42.13 -1.76 -2.43
N GLN E 920 42.85 -2.53 -1.61
CA GLN E 920 43.73 -1.92 -0.62
C GLN E 920 44.91 -1.21 -1.28
N SER E 921 45.33 -1.67 -2.46
CA SER E 921 46.42 -0.99 -3.17
C SER E 921 45.99 0.37 -3.68
N ASP E 922 44.78 0.45 -4.25
CA ASP E 922 44.25 1.74 -4.70
C ASP E 922 44.01 2.68 -3.53
N GLN E 923 43.51 2.13 -2.42
CA GLN E 923 43.28 2.93 -1.22
C GLN E 923 44.59 3.50 -0.67
N LEU E 924 45.62 2.66 -0.60
CA LEU E 924 46.93 3.10 -0.13
C LEU E 924 47.55 4.12 -1.07
N GLN E 925 47.38 3.91 -2.38
CA GLN E 925 47.95 4.84 -3.36
C GLN E 925 47.27 6.20 -3.29
N ALA E 926 45.94 6.22 -3.13
CA ALA E 926 45.23 7.49 -2.99
C ALA E 926 45.63 8.21 -1.71
N TRP E 927 45.81 7.46 -0.63
CA TRP E 927 46.21 8.07 0.63
C TRP E 927 47.63 8.61 0.54
N LEU E 928 48.52 7.90 -0.15
CA LEU E 928 49.90 8.37 -0.29
C LEU E 928 49.99 9.60 -1.18
N ASP E 929 49.15 9.69 -2.21
CA ASP E 929 49.13 10.90 -3.02
C ASP E 929 48.59 12.08 -2.22
N GLU E 930 47.52 11.86 -1.44
CA GLU E 930 46.96 12.92 -0.63
C GLU E 930 47.86 13.33 0.53
N ALA E 931 48.83 12.49 0.90
CA ALA E 931 49.81 12.93 1.88
C ALA E 931 51.01 13.62 1.23
N THR E 932 51.47 13.11 0.08
CA THR E 932 52.65 13.72 -0.53
C THR E 932 52.34 15.06 -1.15
N THR E 933 51.05 15.37 -1.43
CA THR E 933 50.76 16.71 -1.91
C THR E 933 50.92 17.75 -0.80
N THR E 934 50.49 17.43 0.42
CA THR E 934 50.62 18.40 1.50
C THR E 934 52.01 18.39 2.10
N ALA E 935 52.83 17.39 1.76
CA ALA E 935 54.25 17.52 2.04
C ALA E 935 54.93 18.42 1.02
N ALA E 936 54.75 18.11 -0.27
CA ALA E 936 55.52 18.77 -1.32
C ALA E 936 55.11 20.21 -1.51
N SER E 937 53.83 20.54 -1.25
CA SER E 937 53.39 21.92 -1.39
C SER E 937 54.00 22.80 -0.31
N ALA E 938 54.09 22.28 0.92
CA ALA E 938 54.74 23.04 1.98
C ALA E 938 56.22 23.19 1.71
N TYR E 939 56.86 22.14 1.17
CA TYR E 939 58.27 22.26 0.83
C TYR E 939 58.50 23.26 -0.31
N TYR E 940 57.58 23.30 -1.28
CA TYR E 940 57.72 24.22 -2.39
C TYR E 940 57.47 25.65 -1.96
N ILE E 941 56.54 25.84 -1.03
CA ILE E 941 56.28 27.17 -0.48
C ILE E 941 57.50 27.65 0.29
N LYS E 942 58.12 26.76 1.06
CA LYS E 942 59.29 27.14 1.84
C LYS E 942 60.49 27.44 0.96
N ASN E 943 60.85 26.52 0.07
CA ASN E 943 62.13 26.61 -0.62
C ASN E 943 62.05 27.42 -1.91
N GLY E 944 61.28 26.94 -2.89
CA GLY E 944 61.26 27.62 -4.16
C GLY E 944 59.91 28.14 -4.58
N ALA E 945 59.71 29.44 -4.47
CA ALA E 945 58.45 30.11 -4.78
C ALA E 945 58.71 31.60 -4.80
N PRO E 946 57.86 32.38 -5.44
CA PRO E 946 57.88 33.83 -5.22
C PRO E 946 57.52 34.14 -3.77
N GLN E 947 58.05 35.26 -3.29
CA GLN E 947 58.01 35.60 -1.88
C GLN E 947 56.60 35.89 -1.37
N GLN E 948 55.66 36.18 -2.28
CA GLN E 948 54.30 36.48 -1.86
C GLN E 948 53.53 35.24 -1.45
N ILE E 949 53.95 34.06 -1.91
CA ILE E 949 53.23 32.82 -1.63
C ILE E 949 53.52 32.38 -0.20
N LYS E 950 52.46 32.28 0.61
CA LYS E 950 52.62 31.87 1.99
C LYS E 950 51.62 30.81 2.44
N SER E 951 50.60 30.51 1.65
CA SER E 951 49.63 29.49 2.03
C SER E 951 49.38 28.58 0.84
N ARG E 952 48.69 27.47 1.12
CA ARG E 952 48.31 26.54 0.05
C ARG E 952 47.31 27.16 -0.91
N ASP E 953 46.44 28.04 -0.41
CA ASP E 953 45.51 28.74 -1.29
C ASP E 953 46.24 29.73 -2.19
N GLU E 954 47.29 30.36 -1.66
CA GLU E 954 48.09 31.24 -2.50
C GLU E 954 48.90 30.45 -3.51
N LEU E 955 49.35 29.25 -3.14
CA LEU E 955 50.04 28.39 -4.09
C LEU E 955 49.11 27.91 -5.19
N TYR E 956 47.85 27.64 -4.84
CA TYR E 956 46.82 27.35 -5.83
C TYR E 956 46.59 28.55 -6.74
N SER E 957 46.49 29.74 -6.15
CA SER E 957 46.25 30.95 -6.91
C SER E 957 47.41 31.28 -7.84
N TYR E 958 48.60 30.82 -7.51
CA TYR E 958 49.75 30.98 -8.39
C TYR E 958 49.76 29.90 -9.48
N LEU E 959 49.86 28.63 -9.07
CA LEU E 959 50.09 27.53 -10.00
C LEU E 959 48.88 27.15 -10.83
N LEU E 960 47.70 27.69 -10.50
CA LEU E 960 46.42 27.47 -11.18
C LEU E 960 45.97 26.02 -11.18
N ILE E 961 46.49 25.17 -10.29
CA ILE E 961 46.05 23.79 -10.13
C ILE E 961 45.86 23.53 -8.65
N ASP E 962 44.73 22.93 -8.28
CA ASP E 962 44.37 22.78 -6.88
C ASP E 962 45.10 21.61 -6.26
N ASN E 963 45.90 21.91 -5.25
CA ASN E 963 46.69 20.93 -4.51
C ASN E 963 45.97 20.40 -3.29
N GLN E 964 44.72 20.77 -3.08
CA GLN E 964 43.95 20.33 -1.93
C GLN E 964 42.84 19.36 -2.31
N VAL E 965 42.74 19.00 -3.58
CA VAL E 965 41.67 18.12 -4.03
C VAL E 965 42.02 16.68 -3.68
N SER E 966 41.08 16.00 -3.01
CA SER E 966 41.27 14.60 -2.70
C SER E 966 41.18 13.76 -3.98
N ALA E 967 41.79 12.58 -3.92
CA ALA E 967 42.15 11.85 -5.14
C ALA E 967 41.00 11.09 -5.78
N GLN E 968 39.75 11.36 -5.42
CA GLN E 968 38.62 10.76 -6.11
C GLN E 968 38.23 11.52 -7.36
N VAL E 969 38.77 12.71 -7.57
CA VAL E 969 38.36 13.57 -8.66
C VAL E 969 39.27 13.32 -9.86
N LYS E 970 38.67 13.17 -11.03
CA LYS E 970 39.39 12.87 -12.25
C LYS E 970 39.11 13.93 -13.30
N THR E 971 40.16 14.29 -14.05
CA THR E 971 40.10 15.37 -15.02
C THR E 971 41.26 15.22 -15.99
N THR E 972 40.96 15.23 -17.29
CA THR E 972 41.99 15.04 -18.30
C THR E 972 42.90 16.27 -18.39
N ARG E 973 44.01 16.10 -19.12
CA ARG E 973 45.06 17.12 -19.16
C ARG E 973 44.60 18.38 -19.88
N VAL E 974 43.82 18.22 -20.95
CA VAL E 974 43.36 19.41 -21.66
C VAL E 974 42.33 20.16 -20.85
N ALA E 975 41.52 19.45 -20.04
CA ALA E 975 40.57 20.14 -19.18
C ALA E 975 41.28 20.83 -18.03
N GLU E 976 42.38 20.23 -17.54
CA GLU E 976 43.16 20.88 -16.50
C GLU E 976 43.83 22.14 -17.02
N ALA E 977 44.36 22.10 -18.24
CA ALA E 977 44.98 23.28 -18.83
C ALA E 977 43.93 24.35 -19.14
N ILE E 978 42.74 23.94 -19.57
CA ILE E 978 41.66 24.87 -19.83
C ILE E 978 41.23 25.56 -18.54
N ALA E 979 41.10 24.79 -17.46
CA ALA E 979 40.71 25.37 -16.18
C ALA E 979 41.80 26.27 -15.62
N SER E 980 43.06 25.92 -15.87
CA SER E 980 44.17 26.74 -15.41
C SER E 980 44.21 28.09 -16.12
N ILE E 981 44.06 28.08 -17.44
CA ILE E 981 44.08 29.33 -18.19
C ILE E 981 42.84 30.16 -17.90
N GLN E 982 41.69 29.50 -17.66
CA GLN E 982 40.48 30.25 -17.33
C GLN E 982 40.59 30.89 -15.96
N LEU E 983 41.22 30.21 -15.00
CA LEU E 983 41.47 30.81 -13.70
C LEU E 983 42.45 31.97 -13.81
N TYR E 984 43.46 31.83 -14.68
CA TYR E 984 44.42 32.91 -14.87
C TYR E 984 43.76 34.12 -15.49
N VAL E 985 42.83 33.90 -16.42
CA VAL E 985 42.12 35.01 -17.06
C VAL E 985 41.18 35.69 -16.07
N ASN E 986 40.44 34.91 -15.29
CA ASN E 986 39.51 35.49 -14.33
C ASN E 986 40.24 36.16 -13.17
N ARG E 987 41.49 35.78 -12.91
CA ARG E 987 42.25 36.53 -11.92
C ARG E 987 42.91 37.75 -12.50
N ALA E 988 43.28 37.71 -13.78
CA ALA E 988 43.91 38.87 -14.39
C ALA E 988 42.92 39.95 -14.76
N LEU E 989 41.66 39.59 -15.01
CA LEU E 989 40.67 40.60 -15.35
C LEU E 989 40.30 41.47 -14.16
N ASN E 990 40.32 40.90 -12.96
CA ASN E 990 40.04 41.68 -11.78
C ASN E 990 41.28 42.33 -11.20
N ASN E 991 42.42 42.23 -11.90
CA ASN E 991 43.69 42.88 -11.55
C ASN E 991 44.20 42.44 -10.18
N VAL E 992 44.01 41.16 -9.86
CA VAL E 992 44.52 40.64 -8.60
C VAL E 992 46.01 40.37 -8.70
N GLU E 993 46.54 40.25 -9.92
CA GLU E 993 47.94 39.95 -10.10
C GLU E 993 48.78 41.23 -9.95
N GLY E 994 50.04 41.13 -10.34
CA GLY E 994 50.96 42.24 -10.23
C GLY E 994 50.63 43.41 -11.13
N LYS E 995 50.75 43.23 -12.45
CA LYS E 995 50.56 44.33 -13.39
C LYS E 995 49.90 43.77 -14.64
N VAL E 996 48.61 44.03 -14.77
CA VAL E 996 47.85 43.56 -15.93
C VAL E 996 47.98 44.57 -17.06
N SER E 997 48.32 44.08 -18.24
CA SER E 997 48.46 44.95 -19.40
C SER E 997 47.08 45.39 -19.87
N LYS E 998 46.71 46.63 -19.54
CA LYS E 998 45.37 47.13 -19.85
C LYS E 998 45.01 47.20 -21.35
N PRO E 999 45.91 47.50 -22.31
CA PRO E 999 45.47 47.41 -23.71
C PRO E 999 45.17 46.01 -24.19
N VAL E 1000 45.72 44.97 -23.58
CA VAL E 1000 45.37 43.62 -24.01
C VAL E 1000 43.99 43.23 -23.46
N LYS E 1001 43.57 43.91 -22.40
CA LYS E 1001 42.32 43.58 -21.72
C LYS E 1001 41.09 43.90 -22.54
N THR E 1002 41.21 44.76 -23.55
CA THR E 1002 40.05 45.25 -24.30
C THR E 1002 39.97 44.67 -25.71
N ARG E 1003 40.41 43.44 -25.91
CA ARG E 1003 40.18 42.79 -27.18
C ARG E 1003 38.73 42.35 -27.30
N GLN E 1004 38.33 41.95 -28.49
CA GLN E 1004 36.96 41.50 -28.70
C GLN E 1004 36.73 40.15 -28.02
N PHE E 1005 37.78 39.33 -27.94
CA PHE E 1005 37.68 38.05 -27.25
C PHE E 1005 37.44 38.22 -25.76
N PHE E 1006 37.92 39.30 -25.16
CA PHE E 1006 37.66 39.54 -23.76
C PHE E 1006 36.48 40.46 -23.52
N CYS E 1007 36.05 41.21 -24.53
CA CYS E 1007 34.75 41.85 -24.44
C CYS E 1007 33.64 40.81 -24.48
N ASP E 1008 33.87 39.69 -25.17
CA ASP E 1008 32.93 38.58 -25.16
C ASP E 1008 33.32 37.50 -24.17
N TRP E 1009 34.16 37.82 -23.19
CA TRP E 1009 34.60 36.81 -22.23
C TRP E 1009 33.47 36.46 -21.27
N GLU E 1010 32.73 37.46 -20.82
CA GLU E 1010 31.78 37.28 -19.72
C GLU E 1010 30.59 36.43 -20.15
N THR E 1011 30.27 36.44 -21.43
CA THR E 1011 29.08 35.76 -21.89
C THR E 1011 29.38 34.51 -22.70
N TYR E 1012 30.45 34.51 -23.49
CA TYR E 1012 30.69 33.42 -24.42
C TYR E 1012 31.96 32.64 -24.12
N ASN E 1013 33.08 33.32 -23.95
CA ASN E 1013 34.37 32.66 -23.98
C ASN E 1013 34.80 32.11 -22.64
N ARG E 1014 33.99 32.30 -21.58
CA ARG E 1014 34.41 31.81 -20.27
C ARG E 1014 34.35 30.30 -20.20
N ARG E 1015 33.37 29.67 -20.83
CA ARG E 1015 33.28 28.22 -20.77
C ARG E 1015 33.24 27.64 -22.18
N TYR E 1016 33.71 26.39 -22.25
CA TYR E 1016 33.90 25.71 -23.52
C TYR E 1016 32.58 25.46 -24.22
N SER E 1017 31.51 25.21 -23.45
CA SER E 1017 30.22 24.90 -24.04
C SER E 1017 29.64 26.09 -24.78
N THR E 1018 29.68 27.27 -24.17
CA THR E 1018 29.16 28.46 -24.85
C THR E 1018 30.10 28.90 -25.97
N TRP E 1019 31.40 28.71 -25.81
CA TRP E 1019 32.32 29.05 -26.89
C TRP E 1019 32.09 28.17 -28.11
N ALA E 1020 31.94 26.87 -27.89
CA ALA E 1020 31.66 25.95 -28.98
C ALA E 1020 30.30 26.20 -29.59
N GLY E 1021 29.32 26.62 -28.77
CA GLY E 1021 28.02 26.97 -29.31
C GLY E 1021 28.06 28.18 -30.22
N VAL E 1022 28.86 29.19 -29.84
CA VAL E 1022 28.99 30.37 -30.68
C VAL E 1022 29.73 30.06 -31.97
N SER E 1023 30.79 29.24 -31.87
CA SER E 1023 31.53 28.89 -33.09
C SER E 1023 30.70 27.99 -34.00
N GLU E 1024 29.86 27.12 -33.43
CA GLU E 1024 28.95 26.34 -34.26
C GLU E 1024 27.86 27.20 -34.87
N LEU E 1025 27.40 28.23 -34.16
CA LEU E 1025 26.44 29.15 -34.75
C LEU E 1025 27.06 29.94 -35.89
N ALA E 1026 28.37 30.19 -35.81
CA ALA E 1026 29.07 30.78 -36.95
C ALA E 1026 29.12 29.81 -38.12
N TYR E 1027 29.59 28.59 -37.89
CA TYR E 1027 29.87 27.70 -39.00
C TYR E 1027 28.63 27.07 -39.60
N TYR E 1028 27.76 26.50 -38.77
CA TYR E 1028 26.53 25.87 -39.22
C TYR E 1028 25.36 26.61 -38.60
N PRO E 1029 24.89 27.68 -39.23
CA PRO E 1029 23.70 28.37 -38.73
C PRO E 1029 22.42 27.62 -38.99
N GLU E 1030 22.46 26.57 -39.81
CA GLU E 1030 21.28 25.78 -40.11
C GLU E 1030 20.79 25.01 -38.89
N ASN E 1031 21.67 24.72 -37.94
CA ASN E 1031 21.25 24.02 -36.72
C ASN E 1031 20.41 24.90 -35.81
N TYR E 1032 20.56 26.21 -35.89
CA TYR E 1032 20.02 27.11 -34.89
C TYR E 1032 18.84 27.92 -35.36
N ILE E 1033 18.53 27.91 -36.64
CA ILE E 1033 17.38 28.64 -37.16
C ILE E 1033 16.12 27.84 -36.85
N ASP E 1034 15.19 28.46 -36.14
CA ASP E 1034 13.86 27.91 -36.07
C ASP E 1034 12.92 28.72 -36.96
N PRO E 1035 11.92 28.09 -37.57
CA PRO E 1035 11.01 28.83 -38.43
C PRO E 1035 10.03 29.73 -37.69
N THR E 1036 9.98 29.66 -36.36
CA THR E 1036 9.02 30.44 -35.60
C THR E 1036 9.56 31.82 -35.23
N ILE E 1037 10.66 31.89 -34.49
CA ILE E 1037 11.17 33.18 -34.04
C ILE E 1037 12.37 33.54 -34.90
N ARG E 1038 12.60 34.85 -35.02
CA ARG E 1038 13.68 35.41 -35.81
C ARG E 1038 13.85 36.86 -35.37
N ILE E 1039 15.10 37.29 -35.22
CA ILE E 1039 15.36 38.68 -34.86
C ILE E 1039 15.04 39.56 -36.05
N GLY E 1040 13.99 40.36 -35.93
CA GLY E 1040 13.60 41.27 -36.98
C GLY E 1040 12.36 40.88 -37.74
N GLN E 1041 11.59 39.90 -37.28
CA GLN E 1041 10.38 39.52 -37.97
C GLN E 1041 9.30 40.59 -37.78
N THR E 1042 8.45 40.72 -38.78
CA THR E 1042 7.57 41.87 -38.90
C THR E 1042 6.28 41.68 -38.11
N GLY E 1043 5.51 42.76 -38.04
CA GLY E 1043 4.26 42.73 -37.30
C GLY E 1043 3.21 41.84 -37.92
N MET E 1044 3.20 41.75 -39.26
CA MET E 1044 2.30 40.82 -39.92
C MET E 1044 2.69 39.38 -39.64
N MET E 1045 3.99 39.12 -39.53
CA MET E 1045 4.46 37.78 -39.19
C MET E 1045 4.08 37.42 -37.77
N ASN E 1046 4.22 38.36 -36.84
CA ASN E 1046 3.83 38.11 -35.46
C ASN E 1046 2.32 37.95 -35.31
N ASN E 1047 1.54 38.73 -36.06
CA ASN E 1047 0.10 38.57 -36.02
C ASN E 1047 -0.33 37.25 -36.63
N LEU E 1048 0.39 36.78 -37.65
CA LEU E 1048 0.13 35.45 -38.20
C LEU E 1048 0.44 34.37 -37.18
N LEU E 1049 1.51 34.56 -36.41
CA LEU E 1049 1.89 33.59 -35.38
C LEU E 1049 0.87 33.55 -34.26
N GLN E 1050 0.32 34.71 -33.89
CA GLN E 1050 -0.77 34.74 -32.93
C GLN E 1050 -2.01 34.05 -33.48
N GLN E 1051 -2.28 34.25 -34.77
CA GLN E 1051 -3.43 33.63 -35.40
C GLN E 1051 -3.23 32.14 -35.63
N LEU E 1052 -2.01 31.64 -35.50
CA LEU E 1052 -1.69 30.27 -35.85
C LEU E 1052 -1.39 29.39 -34.65
N SER E 1053 -1.27 29.96 -33.45
CA SER E 1053 -0.78 29.20 -32.30
C SER E 1053 -1.95 28.65 -31.50
N GLN E 1054 -2.46 27.50 -31.95
CA GLN E 1054 -3.51 26.78 -31.24
C GLN E 1054 -3.09 25.33 -31.08
N SER E 1055 -3.98 24.55 -30.48
CA SER E 1055 -3.77 23.11 -30.43
C SER E 1055 -4.31 22.41 -31.67
N GLN E 1056 -5.24 23.04 -32.37
CA GLN E 1056 -5.91 22.45 -33.51
C GLN E 1056 -5.80 23.39 -34.70
N LEU E 1057 -5.26 22.87 -35.80
CA LEU E 1057 -5.04 23.66 -37.00
C LEU E 1057 -5.64 22.93 -38.19
N ASN E 1058 -6.81 23.37 -38.63
CA ASN E 1058 -7.39 22.80 -39.82
C ASN E 1058 -6.80 23.46 -41.06
N ILE E 1059 -7.03 22.83 -42.21
CA ILE E 1059 -6.65 23.41 -43.49
C ILE E 1059 -7.40 24.70 -43.74
N ASP E 1060 -8.69 24.74 -43.38
CA ASP E 1060 -9.48 25.97 -43.54
C ASP E 1060 -9.00 27.06 -42.60
N THR E 1061 -8.61 26.68 -41.38
CA THR E 1061 -8.13 27.66 -40.41
C THR E 1061 -6.81 28.26 -40.87
N VAL E 1062 -5.88 27.43 -41.34
CA VAL E 1062 -4.60 27.97 -41.77
C VAL E 1062 -4.73 28.73 -43.08
N GLU E 1063 -5.71 28.40 -43.94
CA GLU E 1063 -5.88 29.18 -45.15
C GLU E 1063 -6.56 30.50 -44.88
N ASP E 1064 -7.48 30.56 -43.92
CA ASP E 1064 -8.04 31.83 -43.52
C ASP E 1064 -7.00 32.72 -42.85
N SER E 1065 -6.12 32.12 -42.06
CA SER E 1065 -5.05 32.89 -41.45
C SER E 1065 -4.06 33.39 -42.50
N PHE E 1066 -3.83 32.59 -43.55
CA PHE E 1066 -2.95 33.04 -44.62
C PHE E 1066 -3.58 34.14 -45.45
N LYS E 1067 -4.90 34.10 -45.66
CA LYS E 1067 -5.56 35.18 -46.36
C LYS E 1067 -5.54 36.46 -45.53
N ASN E 1068 -5.71 36.32 -44.22
CA ASN E 1068 -5.62 37.49 -43.33
C ASN E 1068 -4.21 38.06 -43.32
N TYR E 1069 -3.19 37.22 -43.46
CA TYR E 1069 -1.83 37.71 -43.60
C TYR E 1069 -1.62 38.38 -44.95
N LEU E 1070 -2.23 37.82 -46.00
CA LEU E 1070 -2.10 38.37 -47.34
C LEU E 1070 -2.72 39.74 -47.45
N THR E 1071 -3.79 39.99 -46.70
CA THR E 1071 -4.41 41.31 -46.69
C THR E 1071 -3.44 42.36 -46.16
N ALA E 1072 -2.77 42.06 -45.05
CA ALA E 1072 -1.80 42.98 -44.48
C ALA E 1072 -0.57 43.13 -45.37
N PHE E 1073 -0.18 42.05 -46.05
CA PHE E 1073 0.93 42.13 -46.98
C PHE E 1073 0.59 43.02 -48.17
N GLU E 1074 -0.63 42.93 -48.66
CA GLU E 1074 -1.09 43.80 -49.74
C GLU E 1074 -1.12 45.26 -49.30
N ASP E 1075 -1.61 45.51 -48.08
CA ASP E 1075 -1.70 46.88 -47.58
C ASP E 1075 -0.32 47.46 -47.31
N VAL E 1076 0.67 46.61 -47.01
CA VAL E 1076 2.02 47.12 -46.84
C VAL E 1076 2.71 47.30 -48.20
N ALA E 1077 2.37 46.48 -49.19
CA ALA E 1077 2.98 46.66 -50.51
C ALA E 1077 2.38 47.84 -51.23
N ASN E 1078 1.18 48.26 -50.88
CA ASN E 1078 0.55 49.40 -51.54
C ASN E 1078 0.89 50.72 -50.85
N LEU E 1079 2.17 50.98 -50.63
CA LEU E 1079 2.57 52.25 -50.06
C LEU E 1079 3.19 53.13 -51.15
N GLN E 1080 3.23 54.43 -50.87
CA GLN E 1080 3.76 55.39 -51.83
C GLN E 1080 4.47 56.49 -51.07
N VAL E 1081 5.73 56.74 -51.39
CA VAL E 1081 6.56 57.67 -50.64
C VAL E 1081 6.13 59.10 -50.95
N ILE E 1082 5.95 59.91 -49.90
CA ILE E 1082 5.68 61.32 -50.09
C ILE E 1082 7.00 62.06 -50.18
N SER E 1083 7.78 62.00 -49.11
CA SER E 1083 8.94 62.86 -48.95
C SER E 1083 9.85 62.26 -47.91
N GLY E 1084 11.09 62.75 -47.88
CA GLY E 1084 12.10 62.21 -47.01
C GLY E 1084 12.92 63.31 -46.38
N TYR E 1085 13.89 62.90 -45.57
CA TYR E 1085 14.79 63.82 -44.90
C TYR E 1085 16.10 63.10 -44.68
N HIS E 1086 17.12 63.44 -45.45
CA HIS E 1086 18.43 62.88 -45.24
C HIS E 1086 19.01 63.51 -43.98
N ASP E 1087 19.63 62.69 -43.14
CA ASP E 1087 20.05 63.16 -41.85
C ASP E 1087 21.30 64.03 -41.89
N SER E 1088 22.28 63.70 -42.71
CA SER E 1088 23.55 64.37 -42.68
C SER E 1088 23.60 65.45 -43.76
N ILE E 1089 24.74 66.12 -43.84
CA ILE E 1089 24.96 67.12 -44.88
C ILE E 1089 25.18 66.44 -46.22
N ASN E 1090 26.22 65.63 -46.32
CA ASN E 1090 26.49 64.90 -47.54
C ASN E 1090 25.55 63.71 -47.64
N VAL E 1091 25.25 63.31 -48.87
CA VAL E 1091 24.28 62.24 -49.10
C VAL E 1091 24.83 60.90 -48.64
N ASN E 1092 26.07 60.60 -48.95
CA ASN E 1092 26.63 59.27 -48.76
C ASN E 1092 27.10 59.01 -47.33
N GLU E 1093 26.65 59.78 -46.35
CA GLU E 1093 27.12 59.61 -44.99
C GLU E 1093 26.02 59.25 -44.01
N GLY E 1094 24.92 59.99 -44.00
CA GLY E 1094 23.91 59.79 -42.98
C GLY E 1094 22.92 58.70 -43.31
N LEU E 1095 21.65 58.93 -42.99
CA LEU E 1095 20.62 57.95 -43.25
C LEU E 1095 19.28 58.64 -43.44
N THR E 1096 18.57 58.25 -44.49
CA THR E 1096 17.35 58.93 -44.91
C THR E 1096 16.15 58.33 -44.22
N TYR E 1097 15.17 59.19 -43.92
CA TYR E 1097 13.92 58.77 -43.30
C TYR E 1097 12.80 59.05 -44.27
N LEU E 1098 12.24 58.00 -44.85
CA LEU E 1098 11.20 58.12 -45.86
C LEU E 1098 9.84 58.03 -45.20
N ILE E 1099 8.84 58.62 -45.85
CA ILE E 1099 7.47 58.63 -45.34
C ILE E 1099 6.54 58.17 -46.45
N GLY E 1100 5.79 57.11 -46.19
CA GLY E 1100 4.83 56.62 -47.17
C GLY E 1100 3.42 56.58 -46.65
N TYR E 1101 2.44 56.55 -47.54
CA TYR E 1101 1.03 56.51 -47.14
C TYR E 1101 0.35 55.31 -47.77
N SER E 1102 -0.78 54.95 -47.18
CA SER E 1102 -1.60 53.84 -47.66
C SER E 1102 -2.67 54.33 -48.62
N GLN E 1103 -3.23 53.40 -49.38
CA GLN E 1103 -4.27 53.73 -50.35
C GLN E 1103 -5.65 53.56 -49.71
N THR E 1104 -5.93 54.47 -48.79
CA THR E 1104 -7.21 54.49 -48.09
C THR E 1104 -7.66 55.94 -47.93
N GLU E 1105 -8.98 56.12 -47.81
CA GLU E 1105 -9.53 57.46 -47.72
C GLU E 1105 -9.18 58.13 -46.38
N PRO E 1106 -9.19 57.42 -45.23
CA PRO E 1106 -8.42 57.94 -44.10
C PRO E 1106 -6.97 57.59 -44.32
N ARG E 1107 -6.26 58.44 -45.06
CA ARG E 1107 -4.90 58.15 -45.51
C ARG E 1107 -3.95 58.04 -44.34
N ILE E 1108 -3.38 56.85 -44.17
CA ILE E 1108 -2.59 56.52 -42.98
C ILE E 1108 -1.12 56.44 -43.38
N TYR E 1109 -0.28 57.14 -42.62
CA TYR E 1109 1.11 57.36 -42.99
C TYR E 1109 2.04 56.42 -42.24
N TYR E 1110 3.18 56.14 -42.86
CA TYR E 1110 4.18 55.23 -42.33
C TYR E 1110 5.53 55.92 -42.39
N TRP E 1111 6.54 55.32 -41.78
CA TRP E 1111 7.89 55.80 -41.95
C TRP E 1111 8.87 54.64 -41.93
N ARG E 1112 9.95 54.77 -42.68
CA ARG E 1112 11.01 53.78 -42.71
C ARG E 1112 12.34 54.50 -42.73
N ASN E 1113 13.42 53.73 -42.57
CA ASN E 1113 14.74 54.30 -42.39
C ASN E 1113 15.75 53.50 -43.21
N VAL E 1114 16.56 54.20 -43.98
CA VAL E 1114 17.53 53.55 -44.86
C VAL E 1114 18.89 54.21 -44.65
N ASP E 1115 19.92 53.40 -44.43
CA ASP E 1115 21.25 53.87 -44.11
C ASP E 1115 22.10 53.94 -45.37
N HIS E 1116 22.90 55.00 -45.48
CA HIS E 1116 23.81 55.17 -46.60
C HIS E 1116 25.21 54.67 -46.30
N GLN E 1117 25.47 54.21 -45.08
CA GLN E 1117 26.76 53.60 -44.81
C GLN E 1117 26.86 52.22 -45.43
N LYS E 1118 25.72 51.60 -45.73
CA LYS E 1118 25.74 50.22 -46.21
C LYS E 1118 25.93 50.13 -47.72
N CYS E 1119 25.49 51.15 -48.46
CA CYS E 1119 25.67 51.12 -49.91
C CYS E 1119 27.14 51.34 -50.24
N GLN E 1120 27.86 50.24 -50.52
CA GLN E 1120 29.30 50.32 -50.73
C GLN E 1120 29.65 50.99 -52.04
N HIS E 1121 28.77 50.92 -53.05
CA HIS E 1121 28.98 51.68 -54.28
C HIS E 1121 27.61 51.99 -54.86
N GLY E 1122 27.03 53.11 -54.46
CA GLY E 1122 25.82 53.63 -55.06
C GLY E 1122 24.52 52.88 -54.80
N GLN E 1123 24.59 51.59 -54.51
CA GLN E 1123 23.43 50.71 -54.48
C GLN E 1123 23.29 50.13 -53.09
N PHE E 1124 22.10 50.28 -52.51
CA PHE E 1124 21.86 49.81 -51.15
C PHE E 1124 21.70 48.30 -51.11
N ALA E 1125 22.24 47.70 -50.05
CA ALA E 1125 21.91 46.32 -49.76
C ALA E 1125 20.55 46.27 -49.07
N ALA E 1126 20.00 45.05 -48.97
CA ALA E 1126 18.76 44.88 -48.22
C ALA E 1126 18.96 44.97 -46.73
N ASN E 1127 20.21 44.93 -46.26
CA ASN E 1127 20.51 45.22 -44.86
C ASN E 1127 20.24 46.67 -44.50
N ALA E 1128 20.37 47.59 -45.45
CA ALA E 1128 20.23 49.01 -45.15
C ALA E 1128 18.79 49.41 -44.91
N TRP E 1129 17.85 48.73 -45.55
CA TRP E 1129 16.45 49.11 -45.46
C TRP E 1129 15.85 48.64 -44.15
N GLY E 1130 15.19 49.55 -43.46
CA GLY E 1130 14.45 49.19 -42.27
C GLY E 1130 12.99 48.91 -42.57
N GLU E 1131 12.30 48.40 -41.57
CA GLU E 1131 10.89 48.07 -41.72
C GLU E 1131 10.06 49.34 -41.75
N TRP E 1132 8.95 49.30 -42.50
CA TRP E 1132 7.94 50.35 -42.38
C TRP E 1132 7.34 50.33 -40.99
N LYS E 1133 7.21 51.50 -40.40
CA LYS E 1133 6.62 51.63 -39.07
C LYS E 1133 5.46 52.62 -39.14
N LYS E 1134 4.27 52.13 -38.82
CA LYS E 1134 3.08 52.95 -38.92
C LYS E 1134 3.05 53.99 -37.81
N ILE E 1135 2.86 55.23 -38.18
CA ILE E 1135 2.68 56.28 -37.17
C ILE E 1135 1.22 56.28 -36.75
N GLU E 1136 0.99 56.62 -35.49
CA GLU E 1136 -0.33 56.41 -34.92
C GLU E 1136 -1.13 57.69 -34.81
N ILE E 1137 -0.48 58.83 -34.87
CA ILE E 1137 -1.20 60.10 -34.82
C ILE E 1137 -1.89 60.34 -36.17
N PRO E 1138 -3.20 60.55 -36.20
CA PRO E 1138 -3.89 60.73 -37.48
C PRO E 1138 -3.61 62.11 -38.06
N ILE E 1139 -3.25 62.15 -39.33
CA ILE E 1139 -2.73 63.33 -39.99
C ILE E 1139 -3.58 63.64 -41.21
N ASN E 1140 -4.04 64.89 -41.30
CA ASN E 1140 -4.84 65.35 -42.43
C ASN E 1140 -4.09 66.51 -43.09
N VAL E 1141 -3.25 66.20 -44.07
CA VAL E 1141 -2.42 67.21 -44.70
C VAL E 1141 -3.25 68.01 -45.69
N TRP E 1142 -2.85 69.26 -45.92
CA TRP E 1142 -3.38 70.05 -47.01
C TRP E 1142 -2.35 70.07 -48.12
N GLN E 1143 -2.72 69.48 -49.27
CA GLN E 1143 -1.91 69.44 -50.49
C GLN E 1143 -0.54 68.77 -50.28
N GLU E 1144 -0.50 67.81 -49.35
CA GLU E 1144 0.64 66.93 -49.12
C GLU E 1144 1.92 67.70 -48.74
N ASN E 1145 1.78 68.78 -47.99
CA ASN E 1145 2.93 69.53 -47.50
C ASN E 1145 3.31 68.97 -46.13
N ILE E 1146 4.06 67.87 -46.16
CA ILE E 1146 4.42 67.15 -44.95
C ILE E 1146 5.86 66.66 -45.08
N ARG E 1147 6.72 67.10 -44.16
CA ARG E 1147 8.12 66.72 -44.17
C ARG E 1147 8.50 66.17 -42.80
N PRO E 1148 9.41 65.21 -42.73
CA PRO E 1148 10.02 64.84 -41.45
C PRO E 1148 11.29 65.62 -41.21
N VAL E 1149 11.71 65.65 -39.95
CA VAL E 1149 12.92 66.36 -39.58
C VAL E 1149 13.56 65.68 -38.37
N ILE E 1150 14.83 65.32 -38.51
CA ILE E 1150 15.60 64.74 -37.42
C ILE E 1150 16.15 65.90 -36.60
N TYR E 1151 15.65 66.04 -35.38
CA TYR E 1151 16.06 67.13 -34.51
C TYR E 1151 16.49 66.55 -33.18
N LYS E 1152 17.76 66.79 -32.82
CA LYS E 1152 18.43 66.21 -31.65
C LYS E 1152 18.34 64.68 -31.67
N SER E 1153 18.56 64.11 -32.86
CA SER E 1153 18.46 62.68 -33.15
C SER E 1153 17.10 62.11 -32.77
N ARG E 1154 16.04 62.90 -32.94
CA ARG E 1154 14.69 62.48 -32.64
C ARG E 1154 13.80 62.82 -33.81
N LEU E 1155 12.98 61.88 -34.23
CA LEU E 1155 12.18 62.04 -35.45
C LEU E 1155 11.02 62.96 -35.16
N TYR E 1156 11.13 64.20 -35.64
CA TYR E 1156 10.01 65.14 -35.61
C TYR E 1156 9.29 65.13 -36.94
N LEU E 1157 8.00 65.43 -36.89
CA LEU E 1157 7.15 65.36 -38.07
C LEU E 1157 6.34 66.64 -38.18
N LEU E 1158 6.36 67.25 -39.36
CA LEU E 1158 5.71 68.53 -39.59
C LEU E 1158 4.76 68.44 -40.77
N TRP E 1159 3.60 69.06 -40.63
CA TRP E 1159 2.66 69.20 -41.74
C TRP E 1159 1.72 70.35 -41.47
N LEU E 1160 0.89 70.64 -42.45
CA LEU E 1160 -0.10 71.70 -42.35
C LEU E 1160 -1.49 71.12 -42.50
N GLU E 1161 -2.44 71.72 -41.79
CA GLU E 1161 -3.84 71.38 -41.96
C GLU E 1161 -4.57 72.63 -42.41
N GLN E 1162 -5.64 72.45 -43.17
CA GLN E 1162 -6.48 73.58 -43.55
C GLN E 1162 -7.90 73.34 -43.09
N LYS E 1163 -8.62 74.43 -42.85
CA LYS E 1163 -10.01 74.39 -42.42
C LYS E 1163 -10.76 75.39 -43.29
N GLU E 1164 -11.24 74.92 -44.44
CA GLU E 1164 -11.97 75.80 -45.34
C GLU E 1164 -13.44 75.81 -44.99
N LEU E 1165 -13.96 77.00 -44.71
CA LEU E 1165 -15.38 77.19 -44.40
C LEU E 1165 -15.88 78.34 -45.27
N LYS E 1166 -16.52 78.00 -46.38
CA LYS E 1166 -17.03 78.97 -47.33
C LYS E 1166 -18.54 78.94 -47.35
N ASN E 1167 -19.17 80.11 -47.23
CA ASN E 1167 -20.62 80.19 -47.29
C ASN E 1167 -21.12 79.96 -48.70
N GLU E 1168 -20.40 80.50 -49.69
CA GLU E 1168 -20.71 80.40 -51.12
C GLU E 1168 -22.11 80.95 -51.43
N SER E 1169 -22.25 82.24 -51.15
CA SER E 1169 -23.47 82.97 -51.43
C SER E 1169 -23.11 84.45 -51.54
N GLU E 1170 -24.14 85.29 -51.53
CA GLU E 1170 -23.95 86.74 -51.59
C GLU E 1170 -24.38 87.43 -50.31
N ASP E 1171 -25.57 87.10 -49.80
CA ASP E 1171 -26.05 87.67 -48.55
C ASP E 1171 -25.31 87.01 -47.40
N GLY E 1172 -24.37 87.74 -46.80
CA GLY E 1172 -23.53 87.19 -45.76
C GLY E 1172 -22.55 86.19 -46.32
N LYS E 1173 -21.77 86.61 -47.32
CA LYS E 1173 -20.74 85.73 -47.87
C LYS E 1173 -19.60 85.61 -46.88
N ILE E 1174 -19.45 84.41 -46.31
CA ILE E 1174 -18.45 84.15 -45.30
C ILE E 1174 -17.43 83.19 -45.88
N ASP E 1175 -16.17 83.63 -45.94
CA ASP E 1175 -15.09 82.81 -46.46
C ASP E 1175 -13.98 82.81 -45.42
N ILE E 1176 -14.04 81.86 -44.50
CA ILE E 1176 -13.05 81.71 -43.45
C ILE E 1176 -12.25 80.46 -43.72
N THR E 1177 -10.97 80.63 -44.06
CA THR E 1177 -10.04 79.53 -44.24
C THR E 1177 -8.93 79.69 -43.23
N ASP E 1178 -8.52 78.59 -42.59
CA ASP E 1178 -7.51 78.63 -41.54
C ASP E 1178 -6.48 77.55 -41.79
N TYR E 1179 -5.23 77.97 -41.93
CA TYR E 1179 -4.10 77.06 -42.12
C TYR E 1179 -3.32 76.99 -40.82
N ILE E 1180 -3.02 75.77 -40.40
CA ILE E 1180 -2.45 75.53 -39.07
C ILE E 1180 -1.33 74.50 -39.22
N LEU E 1181 -0.16 74.84 -38.67
CA LEU E 1181 1.00 73.95 -38.68
C LEU E 1181 0.97 73.06 -37.45
N LYS E 1182 1.18 71.77 -37.66
CA LYS E 1182 1.18 70.80 -36.56
C LYS E 1182 2.52 70.09 -36.49
N LEU E 1183 2.97 69.81 -35.27
CA LEU E 1183 4.28 69.21 -35.02
C LEU E 1183 4.13 68.05 -34.06
N SER E 1184 4.72 66.91 -34.41
CA SER E 1184 4.72 65.75 -33.54
C SER E 1184 6.06 65.03 -33.65
N HIS E 1185 6.53 64.52 -32.52
CA HIS E 1185 7.78 63.79 -32.48
C HIS E 1185 7.56 62.44 -31.84
N ILE E 1186 8.41 61.52 -32.19
CA ILE E 1186 8.31 60.15 -31.70
C ILE E 1186 8.93 60.08 -30.31
N ARG E 1187 8.57 59.05 -29.56
CA ARG E 1187 9.15 58.79 -28.25
C ARG E 1187 10.06 57.59 -28.34
N TYR E 1188 10.66 57.21 -27.22
CA TYR E 1188 11.55 56.06 -27.21
C TYR E 1188 10.80 54.75 -27.33
N ASP E 1189 9.56 54.69 -26.86
CA ASP E 1189 8.77 53.48 -26.92
C ASP E 1189 7.94 53.37 -28.19
N GLY E 1190 8.27 54.16 -29.21
CA GLY E 1190 7.54 54.09 -30.46
C GLY E 1190 6.25 54.88 -30.51
N SER E 1191 5.75 55.34 -29.37
CA SER E 1191 4.55 56.16 -29.39
C SER E 1191 4.85 57.55 -29.92
N TRP E 1192 3.81 58.22 -30.39
CA TRP E 1192 3.93 59.54 -30.98
C TRP E 1192 3.34 60.59 -30.05
N SER E 1193 3.96 61.77 -30.05
CA SER E 1193 3.52 62.83 -29.16
C SER E 1193 2.21 63.44 -29.65
N SER E 1194 1.62 64.26 -28.80
CA SER E 1194 0.47 65.04 -29.20
C SER E 1194 0.90 66.12 -30.19
N PRO E 1195 0.07 66.43 -31.18
CA PRO E 1195 0.47 67.45 -32.16
C PRO E 1195 0.39 68.84 -31.55
N PHE E 1196 1.43 69.62 -31.79
CA PHE E 1196 1.51 70.99 -31.31
C PHE E 1196 1.01 71.93 -32.39
N ASN E 1197 -0.03 72.69 -32.10
CA ASN E 1197 -0.65 73.54 -33.09
C ASN E 1197 0.04 74.89 -33.19
N PHE E 1198 0.12 75.41 -34.41
CA PHE E 1198 0.69 76.73 -34.67
C PHE E 1198 -0.13 77.40 -35.75
N ASN E 1199 -0.72 78.54 -35.43
CA ASN E 1199 -1.47 79.30 -36.41
C ASN E 1199 -0.49 79.96 -37.37
N VAL E 1200 -0.65 79.68 -38.66
CA VAL E 1200 0.32 80.13 -39.65
C VAL E 1200 -0.44 80.71 -40.84
N THR E 1201 -1.76 80.91 -40.66
CA THR E 1201 -2.63 81.21 -41.77
C THR E 1201 -2.38 82.60 -42.35
N ASP E 1202 -1.80 83.52 -41.57
CA ASP E 1202 -1.49 84.84 -42.10
C ASP E 1202 -0.35 84.76 -43.10
N LYS E 1203 0.71 84.02 -42.76
CA LYS E 1203 1.83 83.84 -43.67
C LYS E 1203 1.43 83.02 -44.87
N ILE E 1204 0.56 82.02 -44.68
CA ILE E 1204 0.12 81.22 -45.81
C ILE E 1204 -0.79 82.03 -46.72
N GLU E 1205 -1.61 82.92 -46.16
CA GLU E 1205 -2.42 83.79 -47.02
C GLU E 1205 -1.58 84.85 -47.71
N ASN E 1206 -0.47 85.26 -47.09
CA ASN E 1206 0.48 86.11 -47.80
C ASN E 1206 1.09 85.40 -48.98
N LEU E 1207 1.45 84.12 -48.82
CA LEU E 1207 1.97 83.35 -49.94
C LEU E 1207 0.89 82.92 -50.91
N ILE E 1208 -0.39 83.03 -50.54
CA ILE E 1208 -1.44 82.53 -51.39
C ILE E 1208 -2.11 83.65 -52.18
N ASN E 1209 -2.07 84.89 -51.67
CA ASN E 1209 -2.58 86.02 -52.44
C ASN E 1209 -1.73 86.28 -53.67
N LYS E 1210 -0.41 86.13 -53.55
CA LYS E 1210 0.42 85.94 -54.71
C LYS E 1210 0.25 84.51 -55.19
N LYS E 1211 -0.50 84.33 -56.27
CA LYS E 1211 -1.05 83.03 -56.64
C LYS E 1211 0.03 82.08 -57.14
N ALA E 1212 0.48 81.18 -56.26
CA ALA E 1212 1.50 80.22 -56.62
C ALA E 1212 1.38 79.01 -55.69
N SER E 1213 1.97 77.90 -56.11
CA SER E 1213 2.02 76.70 -55.29
C SER E 1213 2.95 76.93 -54.10
N ILE E 1214 2.55 76.43 -52.95
CA ILE E 1214 3.24 76.69 -51.70
C ILE E 1214 4.18 75.53 -51.42
N GLY E 1215 5.47 75.83 -51.30
CA GLY E 1215 6.46 74.84 -50.91
C GLY E 1215 6.67 74.84 -49.40
N MET E 1216 7.54 73.95 -48.96
CA MET E 1216 7.76 73.76 -47.53
C MET E 1216 9.17 73.21 -47.32
N TYR E 1217 10.02 73.99 -46.67
CA TYR E 1217 11.34 73.56 -46.28
C TYR E 1217 11.34 73.26 -44.78
N CYS E 1218 11.80 72.08 -44.41
CA CYS E 1218 11.87 71.69 -43.00
C CYS E 1218 13.20 71.03 -42.75
N SER E 1219 14.03 71.64 -41.92
CA SER E 1219 15.33 71.07 -41.59
C SER E 1219 15.72 71.51 -40.19
N SER E 1220 16.85 70.98 -39.73
CA SER E 1220 17.34 71.22 -38.37
C SER E 1220 18.74 71.82 -38.45
N ASP E 1221 18.88 73.05 -37.98
CA ASP E 1221 20.19 73.62 -37.76
C ASP E 1221 20.85 72.92 -36.58
N TYR E 1222 22.17 72.83 -36.62
CA TYR E 1222 22.90 72.27 -35.49
C TYR E 1222 23.76 73.27 -34.75
N GLU E 1223 24.18 74.36 -35.41
CA GLU E 1223 24.90 75.41 -34.70
C GLU E 1223 23.97 76.13 -33.75
N LYS E 1224 22.96 76.81 -34.28
CA LYS E 1224 21.80 77.11 -33.46
C LYS E 1224 20.96 75.86 -33.37
N ASP E 1225 20.28 75.70 -32.24
CA ASP E 1225 19.56 74.45 -31.98
C ASP E 1225 18.08 74.58 -32.28
N VAL E 1226 17.73 75.27 -33.35
CA VAL E 1226 16.33 75.44 -33.74
C VAL E 1226 16.10 74.64 -35.02
N ILE E 1227 14.83 74.57 -35.43
CA ILE E 1227 14.48 74.01 -36.72
C ILE E 1227 13.93 75.12 -37.59
N ILE E 1228 14.29 75.07 -38.86
CA ILE E 1228 13.95 76.13 -39.81
C ILE E 1228 12.78 75.64 -40.64
N VAL E 1229 11.67 76.39 -40.60
CA VAL E 1229 10.54 76.14 -41.47
C VAL E 1229 10.25 77.44 -42.18
N TYR E 1230 10.47 77.48 -43.48
CA TYR E 1230 9.94 78.55 -44.29
C TYR E 1230 9.18 77.94 -45.45
N PHE E 1231 8.06 78.57 -45.78
CA PHE E 1231 7.28 78.22 -46.94
C PHE E 1231 7.66 79.15 -48.06
N HIS E 1232 7.77 78.61 -49.27
CA HIS E 1232 8.14 79.39 -50.42
C HIS E 1232 7.12 79.16 -51.52
N GLU E 1233 7.06 80.09 -52.46
CA GLU E 1233 6.35 79.82 -53.69
C GLU E 1233 7.16 78.85 -54.53
N LYS E 1234 6.49 78.19 -55.47
CA LYS E 1234 7.14 77.21 -56.31
C LYS E 1234 7.39 77.81 -57.68
N LYS E 1235 8.65 78.03 -58.01
CA LYS E 1235 9.05 78.36 -59.36
C LYS E 1235 9.45 77.08 -60.09
N ASP E 1236 9.66 77.22 -61.40
CA ASP E 1236 10.27 76.12 -62.15
C ASP E 1236 11.78 76.15 -62.07
N ASN E 1237 12.35 77.28 -61.63
CA ASN E 1237 13.77 77.38 -61.39
C ASN E 1237 14.01 78.49 -60.38
N TYR E 1238 14.88 78.21 -59.42
CA TYR E 1238 15.32 79.19 -58.46
C TYR E 1238 16.76 79.56 -58.80
N SER E 1239 16.97 80.82 -59.18
CA SER E 1239 18.21 81.22 -59.85
C SER E 1239 19.14 81.99 -58.94
N PHE E 1240 19.01 81.84 -57.61
CA PHE E 1240 19.94 82.29 -56.57
C PHE E 1240 19.96 83.82 -56.40
N ASN E 1241 19.30 84.55 -57.29
CA ASN E 1241 19.20 85.99 -57.20
C ASN E 1241 17.78 86.48 -57.37
N SER E 1242 16.94 85.67 -58.03
CA SER E 1242 15.50 85.88 -58.05
C SER E 1242 14.92 84.98 -56.96
N LEU E 1243 14.91 85.49 -55.74
CA LEU E 1243 14.43 84.71 -54.61
C LEU E 1243 12.91 84.57 -54.68
N PRO E 1244 12.38 83.39 -54.37
CA PRO E 1244 10.93 83.22 -54.35
C PRO E 1244 10.32 83.93 -53.15
N ALA E 1245 9.02 84.18 -53.24
CA ALA E 1245 8.30 84.76 -52.14
C ALA E 1245 8.27 83.78 -50.97
N ARG E 1246 8.66 84.26 -49.80
CA ARG E 1246 8.97 83.35 -48.70
C ARG E 1246 8.31 83.85 -47.44
N GLU E 1247 8.07 82.94 -46.50
CA GLU E 1247 7.52 83.26 -45.19
C GLU E 1247 8.26 82.45 -44.16
N GLY E 1248 9.04 83.12 -43.32
CA GLY E 1248 9.97 82.45 -42.43
C GLY E 1248 9.37 82.22 -41.06
N MET E 1249 9.95 81.25 -40.37
CA MET E 1249 9.48 80.77 -39.08
C MET E 1249 10.55 79.86 -38.51
N THR E 1250 10.60 79.76 -37.18
CA THR E 1250 11.54 78.87 -36.53
C THR E 1250 11.00 78.43 -35.18
N ILE E 1251 11.30 77.19 -34.82
CA ILE E 1251 10.81 76.58 -33.58
C ILE E 1251 11.99 76.27 -32.68
N ASN E 1252 11.86 76.58 -31.39
CA ASN E 1252 12.88 76.35 -30.39
C ASN E 1252 13.00 74.85 -30.08
N PRO E 1253 13.97 74.45 -29.25
CA PRO E 1253 13.91 73.08 -28.69
C PRO E 1253 12.64 72.79 -27.92
N ASP E 1254 12.23 73.69 -27.05
CA ASP E 1254 10.86 73.67 -26.55
C ASP E 1254 9.93 74.03 -27.70
N MET E 1255 8.69 73.55 -27.64
CA MET E 1255 7.76 73.75 -28.74
C MET E 1255 7.20 75.18 -28.83
N THR E 1256 7.74 76.13 -28.07
CA THR E 1256 7.47 77.53 -28.32
C THR E 1256 8.07 77.94 -29.66
N LEU E 1257 7.36 78.83 -30.35
CA LEU E 1257 7.76 79.26 -31.68
C LEU E 1257 8.53 80.58 -31.58
N SER E 1258 9.53 80.73 -32.43
CA SER E 1258 10.35 81.91 -32.48
C SER E 1258 10.13 82.64 -33.79
N ILE E 1259 10.33 83.96 -33.79
CA ILE E 1259 10.15 84.72 -35.02
C ILE E 1259 11.43 84.64 -35.85
N LEU E 1260 11.30 84.93 -37.14
CA LEU E 1260 12.44 84.90 -38.05
C LEU E 1260 12.42 86.19 -38.86
N THR E 1261 13.46 87.01 -38.70
CA THR E 1261 13.54 88.25 -39.44
C THR E 1261 13.84 87.96 -40.92
N GLU E 1262 13.58 88.98 -41.75
CA GLU E 1262 13.72 88.79 -43.18
C GLU E 1262 15.16 88.70 -43.63
N ASN E 1263 16.10 89.30 -42.89
CA ASN E 1263 17.50 89.22 -43.28
C ASN E 1263 18.06 87.83 -43.04
N ASP E 1264 17.75 87.27 -41.86
CA ASP E 1264 18.13 85.88 -41.59
C ASP E 1264 17.38 84.92 -42.49
N LEU E 1265 16.15 85.27 -42.87
CA LEU E 1265 15.39 84.44 -43.79
C LEU E 1265 16.02 84.43 -45.18
N ASP E 1266 16.50 85.58 -45.64
CA ASP E 1266 17.16 85.64 -46.94
C ASP E 1266 18.50 84.93 -46.90
N ALA E 1267 19.20 85.01 -45.77
CA ALA E 1267 20.43 84.24 -45.61
C ALA E 1267 20.16 82.73 -45.65
N ILE E 1268 19.08 82.28 -45.01
CA ILE E 1268 18.70 80.88 -45.05
C ILE E 1268 18.32 80.43 -46.45
N VAL E 1269 17.51 81.20 -47.16
CA VAL E 1269 17.11 80.84 -48.52
C VAL E 1269 18.30 80.84 -49.47
N LYS E 1270 19.21 81.81 -49.33
CA LYS E 1270 20.44 81.78 -50.11
C LYS E 1270 21.32 80.60 -49.75
N SER E 1271 21.23 80.12 -48.52
CA SER E 1271 22.02 78.96 -48.12
C SER E 1271 21.50 77.66 -48.73
N THR E 1272 20.18 77.46 -48.79
CA THR E 1272 19.66 76.18 -49.26
C THR E 1272 18.54 76.33 -50.27
N LEU E 1273 18.72 77.21 -51.26
CA LEU E 1273 17.82 77.21 -52.41
C LEU E 1273 17.89 75.90 -53.20
N SER E 1274 19.03 75.23 -53.18
CA SER E 1274 19.21 74.03 -54.00
C SER E 1274 18.36 72.85 -53.54
N GLU E 1275 18.00 72.79 -52.26
CA GLU E 1275 17.20 71.69 -51.75
C GLU E 1275 15.72 71.99 -51.80
N LEU E 1276 15.30 73.01 -52.55
CA LEU E 1276 13.90 73.38 -52.60
C LEU E 1276 13.21 72.67 -53.75
N ASP E 1277 11.98 72.24 -53.48
CA ASP E 1277 11.18 71.50 -54.47
C ASP E 1277 10.65 72.47 -55.51
N THR E 1278 10.83 72.13 -56.78
CA THR E 1278 10.30 72.94 -57.88
C THR E 1278 8.86 72.51 -58.17
N ARG E 1279 8.30 73.03 -59.26
CA ARG E 1279 6.92 72.67 -59.61
C ARG E 1279 6.83 71.30 -60.26
N THR E 1280 7.96 70.70 -60.65
CA THR E 1280 7.95 69.47 -61.42
C THR E 1280 8.69 68.33 -60.75
N GLU E 1281 9.58 68.58 -59.81
CA GLU E 1281 10.41 67.54 -59.24
C GLU E 1281 10.52 67.74 -57.73
N TYR E 1282 10.29 66.68 -56.97
CA TYR E 1282 10.30 66.73 -55.52
C TYR E 1282 11.71 66.48 -55.01
N LYS E 1283 12.13 67.29 -54.05
CA LYS E 1283 13.44 67.17 -53.45
C LYS E 1283 13.32 66.56 -52.06
N VAL E 1284 14.47 66.30 -51.46
CA VAL E 1284 14.57 65.82 -50.09
C VAL E 1284 15.51 66.75 -49.35
N ASN E 1285 15.02 67.37 -48.29
CA ASN E 1285 15.81 68.32 -47.54
C ASN E 1285 16.89 67.62 -46.74
N ASN E 1286 18.11 68.12 -46.83
CA ASN E 1286 19.20 67.61 -46.02
C ASN E 1286 19.23 68.36 -44.70
N GLN E 1287 20.27 68.11 -43.93
CA GLN E 1287 20.51 68.91 -42.75
C GLN E 1287 20.95 70.31 -43.16
N PHE E 1288 20.38 71.32 -42.51
CA PHE E 1288 20.72 72.69 -42.86
C PHE E 1288 22.10 73.04 -42.33
N ALA E 1289 22.91 73.63 -43.20
CA ALA E 1289 24.21 74.15 -42.79
C ALA E 1289 24.55 75.30 -43.72
N THR E 1290 25.01 76.41 -43.13
CA THR E 1290 25.28 77.60 -43.93
C THR E 1290 26.51 77.42 -44.81
N ASP E 1291 27.70 77.39 -44.20
CA ASP E 1291 28.92 77.16 -44.96
C ASP E 1291 29.67 75.92 -44.49
N TYR E 1292 29.88 75.77 -43.18
CA TYR E 1292 30.65 74.65 -42.65
C TYR E 1292 29.97 74.09 -41.41
N LEU E 1293 30.59 73.07 -40.84
CA LEU E 1293 30.20 72.52 -39.56
C LEU E 1293 31.43 72.07 -38.81
N ALA E 1294 31.60 72.60 -37.60
CA ALA E 1294 32.76 72.29 -36.76
C ALA E 1294 32.38 71.18 -35.79
N GLU E 1295 32.92 69.98 -36.02
CA GLU E 1295 32.69 68.83 -35.17
C GLU E 1295 33.86 68.72 -34.19
N TYR E 1296 33.60 69.08 -32.93
CA TYR E 1296 34.67 69.10 -31.94
C TYR E 1296 34.07 69.03 -30.54
N LYS E 1297 34.92 68.67 -29.59
CA LYS E 1297 34.57 68.66 -28.17
C LYS E 1297 35.31 69.78 -27.47
N GLU E 1298 34.74 70.24 -26.36
CA GLU E 1298 35.35 71.38 -25.66
C GLU E 1298 36.50 70.94 -24.77
N SER E 1299 36.21 70.17 -23.72
CA SER E 1299 37.20 69.83 -22.71
C SER E 1299 37.52 68.34 -22.75
N ILE E 1300 38.81 68.02 -22.74
CA ILE E 1300 39.27 66.64 -22.79
C ILE E 1300 40.27 66.43 -21.65
N THR E 1301 39.95 65.50 -20.76
CA THR E 1301 40.76 65.22 -19.58
C THR E 1301 41.83 64.19 -19.90
N THR E 1302 42.84 64.15 -19.06
CA THR E 1302 43.88 63.14 -19.13
C THR E 1302 44.10 62.41 -17.82
N LYS E 1303 44.10 63.14 -16.70
CA LYS E 1303 44.27 62.62 -15.33
C LYS E 1303 45.54 61.79 -15.18
N ASN E 1304 46.66 62.49 -15.31
CA ASN E 1304 47.92 61.94 -14.84
C ASN E 1304 47.89 61.79 -13.32
N LYS E 1305 48.64 60.80 -12.82
CA LYS E 1305 48.71 60.57 -11.38
C LYS E 1305 49.39 61.70 -10.62
N LEU E 1306 50.15 62.56 -11.31
CA LEU E 1306 50.56 63.82 -10.71
C LEU E 1306 49.38 64.78 -10.59
N ALA E 1307 48.71 65.07 -11.71
CA ALA E 1307 47.66 66.06 -11.76
C ALA E 1307 46.84 65.86 -13.01
N SER E 1308 45.54 66.07 -12.90
CA SER E 1308 44.68 66.12 -14.08
C SER E 1308 44.94 67.43 -14.80
N PHE E 1309 44.75 67.43 -16.12
CA PHE E 1309 45.10 68.61 -16.89
C PHE E 1309 43.91 69.28 -17.56
N THR E 1310 43.13 68.54 -18.34
CA THR E 1310 41.85 68.98 -18.92
C THR E 1310 41.98 70.25 -19.77
N GLY E 1311 42.84 70.19 -20.80
CA GLY E 1311 42.94 71.30 -21.71
C GLY E 1311 41.72 71.42 -22.60
N ASN E 1312 41.36 72.66 -22.94
CA ASN E 1312 40.10 72.86 -23.62
C ASN E 1312 40.16 74.03 -24.59
N ILE E 1313 39.17 74.04 -25.49
CA ILE E 1313 38.96 75.10 -26.46
C ILE E 1313 37.63 75.75 -26.14
N PHE E 1314 37.64 77.05 -25.89
CA PHE E 1314 36.49 77.69 -25.26
C PHE E 1314 35.49 78.26 -26.25
N ASP E 1315 35.90 79.24 -27.06
CA ASP E 1315 34.96 80.00 -27.88
C ASP E 1315 35.31 79.85 -29.35
N LEU E 1316 34.84 78.77 -29.96
CA LEU E 1316 35.13 78.49 -31.36
C LEU E 1316 34.22 79.34 -32.23
N SER E 1317 34.79 79.95 -33.25
CA SER E 1317 34.04 80.73 -34.21
C SER E 1317 34.75 80.68 -35.54
N TYR E 1318 33.98 80.52 -36.61
CA TYR E 1318 34.54 80.42 -37.95
C TYR E 1318 33.67 81.17 -38.93
N ILE E 1319 34.31 81.95 -39.80
CA ILE E 1319 33.62 82.74 -40.81
C ILE E 1319 34.21 82.35 -42.15
N SER E 1320 33.35 81.96 -43.09
CA SER E 1320 33.80 81.61 -44.43
C SER E 1320 33.92 82.88 -45.26
N PRO E 1321 35.13 83.31 -45.64
CA PRO E 1321 35.25 84.54 -46.41
C PRO E 1321 34.83 84.39 -47.86
N GLY E 1322 34.96 83.20 -48.42
CA GLY E 1322 34.59 82.95 -49.81
C GLY E 1322 34.02 81.58 -49.95
N ASN E 1323 34.39 80.90 -51.03
CA ASN E 1323 33.83 79.59 -51.30
C ASN E 1323 34.49 78.50 -50.46
N GLY E 1324 35.79 78.29 -50.67
CA GLY E 1324 36.44 77.13 -50.08
C GLY E 1324 37.32 77.44 -48.90
N HIS E 1325 37.22 78.64 -48.34
CA HIS E 1325 38.10 79.07 -47.26
C HIS E 1325 37.36 79.19 -45.94
N ILE E 1326 38.13 79.44 -44.89
CA ILE E 1326 37.58 79.56 -43.54
C ILE E 1326 38.49 80.49 -42.75
N ASN E 1327 37.92 81.10 -41.71
CA ASN E 1327 38.67 81.95 -40.79
C ASN E 1327 38.33 81.49 -39.38
N LEU E 1328 39.10 80.54 -38.87
CA LEU E 1328 38.84 80.00 -37.54
C LEU E 1328 39.30 80.99 -36.48
N THR E 1329 38.66 80.90 -35.32
CA THR E 1329 38.99 81.76 -34.18
C THR E 1329 38.53 81.07 -32.92
N PHE E 1330 39.46 80.85 -31.99
CA PHE E 1330 39.12 80.26 -30.70
C PHE E 1330 40.15 80.65 -29.67
N ASN E 1331 39.82 80.41 -28.40
CA ASN E 1331 40.66 80.78 -27.26
C ASN E 1331 41.00 79.52 -26.48
N PRO E 1332 42.12 78.88 -26.77
CA PRO E 1332 42.48 77.66 -26.06
C PRO E 1332 43.00 77.95 -24.66
N SER E 1333 42.93 76.92 -23.82
CA SER E 1333 43.34 77.05 -22.43
C SER E 1333 43.74 75.69 -21.89
N MET E 1334 44.46 75.72 -20.78
CA MET E 1334 44.83 74.51 -20.05
C MET E 1334 44.54 74.75 -18.58
N GLU E 1335 44.03 73.72 -17.90
CA GLU E 1335 43.41 73.88 -16.59
C GLU E 1335 44.05 72.93 -15.58
N ILE E 1336 45.38 72.98 -15.50
CA ILE E 1336 46.15 72.08 -14.65
C ILE E 1336 45.75 72.25 -13.18
N ASN E 1337 45.17 71.20 -12.61
CA ASN E 1337 44.67 71.23 -11.25
C ASN E 1337 45.15 70.00 -10.50
N PHE E 1338 45.30 70.13 -9.19
CA PHE E 1338 45.81 69.06 -8.36
C PHE E 1338 44.73 68.48 -7.47
N ASP E 1500 56.60 78.55 -19.74
CA ASP E 1500 58.00 78.16 -19.62
C ASP E 1500 58.44 77.45 -20.88
N LYS E 1501 59.43 76.57 -20.73
CA LYS E 1501 59.64 75.47 -21.66
C LYS E 1501 58.71 74.30 -21.36
N ASN E 1502 57.84 74.47 -20.37
CA ASN E 1502 56.68 73.65 -20.06
C ASN E 1502 55.55 73.96 -21.02
N ILE E 1503 54.32 73.66 -20.60
CA ILE E 1503 53.12 73.37 -21.39
C ILE E 1503 52.93 74.21 -22.66
N SER E 1504 52.59 73.54 -23.76
CA SER E 1504 52.54 74.19 -25.05
C SER E 1504 51.30 73.75 -25.80
N PHE E 1505 50.70 74.71 -26.50
CA PHE E 1505 49.58 74.47 -27.38
C PHE E 1505 50.11 74.22 -28.78
N LEU E 1506 49.41 73.35 -29.52
CA LEU E 1506 49.80 73.07 -30.89
C LEU E 1506 48.56 72.76 -31.70
N LEU E 1507 48.26 73.61 -32.68
CA LEU E 1507 47.19 73.35 -33.63
C LEU E 1507 47.80 72.95 -34.96
N LYS E 1508 47.48 71.74 -35.40
CA LYS E 1508 48.07 71.18 -36.60
C LYS E 1508 47.01 70.73 -37.59
N ASN E 1509 47.41 70.66 -38.84
CA ASN E 1509 46.67 69.94 -39.87
C ASN E 1509 47.16 68.48 -39.85
N GLY E 1510 46.86 67.71 -40.89
CA GLY E 1510 47.37 66.35 -40.97
C GLY E 1510 48.89 66.29 -41.04
N SER E 1511 49.50 67.27 -41.69
CA SER E 1511 50.95 67.41 -41.66
C SER E 1511 51.44 68.83 -41.46
N ASP E 1512 50.59 69.84 -41.61
CA ASP E 1512 51.03 71.23 -41.52
C ASP E 1512 50.86 71.72 -40.09
N ILE E 1513 51.92 72.28 -39.53
CA ILE E 1513 51.86 72.95 -38.24
C ILE E 1513 51.34 74.36 -38.48
N LEU E 1514 50.09 74.62 -38.09
CA LEU E 1514 49.48 75.90 -38.38
C LEU E 1514 49.73 76.91 -37.28
N VAL E 1515 49.41 76.57 -36.03
CA VAL E 1515 49.55 77.49 -34.90
C VAL E 1515 50.31 76.77 -33.80
N GLU E 1516 51.44 77.34 -33.39
CA GLU E 1516 52.27 76.76 -32.34
C GLU E 1516 52.42 77.79 -31.22
N LEU E 1517 52.01 77.41 -30.01
CA LEU E 1517 52.01 78.33 -28.89
C LEU E 1517 52.80 77.75 -27.72
N ASN E 1518 53.24 78.64 -26.83
CA ASN E 1518 53.98 78.29 -25.63
C ASN E 1518 53.31 78.91 -24.41
N ALA E 1519 53.86 78.60 -23.24
CA ALA E 1519 53.31 79.14 -22.00
C ALA E 1519 54.00 80.43 -21.59
N GLU E 1520 55.33 80.48 -21.75
CA GLU E 1520 56.05 81.70 -21.42
C GLU E 1520 55.76 82.79 -22.44
N ASP E 1521 55.66 82.42 -23.72
CA ASP E 1521 55.37 83.35 -24.78
C ASP E 1521 53.87 83.39 -25.05
N HIS E 1522 53.38 84.61 -25.31
CA HIS E 1522 51.97 84.97 -25.62
C HIS E 1522 50.94 84.22 -24.78
N VAL E 1523 51.09 84.30 -23.46
CA VAL E 1523 50.04 83.93 -22.53
C VAL E 1523 49.80 85.12 -21.63
N ALA E 1524 48.62 85.72 -21.74
CA ALA E 1524 48.27 86.88 -20.93
C ALA E 1524 47.90 86.42 -19.53
N SER E 1525 48.50 87.09 -18.53
CA SER E 1525 48.24 86.86 -17.10
C SER E 1525 48.53 85.41 -16.70
N LYS E 1526 49.82 85.08 -16.67
CA LYS E 1526 50.27 83.76 -16.24
C LYS E 1526 49.79 83.47 -14.82
N PRO E 1527 49.17 82.32 -14.58
CA PRO E 1527 48.48 82.10 -13.30
C PRO E 1527 49.45 81.85 -12.17
N SER E 1528 49.01 82.21 -10.98
CA SER E 1528 49.81 82.02 -9.78
C SER E 1528 49.68 80.59 -9.26
N HIS E 1529 50.66 80.18 -8.46
CA HIS E 1529 50.62 78.85 -7.86
C HIS E 1529 49.65 78.78 -6.69
N GLU E 1530 49.15 79.91 -6.21
CA GLU E 1530 48.16 79.90 -5.14
C GLU E 1530 46.81 79.38 -5.60
N SER E 1531 46.53 79.43 -6.90
CA SER E 1531 45.32 78.80 -7.42
C SER E 1531 45.54 77.30 -7.57
N ASP E 1532 44.56 76.52 -7.14
CA ASP E 1532 44.72 75.07 -7.24
C ASP E 1532 44.46 74.59 -8.68
N PRO E 1533 43.44 75.11 -9.43
CA PRO E 1533 43.55 74.95 -10.89
C PRO E 1533 44.30 76.11 -11.52
N MET E 1534 45.25 75.81 -12.40
CA MET E 1534 46.04 76.83 -13.06
C MET E 1534 45.51 76.99 -14.48
N VAL E 1535 44.69 78.02 -14.69
CA VAL E 1535 44.10 78.30 -15.99
C VAL E 1535 45.01 79.28 -16.71
N TYR E 1536 45.26 79.03 -17.99
CA TYR E 1536 46.30 79.75 -18.71
C TYR E 1536 45.75 80.78 -19.70
N ASP E 1537 44.84 80.39 -20.60
CA ASP E 1537 44.15 81.30 -21.53
C ASP E 1537 45.14 82.03 -22.42
N PHE E 1538 45.71 81.28 -23.37
CA PHE E 1538 46.87 81.67 -24.17
C PHE E 1538 46.69 83.02 -24.88
N ASN E 1539 45.82 83.06 -25.87
CA ASN E 1539 45.38 84.26 -26.60
C ASN E 1539 44.27 83.81 -27.55
N GLN E 1540 43.81 84.74 -28.38
CA GLN E 1540 42.87 84.40 -29.43
C GLN E 1540 43.64 83.89 -30.64
N VAL E 1541 43.37 82.66 -31.04
CA VAL E 1541 44.09 81.99 -32.11
C VAL E 1541 43.33 82.22 -33.40
N LYS E 1542 43.96 82.89 -34.36
CA LYS E 1542 43.37 83.10 -35.67
C LYS E 1542 44.16 82.34 -36.72
N VAL E 1543 43.46 81.78 -37.71
CA VAL E 1543 44.08 81.05 -38.80
C VAL E 1543 43.14 81.11 -39.98
N ASP E 1544 43.68 80.89 -41.17
CA ASP E 1544 42.91 80.88 -42.41
C ASP E 1544 43.30 79.64 -43.21
N ILE E 1545 42.38 78.70 -43.31
CA ILE E 1545 42.59 77.45 -44.03
C ILE E 1545 41.64 77.41 -45.21
N GLU E 1546 42.03 76.68 -46.25
CA GLU E 1546 41.15 76.43 -47.36
C GLU E 1546 40.93 74.93 -47.53
N GLY E 1547 39.85 74.58 -48.22
CA GLY E 1547 39.47 73.20 -48.43
C GLY E 1547 38.08 72.94 -47.90
N TYR E 1548 37.60 71.73 -48.17
CA TYR E 1548 36.25 71.34 -47.80
C TYR E 1548 36.19 70.43 -46.59
N ASP E 1549 37.21 69.61 -46.35
CA ASP E 1549 37.31 68.81 -45.13
C ASP E 1549 38.62 69.15 -44.44
N ILE E 1550 38.52 69.74 -43.25
CA ILE E 1550 39.71 70.20 -42.52
C ILE E 1550 39.79 69.46 -41.19
N PRO E 1551 40.32 68.25 -41.14
CA PRO E 1551 40.44 67.56 -39.84
C PRO E 1551 41.60 68.07 -39.01
N LEU E 1552 41.39 69.21 -38.37
CA LEU E 1552 42.42 69.82 -37.54
C LEU E 1552 42.60 69.05 -36.25
N VAL E 1553 43.79 69.17 -35.67
CA VAL E 1553 44.14 68.51 -34.42
C VAL E 1553 44.76 69.56 -33.53
N SER E 1554 44.15 69.80 -32.37
CA SER E 1554 44.71 70.67 -31.35
C SER E 1554 45.44 69.82 -30.31
N GLU E 1555 46.71 70.12 -30.09
CA GLU E 1555 47.54 69.36 -29.18
C GLU E 1555 48.01 70.24 -28.05
N PHE E 1556 48.00 69.69 -26.83
CA PHE E 1556 48.43 70.39 -25.63
C PHE E 1556 49.60 69.61 -25.03
N ILE E 1557 50.81 69.99 -25.42
CA ILE E 1557 52.00 69.22 -25.06
C ILE E 1557 52.63 69.80 -23.81
N ILE E 1558 53.08 68.91 -22.92
CA ILE E 1558 53.58 69.30 -21.60
C ILE E 1558 55.07 69.02 -21.43
N LYS E 1559 55.60 68.03 -22.17
CA LYS E 1559 56.68 67.11 -21.77
C LYS E 1559 57.83 67.76 -21.00
N GLN E 1560 58.22 67.07 -19.92
CA GLN E 1560 59.34 67.42 -19.03
C GLN E 1560 59.23 68.83 -18.45
N ASP E 1567 56.14 63.80 -20.77
CA ASP E 1567 55.68 63.22 -22.02
C ASP E 1567 54.16 63.12 -22.04
N ILE E 1568 53.49 64.24 -21.76
CA ILE E 1568 52.04 64.28 -21.60
C ILE E 1568 51.46 65.14 -22.70
N VAL E 1569 50.66 64.54 -23.57
CA VAL E 1569 50.05 65.21 -24.71
C VAL E 1569 48.54 65.07 -24.60
N ILE E 1570 47.83 66.18 -24.78
CA ILE E 1570 46.37 66.18 -24.83
C ILE E 1570 45.95 66.46 -26.27
N GLU E 1571 45.50 65.43 -26.96
CA GLU E 1571 45.06 65.56 -28.34
C GLU E 1571 43.59 65.95 -28.35
N SER E 1572 43.23 66.92 -29.19
CA SER E 1572 41.84 67.38 -29.31
C SER E 1572 41.55 67.64 -30.78
N PRO E 1573 40.80 66.76 -31.43
CA PRO E 1573 40.55 66.91 -32.86
C PRO E 1573 39.41 67.87 -33.15
N ILE E 1574 39.53 68.58 -34.26
CA ILE E 1574 38.50 69.47 -34.77
C ILE E 1574 38.27 69.11 -36.24
N HIS E 1575 37.08 68.67 -36.59
CA HIS E 1575 36.76 68.33 -37.96
C HIS E 1575 35.80 69.37 -38.51
N ILE E 1576 36.21 70.06 -39.57
CA ILE E 1576 35.40 71.09 -40.21
C ILE E 1576 35.05 70.57 -41.59
N LYS E 1577 33.76 70.55 -41.91
CA LYS E 1577 33.26 69.96 -43.14
C LYS E 1577 32.37 70.96 -43.88
N LEU E 1578 32.70 71.20 -45.15
CA LEU E 1578 31.93 72.11 -45.98
C LEU E 1578 30.67 71.42 -46.49
N LYS E 1579 29.59 72.20 -46.57
CA LYS E 1579 28.35 71.74 -47.18
C LYS E 1579 28.48 71.93 -48.69
N SER E 1580 28.61 70.83 -49.41
CA SER E 1580 28.71 70.90 -50.87
C SER E 1580 27.35 71.25 -51.45
N LYS E 1581 27.32 72.29 -52.29
CA LYS E 1581 26.08 72.78 -52.86
C LYS E 1581 25.82 72.26 -54.26
N ASP E 1582 26.29 71.06 -54.59
CA ASP E 1582 26.01 70.48 -55.89
C ASP E 1582 24.58 69.97 -55.94
N THR E 1583 24.10 69.77 -57.17
CA THR E 1583 22.83 69.08 -57.35
C THR E 1583 22.95 67.60 -57.05
N SER E 1584 24.15 67.03 -57.12
CA SER E 1584 24.37 65.65 -56.73
C SER E 1584 24.25 65.44 -55.22
N ASN E 1585 24.36 66.51 -54.44
CA ASN E 1585 24.21 66.43 -52.99
C ASN E 1585 22.76 66.59 -52.55
N VAL E 1586 21.81 66.38 -53.46
CA VAL E 1586 20.39 66.45 -53.15
C VAL E 1586 19.74 65.16 -53.62
N ILE E 1587 19.12 64.45 -52.70
CA ILE E 1587 18.38 63.24 -53.05
C ILE E 1587 17.09 63.63 -53.75
N SER E 1588 16.91 63.13 -54.97
CA SER E 1588 15.71 63.39 -55.74
C SER E 1588 14.89 62.12 -55.82
N LEU E 1589 13.60 62.24 -55.53
CA LEU E 1589 12.67 61.13 -55.69
C LEU E 1589 11.64 61.50 -56.74
N HIS E 1590 11.19 60.50 -57.49
CA HIS E 1590 10.31 60.71 -58.62
C HIS E 1590 9.17 59.70 -58.55
N LYS E 1591 8.17 59.92 -59.39
CA LYS E 1591 7.05 59.00 -59.51
C LYS E 1591 6.72 58.83 -60.98
N MET E 1592 7.05 57.67 -61.53
CA MET E 1592 6.69 57.33 -62.89
C MET E 1592 5.19 57.20 -63.02
N PRO E 1593 4.62 57.52 -64.18
CA PRO E 1593 3.18 57.35 -64.38
C PRO E 1593 2.76 55.90 -64.48
N SER E 1594 3.69 54.96 -64.64
CA SER E 1594 3.34 53.56 -64.61
C SER E 1594 3.03 53.05 -63.22
N GLY E 1595 3.36 53.82 -62.17
CA GLY E 1595 3.07 53.44 -60.82
C GLY E 1595 4.29 53.24 -59.95
N THR E 1596 5.47 53.04 -60.54
CA THR E 1596 6.67 52.89 -59.75
C THR E 1596 7.12 54.24 -59.19
N GLN E 1597 8.08 54.17 -58.27
CA GLN E 1597 8.50 55.35 -57.53
C GLN E 1597 9.96 55.15 -57.15
N TYR E 1598 10.85 55.81 -57.86
CA TYR E 1598 12.27 55.60 -57.66
C TYR E 1598 12.91 56.82 -57.02
N MET E 1599 13.95 56.58 -56.24
CA MET E 1599 14.78 57.63 -55.68
C MET E 1599 16.08 57.67 -56.46
N GLN E 1600 16.45 58.85 -56.95
CA GLN E 1600 17.60 59.01 -57.81
C GLN E 1600 18.65 59.86 -57.10
N ILE E 1601 19.85 59.31 -56.94
CA ILE E 1601 20.98 60.04 -56.40
C ILE E 1601 22.03 60.12 -57.50
N GLY E 1602 21.98 61.21 -58.26
CA GLY E 1602 22.89 61.40 -59.36
C GLY E 1602 22.68 60.39 -60.47
N PRO E 1603 23.71 59.62 -60.79
CA PRO E 1603 23.56 58.60 -61.83
C PRO E 1603 22.82 57.37 -61.34
N TYR E 1604 22.79 57.17 -60.03
CA TYR E 1604 22.18 55.99 -59.46
C TYR E 1604 20.70 56.21 -59.22
N ARG E 1605 19.92 55.15 -59.36
CA ARG E 1605 18.49 55.17 -59.07
C ARG E 1605 18.15 53.97 -58.22
N THR E 1606 17.18 54.14 -57.31
CA THR E 1606 16.81 53.09 -56.38
C THR E 1606 15.29 53.02 -56.27
N ARG E 1607 14.74 51.85 -56.52
CA ARG E 1607 13.29 51.67 -56.47
C ARG E 1607 12.81 51.65 -55.03
N LEU E 1608 11.70 52.34 -54.76
CA LEU E 1608 11.12 52.38 -53.43
C LEU E 1608 9.76 51.71 -53.36
N ASN E 1609 9.11 51.49 -54.49
CA ASN E 1609 7.76 50.98 -54.54
C ASN E 1609 7.74 49.64 -55.24
N THR E 1610 6.55 49.07 -55.37
CA THR E 1610 6.34 47.86 -56.17
C THR E 1610 4.91 47.82 -56.66
N LEU E 1611 4.71 47.12 -57.78
CA LEU E 1611 3.39 46.91 -58.35
C LEU E 1611 2.92 45.49 -58.13
N PHE E 1612 3.44 44.83 -57.10
CA PHE E 1612 3.17 43.41 -56.91
C PHE E 1612 1.76 43.16 -56.40
N SER E 1613 1.23 44.08 -55.58
CA SER E 1613 -0.11 43.91 -55.06
C SER E 1613 -1.17 44.07 -56.15
N ARG E 1614 -0.84 44.79 -57.22
CA ARG E 1614 -1.77 44.92 -58.32
C ARG E 1614 -1.87 43.65 -59.15
N LYS E 1615 -0.83 42.82 -59.15
CA LYS E 1615 -0.86 41.54 -59.82
C LYS E 1615 -1.18 40.38 -58.89
N LEU E 1616 -1.23 40.64 -57.58
CA LEU E 1616 -1.33 39.55 -56.62
C LEU E 1616 -2.73 38.96 -56.55
N ALA E 1617 -3.76 39.78 -56.80
CA ALA E 1617 -5.13 39.36 -56.53
C ALA E 1617 -5.59 38.30 -57.51
N GLU E 1618 -5.12 38.36 -58.75
CA GLU E 1618 -5.49 37.38 -59.75
C GLU E 1618 -4.94 36.00 -59.41
N ARG E 1619 -3.75 35.95 -58.80
CA ARG E 1619 -3.22 34.68 -58.34
C ARG E 1619 -3.91 34.21 -57.07
N ALA E 1620 -4.21 35.16 -56.17
CA ALA E 1620 -4.74 34.81 -54.87
C ALA E 1620 -6.17 34.29 -54.93
N ASN E 1621 -7.01 34.87 -55.78
CA ASN E 1621 -8.36 34.37 -55.91
C ASN E 1621 -8.43 33.06 -56.67
N ILE E 1622 -7.41 32.75 -57.48
CA ILE E 1622 -7.33 31.45 -58.10
C ILE E 1622 -6.95 30.39 -57.08
N GLY E 1623 -5.84 30.61 -56.37
CA GLY E 1623 -5.41 29.60 -55.42
C GLY E 1623 -4.19 30.01 -54.64
N ILE E 1624 -4.10 29.45 -53.43
CA ILE E 1624 -2.96 29.67 -52.56
C ILE E 1624 -1.71 28.98 -53.09
N ASP E 1625 -1.86 27.95 -53.93
CA ASP E 1625 -0.71 27.38 -54.60
C ASP E 1625 -0.13 28.35 -55.61
N ASN E 1626 -0.98 29.19 -56.20
CA ASN E 1626 -0.55 30.08 -57.27
C ASN E 1626 0.23 31.27 -56.77
N VAL E 1627 -0.02 31.76 -55.56
CA VAL E 1627 0.76 32.88 -55.07
C VAL E 1627 2.14 32.44 -54.64
N LEU E 1628 2.29 31.19 -54.20
CA LEU E 1628 3.58 30.66 -53.82
C LEU E 1628 4.27 29.94 -54.96
N SER E 1629 3.78 30.10 -56.18
CA SER E 1629 4.46 29.55 -57.34
C SER E 1629 5.69 30.37 -57.68
N MET E 1630 6.54 29.80 -58.52
CA MET E 1630 7.70 30.53 -58.98
C MET E 1630 7.35 31.52 -60.08
N GLU E 1631 6.18 31.34 -60.72
CA GLU E 1631 5.70 32.32 -61.67
C GLU E 1631 5.40 33.65 -61.01
N THR E 1632 4.90 33.61 -59.77
CA THR E 1632 4.62 34.84 -59.04
C THR E 1632 5.90 35.55 -58.66
N GLN E 1633 6.99 34.80 -58.53
CA GLN E 1633 8.27 35.44 -58.23
C GLN E 1633 8.95 35.94 -59.49
N ASN E 1634 8.71 35.31 -60.63
CA ASN E 1634 9.28 35.76 -61.89
C ASN E 1634 8.29 36.66 -62.63
N LEU E 1635 7.88 37.74 -61.98
CA LEU E 1635 6.98 38.69 -62.61
C LEU E 1635 7.72 40.00 -62.84
N PRO E 1636 7.63 40.59 -64.02
CA PRO E 1636 8.45 41.76 -64.34
C PRO E 1636 7.93 43.02 -63.67
N GLU E 1637 8.77 44.04 -63.70
CA GLU E 1637 8.51 45.34 -63.10
C GLU E 1637 9.10 46.42 -63.99
N PRO E 1638 8.57 47.65 -63.92
CA PRO E 1638 9.11 48.75 -64.74
C PRO E 1638 10.51 49.14 -64.32
N GLN E 1639 11.15 49.95 -65.17
CA GLN E 1639 12.60 50.08 -65.15
C GLN E 1639 13.11 51.45 -64.72
N LEU E 1640 12.38 52.15 -63.85
CA LEU E 1640 12.85 53.32 -63.08
C LEU E 1640 13.28 54.47 -63.99
N GLY E 1641 12.30 55.02 -64.69
CA GLY E 1641 12.55 56.11 -65.61
C GLY E 1641 12.68 55.61 -67.03
N GLU E 1642 13.20 56.49 -67.89
CA GLU E 1642 13.36 56.15 -69.29
C GLU E 1642 14.36 55.02 -69.49
N GLY E 1643 15.64 55.32 -69.26
CA GLY E 1643 16.70 54.34 -69.17
C GLY E 1643 16.99 53.43 -70.36
N PHE E 1644 18.06 52.65 -70.24
CA PHE E 1644 18.36 51.54 -71.13
C PHE E 1644 19.43 50.69 -70.44
N TYR E 1645 19.73 49.56 -71.04
CA TYR E 1645 20.76 48.68 -70.51
C TYR E 1645 21.84 48.46 -71.56
N ALA E 1646 22.98 47.93 -71.09
CA ALA E 1646 24.11 47.68 -71.97
C ALA E 1646 24.98 46.60 -71.36
N THR E 1647 25.28 45.56 -72.14
CA THR E 1647 26.12 44.47 -71.68
C THR E 1647 27.55 44.70 -72.14
N PHE E 1648 28.49 44.65 -71.20
CA PHE E 1648 29.89 44.97 -71.47
C PHE E 1648 30.72 43.70 -71.34
N LYS E 1649 31.07 43.08 -72.46
CA LYS E 1649 31.92 41.92 -72.45
C LYS E 1649 33.37 42.36 -72.31
N LEU E 1650 34.12 41.65 -71.46
CA LEU E 1650 35.42 42.13 -71.03
C LEU E 1650 36.53 41.15 -71.39
N PRO E 1651 37.74 41.65 -71.62
CA PRO E 1651 38.86 40.77 -71.98
C PRO E 1651 39.32 39.93 -70.79
N PRO E 1652 40.07 38.86 -71.03
CA PRO E 1652 40.71 38.15 -69.93
C PRO E 1652 41.76 39.00 -69.25
N TYR E 1653 42.10 38.62 -68.03
CA TYR E 1653 43.19 39.26 -67.31
C TYR E 1653 44.49 38.54 -67.64
N ASN E 1654 45.50 39.30 -68.07
CA ASN E 1654 46.78 38.71 -68.43
C ASN E 1654 47.96 39.57 -68.00
N LYS E 1655 47.79 40.34 -66.93
CA LYS E 1655 48.81 41.17 -66.26
C LYS E 1655 49.36 42.30 -67.13
N GLU E 1656 48.85 42.44 -68.34
CA GLU E 1656 49.15 43.55 -69.23
C GLU E 1656 47.87 43.90 -69.96
N GLU E 1657 47.76 45.18 -70.33
CA GLU E 1657 46.57 45.92 -70.76
C GLU E 1657 45.60 46.16 -69.60
N HIS E 1658 45.88 45.63 -68.41
CA HIS E 1658 45.04 45.85 -67.24
C HIS E 1658 45.91 46.36 -66.10
N GLY E 1659 47.13 45.86 -66.03
CA GLY E 1659 48.03 46.26 -64.97
C GLY E 1659 48.28 45.11 -64.00
N ASP E 1660 48.13 45.39 -62.71
CA ASP E 1660 48.48 44.44 -61.67
C ASP E 1660 47.30 44.06 -60.79
N GLU E 1661 46.50 45.04 -60.36
CA GLU E 1661 45.59 44.84 -59.25
C GLU E 1661 44.31 44.07 -59.61
N ARG E 1662 44.07 43.80 -60.90
CA ARG E 1662 43.03 42.89 -61.38
C ARG E 1662 41.63 43.35 -60.99
N TRP E 1663 41.25 44.53 -61.48
CA TRP E 1663 39.86 44.96 -61.43
C TRP E 1663 39.57 45.81 -62.66
N PHE E 1664 38.33 46.30 -62.72
CA PHE E 1664 37.94 47.26 -63.73
C PHE E 1664 36.94 48.22 -63.11
N LYS E 1665 37.05 49.49 -63.49
CA LYS E 1665 36.15 50.52 -62.99
C LYS E 1665 35.42 51.12 -64.18
N ILE E 1666 34.21 50.66 -64.42
CA ILE E 1666 33.39 51.20 -65.50
C ILE E 1666 32.95 52.60 -65.07
N HIS E 1667 33.59 53.61 -65.64
CA HIS E 1667 33.25 54.97 -65.29
C HIS E 1667 32.22 55.51 -66.28
N ILE E 1668 31.84 56.76 -66.10
CA ILE E 1668 30.77 57.36 -66.88
C ILE E 1668 31.07 58.85 -67.04
N GLY E 1669 30.53 59.42 -68.11
CA GLY E 1669 30.72 60.83 -68.38
C GLY E 1669 29.54 61.41 -69.14
N ASN E 1670 29.48 62.75 -69.14
CA ASN E 1670 28.46 63.55 -69.80
C ASN E 1670 27.04 63.18 -69.34
N ILE E 1671 26.83 63.25 -68.02
CA ILE E 1671 25.48 63.06 -67.53
C ILE E 1671 24.89 64.41 -67.16
N ASP E 1672 25.45 65.02 -66.12
CA ASP E 1672 24.94 66.28 -65.61
C ASP E 1672 25.58 67.42 -66.41
N GLY E 1673 25.48 68.65 -65.89
CA GLY E 1673 26.31 69.72 -66.41
C GLY E 1673 27.79 69.42 -66.27
N ASN E 1674 28.17 68.67 -65.23
CA ASN E 1674 29.48 68.08 -65.14
C ASN E 1674 29.66 67.05 -66.26
N SER E 1675 30.60 67.31 -67.15
CA SER E 1675 30.94 66.39 -68.23
C SER E 1675 32.37 65.90 -67.97
N ALA E 1676 32.49 64.92 -67.09
CA ALA E 1676 33.79 64.40 -66.71
C ALA E 1676 33.62 62.97 -66.21
N ARG E 1677 34.75 62.37 -65.83
CA ARG E 1677 34.79 60.96 -65.47
C ARG E 1677 34.25 60.79 -64.05
N GLN E 1678 33.16 60.03 -63.92
CA GLN E 1678 32.58 59.70 -62.63
C GLN E 1678 32.62 58.19 -62.39
N PRO E 1679 32.96 57.75 -61.19
CA PRO E 1679 33.07 56.30 -60.93
C PRO E 1679 31.73 55.61 -60.84
N TYR E 1680 31.17 55.21 -61.99
CA TYR E 1680 29.83 54.64 -62.03
C TYR E 1680 29.78 53.25 -61.41
N TYR E 1681 30.50 52.31 -61.99
CA TYR E 1681 30.43 50.93 -61.54
C TYR E 1681 31.82 50.32 -61.48
N GLU E 1682 32.06 49.51 -60.47
CA GLU E 1682 33.34 48.84 -60.28
C GLU E 1682 33.11 47.35 -60.23
N GLY E 1683 34.00 46.59 -60.87
CA GLY E 1683 33.97 45.15 -60.73
C GLY E 1683 35.38 44.59 -60.73
N MET E 1684 35.48 43.36 -60.26
CA MET E 1684 36.78 42.69 -60.26
C MET E 1684 36.97 41.95 -61.57
N LEU E 1685 38.10 42.20 -62.22
CA LEU E 1685 38.41 41.55 -63.49
C LEU E 1685 38.72 40.08 -63.25
N SER E 1686 38.25 39.25 -64.17
CA SER E 1686 38.24 37.81 -63.99
C SER E 1686 38.94 37.16 -65.18
N ASP E 1687 38.69 35.85 -65.35
CA ASP E 1687 39.26 35.05 -66.42
C ASP E 1687 38.58 35.33 -67.76
N ILE E 1688 38.74 34.40 -68.70
CA ILE E 1688 38.59 34.50 -70.15
C ILE E 1688 37.44 35.38 -70.64
N GLU E 1689 36.26 35.25 -70.03
CA GLU E 1689 35.12 36.03 -70.46
C GLU E 1689 34.32 36.46 -69.25
N THR E 1690 33.92 37.73 -69.23
CA THR E 1690 33.03 38.25 -68.20
C THR E 1690 32.21 39.39 -68.77
N THR E 1691 30.91 39.34 -68.54
CA THR E 1691 29.99 40.37 -69.02
C THR E 1691 29.28 40.99 -67.83
N VAL E 1692 28.75 42.19 -68.05
CA VAL E 1692 27.99 42.88 -67.01
C VAL E 1692 26.96 43.78 -67.69
N THR E 1693 25.71 43.63 -67.31
CA THR E 1693 24.63 44.48 -67.78
C THR E 1693 24.48 45.66 -66.84
N LEU E 1694 24.57 46.87 -67.37
CA LEU E 1694 24.45 48.08 -66.57
C LEU E 1694 23.28 48.92 -67.06
N PHE E 1695 22.44 49.34 -66.12
CA PHE E 1695 21.35 50.26 -66.43
C PHE E 1695 21.88 51.68 -66.50
N VAL E 1696 21.60 52.36 -67.60
CA VAL E 1696 22.00 53.76 -67.79
C VAL E 1696 20.74 54.58 -67.96
N PRO E 1697 20.49 55.58 -67.13
CA PRO E 1697 19.23 56.32 -67.19
C PRO E 1697 19.26 57.40 -68.27
N TYR E 1698 18.17 58.14 -68.32
CA TYR E 1698 18.04 59.27 -69.23
C TYR E 1698 16.98 60.19 -68.67
N ALA E 1699 17.22 61.49 -68.74
CA ALA E 1699 16.29 62.42 -68.12
C ALA E 1699 16.02 63.66 -68.96
N LYS E 1700 16.61 63.73 -70.16
CA LYS E 1700 16.40 64.75 -71.20
C LYS E 1700 16.91 66.14 -70.81
N GLY E 1701 17.37 66.32 -69.59
CA GLY E 1701 18.10 67.50 -69.20
C GLY E 1701 19.53 67.05 -68.98
N TYR E 1702 19.71 65.75 -69.09
CA TYR E 1702 21.02 65.12 -69.02
C TYR E 1702 21.70 65.21 -70.38
N TYR E 1703 22.79 64.44 -70.54
CA TYR E 1703 23.43 64.14 -71.83
C TYR E 1703 23.93 65.42 -72.52
N ILE E 1704 24.97 66.00 -71.92
CA ILE E 1704 25.39 67.35 -72.31
C ILE E 1704 26.03 67.35 -73.70
N ARG E 1705 27.12 66.61 -73.88
CA ARG E 1705 27.83 66.62 -75.16
C ARG E 1705 27.94 65.19 -75.68
N GLU E 1706 27.37 64.96 -76.87
CA GLU E 1706 27.34 63.68 -77.56
C GLU E 1706 26.68 62.56 -76.77
N GLY E 1707 25.93 62.90 -75.72
CA GLY E 1707 25.34 61.93 -74.85
C GLY E 1707 26.35 61.26 -73.93
N VAL E 1708 25.87 60.25 -73.23
CA VAL E 1708 26.65 59.61 -72.18
C VAL E 1708 27.75 58.74 -72.78
N ARG E 1709 28.98 58.94 -72.31
CA ARG E 1709 30.09 58.07 -72.60
C ARG E 1709 30.32 57.13 -71.43
N LEU E 1710 30.92 55.98 -71.72
CA LEU E 1710 31.08 54.90 -70.74
C LEU E 1710 32.36 54.14 -71.05
N GLY E 1711 33.41 54.40 -70.25
CA GLY E 1711 34.70 53.79 -70.46
C GLY E 1711 35.09 52.89 -69.30
N VAL E 1712 36.15 52.13 -69.53
CA VAL E 1712 36.68 51.18 -68.56
C VAL E 1712 37.85 51.81 -67.84
N GLY E 1713 38.09 51.38 -66.60
CA GLY E 1713 39.27 51.75 -65.86
C GLY E 1713 40.11 50.52 -65.60
N TYR E 1714 41.38 50.72 -65.29
CA TYR E 1714 42.29 49.62 -65.04
C TYR E 1714 43.37 50.08 -64.06
N LYS E 1715 44.14 49.11 -63.56
CA LYS E 1715 45.37 49.42 -62.87
C LYS E 1715 46.40 50.02 -63.82
N LYS E 1716 46.35 49.62 -65.09
CA LYS E 1716 47.11 50.26 -66.15
C LYS E 1716 46.38 51.51 -66.64
N ILE E 1717 46.79 52.00 -67.81
CA ILE E 1717 46.20 53.21 -68.38
C ILE E 1717 44.76 52.96 -68.74
N ILE E 1718 43.88 53.84 -68.28
CA ILE E 1718 42.45 53.69 -68.53
C ILE E 1718 42.13 54.21 -69.93
N TYR E 1719 40.92 53.89 -70.38
CA TYR E 1719 40.42 54.26 -71.69
C TYR E 1719 39.68 55.59 -71.62
N ASP E 1720 38.80 55.83 -72.60
CA ASP E 1720 38.02 57.05 -72.78
C ASP E 1720 38.92 58.25 -73.05
N LYS E 1721 39.58 58.24 -74.19
CA LYS E 1721 40.28 59.40 -74.75
C LYS E 1721 39.94 59.44 -76.23
N SER E 1722 39.03 60.35 -76.61
CA SER E 1722 38.64 60.62 -78.00
C SER E 1722 38.09 59.35 -78.68
N TRP E 1723 36.91 58.96 -78.21
CA TRP E 1723 36.04 57.88 -78.69
C TRP E 1723 36.55 56.50 -78.31
N GLU E 1724 37.43 56.39 -77.32
CA GLU E 1724 37.77 55.08 -76.79
C GLU E 1724 36.60 54.49 -76.02
N SER E 1725 35.83 55.33 -75.34
CA SER E 1725 34.68 54.87 -74.58
C SER E 1725 33.50 54.60 -75.50
N ALA E 1726 32.39 54.20 -74.89
CA ALA E 1726 31.17 53.87 -75.61
C ALA E 1726 30.21 55.04 -75.46
N PHE E 1727 30.10 55.86 -76.50
CA PHE E 1727 29.21 57.00 -76.52
C PHE E 1727 27.83 56.55 -76.95
N PHE E 1728 26.83 56.86 -76.13
CA PHE E 1728 25.43 56.61 -76.46
C PHE E 1728 24.71 57.94 -76.54
N TYR E 1729 23.60 57.96 -77.26
CA TYR E 1729 22.72 59.11 -77.25
C TYR E 1729 21.30 58.62 -77.49
N PHE E 1730 20.35 59.45 -77.09
CA PHE E 1730 18.94 59.13 -77.22
C PHE E 1730 18.43 59.74 -78.51
N ASP E 1731 18.09 58.90 -79.47
CA ASP E 1731 17.45 59.37 -80.69
C ASP E 1731 16.05 59.84 -80.33
N GLU E 1732 15.83 61.14 -80.40
CA GLU E 1732 14.52 61.69 -80.08
C GLU E 1732 13.50 61.33 -81.16
N THR E 1733 13.96 61.17 -82.40
CA THR E 1733 13.05 60.87 -83.51
C THR E 1733 12.46 59.48 -83.38
N LYS E 1734 13.32 58.47 -83.31
CA LYS E 1734 12.84 57.10 -83.21
C LYS E 1734 12.51 56.69 -81.78
N ASN E 1735 12.68 57.60 -80.81
CA ASN E 1735 12.34 57.40 -79.40
C ASN E 1735 13.09 56.22 -78.80
N GLN E 1736 14.34 56.04 -79.22
CA GLN E 1736 15.15 54.91 -78.78
C GLN E 1736 16.57 55.42 -78.56
N PHE E 1737 17.39 54.54 -78.01
CA PHE E 1737 18.76 54.88 -77.66
C PHE E 1737 19.70 54.25 -78.68
N ILE E 1738 20.66 55.05 -79.15
CA ILE E 1738 21.52 54.66 -80.25
C ILE E 1738 22.94 54.52 -79.73
N PHE E 1739 23.52 53.35 -79.94
CA PHE E 1739 24.95 53.17 -79.80
C PHE E 1739 25.64 53.87 -80.97
N ILE E 1740 26.55 54.79 -80.67
CA ILE E 1740 27.20 55.54 -81.73
C ILE E 1740 28.58 55.00 -82.03
N ASN E 1741 29.21 54.35 -81.05
CA ASN E 1741 30.58 53.91 -81.21
C ASN E 1741 30.67 52.48 -81.75
N ASP E 1742 29.64 52.02 -82.46
CA ASP E 1742 29.53 50.65 -82.95
C ASP E 1742 30.67 50.26 -83.88
N ALA E 1743 30.74 50.89 -85.05
CA ALA E 1743 31.83 50.66 -85.99
C ALA E 1743 32.78 51.85 -85.94
N ASP E 1744 33.73 51.90 -86.86
CA ASP E 1744 34.55 53.09 -87.07
C ASP E 1744 33.79 53.99 -88.06
N HIS E 1745 32.75 54.63 -87.55
CA HIS E 1745 31.80 55.31 -88.41
C HIS E 1745 32.34 56.64 -88.90
N ASP E 1746 31.95 57.00 -90.12
CA ASP E 1746 32.25 58.30 -90.71
C ASP E 1746 30.95 59.02 -90.96
N SER E 1747 30.93 60.32 -90.63
CA SER E 1747 29.76 61.19 -90.69
C SER E 1747 28.59 60.61 -89.88
N GLY E 1748 28.85 60.42 -88.58
CA GLY E 1748 27.88 59.83 -87.69
C GLY E 1748 27.12 60.86 -86.88
N MET E 1749 25.88 60.51 -86.56
CA MET E 1749 24.98 61.42 -85.86
C MET E 1749 25.08 61.22 -84.36
N THR E 1750 25.31 62.31 -83.64
CA THR E 1750 25.20 62.33 -82.18
C THR E 1750 23.98 63.16 -81.81
N GLN E 1751 23.81 63.38 -80.51
CA GLN E 1751 22.72 64.25 -80.08
C GLN E 1751 22.99 65.71 -80.40
N GLN E 1752 24.26 66.12 -80.49
CA GLN E 1752 24.57 67.47 -80.92
C GLN E 1752 24.30 67.63 -82.41
N GLY E 1753 24.71 66.65 -83.20
CA GLY E 1753 24.46 66.68 -84.62
C GLY E 1753 25.23 65.58 -85.30
N ILE E 1754 25.60 65.83 -86.55
CA ILE E 1754 26.44 64.91 -87.30
C ILE E 1754 27.89 65.26 -87.06
N VAL E 1755 28.63 64.37 -86.42
CA VAL E 1755 30.06 64.52 -86.26
C VAL E 1755 30.75 63.68 -87.31
N LYS E 1756 31.98 64.08 -87.66
CA LYS E 1756 32.61 63.55 -88.86
C LYS E 1756 33.20 62.17 -88.64
N ASN E 1757 34.15 62.03 -87.73
CA ASN E 1757 34.94 60.82 -87.60
C ASN E 1757 34.69 60.18 -86.25
N ILE E 1758 34.15 58.97 -86.27
CA ILE E 1758 33.82 58.22 -85.05
C ILE E 1758 34.65 56.94 -85.08
N LYS E 1759 35.31 56.64 -83.96
CA LYS E 1759 36.07 55.41 -83.85
C LYS E 1759 35.22 54.32 -83.21
N LYS E 1760 35.89 53.22 -82.85
CA LYS E 1760 35.22 52.14 -82.17
C LYS E 1760 35.50 52.22 -80.67
N TYR E 1761 34.61 51.61 -79.89
CA TYR E 1761 34.83 51.51 -78.45
C TYR E 1761 36.00 50.59 -78.16
N LYS E 1762 36.83 50.99 -77.21
CA LYS E 1762 38.03 50.25 -76.87
C LYS E 1762 38.04 49.94 -75.39
N GLY E 1763 38.68 48.84 -75.04
CA GLY E 1763 38.70 48.39 -73.66
C GLY E 1763 37.74 47.24 -73.44
N PHE E 1764 36.55 47.35 -74.02
CA PHE E 1764 35.59 46.26 -73.95
C PHE E 1764 35.86 45.26 -75.07
N ILE E 1765 35.01 44.25 -75.16
CA ILE E 1765 34.96 43.37 -76.31
C ILE E 1765 33.69 43.56 -77.11
N HIS E 1766 32.55 43.49 -76.45
CA HIS E 1766 31.26 43.68 -77.11
C HIS E 1766 30.36 44.51 -76.21
N VAL E 1767 29.84 45.61 -76.75
CA VAL E 1767 28.87 46.45 -76.07
C VAL E 1767 27.65 46.53 -76.99
N VAL E 1768 26.46 46.29 -76.44
CA VAL E 1768 25.24 46.37 -77.21
C VAL E 1768 24.09 46.73 -76.29
N VAL E 1769 23.03 47.32 -76.85
CA VAL E 1769 21.85 47.64 -76.08
C VAL E 1769 21.05 46.36 -75.84
N MET E 1770 20.49 46.23 -74.63
CA MET E 1770 19.92 44.97 -74.20
C MET E 1770 18.43 44.82 -74.47
N LYS E 1771 17.79 45.84 -75.07
CA LYS E 1771 16.47 45.74 -75.70
C LYS E 1771 15.35 45.30 -74.74
N ASN E 1772 15.01 46.16 -73.77
CA ASN E 1772 13.91 45.97 -72.80
C ASN E 1772 14.12 44.73 -71.94
N ASN E 1773 15.11 44.79 -71.05
CA ASN E 1773 15.25 43.78 -70.02
C ASN E 1773 14.09 43.83 -69.02
N THR E 1774 14.01 42.81 -68.17
CA THR E 1774 12.85 42.60 -67.32
C THR E 1774 13.04 43.15 -65.90
N GLU E 1775 14.17 42.80 -65.24
CA GLU E 1775 14.54 42.98 -63.83
C GLU E 1775 13.36 42.65 -62.91
N PRO E 1776 13.04 41.36 -62.72
CA PRO E 1776 11.73 40.96 -62.20
C PRO E 1776 11.31 41.45 -60.81
N MET E 1777 12.01 41.09 -59.74
CA MET E 1777 11.42 41.38 -58.44
C MET E 1777 12.36 41.95 -57.40
N ASP E 1778 13.68 41.86 -57.56
CA ASP E 1778 14.69 42.52 -56.72
C ASP E 1778 14.57 42.09 -55.25
N PHE E 1779 14.91 40.83 -55.02
CA PHE E 1779 14.97 40.28 -53.67
C PHE E 1779 16.15 40.79 -52.84
N ASN E 1780 16.95 41.73 -53.36
CA ASN E 1780 17.92 42.49 -52.58
C ASN E 1780 17.52 43.96 -52.51
N GLY E 1781 16.24 44.27 -52.67
CA GLY E 1781 15.78 45.63 -52.78
C GLY E 1781 15.23 46.19 -51.48
N ALA E 1782 14.31 47.14 -51.61
CA ALA E 1782 13.76 47.81 -50.44
C ALA E 1782 12.75 46.93 -49.73
N ASN E 1783 11.85 46.29 -50.47
CA ASN E 1783 10.86 45.39 -49.90
C ASN E 1783 11.34 43.94 -49.91
N ALA E 1784 12.66 43.75 -49.84
CA ALA E 1784 13.23 42.41 -49.86
C ALA E 1784 12.83 41.62 -48.63
N ILE E 1785 12.70 42.29 -47.48
CA ILE E 1785 12.31 41.60 -46.25
C ILE E 1785 10.87 41.13 -46.35
N TYR E 1786 9.98 41.94 -46.93
CA TYR E 1786 8.59 41.53 -47.08
C TYR E 1786 8.45 40.40 -48.09
N PHE E 1787 9.23 40.46 -49.17
CA PHE E 1787 9.18 39.40 -50.17
C PHE E 1787 9.72 38.09 -49.61
N TRP E 1788 10.79 38.16 -48.82
CA TRP E 1788 11.35 36.95 -48.24
C TRP E 1788 10.42 36.38 -47.18
N GLU E 1789 9.75 37.24 -46.41
CA GLU E 1789 8.81 36.75 -45.42
C GLU E 1789 7.59 36.13 -46.07
N LEU E 1790 7.18 36.62 -47.23
CA LEU E 1790 6.05 36.00 -47.92
C LEU E 1790 6.46 34.67 -48.52
N PHE E 1791 7.60 34.61 -49.18
CA PHE E 1791 7.88 33.44 -50.01
C PHE E 1791 8.69 32.36 -49.32
N TYR E 1792 9.38 32.65 -48.22
CA TYR E 1792 10.13 31.63 -47.53
C TYR E 1792 9.72 31.47 -46.07
N TYR E 1793 9.63 32.57 -45.33
CA TYR E 1793 9.46 32.47 -43.88
C TYR E 1793 8.06 32.05 -43.50
N THR E 1794 7.05 32.54 -44.22
CA THR E 1794 5.67 32.16 -43.93
C THR E 1794 5.38 30.68 -44.19
N PRO E 1795 5.77 30.05 -45.32
CA PRO E 1795 5.54 28.60 -45.42
C PRO E 1795 6.39 27.81 -44.46
N MET E 1796 7.57 28.31 -44.09
CA MET E 1796 8.38 27.62 -43.10
C MET E 1796 7.75 27.67 -41.71
N MET E 1797 7.24 28.84 -41.31
CA MET E 1797 6.58 28.96 -40.02
C MET E 1797 5.30 28.12 -39.97
N VAL E 1798 4.51 28.16 -41.06
CA VAL E 1798 3.27 27.41 -41.11
C VAL E 1798 3.55 25.91 -41.08
N PHE E 1799 4.58 25.47 -41.80
CA PHE E 1799 4.95 24.07 -41.82
C PHE E 1799 5.47 23.61 -40.46
N GLN E 1800 6.25 24.46 -39.80
CA GLN E 1800 6.77 24.11 -38.48
C GLN E 1800 5.64 24.00 -37.46
N ARG E 1801 4.67 24.91 -37.53
CA ARG E 1801 3.53 24.85 -36.65
C ARG E 1801 2.64 23.64 -36.92
N LEU E 1802 2.48 23.27 -38.19
CA LEU E 1802 1.72 22.08 -38.52
C LEU E 1802 2.46 20.81 -38.13
N LEU E 1803 3.79 20.86 -38.07
CA LEU E 1803 4.53 19.72 -37.57
C LEU E 1803 4.37 19.61 -36.06
N GLN E 1804 4.39 20.74 -35.36
CA GLN E 1804 4.21 20.71 -33.91
C GLN E 1804 2.79 20.31 -33.52
N GLU E 1805 1.80 20.59 -34.36
CA GLU E 1805 0.45 20.13 -34.10
C GLU E 1805 0.13 18.84 -34.82
N GLN E 1806 1.11 18.30 -35.56
CA GLN E 1806 1.06 16.96 -36.17
C GLN E 1806 -0.08 16.81 -37.17
N ASN E 1807 -0.33 17.82 -37.97
CA ASN E 1807 -1.15 17.66 -39.17
C ASN E 1807 -0.18 17.32 -40.29
N PHE E 1808 0.10 16.03 -40.45
CA PHE E 1808 1.20 15.60 -41.28
C PHE E 1808 0.92 15.80 -42.77
N THR E 1809 -0.30 15.48 -43.21
CA THR E 1809 -0.61 15.57 -44.63
C THR E 1809 -0.71 17.00 -45.12
N GLU E 1810 -0.91 17.96 -44.21
CA GLU E 1810 -0.85 19.36 -44.57
C GLU E 1810 0.54 19.95 -44.39
N SER E 1811 1.28 19.44 -43.42
CA SER E 1811 2.65 19.90 -43.23
C SER E 1811 3.52 19.51 -44.42
N THR E 1812 3.27 18.33 -44.98
CA THR E 1812 4.04 17.95 -46.16
C THR E 1812 3.63 18.77 -47.38
N ARG E 1813 2.38 19.24 -47.42
CA ARG E 1813 1.95 20.14 -48.50
C ARG E 1813 2.65 21.48 -48.38
N TRP E 1814 2.68 22.04 -47.18
CA TRP E 1814 3.33 23.32 -46.98
C TRP E 1814 4.84 23.24 -47.11
N LEU E 1815 5.41 22.04 -46.98
CA LEU E 1815 6.79 21.88 -47.37
C LEU E 1815 6.94 21.71 -48.88
N ARG E 1816 5.95 21.12 -49.54
CA ARG E 1816 5.96 21.07 -51.00
C ARG E 1816 5.86 22.44 -51.63
N TYR E 1817 5.31 23.43 -50.91
CA TYR E 1817 5.25 24.78 -51.44
C TYR E 1817 6.61 25.46 -51.56
N ILE E 1818 7.66 24.88 -50.97
CA ILE E 1818 8.98 25.48 -51.06
C ILE E 1818 9.96 24.48 -51.65
N TRP E 1819 9.97 23.26 -51.13
CA TRP E 1819 10.87 22.23 -51.63
C TRP E 1819 10.09 21.02 -52.11
N ASN E 1820 10.35 20.61 -53.33
CA ASN E 1820 9.89 19.29 -53.77
C ASN E 1820 11.05 18.60 -54.45
N PRO E 1821 11.50 17.46 -53.94
CA PRO E 1821 12.54 16.70 -54.65
C PRO E 1821 12.02 16.05 -55.92
N ALA E 1822 10.71 15.93 -56.09
CA ALA E 1822 10.13 15.30 -57.26
C ALA E 1822 9.82 16.28 -58.37
N GLY E 1823 10.39 17.48 -58.33
CA GLY E 1823 10.08 18.48 -59.34
C GLY E 1823 8.69 19.07 -59.14
N TYR E 1824 8.30 19.91 -60.08
CA TYR E 1824 7.02 20.60 -59.99
C TYR E 1824 6.26 20.48 -61.30
N SER E 1825 4.98 20.21 -61.20
CA SER E 1825 4.10 20.06 -62.35
C SER E 1825 3.46 21.40 -62.64
N VAL E 1826 3.92 22.07 -63.70
CA VAL E 1826 3.42 23.39 -64.08
C VAL E 1826 2.76 23.26 -65.43
N GLN E 1827 1.45 23.53 -65.47
CA GLN E 1827 0.60 23.42 -66.67
C GLN E 1827 0.70 22.04 -67.31
N GLY E 1828 0.73 21.00 -66.48
CA GLY E 1828 0.80 19.64 -66.94
C GLY E 1828 2.19 19.12 -67.21
N GLU E 1829 3.18 19.97 -67.37
CA GLU E 1829 4.54 19.52 -67.65
C GLU E 1829 5.40 19.69 -66.42
N MET E 1830 6.48 18.90 -66.37
CA MET E 1830 7.41 18.96 -65.26
C MET E 1830 8.34 20.14 -65.40
N GLN E 1831 8.97 20.52 -64.30
CA GLN E 1831 9.93 21.60 -64.33
C GLN E 1831 11.35 21.08 -64.15
N ASP E 1832 12.32 21.96 -64.35
CA ASP E 1832 13.72 21.61 -64.29
C ASP E 1832 14.36 21.92 -62.95
N TYR E 1833 13.60 22.44 -62.00
CA TYR E 1833 14.12 22.82 -60.71
C TYR E 1833 13.49 22.00 -59.61
N TYR E 1834 13.93 22.26 -58.38
CA TYR E 1834 13.37 21.63 -57.21
C TYR E 1834 13.09 22.60 -56.08
N TRP E 1835 13.54 23.84 -56.17
CA TRP E 1835 13.31 24.85 -55.15
C TRP E 1835 12.37 25.90 -55.70
N ASN E 1836 11.25 26.11 -55.00
CA ASN E 1836 10.22 27.00 -55.48
C ASN E 1836 10.53 28.46 -55.20
N VAL E 1837 11.67 28.78 -54.62
CA VAL E 1837 12.06 30.15 -54.29
C VAL E 1837 13.27 30.50 -55.14
N ARG E 1838 13.15 31.54 -55.96
CA ARG E 1838 14.30 31.90 -56.79
C ARG E 1838 15.51 32.48 -56.06
N PRO E 1839 15.40 33.22 -54.95
CA PRO E 1839 16.62 33.52 -54.20
C PRO E 1839 17.18 32.35 -53.43
N LEU E 1840 16.48 31.22 -53.38
CA LEU E 1840 17.08 29.98 -52.93
C LEU E 1840 17.72 29.20 -54.06
N GLU E 1841 17.19 29.33 -55.27
CA GLU E 1841 17.87 28.74 -56.43
C GLU E 1841 19.17 29.46 -56.72
N GLU E 1842 19.09 30.76 -57.00
CA GLU E 1842 20.28 31.58 -57.13
C GLU E 1842 20.56 32.26 -55.81
N ASP E 1843 21.73 32.01 -55.25
CA ASP E 1843 22.05 32.45 -53.89
C ASP E 1843 22.23 33.96 -53.84
N THR E 1844 21.18 34.66 -53.44
CA THR E 1844 21.17 36.12 -53.42
C THR E 1844 21.67 36.58 -52.07
N SER E 1845 22.60 37.51 -52.07
CA SER E 1845 23.11 38.08 -50.82
C SER E 1845 22.04 38.98 -50.23
N TRP E 1846 21.21 38.40 -49.37
CA TRP E 1846 20.18 39.16 -48.67
C TRP E 1846 20.79 40.16 -47.70
N ASN E 1847 21.89 39.81 -47.06
CA ASN E 1847 22.40 40.57 -45.93
C ASN E 1847 23.91 40.72 -46.02
N ALA E 1848 24.36 41.87 -46.53
CA ALA E 1848 25.74 42.24 -46.33
C ALA E 1848 25.92 42.67 -44.89
N ASN E 1849 27.15 42.53 -44.39
CA ASN E 1849 27.52 42.65 -42.98
C ASN E 1849 26.65 41.76 -42.09
N PRO E 1850 26.89 40.45 -42.05
CA PRO E 1850 26.11 39.58 -41.17
C PRO E 1850 26.76 39.28 -39.83
N LEU E 1851 28.06 39.49 -39.67
CA LEU E 1851 28.78 39.09 -38.47
C LEU E 1851 28.97 40.24 -37.51
N ASP E 1852 28.22 41.33 -37.70
CA ASP E 1852 28.25 42.42 -36.73
C ASP E 1852 27.62 42.01 -35.41
N SER E 1853 26.69 41.06 -35.43
CA SER E 1853 26.18 40.44 -34.24
C SER E 1853 25.99 38.96 -34.51
N VAL E 1854 25.75 38.20 -33.45
CA VAL E 1854 25.67 36.74 -33.56
C VAL E 1854 24.22 36.40 -33.86
N ASP E 1855 23.95 36.14 -35.14
CA ASP E 1855 22.61 35.80 -35.59
C ASP E 1855 22.66 34.77 -36.69
N PRO E 1856 22.16 33.55 -36.45
CA PRO E 1856 22.15 32.53 -37.50
C PRO E 1856 21.26 32.91 -38.66
N ASP E 1857 20.18 33.66 -38.41
CA ASP E 1857 19.38 34.18 -39.49
C ASP E 1857 20.15 35.19 -40.32
N ALA E 1858 21.04 35.97 -39.70
CA ALA E 1858 21.84 36.91 -40.48
C ALA E 1858 22.86 36.18 -41.36
N VAL E 1859 23.46 35.10 -40.84
CA VAL E 1859 24.42 34.38 -41.67
C VAL E 1859 23.72 33.62 -42.79
N ALA E 1860 22.57 33.02 -42.49
CA ALA E 1860 21.80 32.33 -43.52
C ALA E 1860 21.18 33.31 -44.51
N GLN E 1861 21.00 34.57 -44.13
CA GLN E 1861 20.64 35.55 -45.13
C GLN E 1861 21.84 35.99 -45.95
N HIS E 1862 23.04 35.98 -45.37
CA HIS E 1862 24.22 36.32 -46.14
C HIS E 1862 24.49 35.28 -47.22
N ASP E 1863 24.21 34.03 -46.92
CA ASP E 1863 24.08 33.09 -48.05
C ASP E 1863 22.95 32.10 -47.80
N PRO E 1864 21.98 32.00 -48.72
CA PRO E 1864 20.77 31.22 -48.45
C PRO E 1864 20.93 29.72 -48.58
N MET E 1865 22.16 29.27 -48.84
CA MET E 1865 22.46 27.84 -48.81
C MET E 1865 22.18 27.23 -47.44
N HIS E 1866 22.40 28.00 -46.38
CA HIS E 1866 22.08 27.51 -45.05
C HIS E 1866 20.58 27.39 -44.84
N TYR E 1867 19.79 28.28 -45.43
CA TYR E 1867 18.34 28.13 -45.42
C TYR E 1867 17.91 26.89 -46.16
N LYS E 1868 18.59 26.60 -47.27
CA LYS E 1868 18.32 25.39 -48.04
C LYS E 1868 18.63 24.14 -47.24
N VAL E 1869 19.76 24.14 -46.52
CA VAL E 1869 20.15 23.00 -45.71
C VAL E 1869 19.20 22.82 -44.52
N ALA E 1870 18.76 23.93 -43.91
CA ALA E 1870 17.81 23.84 -42.81
C ALA E 1870 16.46 23.35 -43.29
N THR E 1871 16.08 23.71 -44.52
CA THR E 1871 14.85 23.17 -45.10
C THR E 1871 14.96 21.67 -45.30
N PHE E 1872 16.12 21.19 -45.77
CA PHE E 1872 16.33 19.75 -45.90
C PHE E 1872 16.28 19.05 -44.55
N MET E 1873 16.83 19.69 -43.51
CA MET E 1873 16.79 19.08 -42.18
C MET E 1873 15.38 19.05 -41.63
N LYS E 1874 14.57 20.05 -41.97
CA LYS E 1874 13.16 20.03 -41.59
C LYS E 1874 12.42 18.91 -42.32
N MET E 1875 12.77 18.66 -43.58
CA MET E 1875 12.19 17.54 -44.30
C MET E 1875 12.56 16.20 -43.68
N LEU E 1876 13.81 16.07 -43.23
CA LEU E 1876 14.23 14.86 -42.54
C LEU E 1876 13.51 14.69 -41.22
N ASP E 1877 13.27 15.80 -40.51
CA ASP E 1877 12.49 15.76 -39.27
C ASP E 1877 11.09 15.26 -39.52
N LEU E 1878 10.46 15.75 -40.59
CA LEU E 1878 9.11 15.32 -40.94
C LEU E 1878 9.07 13.84 -41.28
N LEU E 1879 10.05 13.36 -42.05
CA LEU E 1879 10.05 11.96 -42.45
C LEU E 1879 10.30 11.03 -41.27
N ILE E 1880 11.25 11.40 -40.39
CA ILE E 1880 11.51 10.48 -39.29
C ILE E 1880 10.42 10.57 -38.23
N THR E 1881 9.69 11.69 -38.15
CA THR E 1881 8.59 11.67 -37.20
C THR E 1881 7.34 10.97 -37.76
N ARG E 1882 7.19 10.94 -39.10
CA ARG E 1882 6.20 10.06 -39.70
C ARG E 1882 6.55 8.60 -39.42
N GLY E 1883 7.83 8.27 -39.52
CA GLY E 1883 8.26 6.91 -39.23
C GLY E 1883 8.10 6.55 -37.76
N ASP E 1884 8.35 7.50 -36.86
CA ASP E 1884 8.18 7.22 -35.44
C ASP E 1884 6.73 7.07 -35.05
N SER E 1885 5.85 7.90 -35.60
CA SER E 1885 4.42 7.76 -35.34
C SER E 1885 3.87 6.49 -35.95
N ALA E 1886 4.46 6.02 -37.04
CA ALA E 1886 4.08 4.70 -37.56
C ALA E 1886 4.62 3.56 -36.72
N TYR E 1887 5.82 3.71 -36.18
CA TYR E 1887 6.47 2.68 -35.39
C TYR E 1887 5.84 2.50 -34.02
N ARG E 1888 5.33 3.56 -33.41
CA ARG E 1888 4.79 3.44 -32.06
C ARG E 1888 3.44 2.74 -32.00
N GLN E 1889 2.82 2.43 -33.15
CA GLN E 1889 1.52 1.77 -33.14
C GLN E 1889 1.62 0.26 -33.06
N LEU E 1890 2.77 -0.31 -33.40
CA LEU E 1890 3.13 -1.71 -33.18
C LEU E 1890 2.23 -2.70 -33.91
N GLU E 1891 1.80 -2.36 -35.13
CA GLU E 1891 1.10 -3.31 -35.98
C GLU E 1891 1.97 -3.60 -37.20
N ARG E 1892 1.92 -4.85 -37.69
CA ARG E 1892 2.85 -5.28 -38.72
C ARG E 1892 2.56 -4.66 -40.08
N ASP E 1893 1.39 -4.05 -40.25
CA ASP E 1893 1.17 -3.23 -41.45
C ASP E 1893 1.77 -1.85 -41.27
N THR E 1894 1.71 -1.31 -40.06
CA THR E 1894 2.33 -0.03 -39.76
C THR E 1894 3.85 -0.09 -39.72
N LEU E 1895 4.41 -1.27 -39.44
CA LEU E 1895 5.86 -1.42 -39.47
C LEU E 1895 6.40 -1.30 -40.89
N ASN E 1896 5.63 -1.75 -41.88
CA ASN E 1896 6.02 -1.54 -43.26
C ASN E 1896 5.98 -0.08 -43.63
N GLU E 1897 5.00 0.66 -43.09
CA GLU E 1897 4.96 2.11 -43.30
C GLU E 1897 6.14 2.79 -42.64
N ALA E 1898 6.50 2.35 -41.44
CA ALA E 1898 7.63 2.94 -40.74
C ALA E 1898 8.93 2.68 -41.47
N LYS E 1899 9.11 1.45 -41.97
CA LYS E 1899 10.28 1.15 -42.77
C LYS E 1899 10.26 1.90 -44.09
N MET E 1900 9.07 2.19 -44.62
CA MET E 1900 8.97 3.00 -45.83
C MET E 1900 9.42 4.42 -45.57
N TRP E 1901 9.03 4.99 -44.44
CA TRP E 1901 9.46 6.35 -44.12
C TRP E 1901 10.94 6.41 -43.83
N TYR E 1902 11.48 5.41 -43.13
CA TYR E 1902 12.91 5.42 -42.84
C TYR E 1902 13.74 5.15 -44.09
N VAL E 1903 13.23 4.33 -45.01
CA VAL E 1903 13.91 4.11 -46.27
C VAL E 1903 13.85 5.35 -47.14
N GLN E 1904 12.74 6.08 -47.10
CA GLN E 1904 12.63 7.32 -47.86
C GLN E 1904 13.58 8.38 -47.32
N ALA E 1905 13.71 8.46 -46.00
CA ALA E 1905 14.67 9.37 -45.41
C ALA E 1905 16.12 8.97 -45.74
N LEU E 1906 16.40 7.66 -45.74
CA LEU E 1906 17.73 7.20 -46.05
C LEU E 1906 18.09 7.44 -47.50
N THR E 1907 17.15 7.26 -48.42
CA THR E 1907 17.47 7.50 -49.82
C THR E 1907 17.43 8.98 -50.15
N LEU E 1908 16.81 9.81 -49.31
CA LEU E 1908 17.02 11.24 -49.45
C LEU E 1908 18.40 11.63 -48.96
N LEU E 1909 18.89 10.95 -47.93
CA LEU E 1909 20.19 11.28 -47.37
C LEU E 1909 21.32 10.84 -48.30
N GLY E 1910 21.28 9.59 -48.74
CA GLY E 1910 22.33 9.09 -49.61
C GLY E 1910 23.28 8.14 -48.90
N ASP E 1911 24.57 8.41 -48.98
CA ASP E 1911 25.60 7.59 -48.35
C ASP E 1911 26.26 8.37 -47.23
N GLU E 1912 26.47 7.71 -46.10
CA GLU E 1912 27.09 8.38 -44.97
C GLU E 1912 28.58 8.52 -45.22
N PRO E 1913 29.15 9.70 -44.99
CA PRO E 1913 30.59 9.88 -45.19
C PRO E 1913 31.40 9.16 -44.13
N TYR E 1914 32.02 8.06 -44.52
CA TYR E 1914 32.66 7.13 -43.59
C TYR E 1914 34.17 7.09 -43.75
N PHE E 1915 34.65 6.79 -44.95
CA PHE E 1915 36.07 6.67 -45.19
C PHE E 1915 36.70 7.97 -45.66
N SER E 1916 35.89 8.95 -46.06
CA SER E 1916 36.41 10.22 -46.54
C SER E 1916 36.92 11.12 -45.43
N LEU E 1917 36.66 10.76 -44.17
CA LEU E 1917 37.17 11.54 -43.06
C LEU E 1917 38.68 11.31 -42.90
N ASP E 1918 39.31 12.19 -42.12
CA ASP E 1918 40.77 12.20 -42.09
C ASP E 1918 41.33 11.15 -41.15
N ASN E 1919 41.00 11.26 -39.84
CA ASN E 1919 41.63 10.52 -38.75
C ASN E 1919 43.14 10.64 -38.84
N ASP E 1920 43.62 11.88 -38.91
CA ASP E 1920 44.97 12.17 -39.36
C ASP E 1920 45.36 13.53 -38.82
N TRP E 1921 46.34 13.56 -37.92
CA TRP E 1921 46.60 14.79 -37.17
C TRP E 1921 48.04 14.82 -36.70
N SER E 1922 48.85 15.67 -37.30
CA SER E 1922 50.21 15.91 -36.82
C SER E 1922 50.13 16.74 -35.56
N GLU E 1923 50.20 16.07 -34.40
CA GLU E 1923 49.95 16.69 -33.11
C GLU E 1923 51.05 17.66 -32.71
N PRO E 1924 50.80 18.95 -32.69
CA PRO E 1924 51.82 19.91 -32.30
C PRO E 1924 51.81 20.13 -30.79
N ARG E 1925 52.69 21.01 -30.35
CA ARG E 1925 52.55 21.52 -29.01
C ARG E 1925 51.59 22.70 -29.02
N LEU E 1926 51.15 23.08 -27.83
CA LEU E 1926 50.28 24.26 -27.71
C LEU E 1926 51.03 25.53 -28.09
N GLU E 1927 52.32 25.58 -27.79
CA GLU E 1927 53.16 26.68 -28.20
C GLU E 1927 53.29 26.78 -29.72
N GLU E 1928 53.27 25.64 -30.40
CA GLU E 1928 53.28 25.66 -31.87
C GLU E 1928 51.92 26.04 -32.41
N ALA E 1929 50.85 25.53 -31.79
CA ALA E 1929 49.51 25.69 -32.35
C ALA E 1929 48.98 27.10 -32.12
N ALA E 1930 49.39 27.76 -31.05
CA ALA E 1930 48.94 29.12 -30.77
C ALA E 1930 49.91 30.17 -31.30
N SER E 1931 50.62 29.87 -32.38
CA SER E 1931 51.56 30.82 -32.95
C SER E 1931 50.80 31.95 -33.64
N GLN E 1932 50.94 33.15 -33.08
CA GLN E 1932 50.28 34.32 -33.65
C GLN E 1932 50.88 34.67 -35.01
N THR E 1933 52.18 34.37 -35.20
CA THR E 1933 52.81 34.52 -36.50
C THR E 1933 52.15 33.62 -37.54
N MET E 1934 51.92 32.37 -37.17
CA MET E 1934 51.28 31.42 -38.08
C MET E 1934 49.84 31.82 -38.38
N ARG E 1935 49.13 32.31 -37.36
CA ARG E 1935 47.74 32.77 -37.56
C ARG E 1935 47.68 33.98 -38.48
N HIS E 1936 48.60 34.93 -38.30
CA HIS E 1936 48.66 36.09 -39.17
C HIS E 1936 49.04 35.69 -40.58
N HIS E 1937 49.92 34.69 -40.72
CA HIS E 1937 50.29 34.21 -42.04
C HIS E 1937 49.12 33.51 -42.71
N TYR E 1938 48.28 32.86 -41.94
CA TYR E 1938 47.08 32.22 -42.48
C TYR E 1938 46.09 33.26 -42.98
N GLN E 1939 45.89 34.33 -42.21
CA GLN E 1939 44.99 35.39 -42.66
C GLN E 1939 45.56 36.14 -43.87
N HIS E 1940 46.87 36.30 -43.91
CA HIS E 1940 47.52 36.90 -45.08
C HIS E 1940 47.35 36.02 -46.31
N LYS E 1941 47.41 34.70 -46.11
CA LYS E 1941 47.15 33.75 -47.19
C LYS E 1941 45.72 33.82 -47.66
N MET E 1942 44.78 34.06 -46.75
CA MET E 1942 43.38 34.19 -47.13
C MET E 1942 43.14 35.46 -47.95
N LEU E 1943 43.80 36.54 -47.55
CA LEU E 1943 43.71 37.78 -48.32
C LEU E 1943 44.33 37.63 -49.69
N GLN E 1944 45.43 36.88 -49.78
CA GLN E 1944 46.00 36.54 -51.08
C GLN E 1944 45.07 35.65 -51.89
N LEU E 1945 44.27 34.82 -51.22
CA LEU E 1945 43.32 33.98 -51.92
C LEU E 1945 42.23 34.81 -52.58
N ARG E 1946 41.68 35.78 -51.86
CA ARG E 1946 40.62 36.57 -52.47
C ARG E 1946 41.16 37.58 -53.47
N GLN E 1947 42.38 38.07 -53.30
CA GLN E 1947 42.98 38.95 -54.29
C GLN E 1947 43.66 38.20 -55.42
N ARG E 1948 43.63 36.86 -55.36
CA ARG E 1948 44.05 35.85 -56.34
C ARG E 1948 45.56 35.70 -56.53
N ALA E 1949 46.35 36.72 -56.15
CA ALA E 1949 47.79 36.67 -55.85
C ALA E 1949 48.71 35.95 -56.83
N ALA E 1950 48.21 35.64 -58.04
CA ALA E 1950 48.90 34.96 -59.14
C ALA E 1950 49.35 33.52 -58.82
N LEU E 1951 49.06 32.99 -57.61
CA LEU E 1951 49.37 31.63 -57.15
C LEU E 1951 50.85 31.29 -57.35
N PRO E 1952 51.74 31.74 -56.45
CA PRO E 1952 53.16 31.97 -56.81
C PRO E 1952 53.95 30.74 -57.24
N THR E 1953 53.41 29.52 -57.07
CA THR E 1953 53.94 28.24 -57.56
C THR E 1953 55.33 27.93 -57.03
N LYS E 1954 55.72 28.59 -55.94
CA LYS E 1954 56.94 28.26 -55.23
C LYS E 1954 56.56 27.26 -54.14
N ARG E 1955 56.80 25.98 -54.41
CA ARG E 1955 56.39 24.93 -53.50
C ARG E 1955 57.26 24.95 -52.25
N THR E 1956 56.76 25.58 -51.20
CA THR E 1956 57.46 25.70 -49.94
C THR E 1956 56.84 24.76 -48.92
N ALA E 1957 57.44 24.71 -47.74
CA ALA E 1957 56.93 23.87 -46.68
C ALA E 1957 55.61 24.44 -46.14
N ASN E 1958 54.75 23.55 -45.69
CA ASN E 1958 53.46 23.95 -45.16
C ASN E 1958 53.67 24.54 -43.77
N SER E 1959 53.75 25.86 -43.69
CA SER E 1959 53.90 26.54 -42.42
C SER E 1959 52.62 26.55 -41.60
N LEU E 1960 51.49 26.13 -42.18
CA LEU E 1960 50.20 26.07 -41.51
C LEU E 1960 49.89 24.67 -41.03
N THR E 1961 50.91 23.96 -40.52
CA THR E 1961 50.77 22.55 -40.20
C THR E 1961 49.86 22.33 -39.01
N ALA E 1962 49.93 23.21 -38.01
CA ALA E 1962 49.16 23.03 -36.78
C ALA E 1962 47.75 23.60 -36.87
N LEU E 1963 47.23 23.82 -38.07
CA LEU E 1963 45.88 24.36 -38.21
C LEU E 1963 44.85 23.30 -37.86
N PHE E 1964 43.82 23.73 -37.13
CA PHE E 1964 42.75 22.82 -36.77
C PHE E 1964 41.87 22.57 -37.98
N LEU E 1965 41.22 21.49 -37.96
CA LEU E 1965 40.57 21.04 -39.18
C LEU E 1965 39.07 21.32 -39.13
N PRO E 1966 38.42 21.47 -40.28
CA PRO E 1966 36.97 21.68 -40.27
C PRO E 1966 36.23 20.42 -39.85
N GLN E 1967 35.09 20.62 -39.20
CA GLN E 1967 34.33 19.53 -38.63
C GLN E 1967 32.94 19.51 -39.24
N ILE E 1968 32.48 18.32 -39.64
CA ILE E 1968 31.12 18.17 -40.11
C ILE E 1968 30.16 18.39 -38.95
N ASN E 1969 28.93 18.79 -39.26
CA ASN E 1969 28.03 19.22 -38.21
C ASN E 1969 27.44 18.03 -37.48
N LYS E 1970 27.08 18.27 -36.21
CA LYS E 1970 26.64 17.19 -35.34
C LYS E 1970 25.24 16.69 -35.70
N LYS E 1971 24.39 17.57 -36.23
CA LYS E 1971 22.97 17.24 -36.35
C LYS E 1971 22.72 16.25 -37.47
N LEU E 1972 23.44 16.38 -38.59
CA LEU E 1972 23.30 15.41 -39.68
C LEU E 1972 23.83 14.06 -39.26
N GLN E 1973 24.92 14.03 -38.49
CA GLN E 1973 25.43 12.78 -37.96
C GLN E 1973 24.44 12.14 -37.00
N GLY E 1974 23.74 12.98 -36.22
CA GLY E 1974 22.67 12.47 -35.38
C GLY E 1974 21.53 11.88 -36.17
N TYR E 1975 21.21 12.50 -37.31
CA TYR E 1975 20.18 11.95 -38.18
C TYR E 1975 20.59 10.61 -38.77
N TRP E 1976 21.85 10.49 -39.20
CA TRP E 1976 22.36 9.23 -39.72
C TRP E 1976 22.32 8.14 -38.66
N GLN E 1977 22.72 8.48 -37.44
CA GLN E 1977 22.74 7.51 -36.34
C GLN E 1977 21.33 7.07 -35.97
N THR E 1978 20.39 8.01 -35.89
CA THR E 1978 19.05 7.59 -35.51
C THR E 1978 18.36 6.85 -36.64
N LEU E 1979 18.72 7.12 -37.90
CA LEU E 1979 18.13 6.37 -38.99
C LEU E 1979 18.64 4.94 -39.02
N THR E 1980 19.94 4.73 -38.81
CA THR E 1980 20.41 3.36 -38.80
C THR E 1980 19.98 2.62 -37.55
N GLN E 1981 19.74 3.33 -36.44
CA GLN E 1981 19.20 2.67 -35.26
C GLN E 1981 17.74 2.26 -35.46
N ARG E 1982 16.95 3.13 -36.12
CA ARG E 1982 15.57 2.79 -36.45
C ARG E 1982 15.51 1.59 -37.37
N LEU E 1983 16.35 1.55 -38.39
CA LEU E 1983 16.30 0.43 -39.32
C LEU E 1983 16.86 -0.83 -38.70
N TYR E 1984 17.77 -0.71 -37.72
CA TYR E 1984 18.23 -1.90 -37.02
C TYR E 1984 17.14 -2.46 -36.12
N ASN E 1985 16.39 -1.59 -35.46
CA ASN E 1985 15.30 -2.07 -34.63
C ASN E 1985 14.16 -2.62 -35.48
N LEU E 1986 13.96 -2.07 -36.67
CA LEU E 1986 12.87 -2.53 -37.51
C LEU E 1986 13.23 -3.80 -38.26
N ARG E 1987 14.51 -4.00 -38.58
CA ARG E 1987 14.92 -5.22 -39.26
C ARG E 1987 15.02 -6.40 -38.32
N HIS E 1988 14.86 -6.18 -37.03
CA HIS E 1988 14.58 -7.24 -36.09
C HIS E 1988 13.17 -7.03 -35.59
N ASN E 1989 12.75 -7.85 -34.62
CA ASN E 1989 11.40 -7.75 -34.10
C ASN E 1989 11.34 -6.86 -32.88
N LEU E 1990 12.22 -5.87 -32.81
CA LEU E 1990 12.29 -4.99 -31.65
C LEU E 1990 11.20 -3.93 -31.72
N THR E 1991 11.06 -3.20 -30.63
CA THR E 1991 10.17 -2.06 -30.57
C THR E 1991 10.90 -0.81 -31.04
N ILE E 1992 10.30 0.35 -30.78
CA ILE E 1992 10.98 1.62 -31.01
C ILE E 1992 12.16 1.77 -30.05
N ASP E 1993 12.05 1.20 -28.85
CA ASP E 1993 13.10 1.30 -27.84
C ASP E 1993 14.11 0.17 -27.89
N GLY E 1994 13.98 -0.76 -28.84
CA GLY E 1994 14.88 -1.89 -28.92
C GLY E 1994 14.47 -3.10 -28.11
N GLN E 1995 13.35 -3.04 -27.39
CA GLN E 1995 12.95 -4.25 -26.69
C GLN E 1995 12.18 -5.17 -27.63
N PRO E 1996 12.41 -6.48 -27.55
CA PRO E 1996 11.81 -7.38 -28.54
C PRO E 1996 10.32 -7.59 -28.28
N LEU E 1997 9.58 -7.73 -29.39
CA LEU E 1997 8.16 -8.04 -29.32
C LEU E 1997 7.90 -9.47 -28.89
N SER E 1998 8.56 -10.42 -29.52
CA SER E 1998 8.37 -11.84 -29.22
C SER E 1998 9.14 -12.21 -27.97
N LEU E 1999 8.47 -12.88 -27.04
CA LEU E 1999 9.08 -13.25 -25.78
C LEU E 1999 10.08 -14.38 -25.97
N SER E 2000 10.87 -14.63 -24.93
CA SER E 2000 11.98 -15.56 -25.00
C SER E 2000 11.52 -16.98 -24.71
N LEU E 2001 12.35 -17.94 -25.13
CA LEU E 2001 12.15 -19.34 -24.79
C LEU E 2001 12.67 -19.62 -23.39
N TYR E 2002 11.90 -20.39 -22.62
CA TYR E 2002 12.30 -20.82 -21.28
C TYR E 2002 12.57 -22.32 -21.36
N ALA E 2003 13.85 -22.68 -21.33
CA ALA E 2003 14.23 -24.08 -21.34
C ALA E 2003 13.94 -24.72 -19.99
N THR E 2004 13.61 -26.00 -20.02
CA THR E 2004 13.28 -26.73 -18.81
C THR E 2004 14.57 -27.16 -18.10
N PRO E 2005 14.71 -26.89 -16.79
CA PRO E 2005 15.89 -27.37 -16.07
C PRO E 2005 15.87 -28.87 -15.88
N ALA E 2006 17.02 -29.47 -15.58
CA ALA E 2006 17.09 -30.91 -15.39
C ALA E 2006 16.53 -31.30 -14.03
N ASP E 2007 15.83 -32.42 -14.00
CA ASP E 2007 15.24 -32.90 -12.76
C ASP E 2007 16.33 -33.49 -11.86
N PRO E 2008 16.17 -33.40 -10.54
CA PRO E 2008 17.11 -34.06 -9.64
C PRO E 2008 16.97 -35.58 -9.73
N SER E 2009 18.09 -36.25 -9.99
CA SER E 2009 18.08 -37.70 -10.13
C SER E 2009 17.90 -38.36 -8.78
N MET E 2010 17.54 -39.64 -8.82
CA MET E 2010 17.38 -40.44 -7.62
C MET E 2010 18.64 -41.27 -7.42
N LEU E 2011 19.25 -41.13 -6.25
CA LEU E 2011 20.49 -41.83 -5.97
C LEU E 2011 20.21 -43.29 -5.67
N LEU E 2012 21.10 -44.16 -6.14
CA LEU E 2012 20.94 -45.60 -5.98
C LEU E 2012 22.16 -46.16 -5.26
N SER E 2013 21.91 -47.15 -4.41
CA SER E 2013 22.96 -47.89 -3.75
C SER E 2013 22.70 -49.38 -3.95
N ALA E 2014 23.65 -50.20 -3.51
CA ALA E 2014 23.53 -51.64 -3.66
C ALA E 2014 24.39 -52.30 -2.61
N ALA E 2015 24.03 -53.53 -2.27
CA ALA E 2015 24.84 -54.34 -1.35
C ALA E 2015 25.30 -55.56 -2.13
N ILE E 2016 26.53 -55.49 -2.65
CA ILE E 2016 27.14 -56.67 -3.25
C ILE E 2016 27.47 -57.65 -2.15
N THR E 2017 27.45 -58.93 -2.48
CA THR E 2017 27.61 -59.98 -1.49
C THR E 2017 28.76 -60.88 -1.89
N ALA E 2018 29.32 -61.57 -0.89
CA ALA E 2018 30.43 -62.47 -1.10
C ALA E 2018 29.98 -63.89 -0.80
N SER E 2019 30.84 -64.85 -1.10
CA SER E 2019 30.55 -66.25 -0.84
C SER E 2019 31.86 -66.99 -0.62
N GLN E 2020 32.23 -67.15 0.65
CA GLN E 2020 33.43 -67.88 1.01
C GLN E 2020 33.07 -69.34 1.25
N GLY E 2021 34.08 -70.20 1.23
CA GLY E 2021 33.88 -71.62 1.43
C GLY E 2021 33.47 -71.96 2.85
N GLY E 2022 32.94 -73.17 2.99
CA GLY E 2022 32.53 -73.64 4.29
C GLY E 2022 33.67 -74.31 5.05
N GLY E 2023 33.37 -74.71 6.28
CA GLY E 2023 34.34 -75.42 7.08
C GLY E 2023 34.40 -76.89 6.71
N ASP E 2024 35.61 -77.35 6.37
CA ASP E 2024 35.79 -78.74 6.02
C ASP E 2024 36.26 -79.54 7.24
N LEU E 2025 35.91 -80.82 7.28
CA LEU E 2025 36.10 -81.60 8.49
C LEU E 2025 37.56 -82.05 8.61
N PRO E 2026 38.17 -81.89 9.78
CA PRO E 2026 39.55 -82.35 9.96
C PRO E 2026 39.66 -83.86 10.12
N HIS E 2027 40.84 -84.35 10.49
CA HIS E 2027 41.05 -85.77 10.68
C HIS E 2027 40.68 -86.17 12.10
N ALA E 2028 39.94 -87.27 12.22
CA ALA E 2028 39.46 -87.73 13.51
C ALA E 2028 40.49 -88.63 14.19
N VAL E 2029 40.67 -88.41 15.49
CA VAL E 2029 41.59 -89.19 16.32
C VAL E 2029 40.77 -89.96 17.34
N MET E 2030 41.15 -91.18 17.62
CA MET E 2030 40.44 -91.98 18.61
C MET E 2030 41.01 -91.73 20.00
N PRO E 2031 40.19 -91.34 20.97
CA PRO E 2031 40.68 -91.09 22.32
C PRO E 2031 40.60 -92.36 23.17
N MET E 2032 40.97 -92.22 24.44
CA MET E 2032 41.05 -93.33 25.36
C MET E 2032 39.82 -93.51 26.23
N TYR E 2033 38.94 -92.53 26.29
CA TYR E 2033 37.81 -92.61 27.20
C TYR E 2033 36.60 -93.18 26.50
N ARG E 2034 35.61 -93.56 27.31
CA ARG E 2034 34.40 -94.14 26.78
C ARG E 2034 33.47 -93.05 26.25
N PHE E 2035 32.33 -93.50 25.74
CA PHE E 2035 31.40 -92.60 25.06
C PHE E 2035 30.77 -91.53 25.96
N PRO E 2036 30.28 -91.81 27.19
CA PRO E 2036 29.74 -90.69 27.98
C PRO E 2036 30.80 -89.69 28.43
N VAL E 2037 32.03 -90.13 28.65
CA VAL E 2037 33.09 -89.22 29.05
C VAL E 2037 33.46 -88.29 27.90
N ILE E 2038 33.68 -88.86 26.71
CA ILE E 2038 34.01 -88.02 25.57
C ILE E 2038 32.81 -87.19 25.14
N LEU E 2039 31.58 -87.66 25.43
CA LEU E 2039 30.41 -86.87 25.12
C LEU E 2039 30.28 -85.69 26.06
N GLU E 2040 30.68 -85.87 27.32
CA GLU E 2040 30.66 -84.76 28.26
C GLU E 2040 31.69 -83.70 27.88
N ASN E 2041 32.88 -84.13 27.45
CA ASN E 2041 33.89 -83.17 27.00
C ASN E 2041 33.43 -82.44 25.73
N ALA E 2042 32.81 -83.16 24.80
CA ALA E 2042 32.35 -82.55 23.57
C ALA E 2042 31.19 -81.58 23.82
N LYS E 2043 30.27 -81.94 24.71
CA LYS E 2043 29.17 -81.04 25.05
C LYS E 2043 29.68 -79.80 25.77
N TRP E 2044 30.74 -79.95 26.57
CA TRP E 2044 31.39 -78.79 27.17
C TRP E 2044 31.93 -77.83 26.12
N GLY E 2045 32.70 -78.36 25.17
CA GLY E 2045 33.29 -77.51 24.15
C GLY E 2045 32.26 -76.85 23.26
N VAL E 2046 31.18 -77.57 22.94
CA VAL E 2046 30.16 -77.01 22.07
C VAL E 2046 29.31 -75.97 22.82
N SER E 2047 29.10 -76.15 24.12
CA SER E 2047 28.42 -75.11 24.90
C SER E 2047 29.25 -73.84 24.99
N GLN E 2048 30.56 -73.99 25.15
CA GLN E 2048 31.44 -72.82 25.14
C GLN E 2048 31.44 -72.14 23.77
N LEU E 2049 31.35 -72.92 22.70
CA LEU E 2049 31.27 -72.33 21.37
C LEU E 2049 29.96 -71.58 21.14
N ILE E 2050 28.86 -72.09 21.70
CA ILE E 2050 27.58 -71.40 21.63
C ILE E 2050 27.68 -70.06 22.34
N GLN E 2051 28.33 -70.05 23.51
CA GLN E 2051 28.54 -68.81 24.25
C GLN E 2051 29.38 -67.81 23.45
N PHE E 2052 30.41 -68.30 22.76
CA PHE E 2052 31.27 -67.41 22.01
C PHE E 2052 30.57 -66.85 20.78
N GLY E 2053 29.74 -67.65 20.13
CA GLY E 2053 28.99 -67.15 18.98
C GLY E 2053 27.95 -66.12 19.36
N ASN E 2054 27.28 -66.33 20.50
CA ASN E 2054 26.35 -65.32 21.01
C ASN E 2054 27.06 -64.02 21.35
N THR E 2055 28.25 -64.13 21.97
CA THR E 2055 29.01 -62.93 22.33
C THR E 2055 29.51 -62.20 21.10
N LEU E 2056 29.91 -62.94 20.06
CA LEU E 2056 30.37 -62.34 18.82
C LEU E 2056 29.25 -61.60 18.12
N LEU E 2057 28.03 -62.18 18.15
CA LEU E 2057 26.87 -61.51 17.60
C LEU E 2057 26.58 -60.20 18.32
N SER E 2058 26.62 -60.23 19.65
CA SER E 2058 26.36 -59.01 20.42
C SER E 2058 27.42 -57.94 20.15
N ILE E 2059 28.66 -58.37 19.98
CA ILE E 2059 29.74 -57.42 19.74
C ILE E 2059 29.60 -56.77 18.37
N THR E 2060 29.27 -57.56 17.34
CA THR E 2060 29.18 -56.96 16.02
C THR E 2060 27.96 -56.06 15.87
N GLU E 2061 26.85 -56.36 16.58
CA GLU E 2061 25.73 -55.44 16.47
C GLU E 2061 25.96 -54.16 17.27
N ARG E 2062 26.68 -54.24 18.39
CA ARG E 2062 27.07 -53.02 19.09
C ARG E 2062 28.03 -52.19 18.25
N GLN E 2063 28.93 -52.84 17.52
CA GLN E 2063 29.87 -52.14 16.65
C GLN E 2063 29.13 -51.38 15.55
N ASP E 2064 28.13 -52.04 14.94
CA ASP E 2064 27.37 -51.39 13.89
C ASP E 2064 26.54 -50.22 14.39
N ALA E 2065 25.92 -50.36 15.57
CA ALA E 2065 25.16 -49.24 16.13
C ALA E 2065 26.07 -48.07 16.48
N GLU E 2066 27.28 -48.37 16.97
CA GLU E 2066 28.22 -47.30 17.32
C GLU E 2066 28.71 -46.55 16.09
N ALA E 2067 29.02 -47.27 15.01
CA ALA E 2067 29.45 -46.61 13.79
C ALA E 2067 28.34 -45.77 13.18
N LEU E 2068 27.09 -46.25 13.31
CA LEU E 2068 25.95 -45.48 12.84
C LEU E 2068 25.80 -44.17 13.60
N ALA E 2069 25.93 -44.21 14.93
CA ALA E 2069 25.81 -42.99 15.73
C ALA E 2069 26.94 -42.01 15.41
N GLU E 2070 28.15 -42.53 15.17
CA GLU E 2070 29.26 -41.65 14.82
C GLU E 2070 29.03 -40.96 13.48
N ILE E 2071 28.55 -41.69 12.47
CA ILE E 2071 28.33 -41.09 11.17
C ILE E 2071 27.17 -40.08 11.23
N LEU E 2072 26.20 -40.31 12.14
CA LEU E 2072 25.11 -39.37 12.33
C LEU E 2072 25.60 -38.06 12.92
N GLN E 2073 26.51 -38.15 13.90
CA GLN E 2073 27.04 -36.94 14.51
C GLN E 2073 27.89 -36.14 13.53
N THR E 2074 28.64 -36.83 12.66
CA THR E 2074 29.44 -36.12 11.65
C THR E 2074 28.56 -35.34 10.67
N GLN E 2075 27.53 -35.99 10.12
CA GLN E 2075 26.71 -35.25 9.17
C GLN E 2075 25.84 -34.21 9.85
N GLY E 2076 25.48 -34.39 11.13
CA GLY E 2076 24.83 -33.32 11.86
C GLY E 2076 25.71 -32.11 12.05
N SER E 2077 27.02 -32.32 12.26
CA SER E 2077 27.95 -31.20 12.35
C SER E 2077 28.04 -30.44 11.03
N GLU E 2078 28.06 -31.17 9.92
CA GLU E 2078 28.12 -30.51 8.61
C GLU E 2078 26.85 -29.70 8.33
N LEU E 2079 25.69 -30.26 8.68
CA LEU E 2079 24.44 -29.51 8.50
C LEU E 2079 24.36 -28.29 9.39
N ALA E 2080 24.95 -28.36 10.59
CA ALA E 2080 24.98 -27.18 11.46
C ALA E 2080 25.81 -26.07 10.86
N LEU E 2081 26.96 -26.42 10.26
CA LEU E 2081 27.77 -25.43 9.56
C LEU E 2081 27.00 -24.78 8.41
N GLN E 2082 26.31 -25.60 7.62
CA GLN E 2082 25.53 -25.06 6.50
C GLN E 2082 24.38 -24.16 6.96
N SER E 2083 23.77 -24.49 8.10
CA SER E 2083 22.68 -23.67 8.61
C SER E 2083 23.18 -22.32 9.12
N ILE E 2084 24.37 -22.28 9.72
CA ILE E 2084 24.95 -21.00 10.11
C ILE E 2084 25.24 -20.14 8.88
N LYS E 2085 25.76 -20.79 7.82
CA LYS E 2085 26.02 -20.06 6.58
C LYS E 2085 24.73 -19.54 5.94
N MET E 2086 23.61 -20.21 6.18
CA MET E 2086 22.32 -19.68 5.70
C MET E 2086 21.82 -18.51 6.53
N GLN E 2087 22.03 -18.57 7.85
CA GLN E 2087 21.59 -17.47 8.71
C GLN E 2087 22.35 -16.18 8.42
N ASP E 2088 23.58 -16.30 7.94
CA ASP E 2088 24.32 -15.11 7.48
C ASP E 2088 23.60 -14.39 6.34
N LYS E 2089 23.09 -15.14 5.36
CA LYS E 2089 22.37 -14.52 4.26
C LYS E 2089 21.04 -13.95 4.70
N VAL E 2090 20.41 -14.57 5.70
CA VAL E 2090 19.19 -14.01 6.29
C VAL E 2090 19.47 -12.63 6.89
N MET E 2091 20.57 -12.53 7.63
CA MET E 2091 20.95 -11.25 8.23
C MET E 2091 21.28 -10.20 7.18
N ALA E 2092 21.92 -10.61 6.09
CA ALA E 2092 22.20 -9.67 5.00
C ALA E 2092 20.92 -9.20 4.30
N GLU E 2093 19.90 -10.07 4.22
CA GLU E 2093 18.60 -9.66 3.71
C GLU E 2093 17.97 -8.59 4.60
N ILE E 2094 18.11 -8.76 5.92
CA ILE E 2094 17.63 -7.74 6.86
C ILE E 2094 18.32 -6.40 6.63
N ASP E 2095 19.63 -6.45 6.35
CA ASP E 2095 20.39 -5.23 6.09
C ASP E 2095 19.91 -4.52 4.82
N ALA E 2096 19.68 -5.28 3.75
CA ALA E 2096 19.24 -4.67 2.50
C ALA E 2096 17.81 -4.12 2.63
N ASP E 2097 16.97 -4.76 3.43
CA ASP E 2097 15.64 -4.22 3.70
C ASP E 2097 15.72 -2.92 4.46
N LYS E 2098 16.67 -2.81 5.40
CA LYS E 2098 16.88 -1.55 6.11
C LYS E 2098 17.34 -0.44 5.16
N LEU E 2099 18.16 -0.80 4.18
CA LEU E 2099 18.56 0.17 3.16
C LEU E 2099 17.37 0.66 2.33
N ALA E 2100 16.47 -0.25 1.96
CA ALA E 2100 15.25 0.14 1.25
C ALA E 2100 14.39 1.08 2.07
N LEU E 2101 14.29 0.82 3.38
CA LEU E 2101 13.51 1.68 4.26
C LEU E 2101 14.12 3.07 4.39
N GLN E 2102 15.46 3.15 4.46
CA GLN E 2102 16.11 4.45 4.48
C GLN E 2102 15.87 5.23 3.20
N GLU E 2103 15.88 4.53 2.06
CA GLU E 2103 15.63 5.23 0.80
C GLU E 2103 14.19 5.66 0.63
N SER E 2104 13.25 5.01 1.32
CA SER E 2104 11.89 5.56 1.36
C SER E 2104 11.82 6.79 2.25
N ARG E 2105 12.53 6.74 3.39
CA ARG E 2105 12.47 7.83 4.36
C ARG E 2105 13.10 9.11 3.80
N HIS E 2106 14.12 8.96 2.94
CA HIS E 2106 14.75 10.14 2.34
C HIS E 2106 13.78 10.90 1.45
N GLY E 2107 13.00 10.19 0.65
CA GLY E 2107 12.05 10.87 -0.21
C GLY E 2107 10.88 11.45 0.56
N ALA E 2108 10.44 10.76 1.62
CA ALA E 2108 9.42 11.35 2.48
C ALA E 2108 9.93 12.62 3.16
N GLN E 2109 11.21 12.64 3.52
CA GLN E 2109 11.83 13.82 4.10
C GLN E 2109 11.88 14.97 3.12
N SER E 2110 12.28 14.70 1.87
CA SER E 2110 12.37 15.76 0.87
C SER E 2110 10.99 16.31 0.53
N ARG E 2111 9.98 15.44 0.49
CA ARG E 2111 8.62 15.90 0.23
C ARG E 2111 8.10 16.78 1.36
N PHE E 2112 8.40 16.39 2.61
CA PHE E 2112 7.99 17.20 3.75
C PHE E 2112 8.68 18.55 3.76
N ASP E 2113 9.98 18.59 3.43
CA ASP E 2113 10.71 19.85 3.43
C ASP E 2113 10.22 20.77 2.33
N SER E 2114 9.88 20.19 1.17
CA SER E 2114 9.39 21.00 0.06
C SER E 2114 8.00 21.55 0.36
N PHE E 2115 7.14 20.74 0.97
CA PHE E 2115 5.84 21.28 1.35
C PHE E 2115 5.93 22.28 2.49
N ASN E 2116 6.91 22.15 3.37
CA ASN E 2116 7.07 23.12 4.44
C ASN E 2116 7.57 24.45 3.90
N THR E 2117 8.54 24.43 2.98
CA THR E 2117 8.98 25.69 2.41
C THR E 2117 7.97 26.25 1.41
N LEU E 2118 7.02 25.43 0.93
CA LEU E 2118 5.90 25.99 0.20
C LEU E 2118 4.92 26.67 1.14
N TYR E 2119 4.68 26.07 2.30
CA TYR E 2119 3.70 26.61 3.23
C TYR E 2119 4.20 27.87 3.93
N ASP E 2120 5.51 27.99 4.12
CA ASP E 2120 6.04 29.11 4.91
C ASP E 2120 5.95 30.43 4.16
N GLU E 2121 5.89 30.39 2.83
CA GLU E 2121 5.55 31.57 2.05
C GLU E 2121 4.12 31.41 1.56
N ASP E 2122 3.20 32.16 2.15
CA ASP E 2122 1.79 32.06 1.81
C ASP E 2122 1.56 32.57 0.40
N VAL E 2123 1.87 33.84 0.15
CA VAL E 2123 1.76 34.40 -1.18
C VAL E 2123 3.16 34.62 -1.72
N ASN E 2124 3.26 34.58 -3.04
CA ASN E 2124 4.52 34.87 -3.69
C ASN E 2124 4.64 36.38 -3.86
N ALA E 2125 5.79 36.82 -4.35
CA ALA E 2125 5.97 38.24 -4.67
C ALA E 2125 5.05 38.65 -5.79
N GLY E 2126 4.97 37.83 -6.85
CA GLY E 2126 4.05 38.11 -7.93
C GLY E 2126 2.60 37.98 -7.54
N GLU E 2127 2.29 37.04 -6.65
CA GLU E 2127 0.91 36.90 -6.17
C GLU E 2127 0.47 38.11 -5.37
N LYS E 2128 1.35 38.60 -4.48
CA LYS E 2128 1.05 39.81 -3.73
C LYS E 2128 0.97 41.04 -4.64
N GLN E 2129 1.81 41.06 -5.69
CA GLN E 2129 1.74 42.13 -6.67
C GLN E 2129 0.40 42.13 -7.39
N ALA E 2130 -0.10 40.95 -7.75
CA ALA E 2130 -1.38 40.86 -8.45
C ALA E 2130 -2.53 41.27 -7.55
N MET E 2131 -2.44 40.93 -6.25
CA MET E 2131 -3.43 41.43 -5.29
C MET E 2131 -3.43 42.95 -5.23
N ASP E 2132 -2.24 43.55 -5.17
CA ASP E 2132 -2.16 45.01 -5.09
C ASP E 2132 -2.63 45.66 -6.38
N LEU E 2133 -2.44 44.99 -7.52
CA LEU E 2133 -2.89 45.58 -8.78
C LEU E 2133 -4.40 45.50 -8.92
N TYR E 2134 -5.01 44.41 -8.45
CA TYR E 2134 -6.46 44.34 -8.41
C TYR E 2134 -7.04 45.41 -7.51
N LEU E 2135 -6.39 45.64 -6.36
CA LEU E 2135 -6.85 46.70 -5.45
C LEU E 2135 -6.70 48.07 -6.08
N SER E 2136 -5.58 48.31 -6.77
CA SER E 2136 -5.35 49.60 -7.40
C SER E 2136 -6.34 49.85 -8.54
N SER E 2137 -6.70 48.80 -9.28
CA SER E 2137 -7.70 48.94 -10.32
C SER E 2137 -9.07 49.25 -9.73
N SER E 2138 -9.45 48.54 -8.66
CA SER E 2138 -10.75 48.75 -8.04
C SER E 2138 -10.84 50.12 -7.39
N VAL E 2139 -9.73 50.65 -6.89
CA VAL E 2139 -9.76 52.00 -6.32
C VAL E 2139 -9.79 53.05 -7.43
N LEU E 2140 -8.92 52.90 -8.42
CA LEU E 2140 -8.76 53.93 -9.45
C LEU E 2140 -9.95 54.01 -10.40
N SER E 2141 -10.71 52.93 -10.56
CA SER E 2141 -11.82 52.95 -11.49
C SER E 2141 -12.97 53.82 -10.98
N THR E 2142 -13.07 54.01 -9.67
CA THR E 2142 -14.16 54.77 -9.10
C THR E 2142 -13.92 56.27 -9.09
N SER E 2143 -12.79 56.74 -9.61
CA SER E 2143 -12.47 58.16 -9.57
C SER E 2143 -12.90 58.90 -10.82
N GLY E 2144 -13.77 58.32 -11.64
CA GLY E 2144 -14.15 58.95 -12.88
C GLY E 2144 -15.56 59.49 -12.88
N THR E 2145 -16.32 59.17 -11.84
CA THR E 2145 -17.69 59.67 -11.74
C THR E 2145 -17.73 61.17 -11.51
N ALA E 2146 -16.80 61.71 -10.73
CA ALA E 2146 -16.70 63.15 -10.57
C ALA E 2146 -16.36 63.86 -11.86
N LEU E 2147 -15.48 63.27 -12.67
CA LEU E 2147 -15.15 63.85 -13.96
C LEU E 2147 -16.29 63.76 -14.95
N HIS E 2148 -17.04 62.67 -14.95
CA HIS E 2148 -18.20 62.58 -15.84
C HIS E 2148 -19.30 63.55 -15.43
N MET E 2149 -19.51 63.71 -14.12
CA MET E 2149 -20.47 64.70 -13.64
C MET E 2149 -20.00 66.11 -13.96
N ALA E 2150 -18.69 66.36 -13.92
CA ALA E 2150 -18.17 67.67 -14.26
C ALA E 2150 -18.32 67.95 -15.76
N ALA E 2151 -18.17 66.91 -16.58
CA ALA E 2151 -18.41 67.06 -18.01
C ALA E 2151 -19.87 67.36 -18.29
N ALA E 2152 -20.77 66.71 -17.54
CA ALA E 2152 -22.20 66.96 -17.70
C ALA E 2152 -22.57 68.38 -17.26
N ALA E 2153 -21.97 68.85 -16.17
CA ALA E 2153 -22.25 70.21 -15.71
C ALA E 2153 -21.64 71.24 -16.64
N ALA E 2154 -20.53 70.91 -17.30
CA ALA E 2154 -19.93 71.84 -18.23
C ALA E 2154 -20.65 71.88 -19.57
N ASP E 2155 -21.30 70.79 -19.96
CA ASP E 2155 -21.99 70.75 -21.25
C ASP E 2155 -23.49 71.00 -21.12
N LEU E 2156 -23.92 71.72 -20.09
CA LEU E 2156 -25.30 72.13 -19.99
C LEU E 2156 -25.52 73.59 -20.37
N VAL E 2157 -24.48 74.40 -20.33
CA VAL E 2157 -24.57 75.79 -20.75
C VAL E 2157 -24.67 75.82 -22.27
N PRO E 2158 -25.35 76.79 -22.87
CA PRO E 2158 -25.49 76.79 -24.33
C PRO E 2158 -24.19 77.11 -25.03
N ASN E 2159 -23.85 76.30 -26.03
CA ASN E 2159 -22.62 76.50 -26.78
C ASN E 2159 -22.76 77.66 -27.75
N ILE E 2160 -23.76 77.60 -28.62
CA ILE E 2160 -23.88 78.57 -29.70
C ILE E 2160 -24.38 79.89 -29.16
N TYR E 2161 -24.07 80.97 -29.86
CA TYR E 2161 -24.56 82.30 -29.52
C TYR E 2161 -24.95 83.02 -30.81
N GLY E 2162 -25.45 84.23 -30.64
CA GLY E 2162 -25.83 85.03 -31.79
C GLY E 2162 -27.23 84.74 -32.27
N PHE E 2163 -27.41 84.71 -33.59
CA PHE E 2163 -28.74 84.56 -34.18
C PHE E 2163 -29.35 83.20 -33.93
N ALA E 2164 -28.53 82.19 -33.70
CA ALA E 2164 -28.95 80.93 -33.10
C ALA E 2164 -28.62 81.00 -31.62
N VAL E 2165 -29.61 80.78 -30.77
CA VAL E 2165 -29.49 81.24 -29.39
C VAL E 2165 -28.61 80.31 -28.57
N GLY E 2166 -28.77 79.00 -28.72
CA GLY E 2166 -27.87 78.12 -28.00
C GLY E 2166 -28.23 76.66 -28.01
N GLY E 2167 -27.22 75.80 -28.21
CA GLY E 2167 -27.43 74.38 -28.23
C GLY E 2167 -26.63 73.67 -27.15
N SER E 2168 -27.34 72.96 -26.28
CA SER E 2168 -26.70 72.23 -25.19
C SER E 2168 -27.48 70.94 -24.96
N ARG E 2169 -26.76 69.84 -24.82
CA ARG E 2169 -27.41 68.56 -24.59
C ARG E 2169 -27.97 68.51 -23.18
N PHE E 2170 -29.28 68.32 -23.08
CA PHE E 2170 -29.96 68.37 -21.80
C PHE E 2170 -29.84 67.08 -21.01
N GLY E 2171 -29.59 65.97 -21.69
CA GLY E 2171 -29.52 64.69 -21.01
C GLY E 2171 -28.13 64.30 -20.61
N ALA E 2172 -27.22 65.28 -20.56
CA ALA E 2172 -25.84 64.99 -20.22
C ALA E 2172 -25.71 64.55 -18.77
N LEU E 2173 -26.51 65.13 -17.89
CA LEU E 2173 -26.48 64.72 -16.48
C LEU E 2173 -26.98 63.29 -16.30
N PHE E 2174 -28.03 62.92 -17.03
CA PHE E 2174 -28.53 61.55 -16.96
C PHE E 2174 -27.53 60.57 -17.55
N ASN E 2175 -26.86 60.96 -18.64
CA ASN E 2175 -25.86 60.09 -19.24
C ASN E 2175 -24.66 59.92 -18.33
N ALA E 2176 -24.27 60.99 -17.63
CA ALA E 2176 -23.15 60.91 -16.71
C ALA E 2176 -23.51 60.07 -15.47
N SER E 2177 -24.75 60.17 -15.01
CA SER E 2177 -25.16 59.34 -13.89
C SER E 2177 -25.24 57.88 -14.26
N ALA E 2178 -25.71 57.59 -15.48
CA ALA E 2178 -25.75 56.20 -15.94
C ALA E 2178 -24.36 55.63 -16.13
N ILE E 2179 -23.43 56.43 -16.67
CA ILE E 2179 -22.09 55.91 -16.89
C ILE E 2179 -21.32 55.81 -15.57
N GLY E 2180 -21.68 56.63 -14.57
CA GLY E 2180 -21.11 56.45 -13.25
C GLY E 2180 -21.62 55.21 -12.56
N ILE E 2181 -22.90 54.88 -12.78
CA ILE E 2181 -23.44 53.63 -12.26
C ILE E 2181 -22.77 52.42 -12.91
N GLU E 2182 -22.52 52.49 -14.22
CA GLU E 2182 -21.84 51.39 -14.90
C GLU E 2182 -20.40 51.23 -14.44
N ILE E 2183 -19.69 52.34 -14.25
CA ILE E 2183 -18.31 52.23 -13.81
C ILE E 2183 -18.24 51.78 -12.34
N SER E 2184 -19.28 52.10 -11.55
CA SER E 2184 -19.35 51.57 -10.19
C SER E 2184 -19.59 50.07 -10.19
N ALA E 2185 -20.43 49.59 -11.11
CA ALA E 2185 -20.68 48.15 -11.22
C ALA E 2185 -19.42 47.41 -11.65
N SER E 2186 -18.66 47.99 -12.56
CA SER E 2186 -17.38 47.39 -12.96
C SER E 2186 -16.38 47.38 -11.80
N ALA E 2187 -16.39 48.44 -10.97
CA ALA E 2187 -15.47 48.48 -9.85
C ALA E 2187 -15.81 47.44 -8.79
N THR E 2188 -17.08 47.25 -8.49
CA THR E 2188 -17.38 46.21 -7.52
C THR E 2188 -17.24 44.80 -8.10
N ARG E 2189 -17.39 44.65 -9.42
CA ARG E 2189 -17.06 43.39 -10.06
C ARG E 2189 -15.60 43.02 -9.89
N ILE E 2190 -14.70 43.98 -10.14
CA ILE E 2190 -13.29 43.67 -10.00
C ILE E 2190 -12.89 43.57 -8.53
N ALA E 2191 -13.64 44.20 -7.62
CA ALA E 2191 -13.42 43.96 -6.19
C ALA E 2191 -13.78 42.52 -5.82
N ALA E 2192 -14.85 42.00 -6.40
CA ALA E 2192 -15.21 40.60 -6.20
C ALA E 2192 -14.12 39.67 -6.73
N ASP E 2193 -13.54 40.01 -7.87
CA ASP E 2193 -12.42 39.22 -8.41
C ASP E 2193 -11.21 39.24 -7.48
N LYS E 2194 -10.93 40.39 -6.89
CA LYS E 2194 -9.80 40.52 -5.97
C LYS E 2194 -9.98 39.66 -4.73
N ILE E 2195 -11.17 39.71 -4.13
CA ILE E 2195 -11.41 38.91 -2.93
C ILE E 2195 -11.44 37.42 -3.26
N SER E 2196 -11.91 37.07 -4.47
CA SER E 2196 -11.87 35.68 -4.91
C SER E 2196 -10.43 35.17 -5.04
N GLN E 2197 -9.53 36.01 -5.56
CA GLN E 2197 -8.13 35.63 -5.66
C GLN E 2197 -7.48 35.45 -4.29
N SER E 2198 -7.83 36.33 -3.35
CA SER E 2198 -7.32 36.20 -1.99
C SER E 2198 -7.78 34.89 -1.34
N GLU E 2199 -9.04 34.54 -1.53
CA GLU E 2199 -9.55 33.33 -0.90
C GLU E 2199 -9.00 32.07 -1.57
N ILE E 2200 -8.77 32.10 -2.88
CA ILE E 2200 -8.22 30.91 -3.51
C ILE E 2200 -6.74 30.74 -3.14
N TYR E 2201 -6.05 31.84 -2.84
CA TYR E 2201 -4.69 31.70 -2.32
C TYR E 2201 -4.69 31.12 -0.91
N ARG E 2202 -5.67 31.52 -0.09
CA ARG E 2202 -5.79 30.96 1.25
C ARG E 2202 -6.09 29.47 1.22
N ARG E 2203 -6.96 29.04 0.28
CA ARG E 2203 -7.26 27.61 0.17
C ARG E 2203 -6.07 26.81 -0.33
N ARG E 2204 -5.27 27.40 -1.22
CA ARG E 2204 -4.03 26.75 -1.66
C ARG E 2204 -3.07 26.55 -0.50
N ARG E 2205 -2.95 27.55 0.37
CA ARG E 2205 -2.09 27.42 1.54
C ARG E 2205 -2.60 26.36 2.50
N GLN E 2206 -3.91 26.28 2.69
CA GLN E 2206 -4.48 25.27 3.58
C GLN E 2206 -4.23 23.86 3.04
N GLU E 2207 -4.33 23.68 1.73
CA GLU E 2207 -4.04 22.38 1.13
C GLU E 2207 -2.57 22.00 1.28
N TRP E 2208 -1.68 22.98 1.16
CA TRP E 2208 -0.26 22.70 1.42
C TRP E 2208 -0.02 22.32 2.87
N GLU E 2209 -0.77 22.91 3.79
CA GLU E 2209 -0.67 22.53 5.19
C GLU E 2209 -1.10 21.08 5.41
N ILE E 2210 -2.15 20.65 4.71
CA ILE E 2210 -2.59 19.25 4.76
C ILE E 2210 -1.47 18.33 4.29
N GLN E 2211 -0.85 18.68 3.16
CA GLN E 2211 0.22 17.85 2.59
C GLN E 2211 1.42 17.78 3.51
N ARG E 2212 1.74 18.89 4.17
CA ARG E 2212 2.88 18.92 5.08
C ARG E 2212 2.64 18.05 6.30
N ASN E 2213 1.43 18.09 6.85
CA ASN E 2213 1.12 17.24 8.00
C ASN E 2213 1.13 15.76 7.63
N ASN E 2214 0.65 15.44 6.43
CA ASN E 2214 0.67 14.05 5.97
C ASN E 2214 2.10 13.55 5.81
N ALA E 2215 2.98 14.39 5.24
CA ALA E 2215 4.36 13.96 5.03
C ALA E 2215 5.11 13.84 6.35
N GLU E 2216 4.76 14.68 7.33
CA GLU E 2216 5.42 14.57 8.63
C GLU E 2216 5.00 13.30 9.38
N ALA E 2217 3.72 12.94 9.28
CA ALA E 2217 3.28 11.67 9.83
C ALA E 2217 3.96 10.50 9.12
N GLU E 2218 4.15 10.62 7.81
CA GLU E 2218 4.80 9.56 7.05
C GLU E 2218 6.26 9.39 7.45
N ILE E 2219 6.99 10.49 7.66
CA ILE E 2219 8.39 10.34 8.01
C ILE E 2219 8.55 9.82 9.44
N LYS E 2220 7.61 10.16 10.34
CA LYS E 2220 7.63 9.53 11.67
C LYS E 2220 7.37 8.03 11.59
N GLN E 2221 6.42 7.62 10.75
CA GLN E 2221 6.10 6.20 10.62
C GLN E 2221 7.26 5.40 10.04
N ILE E 2222 7.95 5.95 9.03
CA ILE E 2222 9.08 5.23 8.46
C ILE E 2222 10.26 5.21 9.43
N ASP E 2223 10.39 6.23 10.28
CA ASP E 2223 11.43 6.19 11.30
C ASP E 2223 11.17 5.10 12.33
N ALA E 2224 9.91 4.95 12.76
CA ALA E 2224 9.61 3.87 13.69
C ALA E 2224 9.72 2.49 13.04
N GLN E 2225 9.45 2.41 11.74
CA GLN E 2225 9.70 1.16 11.02
C GLN E 2225 11.19 0.83 10.94
N LEU E 2226 12.04 1.85 10.81
CA LEU E 2226 13.48 1.64 10.91
C LEU E 2226 13.87 1.12 12.28
N ALA E 2227 13.21 1.61 13.33
CA ALA E 2227 13.48 1.12 14.67
C ALA E 2227 13.11 -0.36 14.83
N THR E 2228 11.93 -0.76 14.36
CA THR E 2228 11.56 -2.17 14.50
C THR E 2228 12.38 -3.07 13.57
N LEU E 2229 12.89 -2.52 12.46
CA LEU E 2229 13.81 -3.30 11.64
C LEU E 2229 15.15 -3.50 12.33
N ALA E 2230 15.63 -2.51 13.08
CA ALA E 2230 16.85 -2.70 13.86
C ALA E 2230 16.65 -3.75 14.95
N VAL E 2231 15.47 -3.75 15.58
CA VAL E 2231 15.18 -4.76 16.61
C VAL E 2231 15.14 -6.15 15.99
N ARG E 2232 14.54 -6.28 14.80
CA ARG E 2232 14.50 -7.58 14.15
C ARG E 2232 15.89 -8.02 13.69
N ARG E 2233 16.76 -7.07 13.33
CA ARG E 2233 18.14 -7.40 13.03
C ARG E 2233 18.86 -7.97 14.24
N GLU E 2234 18.65 -7.37 15.42
CA GLU E 2234 19.26 -7.89 16.63
C GLU E 2234 18.71 -9.27 16.99
N ALA E 2235 17.42 -9.50 16.70
CA ALA E 2235 16.85 -10.83 16.91
C ALA E 2235 17.49 -11.85 15.98
N ALA E 2236 17.79 -11.46 14.73
CA ALA E 2236 18.43 -12.39 13.81
C ALA E 2236 19.88 -12.66 14.20
N VAL E 2237 20.55 -11.67 14.79
CA VAL E 2237 21.90 -11.88 15.29
C VAL E 2237 21.90 -12.86 16.47
N LEU E 2238 20.91 -12.71 17.35
CA LEU E 2238 20.75 -13.68 18.45
C LEU E 2238 20.42 -15.07 17.92
N GLN E 2239 19.68 -15.16 16.83
CA GLN E 2239 19.39 -16.45 16.21
C GLN E 2239 20.67 -17.08 15.64
N LYS E 2240 21.54 -16.28 15.05
CA LYS E 2240 22.80 -16.80 14.54
C LYS E 2240 23.70 -17.26 15.68
N ASN E 2241 23.64 -16.57 16.82
CA ASN E 2241 24.39 -17.01 17.99
C ASN E 2241 23.84 -18.32 18.53
N TYR E 2242 22.52 -18.50 18.46
CA TYR E 2242 21.89 -19.76 18.83
C TYR E 2242 22.34 -20.90 17.92
N LEU E 2243 22.46 -20.63 16.62
CA LEU E 2243 22.92 -21.65 15.69
C LEU E 2243 24.39 -21.99 15.91
N GLU E 2244 25.21 -21.00 16.26
CA GLU E 2244 26.60 -21.27 16.62
C GLU E 2244 26.69 -22.12 17.88
N THR E 2245 25.81 -21.88 18.85
CA THR E 2245 25.77 -22.71 20.04
C THR E 2245 25.39 -24.14 19.71
N GLN E 2246 24.44 -24.32 18.77
CA GLN E 2246 24.07 -25.67 18.35
C GLN E 2246 25.22 -26.38 17.65
N GLN E 2247 25.99 -25.66 16.83
CA GLN E 2247 27.15 -26.25 16.18
C GLN E 2247 28.22 -26.66 17.20
N ALA E 2248 28.45 -25.81 18.21
CA ALA E 2248 29.42 -26.14 19.24
C ALA E 2248 28.98 -27.33 20.08
N GLN E 2249 27.68 -27.47 20.33
CA GLN E 2249 27.22 -28.62 21.11
C GLN E 2249 27.28 -29.91 20.29
N THR E 2250 27.02 -29.82 18.99
CA THR E 2250 27.16 -31.01 18.15
C THR E 2250 28.62 -31.42 18.02
N GLN E 2251 29.53 -30.45 17.99
CA GLN E 2251 30.95 -30.76 18.03
C GLN E 2251 31.35 -31.39 19.36
N ALA E 2252 30.74 -30.94 20.47
CA ALA E 2252 31.03 -31.54 21.76
C ALA E 2252 30.53 -32.98 21.83
N GLN E 2253 29.38 -33.26 21.23
CA GLN E 2253 28.89 -34.64 21.18
C GLN E 2253 29.78 -35.51 20.31
N LEU E 2254 30.28 -34.97 19.21
CA LEU E 2254 31.17 -35.74 18.35
C LEU E 2254 32.50 -36.02 19.04
N ALA E 2255 33.01 -35.04 19.80
CA ALA E 2255 34.22 -35.25 20.57
C ALA E 2255 34.01 -36.27 21.68
N PHE E 2256 32.80 -36.30 22.26
CA PHE E 2256 32.51 -37.31 23.28
C PHE E 2256 32.43 -38.70 22.67
N LEU E 2257 31.86 -38.81 21.47
CA LEU E 2257 31.81 -40.11 20.80
C LEU E 2257 33.20 -40.58 20.37
N GLN E 2258 34.09 -39.65 20.06
CA GLN E 2258 35.46 -40.04 19.78
C GLN E 2258 36.20 -40.44 21.05
N SER E 2259 36.01 -39.70 22.14
CA SER E 2259 36.83 -39.85 23.33
C SER E 2259 36.27 -40.82 24.36
N LYS E 2260 35.08 -41.36 24.14
CA LYS E 2260 34.57 -42.36 25.06
C LYS E 2260 35.37 -43.65 24.92
N PHE E 2261 35.40 -44.43 26.00
CA PHE E 2261 36.15 -45.68 25.97
C PHE E 2261 35.43 -46.72 25.12
N SER E 2262 34.11 -46.78 25.23
CA SER E 2262 33.33 -47.73 24.45
C SER E 2262 32.96 -47.17 23.08
N ASN E 2263 33.95 -46.73 22.33
CA ASN E 2263 33.72 -46.17 21.01
C ASN E 2263 33.67 -47.30 19.98
N ALA E 2264 33.73 -46.93 18.70
CA ALA E 2264 33.67 -47.93 17.65
C ALA E 2264 34.99 -48.69 17.52
N ALA E 2265 36.09 -48.08 17.96
CA ALA E 2265 37.39 -48.73 17.83
C ALA E 2265 37.51 -49.93 18.76
N LEU E 2266 37.00 -49.80 19.99
CA LEU E 2266 37.01 -50.91 20.93
C LEU E 2266 36.16 -52.06 20.43
N TYR E 2267 35.01 -51.76 19.82
CA TYR E 2267 34.16 -52.83 19.31
C TYR E 2267 34.75 -53.45 18.06
N ASN E 2268 35.47 -52.68 17.25
CA ASN E 2268 36.17 -53.26 16.10
C ASN E 2268 37.25 -54.22 16.53
N TRP E 2269 38.02 -53.82 17.55
CA TRP E 2269 39.06 -54.70 18.07
C TRP E 2269 38.49 -55.93 18.72
N LEU E 2270 37.36 -55.76 19.41
CA LEU E 2270 36.67 -56.88 20.04
C LEU E 2270 36.16 -57.88 19.01
N ARG E 2271 35.56 -57.39 17.92
CA ARG E 2271 35.03 -58.33 16.95
C ARG E 2271 36.13 -59.01 16.15
N GLY E 2272 37.26 -58.35 15.90
CA GLY E 2272 38.35 -59.02 15.22
C GLY E 2272 39.01 -60.10 16.08
N ARG E 2273 39.34 -59.73 17.32
CA ARG E 2273 39.96 -60.68 18.25
C ARG E 2273 39.03 -61.85 18.54
N LEU E 2274 37.73 -61.56 18.71
CA LEU E 2274 36.80 -62.62 19.02
C LEU E 2274 36.51 -63.50 17.81
N SER E 2275 36.59 -62.94 16.59
CA SER E 2275 36.44 -63.79 15.41
C SER E 2275 37.61 -64.75 15.28
N ALA E 2276 38.81 -64.29 15.59
CA ALA E 2276 39.98 -65.18 15.58
C ALA E 2276 39.84 -66.30 16.59
N ILE E 2277 39.50 -65.94 17.83
CA ILE E 2277 39.38 -66.93 18.90
C ILE E 2277 38.22 -67.88 18.63
N TYR E 2278 37.15 -67.37 18.02
CA TYR E 2278 35.98 -68.18 17.67
C TYR E 2278 36.32 -69.20 16.60
N TYR E 2279 37.13 -68.82 15.61
CA TYR E 2279 37.50 -69.78 14.57
C TYR E 2279 38.40 -70.88 15.11
N GLN E 2280 39.36 -70.51 15.95
CA GLN E 2280 40.25 -71.54 16.50
C GLN E 2280 39.49 -72.45 17.46
N PHE E 2281 38.53 -71.90 18.19
CA PHE E 2281 37.68 -72.71 19.05
C PHE E 2281 36.76 -73.61 18.23
N TYR E 2282 36.36 -73.17 17.04
CA TYR E 2282 35.61 -74.04 16.14
C TYR E 2282 36.43 -75.24 15.73
N ASP E 2283 37.71 -75.02 15.44
CA ASP E 2283 38.60 -76.12 15.11
C ASP E 2283 38.71 -77.12 16.26
N LEU E 2284 38.87 -76.60 17.48
CA LEU E 2284 39.00 -77.47 18.65
C LEU E 2284 37.72 -78.25 18.93
N ALA E 2285 36.56 -77.60 18.82
CA ALA E 2285 35.32 -78.29 19.13
C ALA E 2285 34.92 -79.28 18.05
N VAL E 2286 35.24 -79.02 16.78
CA VAL E 2286 34.94 -80.02 15.78
C VAL E 2286 35.91 -81.19 15.90
N SER E 2287 37.12 -80.94 16.41
CA SER E 2287 38.01 -82.07 16.70
C SER E 2287 37.49 -82.91 17.85
N LEU E 2288 36.92 -82.27 18.87
CA LEU E 2288 36.33 -83.03 19.97
C LEU E 2288 35.10 -83.82 19.54
N CYS E 2289 34.30 -83.24 18.64
CA CYS E 2289 33.14 -83.95 18.13
C CYS E 2289 33.56 -85.14 17.27
N LEU E 2290 34.65 -84.99 16.51
CA LEU E 2290 35.16 -86.12 15.75
C LEU E 2290 35.74 -87.19 16.65
N MET E 2291 36.33 -86.79 17.78
CA MET E 2291 36.76 -87.74 18.80
C MET E 2291 35.58 -88.55 19.33
N ALA E 2292 34.48 -87.88 19.65
CA ALA E 2292 33.29 -88.57 20.16
C ALA E 2292 32.66 -89.45 19.10
N GLU E 2293 32.71 -89.03 17.83
CA GLU E 2293 32.17 -89.85 16.75
C GLU E 2293 33.00 -91.11 16.55
N GLN E 2294 34.33 -90.99 16.62
CA GLN E 2294 35.20 -92.16 16.55
C GLN E 2294 34.95 -93.10 17.71
N THR E 2295 34.71 -92.55 18.90
CA THR E 2295 34.35 -93.36 20.06
C THR E 2295 33.04 -94.11 19.88
N TYR E 2296 32.02 -93.44 19.33
CA TYR E 2296 30.74 -94.11 19.10
C TYR E 2296 30.85 -95.20 18.04
N GLN E 2297 31.58 -94.91 16.96
CA GLN E 2297 31.79 -95.88 15.90
C GLN E 2297 32.62 -97.07 16.36
N TYR E 2298 33.47 -96.88 17.37
CA TYR E 2298 34.18 -98.04 17.91
C TYR E 2298 33.31 -98.83 18.87
N GLU E 2299 32.52 -98.15 19.70
CA GLU E 2299 31.72 -98.85 20.70
C GLU E 2299 30.58 -99.63 20.05
N LEU E 2300 29.68 -98.94 19.37
CA LEU E 2300 28.73 -99.65 18.53
C LEU E 2300 29.47 -100.05 17.26
N ASN E 2301 29.55 -101.35 17.00
CA ASN E 2301 30.45 -101.88 15.97
C ASN E 2301 29.89 -101.54 14.59
N ASN E 2302 30.15 -100.30 14.17
CA ASN E 2302 29.62 -99.76 12.92
C ASN E 2302 30.54 -98.61 12.53
N ALA E 2303 31.24 -98.77 11.41
CA ALA E 2303 32.15 -97.74 10.93
C ALA E 2303 31.48 -96.72 10.04
N ALA E 2304 30.18 -96.88 9.77
CA ALA E 2304 29.48 -95.98 8.87
C ALA E 2304 28.64 -94.95 9.59
N ALA E 2305 28.63 -94.98 10.93
CA ALA E 2305 27.84 -94.01 11.69
C ALA E 2305 28.52 -92.65 11.64
N HIS E 2306 28.16 -91.85 10.64
CA HIS E 2306 28.73 -90.52 10.44
C HIS E 2306 27.69 -89.51 10.93
N PHE E 2307 27.93 -88.95 12.11
CA PHE E 2307 26.95 -88.08 12.75
C PHE E 2307 27.30 -86.61 12.66
N ILE E 2308 28.57 -86.26 12.48
CA ILE E 2308 28.98 -84.87 12.38
C ILE E 2308 28.93 -84.53 10.89
N LYS E 2309 28.04 -83.63 10.55
CA LYS E 2309 27.89 -83.25 9.16
C LYS E 2309 29.02 -82.33 8.74
N PRO E 2310 29.52 -82.47 7.52
CA PRO E 2310 30.55 -81.55 7.03
C PRO E 2310 29.94 -80.19 6.79
N GLY E 2311 30.61 -79.16 7.23
CA GLY E 2311 30.10 -77.83 7.05
C GLY E 2311 30.04 -77.12 8.39
N ALA E 2312 28.90 -76.46 8.60
CA ALA E 2312 28.48 -75.79 9.83
C ALA E 2312 29.29 -74.55 10.19
N TRP E 2313 30.34 -74.26 9.42
CA TRP E 2313 31.08 -73.01 9.52
C TRP E 2313 30.85 -72.31 8.19
N HIS E 2314 29.77 -71.55 8.11
CA HIS E 2314 29.45 -70.82 6.89
C HIS E 2314 30.16 -69.48 6.96
N GLY E 2315 31.25 -69.34 6.21
CA GLY E 2315 32.11 -68.19 6.32
C GLY E 2315 31.49 -66.89 5.88
N THR E 2316 30.48 -66.94 5.01
CA THR E 2316 29.82 -65.73 4.55
C THR E 2316 28.97 -65.09 5.63
N TYR E 2317 28.55 -65.86 6.64
CA TYR E 2317 27.90 -65.33 7.82
C TYR E 2317 28.84 -65.43 9.02
N ALA E 2318 30.14 -65.50 8.72
CA ALA E 2318 31.24 -65.58 9.68
C ALA E 2318 31.13 -66.78 10.61
N GLY E 2319 30.48 -67.86 10.15
CA GLY E 2319 30.43 -69.08 10.93
C GLY E 2319 29.58 -69.03 12.17
N LEU E 2320 28.48 -68.28 12.15
CA LEU E 2320 27.61 -68.28 13.31
C LEU E 2320 26.76 -69.54 13.34
N LEU E 2321 26.22 -69.83 14.53
CA LEU E 2321 25.37 -71.00 14.83
C LEU E 2321 26.10 -72.34 14.63
N ALA E 2322 27.44 -72.29 14.61
CA ALA E 2322 28.22 -73.52 14.50
C ALA E 2322 28.03 -74.38 15.74
N GLY E 2323 27.95 -73.74 16.91
CA GLY E 2323 27.66 -74.47 18.12
C GLY E 2323 26.27 -75.04 18.14
N GLU E 2324 25.33 -74.38 17.48
CA GLU E 2324 23.99 -74.93 17.37
C GLU E 2324 23.97 -76.19 16.51
N THR E 2325 24.69 -76.16 15.38
CA THR E 2325 24.74 -77.34 14.53
C THR E 2325 25.48 -78.49 15.19
N LEU E 2326 26.55 -78.17 15.92
CA LEU E 2326 27.29 -79.23 16.60
C LEU E 2326 26.52 -79.79 17.78
N MET E 2327 25.74 -78.96 18.48
CA MET E 2327 24.88 -79.47 19.54
C MET E 2327 23.80 -80.37 18.97
N LEU E 2328 23.28 -80.02 17.78
CA LEU E 2328 22.31 -80.88 17.12
C LEU E 2328 22.91 -82.22 16.77
N ASN E 2329 24.14 -82.24 16.25
CA ASN E 2329 24.78 -83.49 15.90
C ASN E 2329 25.11 -84.32 17.13
N LEU E 2330 25.54 -83.67 18.22
CA LEU E 2330 25.83 -84.40 19.45
C LEU E 2330 24.57 -85.00 20.06
N ALA E 2331 23.46 -84.28 20.03
CA ALA E 2331 22.23 -84.83 20.57
C ALA E 2331 21.68 -85.94 19.69
N GLN E 2332 21.89 -85.85 18.36
CA GLN E 2332 21.52 -86.95 17.47
C GLN E 2332 22.30 -88.22 17.80
N MET E 2333 23.62 -88.09 17.94
CA MET E 2333 24.44 -89.26 18.23
C MET E 2333 24.17 -89.81 19.62
N GLU E 2334 23.87 -88.93 20.58
CA GLU E 2334 23.56 -89.37 21.93
C GLU E 2334 22.22 -90.11 21.98
N LYS E 2335 21.21 -89.62 21.26
CA LYS E 2335 19.92 -90.29 21.26
C LYS E 2335 20.02 -91.62 20.54
N SER E 2336 20.83 -91.70 19.48
CA SER E 2336 21.05 -92.98 18.81
C SER E 2336 21.75 -93.98 19.70
N TYR E 2337 22.72 -93.51 20.51
CA TYR E 2337 23.41 -94.41 21.44
C TYR E 2337 22.46 -94.91 22.51
N LEU E 2338 21.60 -94.03 23.02
CA LEU E 2338 20.66 -94.44 24.05
C LEU E 2338 19.59 -95.37 23.50
N GLU E 2339 19.22 -95.21 22.23
CA GLU E 2339 18.25 -96.12 21.66
C GLU E 2339 18.84 -97.45 21.24
N LYS E 2340 20.14 -97.50 20.92
CA LYS E 2340 20.73 -98.75 20.44
C LYS E 2340 21.60 -99.44 21.48
N ASP E 2341 21.71 -98.91 22.69
CA ASP E 2341 22.48 -99.59 23.73
C ASP E 2341 21.62 -100.61 24.46
N GLU E 2342 22.05 -101.88 24.42
CA GLU E 2342 21.46 -102.93 25.23
C GLU E 2342 22.47 -103.37 26.29
N ARG E 2343 22.08 -104.31 27.14
CA ARG E 2343 22.88 -104.66 28.31
C ARG E 2343 24.22 -105.31 28.00
N ALA E 2344 24.20 -106.60 27.61
CA ALA E 2344 25.41 -107.42 27.55
C ALA E 2344 25.11 -108.85 27.13
N LEU E 2345 26.18 -109.62 26.92
CA LEU E 2345 26.22 -111.06 27.23
C LEU E 2345 27.68 -111.36 27.51
N GLU E 2346 28.06 -111.27 28.78
CA GLU E 2346 29.47 -111.26 29.14
C GLU E 2346 29.95 -112.67 29.45
N VAL E 2347 30.78 -113.22 28.56
CA VAL E 2347 31.20 -114.61 28.62
C VAL E 2347 32.70 -114.66 28.87
N THR E 2348 33.10 -115.25 29.99
CA THR E 2348 34.50 -115.51 30.23
C THR E 2348 34.85 -116.91 29.74
N ARG E 2349 35.89 -116.99 28.91
CA ARG E 2349 36.35 -118.26 28.37
C ARG E 2349 37.81 -118.46 28.76
N THR E 2350 38.04 -119.38 29.68
CA THR E 2350 39.38 -119.72 30.11
C THR E 2350 39.96 -120.72 29.13
N VAL E 2351 41.10 -120.36 28.53
CA VAL E 2351 41.73 -121.17 27.49
C VAL E 2351 43.11 -121.59 27.97
N SER E 2352 43.34 -122.90 28.02
CA SER E 2352 44.64 -123.45 28.35
C SER E 2352 45.41 -123.69 27.07
N LEU E 2353 46.58 -123.06 26.94
CA LEU E 2353 47.34 -123.14 25.71
C LEU E 2353 47.95 -124.51 25.49
N ALA E 2354 48.16 -125.28 26.55
CA ALA E 2354 48.67 -126.64 26.40
C ALA E 2354 47.66 -127.53 25.68
N GLU E 2355 46.37 -127.31 25.94
CA GLU E 2355 45.33 -128.05 25.24
C GLU E 2355 45.31 -127.71 23.75
N VAL E 2356 45.49 -126.44 23.43
CA VAL E 2356 45.49 -126.01 22.03
C VAL E 2356 46.73 -126.52 21.31
N TYR E 2357 47.86 -126.54 22.01
CA TYR E 2357 49.10 -127.04 21.42
C TYR E 2357 49.07 -128.55 21.29
N ALA E 2358 48.29 -129.24 22.11
CA ALA E 2358 48.15 -130.68 21.96
C ALA E 2358 47.14 -131.04 20.88
N GLY E 2359 46.05 -130.29 20.77
CA GLY E 2359 45.04 -130.56 19.77
C GLY E 2359 45.20 -129.69 18.55
N LEU E 2360 46.45 -129.47 18.15
CA LEU E 2360 46.75 -128.61 17.02
C LEU E 2360 46.50 -129.27 15.68
N THR E 2361 46.53 -130.60 15.63
CA THR E 2361 46.34 -131.46 14.45
C THR E 2361 47.36 -131.22 13.34
N GLU E 2362 48.43 -130.46 13.62
CA GLU E 2362 49.52 -130.26 12.66
C GLU E 2362 50.73 -129.82 13.48
N ASN E 2363 51.72 -130.71 13.59
CA ASN E 2363 52.92 -130.53 14.40
C ASN E 2363 52.56 -130.21 15.85
N SER E 2364 51.57 -130.92 16.38
CA SER E 2364 51.15 -130.72 17.75
C SER E 2364 52.20 -131.25 18.71
N PHE E 2365 52.20 -130.73 19.93
CA PHE E 2365 53.28 -131.02 20.85
C PHE E 2365 52.82 -130.90 22.29
N ILE E 2366 53.70 -131.31 23.18
CA ILE E 2366 53.48 -131.15 24.62
C ILE E 2366 54.25 -129.92 25.09
N LEU E 2367 53.51 -128.98 25.67
CA LEU E 2367 54.03 -127.66 26.00
C LEU E 2367 55.13 -127.72 27.05
N LYS E 2368 54.95 -128.57 28.07
CA LYS E 2368 55.90 -128.62 29.18
C LYS E 2368 57.24 -129.21 28.77
N ASP E 2369 57.25 -130.04 27.72
CA ASP E 2369 58.52 -130.54 27.20
C ASP E 2369 59.12 -129.61 26.17
N LYS E 2370 58.29 -128.94 25.39
CA LYS E 2370 58.84 -128.01 24.41
C LYS E 2370 59.44 -126.78 25.08
N VAL E 2371 58.93 -126.39 26.25
CA VAL E 2371 59.51 -125.21 26.91
C VAL E 2371 60.90 -125.52 27.46
N THR E 2372 61.10 -126.71 28.04
CA THR E 2372 62.44 -127.02 28.54
C THR E 2372 63.39 -127.36 27.40
N GLU E 2373 62.87 -127.92 26.31
CA GLU E 2373 63.68 -128.10 25.11
C GLU E 2373 64.16 -126.77 24.55
N LEU E 2374 63.26 -125.79 24.44
CA LEU E 2374 63.65 -124.52 23.87
C LEU E 2374 64.40 -123.63 24.85
N VAL E 2375 64.34 -123.92 26.14
CA VAL E 2375 65.13 -123.15 27.11
C VAL E 2375 66.54 -123.71 27.21
N ASN E 2376 66.70 -125.03 27.36
CA ASN E 2376 68.04 -125.61 27.39
C ASN E 2376 68.72 -125.57 26.04
N ALA E 2377 67.95 -125.53 24.95
CA ALA E 2377 68.48 -125.30 23.61
C ALA E 2377 67.79 -124.04 23.10
N GLY E 2378 68.41 -122.89 23.32
CA GLY E 2378 67.79 -121.62 22.98
C GLY E 2378 67.83 -121.24 21.52
N GLU E 2379 67.42 -122.14 20.66
CA GLU E 2379 67.39 -121.88 19.23
C GLU E 2379 66.07 -122.22 18.56
N GLY E 2380 65.42 -123.31 18.98
CA GLY E 2380 64.35 -123.89 18.21
C GLY E 2380 63.03 -123.15 18.33
N SER E 2381 62.03 -123.71 17.68
CA SER E 2381 60.66 -123.24 17.72
C SER E 2381 59.76 -124.42 18.07
N ALA E 2382 58.44 -124.21 17.96
CA ALA E 2382 57.50 -125.27 18.26
C ALA E 2382 56.30 -125.15 17.35
N GLY E 2383 55.95 -126.25 16.70
CA GLY E 2383 54.79 -126.32 15.84
C GLY E 2383 54.90 -125.43 14.61
N THR E 2384 53.75 -125.22 14.00
CA THR E 2384 53.67 -124.35 12.84
C THR E 2384 53.76 -122.88 13.26
N THR E 2385 53.84 -122.02 12.26
CA THR E 2385 53.75 -120.60 12.52
C THR E 2385 52.33 -120.23 12.93
N LEU E 2386 52.22 -119.12 13.67
CA LEU E 2386 51.01 -118.49 14.22
C LEU E 2386 50.33 -119.32 15.31
N ASN E 2387 50.78 -120.54 15.58
CA ASN E 2387 50.18 -121.39 16.59
C ASN E 2387 51.24 -122.14 17.35
N GLY E 2388 52.31 -121.45 17.74
CA GLY E 2388 53.36 -122.16 18.45
C GLY E 2388 54.39 -121.22 19.02
N LEU E 2389 55.41 -121.83 19.61
CA LEU E 2389 56.49 -121.11 20.26
C LEU E 2389 57.59 -120.77 19.29
N ASN E 2390 58.41 -119.79 19.68
CA ASN E 2390 59.63 -119.47 18.95
C ASN E 2390 60.55 -118.73 19.90
N VAL E 2391 61.86 -118.98 19.79
CA VAL E 2391 62.86 -118.26 20.54
C VAL E 2391 63.50 -117.25 19.59
N GLU E 2392 63.43 -115.97 19.94
CA GLU E 2392 63.97 -114.89 19.12
C GLU E 2392 65.00 -114.14 19.96
N GLY E 2393 66.27 -114.46 19.73
CA GLY E 2393 67.35 -113.85 20.49
C GLY E 2393 67.32 -114.30 21.93
N THR E 2394 66.93 -113.39 22.81
CA THR E 2394 66.71 -113.69 24.22
C THR E 2394 65.25 -113.53 24.59
N GLN E 2395 64.35 -113.76 23.64
CA GLN E 2395 62.93 -113.53 23.88
C GLN E 2395 62.15 -114.75 23.45
N LEU E 2396 61.76 -115.59 24.41
CA LEU E 2396 60.87 -116.70 24.11
C LEU E 2396 59.45 -116.17 23.95
N GLN E 2397 58.87 -116.39 22.78
CA GLN E 2397 57.53 -115.93 22.48
C GLN E 2397 56.65 -117.09 22.06
N ALA E 2398 55.43 -117.09 22.56
CA ALA E 2398 54.45 -118.11 22.26
C ALA E 2398 53.29 -117.48 21.51
N SER E 2399 53.00 -117.98 20.32
CA SER E 2399 52.00 -117.40 19.45
C SER E 2399 50.71 -118.19 19.52
N LEU E 2400 49.64 -117.56 19.04
CA LEU E 2400 48.31 -118.15 19.03
C LEU E 2400 47.47 -117.37 18.04
N LYS E 2401 46.77 -118.10 17.18
CA LYS E 2401 45.83 -117.51 16.23
C LYS E 2401 44.43 -117.62 16.80
N LEU E 2402 43.78 -116.46 16.96
CA LEU E 2402 42.49 -116.39 17.64
C LEU E 2402 41.35 -116.96 16.82
N SER E 2403 41.49 -116.99 15.49
CA SER E 2403 40.45 -117.56 14.65
C SER E 2403 40.34 -119.08 14.82
N ASP E 2404 41.40 -119.73 15.25
CA ASP E 2404 41.44 -121.18 15.36
C ASP E 2404 40.87 -121.70 16.67
N LEU E 2405 40.27 -120.83 17.49
CA LEU E 2405 39.76 -121.26 18.78
C LEU E 2405 38.25 -121.44 18.82
N ASN E 2406 37.57 -121.04 17.74
CA ASN E 2406 36.13 -121.28 17.52
C ASN E 2406 35.27 -120.68 18.63
N ILE E 2407 35.61 -119.44 19.00
CA ILE E 2407 34.97 -118.81 20.15
C ILE E 2407 33.57 -118.33 19.82
N ALA E 2408 33.38 -117.78 18.62
CA ALA E 2408 32.09 -117.24 18.22
C ALA E 2408 31.04 -118.32 18.02
N THR E 2409 31.44 -119.56 17.81
CA THR E 2409 30.52 -120.66 17.63
C THR E 2409 30.39 -121.52 18.89
N ASP E 2410 30.81 -120.99 20.04
CA ASP E 2410 30.63 -121.72 21.29
C ASP E 2410 29.18 -121.66 21.75
N TYR E 2411 28.45 -120.66 21.30
CA TYR E 2411 27.04 -120.49 21.59
C TYR E 2411 26.24 -120.44 20.29
N PRO E 2412 24.93 -120.62 20.35
CA PRO E 2412 24.09 -120.34 19.18
C PRO E 2412 24.18 -118.87 18.78
N ASP E 2413 23.97 -118.62 17.49
CA ASP E 2413 24.08 -117.27 16.96
C ASP E 2413 22.80 -116.48 17.10
N GLY E 2414 21.80 -117.00 17.79
CA GLY E 2414 20.60 -116.23 18.04
C GLY E 2414 20.70 -115.24 19.18
N LEU E 2415 21.88 -115.09 19.78
CA LEU E 2415 22.06 -114.22 20.93
C LEU E 2415 22.95 -113.03 20.64
N GLY E 2416 23.37 -112.85 19.38
CA GLY E 2416 24.17 -111.70 19.00
C GLY E 2416 25.40 -112.08 18.20
N ASN E 2417 25.76 -111.20 17.27
CA ASN E 2417 26.91 -111.41 16.41
C ASN E 2417 28.10 -110.54 16.77
N THR E 2418 27.88 -109.38 17.37
CA THR E 2418 28.98 -108.52 17.79
C THR E 2418 29.60 -109.13 19.04
N ARG E 2419 30.43 -110.14 18.85
CA ARG E 2419 31.08 -110.85 19.94
C ARG E 2419 32.50 -110.31 20.02
N ARG E 2420 32.71 -109.36 20.91
CA ARG E 2420 33.97 -108.66 21.02
C ARG E 2420 34.63 -109.00 22.33
N ILE E 2421 35.96 -108.99 22.34
CA ILE E 2421 36.72 -109.33 23.54
C ILE E 2421 36.59 -108.20 24.54
N LYS E 2422 36.21 -108.54 25.77
CA LYS E 2422 36.10 -107.52 26.81
C LYS E 2422 37.44 -107.29 27.49
N GLN E 2423 38.05 -108.37 28.01
CA GLN E 2423 39.25 -108.24 28.81
C GLN E 2423 39.94 -109.60 28.85
N ILE E 2424 41.27 -109.58 28.88
CA ILE E 2424 42.09 -110.80 28.89
C ILE E 2424 43.07 -110.69 30.05
N SER E 2425 43.16 -111.76 30.85
CA SER E 2425 44.20 -111.88 31.86
C SER E 2425 44.85 -113.25 31.75
N VAL E 2426 46.10 -113.34 32.19
CA VAL E 2426 46.93 -114.51 31.98
C VAL E 2426 47.18 -115.20 33.32
N THR E 2427 47.02 -116.53 33.32
CA THR E 2427 47.37 -117.35 34.47
C THR E 2427 48.52 -118.27 34.07
N LEU E 2428 49.65 -118.14 34.77
CA LEU E 2428 50.80 -119.03 34.60
C LEU E 2428 51.04 -119.74 35.91
N PRO E 2429 50.43 -120.90 36.13
CA PRO E 2429 50.63 -121.63 37.40
C PRO E 2429 51.98 -122.34 37.46
N ALA E 2430 53.04 -121.55 37.62
CA ALA E 2430 54.39 -122.04 37.77
C ALA E 2430 54.84 -121.82 39.21
N LEU E 2431 56.03 -122.32 39.52
CA LEU E 2431 56.60 -122.16 40.86
C LEU E 2431 57.50 -120.94 40.84
N LEU E 2432 56.92 -119.80 41.22
CA LEU E 2432 57.66 -118.56 41.26
C LEU E 2432 58.52 -118.50 42.52
N GLY E 2433 59.67 -117.85 42.42
CA GLY E 2433 60.53 -117.69 43.56
C GLY E 2433 59.97 -116.70 44.55
N PRO E 2434 60.60 -116.64 45.73
CA PRO E 2434 60.14 -115.70 46.78
C PRO E 2434 60.39 -114.27 46.37
N TYR E 2435 59.29 -113.48 46.28
CA TYR E 2435 59.30 -112.08 45.87
C TYR E 2435 59.90 -111.91 44.47
N GLN E 2436 59.65 -112.90 43.62
CA GLN E 2436 60.23 -112.96 42.29
C GLN E 2436 59.19 -112.58 41.25
N ASP E 2437 59.59 -111.77 40.29
CA ASP E 2437 58.68 -111.26 39.28
C ASP E 2437 58.73 -112.11 38.02
N VAL E 2438 57.64 -112.08 37.28
CA VAL E 2438 57.56 -112.63 35.93
C VAL E 2438 57.67 -111.47 34.97
N ARG E 2439 58.39 -111.69 33.88
CA ARG E 2439 58.51 -110.68 32.82
C ARG E 2439 57.94 -111.29 31.55
N ALA E 2440 56.80 -110.77 31.13
CA ALA E 2440 56.11 -111.29 29.96
C ALA E 2440 55.20 -110.21 29.41
N ILE E 2441 55.01 -110.22 28.10
CA ILE E 2441 54.14 -109.28 27.42
C ILE E 2441 53.14 -110.07 26.59
N LEU E 2442 51.85 -109.94 26.92
CA LEU E 2442 50.79 -110.47 26.08
C LEU E 2442 50.53 -109.45 24.99
N SER E 2443 51.01 -109.74 23.78
CA SER E 2443 50.93 -108.81 22.67
C SER E 2443 49.83 -109.22 21.72
N TYR E 2444 49.47 -108.29 20.84
CA TYR E 2444 48.50 -108.55 19.79
C TYR E 2444 49.13 -108.27 18.44
N GLY E 2445 48.91 -109.17 17.49
CA GLY E 2445 49.27 -108.91 16.11
C GLY E 2445 48.05 -108.91 15.24
N GLY E 2446 47.84 -107.85 14.47
CA GLY E 2446 46.69 -107.79 13.59
C GLY E 2446 46.53 -106.42 12.98
N SER E 2447 45.31 -106.13 12.55
CA SER E 2447 45.02 -104.90 11.82
C SER E 2447 43.71 -104.25 12.23
N THR E 2448 43.25 -104.47 13.45
CA THR E 2448 42.03 -103.80 13.89
C THR E 2448 42.36 -102.38 14.38
N MET E 2449 41.33 -101.68 14.83
CA MET E 2449 41.51 -100.31 15.28
C MET E 2449 42.29 -100.26 16.60
N MET E 2450 41.69 -100.83 17.67
CA MET E 2450 42.30 -101.01 19.00
C MET E 2450 42.86 -99.70 19.57
N PRO E 2451 41.98 -98.84 20.14
CA PRO E 2451 42.17 -97.37 20.19
C PRO E 2451 43.57 -96.78 20.42
N ARG E 2452 44.28 -97.31 21.41
CA ARG E 2452 45.48 -96.67 21.93
C ARG E 2452 46.41 -97.75 22.44
N GLY E 2453 47.22 -97.42 23.44
CA GLY E 2453 48.09 -98.35 24.13
C GLY E 2453 47.47 -99.58 24.79
N CYS E 2454 46.17 -99.81 24.61
CA CYS E 2454 45.44 -101.02 24.95
C CYS E 2454 45.82 -102.25 24.13
N LYS E 2455 46.80 -102.12 23.23
CA LYS E 2455 47.25 -103.19 22.36
C LYS E 2455 47.91 -104.35 23.11
N ALA E 2456 48.56 -104.11 24.23
CA ALA E 2456 49.28 -105.17 24.92
C ALA E 2456 49.31 -104.88 26.42
N ILE E 2457 49.46 -105.96 27.20
CA ILE E 2457 49.66 -105.85 28.64
C ILE E 2457 51.01 -106.45 28.99
N ALA E 2458 51.44 -106.18 30.22
CA ALA E 2458 52.68 -106.73 30.75
C ALA E 2458 52.36 -107.59 31.95
N ILE E 2459 52.73 -108.85 31.88
CA ILE E 2459 52.44 -109.81 32.94
C ILE E 2459 53.58 -109.74 33.95
N SER E 2460 53.28 -109.21 35.13
CA SER E 2460 54.24 -109.16 36.21
C SER E 2460 53.80 -109.97 37.41
N HIS E 2461 52.51 -110.03 37.69
CA HIS E 2461 52.04 -110.85 38.80
C HIS E 2461 52.04 -112.33 38.41
N GLY E 2462 51.58 -112.64 37.21
CA GLY E 2462 51.59 -114.00 36.71
C GLY E 2462 50.41 -114.85 37.11
N MET E 2463 49.58 -114.39 38.04
CA MET E 2463 48.47 -115.18 38.56
C MET E 2463 47.17 -114.40 38.35
N ASN E 2464 46.53 -114.65 37.21
CA ASN E 2464 45.20 -114.14 36.85
C ASN E 2464 45.17 -112.60 36.89
N ASP E 2465 46.10 -112.01 36.16
CA ASP E 2465 46.27 -110.57 36.22
C ASP E 2465 46.31 -109.98 34.82
N SER E 2466 45.81 -108.76 34.71
CA SER E 2466 46.18 -107.88 33.61
C SER E 2466 47.39 -107.08 34.06
N GLY E 2467 47.80 -106.11 33.25
CA GLY E 2467 48.87 -105.24 33.69
C GLY E 2467 48.45 -104.27 34.77
N GLN E 2468 47.16 -104.01 34.90
CA GLN E 2468 46.70 -102.92 35.72
C GLN E 2468 46.75 -103.27 37.20
N PHE E 2469 47.30 -102.36 37.99
CA PHE E 2469 47.05 -102.36 39.43
C PHE E 2469 45.59 -102.00 39.62
N GLN E 2470 44.92 -102.76 40.49
CA GLN E 2470 43.47 -102.73 40.76
C GLN E 2470 42.66 -102.62 39.48
N MET E 2471 42.74 -103.66 38.64
CA MET E 2471 41.98 -103.75 37.40
C MET E 2471 40.49 -103.65 37.66
N ASP E 2472 39.85 -102.69 37.00
CA ASP E 2472 38.47 -102.30 37.32
C ASP E 2472 37.64 -102.33 36.05
N PHE E 2473 36.60 -103.16 36.05
CA PHE E 2473 35.64 -103.09 34.98
C PHE E 2473 34.70 -101.91 35.21
N ASN E 2474 33.93 -101.58 34.17
CA ASN E 2474 33.21 -100.31 34.03
C ASN E 2474 34.16 -99.13 34.20
N ASP E 2475 35.37 -99.27 33.66
CA ASP E 2475 36.33 -98.20 33.68
C ASP E 2475 35.93 -97.10 32.69
N ALA E 2476 36.22 -95.86 33.07
CA ALA E 2476 35.98 -94.74 32.15
C ALA E 2476 36.90 -94.83 30.95
N LYS E 2477 38.16 -95.12 31.18
CA LYS E 2477 39.08 -95.42 30.09
C LYS E 2477 38.79 -96.80 29.53
N TYR E 2478 39.39 -97.09 28.39
CA TYR E 2478 39.25 -98.41 27.80
C TYR E 2478 40.21 -99.39 28.46
N LEU E 2479 39.70 -100.57 28.79
CA LEU E 2479 40.54 -101.65 29.26
C LEU E 2479 41.39 -102.16 28.09
N PRO E 2480 42.53 -102.77 28.38
CA PRO E 2480 43.31 -103.37 27.30
C PRO E 2480 42.61 -104.57 26.71
N PHE E 2481 42.81 -104.76 25.40
CA PHE E 2481 42.21 -105.81 24.58
C PHE E 2481 40.69 -105.74 24.55
N GLU E 2482 40.14 -104.53 24.74
CA GLU E 2482 38.69 -104.36 24.71
C GLU E 2482 38.22 -104.08 23.30
N GLY E 2483 37.15 -104.75 22.89
CA GLY E 2483 36.56 -104.49 21.60
C GLY E 2483 37.19 -105.22 20.44
N LEU E 2484 38.19 -106.06 20.69
CA LEU E 2484 38.77 -106.90 19.65
C LEU E 2484 37.72 -107.91 19.20
N PRO E 2485 37.49 -108.08 17.89
CA PRO E 2485 36.56 -109.10 17.42
C PRO E 2485 37.07 -110.49 17.76
N VAL E 2486 36.25 -111.25 18.50
CA VAL E 2486 36.68 -112.54 19.02
C VAL E 2486 36.85 -113.59 17.95
N ALA E 2487 36.32 -113.36 16.75
CA ALA E 2487 36.46 -114.30 15.65
C ALA E 2487 37.38 -113.76 14.56
N ASP E 2488 38.40 -113.01 14.93
CA ASP E 2488 39.29 -112.41 13.96
C ASP E 2488 40.51 -113.29 13.72
N THR E 2489 41.21 -113.02 12.62
CA THR E 2489 42.44 -113.74 12.28
C THR E 2489 43.68 -113.02 12.79
N GLY E 2490 43.69 -112.71 14.08
CA GLY E 2490 44.83 -112.05 14.68
C GLY E 2490 45.87 -113.03 15.18
N THR E 2491 46.97 -112.46 15.66
CA THR E 2491 48.06 -113.23 16.24
C THR E 2491 48.29 -112.78 17.67
N LEU E 2492 48.07 -113.68 18.61
CA LEU E 2492 48.18 -113.38 20.04
C LEU E 2492 49.52 -113.95 20.50
N THR E 2493 50.45 -113.07 20.81
CA THR E 2493 51.82 -113.47 21.13
C THR E 2493 52.14 -113.12 22.58
N LEU E 2494 52.60 -114.12 23.33
CA LEU E 2494 53.08 -113.95 24.68
C LEU E 2494 54.59 -114.11 24.67
N SER E 2495 55.31 -113.01 24.85
CA SER E 2495 56.76 -113.00 24.73
C SER E 2495 57.41 -112.85 26.10
N PHE E 2496 58.38 -113.73 26.40
CA PHE E 2496 59.13 -113.69 27.63
C PHE E 2496 60.48 -113.07 27.39
N PRO E 2497 60.77 -111.87 27.90
CA PRO E 2497 62.14 -111.36 27.83
C PRO E 2497 63.06 -112.14 28.75
N GLY E 2498 64.28 -112.35 28.28
CA GLY E 2498 65.29 -113.04 29.05
C GLY E 2498 65.01 -114.52 29.25
N ILE E 2499 65.07 -115.29 28.16
CA ILE E 2499 64.87 -116.73 28.29
C ILE E 2499 66.07 -117.38 28.98
N SER E 2500 67.28 -116.88 28.72
CA SER E 2500 68.47 -117.45 29.31
C SER E 2500 68.93 -116.70 30.56
N GLY E 2501 68.31 -115.57 30.88
CA GLY E 2501 68.74 -114.78 32.01
C GLY E 2501 68.16 -115.25 33.32
N LYS E 2502 67.60 -114.32 34.10
CA LYS E 2502 67.06 -114.67 35.40
C LYS E 2502 65.72 -115.39 35.30
N GLN E 2503 65.10 -115.40 34.14
CA GLN E 2503 63.83 -116.07 33.95
C GLN E 2503 64.04 -117.42 33.29
N LYS E 2504 65.22 -118.01 33.51
CA LYS E 2504 65.47 -119.32 32.92
C LYS E 2504 64.84 -120.42 33.76
N SER E 2505 65.04 -120.37 35.08
CA SER E 2505 64.43 -121.34 35.97
C SER E 2505 62.92 -121.20 36.02
N LEU E 2506 62.42 -119.98 35.85
CA LEU E 2506 60.97 -119.76 35.86
C LEU E 2506 60.33 -120.36 34.61
N LEU E 2507 60.99 -120.23 33.47
CA LEU E 2507 60.51 -120.89 32.27
C LEU E 2507 60.68 -122.40 32.35
N LEU E 2508 61.70 -122.87 33.07
CA LEU E 2508 61.86 -124.30 33.27
C LEU E 2508 60.79 -124.86 34.18
N SER E 2509 60.29 -124.06 35.12
CA SER E 2509 59.30 -124.50 36.07
C SER E 2509 57.87 -124.21 35.63
N LEU E 2510 57.68 -123.87 34.35
CA LEU E 2510 56.35 -123.51 33.87
C LEU E 2510 55.55 -124.77 33.60
N SER E 2511 54.34 -124.84 34.16
CA SER E 2511 53.47 -125.97 33.89
C SER E 2511 52.80 -125.82 32.53
N ASP E 2512 51.96 -124.79 32.38
CA ASP E 2512 51.25 -124.53 31.14
C ASP E 2512 50.80 -123.08 31.14
N ILE E 2513 50.31 -122.64 29.98
CA ILE E 2513 49.87 -121.26 29.79
C ILE E 2513 48.36 -121.24 29.71
N ILE E 2514 47.74 -120.38 30.50
CA ILE E 2514 46.29 -120.31 30.63
C ILE E 2514 45.88 -118.85 30.57
N LEU E 2515 44.96 -118.53 29.66
CA LEU E 2515 44.45 -117.19 29.47
C LEU E 2515 43.03 -117.11 29.97
N HIS E 2516 42.68 -116.01 30.61
CA HIS E 2516 41.29 -115.73 30.96
C HIS E 2516 40.75 -114.73 29.95
N ILE E 2517 40.35 -115.22 28.78
CA ILE E 2517 39.76 -114.36 27.76
C ILE E 2517 38.29 -114.17 28.10
N ARG E 2518 37.94 -112.94 28.48
CA ARG E 2518 36.56 -112.57 28.72
C ARG E 2518 36.07 -111.75 27.54
N TYR E 2519 34.97 -112.19 26.92
CA TYR E 2519 34.43 -111.51 25.76
C TYR E 2519 32.95 -111.24 26.00
N THR E 2520 32.38 -110.39 25.15
CA THR E 2520 31.01 -109.92 25.32
C THR E 2520 30.24 -110.09 24.03
N ILE E 2521 29.14 -110.82 24.10
CA ILE E 2521 28.23 -110.97 22.98
C ILE E 2521 27.19 -109.85 23.11
N ARG E 2522 26.92 -109.17 22.01
CA ARG E 2522 25.87 -108.16 21.99
C ARG E 2522 25.05 -108.34 20.72
N SER E 2523 23.74 -108.18 20.84
CA SER E 2523 22.84 -108.31 19.71
C SER E 2523 22.94 -107.12 18.77
#